data_9L5T
#
_entry.id   9L5T
#
_cell.length_a   1.00
_cell.length_b   1.00
_cell.length_c   1.00
_cell.angle_alpha   90.00
_cell.angle_beta   90.00
_cell.angle_gamma   90.00
#
_symmetry.space_group_name_H-M   'P 1'
#
loop_
_entity.id
_entity.type
_entity.pdbx_description
1 polymer 'U2 snRNA'
2 polymer 'U5 snRNA'
3 polymer 'U6 snRNA'
4 polymer PRP8
5 polymer 'Pre-mRNA-splicing factor SYF2'
6 polymer SNU114
7 polymer SDE2
8 polymer 'Anaphase-promoting complex subunit 4-like WD40 domain-containing protein'
9 polymer CCDC12
10 polymer 'Putative pre-mRNA splicing protein'
11 polymer 'Suppressor of forked domain-containing protein'
12 polymer 'Putative pre-mRNA splicing protein'
13 polymer 'Pre-mRNA-splicing factor SPF27'
14 polymer 'Pre-mRNA-splicing factor'
15 polymer 'Pre-mRNA-processing factor 19'
16 polymer 'Putative bud site selection protein'
17 polymer 'Peptidyl-prolyl cis-trans isomerase'
18 polymer 'Pre-mRNA-splicing factor PRP46'
19 polymer 'Putative pre-mRNA splicing protein'
20 polymer 'Putative pre-mRNA splicing protein'
21 polymer 'Pre-mRNA-processing protein 45'
22 polymer PRP17
23 polymer 'Putative pre-mRNA splicing protein'
24 polymer 'Small nuclear ribonucleoprotein E'
25 polymer 'Small nuclear ribonucleoprotein G'
26 polymer 'Sm protein F'
27 polymer 'Delta(14)-sterol reductase'
28 polymer 'Small nuclear ribonucleoprotein Sm D1'
29 polymer 'Sm protein B'
30 polymer 'Small nuclear ribonucleoprotein Sm D3'
31 polymer GPATCH1
32 polymer 'RNA helicase'
33 polymer 'Putative pre-mRNA splicing protein'
34 polymer 'Putative pre-mRNA splicing protein'
35 polymer 'Nineteen complex-related protein 2-domain-containing protein'
36 polymer GCFC2
37 polymer TFIP11
38 polymer 'Unknown mRNA'
39 polymer 'RNA helicase'
40 non-polymer "N,N,7-trimethylguanosine 5'-(trihydrogen diphosphate)"
41 non-polymer "GUANOSINE-5'-TRIPHOSPHATE"
42 non-polymer 'ZINC ION'
#
loop_
_entity_poly.entity_id
_entity_poly.type
_entity_poly.pdbx_seq_one_letter_code
_entity_poly.pdbx_strand_id
1 'polyribonucleotide'
;AGCUCUCUUUGCCUUUUGGCUUAGAUCAAGUGUAGUAUCUGUUCUUUUCAGUUUAAUCUCUGAAACUGCUCUACGGAGCA
GAAUCGUGAUUAUACUAAUUUUUGGCCUUCGGCGGACUUCCCUCUGGGCUUGCCCAUGGUCGUCUGCCACAGUGUCCCUG
GUAUUACACUGCCUCCAGGUGACGCGACCUUCC
;
2
2 'polyribonucleotide'
;UUGGAGUAGGCCAGCUCAGACCGAACUCAUUUCCUGCCUUUUACCGGAUGUGACCGUGAGUUGGCCUGAAAUACUCCCUA
ACCCAAUCUUUGGAAACUCUCUGGAUAUCCCAGAUU
;
5
3 'polyribonucleotide'
;GCCCUUCGGGGCAUUUGGUCAAUUUGAAACGAUACAGAGAAGAUUAGCAUGGCCCCUGCACUAAGGAUGACACGCUACUC
AAAGAGACGCUACCAAUUUUU
;
6
4 'polypeptide(L)'
;MLRPCALAIWQGFAPLQSRESSSRFSLFKPRPVPGFHQHTTLKGEVAISNCGEIVAPISFGLWRIFANRSRSNAGNTATC
LRFRRLLPDGGPPPPPPPPPPPPGPPSDLPPPPPPSSSSLPPPPAIPAPPPPGYRPPSDPHIAKFAQKKKEWLRMQRNRF
GEKRKGGFVETQKADMPPEHLRKIVKDIGDVSQKKYTSDKRSYLGALKFMPHAVLKLLENMPMPWEAAREVKVLYHVNGC
LTLVNEIPRVIEPVFFAQWGSMWRTMRKEKSDRRLFKRMRFPPFDDEEPPLSWSENIEDVEPLEPIQMELDEDEDAAVYE
WFYDHQPLIDTPHVNGPSYKRWNLTLPQMANLYRLSEPLVSDVVDPNYFYLFELKSFLTAKALNVALPGGPRFEPLYKDI
DPNDEDFGEFNAMDRIIFRNPIRTETRVAYPYLYNSRPRSVHLSWHSYPQIVYTKTEDPELPAFYFDTSINPISSRAVAP
KNLTVSHEDELFGKGNIEEPEEEAFVLPAAVEPFFADEELETEDTRSAIELWWAPYPFDRRSGRMVRAQDVPLIKHWYLE
HCPPKQPVKVRVSYQKLLKTYVLNELHRKRPKSMQKQSLLRTLKQTKFFQQTTIDWVEAGLQVCRQGFNMLNLLIHRKNL
TYLHLDYNFNLKPVKTLTTKERKKSRFGNAFHLMREILRLTKLIVDAQVQYRLGNIDAFQLADGIHYAFNHVGQLTGMYR
YKYKLMHQIRSCKDLKHLIYYRFNTGPVGKGPGCGFWAPSWRVWLFFMRGIIPLLERWLGNLLSRQFEGRHSKGVAKTVT
KQRVESHFDLELRASVMADLMDMMPEGIKQSKVNTVLQHLSEAWRCWKSNIPWKVPGLPAPIENIILRYVKAKADWWISV
AHYNRERIRRGATVDKTVAKKNVGRLTRLWLKAEQERQHNHMKDGPYVSSEEAVAIYTTTVHWLEARKFSPIPFPSVSYK
HDTKILILALERLREAYSTKGRLNQSQREELALIEQAYDSPGTTLERIKRFLLTQRAFKEVGIDMNDNYSTINPVYDVEP
IEKISDAYLDQYLWYQADQRHLFPNWVKPSDSEVPPLLVYKWCQGINNLDKVWDTSNGECNVIIETQLSKVYEKIELTLL
NSLLRLIMDHNLADYITAKNNVTLTYKDMSHVNSYGMIRGLQFSAFVFQYYGLILDLLILGPQRAAEIAGPPQSPNDFLQ
FQDRDTETRHPIRLYTRYIDKIWVFLRFTAEESRDLIQRFLTEQPDPNFENVIGFKSKKCWPRDSRMRLMRHDVNLGRAV
FWDLKNRLPRSVTTIEWDDTFVSVYSKDNPNLLFSMCGFEVRILPKCRNQNDEFPVKDSVWSLVDNSTKERTAHAFLQVT
EEDIQKFNNRIRQILMSSGSTTFTKIANKWNTALIALFTYYREAAVSTVNLLDTIVKCETKIQTRVKIGLNSKMPSRFPP
AVFYTPKELGGLGMLSGSHILIPASDKRWCKQTDVGITHFRAGMSHDEETLIPNIARYIIPWEAEFIDSQRVWTEYSQKR
LEAQQQNRRLTLEDLEDSWDRGLPRINTLFQKDRSTLSFDKGFRARAEFKIYQLMKSNPFWWTNPRHDGKLWNLNAYRTD
VIQALGGVETILEHTLFKATGFPSWEGLFWEKSSGFEASMQFKKLTNAQRSGLNQIPNRRFTLWWSPTINRANVYVGFQV
QLDLTGIFLHGKIPTLKISLIQIFRAHLWQKIHESVVMDLCQVFDQELEALSIESVQKETIHPRKSYKMNSSCADIQLFA
SHKWNVTRPSLLFDTKDVIEATTTNKFWIDVQLRYGDYDSHDIERYVRAKYLDYTTDSMSLYPSPTGLMIGIDLAYNLYS
AYGQYFPGLKTLIQQAMAKIMKANPALYVLRERIRKGLQLYASESNQEFLNSQNYSELFSNQTQLFIDDTNVYRVTIHKT
FEGNLTTKPINGAIFIFNPRTGQLFLKIIHTSVWAGQKRLGQLAKWKTAEEVAALIRSLPVEEQPKQLIVTRKGLLDPLE
VNLVDFPNISIRASELQLPFQAAMKVEKLGDMILRATEPQMVLFNLYDDWLKTISSYTAFSRLILILRALHVNQDKTKLI
LRPDKTVITQDHHIWPSLTDEDWIKVEMQLRDLILNDYGKKNNVNVASLTTSEVRDIILGMEISAPSLQRQQAAEIEKQQ
QEQAQLTAVTTKTQNVHGEEIIVTTTSQFEQQTFASKTEWRTRAIATSNLRTRANNMYVAPVDNDVDDITYVMPKNILKK
FITIADLRVQVAGFLYGCSPADNDQVKEIRCIVMVPQIGGNRSVQLPQHLPQHEMLKGLEPLGLIHTMAGNELPYMSPAD
VTTHAKLVDAHPSWKNQNTLTVTVAFTPGSVSLSAWALTPLGYKWGVENKDPNVDNPQGFTTTMGERRQLLLSDKFKGFF
LVPDTGKWNYSFMGSSFSGIEKKPYHVKLDTPLPFYSEQHRPIHFTSFNELEDIWVDRADNFA
;
A
5 'polypeptide(L)'
;MPPAKKRKTEASQEPRPASEQQEQNGAQEEQPTVQDSTPEVESRSDDKKVSQSPTLATDPSDDTSEQPSESSTKNAALTA
AQERLARFRALQARAKESSQQNLKEATKESQRLATDPSQLTALSRKHAIAAHKLLKAEIEDAGGDFERKRAWDWTVEEAE
RWDKRMKKKEAHRDDTAFRDYAREAEKTYKRQIRNMGAPDLEKYMREKLSAIEKAAAAGTLDIIETEDGEMIAVDKDGTF
FSTANATDFAQHKPDKAAVDRLVADLRKAEEASLKRRREKLAKSGEEHGDVTYINEKNKQFNAKLARFYNKYTAEIRDSF
ERGTMV
;
B
6 'polypeptide(L)'
;MWQRATRLRLSESFGPSTTDSNHTFPDLAATMDDDLYDEFGNFIGEEAESEEESDHGANAGVYAYDEYVDEAPEEPAEEQ
MDIDEEPPSNAVILHEDKQYYPTAAQVFGEGVETLVQEEDAQPLTQPIIAPVEQKKFSIQEADLPPVYFDRGFMTDLMNF
PEQIRNIALAGHLHHGKTAFMDMLVLETHAIQERLDKRTGKKRDEQLRYTDVHVIERDRGLSIKAAPMSLVLSSTKGKSH
LFNIIDTPGHVDFVDEVAAAFRLVDGVCLVVDVVEGVQVNTEQIIKHAVLEDIPLTLIINKMDRLILELKIPPTDAYFKL
KHVIEEVNTVIENTIPGRGESKRLSPEKGNVLFACTSMGWCFTLQSFAKMYSESYGGVNVEEFARRLWGDVYFNPKKRTF
TRKPIEEGAKRSFVNFVMEPIYKLYSHTISEGPEDLKRTLSKLGIFLKPSQYKADPKVLMKLVCEQFFGPSTAFVDMVIK
HIPSPLEAAEKKLERYYTGPLDTKIAESMKNCDQNGPLVVHVTKLFNTIDAKSFYAFGRVMSGIARPGADVRVLGEGYTL
DDEEDMVVSRISDVFIAETRYNIPTDGVPAGNFVLLGGVDNSIVKTATIVDKKFDNGEDAYVFKPLSHFTESVLKVAVEP
INPSELPKMLDGIRKINKSYPLITTKVEESGEHIILGTGELYMDCVLHDLRKLYADMEVRVSDPVVRFCETVQDMSATKC
YAITPNKKNTITMAAEPLDDGIAQDIESGAVKIKDPPRKVAKFFEEKYGWDKLAARSIWAFGPDEMGPNILQDDTLPTEV
DKKRLATVKESIRQGFAWATREGPLCEEPIRNTKFRLIDVSLFPWWWPNYSDRSTCLLFLFLDGLPRLMEPMYSVSMTGP
QSSVSMVYNILSRRRGHVLSDGPIAGTPLYRVNGLIPVIDSFGFETDLRINTPGQAMVSLVFDRWSIVPGDPLDREQVTR
PLQMATAQATARDFVLKTRRRKGLSEDVTVAKFLEPEFYQSLLESGTLGEP
;
C
7 'polypeptide(L)'
;MGRSSKINVLISTIEGTGLPPTLCLVLPPDSPVSSLRDELDSRLPTSASPYSTRLLLTTLSSRWVPLDSPLPISHFLPTC
DPVADSDSEVDQLQNDFLHLRLAVPLLGGKGGFGSQLRAAGGRMSKRNKRANVNPEEEQGSSRNLDGRRLRTVTEAKALA
EYLAIKPEMEKREKEARRKRWQEIIEMTERKQEEIRNGKRGAILDGKWVEEKEVMGERTREAVMEAMKAGAWKDNFISLG
EPSSSRTVASSSSADEAMEEDEESENGSSKATTPPSEPDPAAEVKGKGKEKETPMKHPAPAAKKFFGFDDDDEFMSSDDE
GGDES
;
D
8 'polypeptide(L)'
;MSEKRPASDDPGEGQLVVKRQNVGSSRALTRTGDSAGALIQTTPRTSNLKAPLMELSGHTGEIFTAKFDPTGTLIASGSM
DRTIMLWRVYGDCENYGVLNGHKAAILDLQWSRDGDILFSASADMHLASWDLTTGQRIRRYIGHEEIINAMDVTQRGEEL
LISGSDDGTIGIWDPRTKNAVDYIETDFPITAVAVSEAGNEIYSGGIDNDIKVWDIRKKAVVHTMLGHNDTITTLRVSPD
GQQLLSYAMDSTARTWDIRPFAPTDRHIRTFDGAPLGLEKNLIRGSWSKDGKKIAVGAGDGTVVIWGSDTGKLLYKLPGH
KGTVNCAEFAPDGAPIILSASSDRTMLLGELI
;
E
9 'polypeptide(L)'
;MSSYSSLSAAADERKARLAKLASLKRKQPEDDHPPSQDQQPEQSAAESKQEGDSSQASDPVLQHLSLRNYDPVTRGPKLG
FEAPPTENLNTLTLEEKAAALEAEARRKAQEEQEAAAQARGLDITTLQPKKPNWDLKREFKQRMAVLDVRTENAIARMVR
ERLAEKKKAIVGASAAASGAADGAASGGGNNGKGEEGVLEGAEILEGMRMREKEEEEEARREKEAEEAEFGTA
;
F
10 'polypeptide(L)'
;MPSTLASDRQPDVALVCEDDAPYEQDILRNPGSIRPWLSYIEYKLQHGTLREQAFVMERACVQLPRSYKLWKMFRVNHIS
KLNPAIFATEYQKVNALFERALILLNKMPRIWEMYLKFLMQQPLVTFTRRTFDRALRALPITQHNRIWALYRPFANSAEG
ITAVKIWRRYMQVHPEDAEDFIELLIQCGLYTEAVKKYIEILNNPKFQSKNAKGHYELWSEMVDLLVEHAVDIETGHETG
IDVERIIRSGIERFSDQRGKLWSGLATYWIRRGNFDRARDVFEEGITTVMTVRDFTMIFDAYVEFEESVIGTLMEAASRR
AEKGVVDESADFDLDIRMMRFEHLMDRRPFLLNDVLLRQNPNNVAEWEKRVALWGDNKEEVVKTYTDAIAAINPKKAVGA
FHLLWANYAKFYEKAGDLRTARIIMEKAVKVPFKSVNELADMWIEWAEMELRNKNFDEAVRIMAKATQAPKRSTVDYFDE
SLSPQQRVHKSWKLWSFYVDLVESTSSLEETRKIYERIFELRIATPQTVVNYANLLEEHHYYEESFKIYERGLDLFSYPV
AFELWNLYLTKAVDRKISIERLRDLFEQAITDCPPKFAKVLYLMYGNLEEERGLARHAMRIYERATRAVADEDRADMFNF
YITKSASNFGLASTRPIYERAIATLPDNEARDMCLKFADMEKRLGEIDRARAIYGHASQFCDPRTNPEFWAKWEQFEVQH
GNEDTFKEMLRVKRSVQAKYNTDVNFIASQALARSQMLKQQQQQQQQQQQQQLQQQQQNGSSGAGDPEVADAMAQLERQA
RAPAGFVAASENIKGTIAPSTQSVEVSNPDAIDLDDMDE
;
I
11 'polypeptide(L)'
;MESSRGPPRVKNKAPAPIQISAEQLLREAVDRQETIIHKPTQRFADLEELKEYQGRKRREFEDYIRRNRLRLQNWFQYAQ
WELEQKEFARARSIFERALDVHPNNTQLWIRYIEAELKNRNINHARNLLDRAVTRLPRVSKLWYKYVYVMEMLGDIPGTR
QVFDRWMKWEPDEDAWNAYIKLEKRYGEYERARQIFAAYTQVHPEPRTWLKWAKFEEEFGTADMVRDVFQSAIQYIAETL
GDDAVDERLFIAFARFETRQKEYERARAIYKFGLDNLPRSRSMQLHAQYTTFEKQFGDKEGVEDVVLTKRRRLYEEQVKE
NPKNYDVWFDFARLEEMGGDPDRVREVYERAIAQVPPTQEKRHWRRYIFLFLFYAIWEEKDAKNIERARAIYDTCLNLIP
HKKFTFAKVWIAKAHFEIRQGNLTAARKTLGRAIGMCPKDKLFREYIAIEQKLYEFDRCRTLYEKHALFNPANCQTWIRW
AELERGLDDLDRTRAIFEVAISQPVLDMPEVVWKAYIDFEEEEGEYERARALYERLLQKADHPKVWISYAQFEINIPDTE
TEAQAAEGEEIPVSEAAKARARGVFERALKSMKERDLKAERVALLRAWLEFERTHGAAEDVERIRRQMPREVKKKRRIDE
DTWEEYVDYVFPADEQQTKNLSNLLAMAKQWKEKTGGGIMGLGAGGS
;
J
12 'polypeptide(L)'
;MPVVKGGVWTNIEDEILKAAVSKYGLNQWARVSSLLARKTPKQCKARWNEWLDPSIKKIEWSREEDEKLLHLAKLMPTQW
RTIAPIVGRTANQCLERYQKLLDEAEQREASELGLTGPDGGETRAPTAEDVRKLRPGEIDPDPETKPARPDTIDLDEDEK
EMLSEARARLANTQGKKAKRKARERQQEESRRLAALQKRRELKTAGINIKITTRKKGQMDYNADIPFEKKPAPGFYDTTE
EIARNEWQRAHFDPKKQQVGNKRKSDEEEEAERKKRKNNKDGPSASLQAALKAGQMQKLREAEQSSKRKPLILPAPQVSD
SELDEIVKMGMIGERASAMARESENDATRGLVGNYSTLNTGAPIRTPRAPAQEDHIANEIRNIKALTETQSSLLGGENAP
LAEGAGTTGFESVVPKKQVVSTPNPLATPLRQGPNGGATPLRPGQTPLRTPRDTFSLNATDGVSMEHALRQQLKQKLAAL
PKPKETEWELELPEEKQEPKTQEELEEDAADRDRRERELREARELAERRRRTQVMQRELPRTAVVDIDALLRAADEIEDP
ARALVAREAALLMAHDAAKYPLPGAPPGVKPVEIPRFSDDELAEARLQILMEMKEKPAPEVVHAIWNRREENLNALRLGL
GYYDSDSEDGEDDVANIRATLEAALDRLMASAEKGNKLEKKLNLHLGGYKNRAEMLRKKLGEAHAALEKARNALAGFQVL
RASEEQAIQRRLEALRAEVAFVSTRERKAQELYRKLRDELEELRLEQA
;
L
13 'polypeptide(L)'
;MPAITTVHESLPYIDPEPTPEQRAAAEALIAEERAKVPDDPYHALLPPPLPPLNESRHLTPILQNELARLASSPDPQAAK
MDALDFSRYEAPEMPSIDSSQSLEETASQLWETLKQAYTAQAYLSARRAHLALLDTHGKNAWLIGNWHLEGEVKAVEKEL
AETKREIDRVSLARQGMQEAAGAELKSLEETWKAGVGRVLETEAAAEKLRIEVLEERRRLAEAQAALAVGN
;
K
14 'polypeptide(L)'
;MPPAKRIKSSADSRPNAGASGRPTLEDLEGENQFTNLARQHWLNVPQQAAKIKVKTDVLKRELYLWPGYGEDSSNYHVLL
IILIVNAKRRERVSTWDIFADRPADFSDLFRRALSMTLDSSLSWTIRTHVLLFIIHAFQSLDYAIVRKECAPLVSISIWH
NLSTEEKREALLDSNPHLRKAWRAATKRFESADDATKARLRFDRAWLYSLVLDFLTLLYSGNAKQEHVLYCERFVEFLTD
LQSQLPTRRYVNTLLQDLHVLPALSLSPIYNDEGNGLLRELCNLFTHYTYFAVDDQSGVQLSREQAYDRHCAILAKLQRI
AMKHFKEKLTVLALSNYGSIDKRSELEPLLQALTDDELVQLSNLMNIRTSYPDAARIPVDRKFIVEVLLTTFERRKTFQD
AAQALSVLPTEETLFDISLKRTDQYDGSRPLALPKLNLQYLSVGDFLWRSFVLYRCESFYAIRQDLEDALIRLKPEVRRG
GVTGFAGFSKMALPISKPVILDVMPPQVGDDKPSCVKAEVTIDLRRLTPQIRRDWESLRPDDVVFLLAVDASRQKQSANG
GAVLSEAERLGLVHVRAAEIIQVLDDKGKAIRDPQAYFDGHTRSDIRKIQLRLDATSYKADTEANRNVYEDINLIVRRSS
RENNFKPVLESIQDLTLSEVPLASWLHEVFLGYGDPAGATFKQLPNRLKKINFRDTFLDWQHLVESFPGKIIEPSDDVSS
SFGPPYVLESVEKQVEEHPSKPSKKRRRDVEPALMSKVETLKVSTYKPPNNGPYPVDAPKLNKIRFTPTQIDAIYSGTQP
GLTIIVGPPGTGKTDVAVQIISNIYHNFPEQKTLLVAHSNQALNQLFAKIVALDIDERHLLRLGHGEEELETEGSFSKHG
RVESFLDNRQRFLYEVSRLAASMGAPGAHGNSAETAGYFNKVYVEPAWAKFNDIIQREDVGPEDIVRAFPFHAYFSDAPQ
PLFPPEADRETVLEIANGCYRHISKIFEELADVLPFEILRRDKDKANYLLTSEARIIAMTSTHAAMKRGEIASLGFQYDN
VIMEEAAQITEIENFIPLALQKPKNGQMALQRVVLCGDHYQNSPVIQGLAFRHYANLEQSLFSRLVRLGVPTINLDQQGR
ARPSISNLYRWRYPQLGDLPHTQTEPEFLTANAGFRYDYQFVNVPDYRGMGESEPTPHFIQNLGEAEYAVAIFQYMRLLG
YPASKISILATYAGQKALIKDVLAHRCAKNPIFGLPRVVTTVDKYQGEQNDYIILSLTRTTRVGYLRDLRRLTVALSRAR
LGLYILGRRAVFESCYELRDAFSLLLRRPDKLALVTGELWPSKRLLADETDDTKKLEGEVVMEGVEHLGQWVFEMTKTKI
AELRKEKGLSEEVPVEMPKEVVSAEADEGYLPLDEEEGDGEEGEGERVKGFEIEDS
;
Y
15 'polypeptide(L)'
;MLCALSGEIPEEPVVSKKTGVLFEKRLILKYLEEHNNIEPGTTEELDPETDLLPIKTSRVVRPRPPNFTSIPSLLKAFQD
EWDALVLETYTTREQLARVREELATALYQHDAAVRVIARLTRERDEAREALARLTVTGAAPAAQNGEAMAVDSESLSEGL
VEHVNEVQQQLMKTRKKRPIPQGWATADDVAALQQVAYTDLNVTQASSLDLENECAAVGGLDGKLDIYSVVANKVERTLD
IGEPVTATEWTGTKVVIGTAKGWVKVYDAGRESATFQTHAGPVTGLAVHPGGRILASVGVDKSFVFYDLETGERVARGYA
DAALTTCAFHPDGNLFAAGTQTGHILVFHTTTLEQAESFPLGTPIQALAFSENGFWFAATGKGTSSVTIFDLRKSGAAAA
VKELQTGEVLSISWDYTGQYLATGGGTGVTVQMYTKATKSWSEPVRLGMPVVGVKWGGEAKRLVVVSREGVVSVLGKKEE
;
q,t,r,s
16 'polypeptide(L)'
;MPAIRPASKRKPPPDGFSDIEEDLLIFANKMKDAQNTPTDNIPKHQAQWPIFQIAHQRSRYVYELYYQKQAISKQLYDWL
LKNGYADAMLIAKWKKQGYEKLCCLRCIQTKETNFNSTCICRVPRAQLKEDQDIQCVNCGCRGCASTD
;
N
17 'polypeptide(L)'
;MATDVALETTMGTIILELYNQHAPRTCENFKTLAARGYYDGTIFHRVIKDFMVQGGDPTGTGRGGRSIYGDTFEDEIHPG
LRHTGAGILSMANAGPNTNGSQFFLTLAPTPWLDGKHTIFGRVKKGIRVLQRMGLVPTDADDRPKTEIKIIRAYVVGEGE
EDDKQLV
;
S
18 'polypeptide(L)'
;MATDVAVNGPDVSKLEALLRDNERTTRSLYASTTPDSGRKRIKLDPGLASEDPDITKSALSLRLHAEYGDVQTLPEAIAK
KLSAAGPRKKKPKPGVAEDEAPSKSEEHTRKLIEGIPQAKPSAGAASSNALVLAHGKPSAAGAGAARPQRNEPQQLSLVR
RSESLLAQPRPDWHPPWKLMRVISGHLGWVRALAVEPNNQWFASGAGDRTIKIWDLASGQLRLTLTGHISTVRGLAVSPR
HPYMFSCGEDKMVKCWDLETNKVIRHYHGHLSGVYTLKLHPTLDVLVTGGRDGVARVWDMRTRSNVHVLSGHTGTVADLV
CQEADPQVITGSLDSTVRMWDLAAGKTMGVLTHHKKGVRALVTHPTEFTFATASTGSIKQWKCPEGAFMQNFEGHNAIIN
TLAVNDQNVLFSGGDNGSMSFWDWKSGYRFQSLDTTAQPGSLDAELGIMSSTFDMSGARLITGEADKTIKIWKEDTTATP
ETHPIEWKPSLVRRKY
;
T
19 'polypeptide(L)'
;MPPQIKQDLNRAGWESTDFPSVCENCLPENPYVKMLKEDYGAECKLCTRPFTVFSWAGDGRAHGRKKRTNICLTCARLKN
ACQCCIMDLQFGLPIVIRDKALELIAPGPQSEINREYFAQNNERAIEEGRAGVEEYEKTDEKARELLRRLANSKPYFRKG
RELDSEGNPVAGGSGSTVGGNAVVGAGLGGAGPIRTRDTRAAAAAGARTGGAGSARRGPGAALPPPGPKDWLPPADKSIM
SLFITGIEDDLPEWKIRDFFKQYGKIKSLVVSHMTHCAFVNYETREGAEKAATELKGRAVIAGCPLRIRWSIPRPIGTMN
KEERAEMLRDGRSAFPEANRKSAQKAIEAAGAQGGAAGGAAGGAAAEAQQDDLADLAIAAPPGAADVQYASLAGN
;
M
20 'polypeptide(L)'
;MAELETNPDVAVAVAEDSNEQKQENQLVAVNNEVAAPIEKKVKKIIRKKRRPARPQIDPALVKSERPPQTGTVFNIWYNK
WSGGDREDKYLSQTHAKGRCNIARDSGYTRADSRPGSYFCLYFARGICPKGQDCDYLHRLPTIHDIFNPNVDCFGRDKFA
DYRDDMGGVGSFNRQNRTIYVGRIHVTDDIEEIVARHFAEWGQIERIRVLNNRGVAFITYTNEANAQFAKEAMAHQSLDH
NEILNVRWATADPNPLAQKREQRRIEEQAAEAIRRALPAEFVAEIEGKDPEARKRRKLESSYGLEGYEAPDAVHFARGPN
AVNPRGREGFELEREQQLMLEAPPETSQPAQIEAPPQAQEKKLAGGILSSRTLAALQGAKVAVATKDSKPEKPSGPLVAY
GSDDEEDE
;
0
21 'polypeptide(L)'
;MASIAAGLAAALPKPKYSSEHEEPRATQRGPRIVSADQIDETQIVIRRTGPPPYPNRAGWRPRAPEDFGDGGAFPEIPVA
QYPWGKNDSSSKSNALVVQVDSEGKVDYTAIARQGHSSDRIIHASFKDLIPLRQRAEAGQIDLSRPSKEEVEATAERTKN
ALAALVSGALAAQKPKNVQVNTKREATFVKYTPSAQMGNNTKKQERIIKIVERQRDPMEPPKFKHKKIPRGPPSPPPPVM
HSPPRKLTAEDQEAWRIPPPVSMWKNPKGFTIPLDKRLAADGRQLQEVQINDKFAQFSEALFMADRHAREEVRQRAMMQQ
RLAEKERQQKEEHLRQLAQQARAERAAAAASGRRRSTRSRSGSYSGSESGSETDESERERRRARREKLKEEERKLRQSRM
GAERRAQVLAREMDRDISEKIALGIAKPTMSGESMYDSRLFNQSSGFGATINEDNPYDKPLFAAQEAISSIYRPRTNAEY
EDDEEAGEKEMERIRKGNRFGEALGRGTFKGTEDAQPREGPVQFEKDTETADPFNVDKFLSEVQKGSNSGGGKRGYGLQD
EDSRQAKRSRVDDDENDD
;
R
22 'polypeptide(L)'
;MPDFGEYPPNLPVRDALILRESQAQAPTANHAVVPYTGENLARPSYGPANPFRDTSSSSASASGSLKRKNNVLTGHAEEM
YISEATFRAKHRAVEAVGGGVMRSNREMKEVNKRLREMREDKGSATIADGEGAYIGPWARYKRREEYEVVDKKGEEEDGD
EYEEVEVTDEEEEVIESGTVLKAPEPAIARRKEAEEMGEERTEFLGESEYDYLGRTYMHVPQDLDVSLNKEVGSITNYIP
KKLIYTWRHHGGKPITALQLFPRSSHLGLAGSADGVVKIFDVYRGRELLRSYSGHNKAITDLSFCNDGTKFLSGGFDRKI
RLWDTETGQCVNRFNIGKTPHVIKFNPSSENGHEFLAGLSDKRIVQYDTRAGNDTVQEYDRHLGPINTIEYIDENRRFMS
TSDDRSLKVWEYGIPVEIKTISEPDMFALTKSAQHPNGKYVLYQCSDNSIVAYSCSGDKFRQHRKKAWRGHNTAGSAIGL
TCSPDGQFVASGDTSGSVCFWDFKTCKLYSKLTADSAGGIINCVAWSEQETSKVFTAGAKGEIKLWD
;
W
23 'polypeptide(L)'
;MTTAHRPTFDPARGKEALRGPAYHQRLLPAYTTLKFRQPGQGGAADKSTRDLRAELEAAEAAHYAKLKGAPIPGTSSSSE
NNTPAIAGSSASSVTGKRPLPSSSNGGGDRPPDDGDEDPEAKRRRILAETRDIDADDDSSSGSDKDSDSESGSADSDDSS
DDEEAELQRELERVRRERMEKRAREEAERKAAEEARREEEIARGNPLLNKPDFTVKRRWDEDVVFKNQARGTEDKGKRKE
FVNDLLRSDFHKRFMSKYVR
;
P
24 'polypeptide(L)'
;MTSRGAPAGRRVLLPPINFLFRLLQQRTPVQIWLYEQLAIRITGVIRGFDEFMNLVIDDAVEIKLSPKTNEPESKRPLGQ
ILLKGDNISLIQALSGSA
;
j
25 'polypeptide(L)'
;MAPAQPELKKYLDKRLFVELNGSRRVIGVLRGYDVFLNIVLDDAVEERPNGEKVKLGMVTIRGNSVVILEPLERIGDDRP
GR
;
k
26 'polypeptide(L)'
;MNTGFVPVNPRPFLQDLVNQDVIVRLKWGQTEYKGRLVSIDSYMNIQLANTEEFINYKSTGHLGQVLIRCNNVLWVTAAA
GKQMTPTEDTKMEE
;
l
27 'polypeptide(L)'
;MAPKTKKQAVSRTQHYEFFGPPGAAAISFGLPLLVYAFAFACNDITGCPAPSLLHPKSLKLDVLKQEVGWPKNGIWGLAS
WRVTGWTLAYYLWLALLYRILPGDVVEGTQLRNGGRLKYKLNAFASSMFTLVICAAGTIAQGADFPLWTFIADNYVQILT
ANVIIAYTLATFVYIRSFSVKPGNPQLRELAVGGVTGNILYDWFIGRELNPRVTLPIIGEIDIKQWMELRPGLLGWTLMN
CAFVAKQYRLYGYVTDSIVFVTAVQALYVLDSHYFEPAVLTTIDITTDGFGLMLSFGDIVWVPFIYTQSTRYLAVHPQKL
GYLGLVGVTVLLVAGFAIFRLSNSQKNAFRTNPNDPSVKHLKYIETKAGTRLLISGWWGIARHINYLGDWLQAWPYCLPT
GLAGYQILTAGSELAEGAVKMLDGRIVVPGEARGWGTIFTYFYVVYFATLLLHRDRRDDEKCSKKYGEDWEKYKEIVRWR
IIPALLQKPRSECTEWEIAQIEEWEMANGPLSLLQTAVRSHTQVLISVRSGRKLLARVKAFDRHCNMILENVKEMWTETP
VTNGKKGRPVNKDRFISKMFLRGDSVVIVLLS
;
m
28 'polypeptide(L)'
;MKLVRFLMKCANETVTIELKNGAIVHGTIASVTPKMDTALRNVRYTPKGEEPYSVESLTVRGNTIRYYILPDSLPLDTLL
IDDAPKPKNKARKEADRGRGRGRGRGGRGGRGGRARGR
;
o
29 'polypeptide(L)'
;MSSSQNRQGKMAGYINWRMRVTLNDGRQMTGQMLAFDKHMNLVLADTEEFRKTKRMQAKPNSSTTQTLIQEEKRTLGLTI
VRGANIIALSVESPPPADPSARLGKTTGAGIASTLTAGPGVARPAGRGAAAPISLAGPAPGVGGAVPPPPFPGFPAAAPP
GFPGRGGPAPPGFPAAPFPPPAGFPGAPGFPPGFPPGGAPPPAGFNPPPRR
;
p
30 'polypeptide(L)'
;MTSSIGIPIKLLNEAQGHIVTLELTTGQTYRGKLIEAEDNMNVQLKDITVTARDGRVSHLEQIYIRGSHVRFFIVPDMLR
NAPMFRSRNVRGRGVGLARGRATVSRARASGRGR
;
u
31 'polypeptide(L)'
;MSHKRSRAAYEADLTAQQSPYVFFGTPLPPLDPDVRDDGSYVPIWKQEARDERGRKRFHGAFTGGWSAGYFNTVGSKEGW
TPSSFVSSRTKRWKDDPNKVEQRPEDFMDEEDLADLEESRKLQTREAFSGLGSTADDAVRASGLMGLFRVEGETMGVKLL
KKMGWKEGQGIGPKVRRKARLGLGSDANITEETHLFAPDNVPMISFVRKTDHKGLGYAGETGLTPLSKANGQNESDEEDE
DDGGIGSLGRPRFSLTTERKKGPQRPRGSIGVGILNDTGSDDEDPYELGPKISYNRVIGGDKQKKKTATATNPTLKSKPT
FVSSKSKALGKVALGVRKCHDGRLPLDGFVFGKEPDPLISEIIAEGKYPPPRIPPGWVSSKKPTSSAKQPAGYVSTAEAA
KSSTLDPRARAAILGEKQLPGKSVFDFLSPEARERLVAATGKKDLPPARGEVPAEYALSEDERLKKLLAQVPRLDKETAV
AAITRGASGAAPYADDEAKRSRYLSFLEWQAGFKSSPGARTPKMKDDDWLRELHEFYNCARIFKPMTGFMASRFTTSSAA
KPGSSSDGGASNNSCSQTPTKPQDPTEEAAKLGMFGPMTRTVTEFYPSRLLCKRFGVNPPEHVRSDEYPANKSRFDASSI
GGCSAASTGPTEEGTKPAWMPTGKAVVVVDPSRNEALEAKRAGEEVFKAVFGDSGDEG
;
1
32 'polypeptide(L)'
;MADSEVGGAFIPALYKPAALLPIAKHRESLLYLVETNPVTIVVGQTGSGKSTQIPQFLEKAGWCADGKLIAVTQPRRVAA
VTLAIRVAEEFGCEVGKEVGYSIRFEDATSESTRIKYMTDGLLIREALVDPLLSRYSVIMIDEAHERSISSDILLGLLKK
IRRKRPDLRIIISSATLQAEDYRAYFEKASETQEEDSSNDKQKESIASIISIEGRTYPIDILYLDTPTEDYLEKAISTVF
DIHTNEPKGDILVFLTGRDEIEQAVQAVSERSASLPPGSEALLPLPLYSGLSAEQQMYVFEEAPENTRKVIFSTNLAEAS
VTIEGIVYVIDSGFVKLRAYNPKTGIESLTATPVSKASAAQRAGRAGRTKPGKCFRLYTEEAYQSLPDATVPEIQRSNLA
PIILQLKALGIDNVLRFDYFTPPPAEQMTRALELLYSLGALDDYAKLTRPLGLRMAELAVEPMMAKTLLSAQSFGCLSEI
LTIAAMTSLDGTLWIQHEGDKKKTESVKRKFAAEEGDHLTLLNVYQAFVTKGRKEAHWCHENMLNYKAMIRAVSIRAQLK
RFLERFGIDVEESLSSPSVSQQPANKAEKIQRCLTIGYFAHAAKMQPDGTFRNVSGTTVLHAHPSSIMFNRKADWVIFHE
VLETKDKTFIRDITRIKKEWLLEYAPDFYKTT
;
z
33 'polypeptide(L)'
;MSDNVGLPTPRGSGTSGYVQRNLAHLRPREPIKPRDPESYRHKPRKPDPGLLEHDRKREVEVKVFELRDKLEEEGVDEEE
IESRCSELRQKLLAEMERNKDALPAQRKTFKAHQVHEAADAKLKESERLRQALKISKDYEEGSHWRRQEERKKPLERGDL
PPGVADREKERERGRERGRDGDRNGDRYRQRDDDRYQPEPEPEQKQEQKQKLEQKSSAWAGSV
;
V
34 'polypeptide(L)'
;MASADSAAAAAKTEEQKLAEQRAEYQKLLELRSQGVYLPPHKLRALQAAITDPKTKEYQRIAWDALKKSINGLVNKVNTA
NIKHVVPELFNENLIRGRGLFCQSLLKAQHASLPFTPIYACMAAIVNTKLPQVGELLVKRLIMRFRKAFKRNDKPVCLSS
TMFIAHLVNQQVVHETLAGQILVLLLQKPTDDSVEIAVGFMREVGLFLEEMAPRIAHIVFDQFKNILHEADIDRRTQYMI
EVLFQIRKDRYKDNPVIKEELDLIEEEDQITHRISLDEDINTEDSLNIFKYDPEWEENENEYKKLKAEILGEVSGDEDEE
DEDEEDEESEESEDEEQKAIEIRDQTNADLVNLRRTIYLTIQSSADPEEAAHKLMKLKLPPGQEPELVSMIIESCAQEKV
YSKFMGLLGEKFARLNRMWMELYEEAFTKYYNTIHRYETNKLRNIARFFGHLLSYDAIGWHVLSVIQLTEEETTAASRIF
IRFLFEDIQENLGTAKLKARLGDEALQPYLEGIFRHDTRRNVTFAINYFTAIKMGYLTDEMHPGRHHGRGLGPEVALRRV
PLFVGPDPTAGAGAGAGTGAAGATPAAPAGAEAAPEIIPALFPQEVGADPSLARFLAHHPLVVKQESLTGAVSGSKEAEK
VEVEVEVEVKVEDTAEARRAVQQVSVAVKVPIEVCVPP
;
Z
35 'polypeptide(L)'
;MAAFGAKRKPRIIKAFDDDDEDLSLPLSSGGEDKQAGEELPPPARIKFGRTKFTKSSALRKNAMIGNDDTDSPNATSARD
DDDDDENSGAPVVVRPSSVNKGSLSKIKKRPAASRLSFGPSAGAEDDDEEAEVVIQPRKMLNQRAVENSALRANSSLPTR
FGGEENRPKYSKEYLAELQSATFNTPQNLADLKIHDDDEMQLDEMELEGALIVPSNEVAVPGASTTQTTHIPTEAEIRER
KERRARLAHEAKFIPLDDEFNSDNEGAQPSHPILNLPSKQKRRDTRLIREDEDLYEGFDEFVSDGNLALGRKAEKAVLQR
HRQEMAELIEAAQAEDNDEAASDDSEAEERAAYEEAQVRAAMDGLRGKYREEHLERGGGADLYEGRGPDDIPRMKPLPKL
GDVLQRIREAIQGLEGEVVRKRSRIEGLEKEKAEILVREKEVQEILNQAGQKYQEVVGGLGVHNVPKIVAGQSPLRPFPP
GLAREMPTERGLESYGATPIRRYGGEEDDG
;
CY
36 'polypeptide(L)'
;(UNK)(UNK)(UNK)(UNK)(UNK)(UNK)(UNK)(UNK)(UNK)(UNK)(UNK)(UNK)(UNK)(UNK)(UNK)(UNK)
(UNK)(UNK)(UNK)(UNK)(UNK)(UNK)(UNK)(UNK)(UNK)(UNK)(UNK)(UNK)(UNK)(UNK)(UNK)(UNK)
(UNK)(UNK)(UNK)(UNK)(UNK)(UNK)(UNK)(UNK)(UNK)(UNK)
;
Ck
37 'polypeptide(L)'
;(UNK)(UNK)(UNK)(UNK)(UNK)(UNK)(UNK)(UNK)(UNK)(UNK)(UNK)(UNK)(UNK)(UNK)(UNK)(UNK)
(UNK)(UNK)(UNK)(UNK)(UNK)(UNK)(UNK)(UNK)(UNK)(UNK)(UNK)(UNK)(UNK)(UNK)(UNK)(UNK)
(UNK)(UNK)(UNK)(UNK)(UNK)(UNK)(UNK)(UNK)(UNK)(UNK)(UNK)(UNK)(UNK)(UNK)(UNK)(UNK)
(UNK)(UNK)(UNK)(UNK)(UNK)(UNK)(UNK)(UNK)(UNK)(UNK)(UNK)(UNK)(UNK)(UNK)(UNK)(UNK)
(UNK)(UNK)(UNK)(UNK)(UNK)(UNK)(UNK)(UNK)(UNK)(UNK)(UNK)(UNK)(UNK)(UNK)(UNK)(UNK)
(UNK)(UNK)(UNK)(UNK)(UNK)(UNK)(UNK)(UNK)(UNK)(UNK)(UNK)(UNK)(UNK)(UNK)(UNK)(UNK)
(UNK)(UNK)(UNK)(UNK)(UNK)(UNK)(UNK)(UNK)(UNK)(UNK)(UNK)(UNK)(UNK)(UNK)(UNK)(UNK)
(UNK)(UNK)(UNK)(UNK)(UNK)(UNK)(UNK)(UNK)(UNK)(UNK)(UNK)(UNK)(UNK)(UNK)(UNK)(UNK)
(UNK)(UNK)(UNK)(UNK)(UNK)(UNK)(UNK)(UNK)(UNK)(UNK)(UNK)(UNK)(UNK)(UNK)(UNK)(UNK)
(UNK)(UNK)(UNK)(UNK)(UNK)(UNK)(UNK)(UNK)(UNK)(UNK)(UNK)(UNK)(UNK)(UNK)(UNK)(UNK)
(UNK)(UNK)(UNK)(UNK)(UNK)(UNK)(UNK)(UNK)(UNK)(UNK)(UNK)(UNK)(UNK)(UNK)(UNK)(UNK)
(UNK)(UNK)(UNK)(UNK)(UNK)(UNK)(UNK)(UNK)(UNK)(UNK)(UNK)(UNK)(UNK)(UNK)(UNK)(UNK)
(UNK)(UNK)(UNK)(UNK)(UNK)(UNK)(UNK)(UNK)(UNK)(UNK)(UNK)(UNK)(UNK)(UNK)(UNK)(UNK)
(UNK)(UNK)(UNK)(UNK)(UNK)(UNK)(UNK)(UNK)(UNK)(UNK)(UNK)(UNK)(UNK)(UNK)(UNK)(UNK)
(UNK)(UNK)(UNK)(UNK)(UNK)(UNK)(UNK)(UNK)(UNK)(UNK)(UNK)(UNK)(UNK)(UNK)(UNK)(UNK)
(UNK)(UNK)(UNK)(UNK)(UNK)(UNK)(UNK)(UNK)(UNK)(UNK)(UNK)(UNK)(UNK)(UNK)(UNK)(UNK)
(UNK)(UNK)(UNK)(UNK)(UNK)(UNK)(UNK)(UNK)(UNK)(UNK)(UNK)(UNK)(UNK)(UNK)(UNK)(UNK)
(UNK)(UNK)(UNK)(UNK)(UNK)(UNK)(UNK)(UNK)(UNK)(UNK)(UNK)(UNK)(UNK)(UNK)(UNK)(UNK)
(UNK)(UNK)(UNK)(UNK)(UNK)(UNK)(UNK)(UNK)(UNK)(UNK)(UNK)(UNK)(UNK)(UNK)(UNK)(UNK)
(UNK)(UNK)(UNK)(UNK)(UNK)(UNK)(UNK)(UNK)(UNK)(UNK)(UNK)(UNK)(UNK)(UNK)(UNK)(UNK)
(UNK)(UNK)(UNK)(UNK)(UNK)(UNK)(UNK)(UNK)(UNK)(UNK)(UNK)(UNK)(UNK)(UNK)(UNK)(UNK)
(UNK)(UNK)(UNK)(UNK)(UNK)(UNK)(UNK)(UNK)(UNK)(UNK)(UNK)(UNK)(UNK)(UNK)(UNK)(UNK)
(UNK)(UNK)(UNK)(UNK)(UNK)(UNK)(UNK)(UNK)(UNK)(UNK)(UNK)(UNK)(UNK)(UNK)(UNK)(UNK)
(UNK)(UNK)(UNK)(UNK)(UNK)(UNK)(UNK)(UNK)(UNK)(UNK)(UNK)(UNK)(UNK)(UNK)(UNK)(UNK)
(UNK)(UNK)(UNK)(UNK)(UNK)(UNK)(UNK)
;
Cb
38 'polyribonucleotide'
;(Y5P)(P5P)(Y5P)(Y5P)(P5P)(P5P)(P5P)(P5P)(P5P)(Y5P)(P5P)(Y5P)(P5P)(Y5P)(P5P)(Y5P)
(N)(Y5P)(Y5P)(Y5P)(Y5P)(Y5P)
;
8
39 'polypeptide(L)'
;MADITKGTKRLSGEAEGSQDSKRVKTNGDKMDAKNPYLAHLEEKPEADFESLLDKLERRNTTAKQAEAVEDSDINPWTGQ
RHSERYFKILKARRKLPVNKQRQEFLDLYHNNQILVFVGETGSGKTTQIPQYVLYDELPHQTGKLIACTQPRRVAAMSVA
QRVADELDVKLGEEVGYSIRFENKTSSKTLLKYMTDGQLLREAMHDRDMSRYSCIILDEAHERTLATDILMALLKQLSER
RKDLKIIVMSATLDAQKFQSYFFNAPLLAVPGRTHPVEIFYTPEAERDYVEAAIRTVLQIHACEPEGDILLFLTGEEEIE
DACRRISLEVDEMIRESDAGPMSVYPLYGTLPPHQQQRIFEKAPQPFRPGGRPGRKCIVATNIAETSLTIDGIVYVVDPG
FSKQKIYNPRTRVESLLVSPISKASAQQRAGRAGRTRPGKCFRLYTEEAFKKELIEQTYPEILRSNLSNTVLELKKLGVE
DLVHFDLMDPPAPETMMRALEELNYLACLDDDGELTPLGNLASEFPLDPALAVMLISSPEFYCSNEILSITSLLSVPQIW
VRPANARKRADEMKAQFAHPDGDHLTLLNAYHAYKGAEARGEDMKKWCHEHFLSYRHLSSADNVRAQLKKIMETHGIELV
STPFHDKNYYTNIRRALLAGFFMQVAMRESSNSKVYKTVKDEQLVLIHPSTTVTTPYEWVVYNEFVLTTKQYVRTVTNIR
PEWLLEIAPVYYDLSTFQKGEIKNALTRVAEKIRRQQAMKASKA
;
Cc
#
loop_
_chem_comp.id
_chem_comp.type
_chem_comp.name
_chem_comp.formula
A RNA linking ADENOSINE-5'-MONOPHOSPHATE 'C10 H14 N5 O7 P'
C RNA linking CYTIDINE-5'-MONOPHOSPHATE 'C9 H14 N3 O8 P'
G RNA linking GUANOSINE-5'-MONOPHOSPHATE 'C10 H14 N5 O8 P'
GTP non-polymer GUANOSINE-5'-TRIPHOSPHATE 'C10 H16 N5 O14 P3'
M7M non-polymer 'N,N,7-trimethylguanosine 5'-(trihydrogen diphosphate)' 'C13 H23 N5 O11 P2'
N RNA linking 'ANY 5'-MONOPHOSPHATE NUCLEOTIDE' 'C5 H11 O7 P'
P5P RNA linking 'PURINE RIBOSIDE-5'-MONOPHOSPHATE' 'C10 H13 N4 O7 P'
U RNA linking URIDINE-5'-MONOPHOSPHATE 'C9 H13 N2 O9 P'
Y5P RNA linking 1-(5-O-phosphono-beta-D-ribofuranosyl)-1,4-dihydropyrimidine 'C9 H15 N2 O7 P'
ZN non-polymer 'ZINC ION' 'Zn 2'
#
# COMPACT_ATOMS: atom_id res chain seq x y z
N ILE D 142 -51.17 -70.54 -30.43
CA ILE D 142 -51.22 -69.22 -29.81
C ILE D 142 -50.79 -69.32 -28.36
N ALA D 143 -50.76 -70.54 -27.83
CA ALA D 143 -50.35 -70.76 -26.45
C ALA D 143 -48.89 -70.44 -26.24
N LYS D 144 -48.08 -70.49 -27.30
CA LYS D 144 -46.71 -70.01 -27.20
C LYS D 144 -46.66 -68.51 -26.95
N PHE D 145 -47.54 -67.76 -27.61
CA PHE D 145 -47.60 -66.31 -27.46
C PHE D 145 -48.66 -65.91 -26.45
N ALA D 146 -48.62 -66.51 -25.28
CA ALA D 146 -49.55 -66.16 -24.20
C ALA D 146 -48.89 -65.39 -23.08
N GLN D 147 -47.65 -65.75 -22.73
CA GLN D 147 -46.88 -64.92 -21.81
C GLN D 147 -46.58 -63.58 -22.42
N LYS D 148 -46.31 -63.55 -23.73
CA LYS D 148 -46.07 -62.29 -24.44
C LYS D 148 -47.28 -61.38 -24.39
N LYS D 149 -48.48 -61.94 -24.56
CA LYS D 149 -49.69 -61.13 -24.51
C LYS D 149 -49.92 -60.57 -23.12
N LYS D 150 -49.71 -61.38 -22.08
CA LYS D 150 -49.89 -60.91 -20.71
C LYS D 150 -48.90 -59.80 -20.38
N GLU D 151 -47.63 -60.00 -20.71
CA GLU D 151 -46.64 -58.99 -20.35
C GLU D 151 -46.81 -57.73 -21.18
N TRP D 152 -47.24 -57.84 -22.44
CA TRP D 152 -47.47 -56.66 -23.25
C TRP D 152 -48.66 -55.87 -22.74
N LEU D 153 -49.77 -56.57 -22.40
CA LEU D 153 -50.93 -55.87 -21.88
C LEU D 153 -50.62 -55.21 -20.54
N ARG D 154 -49.88 -55.91 -19.68
CA ARG D 154 -49.51 -55.34 -18.39
C ARG D 154 -48.62 -54.12 -18.55
N MET D 155 -47.64 -54.20 -19.46
CA MET D 155 -46.75 -53.06 -19.71
C MET D 155 -47.53 -51.88 -20.27
N GLN D 156 -48.46 -52.15 -21.18
CA GLN D 156 -49.25 -51.08 -21.79
C GLN D 156 -50.15 -50.42 -20.77
N ARG D 157 -50.75 -51.20 -19.87
CA ARG D 157 -51.59 -50.60 -18.84
C ARG D 157 -50.77 -49.83 -17.81
N ASN D 158 -49.64 -50.39 -17.40
CA ASN D 158 -48.81 -49.78 -16.37
C ASN D 158 -48.05 -48.59 -16.91
N ARG D 159 -48.08 -48.39 -18.22
CA ARG D 159 -47.52 -47.17 -18.78
C ARG D 159 -48.55 -46.16 -19.25
N PHE D 160 -49.72 -46.59 -19.76
CA PHE D 160 -50.66 -45.66 -20.39
C PHE D 160 -52.02 -45.69 -19.72
N GLY D 161 -52.15 -46.33 -18.56
CA GLY D 161 -53.39 -46.36 -17.84
C GLY D 161 -53.74 -44.98 -17.30
N GLU D 162 -55.04 -44.70 -17.19
CA GLU D 162 -55.46 -43.37 -16.76
C GLU D 162 -55.53 -43.31 -15.24
N LYS D 163 -54.47 -43.77 -14.58
CA LYS D 163 -54.35 -43.68 -13.14
C LYS D 163 -52.89 -43.41 -12.81
N ARG D 164 -52.04 -43.55 -13.84
CA ARG D 164 -50.60 -43.46 -13.71
C ARG D 164 -50.02 -42.34 -14.56
N LYS D 165 -50.79 -41.27 -14.78
CA LYS D 165 -50.34 -40.18 -15.64
C LYS D 165 -49.28 -39.37 -14.89
N GLY D 166 -48.08 -39.94 -14.83
CA GLY D 166 -47.02 -39.44 -13.99
C GLY D 166 -46.21 -40.58 -13.43
N GLY D 167 -46.72 -41.80 -13.57
CA GLY D 167 -46.02 -42.98 -13.18
C GLY D 167 -46.47 -43.61 -11.88
N PHE D 168 -47.31 -42.94 -11.11
CA PHE D 168 -47.73 -43.45 -9.80
C PHE D 168 -49.19 -43.13 -9.60
N VAL D 169 -49.86 -43.95 -8.78
CA VAL D 169 -51.25 -43.68 -8.44
C VAL D 169 -51.29 -42.53 -7.46
N GLU D 170 -51.98 -41.46 -7.83
CA GLU D 170 -51.99 -40.24 -7.05
C GLU D 170 -53.32 -40.07 -6.33
N THR D 171 -53.25 -39.73 -5.06
CA THR D 171 -54.42 -39.55 -4.21
C THR D 171 -54.48 -38.11 -3.72
N GLN D 172 -55.52 -37.81 -2.96
CA GLN D 172 -55.73 -36.51 -2.36
C GLN D 172 -55.33 -36.57 -0.89
N LYS D 173 -54.57 -35.57 -0.45
CA LYS D 173 -54.00 -35.57 0.89
C LYS D 173 -55.11 -35.52 1.94
N ALA D 174 -55.04 -36.44 2.90
CA ALA D 174 -56.14 -36.69 3.80
C ALA D 174 -55.88 -36.10 5.18
N ASP D 175 -56.83 -36.28 6.08
CA ASP D 175 -56.77 -35.74 7.43
C ASP D 175 -56.33 -36.81 8.40
N MET D 176 -55.34 -36.50 9.21
CA MET D 176 -54.90 -37.39 10.26
C MET D 176 -55.87 -37.34 11.43
N PRO D 177 -55.80 -38.31 12.34
CA PRO D 177 -56.55 -38.18 13.59
C PRO D 177 -56.04 -36.99 14.38
N PRO D 178 -56.89 -36.35 15.16
CA PRO D 178 -56.41 -35.27 16.05
C PRO D 178 -55.42 -35.75 17.09
N GLU D 179 -55.50 -37.03 17.46
CA GLU D 179 -54.63 -37.61 18.45
C GLU D 179 -53.20 -37.74 17.98
N HIS D 180 -52.96 -37.69 16.66
CA HIS D 180 -51.59 -37.65 16.17
C HIS D 180 -50.88 -36.38 16.59
N LEU D 181 -51.52 -35.23 16.32
CA LEU D 181 -50.99 -33.94 16.75
C LEU D 181 -50.93 -33.86 18.27
N ARG D 182 -51.95 -34.38 18.93
CA ARG D 182 -51.97 -34.41 20.39
C ARG D 182 -50.76 -35.15 20.94
N LYS D 183 -50.46 -36.33 20.39
CA LYS D 183 -49.33 -37.12 20.85
C LYS D 183 -48.01 -36.43 20.55
N ILE D 184 -47.91 -35.78 19.38
CA ILE D 184 -46.65 -35.12 19.02
C ILE D 184 -46.35 -33.97 19.97
N VAL D 185 -47.35 -33.12 20.23
CA VAL D 185 -47.14 -31.98 21.11
C VAL D 185 -46.90 -32.43 22.54
N LYS D 186 -47.56 -33.51 22.96
CA LYS D 186 -47.29 -34.07 24.27
C LYS D 186 -45.88 -34.62 24.37
N ASP D 187 -45.39 -35.27 23.32
CA ASP D 187 -44.10 -35.93 23.36
C ASP D 187 -42.95 -34.93 23.37
N ILE D 188 -43.01 -33.91 22.51
CA ILE D 188 -41.89 -32.99 22.43
C ILE D 188 -41.83 -32.11 23.67
N GLY D 189 -42.99 -31.78 24.25
CA GLY D 189 -43.05 -30.97 25.46
C GLY D 189 -42.46 -29.61 25.25
N ASP D 190 -41.75 -29.13 26.26
CA ASP D 190 -40.72 -28.14 26.02
C ASP D 190 -39.46 -28.88 25.61
N VAL D 191 -38.75 -28.37 24.62
CA VAL D 191 -37.81 -29.24 23.92
C VAL D 191 -36.58 -29.36 24.79
N SER D 192 -36.62 -30.29 25.75
CA SER D 192 -35.60 -30.39 26.77
C SER D 192 -34.95 -31.76 26.85
N GLN D 193 -35.50 -32.75 26.16
CA GLN D 193 -34.86 -34.05 26.09
C GLN D 193 -33.82 -34.03 24.99
N LYS D 194 -32.84 -34.92 25.10
CA LYS D 194 -31.82 -35.00 24.06
C LYS D 194 -32.32 -35.77 22.85
N LYS D 195 -33.46 -36.46 22.98
CA LYS D 195 -34.03 -37.20 21.86
C LYS D 195 -34.40 -36.29 20.69
N TYR D 196 -34.80 -35.07 20.99
CA TYR D 196 -35.31 -34.14 19.99
C TYR D 196 -34.26 -33.15 19.56
N THR D 197 -33.00 -33.55 19.52
CA THR D 197 -31.95 -32.66 19.08
C THR D 197 -32.00 -32.47 17.58
N SER D 198 -32.56 -33.44 16.84
CA SER D 198 -32.70 -33.28 15.41
C SER D 198 -33.85 -32.34 15.07
N ASP D 199 -34.75 -32.11 16.00
CA ASP D 199 -35.94 -31.31 15.76
C ASP D 199 -35.79 -29.86 16.20
N LYS D 200 -34.61 -29.46 16.65
CA LYS D 200 -34.47 -28.14 17.27
C LYS D 200 -34.24 -27.03 16.24
N ARG D 201 -33.44 -27.32 15.21
CA ARG D 201 -33.19 -26.34 14.17
C ARG D 201 -34.47 -25.96 13.45
N SER D 202 -35.28 -26.96 13.12
CA SER D 202 -36.54 -26.72 12.42
C SER D 202 -37.51 -25.94 13.29
N TYR D 203 -37.42 -26.12 14.60
CA TYR D 203 -38.47 -25.68 15.50
C TYR D 203 -38.23 -24.17 15.64
N LEU D 204 -36.96 -23.86 15.93
CA LEU D 204 -36.49 -22.48 15.96
C LEU D 204 -36.60 -21.81 14.60
N GLY D 205 -36.55 -22.58 13.52
CA GLY D 205 -36.76 -21.95 12.26
C GLY D 205 -38.20 -21.65 11.94
N ALA D 206 -39.14 -22.39 12.53
CA ALA D 206 -40.57 -22.12 12.43
C ALA D 206 -40.98 -20.88 13.19
N LEU D 207 -40.10 -20.40 14.07
CA LEU D 207 -40.25 -19.03 14.61
C LEU D 207 -40.58 -18.00 13.54
N LYS D 208 -40.03 -18.14 12.33
CA LYS D 208 -40.25 -17.20 11.24
C LYS D 208 -41.71 -17.15 10.80
N PHE D 209 -42.45 -18.24 10.94
CA PHE D 209 -43.83 -18.33 10.46
C PHE D 209 -44.84 -18.29 11.59
N MET D 210 -44.38 -18.28 12.83
CA MET D 210 -45.25 -18.00 13.98
C MET D 210 -46.15 -16.76 13.89
N PRO D 211 -45.72 -15.57 13.32
CA PRO D 211 -46.67 -14.45 13.15
C PRO D 211 -47.93 -14.80 12.38
N HIS D 212 -47.73 -15.67 11.39
CA HIS D 212 -48.80 -16.00 10.48
C HIS D 212 -49.79 -16.93 11.17
N ALA D 213 -49.26 -17.77 12.06
CA ALA D 213 -50.08 -18.66 12.90
C ALA D 213 -50.88 -17.86 13.92
N VAL D 214 -50.27 -16.82 14.48
CA VAL D 214 -50.98 -15.93 15.39
C VAL D 214 -52.15 -15.28 14.68
N LEU D 215 -51.94 -14.82 13.45
CA LEU D 215 -53.05 -14.26 12.67
C LEU D 215 -54.17 -15.25 12.46
N LYS D 216 -53.86 -16.44 11.98
CA LYS D 216 -54.91 -17.42 11.71
C LYS D 216 -55.66 -17.86 12.96
N LEU D 217 -54.94 -18.04 14.07
CA LEU D 217 -55.57 -18.40 15.33
C LEU D 217 -56.52 -17.31 15.81
N LEU D 218 -56.05 -16.06 15.89
CA LEU D 218 -56.93 -15.01 16.38
C LEU D 218 -58.05 -14.69 15.41
N GLU D 219 -57.86 -14.96 14.13
CA GLU D 219 -58.89 -14.77 13.12
C GLU D 219 -60.04 -15.74 13.32
N ASN D 220 -59.74 -16.99 13.66
CA ASN D 220 -60.77 -18.02 13.76
C ASN D 220 -61.28 -18.21 15.18
N MET D 221 -61.34 -17.13 15.94
CA MET D 221 -61.72 -17.18 17.34
C MET D 221 -63.21 -17.48 17.48
N PRO D 222 -63.63 -18.16 18.56
CA PRO D 222 -65.06 -18.42 18.74
C PRO D 222 -65.82 -17.18 19.18
N MET D 223 -66.98 -16.99 18.56
CA MET D 223 -67.86 -15.87 18.85
C MET D 223 -68.61 -16.13 20.16
N PRO D 224 -69.20 -15.10 20.78
CA PRO D 224 -69.76 -15.28 22.13
C PRO D 224 -70.86 -16.32 22.23
N TRP D 225 -71.57 -16.59 21.16
CA TRP D 225 -72.66 -17.55 21.21
C TRP D 225 -72.20 -18.99 21.04
N GLU D 226 -70.92 -19.21 20.80
CA GLU D 226 -70.37 -20.55 20.63
C GLU D 226 -69.64 -20.95 21.89
N ALA D 227 -70.08 -22.06 22.49
CA ALA D 227 -69.35 -22.61 23.63
C ALA D 227 -67.99 -23.12 23.20
N ALA D 228 -67.92 -23.72 22.01
CA ALA D 228 -66.67 -24.21 21.49
C ALA D 228 -66.73 -24.21 19.96
N ARG D 229 -65.56 -24.17 19.35
CA ARG D 229 -65.44 -24.23 17.90
C ARG D 229 -64.32 -25.20 17.56
N GLU D 230 -64.49 -25.91 16.45
CA GLU D 230 -63.43 -26.76 15.93
C GLU D 230 -62.95 -26.21 14.60
N VAL D 231 -61.65 -26.21 14.42
CA VAL D 231 -60.98 -25.63 13.28
C VAL D 231 -60.09 -26.70 12.66
N LYS D 232 -59.96 -26.66 11.33
CA LYS D 232 -58.92 -27.42 10.66
C LYS D 232 -57.59 -26.71 10.84
N VAL D 233 -56.58 -27.46 11.24
CA VAL D 233 -55.23 -26.95 11.37
C VAL D 233 -54.31 -27.77 10.48
N LEU D 234 -53.34 -27.09 9.94
CA LEU D 234 -52.20 -27.69 9.26
C LEU D 234 -51.06 -27.62 10.25
N TYR D 235 -50.57 -28.78 10.66
CA TYR D 235 -49.57 -28.85 11.71
C TYR D 235 -48.29 -29.51 11.20
N HIS D 236 -47.18 -29.09 11.75
CA HIS D 236 -45.90 -29.67 11.41
C HIS D 236 -45.70 -30.95 12.20
N VAL D 237 -45.11 -31.96 11.55
CA VAL D 237 -45.00 -33.26 12.19
C VAL D 237 -43.97 -33.32 13.32
N ASN D 238 -43.16 -32.28 13.51
CA ASN D 238 -42.43 -32.18 14.78
C ASN D 238 -43.28 -31.58 15.88
N GLY D 239 -44.44 -31.03 15.56
CA GLY D 239 -45.19 -30.27 16.53
C GLY D 239 -44.76 -28.84 16.64
N CYS D 240 -43.94 -28.36 15.70
CA CYS D 240 -43.39 -27.02 15.82
C CYS D 240 -44.39 -25.93 15.49
N LEU D 241 -45.29 -26.15 14.54
CA LEU D 241 -46.18 -25.09 14.09
C LEU D 241 -47.58 -25.66 13.94
N THR D 242 -48.57 -24.89 14.32
CA THR D 242 -49.98 -25.25 14.18
C THR D 242 -50.67 -24.04 13.56
N LEU D 243 -50.88 -24.10 12.26
CA LEU D 243 -51.50 -23.01 11.52
C LEU D 243 -52.97 -23.34 11.31
N VAL D 244 -53.86 -22.47 11.77
CA VAL D 244 -55.28 -22.75 11.58
C VAL D 244 -55.61 -22.56 10.11
N ASN D 245 -56.08 -23.62 9.46
CA ASN D 245 -56.28 -23.66 8.02
C ASN D 245 -57.74 -23.38 7.70
N GLU D 246 -58.17 -22.16 8.02
CA GLU D 246 -59.57 -21.82 7.93
C GLU D 246 -59.71 -20.34 7.64
N ILE D 247 -60.86 -19.97 7.10
CA ILE D 247 -61.22 -18.56 6.94
C ILE D 247 -62.57 -18.37 7.62
N PRO D 248 -62.70 -17.43 8.55
CA PRO D 248 -63.96 -17.27 9.27
C PRO D 248 -65.02 -16.61 8.39
N ARG D 249 -65.64 -17.43 7.57
CA ARG D 249 -66.54 -16.98 6.53
C ARG D 249 -67.98 -17.08 7.01
N VAL D 250 -68.72 -15.97 6.95
CA VAL D 250 -70.04 -15.88 7.55
C VAL D 250 -71.02 -15.30 6.55
N ILE D 251 -72.31 -15.48 6.80
CA ILE D 251 -73.35 -14.74 6.11
C ILE D 251 -73.48 -13.39 6.78
N GLU D 252 -73.43 -12.31 6.01
CA GLU D 252 -73.50 -10.98 6.61
C GLU D 252 -74.81 -10.67 7.31
N PRO D 253 -76.01 -10.98 6.77
CA PRO D 253 -77.22 -10.82 7.60
C PRO D 253 -77.20 -11.67 8.86
N VAL D 254 -76.72 -12.91 8.78
CA VAL D 254 -76.76 -13.81 9.92
C VAL D 254 -75.78 -13.35 10.99
N PHE D 255 -74.57 -12.98 10.58
CA PHE D 255 -73.57 -12.46 11.51
C PHE D 255 -74.03 -11.17 12.14
N PHE D 256 -74.64 -10.30 11.34
CA PHE D 256 -75.06 -8.99 11.81
C PHE D 256 -76.18 -9.13 12.82
N ALA D 257 -77.13 -10.04 12.55
CA ALA D 257 -78.25 -10.27 13.46
C ALA D 257 -77.80 -10.98 14.73
N GLN D 258 -76.85 -11.92 14.60
CA GLN D 258 -76.32 -12.62 15.76
C GLN D 258 -75.62 -11.66 16.70
N TRP D 259 -74.83 -10.73 16.15
CA TRP D 259 -74.16 -9.78 17.02
C TRP D 259 -75.12 -8.73 17.55
N GLY D 260 -76.16 -8.37 16.81
CA GLY D 260 -77.19 -7.51 17.37
C GLY D 260 -77.92 -8.14 18.53
N SER D 261 -78.24 -9.43 18.41
CA SER D 261 -78.79 -10.15 19.55
C SER D 261 -77.81 -10.24 20.71
N MET D 262 -76.50 -10.28 20.42
CA MET D 262 -75.53 -10.20 21.50
C MET D 262 -75.59 -8.85 22.19
N TRP D 263 -75.72 -7.76 21.44
CA TRP D 263 -75.85 -6.43 22.03
C TRP D 263 -77.03 -6.39 22.99
N ARG D 264 -78.17 -6.93 22.55
CA ARG D 264 -79.36 -6.98 23.41
C ARG D 264 -79.12 -7.83 24.66
N THR D 265 -78.53 -9.01 24.49
CA THR D 265 -78.37 -9.93 25.61
C THR D 265 -77.39 -9.40 26.65
N MET D 266 -76.27 -8.82 26.21
CA MET D 266 -75.30 -8.27 27.15
C MET D 266 -75.86 -7.05 27.85
N ARG D 267 -76.64 -6.21 27.17
CA ARG D 267 -77.26 -5.08 27.86
C ARG D 267 -78.26 -5.55 28.91
N LYS D 268 -79.05 -6.57 28.58
CA LYS D 268 -80.02 -7.08 29.56
C LYS D 268 -79.33 -7.71 30.76
N GLU D 269 -78.26 -8.47 30.53
CA GLU D 269 -77.56 -9.08 31.65
C GLU D 269 -76.83 -8.05 32.49
N LYS D 270 -76.26 -7.02 31.87
CA LYS D 270 -75.61 -5.96 32.64
C LYS D 270 -76.63 -5.18 33.47
N SER D 271 -77.85 -5.01 32.97
CA SER D 271 -78.90 -4.42 33.78
C SER D 271 -79.44 -5.38 34.84
N ASP D 272 -79.23 -6.68 34.67
CA ASP D 272 -79.75 -7.67 35.61
C ASP D 272 -78.73 -8.13 36.65
N ARG D 273 -77.44 -8.11 36.34
CA ARG D 273 -76.41 -8.50 37.30
C ARG D 273 -76.26 -7.43 38.38
N ARG D 274 -75.99 -7.89 39.60
CA ARG D 274 -75.78 -6.95 40.71
C ARG D 274 -74.35 -6.42 40.71
N LEU D 275 -73.38 -7.30 40.93
CA LEU D 275 -71.97 -6.92 40.94
C LEU D 275 -71.27 -7.76 39.89
N PHE D 276 -70.64 -7.09 38.93
CA PHE D 276 -69.99 -7.74 37.81
C PHE D 276 -68.52 -7.92 38.15
N LYS D 277 -68.12 -9.17 38.36
CA LYS D 277 -66.71 -9.48 38.66
C LYS D 277 -65.97 -9.68 37.35
N ARG D 278 -65.17 -8.68 36.97
CA ARG D 278 -64.32 -8.81 35.80
C ARG D 278 -63.23 -9.84 36.07
N MET D 279 -62.86 -10.58 35.03
CA MET D 279 -61.79 -11.56 35.14
C MET D 279 -60.45 -10.87 35.36
N ARG D 280 -59.55 -11.57 36.04
CA ARG D 280 -58.23 -11.04 36.34
C ARG D 280 -57.33 -11.15 35.12
N PHE D 281 -56.52 -10.11 34.90
CA PHE D 281 -55.58 -10.12 33.79
C PHE D 281 -54.15 -9.92 34.30
N PRO D 282 -53.21 -10.82 33.98
CA PRO D 282 -53.36 -12.04 33.20
C PRO D 282 -54.05 -13.14 33.98
N PRO D 283 -54.82 -13.98 33.29
CA PRO D 283 -55.64 -14.98 34.01
C PRO D 283 -54.84 -15.97 34.85
N PHE D 284 -53.68 -16.40 34.38
CA PHE D 284 -52.89 -17.39 35.08
C PHE D 284 -51.60 -16.76 35.57
N ASP D 285 -51.16 -17.18 36.76
CA ASP D 285 -49.90 -16.68 37.29
C ASP D 285 -48.72 -17.16 36.45
N ASP D 286 -47.65 -16.37 36.49
CA ASP D 286 -46.59 -16.45 35.49
C ASP D 286 -45.82 -17.76 35.56
N GLU D 287 -45.65 -18.32 36.75
CA GLU D 287 -44.79 -19.48 36.94
C GLU D 287 -45.56 -20.79 36.90
N GLU D 288 -46.79 -20.77 36.39
CA GLU D 288 -47.59 -21.99 36.24
C GLU D 288 -47.33 -22.63 34.89
N PRO D 289 -47.11 -23.94 34.84
CA PRO D 289 -46.89 -24.61 33.57
C PRO D 289 -48.14 -24.54 32.70
N PRO D 290 -48.00 -24.60 31.38
CA PRO D 290 -49.17 -24.48 30.50
C PRO D 290 -50.12 -25.64 30.70
N LEU D 291 -51.40 -25.34 30.56
CA LEU D 291 -52.43 -26.35 30.79
C LEU D 291 -52.40 -27.35 29.65
N SER D 292 -52.31 -28.63 29.99
CA SER D 292 -52.45 -29.65 28.98
C SER D 292 -53.90 -29.77 28.56
N TRP D 293 -54.13 -30.03 27.28
CA TRP D 293 -55.49 -30.22 26.80
C TRP D 293 -56.12 -31.46 27.40
N SER D 294 -55.36 -32.55 27.50
CA SER D 294 -55.93 -33.84 27.82
C SER D 294 -56.35 -33.93 29.28
N GLU D 295 -55.52 -33.42 30.19
CA GLU D 295 -55.80 -33.56 31.61
C GLU D 295 -56.77 -32.52 32.15
N ASN D 296 -57.03 -31.45 31.42
CA ASN D 296 -57.68 -30.30 32.02
C ASN D 296 -58.91 -29.81 31.28
N ILE D 297 -58.97 -29.93 29.95
CA ILE D 297 -60.07 -29.39 29.18
C ILE D 297 -60.77 -30.42 28.30
N GLU D 298 -60.20 -31.61 28.10
CA GLU D 298 -60.65 -32.50 27.02
C GLU D 298 -62.08 -33.01 27.24
N ASP D 299 -62.41 -33.42 28.46
CA ASP D 299 -63.72 -33.97 28.74
C ASP D 299 -64.63 -33.01 29.48
N VAL D 300 -64.15 -31.80 29.80
CA VAL D 300 -64.92 -30.89 30.66
C VAL D 300 -66.07 -30.30 29.86
N GLU D 301 -67.28 -30.47 30.38
CA GLU D 301 -68.46 -29.86 29.77
C GLU D 301 -68.39 -28.35 29.91
N PRO D 302 -68.56 -27.59 28.83
CA PRO D 302 -68.43 -26.14 28.90
C PRO D 302 -69.68 -25.51 29.50
N LEU D 303 -69.55 -24.23 29.84
CA LEU D 303 -70.65 -23.50 30.43
C LEU D 303 -71.57 -22.97 29.34
N GLU D 304 -72.63 -22.29 29.75
CA GLU D 304 -73.59 -21.78 28.79
C GLU D 304 -73.05 -20.54 28.10
N PRO D 305 -73.04 -20.49 26.78
CA PRO D 305 -72.61 -19.28 26.07
C PRO D 305 -73.66 -18.20 26.14
N ILE D 306 -73.28 -17.02 25.64
CA ILE D 306 -74.18 -15.88 25.57
C ILE D 306 -75.15 -16.13 24.42
N GLN D 307 -76.38 -16.46 24.73
CA GLN D 307 -77.41 -16.62 23.71
C GLN D 307 -78.69 -15.94 24.18
N MET D 308 -79.51 -15.54 23.22
CA MET D 308 -80.75 -14.85 23.51
C MET D 308 -81.91 -15.84 23.43
N GLU D 309 -82.87 -15.67 24.32
CA GLU D 309 -84.05 -16.54 24.33
C GLU D 309 -84.91 -16.21 23.12
N LEU D 310 -84.70 -16.93 22.03
CA LEU D 310 -85.49 -16.74 20.83
C LEU D 310 -86.92 -17.19 21.06
N ASP D 311 -87.87 -16.35 20.66
CA ASP D 311 -89.26 -16.74 20.71
C ASP D 311 -89.52 -17.85 19.70
N GLU D 312 -90.27 -18.88 20.12
CA GLU D 312 -90.53 -20.00 19.24
C GLU D 312 -91.50 -19.63 18.13
N ASP D 313 -92.50 -18.81 18.43
CA ASP D 313 -93.50 -18.46 17.43
C ASP D 313 -93.08 -17.26 16.60
N GLU D 314 -92.56 -16.20 17.22
CA GLU D 314 -92.23 -15.00 16.45
C GLU D 314 -90.99 -15.20 15.60
N ASP D 315 -89.96 -15.85 16.17
CA ASP D 315 -88.70 -16.09 15.46
C ASP D 315 -88.62 -17.51 14.93
N ALA D 316 -89.72 -18.05 14.40
CA ALA D 316 -89.75 -19.42 13.94
C ALA D 316 -88.91 -19.66 12.69
N ALA D 317 -88.51 -18.60 11.98
CA ALA D 317 -87.69 -18.77 10.79
C ALA D 317 -86.25 -19.09 11.11
N VAL D 318 -85.72 -18.58 12.21
CA VAL D 318 -84.31 -18.76 12.57
C VAL D 318 -84.14 -19.58 13.85
N TYR D 319 -85.23 -20.08 14.44
CA TYR D 319 -85.16 -20.65 15.78
C TYR D 319 -84.26 -21.88 15.85
N GLU D 320 -84.31 -22.72 14.84
CA GLU D 320 -83.60 -23.98 14.86
C GLU D 320 -82.17 -23.90 14.38
N TRP D 321 -81.71 -22.75 13.89
CA TRP D 321 -80.35 -22.70 13.35
C TRP D 321 -79.58 -21.42 13.65
N PHE D 322 -80.13 -20.53 14.48
CA PHE D 322 -79.57 -19.20 14.63
C PHE D 322 -78.15 -19.21 15.19
N TYR D 323 -77.91 -20.03 16.19
CA TYR D 323 -76.65 -20.02 16.91
C TYR D 323 -75.78 -21.22 16.58
N ASP D 324 -76.04 -21.91 15.47
CA ASP D 324 -75.13 -22.93 14.97
C ASP D 324 -73.82 -22.27 14.55
N HIS D 325 -72.77 -23.09 14.44
CA HIS D 325 -71.47 -22.54 14.11
C HIS D 325 -71.48 -21.93 12.73
N GLN D 326 -71.64 -22.75 11.71
CA GLN D 326 -71.86 -22.22 10.38
C GLN D 326 -73.30 -22.53 10.06
N PRO D 327 -74.22 -21.58 10.21
CA PRO D 327 -75.64 -21.88 10.05
C PRO D 327 -75.97 -22.30 8.63
N LEU D 328 -76.98 -23.17 8.52
CA LEU D 328 -77.52 -23.61 7.23
C LEU D 328 -76.48 -24.30 6.36
N ILE D 329 -75.52 -24.98 6.99
CA ILE D 329 -74.47 -25.56 6.17
C ILE D 329 -74.94 -26.85 5.51
N ASP D 330 -75.86 -27.57 6.14
CA ASP D 330 -76.37 -28.83 5.60
C ASP D 330 -77.74 -28.67 4.96
N THR D 331 -78.09 -27.47 4.55
CA THR D 331 -79.37 -27.14 3.95
C THR D 331 -79.19 -26.83 2.47
N PRO D 332 -80.29 -26.70 1.72
CA PRO D 332 -80.20 -26.11 0.37
C PRO D 332 -80.05 -24.59 0.36
N HIS D 333 -79.74 -23.97 1.49
CA HIS D 333 -79.53 -22.54 1.54
C HIS D 333 -78.11 -22.11 1.25
N VAL D 334 -77.16 -23.05 1.19
CA VAL D 334 -75.78 -22.74 0.82
C VAL D 334 -75.33 -23.73 -0.25
N ASN D 335 -74.22 -23.39 -0.91
CA ASN D 335 -73.73 -24.22 -2.00
C ASN D 335 -73.19 -25.55 -1.50
N GLY D 336 -72.51 -25.53 -0.37
CA GLY D 336 -71.96 -26.74 0.18
C GLY D 336 -71.13 -26.49 1.41
N PRO D 337 -70.36 -27.49 1.84
CA PRO D 337 -69.51 -27.33 3.02
C PRO D 337 -68.42 -26.28 2.89
N SER D 338 -68.02 -25.88 1.68
CA SER D 338 -67.06 -24.80 1.54
C SER D 338 -67.66 -23.46 1.94
N TYR D 339 -68.99 -23.37 1.94
CA TYR D 339 -69.74 -22.27 2.56
C TYR D 339 -69.39 -20.94 1.92
N LYS D 340 -69.71 -20.78 0.63
CA LYS D 340 -69.28 -19.60 -0.10
C LYS D 340 -70.38 -18.79 -0.75
N ARG D 341 -71.61 -19.29 -0.82
CA ARG D 341 -72.75 -18.53 -1.33
C ARG D 341 -73.98 -18.91 -0.52
N TRP D 342 -74.87 -17.94 -0.30
CA TRP D 342 -76.07 -18.14 0.49
C TRP D 342 -77.28 -17.60 -0.21
N ASN D 343 -78.43 -18.20 0.05
CA ASN D 343 -79.72 -17.65 -0.31
C ASN D 343 -80.70 -17.91 0.82
N LEU D 344 -81.49 -16.92 1.17
CA LEU D 344 -82.39 -17.00 2.30
C LEU D 344 -83.77 -16.56 1.85
N THR D 345 -84.81 -17.20 2.41
CA THR D 345 -86.16 -16.86 2.03
C THR D 345 -86.58 -15.54 2.67
N LEU D 346 -87.72 -15.02 2.22
CA LEU D 346 -88.24 -13.78 2.78
C LEU D 346 -88.56 -13.84 4.28
N PRO D 347 -89.19 -14.89 4.85
CA PRO D 347 -89.33 -14.91 6.31
C PRO D 347 -88.02 -14.91 7.07
N GLN D 348 -87.02 -15.64 6.57
CA GLN D 348 -85.72 -15.70 7.25
C GLN D 348 -85.02 -14.36 7.19
N MET D 349 -85.05 -13.69 6.04
CA MET D 349 -84.41 -12.38 5.93
C MET D 349 -85.13 -11.35 6.76
N ALA D 350 -86.46 -11.44 6.83
CA ALA D 350 -87.22 -10.52 7.67
C ALA D 350 -86.89 -10.71 9.14
N ASN D 351 -86.77 -11.95 9.56
CA ASN D 351 -86.46 -12.26 10.95
C ASN D 351 -85.04 -11.80 11.31
N LEU D 352 -84.09 -12.01 10.40
CA LEU D 352 -82.74 -11.53 10.63
C LEU D 352 -82.68 -10.01 10.64
N TYR D 353 -83.53 -9.35 9.86
CA TYR D 353 -83.56 -7.90 9.89
C TYR D 353 -84.13 -7.39 11.21
N ARG D 354 -85.12 -8.10 11.75
CA ARG D 354 -85.71 -7.66 13.01
C ARG D 354 -84.76 -7.89 14.17
N LEU D 355 -84.00 -8.99 14.14
CA LEU D 355 -83.07 -9.27 15.24
C LEU D 355 -81.89 -8.32 15.27
N SER D 356 -81.58 -7.64 14.17
CA SER D 356 -80.41 -6.79 14.09
C SER D 356 -80.72 -5.34 14.36
N GLU D 357 -81.86 -5.05 15.01
CA GLU D 357 -82.30 -3.67 15.24
C GLU D 357 -81.30 -2.77 15.97
N PRO D 358 -80.59 -3.20 17.03
CA PRO D 358 -79.68 -2.25 17.70
C PRO D 358 -78.53 -1.78 16.85
N LEU D 359 -78.21 -2.49 15.78
CA LEU D 359 -77.07 -2.13 14.94
C LEU D 359 -77.48 -1.55 13.60
N VAL D 360 -78.46 -2.15 12.92
CA VAL D 360 -78.81 -1.85 11.54
C VAL D 360 -79.24 -0.39 11.38
N SER D 361 -78.92 0.20 10.23
CA SER D 361 -79.12 1.62 10.02
C SER D 361 -80.55 1.92 9.58
N ASP D 362 -81.11 2.98 10.14
CA ASP D 362 -82.47 3.40 9.83
C ASP D 362 -82.54 4.44 8.73
N VAL D 363 -81.41 4.76 8.11
CA VAL D 363 -81.41 5.72 7.02
C VAL D 363 -81.91 5.03 5.75
N VAL D 364 -82.96 5.59 5.16
CA VAL D 364 -83.48 5.11 3.88
C VAL D 364 -83.09 6.02 2.74
N ASP D 365 -83.16 7.33 2.96
CA ASP D 365 -82.91 8.30 1.90
C ASP D 365 -81.41 8.54 1.74
N PRO D 366 -80.86 8.38 0.53
CA PRO D 366 -79.46 8.77 0.29
C PRO D 366 -79.20 10.25 0.44
N ASN D 367 -80.21 11.11 0.32
CA ASN D 367 -80.05 12.55 0.51
C ASN D 367 -79.69 12.91 1.94
N TYR D 368 -79.78 11.97 2.87
CA TYR D 368 -79.25 12.14 4.21
C TYR D 368 -77.76 12.42 4.19
N PHE D 369 -77.03 11.88 3.21
CA PHE D 369 -75.58 12.04 3.15
C PHE D 369 -75.15 13.17 2.24
N TYR D 370 -75.96 14.22 2.12
CA TYR D 370 -75.56 15.37 1.33
C TYR D 370 -74.47 16.14 2.05
N LEU D 371 -73.38 16.42 1.33
CA LEU D 371 -72.19 17.11 1.84
C LEU D 371 -71.63 16.41 3.07
N PHE D 372 -71.82 15.11 3.18
CA PHE D 372 -71.24 14.40 4.30
C PHE D 372 -70.84 13.01 3.79
N GLU D 373 -70.57 12.92 2.49
CA GLU D 373 -70.15 11.72 1.80
C GLU D 373 -68.65 11.79 1.55
N LEU D 374 -68.12 10.76 0.90
CA LEU D 374 -66.68 10.66 0.68
C LEU D 374 -66.16 11.77 -0.23
N LYS D 375 -66.89 12.09 -1.29
CA LYS D 375 -66.44 13.12 -2.22
C LYS D 375 -66.41 14.49 -1.56
N SER D 376 -67.37 14.75 -0.67
CA SER D 376 -67.37 16.00 0.08
C SER D 376 -66.19 16.10 1.02
N PHE D 377 -65.86 14.98 1.69
CA PHE D 377 -64.72 14.98 2.60
C PHE D 377 -63.41 15.15 1.85
N LEU D 378 -63.31 14.58 0.65
CA LEU D 378 -62.10 14.74 -0.16
C LEU D 378 -61.99 16.16 -0.69
N THR D 379 -63.12 16.77 -1.07
CA THR D 379 -63.10 18.16 -1.49
C THR D 379 -62.71 19.07 -0.34
N ALA D 380 -63.20 18.79 0.87
CA ALA D 380 -62.83 19.60 2.02
C ALA D 380 -61.37 19.38 2.40
N LYS D 381 -60.84 18.18 2.18
CA LYS D 381 -59.42 17.95 2.42
C LYS D 381 -58.56 18.71 1.43
N ALA D 382 -58.97 18.73 0.17
CA ALA D 382 -58.19 19.44 -0.84
C ALA D 382 -58.28 20.94 -0.70
N LEU D 383 -59.28 21.44 0.02
CA LEU D 383 -59.49 22.87 0.17
C LEU D 383 -59.08 23.40 1.53
N ASN D 384 -58.59 22.53 2.42
CA ASN D 384 -58.17 22.88 3.77
C ASN D 384 -59.32 23.52 4.56
N VAL D 385 -60.51 22.95 4.41
CA VAL D 385 -61.67 23.33 5.20
C VAL D 385 -62.24 22.06 5.83
N ALA D 386 -63.07 22.23 6.84
CA ALA D 386 -63.69 21.12 7.53
C ALA D 386 -65.18 21.35 7.64
N LEU D 387 -65.96 20.37 7.21
CA LEU D 387 -67.40 20.42 7.36
C LEU D 387 -67.74 20.25 8.83
N PRO D 388 -68.91 20.73 9.26
CA PRO D 388 -69.30 20.52 10.65
C PRO D 388 -69.57 19.06 10.95
N GLY D 389 -68.69 18.44 11.72
CA GLY D 389 -68.69 17.01 11.90
C GLY D 389 -67.75 16.25 11.00
N GLY D 390 -66.90 16.93 10.24
CA GLY D 390 -66.00 16.28 9.33
C GLY D 390 -64.56 16.27 9.83
N PRO D 391 -63.76 15.38 9.26
CA PRO D 391 -62.36 15.27 9.67
C PRO D 391 -61.51 16.43 9.15
N ARG D 392 -60.38 16.64 9.81
CA ARG D 392 -59.43 17.67 9.43
C ARG D 392 -58.12 17.00 9.07
N PHE D 393 -57.50 17.45 7.98
CA PHE D 393 -56.24 16.93 7.51
C PHE D 393 -55.22 18.06 7.43
N GLU D 394 -54.04 17.72 6.96
CA GLU D 394 -53.02 18.73 6.72
C GLU D 394 -53.43 19.56 5.50
N PRO D 395 -52.95 20.80 5.36
CA PRO D 395 -53.20 21.53 4.12
C PRO D 395 -52.57 20.83 2.92
N LEU D 396 -53.37 20.59 1.88
CA LEU D 396 -52.86 19.94 0.68
C LEU D 396 -51.85 20.83 -0.04
N TYR D 397 -52.20 22.09 -0.25
CA TYR D 397 -51.32 23.07 -0.87
C TYR D 397 -51.13 24.22 0.11
N LYS D 398 -50.08 24.14 0.92
CA LYS D 398 -49.70 25.28 1.77
C LYS D 398 -48.64 26.13 1.08
N ASP D 399 -49.02 26.69 -0.07
CA ASP D 399 -48.11 27.50 -0.85
C ASP D 399 -48.78 28.77 -1.35
N ILE D 400 -49.77 29.27 -0.60
CA ILE D 400 -50.43 30.53 -0.86
C ILE D 400 -50.54 31.32 0.43
N ASP D 401 -50.09 32.58 0.40
CA ASP D 401 -50.27 33.54 1.48
C ASP D 401 -51.00 34.78 0.97
N PRO D 402 -51.83 35.41 1.82
CA PRO D 402 -52.57 36.60 1.36
C PRO D 402 -51.71 37.84 1.17
N ASN D 403 -50.49 37.86 1.70
CA ASN D 403 -49.69 39.08 1.75
C ASN D 403 -48.75 39.24 0.57
N ASP D 404 -48.34 38.14 -0.07
CA ASP D 404 -47.50 38.23 -1.26
C ASP D 404 -48.27 38.87 -2.41
N GLU D 405 -49.54 38.51 -2.58
CA GLU D 405 -50.40 39.10 -3.59
C GLU D 405 -50.91 40.43 -3.06
N ASP D 406 -50.33 41.52 -3.55
CA ASP D 406 -50.71 42.84 -3.07
C ASP D 406 -52.02 43.24 -3.73
N PHE D 407 -52.62 44.33 -3.26
CA PHE D 407 -53.92 44.80 -3.74
C PHE D 407 -53.76 45.48 -5.10
N GLY D 408 -53.38 44.69 -6.10
CA GLY D 408 -53.02 45.23 -7.39
C GLY D 408 -54.16 45.79 -8.20
N GLU D 409 -54.99 44.92 -8.76
CA GLU D 409 -56.14 45.39 -9.52
C GLU D 409 -57.43 44.60 -9.30
N PHE D 410 -57.36 43.34 -8.88
CA PHE D 410 -58.52 42.44 -8.95
C PHE D 410 -59.12 42.13 -7.59
N ASN D 411 -58.31 42.15 -6.54
CA ASN D 411 -58.75 41.78 -5.20
C ASN D 411 -59.24 42.98 -4.39
N ALA D 412 -59.79 43.99 -5.06
CA ALA D 412 -60.22 45.19 -4.37
C ALA D 412 -61.48 44.89 -3.56
N MET D 413 -61.38 45.10 -2.24
CA MET D 413 -62.53 44.91 -1.38
C MET D 413 -63.53 46.06 -1.50
N ASP D 414 -63.10 47.20 -2.04
CA ASP D 414 -64.02 48.26 -2.40
C ASP D 414 -64.60 48.08 -3.80
N ARG D 415 -64.62 46.85 -4.30
CA ARG D 415 -65.17 46.54 -5.62
C ARG D 415 -66.25 45.48 -5.58
N ILE D 416 -66.07 44.44 -4.79
CA ILE D 416 -67.03 43.34 -4.71
C ILE D 416 -68.12 43.69 -3.71
N ILE D 417 -69.35 43.27 -4.04
CA ILE D 417 -70.52 43.62 -3.25
C ILE D 417 -70.78 42.54 -2.21
N PHE D 418 -71.07 42.95 -0.98
CA PHE D 418 -71.15 42.04 0.15
C PHE D 418 -72.60 41.79 0.54
N ARG D 419 -72.96 40.51 0.63
CA ARG D 419 -74.26 40.05 1.09
C ARG D 419 -74.01 39.08 2.24
N ASN D 420 -75.03 38.29 2.60
CA ASN D 420 -74.97 37.15 3.50
C ASN D 420 -73.71 36.32 3.22
N PRO D 421 -72.88 36.06 4.23
CA PRO D 421 -71.57 35.44 3.98
C PRO D 421 -71.68 34.02 3.43
N ILE D 422 -70.67 33.66 2.65
CA ILE D 422 -70.59 32.34 2.05
C ILE D 422 -69.95 31.38 3.04
N ARG D 423 -70.74 30.45 3.56
CA ARG D 423 -70.20 29.44 4.46
C ARG D 423 -69.39 28.41 3.69
N THR D 424 -68.67 27.57 4.43
CA THR D 424 -67.72 26.65 3.80
C THR D 424 -68.43 25.55 3.04
N GLU D 425 -69.64 25.18 3.45
CA GLU D 425 -70.39 24.14 2.74
C GLU D 425 -70.73 24.57 1.32
N THR D 426 -70.91 25.86 1.09
CA THR D 426 -71.14 26.36 -0.25
C THR D 426 -69.91 26.17 -1.14
N ARG D 427 -68.73 26.43 -0.59
CA ARG D 427 -67.50 26.19 -1.35
C ARG D 427 -67.29 24.71 -1.61
N VAL D 428 -67.65 23.86 -0.66
CA VAL D 428 -67.50 22.43 -0.87
C VAL D 428 -68.51 21.91 -1.89
N ALA D 429 -69.74 22.44 -1.86
CA ALA D 429 -70.80 21.93 -2.72
C ALA D 429 -70.58 22.29 -4.17
N TYR D 430 -70.09 23.51 -4.44
CA TYR D 430 -69.81 24.00 -5.78
C TYR D 430 -68.36 24.43 -5.80
N PRO D 431 -67.41 23.50 -5.97
CA PRO D 431 -66.01 23.84 -5.71
C PRO D 431 -65.33 24.64 -6.79
N TYR D 432 -65.80 24.61 -8.03
CA TYR D 432 -65.14 25.32 -9.10
C TYR D 432 -65.61 26.75 -9.25
N LEU D 433 -66.67 27.14 -8.57
CA LEU D 433 -67.21 28.49 -8.67
C LEU D 433 -66.74 29.39 -7.54
N TYR D 434 -66.60 28.85 -6.33
CA TYR D 434 -66.27 29.65 -5.16
C TYR D 434 -64.81 29.57 -4.77
N ASN D 435 -63.99 28.84 -5.51
CA ASN D 435 -62.58 28.71 -5.21
C ASN D 435 -61.76 29.14 -6.42
N SER D 436 -60.77 30.00 -6.18
CA SER D 436 -59.92 30.42 -7.29
C SER D 436 -58.97 29.31 -7.73
N ARG D 437 -58.50 28.49 -6.79
CA ARG D 437 -57.63 27.36 -7.10
C ARG D 437 -58.22 26.09 -6.51
N PRO D 438 -59.26 25.53 -7.14
CA PRO D 438 -59.79 24.25 -6.69
C PRO D 438 -59.05 23.09 -7.36
N ARG D 439 -57.91 22.73 -6.79
CA ARG D 439 -57.07 21.68 -7.35
C ARG D 439 -57.37 20.36 -6.66
N SER D 440 -57.57 19.33 -7.47
CA SER D 440 -57.79 17.94 -7.03
C SER D 440 -59.02 17.82 -6.12
N VAL D 441 -60.06 18.57 -6.42
CA VAL D 441 -61.31 18.45 -5.71
C VAL D 441 -62.17 17.42 -6.43
N HIS D 442 -63.10 16.83 -5.70
CA HIS D 442 -63.97 15.78 -6.23
C HIS D 442 -65.40 16.29 -6.26
N LEU D 443 -66.07 16.10 -7.38
CA LEU D 443 -67.45 16.52 -7.52
C LEU D 443 -68.35 15.55 -6.77
N SER D 444 -69.09 16.06 -5.80
CA SER D 444 -70.01 15.21 -5.07
C SER D 444 -71.31 15.06 -5.84
N TRP D 445 -72.00 13.95 -5.58
CA TRP D 445 -73.31 13.72 -6.18
C TRP D 445 -74.28 14.81 -5.77
N HIS D 446 -74.95 15.40 -6.76
CA HIS D 446 -75.74 16.61 -6.53
C HIS D 446 -76.93 16.33 -5.63
N SER D 447 -77.83 15.48 -6.07
CA SER D 447 -79.05 15.22 -5.32
C SER D 447 -79.65 13.90 -5.77
N TYR D 448 -80.57 13.40 -4.96
CA TYR D 448 -81.33 12.21 -5.25
C TYR D 448 -82.82 12.53 -5.21
N PRO D 449 -83.65 11.80 -5.94
CA PRO D 449 -85.10 11.95 -5.78
C PRO D 449 -85.53 11.50 -4.40
N GLN D 450 -86.40 12.29 -3.78
CA GLN D 450 -86.73 12.09 -2.36
C GLN D 450 -87.47 10.78 -2.14
N ILE D 451 -87.08 10.06 -1.11
CA ILE D 451 -87.81 8.87 -0.70
C ILE D 451 -89.03 9.31 0.07
N VAL D 452 -90.19 8.76 -0.31
CA VAL D 452 -91.48 9.27 0.13
C VAL D 452 -92.06 8.10 0.94
N TYR D 453 -91.18 7.33 1.56
CA TYR D 453 -91.54 6.11 2.26
C TYR D 453 -91.67 6.37 3.75
N THR D 454 -92.71 5.80 4.36
CA THR D 454 -92.95 5.93 5.78
C THR D 454 -93.21 4.54 6.36
N LYS D 455 -92.50 4.19 7.42
CA LYS D 455 -92.67 2.89 8.03
C LYS D 455 -94.00 2.79 8.76
N THR D 456 -94.59 1.60 8.74
CA THR D 456 -95.89 1.39 9.36
C THR D 456 -95.71 1.02 10.83
N GLU D 457 -96.16 1.89 11.73
CA GLU D 457 -96.07 1.64 13.16
C GLU D 457 -97.21 0.79 13.67
N ASP D 458 -98.18 0.45 12.83
CA ASP D 458 -99.35 -0.34 13.23
C ASP D 458 -99.27 -1.70 12.57
N PRO D 459 -98.87 -2.75 13.29
CA PRO D 459 -98.73 -4.07 12.65
C PRO D 459 -100.05 -4.82 12.53
N GLU D 460 -101.10 -4.12 12.10
CA GLU D 460 -102.37 -4.75 11.72
C GLU D 460 -102.95 -4.18 10.44
N LEU D 461 -102.43 -3.06 9.96
CA LEU D 461 -102.91 -2.45 8.73
C LEU D 461 -102.50 -3.31 7.53
N PRO D 462 -103.22 -3.18 6.42
CA PRO D 462 -102.76 -3.84 5.20
C PRO D 462 -101.49 -3.20 4.67
N ALA D 463 -100.83 -3.91 3.75
CA ALA D 463 -99.64 -3.35 3.12
C ALA D 463 -99.97 -2.13 2.29
N PHE D 464 -101.10 -2.16 1.60
CA PHE D 464 -101.56 -1.02 0.81
C PHE D 464 -102.69 -0.33 1.57
N TYR D 465 -102.46 0.93 1.94
CA TYR D 465 -103.48 1.73 2.59
C TYR D 465 -103.11 3.20 2.40
N PHE D 466 -104.07 4.07 2.63
CA PHE D 466 -103.83 5.51 2.58
C PHE D 466 -103.35 5.97 3.95
N ASP D 467 -102.06 6.26 4.06
CA ASP D 467 -101.47 6.63 5.34
C ASP D 467 -101.94 8.03 5.77
N THR D 468 -101.95 8.24 7.09
CA THR D 468 -102.41 9.50 7.63
C THR D 468 -101.48 10.65 7.27
N SER D 469 -100.17 10.37 7.13
CA SER D 469 -99.22 11.39 6.76
C SER D 469 -99.32 11.79 5.29
N ILE D 470 -100.04 11.02 4.48
CA ILE D 470 -100.20 11.32 3.06
C ILE D 470 -101.34 12.31 2.87
N ASN D 471 -101.07 13.39 2.13
CA ASN D 471 -102.09 14.40 1.88
C ASN D 471 -103.18 13.83 0.97
N PRO D 472 -104.45 14.12 1.26
CA PRO D 472 -105.53 13.55 0.46
C PRO D 472 -105.67 14.20 -0.89
N ILE D 473 -106.34 13.49 -1.79
CA ILE D 473 -106.64 13.96 -3.14
C ILE D 473 -108.15 14.14 -3.24
N SER D 474 -108.58 15.31 -3.70
CA SER D 474 -110.00 15.61 -3.84
C SER D 474 -110.47 15.43 -5.28
N SER D 475 -111.78 15.30 -5.44
CA SER D 475 -112.38 15.36 -6.77
C SER D 475 -112.18 16.74 -7.39
N ARG D 476 -112.30 17.79 -6.56
CA ARG D 476 -111.98 19.14 -7.00
C ARG D 476 -110.48 19.38 -7.09
N ALA D 477 -109.66 18.48 -6.55
CA ALA D 477 -108.24 18.53 -6.80
C ALA D 477 -107.89 17.98 -8.19
N VAL D 478 -108.82 17.29 -8.84
CA VAL D 478 -108.63 16.91 -10.23
C VAL D 478 -109.17 18.02 -11.12
N ALA D 479 -110.50 18.22 -11.09
CA ALA D 479 -111.22 19.36 -11.66
C ALA D 479 -110.80 19.74 -13.08
N PRO D 480 -111.18 18.98 -14.12
CA PRO D 480 -110.87 19.41 -15.48
C PRO D 480 -111.62 20.68 -15.84
N LYS D 481 -110.89 21.79 -15.95
CA LYS D 481 -111.52 23.10 -16.08
C LYS D 481 -112.14 23.32 -17.46
N ASN D 482 -111.40 22.97 -18.51
CA ASN D 482 -111.82 23.26 -19.89
C ASN D 482 -111.92 21.93 -20.63
N LEU D 483 -113.12 21.33 -20.57
CA LEU D 483 -113.41 20.10 -21.30
C LEU D 483 -114.81 20.28 -21.89
N THR D 484 -114.87 20.80 -23.11
CA THR D 484 -116.14 21.03 -23.77
C THR D 484 -116.85 19.73 -24.08
N VAL D 485 -116.14 18.79 -24.69
CA VAL D 485 -116.68 17.47 -24.98
C VAL D 485 -116.04 16.50 -24.00
N SER D 486 -116.79 16.15 -22.96
CA SER D 486 -116.29 15.21 -21.96
C SER D 486 -116.19 13.81 -22.55
N HIS D 487 -115.20 13.05 -22.07
CA HIS D 487 -115.05 11.66 -22.50
C HIS D 487 -116.26 10.83 -22.08
N GLU D 488 -116.70 10.98 -20.83
CA GLU D 488 -117.84 10.21 -20.35
C GLU D 488 -119.13 10.64 -21.04
N ASP D 489 -119.17 11.87 -21.54
CA ASP D 489 -120.32 12.31 -22.31
C ASP D 489 -120.24 11.89 -23.77
N GLU D 490 -119.05 11.90 -24.37
CA GLU D 490 -118.94 11.50 -25.77
C GLU D 490 -119.03 9.98 -25.91
N LEU D 491 -118.76 9.25 -24.83
CA LEU D 491 -118.82 7.80 -24.88
C LEU D 491 -120.21 7.28 -24.57
N PHE D 492 -120.92 7.95 -23.64
CA PHE D 492 -122.22 7.48 -23.17
C PHE D 492 -123.36 8.38 -23.63
N GLY D 493 -123.26 9.68 -23.38
CA GLY D 493 -124.28 10.62 -23.80
C GLY D 493 -125.04 11.24 -22.65
N LYS D 494 -124.64 12.45 -22.25
CA LYS D 494 -125.26 13.25 -21.20
C LYS D 494 -125.47 12.47 -19.91
N GLY D 495 -126.69 12.00 -19.68
CA GLY D 495 -127.00 11.24 -18.48
C GLY D 495 -127.52 9.86 -18.79
N ASN D 496 -127.03 9.26 -19.87
CA ASN D 496 -127.44 7.90 -20.22
C ASN D 496 -126.90 6.86 -19.27
N ILE D 497 -125.79 7.15 -18.58
CA ILE D 497 -125.16 6.29 -17.58
C ILE D 497 -124.74 4.96 -18.20
N GLU D 498 -125.70 4.12 -18.56
CA GLU D 498 -125.40 2.90 -19.28
C GLU D 498 -125.04 3.23 -20.73
N GLU D 499 -124.46 2.23 -21.40
CA GLU D 499 -124.18 2.36 -22.82
C GLU D 499 -125.48 2.40 -23.61
N PRO D 500 -125.52 3.16 -24.71
CA PRO D 500 -126.72 3.15 -25.54
C PRO D 500 -126.89 1.80 -26.25
N GLU D 501 -128.14 1.39 -26.42
CA GLU D 501 -128.43 0.04 -26.86
C GLU D 501 -128.11 -0.18 -28.34
N GLU D 502 -127.88 0.88 -29.10
CA GLU D 502 -127.56 0.72 -30.51
C GLU D 502 -126.20 0.09 -30.72
N GLU D 503 -125.26 0.31 -29.79
CA GLU D 503 -123.95 -0.33 -29.87
C GLU D 503 -123.75 -1.37 -28.78
N ALA D 504 -123.83 -0.96 -27.50
CA ALA D 504 -123.81 -1.84 -26.33
C ALA D 504 -122.63 -2.81 -26.35
N PHE D 505 -121.43 -2.22 -26.24
CA PHE D 505 -120.21 -3.02 -26.32
C PHE D 505 -120.06 -3.91 -25.09
N VAL D 506 -119.80 -5.19 -25.33
CA VAL D 506 -119.61 -6.18 -24.27
C VAL D 506 -118.34 -6.95 -24.56
N LEU D 507 -117.76 -7.49 -23.52
CA LEU D 507 -116.58 -8.32 -23.68
C LEU D 507 -116.96 -9.80 -23.72
N PRO D 508 -116.14 -10.63 -24.36
CA PRO D 508 -116.41 -12.08 -24.35
C PRO D 508 -116.33 -12.65 -22.94
N ALA D 509 -117.01 -13.79 -22.76
CA ALA D 509 -117.13 -14.39 -21.44
C ALA D 509 -115.80 -14.86 -20.87
N ALA D 510 -114.81 -15.08 -21.72
CA ALA D 510 -113.50 -15.53 -21.23
C ALA D 510 -112.73 -14.41 -20.55
N VAL D 511 -112.99 -13.15 -20.92
CA VAL D 511 -112.13 -12.04 -20.54
C VAL D 511 -112.27 -11.76 -19.05
N GLU D 512 -111.16 -11.87 -18.32
CA GLU D 512 -111.06 -11.60 -16.90
C GLU D 512 -109.81 -10.76 -16.67
N PRO D 513 -109.73 -10.04 -15.55
CA PRO D 513 -108.45 -9.45 -15.15
C PRO D 513 -107.41 -10.52 -14.93
N PHE D 514 -106.13 -10.15 -15.13
CA PHE D 514 -105.07 -11.15 -15.23
C PHE D 514 -104.90 -11.94 -13.94
N PHE D 515 -104.75 -11.25 -12.82
CA PHE D 515 -104.68 -11.94 -11.54
C PHE D 515 -106.04 -11.86 -10.86
N ALA D 516 -107.03 -12.47 -11.51
CA ALA D 516 -108.40 -12.43 -11.01
C ALA D 516 -108.54 -13.22 -9.72
N ASP D 517 -108.08 -14.47 -9.71
CA ASP D 517 -108.24 -15.32 -8.54
C ASP D 517 -107.24 -14.99 -7.44
N GLU D 518 -106.07 -14.46 -7.80
CA GLU D 518 -105.04 -14.18 -6.79
C GLU D 518 -105.43 -12.96 -5.97
N GLU D 519 -105.28 -13.07 -4.67
CA GLU D 519 -105.60 -11.96 -3.78
C GLU D 519 -104.55 -10.87 -3.89
N LEU D 520 -104.94 -9.65 -3.54
CA LEU D 520 -104.10 -8.48 -3.77
C LEU D 520 -102.86 -8.50 -2.88
N GLU D 521 -102.96 -9.00 -1.66
CA GLU D 521 -101.91 -8.83 -0.67
C GLU D 521 -101.68 -10.14 0.07
N THR D 522 -100.51 -10.72 -0.13
CA THR D 522 -100.06 -11.84 0.68
C THR D 522 -99.74 -11.33 2.08
N GLU D 523 -99.84 -12.22 3.08
CA GLU D 523 -99.55 -11.83 4.46
C GLU D 523 -98.10 -11.41 4.67
N ASP D 524 -97.20 -11.76 3.75
CA ASP D 524 -95.81 -11.34 3.82
C ASP D 524 -95.52 -10.06 3.04
N THR D 525 -96.53 -9.43 2.43
CA THR D 525 -96.26 -8.27 1.59
C THR D 525 -95.83 -7.06 2.41
N ARG D 526 -96.40 -6.90 3.61
CA ARG D 526 -95.92 -5.88 4.53
C ARG D 526 -94.44 -6.08 4.82
N SER D 527 -94.06 -7.32 5.13
CA SER D 527 -92.68 -7.65 5.39
C SER D 527 -91.81 -7.47 4.15
N ALA D 528 -92.36 -7.78 2.97
CA ALA D 528 -91.60 -7.63 1.73
C ALA D 528 -91.28 -6.18 1.46
N ILE D 529 -92.24 -5.28 1.61
CA ILE D 529 -91.95 -3.88 1.38
C ILE D 529 -91.14 -3.27 2.52
N GLU D 530 -91.21 -3.86 3.73
CA GLU D 530 -90.31 -3.41 4.79
C GLU D 530 -88.87 -3.79 4.48
N LEU D 531 -88.64 -4.99 3.92
CA LEU D 531 -87.29 -5.38 3.53
C LEU D 531 -86.84 -4.71 2.24
N TRP D 532 -87.77 -4.21 1.44
CA TRP D 532 -87.38 -3.53 0.22
C TRP D 532 -86.61 -2.24 0.52
N TRP D 533 -86.87 -1.63 1.67
CA TRP D 533 -86.22 -0.38 2.05
C TRP D 533 -85.22 -0.58 3.19
N ALA D 534 -84.70 -1.77 3.35
CA ALA D 534 -83.65 -2.04 4.30
C ALA D 534 -82.29 -1.75 3.70
N PRO D 535 -81.29 -1.43 4.51
CA PRO D 535 -79.94 -1.21 3.98
C PRO D 535 -79.27 -2.53 3.61
N TYR D 536 -78.17 -2.41 2.88
CA TYR D 536 -77.38 -3.57 2.52
C TYR D 536 -76.79 -4.20 3.78
N PRO D 537 -76.89 -5.53 3.94
CA PRO D 537 -77.39 -6.50 2.98
C PRO D 537 -78.76 -7.03 3.32
N PHE D 538 -79.64 -6.22 3.90
CA PHE D 538 -80.93 -6.75 4.33
C PHE D 538 -82.02 -6.60 3.28
N ASP D 539 -81.72 -5.97 2.15
CA ASP D 539 -82.65 -5.96 1.02
C ASP D 539 -82.32 -7.02 -0.01
N ARG D 540 -81.29 -7.81 0.23
CA ARG D 540 -80.91 -8.91 -0.65
C ARG D 540 -81.45 -10.22 -0.11
N ARG D 541 -81.60 -11.19 -1.00
CA ARG D 541 -82.00 -12.54 -0.60
C ARG D 541 -81.00 -13.58 -1.09
N SER D 542 -79.88 -13.16 -1.65
CA SER D 542 -78.81 -14.05 -2.07
C SER D 542 -77.52 -13.26 -2.05
N GLY D 543 -76.43 -13.95 -1.82
CA GLY D 543 -75.16 -13.26 -1.75
C GLY D 543 -74.01 -14.21 -1.55
N ARG D 544 -72.82 -13.63 -1.44
CA ARG D 544 -71.61 -14.39 -1.17
C ARG D 544 -71.22 -14.14 0.28
N MET D 545 -70.64 -15.16 0.91
CA MET D 545 -70.19 -15.01 2.28
C MET D 545 -69.01 -14.08 2.34
N VAL D 546 -68.93 -13.32 3.42
CA VAL D 546 -67.84 -12.42 3.66
C VAL D 546 -67.08 -12.95 4.87
N ARG D 547 -65.85 -12.50 5.04
CA ARG D 547 -65.10 -12.89 6.22
C ARG D 547 -65.69 -12.22 7.44
N ALA D 548 -65.47 -12.81 8.61
CA ALA D 548 -66.10 -12.30 9.82
C ALA D 548 -65.57 -10.92 10.18
N GLN D 549 -64.29 -10.68 9.90
CA GLN D 549 -63.73 -9.35 10.17
C GLN D 549 -64.15 -8.34 9.12
N ASP D 550 -64.57 -8.79 7.95
CA ASP D 550 -65.01 -7.92 6.88
C ASP D 550 -66.46 -7.50 7.02
N VAL D 551 -67.01 -7.59 8.22
CA VAL D 551 -68.32 -7.06 8.57
C VAL D 551 -68.11 -5.98 9.62
N PRO D 552 -68.12 -4.72 9.24
CA PRO D 552 -68.03 -3.64 10.24
C PRO D 552 -69.41 -3.40 10.84
N LEU D 553 -69.56 -3.79 12.10
CA LEU D 553 -70.88 -3.82 12.69
C LEU D 553 -71.41 -2.44 13.01
N ILE D 554 -70.54 -1.45 13.21
CA ILE D 554 -70.97 -0.14 13.69
C ILE D 554 -70.37 0.98 12.85
N LYS D 555 -70.06 0.70 11.58
CA LYS D 555 -69.45 1.71 10.72
C LYS D 555 -70.41 2.85 10.40
N HIS D 556 -71.70 2.55 10.34
CA HIS D 556 -72.68 3.57 9.99
C HIS D 556 -72.93 4.50 11.15
N TRP D 557 -72.45 4.15 12.33
CA TRP D 557 -72.58 5.05 13.47
C TRP D 557 -71.78 6.32 13.26
N TYR D 558 -70.58 6.20 12.71
CA TYR D 558 -69.79 7.39 12.42
C TYR D 558 -69.83 7.80 10.96
N LEU D 559 -70.27 6.93 10.06
CA LEU D 559 -70.53 7.41 8.70
C LEU D 559 -71.75 8.30 8.62
N GLU D 560 -72.64 8.25 9.60
CA GLU D 560 -73.75 9.17 9.70
C GLU D 560 -73.38 10.31 10.63
N HIS D 561 -74.24 11.32 10.69
CA HIS D 561 -74.00 12.46 11.56
C HIS D 561 -74.07 12.04 13.01
N CYS D 562 -73.26 12.68 13.85
CA CYS D 562 -73.24 12.37 15.27
C CYS D 562 -74.55 12.80 15.91
N PRO D 563 -75.03 12.09 16.92
CA PRO D 563 -76.24 12.50 17.62
C PRO D 563 -76.00 13.79 18.40
N PRO D 564 -77.04 14.53 18.74
CA PRO D 564 -76.86 15.70 19.59
C PRO D 564 -76.61 15.28 21.04
N LYS D 565 -76.10 16.25 21.81
CA LYS D 565 -75.82 16.09 23.25
C LYS D 565 -74.82 14.94 23.46
N GLN D 566 -73.60 15.22 23.05
CA GLN D 566 -72.50 14.29 23.26
C GLN D 566 -71.45 14.92 24.15
N PRO D 567 -70.68 14.13 24.88
CA PRO D 567 -69.41 14.62 25.44
C PRO D 567 -68.44 14.92 24.32
N VAL D 568 -67.48 15.80 24.61
CA VAL D 568 -66.52 16.22 23.59
C VAL D 568 -65.61 15.05 23.17
N LYS D 569 -65.28 14.16 24.11
CA LYS D 569 -64.42 13.03 23.79
C LYS D 569 -65.07 12.10 22.78
N VAL D 570 -66.39 11.90 22.90
CA VAL D 570 -67.09 11.01 21.99
C VAL D 570 -67.14 11.61 20.59
N ARG D 571 -67.38 12.93 20.51
CA ARG D 571 -67.42 13.60 19.21
C ARG D 571 -66.06 13.55 18.51
N VAL D 572 -64.98 13.79 19.24
CA VAL D 572 -63.69 13.74 18.57
C VAL D 572 -63.32 12.30 18.23
N SER D 573 -63.84 11.32 18.96
CA SER D 573 -63.69 9.93 18.53
C SER D 573 -64.41 9.67 17.21
N TYR D 574 -65.63 10.20 17.07
CA TYR D 574 -66.35 10.10 15.80
C TYR D 574 -65.55 10.68 14.67
N GLN D 575 -64.94 11.85 14.91
CA GLN D 575 -64.14 12.51 13.87
C GLN D 575 -62.90 11.71 13.50
N LYS D 576 -62.23 11.13 14.51
CA LYS D 576 -61.04 10.33 14.25
C LYS D 576 -61.36 9.09 13.44
N LEU D 577 -62.48 8.44 13.74
CA LEU D 577 -62.88 7.26 12.98
C LEU D 577 -63.26 7.62 11.56
N LEU D 578 -63.94 8.75 11.37
CA LEU D 578 -64.26 9.22 10.04
C LEU D 578 -63.01 9.54 9.24
N LYS D 579 -62.00 10.10 9.92
CA LYS D 579 -60.73 10.38 9.27
C LYS D 579 -60.05 9.10 8.80
N THR D 580 -60.10 8.06 9.62
CA THR D 580 -59.52 6.77 9.21
C THR D 580 -60.24 6.21 7.99
N TYR D 581 -61.56 6.31 7.96
CA TYR D 581 -62.33 5.86 6.80
C TYR D 581 -61.95 6.62 5.54
N VAL D 582 -61.85 7.94 5.65
CA VAL D 582 -61.51 8.77 4.49
C VAL D 582 -60.09 8.47 4.00
N LEU D 583 -59.16 8.25 4.92
CA LEU D 583 -57.79 8.01 4.52
C LEU D 583 -57.60 6.60 3.97
N ASN D 584 -58.43 5.64 4.41
CA ASN D 584 -58.45 4.35 3.73
C ASN D 584 -58.99 4.47 2.32
N GLU D 585 -60.01 5.30 2.12
CA GLU D 585 -60.60 5.43 0.80
C GLU D 585 -59.68 6.21 -0.15
N LEU D 586 -58.90 7.15 0.37
CA LEU D 586 -58.06 7.97 -0.48
C LEU D 586 -56.84 7.21 -1.01
N HIS D 587 -56.29 6.30 -0.20
CA HIS D 587 -55.13 5.50 -0.59
C HIS D 587 -55.51 4.12 -1.09
N ARG D 588 -56.67 3.99 -1.74
CA ARG D 588 -57.06 2.72 -2.33
C ARG D 588 -56.13 2.40 -3.49
N LYS D 589 -55.65 1.17 -3.53
CA LYS D 589 -54.60 0.79 -4.47
C LYS D 589 -55.03 -0.40 -5.31
N ARG D 590 -54.28 -0.60 -6.40
CA ARG D 590 -54.54 -1.63 -7.40
C ARG D 590 -53.23 -2.36 -7.65
N PRO D 591 -52.83 -3.25 -6.73
CA PRO D 591 -51.49 -3.85 -6.81
C PRO D 591 -51.30 -4.84 -7.95
N LYS D 592 -52.37 -5.35 -8.54
CA LYS D 592 -52.35 -6.41 -9.54
C LYS D 592 -51.60 -7.61 -9.02
N SER D 593 -52.22 -8.35 -8.09
CA SER D 593 -51.61 -9.55 -7.53
C SER D 593 -51.91 -10.74 -8.43
N MET D 594 -50.88 -11.26 -9.09
CA MET D 594 -50.93 -12.58 -9.71
C MET D 594 -49.76 -13.47 -9.31
N GLN D 595 -48.65 -12.91 -8.86
CA GLN D 595 -47.44 -13.68 -8.54
C GLN D 595 -47.40 -14.06 -7.06
N LYS D 596 -48.48 -14.61 -6.53
CA LYS D 596 -48.62 -14.84 -5.09
C LYS D 596 -49.05 -16.27 -4.85
N GLN D 597 -48.16 -17.07 -4.27
CA GLN D 597 -48.48 -18.40 -3.82
C GLN D 597 -48.80 -18.38 -2.33
N SER D 598 -49.87 -19.09 -1.95
CA SER D 598 -50.28 -19.11 -0.56
C SER D 598 -49.28 -19.85 0.30
N LEU D 599 -49.09 -19.36 1.52
CA LEU D 599 -48.19 -20.06 2.44
C LEU D 599 -48.81 -21.37 2.90
N LEU D 600 -50.07 -21.33 3.31
CA LEU D 600 -50.72 -22.52 3.84
C LEU D 600 -50.88 -23.61 2.78
N ARG D 601 -51.23 -23.22 1.54
CA ARG D 601 -51.44 -24.23 0.52
C ARG D 601 -50.13 -24.81 0.00
N THR D 602 -49.05 -24.03 0.02
CA THR D 602 -47.75 -24.56 -0.34
C THR D 602 -47.18 -25.44 0.76
N LEU D 603 -47.43 -25.07 2.02
CA LEU D 603 -47.01 -25.91 3.14
C LEU D 603 -47.77 -27.22 3.17
N LYS D 604 -49.02 -27.20 2.70
CA LYS D 604 -49.81 -28.43 2.65
C LYS D 604 -49.22 -29.43 1.66
N GLN D 605 -48.44 -28.97 0.69
CA GLN D 605 -47.98 -29.86 -0.35
C GLN D 605 -46.75 -30.67 0.05
N THR D 606 -46.22 -30.46 1.24
CA THR D 606 -45.02 -31.14 1.70
C THR D 606 -45.37 -32.35 2.55
N LYS D 607 -44.36 -33.13 2.92
CA LYS D 607 -44.54 -34.23 3.85
C LYS D 607 -44.43 -33.82 5.30
N PHE D 608 -43.94 -32.62 5.57
CA PHE D 608 -43.70 -32.18 6.93
C PHE D 608 -44.90 -31.52 7.55
N PHE D 609 -45.94 -31.25 6.78
CA PHE D 609 -47.17 -30.70 7.30
C PHE D 609 -48.30 -31.65 7.00
N GLN D 610 -49.06 -32.00 8.02
CA GLN D 610 -50.27 -32.78 7.86
C GLN D 610 -51.44 -31.92 8.29
N GLN D 611 -52.64 -32.46 8.17
CA GLN D 611 -53.85 -31.70 8.46
C GLN D 611 -54.77 -32.48 9.37
N THR D 612 -55.46 -31.78 10.25
CA THR D 612 -56.43 -32.41 11.14
C THR D 612 -57.44 -31.37 11.57
N THR D 613 -58.44 -31.80 12.33
CA THR D 613 -59.46 -30.92 12.87
C THR D 613 -59.44 -31.04 14.38
N ILE D 614 -59.16 -29.94 15.08
CA ILE D 614 -59.09 -29.93 16.53
C ILE D 614 -59.86 -28.74 17.06
N ASP D 615 -60.06 -28.72 18.36
CA ASP D 615 -60.71 -27.60 19.03
C ASP D 615 -59.89 -26.34 18.85
N TRP D 616 -60.56 -25.18 18.88
CA TRP D 616 -59.83 -23.93 18.80
C TRP D 616 -59.01 -23.68 20.05
N VAL D 617 -59.52 -24.10 21.20
CA VAL D 617 -58.80 -23.89 22.45
C VAL D 617 -57.54 -24.72 22.49
N GLU D 618 -57.61 -25.95 21.97
CA GLU D 618 -56.41 -26.78 21.88
C GLU D 618 -55.39 -26.17 20.94
N ALA D 619 -55.85 -25.62 19.82
CA ALA D 619 -54.94 -24.97 18.88
C ALA D 619 -54.31 -23.74 19.49
N GLY D 620 -55.07 -22.97 20.26
CA GLY D 620 -54.51 -21.80 20.92
C GLY D 620 -53.48 -22.15 21.97
N LEU D 621 -53.78 -23.18 22.78
CA LEU D 621 -52.81 -23.68 23.75
C LEU D 621 -51.54 -24.17 23.07
N GLN D 622 -51.69 -24.88 21.96
CA GLN D 622 -50.53 -25.37 21.21
C GLN D 622 -49.72 -24.23 20.64
N VAL D 623 -50.38 -23.21 20.09
CA VAL D 623 -49.67 -22.07 19.50
C VAL D 623 -48.89 -21.31 20.57
N CYS D 624 -49.51 -21.11 21.73
CA CYS D 624 -48.82 -20.42 22.81
C CYS D 624 -47.61 -21.20 23.31
N ARG D 625 -47.75 -22.52 23.48
CA ARG D 625 -46.61 -23.32 23.90
C ARG D 625 -45.54 -23.37 22.84
N GLN D 626 -45.93 -23.39 21.56
CA GLN D 626 -44.97 -23.41 20.48
C GLN D 626 -44.14 -22.15 20.47
N GLY D 627 -44.79 -20.99 20.52
CA GLY D 627 -44.06 -19.73 20.54
C GLY D 627 -43.17 -19.60 21.76
N PHE D 628 -43.64 -20.07 22.92
CA PHE D 628 -42.82 -20.06 24.12
C PHE D 628 -41.58 -20.92 23.97
N ASN D 629 -41.74 -22.12 23.41
CA ASN D 629 -40.59 -23.01 23.28
C ASN D 629 -39.61 -22.49 22.24
N MET D 630 -40.11 -21.82 21.20
CA MET D 630 -39.25 -21.21 20.18
C MET D 630 -38.40 -20.10 20.76
N LEU D 631 -39.02 -19.20 21.52
CA LEU D 631 -38.25 -18.13 22.13
C LEU D 631 -37.31 -18.67 23.19
N ASN D 632 -37.72 -19.72 23.89
CA ASN D 632 -36.88 -20.34 24.89
C ASN D 632 -35.65 -20.99 24.27
N LEU D 633 -35.84 -21.67 23.14
CA LEU D 633 -34.71 -22.25 22.43
C LEU D 633 -33.78 -21.19 21.88
N LEU D 634 -34.33 -20.07 21.41
CA LEU D 634 -33.47 -18.98 20.95
C LEU D 634 -32.63 -18.40 22.08
N ILE D 635 -33.26 -18.22 23.24
CA ILE D 635 -32.55 -17.68 24.40
C ILE D 635 -31.46 -18.64 24.86
N HIS D 636 -31.76 -19.94 24.90
CA HIS D 636 -30.79 -20.90 25.37
C HIS D 636 -29.69 -21.19 24.34
N ARG D 637 -29.98 -21.03 23.05
CA ARG D 637 -28.96 -21.21 22.03
C ARG D 637 -27.93 -20.10 22.10
N LYS D 638 -28.33 -18.88 22.42
CA LYS D 638 -27.40 -17.76 22.56
C LYS D 638 -26.68 -17.77 23.89
N ASN D 639 -26.86 -18.82 24.69
CA ASN D 639 -26.25 -18.97 26.02
C ASN D 639 -26.63 -17.81 26.93
N LEU D 640 -27.90 -17.47 26.94
CA LEU D 640 -28.43 -16.41 27.78
C LEU D 640 -29.38 -17.00 28.79
N THR D 641 -28.98 -18.12 29.40
CA THR D 641 -29.82 -18.82 30.36
C THR D 641 -30.04 -18.05 31.65
N TYR D 642 -29.30 -16.98 31.87
CA TYR D 642 -29.55 -16.10 33.01
C TYR D 642 -30.73 -15.16 32.79
N LEU D 643 -31.41 -15.26 31.66
CA LEU D 643 -32.70 -14.62 31.45
C LEU D 643 -33.78 -15.69 31.49
N HIS D 644 -34.73 -15.53 32.40
CA HIS D 644 -35.89 -16.38 32.46
C HIS D 644 -37.02 -15.77 31.65
N LEU D 645 -37.54 -16.52 30.70
CA LEU D 645 -38.78 -16.19 30.00
C LEU D 645 -39.89 -17.01 30.64
N ASP D 646 -40.82 -16.34 31.28
CA ASP D 646 -41.88 -17.05 31.97
C ASP D 646 -43.03 -17.35 31.02
N TYR D 647 -44.05 -18.03 31.53
CA TYR D 647 -45.11 -18.53 30.67
C TYR D 647 -46.10 -17.46 30.23
N ASN D 648 -46.03 -16.26 30.79
CA ASN D 648 -46.78 -15.11 30.30
C ASN D 648 -45.92 -14.20 29.43
N PHE D 649 -44.75 -14.68 29.01
CA PHE D 649 -43.86 -14.02 28.04
C PHE D 649 -43.24 -12.74 28.60
N ASN D 650 -42.71 -12.82 29.83
CA ASN D 650 -41.93 -11.75 30.40
C ASN D 650 -40.48 -12.22 30.51
N LEU D 651 -39.56 -11.45 29.95
CA LEU D 651 -38.15 -11.76 29.99
C LEU D 651 -37.52 -10.97 31.13
N LYS D 652 -37.01 -11.67 32.14
CA LYS D 652 -36.40 -11.05 33.30
C LYS D 652 -35.08 -11.75 33.59
N PRO D 653 -34.03 -11.00 33.94
CA PRO D 653 -32.79 -11.67 34.35
C PRO D 653 -32.97 -12.36 35.70
N VAL D 654 -32.44 -13.58 35.79
CA VAL D 654 -32.53 -14.33 37.05
C VAL D 654 -31.52 -13.86 38.08
N LYS D 655 -30.58 -13.02 37.69
CA LYS D 655 -29.53 -12.57 38.59
C LYS D 655 -29.09 -11.18 38.15
N THR D 656 -28.19 -10.59 38.93
CA THR D 656 -27.62 -9.30 38.56
C THR D 656 -26.63 -9.48 37.43
N LEU D 657 -26.79 -8.69 36.38
CA LEU D 657 -26.02 -8.86 35.17
C LEU D 657 -24.76 -8.02 35.19
N THR D 658 -23.70 -8.57 34.64
CA THR D 658 -22.52 -7.77 34.36
C THR D 658 -22.77 -6.91 33.13
N THR D 659 -21.76 -6.11 32.76
CA THR D 659 -21.90 -5.27 31.58
C THR D 659 -21.87 -6.12 30.32
N LYS D 660 -21.02 -7.14 30.30
CA LYS D 660 -20.95 -8.02 29.14
C LYS D 660 -22.22 -8.85 29.01
N GLU D 661 -22.79 -9.27 30.13
CA GLU D 661 -24.05 -10.02 30.10
C GLU D 661 -25.18 -9.16 29.56
N ARG D 662 -25.25 -7.91 30.01
CA ARG D 662 -26.28 -6.98 29.52
C ARG D 662 -26.09 -6.68 28.05
N LYS D 663 -24.85 -6.48 27.62
CA LYS D 663 -24.57 -6.16 26.22
C LYS D 663 -24.90 -7.34 25.32
N LYS D 664 -24.59 -8.56 25.76
CA LYS D 664 -24.87 -9.73 24.94
C LYS D 664 -26.35 -10.07 24.95
N SER D 665 -27.05 -9.64 26.00
CA SER D 665 -28.45 -10.09 26.14
C SER D 665 -29.43 -9.15 25.45
N ARG D 666 -29.12 -7.88 25.32
CA ARG D 666 -30.08 -6.92 24.73
C ARG D 666 -30.66 -7.54 23.47
N PHE D 667 -31.94 -7.85 23.49
CA PHE D 667 -32.59 -8.44 22.29
C PHE D 667 -33.09 -7.32 21.38
N GLY D 668 -33.76 -7.65 20.27
CA GLY D 668 -34.11 -6.66 19.30
C GLY D 668 -35.58 -6.34 19.29
N ASN D 669 -36.01 -5.67 18.22
CA ASN D 669 -37.42 -5.38 18.03
C ASN D 669 -38.17 -6.56 17.44
N ALA D 670 -37.49 -7.44 16.71
CA ALA D 670 -38.14 -8.64 16.20
C ALA D 670 -38.50 -9.58 17.34
N PHE D 671 -37.54 -9.88 18.21
CA PHE D 671 -37.79 -10.73 19.36
C PHE D 671 -38.86 -10.14 20.25
N HIS D 672 -38.75 -8.86 20.55
CA HIS D 672 -39.62 -8.27 21.55
C HIS D 672 -41.01 -8.02 20.99
N LEU D 673 -41.11 -7.63 19.73
CA LEU D 673 -42.41 -7.49 19.08
C LEU D 673 -43.11 -8.83 18.93
N MET D 674 -42.38 -9.89 18.58
CA MET D 674 -42.97 -11.22 18.56
C MET D 674 -43.38 -11.67 19.94
N ARG D 675 -42.58 -11.36 20.96
CA ARG D 675 -42.89 -11.78 22.32
C ARG D 675 -44.12 -11.08 22.86
N GLU D 676 -44.32 -9.81 22.52
CA GLU D 676 -45.52 -9.13 22.97
C GLU D 676 -46.75 -9.50 22.15
N ILE D 677 -46.59 -9.80 20.87
CA ILE D 677 -47.69 -10.35 20.10
C ILE D 677 -48.13 -11.69 20.68
N LEU D 678 -47.15 -12.53 21.02
CA LEU D 678 -47.42 -13.79 21.69
C LEU D 678 -48.05 -13.58 23.04
N ARG D 679 -47.71 -12.50 23.73
CA ARG D 679 -48.32 -12.22 25.03
C ARG D 679 -49.79 -11.86 24.89
N LEU D 680 -50.14 -11.04 23.90
CA LEU D 680 -51.56 -10.74 23.68
C LEU D 680 -52.32 -12.00 23.27
N THR D 681 -51.70 -12.84 22.43
CA THR D 681 -52.31 -14.12 22.06
C THR D 681 -52.52 -15.01 23.27
N LYS D 682 -51.54 -15.03 24.18
CA LYS D 682 -51.65 -15.79 25.42
C LYS D 682 -52.78 -15.26 26.27
N LEU D 683 -52.93 -13.94 26.36
CA LEU D 683 -54.00 -13.35 27.16
C LEU D 683 -55.37 -13.76 26.62
N ILE D 684 -55.54 -13.71 25.31
CA ILE D 684 -56.81 -14.10 24.69
C ILE D 684 -57.09 -15.59 24.90
N VAL D 685 -56.06 -16.43 24.71
CA VAL D 685 -56.27 -17.87 24.86
C VAL D 685 -56.56 -18.24 26.30
N ASP D 686 -55.86 -17.63 27.27
CA ASP D 686 -56.17 -17.89 28.67
C ASP D 686 -57.54 -17.40 29.07
N ALA D 687 -58.02 -16.31 28.45
CA ALA D 687 -59.41 -15.93 28.69
C ALA D 687 -60.36 -17.04 28.27
N GLN D 688 -60.12 -17.60 27.08
CA GLN D 688 -60.98 -18.68 26.61
C GLN D 688 -60.84 -19.92 27.48
N VAL D 689 -59.63 -20.21 27.95
CA VAL D 689 -59.40 -21.39 28.78
C VAL D 689 -60.08 -21.25 30.13
N GLN D 690 -60.02 -20.05 30.72
CA GLN D 690 -60.74 -19.79 31.96
C GLN D 690 -62.24 -19.92 31.78
N TYR D 691 -62.74 -19.61 30.58
CA TYR D 691 -64.15 -19.90 30.32
C TYR D 691 -64.40 -21.40 30.21
N ARG D 692 -63.48 -22.14 29.57
CA ARG D 692 -63.72 -23.55 29.36
C ARG D 692 -63.49 -24.37 30.63
N LEU D 693 -62.85 -23.81 31.63
CA LEU D 693 -62.63 -24.49 32.90
C LEU D 693 -63.72 -24.24 33.91
N GLY D 694 -64.67 -23.36 33.62
CA GLY D 694 -65.72 -23.03 34.55
C GLY D 694 -65.38 -21.93 35.53
N ASN D 695 -64.20 -21.33 35.42
CA ASN D 695 -63.81 -20.31 36.38
C ASN D 695 -64.53 -18.99 36.13
N ILE D 696 -64.89 -18.69 34.88
CA ILE D 696 -65.65 -17.50 34.57
C ILE D 696 -66.85 -17.91 33.72
N ASP D 697 -67.87 -17.07 33.73
CA ASP D 697 -69.03 -17.33 32.88
C ASP D 697 -68.84 -16.63 31.54
N ALA D 698 -69.80 -16.81 30.64
CA ALA D 698 -69.63 -16.34 29.28
C ALA D 698 -69.67 -14.83 29.18
N PHE D 699 -70.50 -14.17 29.99
CA PHE D 699 -70.51 -12.72 30.03
C PHE D 699 -69.20 -12.17 30.54
N GLN D 700 -68.63 -12.83 31.55
CA GLN D 700 -67.30 -12.47 32.02
C GLN D 700 -66.26 -12.68 30.93
N LEU D 701 -66.42 -13.73 30.13
CA LEU D 701 -65.46 -14.01 29.06
C LEU D 701 -65.51 -12.93 27.99
N ALA D 702 -66.70 -12.57 27.52
CA ALA D 702 -66.81 -11.54 26.51
C ALA D 702 -66.32 -10.19 27.02
N ASP D 703 -66.63 -9.88 28.29
CA ASP D 703 -66.14 -8.66 28.90
C ASP D 703 -64.62 -8.67 28.97
N GLY D 704 -64.02 -9.80 29.33
CA GLY D 704 -62.58 -9.88 29.41
C GLY D 704 -61.89 -9.78 28.06
N ILE D 705 -62.51 -10.36 27.02
CA ILE D 705 -61.96 -10.26 25.68
C ILE D 705 -61.99 -8.82 25.18
N HIS D 706 -63.10 -8.13 25.42
CA HIS D 706 -63.20 -6.70 25.07
C HIS D 706 -62.18 -5.89 25.84
N TYR D 707 -61.98 -6.21 27.11
CA TYR D 707 -61.00 -5.51 27.92
C TYR D 707 -59.59 -5.69 27.37
N ALA D 708 -59.23 -6.94 27.06
CA ALA D 708 -57.90 -7.23 26.55
C ALA D 708 -57.65 -6.55 25.22
N PHE D 709 -58.65 -6.53 24.33
CA PHE D 709 -58.46 -5.86 23.05
C PHE D 709 -58.49 -4.34 23.16
N ASN D 710 -59.11 -3.80 24.20
CA ASN D 710 -59.11 -2.35 24.37
C ASN D 710 -57.97 -1.84 25.23
N HIS D 711 -57.20 -2.73 25.84
CA HIS D 711 -56.14 -2.36 26.77
C HIS D 711 -54.85 -3.09 26.41
N VAL D 712 -54.52 -3.12 25.12
CA VAL D 712 -53.27 -3.71 24.67
C VAL D 712 -52.09 -2.88 25.14
N GLY D 713 -52.23 -1.56 25.16
CA GLY D 713 -51.13 -0.73 25.61
C GLY D 713 -50.83 -0.86 27.09
N GLN D 714 -51.82 -1.23 27.90
CA GLN D 714 -51.63 -1.45 29.32
C GLN D 714 -51.23 -2.88 29.65
N LEU D 715 -51.73 -3.85 28.90
CA LEU D 715 -51.43 -5.25 29.18
C LEU D 715 -50.23 -5.77 28.43
N THR D 716 -49.72 -5.03 27.46
CA THR D 716 -48.51 -5.38 26.72
C THR D 716 -47.59 -4.17 26.69
N GLY D 717 -46.35 -4.42 26.33
CA GLY D 717 -45.45 -3.34 26.00
C GLY D 717 -45.21 -3.39 24.52
N MET D 718 -46.25 -3.73 23.77
CA MET D 718 -46.08 -4.04 22.35
C MET D 718 -45.82 -2.77 21.56
N TYR D 719 -46.27 -1.63 22.07
CA TYR D 719 -46.05 -0.33 21.43
C TYR D 719 -44.59 0.09 21.47
N ARG D 720 -43.80 -0.49 22.38
CA ARG D 720 -42.41 -0.13 22.54
C ARG D 720 -41.56 -0.51 21.35
N TYR D 721 -41.98 -1.52 20.59
CA TYR D 721 -41.19 -2.10 19.54
C TYR D 721 -41.72 -1.75 18.17
N LYS D 722 -42.84 -1.03 18.13
CA LYS D 722 -43.46 -0.54 16.92
C LYS D 722 -44.36 0.61 17.35
N TYR D 723 -43.93 1.85 17.23
CA TYR D 723 -44.76 2.91 17.78
C TYR D 723 -45.96 3.27 16.90
N LYS D 724 -45.92 2.96 15.60
CA LYS D 724 -47.06 3.22 14.73
C LYS D 724 -48.29 2.43 15.18
N LEU D 725 -48.05 1.34 15.89
CA LEU D 725 -49.09 0.57 16.57
C LEU D 725 -50.02 1.40 17.42
N MET D 726 -49.55 2.54 17.94
CA MET D 726 -50.40 3.39 18.75
C MET D 726 -51.61 3.87 17.98
N HIS D 727 -51.50 3.98 16.65
CA HIS D 727 -52.65 4.26 15.80
C HIS D 727 -53.76 3.26 16.05
N GLN D 728 -53.44 1.96 15.97
CA GLN D 728 -54.39 0.91 16.32
C GLN D 728 -54.92 1.07 17.73
N ILE D 729 -54.04 1.38 18.69
CA ILE D 729 -54.48 1.56 20.06
C ILE D 729 -55.48 2.69 20.14
N ARG D 730 -55.18 3.79 19.43
CA ARG D 730 -56.08 4.93 19.41
C ARG D 730 -57.41 4.54 18.82
N SER D 731 -57.37 3.74 17.74
CA SER D 731 -58.60 3.31 17.08
C SER D 731 -59.47 2.55 18.03
N CYS D 732 -58.87 1.67 18.84
CA CYS D 732 -59.65 0.86 19.75
C CYS D 732 -60.34 1.74 20.78
N LYS D 733 -59.63 2.76 21.27
CA LYS D 733 -60.22 3.68 22.23
C LYS D 733 -61.40 4.40 21.61
N ASP D 734 -61.26 4.81 20.34
CA ASP D 734 -62.34 5.50 19.66
C ASP D 734 -63.56 4.62 19.58
N LEU D 735 -63.38 3.35 19.21
CA LEU D 735 -64.51 2.45 19.10
C LEU D 735 -65.16 2.27 20.45
N LYS D 736 -64.32 2.17 21.49
CA LYS D 736 -64.83 1.96 22.83
C LYS D 736 -65.74 3.10 23.23
N HIS D 737 -65.35 4.33 22.90
CA HIS D 737 -66.16 5.49 23.24
C HIS D 737 -67.54 5.35 22.64
N LEU D 738 -67.59 5.11 21.32
CA LEU D 738 -68.85 4.94 20.61
C LEU D 738 -69.66 3.84 21.26
N ILE D 739 -69.01 2.68 21.45
CA ILE D 739 -69.73 1.51 21.94
C ILE D 739 -70.28 1.80 23.33
N TYR D 740 -69.45 2.40 24.18
CA TYR D 740 -69.86 2.61 25.56
C TYR D 740 -71.01 3.59 25.61
N TYR D 741 -70.96 4.61 24.75
CA TYR D 741 -71.96 5.64 24.88
C TYR D 741 -73.29 5.19 24.30
N ARG D 742 -73.32 4.05 23.62
CA ARG D 742 -74.59 3.47 23.22
C ARG D 742 -74.93 2.23 24.02
N PHE D 743 -74.00 1.73 24.83
CA PHE D 743 -74.24 0.56 25.67
C PHE D 743 -74.76 0.98 27.03
N ASN D 744 -74.01 1.82 27.72
CA ASN D 744 -74.42 2.35 29.03
C ASN D 744 -75.36 3.52 28.82
N THR D 745 -76.55 3.24 28.32
CA THR D 745 -77.59 4.24 28.10
C THR D 745 -78.89 3.67 28.61
N GLY D 746 -79.51 4.35 29.58
CA GLY D 746 -80.75 3.91 30.16
C GLY D 746 -80.53 3.21 31.49
N PRO D 747 -81.13 2.03 31.64
CA PRO D 747 -81.00 1.29 32.90
C PRO D 747 -79.63 0.66 33.09
N VAL D 748 -78.82 0.59 32.05
CA VAL D 748 -77.48 0.02 32.15
C VAL D 748 -76.60 0.99 32.93
N GLY D 749 -75.93 0.47 33.97
CA GLY D 749 -75.11 1.30 34.81
C GLY D 749 -73.72 1.55 34.26
N LYS D 750 -72.73 1.55 35.14
CA LYS D 750 -71.34 1.79 34.77
C LYS D 750 -70.50 0.57 35.14
N GLY D 751 -69.19 0.71 34.98
CA GLY D 751 -68.28 -0.36 35.32
C GLY D 751 -68.20 -1.41 34.23
N PRO D 752 -67.79 -2.61 34.61
CA PRO D 752 -67.61 -3.68 33.61
C PRO D 752 -68.93 -4.22 33.11
N GLY D 753 -68.87 -4.88 31.96
CA GLY D 753 -70.02 -5.58 31.43
C GLY D 753 -70.15 -5.55 29.92
N CYS D 754 -69.34 -4.72 29.26
CA CYS D 754 -69.47 -4.51 27.82
C CYS D 754 -68.66 -5.57 27.08
N GLY D 755 -69.34 -6.56 26.53
CA GLY D 755 -68.70 -7.63 25.79
C GLY D 755 -68.78 -7.51 24.28
N PHE D 756 -69.14 -6.35 23.75
CA PHE D 756 -69.23 -6.16 22.30
C PHE D 756 -67.81 -6.01 21.74
N TRP D 757 -67.13 -7.15 21.60
CA TRP D 757 -65.70 -7.13 21.32
C TRP D 757 -65.34 -7.26 19.86
N ALA D 758 -66.32 -7.27 18.95
CA ALA D 758 -65.98 -7.53 17.55
C ALA D 758 -65.15 -6.42 16.90
N PRO D 759 -65.51 -5.12 16.98
CA PRO D 759 -64.69 -4.12 16.26
C PRO D 759 -63.25 -3.99 16.71
N SER D 760 -62.97 -4.14 18.00
CA SER D 760 -61.60 -4.11 18.48
C SER D 760 -60.81 -5.32 17.99
N TRP D 761 -61.46 -6.49 18.00
CA TRP D 761 -60.89 -7.71 17.46
C TRP D 761 -60.51 -7.53 15.99
N ARG D 762 -61.39 -6.88 15.23
CA ARG D 762 -61.11 -6.56 13.84
C ARG D 762 -59.88 -5.69 13.69
N VAL D 763 -59.77 -4.66 14.54
CA VAL D 763 -58.65 -3.72 14.45
C VAL D 763 -57.34 -4.46 14.63
N TRP D 764 -57.28 -5.35 15.61
CA TRP D 764 -56.04 -6.09 15.82
C TRP D 764 -55.77 -7.12 14.73
N LEU D 765 -56.82 -7.66 14.10
CA LEU D 765 -56.60 -8.55 12.96
C LEU D 765 -55.98 -7.82 11.79
N PHE D 766 -56.43 -6.60 11.52
CA PHE D 766 -55.86 -5.87 10.39
C PHE D 766 -54.45 -5.40 10.68
N PHE D 767 -54.15 -5.10 11.94
CA PHE D 767 -52.77 -4.87 12.33
C PHE D 767 -51.90 -6.07 12.03
N MET D 768 -52.38 -7.28 12.38
CA MET D 768 -51.59 -8.47 12.14
C MET D 768 -51.38 -8.72 10.66
N ARG D 769 -52.39 -8.42 9.84
CA ARG D 769 -52.24 -8.47 8.38
C ARG D 769 -51.06 -7.63 7.92
N GLY D 770 -51.00 -6.39 8.38
CA GLY D 770 -49.90 -5.56 7.96
C GLY D 770 -48.56 -5.91 8.57
N ILE D 771 -48.58 -6.49 9.76
CA ILE D 771 -47.32 -6.66 10.46
C ILE D 771 -46.67 -7.98 10.08
N ILE D 772 -47.41 -8.89 9.44
CA ILE D 772 -46.84 -10.16 9.00
C ILE D 772 -45.62 -10.01 8.09
N PRO D 773 -45.64 -9.25 6.93
CA PRO D 773 -44.44 -9.23 6.08
C PRO D 773 -43.20 -8.69 6.75
N LEU D 774 -43.36 -7.57 7.45
CA LEU D 774 -42.29 -6.94 8.21
C LEU D 774 -41.70 -7.88 9.23
N LEU D 775 -42.55 -8.52 10.03
CA LEU D 775 -42.05 -9.31 11.14
C LEU D 775 -41.45 -10.62 10.67
N GLU D 776 -42.01 -11.25 9.63
CA GLU D 776 -41.38 -12.44 9.09
C GLU D 776 -40.06 -12.12 8.40
N ARG D 777 -39.93 -10.93 7.80
CA ARG D 777 -38.64 -10.49 7.30
C ARG D 777 -37.65 -10.29 8.44
N TRP D 778 -38.09 -9.68 9.52
CA TRP D 778 -37.21 -9.40 10.65
C TRP D 778 -36.78 -10.67 11.34
N LEU D 779 -37.72 -11.61 11.52
CA LEU D 779 -37.39 -12.87 12.15
C LEU D 779 -36.54 -13.75 11.26
N GLY D 780 -36.74 -13.67 9.95
CA GLY D 780 -35.86 -14.39 9.04
C GLY D 780 -34.44 -13.85 9.05
N ASN D 781 -34.27 -12.54 9.13
CA ASN D 781 -32.93 -11.98 9.24
C ASN D 781 -32.30 -12.24 10.61
N LEU D 782 -33.10 -12.25 11.66
CA LEU D 782 -32.63 -12.64 12.98
C LEU D 782 -32.13 -14.08 12.99
N LEU D 783 -32.89 -15.00 12.38
CA LEU D 783 -32.47 -16.39 12.34
C LEU D 783 -31.32 -16.59 11.37
N SER D 784 -31.18 -15.71 10.39
CA SER D 784 -30.04 -15.75 9.50
C SER D 784 -28.75 -15.39 10.23
N ARG D 785 -28.78 -14.32 11.04
CA ARG D 785 -27.66 -14.06 11.93
C ARG D 785 -27.41 -15.20 12.92
N GLN D 786 -28.47 -15.82 13.42
CA GLN D 786 -28.26 -16.89 14.39
C GLN D 786 -27.63 -18.13 13.77
N PHE D 787 -27.99 -18.48 12.55
CA PHE D 787 -27.62 -19.79 12.02
C PHE D 787 -26.59 -19.75 10.91
N GLU D 788 -26.38 -18.62 10.24
CA GLU D 788 -25.28 -18.55 9.30
C GLU D 788 -24.31 -17.41 9.61
N GLY D 789 -24.53 -16.67 10.68
CA GLY D 789 -23.55 -15.73 11.19
C GLY D 789 -23.73 -14.32 10.67
N ARG D 790 -22.92 -13.43 11.23
CA ARG D 790 -22.93 -12.03 10.87
C ARG D 790 -21.92 -11.80 9.76
N HIS D 791 -22.35 -11.17 8.67
CA HIS D 791 -21.41 -10.71 7.66
C HIS D 791 -21.06 -9.28 8.01
N SER D 792 -19.88 -9.11 8.62
CA SER D 792 -19.55 -7.91 9.38
C SER D 792 -19.29 -6.69 8.50
N LYS D 793 -18.63 -6.89 7.36
CA LYS D 793 -18.41 -5.83 6.39
C LYS D 793 -18.75 -6.28 4.97
N GLY D 794 -19.97 -6.79 4.79
CA GLY D 794 -20.42 -7.20 3.47
C GLY D 794 -20.60 -6.02 2.53
N VAL D 795 -21.62 -5.22 2.79
CA VAL D 795 -22.04 -4.16 1.89
C VAL D 795 -21.59 -2.83 2.47
N ALA D 796 -21.23 -1.91 1.56
CA ALA D 796 -20.70 -0.61 1.95
C ALA D 796 -21.71 0.21 2.72
N LYS D 797 -21.26 0.78 3.83
CA LYS D 797 -22.09 1.70 4.56
C LYS D 797 -22.22 3.00 3.79
N THR D 798 -23.41 3.59 3.82
CA THR D 798 -23.60 4.86 3.15
C THR D 798 -22.86 5.96 3.89
N VAL D 799 -22.67 7.09 3.20
CA VAL D 799 -22.04 8.25 3.79
C VAL D 799 -23.15 9.02 4.52
N THR D 800 -23.38 8.65 5.77
CA THR D 800 -24.33 9.41 6.58
C THR D 800 -23.65 10.66 7.14
N LYS D 801 -24.43 11.46 7.88
CA LYS D 801 -23.96 12.80 8.25
C LYS D 801 -22.80 12.74 9.24
N GLN D 802 -22.66 11.64 9.97
CA GLN D 802 -21.51 11.54 10.86
C GLN D 802 -20.27 11.05 10.15
N ARG D 803 -20.37 10.75 8.85
CA ARG D 803 -19.22 10.31 8.09
C ARG D 803 -18.85 11.20 6.93
N VAL D 804 -19.50 12.36 6.79
CA VAL D 804 -19.35 13.25 5.64
C VAL D 804 -17.93 13.81 5.53
N GLU D 805 -17.41 14.36 6.63
CA GLU D 805 -16.13 15.05 6.56
C GLU D 805 -14.98 14.07 6.47
N SER D 806 -15.08 12.95 7.19
CA SER D 806 -14.09 11.89 7.06
C SER D 806 -14.11 11.26 5.67
N HIS D 807 -15.27 11.15 5.04
CA HIS D 807 -15.31 10.61 3.69
C HIS D 807 -14.74 11.60 2.68
N PHE D 808 -15.03 12.89 2.86
CA PHE D 808 -14.44 13.90 1.98
C PHE D 808 -12.95 13.88 2.08
N ASP D 809 -12.43 13.66 3.29
CA ASP D 809 -10.99 13.53 3.48
C ASP D 809 -10.42 12.30 2.79
N LEU D 810 -11.09 11.15 2.92
CA LEU D 810 -10.67 9.94 2.23
C LEU D 810 -10.57 10.15 0.72
N GLU D 811 -11.62 10.71 0.13
CA GLU D 811 -11.64 10.93 -1.31
C GLU D 811 -10.61 11.97 -1.74
N LEU D 812 -10.45 13.04 -0.95
CA LEU D 812 -9.50 14.10 -1.28
C LEU D 812 -8.08 13.58 -1.27
N ARG D 813 -7.75 12.79 -0.26
CA ARG D 813 -6.39 12.26 -0.16
C ARG D 813 -6.11 11.27 -1.28
N ALA D 814 -7.11 10.45 -1.64
CA ALA D 814 -6.94 9.54 -2.77
C ALA D 814 -6.72 10.31 -4.07
N SER D 815 -7.45 11.41 -4.27
CA SER D 815 -7.34 12.17 -5.50
C SER D 815 -5.99 12.87 -5.63
N VAL D 816 -5.52 13.47 -4.53
CA VAL D 816 -4.22 14.13 -4.55
C VAL D 816 -3.12 13.11 -4.80
N MET D 817 -3.22 11.93 -4.17
CA MET D 817 -2.22 10.91 -4.38
C MET D 817 -2.20 10.41 -5.83
N ALA D 818 -3.39 10.28 -6.44
CA ALA D 818 -3.42 9.84 -7.84
C ALA D 818 -2.78 10.88 -8.76
N ASP D 819 -3.01 12.16 -8.50
CA ASP D 819 -2.37 13.19 -9.32
C ASP D 819 -0.86 13.19 -9.17
N LEU D 820 -0.35 12.95 -7.95
CA LEU D 820 1.11 12.85 -7.79
C LEU D 820 1.69 11.61 -8.42
N MET D 821 1.04 10.46 -8.27
CA MET D 821 1.55 9.27 -8.92
C MET D 821 1.45 9.33 -10.43
N ASP D 822 0.62 10.20 -10.98
CA ASP D 822 0.54 10.34 -12.42
C ASP D 822 1.33 11.52 -12.97
N MET D 823 1.83 12.42 -12.14
CA MET D 823 2.50 13.57 -12.73
C MET D 823 4.01 13.55 -12.49
N MET D 824 4.47 12.77 -11.52
CA MET D 824 5.89 12.45 -11.36
C MET D 824 6.43 11.79 -12.62
N PRO D 825 7.65 12.09 -13.04
CA PRO D 825 8.23 11.39 -14.19
C PRO D 825 8.56 9.94 -13.87
N GLU D 826 8.77 9.17 -14.93
CA GLU D 826 9.20 7.79 -14.78
C GLU D 826 10.65 7.74 -14.32
N GLY D 827 10.93 6.90 -13.34
CA GLY D 827 12.28 6.68 -12.88
C GLY D 827 12.65 7.50 -11.66
N ILE D 828 11.91 8.56 -11.37
CA ILE D 828 12.11 9.30 -10.13
C ILE D 828 11.83 8.37 -8.96
N LYS D 829 12.64 8.48 -7.91
CA LYS D 829 12.51 7.61 -6.75
C LYS D 829 11.31 8.06 -5.92
N GLN D 830 10.24 7.26 -5.94
CA GLN D 830 8.96 7.63 -5.37
C GLN D 830 8.83 7.20 -3.92
N SER D 831 9.95 7.09 -3.20
CA SER D 831 9.95 6.60 -1.84
C SER D 831 9.17 7.51 -0.91
N LYS D 832 9.29 8.82 -1.09
CA LYS D 832 8.67 9.79 -0.20
C LYS D 832 7.60 10.55 -0.98
N VAL D 833 6.37 10.05 -0.93
CA VAL D 833 5.25 10.69 -1.59
C VAL D 833 4.08 10.95 -0.67
N ASN D 834 4.02 10.33 0.51
CA ASN D 834 3.02 10.70 1.50
C ASN D 834 3.36 12.04 2.14
N THR D 835 4.62 12.46 1.98
CA THR D 835 5.07 13.78 2.34
C THR D 835 4.24 14.86 1.66
N VAL D 836 3.80 14.61 0.42
CA VAL D 836 2.93 15.57 -0.27
C VAL D 836 1.58 15.67 0.42
N LEU D 837 1.09 14.56 0.95
CA LEU D 837 -0.18 14.61 1.66
C LEU D 837 -0.07 15.37 2.97
N GLN D 838 1.06 15.24 3.66
CA GLN D 838 1.33 16.10 4.81
C GLN D 838 1.45 17.57 4.43
N HIS D 839 2.04 17.88 3.29
CA HIS D 839 2.06 19.24 2.78
C HIS D 839 0.67 19.77 2.49
N LEU D 840 -0.22 18.93 1.94
CA LEU D 840 -1.60 19.33 1.68
C LEU D 840 -2.34 19.63 2.96
N SER D 841 -2.12 18.81 4.00
CA SER D 841 -2.72 19.06 5.31
C SER D 841 -2.27 20.41 5.88
N GLU D 842 -0.97 20.67 5.84
CA GLU D 842 -0.46 21.94 6.35
C GLU D 842 -0.93 23.12 5.51
N ALA D 843 -1.06 22.93 4.20
CA ALA D 843 -1.57 23.99 3.33
C ALA D 843 -3.00 24.33 3.67
N TRP D 844 -3.81 23.32 3.98
CA TRP D 844 -5.18 23.58 4.39
C TRP D 844 -5.24 24.33 5.71
N ARG D 845 -4.38 23.94 6.67
CA ARG D 845 -4.35 24.65 7.95
C ARG D 845 -3.89 26.09 7.76
N CYS D 846 -2.99 26.32 6.83
CA CYS D 846 -2.56 27.69 6.55
C CYS D 846 -3.65 28.48 5.83
N TRP D 847 -4.50 27.80 5.07
CA TRP D 847 -5.63 28.49 4.47
C TRP D 847 -6.64 28.93 5.52
N LYS D 848 -6.93 28.06 6.49
CA LYS D 848 -7.91 28.39 7.53
C LYS D 848 -7.45 29.55 8.37
N SER D 849 -6.18 29.57 8.74
CA SER D 849 -5.67 30.59 9.64
C SER D 849 -5.17 31.84 8.92
N ASN D 850 -5.36 31.92 7.61
CA ASN D 850 -4.94 33.05 6.78
C ASN D 850 -3.45 33.32 6.86
N ILE D 851 -2.67 32.26 7.01
CA ILE D 851 -1.21 32.34 6.96
C ILE D 851 -0.77 31.96 5.56
N PRO D 852 0.07 32.77 4.91
CA PRO D 852 0.53 32.42 3.56
C PRO D 852 1.38 31.15 3.57
N TRP D 853 1.11 30.26 2.64
CA TRP D 853 1.82 29.00 2.53
C TRP D 853 2.75 29.08 1.33
N LYS D 854 4.05 29.00 1.59
CA LYS D 854 5.04 28.93 0.52
C LYS D 854 6.23 28.16 1.08
N VAL D 855 6.32 26.88 0.73
CA VAL D 855 7.40 26.01 1.15
C VAL D 855 8.62 26.31 0.29
N PRO D 856 9.77 26.63 0.88
CA PRO D 856 10.97 26.79 0.07
C PRO D 856 11.47 25.45 -0.46
N GLY D 857 11.60 25.33 -1.78
CA GLY D 857 12.13 24.13 -2.39
C GLY D 857 11.09 23.12 -2.82
N LEU D 858 9.82 23.39 -2.61
CA LEU D 858 8.77 22.52 -3.12
C LEU D 858 8.56 22.80 -4.60
N PRO D 859 8.58 21.79 -5.46
CA PRO D 859 8.49 22.02 -6.90
C PRO D 859 7.14 22.60 -7.30
N ALA D 860 7.15 23.36 -8.39
CA ALA D 860 5.94 23.98 -8.95
C ALA D 860 4.84 22.99 -9.32
N PRO D 861 5.11 21.81 -9.91
CA PRO D 861 4.01 20.86 -10.13
C PRO D 861 3.29 20.38 -8.89
N ILE D 862 4.04 20.00 -7.86
CA ILE D 862 3.44 19.55 -6.61
C ILE D 862 2.69 20.68 -5.93
N GLU D 863 3.28 21.88 -5.95
CA GLU D 863 2.63 23.06 -5.41
C GLU D 863 1.33 23.36 -6.14
N ASN D 864 1.31 23.18 -7.46
CA ASN D 864 0.09 23.42 -8.22
C ASN D 864 -1.00 22.44 -7.83
N ILE D 865 -0.66 21.17 -7.67
CA ILE D 865 -1.64 20.18 -7.24
C ILE D 865 -2.20 20.54 -5.86
N ILE D 866 -1.31 20.93 -4.94
CA ILE D 866 -1.74 21.25 -3.58
C ILE D 866 -2.64 22.48 -3.56
N LEU D 867 -2.26 23.53 -4.31
CA LEU D 867 -3.07 24.75 -4.35
C LEU D 867 -4.44 24.49 -4.96
N ARG D 868 -4.48 23.66 -6.01
CA ARG D 868 -5.74 23.29 -6.65
C ARG D 868 -6.69 22.60 -5.69
N TYR D 869 -6.20 21.60 -4.97
CA TYR D 869 -7.10 20.86 -4.10
C TYR D 869 -7.40 21.61 -2.80
N VAL D 870 -6.53 22.52 -2.37
CA VAL D 870 -6.87 23.36 -1.23
C VAL D 870 -7.97 24.33 -1.60
N LYS D 871 -7.96 24.84 -2.84
CA LYS D 871 -9.08 25.63 -3.34
C LYS D 871 -10.38 24.83 -3.35
N ALA D 872 -10.33 23.58 -3.82
CA ALA D 872 -11.53 22.74 -3.87
C ALA D 872 -12.09 22.45 -2.48
N LYS D 873 -11.22 22.07 -1.55
CA LYS D 873 -11.63 21.82 -0.17
C LYS D 873 -12.21 23.07 0.46
N ALA D 874 -11.58 24.22 0.20
CA ALA D 874 -12.04 25.49 0.76
C ALA D 874 -13.42 25.84 0.26
N ASP D 875 -13.68 25.60 -1.01
CA ASP D 875 -15.00 25.90 -1.56
C ASP D 875 -16.08 25.01 -0.97
N TRP D 876 -15.76 23.74 -0.75
CA TRP D 876 -16.70 22.84 -0.08
C TRP D 876 -17.00 23.31 1.35
N TRP D 877 -15.96 23.71 2.06
CA TRP D 877 -16.07 24.26 3.41
C TRP D 877 -16.97 25.49 3.47
N ILE D 878 -16.76 26.42 2.54
CA ILE D 878 -17.52 27.67 2.54
C ILE D 878 -18.98 27.41 2.18
N SER D 879 -19.22 26.51 1.23
CA SER D 879 -20.60 26.18 0.88
C SER D 879 -21.34 25.53 2.05
N VAL D 880 -20.68 24.63 2.77
CA VAL D 880 -21.30 24.01 3.93
C VAL D 880 -21.58 25.04 5.02
N ALA D 881 -20.67 26.00 5.19
CA ALA D 881 -20.91 27.08 6.16
C ALA D 881 -22.13 27.92 5.78
N HIS D 882 -22.27 28.26 4.49
CA HIS D 882 -23.44 29.01 4.03
C HIS D 882 -24.72 28.25 4.33
N TYR D 883 -24.75 26.96 4.01
CA TYR D 883 -25.95 26.15 4.17
C TYR D 883 -26.35 26.00 5.63
N ASN D 884 -25.39 25.72 6.50
CA ASN D 884 -25.71 25.56 7.91
C ASN D 884 -26.09 26.89 8.54
N ARG D 885 -25.58 28.01 8.04
CA ARG D 885 -25.94 29.30 8.60
C ARG D 885 -27.39 29.63 8.29
N GLU D 886 -27.83 29.28 7.07
CA GLU D 886 -29.24 29.41 6.74
C GLU D 886 -30.10 28.55 7.66
N ARG D 887 -29.67 27.32 7.91
CA ARG D 887 -30.46 26.42 8.74
C ARG D 887 -30.47 26.85 10.20
N ILE D 888 -29.39 27.48 10.67
CA ILE D 888 -29.37 27.98 12.04
C ILE D 888 -30.27 29.21 12.16
N ARG D 889 -30.28 30.05 11.13
CA ARG D 889 -31.19 31.19 11.12
C ARG D 889 -32.64 30.75 11.15
N ARG D 890 -33.00 29.74 10.36
CA ARG D 890 -34.40 29.31 10.35
C ARG D 890 -34.82 28.52 11.57
N GLY D 891 -33.88 27.98 12.35
CA GLY D 891 -34.27 27.09 13.42
C GLY D 891 -34.48 25.67 13.02
N ALA D 892 -34.09 25.29 11.80
CA ALA D 892 -34.28 23.94 11.30
C ALA D 892 -33.42 22.91 12.00
N THR D 893 -32.39 23.32 12.74
CA THR D 893 -31.53 22.38 13.45
C THR D 893 -31.53 22.69 14.94
N VAL D 894 -31.25 21.66 15.74
CA VAL D 894 -31.30 21.79 17.20
C VAL D 894 -30.01 21.25 17.81
N ASP D 895 -29.15 20.68 16.98
CA ASP D 895 -27.89 20.13 17.48
C ASP D 895 -26.93 21.26 17.85
N LYS D 896 -26.24 21.09 18.97
CA LYS D 896 -25.30 22.10 19.45
C LYS D 896 -24.00 22.07 18.67
N THR D 897 -23.59 20.88 18.22
CA THR D 897 -22.34 20.75 17.49
C THR D 897 -22.38 21.51 16.18
N VAL D 898 -23.51 21.50 15.49
CA VAL D 898 -23.64 22.22 14.23
C VAL D 898 -23.48 23.71 14.45
N ALA D 899 -24.12 24.24 15.50
CA ALA D 899 -24.00 25.66 15.80
C ALA D 899 -22.58 26.05 16.16
N LYS D 900 -21.91 25.22 16.97
CA LYS D 900 -20.54 25.51 17.39
C LYS D 900 -19.59 25.49 16.20
N LYS D 901 -19.70 24.47 15.35
CA LYS D 901 -18.88 24.40 14.13
C LYS D 901 -19.13 25.60 13.25
N ASN D 902 -20.37 26.03 13.14
CA ASN D 902 -20.71 27.09 12.21
C ASN D 902 -20.20 28.44 12.69
N VAL D 903 -20.29 28.69 13.99
CA VAL D 903 -19.73 29.93 14.52
C VAL D 903 -18.21 29.93 14.38
N GLY D 904 -17.57 28.78 14.54
CA GLY D 904 -16.13 28.74 14.31
C GLY D 904 -15.77 29.07 12.87
N ARG D 905 -16.52 28.51 11.92
CA ARG D 905 -16.27 28.76 10.51
C ARG D 905 -16.48 30.22 10.15
N LEU D 906 -17.58 30.81 10.60
CA LEU D 906 -17.82 32.21 10.26
C LEU D 906 -16.92 33.17 11.01
N THR D 907 -16.40 32.79 12.18
CA THR D 907 -15.37 33.60 12.81
C THR D 907 -14.12 33.62 11.96
N ARG D 908 -13.71 32.46 11.46
CA ARG D 908 -12.55 32.41 10.57
C ARG D 908 -12.78 33.21 9.29
N LEU D 909 -13.98 33.09 8.72
CA LEU D 909 -14.30 33.79 7.49
C LEU D 909 -14.30 35.31 7.68
N TRP D 910 -14.85 35.77 8.80
CA TRP D 910 -14.84 37.19 9.12
C TRP D 910 -13.43 37.70 9.32
N LEU D 911 -12.60 36.93 10.00
CA LEU D 911 -11.26 37.41 10.23
C LEU D 911 -10.44 37.41 8.95
N LYS D 912 -10.69 36.47 8.04
CA LYS D 912 -10.05 36.52 6.73
C LYS D 912 -10.46 37.77 5.96
N ALA D 913 -11.76 38.08 5.98
CA ALA D 913 -12.24 39.29 5.30
C ALA D 913 -11.68 40.55 5.94
N GLU D 914 -11.54 40.56 7.27
CA GLU D 914 -11.04 41.75 7.94
C GLU D 914 -9.53 41.94 7.76
N GLN D 915 -8.77 40.84 7.70
CA GLN D 915 -7.36 40.97 7.33
C GLN D 915 -7.23 41.52 5.93
N GLU D 916 -8.06 41.04 5.01
CA GLU D 916 -8.07 41.59 3.66
C GLU D 916 -8.42 43.07 3.65
N ARG D 917 -9.38 43.48 4.49
CA ARG D 917 -9.76 44.88 4.56
C ARG D 917 -8.63 45.76 5.08
N GLN D 918 -7.92 45.30 6.11
CA GLN D 918 -6.79 46.07 6.63
C GLN D 918 -5.66 46.18 5.62
N HIS D 919 -5.35 45.08 4.93
CA HIS D 919 -4.31 45.12 3.92
C HIS D 919 -4.70 46.01 2.75
N ASN D 920 -5.97 45.96 2.35
CA ASN D 920 -6.44 46.82 1.28
C ASN D 920 -6.45 48.28 1.69
N HIS D 921 -6.66 48.58 2.96
CA HIS D 921 -6.58 49.97 3.39
C HIS D 921 -5.15 50.45 3.39
N MET D 922 -4.20 49.59 3.78
CA MET D 922 -2.79 49.96 3.71
C MET D 922 -2.36 50.23 2.27
N LYS D 923 -2.80 49.38 1.35
CA LYS D 923 -2.38 49.56 -0.05
C LYS D 923 -3.11 50.72 -0.69
N ASP D 924 -4.44 50.67 -0.71
CA ASP D 924 -5.26 51.62 -1.45
C ASP D 924 -5.54 52.90 -0.67
N GLY D 925 -4.73 53.22 0.33
CA GLY D 925 -4.71 54.53 0.92
C GLY D 925 -5.89 54.80 1.81
N PRO D 926 -5.89 55.97 2.46
CA PRO D 926 -7.07 56.38 3.24
C PRO D 926 -8.20 56.71 2.28
N TYR D 927 -9.33 56.02 2.44
CA TYR D 927 -10.44 56.25 1.53
C TYR D 927 -11.05 57.63 1.74
N VAL D 928 -11.04 58.12 2.98
CA VAL D 928 -11.44 59.49 3.26
C VAL D 928 -10.41 60.41 2.62
N SER D 929 -10.81 61.13 1.56
CA SER D 929 -9.87 62.00 0.88
C SER D 929 -9.53 63.20 1.77
N SER D 930 -8.50 63.94 1.35
CA SER D 930 -7.97 65.01 2.19
C SER D 930 -8.97 66.16 2.32
N GLU D 931 -9.65 66.52 1.24
CA GLU D 931 -10.63 67.59 1.31
C GLU D 931 -11.84 67.19 2.15
N GLU D 932 -12.25 65.92 2.09
CA GLU D 932 -13.35 65.45 2.93
C GLU D 932 -13.00 65.52 4.40
N ALA D 933 -11.79 65.08 4.76
CA ALA D 933 -11.36 65.13 6.15
C ALA D 933 -11.24 66.56 6.63
N VAL D 934 -10.73 67.45 5.79
CA VAL D 934 -10.61 68.86 6.15
C VAL D 934 -11.99 69.49 6.36
N ALA D 935 -12.94 69.17 5.48
CA ALA D 935 -14.30 69.71 5.62
C ALA D 935 -14.97 69.21 6.89
N ILE D 936 -14.79 67.92 7.21
CA ILE D 936 -15.36 67.36 8.43
C ILE D 936 -14.74 68.01 9.66
N TYR D 937 -13.41 68.20 9.64
CA TYR D 937 -12.72 68.83 10.76
C TYR D 937 -13.19 70.26 10.96
N THR D 938 -13.32 71.03 9.89
CA THR D 938 -13.75 72.42 10.03
C THR D 938 -15.21 72.51 10.44
N THR D 939 -16.05 71.56 10.00
CA THR D 939 -17.43 71.53 10.47
C THR D 939 -17.49 71.29 11.97
N THR D 940 -16.69 70.35 12.47
CA THR D 940 -16.63 70.11 13.90
C THR D 940 -16.11 71.32 14.65
N VAL D 941 -15.11 72.01 14.09
CA VAL D 941 -14.54 73.19 14.73
C VAL D 941 -15.58 74.30 14.84
N HIS D 942 -16.31 74.55 13.75
CA HIS D 942 -17.31 75.62 13.76
C HIS D 942 -18.46 75.28 14.69
N TRP D 943 -18.88 74.01 14.72
CA TRP D 943 -19.94 73.62 15.64
C TRP D 943 -19.48 73.77 17.09
N LEU D 944 -18.25 73.36 17.39
CA LEU D 944 -17.79 73.39 18.77
C LEU D 944 -17.53 74.81 19.25
N GLU D 945 -17.08 75.71 18.37
CA GLU D 945 -16.97 77.10 18.83
C GLU D 945 -18.33 77.77 18.91
N ALA D 946 -19.32 77.30 18.14
CA ALA D 946 -20.64 77.91 18.21
C ALA D 946 -21.33 77.59 19.53
N ARG D 947 -21.09 76.43 20.10
CA ARG D 947 -21.69 76.06 21.37
C ARG D 947 -20.83 76.45 22.56
N LYS D 948 -19.69 77.11 22.33
CA LYS D 948 -18.77 77.57 23.36
C LYS D 948 -18.32 76.42 24.27
N PHE D 949 -17.94 75.32 23.65
CA PHE D 949 -17.58 74.11 24.37
C PHE D 949 -16.21 74.27 25.02
N SER D 950 -16.13 74.02 26.32
CA SER D 950 -14.85 74.01 27.01
C SER D 950 -14.24 72.62 26.91
N PRO D 951 -13.04 72.47 26.37
CA PRO D 951 -12.46 71.14 26.19
C PRO D 951 -12.15 70.45 27.51
N ILE D 952 -12.24 69.13 27.50
CA ILE D 952 -12.06 68.33 28.70
C ILE D 952 -10.59 68.34 29.10
N PRO D 953 -10.25 68.72 30.32
CA PRO D 953 -8.85 68.69 30.75
C PRO D 953 -8.43 67.27 31.08
N PHE D 954 -7.13 67.10 31.24
CA PHE D 954 -6.62 65.86 31.81
C PHE D 954 -7.10 65.75 33.26
N PRO D 955 -7.42 64.54 33.73
CA PRO D 955 -7.75 64.37 35.15
C PRO D 955 -6.61 64.79 36.04
N SER D 956 -6.82 65.83 36.85
CA SER D 956 -5.73 66.44 37.58
C SER D 956 -5.28 65.54 38.73
N VAL D 957 -4.28 66.02 39.46
CA VAL D 957 -3.71 65.20 40.54
C VAL D 957 -4.70 65.07 41.69
N SER D 958 -5.29 66.18 42.13
CA SER D 958 -6.17 66.10 43.30
C SER D 958 -7.56 65.63 42.93
N TYR D 959 -8.34 66.51 42.28
CA TYR D 959 -9.64 66.25 41.64
C TYR D 959 -10.53 65.27 42.39
N LYS D 960 -11.02 65.66 43.58
CA LYS D 960 -11.73 64.79 44.54
C LYS D 960 -12.66 63.74 43.94
N HIS D 961 -13.45 64.17 42.95
CA HIS D 961 -14.47 63.31 42.31
C HIS D 961 -13.88 62.04 41.74
N ASP D 962 -12.59 62.05 41.39
CA ASP D 962 -11.82 60.87 41.00
C ASP D 962 -12.18 59.64 41.80
N THR D 963 -12.11 59.71 43.13
CA THR D 963 -12.32 58.50 43.91
C THR D 963 -13.74 57.98 43.71
N LYS D 964 -14.72 58.88 43.68
CA LYS D 964 -16.10 58.46 43.43
C LYS D 964 -16.23 57.88 42.03
N ILE D 965 -15.61 58.53 41.04
CA ILE D 965 -15.62 57.99 39.68
C ILE D 965 -14.96 56.63 39.66
N LEU D 966 -13.85 56.48 40.41
CA LEU D 966 -13.18 55.19 40.46
C LEU D 966 -14.09 54.14 41.03
N ILE D 967 -14.85 54.50 42.08
CA ILE D 967 -15.87 53.60 42.64
C ILE D 967 -16.74 53.07 41.54
N LEU D 968 -17.33 53.98 40.75
CA LEU D 968 -18.29 53.58 39.72
C LEU D 968 -17.67 52.62 38.74
N ALA D 969 -16.43 52.91 38.31
CA ALA D 969 -15.78 52.09 37.30
C ALA D 969 -15.61 50.67 37.79
N LEU D 970 -15.25 50.53 39.07
CA LEU D 970 -15.03 49.22 39.64
C LEU D 970 -16.28 48.36 39.57
N GLU D 971 -17.45 48.91 39.97
CA GLU D 971 -18.62 48.03 39.93
C GLU D 971 -19.02 47.70 38.52
N ARG D 972 -18.72 48.56 37.55
CA ARG D 972 -19.05 48.23 36.17
C ARG D 972 -18.31 46.96 35.76
N LEU D 973 -17.02 46.89 36.11
CA LEU D 973 -16.27 45.69 35.79
C LEU D 973 -16.79 44.51 36.60
N ARG D 974 -17.16 44.76 37.85
CA ARG D 974 -17.67 43.67 38.66
C ARG D 974 -19.09 43.31 38.33
N GLU D 975 -19.80 44.09 37.52
CA GLU D 975 -21.09 43.59 37.07
C GLU D 975 -20.93 42.50 36.02
N ALA D 976 -19.73 42.37 35.45
CA ALA D 976 -19.50 41.38 34.42
C ALA D 976 -19.33 39.98 34.98
N TYR D 977 -19.20 39.81 36.29
CA TYR D 977 -18.86 38.52 36.84
C TYR D 977 -19.74 38.26 38.06
N SER D 978 -20.45 37.14 38.03
CA SER D 978 -21.19 36.72 39.21
C SER D 978 -20.23 36.27 40.30
N THR D 979 -20.72 36.28 41.54
CA THR D 979 -19.90 35.97 42.71
C THR D 979 -19.38 34.54 42.64
N LYS D 980 -20.26 33.61 42.34
CA LYS D 980 -19.88 32.23 42.10
C LYS D 980 -19.51 32.04 40.64
N GLY D 981 -19.02 30.84 40.31
CA GLY D 981 -18.75 30.56 38.92
C GLY D 981 -17.48 29.77 38.64
N ARG D 982 -17.32 29.31 37.41
CA ARG D 982 -16.07 28.71 36.97
C ARG D 982 -15.36 29.74 36.11
N LEU D 983 -14.64 30.63 36.78
CA LEU D 983 -13.82 31.63 36.12
C LEU D 983 -12.48 31.01 35.76
N ASN D 984 -11.96 31.38 34.59
CA ASN D 984 -10.60 30.98 34.25
C ASN D 984 -9.64 32.01 34.86
N GLN D 985 -8.39 31.96 34.44
CA GLN D 985 -7.33 32.70 35.13
C GLN D 985 -7.51 34.20 35.04
N SER D 986 -7.86 34.71 33.85
CA SER D 986 -7.86 36.15 33.62
C SER D 986 -8.96 36.84 34.40
N GLN D 987 -10.10 36.18 34.61
CA GLN D 987 -11.15 36.81 35.41
C GLN D 987 -10.76 36.92 36.86
N ARG D 988 -10.09 35.90 37.40
CA ARG D 988 -9.67 35.98 38.80
C ARG D 988 -8.52 36.95 38.97
N GLU D 989 -7.67 37.10 37.96
CA GLU D 989 -6.69 38.17 37.99
C GLU D 989 -7.36 39.53 37.99
N GLU D 990 -8.42 39.68 37.19
CA GLU D 990 -9.16 40.95 37.18
C GLU D 990 -9.83 41.20 38.52
N LEU D 991 -10.41 40.17 39.13
CA LEU D 991 -11.05 40.34 40.44
C LEU D 991 -10.04 40.69 41.50
N ALA D 992 -8.84 40.10 41.43
CA ALA D 992 -7.76 40.49 42.33
C ALA D 992 -7.36 41.94 42.12
N LEU D 993 -7.29 42.39 40.88
CA LEU D 993 -6.94 43.77 40.59
C LEU D 993 -8.02 44.73 41.09
N ILE D 994 -9.29 44.34 40.98
CA ILE D 994 -10.38 45.18 41.45
C ILE D 994 -10.38 45.29 42.97
N GLU D 995 -10.18 44.17 43.67
CA GLU D 995 -10.10 44.24 45.12
C GLU D 995 -8.87 44.99 45.59
N GLN D 996 -7.76 44.87 44.86
CA GLN D 996 -6.57 45.66 45.18
C GLN D 996 -6.83 47.15 44.97
N ALA D 997 -7.58 47.49 43.93
CA ALA D 997 -7.94 48.90 43.71
C ALA D 997 -8.84 49.42 44.81
N TYR D 998 -9.75 48.58 45.30
CA TYR D 998 -10.60 48.98 46.42
C TYR D 998 -9.76 49.21 47.68
N ASP D 999 -8.77 48.34 47.91
CA ASP D 999 -7.98 48.45 49.13
C ASP D 999 -7.00 49.61 49.08
N SER D 1000 -6.42 49.87 47.91
CA SER D 1000 -5.39 50.90 47.74
C SER D 1000 -5.77 51.80 46.58
N PRO D 1001 -6.65 52.77 46.79
CA PRO D 1001 -7.18 53.56 45.67
C PRO D 1001 -6.24 54.63 45.15
N GLY D 1002 -5.42 55.21 46.02
CA GLY D 1002 -4.53 56.27 45.58
C GLY D 1002 -3.48 55.78 44.59
N THR D 1003 -2.87 54.62 44.90
CA THR D 1003 -1.89 54.05 44.00
C THR D 1003 -2.53 53.60 42.70
N THR D 1004 -3.76 53.10 42.78
CA THR D 1004 -4.48 52.71 41.57
C THR D 1004 -4.76 53.89 40.66
N LEU D 1005 -5.21 55.01 41.25
CA LEU D 1005 -5.49 56.20 40.45
C LEU D 1005 -4.21 56.78 39.86
N GLU D 1006 -3.12 56.78 40.64
CA GLU D 1006 -1.86 57.28 40.11
C GLU D 1006 -1.32 56.38 39.00
N ARG D 1007 -1.51 55.06 39.13
CA ARG D 1007 -1.12 54.14 38.07
C ARG D 1007 -1.96 54.36 36.82
N ILE D 1008 -3.25 54.63 37.00
CA ILE D 1008 -4.14 54.88 35.87
C ILE D 1008 -3.72 56.13 35.13
N LYS D 1009 -3.40 57.19 35.85
CA LYS D 1009 -2.97 58.43 35.21
C LYS D 1009 -1.60 58.27 34.55
N ARG D 1010 -0.70 57.51 35.18
CA ARG D 1010 0.60 57.25 34.56
C ARG D 1010 0.44 56.47 33.26
N PHE D 1011 -0.42 55.44 33.25
CA PHE D 1011 -0.69 54.69 32.04
C PHE D 1011 -1.32 55.58 30.98
N LEU D 1012 -2.22 56.47 31.40
CA LEU D 1012 -2.97 57.29 30.48
C LEU D 1012 -2.09 58.37 29.85
N LEU D 1013 -1.05 58.80 30.56
CA LEU D 1013 -0.07 59.71 29.98
C LEU D 1013 0.95 58.99 29.13
N THR D 1014 1.47 57.87 29.61
CA THR D 1014 2.74 57.32 29.14
C THR D 1014 2.59 56.14 28.21
N GLN D 1015 1.76 55.16 28.57
CA GLN D 1015 1.72 53.88 27.86
C GLN D 1015 0.90 54.03 26.59
N ARG D 1016 1.55 53.86 25.44
CA ARG D 1016 0.93 53.99 24.13
C ARG D 1016 0.99 52.71 23.30
N ALA D 1017 1.68 51.68 23.76
CA ALA D 1017 1.68 50.39 23.09
C ALA D 1017 1.01 49.39 24.01
N PHE D 1018 0.04 48.66 23.48
CA PHE D 1018 -0.86 47.84 24.29
C PHE D 1018 -0.73 46.38 23.90
N LYS D 1019 -1.42 45.53 24.65
CA LYS D 1019 -1.29 44.09 24.53
C LYS D 1019 -2.18 43.54 23.42
N GLU D 1020 -2.17 42.22 23.27
CA GLU D 1020 -3.09 41.55 22.37
C GLU D 1020 -4.50 41.64 22.93
N VAL D 1021 -5.47 41.73 22.03
CA VAL D 1021 -6.88 41.74 22.40
C VAL D 1021 -7.53 40.52 21.79
N GLY D 1022 -8.06 39.65 22.64
CA GLY D 1022 -8.74 38.47 22.13
C GLY D 1022 -10.04 38.84 21.44
N ILE D 1023 -10.43 38.01 20.48
CA ILE D 1023 -11.66 38.26 19.74
C ILE D 1023 -12.36 36.92 19.54
N ASP D 1024 -13.68 36.92 19.70
CA ASP D 1024 -14.48 35.74 19.42
C ASP D 1024 -15.81 36.22 18.90
N MET D 1025 -16.72 35.30 18.65
CA MET D 1025 -18.06 35.65 18.20
C MET D 1025 -19.11 35.16 19.16
N ASN D 1026 -20.11 36.01 19.38
CA ASN D 1026 -21.30 35.64 20.12
C ASN D 1026 -22.41 35.40 19.11
N ASP D 1027 -23.12 34.28 19.27
CA ASP D 1027 -24.06 33.78 18.29
C ASP D 1027 -25.49 34.03 18.76
N ASN D 1028 -26.21 34.90 18.06
CA ASN D 1028 -27.62 35.16 18.32
C ASN D 1028 -28.51 34.40 17.37
N TYR D 1029 -27.93 33.49 16.59
CA TYR D 1029 -28.54 32.54 15.66
C TYR D 1029 -29.06 33.20 14.40
N SER D 1030 -29.15 34.52 14.41
CA SER D 1030 -29.50 35.26 13.21
C SER D 1030 -28.39 36.19 12.79
N THR D 1031 -27.68 36.74 13.78
CA THR D 1031 -26.46 37.49 13.56
C THR D 1031 -25.44 37.01 14.57
N ILE D 1032 -24.16 37.17 14.25
CA ILE D 1032 -23.09 36.96 15.20
C ILE D 1032 -22.35 38.28 15.35
N ASN D 1033 -21.92 38.59 16.58
CA ASN D 1033 -21.19 39.82 16.75
C ASN D 1033 -19.83 39.56 17.40
N PRO D 1034 -18.81 40.33 17.06
CA PRO D 1034 -17.49 40.12 17.67
C PRO D 1034 -17.45 40.63 19.10
N VAL D 1035 -16.86 39.83 19.97
CA VAL D 1035 -16.66 40.17 21.38
C VAL D 1035 -15.17 40.23 21.64
N TYR D 1036 -14.72 41.37 22.17
CA TYR D 1036 -13.31 41.66 22.35
C TYR D 1036 -12.95 41.53 23.82
N ASP D 1037 -11.97 40.69 24.12
CA ASP D 1037 -11.51 40.43 25.48
C ASP D 1037 -10.20 41.17 25.69
N VAL D 1038 -10.21 42.13 26.60
CA VAL D 1038 -9.11 43.05 26.82
C VAL D 1038 -8.40 42.69 28.11
N GLU D 1039 -7.11 43.01 28.18
CA GLU D 1039 -6.30 42.75 29.37
C GLU D 1039 -6.89 43.48 30.58
N PRO D 1040 -6.96 42.82 31.75
CA PRO D 1040 -7.70 43.41 32.88
C PRO D 1040 -7.21 44.75 33.39
N ILE D 1041 -5.89 44.97 33.43
CA ILE D 1041 -5.39 46.22 34.00
C ILE D 1041 -5.70 47.38 33.07
N GLU D 1042 -5.62 47.15 31.76
CA GLU D 1042 -6.10 48.13 30.80
C GLU D 1042 -7.61 48.26 30.85
N LYS D 1043 -8.31 47.20 31.24
CA LYS D 1043 -9.76 47.33 31.42
C LYS D 1043 -10.09 48.28 32.55
N ILE D 1044 -9.33 48.25 33.65
CA ILE D 1044 -9.56 49.20 34.73
C ILE D 1044 -9.26 50.62 34.28
N SER D 1045 -8.15 50.80 33.55
CA SER D 1045 -7.83 52.14 33.04
C SER D 1045 -8.89 52.66 32.08
N ASP D 1046 -9.39 51.79 31.20
CA ASP D 1046 -10.42 52.20 30.25
C ASP D 1046 -11.75 52.47 30.94
N ALA D 1047 -12.09 51.70 31.98
CA ALA D 1047 -13.34 51.95 32.69
C ALA D 1047 -13.30 53.29 33.40
N TYR D 1048 -12.16 53.62 34.03
CA TYR D 1048 -12.02 54.95 34.62
C TYR D 1048 -12.11 56.04 33.56
N LEU D 1049 -11.42 55.86 32.43
CA LEU D 1049 -11.46 56.88 31.38
C LEU D 1049 -12.86 57.04 30.82
N ASP D 1050 -13.58 55.93 30.67
CA ASP D 1050 -14.95 55.95 30.18
C ASP D 1050 -15.88 56.74 31.10
N GLN D 1051 -15.81 56.44 32.39
CA GLN D 1051 -16.65 57.15 33.35
C GLN D 1051 -16.31 58.63 33.39
N TYR D 1052 -15.01 58.96 33.38
CA TYR D 1052 -14.59 60.35 33.43
C TYR D 1052 -15.05 61.11 32.20
N LEU D 1053 -14.93 60.49 31.03
CA LEU D 1053 -15.32 61.17 29.79
C LEU D 1053 -16.82 61.36 29.71
N TRP D 1054 -17.61 60.39 30.14
CA TRP D 1054 -19.06 60.57 30.10
C TRP D 1054 -19.51 61.65 31.08
N TYR D 1055 -18.91 61.68 32.27
CA TYR D 1055 -19.25 62.70 33.26
C TYR D 1055 -18.90 64.09 32.76
N GLN D 1056 -17.68 64.25 32.24
CA GLN D 1056 -17.26 65.56 31.77
C GLN D 1056 -17.96 65.98 30.49
N ALA D 1057 -18.39 65.03 29.67
CA ALA D 1057 -19.20 65.38 28.52
C ALA D 1057 -20.59 65.83 28.92
N ASP D 1058 -21.14 65.23 29.98
CA ASP D 1058 -22.43 65.69 30.46
C ASP D 1058 -22.37 67.10 31.03
N GLN D 1059 -21.36 67.37 31.86
CA GLN D 1059 -21.32 68.69 32.49
C GLN D 1059 -20.92 69.79 31.51
N ARG D 1060 -20.14 69.46 30.49
CA ARG D 1060 -19.73 70.46 29.52
C ARG D 1060 -20.68 70.53 28.33
N HIS D 1061 -21.75 69.75 28.34
CA HIS D 1061 -22.83 69.79 27.35
C HIS D 1061 -22.32 69.48 25.95
N LEU D 1062 -21.63 68.36 25.81
CA LEU D 1062 -21.14 67.96 24.50
C LEU D 1062 -22.27 67.47 23.61
N PHE D 1063 -23.15 66.64 24.16
CA PHE D 1063 -24.12 65.94 23.34
C PHE D 1063 -25.44 66.70 23.33
N PRO D 1064 -25.98 67.03 22.16
CA PRO D 1064 -27.29 67.68 22.08
C PRO D 1064 -28.42 66.71 22.37
N ASN D 1065 -29.66 67.16 22.22
CA ASN D 1065 -30.79 66.36 22.67
C ASN D 1065 -31.04 65.14 21.79
N TRP D 1066 -30.72 65.22 20.50
CA TRP D 1066 -31.03 64.11 19.61
C TRP D 1066 -30.08 62.94 19.74
N VAL D 1067 -28.95 63.11 20.44
CA VAL D 1067 -28.01 62.03 20.62
C VAL D 1067 -28.60 61.06 21.64
N LYS D 1068 -29.01 59.89 21.18
CA LYS D 1068 -29.67 58.87 21.95
C LYS D 1068 -28.83 57.60 21.97
N PRO D 1069 -28.98 56.74 22.99
CA PRO D 1069 -29.85 56.76 24.16
C PRO D 1069 -29.35 57.68 25.26
N SER D 1070 -30.21 58.58 25.69
CA SER D 1070 -29.88 59.46 26.80
C SER D 1070 -30.26 58.79 28.10
N ASP D 1071 -29.73 59.31 29.18
CA ASP D 1071 -29.90 58.72 30.50
C ASP D 1071 -31.21 59.11 31.16
N SER D 1072 -32.15 59.62 30.37
CA SER D 1072 -33.40 60.14 30.88
C SER D 1072 -34.63 59.43 30.33
N GLU D 1073 -34.47 58.50 29.38
CA GLU D 1073 -35.61 57.77 28.85
C GLU D 1073 -35.29 56.30 28.83
N VAL D 1074 -36.29 55.48 29.14
CA VAL D 1074 -36.27 54.08 28.72
C VAL D 1074 -36.65 54.10 27.25
N PRO D 1075 -36.29 53.09 26.45
CA PRO D 1075 -36.64 53.10 25.02
C PRO D 1075 -38.13 53.19 24.74
N PRO D 1076 -39.03 52.57 25.52
CA PRO D 1076 -40.45 52.85 25.26
C PRO D 1076 -40.85 54.29 25.52
N LEU D 1077 -40.26 54.93 26.51
CA LEU D 1077 -40.49 56.37 26.70
C LEU D 1077 -39.91 57.17 25.54
N LEU D 1078 -38.82 56.68 24.93
CA LEU D 1078 -38.30 57.33 23.74
C LEU D 1078 -39.28 57.24 22.57
N VAL D 1079 -39.90 56.08 22.38
CA VAL D 1079 -40.92 55.94 21.34
C VAL D 1079 -42.13 56.82 21.62
N TYR D 1080 -42.58 56.89 22.87
CA TYR D 1080 -43.67 57.77 23.26
C TYR D 1080 -43.34 59.24 23.03
N LYS D 1081 -42.13 59.66 23.39
CA LYS D 1081 -41.72 61.05 23.18
C LYS D 1081 -41.62 61.35 21.70
N TRP D 1082 -41.19 60.39 20.89
CA TRP D 1082 -41.14 60.62 19.46
C TRP D 1082 -42.54 60.78 18.88
N CYS D 1083 -43.49 59.96 19.33
CA CYS D 1083 -44.87 60.10 18.87
C CYS D 1083 -45.48 61.44 19.30
N GLN D 1084 -45.19 61.86 20.53
CA GLN D 1084 -45.67 63.16 21.00
C GLN D 1084 -45.04 64.30 20.20
N GLY D 1085 -43.74 64.21 19.93
CA GLY D 1085 -43.08 65.23 19.14
C GLY D 1085 -43.58 65.30 17.72
N ILE D 1086 -43.98 64.16 17.16
CA ILE D 1086 -44.66 64.17 15.86
C ILE D 1086 -46.00 64.89 15.99
N ASN D 1087 -46.76 64.57 17.04
CA ASN D 1087 -48.12 65.06 17.14
C ASN D 1087 -48.20 66.54 17.51
N ASN D 1088 -47.17 67.08 18.14
CA ASN D 1088 -47.22 68.45 18.63
C ASN D 1088 -46.75 69.49 17.62
N LEU D 1089 -46.38 69.07 16.42
CA LEU D 1089 -45.90 70.02 15.43
C LEU D 1089 -47.06 70.83 14.87
N ASP D 1090 -46.71 71.91 14.16
CA ASP D 1090 -47.71 72.81 13.62
C ASP D 1090 -48.33 72.22 12.36
N LYS D 1091 -49.65 71.98 12.42
CA LYS D 1091 -50.45 71.53 11.27
C LYS D 1091 -49.91 70.22 10.69
N VAL D 1092 -49.45 69.34 11.58
CA VAL D 1092 -48.79 68.12 11.15
C VAL D 1092 -49.76 67.17 10.45
N TRP D 1093 -51.04 67.24 10.80
CA TRP D 1093 -52.04 66.37 10.20
C TRP D 1093 -52.90 67.06 9.16
N ASP D 1094 -52.53 68.26 8.73
CA ASP D 1094 -53.28 68.96 7.70
C ASP D 1094 -52.77 68.56 6.32
N THR D 1095 -53.69 68.48 5.35
CA THR D 1095 -53.32 68.13 3.99
C THR D 1095 -54.03 69.00 2.96
N SER D 1096 -54.45 70.20 3.35
CA SER D 1096 -55.29 71.05 2.49
C SER D 1096 -54.53 71.51 1.25
N ASN D 1097 -53.31 72.01 1.44
CA ASN D 1097 -52.53 72.54 0.34
C ASN D 1097 -51.66 71.47 -0.33
N GLY D 1098 -52.05 70.21 -0.22
CA GLY D 1098 -51.33 69.12 -0.86
C GLY D 1098 -50.01 68.75 -0.21
N GLU D 1099 -49.74 69.24 0.99
CA GLU D 1099 -48.46 69.01 1.64
C GLU D 1099 -48.32 67.55 2.08
N CYS D 1100 -47.09 67.16 2.36
CA CYS D 1100 -46.77 65.77 2.69
C CYS D 1100 -45.85 65.74 3.91
N ASN D 1101 -45.87 64.60 4.59
CA ASN D 1101 -44.92 64.31 5.68
C ASN D 1101 -44.15 63.06 5.31
N VAL D 1102 -42.84 63.08 5.52
CA VAL D 1102 -42.00 61.92 5.20
C VAL D 1102 -41.23 61.56 6.45
N ILE D 1103 -41.43 60.35 6.95
CA ILE D 1103 -40.58 59.85 8.01
C ILE D 1103 -39.73 58.73 7.45
N ILE D 1104 -38.41 58.86 7.64
CA ILE D 1104 -37.43 57.93 7.10
C ILE D 1104 -36.59 57.40 8.24
N GLU D 1105 -36.51 56.09 8.35
CA GLU D 1105 -35.69 55.44 9.35
C GLU D 1105 -34.64 54.61 8.63
N THR D 1106 -33.38 54.79 9.03
CA THR D 1106 -32.31 54.12 8.31
C THR D 1106 -31.12 53.95 9.24
N GLN D 1107 -30.15 53.15 8.78
CA GLN D 1107 -29.07 52.69 9.62
C GLN D 1107 -27.76 53.04 8.93
N LEU D 1108 -26.91 53.80 9.61
CA LEU D 1108 -25.69 54.30 9.01
C LEU D 1108 -24.71 53.15 8.83
N SER D 1109 -24.51 52.74 7.59
CA SER D 1109 -23.81 51.50 7.29
C SER D 1109 -22.30 51.64 7.43
N LYS D 1110 -21.66 50.65 8.07
CA LYS D 1110 -20.21 50.52 8.16
C LYS D 1110 -19.55 51.72 8.82
N VAL D 1111 -20.22 52.32 9.79
CA VAL D 1111 -19.61 53.42 10.54
C VAL D 1111 -18.45 52.94 11.40
N TYR D 1112 -18.53 51.75 11.96
CA TYR D 1112 -17.43 51.27 12.78
C TYR D 1112 -16.25 50.81 11.93
N GLU D 1113 -16.55 50.20 10.79
CA GLU D 1113 -15.49 49.70 9.91
C GLU D 1113 -14.68 50.84 9.32
N LYS D 1114 -15.34 51.94 9.00
CA LYS D 1114 -14.77 53.03 8.22
C LYS D 1114 -14.39 54.22 9.08
N ILE D 1115 -13.83 54.01 10.26
CA ILE D 1115 -13.27 55.10 11.04
C ILE D 1115 -11.79 55.20 10.73
N GLU D 1116 -11.39 56.33 10.16
CA GLU D 1116 -9.97 56.62 9.97
C GLU D 1116 -9.38 57.09 11.30
N LEU D 1117 -8.37 56.38 11.80
CA LEU D 1117 -7.90 56.64 13.14
C LEU D 1117 -7.14 57.96 13.27
N THR D 1118 -6.56 58.46 12.18
CA THR D 1118 -5.93 59.77 12.23
C THR D 1118 -6.96 60.88 12.37
N LEU D 1119 -8.02 60.82 11.56
CA LEU D 1119 -9.11 61.78 11.66
C LEU D 1119 -9.83 61.67 12.99
N LEU D 1120 -9.99 60.44 13.49
CA LEU D 1120 -10.56 60.25 14.82
C LEU D 1120 -9.68 60.87 15.89
N ASN D 1121 -8.36 60.72 15.75
CA ASN D 1121 -7.44 61.34 16.70
C ASN D 1121 -7.55 62.85 16.66
N SER D 1122 -7.70 63.42 15.46
CA SER D 1122 -7.84 64.88 15.36
C SER D 1122 -9.14 65.38 16.00
N LEU D 1123 -10.26 64.70 15.75
CA LEU D 1123 -11.52 65.14 16.33
C LEU D 1123 -11.54 64.93 17.84
N LEU D 1124 -10.91 63.87 18.32
CA LEU D 1124 -10.80 63.66 19.76
C LEU D 1124 -9.88 64.70 20.39
N ARG D 1125 -8.85 65.12 19.68
CA ARG D 1125 -8.02 66.22 20.14
C ARG D 1125 -8.82 67.50 20.20
N LEU D 1126 -9.78 67.66 19.30
CA LEU D 1126 -10.67 68.82 19.36
C LEU D 1126 -11.46 68.85 20.64
N ILE D 1127 -12.10 67.74 21.02
CA ILE D 1127 -12.97 67.85 22.19
C ILE D 1127 -12.23 67.77 23.52
N MET D 1128 -11.10 67.09 23.62
CA MET D 1128 -10.50 66.87 24.92
C MET D 1128 -8.99 67.01 24.82
N ASP D 1129 -8.32 66.75 25.94
CA ASP D 1129 -6.87 66.86 26.03
C ASP D 1129 -6.19 65.86 25.12
N HIS D 1130 -5.04 66.26 24.58
CA HIS D 1130 -4.37 65.44 23.58
C HIS D 1130 -3.82 64.14 24.14
N ASN D 1131 -3.58 64.06 25.46
CA ASN D 1131 -3.16 62.80 26.05
C ASN D 1131 -4.28 61.76 26.00
N LEU D 1132 -5.51 62.18 26.30
CA LEU D 1132 -6.65 61.27 26.23
C LEU D 1132 -6.89 60.83 24.81
N ALA D 1133 -6.80 61.75 23.85
CA ALA D 1133 -7.00 61.41 22.45
C ALA D 1133 -5.92 60.45 21.96
N ASP D 1134 -4.67 60.68 22.36
CA ASP D 1134 -3.59 59.78 21.99
C ASP D 1134 -3.78 58.40 22.59
N TYR D 1135 -4.23 58.33 23.85
CA TYR D 1135 -4.49 57.04 24.48
C TYR D 1135 -5.60 56.29 23.77
N ILE D 1136 -6.66 57.00 23.39
CA ILE D 1136 -7.80 56.33 22.76
C ILE D 1136 -7.42 55.82 21.38
N THR D 1137 -6.72 56.64 20.59
CA THR D 1137 -6.34 56.21 19.25
C THR D 1137 -5.28 55.12 19.28
N ALA D 1138 -4.38 55.15 20.25
CA ALA D 1138 -3.43 54.04 20.37
C ALA D 1138 -4.10 52.79 20.90
N LYS D 1139 -5.21 52.94 21.61
CA LYS D 1139 -5.93 51.78 22.11
C LYS D 1139 -6.73 51.09 21.03
N ASN D 1140 -7.19 51.84 20.02
CA ASN D 1140 -7.94 51.26 18.92
C ASN D 1140 -7.05 50.56 17.92
N ASN D 1141 -5.75 50.73 18.01
CA ASN D 1141 -4.78 50.07 17.13
C ASN D 1141 -4.08 49.01 17.96
N VAL D 1142 -4.65 47.80 17.94
CA VAL D 1142 -4.13 46.67 18.69
C VAL D 1142 -4.12 45.47 17.77
N THR D 1143 -3.58 44.36 18.27
CA THR D 1143 -3.56 43.10 17.54
C THR D 1143 -4.73 42.25 18.00
N LEU D 1144 -5.61 41.90 17.08
CA LEU D 1144 -6.71 41.00 17.34
C LEU D 1144 -6.28 39.57 17.05
N THR D 1145 -6.46 38.69 18.02
CA THR D 1145 -6.09 37.28 17.90
C THR D 1145 -7.28 36.41 18.20
N TYR D 1146 -7.55 35.46 17.32
CA TYR D 1146 -8.49 34.39 17.58
C TYR D 1146 -7.83 33.10 17.16
N LYS D 1147 -7.58 32.21 18.14
CA LYS D 1147 -6.89 30.96 17.95
C LYS D 1147 -5.54 31.18 17.28
N ASP D 1148 -5.38 30.65 16.09
CA ASP D 1148 -4.15 30.76 15.35
C ASP D 1148 -4.14 31.90 14.35
N MET D 1149 -5.11 32.80 14.42
CA MET D 1149 -5.22 33.93 13.51
C MET D 1149 -4.94 35.20 14.29
N SER D 1150 -4.23 36.15 13.66
CA SER D 1150 -3.86 37.37 14.36
C SER D 1150 -3.56 38.45 13.33
N HIS D 1151 -4.09 39.65 13.56
CA HIS D 1151 -3.83 40.75 12.66
C HIS D 1151 -3.94 42.06 13.40
N VAL D 1152 -3.25 43.07 12.90
CA VAL D 1152 -3.27 44.39 13.53
C VAL D 1152 -4.45 45.17 12.97
N ASN D 1153 -5.25 45.74 13.87
CA ASN D 1153 -6.41 46.55 13.49
C ASN D 1153 -5.96 48.00 13.37
N SER D 1154 -5.70 48.45 12.15
CA SER D 1154 -5.29 49.83 11.92
C SER D 1154 -6.37 50.67 11.28
N TYR D 1155 -7.47 50.07 10.85
CA TYR D 1155 -8.59 50.79 10.24
C TYR D 1155 -9.86 50.44 10.99
N GLY D 1156 -10.62 51.45 11.36
CA GLY D 1156 -11.83 51.23 12.12
C GLY D 1156 -11.59 51.23 13.61
N MET D 1157 -12.69 51.29 14.36
CA MET D 1157 -12.63 51.35 15.81
C MET D 1157 -12.92 49.99 16.42
N ILE D 1158 -12.47 49.82 17.65
CA ILE D 1158 -12.74 48.62 18.43
C ILE D 1158 -13.98 48.88 19.27
N ARG D 1159 -15.04 48.12 19.02
CA ARG D 1159 -16.28 48.36 19.74
C ARG D 1159 -16.29 47.75 21.14
N GLY D 1160 -15.26 47.00 21.50
CA GLY D 1160 -15.19 46.32 22.76
C GLY D 1160 -14.40 47.02 23.83
N LEU D 1161 -13.82 48.17 23.54
CA LEU D 1161 -13.20 48.96 24.59
C LEU D 1161 -14.27 49.62 25.44
N GLN D 1162 -13.89 49.97 26.67
CA GLN D 1162 -14.87 50.50 27.61
C GLN D 1162 -15.36 51.86 27.17
N PHE D 1163 -14.46 52.68 26.62
CA PHE D 1163 -14.82 54.04 26.26
C PHE D 1163 -15.35 54.15 24.84
N SER D 1164 -15.55 53.03 24.15
CA SER D 1164 -15.95 53.05 22.76
C SER D 1164 -17.35 53.61 22.55
N ALA D 1165 -18.19 53.50 23.57
CA ALA D 1165 -19.53 54.09 23.49
C ALA D 1165 -19.46 55.60 23.36
N PHE D 1166 -18.61 56.24 24.18
CA PHE D 1166 -18.47 57.69 24.13
C PHE D 1166 -17.87 58.14 22.81
N VAL D 1167 -16.84 57.43 22.34
CA VAL D 1167 -16.17 57.80 21.10
C VAL D 1167 -17.12 57.66 19.93
N PHE D 1168 -17.95 56.62 19.91
CA PHE D 1168 -18.88 56.48 18.81
C PHE D 1168 -20.02 57.49 18.90
N GLN D 1169 -20.44 57.87 20.10
CA GLN D 1169 -21.48 58.88 20.19
C GLN D 1169 -20.96 60.24 19.74
N TYR D 1170 -19.68 60.52 19.97
CA TYR D 1170 -19.10 61.75 19.45
C TYR D 1170 -18.95 61.71 17.92
N TYR D 1171 -18.46 60.60 17.39
CA TYR D 1171 -18.35 60.46 15.94
C TYR D 1171 -19.72 60.52 15.26
N GLY D 1172 -20.72 59.87 15.86
CA GLY D 1172 -22.07 59.95 15.35
C GLY D 1172 -22.66 61.34 15.44
N LEU D 1173 -22.28 62.11 16.46
CA LEU D 1173 -22.68 63.51 16.51
C LEU D 1173 -22.14 64.29 15.32
N ILE D 1174 -20.88 64.02 14.96
CA ILE D 1174 -20.31 64.67 13.77
C ILE D 1174 -21.07 64.24 12.51
N LEU D 1175 -21.43 62.96 12.41
CA LEU D 1175 -22.22 62.50 11.27
C LEU D 1175 -23.61 63.13 11.26
N ASP D 1176 -24.17 63.40 12.42
CA ASP D 1176 -25.43 64.12 12.51
C ASP D 1176 -25.30 65.54 12.00
N LEU D 1177 -24.18 66.19 12.30
CA LEU D 1177 -23.91 67.51 11.77
C LEU D 1177 -23.81 67.46 10.25
N LEU D 1178 -23.18 66.42 9.71
CA LEU D 1178 -23.08 66.28 8.26
C LEU D 1178 -24.44 66.06 7.60
N ILE D 1179 -25.33 65.31 8.24
CA ILE D 1179 -26.66 65.11 7.68
C ILE D 1179 -27.53 66.36 7.78
N LEU D 1180 -27.63 66.97 8.96
CA LEU D 1180 -28.50 68.12 9.15
C LEU D 1180 -27.96 69.38 8.51
N GLY D 1181 -26.67 69.64 8.63
CA GLY D 1181 -26.12 70.93 8.36
C GLY D 1181 -26.03 71.71 9.65
N PRO D 1182 -25.00 72.55 9.78
CA PRO D 1182 -24.79 73.27 11.04
C PRO D 1182 -25.92 74.22 11.42
N GLN D 1183 -26.58 74.86 10.45
CA GLN D 1183 -27.64 75.79 10.78
C GLN D 1183 -28.86 75.07 11.33
N ARG D 1184 -29.28 73.98 10.69
CA ARG D 1184 -30.43 73.23 11.17
C ARG D 1184 -30.11 72.51 12.48
N ALA D 1185 -28.89 72.03 12.64
CA ALA D 1185 -28.51 71.40 13.90
C ALA D 1185 -28.50 72.41 15.03
N ALA D 1186 -28.05 73.63 14.77
CA ALA D 1186 -28.10 74.67 15.79
C ALA D 1186 -29.55 75.08 16.09
N GLU D 1187 -30.42 75.05 15.09
CA GLU D 1187 -31.82 75.40 15.34
C GLU D 1187 -32.53 74.31 16.14
N ILE D 1188 -32.25 73.04 15.83
CA ILE D 1188 -32.88 71.94 16.54
C ILE D 1188 -32.37 71.87 17.97
N ALA D 1189 -31.04 71.93 18.14
CA ALA D 1189 -30.46 71.83 19.47
C ALA D 1189 -30.72 73.04 20.34
N GLY D 1190 -31.03 74.18 19.74
CA GLY D 1190 -31.31 75.38 20.49
C GLY D 1190 -30.06 76.16 20.82
N PRO D 1191 -30.23 77.35 21.42
CA PRO D 1191 -29.05 78.14 21.80
C PRO D 1191 -28.27 77.46 22.90
N PRO D 1192 -26.96 77.67 22.96
CA PRO D 1192 -26.15 77.02 24.02
C PRO D 1192 -26.49 77.48 25.42
N GLN D 1193 -27.05 78.68 25.61
CA GLN D 1193 -27.42 79.10 26.96
C GLN D 1193 -28.64 78.35 27.46
N SER D 1194 -29.66 78.21 26.62
CA SER D 1194 -30.90 77.50 26.96
C SER D 1194 -31.21 76.52 25.85
N PRO D 1195 -30.60 75.34 25.86
CA PRO D 1195 -30.87 74.35 24.82
C PRO D 1195 -32.29 73.81 24.91
N ASN D 1196 -32.82 73.42 23.75
CA ASN D 1196 -34.16 72.88 23.69
C ASN D 1196 -34.20 71.50 24.33
N ASP D 1197 -35.42 71.04 24.63
CA ASP D 1197 -35.62 69.68 25.10
C ASP D 1197 -35.72 68.77 23.88
N PHE D 1198 -36.12 67.52 24.11
CA PHE D 1198 -36.20 66.55 23.02
C PHE D 1198 -37.43 66.84 22.16
N LEU D 1199 -37.19 67.11 20.88
CA LEU D 1199 -38.22 67.39 19.87
C LEU D 1199 -39.06 68.61 20.23
N GLN D 1200 -38.39 69.69 20.63
CA GLN D 1200 -39.03 70.98 20.83
C GLN D 1200 -38.18 72.07 20.21
N PHE D 1201 -38.82 73.21 19.94
CA PHE D 1201 -38.16 74.36 19.37
C PHE D 1201 -38.42 75.58 20.25
N GLN D 1202 -37.74 76.67 19.93
CA GLN D 1202 -37.92 77.90 20.71
C GLN D 1202 -39.26 78.54 20.43
N ASP D 1203 -39.70 78.51 19.17
CA ASP D 1203 -40.99 79.05 18.78
C ASP D 1203 -41.43 78.34 17.51
N ARG D 1204 -42.59 78.71 17.00
CA ARG D 1204 -43.11 78.08 15.81
C ARG D 1204 -42.40 78.54 14.55
N ASP D 1205 -41.81 79.73 14.56
CA ASP D 1205 -41.06 80.21 13.41
C ASP D 1205 -39.81 79.38 13.18
N THR D 1206 -39.10 79.02 14.26
CA THR D 1206 -37.91 78.19 14.12
C THR D 1206 -38.26 76.79 13.64
N GLU D 1207 -39.38 76.26 14.13
CA GLU D 1207 -39.82 74.92 13.74
C GLU D 1207 -40.22 74.90 12.27
N THR D 1208 -40.97 75.91 11.83
CA THR D 1208 -41.58 75.88 10.50
C THR D 1208 -40.56 76.12 9.39
N ARG D 1209 -39.44 76.77 9.70
CA ARG D 1209 -38.56 77.35 8.67
C ARG D 1209 -37.95 76.29 7.75
N HIS D 1210 -37.52 75.16 8.30
CA HIS D 1210 -36.84 74.14 7.52
C HIS D 1210 -37.73 72.91 7.36
N PRO D 1211 -37.58 72.16 6.27
CA PRO D 1211 -38.35 70.92 6.12
C PRO D 1211 -38.07 69.88 7.19
N ILE D 1212 -36.83 69.76 7.66
CA ILE D 1212 -36.49 68.74 8.66
C ILE D 1212 -37.07 69.18 9.99
N ARG D 1213 -38.13 68.50 10.42
CA ARG D 1213 -38.80 68.88 11.66
C ARG D 1213 -38.27 68.11 12.86
N LEU D 1214 -38.04 66.82 12.72
CA LEU D 1214 -37.56 66.02 13.85
C LEU D 1214 -36.37 65.18 13.43
N TYR D 1215 -35.53 64.85 14.41
CA TYR D 1215 -34.33 64.07 14.16
C TYR D 1215 -33.92 63.35 15.43
N THR D 1216 -33.56 62.07 15.30
CA THR D 1216 -32.89 61.39 16.40
C THR D 1216 -31.94 60.34 15.83
N ARG D 1217 -30.94 60.00 16.62
CA ARG D 1217 -29.96 58.96 16.27
C ARG D 1217 -29.77 58.06 17.49
N TYR D 1218 -30.22 56.82 17.37
CA TYR D 1218 -29.98 55.79 18.37
C TYR D 1218 -28.75 55.02 17.92
N ILE D 1219 -27.61 55.34 18.51
CA ILE D 1219 -26.29 54.79 18.16
C ILE D 1219 -26.03 54.99 16.67
N ASP D 1220 -26.51 54.07 15.83
CA ASP D 1220 -26.25 54.12 14.40
C ASP D 1220 -27.50 54.19 13.55
N LYS D 1221 -28.68 54.30 14.15
CA LYS D 1221 -29.92 54.35 13.40
C LYS D 1221 -30.50 55.75 13.54
N ILE D 1222 -30.75 56.40 12.42
CA ILE D 1222 -31.31 57.74 12.42
C ILE D 1222 -32.78 57.67 12.01
N TRP D 1223 -33.61 58.41 12.73
CA TRP D 1223 -35.01 58.65 12.40
C TRP D 1223 -35.14 60.11 12.07
N VAL D 1224 -35.59 60.43 10.85
CA VAL D 1224 -35.70 61.80 10.40
C VAL D 1224 -37.13 62.04 9.94
N PHE D 1225 -37.73 63.13 10.40
CA PHE D 1225 -39.12 63.46 10.09
C PHE D 1225 -39.18 64.82 9.40
N LEU D 1226 -39.69 64.84 8.17
CA LEU D 1226 -39.62 66.01 7.30
C LEU D 1226 -41.03 66.42 6.93
N ARG D 1227 -41.27 67.72 6.84
CA ARG D 1227 -42.56 68.28 6.42
C ARG D 1227 -42.34 69.07 5.14
N PHE D 1228 -43.07 68.71 4.08
CA PHE D 1228 -42.90 69.29 2.76
C PHE D 1228 -44.17 70.02 2.35
N THR D 1229 -44.04 71.29 2.01
CA THR D 1229 -45.11 71.96 1.29
C THR D 1229 -45.09 71.52 -0.17
N ALA D 1230 -46.08 72.00 -0.94
CA ALA D 1230 -46.29 71.48 -2.28
C ALA D 1230 -45.14 71.86 -3.23
N GLU D 1231 -44.67 73.10 -3.16
CA GLU D 1231 -43.68 73.55 -4.13
C GLU D 1231 -42.31 72.94 -3.86
N GLU D 1232 -41.92 72.81 -2.60
CA GLU D 1232 -40.61 72.23 -2.30
C GLU D 1232 -40.59 70.73 -2.58
N SER D 1233 -41.70 70.05 -2.31
CA SER D 1233 -41.82 68.64 -2.66
C SER D 1233 -41.77 68.45 -4.17
N ARG D 1234 -42.43 69.36 -4.91
CA ARG D 1234 -42.40 69.29 -6.36
C ARG D 1234 -40.98 69.50 -6.89
N ASP D 1235 -40.25 70.45 -6.32
CA ASP D 1235 -38.86 70.69 -6.74
C ASP D 1235 -37.98 69.50 -6.40
N LEU D 1236 -38.19 68.88 -5.25
CA LEU D 1236 -37.39 67.71 -4.87
C LEU D 1236 -37.63 66.54 -5.80
N ILE D 1237 -38.90 66.26 -6.12
CA ILE D 1237 -39.20 65.16 -7.03
C ILE D 1237 -38.69 65.47 -8.43
N GLN D 1238 -38.79 66.73 -8.86
CA GLN D 1238 -38.28 67.11 -10.17
C GLN D 1238 -36.77 66.91 -10.26
N ARG D 1239 -36.04 67.29 -9.21
CA ARG D 1239 -34.60 67.06 -9.17
C ARG D 1239 -34.27 65.58 -9.18
N PHE D 1240 -35.05 64.77 -8.45
CA PHE D 1240 -34.76 63.34 -8.37
C PHE D 1240 -34.97 62.65 -9.72
N LEU D 1241 -36.09 62.92 -10.37
CA LEU D 1241 -36.32 62.30 -11.68
C LEU D 1241 -35.45 62.93 -12.77
N THR D 1242 -34.95 64.14 -12.54
CA THR D 1242 -33.97 64.70 -13.47
C THR D 1242 -32.64 63.98 -13.36
N GLU D 1243 -32.19 63.70 -12.14
CA GLU D 1243 -30.93 62.98 -11.96
C GLU D 1243 -31.09 61.51 -12.33
N GLN D 1244 -32.14 60.86 -11.84
CA GLN D 1244 -32.34 59.42 -12.01
C GLN D 1244 -33.73 59.17 -12.55
N PRO D 1245 -33.92 59.27 -13.87
CA PRO D 1245 -35.25 59.09 -14.44
C PRO D 1245 -35.66 57.62 -14.54
N ASP D 1246 -36.96 57.41 -14.39
CA ASP D 1246 -37.55 56.06 -14.48
C ASP D 1246 -38.99 56.21 -14.96
N PRO D 1247 -39.23 56.11 -16.27
CA PRO D 1247 -40.57 56.39 -16.81
C PRO D 1247 -41.46 55.17 -16.98
N ASN D 1248 -41.07 54.00 -16.51
CA ASN D 1248 -41.85 52.78 -16.70
C ASN D 1248 -42.65 52.40 -15.47
N PHE D 1249 -42.78 53.31 -14.49
CA PHE D 1249 -43.43 53.05 -13.20
C PHE D 1249 -42.77 51.87 -12.51
N GLU D 1250 -41.44 51.81 -12.61
CA GLU D 1250 -40.62 50.82 -11.92
C GLU D 1250 -40.16 51.29 -10.56
N ASN D 1251 -40.54 52.51 -10.15
CA ASN D 1251 -40.17 53.00 -8.83
C ASN D 1251 -40.97 52.33 -7.73
N VAL D 1252 -42.18 51.85 -8.04
CA VAL D 1252 -43.00 51.20 -7.02
C VAL D 1252 -42.47 49.81 -6.70
N ILE D 1253 -41.68 49.21 -7.58
CA ILE D 1253 -41.21 47.84 -7.40
C ILE D 1253 -40.01 47.86 -6.46
N GLY D 1254 -40.22 47.48 -5.21
CA GLY D 1254 -39.18 47.51 -4.21
C GLY D 1254 -39.31 48.57 -3.13
N PHE D 1255 -40.46 49.23 -3.03
CA PHE D 1255 -40.64 50.22 -1.98
C PHE D 1255 -40.91 49.54 -0.64
N LYS D 1256 -40.93 50.36 0.42
CA LYS D 1256 -40.97 49.89 1.79
C LYS D 1256 -42.35 50.18 2.39
N SER D 1257 -43.00 49.14 2.91
CA SER D 1257 -44.26 49.26 3.61
C SER D 1257 -44.45 48.00 4.46
N LYS D 1258 -45.17 48.15 5.57
CA LYS D 1258 -45.34 47.07 6.52
C LYS D 1258 -46.54 46.21 6.14
N LYS D 1259 -46.34 44.89 6.13
CA LYS D 1259 -47.38 43.95 5.71
C LYS D 1259 -48.27 43.50 6.85
N CYS D 1260 -47.84 43.62 8.11
CA CYS D 1260 -48.63 43.13 9.22
C CYS D 1260 -49.85 43.99 9.52
N TRP D 1261 -49.86 45.24 9.04
CA TRP D 1261 -51.04 46.07 9.22
C TRP D 1261 -52.13 45.62 8.25
N PRO D 1262 -53.42 45.71 8.66
CA PRO D 1262 -54.48 44.98 7.97
C PRO D 1262 -54.73 45.35 6.52
N ARG D 1263 -55.66 44.61 5.90
CA ARG D 1263 -55.90 44.70 4.47
C ARG D 1263 -56.57 46.00 4.06
N ASP D 1264 -57.14 46.74 5.01
CA ASP D 1264 -57.67 48.07 4.74
C ASP D 1264 -56.82 49.18 5.33
N SER D 1265 -56.16 48.94 6.46
CA SER D 1265 -55.34 49.95 7.11
C SER D 1265 -54.11 50.31 6.31
N ARG D 1266 -53.66 49.46 5.40
CA ARG D 1266 -52.60 49.81 4.47
C ARG D 1266 -53.22 50.04 3.10
N MET D 1267 -52.82 51.12 2.44
CA MET D 1267 -53.40 51.54 1.17
C MET D 1267 -52.35 51.49 0.07
N ARG D 1268 -52.81 51.66 -1.17
CA ARG D 1268 -51.92 51.62 -2.31
C ARG D 1268 -50.99 52.83 -2.32
N LEU D 1269 -49.82 52.65 -2.90
CA LEU D 1269 -48.79 53.68 -2.96
C LEU D 1269 -48.79 54.27 -4.36
N MET D 1270 -49.06 55.58 -4.45
CA MET D 1270 -49.27 56.22 -5.74
C MET D 1270 -47.94 56.69 -6.33
N ARG D 1271 -48.01 57.50 -7.39
CA ARG D 1271 -46.81 58.03 -8.01
C ARG D 1271 -46.08 59.00 -7.09
N HIS D 1272 -46.83 59.97 -6.55
CA HIS D 1272 -46.21 61.07 -5.81
C HIS D 1272 -45.60 60.58 -4.51
N ASP D 1273 -46.26 59.65 -3.82
CA ASP D 1273 -45.75 59.16 -2.54
C ASP D 1273 -44.45 58.39 -2.70
N VAL D 1274 -44.42 57.46 -3.65
CA VAL D 1274 -43.21 56.67 -3.89
C VAL D 1274 -42.08 57.57 -4.39
N ASN D 1275 -42.42 58.51 -5.27
CA ASN D 1275 -41.39 59.40 -5.80
C ASN D 1275 -40.82 60.31 -4.72
N LEU D 1276 -41.67 60.80 -3.82
CA LEU D 1276 -41.18 61.63 -2.71
C LEU D 1276 -40.33 60.82 -1.75
N GLY D 1277 -40.72 59.57 -1.49
CA GLY D 1277 -39.91 58.74 -0.60
C GLY D 1277 -38.54 58.45 -1.18
N ARG D 1278 -38.49 58.09 -2.46
CA ARG D 1278 -37.21 57.84 -3.10
C ARG D 1278 -36.38 59.12 -3.19
N ALA D 1279 -37.02 60.26 -3.42
CA ALA D 1279 -36.30 61.52 -3.49
C ALA D 1279 -35.73 61.91 -2.13
N VAL D 1280 -36.48 61.66 -1.05
CA VAL D 1280 -35.99 61.94 0.30
C VAL D 1280 -34.79 61.06 0.60
N PHE D 1281 -34.88 59.77 0.26
CA PHE D 1281 -33.75 58.87 0.51
C PHE D 1281 -32.54 59.28 -0.30
N TRP D 1282 -32.73 59.65 -1.56
CA TRP D 1282 -31.60 60.03 -2.41
C TRP D 1282 -30.96 61.33 -1.93
N ASP D 1283 -31.77 62.28 -1.45
CA ASP D 1283 -31.23 63.52 -0.94
C ASP D 1283 -30.45 63.29 0.35
N LEU D 1284 -30.93 62.40 1.21
CA LEU D 1284 -30.18 62.10 2.43
C LEU D 1284 -28.92 61.31 2.13
N LYS D 1285 -28.96 60.46 1.11
CA LYS D 1285 -27.76 59.71 0.74
C LYS D 1285 -26.73 60.60 0.08
N ASN D 1286 -27.16 61.68 -0.57
CA ASN D 1286 -26.22 62.59 -1.21
C ASN D 1286 -25.43 63.43 -0.21
N ARG D 1287 -25.78 63.38 1.08
CA ARG D 1287 -25.10 64.20 2.08
C ARG D 1287 -23.94 63.50 2.74
N LEU D 1288 -23.92 62.17 2.73
CA LEU D 1288 -22.94 61.39 3.46
C LEU D 1288 -21.83 60.93 2.54
N PRO D 1289 -20.57 61.23 2.85
CA PRO D 1289 -19.47 60.74 2.01
C PRO D 1289 -19.30 59.24 2.16
N ARG D 1290 -19.30 58.53 1.04
CA ARG D 1290 -19.19 57.07 1.07
C ARG D 1290 -17.86 56.59 1.62
N SER D 1291 -16.86 57.45 1.66
CA SER D 1291 -15.61 57.13 2.30
C SER D 1291 -15.71 57.14 3.82
N VAL D 1292 -16.79 57.70 4.38
CA VAL D 1292 -17.04 57.70 5.81
C VAL D 1292 -18.17 56.77 6.17
N THR D 1293 -19.36 57.01 5.61
CA THR D 1293 -20.52 56.18 5.89
C THR D 1293 -21.55 56.39 4.79
N THR D 1294 -22.59 55.56 4.80
CA THR D 1294 -23.64 55.66 3.83
C THR D 1294 -24.90 55.05 4.43
N ILE D 1295 -26.04 55.32 3.78
CA ILE D 1295 -27.28 54.67 4.14
C ILE D 1295 -27.72 53.85 2.94
N GLU D 1296 -27.90 52.56 3.15
CA GLU D 1296 -28.26 51.68 2.06
C GLU D 1296 -29.77 51.59 1.96
N TRP D 1297 -30.25 51.33 0.74
CA TRP D 1297 -31.68 51.30 0.50
C TRP D 1297 -32.35 50.10 1.14
N ASP D 1298 -31.64 49.01 1.34
CA ASP D 1298 -32.25 47.84 1.95
C ASP D 1298 -32.43 47.98 3.45
N ASP D 1299 -31.67 48.86 4.10
CA ASP D 1299 -31.81 49.09 5.51
C ASP D 1299 -32.75 50.24 5.84
N THR D 1300 -33.40 50.81 4.84
CA THR D 1300 -34.27 51.96 5.00
C THR D 1300 -35.72 51.54 5.15
N PHE D 1301 -36.51 52.47 5.66
CA PHE D 1301 -37.96 52.37 5.64
C PHE D 1301 -38.50 53.78 5.63
N VAL D 1302 -39.23 54.11 4.56
CA VAL D 1302 -39.73 55.45 4.34
C VAL D 1302 -41.24 55.36 4.24
N SER D 1303 -41.94 56.18 5.03
CA SER D 1303 -43.38 56.24 4.92
C SER D 1303 -43.82 57.68 4.77
N VAL D 1304 -44.79 57.89 3.87
CA VAL D 1304 -45.24 59.21 3.47
C VAL D 1304 -46.70 59.36 3.88
N TYR D 1305 -46.99 60.45 4.57
CA TYR D 1305 -48.33 60.85 4.97
C TYR D 1305 -48.79 61.92 3.98
N SER D 1306 -49.90 61.66 3.29
CA SER D 1306 -50.36 62.52 2.22
C SER D 1306 -51.87 62.65 2.31
N LYS D 1307 -52.48 63.17 1.25
CA LYS D 1307 -53.93 63.18 1.15
C LYS D 1307 -54.48 61.80 0.79
N ASP D 1308 -53.64 60.87 0.34
CA ASP D 1308 -54.12 59.57 -0.12
C ASP D 1308 -54.07 58.53 0.98
N ASN D 1309 -52.92 58.36 1.63
CA ASN D 1309 -52.81 57.45 2.77
C ASN D 1309 -52.69 58.22 4.07
N PRO D 1310 -53.66 58.13 4.96
CA PRO D 1310 -53.61 58.82 6.24
C PRO D 1310 -52.97 58.01 7.35
N ASN D 1311 -51.76 57.51 7.11
CA ASN D 1311 -51.06 56.64 8.05
C ASN D 1311 -49.62 57.10 8.18
N LEU D 1312 -49.09 57.09 9.39
CA LEU D 1312 -47.67 57.36 9.60
C LEU D 1312 -47.01 56.12 10.19
N LEU D 1313 -46.10 55.52 9.44
CA LEU D 1313 -45.44 54.29 9.86
C LEU D 1313 -44.00 54.57 10.29
N PHE D 1314 -43.62 54.07 11.46
CA PHE D 1314 -42.21 53.93 11.76
C PHE D 1314 -42.03 52.77 12.74
N SER D 1315 -40.79 52.52 13.13
CA SER D 1315 -40.49 51.42 14.03
C SER D 1315 -39.25 51.79 14.83
N MET D 1316 -39.42 52.08 16.11
CA MET D 1316 -38.32 52.56 16.93
C MET D 1316 -38.12 51.64 18.12
N CYS D 1317 -36.86 51.23 18.32
CA CYS D 1317 -36.43 50.35 19.42
C CYS D 1317 -37.26 49.09 19.52
N GLY D 1318 -37.78 48.63 18.40
CA GLY D 1318 -38.54 47.41 18.37
C GLY D 1318 -40.04 47.55 18.46
N PHE D 1319 -40.55 48.76 18.60
CA PHE D 1319 -41.99 49.00 18.55
C PHE D 1319 -42.34 49.46 17.14
N GLU D 1320 -43.26 48.76 16.51
CA GLU D 1320 -43.78 49.15 15.21
C GLU D 1320 -44.99 50.03 15.44
N VAL D 1321 -44.88 51.31 15.10
CA VAL D 1321 -45.90 52.31 15.44
C VAL D 1321 -46.56 52.81 14.17
N ARG D 1322 -47.90 52.79 14.18
CA ARG D 1322 -48.71 53.39 13.14
C ARG D 1322 -49.53 54.52 13.76
N ILE D 1323 -49.39 55.73 13.24
CA ILE D 1323 -50.09 56.89 13.78
C ILE D 1323 -51.25 57.24 12.86
N LEU D 1324 -52.43 57.37 13.46
CA LEU D 1324 -53.68 57.78 12.81
C LEU D 1324 -54.18 59.05 13.48
N PRO D 1325 -54.15 60.21 12.82
CA PRO D 1325 -54.75 61.39 13.43
C PRO D 1325 -56.26 61.27 13.53
N LYS D 1326 -56.82 61.90 14.56
CA LYS D 1326 -58.27 61.82 14.74
C LYS D 1326 -59.03 62.64 13.72
N CYS D 1327 -58.38 63.58 13.04
CA CYS D 1327 -59.03 64.24 11.91
C CYS D 1327 -58.89 63.44 10.62
N ARG D 1328 -59.11 62.13 10.72
CA ARG D 1328 -59.32 61.22 9.59
C ARG D 1328 -60.44 60.23 9.84
N ASN D 1329 -60.77 59.93 11.09
CA ASN D 1329 -61.88 59.06 11.45
C ASN D 1329 -63.15 59.83 11.74
N GLN D 1330 -63.33 60.98 11.08
CA GLN D 1330 -64.55 61.77 11.27
C GLN D 1330 -65.77 61.02 10.79
N ASN D 1331 -65.61 60.15 9.79
CA ASN D 1331 -66.69 59.30 9.31
C ASN D 1331 -66.42 57.83 9.61
N ASP D 1332 -65.70 57.56 10.71
CA ASP D 1332 -65.37 56.20 11.17
C ASP D 1332 -64.62 55.42 10.09
N GLU D 1333 -63.46 55.95 9.69
CA GLU D 1333 -62.66 55.29 8.67
C GLU D 1333 -62.06 53.99 9.18
N PHE D 1334 -61.65 53.96 10.43
CA PHE D 1334 -60.96 52.84 11.04
C PHE D 1334 -61.52 52.57 12.42
N PRO D 1335 -61.38 51.32 12.92
CA PRO D 1335 -61.99 50.99 14.23
C PRO D 1335 -61.45 51.78 15.41
N VAL D 1336 -60.13 51.73 15.61
CA VAL D 1336 -59.38 52.41 16.68
C VAL D 1336 -59.91 51.87 18.02
N LYS D 1337 -59.76 50.55 18.22
CA LYS D 1337 -60.07 49.92 19.52
C LYS D 1337 -59.03 48.79 19.74
N ASP D 1338 -57.95 49.12 20.42
CA ASP D 1338 -56.88 48.17 20.72
C ASP D 1338 -56.07 48.69 21.92
N SER D 1339 -54.85 48.14 22.07
CA SER D 1339 -53.83 48.68 22.98
C SER D 1339 -53.14 49.86 22.30
N VAL D 1340 -53.84 50.99 22.32
CA VAL D 1340 -53.53 52.13 21.48
C VAL D 1340 -53.03 53.25 22.37
N TRP D 1341 -51.85 53.76 22.07
CA TRP D 1341 -51.39 54.98 22.72
C TRP D 1341 -52.21 56.14 22.20
N SER D 1342 -52.70 56.97 23.12
CA SER D 1342 -53.58 58.08 22.77
C SER D 1342 -52.78 59.35 22.85
N LEU D 1343 -52.53 59.97 21.70
CA LEU D 1343 -51.69 61.14 21.63
C LEU D 1343 -52.52 62.41 21.77
N VAL D 1344 -51.97 63.38 22.51
CA VAL D 1344 -52.66 64.62 22.78
C VAL D 1344 -51.88 65.75 22.12
N ASP D 1345 -52.52 66.89 22.00
CA ASP D 1345 -51.87 68.13 21.56
C ASP D 1345 -51.60 68.99 22.78
N ASN D 1346 -50.41 69.58 22.83
CA ASN D 1346 -50.02 70.40 23.97
C ASN D 1346 -50.55 71.82 23.87
N SER D 1347 -51.23 72.18 22.78
CA SER D 1347 -51.80 73.51 22.64
C SER D 1347 -53.26 73.53 23.08
N THR D 1348 -54.10 72.69 22.47
CA THR D 1348 -55.50 72.63 22.82
C THR D 1348 -55.80 71.66 23.96
N LYS D 1349 -54.81 70.89 24.41
CA LYS D 1349 -54.92 69.97 25.54
C LYS D 1349 -56.00 68.92 25.34
N GLU D 1350 -56.20 68.49 24.10
CA GLU D 1350 -57.21 67.50 23.77
C GLU D 1350 -56.61 66.44 22.85
N ARG D 1351 -57.34 65.33 22.74
CA ARG D 1351 -56.86 64.16 22.02
C ARG D 1351 -56.82 64.42 20.52
N THR D 1352 -55.72 64.08 19.88
CA THR D 1352 -55.57 64.46 18.48
C THR D 1352 -55.20 63.29 17.57
N ALA D 1353 -54.44 62.33 18.06
CA ALA D 1353 -54.03 61.21 17.25
C ALA D 1353 -53.95 59.96 18.11
N HIS D 1354 -53.92 58.81 17.43
CA HIS D 1354 -53.85 57.51 18.07
C HIS D 1354 -52.65 56.75 17.50
N ALA D 1355 -51.89 56.12 18.38
CA ALA D 1355 -50.72 55.33 18.00
C ALA D 1355 -51.03 53.87 18.21
N PHE D 1356 -50.88 53.07 17.15
CA PHE D 1356 -51.15 51.65 17.18
C PHE D 1356 -49.82 50.93 17.24
N LEU D 1357 -49.67 50.04 18.22
CA LEU D 1357 -48.41 49.40 18.53
C LEU D 1357 -48.43 47.94 18.13
N GLN D 1358 -47.32 47.50 17.53
CA GLN D 1358 -47.05 46.09 17.29
C GLN D 1358 -45.62 45.84 17.74
N VAL D 1359 -45.29 44.59 17.95
CA VAL D 1359 -43.90 44.19 18.08
C VAL D 1359 -43.42 43.79 16.70
N THR D 1360 -42.28 44.35 16.29
CA THR D 1360 -41.72 44.02 14.99
C THR D 1360 -41.36 42.55 14.92
N GLU D 1361 -41.43 41.97 13.73
CA GLU D 1361 -41.17 40.54 13.59
C GLU D 1361 -39.72 40.20 13.88
N GLU D 1362 -38.82 41.17 13.75
CA GLU D 1362 -37.43 40.96 14.14
C GLU D 1362 -37.30 40.70 15.63
N ASP D 1363 -38.09 41.38 16.46
CA ASP D 1363 -37.99 41.11 17.89
C ASP D 1363 -38.77 39.88 18.33
N ILE D 1364 -39.81 39.50 17.62
CA ILE D 1364 -40.40 38.20 17.84
C ILE D 1364 -39.34 37.13 17.55
N GLN D 1365 -38.55 37.34 16.51
CA GLN D 1365 -37.44 36.45 16.23
C GLN D 1365 -36.37 36.50 17.33
N LYS D 1366 -36.11 37.67 17.90
CA LYS D 1366 -35.12 37.77 18.97
C LYS D 1366 -35.55 37.00 20.21
N PHE D 1367 -36.83 37.08 20.55
CA PHE D 1367 -37.34 36.29 21.68
C PHE D 1367 -37.27 34.79 21.38
N ASN D 1368 -37.65 34.40 20.16
CA ASN D 1368 -37.55 32.99 19.79
C ASN D 1368 -36.11 32.49 19.82
N ASN D 1369 -35.17 33.32 19.37
CA ASN D 1369 -33.77 32.96 19.40
C ASN D 1369 -33.22 32.91 20.81
N ARG D 1370 -33.73 33.74 21.71
CA ARG D 1370 -33.34 33.64 23.12
C ARG D 1370 -33.80 32.32 23.73
N ILE D 1371 -35.03 31.90 23.42
CA ILE D 1371 -35.51 30.62 23.94
C ILE D 1371 -34.74 29.46 23.33
N ARG D 1372 -34.39 29.56 22.04
CA ARG D 1372 -33.57 28.54 21.40
C ARG D 1372 -32.18 28.46 22.03
N GLN D 1373 -31.59 29.62 22.38
CA GLN D 1373 -30.34 29.65 23.11
C GLN D 1373 -30.46 28.96 24.44
N ILE D 1374 -31.58 29.17 25.13
CA ILE D 1374 -31.83 28.51 26.40
C ILE D 1374 -31.85 27.00 26.20
N LEU D 1375 -32.54 26.55 25.18
CA LEU D 1375 -32.69 25.11 24.98
C LEU D 1375 -31.44 24.44 24.41
N MET D 1376 -30.48 25.20 23.89
CA MET D 1376 -29.24 24.60 23.41
C MET D 1376 -28.08 24.73 24.40
N SER D 1377 -28.14 25.66 25.35
CA SER D 1377 -27.11 25.79 26.35
C SER D 1377 -27.37 24.95 27.58
N SER D 1378 -28.49 24.23 27.63
CA SER D 1378 -29.01 23.72 28.88
C SER D 1378 -29.60 22.31 28.79
N GLY D 1379 -29.13 21.50 27.84
CA GLY D 1379 -29.54 20.10 27.81
C GLY D 1379 -29.04 19.32 29.00
N SER D 1380 -27.83 19.64 29.47
CA SER D 1380 -27.21 19.01 30.62
C SER D 1380 -27.45 19.79 31.92
N THR D 1381 -28.60 20.44 32.05
CA THR D 1381 -28.93 21.21 33.23
C THR D 1381 -30.23 20.71 33.85
N THR D 1382 -30.52 21.25 35.02
CA THR D 1382 -31.65 20.85 35.85
C THR D 1382 -32.94 21.45 35.32
N PHE D 1383 -34.07 20.97 35.86
CA PHE D 1383 -35.36 21.51 35.46
C PHE D 1383 -35.57 22.91 36.01
N THR D 1384 -35.12 23.14 37.25
CA THR D 1384 -35.24 24.45 37.86
C THR D 1384 -34.42 25.50 37.13
N LYS D 1385 -33.30 25.10 36.54
CA LYS D 1385 -32.54 26.00 35.68
C LYS D 1385 -33.30 26.37 34.42
N ILE D 1386 -33.99 25.41 33.81
CA ILE D 1386 -34.80 25.68 32.63
C ILE D 1386 -35.91 26.67 32.96
N ALA D 1387 -36.59 26.46 34.10
CA ALA D 1387 -37.65 27.35 34.53
C ALA D 1387 -37.12 28.73 34.89
N ASN D 1388 -35.92 28.81 35.50
CA ASN D 1388 -35.33 30.10 35.83
C ASN D 1388 -34.99 30.90 34.59
N LYS D 1389 -34.34 30.26 33.62
CA LYS D 1389 -33.97 30.94 32.38
C LYS D 1389 -35.20 31.36 31.59
N TRP D 1390 -36.21 30.49 31.57
CA TRP D 1390 -37.47 30.83 30.93
C TRP D 1390 -38.14 32.02 31.60
N ASN D 1391 -38.14 32.05 32.93
CA ASN D 1391 -38.75 33.16 33.66
C ASN D 1391 -38.06 34.46 33.32
N THR D 1392 -36.72 34.46 33.27
CA THR D 1392 -35.99 35.67 32.92
C THR D 1392 -36.34 36.15 31.52
N ALA D 1393 -36.40 35.23 30.55
CA ALA D 1393 -36.70 35.61 29.18
C ALA D 1393 -38.11 36.16 29.03
N LEU D 1394 -39.09 35.48 29.64
CA LEU D 1394 -40.48 35.93 29.56
C LEU D 1394 -40.69 37.27 30.26
N ILE D 1395 -40.08 37.45 31.43
CA ILE D 1395 -40.24 38.68 32.18
C ILE D 1395 -39.61 39.84 31.43
N ALA D 1396 -38.43 39.63 30.84
CA ALA D 1396 -37.80 40.67 30.04
C ALA D 1396 -38.67 41.08 28.87
N LEU D 1397 -39.23 40.09 28.17
CA LEU D 1397 -40.12 40.37 27.03
C LEU D 1397 -41.34 41.18 27.44
N PHE D 1398 -42.06 40.72 28.45
CA PHE D 1398 -43.34 41.35 28.78
C PHE D 1398 -43.16 42.67 29.49
N THR D 1399 -42.08 42.85 30.23
CA THR D 1399 -41.83 44.13 30.87
C THR D 1399 -41.17 45.13 29.95
N TYR D 1400 -40.65 44.71 28.80
CA TYR D 1400 -40.22 45.70 27.82
C TYR D 1400 -41.33 46.08 26.85
N TYR D 1401 -42.18 45.15 26.44
CA TYR D 1401 -43.13 45.47 25.37
C TYR D 1401 -44.51 45.84 25.86
N ARG D 1402 -45.03 45.16 26.88
CA ARG D 1402 -46.29 45.47 27.55
C ARG D 1402 -47.50 45.50 26.61
N GLU D 1403 -47.89 46.69 26.12
CA GLU D 1403 -49.08 46.81 25.29
C GLU D 1403 -48.91 46.04 23.98
N ALA D 1404 -47.77 46.24 23.32
CA ALA D 1404 -47.57 45.71 21.98
C ALA D 1404 -47.43 44.20 21.98
N ALA D 1405 -47.00 43.62 23.10
CA ALA D 1405 -47.00 42.17 23.21
C ALA D 1405 -48.42 41.62 23.23
N VAL D 1406 -49.32 42.32 23.91
CA VAL D 1406 -50.71 41.88 23.98
C VAL D 1406 -51.41 42.07 22.64
N SER D 1407 -51.13 43.17 21.95
CA SER D 1407 -51.79 43.42 20.68
C SER D 1407 -51.31 42.49 19.57
N THR D 1408 -50.02 42.11 19.58
CA THR D 1408 -49.43 41.36 18.48
C THR D 1408 -49.83 39.89 18.58
N VAL D 1409 -50.45 39.36 17.53
CA VAL D 1409 -50.91 37.98 17.55
C VAL D 1409 -49.74 37.01 17.36
N ASN D 1410 -48.81 37.33 16.45
CA ASN D 1410 -47.66 36.48 16.18
C ASN D 1410 -46.81 36.31 17.43
N LEU D 1411 -46.71 37.34 18.26
CA LEU D 1411 -45.94 37.23 19.48
C LEU D 1411 -46.59 36.27 20.46
N LEU D 1412 -47.93 36.29 20.56
CA LEU D 1412 -48.62 35.36 21.45
C LEU D 1412 -48.47 33.92 20.97
N ASP D 1413 -48.53 33.71 19.65
CA ASP D 1413 -48.29 32.37 19.10
C ASP D 1413 -46.89 31.88 19.40
N THR D 1414 -45.90 32.75 19.24
CA THR D 1414 -44.52 32.39 19.54
C THR D 1414 -44.31 32.10 21.01
N ILE D 1415 -44.94 32.89 21.89
CA ILE D 1415 -44.83 32.67 23.33
C ILE D 1415 -45.41 31.32 23.72
N VAL D 1416 -46.57 30.97 23.15
CA VAL D 1416 -47.18 29.68 23.44
C VAL D 1416 -46.31 28.53 22.97
N LYS D 1417 -45.74 28.65 21.76
CA LYS D 1417 -44.89 27.58 21.25
C LYS D 1417 -43.60 27.44 22.07
N CYS D 1418 -43.02 28.55 22.51
CA CYS D 1418 -41.78 28.46 23.27
C CYS D 1418 -42.02 27.95 24.68
N GLU D 1419 -43.13 28.32 25.31
CA GLU D 1419 -43.48 27.73 26.61
C GLU D 1419 -43.74 26.24 26.47
N THR D 1420 -44.39 25.83 25.39
CA THR D 1420 -44.59 24.41 25.12
C THR D 1420 -43.26 23.69 24.96
N LYS D 1421 -42.28 24.33 24.31
CA LYS D 1421 -40.98 23.71 24.14
C LYS D 1421 -40.25 23.57 25.47
N ILE D 1422 -40.40 24.54 26.36
CA ILE D 1422 -39.77 24.45 27.69
C ILE D 1422 -40.36 23.31 28.50
N GLN D 1423 -41.70 23.22 28.51
CA GLN D 1423 -42.35 22.13 29.23
C GLN D 1423 -42.00 20.78 28.61
N THR D 1424 -41.90 20.73 27.29
CA THR D 1424 -41.50 19.50 26.60
C THR D 1424 -40.07 19.10 26.94
N ARG D 1425 -39.18 20.07 27.13
CA ARG D 1425 -37.82 19.76 27.57
C ARG D 1425 -37.83 19.13 28.95
N VAL D 1426 -38.65 19.65 29.86
CA VAL D 1426 -38.76 19.03 31.18
C VAL D 1426 -39.31 17.61 31.08
N LYS D 1427 -40.36 17.44 30.26
CA LYS D 1427 -40.99 16.13 30.08
C LYS D 1427 -40.03 15.10 29.51
N ILE D 1428 -39.30 15.48 28.46
CA ILE D 1428 -38.29 14.61 27.86
C ILE D 1428 -37.19 14.33 28.86
N GLY D 1429 -36.91 15.27 29.74
CA GLY D 1429 -36.01 14.99 30.84
C GLY D 1429 -36.49 13.88 31.75
N LEU D 1430 -37.79 13.80 32.00
CA LEU D 1430 -38.23 12.79 32.98
C LEU D 1430 -38.21 11.38 32.40
N ASN D 1431 -39.16 11.04 31.53
CA ASN D 1431 -38.79 10.25 30.36
C ASN D 1431 -39.80 10.56 29.28
N SER D 1432 -40.98 11.03 29.67
CA SER D 1432 -42.17 10.88 28.86
C SER D 1432 -42.88 12.21 28.65
N LYS D 1433 -43.57 12.31 27.51
CA LYS D 1433 -44.28 13.51 27.08
C LYS D 1433 -45.79 13.36 27.30
N MET D 1434 -46.19 12.71 28.38
CA MET D 1434 -47.57 12.30 28.52
C MET D 1434 -48.39 13.37 29.21
N PRO D 1435 -49.42 13.94 28.57
CA PRO D 1435 -50.08 15.13 29.13
C PRO D 1435 -50.79 14.92 30.45
N SER D 1436 -51.38 13.74 30.65
CA SER D 1436 -52.08 13.48 31.92
C SER D 1436 -51.10 13.36 33.07
N ARG D 1437 -49.87 12.95 32.76
CA ARG D 1437 -48.84 12.80 33.78
C ARG D 1437 -48.37 14.15 34.31
N PHE D 1438 -48.69 15.23 33.61
CA PHE D 1438 -48.20 16.57 33.96
C PHE D 1438 -49.36 17.54 34.07
N PRO D 1439 -49.90 17.73 35.26
CA PRO D 1439 -50.87 18.79 35.48
C PRO D 1439 -50.18 20.13 35.43
N PRO D 1440 -50.93 21.23 35.35
CA PRO D 1440 -50.30 22.55 35.49
C PRO D 1440 -49.66 22.77 36.85
N ALA D 1441 -50.07 22.01 37.88
CA ALA D 1441 -49.51 22.19 39.21
C ALA D 1441 -48.07 21.73 39.29
N VAL D 1442 -47.58 20.92 38.35
CA VAL D 1442 -46.18 20.55 38.36
C VAL D 1442 -45.31 21.74 37.97
N PHE D 1443 -45.72 22.46 36.92
CA PHE D 1443 -44.89 23.53 36.38
C PHE D 1443 -45.09 24.84 37.12
N TYR D 1444 -46.33 25.23 37.36
CA TYR D 1444 -46.66 26.59 37.78
C TYR D 1444 -46.80 26.73 39.29
N THR D 1445 -46.47 25.71 40.04
CA THR D 1445 -46.38 25.85 41.48
C THR D 1445 -45.18 26.69 41.85
N PRO D 1446 -45.31 27.63 42.80
CA PRO D 1446 -44.16 28.42 43.23
C PRO D 1446 -43.08 27.54 43.85
N LYS D 1447 -41.83 28.00 43.74
CA LYS D 1447 -40.68 27.15 44.05
C LYS D 1447 -40.58 26.82 45.52
N GLU D 1448 -41.28 27.57 46.38
CA GLU D 1448 -41.29 27.25 47.81
C GLU D 1448 -41.95 25.90 48.06
N LEU D 1449 -43.03 25.61 47.35
CA LEU D 1449 -43.73 24.35 47.49
C LEU D 1449 -43.13 23.23 46.66
N GLY D 1450 -41.92 23.43 46.12
CA GLY D 1450 -41.26 22.41 45.35
C GLY D 1450 -41.58 22.42 43.87
N GLY D 1451 -42.47 23.29 43.42
CA GLY D 1451 -42.80 23.36 42.02
C GLY D 1451 -41.70 24.02 41.22
N LEU D 1452 -41.89 24.02 39.91
CA LEU D 1452 -40.88 24.60 39.03
C LEU D 1452 -40.89 26.12 39.03
N GLY D 1453 -41.98 26.74 39.45
CA GLY D 1453 -41.99 28.18 39.53
C GLY D 1453 -42.05 28.89 38.21
N MET D 1454 -42.52 28.23 37.17
CA MET D 1454 -42.63 28.85 35.87
C MET D 1454 -43.69 29.94 35.89
N LEU D 1455 -43.41 31.03 35.20
CA LEU D 1455 -44.39 32.07 34.94
C LEU D 1455 -44.94 31.88 33.53
N SER D 1456 -46.22 32.16 33.36
CA SER D 1456 -46.95 31.78 32.17
C SER D 1456 -47.42 33.00 31.41
N GLY D 1457 -47.41 32.90 30.09
CA GLY D 1457 -47.99 33.92 29.23
C GLY D 1457 -48.94 33.30 28.25
N SER D 1458 -49.58 32.19 28.64
CA SER D 1458 -50.47 31.44 27.78
C SER D 1458 -51.73 31.05 28.52
N HIS D 1459 -52.78 30.82 27.74
CA HIS D 1459 -54.13 30.56 28.25
C HIS D 1459 -54.21 29.07 28.60
N ILE D 1460 -53.94 28.75 29.86
CA ILE D 1460 -53.79 27.36 30.30
C ILE D 1460 -54.88 27.07 31.34
N LEU D 1461 -55.91 26.34 30.93
CA LEU D 1461 -57.02 26.02 31.83
C LEU D 1461 -56.69 24.82 32.71
N ILE D 1462 -57.12 24.89 33.98
CA ILE D 1462 -56.84 23.87 34.99
C ILE D 1462 -58.13 23.10 35.24
N PRO D 1463 -58.22 21.84 34.82
CA PRO D 1463 -59.40 21.03 35.17
C PRO D 1463 -59.51 20.80 36.66
N ALA D 1464 -60.75 20.63 37.13
CA ALA D 1464 -61.07 20.64 38.56
C ALA D 1464 -60.58 19.40 39.31
N SER D 1465 -59.98 18.42 38.61
CA SER D 1465 -59.41 17.27 39.30
C SER D 1465 -58.20 17.65 40.15
N ASP D 1466 -57.62 18.82 39.93
CA ASP D 1466 -56.54 19.36 40.76
C ASP D 1466 -57.07 20.35 41.79
N LYS D 1467 -58.25 20.08 42.35
CA LYS D 1467 -58.82 20.92 43.40
C LYS D 1467 -59.42 20.10 44.52
N ARG D 1468 -58.89 18.91 44.76
CA ARG D 1468 -59.36 18.01 45.79
C ARG D 1468 -58.21 17.67 46.73
N TRP D 1469 -58.54 17.33 47.98
CA TRP D 1469 -57.50 16.95 48.91
C TRP D 1469 -58.08 16.05 50.00
N CYS D 1470 -57.25 15.13 50.46
CA CYS D 1470 -57.61 14.22 51.54
C CYS D 1470 -57.06 14.72 52.88
N LYS D 1471 -57.77 14.38 53.94
CA LYS D 1471 -57.35 14.74 55.29
C LYS D 1471 -57.74 13.61 56.23
N GLN D 1472 -56.81 13.24 57.12
CA GLN D 1472 -57.03 12.13 58.04
C GLN D 1472 -57.40 12.66 59.42
N THR D 1473 -58.51 12.18 59.95
CA THR D 1473 -58.96 12.51 61.30
C THR D 1473 -59.21 11.22 62.07
N ASP D 1474 -59.54 11.37 63.35
CA ASP D 1474 -59.67 10.21 64.23
C ASP D 1474 -61.02 9.52 64.09
N VAL D 1475 -62.05 10.23 63.60
CA VAL D 1475 -63.37 9.65 63.40
C VAL D 1475 -63.67 9.37 61.94
N GLY D 1476 -62.75 9.69 61.04
CA GLY D 1476 -62.97 9.45 59.63
C GLY D 1476 -61.89 10.14 58.82
N ILE D 1477 -62.02 9.99 57.51
CA ILE D 1477 -61.09 10.60 56.56
C ILE D 1477 -61.91 11.38 55.56
N THR D 1478 -61.62 12.67 55.43
CA THR D 1478 -62.42 13.59 54.61
C THR D 1478 -61.73 13.81 53.28
N HIS D 1479 -62.43 13.54 52.19
CA HIS D 1479 -61.92 13.73 50.84
C HIS D 1479 -62.65 14.94 50.25
N PHE D 1480 -62.13 16.12 50.51
CA PHE D 1480 -62.77 17.34 50.05
C PHE D 1480 -62.53 17.55 48.57
N ARG D 1481 -63.58 18.03 47.88
CA ARG D 1481 -63.50 18.36 46.46
C ARG D 1481 -63.99 19.80 46.32
N ALA D 1482 -63.06 20.75 46.29
CA ALA D 1482 -63.42 22.15 46.18
C ALA D 1482 -63.92 22.46 44.77
N GLY D 1483 -64.69 23.55 44.68
CA GLY D 1483 -65.21 24.00 43.40
C GLY D 1483 -66.33 23.16 42.83
N MET D 1484 -67.05 22.41 43.68
CA MET D 1484 -68.16 21.59 43.19
C MET D 1484 -69.31 22.46 42.69
N SER D 1485 -69.56 23.59 43.36
CA SER D 1485 -70.61 24.51 42.96
C SER D 1485 -70.35 25.17 41.61
N HIS D 1486 -69.11 25.14 41.12
CA HIS D 1486 -68.78 25.59 39.78
C HIS D 1486 -68.62 24.41 38.83
N ASP D 1487 -69.02 24.63 37.58
CA ASP D 1487 -68.59 23.82 36.46
C ASP D 1487 -67.53 24.54 35.63
N GLU D 1488 -66.89 25.54 36.23
CA GLU D 1488 -65.98 26.44 35.54
C GLU D 1488 -64.57 26.22 36.08
N GLU D 1489 -63.62 26.04 35.18
CA GLU D 1489 -62.22 25.85 35.57
C GLU D 1489 -61.57 27.19 35.87
N THR D 1490 -60.75 27.22 36.92
CA THR D 1490 -59.93 28.39 37.19
C THR D 1490 -58.72 28.38 36.26
N LEU D 1491 -58.28 29.57 35.89
CA LEU D 1491 -57.31 29.73 34.82
C LEU D 1491 -55.96 30.15 35.37
N ILE D 1492 -54.92 29.66 34.74
CA ILE D 1492 -53.54 30.04 35.11
C ILE D 1492 -53.36 31.54 34.87
N PRO D 1493 -52.88 32.29 35.85
CA PRO D 1493 -52.80 33.75 35.70
C PRO D 1493 -51.79 34.14 34.64
N ASN D 1494 -52.25 34.95 33.68
CA ASN D 1494 -51.37 35.53 32.69
C ASN D 1494 -50.41 36.50 33.36
N ILE D 1495 -49.16 36.50 32.90
CA ILE D 1495 -48.17 37.42 33.44
C ILE D 1495 -48.51 38.86 33.05
N ALA D 1496 -49.07 39.07 31.87
CA ALA D 1496 -49.29 40.41 31.34
C ALA D 1496 -50.33 41.20 32.12
N ARG D 1497 -51.10 40.55 32.99
CA ARG D 1497 -52.05 41.23 33.83
C ARG D 1497 -51.43 41.77 35.11
N TYR D 1498 -50.11 41.60 35.29
CA TYR D 1498 -49.44 42.09 36.47
C TYR D 1498 -48.44 43.19 36.16
N ILE D 1499 -48.40 43.65 34.92
CA ILE D 1499 -47.45 44.64 34.46
C ILE D 1499 -48.22 45.85 33.97
N ILE D 1500 -47.96 47.00 34.57
CA ILE D 1500 -48.70 48.23 34.26
C ILE D 1500 -48.33 48.68 32.85
N PRO D 1501 -49.30 49.01 32.00
CA PRO D 1501 -48.99 49.45 30.64
C PRO D 1501 -48.19 50.73 30.61
N TRP D 1502 -47.45 50.92 29.52
CA TRP D 1502 -46.47 52.01 29.44
C TRP D 1502 -47.14 53.38 29.46
N GLU D 1503 -48.23 53.54 28.70
CA GLU D 1503 -48.85 54.86 28.57
C GLU D 1503 -49.35 55.37 29.91
N ALA D 1504 -50.02 54.51 30.66
CA ALA D 1504 -50.50 54.87 31.97
C ALA D 1504 -49.35 55.15 32.93
N GLU D 1505 -48.25 54.41 32.77
CA GLU D 1505 -47.09 54.61 33.62
C GLU D 1505 -46.44 55.96 33.34
N PHE D 1506 -46.36 56.35 32.06
CA PHE D 1506 -45.83 57.67 31.70
C PHE D 1506 -46.72 58.79 32.23
N ILE D 1507 -48.04 58.63 32.10
CA ILE D 1507 -48.97 59.65 32.56
C ILE D 1507 -48.84 59.84 34.06
N ASP D 1508 -48.81 58.73 34.79
CA ASP D 1508 -48.69 58.83 36.24
C ASP D 1508 -47.33 59.33 36.65
N SER D 1509 -46.29 59.07 35.85
CA SER D 1509 -44.97 59.61 36.13
C SER D 1509 -44.97 61.13 36.05
N GLN D 1510 -45.52 61.67 34.97
CA GLN D 1510 -45.62 63.12 34.82
C GLN D 1510 -46.44 63.73 35.96
N ARG D 1511 -47.57 63.11 36.28
CA ARG D 1511 -48.45 63.64 37.31
C ARG D 1511 -47.78 63.63 38.68
N VAL D 1512 -47.12 62.52 39.03
CA VAL D 1512 -46.59 62.41 40.37
C VAL D 1512 -45.29 63.18 40.53
N TRP D 1513 -44.56 63.41 39.44
CA TRP D 1513 -43.40 64.29 39.51
C TRP D 1513 -43.77 65.75 39.60
N THR D 1514 -44.84 66.18 38.93
CA THR D 1514 -45.35 67.53 39.17
C THR D 1514 -45.81 67.68 40.62
N GLU D 1515 -46.42 66.63 41.17
CA GLU D 1515 -46.77 66.64 42.59
C GLU D 1515 -45.53 66.75 43.48
N TYR D 1516 -44.45 66.04 43.12
CA TYR D 1516 -43.24 66.10 43.94
C TYR D 1516 -42.63 67.49 43.92
N SER D 1517 -42.62 68.14 42.74
CA SER D 1517 -42.12 69.51 42.68
C SER D 1517 -42.99 70.43 43.51
N GLN D 1518 -44.30 70.18 43.54
CA GLN D 1518 -45.21 70.93 44.38
C GLN D 1518 -44.87 70.79 45.86
N LYS D 1519 -44.73 69.55 46.34
CA LYS D 1519 -44.35 69.38 47.74
C LYS D 1519 -42.93 69.86 48.04
N ARG D 1520 -42.03 69.85 47.06
CA ARG D 1520 -40.70 70.41 47.32
C ARG D 1520 -40.79 71.92 47.50
N LEU D 1521 -41.61 72.58 46.69
CA LEU D 1521 -41.75 74.04 46.79
C LEU D 1521 -42.38 74.45 48.12
N GLU D 1522 -43.52 73.83 48.48
CA GLU D 1522 -44.06 74.14 49.80
C GLU D 1522 -43.49 73.29 50.93
N ALA D 1523 -42.40 72.58 50.70
CA ALA D 1523 -41.69 71.94 51.80
C ALA D 1523 -40.45 72.74 52.20
N GLN D 1524 -39.73 73.30 51.21
CA GLN D 1524 -38.54 74.07 51.55
C GLN D 1524 -38.90 75.41 52.20
N GLN D 1525 -40.13 75.90 52.02
CA GLN D 1525 -40.62 77.04 52.79
C GLN D 1525 -41.35 76.58 54.04
N GLN D 1526 -40.71 75.68 54.79
CA GLN D 1526 -41.27 75.06 55.98
C GLN D 1526 -40.21 74.25 56.68
N ASN D 1527 -40.22 72.94 56.46
CA ASN D 1527 -39.20 72.05 56.97
C ASN D 1527 -37.95 72.14 56.11
N ARG D 1528 -36.94 71.36 56.46
CA ARG D 1528 -35.72 71.34 55.67
C ARG D 1528 -35.59 70.11 54.79
N ARG D 1529 -36.14 68.97 55.21
CA ARG D 1529 -36.11 67.76 54.41
C ARG D 1529 -37.52 67.22 54.30
N LEU D 1530 -37.87 66.71 53.13
CA LEU D 1530 -39.16 66.05 52.96
C LEU D 1530 -39.14 64.70 53.66
N THR D 1531 -40.26 64.36 54.29
CA THR D 1531 -40.33 63.19 55.15
C THR D 1531 -40.58 61.93 54.30
N LEU D 1532 -40.81 60.80 54.95
CA LEU D 1532 -41.15 59.57 54.25
C LEU D 1532 -42.55 59.15 54.65
N GLU D 1533 -43.43 60.12 54.87
CA GLU D 1533 -44.83 59.84 55.16
C GLU D 1533 -45.71 60.56 54.16
N ASP D 1534 -45.26 61.73 53.71
CA ASP D 1534 -45.98 62.50 52.72
C ASP D 1534 -45.76 61.96 51.31
N LEU D 1535 -44.76 61.10 51.15
CA LEU D 1535 -44.47 60.49 49.85
C LEU D 1535 -44.74 58.99 49.83
N GLU D 1536 -45.42 58.46 50.85
CA GLU D 1536 -45.78 57.05 50.81
C GLU D 1536 -46.82 56.75 49.75
N ASP D 1537 -47.75 57.68 49.52
CA ASP D 1537 -48.68 57.56 48.42
C ASP D 1537 -47.99 57.66 47.07
N SER D 1538 -46.85 58.35 47.01
CA SER D 1538 -46.09 58.56 45.79
C SER D 1538 -44.84 57.69 45.75
N TRP D 1539 -44.92 56.47 46.25
CA TRP D 1539 -43.71 55.71 46.49
C TRP D 1539 -43.19 55.03 45.23
N ASP D 1540 -43.96 54.09 44.70
CA ASP D 1540 -43.54 53.35 43.50
C ASP D 1540 -44.14 53.94 42.24
N ARG D 1541 -43.93 55.24 42.04
CA ARG D 1541 -44.47 55.94 40.88
C ARG D 1541 -43.35 56.74 40.21
N GLY D 1542 -43.51 57.00 38.92
CA GLY D 1542 -42.54 57.76 38.18
C GLY D 1542 -41.57 56.88 37.42
N LEU D 1543 -41.26 57.21 36.17
CA LEU D 1543 -40.28 56.43 35.43
C LEU D 1543 -38.89 56.54 36.02
N PRO D 1544 -38.37 57.71 36.40
CA PRO D 1544 -37.34 57.71 37.43
C PRO D 1544 -38.07 57.60 38.74
N ARG D 1545 -38.29 56.38 39.24
CA ARG D 1545 -39.08 56.13 40.44
C ARG D 1545 -38.67 57.04 41.58
N ILE D 1546 -39.67 57.57 42.30
CA ILE D 1546 -39.44 58.62 43.29
C ILE D 1546 -38.59 58.10 44.43
N ASN D 1547 -38.72 56.81 44.75
CA ASN D 1547 -37.90 56.24 45.81
C ASN D 1547 -36.42 56.19 45.47
N THR D 1548 -36.04 56.43 44.20
CA THR D 1548 -34.63 56.58 43.88
C THR D 1548 -34.04 57.86 44.45
N LEU D 1549 -34.87 58.80 44.90
CA LEU D 1549 -34.37 59.99 45.58
C LEU D 1549 -33.92 59.71 47.00
N PHE D 1550 -34.19 58.51 47.52
CA PHE D 1550 -33.87 58.17 48.89
C PHE D 1550 -32.88 57.02 49.00
N GLN D 1551 -32.07 56.80 47.96
CA GLN D 1551 -31.11 55.70 47.97
C GLN D 1551 -30.00 55.96 48.97
N LYS D 1552 -29.34 54.89 49.39
CA LYS D 1552 -28.26 55.01 50.37
C LYS D 1552 -27.06 55.75 49.80
N ASP D 1553 -26.66 55.39 48.58
CA ASP D 1553 -25.57 56.07 47.90
C ASP D 1553 -26.15 56.85 46.72
N ARG D 1554 -26.24 58.17 46.87
CA ARG D 1554 -26.71 59.04 45.81
C ARG D 1554 -25.61 59.90 45.23
N SER D 1555 -24.65 60.32 46.06
CA SER D 1555 -23.58 61.18 45.60
C SER D 1555 -22.69 60.50 44.58
N THR D 1556 -22.34 59.24 44.79
CA THR D 1556 -21.53 58.53 43.80
C THR D 1556 -22.33 58.28 42.53
N LEU D 1557 -23.64 58.05 42.66
CA LEU D 1557 -24.47 57.85 41.47
C LEU D 1557 -24.67 59.13 40.69
N SER D 1558 -24.40 60.28 41.31
CA SER D 1558 -24.51 61.54 40.60
C SER D 1558 -23.44 61.70 39.54
N PHE D 1559 -22.34 60.95 39.63
CA PHE D 1559 -21.26 61.00 38.66
C PHE D 1559 -21.40 59.95 37.57
N ASP D 1560 -22.50 59.21 37.53
CA ASP D 1560 -22.68 58.09 36.63
C ASP D 1560 -23.53 58.54 35.45
N LYS D 1561 -22.87 58.91 34.36
CA LYS D 1561 -23.57 59.37 33.16
C LYS D 1561 -23.26 58.44 32.00
N GLY D 1562 -24.16 58.45 31.02
CA GLY D 1562 -23.96 57.66 29.82
C GLY D 1562 -24.13 56.18 30.00
N PHE D 1563 -24.87 55.74 31.02
CA PHE D 1563 -24.99 54.31 31.26
C PHE D 1563 -25.86 53.61 30.23
N ARG D 1564 -26.69 54.34 29.48
CA ARG D 1564 -27.54 53.70 28.49
C ARG D 1564 -26.76 53.35 27.23
N ALA D 1565 -25.95 54.29 26.71
CA ALA D 1565 -25.09 53.98 25.58
C ALA D 1565 -24.05 52.93 25.96
N ARG D 1566 -23.51 53.03 27.16
CA ARG D 1566 -22.54 52.06 27.64
C ARG D 1566 -23.15 50.66 27.75
N ALA D 1567 -24.35 50.57 28.31
CA ALA D 1567 -25.04 49.28 28.38
C ALA D 1567 -25.45 48.78 27.02
N GLU D 1568 -25.63 49.67 26.05
CA GLU D 1568 -25.83 49.22 24.68
C GLU D 1568 -24.58 48.58 24.12
N PHE D 1569 -23.42 49.17 24.40
CA PHE D 1569 -22.16 48.70 23.84
C PHE D 1569 -21.52 47.58 24.65
N LYS D 1570 -22.09 47.20 25.78
CA LYS D 1570 -21.55 46.07 26.54
C LYS D 1570 -21.66 44.74 25.79
N ILE D 1571 -22.44 44.65 24.71
CA ILE D 1571 -22.59 43.39 24.00
C ILE D 1571 -21.36 43.02 23.18
N TYR D 1572 -20.42 43.95 23.03
CA TYR D 1572 -19.14 43.66 22.41
C TYR D 1572 -18.06 43.35 23.42
N GLN D 1573 -18.40 43.34 24.71
CA GLN D 1573 -17.45 43.04 25.76
C GLN D 1573 -17.77 41.75 26.48
N LEU D 1574 -19.00 41.28 26.42
CA LEU D 1574 -19.41 40.12 27.19
C LEU D 1574 -20.16 39.13 26.30
N MET D 1575 -19.97 37.85 26.59
CA MET D 1575 -20.72 36.82 25.88
C MET D 1575 -22.12 36.65 26.44
N LYS D 1576 -22.33 36.94 27.72
CA LYS D 1576 -23.62 36.76 28.35
C LYS D 1576 -24.49 37.97 28.04
N SER D 1577 -25.51 37.77 27.24
CA SER D 1577 -26.40 38.86 26.83
C SER D 1577 -27.27 39.27 28.00
N ASN D 1578 -27.22 40.55 28.34
CA ASN D 1578 -28.03 41.07 29.43
C ASN D 1578 -29.44 41.32 28.92
N PRO D 1579 -30.45 40.63 29.45
CA PRO D 1579 -31.81 40.83 28.95
C PRO D 1579 -32.48 42.09 29.46
N PHE D 1580 -31.87 42.77 30.42
CA PHE D 1580 -32.42 44.01 30.97
C PHE D 1580 -31.46 45.14 30.67
N TRP D 1581 -31.00 45.18 29.42
CA TRP D 1581 -30.07 46.21 28.95
C TRP D 1581 -30.65 47.60 29.07
N TRP D 1582 -31.97 47.73 28.94
CA TRP D 1582 -32.61 49.03 28.84
C TRP D 1582 -32.70 49.74 30.18
N THR D 1583 -32.92 49.01 31.25
CA THR D 1583 -33.17 49.59 32.55
C THR D 1583 -31.96 49.45 33.45
N ASN D 1584 -31.73 50.46 34.28
CA ASN D 1584 -30.69 50.42 35.28
C ASN D 1584 -31.37 50.63 36.63
N PRO D 1585 -31.37 49.63 37.52
CA PRO D 1585 -32.19 49.74 38.74
C PRO D 1585 -31.76 50.83 39.68
N ARG D 1586 -30.53 51.31 39.60
CA ARG D 1586 -30.11 52.39 40.47
C ARG D 1586 -30.63 53.74 40.01
N HIS D 1587 -30.77 53.93 38.71
CA HIS D 1587 -31.23 55.21 38.16
C HIS D 1587 -32.71 55.22 37.82
N ASP D 1588 -33.19 54.22 37.10
CA ASP D 1588 -34.59 54.13 36.72
C ASP D 1588 -35.48 53.70 37.89
N GLY D 1589 -35.00 52.79 38.71
CA GLY D 1589 -35.79 52.31 39.81
C GLY D 1589 -36.39 50.95 39.53
N LYS D 1590 -37.26 50.51 40.44
CA LYS D 1590 -37.86 49.20 40.37
C LYS D 1590 -39.05 49.28 39.42
N LEU D 1591 -38.87 48.95 38.14
CA LEU D 1591 -39.85 49.32 37.13
C LEU D 1591 -41.02 48.35 37.01
N TRP D 1592 -41.05 47.31 37.83
CA TRP D 1592 -42.22 46.43 37.88
C TRP D 1592 -42.24 45.77 39.25
N ASN D 1593 -43.22 44.90 39.46
CA ASN D 1593 -43.33 44.14 40.69
C ASN D 1593 -44.28 42.99 40.42
N LEU D 1594 -43.77 41.76 40.50
CA LEU D 1594 -44.56 40.58 40.17
C LEU D 1594 -44.72 39.64 41.35
N ASN D 1595 -44.76 40.17 42.57
CA ASN D 1595 -44.88 39.32 43.74
C ASN D 1595 -46.28 38.75 43.87
N ALA D 1596 -47.30 39.57 43.59
CA ALA D 1596 -48.69 39.17 43.78
C ALA D 1596 -49.06 37.95 42.95
N TYR D 1597 -48.39 37.78 41.80
CA TYR D 1597 -48.56 36.62 40.94
C TYR D 1597 -48.49 35.32 41.73
N ARG D 1598 -47.49 35.23 42.62
CA ARG D 1598 -47.29 34.02 43.42
C ARG D 1598 -48.56 33.64 44.16
N THR D 1599 -49.16 34.61 44.86
CA THR D 1599 -50.37 34.33 45.62
C THR D 1599 -51.47 33.84 44.69
N ASP D 1600 -51.66 34.55 43.57
CA ASP D 1600 -52.73 34.19 42.66
C ASP D 1600 -52.49 32.84 42.02
N VAL D 1601 -51.22 32.48 41.79
CA VAL D 1601 -51.06 31.20 41.10
C VAL D 1601 -51.35 30.07 42.07
N ILE D 1602 -51.11 30.29 43.37
CA ILE D 1602 -51.55 29.32 44.37
C ILE D 1602 -53.06 29.26 44.36
N GLN D 1603 -53.71 30.43 44.32
CA GLN D 1603 -55.16 30.48 44.26
C GLN D 1603 -55.67 29.89 42.95
N ALA D 1604 -54.84 29.87 41.91
CA ALA D 1604 -55.27 29.25 40.68
C ALA D 1604 -55.18 27.73 40.75
N LEU D 1605 -54.22 27.21 41.52
CA LEU D 1605 -53.96 25.77 41.44
C LEU D 1605 -54.75 24.97 42.46
N GLY D 1606 -55.63 25.59 43.21
CA GLY D 1606 -56.45 24.91 44.17
C GLY D 1606 -56.03 25.06 45.61
N GLY D 1607 -55.09 25.96 45.90
CA GLY D 1607 -54.66 26.17 47.25
C GLY D 1607 -53.46 25.32 47.64
N VAL D 1608 -52.87 25.70 48.76
CA VAL D 1608 -51.68 25.03 49.25
C VAL D 1608 -51.98 23.58 49.59
N GLU D 1609 -53.19 23.30 50.10
CA GLU D 1609 -53.54 21.94 50.48
C GLU D 1609 -53.57 21.01 49.27
N THR D 1610 -54.17 21.48 48.17
CA THR D 1610 -54.21 20.68 46.95
C THR D 1610 -52.84 20.53 46.31
N ILE D 1611 -52.09 21.64 46.25
CA ILE D 1611 -50.76 21.61 45.67
C ILE D 1611 -49.86 20.63 46.41
N LEU D 1612 -49.91 20.66 47.74
CA LEU D 1612 -49.09 19.73 48.52
C LEU D 1612 -49.63 18.32 48.48
N GLU D 1613 -50.93 18.11 48.24
CA GLU D 1613 -51.38 16.73 48.17
C GLU D 1613 -51.15 16.10 46.80
N HIS D 1614 -50.77 16.87 45.78
CA HIS D 1614 -50.15 16.21 44.62
C HIS D 1614 -48.85 15.52 44.96
N THR D 1615 -48.13 15.98 45.96
CA THR D 1615 -46.75 15.59 46.21
C THR D 1615 -46.67 14.51 47.30
N LEU D 1616 -45.45 14.20 47.72
CA LEU D 1616 -45.21 13.34 48.88
C LEU D 1616 -45.10 14.12 50.17
N PHE D 1617 -45.80 15.25 50.30
CA PHE D 1617 -45.76 15.99 51.56
C PHE D 1617 -46.29 15.16 52.72
N LYS D 1618 -47.42 14.50 52.52
CA LYS D 1618 -48.01 13.72 53.60
C LYS D 1618 -47.26 12.44 53.88
N ALA D 1619 -46.34 12.03 53.00
CA ALA D 1619 -45.53 10.86 53.28
C ALA D 1619 -44.32 11.17 54.13
N THR D 1620 -44.09 12.44 54.47
CA THR D 1620 -42.88 12.83 55.20
C THR D 1620 -43.07 12.90 56.71
N GLY D 1621 -44.30 12.80 57.21
CA GLY D 1621 -44.53 12.93 58.63
C GLY D 1621 -44.59 14.34 59.14
N PHE D 1622 -44.51 15.31 58.26
CA PHE D 1622 -44.67 16.71 58.64
C PHE D 1622 -46.12 17.04 58.90
N PRO D 1623 -46.46 17.61 60.06
CA PRO D 1623 -47.87 17.93 60.35
C PRO D 1623 -48.43 19.06 59.51
N SER D 1624 -47.74 20.20 59.48
CA SER D 1624 -48.23 21.37 58.78
C SER D 1624 -47.13 21.92 57.89
N TRP D 1625 -47.53 22.62 56.83
CA TRP D 1625 -46.56 23.09 55.85
C TRP D 1625 -45.75 24.27 56.38
N GLU D 1626 -46.31 25.05 57.31
CA GLU D 1626 -45.56 26.16 57.88
C GLU D 1626 -44.43 25.64 58.76
N GLY D 1627 -43.29 26.32 58.71
CA GLY D 1627 -42.14 25.90 59.50
C GLY D 1627 -41.14 25.06 58.77
N LEU D 1628 -41.20 25.00 57.44
CA LEU D 1628 -40.34 24.16 56.63
C LEU D 1628 -39.46 24.98 55.72
N PHE D 1629 -38.41 24.33 55.21
CA PHE D 1629 -37.53 24.96 54.25
C PHE D 1629 -36.83 23.90 53.41
N TRP D 1630 -36.35 24.32 52.25
CA TRP D 1630 -35.67 23.46 51.30
C TRP D 1630 -34.18 23.78 51.32
N GLU D 1631 -33.35 22.77 51.45
CA GLU D 1631 -31.92 22.97 51.34
C GLU D 1631 -31.52 22.94 49.87
N LYS D 1632 -30.74 23.93 49.45
CA LYS D 1632 -30.34 24.05 48.04
C LYS D 1632 -29.43 22.90 47.64
N SER D 1633 -28.50 22.53 48.51
CA SER D 1633 -27.62 21.42 48.21
C SER D 1633 -27.22 20.72 49.49
N SER D 1634 -27.05 19.41 49.40
CA SER D 1634 -26.56 18.63 50.52
C SER D 1634 -25.05 18.81 50.65
N GLY D 1635 -24.51 18.29 51.76
CA GLY D 1635 -23.08 18.37 51.99
C GLY D 1635 -22.28 17.56 50.99
N PHE D 1636 -22.86 16.48 50.48
CA PHE D 1636 -22.18 15.68 49.46
C PHE D 1636 -22.01 16.48 48.17
N GLU D 1637 -23.02 17.26 47.79
CA GLU D 1637 -22.94 18.02 46.55
C GLU D 1637 -21.89 19.12 46.65
N ALA D 1638 -21.86 19.85 47.76
CA ALA D 1638 -20.85 20.88 47.94
C ALA D 1638 -19.47 20.30 48.17
N SER D 1639 -19.38 19.05 48.63
CA SER D 1639 -18.07 18.44 48.82
C SER D 1639 -17.47 18.00 47.49
N MET D 1640 -18.29 17.69 46.49
CA MET D 1640 -17.81 17.16 45.23
C MET D 1640 -17.79 18.18 44.12
N GLN D 1641 -17.97 19.47 44.42
CA GLN D 1641 -18.14 20.44 43.35
C GLN D 1641 -16.83 20.76 42.65
N PHE D 1642 -15.70 20.63 43.34
CA PHE D 1642 -14.44 21.12 42.82
C PHE D 1642 -13.43 20.02 42.55
N LYS D 1643 -13.81 18.76 42.70
CA LYS D 1643 -12.86 17.67 42.57
C LYS D 1643 -12.65 17.32 41.09
N LYS D 1644 -11.58 16.57 40.83
CA LYS D 1644 -11.26 16.06 39.50
C LYS D 1644 -12.20 14.90 39.23
N LEU D 1645 -13.15 15.10 38.33
CA LEU D 1645 -14.38 14.32 38.34
C LEU D 1645 -14.71 13.88 36.92
N THR D 1646 -15.15 12.64 36.76
CA THR D 1646 -15.37 12.08 35.43
C THR D 1646 -16.76 12.44 34.92
N ASN D 1647 -16.93 12.32 33.60
CA ASN D 1647 -18.13 12.84 32.93
C ASN D 1647 -19.38 12.08 33.36
N ALA D 1648 -19.26 10.79 33.62
CA ALA D 1648 -20.37 10.05 34.19
C ALA D 1648 -20.78 10.60 35.54
N GLN D 1649 -19.82 10.96 36.38
CA GLN D 1649 -20.08 11.58 37.66
C GLN D 1649 -20.55 13.02 37.56
N ARG D 1650 -20.04 13.79 36.59
CA ARG D 1650 -20.57 15.12 36.31
C ARG D 1650 -22.05 15.04 35.96
N SER D 1651 -22.42 14.07 35.12
CA SER D 1651 -23.81 13.91 34.73
C SER D 1651 -24.66 13.42 35.89
N GLY D 1652 -24.12 12.55 36.75
CA GLY D 1652 -24.86 12.13 37.93
C GLY D 1652 -25.15 13.28 38.89
N LEU D 1653 -24.14 14.11 39.15
CA LEU D 1653 -24.36 15.30 39.98
C LEU D 1653 -25.35 16.24 39.33
N ASN D 1654 -25.29 16.38 38.01
CA ASN D 1654 -26.21 17.26 37.31
C ASN D 1654 -27.64 16.74 37.33
N GLN D 1655 -27.82 15.43 37.44
CA GLN D 1655 -29.15 14.86 37.47
C GLN D 1655 -29.74 14.74 38.86
N ILE D 1656 -28.94 14.93 39.92
CA ILE D 1656 -29.46 14.83 41.29
C ILE D 1656 -30.70 15.70 41.56
N PRO D 1657 -30.73 17.01 41.21
CA PRO D 1657 -31.96 17.77 41.48
C PRO D 1657 -33.17 17.29 40.72
N ASN D 1658 -32.98 16.72 39.53
CA ASN D 1658 -34.09 16.11 38.82
C ASN D 1658 -34.60 14.88 39.55
N ARG D 1659 -33.72 14.12 40.19
CA ARG D 1659 -34.17 13.01 41.05
C ARG D 1659 -35.00 13.52 42.20
N ARG D 1660 -34.57 14.61 42.84
CA ARG D 1660 -35.33 15.16 43.96
C ARG D 1660 -36.69 15.70 43.51
N PHE D 1661 -36.73 16.37 42.37
CA PHE D 1661 -37.99 16.87 41.82
C PHE D 1661 -38.92 15.72 41.44
N THR D 1662 -38.37 14.64 40.89
CA THR D 1662 -39.19 13.51 40.48
C THR D 1662 -39.69 12.73 41.69
N LEU D 1663 -38.90 12.68 42.76
CA LEU D 1663 -39.37 12.06 43.98
C LEU D 1663 -40.48 12.88 44.63
N TRP D 1664 -40.33 14.20 44.65
CA TRP D 1664 -41.31 15.06 45.30
C TRP D 1664 -42.66 14.97 44.60
N TRP D 1665 -42.67 15.00 43.27
CA TRP D 1665 -43.91 14.95 42.52
C TRP D 1665 -44.26 13.54 42.05
N SER D 1666 -43.74 12.53 42.72
CA SER D 1666 -43.97 11.14 42.32
C SER D 1666 -45.43 10.67 42.33
N PRO D 1667 -46.29 11.05 43.30
CA PRO D 1667 -47.70 10.63 43.18
C PRO D 1667 -48.42 11.15 41.97
N THR D 1668 -48.12 12.35 41.50
CA THR D 1668 -48.79 12.85 40.31
C THR D 1668 -48.08 12.48 39.02
N ILE D 1669 -46.83 12.02 39.09
CA ILE D 1669 -46.14 11.52 37.92
C ILE D 1669 -46.40 10.03 37.74
N ASN D 1670 -46.19 9.23 38.78
CA ASN D 1670 -46.52 7.81 38.70
C ASN D 1670 -48.02 7.65 38.86
N ARG D 1671 -48.75 7.98 37.82
CA ARG D 1671 -50.20 8.10 37.86
C ARG D 1671 -50.84 6.83 37.34
N ALA D 1672 -52.13 6.63 37.68
CA ALA D 1672 -52.86 5.48 37.20
C ALA D 1672 -53.60 5.77 35.91
N ASN D 1673 -54.29 6.91 35.83
CA ASN D 1673 -54.88 7.35 34.57
C ASN D 1673 -53.76 7.74 33.63
N VAL D 1674 -53.47 6.88 32.66
CA VAL D 1674 -52.19 7.04 31.97
C VAL D 1674 -52.33 6.99 30.45
N TYR D 1675 -53.42 6.40 29.95
CA TYR D 1675 -53.76 6.21 28.52
C TYR D 1675 -52.88 5.19 27.82
N VAL D 1676 -51.68 4.92 28.34
CA VAL D 1676 -50.82 3.86 27.80
C VAL D 1676 -49.70 3.64 28.80
N GLY D 1677 -49.16 2.44 28.83
CA GLY D 1677 -48.02 2.17 29.67
C GLY D 1677 -48.18 0.79 30.26
N PHE D 1678 -47.21 -0.07 30.00
CA PHE D 1678 -47.24 -1.42 30.51
C PHE D 1678 -47.02 -1.37 32.02
N GLN D 1679 -48.08 -1.65 32.77
CA GLN D 1679 -47.98 -1.61 34.21
C GLN D 1679 -47.14 -2.77 34.69
N VAL D 1680 -45.97 -2.47 35.25
CA VAL D 1680 -45.08 -3.47 35.81
C VAL D 1680 -45.06 -3.23 37.31
N GLN D 1681 -44.60 -4.22 38.06
CA GLN D 1681 -44.40 -4.09 39.50
C GLN D 1681 -42.91 -4.03 39.79
N LEU D 1682 -42.50 -3.12 40.67
CA LEU D 1682 -41.13 -3.11 41.14
C LEU D 1682 -40.90 -4.32 42.03
N ASP D 1683 -39.73 -4.94 41.87
CA ASP D 1683 -39.43 -6.19 42.57
C ASP D 1683 -39.34 -5.94 44.07
N LEU D 1684 -39.90 -6.88 44.83
CA LEU D 1684 -39.91 -6.92 46.29
C LEU D 1684 -40.63 -5.74 46.92
N THR D 1685 -41.38 -4.96 46.15
CA THR D 1685 -42.20 -3.89 46.69
C THR D 1685 -43.59 -3.98 46.08
N GLY D 1686 -44.49 -3.13 46.56
CA GLY D 1686 -45.83 -3.08 46.01
C GLY D 1686 -46.07 -1.86 45.17
N ILE D 1687 -45.00 -1.29 44.63
CA ILE D 1687 -45.08 -0.10 43.80
C ILE D 1687 -45.29 -0.53 42.36
N PHE D 1688 -46.38 -0.08 41.76
CA PHE D 1688 -46.64 -0.32 40.36
C PHE D 1688 -46.17 0.87 39.54
N LEU D 1689 -45.40 0.61 38.49
CA LEU D 1689 -44.91 1.63 37.59
C LEU D 1689 -45.61 1.48 36.24
N HIS D 1690 -46.14 2.57 35.72
CA HIS D 1690 -46.66 2.59 34.36
C HIS D 1690 -45.61 3.23 33.47
N GLY D 1691 -45.14 2.48 32.50
CA GLY D 1691 -44.06 2.95 31.66
C GLY D 1691 -42.72 2.84 32.34
N LYS D 1692 -41.75 3.52 31.74
CA LYS D 1692 -40.38 3.56 32.26
C LYS D 1692 -40.04 5.01 32.53
N ILE D 1693 -39.89 5.36 33.80
CA ILE D 1693 -39.29 6.63 34.21
C ILE D 1693 -38.06 6.30 35.03
N PRO D 1694 -36.85 6.40 34.47
CA PRO D 1694 -35.66 5.96 35.21
C PRO D 1694 -35.32 6.78 36.45
N THR D 1695 -35.51 8.11 36.44
CA THR D 1695 -35.16 8.88 37.63
C THR D 1695 -36.09 8.56 38.79
N LEU D 1696 -37.39 8.38 38.50
CA LEU D 1696 -38.33 7.97 39.53
C LEU D 1696 -37.99 6.60 40.09
N LYS D 1697 -37.61 5.67 39.21
CA LYS D 1697 -37.29 4.31 39.65
C LYS D 1697 -36.02 4.28 40.50
N ILE D 1698 -34.99 5.01 40.09
CA ILE D 1698 -33.75 4.99 40.88
C ILE D 1698 -33.94 5.69 42.23
N SER D 1699 -34.72 6.76 42.27
CA SER D 1699 -34.99 7.41 43.56
C SER D 1699 -35.85 6.53 44.45
N LEU D 1700 -36.83 5.81 43.87
CA LEU D 1700 -37.67 4.94 44.67
C LEU D 1700 -36.92 3.71 45.16
N ILE D 1701 -35.95 3.23 44.38
CA ILE D 1701 -35.10 2.14 44.85
C ILE D 1701 -34.23 2.61 46.00
N GLN D 1702 -33.70 3.85 45.90
CA GLN D 1702 -32.91 4.42 47.00
C GLN D 1702 -33.74 4.58 48.27
N ILE D 1703 -35.02 4.97 48.14
CA ILE D 1703 -35.87 5.11 49.32
C ILE D 1703 -36.10 3.75 49.97
N PHE D 1704 -36.36 2.71 49.17
CA PHE D 1704 -36.74 1.41 49.68
C PHE D 1704 -35.61 0.39 49.64
N ARG D 1705 -34.37 0.79 49.93
CA ARG D 1705 -33.26 -0.15 49.90
C ARG D 1705 -33.38 -1.19 51.01
N ALA D 1706 -32.73 -2.34 50.77
CA ALA D 1706 -32.54 -3.39 51.76
C ALA D 1706 -33.86 -3.93 52.30
N HIS D 1707 -34.77 -4.26 51.38
CA HIS D 1707 -36.06 -4.88 51.68
C HIS D 1707 -36.89 -4.06 52.67
N LEU D 1708 -36.87 -2.74 52.50
CA LEU D 1708 -37.50 -1.87 53.49
C LEU D 1708 -39.00 -2.01 53.49
N TRP D 1709 -39.60 -2.34 52.34
CA TRP D 1709 -41.03 -2.66 52.30
C TRP D 1709 -41.34 -3.88 53.15
N GLN D 1710 -40.51 -4.92 53.03
CA GLN D 1710 -40.71 -6.14 53.81
C GLN D 1710 -40.50 -5.89 55.30
N LYS D 1711 -39.50 -5.10 55.65
CA LYS D 1711 -39.27 -4.80 57.05
C LYS D 1711 -40.35 -3.91 57.62
N ILE D 1712 -40.92 -3.00 56.82
CA ILE D 1712 -42.07 -2.23 57.28
C ILE D 1712 -43.24 -3.15 57.58
N HIS D 1713 -43.50 -4.11 56.68
CA HIS D 1713 -44.62 -5.03 56.90
C HIS D 1713 -44.40 -5.87 58.15
N GLU D 1714 -43.19 -6.39 58.33
CA GLU D 1714 -42.88 -7.18 59.52
C GLU D 1714 -43.01 -6.35 60.79
N SER D 1715 -42.52 -5.10 60.76
CA SER D 1715 -42.59 -4.23 61.93
C SER D 1715 -44.04 -3.94 62.31
N VAL D 1716 -44.86 -3.59 61.33
CA VAL D 1716 -46.24 -3.23 61.65
C VAL D 1716 -47.02 -4.46 62.11
N VAL D 1717 -46.75 -5.63 61.53
CA VAL D 1717 -47.52 -6.80 61.94
C VAL D 1717 -47.07 -7.26 63.32
N MET D 1718 -45.80 -7.10 63.68
CA MET D 1718 -45.38 -7.56 65.00
C MET D 1718 -45.81 -6.57 66.08
N ASP D 1719 -45.85 -5.27 65.76
CA ASP D 1719 -46.44 -4.30 66.69
C ASP D 1719 -47.91 -4.58 66.92
N LEU D 1720 -48.66 -4.86 65.85
CA LEU D 1720 -50.06 -5.22 66.00
C LEU D 1720 -50.22 -6.50 66.80
N CYS D 1721 -49.32 -7.47 66.60
CA CYS D 1721 -49.42 -8.75 67.29
C CYS D 1721 -49.17 -8.58 68.78
N GLN D 1722 -48.20 -7.75 69.17
CA GLN D 1722 -47.94 -7.58 70.60
C GLN D 1722 -49.04 -6.74 71.27
N VAL D 1723 -49.60 -5.75 70.57
CA VAL D 1723 -50.72 -5.00 71.13
C VAL D 1723 -51.94 -5.92 71.26
N PHE D 1724 -52.11 -6.86 70.32
CA PHE D 1724 -53.12 -7.90 70.48
C PHE D 1724 -52.83 -8.77 71.69
N ASP D 1725 -51.55 -9.05 71.95
CA ASP D 1725 -51.16 -9.85 73.10
C ASP D 1725 -51.44 -9.15 74.42
N GLN D 1726 -51.61 -7.84 74.43
CA GLN D 1726 -52.03 -7.17 75.66
C GLN D 1726 -53.54 -7.12 75.87
N GLU D 1727 -54.37 -7.69 75.01
CA GLU D 1727 -55.81 -7.50 75.15
C GLU D 1727 -56.57 -8.81 74.90
N LEU D 1728 -56.11 -9.90 75.52
CA LEU D 1728 -56.84 -11.16 75.39
C LEU D 1728 -58.06 -11.22 76.29
N GLU D 1729 -57.96 -10.68 77.50
CA GLU D 1729 -58.94 -10.96 78.55
C GLU D 1729 -60.28 -10.28 78.28
N ALA D 1730 -60.26 -8.98 77.94
CA ALA D 1730 -61.52 -8.26 77.77
C ALA D 1730 -62.21 -8.62 76.47
N LEU D 1731 -61.47 -9.13 75.49
CA LEU D 1731 -62.03 -9.49 74.19
C LEU D 1731 -62.44 -10.96 74.13
N SER D 1732 -62.28 -11.70 75.22
CA SER D 1732 -62.53 -13.15 75.29
C SER D 1732 -61.70 -13.91 74.24
N ILE D 1733 -60.46 -13.46 74.04
CA ILE D 1733 -59.55 -14.11 73.12
C ILE D 1733 -58.83 -15.23 73.87
N GLU D 1734 -58.99 -16.46 73.39
CA GLU D 1734 -58.37 -17.59 74.06
C GLU D 1734 -56.87 -17.63 73.79
N SER D 1735 -56.45 -17.40 72.54
CA SER D 1735 -55.03 -17.44 72.22
C SER D 1735 -54.73 -16.58 70.99
N VAL D 1736 -53.46 -16.20 70.87
CA VAL D 1736 -52.97 -15.34 69.80
C VAL D 1736 -51.79 -16.02 69.12
N GLN D 1737 -51.80 -16.05 67.79
CA GLN D 1737 -50.82 -16.74 66.97
C GLN D 1737 -50.35 -15.80 65.86
N LYS D 1738 -49.09 -15.95 65.46
CA LYS D 1738 -48.53 -15.17 64.35
C LYS D 1738 -48.17 -16.13 63.22
N GLU D 1739 -48.94 -16.07 62.13
CA GLU D 1739 -48.75 -16.98 61.01
C GLU D 1739 -47.55 -16.53 60.17
N THR D 1740 -46.64 -17.45 59.91
CA THR D 1740 -45.39 -17.14 59.21
C THR D 1740 -45.13 -18.22 58.16
N ILE D 1741 -46.12 -18.48 57.32
CA ILE D 1741 -45.97 -19.48 56.27
C ILE D 1741 -45.17 -18.93 55.11
N HIS D 1742 -45.70 -17.91 54.44
CA HIS D 1742 -45.04 -17.33 53.27
C HIS D 1742 -44.18 -16.15 53.71
N PRO D 1743 -42.87 -16.17 53.42
CA PRO D 1743 -42.01 -15.09 53.89
C PRO D 1743 -42.07 -13.84 53.04
N ARG D 1744 -42.58 -13.92 51.83
CA ARG D 1744 -42.49 -12.83 50.87
C ARG D 1744 -43.86 -12.44 50.36
N LYS D 1745 -44.86 -12.47 51.22
CA LYS D 1745 -46.23 -12.20 50.77
C LYS D 1745 -46.59 -10.73 50.86
N SER D 1746 -45.73 -9.90 51.43
CA SER D 1746 -46.08 -8.50 51.70
C SER D 1746 -46.23 -7.70 50.43
N TYR D 1747 -45.66 -8.15 49.32
CA TYR D 1747 -45.68 -7.39 48.07
C TYR D 1747 -46.42 -8.14 46.96
N LYS D 1748 -47.20 -9.15 47.30
CA LYS D 1748 -48.02 -9.85 46.32
C LYS D 1748 -49.42 -9.25 46.36
N MET D 1749 -49.86 -8.70 45.24
CA MET D 1749 -51.13 -7.99 45.18
C MET D 1749 -52.24 -8.82 44.57
N ASN D 1750 -51.90 -9.91 43.87
CA ASN D 1750 -52.92 -10.78 43.30
C ASN D 1750 -53.59 -11.62 44.37
N SER D 1751 -52.82 -12.12 45.33
CA SER D 1751 -53.32 -12.99 46.38
C SER D 1751 -52.69 -12.60 47.70
N SER D 1752 -53.44 -12.83 48.79
CA SER D 1752 -52.95 -12.56 50.12
C SER D 1752 -53.34 -13.68 51.06
N CYS D 1753 -52.58 -13.80 52.14
CA CYS D 1753 -52.86 -14.78 53.19
C CYS D 1753 -52.98 -14.03 54.52
N ALA D 1754 -53.46 -14.75 55.53
CA ALA D 1754 -53.65 -14.14 56.84
C ALA D 1754 -52.30 -13.89 57.52
N ASP D 1755 -52.30 -12.90 58.41
CA ASP D 1755 -51.10 -12.53 59.16
C ASP D 1755 -51.15 -13.00 60.60
N ILE D 1756 -52.19 -12.60 61.34
CA ILE D 1756 -52.30 -12.88 62.77
C ILE D 1756 -53.58 -13.65 63.01
N GLN D 1757 -53.52 -14.70 63.82
CA GLN D 1757 -54.67 -15.52 64.14
C GLN D 1757 -55.08 -15.30 65.60
N LEU D 1758 -56.38 -15.24 65.83
CA LEU D 1758 -56.94 -15.11 67.17
C LEU D 1758 -57.96 -16.21 67.39
N PHE D 1759 -57.68 -17.11 68.32
CA PHE D 1759 -58.58 -18.19 68.67
C PHE D 1759 -59.43 -17.74 69.86
N ALA D 1760 -60.74 -17.94 69.72
CA ALA D 1760 -61.74 -17.42 70.66
C ALA D 1760 -62.17 -18.48 71.66
N SER D 1761 -62.37 -18.06 72.91
CA SER D 1761 -62.87 -18.98 73.93
C SER D 1761 -64.35 -19.27 73.73
N HIS D 1762 -65.15 -18.24 73.40
CA HIS D 1762 -66.57 -18.38 73.19
C HIS D 1762 -66.94 -17.95 71.78
N LYS D 1763 -68.07 -18.47 71.30
CA LYS D 1763 -68.52 -18.18 69.95
C LYS D 1763 -68.96 -16.72 69.85
N TRP D 1764 -68.14 -15.91 69.19
CA TRP D 1764 -68.42 -14.49 69.05
C TRP D 1764 -69.55 -14.27 68.06
N ASN D 1765 -70.29 -13.18 68.27
CA ASN D 1765 -71.34 -12.74 67.34
C ASN D 1765 -70.76 -11.64 66.48
N VAL D 1766 -70.28 -12.01 65.29
CA VAL D 1766 -69.70 -11.03 64.39
C VAL D 1766 -70.79 -10.16 63.78
N THR D 1767 -70.41 -8.96 63.38
CA THR D 1767 -71.34 -8.01 62.80
C THR D 1767 -71.29 -8.12 61.27
N ARG D 1768 -72.06 -7.28 60.60
CA ARG D 1768 -71.89 -7.12 59.16
C ARG D 1768 -70.54 -6.48 58.89
N PRO D 1769 -69.90 -6.81 57.76
CA PRO D 1769 -68.60 -6.22 57.45
C PRO D 1769 -68.71 -4.72 57.23
N SER D 1770 -68.03 -3.97 58.09
CA SER D 1770 -68.13 -2.52 58.11
C SER D 1770 -66.74 -1.93 58.27
N LEU D 1771 -66.63 -0.65 57.96
CA LEU D 1771 -65.35 0.04 58.04
C LEU D 1771 -64.97 0.29 59.51
N LEU D 1772 -63.73 0.71 59.70
CA LEU D 1772 -63.26 1.02 61.05
C LEU D 1772 -63.99 2.23 61.62
N PHE D 1773 -64.19 3.26 60.81
CA PHE D 1773 -64.86 4.47 61.28
C PHE D 1773 -66.37 4.40 61.16
N ASP D 1774 -66.91 3.32 60.59
CA ASP D 1774 -68.36 3.15 60.57
C ASP D 1774 -68.85 2.76 61.96
N THR D 1775 -69.94 3.40 62.39
CA THR D 1775 -70.49 3.18 63.72
C THR D 1775 -71.78 2.38 63.73
N LYS D 1776 -72.52 2.37 62.61
CA LYS D 1776 -73.78 1.63 62.53
C LYS D 1776 -73.48 0.14 62.42
N ASP D 1777 -73.25 -0.48 63.57
CA ASP D 1777 -72.91 -1.90 63.61
C ASP D 1777 -74.17 -2.75 63.59
N VAL D 1778 -74.24 -3.66 62.63
CA VAL D 1778 -75.38 -4.57 62.48
C VAL D 1778 -74.88 -5.97 62.79
N ILE D 1779 -75.16 -6.44 64.00
CA ILE D 1779 -74.70 -7.75 64.44
C ILE D 1779 -75.62 -8.83 63.89
N GLU D 1780 -75.03 -9.84 63.26
CA GLU D 1780 -75.78 -10.97 62.75
C GLU D 1780 -75.75 -12.13 63.74
N ALA D 1781 -76.76 -13.00 63.63
CA ALA D 1781 -76.92 -14.10 64.57
C ALA D 1781 -75.96 -15.25 64.34
N THR D 1782 -75.22 -15.24 63.23
CA THR D 1782 -74.25 -16.30 62.97
C THR D 1782 -73.07 -16.16 63.92
N THR D 1783 -72.67 -17.28 64.53
CA THR D 1783 -71.61 -17.30 65.53
C THR D 1783 -70.40 -18.04 64.99
N THR D 1784 -69.21 -17.62 65.43
CA THR D 1784 -67.96 -18.24 65.02
C THR D 1784 -66.95 -18.13 66.15
N ASN D 1785 -65.88 -18.92 66.04
CA ASN D 1785 -64.91 -19.06 67.12
C ASN D 1785 -63.47 -18.78 66.71
N LYS D 1786 -63.26 -18.12 65.58
CA LYS D 1786 -61.90 -17.86 65.10
C LYS D 1786 -61.88 -16.56 64.33
N PHE D 1787 -60.77 -15.83 64.44
CA PHE D 1787 -60.62 -14.55 63.76
C PHE D 1787 -59.21 -14.45 63.19
N TRP D 1788 -59.07 -13.70 62.11
CA TRP D 1788 -57.75 -13.44 61.54
C TRP D 1788 -57.63 -11.98 61.17
N ILE D 1789 -56.41 -11.46 61.25
CA ILE D 1789 -56.08 -10.08 60.94
C ILE D 1789 -55.07 -10.10 59.81
N ASP D 1790 -55.37 -9.36 58.74
CA ASP D 1790 -54.49 -9.25 57.59
C ASP D 1790 -54.05 -7.80 57.47
N VAL D 1791 -52.76 -7.56 57.26
CA VAL D 1791 -52.23 -6.21 57.08
C VAL D 1791 -51.53 -6.15 55.72
N GLN D 1792 -51.82 -5.09 54.97
CA GLN D 1792 -51.29 -4.90 53.63
C GLN D 1792 -50.84 -3.46 53.43
N LEU D 1793 -49.77 -3.29 52.69
CA LEU D 1793 -49.16 -2.00 52.46
C LEU D 1793 -49.41 -1.55 51.03
N ARG D 1794 -49.84 -0.31 50.86
CA ARG D 1794 -50.14 0.25 49.55
C ARG D 1794 -49.31 1.51 49.35
N TYR D 1795 -48.66 1.61 48.20
CA TYR D 1795 -48.01 2.85 47.78
C TYR D 1795 -48.95 3.49 46.76
N GLY D 1796 -49.92 4.24 47.27
CA GLY D 1796 -50.90 4.86 46.39
C GLY D 1796 -50.33 6.02 45.62
N ASP D 1797 -51.10 6.47 44.66
CA ASP D 1797 -50.75 7.60 43.82
C ASP D 1797 -51.81 8.70 43.95
N TYR D 1798 -51.71 9.71 43.09
CA TYR D 1798 -52.61 10.84 43.15
C TYR D 1798 -54.04 10.45 42.82
N ASP D 1799 -54.23 9.58 41.83
CA ASP D 1799 -55.57 9.24 41.36
C ASP D 1799 -56.24 8.15 42.18
N SER D 1800 -55.46 7.25 42.78
CA SER D 1800 -56.01 6.12 43.54
C SER D 1800 -55.30 6.08 44.89
N HIS D 1801 -55.82 6.83 45.85
CA HIS D 1801 -55.33 6.76 47.22
C HIS D 1801 -56.47 6.77 48.22
N ASP D 1802 -57.68 6.40 47.79
CA ASP D 1802 -58.81 6.23 48.70
C ASP D 1802 -58.65 4.89 49.40
N ILE D 1803 -58.37 4.93 50.71
CA ILE D 1803 -57.97 3.71 51.39
C ILE D 1803 -59.18 2.85 51.78
N GLU D 1804 -60.35 3.47 51.99
CA GLU D 1804 -61.54 2.71 52.37
C GLU D 1804 -62.01 1.82 51.22
N ARG D 1805 -62.12 2.39 50.02
CA ARG D 1805 -62.49 1.58 48.87
C ARG D 1805 -61.44 0.54 48.55
N TYR D 1806 -60.17 0.86 48.82
CA TYR D 1806 -59.11 -0.12 48.60
C TYR D 1806 -59.26 -1.32 49.52
N VAL D 1807 -59.47 -1.09 50.81
CA VAL D 1807 -59.57 -2.21 51.73
C VAL D 1807 -60.88 -2.97 51.52
N ARG D 1808 -61.95 -2.28 51.09
CA ARG D 1808 -63.18 -2.97 50.74
C ARG D 1808 -62.95 -3.94 49.57
N ALA D 1809 -62.34 -3.44 48.50
CA ALA D 1809 -62.07 -4.27 47.32
C ALA D 1809 -61.12 -5.41 47.67
N LYS D 1810 -60.11 -5.14 48.49
CA LYS D 1810 -59.14 -6.17 48.83
C LYS D 1810 -59.76 -7.28 49.69
N TYR D 1811 -60.60 -6.90 50.67
CA TYR D 1811 -61.23 -7.91 51.52
C TYR D 1811 -62.19 -8.77 50.71
N LEU D 1812 -63.02 -8.12 49.87
CA LEU D 1812 -63.97 -8.88 49.07
C LEU D 1812 -63.27 -9.76 48.04
N ASP D 1813 -62.17 -9.29 47.47
CA ASP D 1813 -61.47 -10.10 46.48
C ASP D 1813 -60.70 -11.25 47.10
N TYR D 1814 -60.12 -11.04 48.29
CA TYR D 1814 -59.34 -12.09 48.93
C TYR D 1814 -60.18 -13.06 49.72
N THR D 1815 -61.46 -12.76 49.94
CA THR D 1815 -62.35 -13.75 50.52
C THR D 1815 -63.36 -14.33 49.53
N THR D 1816 -63.52 -13.71 48.36
CA THR D 1816 -64.41 -14.28 47.35
C THR D 1816 -63.78 -15.46 46.64
N ASP D 1817 -62.51 -15.34 46.23
CA ASP D 1817 -61.88 -16.41 45.49
C ASP D 1817 -61.53 -17.58 46.42
N SER D 1818 -61.45 -18.77 45.83
CA SER D 1818 -61.13 -19.97 46.59
C SER D 1818 -59.64 -20.27 46.64
N MET D 1819 -58.83 -19.61 45.82
CA MET D 1819 -57.41 -19.90 45.79
C MET D 1819 -56.66 -19.34 46.99
N SER D 1820 -57.21 -18.34 47.66
CA SER D 1820 -56.60 -17.77 48.86
C SER D 1820 -57.16 -18.47 50.08
N LEU D 1821 -56.27 -18.94 50.95
CA LEU D 1821 -56.68 -19.73 52.11
C LEU D 1821 -56.62 -18.84 53.36
N TYR D 1822 -57.77 -18.63 53.98
CA TYR D 1822 -57.98 -17.94 55.23
C TYR D 1822 -58.52 -18.91 56.27
N PRO D 1823 -58.07 -18.82 57.53
CA PRO D 1823 -58.48 -19.82 58.52
C PRO D 1823 -59.93 -19.71 58.96
N SER D 1824 -60.51 -18.51 59.00
CA SER D 1824 -61.90 -18.36 59.40
C SER D 1824 -62.62 -17.49 58.39
N PRO D 1825 -63.94 -17.66 58.23
CA PRO D 1825 -64.68 -16.80 57.31
C PRO D 1825 -64.75 -15.33 57.75
N THR D 1826 -64.56 -15.04 59.03
CA THR D 1826 -64.59 -13.67 59.54
C THR D 1826 -63.19 -13.23 59.92
N GLY D 1827 -62.79 -12.08 59.39
CA GLY D 1827 -61.48 -11.51 59.68
C GLY D 1827 -61.50 -10.00 59.53
N LEU D 1828 -60.33 -9.38 59.55
CA LEU D 1828 -60.24 -7.93 59.46
C LEU D 1828 -59.11 -7.56 58.51
N MET D 1829 -59.44 -6.80 57.47
CA MET D 1829 -58.50 -6.33 56.48
C MET D 1829 -58.00 -4.96 56.92
N ILE D 1830 -56.68 -4.80 56.97
CA ILE D 1830 -56.05 -3.55 57.36
C ILE D 1830 -55.16 -3.09 56.22
N GLY D 1831 -55.37 -1.86 55.78
CA GLY D 1831 -54.62 -1.30 54.66
C GLY D 1831 -53.89 -0.05 55.10
N ILE D 1832 -52.64 0.07 54.66
CA ILE D 1832 -51.76 1.16 55.08
C ILE D 1832 -51.28 1.85 53.81
N ASP D 1833 -51.89 2.99 53.48
CA ASP D 1833 -51.44 3.78 52.35
C ASP D 1833 -50.13 4.44 52.73
N LEU D 1834 -49.05 3.88 52.20
CA LEU D 1834 -47.69 4.26 52.59
C LEU D 1834 -47.26 5.59 51.99
N ALA D 1835 -47.76 5.91 50.80
CA ALA D 1835 -47.35 7.12 50.10
C ALA D 1835 -48.13 8.34 50.53
N TYR D 1836 -49.17 8.19 51.34
CA TYR D 1836 -49.92 9.32 51.85
C TYR D 1836 -50.12 9.25 53.35
N ASN D 1837 -49.62 8.19 54.01
CA ASN D 1837 -49.81 7.93 55.44
C ASN D 1837 -51.30 7.90 55.81
N LEU D 1838 -51.98 6.91 55.25
CA LEU D 1838 -53.36 6.66 55.62
C LEU D 1838 -53.49 5.25 56.18
N TYR D 1839 -54.49 5.04 57.02
CA TYR D 1839 -54.79 3.70 57.48
C TYR D 1839 -56.30 3.47 57.40
N SER D 1840 -56.67 2.22 57.20
CA SER D 1840 -58.08 1.84 57.28
C SER D 1840 -58.17 0.36 57.61
N ALA D 1841 -59.36 -0.04 58.06
CA ALA D 1841 -59.65 -1.43 58.34
C ALA D 1841 -61.11 -1.69 58.01
N TYR D 1842 -61.39 -2.87 57.49
CA TYR D 1842 -62.73 -3.22 57.03
C TYR D 1842 -62.96 -4.70 57.26
N GLY D 1843 -64.18 -5.05 57.62
CA GLY D 1843 -64.55 -6.43 57.83
C GLY D 1843 -65.39 -6.58 59.09
N GLN D 1844 -65.43 -7.82 59.58
CA GLN D 1844 -66.20 -8.11 60.78
C GLN D 1844 -65.46 -7.62 62.03
N TYR D 1845 -66.21 -7.48 63.11
CA TYR D 1845 -65.66 -7.06 64.39
C TYR D 1845 -66.38 -7.79 65.51
N PHE D 1846 -65.61 -8.48 66.36
CA PHE D 1846 -66.19 -8.83 67.65
C PHE D 1846 -66.16 -7.61 68.55
N PRO D 1847 -67.08 -7.51 69.52
CA PRO D 1847 -67.18 -6.29 70.33
C PRO D 1847 -65.91 -6.01 71.14
N GLY D 1848 -65.56 -4.73 71.22
CA GLY D 1848 -64.38 -4.27 71.92
C GLY D 1848 -63.15 -4.11 71.06
N LEU D 1849 -63.15 -4.62 69.82
CA LEU D 1849 -61.96 -4.61 69.00
C LEU D 1849 -61.69 -3.23 68.39
N LYS D 1850 -62.75 -2.49 68.06
CA LYS D 1850 -62.63 -1.30 67.22
C LYS D 1850 -61.77 -0.22 67.87
N THR D 1851 -62.00 0.04 69.16
CA THR D 1851 -61.23 1.06 69.86
C THR D 1851 -59.76 0.66 69.97
N LEU D 1852 -59.50 -0.63 70.23
CA LEU D 1852 -58.13 -1.11 70.30
C LEU D 1852 -57.42 -0.95 68.98
N ILE D 1853 -58.10 -1.29 67.87
CA ILE D 1853 -57.49 -1.16 66.54
C ILE D 1853 -57.18 0.30 66.23
N GLN D 1854 -58.14 1.20 66.49
CA GLN D 1854 -57.90 2.60 66.12
C GLN D 1854 -56.81 3.24 66.99
N GLN D 1855 -56.80 2.93 68.30
CA GLN D 1855 -55.76 3.50 69.16
C GLN D 1855 -54.39 2.92 68.83
N ALA D 1856 -54.30 1.62 68.62
CA ALA D 1856 -53.03 1.00 68.28
C ALA D 1856 -52.53 1.50 66.93
N MET D 1857 -53.43 1.68 65.97
CA MET D 1857 -53.03 2.13 64.64
C MET D 1857 -52.52 3.56 64.69
N ALA D 1858 -53.18 4.43 65.47
CA ALA D 1858 -52.68 5.79 65.65
C ALA D 1858 -51.31 5.78 66.32
N LYS D 1859 -51.13 4.93 67.34
CA LYS D 1859 -49.86 4.86 68.05
C LYS D 1859 -48.73 4.41 67.13
N ILE D 1860 -48.97 3.40 66.30
CA ILE D 1860 -47.88 2.89 65.49
C ILE D 1860 -47.65 3.70 64.22
N MET D 1861 -48.67 4.40 63.71
CA MET D 1861 -48.38 5.40 62.68
C MET D 1861 -47.63 6.58 63.25
N LYS D 1862 -47.78 6.87 64.54
CA LYS D 1862 -46.93 7.90 65.12
C LYS D 1862 -45.51 7.40 65.37
N ALA D 1863 -45.34 6.14 65.79
CA ALA D 1863 -44.01 5.74 66.28
C ALA D 1863 -43.59 4.35 65.83
N ASN D 1864 -43.86 3.97 64.58
CA ASN D 1864 -43.20 2.74 64.16
C ASN D 1864 -41.75 3.02 63.81
N PRO D 1865 -40.83 2.10 64.14
CA PRO D 1865 -39.42 2.35 63.78
C PRO D 1865 -39.13 2.23 62.29
N ALA D 1866 -39.69 1.21 61.63
CA ALA D 1866 -39.48 1.06 60.19
C ALA D 1866 -40.15 2.18 59.42
N LEU D 1867 -41.33 2.60 59.88
CA LEU D 1867 -41.94 3.80 59.30
C LEU D 1867 -41.06 5.02 59.53
N TYR D 1868 -40.43 5.10 60.70
CA TYR D 1868 -39.55 6.24 60.99
C TYR D 1868 -38.35 6.27 60.07
N VAL D 1869 -37.75 5.11 59.78
CA VAL D 1869 -36.60 5.14 58.88
C VAL D 1869 -37.06 5.39 57.44
N LEU D 1870 -38.28 4.99 57.09
CA LEU D 1870 -38.84 5.36 55.79
C LEU D 1870 -38.99 6.87 55.67
N ARG D 1871 -39.57 7.51 56.69
CA ARG D 1871 -39.74 8.97 56.66
C ARG D 1871 -38.38 9.67 56.66
N GLU D 1872 -37.42 9.15 57.40
CA GLU D 1872 -36.08 9.75 57.42
C GLU D 1872 -35.42 9.64 56.06
N ARG D 1873 -35.60 8.51 55.37
CA ARG D 1873 -35.03 8.36 54.04
C ARG D 1873 -35.69 9.31 53.05
N ILE D 1874 -37.01 9.50 53.14
CA ILE D 1874 -37.68 10.44 52.27
C ILE D 1874 -37.21 11.87 52.53
N ARG D 1875 -37.06 12.23 53.82
CA ARG D 1875 -36.62 13.57 54.19
C ARG D 1875 -35.19 13.83 53.73
N LYS D 1876 -34.32 12.83 53.84
CA LYS D 1876 -32.96 12.98 53.34
C LYS D 1876 -32.91 13.02 51.82
N GLY D 1877 -33.81 12.29 51.15
CA GLY D 1877 -33.86 12.33 49.70
C GLY D 1877 -34.33 13.67 49.17
N LEU D 1878 -35.29 14.29 49.84
CA LEU D 1878 -35.80 15.58 49.39
C LEU D 1878 -34.92 16.75 49.81
N GLN D 1879 -34.10 16.58 50.85
CA GLN D 1879 -33.44 17.68 51.54
C GLN D 1879 -34.45 18.74 51.98
N LEU D 1880 -35.58 18.28 52.50
CA LEU D 1880 -36.65 19.13 53.00
C LEU D 1880 -36.64 19.04 54.52
N TYR D 1881 -36.36 20.16 55.19
CA TYR D 1881 -36.25 20.14 56.64
C TYR D 1881 -37.34 21.00 57.27
N ALA D 1882 -37.52 20.81 58.57
CA ALA D 1882 -38.39 21.66 59.37
C ALA D 1882 -37.54 22.60 60.20
N SER D 1883 -38.03 23.82 60.39
CA SER D 1883 -37.28 24.84 61.11
C SER D 1883 -37.20 24.53 62.61
N LEU D 1898 -33.51 33.26 75.46
CA LEU D 1898 -34.56 34.25 75.55
C LEU D 1898 -34.78 34.69 77.00
N PHE D 1899 -35.49 33.85 77.77
CA PHE D 1899 -35.79 34.12 79.17
C PHE D 1899 -35.01 33.13 80.04
N SER D 1900 -34.21 33.67 80.95
CA SER D 1900 -33.40 32.85 81.84
C SER D 1900 -34.13 32.62 83.17
N ASN D 1901 -33.67 31.61 83.89
CA ASN D 1901 -34.26 31.28 85.19
C ASN D 1901 -33.75 32.16 86.32
N GLN D 1902 -32.70 32.95 86.09
CA GLN D 1902 -32.16 33.82 87.13
C GLN D 1902 -33.09 35.01 87.35
N THR D 1903 -33.25 35.40 88.60
CA THR D 1903 -34.13 36.50 88.97
C THR D 1903 -33.35 37.81 88.99
N GLN D 1904 -33.91 38.83 88.36
CA GLN D 1904 -33.30 40.14 88.27
C GLN D 1904 -34.24 41.19 88.85
N LEU D 1905 -33.65 42.25 89.41
CA LEU D 1905 -34.44 43.29 90.07
C LEU D 1905 -33.89 44.66 89.72
N PHE D 1906 -34.79 45.55 89.29
CA PHE D 1906 -34.46 46.95 89.07
C PHE D 1906 -34.70 47.74 90.36
N ILE D 1907 -33.76 48.59 90.72
CA ILE D 1907 -33.82 49.35 91.96
C ILE D 1907 -33.91 50.84 91.61
N ASP D 1908 -34.90 51.52 92.17
CA ASP D 1908 -35.09 52.96 92.01
C ASP D 1908 -35.04 53.61 93.38
N ASP D 1909 -34.12 54.56 93.53
CA ASP D 1909 -33.92 55.29 94.78
C ASP D 1909 -33.95 56.80 94.60
N THR D 1910 -34.46 57.28 93.46
CA THR D 1910 -34.51 58.72 93.22
C THR D 1910 -35.46 59.42 94.18
N ASN D 1911 -36.55 58.75 94.54
CA ASN D 1911 -37.57 59.30 95.42
C ASN D 1911 -37.50 58.74 96.83
N VAL D 1912 -36.29 58.53 97.36
CA VAL D 1912 -36.14 58.06 98.74
C VAL D 1912 -36.51 59.18 99.71
N TYR D 1913 -36.07 60.40 99.45
CA TYR D 1913 -36.22 61.53 100.35
C TYR D 1913 -36.82 62.69 99.56
N ARG D 1914 -38.05 63.08 99.88
CA ARG D 1914 -38.67 64.11 99.06
C ARG D 1914 -38.66 65.45 99.79
N VAL D 1915 -38.70 66.53 99.01
CA VAL D 1915 -38.54 67.88 99.55
C VAL D 1915 -39.72 68.73 99.14
N THR D 1916 -40.07 69.69 100.01
CA THR D 1916 -41.02 70.74 99.68
C THR D 1916 -40.41 72.08 100.04
N ILE D 1917 -40.40 73.01 99.09
CA ILE D 1917 -39.83 74.34 99.31
C ILE D 1917 -40.95 75.25 99.82
N HIS D 1918 -40.78 75.77 101.03
CA HIS D 1918 -41.75 76.66 101.64
C HIS D 1918 -41.12 78.03 101.86
N LYS D 1919 -41.91 79.07 101.59
CA LYS D 1919 -41.48 80.45 101.82
C LYS D 1919 -41.97 80.90 103.18
N THR D 1920 -41.04 81.23 104.07
CA THR D 1920 -41.40 81.67 105.41
C THR D 1920 -41.85 83.13 105.41
N PHE D 1921 -42.21 83.63 106.59
CA PHE D 1921 -42.63 85.02 106.71
C PHE D 1921 -41.45 85.99 106.55
N GLU D 1922 -40.23 85.52 106.78
CA GLU D 1922 -39.03 86.33 106.60
C GLU D 1922 -38.46 86.23 105.18
N GLY D 1923 -39.08 85.43 104.31
CA GLY D 1923 -38.60 85.26 102.95
C GLY D 1923 -37.63 84.12 102.76
N ASN D 1924 -37.21 83.46 103.83
CA ASN D 1924 -36.26 82.36 103.70
C ASN D 1924 -36.95 81.12 103.15
N LEU D 1925 -36.21 80.36 102.35
CA LEU D 1925 -36.71 79.13 101.76
C LEU D 1925 -36.34 77.95 102.63
N THR D 1926 -37.34 77.15 103.02
CA THR D 1926 -37.15 75.99 103.87
C THR D 1926 -37.46 74.73 103.08
N THR D 1927 -36.54 73.77 103.13
CA THR D 1927 -36.70 72.50 102.44
C THR D 1927 -37.27 71.50 103.45
N LYS D 1928 -38.59 71.49 103.57
CA LYS D 1928 -39.24 70.57 104.50
C LYS D 1928 -39.20 69.15 103.94
N PRO D 1929 -38.69 68.18 104.70
CA PRO D 1929 -38.67 66.80 104.22
C PRO D 1929 -40.06 66.17 104.29
N ILE D 1930 -40.39 65.40 103.25
CA ILE D 1930 -41.59 64.59 103.22
C ILE D 1930 -41.25 63.20 102.69
N ASN D 1931 -42.19 62.28 102.94
CA ASN D 1931 -41.98 60.84 102.81
C ASN D 1931 -41.62 60.45 101.38
N GLY D 1932 -40.80 59.41 101.26
CA GLY D 1932 -40.33 58.95 99.97
C GLY D 1932 -40.52 57.46 99.80
N ALA D 1933 -40.11 56.97 98.62
CA ALA D 1933 -40.35 55.59 98.24
C ALA D 1933 -39.11 54.98 97.61
N ILE D 1934 -38.85 53.71 97.95
CA ILE D 1934 -37.85 52.88 97.31
C ILE D 1934 -38.58 51.85 96.47
N PHE D 1935 -38.24 51.78 95.18
CA PHE D 1935 -38.91 50.90 94.24
C PHE D 1935 -38.00 49.72 93.90
N ILE D 1936 -38.54 48.52 93.94
CA ILE D 1936 -37.83 47.33 93.47
C ILE D 1936 -38.76 46.56 92.55
N PHE D 1937 -38.42 46.49 91.27
CA PHE D 1937 -39.28 45.89 90.26
C PHE D 1937 -38.68 44.62 89.70
N ASN D 1938 -39.53 43.62 89.49
CA ASN D 1938 -39.11 42.38 88.84
C ASN D 1938 -39.65 42.38 87.42
N PRO D 1939 -38.81 42.50 86.39
CA PRO D 1939 -39.32 42.45 85.01
C PRO D 1939 -39.85 41.09 84.61
N ARG D 1940 -39.40 40.01 85.26
CA ARG D 1940 -39.86 38.68 84.89
C ARG D 1940 -41.27 38.42 85.38
N THR D 1941 -41.60 38.83 86.60
CA THR D 1941 -42.87 38.51 87.22
C THR D 1941 -43.80 39.70 87.40
N GLY D 1942 -43.28 40.93 87.35
CA GLY D 1942 -44.10 42.11 87.56
C GLY D 1942 -44.33 42.48 89.00
N GLN D 1943 -43.73 41.75 89.95
CA GLN D 1943 -43.91 42.08 91.36
C GLN D 1943 -43.12 43.34 91.70
N LEU D 1944 -43.77 44.26 92.40
CA LEU D 1944 -43.17 45.53 92.79
C LEU D 1944 -43.12 45.60 94.31
N PHE D 1945 -41.93 45.80 94.85
CA PHE D 1945 -41.71 45.98 96.28
C PHE D 1945 -41.50 47.47 96.55
N LEU D 1946 -42.33 48.03 97.42
CA LEU D 1946 -42.26 49.44 97.76
C LEU D 1946 -41.89 49.58 99.22
N LYS D 1947 -40.87 50.40 99.48
CA LYS D 1947 -40.43 50.71 100.85
C LYS D 1947 -40.68 52.19 101.09
N ILE D 1948 -41.59 52.51 102.00
CA ILE D 1948 -41.94 53.88 102.31
C ILE D 1948 -41.06 54.38 103.45
N ILE D 1949 -40.44 55.56 103.26
CA ILE D 1949 -39.58 56.17 104.26
C ILE D 1949 -40.28 57.42 104.77
N HIS D 1950 -40.48 57.48 106.09
CA HIS D 1950 -41.20 58.56 106.75
C HIS D 1950 -40.25 59.71 107.09
N THR D 1951 -40.84 60.82 107.55
CA THR D 1951 -40.05 61.96 107.99
C THR D 1951 -39.33 61.70 109.31
N SER D 1952 -39.74 60.67 110.06
CA SER D 1952 -39.08 60.35 111.32
C SER D 1952 -37.66 59.87 111.11
N VAL D 1953 -37.37 59.27 109.96
CA VAL D 1953 -36.00 58.86 109.65
C VAL D 1953 -35.12 60.07 109.41
N TRP D 1954 -35.67 61.11 108.77
CA TRP D 1954 -34.91 62.32 108.48
C TRP D 1954 -34.80 63.27 109.66
N ALA D 1955 -35.50 62.99 110.77
CA ALA D 1955 -35.49 63.89 111.91
C ALA D 1955 -34.16 63.80 112.65
N GLY D 1956 -33.54 64.96 112.89
CA GLY D 1956 -32.30 65.00 113.63
C GLY D 1956 -31.09 64.44 112.90
N GLN D 1957 -31.11 64.44 111.57
CA GLN D 1957 -30.02 63.87 110.79
C GLN D 1957 -29.45 64.92 109.84
N LYS D 1958 -28.16 64.80 109.57
CA LYS D 1958 -27.44 65.70 108.67
C LYS D 1958 -26.89 64.90 107.49
N ARG D 1959 -26.65 65.62 106.39
CA ARG D 1959 -26.21 65.05 105.11
C ARG D 1959 -27.19 63.97 104.64
N LEU D 1960 -28.43 64.42 104.36
CA LEU D 1960 -29.56 63.52 104.24
C LEU D 1960 -29.43 62.55 103.07
N GLY D 1961 -28.75 62.96 102.00
CA GLY D 1961 -28.54 62.06 100.88
C GLY D 1961 -27.67 60.87 101.21
N GLN D 1962 -26.65 61.10 102.06
CA GLN D 1962 -25.70 60.05 102.41
C GLN D 1962 -26.37 58.91 103.17
N LEU D 1963 -26.97 59.22 104.33
CA LEU D 1963 -27.67 58.17 105.05
C LEU D 1963 -28.99 57.79 104.38
N ALA D 1964 -29.50 58.58 103.45
CA ALA D 1964 -30.63 58.14 102.63
C ALA D 1964 -30.23 56.97 101.74
N LYS D 1965 -29.09 57.09 101.06
CA LYS D 1965 -28.57 55.99 100.26
C LYS D 1965 -28.20 54.80 101.14
N TRP D 1966 -27.63 55.08 102.32
CA TRP D 1966 -27.28 54.00 103.25
C TRP D 1966 -28.51 53.24 103.73
N LYS D 1967 -29.58 53.96 104.07
CA LYS D 1967 -30.82 53.32 104.49
C LYS D 1967 -31.49 52.60 103.34
N THR D 1968 -31.36 53.12 102.11
CA THR D 1968 -31.88 52.41 100.94
C THR D 1968 -31.18 51.07 100.76
N ALA D 1969 -29.84 51.07 100.85
CA ALA D 1969 -29.09 49.82 100.72
C ALA D 1969 -29.40 48.86 101.86
N GLU D 1970 -29.56 49.40 103.08
CA GLU D 1970 -29.89 48.56 104.24
C GLU D 1970 -31.28 47.94 104.10
N GLU D 1971 -32.24 48.70 103.59
CA GLU D 1971 -33.59 48.16 103.39
C GLU D 1971 -33.62 47.13 102.28
N VAL D 1972 -32.83 47.34 101.22
CA VAL D 1972 -32.72 46.34 100.16
C VAL D 1972 -32.11 45.05 100.72
N ALA D 1973 -31.08 45.17 101.56
CA ALA D 1973 -30.47 44.00 102.18
C ALA D 1973 -31.45 43.29 103.12
N ALA D 1974 -32.24 44.07 103.87
CA ALA D 1974 -33.22 43.48 104.77
C ALA D 1974 -34.31 42.75 104.00
N LEU D 1975 -34.76 43.31 102.87
CA LEU D 1975 -35.75 42.62 102.04
C LEU D 1975 -35.17 41.36 101.41
N ILE D 1976 -33.89 41.40 101.03
CA ILE D 1976 -33.23 40.21 100.49
C ILE D 1976 -33.14 39.13 101.55
N ARG D 1977 -32.79 39.51 102.79
CA ARG D 1977 -32.75 38.57 103.89
C ARG D 1977 -34.13 38.00 104.21
N SER D 1978 -35.18 38.83 104.07
CA SER D 1978 -36.53 38.34 104.27
C SER D 1978 -36.94 37.38 103.17
N LEU D 1979 -36.52 37.63 101.94
CA LEU D 1979 -36.86 36.76 100.83
C LEU D 1979 -36.09 35.45 100.93
N PRO D 1980 -36.68 34.33 100.54
CA PRO D 1980 -35.94 33.05 100.55
C PRO D 1980 -34.93 32.99 99.43
N VAL D 1981 -34.04 32.00 99.55
CA VAL D 1981 -32.93 31.85 98.61
C VAL D 1981 -33.45 31.52 97.21
N GLU D 1982 -34.52 30.73 97.13
CA GLU D 1982 -35.13 30.42 95.84
C GLU D 1982 -35.74 31.65 95.19
N GLU D 1983 -36.31 32.54 96.01
CA GLU D 1983 -36.84 33.81 95.51
C GLU D 1983 -35.82 34.93 95.56
N GLN D 1984 -34.60 34.65 96.01
CA GLN D 1984 -33.56 35.68 96.03
C GLN D 1984 -33.15 36.04 94.61
N PRO D 1985 -32.91 37.32 94.33
CA PRO D 1985 -32.50 37.72 92.99
C PRO D 1985 -31.06 37.30 92.71
N LYS D 1986 -30.71 37.33 91.43
CA LYS D 1986 -29.34 37.11 91.00
C LYS D 1986 -28.72 38.31 90.31
N GLN D 1987 -29.50 39.34 89.98
CA GLN D 1987 -28.94 40.57 89.42
C GLN D 1987 -29.73 41.76 89.92
N LEU D 1988 -29.00 42.80 90.35
CA LEU D 1988 -29.59 44.06 90.77
C LEU D 1988 -29.16 45.13 89.77
N ILE D 1989 -30.14 45.82 89.19
CA ILE D 1989 -29.88 46.86 88.22
C ILE D 1989 -30.31 48.19 88.85
N VAL D 1990 -29.35 49.09 89.03
CA VAL D 1990 -29.58 50.35 89.73
C VAL D 1990 -29.53 51.49 88.73
N THR D 1991 -30.48 52.42 88.86
CA THR D 1991 -30.53 53.58 87.98
C THR D 1991 -29.46 54.61 88.31
N ARG D 1992 -28.88 54.55 89.50
CA ARG D 1992 -27.84 55.48 89.93
C ARG D 1992 -26.55 54.73 90.19
N LYS D 1993 -25.44 55.32 89.75
CA LYS D 1993 -24.15 54.65 89.85
C LYS D 1993 -23.65 54.57 91.28
N GLY D 1994 -23.94 55.59 92.09
CA GLY D 1994 -23.44 55.64 93.46
C GLY D 1994 -23.91 54.49 94.32
N LEU D 1995 -25.10 53.94 94.02
CA LEU D 1995 -25.63 52.77 94.70
C LEU D 1995 -24.75 51.54 94.59
N LEU D 1996 -23.77 51.54 93.69
CA LEU D 1996 -22.80 50.45 93.64
C LEU D 1996 -22.00 50.35 94.93
N ASP D 1997 -21.72 51.48 95.59
CA ASP D 1997 -20.83 51.44 96.74
C ASP D 1997 -21.48 50.96 98.04
N PRO D 1998 -22.59 51.54 98.54
CA PRO D 1998 -23.08 51.10 99.86
C PRO D 1998 -23.74 49.73 99.82
N LEU D 1999 -24.32 49.34 98.69
CA LEU D 1999 -24.93 48.02 98.57
C LEU D 1999 -23.88 46.92 98.70
N GLU D 2000 -22.66 47.16 98.21
CA GLU D 2000 -21.55 46.25 98.45
C GLU D 2000 -21.27 46.09 99.93
N VAL D 2001 -21.51 47.15 100.72
CA VAL D 2001 -21.41 47.03 102.17
C VAL D 2001 -22.53 46.14 102.71
N ASN D 2002 -23.72 46.23 102.12
CA ASN D 2002 -24.89 45.54 102.62
C ASN D 2002 -25.08 44.15 102.01
N LEU D 2003 -24.21 43.73 101.10
CA LEU D 2003 -24.33 42.44 100.45
C LEU D 2003 -23.03 41.66 100.57
N VAL D 2004 -22.34 41.79 101.70
CA VAL D 2004 -21.16 40.98 101.94
C VAL D 2004 -21.54 39.53 102.16
N ASP D 2005 -22.63 39.29 102.89
CA ASP D 2005 -23.09 37.93 103.18
C ASP D 2005 -23.79 37.29 101.99
N PHE D 2006 -24.09 38.04 100.93
CA PHE D 2006 -24.74 37.51 99.74
C PHE D 2006 -23.93 37.89 98.52
N PRO D 2007 -22.84 37.16 98.26
CA PRO D 2007 -22.03 37.47 97.07
C PRO D 2007 -22.72 37.11 95.77
N ASN D 2008 -23.65 36.14 95.79
CA ASN D 2008 -24.23 35.58 94.58
C ASN D 2008 -25.14 36.56 93.84
N ILE D 2009 -25.50 37.68 94.46
CA ILE D 2009 -26.38 38.67 93.86
C ILE D 2009 -25.51 39.72 93.19
N SER D 2010 -25.69 39.92 91.89
CA SER D 2010 -24.86 40.85 91.15
C SER D 2010 -25.50 42.23 91.09
N ILE D 2011 -24.66 43.25 91.14
CA ILE D 2011 -25.10 44.65 91.07
C ILE D 2011 -24.51 45.26 89.82
N ARG D 2012 -25.37 45.84 88.97
CA ARG D 2012 -24.94 46.43 87.72
C ARG D 2012 -25.59 47.80 87.56
N ALA D 2013 -24.78 48.79 87.17
CA ALA D 2013 -25.28 50.13 86.92
C ALA D 2013 -26.00 50.18 85.58
N SER D 2014 -27.11 50.92 85.55
CA SER D 2014 -27.90 51.05 84.33
C SER D 2014 -27.50 52.33 83.61
N GLU D 2015 -26.98 52.18 82.38
CA GLU D 2015 -26.71 53.34 81.55
C GLU D 2015 -28.00 53.95 81.02
N LEU D 2016 -29.07 53.16 80.96
CA LEU D 2016 -30.35 53.64 80.49
C LEU D 2016 -30.97 54.61 81.48
N GLN D 2017 -31.57 55.69 80.96
CA GLN D 2017 -32.31 56.64 81.79
C GLN D 2017 -33.73 56.07 81.96
N LEU D 2018 -33.83 55.10 82.86
CA LEU D 2018 -35.10 54.42 83.07
C LEU D 2018 -36.07 55.34 83.83
N PRO D 2019 -37.32 55.46 83.38
CA PRO D 2019 -38.29 56.35 84.03
C PRO D 2019 -39.02 55.70 85.21
N PHE D 2020 -38.25 55.09 86.11
CA PHE D 2020 -38.82 54.45 87.29
C PHE D 2020 -39.27 55.45 88.34
N GLN D 2021 -38.80 56.69 88.26
CA GLN D 2021 -39.24 57.72 89.21
C GLN D 2021 -40.71 58.05 89.01
N ALA D 2022 -41.14 58.19 87.74
CA ALA D 2022 -42.44 58.73 87.35
C ALA D 2022 -43.64 57.99 87.93
N ALA D 2023 -43.38 56.89 88.63
CA ALA D 2023 -44.40 56.20 89.42
C ALA D 2023 -44.92 57.03 90.60
N MET D 2024 -44.30 58.18 90.93
CA MET D 2024 -45.00 59.04 91.88
C MET D 2024 -46.23 59.68 91.25
N LYS D 2025 -46.28 59.75 89.92
CA LYS D 2025 -47.37 60.44 89.22
C LYS D 2025 -48.65 59.62 89.17
N VAL D 2026 -48.61 58.35 89.53
CA VAL D 2026 -49.84 57.56 89.65
C VAL D 2026 -50.62 58.03 90.86
N GLU D 2027 -51.92 58.25 90.68
CA GLU D 2027 -52.76 58.80 91.75
C GLU D 2027 -52.86 57.86 92.94
N LYS D 2028 -53.03 56.56 92.70
CA LYS D 2028 -53.14 55.60 93.78
C LYS D 2028 -51.83 55.48 94.55
N LEU D 2029 -50.71 55.37 93.82
CA LEU D 2029 -49.40 55.19 94.44
C LEU D 2029 -49.01 56.42 95.25
N GLY D 2030 -49.17 57.61 94.67
CA GLY D 2030 -48.91 58.84 95.40
C GLY D 2030 -49.84 59.06 96.58
N ASP D 2031 -51.10 58.68 96.44
CA ASP D 2031 -52.07 58.83 97.52
C ASP D 2031 -51.69 57.95 98.72
N MET D 2032 -51.28 56.71 98.46
CA MET D 2032 -50.87 55.84 99.55
C MET D 2032 -49.48 56.18 100.08
N ILE D 2033 -48.60 56.75 99.25
CA ILE D 2033 -47.28 57.14 99.72
C ILE D 2033 -47.37 58.34 100.64
N LEU D 2034 -48.16 59.35 100.27
CA LEU D 2034 -48.25 60.57 101.06
C LEU D 2034 -49.03 60.36 102.35
N ARG D 2035 -49.88 59.34 102.42
CA ARG D 2035 -50.69 59.09 103.60
C ARG D 2035 -50.05 58.09 104.56
N ALA D 2036 -48.86 57.58 104.25
CA ALA D 2036 -48.22 56.60 105.11
C ALA D 2036 -47.60 57.28 106.33
N THR D 2037 -47.87 56.73 107.52
CA THR D 2037 -47.32 57.26 108.75
C THR D 2037 -46.15 56.45 109.30
N GLU D 2038 -46.03 55.18 108.90
CA GLU D 2038 -44.97 54.31 109.36
C GLU D 2038 -44.31 53.64 108.17
N PRO D 2039 -43.01 53.32 108.27
CA PRO D 2039 -42.36 52.53 107.21
C PRO D 2039 -42.92 51.11 107.17
N GLN D 2040 -43.13 50.60 105.96
CA GLN D 2040 -43.79 49.31 105.79
C GLN D 2040 -43.39 48.69 104.45
N MET D 2041 -43.60 47.38 104.35
CA MET D 2041 -43.45 46.65 103.10
C MET D 2041 -44.74 46.80 102.30
N VAL D 2042 -44.63 47.12 101.02
CA VAL D 2042 -45.80 47.19 100.14
C VAL D 2042 -45.56 46.28 98.93
N LEU D 2043 -46.54 45.45 98.61
CA LEU D 2043 -46.50 44.57 97.46
C LEU D 2043 -47.49 45.08 96.40
N PHE D 2044 -47.04 45.08 95.14
CA PHE D 2044 -47.88 45.47 94.02
C PHE D 2044 -47.63 44.56 92.83
N ASN D 2045 -48.57 44.56 91.90
CA ASN D 2045 -48.45 43.83 90.64
C ASN D 2045 -48.54 44.84 89.51
N LEU D 2046 -47.40 45.24 88.95
CA LEU D 2046 -47.38 46.25 87.91
C LEU D 2046 -47.89 45.72 86.58
N TYR D 2047 -47.76 44.42 86.31
CA TYR D 2047 -48.23 43.86 85.05
C TYR D 2047 -49.73 43.57 85.06
N ASP D 2048 -50.38 43.66 86.23
CA ASP D 2048 -51.80 43.33 86.42
C ASP D 2048 -52.10 41.92 85.93
N ASP D 2049 -52.63 41.81 84.71
CA ASP D 2049 -52.96 40.52 84.11
C ASP D 2049 -52.39 40.41 82.70
N TRP D 2050 -51.28 41.09 82.43
CA TRP D 2050 -50.68 41.03 81.10
C TRP D 2050 -49.95 39.70 80.87
N LEU D 2051 -49.55 39.03 81.96
CA LEU D 2051 -48.79 37.79 81.83
C LEU D 2051 -49.63 36.65 81.26
N LYS D 2052 -50.95 36.71 81.39
CA LYS D 2052 -51.80 35.66 80.85
C LYS D 2052 -51.94 35.75 79.34
N THR D 2053 -51.64 36.91 78.74
CA THR D 2053 -51.80 37.11 77.31
C THR D 2053 -50.46 37.35 76.59
N ILE D 2054 -49.70 38.34 77.03
CA ILE D 2054 -48.44 38.69 76.39
C ILE D 2054 -47.28 38.24 77.27
N SER D 2055 -46.09 38.23 76.68
CA SER D 2055 -44.89 37.80 77.39
C SER D 2055 -44.42 38.89 78.35
N SER D 2056 -43.44 38.52 79.20
CA SER D 2056 -42.89 39.47 80.16
C SER D 2056 -42.07 40.56 79.48
N TYR D 2057 -41.46 40.24 78.34
CA TYR D 2057 -40.71 41.25 77.59
C TYR D 2057 -41.65 42.32 77.02
N THR D 2058 -42.78 41.90 76.45
CA THR D 2058 -43.75 42.86 75.92
C THR D 2058 -44.38 43.68 77.03
N ALA D 2059 -44.68 43.05 78.16
CA ALA D 2059 -45.23 43.78 79.30
C ALA D 2059 -44.21 44.77 79.86
N PHE D 2060 -42.93 44.38 79.90
CA PHE D 2060 -41.89 45.29 80.34
C PHE D 2060 -41.74 46.48 79.41
N SER D 2061 -41.79 46.23 78.09
CA SER D 2061 -41.72 47.32 77.12
C SER D 2061 -42.91 48.26 77.26
N ARG D 2062 -44.11 47.70 77.47
CA ARG D 2062 -45.30 48.52 77.66
C ARG D 2062 -45.20 49.35 78.94
N LEU D 2063 -44.70 48.75 80.02
CA LEU D 2063 -44.55 49.48 81.27
C LEU D 2063 -43.52 50.59 81.17
N ILE D 2064 -42.40 50.31 80.47
CA ILE D 2064 -41.38 51.34 80.25
C ILE D 2064 -41.94 52.48 79.41
N LEU D 2065 -42.72 52.14 78.38
CA LEU D 2065 -43.36 53.17 77.55
C LEU D 2065 -44.35 54.00 78.35
N ILE D 2066 -45.13 53.36 79.23
CA ILE D 2066 -46.10 54.07 80.05
C ILE D 2066 -45.41 55.00 81.03
N LEU D 2067 -44.32 54.52 81.67
CA LEU D 2067 -43.58 55.35 82.61
C LEU D 2067 -42.89 56.52 81.91
N ARG D 2068 -42.36 56.27 80.71
CA ARG D 2068 -41.74 57.35 79.94
C ARG D 2068 -42.76 58.40 79.53
N ALA D 2069 -43.95 57.96 79.12
CA ALA D 2069 -45.01 58.90 78.76
C ALA D 2069 -45.50 59.67 79.97
N LEU D 2070 -45.54 59.02 81.14
CA LEU D 2070 -45.90 59.72 82.38
C LEU D 2070 -44.86 60.78 82.72
N HIS D 2071 -43.58 60.46 82.53
CA HIS D 2071 -42.52 61.45 82.71
C HIS D 2071 -42.65 62.59 81.70
N VAL D 2072 -43.11 62.29 80.49
CA VAL D 2072 -43.35 63.34 79.50
C VAL D 2072 -44.54 64.20 79.90
N ASN D 2073 -45.67 63.57 80.21
CA ASN D 2073 -46.90 64.30 80.52
C ASN D 2073 -47.82 63.39 81.30
N GLN D 2074 -48.14 63.78 82.54
CA GLN D 2074 -49.01 62.97 83.37
C GLN D 2074 -50.46 63.02 82.88
N ASP D 2075 -50.94 64.22 82.57
CA ASP D 2075 -52.35 64.39 82.20
C ASP D 2075 -52.65 63.76 80.84
N LYS D 2076 -51.74 63.91 79.88
CA LYS D 2076 -51.94 63.30 78.56
C LYS D 2076 -51.88 61.79 78.64
N THR D 2077 -50.99 61.25 79.50
CA THR D 2077 -50.94 59.81 79.70
C THR D 2077 -52.22 59.30 80.36
N LYS D 2078 -52.76 60.06 81.32
CA LYS D 2078 -54.02 59.68 81.94
C LYS D 2078 -55.17 59.70 80.94
N LEU D 2079 -55.16 60.69 80.05
CA LEU D 2079 -56.21 60.78 79.03
C LEU D 2079 -56.10 59.66 78.01
N ILE D 2080 -54.87 59.30 77.61
CA ILE D 2080 -54.68 58.23 76.64
C ILE D 2080 -55.02 56.88 77.24
N LEU D 2081 -54.58 56.63 78.49
CA LEU D 2081 -54.83 55.35 79.14
C LEU D 2081 -56.30 55.14 79.45
N ARG D 2082 -57.06 56.22 79.64
CA ARG D 2082 -58.50 56.15 79.86
C ARG D 2082 -59.18 57.11 78.90
N PRO D 2083 -59.30 56.74 77.62
CA PRO D 2083 -59.94 57.64 76.66
C PRO D 2083 -61.45 57.75 76.82
N ASP D 2084 -62.07 56.78 77.48
CA ASP D 2084 -63.52 56.79 77.68
C ASP D 2084 -63.83 56.41 79.12
N LYS D 2085 -65.02 56.81 79.57
CA LYS D 2085 -65.44 56.51 80.92
C LYS D 2085 -65.81 55.03 81.11
N THR D 2086 -66.00 54.30 80.00
CA THR D 2086 -66.32 52.88 80.11
C THR D 2086 -65.12 52.06 80.58
N VAL D 2087 -63.91 52.52 80.28
CA VAL D 2087 -62.70 51.83 80.72
C VAL D 2087 -62.49 52.16 82.19
N ILE D 2088 -62.64 51.15 83.05
CA ILE D 2088 -62.57 51.31 84.50
C ILE D 2088 -61.40 50.51 85.03
N THR D 2089 -60.54 51.16 85.81
CA THR D 2089 -59.44 50.47 86.46
C THR D 2089 -59.97 49.60 87.60
N GLN D 2090 -59.48 48.37 87.68
CA GLN D 2090 -59.91 47.46 88.74
C GLN D 2090 -59.33 47.89 90.08
N ASP D 2091 -59.92 47.36 91.15
CA ASP D 2091 -59.45 47.68 92.50
C ASP D 2091 -58.07 47.11 92.77
N HIS D 2092 -57.82 45.89 92.31
CA HIS D 2092 -56.53 45.23 92.49
C HIS D 2092 -55.56 45.52 91.36
N HIS D 2093 -55.96 46.32 90.37
CA HIS D 2093 -55.11 46.66 89.24
C HIS D 2093 -54.75 48.13 89.30
N ILE D 2094 -53.53 48.45 88.87
CA ILE D 2094 -53.08 49.83 88.83
C ILE D 2094 -53.43 50.49 87.50
N TRP D 2095 -53.23 49.78 86.40
CA TRP D 2095 -53.59 50.28 85.08
C TRP D 2095 -55.01 49.86 84.72
N PRO D 2096 -55.72 50.67 83.94
CA PRO D 2096 -57.07 50.27 83.51
C PRO D 2096 -57.03 49.06 82.59
N SER D 2097 -58.06 48.22 82.72
CA SER D 2097 -58.13 46.99 81.94
C SER D 2097 -58.52 47.31 80.50
N LEU D 2098 -57.77 46.75 79.56
CA LEU D 2098 -58.00 46.95 78.14
C LEU D 2098 -57.71 45.66 77.39
N THR D 2099 -58.28 45.55 76.20
CA THR D 2099 -57.98 44.41 75.33
C THR D 2099 -56.59 44.57 74.73
N ASP D 2100 -56.11 43.50 74.09
CA ASP D 2100 -54.79 43.51 73.49
C ASP D 2100 -54.70 44.51 72.35
N GLU D 2101 -55.75 44.58 71.51
CA GLU D 2101 -55.75 45.55 70.41
C GLU D 2101 -55.86 46.98 70.93
N ASP D 2102 -56.67 47.21 71.95
CA ASP D 2102 -56.74 48.53 72.57
C ASP D 2102 -55.42 48.90 73.23
N TRP D 2103 -54.75 47.92 73.84
CA TRP D 2103 -53.42 48.17 74.39
C TRP D 2103 -52.41 48.49 73.31
N ILE D 2104 -52.54 47.87 72.13
CA ILE D 2104 -51.67 48.20 70.99
C ILE D 2104 -51.94 49.62 70.49
N LYS D 2105 -53.22 50.01 70.46
CA LYS D 2105 -53.59 51.38 70.08
C LYS D 2105 -52.98 52.39 71.04
N VAL D 2106 -53.11 52.14 72.34
CA VAL D 2106 -52.48 52.97 73.37
C VAL D 2106 -50.97 52.94 73.22
N GLU D 2107 -50.41 51.81 72.76
CA GLU D 2107 -48.97 51.68 72.59
C GLU D 2107 -48.43 52.65 71.54
N MET D 2108 -49.01 52.65 70.33
CA MET D 2108 -48.41 53.64 69.42
C MET D 2108 -48.93 55.05 69.66
N GLN D 2109 -50.03 55.23 70.40
CA GLN D 2109 -50.40 56.58 70.81
C GLN D 2109 -49.37 57.17 71.75
N LEU D 2110 -48.94 56.39 72.75
CA LEU D 2110 -47.89 56.84 73.66
C LEU D 2110 -46.55 56.94 72.94
N ARG D 2111 -46.28 56.06 71.97
CA ARG D 2111 -45.06 56.15 71.18
C ARG D 2111 -45.04 57.46 70.38
N ASP D 2112 -46.17 57.82 69.76
CA ASP D 2112 -46.25 59.07 69.03
C ASP D 2112 -46.10 60.27 69.95
N LEU D 2113 -46.69 60.22 71.14
CA LEU D 2113 -46.58 61.32 72.09
C LEU D 2113 -45.13 61.51 72.55
N ILE D 2114 -44.45 60.40 72.88
CA ILE D 2114 -43.07 60.46 73.32
C ILE D 2114 -42.16 60.94 72.19
N LEU D 2115 -42.41 60.46 70.96
CA LEU D 2115 -41.61 60.89 69.82
C LEU D 2115 -41.82 62.38 69.51
N ASN D 2116 -43.06 62.87 69.63
CA ASN D 2116 -43.32 64.28 69.41
C ASN D 2116 -42.66 65.15 70.46
N ASP D 2117 -42.70 64.71 71.73
CA ASP D 2117 -42.03 65.46 72.79
C ASP D 2117 -40.51 65.45 72.60
N TYR D 2118 -39.96 64.31 72.18
CA TYR D 2118 -38.52 64.23 71.93
C TYR D 2118 -38.11 65.11 70.75
N GLY D 2119 -38.95 65.15 69.71
CA GLY D 2119 -38.67 66.02 68.58
C GLY D 2119 -38.77 67.49 68.94
N LYS D 2120 -39.70 67.84 69.82
CA LYS D 2120 -39.80 69.22 70.29
C LYS D 2120 -38.60 69.59 71.15
N LYS D 2121 -38.12 68.65 71.96
CA LYS D 2121 -37.00 68.95 72.86
C LYS D 2121 -35.67 69.02 72.10
N ASN D 2122 -35.43 68.10 71.17
CA ASN D 2122 -34.13 67.97 70.53
C ASN D 2122 -34.07 68.53 69.12
N ASN D 2123 -35.18 69.10 68.62
CA ASN D 2123 -35.27 69.72 67.29
C ASN D 2123 -34.88 68.74 66.18
N VAL D 2124 -35.32 67.49 66.31
CA VAL D 2124 -35.08 66.43 65.34
C VAL D 2124 -36.43 65.92 64.85
N ASN D 2125 -36.57 65.76 63.55
CA ASN D 2125 -37.85 65.35 62.97
C ASN D 2125 -38.20 63.92 63.38
N VAL D 2126 -39.50 63.63 63.37
CA VAL D 2126 -39.99 62.32 63.77
C VAL D 2126 -39.59 61.26 62.74
N ALA D 2127 -39.64 61.61 61.46
CA ALA D 2127 -39.30 60.67 60.41
C ALA D 2127 -37.82 60.32 60.43
N SER D 2128 -36.96 61.30 60.75
CA SER D 2128 -35.52 61.06 60.76
C SER D 2128 -35.10 60.13 61.87
N LEU D 2129 -35.97 59.93 62.87
CA LEU D 2129 -35.71 58.95 63.92
C LEU D 2129 -36.12 57.57 63.42
N THR D 2130 -35.14 56.74 63.10
CA THR D 2130 -35.41 55.40 62.61
C THR D 2130 -35.78 54.48 63.77
N THR D 2131 -36.08 53.22 63.46
CA THR D 2131 -36.61 52.26 64.43
C THR D 2131 -35.61 51.99 65.56
N SER D 2132 -34.32 51.91 65.22
CA SER D 2132 -33.29 51.81 66.24
C SER D 2132 -33.27 53.04 67.12
N GLU D 2133 -33.38 54.23 66.52
CA GLU D 2133 -33.42 55.46 67.29
C GLU D 2133 -34.70 55.57 68.13
N VAL D 2134 -35.83 55.10 67.59
CA VAL D 2134 -37.07 55.09 68.36
C VAL D 2134 -36.95 54.16 69.57
N ARG D 2135 -36.36 52.97 69.37
CA ARG D 2135 -36.19 52.04 70.48
C ARG D 2135 -35.19 52.59 71.51
N ASP D 2136 -34.16 53.31 71.06
CA ASP D 2136 -33.23 53.92 72.00
C ASP D 2136 -33.87 55.07 72.78
N ILE D 2137 -34.78 55.81 72.13
CA ILE D 2137 -35.52 56.86 72.84
C ILE D 2137 -36.46 56.25 73.87
N ILE D 2138 -37.13 55.15 73.49
CA ILE D 2138 -38.04 54.46 74.42
C ILE D 2138 -37.28 53.90 75.61
N LEU D 2139 -36.13 53.26 75.36
CA LEU D 2139 -35.30 52.76 76.45
C LEU D 2139 -34.62 53.87 77.24
N GLY D 2140 -34.58 55.09 76.70
CA GLY D 2140 -33.93 56.18 77.39
C GLY D 2140 -32.43 56.20 77.28
N MET D 2141 -31.86 55.51 76.30
CA MET D 2141 -30.42 55.53 76.11
C MET D 2141 -29.99 56.91 75.64
N GLU D 2142 -28.89 57.41 76.21
CA GLU D 2142 -28.40 58.75 75.91
C GLU D 2142 -27.81 58.75 74.50
N ILE D 2143 -28.60 59.23 73.54
CA ILE D 2143 -28.23 59.17 72.13
C ILE D 2143 -27.09 60.15 71.86
N SER D 2144 -25.99 59.64 71.31
CA SER D 2144 -24.82 60.45 71.02
C SER D 2144 -24.94 61.03 69.62
N ALA D 2145 -24.85 62.35 69.51
CA ALA D 2145 -24.93 63.01 68.22
C ALA D 2145 -23.69 62.70 67.38
N PRO D 2146 -23.85 62.54 66.06
CA PRO D 2146 -22.71 62.27 65.17
C PRO D 2146 -21.78 63.48 65.02
N SER E 69 134.58 -33.22 -9.51
CA SER E 69 134.59 -32.13 -8.55
C SER E 69 133.53 -32.35 -7.46
N GLU E 70 133.94 -32.18 -6.20
CA GLU E 70 133.06 -32.35 -5.06
C GLU E 70 132.67 -31.02 -4.42
N SER E 71 133.34 -29.93 -4.77
CA SER E 71 133.02 -28.60 -4.24
C SER E 71 131.99 -27.86 -5.07
N SER E 72 132.11 -27.89 -6.40
CA SER E 72 131.12 -27.25 -7.25
C SER E 72 129.81 -28.03 -7.26
N THR E 73 129.87 -29.35 -7.10
CA THR E 73 128.65 -30.15 -7.02
C THR E 73 127.84 -29.83 -5.77
N LYS E 74 128.53 -29.61 -4.65
CA LYS E 74 127.84 -29.20 -3.42
C LYS E 74 127.18 -27.84 -3.57
N ASN E 75 127.86 -26.90 -4.23
CA ASN E 75 127.28 -25.59 -4.48
C ASN E 75 126.08 -25.68 -5.40
N ALA E 76 126.16 -26.52 -6.43
CA ALA E 76 125.02 -26.72 -7.34
C ALA E 76 123.84 -27.36 -6.61
N ALA E 77 124.11 -28.33 -5.73
CA ALA E 77 123.06 -28.94 -4.94
C ALA E 77 122.42 -27.95 -3.98
N LEU E 78 123.23 -27.08 -3.38
CA LEU E 78 122.70 -26.04 -2.49
C LEU E 78 121.84 -25.04 -3.26
N THR E 79 122.28 -24.66 -4.47
CA THR E 79 121.48 -23.76 -5.30
C THR E 79 120.17 -24.40 -5.73
N ALA E 80 120.20 -25.69 -6.08
CA ALA E 80 118.98 -26.40 -6.43
C ALA E 80 118.04 -26.52 -5.24
N ALA E 81 118.59 -26.77 -4.05
CA ALA E 81 117.75 -26.84 -2.85
C ALA E 81 117.13 -25.49 -2.52
N GLN E 82 117.91 -24.41 -2.69
CA GLN E 82 117.36 -23.06 -2.48
C GLN E 82 116.27 -22.72 -3.48
N GLU E 83 116.46 -23.11 -4.74
CA GLU E 83 115.43 -22.90 -5.75
C GLU E 83 114.18 -23.71 -5.45
N ARG E 84 114.35 -24.95 -4.99
CA ARG E 84 113.21 -25.78 -4.62
C ARG E 84 112.47 -25.21 -3.41
N LEU E 85 113.21 -24.67 -2.43
CA LEU E 85 112.59 -24.05 -1.27
C LEU E 85 111.82 -22.78 -1.67
N ALA E 86 112.39 -21.98 -2.57
CA ALA E 86 111.70 -20.79 -3.05
C ALA E 86 110.44 -21.16 -3.83
N ARG E 87 110.52 -22.22 -4.66
CA ARG E 87 109.36 -22.68 -5.40
C ARG E 87 108.29 -23.22 -4.46
N PHE E 88 108.69 -23.92 -3.40
CA PHE E 88 107.74 -24.43 -2.41
C PHE E 88 107.06 -23.29 -1.65
N ARG E 89 107.83 -22.25 -1.31
CA ARG E 89 107.25 -21.08 -0.64
C ARG E 89 106.28 -20.35 -1.55
N ALA E 90 106.62 -20.20 -2.83
CA ALA E 90 105.72 -19.56 -3.78
C ALA E 90 104.46 -20.39 -3.99
N LEU E 91 104.61 -21.72 -4.04
CA LEU E 91 103.44 -22.59 -4.18
C LEU E 91 102.56 -22.55 -2.94
N GLN E 92 103.17 -22.43 -1.75
CA GLN E 92 102.39 -22.30 -0.52
C GLN E 92 101.63 -20.97 -0.49
N ALA E 93 102.27 -19.89 -0.93
CA ALA E 93 101.58 -18.60 -0.99
C ALA E 93 100.45 -18.62 -2.01
N ARG E 94 100.67 -19.26 -3.17
CA ARG E 94 99.63 -19.38 -4.17
C ARG E 94 98.49 -20.25 -3.67
N ALA E 95 98.80 -21.31 -2.91
CA ALA E 95 97.77 -22.17 -2.33
C ALA E 95 96.95 -21.42 -1.29
N LYS E 96 97.62 -20.58 -0.48
CA LYS E 96 96.90 -19.76 0.49
C LYS E 96 95.98 -18.75 -0.20
N GLU E 97 96.47 -18.12 -1.27
CA GLU E 97 95.64 -17.18 -2.01
C GLU E 97 94.45 -17.89 -2.68
N SER E 98 94.69 -19.09 -3.24
CA SER E 98 93.61 -19.85 -3.84
C SER E 98 92.61 -20.34 -2.80
N SER E 99 93.08 -20.68 -1.60
CA SER E 99 92.17 -21.07 -0.52
C SER E 99 91.33 -19.89 -0.06
N GLN E 100 91.92 -18.69 0.02
CA GLN E 100 91.16 -17.51 0.35
C GLN E 100 90.12 -17.19 -0.72
N GLN E 101 90.50 -17.34 -2.00
CA GLN E 101 89.56 -17.12 -3.09
C GLN E 101 88.44 -18.17 -3.07
N ASN E 102 88.77 -19.41 -2.75
CA ASN E 102 87.75 -20.46 -2.66
C ASN E 102 86.81 -20.24 -1.48
N LEU E 103 87.34 -19.73 -0.37
CA LEU E 103 86.49 -19.38 0.77
C LEU E 103 85.56 -18.23 0.43
N LYS E 104 86.07 -17.22 -0.30
CA LYS E 104 85.23 -16.12 -0.76
C LYS E 104 84.15 -16.61 -1.72
N GLU E 105 84.50 -17.53 -2.61
CA GLU E 105 83.54 -18.09 -3.56
C GLU E 105 82.49 -18.93 -2.84
N ALA E 106 82.89 -19.67 -1.80
CA ALA E 106 81.94 -20.44 -1.02
C ALA E 106 81.00 -19.55 -0.24
N THR E 107 81.51 -18.44 0.30
CA THR E 107 80.66 -17.47 0.98
C THR E 107 79.69 -16.82 -0.01
N LYS E 108 80.16 -16.54 -1.23
CA LYS E 108 79.28 -15.99 -2.25
C LYS E 108 78.19 -16.97 -2.65
N GLU E 109 78.56 -18.26 -2.77
CA GLU E 109 77.57 -19.29 -3.09
C GLU E 109 76.55 -19.45 -1.97
N SER E 110 77.01 -19.39 -0.71
CA SER E 110 76.08 -19.47 0.42
C SER E 110 75.14 -18.27 0.46
N GLN E 111 75.66 -17.07 0.16
CA GLN E 111 74.82 -15.87 0.13
C GLN E 111 73.82 -15.94 -1.02
N ARG E 112 74.24 -16.48 -2.17
CA ARG E 112 73.33 -16.62 -3.31
C ARG E 112 72.25 -17.66 -3.02
N LEU E 113 72.61 -18.75 -2.33
CA LEU E 113 71.62 -19.75 -1.96
C LEU E 113 70.66 -19.23 -0.89
N ALA E 114 71.15 -18.39 0.01
CA ALA E 114 70.30 -17.86 1.07
C ALA E 114 69.34 -16.79 0.57
N THR E 115 69.72 -16.06 -0.47
CA THR E 115 68.90 -14.96 -1.00
C THR E 115 68.13 -15.46 -2.21
N ASP E 116 66.81 -15.43 -2.12
CA ASP E 116 65.98 -15.83 -3.24
C ASP E 116 66.02 -14.78 -4.33
N PRO E 117 66.06 -15.18 -5.61
CA PRO E 117 66.04 -14.18 -6.70
C PRO E 117 64.76 -13.36 -6.75
N SER E 118 63.63 -13.92 -6.33
CA SER E 118 62.40 -13.14 -6.25
C SER E 118 62.52 -12.04 -5.21
N GLN E 119 63.16 -12.34 -4.07
CA GLN E 119 63.43 -11.32 -3.07
C GLN E 119 64.37 -10.25 -3.63
N LEU E 120 65.35 -10.66 -4.43
CA LEU E 120 66.27 -9.71 -5.05
C LEU E 120 65.54 -8.79 -6.02
N THR E 121 64.62 -9.34 -6.81
CA THR E 121 63.84 -8.49 -7.72
C THR E 121 62.91 -7.56 -6.96
N ALA E 122 62.33 -8.03 -5.86
CA ALA E 122 61.48 -7.16 -5.04
C ALA E 122 62.28 -6.01 -4.44
N LEU E 123 63.49 -6.30 -3.96
CA LEU E 123 64.36 -5.27 -3.42
C LEU E 123 64.83 -4.30 -4.50
N SER E 124 65.06 -4.79 -5.72
CA SER E 124 65.41 -3.90 -6.83
C SER E 124 64.25 -3.01 -7.23
N ARG E 125 63.02 -3.54 -7.17
CA ARG E 125 61.85 -2.71 -7.45
C ARG E 125 61.65 -1.66 -6.35
N LYS E 126 61.96 -2.02 -5.10
CA LYS E 126 61.90 -1.03 -4.02
C LYS E 126 62.97 0.04 -4.19
N HIS E 127 64.17 -0.35 -4.66
CA HIS E 127 65.17 0.60 -5.13
C HIS E 127 64.63 1.56 -6.18
N ALA E 128 63.95 1.01 -7.19
CA ALA E 128 63.46 1.85 -8.28
C ALA E 128 62.42 2.85 -7.79
N ILE E 129 61.44 2.38 -7.00
CA ILE E 129 60.39 3.29 -6.55
C ILE E 129 60.94 4.30 -5.54
N ALA E 130 61.88 3.89 -4.70
CA ALA E 130 62.50 4.82 -3.77
C ALA E 130 63.29 5.90 -4.50
N ALA E 131 64.04 5.50 -5.53
CA ALA E 131 64.77 6.48 -6.33
C ALA E 131 63.83 7.45 -7.00
N HIS E 132 62.70 6.93 -7.50
CA HIS E 132 61.69 7.81 -8.12
C HIS E 132 61.14 8.83 -7.13
N LYS E 133 60.78 8.38 -5.93
CA LYS E 133 60.13 9.32 -5.00
C LYS E 133 61.14 10.32 -4.43
N LEU E 134 62.39 9.90 -4.21
CA LEU E 134 63.43 10.86 -3.81
C LEU E 134 63.67 11.89 -4.91
N LEU E 135 63.72 11.46 -6.16
CA LEU E 135 63.98 12.41 -7.24
C LEU E 135 62.79 13.36 -7.40
N LYS E 136 61.58 12.85 -7.20
CA LYS E 136 60.39 13.70 -7.22
C LYS E 136 60.46 14.75 -6.12
N ALA E 137 60.85 14.34 -4.91
CA ALA E 137 60.96 15.28 -3.80
C ALA E 137 62.01 16.35 -4.07
N GLU E 138 63.16 15.94 -4.62
CA GLU E 138 64.21 16.92 -4.91
C GLU E 138 63.79 17.92 -5.98
N ILE E 139 63.10 17.45 -7.04
CA ILE E 139 62.68 18.39 -8.08
C ILE E 139 61.59 19.33 -7.57
N GLU E 140 60.63 18.82 -6.81
CA GLU E 140 59.58 19.70 -6.32
C GLU E 140 60.11 20.67 -5.26
N ASP E 141 61.16 20.28 -4.53
CA ASP E 141 61.78 21.22 -3.61
C ASP E 141 62.64 22.23 -4.35
N ALA E 142 63.21 21.86 -5.50
CA ALA E 142 64.06 22.77 -6.25
C ALA E 142 63.26 23.86 -6.95
N GLY E 143 61.94 23.75 -7.02
CA GLY E 143 61.12 24.74 -7.67
C GLY E 143 60.64 24.35 -9.06
N GLY E 144 61.22 23.32 -9.66
CA GLY E 144 60.77 22.86 -10.95
C GLY E 144 59.57 21.92 -10.85
N ASP E 145 58.97 21.64 -12.01
CA ASP E 145 57.85 20.72 -12.08
C ASP E 145 58.31 19.36 -12.56
N PHE E 146 57.94 18.32 -11.82
CA PHE E 146 58.32 16.96 -12.19
C PHE E 146 57.56 16.51 -13.42
N GLU E 147 56.24 16.72 -13.42
CA GLU E 147 55.40 16.14 -14.47
C GLU E 147 55.63 16.81 -15.81
N ARG E 148 56.14 18.05 -15.83
CA ARG E 148 56.47 18.67 -17.10
C ARG E 148 57.67 17.99 -17.74
N LYS E 149 58.67 17.60 -16.93
CA LYS E 149 59.82 16.88 -17.47
C LYS E 149 59.44 15.46 -17.89
N ARG E 150 58.61 14.79 -17.09
CA ARG E 150 58.11 13.49 -17.52
C ARG E 150 57.25 13.62 -18.77
N ALA E 151 56.59 14.77 -18.98
CA ALA E 151 55.85 15.01 -20.20
C ALA E 151 56.78 15.28 -21.37
N TRP E 152 57.98 15.79 -21.07
CA TRP E 152 59.00 15.87 -22.10
C TRP E 152 59.36 14.47 -22.58
N ASP E 153 59.42 13.50 -21.68
CA ASP E 153 59.80 12.16 -22.09
C ASP E 153 58.61 11.20 -21.90
N TRP E 154 57.72 11.16 -22.89
CA TRP E 154 56.67 10.15 -23.01
C TRP E 154 56.54 9.78 -24.48
N THR E 155 56.14 8.54 -24.77
CA THR E 155 55.87 8.22 -26.15
C THR E 155 54.41 8.54 -26.49
N VAL E 156 54.01 8.21 -27.72
CA VAL E 156 52.62 8.40 -28.11
C VAL E 156 51.72 7.39 -27.42
N GLU E 157 52.26 6.20 -27.16
CA GLU E 157 51.45 5.12 -26.58
C GLU E 157 51.02 5.46 -25.17
N GLU E 158 51.97 5.84 -24.31
CA GLU E 158 51.62 6.23 -22.94
C GLU E 158 50.75 7.48 -22.95
N ALA E 159 50.97 8.37 -23.92
CA ALA E 159 50.20 9.60 -24.01
C ALA E 159 48.73 9.30 -24.26
N GLU E 160 48.43 8.46 -25.25
CA GLU E 160 47.02 8.19 -25.53
C GLU E 160 46.40 7.25 -24.50
N ARG E 161 47.17 6.37 -23.88
CA ARG E 161 46.56 5.57 -22.82
C ARG E 161 46.26 6.40 -21.58
N TRP E 162 47.13 7.38 -21.26
CA TRP E 162 46.83 8.25 -20.13
C TRP E 162 45.71 9.22 -20.46
N ASP E 163 45.60 9.61 -21.73
CA ASP E 163 44.45 10.39 -22.19
C ASP E 163 43.17 9.61 -21.97
N LYS E 164 43.17 8.34 -22.36
CA LYS E 164 42.00 7.49 -22.16
C LYS E 164 41.70 7.31 -20.68
N ARG E 165 42.73 7.16 -19.85
CA ARG E 165 42.52 6.97 -18.42
C ARG E 165 41.94 8.21 -17.75
N MET E 166 42.45 9.40 -18.11
CA MET E 166 41.92 10.63 -17.52
C MET E 166 40.50 10.93 -17.99
N LYS E 167 40.19 10.65 -19.26
CA LYS E 167 38.81 10.81 -19.71
C LYS E 167 37.90 9.79 -19.04
N LYS E 168 38.41 8.57 -18.80
CA LYS E 168 37.65 7.55 -18.09
C LYS E 168 37.34 7.99 -16.67
N LYS E 169 38.33 8.56 -15.99
CA LYS E 169 38.09 8.95 -14.60
C LYS E 169 37.26 10.23 -14.48
N GLU E 170 37.31 11.12 -15.47
CA GLU E 170 36.34 12.21 -15.51
C GLU E 170 34.92 11.68 -15.75
N ALA E 171 34.77 10.66 -16.59
CA ALA E 171 33.46 10.05 -16.77
C ALA E 171 32.98 9.40 -15.48
N HIS E 172 33.88 8.76 -14.75
CA HIS E 172 33.52 8.15 -13.48
C HIS E 172 33.15 9.19 -12.43
N ARG E 173 33.87 10.32 -12.42
CA ARG E 173 33.51 11.41 -11.51
C ARG E 173 32.16 12.00 -11.85
N ASP E 174 31.87 12.19 -13.13
CA ASP E 174 30.63 12.83 -13.54
C ASP E 174 29.43 11.90 -13.46
N ASP E 175 29.64 10.61 -13.30
CA ASP E 175 28.56 9.63 -13.27
C ASP E 175 28.48 9.00 -11.89
N THR E 176 28.52 9.84 -10.85
CA THR E 176 28.29 9.33 -9.51
C THR E 176 26.98 9.80 -8.91
N ALA E 177 26.35 10.83 -9.47
CA ALA E 177 25.02 11.23 -9.04
C ALA E 177 23.98 10.36 -9.73
N PHE E 178 22.91 10.07 -9.00
CA PHE E 178 21.88 9.17 -9.51
C PHE E 178 21.13 9.82 -10.66
N ARG E 179 20.98 9.08 -11.76
CA ARG E 179 20.14 9.51 -12.87
C ARG E 179 18.90 8.67 -12.98
N ASP E 180 19.06 7.36 -13.16
CA ASP E 180 17.97 6.39 -13.18
C ASP E 180 18.58 5.03 -12.93
N TYR E 181 17.72 4.04 -12.76
CA TYR E 181 18.22 2.72 -12.40
C TYR E 181 18.84 1.99 -13.56
N ALA E 182 18.56 2.41 -14.79
CA ALA E 182 19.23 1.82 -15.94
C ALA E 182 20.72 2.11 -15.91
N ARG E 183 21.10 3.35 -15.60
CA ARG E 183 22.51 3.72 -15.55
C ARG E 183 23.22 3.08 -14.37
N GLU E 184 22.54 2.91 -13.24
CA GLU E 184 23.19 2.22 -12.12
C GLU E 184 23.33 0.74 -12.41
N ALA E 185 22.37 0.17 -13.14
CA ALA E 185 22.51 -1.21 -13.59
C ALA E 185 23.71 -1.38 -14.51
N GLU E 186 23.89 -0.42 -15.42
CA GLU E 186 25.05 -0.40 -16.31
C GLU E 186 26.35 -0.31 -15.54
N LYS E 187 26.41 0.63 -14.59
CA LYS E 187 27.63 0.83 -13.81
C LYS E 187 27.96 -0.40 -12.98
N THR E 188 26.94 -0.98 -12.35
CA THR E 188 27.16 -2.16 -11.51
C THR E 188 27.61 -3.35 -12.34
N TYR E 189 27.02 -3.52 -13.54
CA TYR E 189 27.44 -4.62 -14.39
C TYR E 189 28.87 -4.46 -14.88
N LYS E 190 29.24 -3.24 -15.28
CA LYS E 190 30.61 -3.02 -15.74
C LYS E 190 31.61 -3.22 -14.61
N ARG E 191 31.27 -2.77 -13.41
CA ARG E 191 32.14 -2.96 -12.26
C ARG E 191 32.28 -4.44 -11.92
N GLN E 192 31.18 -5.20 -12.00
CA GLN E 192 31.24 -6.62 -11.68
C GLN E 192 32.05 -7.39 -12.71
N ILE E 193 31.92 -7.02 -13.98
CA ILE E 193 32.70 -7.68 -15.04
C ILE E 193 34.18 -7.35 -14.90
N ARG E 194 34.49 -6.09 -14.59
CA ARG E 194 35.88 -5.69 -14.36
C ARG E 194 36.47 -6.40 -13.16
N ASN E 195 35.70 -6.52 -12.07
CA ASN E 195 36.17 -7.21 -10.88
C ASN E 195 36.24 -8.71 -11.08
N MET E 196 35.55 -9.24 -12.10
CA MET E 196 35.62 -10.66 -12.39
C MET E 196 37.00 -11.09 -12.88
N GLY E 197 37.79 -10.17 -13.40
CA GLY E 197 39.12 -10.48 -13.89
C GLY E 197 39.12 -10.86 -15.35
N ALA E 198 40.32 -10.95 -15.89
CA ALA E 198 40.48 -11.41 -17.26
C ALA E 198 40.09 -12.88 -17.35
N PRO E 199 39.40 -13.28 -18.42
CA PRO E 199 38.93 -14.66 -18.51
C PRO E 199 40.09 -15.62 -18.75
N ASP E 200 39.87 -16.87 -18.35
CA ASP E 200 40.82 -17.94 -18.63
C ASP E 200 40.54 -18.42 -20.04
N LEU E 201 41.19 -17.79 -21.01
CA LEU E 201 40.94 -18.12 -22.41
C LEU E 201 41.43 -19.50 -22.78
N GLU E 202 42.40 -20.05 -22.05
CA GLU E 202 42.86 -21.40 -22.33
C GLU E 202 41.80 -22.42 -21.94
N LYS E 203 41.14 -22.22 -20.80
CA LYS E 203 40.02 -23.05 -20.42
C LYS E 203 38.88 -22.92 -21.43
N TYR E 204 38.66 -21.71 -21.93
CA TYR E 204 37.63 -21.50 -22.94
C TYR E 204 37.97 -22.21 -24.24
N MET E 205 39.24 -22.20 -24.64
CA MET E 205 39.64 -22.91 -25.86
C MET E 205 39.54 -24.41 -25.68
N ARG E 206 39.88 -24.91 -24.49
CA ARG E 206 39.73 -26.34 -24.22
C ARG E 206 38.26 -26.77 -24.27
N GLU E 207 37.38 -25.96 -23.67
CA GLU E 207 35.95 -26.26 -23.71
C GLU E 207 35.40 -26.14 -25.12
N LYS E 208 35.89 -25.17 -25.89
CA LYS E 208 35.46 -25.03 -27.28
C LYS E 208 35.91 -26.23 -28.11
N LEU E 209 37.13 -26.72 -27.88
CA LEU E 209 37.61 -27.89 -28.61
C LEU E 209 36.83 -29.14 -28.23
N SER E 210 36.48 -29.27 -26.94
CA SER E 210 35.63 -30.37 -26.51
C SER E 210 34.25 -30.26 -27.15
N ALA E 211 33.76 -29.04 -27.32
CA ALA E 211 32.48 -28.84 -28.00
C ALA E 211 32.59 -29.16 -29.48
N ILE E 212 33.74 -28.91 -30.10
CA ILE E 212 33.99 -29.36 -31.47
C ILE E 212 33.90 -30.88 -31.55
N GLU E 213 34.57 -31.57 -30.63
CA GLU E 213 34.64 -33.02 -30.73
C GLU E 213 33.31 -33.67 -30.37
N LYS E 214 32.57 -33.08 -29.43
CA LYS E 214 31.25 -33.61 -29.08
C LYS E 214 30.22 -33.30 -30.16
N ALA E 215 30.24 -32.08 -30.68
CA ALA E 215 29.26 -31.70 -31.70
C ALA E 215 29.53 -32.38 -33.04
N ALA E 216 30.77 -32.81 -33.26
CA ALA E 216 31.08 -33.68 -34.39
C ALA E 216 30.95 -35.15 -34.02
N ALA E 217 30.43 -35.46 -32.84
CA ALA E 217 30.09 -36.82 -32.45
C ALA E 217 28.59 -37.05 -32.34
N ALA E 218 27.78 -36.00 -32.53
CA ALA E 218 26.33 -36.09 -32.45
C ALA E 218 25.62 -35.64 -33.72
N GLY E 219 26.37 -35.25 -34.74
CA GLY E 219 25.77 -34.89 -36.02
C GLY E 219 25.52 -33.41 -36.22
N THR E 220 25.64 -32.60 -35.18
CA THR E 220 25.36 -31.18 -35.30
C THR E 220 26.46 -30.43 -36.05
N LEU E 221 27.72 -30.82 -35.84
CA LEU E 221 28.86 -30.18 -36.47
C LEU E 221 29.38 -31.08 -37.58
N ASP E 222 29.66 -30.50 -38.74
CA ASP E 222 30.17 -31.27 -39.88
C ASP E 222 31.59 -30.81 -40.19
N ILE E 223 32.52 -31.75 -40.26
CA ILE E 223 33.91 -31.43 -40.52
C ILE E 223 34.16 -31.57 -42.02
N ILE E 224 34.68 -30.52 -42.64
CA ILE E 224 34.95 -30.52 -44.07
C ILE E 224 36.41 -30.14 -44.30
N GLU E 225 36.92 -30.55 -45.46
CA GLU E 225 38.25 -30.18 -45.91
C GLU E 225 38.10 -29.43 -47.23
N THR E 226 38.56 -28.18 -47.26
CA THR E 226 38.35 -27.31 -48.40
C THR E 226 39.40 -27.62 -49.47
N GLU E 227 39.39 -26.83 -50.55
CA GLU E 227 40.35 -27.01 -51.62
C GLU E 227 41.75 -26.58 -51.22
N ASP E 228 41.89 -25.72 -50.21
CA ASP E 228 43.19 -25.32 -49.71
C ASP E 228 43.80 -26.34 -48.77
N GLY E 229 43.02 -27.32 -48.30
CA GLY E 229 43.54 -28.37 -47.45
C GLY E 229 43.66 -28.01 -45.99
N GLU E 230 42.53 -27.67 -45.37
CA GLU E 230 42.50 -27.42 -43.93
C GLU E 230 41.14 -27.83 -43.38
N MET E 231 41.09 -28.10 -42.09
CA MET E 231 39.87 -28.53 -41.43
C MET E 231 38.99 -27.31 -41.17
N ILE E 232 37.73 -27.37 -41.60
CA ILE E 232 36.73 -26.36 -41.30
C ILE E 232 35.54 -27.05 -40.67
N ALA E 233 35.12 -26.57 -39.51
CA ALA E 233 33.92 -27.08 -38.87
C ALA E 233 32.75 -26.18 -39.26
N VAL E 234 31.73 -26.77 -39.87
CA VAL E 234 30.55 -26.02 -40.30
C VAL E 234 29.38 -26.43 -39.40
N ASP E 235 28.65 -25.43 -38.94
CA ASP E 235 27.54 -25.62 -38.02
C ASP E 235 26.27 -25.84 -38.84
N LYS E 236 25.78 -27.08 -38.82
CA LYS E 236 24.52 -27.39 -39.50
C LYS E 236 23.36 -26.62 -38.89
N ASP E 237 23.28 -26.59 -37.57
CA ASP E 237 22.38 -25.71 -36.85
C ASP E 237 23.07 -24.38 -36.60
N GLY E 238 22.51 -23.56 -35.72
CA GLY E 238 23.19 -22.37 -35.28
C GLY E 238 23.36 -22.37 -33.77
N THR E 239 23.32 -23.56 -33.18
CA THR E 239 23.20 -23.72 -31.73
C THR E 239 24.51 -24.14 -31.08
N PHE E 240 25.64 -23.82 -31.67
CA PHE E 240 26.92 -24.16 -31.06
C PHE E 240 27.30 -23.12 -30.01
N PHE E 241 27.50 -21.88 -30.45
CA PHE E 241 27.95 -20.82 -29.55
C PHE E 241 26.88 -20.36 -28.58
N SER E 242 25.61 -20.64 -28.87
CA SER E 242 24.50 -20.22 -28.04
C SER E 242 23.55 -21.39 -27.88
N THR E 243 23.02 -21.58 -26.68
CA THR E 243 22.09 -22.69 -26.46
C THR E 243 20.65 -22.34 -26.80
N ALA E 244 20.40 -21.14 -27.32
CA ALA E 244 19.08 -20.84 -27.89
C ALA E 244 18.87 -21.67 -29.15
N ASN E 245 17.59 -21.95 -29.43
CA ASN E 245 17.14 -22.90 -30.46
C ASN E 245 17.71 -24.29 -30.22
N ALA E 246 17.93 -24.65 -28.96
CA ALA E 246 18.51 -25.96 -28.62
C ALA E 246 17.91 -26.40 -27.29
N THR E 247 17.32 -27.60 -27.27
CA THR E 247 16.62 -28.06 -26.08
C THR E 247 17.58 -28.50 -24.98
N ASP E 248 18.83 -28.80 -25.34
CA ASP E 248 19.82 -29.30 -24.39
C ASP E 248 20.16 -28.29 -23.31
N PHE E 249 19.80 -27.01 -23.50
CA PHE E 249 19.97 -26.00 -22.46
C PHE E 249 19.22 -26.33 -21.19
N ALA E 250 18.17 -27.16 -21.27
CA ALA E 250 17.49 -27.52 -20.03
C ALA E 250 18.30 -28.49 -19.19
N GLN E 251 19.30 -29.16 -19.76
CA GLN E 251 19.99 -30.25 -19.08
C GLN E 251 21.39 -29.91 -18.63
N HIS E 252 21.85 -28.68 -18.79
CA HIS E 252 23.23 -28.35 -18.44
C HIS E 252 23.39 -28.19 -16.94
N LYS E 253 24.49 -28.72 -16.41
CA LYS E 253 24.82 -28.60 -15.00
C LYS E 253 26.04 -27.70 -14.85
N PRO E 254 25.96 -26.60 -14.12
CA PRO E 254 27.14 -25.77 -13.90
C PRO E 254 28.13 -26.43 -12.97
N ASP E 255 29.39 -26.04 -13.11
CA ASP E 255 30.45 -26.66 -12.33
C ASP E 255 30.37 -26.26 -10.86
N LYS E 256 30.89 -27.13 -9.99
CA LYS E 256 30.89 -26.84 -8.56
C LYS E 256 31.82 -25.68 -8.22
N ALA E 257 32.94 -25.56 -8.93
CA ALA E 257 33.85 -24.45 -8.69
C ALA E 257 33.21 -23.11 -9.05
N ALA E 258 32.49 -23.06 -10.16
CA ALA E 258 31.83 -21.82 -10.55
C ALA E 258 30.69 -21.47 -9.60
N VAL E 259 29.97 -22.48 -9.12
CA VAL E 259 28.92 -22.26 -8.12
C VAL E 259 29.52 -21.69 -6.85
N ASP E 260 30.64 -22.27 -6.39
CA ASP E 260 31.32 -21.76 -5.21
C ASP E 260 31.83 -20.34 -5.42
N ARG E 261 32.30 -20.04 -6.63
CA ARG E 261 32.78 -18.71 -6.96
C ARG E 261 31.67 -17.67 -6.89
N LEU E 262 30.52 -17.98 -7.49
CA LEU E 262 29.38 -17.07 -7.45
C LEU E 262 28.86 -16.89 -6.03
N VAL E 263 28.77 -17.98 -5.27
CA VAL E 263 28.28 -17.92 -3.90
C VAL E 263 29.23 -17.07 -3.05
N ALA E 264 30.54 -17.28 -3.20
CA ALA E 264 31.52 -16.50 -2.44
C ALA E 264 31.49 -15.03 -2.82
N ASP E 265 31.26 -14.71 -4.10
CA ASP E 265 31.10 -13.32 -4.50
C ASP E 265 29.88 -12.70 -3.82
N LEU E 266 28.79 -13.44 -3.73
CA LEU E 266 27.60 -12.94 -3.04
C LEU E 266 27.87 -12.71 -1.55
N ARG E 267 28.61 -13.62 -0.91
CA ARG E 267 28.98 -13.41 0.48
C ARG E 267 29.87 -12.18 0.66
N LYS E 268 30.77 -11.93 -0.31
CA LYS E 268 31.62 -10.75 -0.22
C LYS E 268 30.79 -9.47 -0.34
N ALA E 269 29.83 -9.44 -1.25
CA ALA E 269 28.97 -8.26 -1.38
C ALA E 269 28.14 -8.04 -0.12
N GLU E 270 27.62 -9.13 0.46
CA GLU E 270 26.85 -9.02 1.69
C GLU E 270 27.71 -8.53 2.85
N GLU E 271 28.94 -9.03 2.95
CA GLU E 271 29.84 -8.59 4.02
C GLU E 271 30.21 -7.12 3.87
N ALA E 272 30.42 -6.68 2.62
CA ALA E 272 30.70 -5.27 2.39
C ALA E 272 29.52 -4.39 2.76
N SER E 273 28.29 -4.85 2.47
CA SER E 273 27.12 -4.07 2.84
C SER E 273 26.94 -4.03 4.35
N LEU E 274 27.22 -5.12 5.04
CA LEU E 274 27.15 -5.13 6.50
C LEU E 274 28.20 -4.20 7.11
N LYS E 275 29.40 -4.17 6.54
CA LYS E 275 30.43 -3.24 7.00
C LYS E 275 30.02 -1.79 6.74
N ARG E 276 29.38 -1.54 5.60
CA ARG E 276 28.88 -0.20 5.30
C ARG E 276 27.81 0.22 6.29
N ARG E 277 26.92 -0.72 6.66
CA ARG E 277 25.89 -0.44 7.64
C ARG E 277 26.49 -0.10 9.00
N ARG E 278 27.46 -0.90 9.45
CA ARG E 278 28.09 -0.64 10.75
C ARG E 278 28.87 0.67 10.74
N GLU E 279 29.53 0.97 9.63
CA GLU E 279 30.30 2.21 9.52
C GLU E 279 29.37 3.42 9.51
N LYS E 280 28.23 3.32 8.83
CA LYS E 280 27.26 4.41 8.84
C LYS E 280 26.68 4.62 10.23
N LEU E 281 26.37 3.52 10.93
CA LEU E 281 25.87 3.63 12.30
C LEU E 281 26.89 4.27 13.23
N ALA E 282 28.16 3.88 13.08
CA ALA E 282 29.21 4.45 13.92
C ALA E 282 29.46 5.92 13.58
N LYS E 283 29.39 6.28 12.30
CA LYS E 283 29.63 7.66 11.90
C LYS E 283 28.49 8.58 12.37
N SER E 284 27.24 8.13 12.25
CA SER E 284 26.13 8.93 12.74
C SER E 284 26.02 8.87 14.26
N GLY E 285 26.64 7.87 14.90
CA GLY E 285 26.66 7.84 16.36
C GLY E 285 27.53 8.90 16.97
N GLU E 286 28.54 9.35 16.23
CA GLU E 286 29.38 10.44 16.71
C GLU E 286 28.65 11.77 16.56
N GLU E 287 28.64 12.54 17.64
CA GLU E 287 27.94 13.82 17.66
C GLU E 287 28.93 14.97 17.51
N HIS E 288 28.49 16.02 16.81
CA HIS E 288 29.31 17.20 16.61
C HIS E 288 28.40 18.42 16.58
N GLY E 289 28.69 19.38 17.45
CA GLY E 289 27.86 20.56 17.57
C GLY E 289 26.78 20.41 18.61
N ASP E 290 25.78 21.28 18.47
CA ASP E 290 24.69 21.33 19.44
C ASP E 290 23.76 20.13 19.28
N VAL E 291 23.06 19.80 20.37
CA VAL E 291 22.06 18.75 20.38
C VAL E 291 20.69 19.40 20.28
N THR E 292 19.95 19.07 19.23
CA THR E 292 18.64 19.65 19.00
C THR E 292 17.56 18.59 18.85
N TYR E 293 17.80 17.39 19.35
CA TYR E 293 16.92 16.25 19.18
C TYR E 293 16.66 15.61 20.54
N ILE E 294 15.81 14.59 20.57
CA ILE E 294 15.55 13.86 21.80
C ILE E 294 15.69 12.36 21.65
N ASN E 295 15.63 11.81 20.44
CA ASN E 295 15.97 10.41 20.23
C ASN E 295 16.65 10.29 18.88
N GLU E 296 16.89 9.05 18.45
CA GLU E 296 17.67 8.82 17.23
C GLU E 296 16.86 9.12 15.97
N LYS E 297 15.57 8.82 15.97
CA LYS E 297 14.72 9.17 14.83
C LYS E 297 14.63 10.68 14.66
N ASN E 298 14.56 11.40 15.77
CA ASN E 298 14.54 12.85 15.74
C ASN E 298 15.88 13.39 15.22
N LYS E 299 16.99 12.74 15.60
CA LYS E 299 18.29 13.16 15.09
C LYS E 299 18.40 12.96 13.59
N GLN E 300 17.93 11.82 13.09
CA GLN E 300 17.97 11.56 11.66
C GLN E 300 17.07 12.53 10.90
N PHE E 301 15.88 12.81 11.44
CA PHE E 301 14.99 13.77 10.81
C PHE E 301 15.58 15.18 10.82
N ASN E 302 16.24 15.56 11.91
CA ASN E 302 16.82 16.89 11.98
C ASN E 302 18.01 17.03 11.03
N ALA E 303 18.79 15.97 10.85
CA ALA E 303 19.88 16.02 9.87
C ALA E 303 19.34 16.07 8.45
N LYS E 304 18.26 15.34 8.17
CA LYS E 304 17.60 15.43 6.87
C LYS E 304 17.06 16.84 6.61
N LEU E 305 16.47 17.44 7.65
CA LEU E 305 16.01 18.82 7.57
C LEU E 305 17.16 19.77 7.29
N ALA E 306 18.30 19.56 7.95
CA ALA E 306 19.47 20.38 7.69
C ALA E 306 19.91 20.25 6.24
N ARG E 307 20.05 19.00 5.77
CA ARG E 307 20.51 18.72 4.41
C ARG E 307 19.62 19.39 3.38
N PHE E 308 18.32 19.46 3.64
CA PHE E 308 17.49 20.10 2.63
C PHE E 308 17.43 21.62 2.81
N TYR E 309 17.30 22.10 4.04
CA TYR E 309 16.88 23.46 4.34
C TYR E 309 17.98 24.41 4.79
N ASN E 310 19.26 24.01 4.85
CA ASN E 310 20.27 24.99 5.24
C ASN E 310 20.43 26.08 4.19
N LYS E 311 20.22 25.75 2.91
CA LYS E 311 20.43 26.74 1.87
C LYS E 311 19.36 27.80 1.84
N TYR E 312 18.28 27.64 2.61
CA TYR E 312 17.20 28.63 2.66
C TYR E 312 17.13 29.40 3.97
N THR E 313 17.62 28.83 5.07
CA THR E 313 17.50 29.43 6.39
C THR E 313 18.86 29.78 6.97
N ALA E 314 19.75 30.35 6.14
CA ALA E 314 21.05 30.78 6.65
C ALA E 314 20.92 32.01 7.52
N GLU E 315 20.04 32.94 7.12
CA GLU E 315 19.89 34.21 7.83
C GLU E 315 19.28 34.01 9.21
N ILE E 316 18.28 33.12 9.33
CA ILE E 316 17.72 32.81 10.64
C ILE E 316 18.73 32.06 11.48
N ARG E 317 19.54 31.21 10.85
CA ARG E 317 20.60 30.49 11.56
C ARG E 317 21.58 31.45 12.21
N ASP E 318 22.05 32.44 11.46
CA ASP E 318 22.93 33.44 12.05
C ASP E 318 22.20 34.40 12.97
N SER E 319 20.88 34.56 12.83
CA SER E 319 20.12 35.33 13.80
C SER E 319 20.13 34.65 15.16
N PHE E 320 20.04 33.33 15.19
CA PHE E 320 20.23 32.60 16.46
C PHE E 320 21.68 32.63 16.93
N GLU E 321 22.63 32.47 16.00
CA GLU E 321 24.03 32.47 16.40
C GLU E 321 24.53 33.84 16.82
N ARG E 322 23.77 34.89 16.56
CA ARG E 322 24.18 36.26 16.83
C ARG E 322 23.39 36.93 17.95
N GLY E 323 22.14 36.52 18.18
CA GLY E 323 21.31 37.14 19.18
C GLY E 323 20.57 38.38 18.74
N THR E 324 20.50 38.64 17.44
CA THR E 324 19.89 39.87 16.92
C THR E 324 19.47 39.63 15.46
N MET E 325 19.27 40.72 14.73
CA MET E 325 18.67 40.82 13.39
C MET E 325 19.10 39.77 12.39
N VAL E 326 18.21 39.44 11.46
CA VAL E 326 18.45 38.42 10.45
C VAL E 326 19.61 38.79 9.52
N ASN F 90 -8.10 61.10 -10.09
CA ASN F 90 -7.91 61.51 -8.71
C ASN F 90 -9.06 61.02 -7.84
N ALA F 91 -9.58 59.84 -8.15
CA ALA F 91 -10.70 59.26 -7.45
C ALA F 91 -10.25 58.02 -6.69
N VAL F 92 -10.75 57.88 -5.46
CA VAL F 92 -10.42 56.72 -4.64
C VAL F 92 -11.27 55.53 -5.05
N ILE F 93 -10.81 54.34 -4.69
CA ILE F 93 -11.52 53.09 -4.94
C ILE F 93 -11.81 52.47 -3.59
N LEU F 94 -13.09 52.43 -3.22
CA LEU F 94 -13.48 51.89 -1.93
C LEU F 94 -13.32 50.38 -1.91
N HIS F 95 -13.23 49.83 -0.70
CA HIS F 95 -12.92 48.41 -0.55
C HIS F 95 -14.05 47.52 -1.04
N GLU F 96 -15.30 47.93 -0.85
CA GLU F 96 -16.41 47.13 -1.35
C GLU F 96 -16.61 47.27 -2.85
N ASP F 97 -16.08 48.32 -3.46
CA ASP F 97 -16.15 48.50 -4.90
C ASP F 97 -14.92 47.98 -5.62
N LYS F 98 -13.96 47.41 -4.90
CA LYS F 98 -12.71 46.99 -5.49
C LYS F 98 -12.91 45.77 -6.38
N GLN F 99 -12.20 45.73 -7.50
CA GLN F 99 -12.23 44.61 -8.43
C GLN F 99 -10.82 44.03 -8.52
N TYR F 100 -10.66 42.81 -8.04
CA TYR F 100 -9.35 42.19 -7.98
C TYR F 100 -8.96 41.47 -9.25
N TYR F 101 -9.89 41.24 -10.16
CA TYR F 101 -9.73 40.37 -11.30
C TYR F 101 -10.22 41.08 -12.55
N PRO F 102 -9.78 40.63 -13.74
CA PRO F 102 -10.36 41.17 -14.97
C PRO F 102 -11.81 40.77 -15.17
N THR F 103 -12.40 41.17 -16.30
CA THR F 103 -13.73 40.76 -16.65
C THR F 103 -13.66 39.59 -17.63
N ALA F 104 -14.80 38.96 -17.86
CA ALA F 104 -14.84 37.79 -18.74
C ALA F 104 -14.51 38.15 -20.19
N ALA F 105 -14.94 39.33 -20.63
CA ALA F 105 -14.63 39.77 -21.99
C ALA F 105 -13.15 40.09 -22.15
N GLN F 106 -12.50 40.58 -21.09
CA GLN F 106 -11.07 40.85 -21.17
C GLN F 106 -10.25 39.56 -21.15
N VAL F 107 -10.84 38.46 -20.73
CA VAL F 107 -10.10 37.21 -20.57
C VAL F 107 -10.34 36.27 -21.74
N PHE F 108 -11.60 36.06 -22.12
CA PHE F 108 -11.90 35.02 -23.08
C PHE F 108 -11.83 35.47 -24.52
N GLY F 109 -12.16 36.73 -24.80
CA GLY F 109 -12.13 37.26 -26.14
C GLY F 109 -13.41 37.99 -26.47
N GLU F 110 -13.50 38.41 -27.73
CA GLU F 110 -14.65 39.19 -28.20
C GLU F 110 -15.66 38.36 -28.98
N GLY F 111 -15.23 37.26 -29.59
CA GLY F 111 -16.15 36.40 -30.31
C GLY F 111 -16.68 35.25 -29.49
N VAL F 112 -16.59 35.38 -28.17
CA VAL F 112 -16.95 34.33 -27.23
C VAL F 112 -18.08 34.84 -26.35
N GLU F 113 -19.16 34.08 -26.26
CA GLU F 113 -20.32 34.46 -25.49
C GLU F 113 -20.21 33.89 -24.08
N THR F 114 -20.14 34.76 -23.09
CA THR F 114 -19.95 34.35 -21.70
C THR F 114 -21.30 34.38 -20.99
N LEU F 115 -21.81 33.20 -20.66
CA LEU F 115 -23.10 33.07 -20.00
C LEU F 115 -22.89 32.85 -18.51
N VAL F 116 -23.68 33.55 -17.70
CA VAL F 116 -23.72 33.35 -16.27
C VAL F 116 -25.14 32.95 -15.93
N GLN F 117 -25.30 31.72 -15.46
CA GLN F 117 -26.61 31.14 -15.17
C GLN F 117 -26.62 30.73 -13.69
N GLU F 118 -27.37 31.47 -12.88
CA GLU F 118 -27.48 31.17 -11.46
C GLU F 118 -28.92 30.94 -11.02
N GLU F 119 -29.85 30.81 -11.96
CA GLU F 119 -31.22 30.46 -11.66
C GLU F 119 -31.73 29.51 -12.73
N ASP F 120 -32.64 28.63 -12.33
CA ASP F 120 -33.21 27.70 -13.27
C ASP F 120 -34.24 28.39 -14.16
N ALA F 121 -34.49 27.78 -15.32
CA ALA F 121 -35.60 28.22 -16.16
C ALA F 121 -36.86 27.43 -15.92
N GLN F 122 -36.73 26.26 -15.46
CA GLN F 122 -37.78 25.33 -15.14
C GLN F 122 -37.98 25.25 -13.64
N PRO F 123 -39.19 25.01 -13.19
CA PRO F 123 -39.40 24.49 -11.84
C PRO F 123 -39.20 22.99 -11.81
N LEU F 124 -38.87 22.49 -10.62
CA LEU F 124 -38.57 21.06 -10.49
C LEU F 124 -39.77 20.18 -10.77
N THR F 125 -40.98 20.71 -10.60
CA THR F 125 -42.20 19.98 -10.90
C THR F 125 -42.39 19.73 -12.38
N GLN F 126 -41.72 20.48 -13.24
CA GLN F 126 -41.88 20.35 -14.69
C GLN F 126 -40.88 19.35 -15.23
N PRO F 127 -41.31 18.24 -15.81
CA PRO F 127 -40.38 17.17 -16.17
C PRO F 127 -39.60 17.47 -17.44
N ILE F 128 -38.44 16.83 -17.55
CA ILE F 128 -37.57 17.04 -18.70
C ILE F 128 -38.11 16.31 -19.92
N ILE F 129 -38.33 15.01 -19.80
CA ILE F 129 -39.04 14.22 -20.79
C ILE F 129 -40.48 14.18 -20.32
N ALA F 130 -41.32 15.01 -20.93
CA ALA F 130 -42.70 15.12 -20.49
C ALA F 130 -43.44 13.82 -20.76
N PRO F 131 -44.09 13.25 -19.75
CA PRO F 131 -44.80 11.98 -19.97
C PRO F 131 -46.01 12.19 -20.86
N VAL F 132 -46.29 11.17 -21.67
CA VAL F 132 -47.42 11.24 -22.57
C VAL F 132 -48.72 11.18 -21.78
N GLU F 133 -49.61 12.12 -22.05
CA GLU F 133 -50.86 12.22 -21.33
C GLU F 133 -51.95 11.38 -21.99
N GLN F 134 -52.94 10.99 -21.19
CA GLN F 134 -54.15 10.36 -21.71
C GLN F 134 -55.28 11.37 -21.78
N LYS F 135 -55.63 11.98 -20.64
CA LYS F 135 -56.51 13.14 -20.55
C LYS F 135 -57.92 12.83 -21.07
N LYS F 136 -58.42 11.66 -20.72
CA LYS F 136 -59.76 11.24 -21.11
C LYS F 136 -60.79 12.02 -20.31
N PHE F 137 -61.81 12.53 -21.00
CA PHE F 137 -62.78 13.41 -20.38
C PHE F 137 -64.22 12.93 -20.55
N SER F 138 -64.42 11.74 -21.12
CA SER F 138 -65.75 11.19 -21.30
C SER F 138 -65.61 9.70 -21.49
N ILE F 139 -66.53 8.94 -20.89
CA ILE F 139 -66.52 7.49 -21.07
C ILE F 139 -67.03 7.16 -22.47
N GLN F 140 -66.12 6.91 -23.39
CA GLN F 140 -66.46 6.57 -24.74
C GLN F 140 -66.00 5.16 -25.04
N GLU F 141 -66.80 4.45 -25.84
CA GLU F 141 -66.45 3.09 -26.21
C GLU F 141 -65.25 3.09 -27.15
N ALA F 142 -64.42 2.06 -27.02
CA ALA F 142 -63.26 1.92 -27.88
C ALA F 142 -63.64 1.37 -29.26
N ASP F 143 -64.81 0.76 -29.38
CA ASP F 143 -65.29 0.23 -30.65
C ASP F 143 -66.81 0.34 -30.66
N LEU F 144 -67.45 -0.36 -31.59
CA LEU F 144 -68.91 -0.32 -31.68
C LEU F 144 -69.51 -1.49 -30.92
N PRO F 145 -70.40 -1.25 -29.97
CA PRO F 145 -70.99 -2.35 -29.20
C PRO F 145 -72.00 -3.12 -30.03
N PRO F 146 -72.14 -4.42 -29.80
CA PRO F 146 -73.05 -5.23 -30.63
C PRO F 146 -74.51 -4.98 -30.25
N VAL F 147 -75.32 -4.67 -31.25
CA VAL F 147 -76.74 -4.40 -31.04
C VAL F 147 -77.55 -5.55 -31.62
N TYR F 148 -78.86 -5.52 -31.39
CA TYR F 148 -79.72 -6.59 -31.88
C TYR F 148 -80.36 -6.27 -33.24
N PHE F 149 -80.16 -5.07 -33.76
CA PHE F 149 -80.54 -4.77 -35.14
C PHE F 149 -79.29 -4.74 -36.01
N ASP F 150 -79.51 -4.55 -37.30
CA ASP F 150 -78.41 -4.50 -38.26
C ASP F 150 -78.15 -3.04 -38.65
N ARG F 151 -76.86 -2.67 -38.66
CA ARG F 151 -76.50 -1.31 -39.02
C ARG F 151 -76.77 -1.01 -40.49
N GLY F 152 -76.64 -2.01 -41.37
CA GLY F 152 -77.06 -1.83 -42.74
C GLY F 152 -78.56 -1.58 -42.85
N PHE F 153 -79.34 -2.30 -42.05
CA PHE F 153 -80.78 -2.09 -42.00
C PHE F 153 -81.11 -0.70 -41.48
N MET F 154 -80.36 -0.22 -40.48
CA MET F 154 -80.60 1.10 -39.93
C MET F 154 -80.26 2.20 -40.93
N THR F 155 -79.15 2.04 -41.67
CA THR F 155 -78.81 2.99 -42.71
C THR F 155 -79.85 2.98 -43.83
N ASP F 156 -80.39 1.80 -44.14
CA ASP F 156 -81.43 1.75 -45.18
C ASP F 156 -82.75 2.33 -44.70
N LEU F 157 -83.05 2.27 -43.40
CA LEU F 157 -84.21 2.98 -42.88
C LEU F 157 -83.97 4.47 -42.69
N MET F 158 -82.74 4.94 -42.78
CA MET F 158 -82.60 6.38 -43.01
C MET F 158 -83.10 6.78 -44.39
N ASN F 159 -83.10 5.86 -45.36
CA ASN F 159 -83.42 6.21 -46.73
C ASN F 159 -84.91 6.44 -46.95
N PHE F 160 -85.75 6.10 -45.98
CA PHE F 160 -87.20 6.31 -46.11
C PHE F 160 -87.67 7.29 -45.05
N PRO F 161 -87.71 8.60 -45.33
CA PRO F 161 -87.99 9.60 -44.30
C PRO F 161 -89.46 9.77 -43.94
N GLU F 162 -90.34 8.82 -44.27
CA GLU F 162 -91.71 8.88 -43.78
C GLU F 162 -91.90 8.03 -42.54
N GLN F 163 -91.15 6.93 -42.41
CA GLN F 163 -91.23 6.04 -41.26
C GLN F 163 -90.22 6.39 -40.17
N ILE F 164 -89.82 7.66 -40.09
CA ILE F 164 -88.83 8.13 -39.14
C ILE F 164 -89.50 9.10 -38.19
N ARG F 165 -89.18 9.02 -36.91
CA ARG F 165 -89.69 9.98 -35.92
C ARG F 165 -88.51 10.57 -35.16
N ASN F 166 -88.49 11.90 -35.04
CA ASN F 166 -87.48 12.62 -34.28
C ASN F 166 -88.13 13.24 -33.06
N ILE F 167 -87.69 12.81 -31.87
CA ILE F 167 -88.34 13.17 -30.63
C ILE F 167 -87.29 13.61 -29.63
N ALA F 168 -87.74 14.37 -28.64
CA ALA F 168 -86.90 14.79 -27.53
C ALA F 168 -87.55 14.38 -26.22
N LEU F 169 -86.80 13.68 -25.38
CA LEU F 169 -87.26 13.37 -24.03
C LEU F 169 -86.97 14.56 -23.13
N ALA F 170 -88.00 15.09 -22.50
CA ALA F 170 -87.83 16.29 -21.68
C ALA F 170 -88.66 16.17 -20.41
N GLY F 171 -88.21 16.85 -19.37
CA GLY F 171 -88.92 16.82 -18.11
C GLY F 171 -88.10 17.47 -17.02
N HIS F 172 -88.54 17.26 -15.79
CA HIS F 172 -87.88 17.84 -14.64
C HIS F 172 -86.62 17.06 -14.29
N LEU F 173 -85.87 17.59 -13.32
CA LEU F 173 -84.71 16.94 -12.76
C LEU F 173 -85.07 15.58 -12.18
N HIS F 174 -84.33 14.55 -12.61
CA HIS F 174 -84.38 13.21 -12.04
C HIS F 174 -85.78 12.57 -12.18
N HIS F 175 -86.46 12.87 -13.27
CA HIS F 175 -87.77 12.29 -13.50
C HIS F 175 -87.73 11.10 -14.43
N GLY F 176 -86.55 10.72 -14.93
CA GLY F 176 -86.42 9.43 -15.57
C GLY F 176 -86.18 9.45 -17.06
N LYS F 177 -85.65 10.55 -17.59
CA LYS F 177 -85.38 10.62 -19.02
C LYS F 177 -84.25 9.67 -19.41
N THR F 178 -83.13 9.72 -18.71
CA THR F 178 -82.03 8.83 -19.04
C THR F 178 -82.33 7.42 -18.60
N ALA F 179 -83.18 7.23 -17.59
CA ALA F 179 -83.62 5.88 -17.25
C ALA F 179 -84.50 5.29 -18.36
N PHE F 180 -85.36 6.12 -18.97
CA PHE F 180 -86.11 5.70 -20.14
C PHE F 180 -85.19 5.35 -21.30
N MET F 181 -84.18 6.18 -21.53
CA MET F 181 -83.24 5.91 -22.60
C MET F 181 -82.44 4.64 -22.32
N ASP F 182 -82.12 4.39 -21.05
CA ASP F 182 -81.49 3.14 -20.66
C ASP F 182 -82.38 1.95 -20.97
N MET F 183 -83.68 2.10 -20.74
CA MET F 183 -84.63 1.04 -21.09
C MET F 183 -84.58 0.74 -22.57
N LEU F 184 -84.60 1.79 -23.40
CA LEU F 184 -84.52 1.59 -24.85
C LEU F 184 -83.20 0.96 -25.27
N VAL F 185 -82.10 1.42 -24.68
CA VAL F 185 -80.77 0.92 -25.04
C VAL F 185 -80.63 -0.55 -24.66
N LEU F 186 -81.01 -0.90 -23.43
CA LEU F 186 -80.94 -2.27 -22.98
C LEU F 186 -81.89 -3.18 -23.75
N GLU F 187 -82.96 -2.63 -24.33
CA GLU F 187 -83.75 -3.41 -25.25
C GLU F 187 -83.03 -3.64 -26.57
N THR F 188 -82.29 -2.63 -27.05
CA THR F 188 -81.62 -2.80 -28.34
C THR F 188 -80.20 -3.33 -28.21
N HIS F 189 -79.37 -2.71 -27.40
CA HIS F 189 -77.96 -3.10 -27.31
C HIS F 189 -77.81 -4.38 -26.50
N ALA F 190 -76.75 -5.12 -26.82
CA ALA F 190 -76.42 -6.35 -26.09
C ALA F 190 -75.31 -6.05 -25.10
N ILE F 191 -75.67 -5.39 -24.00
CA ILE F 191 -74.69 -5.01 -22.99
C ILE F 191 -75.15 -5.49 -21.62
N GLN F 192 -76.13 -6.39 -21.58
CA GLN F 192 -76.49 -7.01 -20.32
C GLN F 192 -75.38 -7.93 -19.82
N GLU F 193 -74.59 -8.49 -20.73
CA GLU F 193 -73.48 -9.37 -20.33
C GLU F 193 -72.43 -8.61 -19.55
N ARG F 194 -72.11 -7.38 -19.96
CA ARG F 194 -71.12 -6.60 -19.23
C ARG F 194 -71.69 -6.05 -17.92
N LEU F 195 -72.98 -5.72 -17.89
CA LEU F 195 -73.56 -5.21 -16.66
C LEU F 195 -73.76 -6.31 -15.62
N ASP F 196 -73.96 -7.55 -16.06
CA ASP F 196 -74.15 -8.65 -15.12
C ASP F 196 -72.85 -9.12 -14.51
N LYS F 197 -71.70 -8.62 -14.97
CA LYS F 197 -70.41 -8.95 -14.40
C LYS F 197 -69.99 -8.01 -13.29
N ARG F 198 -70.76 -6.96 -13.03
CA ARG F 198 -70.37 -5.94 -12.06
C ARG F 198 -70.55 -6.44 -10.64
N THR F 199 -69.67 -5.99 -9.75
CA THR F 199 -69.71 -6.38 -8.35
C THR F 199 -69.58 -5.16 -7.47
N GLY F 200 -69.86 -5.35 -6.19
CA GLY F 200 -69.76 -4.26 -5.24
C GLY F 200 -70.92 -3.30 -5.34
N LYS F 201 -70.64 -2.03 -5.07
CA LYS F 201 -71.65 -0.99 -5.18
C LYS F 201 -71.95 -0.63 -6.61
N LYS F 202 -71.06 -0.97 -7.55
CA LYS F 202 -71.35 -0.69 -8.95
C LYS F 202 -72.36 -1.65 -9.52
N ARG F 203 -72.65 -2.74 -8.80
CA ARG F 203 -73.75 -3.62 -9.19
C ARG F 203 -75.09 -2.90 -9.11
N ASP F 204 -75.20 -1.91 -8.23
CA ASP F 204 -76.41 -1.12 -8.05
C ASP F 204 -76.43 0.14 -8.90
N GLU F 205 -75.36 0.44 -9.63
CA GLU F 205 -75.32 1.69 -10.39
C GLU F 205 -76.29 1.64 -11.55
N GLN F 206 -77.09 2.70 -11.69
CA GLN F 206 -77.87 2.90 -12.89
C GLN F 206 -76.92 3.12 -14.05
N LEU F 207 -77.28 2.55 -15.21
CA LEU F 207 -76.37 2.52 -16.35
C LEU F 207 -76.06 3.92 -16.85
N ARG F 208 -77.11 4.70 -17.14
CA ARG F 208 -77.00 6.07 -17.64
C ARG F 208 -76.10 6.13 -18.88
N TYR F 209 -76.63 5.54 -19.95
CA TYR F 209 -75.88 5.42 -21.19
C TYR F 209 -75.54 6.79 -21.77
N THR F 210 -76.47 7.74 -21.70
CA THR F 210 -76.29 9.04 -22.31
C THR F 210 -75.75 10.10 -21.37
N ASP F 211 -75.29 9.72 -20.18
CA ASP F 211 -74.51 10.62 -19.35
C ASP F 211 -73.05 10.23 -19.57
N VAL F 212 -72.31 11.07 -20.30
CA VAL F 212 -70.93 10.74 -20.65
C VAL F 212 -69.93 11.79 -20.23
N HIS F 213 -70.32 13.05 -20.04
CA HIS F 213 -69.42 14.02 -19.48
C HIS F 213 -69.04 13.62 -18.06
N VAL F 214 -67.82 13.95 -17.65
CA VAL F 214 -67.36 13.59 -16.32
C VAL F 214 -68.19 14.30 -15.26
N ILE F 215 -68.68 15.50 -15.57
CA ILE F 215 -69.63 16.20 -14.71
C ILE F 215 -70.88 15.36 -14.52
N GLU F 216 -71.37 14.73 -15.59
CA GLU F 216 -72.58 13.95 -15.50
C GLU F 216 -72.37 12.67 -14.70
N ARG F 217 -71.18 12.07 -14.81
CA ARG F 217 -70.92 10.85 -14.06
C ARG F 217 -70.69 11.14 -12.58
N ASP F 218 -70.14 12.31 -12.26
CA ASP F 218 -69.81 12.60 -10.87
C ASP F 218 -70.93 13.30 -10.12
N ARG F 219 -71.60 14.27 -10.76
CA ARG F 219 -72.75 14.94 -10.16
C ARG F 219 -74.02 14.10 -10.21
N GLY F 220 -74.09 13.10 -11.08
CA GLY F 220 -75.26 12.26 -11.14
C GLY F 220 -76.46 12.84 -11.84
N LEU F 221 -76.27 13.89 -12.63
CA LEU F 221 -77.36 14.46 -13.41
C LEU F 221 -76.83 14.82 -14.79
N SER F 222 -77.75 14.84 -15.76
CA SER F 222 -77.40 15.15 -17.13
C SER F 222 -77.25 16.66 -17.31
N ILE F 223 -76.20 17.08 -18.00
CA ILE F 223 -75.97 18.48 -18.30
C ILE F 223 -75.92 18.77 -19.79
N LYS F 224 -75.82 17.76 -20.64
CA LYS F 224 -75.77 17.95 -22.08
C LYS F 224 -76.89 17.16 -22.75
N ALA F 225 -77.51 17.75 -23.76
CA ALA F 225 -78.48 17.03 -24.56
C ALA F 225 -77.75 15.98 -25.37
N ALA F 226 -78.06 14.70 -25.11
CA ALA F 226 -77.34 13.61 -25.72
C ALA F 226 -78.20 12.94 -26.77
N PRO F 227 -77.78 12.90 -28.03
CA PRO F 227 -78.60 12.26 -29.07
C PRO F 227 -78.23 10.80 -29.29
N MET F 228 -79.23 10.01 -29.62
CA MET F 228 -79.00 8.64 -30.10
C MET F 228 -79.93 8.34 -31.26
N SER F 229 -79.57 7.31 -32.01
CA SER F 229 -80.41 6.76 -33.07
C SER F 229 -80.61 5.29 -32.80
N LEU F 230 -81.84 4.82 -32.89
CA LEU F 230 -82.15 3.45 -32.52
C LEU F 230 -83.14 2.87 -33.52
N VAL F 231 -83.23 1.54 -33.54
CA VAL F 231 -84.27 0.83 -34.25
C VAL F 231 -85.20 0.22 -33.21
N LEU F 232 -86.45 0.64 -33.22
CA LEU F 232 -87.44 0.21 -32.24
C LEU F 232 -88.64 -0.37 -32.97
N SER F 233 -89.19 -1.45 -32.43
CA SER F 233 -90.25 -2.19 -33.10
C SER F 233 -91.61 -1.79 -32.56
N SER F 234 -92.55 -1.54 -33.45
CA SER F 234 -93.94 -1.31 -33.09
C SER F 234 -94.61 -2.64 -32.77
N THR F 235 -95.88 -2.59 -32.36
CA THR F 235 -96.56 -3.85 -32.02
C THR F 235 -96.93 -4.66 -33.26
N LYS F 236 -96.89 -4.05 -34.44
CA LYS F 236 -97.17 -4.75 -35.67
C LYS F 236 -95.94 -5.44 -36.22
N GLY F 237 -94.82 -5.36 -35.53
CA GLY F 237 -93.58 -5.94 -35.99
C GLY F 237 -92.79 -5.07 -36.93
N LYS F 238 -93.26 -3.87 -37.23
CA LYS F 238 -92.55 -2.99 -38.14
C LYS F 238 -91.52 -2.17 -37.38
N SER F 239 -90.28 -2.23 -37.82
CA SER F 239 -89.20 -1.51 -37.18
C SER F 239 -89.14 -0.07 -37.69
N HIS F 240 -88.84 0.85 -36.78
CA HIS F 240 -88.76 2.27 -37.09
C HIS F 240 -87.46 2.82 -36.55
N LEU F 241 -86.92 3.80 -37.25
CA LEU F 241 -85.71 4.49 -36.83
C LEU F 241 -86.11 5.70 -36.00
N PHE F 242 -85.74 5.68 -34.72
CA PHE F 242 -86.06 6.77 -33.80
C PHE F 242 -84.78 7.54 -33.52
N ASN F 243 -84.79 8.82 -33.86
CA ASN F 243 -83.68 9.72 -33.55
C ASN F 243 -84.09 10.50 -32.32
N ILE F 244 -83.61 10.09 -31.16
CA ILE F 244 -84.09 10.60 -29.89
C ILE F 244 -83.01 11.50 -29.30
N ILE F 245 -83.44 12.52 -28.57
CA ILE F 245 -82.53 13.41 -27.84
C ILE F 245 -82.92 13.37 -26.38
N ASP F 246 -81.97 13.02 -25.51
CA ASP F 246 -82.15 13.09 -24.08
C ASP F 246 -81.78 14.50 -23.62
N THR F 247 -82.64 15.12 -22.97
CA THR F 247 -82.33 16.47 -22.56
C THR F 247 -82.09 16.55 -21.06
N PRO F 248 -81.27 17.50 -20.60
CA PRO F 248 -81.11 17.69 -19.16
C PRO F 248 -82.40 18.20 -18.52
N GLY F 249 -82.54 17.90 -17.24
CA GLY F 249 -83.74 18.31 -16.54
C GLY F 249 -83.49 19.35 -15.46
N HIS F 250 -82.23 19.67 -15.19
CA HIS F 250 -81.93 20.70 -14.22
C HIS F 250 -82.29 22.06 -14.79
N VAL F 251 -82.79 22.96 -13.94
CA VAL F 251 -83.43 24.19 -14.39
C VAL F 251 -82.40 25.20 -14.89
N ASP F 252 -81.11 24.85 -14.85
CA ASP F 252 -80.05 25.71 -15.34
C ASP F 252 -79.60 25.35 -16.74
N PHE F 253 -79.54 24.07 -17.07
CA PHE F 253 -79.11 23.61 -18.39
C PHE F 253 -80.25 23.55 -19.38
N VAL F 254 -81.34 24.26 -19.10
CA VAL F 254 -82.56 24.09 -19.88
C VAL F 254 -82.41 24.68 -21.27
N ASP F 255 -81.39 25.52 -21.49
CA ASP F 255 -81.07 25.98 -22.83
C ASP F 255 -80.75 24.82 -23.76
N GLU F 256 -80.07 23.80 -23.23
CA GLU F 256 -79.85 22.57 -23.99
C GLU F 256 -81.18 21.98 -24.45
N VAL F 257 -82.17 21.97 -23.56
CA VAL F 257 -83.53 21.56 -23.91
C VAL F 257 -84.04 22.41 -25.06
N ALA F 258 -83.85 23.73 -24.96
CA ALA F 258 -84.28 24.64 -26.02
C ALA F 258 -83.61 24.29 -27.33
N ALA F 259 -82.31 23.95 -27.28
CA ALA F 259 -81.61 23.55 -28.50
C ALA F 259 -82.24 22.31 -29.10
N ALA F 260 -82.56 21.33 -28.26
CA ALA F 260 -83.21 20.11 -28.74
C ALA F 260 -84.57 20.42 -29.32
N PHE F 261 -85.24 21.43 -28.80
CA PHE F 261 -86.58 21.72 -29.30
C PHE F 261 -86.55 22.44 -30.64
N ARG F 262 -85.36 22.81 -31.12
CA ARG F 262 -85.24 23.26 -32.49
C ARG F 262 -85.13 22.09 -33.45
N LEU F 263 -84.68 20.93 -32.97
CA LEU F 263 -84.24 19.85 -33.85
C LEU F 263 -85.31 18.79 -34.06
N VAL F 264 -86.19 18.58 -33.08
CA VAL F 264 -87.02 17.42 -33.05
C VAL F 264 -88.40 17.75 -33.59
N ASP F 265 -89.18 16.71 -33.87
CA ASP F 265 -90.56 16.89 -34.29
C ASP F 265 -91.55 16.64 -33.16
N GLY F 266 -91.19 15.84 -32.16
CA GLY F 266 -92.07 15.58 -31.06
C GLY F 266 -91.37 15.75 -29.73
N VAL F 267 -92.16 15.97 -28.68
CA VAL F 267 -91.66 16.10 -27.33
C VAL F 267 -92.33 15.06 -26.45
N CYS F 268 -91.56 14.09 -25.99
CA CYS F 268 -92.03 13.13 -25.00
C CYS F 268 -91.67 13.66 -23.62
N LEU F 269 -92.68 14.06 -22.87
CA LEU F 269 -92.51 14.73 -21.59
C LEU F 269 -92.61 13.69 -20.49
N VAL F 270 -91.48 13.33 -19.91
CA VAL F 270 -91.43 12.37 -18.82
C VAL F 270 -91.68 13.12 -17.52
N VAL F 271 -92.69 12.70 -16.76
CA VAL F 271 -93.01 13.34 -15.49
C VAL F 271 -93.14 12.26 -14.41
N ASP F 272 -92.50 12.51 -13.28
CA ASP F 272 -92.66 11.66 -12.11
C ASP F 272 -94.10 11.66 -11.62
N VAL F 273 -94.56 10.51 -11.15
CA VAL F 273 -95.94 10.42 -10.67
C VAL F 273 -96.07 10.89 -9.22
N VAL F 274 -95.00 10.88 -8.45
CA VAL F 274 -95.08 11.33 -7.06
C VAL F 274 -94.88 12.83 -6.98
N GLU F 275 -93.77 13.34 -7.49
CA GLU F 275 -93.52 14.77 -7.41
C GLU F 275 -94.44 15.56 -8.35
N GLY F 276 -94.85 14.95 -9.46
CA GLY F 276 -95.75 15.63 -10.37
C GLY F 276 -95.06 16.73 -11.14
N VAL F 277 -95.79 17.81 -11.39
CA VAL F 277 -95.30 18.90 -12.22
C VAL F 277 -94.55 19.90 -11.36
N GLN F 278 -93.29 20.16 -11.71
CA GLN F 278 -92.46 21.15 -11.04
C GLN F 278 -92.12 22.26 -12.04
N VAL F 279 -91.22 23.16 -11.63
CA VAL F 279 -91.02 24.41 -12.39
C VAL F 279 -90.40 24.16 -13.75
N ASN F 280 -89.48 23.21 -13.87
CA ASN F 280 -88.94 22.94 -15.19
C ASN F 280 -89.94 22.19 -16.06
N THR F 281 -90.84 21.41 -15.46
CA THR F 281 -91.92 20.83 -16.25
C THR F 281 -92.81 21.92 -16.82
N GLU F 282 -93.10 22.95 -16.02
CA GLU F 282 -93.89 24.07 -16.50
C GLU F 282 -93.17 24.82 -17.61
N GLN F 283 -91.86 25.04 -17.46
CA GLN F 283 -91.11 25.75 -18.49
C GLN F 283 -91.07 24.97 -19.80
N ILE F 284 -90.81 23.66 -19.73
CA ILE F 284 -90.78 22.84 -20.93
C ILE F 284 -92.14 22.76 -21.59
N ILE F 285 -93.22 22.60 -20.79
CA ILE F 285 -94.56 22.55 -21.36
C ILE F 285 -94.91 23.88 -22.01
N LYS F 286 -94.60 24.99 -21.33
CA LYS F 286 -94.88 26.31 -21.88
C LYS F 286 -94.16 26.54 -23.19
N HIS F 287 -92.89 26.14 -23.27
CA HIS F 287 -92.15 26.32 -24.51
C HIS F 287 -92.67 25.41 -25.62
N ALA F 288 -92.85 24.12 -25.33
CA ALA F 288 -93.25 23.18 -26.37
C ALA F 288 -94.66 23.47 -26.88
N VAL F 289 -95.52 24.04 -26.03
CA VAL F 289 -96.83 24.45 -26.49
C VAL F 289 -96.72 25.74 -27.30
N LEU F 290 -95.94 26.71 -26.81
CA LEU F 290 -95.82 27.99 -27.49
C LEU F 290 -95.13 27.86 -28.85
N GLU F 291 -94.16 26.96 -28.96
CA GLU F 291 -93.57 26.68 -30.27
C GLU F 291 -94.42 25.73 -31.10
N ASP F 292 -95.51 25.20 -30.52
CA ASP F 292 -96.44 24.29 -31.17
C ASP F 292 -95.76 23.02 -31.66
N ILE F 293 -94.78 22.55 -30.90
CA ILE F 293 -94.24 21.21 -31.11
C ILE F 293 -95.22 20.20 -30.52
N PRO F 294 -95.56 19.13 -31.23
CA PRO F 294 -96.48 18.13 -30.69
C PRO F 294 -95.94 17.49 -29.42
N LEU F 295 -96.85 17.28 -28.47
CA LEU F 295 -96.50 16.97 -27.09
C LEU F 295 -97.19 15.67 -26.67
N THR F 296 -96.43 14.78 -26.02
CA THR F 296 -96.96 13.54 -25.49
C THR F 296 -96.46 13.36 -24.07
N LEU F 297 -97.22 12.64 -23.27
CA LEU F 297 -96.98 12.53 -21.83
C LEU F 297 -96.48 11.13 -21.48
N ILE F 298 -95.53 11.05 -20.55
CA ILE F 298 -95.01 9.78 -20.06
C ILE F 298 -95.03 9.86 -18.54
N ILE F 299 -96.02 9.22 -17.92
CA ILE F 299 -96.04 9.10 -16.47
C ILE F 299 -95.00 8.05 -16.07
N ASN F 300 -94.12 8.42 -15.13
CA ASN F 300 -92.98 7.59 -14.79
C ASN F 300 -93.03 7.18 -13.32
N LYS F 301 -92.24 6.15 -13.01
CA LYS F 301 -91.97 5.70 -11.65
C LYS F 301 -93.24 5.23 -10.95
N MET F 302 -93.96 4.29 -11.57
CA MET F 302 -95.14 3.71 -10.96
C MET F 302 -94.82 2.81 -9.77
N ASP F 303 -93.58 2.32 -9.68
CA ASP F 303 -93.18 1.56 -8.51
C ASP F 303 -93.25 2.41 -7.24
N ARG F 304 -93.10 3.73 -7.37
CA ARG F 304 -93.30 4.61 -6.24
C ARG F 304 -94.75 4.61 -5.78
N LEU F 305 -95.69 4.51 -6.72
CA LEU F 305 -97.09 4.33 -6.33
C LEU F 305 -97.26 3.02 -5.60
N ILE F 306 -96.60 1.96 -6.08
CA ILE F 306 -96.84 0.65 -5.50
C ILE F 306 -96.02 0.44 -4.24
N LEU F 307 -94.73 0.77 -4.27
CA LEU F 307 -93.82 0.42 -3.18
C LEU F 307 -93.45 1.57 -2.26
N GLU F 308 -93.39 2.81 -2.73
CA GLU F 308 -93.09 3.92 -1.84
C GLU F 308 -94.35 4.38 -1.10
N LEU F 309 -95.33 4.91 -1.84
CA LEU F 309 -96.52 5.48 -1.22
C LEU F 309 -97.39 4.38 -0.62
N LYS F 310 -97.43 3.23 -1.26
CA LYS F 310 -98.25 2.08 -0.85
C LYS F 310 -99.73 2.45 -0.75
N ILE F 311 -100.21 3.25 -1.70
CA ILE F 311 -101.61 3.64 -1.70
C ILE F 311 -102.41 2.55 -2.40
N PRO F 312 -103.68 2.36 -2.06
CA PRO F 312 -104.52 1.35 -2.74
C PRO F 312 -104.71 1.69 -4.20
N PRO F 313 -105.11 0.72 -5.03
CA PRO F 313 -105.19 0.97 -6.49
C PRO F 313 -106.10 2.10 -6.91
N THR F 314 -107.23 2.31 -6.22
CA THR F 314 -108.11 3.43 -6.56
C THR F 314 -107.43 4.76 -6.29
N ASP F 315 -106.67 4.86 -5.20
CA ASP F 315 -105.89 6.05 -4.95
C ASP F 315 -104.75 6.20 -5.96
N ALA F 316 -104.24 5.08 -6.49
CA ALA F 316 -103.27 5.17 -7.56
C ALA F 316 -103.90 5.77 -8.81
N TYR F 317 -105.14 5.39 -9.13
CA TYR F 317 -105.85 6.02 -10.23
C TYR F 317 -106.03 7.51 -9.99
N PHE F 318 -106.39 7.88 -8.76
CA PHE F 318 -106.59 9.29 -8.45
C PHE F 318 -105.30 10.08 -8.58
N LYS F 319 -104.18 9.50 -8.15
CA LYS F 319 -102.88 10.14 -8.32
C LYS F 319 -102.51 10.30 -9.78
N LEU F 320 -102.76 9.26 -10.59
CA LEU F 320 -102.47 9.34 -12.02
C LEU F 320 -103.31 10.43 -12.68
N LYS F 321 -104.60 10.49 -12.35
CA LYS F 321 -105.46 11.50 -12.93
C LYS F 321 -105.07 12.89 -12.46
N HIS F 322 -104.59 13.00 -11.22
CA HIS F 322 -104.11 14.29 -10.71
C HIS F 322 -102.92 14.80 -11.51
N VAL F 323 -101.97 13.90 -11.80
CA VAL F 323 -100.81 14.31 -12.59
C VAL F 323 -101.23 14.72 -14.00
N ILE F 324 -102.12 13.93 -14.62
CA ILE F 324 -102.54 14.22 -15.98
C ILE F 324 -103.31 15.53 -16.06
N GLU F 325 -104.19 15.80 -15.09
CA GLU F 325 -104.91 17.07 -15.10
C GLU F 325 -103.99 18.24 -14.81
N GLU F 326 -102.95 18.05 -14.00
CA GLU F 326 -102.00 19.14 -13.78
C GLU F 326 -101.26 19.50 -15.05
N VAL F 327 -100.85 18.49 -15.82
CA VAL F 327 -100.20 18.74 -17.10
C VAL F 327 -101.16 19.46 -18.05
N ASN F 328 -102.41 18.98 -18.13
CA ASN F 328 -103.36 19.62 -19.04
C ASN F 328 -103.76 21.01 -18.56
N THR F 329 -103.76 21.24 -17.25
CA THR F 329 -104.04 22.56 -16.71
C THR F 329 -102.97 23.56 -17.12
N VAL F 330 -101.70 23.18 -17.03
CA VAL F 330 -100.68 24.15 -17.43
C VAL F 330 -100.62 24.28 -18.96
N ILE F 331 -101.02 23.24 -19.70
CA ILE F 331 -101.18 23.40 -21.16
C ILE F 331 -102.27 24.40 -21.48
N GLU F 332 -103.40 24.31 -20.78
CA GLU F 332 -104.50 25.24 -21.00
C GLU F 332 -104.11 26.66 -20.60
N ASN F 333 -103.39 26.82 -19.49
CA ASN F 333 -103.00 28.14 -19.06
C ASN F 333 -101.90 28.75 -19.94
N THR F 334 -101.16 27.93 -20.69
CA THR F 334 -100.19 28.49 -21.61
C THR F 334 -100.90 29.25 -22.74
N ILE F 335 -101.86 28.61 -23.39
CA ILE F 335 -102.68 29.27 -24.40
C ILE F 335 -104.16 29.07 -24.05
N PRO F 336 -104.87 30.11 -23.65
CA PRO F 336 -106.27 29.95 -23.24
C PRO F 336 -107.18 29.68 -24.43
N GLY F 337 -108.10 28.74 -24.24
CA GLY F 337 -109.10 28.43 -25.23
C GLY F 337 -108.73 27.29 -26.16
N ARG F 338 -107.46 26.93 -26.26
CA ARG F 338 -107.02 25.86 -27.14
C ARG F 338 -106.53 24.64 -26.38
N GLY F 339 -106.92 24.50 -25.11
CA GLY F 339 -106.52 23.34 -24.33
C GLY F 339 -107.20 22.06 -24.76
N GLU F 340 -108.36 22.16 -25.41
CA GLU F 340 -109.04 20.96 -25.90
C GLU F 340 -108.35 20.39 -27.12
N SER F 341 -107.68 21.23 -27.90
CA SER F 341 -107.04 20.79 -29.13
C SER F 341 -105.85 19.88 -28.84
N LYS F 342 -105.10 20.17 -27.78
CA LYS F 342 -103.91 19.43 -27.42
C LYS F 342 -104.08 18.73 -26.07
N ARG F 343 -105.25 18.14 -25.87
CA ARG F 343 -105.56 17.48 -24.61
C ARG F 343 -104.78 16.18 -24.50
N LEU F 344 -104.13 15.99 -23.35
CA LEU F 344 -103.41 14.77 -23.05
C LEU F 344 -104.23 13.94 -22.07
N SER F 345 -104.57 12.71 -22.48
CA SER F 345 -105.42 11.86 -21.67
C SER F 345 -105.19 10.45 -22.15
N PRO F 346 -105.23 9.44 -21.26
CA PRO F 346 -104.83 8.08 -21.66
C PRO F 346 -105.67 7.45 -22.75
N GLU F 347 -106.93 7.87 -22.90
CA GLU F 347 -107.81 7.24 -23.88
C GLU F 347 -107.44 7.64 -25.31
N LYS F 348 -106.78 8.78 -25.50
CA LYS F 348 -106.34 9.15 -26.83
C LYS F 348 -105.09 8.40 -27.25
N GLY F 349 -104.34 7.87 -26.29
CA GLY F 349 -103.13 7.15 -26.58
C GLY F 349 -101.86 7.97 -26.50
N ASN F 350 -101.92 9.18 -25.95
CA ASN F 350 -100.74 10.02 -25.83
C ASN F 350 -100.18 10.06 -24.42
N VAL F 351 -100.66 9.20 -23.53
CA VAL F 351 -100.11 9.07 -22.18
C VAL F 351 -99.62 7.64 -22.02
N LEU F 352 -98.34 7.50 -21.67
CA LEU F 352 -97.68 6.21 -21.56
C LEU F 352 -97.23 6.02 -20.12
N PHE F 353 -97.82 5.06 -19.42
CA PHE F 353 -97.44 4.79 -18.05
C PHE F 353 -96.20 3.91 -18.04
N ALA F 354 -95.18 4.31 -17.29
CA ALA F 354 -93.93 3.60 -17.36
C ALA F 354 -93.28 3.53 -15.98
N CYS F 355 -92.57 2.45 -15.75
CA CYS F 355 -91.60 2.34 -14.67
C CYS F 355 -90.28 2.03 -15.34
N THR F 356 -89.36 2.99 -15.32
CA THR F 356 -88.12 2.88 -16.06
C THR F 356 -87.03 2.13 -15.31
N SER F 357 -87.15 2.01 -13.98
CA SER F 357 -86.21 1.19 -13.24
C SER F 357 -86.40 -0.28 -13.57
N MET F 358 -87.65 -0.76 -13.51
CA MET F 358 -87.90 -2.14 -13.89
C MET F 358 -87.89 -2.30 -15.40
N GLY F 359 -88.21 -1.23 -16.12
CA GLY F 359 -88.10 -1.24 -17.55
C GLY F 359 -89.35 -1.71 -18.26
N TRP F 360 -90.51 -1.19 -17.87
CA TRP F 360 -91.72 -1.47 -18.62
C TRP F 360 -92.48 -0.17 -18.87
N CYS F 361 -93.18 -0.15 -20.01
CA CYS F 361 -94.03 0.97 -20.37
C CYS F 361 -95.21 0.42 -21.13
N PHE F 362 -96.37 1.02 -20.91
CA PHE F 362 -97.58 0.57 -21.57
C PHE F 362 -98.54 1.73 -21.72
N THR F 363 -99.31 1.70 -22.80
CA THR F 363 -100.48 2.54 -22.95
C THR F 363 -101.71 1.68 -22.70
N LEU F 364 -102.87 2.33 -22.67
CA LEU F 364 -104.11 1.57 -22.49
C LEU F 364 -104.39 0.68 -23.69
N GLN F 365 -104.07 1.16 -24.89
CA GLN F 365 -104.26 0.36 -26.10
C GLN F 365 -103.39 -0.88 -26.08
N SER F 366 -102.14 -0.75 -25.64
CA SER F 366 -101.27 -1.92 -25.57
C SER F 366 -101.70 -2.89 -24.48
N PHE F 367 -102.27 -2.38 -23.39
CA PHE F 367 -102.69 -3.27 -22.32
C PHE F 367 -103.93 -4.07 -22.74
N ALA F 368 -104.85 -3.41 -23.44
CA ALA F 368 -105.95 -4.12 -24.08
C ALA F 368 -105.45 -5.05 -25.18
N LYS F 369 -104.32 -4.73 -25.81
CA LYS F 369 -103.74 -5.65 -26.77
C LYS F 369 -103.22 -6.91 -26.08
N MET F 370 -102.67 -6.79 -24.87
CA MET F 370 -102.28 -7.99 -24.14
C MET F 370 -103.50 -8.81 -23.73
N TYR F 371 -104.62 -8.15 -23.40
CA TYR F 371 -105.89 -8.88 -23.28
C TYR F 371 -106.27 -9.62 -24.55
N SER F 372 -106.20 -8.95 -25.70
CA SER F 372 -106.60 -9.57 -26.95
C SER F 372 -105.67 -10.71 -27.34
N GLU F 373 -104.40 -10.63 -26.92
CA GLU F 373 -103.49 -11.74 -27.16
C GLU F 373 -103.77 -12.90 -26.22
N SER F 374 -104.04 -12.62 -24.95
CA SER F 374 -104.22 -13.68 -23.98
C SER F 374 -105.57 -14.36 -24.07
N TYR F 375 -106.61 -13.67 -24.52
CA TYR F 375 -107.93 -14.28 -24.62
C TYR F 375 -108.40 -14.41 -26.07
N GLY F 376 -108.43 -13.33 -26.82
CA GLY F 376 -108.81 -13.43 -28.22
C GLY F 376 -110.17 -12.80 -28.46
N GLY F 377 -110.31 -12.16 -29.62
CA GLY F 377 -111.58 -11.56 -30.01
C GLY F 377 -112.02 -10.38 -29.18
N VAL F 378 -111.12 -9.46 -28.88
CA VAL F 378 -111.45 -8.25 -28.13
C VAL F 378 -111.09 -7.05 -29.00
N ASN F 379 -112.06 -6.17 -29.22
CA ASN F 379 -111.82 -4.92 -29.95
C ASN F 379 -110.93 -4.03 -29.08
N VAL F 380 -109.67 -3.90 -29.47
CA VAL F 380 -108.69 -3.22 -28.63
C VAL F 380 -108.99 -1.73 -28.56
N GLU F 381 -109.45 -1.13 -29.66
CA GLU F 381 -109.63 0.32 -29.69
C GLU F 381 -110.81 0.74 -28.83
N GLU F 382 -111.94 0.05 -28.95
CA GLU F 382 -113.11 0.41 -28.14
C GLU F 382 -112.90 0.07 -26.67
N PHE F 383 -112.20 -1.01 -26.37
CA PHE F 383 -111.94 -1.35 -24.98
C PHE F 383 -110.99 -0.35 -24.34
N ALA F 384 -109.94 0.05 -25.07
CA ALA F 384 -109.06 1.09 -24.57
C ALA F 384 -109.78 2.42 -24.42
N ARG F 385 -110.77 2.69 -25.28
CA ARG F 385 -111.61 3.86 -25.08
C ARG F 385 -112.42 3.75 -23.80
N ARG F 386 -112.96 2.57 -23.52
CA ARG F 386 -113.79 2.40 -22.34
C ARG F 386 -113.00 2.20 -21.05
N LEU F 387 -111.68 2.08 -21.14
CA LEU F 387 -110.90 1.77 -19.93
C LEU F 387 -110.76 2.97 -19.01
N TRP F 388 -110.48 4.15 -19.54
CA TRP F 388 -110.13 5.30 -18.71
C TRP F 388 -111.36 6.10 -18.30
N GLY F 389 -111.29 6.69 -17.12
CA GLY F 389 -112.26 7.69 -16.71
C GLY F 389 -113.14 7.27 -15.56
N ASP F 390 -114.32 7.86 -15.46
CA ASP F 390 -115.32 7.46 -14.47
C ASP F 390 -116.23 6.37 -15.02
N VAL F 391 -115.61 5.31 -15.54
CA VAL F 391 -116.31 4.19 -16.14
C VAL F 391 -116.17 3.00 -15.21
N TYR F 392 -117.30 2.47 -14.74
CA TYR F 392 -117.29 1.37 -13.80
C TYR F 392 -117.73 0.10 -14.51
N PHE F 393 -117.09 -1.01 -14.17
CA PHE F 393 -117.31 -2.27 -14.86
C PHE F 393 -118.22 -3.17 -14.04
N ASN F 394 -119.37 -3.51 -14.61
CA ASN F 394 -120.26 -4.50 -14.02
C ASN F 394 -119.95 -5.87 -14.63
N PRO F 395 -119.46 -6.84 -13.84
CA PRO F 395 -119.13 -8.14 -14.43
C PRO F 395 -120.34 -9.01 -14.70
N LYS F 396 -121.36 -8.95 -13.85
CA LYS F 396 -122.54 -9.78 -14.04
C LYS F 396 -123.31 -9.37 -15.29
N LYS F 397 -123.55 -8.07 -15.45
CA LYS F 397 -124.14 -7.56 -16.68
C LYS F 397 -123.11 -7.46 -17.82
N ARG F 398 -121.82 -7.50 -17.48
CA ARG F 398 -120.72 -7.32 -18.44
C ARG F 398 -120.87 -6.01 -19.21
N THR F 399 -120.87 -4.90 -18.46
CA THR F 399 -121.17 -3.62 -19.07
C THR F 399 -120.38 -2.51 -18.39
N PHE F 400 -120.46 -1.32 -18.98
CA PHE F 400 -119.75 -0.14 -18.53
C PHE F 400 -120.78 0.92 -18.16
N THR F 401 -120.77 1.34 -16.91
CA THR F 401 -121.68 2.37 -16.42
C THR F 401 -120.86 3.50 -15.80
N ARG F 402 -121.54 4.38 -15.07
CA ARG F 402 -120.89 5.48 -14.37
C ARG F 402 -121.03 5.41 -12.86
N LYS F 403 -122.09 4.77 -12.36
CA LYS F 403 -122.29 4.47 -10.95
C LYS F 403 -122.24 2.96 -10.75
N PRO F 404 -121.87 2.48 -9.56
CA PRO F 404 -121.81 1.02 -9.37
C PRO F 404 -123.20 0.43 -9.29
N ILE F 405 -123.62 -0.21 -10.37
CA ILE F 405 -124.96 -0.79 -10.44
C ILE F 405 -125.09 -2.00 -9.54
N GLU F 406 -124.07 -2.85 -9.50
CA GLU F 406 -124.14 -4.11 -8.76
C GLU F 406 -123.52 -4.03 -7.37
N GLU F 407 -123.41 -2.81 -6.83
CA GLU F 407 -123.05 -2.56 -5.43
C GLU F 407 -121.68 -3.16 -5.08
N GLY F 408 -120.65 -2.60 -5.72
CA GLY F 408 -119.30 -3.04 -5.47
C GLY F 408 -118.46 -3.09 -6.71
N ALA F 409 -119.02 -2.62 -7.82
CA ALA F 409 -118.27 -2.54 -9.06
C ALA F 409 -117.28 -1.38 -8.98
N LYS F 410 -116.00 -1.68 -9.20
CA LYS F 410 -114.96 -0.67 -9.16
C LYS F 410 -114.77 -0.11 -10.57
N ARG F 411 -113.75 0.72 -10.72
CA ARG F 411 -113.51 1.40 -11.99
C ARG F 411 -113.05 0.41 -13.05
N SER F 412 -113.23 0.80 -14.31
CA SER F 412 -112.73 -0.02 -15.39
C SER F 412 -111.21 -0.02 -15.42
N PHE F 413 -110.61 1.17 -15.30
CA PHE F 413 -109.16 1.29 -15.29
C PHE F 413 -108.55 0.55 -14.10
N VAL F 414 -109.12 0.75 -12.92
CA VAL F 414 -108.61 0.09 -11.71
C VAL F 414 -108.66 -1.42 -11.87
N ASN F 415 -109.86 -1.96 -12.08
CA ASN F 415 -110.07 -3.40 -12.10
C ASN F 415 -109.29 -4.08 -13.21
N PHE F 416 -109.18 -3.45 -14.37
CA PHE F 416 -108.53 -4.13 -15.47
C PHE F 416 -107.03 -3.87 -15.52
N VAL F 417 -106.54 -2.73 -15.06
CA VAL F 417 -105.16 -2.32 -15.29
C VAL F 417 -104.37 -2.27 -13.99
N MET F 418 -104.87 -1.55 -12.99
CA MET F 418 -103.98 -1.23 -11.89
C MET F 418 -103.90 -2.36 -10.88
N GLU F 419 -105.04 -2.96 -10.54
CA GLU F 419 -105.02 -4.12 -9.65
C GLU F 419 -104.22 -5.31 -10.20
N PRO F 420 -104.24 -5.65 -11.50
CA PRO F 420 -103.25 -6.63 -11.98
C PRO F 420 -101.80 -6.25 -11.76
N ILE F 421 -101.45 -4.97 -11.93
CA ILE F 421 -100.06 -4.55 -11.71
C ILE F 421 -99.71 -4.63 -10.22
N TYR F 422 -100.63 -4.19 -9.35
CA TYR F 422 -100.40 -4.29 -7.92
C TYR F 422 -100.26 -5.74 -7.48
N LYS F 423 -101.10 -6.62 -8.02
CA LYS F 423 -101.04 -8.03 -7.65
C LYS F 423 -99.76 -8.68 -8.16
N LEU F 424 -99.33 -8.30 -9.36
CA LEU F 424 -98.04 -8.76 -9.89
C LEU F 424 -96.91 -8.38 -8.97
N TYR F 425 -96.88 -7.10 -8.56
CA TYR F 425 -95.82 -6.60 -7.69
C TYR F 425 -95.83 -7.30 -6.33
N SER F 426 -97.00 -7.36 -5.71
CA SER F 426 -97.14 -7.95 -4.38
C SER F 426 -96.80 -9.43 -4.39
N HIS F 427 -97.25 -10.16 -5.40
CA HIS F 427 -97.02 -11.59 -5.40
C HIS F 427 -95.61 -11.93 -5.86
N THR F 428 -94.97 -11.03 -6.61
CA THR F 428 -93.60 -11.29 -7.00
C THR F 428 -92.64 -11.06 -5.84
N ILE F 429 -92.90 -10.04 -5.02
CA ILE F 429 -91.98 -9.81 -3.91
C ILE F 429 -92.42 -10.51 -2.63
N SER F 430 -93.59 -11.13 -2.64
CA SER F 430 -94.13 -11.67 -1.40
C SER F 430 -94.15 -13.19 -1.31
N GLU F 431 -93.80 -13.90 -2.38
CA GLU F 431 -93.99 -15.34 -2.42
C GLU F 431 -92.65 -16.05 -2.52
N GLY F 432 -92.64 -17.31 -2.04
CA GLY F 432 -91.51 -18.17 -2.19
C GLY F 432 -91.36 -18.65 -3.62
N PRO F 433 -90.24 -19.28 -3.94
CA PRO F 433 -89.96 -19.64 -5.34
C PRO F 433 -90.91 -20.67 -5.92
N GLU F 434 -91.37 -21.64 -5.13
CA GLU F 434 -92.33 -22.60 -5.66
C GLU F 434 -93.69 -21.96 -5.90
N ASP F 435 -94.15 -21.14 -4.96
CA ASP F 435 -95.41 -20.42 -5.14
C ASP F 435 -95.31 -19.44 -6.29
N LEU F 436 -94.16 -18.78 -6.42
CA LEU F 436 -93.95 -17.87 -7.55
C LEU F 436 -93.97 -18.60 -8.87
N LYS F 437 -93.33 -19.78 -8.92
CA LYS F 437 -93.34 -20.58 -10.13
C LYS F 437 -94.76 -20.99 -10.50
N ARG F 438 -95.54 -21.41 -9.50
CA ARG F 438 -96.93 -21.82 -9.75
C ARG F 438 -97.77 -20.66 -10.26
N THR F 439 -97.65 -19.49 -9.63
CA THR F 439 -98.46 -18.33 -10.03
C THR F 439 -98.08 -17.82 -11.42
N LEU F 440 -96.78 -17.65 -11.67
CA LEU F 440 -96.36 -17.11 -12.95
C LEU F 440 -96.53 -18.11 -14.07
N SER F 441 -96.49 -19.41 -13.78
CA SER F 441 -96.86 -20.39 -14.79
C SER F 441 -98.37 -20.39 -15.02
N LYS F 442 -99.15 -20.08 -13.99
CA LYS F 442 -100.60 -19.97 -14.17
C LYS F 442 -100.95 -18.83 -15.11
N LEU F 443 -100.23 -17.72 -15.02
CA LEU F 443 -100.45 -16.70 -16.04
C LEU F 443 -99.79 -17.07 -17.36
N GLY F 444 -98.66 -17.79 -17.33
CA GLY F 444 -98.01 -18.20 -18.56
C GLY F 444 -96.61 -17.66 -18.71
N ILE F 445 -96.04 -17.16 -17.62
CA ILE F 445 -94.68 -16.62 -17.60
C ILE F 445 -93.76 -17.69 -17.05
N PHE F 446 -92.72 -18.03 -17.82
CA PHE F 446 -91.81 -19.12 -17.48
C PHE F 446 -90.42 -18.57 -17.23
N LEU F 447 -89.81 -19.01 -16.13
CA LEU F 447 -88.45 -18.61 -15.80
C LEU F 447 -87.62 -19.84 -15.45
N LYS F 448 -86.33 -19.74 -15.74
CA LYS F 448 -85.38 -20.78 -15.37
C LYS F 448 -85.29 -20.86 -13.85
N PRO F 449 -85.20 -22.07 -13.28
CA PRO F 449 -85.36 -22.21 -11.81
C PRO F 449 -84.30 -21.51 -10.98
N SER F 450 -83.15 -21.20 -11.56
CA SER F 450 -82.15 -20.42 -10.84
C SER F 450 -82.62 -18.98 -10.65
N GLN F 451 -83.39 -18.46 -11.61
CA GLN F 451 -83.84 -17.08 -11.55
C GLN F 451 -84.98 -16.86 -10.58
N TYR F 452 -85.64 -17.94 -10.13
CA TYR F 452 -86.73 -17.77 -9.18
C TYR F 452 -86.20 -17.45 -7.78
N LYS F 453 -84.93 -17.70 -7.54
CA LYS F 453 -84.30 -17.45 -6.25
C LYS F 453 -83.43 -16.22 -6.25
N ALA F 454 -83.64 -15.31 -7.19
CA ALA F 454 -82.84 -14.10 -7.29
C ALA F 454 -83.24 -13.10 -6.21
N ASP F 455 -82.53 -11.98 -6.18
CA ASP F 455 -82.89 -10.89 -5.29
C ASP F 455 -84.23 -10.31 -5.74
N PRO F 456 -85.00 -9.71 -4.82
CA PRO F 456 -86.32 -9.19 -5.20
C PRO F 456 -86.31 -8.12 -6.29
N LYS F 457 -85.26 -7.29 -6.35
CA LYS F 457 -85.23 -6.24 -7.36
C LYS F 457 -84.93 -6.82 -8.75
N VAL F 458 -83.96 -7.73 -8.85
CA VAL F 458 -83.66 -8.31 -10.15
C VAL F 458 -84.74 -9.31 -10.58
N LEU F 459 -85.30 -10.07 -9.64
CA LEU F 459 -86.43 -10.94 -9.97
C LEU F 459 -87.61 -10.13 -10.44
N MET F 460 -87.84 -8.99 -9.80
CA MET F 460 -88.89 -8.09 -10.21
C MET F 460 -88.69 -7.58 -11.62
N LYS F 461 -87.44 -7.20 -11.94
CA LYS F 461 -87.13 -6.74 -13.28
C LYS F 461 -87.38 -7.82 -14.32
N LEU F 462 -86.94 -9.05 -14.03
CA LEU F 462 -87.13 -10.15 -14.98
C LEU F 462 -88.60 -10.47 -15.17
N VAL F 463 -89.38 -10.46 -14.07
CA VAL F 463 -90.79 -10.79 -14.15
C VAL F 463 -91.56 -9.73 -14.93
N CYS F 464 -91.29 -8.45 -14.66
CA CYS F 464 -91.96 -7.38 -15.38
C CYS F 464 -91.53 -7.33 -16.83
N GLU F 465 -90.27 -7.68 -17.12
CA GLU F 465 -89.80 -7.73 -18.48
C GLU F 465 -90.51 -8.81 -19.28
N GLN F 466 -90.70 -9.99 -18.67
CA GLN F 466 -91.39 -11.04 -19.40
C GLN F 466 -92.90 -10.86 -19.40
N PHE F 467 -93.44 -10.07 -18.48
CA PHE F 467 -94.89 -9.81 -18.47
C PHE F 467 -95.27 -8.73 -19.48
N PHE F 468 -94.74 -7.53 -19.30
CA PHE F 468 -95.11 -6.43 -20.18
C PHE F 468 -94.46 -6.56 -21.55
N GLY F 469 -93.24 -7.05 -21.62
CA GLY F 469 -92.54 -7.16 -22.87
C GLY F 469 -91.76 -5.90 -23.18
N PRO F 470 -91.38 -5.72 -24.44
CA PRO F 470 -90.56 -4.57 -24.82
C PRO F 470 -91.32 -3.26 -24.84
N SER F 471 -90.69 -2.22 -25.37
CA SER F 471 -91.24 -0.87 -25.38
C SER F 471 -92.02 -0.57 -26.65
N THR F 472 -92.73 -1.56 -27.19
CA THR F 472 -93.51 -1.35 -28.40
C THR F 472 -94.62 -0.32 -28.20
N ALA F 473 -95.16 -0.21 -26.98
CA ALA F 473 -96.21 0.75 -26.72
C ALA F 473 -95.72 2.18 -26.89
N PHE F 474 -94.49 2.46 -26.48
CA PHE F 474 -93.91 3.77 -26.68
C PHE F 474 -93.73 4.07 -28.16
N VAL F 475 -93.32 3.06 -28.94
CA VAL F 475 -93.17 3.24 -30.38
C VAL F 475 -94.50 3.55 -31.03
N ASP F 476 -95.56 2.83 -30.63
CA ASP F 476 -96.90 3.09 -31.16
C ASP F 476 -97.37 4.49 -30.81
N MET F 477 -97.13 4.90 -29.56
CA MET F 477 -97.53 6.23 -29.11
C MET F 477 -96.83 7.32 -29.92
N VAL F 478 -95.53 7.15 -30.17
CA VAL F 478 -94.79 8.13 -30.96
C VAL F 478 -95.28 8.15 -32.41
N ILE F 479 -95.49 6.98 -33.00
CA ILE F 479 -95.92 6.91 -34.41
C ILE F 479 -97.30 7.55 -34.57
N LYS F 480 -98.22 7.24 -33.67
CA LYS F 480 -99.58 7.75 -33.82
C LYS F 480 -99.68 9.23 -33.50
N HIS F 481 -98.91 9.73 -32.53
CA HIS F 481 -99.14 11.09 -32.07
C HIS F 481 -98.02 12.07 -32.34
N ILE F 482 -96.98 11.69 -33.07
CA ILE F 482 -95.88 12.61 -33.37
C ILE F 482 -95.59 12.54 -34.86
N PRO F 483 -95.56 13.66 -35.56
CA PRO F 483 -95.43 13.62 -37.02
C PRO F 483 -94.02 13.25 -37.46
N SER F 484 -93.96 12.71 -38.67
CA SER F 484 -92.72 12.42 -39.38
C SER F 484 -92.09 13.72 -39.86
N PRO F 485 -90.80 13.71 -40.22
CA PRO F 485 -90.20 14.90 -40.82
C PRO F 485 -90.91 15.43 -42.06
N LEU F 486 -91.54 14.56 -42.84
CA LEU F 486 -92.26 15.04 -44.03
C LEU F 486 -93.49 15.85 -43.63
N GLU F 487 -94.18 15.47 -42.56
CA GLU F 487 -95.36 16.19 -42.13
C GLU F 487 -95.06 17.36 -41.19
N ALA F 488 -93.82 17.52 -40.74
CA ALA F 488 -93.47 18.61 -39.86
C ALA F 488 -92.47 19.59 -40.47
N ALA F 489 -91.87 19.25 -41.59
CA ALA F 489 -90.87 20.13 -42.19
C ALA F 489 -91.49 21.43 -42.69
N GLU F 490 -92.74 21.38 -43.18
CA GLU F 490 -93.42 22.58 -43.61
C GLU F 490 -93.66 23.53 -42.44
N LYS F 491 -94.06 22.99 -41.29
CA LYS F 491 -94.24 23.81 -40.10
C LYS F 491 -92.90 24.37 -39.62
N LYS F 492 -91.84 23.57 -39.70
CA LYS F 492 -90.51 24.04 -39.32
C LYS F 492 -90.05 25.19 -40.22
N LEU F 493 -90.31 25.09 -41.52
CA LEU F 493 -89.99 26.17 -42.44
C LEU F 493 -90.84 27.40 -42.16
N GLU F 494 -92.11 27.20 -41.84
CA GLU F 494 -93.00 28.32 -41.58
C GLU F 494 -92.60 29.06 -40.31
N ARG F 495 -92.04 28.36 -39.34
CA ARG F 495 -91.72 28.99 -38.06
C ARG F 495 -90.29 29.51 -37.98
N TYR F 496 -89.30 28.77 -38.47
CA TYR F 496 -87.91 29.07 -38.19
C TYR F 496 -87.06 29.34 -39.43
N TYR F 497 -87.66 29.57 -40.59
CA TYR F 497 -86.90 29.87 -41.79
C TYR F 497 -87.25 31.27 -42.27
N THR F 498 -86.23 32.06 -42.60
CA THR F 498 -86.40 33.47 -42.92
C THR F 498 -86.46 33.75 -44.41
N GLY F 499 -86.46 32.73 -45.26
CA GLY F 499 -86.52 32.94 -46.69
C GLY F 499 -87.92 32.72 -47.24
N PRO F 500 -88.10 33.04 -48.52
CA PRO F 500 -89.41 32.83 -49.15
C PRO F 500 -89.70 31.35 -49.35
N LEU F 501 -90.99 31.01 -49.34
CA LEU F 501 -91.42 29.63 -49.40
C LEU F 501 -91.70 29.15 -50.82
N ASP F 502 -91.57 30.02 -51.82
CA ASP F 502 -91.88 29.65 -53.20
C ASP F 502 -90.64 29.21 -53.98
N THR F 503 -89.46 29.22 -53.37
CA THR F 503 -88.26 28.84 -54.09
C THR F 503 -88.12 27.32 -54.13
N LYS F 504 -87.21 26.85 -55.00
CA LYS F 504 -86.99 25.41 -55.12
C LYS F 504 -86.27 24.86 -53.89
N ILE F 505 -85.44 25.68 -53.23
CA ILE F 505 -84.85 25.26 -51.97
C ILE F 505 -85.92 25.09 -50.90
N ALA F 506 -86.99 25.89 -50.96
CA ALA F 506 -88.07 25.74 -49.99
C ALA F 506 -88.83 24.45 -50.21
N GLU F 507 -89.07 24.08 -51.48
CA GLU F 507 -89.71 22.80 -51.78
C GLU F 507 -88.82 21.63 -51.37
N SER F 508 -87.52 21.75 -51.59
CA SER F 508 -86.59 20.69 -51.20
C SER F 508 -86.56 20.51 -49.69
N MET F 509 -86.55 21.62 -48.94
CA MET F 509 -86.59 21.52 -47.48
C MET F 509 -87.94 20.99 -47.02
N LYS F 510 -89.02 21.34 -47.74
CA LYS F 510 -90.35 20.95 -47.32
C LYS F 510 -90.61 19.46 -47.52
N ASN F 511 -90.21 18.92 -48.67
CA ASN F 511 -90.49 17.52 -48.96
C ASN F 511 -89.42 16.57 -48.47
N CYS F 512 -88.30 17.10 -47.95
CA CYS F 512 -87.19 16.30 -47.40
C CYS F 512 -86.63 15.33 -48.43
N ASP F 513 -86.35 15.82 -49.62
CA ASP F 513 -85.79 14.97 -50.67
C ASP F 513 -84.31 14.74 -50.43
N GLN F 514 -83.86 13.53 -50.73
CA GLN F 514 -82.44 13.24 -50.63
C GLN F 514 -81.64 13.84 -51.78
N ASN F 515 -82.24 13.91 -52.97
CA ASN F 515 -81.54 14.35 -54.16
C ASN F 515 -81.48 15.87 -54.30
N GLY F 516 -82.08 16.61 -53.38
CA GLY F 516 -81.95 18.04 -53.37
C GLY F 516 -80.58 18.47 -52.90
N PRO F 517 -80.26 19.75 -53.03
CA PRO F 517 -78.98 20.24 -52.51
C PRO F 517 -78.97 20.25 -50.98
N LEU F 518 -77.76 20.22 -50.43
CA LEU F 518 -77.56 20.02 -49.00
C LEU F 518 -77.95 21.28 -48.22
N VAL F 519 -78.73 21.10 -47.17
CA VAL F 519 -78.90 22.10 -46.13
C VAL F 519 -79.10 21.39 -44.79
N VAL F 520 -78.28 21.77 -43.81
CA VAL F 520 -78.27 21.19 -42.48
C VAL F 520 -78.33 22.33 -41.48
N HIS F 521 -79.25 22.24 -40.53
CA HIS F 521 -79.41 23.26 -39.50
C HIS F 521 -78.69 22.79 -38.25
N VAL F 522 -77.46 23.28 -38.04
CA VAL F 522 -76.61 22.80 -36.96
C VAL F 522 -76.78 23.76 -35.78
N THR F 523 -77.13 23.22 -34.63
CA THR F 523 -77.20 24.02 -33.42
C THR F 523 -76.26 23.55 -32.32
N LYS F 524 -75.99 22.25 -32.21
CA LYS F 524 -75.27 21.76 -31.05
C LYS F 524 -73.82 21.49 -31.38
N LEU F 525 -72.96 21.61 -30.38
CA LEU F 525 -71.53 21.36 -30.53
C LEU F 525 -71.08 20.47 -29.38
N PHE F 526 -70.59 19.29 -29.72
CA PHE F 526 -70.13 18.32 -28.74
C PHE F 526 -68.61 18.20 -28.82
N ASN F 527 -67.94 18.36 -27.68
CA ASN F 527 -66.50 18.20 -27.68
C ASN F 527 -66.13 16.74 -27.92
N THR F 528 -64.94 16.53 -28.46
CA THR F 528 -64.50 15.20 -28.86
C THR F 528 -64.04 14.42 -27.64
N ILE F 529 -63.36 13.29 -27.88
CA ILE F 529 -62.82 12.52 -26.77
C ILE F 529 -61.72 13.30 -26.06
N ASP F 530 -60.93 14.07 -26.80
CA ASP F 530 -59.88 14.88 -26.22
C ASP F 530 -60.27 16.34 -26.05
N ALA F 531 -61.45 16.73 -26.54
CA ALA F 531 -62.01 18.07 -26.45
C ALA F 531 -61.15 19.14 -27.13
N LYS F 532 -60.23 18.73 -28.01
CA LYS F 532 -59.46 19.71 -28.77
C LYS F 532 -60.33 20.42 -29.80
N SER F 533 -61.20 19.67 -30.47
CA SER F 533 -62.09 20.19 -31.51
C SER F 533 -63.54 19.97 -31.09
N PHE F 534 -64.46 20.24 -32.01
CA PHE F 534 -65.88 20.07 -31.75
C PHE F 534 -66.54 19.35 -32.92
N TYR F 535 -67.52 18.52 -32.61
CA TYR F 535 -68.41 17.96 -33.61
C TYR F 535 -69.68 18.79 -33.66
N ALA F 536 -70.16 19.06 -34.85
CA ALA F 536 -71.35 19.86 -35.06
C ALA F 536 -72.54 18.93 -35.24
N PHE F 537 -73.47 18.94 -34.30
CA PHE F 537 -74.67 18.12 -34.34
C PHE F 537 -75.83 18.95 -34.85
N GLY F 538 -76.54 18.41 -35.84
CA GLY F 538 -77.66 19.12 -36.41
C GLY F 538 -78.58 18.20 -37.17
N ARG F 539 -79.57 18.80 -37.82
CA ARG F 539 -80.57 18.09 -38.60
C ARG F 539 -80.30 18.32 -40.08
N VAL F 540 -80.07 17.23 -40.82
CA VAL F 540 -80.10 17.32 -42.27
C VAL F 540 -81.54 17.61 -42.65
N MET F 541 -81.79 18.85 -43.10
CA MET F 541 -83.10 19.25 -43.58
C MET F 541 -83.30 18.86 -45.04
N SER F 542 -82.24 18.96 -45.85
CA SER F 542 -82.32 18.49 -47.23
C SER F 542 -80.94 18.07 -47.70
N GLY F 543 -80.93 17.26 -48.76
CA GLY F 543 -79.69 16.76 -49.30
C GLY F 543 -79.15 15.60 -48.49
N ILE F 544 -77.96 15.15 -48.89
CA ILE F 544 -77.25 14.08 -48.21
C ILE F 544 -75.86 14.59 -47.83
N ALA F 545 -75.49 14.40 -46.57
CA ALA F 545 -74.21 14.88 -46.08
C ALA F 545 -73.17 13.77 -46.19
N ARG F 546 -72.06 14.06 -46.85
CA ARG F 546 -71.03 13.07 -47.10
C ARG F 546 -69.68 13.58 -46.59
N PRO F 547 -68.79 12.69 -46.17
CA PRO F 547 -67.45 13.13 -45.75
C PRO F 547 -66.67 13.72 -46.91
N GLY F 548 -65.82 14.68 -46.59
CA GLY F 548 -65.02 15.36 -47.58
C GLY F 548 -65.84 16.16 -48.57
N ALA F 549 -66.80 16.93 -48.08
CA ALA F 549 -67.69 17.70 -48.93
C ALA F 549 -67.40 19.19 -48.78
N ASP F 550 -67.17 19.87 -49.91
CA ASP F 550 -66.93 21.30 -49.91
C ASP F 550 -68.24 22.04 -49.65
N VAL F 551 -68.33 22.73 -48.51
CA VAL F 551 -69.57 23.34 -48.06
C VAL F 551 -69.30 24.77 -47.57
N ARG F 552 -70.40 25.50 -47.40
CA ARG F 552 -70.38 26.85 -46.84
C ARG F 552 -71.12 26.84 -45.51
N VAL F 553 -70.54 27.52 -44.53
CA VAL F 553 -71.11 27.63 -43.19
C VAL F 553 -71.63 29.05 -43.04
N LEU F 554 -72.90 29.18 -42.72
CA LEU F 554 -73.58 30.45 -42.59
C LEU F 554 -73.84 30.69 -41.11
N GLY F 555 -73.36 31.82 -40.61
CA GLY F 555 -73.38 32.09 -39.18
C GLY F 555 -74.73 32.53 -38.68
N GLU F 556 -74.70 33.21 -37.54
CA GLU F 556 -75.92 33.58 -36.84
C GLU F 556 -76.71 34.64 -37.58
N GLY F 557 -76.03 35.53 -38.30
CA GLY F 557 -76.71 36.63 -38.95
C GLY F 557 -76.34 36.85 -40.40
N TYR F 558 -76.09 35.78 -41.15
CA TYR F 558 -75.79 35.92 -42.56
C TYR F 558 -77.03 36.37 -43.32
N THR F 559 -76.82 37.28 -44.27
CA THR F 559 -77.86 37.73 -45.18
C THR F 559 -77.29 37.73 -46.59
N LEU F 560 -78.16 38.03 -47.56
CA LEU F 560 -77.75 37.96 -48.97
C LEU F 560 -76.77 39.08 -49.31
N ASP F 561 -76.85 40.22 -48.63
CA ASP F 561 -75.93 41.32 -48.89
C ASP F 561 -74.67 41.25 -48.03
N ASP F 562 -74.77 40.75 -46.81
CA ASP F 562 -73.63 40.64 -45.91
C ASP F 562 -72.97 39.28 -46.13
N GLU F 563 -71.93 39.27 -46.96
CA GLU F 563 -71.23 38.03 -47.30
C GLU F 563 -70.20 37.63 -46.25
N GLU F 564 -69.82 38.55 -45.34
CA GLU F 564 -68.73 38.28 -44.42
C GLU F 564 -69.07 37.25 -43.37
N ASP F 565 -70.35 36.99 -43.13
CA ASP F 565 -70.75 36.04 -42.09
C ASP F 565 -70.91 34.64 -42.67
N MET F 566 -69.88 34.18 -43.37
CA MET F 566 -69.89 32.88 -44.02
C MET F 566 -68.46 32.40 -44.15
N VAL F 567 -68.25 31.10 -43.97
CA VAL F 567 -66.93 30.50 -44.01
C VAL F 567 -66.98 29.27 -44.91
N VAL F 568 -66.09 29.22 -45.91
CA VAL F 568 -65.94 28.00 -46.70
C VAL F 568 -65.19 26.96 -45.88
N SER F 569 -65.65 25.71 -45.94
CA SER F 569 -65.00 24.63 -45.21
C SER F 569 -65.31 23.32 -45.91
N ARG F 570 -64.86 22.23 -45.28
CA ARG F 570 -65.10 20.88 -45.77
C ARG F 570 -65.64 20.04 -44.63
N ILE F 571 -66.76 19.38 -44.85
CA ILE F 571 -67.14 18.29 -43.94
C ILE F 571 -66.16 17.15 -44.16
N SER F 572 -65.31 16.90 -43.16
CA SER F 572 -64.30 15.87 -43.25
C SER F 572 -64.82 14.51 -42.78
N ASP F 573 -65.65 14.49 -41.74
CA ASP F 573 -66.18 13.24 -41.22
C ASP F 573 -67.66 13.38 -40.92
N VAL F 574 -68.42 12.31 -41.18
CA VAL F 574 -69.85 12.26 -40.93
C VAL F 574 -70.13 11.09 -40.01
N PHE F 575 -70.82 11.35 -38.90
CA PHE F 575 -71.12 10.34 -37.90
C PHE F 575 -72.61 10.35 -37.57
N ILE F 576 -73.10 9.18 -37.17
CA ILE F 576 -74.35 9.04 -36.45
C ILE F 576 -74.01 9.06 -34.97
N ALA F 577 -74.62 9.98 -34.24
CA ALA F 577 -74.28 10.21 -32.84
C ALA F 577 -75.03 9.21 -31.97
N GLU F 578 -74.27 8.40 -31.24
CA GLU F 578 -74.84 7.47 -30.27
C GLU F 578 -74.35 7.77 -28.86
N THR F 579 -73.90 9.00 -28.61
CA THR F 579 -73.46 9.52 -27.32
C THR F 579 -72.26 8.77 -26.76
N ARG F 580 -72.44 7.48 -26.44
CA ARG F 580 -71.30 6.68 -25.98
C ARG F 580 -70.28 6.49 -27.10
N TYR F 581 -70.73 6.47 -28.34
CA TYR F 581 -69.87 6.21 -29.47
C TYR F 581 -70.45 6.90 -30.69
N ASN F 582 -69.79 6.74 -31.83
CA ASN F 582 -70.26 7.31 -33.08
C ASN F 582 -70.12 6.27 -34.19
N ILE F 583 -71.10 6.23 -35.08
CA ILE F 583 -71.10 5.29 -36.20
C ILE F 583 -70.71 6.08 -37.46
N PRO F 584 -69.53 5.87 -38.03
CA PRO F 584 -69.14 6.64 -39.21
C PRO F 584 -69.76 6.06 -40.46
N THR F 585 -70.41 6.93 -41.24
CA THR F 585 -71.05 6.51 -42.49
C THR F 585 -70.70 7.49 -43.61
N ASP F 586 -70.84 7.00 -44.83
CA ASP F 586 -70.52 7.76 -46.03
C ASP F 586 -71.63 8.73 -46.43
N GLY F 587 -72.82 8.62 -45.83
CA GLY F 587 -73.90 9.50 -46.19
C GLY F 587 -75.07 9.46 -45.23
N VAL F 588 -75.54 10.63 -44.81
CA VAL F 588 -76.72 10.77 -43.97
C VAL F 588 -77.78 11.52 -44.78
N PRO F 589 -78.92 10.92 -45.07
CA PRO F 589 -79.90 11.57 -45.95
C PRO F 589 -80.69 12.67 -45.26
N ALA F 590 -81.69 13.19 -45.97
CA ALA F 590 -82.43 14.35 -45.53
C ALA F 590 -83.33 14.03 -44.34
N GLY F 591 -83.63 15.07 -43.58
CA GLY F 591 -84.55 14.96 -42.45
C GLY F 591 -84.06 14.09 -41.32
N ASN F 592 -82.75 14.11 -41.04
CA ASN F 592 -82.20 13.22 -40.01
C ASN F 592 -81.28 14.00 -39.09
N PHE F 593 -80.61 13.27 -38.19
CA PHE F 593 -79.62 13.84 -37.29
C PHE F 593 -78.24 13.44 -37.77
N VAL F 594 -77.30 14.39 -37.76
CA VAL F 594 -75.97 14.13 -38.26
C VAL F 594 -74.96 14.81 -37.33
N LEU F 595 -73.75 14.24 -37.31
CA LEU F 595 -72.60 14.78 -36.61
C LEU F 595 -71.51 15.05 -37.63
N LEU F 596 -71.06 16.28 -37.73
CA LEU F 596 -70.05 16.67 -38.70
C LEU F 596 -68.75 17.05 -38.02
N GLY F 597 -67.65 16.57 -38.58
CA GLY F 597 -66.32 16.88 -38.08
C GLY F 597 -65.47 17.51 -39.16
N GLY F 598 -64.69 18.52 -38.79
CA GLY F 598 -63.97 19.34 -39.73
C GLY F 598 -64.65 20.63 -40.09
N VAL F 599 -65.72 21.00 -39.38
CA VAL F 599 -66.57 22.12 -39.77
C VAL F 599 -66.72 23.14 -38.64
N ASP F 600 -66.32 22.79 -37.42
CA ASP F 600 -66.65 23.50 -36.20
C ASP F 600 -66.04 24.90 -36.08
N ASN F 601 -65.10 25.27 -36.95
CA ASN F 601 -64.31 26.48 -36.74
C ASN F 601 -65.12 27.76 -36.86
N SER F 602 -66.29 27.72 -37.50
CA SER F 602 -67.09 28.92 -37.71
C SER F 602 -68.32 29.01 -36.81
N ILE F 603 -68.84 27.87 -36.33
CA ILE F 603 -70.04 27.90 -35.50
C ILE F 603 -69.68 28.46 -34.14
N VAL F 604 -70.49 29.40 -33.65
CA VAL F 604 -70.34 29.92 -32.30
C VAL F 604 -71.57 29.68 -31.43
N LYS F 605 -72.78 29.95 -31.95
CA LYS F 605 -74.00 29.53 -31.27
C LYS F 605 -74.88 28.66 -32.15
N THR F 606 -75.26 29.12 -33.34
CA THR F 606 -76.09 28.39 -34.28
C THR F 606 -75.56 28.63 -35.69
N ALA F 607 -75.85 27.70 -36.60
CA ALA F 607 -75.34 27.85 -37.96
C ALA F 607 -76.18 27.04 -38.92
N THR F 608 -76.05 27.39 -40.21
CA THR F 608 -76.70 26.67 -41.29
C THR F 608 -75.62 26.31 -42.31
N ILE F 609 -75.50 25.03 -42.64
CA ILE F 609 -74.46 24.54 -43.53
C ILE F 609 -75.11 24.12 -44.84
N VAL F 610 -74.68 24.73 -45.94
CA VAL F 610 -75.23 24.45 -47.27
C VAL F 610 -74.06 24.13 -48.21
N ASP F 611 -74.40 23.82 -49.46
CA ASP F 611 -73.39 23.55 -50.46
C ASP F 611 -72.66 24.83 -50.86
N LYS F 612 -71.56 24.67 -51.60
CA LYS F 612 -70.81 25.81 -52.11
C LYS F 612 -71.64 26.64 -53.07
N LYS F 613 -71.97 26.06 -54.22
CA LYS F 613 -72.78 26.71 -55.25
C LYS F 613 -74.03 25.87 -55.48
N PHE F 614 -75.18 26.53 -55.51
CA PHE F 614 -76.41 25.82 -55.83
C PHE F 614 -76.46 25.52 -57.33
N ASP F 615 -77.36 24.60 -57.70
CA ASP F 615 -77.47 24.17 -59.09
C ASP F 615 -77.97 25.29 -59.99
N ASN F 616 -78.92 26.09 -59.50
CA ASN F 616 -79.44 27.23 -60.25
C ASN F 616 -78.67 28.50 -59.95
N GLY F 617 -77.66 28.46 -59.11
CA GLY F 617 -76.95 29.65 -58.68
C GLY F 617 -77.79 30.58 -57.84
N GLU F 618 -78.62 30.04 -56.95
CA GLU F 618 -79.49 30.85 -56.12
C GLU F 618 -78.76 31.30 -54.86
N ASP F 619 -79.40 32.22 -54.14
CA ASP F 619 -78.87 32.70 -52.87
C ASP F 619 -79.18 31.70 -51.75
N ALA F 620 -78.63 31.99 -50.58
CA ALA F 620 -78.81 31.16 -49.40
C ALA F 620 -79.36 31.99 -48.25
N TYR F 621 -80.17 31.37 -47.40
CA TYR F 621 -80.77 32.04 -46.27
C TYR F 621 -80.55 31.20 -45.01
N VAL F 622 -80.56 31.87 -43.87
CA VAL F 622 -80.28 31.23 -42.59
C VAL F 622 -81.58 30.97 -41.86
N PHE F 623 -81.52 30.01 -40.93
CA PHE F 623 -82.63 29.77 -40.03
C PHE F 623 -82.67 30.86 -38.96
N LYS F 624 -83.80 30.91 -38.26
CA LYS F 624 -83.95 31.88 -37.18
C LYS F 624 -82.99 31.54 -36.04
N PRO F 625 -82.38 32.54 -35.40
CA PRO F 625 -81.55 32.27 -34.23
C PRO F 625 -82.38 31.67 -33.09
N LEU F 626 -81.72 30.83 -32.31
CA LEU F 626 -82.39 30.08 -31.25
C LEU F 626 -82.85 31.02 -30.14
N SER F 627 -84.03 30.75 -29.60
CA SER F 627 -84.60 31.56 -28.52
C SER F 627 -84.65 30.73 -27.25
N HIS F 628 -84.12 31.26 -26.16
CA HIS F 628 -84.01 30.54 -24.90
C HIS F 628 -85.10 30.99 -23.94
N PHE F 629 -85.04 30.49 -22.70
CA PHE F 629 -86.14 30.65 -21.78
C PHE F 629 -85.84 31.77 -20.79
N THR F 630 -84.75 31.62 -20.06
CA THR F 630 -84.32 32.54 -19.02
C THR F 630 -82.99 33.15 -19.39
N GLU F 631 -82.68 34.26 -18.75
CA GLU F 631 -81.50 35.04 -19.07
C GLU F 631 -80.36 34.65 -18.15
N SER F 632 -79.15 34.77 -18.66
CA SER F 632 -77.95 34.56 -17.87
C SER F 632 -77.80 35.74 -16.92
N VAL F 633 -78.35 35.61 -15.72
CA VAL F 633 -78.33 36.72 -14.77
C VAL F 633 -77.11 36.71 -13.86
N LEU F 634 -76.37 35.60 -13.79
CA LEU F 634 -75.26 35.50 -12.85
C LEU F 634 -73.97 35.87 -13.56
N LYS F 635 -73.18 36.72 -12.92
CA LYS F 635 -71.97 37.29 -13.51
C LYS F 635 -70.76 36.88 -12.69
N VAL F 636 -69.74 36.37 -13.36
CA VAL F 636 -68.48 36.01 -12.71
C VAL F 636 -67.34 36.63 -13.51
N ALA F 637 -66.47 37.36 -12.82
CA ALA F 637 -65.29 37.94 -13.44
C ALA F 637 -64.15 36.93 -13.34
N VAL F 638 -63.67 36.48 -14.49
CA VAL F 638 -62.57 35.55 -14.56
C VAL F 638 -61.32 36.27 -15.02
N GLU F 639 -60.16 35.72 -14.61
CA GLU F 639 -58.84 36.28 -14.88
C GLU F 639 -57.82 35.17 -14.67
N PRO F 640 -56.65 35.22 -15.30
CA PRO F 640 -55.69 34.11 -15.14
C PRO F 640 -54.79 34.26 -13.93
N ILE F 641 -54.47 33.12 -13.33
CA ILE F 641 -53.49 33.10 -12.24
C ILE F 641 -52.11 33.49 -12.74
N ASN F 642 -51.65 32.83 -13.80
CA ASN F 642 -50.37 33.17 -14.41
C ASN F 642 -50.65 33.97 -15.67
N PRO F 643 -50.28 35.26 -15.71
CA PRO F 643 -50.68 36.11 -16.85
C PRO F 643 -50.07 35.69 -18.18
N SER F 644 -48.97 34.93 -18.18
CA SER F 644 -48.36 34.48 -19.41
C SER F 644 -49.29 33.59 -20.22
N GLU F 645 -50.18 32.86 -19.55
CA GLU F 645 -51.20 32.06 -20.22
C GLU F 645 -52.50 32.82 -20.40
N LEU F 646 -52.45 34.16 -20.49
CA LEU F 646 -53.65 34.92 -20.81
C LEU F 646 -54.25 34.61 -22.18
N PRO F 647 -53.49 34.49 -23.29
CA PRO F 647 -54.14 34.07 -24.55
C PRO F 647 -54.76 32.70 -24.48
N LYS F 648 -54.10 31.74 -23.82
CA LYS F 648 -54.60 30.38 -23.74
C LYS F 648 -55.98 30.32 -23.10
N MET F 649 -56.14 31.05 -21.97
CA MET F 649 -57.42 31.23 -21.33
C MET F 649 -58.49 31.68 -22.31
N LEU F 650 -58.17 32.68 -23.14
CA LEU F 650 -59.14 33.19 -24.10
C LEU F 650 -59.58 32.11 -25.06
N ASP F 651 -58.64 31.29 -25.54
CA ASP F 651 -59.03 30.22 -26.43
C ASP F 651 -59.94 29.24 -25.72
N GLY F 652 -59.62 28.93 -24.46
CA GLY F 652 -60.51 28.10 -23.66
C GLY F 652 -61.88 28.72 -23.51
N ILE F 653 -61.91 30.04 -23.30
CA ILE F 653 -63.20 30.74 -23.19
C ILE F 653 -63.97 30.61 -24.48
N ARG F 654 -63.28 30.69 -25.63
CA ARG F 654 -63.95 30.51 -26.91
C ARG F 654 -64.56 29.13 -27.01
N LYS F 655 -63.85 28.10 -26.54
CA LYS F 655 -64.40 26.76 -26.54
C LYS F 655 -65.61 26.67 -25.63
N ILE F 656 -65.54 27.38 -24.49
CA ILE F 656 -66.69 27.46 -23.59
C ILE F 656 -67.88 28.06 -24.31
N ASN F 657 -67.62 29.09 -25.13
CA ASN F 657 -68.69 29.76 -25.86
C ASN F 657 -69.36 28.82 -26.85
N LYS F 658 -68.62 27.80 -27.30
CA LYS F 658 -69.22 26.84 -28.22
C LYS F 658 -70.09 25.84 -27.48
N SER F 659 -69.69 25.47 -26.26
CA SER F 659 -70.30 24.30 -25.64
C SER F 659 -71.54 24.65 -24.85
N TYR F 660 -71.65 25.87 -24.35
CA TYR F 660 -72.77 26.25 -23.51
C TYR F 660 -73.60 27.30 -24.22
N PRO F 661 -74.83 26.99 -24.62
CA PRO F 661 -75.58 27.91 -25.49
C PRO F 661 -76.00 29.23 -24.86
N LEU F 662 -76.54 29.20 -23.64
CA LEU F 662 -77.09 30.41 -23.04
C LEU F 662 -76.01 31.28 -22.41
N ILE F 663 -74.76 30.80 -22.37
CA ILE F 663 -73.68 31.56 -21.75
C ILE F 663 -73.40 32.83 -22.54
N THR F 664 -72.79 33.80 -21.87
CA THR F 664 -72.44 35.06 -22.50
C THR F 664 -71.07 35.50 -22.00
N THR F 665 -70.06 35.40 -22.85
CA THR F 665 -68.74 35.91 -22.51
C THR F 665 -68.56 37.31 -23.10
N LYS F 666 -67.84 38.15 -22.36
CA LYS F 666 -67.53 39.48 -22.84
C LYS F 666 -66.29 40.00 -22.14
N VAL F 667 -65.73 41.07 -22.70
CA VAL F 667 -64.60 41.77 -22.11
C VAL F 667 -64.98 43.23 -21.96
N GLU F 668 -64.64 43.81 -20.82
CA GLU F 668 -64.94 45.20 -20.55
C GLU F 668 -63.72 46.06 -20.88
N GLU F 669 -63.78 47.34 -20.54
CA GLU F 669 -62.62 48.21 -20.68
C GLU F 669 -61.71 48.16 -19.47
N SER F 670 -62.09 47.44 -18.42
CA SER F 670 -61.24 47.27 -17.26
C SER F 670 -60.25 46.12 -17.41
N GLY F 671 -60.41 45.27 -18.42
CA GLY F 671 -59.47 44.21 -18.70
C GLY F 671 -59.84 42.85 -18.15
N GLU F 672 -60.74 42.79 -17.16
CA GLU F 672 -61.16 41.51 -16.62
C GLU F 672 -62.29 40.94 -17.46
N HIS F 673 -62.33 39.61 -17.54
CA HIS F 673 -63.31 39.01 -18.44
C HIS F 673 -64.56 38.65 -17.65
N ILE F 674 -65.71 38.73 -18.32
CA ILE F 674 -67.00 38.56 -17.68
C ILE F 674 -67.69 37.37 -18.32
N ILE F 675 -68.15 36.44 -17.49
CA ILE F 675 -68.93 35.29 -17.95
C ILE F 675 -70.30 35.35 -17.29
N LEU F 676 -71.34 35.29 -18.11
CA LEU F 676 -72.72 35.33 -17.67
C LEU F 676 -73.33 33.95 -17.85
N GLY F 677 -73.88 33.40 -16.78
CA GLY F 677 -74.53 32.12 -16.80
C GLY F 677 -75.77 32.12 -15.93
N THR F 678 -76.45 30.97 -15.92
CA THR F 678 -77.78 30.91 -15.33
C THR F 678 -77.74 30.87 -13.80
N GLY F 679 -77.04 29.89 -13.23
CA GLY F 679 -77.03 29.76 -11.79
C GLY F 679 -75.73 29.27 -11.20
N GLU F 680 -75.80 28.70 -9.99
CA GLU F 680 -74.60 28.19 -9.33
C GLU F 680 -74.05 26.96 -10.02
N LEU F 681 -74.92 25.99 -10.33
CA LEU F 681 -74.45 24.74 -10.92
C LEU F 681 -73.98 24.95 -12.35
N TYR F 682 -74.66 25.84 -13.08
CA TYR F 682 -74.27 26.12 -14.46
C TYR F 682 -72.87 26.71 -14.53
N MET F 683 -72.61 27.72 -13.70
CA MET F 683 -71.29 28.32 -13.67
C MET F 683 -70.25 27.39 -13.07
N ASP F 684 -70.66 26.51 -12.15
CA ASP F 684 -69.73 25.53 -11.61
C ASP F 684 -69.24 24.58 -12.70
N CYS F 685 -70.16 24.05 -13.51
CA CYS F 685 -69.77 23.17 -14.60
C CYS F 685 -68.97 23.91 -15.66
N VAL F 686 -69.36 25.15 -15.95
CA VAL F 686 -68.64 25.96 -16.93
C VAL F 686 -67.21 26.21 -16.48
N LEU F 687 -67.01 26.55 -15.20
CA LEU F 687 -65.67 26.84 -14.72
C LEU F 687 -64.84 25.58 -14.57
N HIS F 688 -65.47 24.45 -14.28
CA HIS F 688 -64.75 23.18 -14.34
C HIS F 688 -64.23 22.92 -15.74
N ASP F 689 -65.10 23.10 -16.74
CA ASP F 689 -64.70 22.84 -18.12
C ASP F 689 -63.66 23.83 -18.61
N LEU F 690 -63.76 25.08 -18.16
CA LEU F 690 -62.75 26.07 -18.50
C LEU F 690 -61.39 25.70 -17.91
N ARG F 691 -61.38 25.27 -16.65
CA ARG F 691 -60.10 24.90 -16.05
C ARG F 691 -59.59 23.56 -16.56
N LYS F 692 -60.48 22.56 -16.68
CA LYS F 692 -60.04 21.19 -16.93
C LYS F 692 -60.09 20.78 -18.40
N LEU F 693 -61.18 21.04 -19.10
CA LEU F 693 -61.29 20.55 -20.48
C LEU F 693 -60.44 21.39 -21.42
N TYR F 694 -60.62 22.71 -21.40
CA TYR F 694 -60.24 23.55 -22.52
C TYR F 694 -58.96 24.33 -22.29
N ALA F 695 -58.89 25.17 -21.26
CA ALA F 695 -57.69 25.98 -21.09
C ALA F 695 -56.53 25.19 -20.49
N ASP F 696 -56.84 24.17 -19.67
CA ASP F 696 -55.83 23.34 -18.99
C ASP F 696 -54.90 24.18 -18.12
N MET F 697 -55.44 25.22 -17.50
CA MET F 697 -54.65 26.13 -16.70
C MET F 697 -55.51 26.75 -15.61
N GLU F 698 -54.86 27.16 -14.53
CA GLU F 698 -55.57 27.70 -13.37
C GLU F 698 -56.09 29.11 -13.64
N VAL F 699 -57.30 29.37 -13.17
CA VAL F 699 -58.01 30.62 -13.44
C VAL F 699 -58.51 31.17 -12.10
N ARG F 700 -58.14 32.40 -11.80
CA ARG F 700 -58.76 33.09 -10.68
C ARG F 700 -60.18 33.49 -11.05
N VAL F 701 -61.10 33.20 -10.13
CA VAL F 701 -62.52 33.40 -10.32
C VAL F 701 -63.02 34.30 -9.20
N SER F 702 -63.65 35.41 -9.58
CA SER F 702 -64.18 36.34 -8.61
C SER F 702 -65.45 35.80 -7.98
N ASP F 703 -65.95 36.50 -6.97
CA ASP F 703 -67.18 36.10 -6.34
C ASP F 703 -68.35 36.27 -7.31
N PRO F 704 -69.33 35.37 -7.27
CA PRO F 704 -70.48 35.48 -8.17
C PRO F 704 -71.30 36.72 -7.84
N VAL F 705 -71.48 37.57 -8.84
CA VAL F 705 -72.21 38.82 -8.70
C VAL F 705 -73.31 38.79 -9.77
N VAL F 706 -74.30 39.66 -9.62
CA VAL F 706 -75.42 39.69 -10.53
C VAL F 706 -75.24 40.89 -11.47
N ARG F 707 -75.86 40.81 -12.64
CA ARG F 707 -75.93 41.95 -13.54
C ARG F 707 -77.30 42.60 -13.44
N PHE F 708 -77.30 43.93 -13.42
CA PHE F 708 -78.52 44.71 -13.20
C PHE F 708 -79.03 45.28 -14.51
N CYS F 709 -80.20 45.90 -14.42
CA CYS F 709 -80.73 46.77 -15.46
C CYS F 709 -81.15 48.07 -14.79
N GLU F 710 -81.50 49.07 -15.60
CA GLU F 710 -81.95 50.34 -15.07
C GLU F 710 -83.37 50.62 -15.54
N THR F 711 -84.04 51.56 -14.87
CA THR F 711 -85.43 51.83 -15.15
C THR F 711 -85.77 53.26 -14.76
N VAL F 712 -86.94 53.69 -15.20
CA VAL F 712 -87.44 55.04 -15.02
C VAL F 712 -88.74 54.97 -14.22
N GLN F 713 -88.85 55.81 -13.19
CA GLN F 713 -90.03 55.77 -12.33
C GLN F 713 -91.08 56.81 -12.72
N ASP F 714 -90.68 58.05 -12.99
CA ASP F 714 -91.60 59.14 -13.27
C ASP F 714 -91.26 59.79 -14.59
N MET F 715 -92.18 60.62 -15.08
CA MET F 715 -92.01 61.30 -16.35
C MET F 715 -90.96 62.41 -16.22
N SER F 716 -90.50 62.89 -17.38
CA SER F 716 -89.48 63.93 -17.42
C SER F 716 -90.02 65.26 -16.92
N ALA F 717 -89.20 65.97 -16.14
CA ALA F 717 -89.53 67.32 -15.74
C ALA F 717 -88.93 68.37 -16.67
N THR F 718 -87.85 68.05 -17.37
CA THR F 718 -87.21 68.97 -18.30
C THR F 718 -87.18 68.34 -19.68
N LYS F 719 -87.70 69.07 -20.66
CA LYS F 719 -87.60 68.68 -22.08
C LYS F 719 -86.25 69.17 -22.58
N CYS F 720 -85.34 68.25 -22.86
CA CYS F 720 -83.96 68.65 -23.10
C CYS F 720 -83.56 68.43 -24.55
N TYR F 721 -82.50 69.12 -24.93
CA TYR F 721 -82.08 69.23 -26.33
C TYR F 721 -80.60 69.00 -26.48
N ALA F 722 -80.21 68.58 -27.68
CA ALA F 722 -78.84 68.38 -28.10
C ALA F 722 -78.54 69.24 -29.32
N ILE F 723 -77.32 69.78 -29.37
CA ILE F 723 -76.84 70.59 -30.47
C ILE F 723 -75.57 69.96 -31.02
N THR F 724 -75.46 69.93 -32.35
CA THR F 724 -74.30 69.37 -33.03
C THR F 724 -73.06 70.23 -32.78
N PRO F 725 -71.87 69.65 -32.94
CA PRO F 725 -70.65 70.47 -32.94
C PRO F 725 -70.62 71.53 -34.03
N ASN F 726 -71.27 71.28 -35.17
CA ASN F 726 -71.37 72.28 -36.23
C ASN F 726 -72.56 73.22 -36.04
N LYS F 727 -73.35 73.02 -34.97
CA LYS F 727 -74.46 73.89 -34.59
C LYS F 727 -75.52 73.99 -35.69
N LYS F 728 -75.78 72.87 -36.38
CA LYS F 728 -76.81 72.82 -37.40
C LYS F 728 -78.10 72.19 -36.87
N ASN F 729 -78.02 70.95 -36.39
CA ASN F 729 -79.20 70.22 -35.95
C ASN F 729 -79.38 70.35 -34.45
N THR F 730 -80.62 70.62 -34.02
CA THR F 730 -80.98 70.69 -32.61
C THR F 730 -82.17 69.78 -32.37
N ILE F 731 -82.09 68.94 -31.34
CA ILE F 731 -83.11 67.92 -31.09
C ILE F 731 -83.59 68.04 -29.64
N THR F 732 -84.90 68.22 -29.46
CA THR F 732 -85.51 68.35 -28.15
C THR F 732 -86.49 67.21 -27.92
N MET F 733 -86.48 66.64 -26.72
CA MET F 733 -87.33 65.48 -26.44
C MET F 733 -87.53 65.34 -24.93
N ALA F 734 -88.43 64.40 -24.56
CA ALA F 734 -88.71 64.05 -23.18
C ALA F 734 -88.80 62.53 -23.04
N ALA F 735 -88.87 62.08 -21.79
CA ALA F 735 -88.85 60.66 -21.43
C ALA F 735 -89.99 60.33 -20.49
N GLU F 736 -90.34 59.05 -20.46
CA GLU F 736 -91.44 58.58 -19.62
C GLU F 736 -91.23 57.09 -19.33
N PRO F 737 -91.76 56.57 -18.21
CA PRO F 737 -91.78 55.12 -18.00
C PRO F 737 -92.88 54.43 -18.80
N LEU F 738 -93.05 53.13 -18.57
CA LEU F 738 -94.07 52.32 -19.24
C LEU F 738 -95.08 51.81 -18.22
N ASP F 739 -96.08 51.11 -18.72
CA ASP F 739 -97.04 50.40 -17.88
C ASP F 739 -96.65 48.92 -17.83
N ASP F 740 -97.43 48.16 -17.07
CA ASP F 740 -97.16 46.73 -16.96
C ASP F 740 -97.58 46.00 -18.23
N GLY F 741 -96.78 45.02 -18.63
CA GLY F 741 -97.10 44.15 -19.73
C GLY F 741 -96.45 44.50 -21.05
N ILE F 742 -96.00 45.74 -21.22
CA ILE F 742 -95.39 46.14 -22.49
C ILE F 742 -94.03 45.48 -22.66
N ALA F 743 -93.22 45.47 -21.60
CA ALA F 743 -91.88 44.88 -21.69
C ALA F 743 -91.95 43.37 -21.90
N GLN F 744 -92.86 42.70 -21.19
CA GLN F 744 -93.03 41.26 -21.38
C GLN F 744 -93.56 40.93 -22.77
N ASP F 745 -94.42 41.79 -23.33
CA ASP F 745 -94.96 41.53 -24.66
C ASP F 745 -93.91 41.77 -25.74
N ILE F 746 -93.09 42.81 -25.58
CA ILE F 746 -92.05 43.07 -26.57
C ILE F 746 -90.92 42.07 -26.43
N GLU F 747 -90.76 41.46 -25.25
CA GLU F 747 -89.83 40.34 -25.14
C GLU F 747 -90.40 39.07 -25.75
N SER F 748 -91.72 38.88 -25.63
CA SER F 748 -92.38 37.66 -26.09
C SER F 748 -92.79 37.73 -27.55
N GLY F 749 -92.52 38.84 -28.24
CA GLY F 749 -92.81 38.94 -29.65
C GLY F 749 -94.23 39.32 -30.00
N ALA F 750 -94.98 39.94 -29.09
CA ALA F 750 -96.32 40.37 -29.41
C ALA F 750 -96.32 41.51 -30.43
N VAL F 751 -95.30 42.34 -30.41
CA VAL F 751 -95.15 43.45 -31.35
C VAL F 751 -93.80 43.28 -32.06
N LYS F 752 -93.81 43.43 -33.38
CA LYS F 752 -92.58 43.47 -34.15
C LYS F 752 -92.48 44.80 -34.88
N ILE F 753 -91.25 45.31 -35.00
CA ILE F 753 -91.06 46.56 -35.72
C ILE F 753 -91.00 46.31 -37.22
N LYS F 754 -90.74 45.08 -37.66
CA LYS F 754 -90.86 44.74 -39.07
C LYS F 754 -92.30 44.55 -39.50
N ASP F 755 -93.23 44.47 -38.57
CA ASP F 755 -94.64 44.37 -38.90
C ASP F 755 -95.14 45.70 -39.47
N PRO F 756 -96.20 45.68 -40.27
CA PRO F 756 -96.79 46.93 -40.77
C PRO F 756 -97.28 47.80 -39.62
N PRO F 757 -97.15 49.13 -39.75
CA PRO F 757 -97.52 50.03 -38.64
C PRO F 757 -98.99 50.02 -38.30
N ARG F 758 -99.87 49.65 -39.24
CA ARG F 758 -101.29 49.57 -38.94
C ARG F 758 -101.58 48.47 -37.93
N LYS F 759 -100.91 47.32 -38.06
CA LYS F 759 -101.09 46.23 -37.11
C LYS F 759 -100.58 46.62 -35.72
N VAL F 760 -99.45 47.31 -35.65
CA VAL F 760 -98.91 47.76 -34.37
C VAL F 760 -99.84 48.78 -33.74
N ALA F 761 -100.37 49.70 -34.54
CA ALA F 761 -101.27 50.73 -34.06
C ALA F 761 -102.56 50.11 -33.52
N LYS F 762 -103.14 49.17 -34.26
CA LYS F 762 -104.38 48.55 -33.78
C LYS F 762 -104.11 47.63 -32.59
N PHE F 763 -102.90 47.08 -32.49
CA PHE F 763 -102.52 46.30 -31.32
C PHE F 763 -102.49 47.18 -30.07
N PHE F 764 -101.83 48.34 -30.15
CA PHE F 764 -101.79 49.24 -29.01
C PHE F 764 -103.14 49.87 -28.72
N GLU F 765 -103.99 50.01 -29.73
CA GLU F 765 -105.32 50.55 -29.47
C GLU F 765 -106.21 49.50 -28.78
N GLU F 766 -106.13 48.25 -29.22
CA GLU F 766 -106.97 47.21 -28.66
C GLU F 766 -106.51 46.75 -27.28
N LYS F 767 -105.21 46.76 -27.03
CA LYS F 767 -104.66 46.20 -25.78
C LYS F 767 -104.61 47.24 -24.66
N TYR F 768 -103.88 48.33 -24.85
CA TYR F 768 -103.62 49.27 -23.78
C TYR F 768 -104.36 50.59 -23.92
N GLY F 769 -105.11 50.79 -25.01
CA GLY F 769 -105.87 52.01 -25.21
C GLY F 769 -105.01 53.25 -25.34
N TRP F 770 -103.97 53.17 -26.14
CA TRP F 770 -103.06 54.29 -26.36
C TRP F 770 -103.70 55.35 -27.25
N ASP F 771 -102.92 56.39 -27.56
CA ASP F 771 -103.32 57.40 -28.51
C ASP F 771 -103.10 56.89 -29.93
N LYS F 772 -104.06 57.18 -30.82
CA LYS F 772 -103.96 56.72 -32.20
C LYS F 772 -102.77 57.36 -32.93
N LEU F 773 -102.50 58.64 -32.67
CA LEU F 773 -101.29 59.25 -33.21
C LEU F 773 -100.04 58.63 -32.60
N ALA F 774 -100.05 58.38 -31.29
CA ALA F 774 -98.90 57.78 -30.62
C ALA F 774 -98.66 56.35 -31.08
N ALA F 775 -99.74 55.59 -31.28
CA ALA F 775 -99.60 54.20 -31.72
C ALA F 775 -99.13 54.12 -33.17
N ARG F 776 -99.35 55.18 -33.96
CA ARG F 776 -98.85 55.23 -35.32
C ARG F 776 -97.50 55.93 -35.43
N SER F 777 -96.96 56.45 -34.34
CA SER F 777 -95.71 57.20 -34.38
C SER F 777 -94.58 56.55 -33.59
N ILE F 778 -94.77 55.31 -33.13
CA ILE F 778 -93.70 54.61 -32.41
C ILE F 778 -92.64 54.23 -33.44
N TRP F 779 -91.48 54.89 -33.40
CA TRP F 779 -90.44 54.59 -34.37
C TRP F 779 -89.78 53.24 -34.12
N ALA F 780 -89.38 52.96 -32.88
CA ALA F 780 -88.44 51.85 -32.74
C ALA F 780 -88.51 51.22 -31.37
N PHE F 781 -87.99 50.00 -31.31
CA PHE F 781 -87.69 49.32 -30.05
C PHE F 781 -86.18 49.16 -29.95
N GLY F 782 -85.68 49.27 -28.73
CA GLY F 782 -84.25 49.21 -28.48
C GLY F 782 -83.94 48.45 -27.21
N PRO F 783 -82.71 47.93 -27.10
CA PRO F 783 -81.58 48.10 -28.02
C PRO F 783 -81.56 47.22 -29.25
N ASP F 784 -82.45 46.23 -29.32
CA ASP F 784 -82.57 45.40 -30.51
C ASP F 784 -84.03 45.37 -30.98
N GLU F 785 -84.31 44.47 -31.92
CA GLU F 785 -85.64 44.38 -32.52
C GLU F 785 -86.69 44.00 -31.47
N MET F 786 -86.33 43.12 -30.56
CA MET F 786 -87.19 42.71 -29.47
C MET F 786 -87.00 43.58 -28.22
N GLY F 787 -86.35 44.74 -28.36
CA GLY F 787 -85.89 45.51 -27.24
C GLY F 787 -86.98 46.12 -26.37
N PRO F 788 -86.69 46.25 -25.07
CA PRO F 788 -87.71 46.70 -24.11
C PRO F 788 -87.78 48.21 -23.94
N ASN F 789 -87.23 48.98 -24.88
CA ASN F 789 -87.34 50.43 -24.83
C ASN F 789 -87.99 50.95 -26.10
N ILE F 790 -88.79 52.02 -25.94
CA ILE F 790 -89.66 52.53 -27.01
C ILE F 790 -89.19 53.92 -27.39
N LEU F 791 -89.06 54.16 -28.70
CA LEU F 791 -88.72 55.47 -29.23
C LEU F 791 -89.82 55.91 -30.19
N GLN F 792 -90.30 57.14 -29.99
CA GLN F 792 -91.49 57.65 -30.68
C GLN F 792 -91.37 59.17 -30.79
N ASP F 793 -91.87 59.72 -31.90
CA ASP F 793 -91.91 61.16 -32.08
C ASP F 793 -93.29 61.70 -31.74
N ASP F 794 -93.33 62.83 -31.02
CA ASP F 794 -94.53 63.60 -30.78
C ASP F 794 -94.53 64.88 -31.63
N THR F 795 -93.56 65.01 -32.54
CA THR F 795 -93.42 66.21 -33.34
C THR F 795 -94.54 66.34 -34.36
N LEU F 796 -95.02 67.57 -34.55
CA LEU F 796 -96.02 67.89 -35.56
C LEU F 796 -95.37 68.04 -36.93
N PRO F 797 -96.08 67.67 -38.00
CA PRO F 797 -95.54 67.88 -39.36
C PRO F 797 -95.41 69.34 -39.76
N THR F 798 -96.10 70.25 -39.05
CA THR F 798 -96.07 71.66 -39.44
C THR F 798 -94.72 72.30 -39.17
N GLU F 799 -94.01 71.86 -38.14
CA GLU F 799 -92.75 72.49 -37.74
C GLU F 799 -91.52 71.70 -38.14
N VAL F 800 -91.66 70.45 -38.56
CA VAL F 800 -90.55 69.58 -38.91
C VAL F 800 -90.74 69.06 -40.32
N ASP F 801 -89.71 69.21 -41.15
CA ASP F 801 -89.72 68.61 -42.49
C ASP F 801 -89.60 67.11 -42.37
N LYS F 802 -90.51 66.38 -43.05
CA LYS F 802 -90.69 64.96 -42.79
C LYS F 802 -89.60 64.08 -43.42
N LYS F 803 -89.04 64.47 -44.56
CA LYS F 803 -88.02 63.64 -45.20
C LYS F 803 -86.69 63.73 -44.45
N ARG F 804 -86.31 64.95 -44.05
CA ARG F 804 -85.19 65.11 -43.13
C ARG F 804 -85.47 64.43 -41.81
N LEU F 805 -86.74 64.45 -41.37
CA LEU F 805 -87.12 63.71 -40.16
C LEU F 805 -86.95 62.22 -40.36
N ALA F 806 -87.10 61.71 -41.57
CA ALA F 806 -86.90 60.29 -41.82
C ALA F 806 -85.41 59.92 -41.81
N THR F 807 -84.57 60.77 -42.42
CA THR F 807 -83.13 60.52 -42.36
C THR F 807 -82.60 60.58 -40.94
N VAL F 808 -82.91 61.65 -40.21
CA VAL F 808 -82.54 61.71 -38.79
C VAL F 808 -83.32 60.70 -37.96
N LYS F 809 -84.44 60.18 -38.46
CA LYS F 809 -85.13 59.10 -37.77
C LYS F 809 -84.32 57.82 -37.80
N GLU F 810 -83.73 57.49 -38.94
CA GLU F 810 -82.80 56.37 -39.00
C GLU F 810 -81.59 56.61 -38.09
N SER F 811 -81.06 57.85 -38.13
CA SER F 811 -79.91 58.18 -37.28
C SER F 811 -80.23 58.07 -35.79
N ILE F 812 -81.36 58.62 -35.35
CA ILE F 812 -81.77 58.52 -33.94
C ILE F 812 -82.12 57.09 -33.58
N ARG F 813 -82.65 56.30 -34.51
CA ARG F 813 -82.93 54.91 -34.22
C ARG F 813 -81.66 54.14 -33.89
N GLN F 814 -80.62 54.30 -34.72
CA GLN F 814 -79.39 53.57 -34.43
C GLN F 814 -78.67 54.15 -33.20
N GLY F 815 -78.72 55.48 -33.01
CA GLY F 815 -78.11 56.06 -31.83
C GLY F 815 -78.84 55.69 -30.54
N PHE F 816 -80.17 55.62 -30.60
CA PHE F 816 -80.98 55.21 -29.45
C PHE F 816 -80.75 53.75 -29.11
N ALA F 817 -80.61 52.91 -30.13
CA ALA F 817 -80.25 51.52 -29.89
C ALA F 817 -78.89 51.41 -29.21
N TRP F 818 -77.92 52.21 -29.66
CA TRP F 818 -76.60 52.20 -29.02
C TRP F 818 -76.67 52.71 -27.59
N ALA F 819 -77.49 53.74 -27.34
CA ALA F 819 -77.58 54.32 -26.01
C ALA F 819 -78.26 53.38 -25.03
N THR F 820 -79.36 52.73 -25.45
CA THR F 820 -80.00 51.75 -24.58
C THR F 820 -79.16 50.49 -24.44
N ARG F 821 -78.31 50.18 -25.42
CA ARG F 821 -77.33 49.13 -25.25
C ARG F 821 -76.32 49.49 -24.17
N GLU F 822 -75.91 50.76 -24.12
CA GLU F 822 -74.92 51.15 -23.13
C GLU F 822 -75.57 51.52 -21.79
N GLY F 823 -76.37 52.59 -21.77
CA GLY F 823 -76.94 53.07 -20.54
C GLY F 823 -75.96 53.90 -19.73
N PRO F 824 -76.42 54.99 -19.11
CA PRO F 824 -75.50 55.88 -18.39
C PRO F 824 -75.25 55.52 -16.93
N LEU F 825 -76.21 54.85 -16.29
CA LEU F 825 -76.15 54.69 -14.84
C LEU F 825 -75.05 53.71 -14.43
N CYS F 826 -74.88 52.62 -15.18
CA CYS F 826 -73.86 51.65 -14.84
C CYS F 826 -73.16 51.08 -16.07
N GLU F 827 -73.37 51.67 -17.26
CA GLU F 827 -73.05 51.04 -18.55
C GLU F 827 -73.62 49.63 -18.63
N GLU F 828 -74.93 49.55 -18.42
CA GLU F 828 -75.73 48.34 -18.42
C GLU F 828 -76.99 48.59 -19.24
N PRO F 829 -77.54 47.57 -19.91
CA PRO F 829 -78.71 47.84 -20.76
C PRO F 829 -79.96 48.15 -19.94
N ILE F 830 -80.81 48.98 -20.53
CA ILE F 830 -81.90 49.63 -19.81
C ILE F 830 -83.22 49.14 -20.38
N ARG F 831 -84.27 49.22 -19.57
CA ARG F 831 -85.58 48.72 -19.95
C ARG F 831 -86.65 49.55 -19.28
N ASN F 832 -87.89 49.40 -19.77
CA ASN F 832 -89.09 50.06 -19.26
C ASN F 832 -88.96 51.58 -19.36
N THR F 833 -88.64 52.04 -20.56
CA THR F 833 -88.48 53.46 -20.84
C THR F 833 -88.94 53.78 -22.26
N LYS F 834 -89.68 54.88 -22.40
CA LYS F 834 -90.08 55.39 -23.71
C LYS F 834 -89.64 56.84 -23.85
N PHE F 835 -89.29 57.20 -25.08
CA PHE F 835 -88.82 58.53 -25.43
C PHE F 835 -89.76 59.12 -26.47
N ARG F 836 -90.08 60.41 -26.31
CA ARG F 836 -90.90 61.13 -27.28
C ARG F 836 -90.18 62.38 -27.71
N LEU F 837 -89.97 62.51 -29.03
CA LEU F 837 -89.36 63.69 -29.62
C LEU F 837 -90.38 64.81 -29.68
N ILE F 838 -90.02 66.00 -29.19
CA ILE F 838 -90.93 67.11 -29.12
C ILE F 838 -90.52 68.10 -30.22
N ASP F 839 -91.44 69.00 -30.57
CA ASP F 839 -91.30 69.94 -31.68
C ASP F 839 -90.24 71.00 -31.43
N VAL F 840 -90.15 71.96 -32.37
CA VAL F 840 -89.21 73.10 -32.44
C VAL F 840 -87.81 72.60 -32.83
N SER F 841 -87.62 71.28 -32.83
CA SER F 841 -86.36 70.69 -33.28
C SER F 841 -86.19 70.88 -34.79
N LEU F 842 -85.02 71.37 -35.20
CA LEU F 842 -84.72 71.65 -36.60
C LEU F 842 -83.69 70.65 -37.12
N PHE F 843 -83.83 70.27 -38.38
CA PHE F 843 -82.99 69.24 -39.00
C PHE F 843 -82.43 69.73 -40.33
N PRO F 844 -81.31 70.48 -40.31
CA PRO F 844 -80.58 70.73 -41.57
C PRO F 844 -79.94 69.48 -42.15
N TRP F 845 -79.35 69.61 -43.33
CA TRP F 845 -78.86 68.47 -44.09
C TRP F 845 -77.59 67.89 -43.48
N TRP F 846 -77.45 66.57 -43.62
CA TRP F 846 -76.25 65.77 -43.36
C TRP F 846 -75.89 65.64 -41.88
N TRP F 847 -75.42 64.47 -41.48
CA TRP F 847 -75.01 64.21 -40.11
C TRP F 847 -74.02 63.06 -40.02
N PRO F 848 -72.73 63.34 -39.92
CA PRO F 848 -71.73 62.29 -39.68
C PRO F 848 -71.39 62.04 -38.22
N ASN F 849 -72.13 62.64 -37.29
CA ASN F 849 -71.83 62.55 -35.87
C ASN F 849 -72.94 61.79 -35.14
N TYR F 850 -72.55 61.08 -34.07
CA TYR F 850 -73.49 60.32 -33.27
C TYR F 850 -73.38 60.58 -31.78
N SER F 851 -72.36 61.32 -31.33
CA SER F 851 -72.09 61.43 -29.89
C SER F 851 -73.09 62.36 -29.21
N ASP F 852 -73.57 63.38 -29.90
CA ASP F 852 -74.43 64.39 -29.25
C ASP F 852 -75.81 63.82 -28.95
N ARG F 853 -76.40 63.09 -29.90
CA ARG F 853 -77.70 62.47 -29.67
C ARG F 853 -77.60 61.42 -28.56
N SER F 854 -76.55 60.62 -28.58
CA SER F 854 -76.37 59.62 -27.52
C SER F 854 -76.16 60.28 -26.17
N THR F 855 -75.45 61.43 -26.16
CA THR F 855 -75.25 62.19 -24.94
C THR F 855 -76.57 62.68 -24.37
N CYS F 856 -77.45 63.20 -25.24
CA CYS F 856 -78.72 63.68 -24.73
C CYS F 856 -79.64 62.54 -24.32
N LEU F 857 -79.61 61.40 -25.04
CA LEU F 857 -80.39 60.25 -24.61
C LEU F 857 -79.94 59.78 -23.23
N LEU F 858 -78.62 59.74 -23.00
CA LEU F 858 -78.09 59.37 -21.69
C LEU F 858 -78.50 60.37 -20.62
N PHE F 859 -78.50 61.67 -20.97
CA PHE F 859 -78.88 62.67 -19.97
C PHE F 859 -80.36 62.57 -19.60
N LEU F 860 -81.25 62.32 -20.56
CA LEU F 860 -82.64 62.13 -20.15
C LEU F 860 -82.87 60.81 -19.43
N PHE F 861 -82.05 59.79 -19.70
CA PHE F 861 -82.05 58.59 -18.86
C PHE F 861 -81.72 58.97 -17.42
N LEU F 862 -80.73 59.84 -17.22
CA LEU F 862 -80.40 60.29 -15.87
C LEU F 862 -81.46 61.20 -15.28
N ASP F 863 -82.10 62.02 -16.11
CA ASP F 863 -83.03 63.04 -15.65
C ASP F 863 -84.44 62.52 -15.42
N GLY F 864 -84.74 61.30 -15.86
CA GLY F 864 -86.07 60.76 -15.65
C GLY F 864 -86.31 60.13 -14.29
N LEU F 865 -85.52 60.53 -13.28
CA LEU F 865 -85.54 60.00 -11.91
C LEU F 865 -85.36 58.49 -11.92
N PRO F 866 -84.15 58.00 -12.23
CA PRO F 866 -83.98 56.58 -12.52
C PRO F 866 -83.69 55.73 -11.29
N ARG F 867 -84.20 54.51 -11.35
CA ARG F 867 -83.89 53.46 -10.39
C ARG F 867 -83.13 52.37 -11.14
N LEU F 868 -82.69 51.35 -10.43
CA LEU F 868 -82.14 50.17 -11.09
C LEU F 868 -82.84 48.94 -10.55
N MET F 869 -82.96 47.92 -11.39
CA MET F 869 -83.67 46.69 -11.03
C MET F 869 -82.74 45.49 -11.16
N GLU F 870 -82.88 44.56 -10.22
CA GLU F 870 -82.16 43.32 -10.05
C GLU F 870 -83.04 42.15 -10.45
N PRO F 871 -82.46 41.07 -10.97
CA PRO F 871 -83.25 39.88 -11.27
C PRO F 871 -83.68 39.17 -10.01
N MET F 872 -84.85 38.52 -10.10
CA MET F 872 -85.40 37.74 -9.01
C MET F 872 -85.65 36.33 -9.51
N TYR F 873 -85.11 35.36 -8.76
CA TYR F 873 -85.42 33.95 -8.90
C TYR F 873 -86.76 33.64 -8.23
N SER F 874 -87.42 32.61 -8.73
CA SER F 874 -88.61 32.06 -8.10
C SER F 874 -88.21 30.77 -7.41
N VAL F 875 -88.15 30.80 -6.09
CA VAL F 875 -87.80 29.62 -5.30
C VAL F 875 -88.95 28.63 -5.36
N SER F 876 -88.63 27.38 -5.67
CA SER F 876 -89.58 26.28 -5.61
C SER F 876 -88.99 25.19 -4.75
N MET F 877 -89.56 24.99 -3.56
CA MET F 877 -89.05 24.03 -2.59
C MET F 877 -90.05 22.89 -2.47
N THR F 878 -89.52 21.68 -2.30
CA THR F 878 -90.35 20.48 -2.18
C THR F 878 -89.83 19.64 -1.01
N GLY F 879 -90.62 19.56 0.07
CA GLY F 879 -90.26 18.79 1.23
C GLY F 879 -91.32 18.91 2.31
N PRO F 880 -91.19 18.13 3.39
CA PRO F 880 -92.22 18.15 4.45
C PRO F 880 -92.26 19.44 5.28
N GLN F 881 -93.16 19.49 6.27
CA GLN F 881 -93.58 20.76 6.87
C GLN F 881 -92.51 21.43 7.72
N SER F 882 -91.66 20.64 8.38
CA SER F 882 -90.55 21.21 9.11
C SER F 882 -89.63 21.99 8.17
N SER F 883 -89.40 21.44 6.99
CA SER F 883 -88.67 22.16 5.96
C SER F 883 -89.40 23.43 5.53
N VAL F 884 -90.75 23.43 5.61
CA VAL F 884 -91.51 24.62 5.25
C VAL F 884 -91.25 25.74 6.25
N SER F 885 -91.23 25.40 7.54
CA SER F 885 -90.88 26.41 8.55
C SER F 885 -89.46 26.93 8.34
N MET F 886 -88.53 26.03 8.03
CA MET F 886 -87.15 26.45 7.79
C MET F 886 -87.04 27.36 6.57
N VAL F 887 -87.75 27.05 5.49
CA VAL F 887 -87.62 27.87 4.28
C VAL F 887 -88.30 29.22 4.49
N TYR F 888 -89.34 29.28 5.33
CA TYR F 888 -89.92 30.56 5.70
C TYR F 888 -88.89 31.41 6.43
N ASN F 889 -88.17 30.82 7.39
CA ASN F 889 -87.15 31.55 8.12
C ASN F 889 -86.03 32.05 7.21
N ILE F 890 -85.53 31.17 6.33
CA ILE F 890 -84.39 31.51 5.49
C ILE F 890 -84.76 32.59 4.48
N LEU F 891 -85.93 32.45 3.84
CA LEU F 891 -86.36 33.46 2.88
C LEU F 891 -86.68 34.78 3.56
N SER F 892 -87.11 34.75 4.84
CA SER F 892 -87.25 35.99 5.58
C SER F 892 -85.90 36.65 5.80
N ARG F 893 -84.88 35.85 6.09
CA ARG F 893 -83.54 36.40 6.33
C ARG F 893 -82.84 36.88 5.05
N ARG F 894 -83.23 36.39 3.88
CA ARG F 894 -82.46 36.64 2.67
C ARG F 894 -83.16 37.57 1.69
N ARG F 895 -83.87 38.59 2.20
CA ARG F 895 -84.58 39.60 1.40
C ARG F 895 -85.59 38.98 0.44
N GLY F 896 -86.22 37.87 0.84
CA GLY F 896 -87.19 37.19 0.01
C GLY F 896 -88.53 37.08 0.72
N HIS F 897 -89.50 36.53 0.00
CA HIS F 897 -90.82 36.30 0.56
C HIS F 897 -91.44 35.09 -0.10
N VAL F 898 -92.40 34.48 0.60
CA VAL F 898 -93.06 33.28 0.14
C VAL F 898 -94.40 33.66 -0.49
N LEU F 899 -94.57 33.30 -1.76
CA LEU F 899 -95.83 33.56 -2.43
C LEU F 899 -96.91 32.60 -1.97
N SER F 900 -96.69 31.30 -2.16
CA SER F 900 -97.68 30.30 -1.82
C SER F 900 -97.03 29.13 -1.11
N ASP F 901 -97.81 28.47 -0.25
CA ASP F 901 -97.41 27.25 0.43
C ASP F 901 -98.56 26.29 0.35
N GLY F 902 -98.29 25.06 -0.07
CA GLY F 902 -99.37 24.11 -0.21
C GLY F 902 -98.91 22.67 -0.25
N PRO F 903 -99.76 21.76 0.18
CA PRO F 903 -99.42 20.34 0.08
C PRO F 903 -99.40 19.89 -1.36
N ILE F 904 -98.58 18.87 -1.62
CA ILE F 904 -98.62 18.16 -2.89
C ILE F 904 -99.57 16.97 -2.70
N ALA F 905 -100.63 16.95 -3.49
CA ALA F 905 -101.72 16.00 -3.25
C ALA F 905 -101.27 14.58 -3.52
N GLY F 906 -101.59 13.68 -2.60
CA GLY F 906 -101.23 12.28 -2.73
C GLY F 906 -99.86 11.92 -2.20
N THR F 907 -99.07 12.89 -1.75
CA THR F 907 -97.75 12.69 -1.18
C THR F 907 -97.65 13.45 0.13
N PRO F 908 -96.75 13.01 1.02
CA PRO F 908 -96.44 13.80 2.22
C PRO F 908 -95.53 14.99 1.99
N LEU F 909 -95.13 15.27 0.75
CA LEU F 909 -94.31 16.45 0.50
C LEU F 909 -95.17 17.71 0.48
N TYR F 910 -94.52 18.84 0.69
CA TYR F 910 -95.14 20.16 0.67
C TYR F 910 -94.33 21.06 -0.24
N ARG F 911 -95.00 21.86 -1.06
CA ARG F 911 -94.32 22.76 -1.98
C ARG F 911 -94.45 24.19 -1.49
N VAL F 912 -93.34 24.91 -1.50
CA VAL F 912 -93.30 26.32 -1.14
C VAL F 912 -92.77 27.08 -2.35
N ASN F 913 -93.55 28.01 -2.88
CA ASN F 913 -93.15 28.86 -3.98
C ASN F 913 -93.00 30.27 -3.48
N GLY F 914 -91.86 30.90 -3.78
CA GLY F 914 -91.60 32.24 -3.33
C GLY F 914 -90.64 32.97 -4.25
N LEU F 915 -90.18 34.15 -3.85
CA LEU F 915 -89.22 34.91 -4.66
C LEU F 915 -87.99 35.22 -3.83
N ILE F 916 -86.85 35.27 -4.50
CA ILE F 916 -85.61 35.69 -3.87
C ILE F 916 -84.85 36.52 -4.89
N PRO F 917 -84.07 37.51 -4.48
CA PRO F 917 -83.17 38.16 -5.44
C PRO F 917 -82.05 37.22 -5.83
N VAL F 918 -81.54 37.41 -7.05
CA VAL F 918 -80.42 36.58 -7.50
C VAL F 918 -79.18 36.88 -6.68
N ILE F 919 -78.97 38.16 -6.35
CA ILE F 919 -77.81 38.57 -5.57
C ILE F 919 -77.87 38.04 -4.15
N ASP F 920 -79.05 37.66 -3.66
CA ASP F 920 -79.21 37.06 -2.35
C ASP F 920 -79.40 35.55 -2.41
N SER F 921 -79.26 34.95 -3.59
CA SER F 921 -79.49 33.51 -3.75
C SER F 921 -78.21 32.70 -3.73
N PHE F 922 -77.07 33.32 -3.44
CA PHE F 922 -75.80 32.62 -3.49
C PHE F 922 -75.62 31.77 -2.23
N GLY F 923 -75.54 30.47 -2.41
CA GLY F 923 -75.49 29.57 -1.27
C GLY F 923 -76.81 29.38 -0.58
N PHE F 924 -77.91 29.80 -1.20
CA PHE F 924 -79.21 29.65 -0.56
C PHE F 924 -79.66 28.19 -0.56
N GLU F 925 -79.45 27.49 -1.68
CA GLU F 925 -79.85 26.10 -1.77
C GLU F 925 -79.05 25.22 -0.82
N THR F 926 -77.75 25.48 -0.70
CA THR F 926 -76.93 24.75 0.25
C THR F 926 -77.37 25.02 1.68
N ASP F 927 -77.64 26.29 2.01
CA ASP F 927 -78.06 26.65 3.35
C ASP F 927 -79.46 26.16 3.68
N LEU F 928 -80.25 25.81 2.68
CA LEU F 928 -81.53 25.19 3.00
C LEU F 928 -81.41 23.67 3.11
N ARG F 929 -80.68 23.04 2.20
CA ARG F 929 -80.53 21.58 2.23
C ARG F 929 -79.79 21.14 3.47
N ILE F 930 -78.83 21.94 3.95
CA ILE F 930 -78.11 21.59 5.17
C ILE F 930 -78.99 21.81 6.38
N ASN F 931 -79.61 22.98 6.49
CA ASN F 931 -80.25 23.41 7.74
C ASN F 931 -81.73 23.04 7.79
N THR F 932 -82.05 21.76 7.62
CA THR F 932 -83.41 21.27 7.82
C THR F 932 -83.35 19.95 8.57
N PRO F 933 -84.36 19.67 9.42
CA PRO F 933 -84.46 18.33 10.02
C PRO F 933 -84.67 17.26 8.97
N GLY F 934 -85.73 17.43 8.16
CA GLY F 934 -85.95 16.58 7.02
C GLY F 934 -85.07 16.99 5.85
N GLN F 935 -85.40 16.48 4.68
CA GLN F 935 -84.65 16.79 3.47
C GLN F 935 -85.52 17.62 2.55
N ALA F 936 -84.96 18.72 2.06
CA ALA F 936 -85.67 19.67 1.20
C ALA F 936 -84.90 19.85 -0.09
N MET F 937 -85.62 19.99 -1.19
CA MET F 937 -85.04 20.20 -2.51
C MET F 937 -85.53 21.51 -3.10
N VAL F 938 -84.62 22.24 -3.75
CA VAL F 938 -84.88 23.59 -4.24
C VAL F 938 -84.60 23.64 -5.72
N SER F 939 -85.44 24.34 -6.46
CA SER F 939 -85.16 24.70 -7.85
C SER F 939 -85.26 26.20 -7.98
N LEU F 940 -84.15 26.84 -8.35
CA LEU F 940 -84.09 28.28 -8.51
C LEU F 940 -84.04 28.59 -10.00
N VAL F 941 -85.12 29.16 -10.53
CA VAL F 941 -85.20 29.53 -11.93
C VAL F 941 -85.44 31.03 -12.00
N PHE F 942 -84.98 31.66 -13.08
CA PHE F 942 -85.14 33.09 -13.25
C PHE F 942 -86.61 33.44 -13.42
N ASP F 943 -87.07 34.43 -12.67
CA ASP F 943 -88.48 34.79 -12.68
C ASP F 943 -88.73 36.17 -13.28
N ARG F 944 -88.13 37.22 -12.74
CA ARG F 944 -88.51 38.57 -13.19
C ARG F 944 -87.38 39.54 -12.90
N TRP F 945 -87.63 40.82 -13.21
CA TRP F 945 -86.79 41.93 -12.78
C TRP F 945 -87.60 42.78 -11.81
N SER F 946 -86.95 43.28 -10.77
CA SER F 946 -87.68 44.10 -9.81
C SER F 946 -86.77 45.17 -9.22
N ILE F 947 -87.43 46.25 -8.80
CA ILE F 947 -86.74 47.45 -8.31
C ILE F 947 -86.03 47.14 -6.99
N VAL F 948 -84.79 47.57 -6.90
CA VAL F 948 -84.04 47.44 -5.64
C VAL F 948 -84.49 48.55 -4.70
N PRO F 949 -84.54 48.33 -3.39
CA PRO F 949 -84.78 49.45 -2.48
C PRO F 949 -83.62 50.41 -2.48
N GLY F 950 -83.94 51.68 -2.27
CA GLY F 950 -82.93 52.72 -2.13
C GLY F 950 -82.84 53.61 -3.37
N ASP F 951 -82.19 54.76 -3.17
CA ASP F 951 -81.98 55.73 -4.24
C ASP F 951 -80.56 55.63 -4.74
N PRO F 952 -80.34 55.23 -6.00
CA PRO F 952 -78.96 55.21 -6.53
C PRO F 952 -78.31 56.58 -6.62
N LEU F 953 -79.10 57.64 -6.78
CA LEU F 953 -78.55 58.98 -6.91
C LEU F 953 -78.34 59.67 -5.58
N ASP F 954 -78.63 59.00 -4.47
CA ASP F 954 -78.45 59.57 -3.14
C ASP F 954 -76.96 59.64 -2.82
N ARG F 955 -76.36 60.82 -3.04
CA ARG F 955 -74.96 61.00 -2.72
C ARG F 955 -74.69 61.03 -1.22
N GLU F 956 -75.74 61.24 -0.42
CA GLU F 956 -75.57 61.33 1.03
C GLU F 956 -75.25 59.98 1.64
N GLN F 957 -75.95 58.93 1.21
CA GLN F 957 -75.91 57.64 1.89
C GLN F 957 -74.62 56.91 1.55
N VAL F 958 -73.71 56.82 2.52
CA VAL F 958 -72.42 56.17 2.35
C VAL F 958 -72.36 54.99 3.31
N THR F 959 -72.06 53.81 2.77
CA THR F 959 -71.99 52.59 3.56
C THR F 959 -70.59 52.38 4.12
N ARG F 960 -70.47 51.38 4.97
CA ARG F 960 -69.16 51.02 5.49
C ARG F 960 -68.69 49.70 4.88
N PRO F 961 -67.39 49.54 4.68
CA PRO F 961 -66.87 48.25 4.22
C PRO F 961 -66.99 47.20 5.32
N LEU F 962 -66.75 45.94 4.92
CA LEU F 962 -66.96 44.73 5.73
C LEU F 962 -68.40 44.59 6.20
N GLN F 963 -69.35 45.26 5.55
CA GLN F 963 -70.71 45.34 6.05
C GLN F 963 -71.70 45.14 4.91
N MET F 964 -72.79 44.45 5.20
CA MET F 964 -73.87 44.28 4.23
C MET F 964 -74.61 45.61 4.05
N ALA F 965 -75.17 45.80 2.86
CA ALA F 965 -75.97 46.99 2.59
C ALA F 965 -77.24 46.99 3.41
N THR F 966 -77.64 48.18 3.88
CA THR F 966 -78.86 48.32 4.65
C THR F 966 -80.05 48.43 3.69
N ALA F 967 -81.21 48.81 4.23
CA ALA F 967 -82.42 48.86 3.41
C ALA F 967 -82.38 49.99 2.39
N GLN F 968 -81.91 51.16 2.80
CA GLN F 968 -81.90 52.32 1.92
C GLN F 968 -80.58 52.52 1.20
N ALA F 969 -79.51 51.89 1.65
CA ALA F 969 -78.21 52.04 1.01
C ALA F 969 -77.96 51.01 -0.08
N THR F 970 -78.94 50.16 -0.37
CA THR F 970 -78.71 49.00 -1.22
C THR F 970 -78.46 49.42 -2.67
N ALA F 971 -79.31 50.31 -3.19
CA ALA F 971 -79.15 50.78 -4.57
C ALA F 971 -77.85 51.55 -4.74
N ARG F 972 -77.53 52.41 -3.76
CA ARG F 972 -76.31 53.20 -3.83
C ARG F 972 -75.08 52.32 -3.76
N ASP F 973 -75.10 51.29 -2.90
CA ASP F 973 -73.99 50.35 -2.82
C ASP F 973 -73.81 49.61 -4.12
N PHE F 974 -74.92 49.15 -4.72
CA PHE F 974 -74.83 48.43 -5.99
C PHE F 974 -74.27 49.31 -7.10
N VAL F 975 -74.77 50.54 -7.23
CA VAL F 975 -74.31 51.39 -8.33
C VAL F 975 -72.86 51.81 -8.09
N LEU F 976 -72.48 52.08 -6.84
CA LEU F 976 -71.12 52.51 -6.53
C LEU F 976 -70.12 51.40 -6.86
N LYS F 977 -70.38 50.20 -6.36
CA LYS F 977 -69.44 49.12 -6.58
C LYS F 977 -69.51 48.58 -8.01
N THR F 978 -70.63 48.80 -8.72
CA THR F 978 -70.70 48.42 -10.12
C THR F 978 -69.88 49.36 -10.99
N ARG F 979 -69.97 50.67 -10.73
CA ARG F 979 -69.13 51.61 -11.46
C ARG F 979 -67.67 51.42 -11.12
N ARG F 980 -67.36 51.05 -9.88
CA ARG F 980 -65.99 50.76 -9.53
C ARG F 980 -65.50 49.50 -10.22
N ARG F 981 -66.36 48.48 -10.32
CA ARG F 981 -65.95 47.19 -10.87
C ARG F 981 -65.62 47.27 -12.35
N LYS F 982 -66.37 48.06 -13.10
CA LYS F 982 -66.18 48.17 -14.54
C LYS F 982 -65.08 49.15 -14.92
N GLY F 983 -64.27 49.60 -13.96
CA GLY F 983 -63.21 50.52 -14.28
C GLY F 983 -63.66 51.92 -14.62
N LEU F 984 -64.89 52.28 -14.28
CA LEU F 984 -65.44 53.57 -14.64
C LEU F 984 -64.94 54.63 -13.66
N SER F 985 -65.54 55.81 -13.75
CA SER F 985 -65.20 56.91 -12.85
C SER F 985 -65.96 56.73 -11.54
N GLU F 986 -65.97 57.79 -10.74
CA GLU F 986 -66.76 57.86 -9.52
C GLU F 986 -68.20 58.19 -9.86
N ASP F 987 -68.96 58.69 -8.88
CA ASP F 987 -70.37 59.06 -9.03
C ASP F 987 -70.63 59.97 -10.22
N VAL F 988 -71.87 59.97 -10.72
CA VAL F 988 -72.15 60.50 -12.06
C VAL F 988 -72.01 62.01 -12.07
N THR F 989 -71.21 62.52 -13.00
CA THR F 989 -71.00 63.94 -13.19
C THR F 989 -72.03 64.47 -14.18
N VAL F 990 -72.75 65.52 -13.78
CA VAL F 990 -73.79 66.08 -14.65
C VAL F 990 -73.18 66.77 -15.86
N ALA F 991 -72.04 67.44 -15.68
CA ALA F 991 -71.42 68.20 -16.75
C ALA F 991 -70.84 67.32 -17.85
N LYS F 992 -70.65 66.02 -17.59
CA LYS F 992 -70.17 65.12 -18.62
C LYS F 992 -71.19 64.92 -19.74
N PHE F 993 -72.48 65.00 -19.41
CA PHE F 993 -73.55 64.64 -20.32
C PHE F 993 -74.36 65.84 -20.78
N LEU F 994 -73.79 67.04 -20.75
CA LEU F 994 -74.53 68.25 -21.07
C LEU F 994 -73.66 69.21 -21.85
N GLU F 995 -74.32 70.07 -22.63
CA GLU F 995 -73.68 71.28 -23.11
C GLU F 995 -73.43 72.20 -21.91
N PRO F 996 -72.27 72.87 -21.85
CA PRO F 996 -71.98 73.72 -20.68
C PRO F 996 -72.96 74.86 -20.46
N GLU F 997 -73.46 75.47 -21.54
CA GLU F 997 -74.48 76.50 -21.40
C GLU F 997 -75.80 75.90 -20.89
N PHE F 998 -76.19 74.75 -21.43
CA PHE F 998 -77.39 74.07 -20.94
C PHE F 998 -77.18 73.54 -19.52
N TYR F 999 -75.97 73.13 -19.19
CA TYR F 999 -75.68 72.71 -17.82
C TYR F 999 -75.82 73.86 -16.84
N GLN F 1000 -75.31 75.04 -17.20
CA GLN F 1000 -75.47 76.22 -16.35
C GLN F 1000 -76.93 76.64 -16.26
N SER F 1001 -77.67 76.56 -17.36
CA SER F 1001 -79.09 76.92 -17.35
C SER F 1001 -79.90 75.98 -16.47
N LEU F 1002 -79.60 74.67 -16.54
CA LEU F 1002 -80.32 73.72 -15.69
C LEU F 1002 -79.89 73.82 -14.24
N LEU F 1003 -78.64 74.22 -13.98
CA LEU F 1003 -78.24 74.53 -12.60
C LEU F 1003 -78.99 75.73 -12.06
N GLU F 1004 -79.17 76.76 -12.89
CA GLU F 1004 -79.89 77.95 -12.46
C GLU F 1004 -81.39 77.68 -12.32
N SER F 1005 -81.92 76.74 -13.10
CA SER F 1005 -83.35 76.44 -13.03
C SER F 1005 -83.71 75.69 -11.75
N GLY F 1006 -82.76 74.94 -11.18
CA GLY F 1006 -83.01 74.19 -9.97
C GLY F 1006 -83.40 72.75 -10.17
N THR F 1007 -83.27 72.21 -11.37
CA THR F 1007 -83.60 70.81 -11.64
C THR F 1007 -82.46 69.86 -11.33
N LEU F 1008 -81.31 70.37 -10.89
CA LEU F 1008 -80.14 69.55 -10.60
C LEU F 1008 -79.67 69.80 -9.18
N GLY F 1009 -79.09 68.78 -8.57
CA GLY F 1009 -78.53 68.88 -7.23
C GLY F 1009 -77.14 69.50 -7.23
N GLU F 1010 -76.60 69.62 -6.02
CA GLU F 1010 -75.28 70.21 -5.86
C GLU F 1010 -74.21 69.23 -6.35
N PRO F 1011 -73.14 69.73 -7.00
CA PRO F 1011 -72.07 68.84 -7.49
C PRO F 1011 -71.19 68.28 -6.37
N PRO G 135 34.32 18.97 33.79
CA PRO G 135 32.94 19.40 34.05
C PRO G 135 32.40 20.34 32.98
N GLU G 136 33.29 21.04 32.27
CA GLU G 136 32.85 21.84 31.14
C GLU G 136 32.69 21.02 29.87
N GLU G 137 33.14 19.77 29.87
CA GLU G 137 32.87 18.91 28.73
C GLU G 137 31.39 18.52 28.68
N GLU G 138 30.80 18.22 29.84
CA GLU G 138 29.41 17.78 29.87
C GLU G 138 28.45 18.93 29.58
N GLN G 139 28.74 20.13 30.09
CA GLN G 139 27.85 21.29 29.96
C GLN G 139 28.41 22.33 28.99
N GLY G 140 29.11 21.86 27.95
CA GLY G 140 29.80 22.76 27.06
C GLY G 140 28.92 23.51 26.10
N SER G 141 27.63 23.20 26.05
CA SER G 141 26.72 23.89 25.14
C SER G 141 26.04 25.09 25.79
N SER G 142 26.34 25.40 27.05
CA SER G 142 25.79 26.57 27.70
C SER G 142 26.56 27.82 27.28
N ARG G 143 26.18 28.96 27.84
CA ARG G 143 26.72 30.24 27.39
C ARG G 143 27.40 31.00 28.53
N ASN G 144 28.18 32.01 28.14
CA ASN G 144 28.87 32.89 29.06
C ASN G 144 28.01 34.11 29.38
N LEU G 145 28.61 35.10 30.04
CA LEU G 145 27.89 36.35 30.31
C LEU G 145 27.82 37.21 29.05
N ASP G 146 28.85 37.15 28.21
CA ASP G 146 28.88 37.98 27.01
C ASP G 146 27.94 37.45 25.95
N GLY G 147 27.79 36.12 25.87
CA GLY G 147 26.96 35.52 24.85
C GLY G 147 27.73 34.54 23.99
N ARG G 148 28.76 33.92 24.56
CA ARG G 148 29.57 32.95 23.85
C ARG G 148 29.38 31.58 24.46
N ARG G 149 29.24 30.57 23.60
CA ARG G 149 29.10 29.20 24.06
C ARG G 149 30.44 28.67 24.55
N LEU G 150 30.37 27.78 25.55
CA LEU G 150 31.60 27.17 26.06
C LEU G 150 32.23 26.23 25.05
N ARG G 151 31.40 25.56 24.25
CA ARG G 151 31.91 24.78 23.13
C ARG G 151 32.65 25.67 22.14
N THR G 152 32.13 26.89 21.92
CA THR G 152 32.76 27.82 20.99
C THR G 152 34.14 28.23 21.47
N VAL G 153 34.28 28.59 22.75
CA VAL G 153 35.58 29.04 23.24
C VAL G 153 36.55 27.87 23.37
N THR G 154 36.07 26.68 23.72
CA THR G 154 36.95 25.52 23.75
C THR G 154 37.47 25.18 22.37
N GLU G 155 36.59 25.22 21.37
CA GLU G 155 37.00 25.00 19.99
C GLU G 155 37.97 26.08 19.52
N ALA G 156 37.72 27.33 19.93
CA ALA G 156 38.61 28.42 19.54
C ALA G 156 40.01 28.24 20.12
N LYS G 157 40.11 27.86 21.40
CA LYS G 157 41.41 27.61 22.00
C LYS G 157 42.12 26.43 21.34
N ALA G 158 41.39 25.35 21.08
CA ALA G 158 41.99 24.18 20.46
C ALA G 158 42.46 24.49 19.05
N LEU G 159 41.69 25.27 18.31
CA LEU G 159 42.07 25.60 16.94
C LEU G 159 43.22 26.60 16.91
N ALA G 160 43.30 27.50 17.89
CA ALA G 160 44.44 28.39 18.00
C ALA G 160 45.71 27.60 18.29
N GLU G 161 45.62 26.60 19.17
CA GLU G 161 46.75 25.72 19.43
C GLU G 161 47.14 24.96 18.17
N TYR G 162 46.15 24.48 17.42
CA TYR G 162 46.44 23.75 16.19
C TYR G 162 47.11 24.65 15.15
N LEU G 163 46.66 25.90 15.03
CA LEU G 163 47.31 26.81 14.10
C LEU G 163 48.73 27.14 14.53
N ALA G 164 48.99 27.16 15.85
CA ALA G 164 50.35 27.35 16.32
C ALA G 164 51.24 26.16 16.01
N ILE G 165 50.68 24.93 16.10
CA ILE G 165 51.52 23.74 16.07
C ILE G 165 51.55 23.07 14.69
N LYS G 166 50.63 23.43 13.79
CA LYS G 166 50.52 22.75 12.50
C LYS G 166 51.74 22.89 11.58
N PRO G 167 52.33 24.09 11.39
CA PRO G 167 53.54 24.13 10.53
C PRO G 167 54.69 23.27 11.03
N GLU G 168 54.95 23.24 12.34
CA GLU G 168 56.07 22.43 12.79
C GLU G 168 55.73 20.94 12.69
N MET G 169 54.45 20.57 12.79
CA MET G 169 54.11 19.17 12.53
C MET G 169 54.32 18.79 11.07
N GLU G 170 54.00 19.70 10.14
CA GLU G 170 54.20 19.33 8.74
C GLU G 170 55.68 19.30 8.38
N LYS G 171 56.51 20.15 9.02
CA LYS G 171 57.95 19.90 8.97
C LYS G 171 58.29 18.50 9.48
N ARG G 172 58.01 18.21 10.76
CA ARG G 172 58.56 16.97 11.34
C ARG G 172 58.03 15.72 10.64
N GLU G 173 56.84 15.79 10.02
CA GLU G 173 56.45 14.67 9.18
C GLU G 173 57.22 14.64 7.87
N LYS G 174 57.58 15.81 7.28
CA LYS G 174 58.34 15.74 6.03
C LYS G 174 59.77 15.25 6.27
N GLU G 175 60.43 15.68 7.36
CA GLU G 175 61.70 15.03 7.69
C GLU G 175 61.52 13.60 8.18
N ALA G 176 60.36 13.25 8.75
CA ALA G 176 60.16 11.86 9.16
C ALA G 176 60.08 10.93 7.95
N ARG G 177 59.30 11.31 6.94
CA ARG G 177 59.24 10.51 5.72
C ARG G 177 60.55 10.59 4.94
N ARG G 178 61.28 11.70 5.07
CA ARG G 178 62.59 11.80 4.44
C ARG G 178 63.58 10.81 5.06
N LYS G 179 63.62 10.74 6.40
CA LYS G 179 64.53 9.80 7.06
C LYS G 179 64.10 8.36 6.84
N ARG G 180 62.79 8.11 6.72
CA ARG G 180 62.34 6.78 6.32
C ARG G 180 62.83 6.43 4.92
N TRP G 181 62.81 7.40 4.01
CA TRP G 181 63.30 7.18 2.66
C TRP G 181 64.80 6.89 2.63
N GLN G 182 65.59 7.61 3.42
CA GLN G 182 67.01 7.24 3.52
C GLN G 182 67.23 5.92 4.24
N GLU G 183 66.35 5.52 5.17
CA GLU G 183 66.47 4.18 5.74
C GLU G 183 66.26 3.12 4.67
N ILE G 184 65.30 3.34 3.77
CA ILE G 184 65.09 2.44 2.65
C ILE G 184 66.30 2.42 1.72
N ILE G 185 66.88 3.60 1.44
CA ILE G 185 68.00 3.62 0.51
C ILE G 185 69.25 3.00 1.15
N GLU G 186 69.36 3.06 2.49
CA GLU G 186 70.47 2.40 3.17
C GLU G 186 70.29 0.89 3.19
N MET G 187 69.06 0.42 3.40
CA MET G 187 68.80 -1.01 3.33
C MET G 187 69.09 -1.56 1.93
N THR G 188 68.70 -0.82 0.90
CA THR G 188 68.94 -1.31 -0.45
C THR G 188 70.40 -1.17 -0.88
N GLU G 189 71.14 -0.17 -0.38
CA GLU G 189 72.56 -0.17 -0.69
C GLU G 189 73.29 -1.29 0.06
N ARG G 190 72.78 -1.65 1.25
CA ARG G 190 73.31 -2.81 1.96
C ARG G 190 73.05 -4.10 1.18
N LYS G 191 71.84 -4.27 0.61
CA LYS G 191 71.60 -5.51 -0.11
C LYS G 191 72.41 -5.56 -1.40
N GLN G 192 72.58 -4.43 -2.09
CA GLN G 192 73.34 -4.49 -3.34
C GLN G 192 74.82 -4.71 -3.07
N GLU G 193 75.39 -4.13 -2.00
CA GLU G 193 76.77 -4.44 -1.68
C GLU G 193 76.92 -5.89 -1.19
N GLU G 194 75.88 -6.43 -0.54
CA GLU G 194 75.91 -7.83 -0.13
C GLU G 194 75.90 -8.76 -1.33
N ILE G 195 75.16 -8.40 -2.38
CA ILE G 195 75.16 -9.23 -3.58
C ILE G 195 76.42 -9.04 -4.42
N ARG G 196 77.03 -7.84 -4.40
CA ARG G 196 78.25 -7.65 -5.17
C ARG G 196 79.49 -8.25 -4.49
N ASN G 197 79.58 -8.24 -3.16
CA ASN G 197 80.74 -8.85 -2.52
C ASN G 197 80.55 -10.34 -2.25
N GLY G 198 79.35 -10.87 -2.44
CA GLY G 198 79.08 -12.26 -2.17
C GLY G 198 78.84 -12.57 -0.70
N THR H 43 -22.20 -26.35 -50.81
CA THR H 43 -23.60 -26.70 -50.60
C THR H 43 -24.01 -26.55 -49.15
N PRO H 44 -24.19 -25.31 -48.69
CA PRO H 44 -24.58 -25.10 -47.28
C PRO H 44 -26.00 -25.53 -46.96
N ARG H 45 -26.97 -25.05 -47.75
CA ARG H 45 -28.38 -25.28 -47.44
C ARG H 45 -29.21 -25.06 -48.69
N THR H 46 -30.02 -26.06 -49.06
CA THR H 46 -30.91 -25.98 -50.24
C THR H 46 -32.31 -26.37 -49.80
N SER H 47 -33.07 -25.40 -49.28
CA SER H 47 -34.47 -25.56 -48.91
C SER H 47 -35.04 -24.18 -48.60
N ASN H 48 -36.23 -24.15 -48.00
CA ASN H 48 -36.91 -22.92 -47.67
C ASN H 48 -36.97 -22.62 -46.17
N LEU H 49 -36.42 -23.48 -45.33
CA LEU H 49 -36.38 -23.18 -43.90
C LEU H 49 -35.39 -22.05 -43.63
N LYS H 50 -35.65 -21.30 -42.56
CA LYS H 50 -34.78 -20.19 -42.20
C LYS H 50 -33.55 -20.63 -41.43
N ALA H 51 -33.40 -21.94 -41.17
CA ALA H 51 -32.23 -22.47 -40.51
C ALA H 51 -32.05 -23.92 -40.96
N PRO H 52 -30.81 -24.39 -41.11
CA PRO H 52 -30.59 -25.80 -41.47
C PRO H 52 -31.10 -26.77 -40.44
N LEU H 53 -31.19 -26.38 -39.17
CA LEU H 53 -31.80 -27.20 -38.13
C LEU H 53 -32.72 -26.31 -37.31
N MET H 54 -33.85 -26.86 -36.89
CA MET H 54 -34.72 -26.18 -35.93
C MET H 54 -35.16 -27.18 -34.88
N GLU H 55 -35.13 -26.76 -33.62
CA GLU H 55 -35.55 -27.62 -32.52
C GLU H 55 -36.89 -27.10 -32.00
N LEU H 56 -37.97 -27.82 -32.31
CA LEU H 56 -39.28 -27.50 -31.82
C LEU H 56 -39.46 -28.14 -30.45
N SER H 57 -39.69 -27.31 -29.44
CA SER H 57 -39.83 -27.76 -28.07
C SER H 57 -41.03 -27.07 -27.43
N GLY H 58 -41.55 -27.67 -26.37
CA GLY H 58 -42.70 -27.11 -25.72
C GLY H 58 -43.64 -28.15 -25.16
N HIS H 59 -43.43 -29.41 -25.55
CA HIS H 59 -44.10 -30.52 -24.91
C HIS H 59 -43.54 -30.74 -23.52
N THR H 60 -44.41 -31.00 -22.57
CA THR H 60 -43.98 -31.33 -21.22
C THR H 60 -43.87 -32.83 -21.00
N GLY H 61 -44.08 -33.62 -22.05
CA GLY H 61 -44.01 -35.07 -21.96
C GLY H 61 -43.52 -35.64 -23.27
N GLU H 62 -43.35 -36.95 -23.29
CA GLU H 62 -42.71 -37.63 -24.42
C GLU H 62 -43.56 -37.53 -25.68
N ILE H 63 -42.92 -37.21 -26.80
CA ILE H 63 -43.62 -37.20 -28.08
C ILE H 63 -43.60 -38.60 -28.67
N PHE H 64 -44.76 -39.06 -29.14
CA PHE H 64 -44.84 -40.38 -29.74
C PHE H 64 -45.03 -40.37 -31.24
N THR H 65 -45.83 -39.45 -31.78
CA THR H 65 -46.01 -39.31 -33.22
C THR H 65 -45.86 -37.86 -33.62
N ALA H 66 -45.54 -37.66 -34.89
CA ALA H 66 -45.62 -36.34 -35.51
C ALA H 66 -45.85 -36.52 -37.00
N LYS H 67 -46.78 -35.77 -37.57
CA LYS H 67 -47.16 -35.97 -38.95
C LYS H 67 -47.17 -34.65 -39.67
N PHE H 68 -46.97 -34.71 -40.99
CA PHE H 68 -46.98 -33.53 -41.83
C PHE H 68 -48.32 -33.38 -42.53
N ASP H 69 -48.71 -32.14 -42.78
CA ASP H 69 -49.84 -31.87 -43.65
C ASP H 69 -49.47 -32.33 -45.05
N PRO H 70 -50.39 -33.05 -45.76
CA PRO H 70 -50.06 -33.60 -47.09
C PRO H 70 -49.63 -32.61 -48.17
N THR H 71 -49.66 -31.31 -47.88
CA THR H 71 -49.00 -30.33 -48.72
C THR H 71 -47.65 -29.89 -48.15
N GLY H 72 -47.18 -30.54 -47.10
CA GLY H 72 -45.86 -30.24 -46.54
C GLY H 72 -45.75 -28.86 -45.93
N THR H 73 -46.77 -28.43 -45.18
CA THR H 73 -46.83 -27.06 -44.69
C THR H 73 -47.16 -26.96 -43.19
N LEU H 74 -47.85 -27.94 -42.61
CA LEU H 74 -48.28 -27.82 -41.23
C LEU H 74 -47.79 -29.04 -40.47
N ILE H 75 -47.49 -28.88 -39.17
CA ILE H 75 -46.97 -29.98 -38.36
C ILE H 75 -47.87 -30.18 -37.16
N ALA H 76 -48.18 -31.44 -36.86
CA ALA H 76 -48.96 -31.82 -35.67
C ALA H 76 -48.17 -32.86 -34.89
N SER H 77 -47.96 -32.62 -33.60
CA SER H 77 -47.26 -33.57 -32.73
C SER H 77 -48.13 -33.85 -31.51
N GLY H 78 -48.45 -35.12 -31.29
CA GLY H 78 -49.18 -35.52 -30.10
C GLY H 78 -48.24 -36.13 -29.08
N SER H 79 -48.46 -35.78 -27.81
CA SER H 79 -47.54 -36.24 -26.78
C SER H 79 -48.28 -36.60 -25.50
N MET H 80 -47.56 -37.37 -24.67
CA MET H 80 -48.06 -38.06 -23.50
C MET H 80 -48.59 -37.10 -22.44
N ASP H 81 -48.26 -35.82 -22.53
CA ASP H 81 -48.94 -34.81 -21.74
C ASP H 81 -50.31 -34.49 -22.32
N ARG H 82 -50.85 -35.40 -23.11
CA ARG H 82 -52.24 -35.41 -23.56
C ARG H 82 -52.52 -34.22 -24.46
N THR H 83 -51.53 -33.84 -25.27
CA THR H 83 -51.68 -32.58 -25.99
C THR H 83 -51.23 -32.75 -27.43
N ILE H 84 -51.92 -32.08 -28.35
CA ILE H 84 -51.49 -32.00 -29.75
C ILE H 84 -51.02 -30.58 -30.02
N MET H 85 -49.74 -30.41 -30.29
CA MET H 85 -49.17 -29.11 -30.58
C MET H 85 -49.05 -28.95 -32.08
N LEU H 86 -49.49 -27.80 -32.60
CA LEU H 86 -49.62 -27.54 -34.02
C LEU H 86 -48.72 -26.38 -34.40
N TRP H 87 -47.77 -26.65 -35.29
CA TRP H 87 -46.72 -25.73 -35.70
C TRP H 87 -46.80 -25.43 -37.18
N ARG H 88 -46.19 -24.32 -37.57
CA ARG H 88 -45.84 -24.04 -38.94
C ARG H 88 -44.43 -24.56 -39.20
N VAL H 89 -44.17 -24.98 -40.45
CA VAL H 89 -42.86 -25.46 -40.83
C VAL H 89 -42.07 -24.42 -41.62
N TYR H 90 -42.74 -23.48 -42.28
CA TYR H 90 -42.08 -22.49 -43.11
C TYR H 90 -42.21 -21.11 -42.50
N GLY H 91 -41.09 -20.42 -42.37
CA GLY H 91 -41.04 -19.10 -41.75
C GLY H 91 -40.43 -19.15 -40.37
N ASP H 92 -40.92 -18.30 -39.47
CA ASP H 92 -40.43 -18.28 -38.09
C ASP H 92 -40.93 -19.46 -37.27
N CYS H 93 -41.88 -20.23 -37.79
CA CYS H 93 -42.31 -21.53 -37.23
C CYS H 93 -42.91 -21.39 -35.83
N GLU H 94 -43.98 -20.63 -35.71
CA GLU H 94 -44.62 -20.47 -34.42
C GLU H 94 -45.54 -21.64 -34.13
N ASN H 95 -45.64 -21.97 -32.86
CA ASN H 95 -46.68 -22.88 -32.39
C ASN H 95 -48.00 -22.15 -32.48
N TYR H 96 -48.73 -22.35 -33.57
CA TYR H 96 -49.96 -21.58 -33.72
C TYR H 96 -51.11 -22.19 -32.95
N GLY H 97 -51.03 -23.47 -32.56
CA GLY H 97 -52.18 -24.09 -31.94
C GLY H 97 -51.84 -25.16 -30.93
N VAL H 98 -52.72 -25.33 -29.96
CA VAL H 98 -52.68 -26.46 -29.03
C VAL H 98 -54.08 -27.06 -28.94
N LEU H 99 -54.16 -28.38 -29.00
CA LEU H 99 -55.41 -29.10 -28.92
C LEU H 99 -55.40 -29.95 -27.67
N ASN H 100 -56.36 -29.69 -26.78
CA ASN H 100 -56.56 -30.42 -25.54
C ASN H 100 -57.95 -31.05 -25.60
N GLY H 101 -58.11 -32.17 -24.90
CA GLY H 101 -59.39 -32.84 -24.89
C GLY H 101 -59.28 -34.35 -24.79
N HIS H 102 -58.07 -34.87 -24.96
CA HIS H 102 -57.82 -36.29 -24.67
C HIS H 102 -57.46 -36.47 -23.20
N LYS H 103 -58.04 -37.48 -22.59
CA LYS H 103 -57.87 -37.74 -21.17
C LYS H 103 -56.67 -38.64 -20.88
N ALA H 104 -55.93 -39.06 -21.89
CA ALA H 104 -54.76 -39.90 -21.66
C ALA H 104 -53.76 -39.63 -22.78
N ALA H 105 -52.75 -40.50 -22.88
CA ALA H 105 -51.65 -40.29 -23.80
C ALA H 105 -52.11 -40.40 -25.25
N ILE H 106 -51.61 -39.50 -26.09
CA ILE H 106 -51.93 -39.51 -27.52
C ILE H 106 -50.87 -40.33 -28.27
N LEU H 107 -51.32 -41.30 -29.08
CA LEU H 107 -50.41 -42.22 -29.73
C LEU H 107 -50.53 -42.30 -31.25
N ASP H 108 -51.42 -41.52 -31.88
CA ASP H 108 -51.44 -41.33 -33.33
C ASP H 108 -52.32 -40.13 -33.66
N LEU H 109 -52.26 -39.72 -34.94
CA LEU H 109 -52.90 -38.58 -35.56
C LEU H 109 -52.57 -38.65 -37.04
N GLN H 110 -53.57 -38.53 -37.92
CA GLN H 110 -53.31 -38.30 -39.32
C GLN H 110 -54.07 -37.07 -39.75
N TRP H 111 -53.72 -36.55 -40.91
CA TRP H 111 -54.41 -35.40 -41.45
C TRP H 111 -55.52 -35.85 -42.40
N SER H 112 -56.34 -34.89 -42.80
CA SER H 112 -57.43 -35.15 -43.74
C SER H 112 -56.89 -35.09 -45.17
N ARG H 113 -57.80 -35.09 -46.14
CA ARG H 113 -57.38 -34.91 -47.53
C ARG H 113 -56.77 -33.53 -47.74
N ASP H 114 -57.48 -32.48 -47.35
CA ASP H 114 -57.01 -31.12 -47.51
C ASP H 114 -56.02 -30.73 -46.44
N GLY H 115 -56.19 -31.25 -45.23
CA GLY H 115 -55.37 -30.82 -44.11
C GLY H 115 -56.15 -29.87 -43.21
N ASP H 116 -57.42 -30.17 -43.00
CA ASP H 116 -58.28 -29.35 -42.17
C ASP H 116 -58.82 -30.09 -40.96
N ILE H 117 -58.86 -31.43 -40.99
CA ILE H 117 -59.37 -32.23 -39.89
C ILE H 117 -58.27 -33.17 -39.44
N LEU H 118 -57.96 -33.15 -38.16
CA LEU H 118 -56.93 -33.99 -37.57
C LEU H 118 -57.54 -35.24 -36.95
N PHE H 119 -56.73 -36.30 -36.87
CA PHE H 119 -57.20 -37.62 -36.47
C PHE H 119 -56.29 -38.23 -35.41
N SER H 120 -56.76 -38.17 -34.17
CA SER H 120 -55.95 -38.53 -33.02
C SER H 120 -56.48 -39.80 -32.37
N ALA H 121 -55.60 -40.79 -32.21
CA ALA H 121 -55.87 -41.96 -31.39
C ALA H 121 -55.21 -41.78 -30.04
N SER H 122 -55.89 -42.19 -28.98
CA SER H 122 -55.30 -42.00 -27.67
C SER H 122 -55.66 -43.15 -26.75
N ALA H 123 -54.75 -43.38 -25.80
CA ALA H 123 -54.76 -44.47 -24.83
C ALA H 123 -55.88 -44.34 -23.80
N ASP H 124 -56.78 -43.38 -23.95
CA ASP H 124 -58.04 -43.36 -23.22
C ASP H 124 -59.10 -44.18 -23.92
N MET H 125 -58.65 -45.15 -24.72
CA MET H 125 -59.48 -46.05 -25.50
C MET H 125 -60.27 -45.31 -26.58
N HIS H 126 -59.78 -44.18 -27.08
CA HIS H 126 -60.63 -43.34 -27.90
C HIS H 126 -59.95 -42.91 -29.19
N LEU H 127 -60.78 -42.64 -30.20
CA LEU H 127 -60.37 -41.87 -31.36
C LEU H 127 -61.00 -40.48 -31.24
N ALA H 128 -60.49 -39.55 -32.04
CA ALA H 128 -61.08 -38.22 -32.05
C ALA H 128 -60.78 -37.55 -33.37
N SER H 129 -61.77 -36.82 -33.87
CA SER H 129 -61.63 -35.97 -35.04
C SER H 129 -61.70 -34.52 -34.58
N TRP H 130 -60.72 -33.74 -35.01
CA TRP H 130 -60.49 -32.37 -34.55
C TRP H 130 -60.59 -31.40 -35.72
N ASP H 131 -61.12 -30.22 -35.44
CA ASP H 131 -61.21 -29.14 -36.40
C ASP H 131 -60.08 -28.15 -36.17
N LEU H 132 -59.43 -27.73 -37.25
CA LEU H 132 -58.34 -26.76 -37.18
C LEU H 132 -58.75 -25.37 -37.61
N THR H 133 -60.00 -25.16 -38.01
CA THR H 133 -60.45 -23.79 -38.26
C THR H 133 -60.68 -23.05 -36.95
N THR H 134 -61.18 -23.74 -35.93
CA THR H 134 -61.47 -23.14 -34.66
C THR H 134 -60.57 -23.62 -33.54
N GLY H 135 -59.80 -24.69 -33.76
CA GLY H 135 -59.03 -25.29 -32.70
C GLY H 135 -59.83 -26.14 -31.74
N GLN H 136 -61.10 -26.40 -32.05
CA GLN H 136 -61.95 -27.20 -31.20
C GLN H 136 -61.92 -28.66 -31.65
N ARG H 137 -62.76 -29.47 -31.02
CA ARG H 137 -62.90 -30.87 -31.37
C ARG H 137 -64.24 -31.10 -32.05
N ILE H 138 -64.23 -31.80 -33.19
CA ILE H 138 -65.48 -32.24 -33.79
C ILE H 138 -66.12 -33.30 -32.92
N ARG H 139 -65.48 -34.45 -32.78
CA ARG H 139 -66.15 -35.53 -32.06
C ARG H 139 -65.13 -36.58 -31.64
N ARG H 140 -65.63 -37.52 -30.84
CA ARG H 140 -64.83 -38.65 -30.37
C ARG H 140 -65.48 -39.94 -30.85
N TYR H 141 -64.66 -40.93 -31.16
CA TYR H 141 -65.10 -42.22 -31.61
C TYR H 141 -64.82 -43.26 -30.53
N ILE H 142 -65.84 -43.99 -30.14
CA ILE H 142 -65.85 -44.83 -28.96
C ILE H 142 -66.25 -46.23 -29.40
N GLY H 143 -65.68 -47.24 -28.74
CA GLY H 143 -66.01 -48.61 -29.06
C GLY H 143 -64.87 -49.57 -28.85
N HIS H 144 -63.68 -49.04 -28.56
CA HIS H 144 -62.57 -49.88 -28.17
C HIS H 144 -62.57 -50.05 -26.66
N GLU H 145 -62.02 -51.18 -26.20
CA GLU H 145 -61.97 -51.48 -24.78
C GLU H 145 -60.58 -51.39 -24.18
N GLU H 146 -59.53 -51.35 -24.99
CA GLU H 146 -58.17 -51.26 -24.48
C GLU H 146 -57.42 -50.20 -25.30
N ILE H 147 -56.10 -50.13 -25.07
CA ILE H 147 -55.28 -49.04 -25.58
C ILE H 147 -55.17 -49.12 -27.09
N ILE H 148 -55.29 -47.97 -27.76
CA ILE H 148 -55.24 -47.88 -29.21
C ILE H 148 -53.84 -47.50 -29.63
N ASN H 149 -53.24 -48.30 -30.51
CA ASN H 149 -51.87 -48.07 -30.94
C ASN H 149 -51.77 -47.48 -32.34
N ALA H 150 -52.65 -47.86 -33.26
CA ALA H 150 -52.56 -47.40 -34.63
C ALA H 150 -53.94 -46.97 -35.13
N MET H 151 -53.96 -46.49 -36.37
CA MET H 151 -55.08 -45.87 -37.05
C MET H 151 -54.56 -45.51 -38.43
N ASP H 152 -55.44 -45.38 -39.41
CA ASP H 152 -55.01 -44.91 -40.71
C ASP H 152 -56.21 -44.29 -41.39
N VAL H 153 -55.97 -43.18 -42.08
CA VAL H 153 -56.99 -42.54 -42.88
C VAL H 153 -56.71 -42.89 -44.33
N THR H 154 -57.77 -43.11 -45.10
CA THR H 154 -57.62 -43.38 -46.53
C THR H 154 -57.40 -42.05 -47.24
N GLN H 155 -56.21 -41.88 -47.82
CA GLN H 155 -55.87 -40.61 -48.45
C GLN H 155 -56.72 -40.36 -49.69
N ARG H 156 -56.98 -41.40 -50.47
CA ARG H 156 -57.89 -41.27 -51.60
C ARG H 156 -58.71 -42.55 -51.71
N GLY H 157 -59.97 -42.40 -52.15
CA GLY H 157 -60.94 -43.46 -52.08
C GLY H 157 -62.17 -43.01 -51.33
N GLU H 158 -62.43 -43.59 -50.16
CA GLU H 158 -63.50 -43.14 -49.30
C GLU H 158 -62.96 -43.06 -47.88
N GLU H 159 -63.44 -42.07 -47.12
CA GLU H 159 -62.86 -41.74 -45.83
C GLU H 159 -63.17 -42.82 -44.79
N LEU H 160 -62.12 -43.45 -44.26
CA LEU H 160 -62.23 -44.46 -43.21
C LEU H 160 -61.08 -44.25 -42.22
N LEU H 161 -61.38 -44.39 -40.94
CA LEU H 161 -60.36 -44.43 -39.89
C LEU H 161 -60.16 -45.86 -39.44
N ILE H 162 -58.91 -46.28 -39.31
CA ILE H 162 -58.59 -47.69 -39.07
C ILE H 162 -57.73 -47.79 -37.81
N SER H 163 -58.32 -48.28 -36.74
CA SER H 163 -57.69 -48.25 -35.42
C SER H 163 -57.35 -49.66 -34.99
N GLY H 164 -56.07 -49.91 -34.71
CA GLY H 164 -55.66 -51.14 -34.09
C GLY H 164 -55.59 -50.92 -32.58
N SER H 165 -56.19 -51.84 -31.83
CA SER H 165 -56.27 -51.66 -30.40
C SER H 165 -55.98 -52.97 -29.67
N ASP H 166 -55.37 -52.81 -28.49
CA ASP H 166 -54.74 -53.88 -27.72
C ASP H 166 -55.72 -54.93 -27.22
N ASP H 167 -57.02 -54.68 -27.26
CA ASP H 167 -57.97 -55.75 -26.97
C ASP H 167 -58.00 -56.81 -28.06
N GLY H 168 -57.36 -56.54 -29.19
CA GLY H 168 -57.36 -57.43 -30.31
C GLY H 168 -58.28 -57.02 -31.42
N THR H 169 -58.48 -55.72 -31.64
CA THR H 169 -59.51 -55.29 -32.57
C THR H 169 -58.96 -54.31 -33.59
N ILE H 170 -59.54 -54.37 -34.78
CA ILE H 170 -59.25 -53.41 -35.85
C ILE H 170 -60.57 -52.75 -36.21
N GLY H 171 -60.77 -51.52 -35.76
CA GLY H 171 -62.02 -50.81 -35.97
C GLY H 171 -61.98 -49.95 -37.21
N ILE H 172 -63.02 -50.07 -38.04
CA ILE H 172 -63.22 -49.24 -39.22
C ILE H 172 -64.33 -48.26 -38.89
N TRP H 173 -63.99 -46.97 -38.93
CA TRP H 173 -64.87 -45.88 -38.53
C TRP H 173 -65.12 -44.93 -39.69
N ASP H 174 -66.31 -44.37 -39.75
CA ASP H 174 -66.62 -43.29 -40.68
C ASP H 174 -66.47 -41.97 -39.97
N PRO H 175 -65.80 -40.99 -40.55
CA PRO H 175 -65.57 -39.73 -39.82
C PRO H 175 -66.76 -38.78 -39.85
N ARG H 176 -67.96 -39.30 -39.65
CA ARG H 176 -69.15 -38.48 -39.42
C ARG H 176 -70.03 -39.02 -38.32
N THR H 177 -69.96 -40.30 -37.99
CA THR H 177 -70.74 -40.91 -36.92
C THR H 177 -69.79 -41.52 -35.90
N LYS H 178 -70.11 -41.32 -34.62
CA LYS H 178 -69.23 -41.78 -33.56
C LYS H 178 -69.21 -43.30 -33.43
N ASN H 179 -70.23 -43.99 -33.92
CA ASN H 179 -70.28 -45.44 -33.80
C ASN H 179 -69.36 -46.09 -34.81
N ALA H 180 -68.85 -47.26 -34.46
CA ALA H 180 -67.97 -48.00 -35.36
C ALA H 180 -68.77 -48.58 -36.51
N VAL H 181 -68.31 -48.33 -37.74
CA VAL H 181 -68.93 -48.96 -38.89
C VAL H 181 -68.72 -50.46 -38.84
N ASP H 182 -67.50 -50.90 -38.52
CA ASP H 182 -67.23 -52.32 -38.35
C ASP H 182 -66.01 -52.48 -37.47
N TYR H 183 -65.76 -53.71 -37.03
CA TYR H 183 -64.51 -54.02 -36.37
C TYR H 183 -64.19 -55.51 -36.57
N ILE H 184 -62.90 -55.78 -36.79
CA ILE H 184 -62.40 -57.11 -37.08
C ILE H 184 -61.71 -57.65 -35.84
N GLU H 185 -62.03 -58.88 -35.48
CA GLU H 185 -61.56 -59.48 -34.24
C GLU H 185 -60.32 -60.33 -34.51
N THR H 186 -59.26 -60.07 -33.75
CA THR H 186 -58.10 -60.94 -33.72
C THR H 186 -57.97 -61.53 -32.31
N ASP H 187 -56.89 -62.29 -32.10
CA ASP H 187 -56.60 -62.89 -30.80
C ASP H 187 -55.32 -62.35 -30.20
N PHE H 188 -54.78 -61.28 -30.75
CA PHE H 188 -53.54 -60.67 -30.28
C PHE H 188 -53.66 -59.16 -30.39
N PRO H 189 -52.91 -58.41 -29.57
CA PRO H 189 -52.91 -56.95 -29.71
C PRO H 189 -52.33 -56.52 -31.04
N ILE H 190 -52.81 -55.39 -31.55
CA ILE H 190 -52.38 -54.84 -32.82
C ILE H 190 -51.62 -53.56 -32.55
N THR H 191 -50.40 -53.46 -33.06
CA THR H 191 -49.60 -52.26 -32.92
C THR H 191 -49.31 -51.57 -34.25
N ALA H 192 -49.86 -52.06 -35.36
CA ALA H 192 -49.54 -51.52 -36.67
C ALA H 192 -50.67 -51.86 -37.63
N VAL H 193 -50.92 -50.97 -38.59
CA VAL H 193 -52.12 -50.80 -39.37
C VAL H 193 -51.74 -49.93 -40.56
N ALA H 194 -52.11 -50.37 -41.75
CA ALA H 194 -52.01 -49.50 -42.91
C ALA H 194 -53.13 -49.83 -43.88
N VAL H 195 -53.58 -48.83 -44.61
CA VAL H 195 -54.64 -49.00 -45.58
C VAL H 195 -53.99 -49.28 -46.93
N SER H 196 -54.63 -50.14 -47.72
CA SER H 196 -54.09 -50.45 -49.02
C SER H 196 -54.34 -49.30 -49.99
N GLU H 197 -53.68 -49.38 -51.14
CA GLU H 197 -53.94 -48.41 -52.20
C GLU H 197 -55.34 -48.57 -52.74
N ALA H 198 -55.81 -49.81 -52.87
CA ALA H 198 -57.16 -50.10 -53.34
C ALA H 198 -58.22 -49.91 -52.27
N GLY H 199 -57.82 -49.64 -51.03
CA GLY H 199 -58.76 -49.24 -50.01
C GLY H 199 -59.56 -50.33 -49.36
N ASN H 200 -59.25 -51.60 -49.62
CA ASN H 200 -59.98 -52.69 -49.02
C ASN H 200 -59.13 -53.67 -48.24
N GLU H 201 -57.80 -53.59 -48.32
CA GLU H 201 -56.91 -54.47 -47.58
C GLU H 201 -56.29 -53.72 -46.42
N ILE H 202 -56.14 -54.41 -45.30
CA ILE H 202 -55.73 -53.83 -44.03
C ILE H 202 -54.42 -54.49 -43.63
N TYR H 203 -53.42 -53.67 -43.30
CA TYR H 203 -52.10 -54.14 -42.90
C TYR H 203 -51.97 -54.09 -41.39
N SER H 204 -52.30 -55.19 -40.75
CA SER H 204 -52.18 -55.36 -39.32
C SER H 204 -50.82 -55.94 -38.98
N GLY H 205 -50.30 -55.53 -37.84
CA GLY H 205 -49.09 -56.12 -37.31
C GLY H 205 -49.21 -56.24 -35.82
N GLY H 206 -49.09 -57.46 -35.29
CA GLY H 206 -49.28 -57.70 -33.89
C GLY H 206 -48.02 -58.18 -33.20
N ILE H 207 -48.21 -58.70 -32.00
CA ILE H 207 -47.12 -59.27 -31.23
C ILE H 207 -46.95 -60.73 -31.62
N ASP H 208 -47.77 -61.21 -32.56
CA ASP H 208 -47.63 -62.56 -33.07
C ASP H 208 -46.63 -62.64 -34.22
N ASN H 209 -45.87 -61.57 -34.44
CA ASN H 209 -44.61 -61.52 -35.18
C ASN H 209 -44.77 -61.61 -36.69
N ASP H 210 -45.94 -61.27 -37.25
CA ASP H 210 -46.13 -61.41 -38.68
C ASP H 210 -47.11 -60.37 -39.19
N ILE H 211 -46.82 -59.84 -40.38
CA ILE H 211 -47.71 -58.87 -41.01
C ILE H 211 -48.90 -59.63 -41.58
N LYS H 212 -50.11 -59.19 -41.26
CA LYS H 212 -51.32 -59.82 -41.75
C LYS H 212 -52.05 -58.84 -42.65
N VAL H 213 -52.43 -59.29 -43.84
CA VAL H 213 -53.24 -58.52 -44.77
C VAL H 213 -54.62 -59.12 -44.77
N TRP H 214 -55.58 -58.31 -44.29
CA TRP H 214 -56.99 -58.66 -44.19
C TRP H 214 -57.76 -57.98 -45.31
N ASP H 215 -58.96 -58.48 -45.58
CA ASP H 215 -59.88 -57.84 -46.51
C ASP H 215 -61.11 -57.38 -45.73
N ILE H 216 -61.56 -56.15 -46.00
CA ILE H 216 -62.64 -55.56 -45.22
C ILE H 216 -63.96 -56.25 -45.51
N ARG H 217 -64.19 -56.66 -46.76
CA ARG H 217 -65.50 -57.16 -47.15
C ARG H 217 -65.75 -58.56 -46.59
N LYS H 218 -64.76 -59.44 -46.64
CA LYS H 218 -64.92 -60.77 -46.10
C LYS H 218 -64.54 -60.88 -44.63
N LYS H 219 -63.99 -59.80 -44.05
CA LYS H 219 -63.59 -59.74 -42.64
C LYS H 219 -62.63 -60.85 -42.26
N ALA H 220 -61.81 -61.30 -43.19
CA ALA H 220 -60.90 -62.40 -42.98
C ALA H 220 -59.54 -62.04 -43.56
N VAL H 221 -58.50 -62.69 -43.03
CA VAL H 221 -57.15 -62.42 -43.48
C VAL H 221 -56.97 -62.95 -44.89
N VAL H 222 -56.41 -62.12 -45.77
CA VAL H 222 -56.02 -62.59 -47.09
C VAL H 222 -54.75 -63.43 -46.97
N HIS H 223 -53.66 -62.82 -46.51
CA HIS H 223 -52.43 -63.59 -46.35
C HIS H 223 -51.50 -62.86 -45.38
N THR H 224 -50.56 -63.64 -44.82
CA THR H 224 -49.62 -63.12 -43.83
C THR H 224 -48.21 -63.17 -44.41
N MET H 225 -47.58 -62.01 -44.51
CA MET H 225 -46.13 -61.96 -44.73
C MET H 225 -45.46 -62.15 -43.38
N LEU H 226 -44.99 -63.36 -43.13
CA LEU H 226 -44.24 -63.66 -41.92
C LEU H 226 -42.74 -63.54 -42.22
N GLY H 227 -41.95 -63.54 -41.14
CA GLY H 227 -40.52 -63.40 -41.28
C GLY H 227 -39.89 -62.57 -40.19
N HIS H 228 -40.66 -61.65 -39.61
CA HIS H 228 -40.17 -60.89 -38.48
C HIS H 228 -40.08 -61.77 -37.25
N ASN H 229 -39.21 -61.38 -36.32
CA ASN H 229 -39.02 -62.14 -35.10
C ASN H 229 -39.62 -61.48 -33.88
N ASP H 230 -39.84 -60.16 -33.92
CA ASP H 230 -40.30 -59.44 -32.74
C ASP H 230 -41.51 -58.57 -33.06
N THR H 231 -41.96 -57.77 -32.11
CA THR H 231 -43.24 -57.07 -32.21
C THR H 231 -43.20 -55.97 -33.25
N ILE H 232 -44.16 -56.00 -34.18
CA ILE H 232 -44.21 -55.03 -35.27
C ILE H 232 -44.59 -53.66 -34.74
N THR H 233 -44.00 -52.61 -35.31
CA THR H 233 -44.28 -51.25 -34.88
C THR H 233 -44.88 -50.37 -35.96
N THR H 234 -44.30 -50.30 -37.15
CA THR H 234 -44.83 -49.44 -38.20
C THR H 234 -44.98 -50.21 -39.51
N LEU H 235 -46.07 -49.93 -40.21
CA LEU H 235 -46.30 -50.39 -41.60
C LEU H 235 -46.73 -49.16 -42.40
N ARG H 236 -45.86 -48.73 -43.29
CA ARG H 236 -46.13 -47.58 -44.14
C ARG H 236 -45.97 -47.99 -45.59
N VAL H 237 -47.02 -47.79 -46.38
CA VAL H 237 -47.00 -48.18 -47.78
C VAL H 237 -46.12 -47.22 -48.57
N SER H 238 -45.55 -47.71 -49.66
CA SER H 238 -44.76 -46.86 -50.52
C SER H 238 -45.66 -45.87 -51.25
N PRO H 239 -45.15 -44.68 -51.57
CA PRO H 239 -45.99 -43.68 -52.26
C PRO H 239 -46.49 -44.13 -53.62
N ASP H 240 -45.68 -44.86 -54.38
CA ASP H 240 -46.18 -45.41 -55.64
C ASP H 240 -47.11 -46.60 -55.37
N GLY H 241 -46.81 -47.38 -54.34
CA GLY H 241 -47.76 -48.37 -53.88
C GLY H 241 -47.38 -49.82 -54.11
N GLN H 242 -46.09 -50.12 -54.12
CA GLN H 242 -45.65 -51.49 -54.34
C GLN H 242 -44.66 -51.99 -53.30
N GLN H 243 -44.40 -51.22 -52.24
CA GLN H 243 -43.48 -51.65 -51.20
C GLN H 243 -44.01 -51.24 -49.84
N LEU H 244 -43.70 -52.05 -48.83
CA LEU H 244 -44.18 -51.84 -47.48
C LEU H 244 -43.01 -51.87 -46.52
N LEU H 245 -42.89 -50.83 -45.70
CA LEU H 245 -41.83 -50.76 -44.70
C LEU H 245 -42.35 -51.34 -43.39
N SER H 246 -41.49 -52.07 -42.68
CA SER H 246 -41.92 -52.69 -41.43
C SER H 246 -40.75 -52.81 -40.48
N TYR H 247 -40.79 -52.06 -39.39
CA TYR H 247 -39.79 -52.16 -38.35
C TYR H 247 -40.42 -52.81 -37.11
N ALA H 248 -39.68 -53.75 -36.54
CA ALA H 248 -40.14 -54.52 -35.39
C ALA H 248 -39.13 -54.39 -34.27
N MET H 249 -39.43 -55.01 -33.13
CA MET H 249 -38.58 -54.87 -31.94
C MET H 249 -37.23 -55.57 -32.08
N ASP H 250 -37.01 -56.33 -33.16
CA ASP H 250 -35.74 -57.02 -33.38
C ASP H 250 -34.71 -56.14 -34.07
N SER H 251 -34.92 -54.83 -34.09
CA SER H 251 -33.98 -53.82 -34.61
C SER H 251 -33.71 -53.97 -36.10
N THR H 252 -34.59 -54.65 -36.84
CA THR H 252 -34.45 -54.85 -38.27
C THR H 252 -35.65 -54.25 -38.98
N ALA H 253 -35.42 -53.51 -40.06
CA ALA H 253 -36.51 -52.91 -40.82
C ALA H 253 -36.55 -53.59 -42.18
N ARG H 254 -37.67 -54.22 -42.50
CA ARG H 254 -37.80 -54.99 -43.73
C ARG H 254 -38.77 -54.32 -44.67
N THR H 255 -38.45 -54.35 -45.95
CA THR H 255 -39.34 -53.89 -47.01
C THR H 255 -39.88 -55.10 -47.76
N TRP H 256 -41.20 -55.14 -47.91
CA TRP H 256 -41.96 -56.23 -48.51
C TRP H 256 -42.69 -55.75 -49.76
N ASP H 257 -43.24 -56.70 -50.49
CA ASP H 257 -44.04 -56.46 -51.70
C ASP H 257 -45.48 -56.14 -51.34
N ILE H 258 -46.14 -55.43 -52.26
CA ILE H 258 -47.57 -55.13 -52.18
C ILE H 258 -48.26 -55.62 -53.44
N ARG H 259 -47.48 -55.75 -54.53
CA ARG H 259 -48.05 -55.99 -55.85
C ARG H 259 -48.76 -57.34 -55.89
N PRO H 260 -49.90 -57.43 -56.61
CA PRO H 260 -50.63 -58.71 -56.66
C PRO H 260 -49.84 -59.86 -57.27
N PHE H 261 -48.99 -59.58 -58.25
CA PHE H 261 -48.10 -60.60 -58.80
C PHE H 261 -46.78 -60.57 -58.01
N ALA H 262 -46.53 -61.61 -57.25
CA ALA H 262 -45.34 -61.69 -56.40
C ALA H 262 -45.08 -63.16 -56.11
N PRO H 263 -43.83 -63.53 -55.81
CA PRO H 263 -43.55 -64.92 -55.42
C PRO H 263 -44.09 -65.28 -54.05
N THR H 264 -43.79 -66.50 -53.59
CA THR H 264 -44.23 -66.93 -52.27
C THR H 264 -43.63 -66.06 -51.17
N ASP H 265 -42.33 -65.77 -51.27
CA ASP H 265 -41.66 -64.87 -50.34
C ASP H 265 -41.70 -63.47 -50.94
N ARG H 266 -42.54 -62.61 -50.37
CA ARG H 266 -42.66 -61.23 -50.84
C ARG H 266 -41.62 -60.31 -50.23
N HIS H 267 -40.76 -60.83 -49.36
CA HIS H 267 -39.75 -60.05 -48.67
C HIS H 267 -38.67 -59.54 -49.62
N ILE H 268 -38.62 -58.23 -49.83
CA ILE H 268 -37.56 -57.66 -50.66
C ILE H 268 -36.26 -57.60 -49.88
N ARG H 269 -36.25 -56.87 -48.77
CA ARG H 269 -34.96 -56.61 -48.14
C ARG H 269 -35.12 -56.46 -46.63
N THR H 270 -34.02 -56.74 -45.91
CA THR H 270 -33.95 -56.61 -44.46
C THR H 270 -32.81 -55.64 -44.12
N PHE H 271 -33.14 -54.36 -44.09
CA PHE H 271 -32.16 -53.36 -43.66
C PHE H 271 -31.89 -53.50 -42.18
N ASP H 272 -30.63 -53.27 -41.80
CA ASP H 272 -30.20 -53.29 -40.41
C ASP H 272 -29.31 -52.08 -40.17
N GLY H 273 -29.20 -51.69 -38.90
CA GLY H 273 -28.34 -50.59 -38.54
C GLY H 273 -28.98 -49.56 -37.64
N ALA H 274 -30.17 -49.87 -37.12
CA ALA H 274 -30.87 -49.02 -36.16
C ALA H 274 -31.26 -49.86 -34.96
N PRO H 275 -30.34 -50.10 -34.03
CA PRO H 275 -30.67 -50.90 -32.85
C PRO H 275 -31.72 -50.22 -31.98
N LEU H 276 -32.57 -51.03 -31.38
CA LEU H 276 -33.62 -50.51 -30.51
C LEU H 276 -33.11 -50.41 -29.09
N GLY H 277 -33.51 -49.34 -28.41
CA GLY H 277 -32.95 -49.03 -27.10
C GLY H 277 -33.59 -49.81 -25.97
N LEU H 278 -33.62 -49.18 -24.80
CA LEU H 278 -34.15 -49.81 -23.59
C LEU H 278 -35.66 -49.87 -23.60
N GLU H 279 -36.32 -48.81 -24.05
CA GLU H 279 -37.78 -48.77 -24.07
C GLU H 279 -38.34 -49.58 -25.22
N LYS H 280 -39.52 -50.14 -25.01
CA LYS H 280 -40.24 -50.84 -26.08
C LYS H 280 -41.28 -49.91 -26.70
N ASN H 281 -40.80 -48.78 -27.21
CA ASN H 281 -41.66 -47.83 -27.88
C ASN H 281 -42.08 -48.34 -29.25
N LEU H 282 -43.11 -47.72 -29.80
CA LEU H 282 -43.60 -48.04 -31.14
C LEU H 282 -42.93 -47.08 -32.11
N ILE H 283 -41.81 -47.52 -32.70
CA ILE H 283 -41.06 -46.68 -33.62
C ILE H 283 -41.83 -46.53 -34.93
N ARG H 284 -41.91 -45.30 -35.42
CA ARG H 284 -42.69 -44.99 -36.62
C ARG H 284 -41.75 -44.51 -37.71
N GLY H 285 -41.52 -45.35 -38.72
CA GLY H 285 -40.76 -44.98 -39.89
C GLY H 285 -41.64 -44.40 -40.99
N SER H 286 -40.99 -44.01 -42.08
CA SER H 286 -41.71 -43.44 -43.21
C SER H 286 -40.87 -43.57 -44.47
N TRP H 287 -41.50 -43.26 -45.60
CA TRP H 287 -40.85 -43.22 -46.89
C TRP H 287 -40.61 -41.77 -47.30
N SER H 288 -39.69 -41.59 -48.26
CA SER H 288 -39.55 -40.30 -48.91
C SER H 288 -40.64 -40.13 -49.95
N LYS H 289 -40.65 -38.99 -50.65
CA LYS H 289 -41.66 -38.81 -51.69
C LYS H 289 -41.37 -39.69 -52.89
N ASP H 290 -40.10 -39.82 -53.27
CA ASP H 290 -39.74 -40.64 -54.42
C ASP H 290 -39.64 -42.11 -54.09
N GLY H 291 -39.83 -42.50 -52.83
CA GLY H 291 -39.76 -43.90 -52.46
C GLY H 291 -38.38 -44.48 -52.47
N LYS H 292 -37.35 -43.64 -52.41
CA LYS H 292 -35.97 -44.11 -52.47
C LYS H 292 -35.29 -44.21 -51.12
N LYS H 293 -35.70 -43.41 -50.14
CA LYS H 293 -35.03 -43.35 -48.85
C LYS H 293 -35.96 -43.85 -47.75
N ILE H 294 -35.42 -44.69 -46.87
CA ILE H 294 -36.15 -45.25 -45.74
C ILE H 294 -35.57 -44.63 -44.48
N ALA H 295 -36.40 -43.91 -43.73
CA ALA H 295 -35.99 -43.28 -42.48
C ALA H 295 -36.72 -43.92 -41.31
N VAL H 296 -35.97 -44.46 -40.36
CA VAL H 296 -36.53 -45.04 -39.15
C VAL H 296 -35.74 -44.49 -37.96
N GLY H 297 -36.45 -44.08 -36.92
CA GLY H 297 -35.79 -43.72 -35.69
C GLY H 297 -35.19 -44.91 -34.98
N ALA H 298 -34.31 -44.64 -34.03
CA ALA H 298 -33.65 -45.69 -33.25
C ALA H 298 -33.57 -45.27 -31.80
N GLY H 299 -33.28 -46.24 -30.94
CA GLY H 299 -33.26 -46.05 -29.52
C GLY H 299 -32.05 -45.35 -28.96
N ASP H 300 -31.07 -45.01 -29.79
CA ASP H 300 -29.91 -44.27 -29.35
C ASP H 300 -30.02 -42.79 -29.64
N GLY H 301 -31.20 -42.32 -30.05
CA GLY H 301 -31.39 -40.94 -30.42
C GLY H 301 -31.04 -40.60 -31.84
N THR H 302 -30.65 -41.57 -32.65
CA THR H 302 -30.24 -41.33 -34.02
C THR H 302 -31.30 -41.83 -34.98
N VAL H 303 -31.61 -41.03 -36.00
CA VAL H 303 -32.51 -41.44 -37.07
C VAL H 303 -31.67 -41.98 -38.23
N VAL H 304 -31.98 -43.20 -38.67
CA VAL H 304 -31.19 -43.92 -39.65
C VAL H 304 -31.95 -43.96 -40.96
N ILE H 305 -31.30 -43.54 -42.03
CA ILE H 305 -31.87 -43.56 -43.37
C ILE H 305 -31.03 -44.50 -44.22
N TRP H 306 -31.68 -45.52 -44.76
CA TRP H 306 -31.09 -46.38 -45.78
C TRP H 306 -31.60 -45.99 -47.16
N GLY H 307 -30.91 -46.49 -48.18
CA GLY H 307 -31.44 -46.43 -49.52
C GLY H 307 -32.32 -47.64 -49.77
N SER H 308 -33.60 -47.39 -50.10
CA SER H 308 -34.55 -48.49 -50.26
C SER H 308 -34.26 -49.33 -51.49
N ASP H 309 -33.52 -48.80 -52.46
CA ASP H 309 -33.24 -49.54 -53.68
C ASP H 309 -32.25 -50.68 -53.40
N THR H 310 -31.17 -50.39 -52.68
CA THR H 310 -30.09 -51.35 -52.53
C THR H 310 -29.79 -51.76 -51.10
N GLY H 311 -30.07 -50.92 -50.10
CA GLY H 311 -29.77 -51.28 -48.73
C GLY H 311 -28.47 -50.70 -48.22
N LYS H 312 -28.18 -49.45 -48.59
CA LYS H 312 -26.98 -48.76 -48.17
C LYS H 312 -27.37 -47.64 -47.21
N LEU H 313 -26.68 -47.56 -46.07
CA LEU H 313 -27.01 -46.59 -45.03
C LEU H 313 -26.67 -45.19 -45.53
N LEU H 314 -27.67 -44.43 -45.93
CA LEU H 314 -27.45 -43.08 -46.44
C LEU H 314 -27.11 -42.10 -45.32
N TYR H 315 -27.82 -42.17 -44.19
CA TYR H 315 -27.63 -41.21 -43.11
C TYR H 315 -27.79 -41.92 -41.78
N LYS H 316 -27.11 -41.41 -40.76
CA LYS H 316 -27.27 -41.91 -39.39
C LYS H 316 -27.36 -40.76 -38.41
N LEU H 317 -28.25 -39.81 -38.70
CA LEU H 317 -28.27 -38.47 -38.12
C LEU H 317 -28.50 -38.47 -36.61
N PRO H 318 -27.56 -37.93 -35.81
CA PRO H 318 -27.76 -37.87 -34.36
C PRO H 318 -28.61 -36.67 -33.97
N GLY H 319 -28.79 -36.45 -32.67
CA GLY H 319 -29.39 -35.21 -32.22
C GLY H 319 -30.40 -35.36 -31.11
N HIS H 320 -30.62 -36.59 -30.65
CA HIS H 320 -31.61 -36.82 -29.62
C HIS H 320 -31.00 -37.61 -28.48
N LYS H 321 -31.58 -37.45 -27.29
CA LYS H 321 -31.07 -38.05 -26.06
C LYS H 321 -31.73 -39.38 -25.75
N GLY H 322 -33.06 -39.41 -25.74
CA GLY H 322 -33.81 -40.64 -25.62
C GLY H 322 -34.14 -41.22 -26.97
N THR H 323 -35.08 -42.17 -26.98
CA THR H 323 -35.44 -42.85 -28.21
C THR H 323 -36.17 -41.92 -29.17
N VAL H 324 -35.91 -42.09 -30.45
CA VAL H 324 -36.61 -41.34 -31.48
C VAL H 324 -37.87 -42.11 -31.86
N ASN H 325 -39.03 -41.48 -31.67
CA ASN H 325 -40.27 -42.20 -31.87
C ASN H 325 -40.77 -42.10 -33.30
N CYS H 326 -40.79 -40.90 -33.88
CA CYS H 326 -41.42 -40.71 -35.19
C CYS H 326 -40.44 -40.02 -36.12
N ALA H 327 -40.02 -40.73 -37.17
CA ALA H 327 -39.13 -40.19 -38.18
C ALA H 327 -39.89 -40.08 -39.50
N GLU H 328 -40.04 -38.87 -40.01
CA GLU H 328 -40.88 -38.62 -41.17
C GLU H 328 -40.18 -37.75 -42.19
N PHE H 329 -40.58 -37.91 -43.44
CA PHE H 329 -40.11 -37.09 -44.55
C PHE H 329 -41.13 -36.01 -44.87
N ALA H 330 -40.70 -35.04 -45.65
CA ALA H 330 -41.63 -34.06 -46.17
C ALA H 330 -42.41 -34.66 -47.34
N PRO H 331 -43.74 -34.61 -47.33
CA PRO H 331 -44.51 -35.19 -48.43
C PRO H 331 -44.43 -34.40 -49.72
N ASP H 332 -43.97 -33.15 -49.69
CA ASP H 332 -43.85 -32.37 -50.91
C ASP H 332 -42.68 -32.81 -51.77
N GLY H 333 -41.67 -33.44 -51.19
CA GLY H 333 -40.49 -33.85 -51.92
C GLY H 333 -39.24 -33.07 -51.61
N ALA H 334 -39.34 -32.05 -50.77
CA ALA H 334 -38.18 -31.33 -50.29
C ALA H 334 -37.34 -32.24 -49.40
N PRO H 335 -36.05 -31.94 -49.22
CA PRO H 335 -35.20 -32.82 -48.39
C PRO H 335 -35.43 -32.66 -46.89
N ILE H 336 -36.53 -32.03 -46.50
CA ILE H 336 -36.85 -31.81 -45.09
C ILE H 336 -37.15 -33.13 -44.42
N ILE H 337 -36.49 -33.38 -43.29
CA ILE H 337 -36.79 -34.52 -42.45
C ILE H 337 -37.20 -34.00 -41.08
N LEU H 338 -38.10 -34.73 -40.43
CA LEU H 338 -38.53 -34.42 -39.07
C LEU H 338 -38.29 -35.65 -38.21
N SER H 339 -37.75 -35.45 -37.02
CA SER H 339 -37.58 -36.52 -36.05
C SER H 339 -38.13 -36.07 -34.72
N ALA H 340 -39.25 -36.64 -34.30
CA ALA H 340 -39.86 -36.36 -33.02
C ALA H 340 -39.47 -37.46 -32.06
N SER H 341 -38.86 -37.07 -30.95
CA SER H 341 -38.32 -38.02 -29.99
C SER H 341 -38.80 -37.70 -28.59
N SER H 342 -38.74 -38.73 -27.74
CA SER H 342 -39.12 -38.64 -26.34
C SER H 342 -38.01 -38.03 -25.52
N ASP H 343 -37.47 -36.94 -26.05
CA ASP H 343 -36.74 -35.92 -25.33
C ASP H 343 -37.63 -34.72 -25.14
N ARG H 344 -38.93 -34.93 -25.33
CA ARG H 344 -39.94 -33.91 -25.49
C ARG H 344 -39.62 -32.99 -26.67
N THR H 345 -38.95 -33.46 -27.72
CA THR H 345 -38.48 -32.52 -28.73
C THR H 345 -38.72 -33.04 -30.13
N MET H 346 -38.66 -32.11 -31.08
CA MET H 346 -38.65 -32.44 -32.50
C MET H 346 -37.48 -31.72 -33.14
N LEU H 347 -36.75 -32.42 -33.99
CA LEU H 347 -35.67 -31.84 -34.76
C LEU H 347 -36.11 -31.82 -36.22
N LEU H 348 -36.24 -30.62 -36.78
CA LEU H 348 -36.59 -30.41 -38.16
C LEU H 348 -35.32 -30.04 -38.91
N GLY H 349 -34.84 -30.94 -39.78
CA GLY H 349 -33.54 -30.81 -40.39
C GLY H 349 -33.58 -31.02 -41.89
N GLU H 350 -32.40 -30.91 -42.48
CA GLU H 350 -32.20 -30.98 -43.92
C GLU H 350 -31.38 -32.19 -44.31
N LEU H 351 -31.52 -32.60 -45.57
CA LEU H 351 -30.76 -33.70 -46.13
C LEU H 351 -30.09 -33.19 -47.40
N ILE H 352 -28.92 -32.60 -47.25
CA ILE H 352 -28.20 -32.04 -48.39
C ILE H 352 -27.21 -33.06 -48.94
N SER I 58 89.88 9.96 -33.12
CA SER I 58 89.24 9.48 -31.90
C SER I 58 88.31 8.31 -32.20
N ASP I 59 87.40 8.03 -31.28
CA ASP I 59 86.39 7.01 -31.50
C ASP I 59 85.43 7.50 -32.59
N PRO I 60 85.13 6.68 -33.59
CA PRO I 60 84.28 7.15 -34.71
C PRO I 60 82.88 7.59 -34.33
N VAL I 61 82.37 7.17 -33.18
CA VAL I 61 80.96 7.39 -32.83
C VAL I 61 80.63 8.88 -32.79
N LEU I 62 81.44 9.70 -32.11
CA LEU I 62 81.19 11.13 -32.00
C LEU I 62 81.46 11.89 -33.30
N GLN I 63 81.85 11.19 -34.37
CA GLN I 63 81.81 11.79 -35.69
C GLN I 63 80.98 11.01 -36.69
N HIS I 64 80.32 9.93 -36.28
CA HIS I 64 79.40 9.24 -37.16
C HIS I 64 78.01 9.12 -36.55
N LEU I 65 77.77 9.75 -35.41
CA LEU I 65 76.45 9.91 -34.85
C LEU I 65 76.18 11.39 -34.64
N SER I 66 74.97 11.81 -34.95
CA SER I 66 74.62 13.22 -34.84
C SER I 66 74.43 13.67 -33.39
N LEU I 67 74.39 12.73 -32.44
CA LEU I 67 74.29 13.01 -31.01
C LEU I 67 73.03 13.79 -30.66
N ARG I 68 71.98 13.63 -31.47
CA ARG I 68 70.72 14.31 -31.23
C ARG I 68 69.67 13.40 -30.62
N ASN I 69 69.78 12.09 -30.84
CA ASN I 69 68.84 11.13 -30.29
C ASN I 69 69.47 9.98 -29.54
N TYR I 70 70.78 9.76 -29.70
CA TYR I 70 71.46 8.66 -29.03
C TYR I 70 72.45 9.20 -28.01
N ASP I 71 72.47 8.60 -26.83
CA ASP I 71 73.40 8.96 -25.78
C ASP I 71 74.41 7.84 -25.60
N PRO I 72 75.65 7.99 -26.08
CA PRO I 72 76.59 6.88 -26.06
C PRO I 72 77.16 6.56 -24.69
N VAL I 73 77.12 7.51 -23.75
CA VAL I 73 77.67 7.26 -22.42
C VAL I 73 76.82 6.26 -21.66
N THR I 74 75.51 6.24 -21.90
CA THR I 74 74.62 5.27 -21.27
C THR I 74 74.24 4.12 -22.20
N ARG I 75 74.81 4.09 -23.40
CA ARG I 75 74.56 3.05 -24.41
C ARG I 75 73.05 2.97 -24.71
N GLY I 76 72.43 4.15 -24.81
CA GLY I 76 71.00 4.22 -25.05
C GLY I 76 70.60 5.54 -25.67
N PRO I 77 69.30 5.80 -25.76
CA PRO I 77 68.83 7.06 -26.34
C PRO I 77 69.03 8.22 -25.39
N LYS I 78 68.96 9.42 -25.94
CA LYS I 78 69.02 10.61 -25.11
C LYS I 78 67.75 10.73 -24.27
N LEU I 79 67.92 11.14 -23.02
CA LEU I 79 66.81 11.30 -22.10
C LEU I 79 66.45 12.77 -22.05
N GLY I 80 65.29 13.12 -22.63
CA GLY I 80 64.79 14.48 -22.51
C GLY I 80 64.38 14.84 -21.09
N PHE I 81 64.09 13.84 -20.26
CA PHE I 81 63.91 14.07 -18.83
C PHE I 81 65.16 14.64 -18.20
N GLU I 82 66.31 14.01 -18.45
CA GLU I 82 67.58 14.50 -17.89
C GLU I 82 68.08 15.73 -18.63
N ALA I 83 67.96 15.75 -19.96
CA ALA I 83 68.48 16.83 -20.80
C ALA I 83 67.37 17.37 -21.66
N PRO I 84 66.63 18.36 -21.18
CA PRO I 84 65.54 18.93 -21.98
C PRO I 84 66.11 19.74 -23.14
N PRO I 85 65.36 19.87 -24.23
CA PRO I 85 65.80 20.75 -25.33
C PRO I 85 65.50 22.22 -25.10
N THR I 86 64.96 22.59 -23.94
CA THR I 86 64.64 23.98 -23.66
C THR I 86 65.86 24.84 -23.37
N GLU I 87 66.98 24.24 -22.97
CA GLU I 87 68.18 25.01 -22.67
C GLU I 87 69.07 25.23 -23.88
N ASN I 88 68.76 24.62 -25.03
CA ASN I 88 69.63 24.68 -26.19
C ASN I 88 69.20 25.73 -27.22
N LEU I 89 68.11 26.45 -26.97
CA LEU I 89 67.66 27.45 -27.93
C LEU I 89 68.56 28.67 -27.91
N ASN I 90 68.79 29.25 -29.09
CA ASN I 90 69.45 30.53 -29.23
C ASN I 90 68.49 31.69 -29.05
N THR I 91 67.21 31.42 -28.87
CA THR I 91 66.18 32.44 -28.71
C THR I 91 65.56 32.33 -27.33
N LEU I 92 64.51 33.13 -27.12
CA LEU I 92 63.89 33.28 -25.80
C LEU I 92 62.62 32.45 -25.77
N THR I 93 62.61 31.39 -24.95
CA THR I 93 61.49 30.46 -24.95
C THR I 93 60.25 31.10 -24.32
N LEU I 94 59.09 30.49 -24.59
CA LEU I 94 57.82 31.11 -24.27
C LEU I 94 57.50 31.09 -22.78
N GLU I 95 58.25 30.34 -21.97
CA GLU I 95 57.96 30.34 -20.54
C GLU I 95 58.62 31.50 -19.82
N GLU I 96 59.92 31.73 -20.07
CA GLU I 96 60.63 32.80 -19.38
C GLU I 96 60.26 34.18 -19.91
N LYS I 97 59.90 34.28 -21.18
CA LYS I 97 59.12 35.43 -21.59
C LYS I 97 57.70 35.22 -21.09
N ALA I 98 57.03 36.35 -20.81
CA ALA I 98 55.83 36.60 -20.00
C ALA I 98 56.14 36.52 -18.51
N ALA I 99 57.23 35.87 -18.11
CA ALA I 99 57.80 36.18 -16.81
C ALA I 99 58.55 37.49 -16.90
N ALA I 100 59.22 37.71 -18.03
CA ALA I 100 59.78 39.02 -18.33
C ALA I 100 58.71 40.10 -18.39
N LEU I 101 57.56 39.78 -19.02
CA LEU I 101 56.47 40.77 -19.11
C LEU I 101 55.85 41.04 -17.75
N GLU I 102 55.69 40.00 -16.91
CA GLU I 102 55.19 40.21 -15.56
C GLU I 102 56.13 41.06 -14.73
N ALA I 103 57.44 40.81 -14.84
CA ALA I 103 58.42 41.63 -14.12
C ALA I 103 58.40 43.07 -14.62
N GLU I 104 58.26 43.25 -15.93
CA GLU I 104 58.22 44.59 -16.52
C GLU I 104 57.00 45.37 -16.00
N ALA I 105 55.83 44.73 -16.04
CA ALA I 105 54.63 45.37 -15.51
C ALA I 105 54.74 45.63 -14.02
N ARG I 106 55.41 44.74 -13.28
CA ARG I 106 55.53 44.92 -11.83
C ARG I 106 56.39 46.13 -11.49
N ARG I 107 57.59 46.23 -12.07
CA ARG I 107 58.40 47.37 -11.65
C ARG I 107 57.92 48.67 -12.30
N LYS I 108 57.26 48.58 -13.47
CA LYS I 108 56.59 49.76 -13.99
C LYS I 108 55.49 50.23 -13.05
N ALA I 109 54.69 49.29 -12.52
CA ALA I 109 53.58 49.66 -11.64
C ALA I 109 54.09 50.28 -10.35
N GLN I 110 55.20 49.76 -9.81
CA GLN I 110 55.74 50.42 -8.63
C GLN I 110 56.29 51.78 -8.98
N GLU I 111 56.75 51.97 -10.23
CA GLU I 111 57.15 53.31 -10.66
C GLU I 111 55.97 54.28 -10.69
N GLU I 112 54.80 53.86 -11.22
CA GLU I 112 53.69 54.83 -11.15
C GLU I 112 53.19 55.04 -9.73
N GLN I 113 53.24 54.03 -8.85
CA GLN I 113 52.73 54.29 -7.50
C GLN I 113 53.68 55.21 -6.72
N GLU I 114 55.00 55.07 -6.94
CA GLU I 114 55.91 56.00 -6.28
C GLU I 114 55.84 57.39 -6.92
N ALA I 115 55.54 57.47 -8.22
CA ALA I 115 55.34 58.78 -8.85
C ALA I 115 54.09 59.46 -8.32
N ALA I 116 53.03 58.70 -8.06
CA ALA I 116 51.84 59.26 -7.45
C ALA I 116 52.07 59.64 -6.00
N ALA I 117 52.89 58.86 -5.29
CA ALA I 117 53.21 59.20 -3.90
C ALA I 117 54.03 60.48 -3.81
N GLN I 118 55.00 60.66 -4.70
CA GLN I 118 55.85 61.84 -4.63
C GLN I 118 55.15 63.09 -5.15
N ALA I 119 54.13 62.94 -5.98
CA ALA I 119 53.44 64.09 -6.56
C ALA I 119 52.20 64.44 -5.74
N ARG I 120 51.75 65.69 -5.89
CA ARG I 120 50.58 66.16 -5.19
C ARG I 120 49.29 65.63 -5.80
N GLY I 121 49.28 65.37 -7.10
CA GLY I 121 48.08 64.97 -7.78
C GLY I 121 48.37 64.56 -9.22
N LEU I 122 47.32 64.59 -10.03
CA LEU I 122 47.44 64.14 -11.41
C LEU I 122 48.12 65.18 -12.28
N ASP I 123 48.96 64.70 -13.19
CA ASP I 123 49.44 65.49 -14.31
C ASP I 123 48.69 65.09 -15.56
N ILE I 124 48.90 65.84 -16.65
CA ILE I 124 48.14 65.57 -17.87
C ILE I 124 48.65 64.35 -18.60
N THR I 125 49.84 63.86 -18.26
CA THR I 125 50.44 62.72 -18.95
C THR I 125 50.28 61.41 -18.19
N THR I 126 49.58 61.41 -17.06
CA THR I 126 49.37 60.18 -16.31
C THR I 126 47.94 59.65 -16.36
N LEU I 127 46.95 60.49 -16.66
CA LEU I 127 45.61 59.95 -16.88
C LEU I 127 45.42 59.62 -18.36
N GLN I 128 46.04 60.38 -19.24
CA GLN I 128 46.02 60.13 -20.69
C GLN I 128 47.46 60.15 -21.15
N PRO I 129 48.18 59.03 -21.01
CA PRO I 129 49.57 58.99 -21.49
C PRO I 129 49.70 59.17 -22.98
N LYS I 130 48.72 58.75 -23.76
CA LYS I 130 48.72 58.96 -25.19
C LYS I 130 47.29 59.07 -25.68
N LYS I 131 47.11 59.74 -26.82
CA LYS I 131 45.79 60.01 -27.34
C LYS I 131 45.13 58.73 -27.85
N PRO I 132 43.80 58.65 -27.80
CA PRO I 132 43.12 57.45 -28.27
C PRO I 132 43.23 57.28 -29.78
N ASN I 133 42.90 56.07 -30.23
CA ASN I 133 43.05 55.63 -31.63
C ASN I 133 44.48 55.79 -32.10
N TRP I 134 45.43 55.55 -31.20
CA TRP I 134 46.84 55.71 -31.54
C TRP I 134 47.33 54.59 -32.43
N ASP I 135 46.83 53.37 -32.24
CA ASP I 135 47.25 52.25 -33.06
C ASP I 135 46.70 52.32 -34.49
N LEU I 136 45.51 52.90 -34.67
CA LEU I 136 45.05 53.19 -36.03
C LEU I 136 46.00 54.16 -36.72
N LYS I 137 46.49 55.15 -35.97
CA LYS I 137 47.49 56.05 -36.53
C LYS I 137 48.83 55.34 -36.78
N ARG I 138 49.18 54.35 -35.95
CA ARG I 138 50.37 53.56 -36.22
C ARG I 138 50.24 52.79 -37.53
N GLU I 139 49.06 52.22 -37.78
CA GLU I 139 48.79 51.58 -39.06
C GLU I 139 48.83 52.60 -40.19
N PHE I 140 48.37 53.82 -39.92
CA PHE I 140 48.41 54.86 -40.94
C PHE I 140 49.83 55.22 -41.33
N LYS I 141 50.72 55.41 -40.36
CA LYS I 141 52.11 55.68 -40.73
C LYS I 141 52.85 54.45 -41.26
N GLN I 142 52.46 53.23 -40.89
CA GLN I 142 53.15 52.12 -41.54
C GLN I 142 52.67 51.93 -42.98
N ARG I 143 51.51 52.49 -43.34
CA ARG I 143 51.19 52.63 -44.76
C ARG I 143 51.90 53.84 -45.37
N MET I 144 52.06 54.91 -44.59
CA MET I 144 52.81 56.07 -45.05
C MET I 144 54.27 55.76 -45.33
N ALA I 145 54.80 54.68 -44.76
CA ALA I 145 56.18 54.25 -45.01
C ALA I 145 56.50 54.00 -46.49
N VAL I 146 55.49 53.88 -47.36
CA VAL I 146 55.70 53.87 -48.79
C VAL I 146 54.83 54.93 -49.46
N LEU I 147 53.71 55.29 -48.81
CA LEU I 147 52.84 56.31 -49.40
C LEU I 147 53.51 57.68 -49.39
N ASP I 148 54.13 58.07 -48.28
CA ASP I 148 54.90 59.30 -48.26
C ASP I 148 56.19 59.19 -49.08
N VAL I 149 56.68 57.98 -49.32
CA VAL I 149 57.86 57.84 -50.19
C VAL I 149 57.51 58.23 -51.61
N ARG I 150 56.44 57.67 -52.17
CA ARG I 150 56.14 58.12 -53.53
C ARG I 150 55.45 59.49 -53.54
N THR I 151 54.95 59.95 -52.39
CA THR I 151 54.47 61.33 -52.31
C THR I 151 55.63 62.33 -52.36
N GLU I 152 56.74 62.02 -51.69
CA GLU I 152 57.89 62.91 -51.78
C GLU I 152 58.58 62.79 -53.13
N ASN I 153 58.51 61.61 -53.76
CA ASN I 153 58.93 61.52 -55.16
C ASN I 153 58.04 62.38 -56.06
N ALA I 154 56.74 62.44 -55.75
CA ALA I 154 55.82 63.27 -56.51
C ALA I 154 56.16 64.75 -56.37
N ILE I 155 56.34 65.21 -55.13
CA ILE I 155 56.66 66.62 -54.92
C ILE I 155 58.04 66.93 -55.49
N ALA I 156 58.92 65.93 -55.50
CA ALA I 156 60.23 66.09 -56.11
C ALA I 156 60.14 66.35 -57.60
N ARG I 157 59.41 65.50 -58.35
CA ARG I 157 59.48 65.74 -59.79
C ARG I 157 58.63 66.93 -60.19
N MET I 158 57.57 67.28 -59.41
CA MET I 158 56.92 68.56 -59.76
C MET I 158 57.81 69.75 -59.45
N VAL I 159 58.68 69.66 -58.43
CA VAL I 159 59.72 70.68 -58.27
C VAL I 159 60.61 70.75 -59.50
N ARG I 160 60.96 69.59 -60.07
CA ARG I 160 61.77 69.59 -61.29
C ARG I 160 61.08 70.28 -62.48
N GLU I 161 59.79 69.97 -62.78
CA GLU I 161 59.28 70.70 -63.95
C GLU I 161 58.97 72.15 -63.60
N ARG I 162 58.60 72.47 -62.36
CA ARG I 162 58.35 73.87 -62.02
C ARG I 162 59.63 74.70 -62.14
N LEU I 163 60.76 74.13 -61.73
CA LEU I 163 62.04 74.77 -62.00
C LEU I 163 62.35 74.80 -63.50
N ALA I 164 61.77 73.87 -64.29
CA ALA I 164 61.98 73.93 -65.73
C ALA I 164 61.24 75.11 -66.37
N GLU I 165 59.98 75.37 -65.97
CA GLU I 165 59.35 76.58 -66.53
C GLU I 165 59.87 77.87 -65.91
N LYS I 166 60.31 77.87 -64.64
CA LYS I 166 60.79 79.14 -64.10
C LYS I 166 62.13 79.54 -64.68
N LYS I 167 62.89 78.59 -65.24
CA LYS I 167 64.14 78.94 -65.90
C LYS I 167 63.93 79.09 -67.41
N ASP J 12 75.60 -82.26 64.37
CA ASP J 12 74.23 -81.96 63.94
C ASP J 12 73.22 -82.55 64.92
N VAL J 13 73.67 -83.52 65.72
CA VAL J 13 72.79 -84.13 66.71
C VAL J 13 72.46 -83.15 67.82
N ALA J 14 73.44 -82.33 68.23
CA ALA J 14 73.24 -81.35 69.29
C ALA J 14 72.44 -80.13 68.83
N LEU J 15 72.20 -79.98 67.53
CA LEU J 15 71.45 -78.84 67.03
C LEU J 15 69.95 -78.95 67.30
N VAL J 16 69.46 -80.12 67.68
CA VAL J 16 68.05 -80.33 68.00
C VAL J 16 67.91 -80.44 69.51
N CYS J 17 67.04 -79.63 70.08
CA CYS J 17 66.81 -79.58 71.52
C CYS J 17 65.46 -80.22 71.84
N GLU J 18 65.08 -80.14 73.12
CA GLU J 18 63.80 -80.69 73.56
C GLU J 18 62.61 -79.88 73.07
N ASP J 19 62.81 -78.60 72.76
CA ASP J 19 61.72 -77.80 72.21
C ASP J 19 61.35 -78.23 70.79
N ASP J 20 62.34 -78.67 70.01
CA ASP J 20 62.11 -79.14 68.65
C ASP J 20 61.74 -80.62 68.59
N ALA J 21 61.66 -81.30 69.74
CA ALA J 21 61.24 -82.69 69.75
C ALA J 21 59.83 -82.91 69.24
N PRO J 22 58.84 -82.11 69.62
CA PRO J 22 57.51 -82.24 69.00
C PRO J 22 57.52 -81.95 67.50
N TYR J 23 58.35 -81.00 67.06
CA TYR J 23 58.50 -80.74 65.63
C TYR J 23 59.13 -81.93 64.91
N GLU J 24 60.11 -82.56 65.54
CA GLU J 24 60.72 -83.77 64.96
C GLU J 24 59.72 -84.91 64.89
N GLN J 25 58.88 -85.06 65.93
CA GLN J 25 57.86 -86.10 65.91
C GLN J 25 56.81 -85.84 64.84
N ASP J 26 56.43 -84.57 64.65
CA ASP J 26 55.49 -84.22 63.59
C ASP J 26 56.09 -84.45 62.21
N ILE J 27 57.39 -84.17 62.06
CA ILE J 27 58.05 -84.41 60.78
C ILE J 27 58.16 -85.91 60.50
N LEU J 28 58.40 -86.71 61.55
CA LEU J 28 58.46 -88.15 61.38
C LEU J 28 57.09 -88.75 61.08
N ARG J 29 56.02 -88.19 61.66
CA ARG J 29 54.69 -88.67 61.37
C ARG J 29 54.26 -88.33 59.96
N ASN J 30 54.59 -87.13 59.49
CA ASN J 30 54.24 -86.67 58.14
C ASN J 30 55.51 -86.19 57.46
N PRO J 31 56.22 -87.08 56.75
CA PRO J 31 57.46 -86.66 56.09
C PRO J 31 57.24 -85.77 54.89
N GLY J 32 56.05 -85.78 54.29
CA GLY J 32 55.78 -84.96 53.13
C GLY J 32 54.78 -83.86 53.37
N SER J 33 54.84 -83.24 54.54
CA SER J 33 53.94 -82.16 54.91
C SER J 33 54.66 -80.83 54.75
N ILE J 34 54.15 -79.99 53.84
CA ILE J 34 54.73 -78.67 53.65
C ILE J 34 54.42 -77.77 54.84
N ARG J 35 53.21 -77.86 55.37
CA ARG J 35 52.81 -77.04 56.52
C ARG J 35 53.62 -77.36 57.77
N PRO J 36 53.83 -78.62 58.14
CA PRO J 36 54.67 -78.90 59.32
C PRO J 36 56.12 -78.47 59.14
N TRP J 37 56.66 -78.63 57.93
CA TRP J 37 58.02 -78.17 57.67
C TRP J 37 58.12 -76.65 57.76
N LEU J 38 57.13 -75.94 57.24
CA LEU J 38 57.10 -74.48 57.35
C LEU J 38 56.96 -74.03 58.80
N SER J 39 56.14 -74.73 59.59
CA SER J 39 55.99 -74.41 61.00
C SER J 39 57.29 -74.66 61.77
N TYR J 40 57.98 -75.76 61.46
CA TYR J 40 59.26 -76.03 62.10
C TYR J 40 60.31 -75.00 61.71
N ILE J 41 60.31 -74.56 60.45
CA ILE J 41 61.25 -73.54 60.00
C ILE J 41 60.97 -72.21 60.70
N GLU J 42 59.68 -71.85 60.83
CA GLU J 42 59.32 -70.62 61.52
C GLU J 42 59.68 -70.69 63.00
N TYR J 43 59.50 -71.84 63.64
CA TYR J 43 59.87 -71.99 65.03
C TYR J 43 61.39 -71.92 65.22
N LYS J 44 62.15 -72.48 64.28
CA LYS J 44 63.60 -72.40 64.36
C LYS J 44 64.09 -70.99 64.11
N LEU J 45 63.42 -70.25 63.22
CA LEU J 45 63.83 -68.87 62.96
C LEU J 45 63.47 -67.94 64.11
N GLN J 46 62.31 -68.17 64.74
CA GLN J 46 61.85 -67.27 65.79
C GLN J 46 62.60 -67.48 67.10
N HIS J 47 62.95 -68.72 67.43
CA HIS J 47 63.54 -69.03 68.73
C HIS J 47 64.93 -69.62 68.65
N GLY J 48 65.20 -70.48 67.68
CA GLY J 48 66.49 -71.14 67.60
C GLY J 48 67.60 -70.22 67.11
N THR J 49 68.82 -70.73 67.23
CA THR J 49 70.00 -69.98 66.82
C THR J 49 70.14 -69.99 65.30
N LEU J 50 71.14 -69.25 64.81
CA LEU J 50 71.37 -69.18 63.36
C LEU J 50 71.85 -70.51 62.80
N ARG J 51 72.74 -71.19 63.52
CA ARG J 51 73.24 -72.49 63.05
C ARG J 51 72.15 -73.54 63.07
N GLU J 52 71.32 -73.56 64.12
CA GLU J 52 70.21 -74.51 64.18
C GLU J 52 69.18 -74.24 63.10
N GLN J 53 68.88 -72.97 62.84
CA GLN J 53 67.94 -72.62 61.78
C GLN J 53 68.49 -72.99 60.41
N ALA J 54 69.79 -72.78 60.19
CA ALA J 54 70.42 -73.17 58.93
C ALA J 54 70.41 -74.69 58.74
N PHE J 55 70.67 -75.44 59.81
CA PHE J 55 70.61 -76.89 59.74
C PHE J 55 69.18 -77.38 59.46
N VAL J 56 68.19 -76.74 60.08
CA VAL J 56 66.80 -77.11 59.85
C VAL J 56 66.39 -76.80 58.42
N MET J 57 66.82 -75.65 57.90
CA MET J 57 66.52 -75.30 56.51
C MET J 57 67.20 -76.26 55.54
N GLU J 58 68.44 -76.66 55.81
CA GLU J 58 69.13 -77.63 54.97
C GLU J 58 68.44 -78.99 55.01
N ARG J 59 67.99 -79.41 56.19
CA ARG J 59 67.26 -80.68 56.31
C ARG J 59 65.93 -80.62 55.58
N ALA J 60 65.23 -79.49 55.65
CA ALA J 60 63.96 -79.34 54.93
C ALA J 60 64.18 -79.33 53.43
N CYS J 61 65.26 -78.68 52.96
CA CYS J 61 65.56 -78.68 51.54
C CYS J 61 65.99 -80.05 51.04
N VAL J 62 66.70 -80.82 51.86
CA VAL J 62 67.09 -82.17 51.47
C VAL J 62 65.88 -83.09 51.44
N GLN J 63 65.00 -82.98 52.45
CA GLN J 63 63.85 -83.87 52.52
C GLN J 63 62.78 -83.47 51.51
N LEU J 64 62.55 -82.17 51.33
CA LEU J 64 61.50 -81.66 50.44
C LEU J 64 62.10 -80.63 49.50
N PRO J 65 62.82 -81.10 48.47
CA PRO J 65 63.41 -80.15 47.50
C PRO J 65 62.42 -79.62 46.48
N ARG J 66 61.24 -80.22 46.36
CA ARG J 66 60.24 -79.78 45.40
C ARG J 66 59.33 -78.68 45.95
N SER J 67 59.52 -78.27 47.20
CA SER J 67 58.72 -77.22 47.80
C SER J 67 59.23 -75.87 47.33
N TYR J 68 58.38 -75.12 46.62
CA TYR J 68 58.78 -73.81 46.13
C TYR J 68 58.91 -72.80 47.26
N LYS J 69 58.04 -72.90 48.28
CA LYS J 69 58.12 -71.98 49.42
C LYS J 69 59.39 -72.20 50.23
N LEU J 70 59.80 -73.46 50.40
CA LEU J 70 61.04 -73.75 51.12
C LEU J 70 62.25 -73.26 50.35
N TRP J 71 62.24 -73.41 49.03
CA TRP J 71 63.36 -72.94 48.21
C TRP J 71 63.42 -71.41 48.16
N LYS J 72 62.26 -70.76 48.16
CA LYS J 72 62.24 -69.30 48.14
C LYS J 72 62.65 -68.71 49.49
N MET J 73 62.39 -69.43 50.58
CA MET J 73 62.74 -68.96 51.92
C MET J 73 64.13 -69.42 52.36
N PHE J 74 64.86 -70.12 51.52
CA PHE J 74 66.22 -70.54 51.86
C PHE J 74 67.15 -69.34 51.90
N ARG J 75 68.01 -69.30 52.91
CA ARG J 75 68.93 -68.19 53.12
C ARG J 75 70.34 -68.73 53.33
N VAL J 76 71.32 -68.00 52.81
CA VAL J 76 72.73 -68.37 52.98
C VAL J 76 73.45 -67.24 53.70
N ASN J 77 72.73 -66.53 54.57
CA ASN J 77 73.32 -65.42 55.32
C ASN J 77 74.31 -65.90 56.38
N HIS J 78 74.21 -67.15 56.80
CA HIS J 78 75.14 -67.69 57.80
C HIS J 78 76.52 -67.97 57.24
N ILE J 79 76.66 -68.03 55.91
CA ILE J 79 77.96 -68.27 55.28
C ILE J 79 78.44 -67.10 54.43
N SER J 80 77.58 -66.10 54.18
CA SER J 80 77.99 -64.95 53.39
C SER J 80 78.89 -64.00 54.16
N LYS J 81 78.87 -64.06 55.49
CA LYS J 81 79.69 -63.18 56.32
C LYS J 81 81.11 -63.70 56.52
N LEU J 82 81.41 -64.90 56.03
CA LEU J 82 82.73 -65.48 56.15
C LEU J 82 83.48 -65.37 54.83
N ASN J 83 84.81 -65.45 54.92
CA ASN J 83 85.66 -65.39 53.73
C ASN J 83 85.52 -66.67 52.94
N PRO J 84 85.19 -66.61 51.64
CA PRO J 84 85.05 -67.84 50.85
C PRO J 84 86.35 -68.61 50.65
N ALA J 85 87.51 -67.95 50.80
CA ALA J 85 88.78 -68.66 50.65
C ALA J 85 89.06 -69.57 51.84
N ILE J 86 88.52 -69.24 53.01
CA ILE J 86 88.74 -70.03 54.22
C ILE J 86 87.53 -70.92 54.47
N PHE J 87 86.35 -70.45 54.08
CA PHE J 87 85.09 -71.17 54.26
C PHE J 87 84.61 -71.81 52.97
N ALA J 88 85.53 -72.35 52.17
CA ALA J 88 85.17 -72.96 50.90
C ALA J 88 84.35 -74.25 51.06
N THR J 89 84.42 -74.90 52.22
CA THR J 89 83.59 -76.07 52.48
C THR J 89 82.11 -75.69 52.57
N GLU J 90 81.81 -74.56 53.23
CA GLU J 90 80.44 -74.07 53.29
C GLU J 90 79.95 -73.64 51.93
N TYR J 91 80.84 -73.04 51.12
CA TYR J 91 80.48 -72.67 49.76
C TYR J 91 80.19 -73.90 48.91
N GLN J 92 80.97 -74.97 49.08
CA GLN J 92 80.73 -76.21 48.35
C GLN J 92 79.41 -76.86 48.79
N LYS J 93 79.12 -76.81 50.09
CA LYS J 93 77.84 -77.34 50.59
C LYS J 93 76.66 -76.55 50.04
N VAL J 94 76.79 -75.22 49.98
CA VAL J 94 75.74 -74.38 49.42
C VAL J 94 75.58 -74.63 47.92
N ASN J 95 76.70 -74.89 47.23
CA ASN J 95 76.64 -75.21 45.81
C ASN J 95 75.95 -76.56 45.58
N ALA J 96 76.22 -77.54 46.44
CA ALA J 96 75.53 -78.83 46.35
C ALA J 96 74.04 -78.69 46.61
N LEU J 97 73.67 -77.87 47.61
CA LEU J 97 72.26 -77.63 47.90
C LEU J 97 71.57 -76.92 46.73
N PHE J 98 72.26 -75.94 46.13
CA PHE J 98 71.71 -75.27 44.96
C PHE J 98 71.60 -76.20 43.76
N GLU J 99 72.54 -77.13 43.60
CA GLU J 99 72.45 -78.12 42.53
C GLU J 99 71.27 -79.05 42.74
N ARG J 100 71.03 -79.47 43.98
CA ARG J 100 69.86 -80.30 44.29
C ARG J 100 68.57 -79.53 44.04
N ALA J 101 68.54 -78.24 44.42
CA ALA J 101 67.36 -77.41 44.19
C ALA J 101 67.10 -77.21 42.70
N LEU J 102 68.16 -77.01 41.92
CA LEU J 102 68.01 -76.88 40.47
C LEU J 102 67.60 -78.21 39.83
N ILE J 103 68.02 -79.33 40.43
CA ILE J 103 67.53 -80.64 39.97
C ILE J 103 66.04 -80.77 40.26
N LEU J 104 65.56 -80.21 41.37
CA LEU J 104 64.15 -80.32 41.72
C LEU J 104 63.30 -79.18 41.18
N LEU J 105 63.88 -77.98 40.99
CA LEU J 105 63.14 -76.77 40.65
C LEU J 105 63.83 -76.03 39.51
N ASN J 106 64.12 -76.73 38.42
CA ASN J 106 64.82 -76.14 37.28
C ASN J 106 64.03 -75.02 36.61
N LYS J 107 62.72 -75.00 36.75
CA LYS J 107 61.88 -73.97 36.14
C LYS J 107 61.68 -72.76 37.04
N MET J 108 62.25 -72.77 38.25
CA MET J 108 62.10 -71.66 39.18
C MET J 108 63.05 -70.54 38.82
N PRO J 109 62.56 -69.32 38.57
CA PRO J 109 63.47 -68.21 38.23
C PRO J 109 64.10 -67.59 39.46
N ARG J 110 63.40 -67.61 40.59
CA ARG J 110 63.92 -67.03 41.83
C ARG J 110 65.10 -67.84 42.36
N ILE J 111 65.01 -69.16 42.27
CA ILE J 111 66.12 -70.01 42.71
C ILE J 111 67.33 -69.83 41.80
N TRP J 112 67.09 -69.67 40.50
CA TRP J 112 68.19 -69.40 39.57
C TRP J 112 68.83 -68.05 39.84
N GLU J 113 68.03 -67.04 40.18
CA GLU J 113 68.57 -65.73 40.52
C GLU J 113 69.38 -65.80 41.83
N MET J 114 68.90 -66.55 42.81
CA MET J 114 69.64 -66.72 44.05
C MET J 114 70.97 -67.45 43.82
N TYR J 115 70.94 -68.48 42.97
CA TYR J 115 72.17 -69.19 42.63
C TYR J 115 73.16 -68.30 41.88
N LEU J 116 72.64 -67.46 40.98
CA LEU J 116 73.50 -66.51 40.26
C LEU J 116 74.11 -65.48 41.21
N LYS J 117 73.33 -65.01 42.18
CA LYS J 117 73.85 -64.08 43.18
C LYS J 117 74.91 -64.74 44.05
N PHE J 118 74.69 -66.00 44.43
CA PHE J 118 75.68 -66.74 45.21
C PHE J 118 76.96 -66.96 44.43
N LEU J 119 76.84 -67.26 43.13
CA LEU J 119 78.02 -67.42 42.28
C LEU J 119 78.76 -66.10 42.08
N MET J 120 78.02 -65.00 41.97
CA MET J 120 78.65 -63.69 41.86
C MET J 120 79.34 -63.29 43.16
N GLN J 121 78.82 -63.75 44.30
CA GLN J 121 79.52 -63.55 45.57
C GLN J 121 80.84 -64.29 45.60
N GLN J 122 80.88 -65.49 45.04
CA GLN J 122 82.11 -66.26 44.97
C GLN J 122 83.03 -65.68 43.89
N PRO J 123 84.33 -65.95 43.98
CA PRO J 123 85.28 -65.39 43.01
C PRO J 123 85.59 -66.29 41.82
N LEU J 124 84.89 -67.41 41.65
CA LEU J 124 85.12 -68.32 40.53
C LEU J 124 84.47 -67.73 39.28
N VAL J 125 85.29 -67.15 38.40
CA VAL J 125 84.76 -66.51 37.19
C VAL J 125 84.24 -67.55 36.21
N THR J 126 85.00 -68.64 36.01
CA THR J 126 84.59 -69.66 35.06
C THR J 126 83.34 -70.40 35.51
N PHE J 127 83.25 -70.72 36.81
CA PHE J 127 82.06 -71.38 37.33
C PHE J 127 80.84 -70.47 37.23
N THR J 128 81.00 -69.18 37.51
CA THR J 128 79.90 -68.23 37.38
C THR J 128 79.46 -68.09 35.93
N ARG J 129 80.42 -68.07 35.00
CA ARG J 129 80.08 -68.00 33.59
C ARG J 129 79.34 -69.25 33.12
N ARG J 130 79.78 -70.42 33.57
CA ARG J 130 79.09 -71.67 33.23
C ARG J 130 77.69 -71.71 33.81
N THR J 131 77.53 -71.25 35.05
CA THR J 131 76.20 -71.19 35.67
C THR J 131 75.29 -70.22 34.95
N PHE J 132 75.82 -69.07 34.53
CA PHE J 132 75.03 -68.09 33.78
C PHE J 132 74.62 -68.64 32.42
N ASP J 133 75.52 -69.36 31.76
CA ASP J 133 75.19 -69.97 30.48
C ASP J 133 74.12 -71.04 30.63
N ARG J 134 74.24 -71.86 31.68
CA ARG J 134 73.23 -72.89 31.94
C ARG J 134 71.87 -72.27 32.29
N ALA J 135 71.88 -71.18 33.06
CA ALA J 135 70.63 -70.50 33.40
C ALA J 135 70.00 -69.86 32.17
N LEU J 136 70.81 -69.29 31.28
CA LEU J 136 70.28 -68.71 30.06
C LEU J 136 69.73 -69.78 29.12
N ARG J 137 70.39 -70.95 29.06
CA ARG J 137 69.92 -72.01 28.17
C ARG J 137 68.71 -72.73 28.73
N ALA J 138 68.56 -72.79 30.06
CA ALA J 138 67.52 -73.61 30.66
C ALA J 138 66.24 -72.86 30.99
N LEU J 139 66.26 -71.54 30.97
CA LEU J 139 65.12 -70.72 31.38
C LEU J 139 64.48 -70.02 30.19
N PRO J 140 63.37 -69.30 30.42
CA PRO J 140 62.65 -68.66 29.30
C PRO J 140 63.32 -67.38 28.83
N ILE J 141 62.68 -66.68 27.88
CA ILE J 141 63.27 -65.50 27.28
C ILE J 141 63.33 -64.34 28.27
N THR J 142 62.25 -64.14 29.04
CA THR J 142 62.25 -63.09 30.05
C THR J 142 63.27 -63.37 31.16
N GLN J 143 63.37 -64.63 31.58
CA GLN J 143 64.38 -65.00 32.56
C GLN J 143 65.79 -64.90 31.98
N HIS J 144 65.94 -65.18 30.68
CA HIS J 144 67.24 -64.97 30.04
C HIS J 144 67.62 -63.50 30.01
N ASN J 145 66.64 -62.62 29.75
CA ASN J 145 66.91 -61.19 29.79
C ASN J 145 67.25 -60.73 31.20
N ARG J 146 66.57 -61.27 32.20
CA ARG J 146 66.90 -60.95 33.59
C ARG J 146 68.30 -61.42 33.96
N ILE J 147 68.68 -62.62 33.50
CA ILE J 147 70.02 -63.13 33.77
C ILE J 147 71.08 -62.31 33.06
N TRP J 148 70.78 -61.84 31.84
CA TRP J 148 71.69 -60.96 31.12
C TRP J 148 71.85 -59.62 31.83
N ALA J 149 70.74 -59.08 32.36
CA ALA J 149 70.81 -57.83 33.11
C ALA J 149 71.61 -58.01 34.41
N LEU J 150 71.47 -59.16 35.04
CA LEU J 150 72.23 -59.44 36.27
C LEU J 150 73.71 -59.70 35.99
N TYR J 151 74.05 -60.31 34.86
CA TYR J 151 75.43 -60.64 34.54
C TYR J 151 76.13 -59.58 33.70
N ARG J 152 75.43 -58.52 33.32
CA ARG J 152 76.09 -57.40 32.64
C ARG J 152 77.17 -56.74 33.50
N PRO J 153 76.94 -56.46 34.79
CA PRO J 153 78.05 -55.98 35.62
C PRO J 153 79.17 -57.00 35.77
N PHE J 154 78.85 -58.29 35.82
CA PHE J 154 79.88 -59.32 35.87
C PHE J 154 80.70 -59.35 34.58
N ALA J 155 80.04 -59.19 33.43
CA ALA J 155 80.75 -59.13 32.16
C ALA J 155 81.61 -57.88 32.07
N ASN J 156 81.11 -56.75 32.60
CA ASN J 156 81.89 -55.52 32.60
C ASN J 156 83.11 -55.62 33.49
N SER J 157 82.97 -56.27 34.65
CA SER J 157 84.10 -56.43 35.57
C SER J 157 85.09 -57.49 35.07
N ALA J 158 84.63 -58.49 34.32
CA ALA J 158 85.52 -59.54 33.85
C ALA J 158 86.49 -59.03 32.79
N GLU J 159 85.98 -58.22 31.85
CA GLU J 159 86.74 -57.61 30.75
C GLU J 159 87.37 -58.63 29.80
N GLY J 160 87.99 -58.14 28.73
CA GLY J 160 88.73 -59.00 27.83
C GLY J 160 87.86 -59.75 26.83
N ILE J 161 88.46 -60.82 26.29
CA ILE J 161 87.82 -61.62 25.26
C ILE J 161 86.61 -62.37 25.81
N THR J 162 86.64 -62.74 27.08
CA THR J 162 85.47 -63.36 27.70
C THR J 162 84.29 -62.38 27.74
N ALA J 163 84.57 -61.12 28.07
CA ALA J 163 83.52 -60.10 28.02
C ALA J 163 83.06 -59.83 26.60
N VAL J 164 83.97 -59.91 25.63
CA VAL J 164 83.58 -59.74 24.23
C VAL J 164 82.63 -60.86 23.79
N LYS J 165 82.94 -62.10 24.18
CA LYS J 165 82.07 -63.23 23.86
C LYS J 165 80.73 -63.12 24.59
N ILE J 166 80.75 -62.64 25.83
CA ILE J 166 79.50 -62.46 26.58
C ILE J 166 78.65 -61.37 25.94
N TRP J 167 79.28 -60.29 25.48
CA TRP J 167 78.55 -59.23 24.80
C TRP J 167 77.99 -59.71 23.47
N ARG J 168 78.74 -60.56 22.75
CA ARG J 168 78.22 -61.14 21.51
C ARG J 168 77.03 -62.06 21.78
N ARG J 169 77.11 -62.86 22.85
CA ARG J 169 75.99 -63.72 23.21
C ARG J 169 74.76 -62.91 23.63
N TYR J 170 74.98 -61.80 24.33
CA TYR J 170 73.87 -60.93 24.70
C TYR J 170 73.27 -60.23 23.48
N MET J 171 74.11 -59.83 22.52
CA MET J 171 73.62 -59.23 21.29
C MET J 171 72.95 -60.24 20.38
N GLN J 172 73.21 -61.54 20.57
CA GLN J 172 72.49 -62.57 19.84
C GLN J 172 71.02 -62.61 20.21
N VAL J 173 70.65 -62.14 21.39
CA VAL J 173 69.26 -62.05 21.82
C VAL J 173 68.80 -60.60 21.90
N HIS J 174 69.59 -59.74 22.53
CA HIS J 174 69.28 -58.32 22.65
C HIS J 174 70.40 -57.50 22.01
N PRO J 175 70.28 -57.14 20.73
CA PRO J 175 71.35 -56.38 20.06
C PRO J 175 71.24 -54.86 20.20
N GLU J 176 70.43 -54.36 21.14
CA GLU J 176 70.30 -52.92 21.32
C GLU J 176 71.56 -52.29 21.90
N ASP J 177 72.36 -53.06 22.63
CA ASP J 177 73.60 -52.59 23.20
C ASP J 177 74.80 -52.81 22.29
N ALA J 178 74.59 -52.85 20.97
CA ALA J 178 75.69 -53.06 20.04
C ALA J 178 76.64 -51.87 20.00
N GLU J 179 76.14 -50.67 20.27
CA GLU J 179 77.02 -49.50 20.40
C GLU J 179 77.93 -49.64 21.62
N ASP J 180 77.38 -50.16 22.73
CA ASP J 180 78.21 -50.42 23.91
C ASP J 180 79.21 -51.53 23.64
N PHE J 181 78.81 -52.53 22.86
CA PHE J 181 79.75 -53.58 22.45
C PHE J 181 80.87 -53.03 21.59
N ILE J 182 80.55 -52.10 20.68
CA ILE J 182 81.58 -51.48 19.85
C ILE J 182 82.50 -50.61 20.69
N GLU J 183 81.95 -49.92 21.69
CA GLU J 183 82.79 -49.15 22.60
C GLU J 183 83.71 -50.04 23.41
N LEU J 184 83.21 -51.19 23.87
CA LEU J 184 84.05 -52.15 24.59
C LEU J 184 85.11 -52.74 23.69
N LEU J 185 84.79 -52.97 22.42
CA LEU J 185 85.78 -53.47 21.47
C LEU J 185 86.85 -52.42 21.19
N ILE J 186 86.46 -51.14 21.12
CA ILE J 186 87.44 -50.07 20.96
C ILE J 186 88.32 -49.94 22.19
N GLN J 187 87.74 -50.13 23.38
CA GLN J 187 88.53 -50.15 24.60
C GLN J 187 89.43 -51.38 24.70
N CYS J 188 89.08 -52.46 24.00
CA CYS J 188 89.90 -53.66 23.96
C CYS J 188 90.80 -53.74 22.73
N GLY J 189 90.55 -52.91 21.73
CA GLY J 189 91.37 -52.88 20.54
C GLY J 189 90.83 -53.64 19.35
N LEU J 190 89.60 -54.16 19.43
CA LEU J 190 89.00 -54.91 18.34
C LEU J 190 88.39 -53.93 17.33
N TYR J 191 89.26 -53.36 16.50
CA TYR J 191 88.82 -52.40 15.50
C TYR J 191 88.05 -53.08 14.37
N THR J 192 88.53 -54.25 13.92
CA THR J 192 87.85 -54.96 12.83
C THR J 192 86.49 -55.49 13.28
N GLU J 193 86.40 -55.98 14.52
CA GLU J 193 85.12 -56.44 15.05
C GLU J 193 84.12 -55.28 15.19
N ALA J 194 84.60 -54.12 15.64
CA ALA J 194 83.74 -52.94 15.74
C ALA J 194 83.29 -52.47 14.37
N VAL J 195 84.18 -52.52 13.37
CA VAL J 195 83.80 -52.14 12.01
C VAL J 195 82.77 -53.10 11.44
N LYS J 196 82.93 -54.40 11.69
CA LYS J 196 81.96 -55.39 11.23
C LYS J 196 80.61 -55.20 11.92
N LYS J 197 80.63 -54.89 13.22
CA LYS J 197 79.39 -54.62 13.94
C LYS J 197 78.69 -53.37 13.41
N TYR J 198 79.47 -52.32 13.11
CA TYR J 198 78.88 -51.11 12.54
C TYR J 198 78.30 -51.36 11.15
N ILE J 199 78.98 -52.19 10.35
CA ILE J 199 78.47 -52.53 9.02
C ILE J 199 77.20 -53.35 9.13
N GLU J 200 77.14 -54.26 10.10
CA GLU J 200 75.93 -55.06 10.31
C GLU J 200 74.77 -54.20 10.81
N ILE J 201 75.06 -53.21 11.66
CA ILE J 201 74.03 -52.32 12.15
C ILE J 201 73.52 -51.41 11.03
N LEU J 202 74.42 -50.94 10.16
CA LEU J 202 74.00 -50.12 9.04
C LEU J 202 73.26 -50.93 7.99
N ASN J 203 73.56 -52.22 7.89
CA ASN J 203 72.85 -53.08 6.93
C ASN J 203 71.40 -53.29 7.34
N ASN J 204 71.13 -53.41 8.64
CA ASN J 204 69.77 -53.60 9.12
C ASN J 204 69.03 -52.26 9.11
N PRO J 205 67.94 -52.12 8.36
CA PRO J 205 67.22 -50.84 8.36
C PRO J 205 66.36 -50.61 9.59
N LYS J 206 66.05 -51.65 10.35
CA LYS J 206 65.22 -51.52 11.53
C LYS J 206 66.01 -51.27 12.81
N PHE J 207 67.34 -51.14 12.70
CA PHE J 207 68.17 -50.89 13.88
C PHE J 207 67.99 -49.45 14.34
N GLN J 208 67.71 -49.30 15.64
CA GLN J 208 67.53 -47.98 16.26
C GLN J 208 68.59 -47.78 17.32
N SER J 209 69.25 -46.62 17.28
CA SER J 209 70.29 -46.32 18.26
C SER J 209 69.66 -46.06 19.63
N LYS J 210 70.25 -46.65 20.67
CA LYS J 210 69.74 -46.46 22.02
C LYS J 210 70.05 -45.06 22.54
N ASN J 211 71.19 -44.51 22.17
CA ASN J 211 71.61 -43.19 22.60
C ASN J 211 71.21 -42.09 21.62
N ALA J 212 70.24 -42.36 20.75
CA ALA J 212 69.74 -41.42 19.73
C ALA J 212 70.87 -40.92 18.82
N LYS J 213 71.77 -41.83 18.45
CA LYS J 213 72.87 -41.49 17.56
C LYS J 213 72.43 -41.60 16.11
N GLY J 214 72.76 -40.56 15.33
CA GLY J 214 72.37 -40.54 13.94
C GLY J 214 73.19 -41.49 13.08
N HIS J 215 72.60 -41.87 11.94
CA HIS J 215 73.28 -42.75 11.00
C HIS J 215 74.45 -42.04 10.33
N TYR J 216 74.28 -40.76 9.97
CA TYR J 216 75.37 -40.00 9.38
C TYR J 216 76.49 -39.76 10.40
N GLU J 217 76.13 -39.48 11.65
CA GLU J 217 77.13 -39.33 12.70
C GLU J 217 77.88 -40.63 12.96
N LEU J 218 77.17 -41.75 12.96
CA LEU J 218 77.82 -43.06 13.13
C LEU J 218 78.75 -43.37 11.96
N TRP J 219 78.32 -43.04 10.74
CA TRP J 219 79.18 -43.24 9.57
C TRP J 219 80.42 -42.37 9.62
N SER J 220 80.26 -41.11 10.06
CA SER J 220 81.42 -40.22 10.21
C SER J 220 82.37 -40.72 11.29
N GLU J 221 81.82 -41.23 12.39
CA GLU J 221 82.66 -41.80 13.45
C GLU J 221 83.40 -43.04 12.97
N MET J 222 82.73 -43.89 12.19
CA MET J 222 83.38 -45.07 11.64
C MET J 222 84.48 -44.69 10.66
N VAL J 223 84.24 -43.66 9.84
CA VAL J 223 85.24 -43.19 8.89
C VAL J 223 86.44 -42.60 9.62
N ASP J 224 86.19 -41.84 10.70
CA ASP J 224 87.29 -41.29 11.50
C ASP J 224 88.09 -42.39 12.19
N LEU J 225 87.40 -43.43 12.68
CA LEU J 225 88.11 -44.56 13.30
C LEU J 225 88.93 -45.33 12.27
N LEU J 226 88.41 -45.48 11.06
CA LEU J 226 89.16 -46.16 10.00
C LEU J 226 90.37 -45.33 9.58
N VAL J 227 90.22 -43.99 9.54
CA VAL J 227 91.34 -43.13 9.18
C VAL J 227 92.41 -43.14 10.27
N GLU J 228 91.98 -43.14 11.54
CA GLU J 228 92.93 -43.15 12.65
C GLU J 228 93.54 -44.51 12.90
N HIS J 229 93.01 -45.57 12.31
CA HIS J 229 93.52 -46.93 12.47
C HIS J 229 93.63 -47.61 11.12
N ALA J 230 94.22 -46.89 10.15
CA ALA J 230 94.40 -47.46 8.82
C ALA J 230 95.50 -48.53 8.79
N VAL J 231 96.44 -48.49 9.73
CA VAL J 231 97.49 -49.49 9.78
C VAL J 231 97.17 -50.58 10.82
N ASP J 232 96.45 -50.22 11.88
CA ASP J 232 96.11 -51.20 12.91
C ASP J 232 95.05 -52.18 12.41
N ILE J 233 94.02 -51.69 11.74
CA ILE J 233 92.96 -52.55 11.22
C ILE J 233 93.44 -53.20 9.93
N GLU J 234 93.34 -54.52 9.86
CA GLU J 234 93.77 -55.26 8.68
C GLU J 234 92.69 -55.15 7.61
N THR J 235 93.08 -54.63 6.43
CA THR J 235 92.16 -54.46 5.32
C THR J 235 92.45 -55.51 4.25
N GLY J 236 91.43 -56.24 3.84
CA GLY J 236 91.61 -57.25 2.81
C GLY J 236 90.27 -57.88 2.48
N HIS J 237 90.30 -58.75 1.46
CA HIS J 237 89.09 -59.44 1.03
C HIS J 237 88.70 -60.56 1.99
N GLU J 238 89.64 -61.06 2.79
CA GLU J 238 89.32 -62.12 3.75
C GLU J 238 88.45 -61.58 4.87
N THR J 239 88.81 -60.40 5.41
CA THR J 239 88.03 -59.80 6.49
C THR J 239 86.76 -59.11 5.98
N GLY J 240 86.64 -58.90 4.68
CA GLY J 240 85.45 -58.24 4.15
C GLY J 240 85.36 -56.76 4.45
N ILE J 241 86.48 -56.12 4.76
CA ILE J 241 86.52 -54.70 5.10
C ILE J 241 87.12 -53.98 3.90
N ASP J 242 86.27 -53.28 3.14
CA ASP J 242 86.69 -52.49 1.99
C ASP J 242 86.48 -51.03 2.33
N VAL J 243 87.58 -50.30 2.58
CA VAL J 243 87.48 -48.89 2.93
C VAL J 243 87.05 -48.06 1.74
N GLU J 244 87.59 -48.37 0.56
CA GLU J 244 87.27 -47.59 -0.64
C GLU J 244 85.82 -47.76 -1.07
N ARG J 245 85.31 -49.00 -1.03
CA ARG J 245 83.93 -49.24 -1.41
C ARG J 245 82.95 -48.60 -0.42
N ILE J 246 83.25 -48.68 0.87
CA ILE J 246 82.39 -48.07 1.88
C ILE J 246 82.43 -46.55 1.77
N ILE J 247 83.61 -46.00 1.46
CA ILE J 247 83.74 -44.55 1.30
C ILE J 247 82.97 -44.08 0.07
N ARG J 248 83.03 -44.85 -1.02
CA ARG J 248 82.26 -44.51 -2.22
C ARG J 248 80.76 -44.61 -1.96
N SER J 249 80.33 -45.63 -1.21
CA SER J 249 78.92 -45.75 -0.86
C SER J 249 78.45 -44.61 0.02
N GLY J 250 79.28 -44.18 0.98
CA GLY J 250 78.94 -43.05 1.80
C GLY J 250 78.91 -41.74 1.04
N ILE J 251 79.82 -41.57 0.08
CA ILE J 251 79.84 -40.35 -0.73
C ILE J 251 78.62 -40.32 -1.66
N GLU J 252 78.23 -41.47 -2.19
CA GLU J 252 77.01 -41.54 -3.01
C GLU J 252 75.77 -41.28 -2.16
N ARG J 253 75.73 -41.82 -0.94
CA ARG J 253 74.59 -41.58 -0.07
C ARG J 253 74.58 -40.15 0.46
N PHE J 254 75.74 -39.64 0.85
CA PHE J 254 75.88 -38.29 1.37
C PHE J 254 76.72 -37.50 0.38
N SER J 255 76.06 -36.92 -0.63
CA SER J 255 76.77 -36.14 -1.64
C SER J 255 77.08 -34.74 -1.15
N ASP J 256 76.43 -34.29 -0.07
CA ASP J 256 76.73 -32.99 0.50
C ASP J 256 78.13 -32.94 1.10
N GLN J 257 78.59 -34.03 1.71
CA GLN J 257 79.95 -34.12 2.24
C GLN J 257 80.78 -35.14 1.48
N ARG J 258 80.54 -35.30 0.18
CA ARG J 258 81.31 -36.25 -0.61
C ARG J 258 82.76 -35.80 -0.76
N GLY J 259 82.99 -34.49 -0.88
CA GLY J 259 84.34 -33.97 -0.88
C GLY J 259 85.03 -34.15 0.46
N LYS J 260 84.27 -34.00 1.55
CA LYS J 260 84.82 -34.28 2.88
C LYS J 260 85.12 -35.77 3.03
N LEU J 261 84.28 -36.62 2.44
CA LEU J 261 84.55 -38.06 2.45
C LEU J 261 85.82 -38.39 1.67
N TRP J 262 86.03 -37.73 0.53
CA TRP J 262 87.24 -37.93 -0.24
C TRP J 262 88.47 -37.44 0.51
N SER J 263 88.33 -36.32 1.23
CA SER J 263 89.43 -35.82 2.06
C SER J 263 89.74 -36.78 3.20
N GLY J 264 88.71 -37.38 3.80
CA GLY J 264 88.94 -38.38 4.84
C GLY J 264 89.59 -39.64 4.30
N LEU J 265 89.21 -40.04 3.08
CA LEU J 265 89.86 -41.18 2.44
C LEU J 265 91.33 -40.88 2.13
N ALA J 266 91.62 -39.65 1.70
CA ALA J 266 93.00 -39.25 1.47
C ALA J 266 93.79 -39.23 2.77
N THR J 267 93.17 -38.79 3.86
CA THR J 267 93.84 -38.82 5.17
C THR J 267 94.10 -40.24 5.62
N TYR J 268 93.16 -41.16 5.37
CA TYR J 268 93.37 -42.56 5.70
C TYR J 268 94.50 -43.17 4.86
N TRP J 269 94.56 -42.80 3.59
CA TRP J 269 95.66 -43.27 2.74
C TRP J 269 97.00 -42.70 3.18
N ILE J 270 97.01 -41.45 3.65
CA ILE J 270 98.25 -40.86 4.17
C ILE J 270 98.67 -41.56 5.46
N ARG J 271 97.71 -41.91 6.31
CA ARG J 271 97.99 -42.70 7.50
C ARG J 271 98.44 -44.12 7.17
N ARG J 272 98.03 -44.65 6.02
CA ARG J 272 98.50 -45.95 5.55
C ARG J 272 99.82 -45.88 4.79
N GLY J 273 100.31 -44.68 4.49
CA GLY J 273 101.57 -44.51 3.81
C GLY J 273 101.49 -44.46 2.30
N ASN J 274 100.31 -44.68 1.71
CA ASN J 274 100.14 -44.67 0.27
C ASN J 274 99.91 -43.23 -0.18
N PHE J 275 100.99 -42.55 -0.54
CA PHE J 275 100.88 -41.16 -1.00
C PHE J 275 100.25 -41.07 -2.38
N ASP J 276 100.55 -42.04 -3.27
CA ASP J 276 99.96 -42.02 -4.61
C ASP J 276 98.46 -42.26 -4.57
N ARG J 277 98.02 -43.17 -3.70
CA ARG J 277 96.59 -43.42 -3.54
C ARG J 277 95.88 -42.19 -2.97
N ALA J 278 96.51 -41.50 -2.02
CA ALA J 278 95.94 -40.28 -1.47
C ALA J 278 95.86 -39.18 -2.52
N ARG J 279 96.90 -39.06 -3.36
CA ARG J 279 96.87 -38.06 -4.43
C ARG J 279 95.80 -38.37 -5.46
N ASP J 280 95.64 -39.65 -5.82
CA ASP J 280 94.59 -40.04 -6.76
C ASP J 280 93.20 -39.79 -6.18
N VAL J 281 93.02 -40.06 -4.88
CA VAL J 281 91.74 -39.82 -4.23
C VAL J 281 91.44 -38.33 -4.18
N PHE J 282 92.45 -37.51 -3.91
CA PHE J 282 92.28 -36.06 -3.90
C PHE J 282 91.93 -35.54 -5.29
N GLU J 283 92.58 -36.07 -6.33
CA GLU J 283 92.28 -35.66 -7.70
C GLU J 283 90.86 -36.06 -8.10
N GLU J 284 90.43 -37.27 -7.74
CA GLU J 284 89.07 -37.72 -8.03
C GLU J 284 88.04 -36.88 -7.27
N GLY J 285 88.33 -36.55 -6.02
CA GLY J 285 87.42 -35.71 -5.25
C GLY J 285 87.34 -34.30 -5.80
N ILE J 286 88.46 -33.76 -6.27
CA ILE J 286 88.45 -32.42 -6.87
C ILE J 286 87.69 -32.43 -8.19
N THR J 287 87.84 -33.49 -8.97
CA THR J 287 87.13 -33.60 -10.25
C THR J 287 85.67 -33.99 -10.10
N THR J 288 85.25 -34.48 -8.94
CA THR J 288 83.88 -34.92 -8.73
C THR J 288 83.17 -34.15 -7.62
N VAL J 289 83.57 -32.92 -7.33
CA VAL J 289 82.95 -32.12 -6.27
C VAL J 289 81.97 -31.15 -6.90
N MET J 290 80.69 -31.28 -6.55
CA MET J 290 79.67 -30.32 -6.94
C MET J 290 79.42 -29.27 -5.85
N THR J 291 80.10 -29.37 -4.72
CA THR J 291 79.94 -28.43 -3.62
C THR J 291 81.20 -27.58 -3.49
N VAL J 292 81.01 -26.27 -3.33
CA VAL J 292 82.15 -25.36 -3.22
C VAL J 292 82.86 -25.58 -1.90
N ARG J 293 82.12 -25.76 -0.80
CA ARG J 293 82.74 -25.97 0.51
C ARG J 293 83.49 -27.29 0.57
N ASP J 294 82.91 -28.36 0.01
CA ASP J 294 83.58 -29.66 0.00
C ASP J 294 84.83 -29.63 -0.87
N PHE J 295 84.75 -28.98 -2.03
CA PHE J 295 85.92 -28.85 -2.89
C PHE J 295 87.00 -28.02 -2.23
N THR J 296 86.61 -26.94 -1.54
CA THR J 296 87.58 -26.12 -0.83
C THR J 296 88.25 -26.89 0.31
N MET J 297 87.47 -27.68 1.05
CA MET J 297 88.05 -28.50 2.13
C MET J 297 88.99 -29.55 1.58
N ILE J 298 88.62 -30.20 0.46
CA ILE J 298 89.48 -31.21 -0.14
C ILE J 298 90.77 -30.57 -0.66
N PHE J 299 90.67 -29.40 -1.29
CA PHE J 299 91.85 -28.70 -1.78
C PHE J 299 92.74 -28.26 -0.63
N ASP J 300 92.15 -27.79 0.48
CA ASP J 300 92.94 -27.39 1.64
C ASP J 300 93.65 -28.58 2.26
N ALA J 301 92.97 -29.73 2.36
CA ALA J 301 93.60 -30.93 2.89
C ALA J 301 94.73 -31.42 1.99
N TYR J 302 94.52 -31.38 0.67
CA TYR J 302 95.56 -31.77 -0.27
C TYR J 302 96.75 -30.83 -0.20
N VAL J 303 96.50 -29.53 -0.06
CA VAL J 303 97.58 -28.56 0.04
C VAL J 303 98.36 -28.74 1.33
N GLU J 304 97.66 -29.03 2.44
CA GLU J 304 98.34 -29.28 3.71
C GLU J 304 99.19 -30.54 3.65
N PHE J 305 98.66 -31.61 3.02
CA PHE J 305 99.43 -32.84 2.86
C PHE J 305 100.65 -32.62 1.98
N GLU J 306 100.50 -31.87 0.89
CA GLU J 306 101.61 -31.58 0.00
C GLU J 306 102.67 -30.73 0.69
N GLU J 307 102.24 -29.75 1.49
CA GLU J 307 103.18 -28.92 2.25
C GLU J 307 103.93 -29.73 3.29
N SER J 308 103.23 -30.64 3.98
CA SER J 308 103.90 -31.51 4.95
C SER J 308 104.90 -32.44 4.27
N VAL J 309 104.53 -32.98 3.10
CA VAL J 309 105.45 -33.85 2.36
C VAL J 309 106.66 -33.08 1.86
N ILE J 310 106.47 -31.85 1.40
CA ILE J 310 107.58 -31.03 0.93
C ILE J 310 108.49 -30.65 2.09
N GLY J 311 107.91 -30.33 3.25
CA GLY J 311 108.73 -30.03 4.42
C GLY J 311 109.51 -31.23 4.92
N THR J 312 108.91 -32.42 4.84
CA THR J 312 109.62 -33.63 5.25
C THR J 312 110.72 -33.98 4.27
N LEU J 313 110.49 -33.78 2.97
CA LEU J 313 111.49 -34.13 1.97
C LEU J 313 112.63 -33.12 1.93
N MET J 314 112.34 -31.84 2.14
CA MET J 314 113.39 -30.82 2.09
C MET J 314 114.29 -30.90 3.31
N GLU J 315 113.74 -31.19 4.48
CA GLU J 315 114.52 -31.27 5.70
C GLU J 315 115.24 -32.61 5.80
N ASP J 331 112.64 -38.49 -4.69
CA ASP J 331 113.12 -37.45 -5.58
C ASP J 331 112.20 -37.26 -6.78
N PHE J 332 112.06 -38.33 -7.58
CA PHE J 332 111.17 -38.28 -8.74
C PHE J 332 109.71 -38.23 -8.32
N ASP J 333 109.35 -38.97 -7.26
CA ASP J 333 107.97 -38.97 -6.78
C ASP J 333 107.59 -37.62 -6.19
N LEU J 334 108.50 -36.99 -5.45
CA LEU J 334 108.23 -35.66 -4.89
C LEU J 334 108.11 -34.62 -6.00
N ASP J 335 108.95 -34.71 -7.03
CA ASP J 335 108.87 -33.80 -8.16
C ASP J 335 107.57 -33.99 -8.94
N ILE J 336 107.14 -35.24 -9.11
CA ILE J 336 105.88 -35.52 -9.79
C ILE J 336 104.70 -34.99 -8.98
N ARG J 337 104.75 -35.14 -7.65
CA ARG J 337 103.69 -34.61 -6.80
C ARG J 337 103.65 -33.10 -6.85
N MET J 338 104.83 -32.45 -6.86
CA MET J 338 104.88 -30.99 -6.97
C MET J 338 104.35 -30.51 -8.31
N MET J 339 104.68 -31.22 -9.40
CA MET J 339 104.17 -30.85 -10.72
C MET J 339 102.66 -31.04 -10.79
N ARG J 340 102.14 -32.12 -10.19
CA ARG J 340 100.70 -32.34 -10.16
C ARG J 340 100.00 -31.26 -9.34
N PHE J 341 100.61 -30.85 -8.22
CA PHE J 341 100.04 -29.76 -7.42
C PHE J 341 100.05 -28.44 -8.18
N GLU J 342 101.12 -28.18 -8.94
CA GLU J 342 101.17 -26.97 -9.75
C GLU J 342 100.12 -26.99 -10.86
N HIS J 343 99.92 -28.15 -11.50
CA HIS J 343 98.88 -28.27 -12.51
C HIS J 343 97.48 -28.10 -11.90
N LEU J 344 97.28 -28.64 -10.70
CA LEU J 344 96.00 -28.48 -10.01
C LEU J 344 95.76 -27.02 -9.64
N MET J 345 96.79 -26.32 -9.19
CA MET J 345 96.66 -24.90 -8.88
C MET J 345 96.39 -24.07 -10.14
N ASP J 346 96.98 -24.47 -11.28
CA ASP J 346 96.71 -23.78 -12.53
C ASP J 346 95.29 -24.01 -13.01
N ARG J 347 94.79 -25.24 -12.89
CA ARG J 347 93.45 -25.59 -13.36
C ARG J 347 92.37 -25.37 -12.31
N ARG J 348 92.74 -24.87 -11.13
CA ARG J 348 91.74 -24.55 -10.11
C ARG J 348 90.70 -23.55 -10.58
N PRO J 349 91.04 -22.48 -11.32
CA PRO J 349 89.98 -21.64 -11.88
C PRO J 349 89.06 -22.38 -12.85
N PHE J 350 89.61 -23.30 -13.64
CA PHE J 350 88.79 -24.09 -14.55
C PHE J 350 87.87 -25.04 -13.78
N LEU J 351 88.39 -25.66 -12.72
CA LEU J 351 87.57 -26.54 -11.89
C LEU J 351 86.48 -25.76 -11.16
N LEU J 352 86.80 -24.56 -10.69
CA LEU J 352 85.80 -23.71 -10.04
C LEU J 352 84.73 -23.27 -11.03
N ASN J 353 85.12 -22.95 -12.26
CA ASN J 353 84.14 -22.60 -13.28
C ASN J 353 83.25 -23.79 -13.64
N ASP J 354 83.84 -24.99 -13.70
CA ASP J 354 83.05 -26.18 -13.97
C ASP J 354 82.08 -26.48 -12.83
N VAL J 355 82.51 -26.27 -11.59
CA VAL J 355 81.64 -26.51 -10.44
C VAL J 355 80.52 -25.48 -10.41
N LEU J 356 80.83 -24.22 -10.76
CA LEU J 356 79.81 -23.19 -10.83
C LEU J 356 78.80 -23.47 -11.93
N LEU J 357 79.27 -23.96 -13.08
CA LEU J 357 78.36 -24.32 -14.16
C LEU J 357 77.52 -25.53 -13.81
N ARG J 358 78.07 -26.46 -13.03
CA ARG J 358 77.27 -27.57 -12.53
C ARG J 358 76.21 -27.08 -11.54
N GLN J 359 76.58 -26.13 -10.68
CA GLN J 359 75.61 -25.56 -9.75
C GLN J 359 74.63 -24.65 -10.48
N ASN J 360 75.14 -23.80 -11.38
CA ASN J 360 74.29 -22.88 -12.14
C ASN J 360 75.01 -22.54 -13.44
N PRO J 361 74.69 -23.21 -14.54
CA PRO J 361 75.30 -22.86 -15.83
C PRO J 361 74.81 -21.54 -16.39
N ASN J 362 73.71 -21.00 -15.86
CA ASN J 362 73.11 -19.78 -16.35
C ASN J 362 73.97 -18.54 -16.11
N ASN J 363 75.00 -18.64 -15.26
CA ASN J 363 75.87 -17.51 -15.00
C ASN J 363 76.79 -17.26 -16.18
N VAL J 364 76.34 -16.43 -17.13
CA VAL J 364 77.19 -16.05 -18.25
C VAL J 364 78.38 -15.22 -17.81
N ALA J 365 78.25 -14.50 -16.68
CA ALA J 365 79.40 -13.79 -16.13
C ALA J 365 80.48 -14.75 -15.66
N GLU J 366 80.09 -15.90 -15.11
CA GLU J 366 81.05 -16.92 -14.72
C GLU J 366 81.75 -17.50 -15.94
N TRP J 367 81.01 -17.71 -17.03
CA TRP J 367 81.61 -18.19 -18.27
C TRP J 367 82.57 -17.15 -18.85
N GLU J 368 82.21 -15.87 -18.74
CA GLU J 368 83.11 -14.81 -19.20
C GLU J 368 84.37 -14.75 -18.36
N LYS J 369 84.24 -14.95 -17.04
CA LYS J 369 85.40 -14.99 -16.16
C LYS J 369 86.29 -16.18 -16.50
N ARG J 370 85.67 -17.33 -16.81
CA ARG J 370 86.44 -18.51 -17.21
C ARG J 370 87.16 -18.28 -18.54
N VAL J 371 86.50 -17.59 -19.48
CA VAL J 371 87.13 -17.29 -20.77
C VAL J 371 88.28 -16.31 -20.59
N ALA J 372 88.13 -15.35 -19.68
CA ALA J 372 89.23 -14.44 -19.36
C ALA J 372 90.37 -15.19 -18.69
N LEU J 373 90.06 -16.15 -17.82
CA LEU J 373 91.09 -16.96 -17.19
C LEU J 373 91.77 -17.89 -18.19
N TRP J 374 91.10 -18.22 -19.29
CA TRP J 374 91.73 -19.02 -20.33
C TRP J 374 92.88 -18.27 -20.98
N GLY J 375 92.74 -16.95 -21.12
CA GLY J 375 93.83 -16.12 -21.62
C GLY J 375 94.12 -16.26 -23.10
N ASP J 376 95.40 -16.43 -23.43
CA ASP J 376 95.84 -16.43 -24.82
C ASP J 376 95.67 -17.77 -25.52
N ASN J 377 95.26 -18.82 -24.81
CA ASN J 377 95.07 -20.12 -25.44
C ASN J 377 93.83 -20.10 -26.31
N LYS J 378 94.03 -19.86 -27.61
CA LYS J 378 92.92 -19.54 -28.50
C LYS J 378 91.95 -20.69 -28.68
N GLU J 379 92.48 -21.92 -28.77
CA GLU J 379 91.60 -23.10 -28.87
C GLU J 379 90.76 -23.26 -27.62
N GLU J 380 91.36 -23.05 -26.44
CA GLU J 380 90.62 -23.12 -25.19
C GLU J 380 89.55 -22.05 -25.12
N VAL J 381 89.86 -20.84 -25.58
CA VAL J 381 88.90 -19.75 -25.57
C VAL J 381 87.71 -20.07 -26.48
N VAL J 382 88.00 -20.56 -27.69
CA VAL J 382 86.95 -20.88 -28.66
C VAL J 382 86.07 -22.02 -28.14
N LYS J 383 86.69 -23.05 -27.55
CA LYS J 383 85.89 -24.15 -27.04
C LYS J 383 85.08 -23.75 -25.81
N THR J 384 85.57 -22.78 -25.02
CA THR J 384 84.76 -22.31 -23.89
C THR J 384 83.56 -21.50 -24.36
N TYR J 385 83.72 -20.68 -25.40
CA TYR J 385 82.52 -20.05 -25.98
C TYR J 385 81.56 -21.06 -26.60
N THR J 386 82.06 -22.10 -27.26
CA THR J 386 81.14 -23.08 -27.84
C THR J 386 80.41 -23.86 -26.75
N ASP J 387 81.11 -24.19 -25.66
CA ASP J 387 80.47 -24.86 -24.53
C ASP J 387 79.46 -23.95 -23.84
N ALA J 388 79.75 -22.65 -23.75
CA ALA J 388 78.78 -21.71 -23.19
C ALA J 388 77.56 -21.57 -24.09
N ILE J 389 77.76 -21.64 -25.41
CA ILE J 389 76.65 -21.61 -26.35
C ILE J 389 75.77 -22.84 -26.17
N ALA J 390 76.40 -24.01 -26.10
CA ALA J 390 75.64 -25.26 -26.00
C ALA J 390 75.02 -25.45 -24.63
N ALA J 391 75.55 -24.79 -23.60
CA ALA J 391 75.14 -25.08 -22.24
C ALA J 391 74.14 -24.05 -21.69
N ILE J 392 74.37 -22.77 -21.93
CA ILE J 392 73.59 -21.72 -21.28
C ILE J 392 72.27 -21.55 -22.02
N ASN J 393 71.17 -21.70 -21.29
CA ASN J 393 69.86 -21.37 -21.85
C ASN J 393 69.64 -19.87 -21.78
N PRO J 394 69.43 -19.18 -22.90
CA PRO J 394 69.18 -17.74 -22.86
C PRO J 394 67.88 -17.37 -22.16
N LYS J 395 66.92 -18.29 -22.07
CA LYS J 395 65.67 -17.98 -21.39
C LYS J 395 65.83 -17.87 -19.88
N LYS J 396 66.90 -18.43 -19.32
CA LYS J 396 67.09 -18.37 -17.87
C LYS J 396 68.51 -17.98 -17.48
N ALA J 397 69.29 -17.41 -18.40
CA ALA J 397 70.64 -16.97 -18.09
C ALA J 397 70.61 -15.82 -17.09
N VAL J 398 71.63 -15.77 -16.23
CA VAL J 398 71.68 -14.74 -15.19
C VAL J 398 72.93 -13.88 -15.25
N GLY J 399 73.93 -14.22 -16.06
CA GLY J 399 75.11 -13.38 -16.17
C GLY J 399 74.92 -12.24 -17.15
N ALA J 400 75.92 -12.00 -18.00
CA ALA J 400 75.84 -11.00 -19.06
C ALA J 400 76.08 -11.72 -20.39
N PHE J 401 75.00 -12.28 -20.93
CA PHE J 401 75.11 -13.07 -22.16
C PHE J 401 75.36 -12.18 -23.36
N HIS J 402 74.74 -11.00 -23.38
CA HIS J 402 74.98 -10.07 -24.49
C HIS J 402 76.41 -9.57 -24.46
N LEU J 403 76.95 -9.33 -23.27
CA LEU J 403 78.36 -8.97 -23.18
C LEU J 403 79.26 -10.16 -23.52
N LEU J 404 78.78 -11.39 -23.29
CA LEU J 404 79.54 -12.57 -23.68
C LEU J 404 79.67 -12.65 -25.21
N TRP J 405 78.56 -12.43 -25.92
CA TRP J 405 78.66 -12.39 -27.38
C TRP J 405 79.48 -11.19 -27.82
N ALA J 406 79.41 -10.10 -27.06
CA ALA J 406 80.14 -8.89 -27.41
C ALA J 406 81.65 -9.11 -27.35
N ASN J 407 82.16 -9.68 -26.25
CA ASN J 407 83.61 -9.84 -26.20
C ASN J 407 84.06 -11.06 -27.01
N TYR J 408 83.14 -11.99 -27.32
CA TYR J 408 83.47 -12.98 -28.34
C TYR J 408 83.70 -12.30 -29.70
N ALA J 409 82.84 -11.35 -30.06
CA ALA J 409 83.04 -10.59 -31.29
C ALA J 409 84.32 -9.77 -31.23
N LYS J 410 84.61 -9.16 -30.07
CA LYS J 410 85.87 -8.43 -29.89
C LYS J 410 87.07 -9.33 -30.07
N PHE J 411 87.04 -10.54 -29.50
CA PHE J 411 88.15 -11.48 -29.62
C PHE J 411 88.36 -11.90 -31.07
N TYR J 412 87.27 -12.18 -31.78
CA TYR J 412 87.44 -12.61 -33.17
C TYR J 412 87.79 -11.45 -34.09
N GLU J 413 87.41 -10.21 -33.73
CA GLU J 413 87.82 -9.05 -34.52
C GLU J 413 89.30 -8.76 -34.31
N LYS J 414 89.77 -8.83 -33.05
CA LYS J 414 91.19 -8.66 -32.79
C LYS J 414 92.01 -9.83 -33.30
N ALA J 415 91.38 -10.98 -33.56
CA ALA J 415 92.06 -12.05 -34.28
C ALA J 415 92.41 -11.61 -35.70
N GLY J 416 91.51 -10.85 -36.34
CA GLY J 416 91.77 -10.27 -37.64
C GLY J 416 90.90 -10.75 -38.79
N ASP J 417 89.75 -11.36 -38.50
CA ASP J 417 88.86 -11.85 -39.55
C ASP J 417 87.46 -11.27 -39.34
N LEU J 418 86.71 -11.21 -40.44
CA LEU J 418 85.40 -10.57 -40.44
C LEU J 418 84.26 -11.52 -40.82
N ARG J 419 84.49 -12.41 -41.79
CA ARG J 419 83.39 -13.11 -42.44
C ARG J 419 82.74 -14.12 -41.49
N THR J 420 83.54 -15.00 -40.89
CA THR J 420 82.99 -15.97 -39.96
C THR J 420 82.57 -15.31 -38.65
N ALA J 421 83.18 -14.16 -38.32
CA ALA J 421 82.67 -13.34 -37.22
C ALA J 421 81.26 -12.86 -37.52
N ARG J 422 81.03 -12.39 -38.76
CA ARG J 422 79.69 -11.98 -39.16
C ARG J 422 78.72 -13.15 -39.15
N ILE J 423 79.21 -14.35 -39.48
CA ILE J 423 78.36 -15.53 -39.45
C ILE J 423 77.94 -15.86 -38.02
N ILE J 424 78.91 -15.91 -37.09
CA ILE J 424 78.57 -16.30 -35.73
C ILE J 424 77.73 -15.23 -35.04
N MET J 425 77.89 -13.96 -35.44
CA MET J 425 77.05 -12.95 -34.81
C MET J 425 75.70 -12.80 -35.51
N GLU J 426 75.58 -13.26 -36.75
CA GLU J 426 74.25 -13.52 -37.31
C GLU J 426 73.54 -14.60 -36.51
N LYS J 427 74.27 -15.67 -36.15
CA LYS J 427 73.71 -16.68 -35.24
C LYS J 427 73.35 -16.07 -33.89
N ALA J 428 74.14 -15.11 -33.41
CA ALA J 428 73.80 -14.40 -32.18
C ALA J 428 72.50 -13.64 -32.32
N VAL J 429 72.29 -13.01 -33.48
CA VAL J 429 71.00 -12.36 -33.76
C VAL J 429 69.88 -13.38 -33.74
N LYS J 430 70.14 -14.59 -34.23
CA LYS J 430 69.14 -15.66 -34.16
C LYS J 430 68.85 -16.12 -32.73
N VAL J 431 69.72 -15.83 -31.77
CA VAL J 431 69.51 -16.31 -30.41
C VAL J 431 68.37 -15.54 -29.75
N PRO J 432 67.35 -16.23 -29.23
CA PRO J 432 66.28 -15.53 -28.51
C PRO J 432 66.63 -15.23 -27.06
N PHE J 433 67.28 -14.08 -26.82
CA PHE J 433 67.71 -13.73 -25.48
C PHE J 433 66.53 -13.43 -24.57
N LYS J 434 66.82 -13.34 -23.27
CA LYS J 434 65.76 -13.10 -22.28
C LYS J 434 65.21 -11.68 -22.38
N SER J 435 66.06 -10.71 -22.72
CA SER J 435 65.68 -9.31 -22.73
C SER J 435 65.83 -8.76 -24.15
N VAL J 436 64.89 -7.91 -24.53
CA VAL J 436 64.91 -7.30 -25.85
C VAL J 436 66.10 -6.36 -26.00
N ASN J 437 66.58 -5.79 -24.88
CA ASN J 437 67.74 -4.92 -24.92
C ASN J 437 69.00 -5.67 -25.31
N GLU J 438 69.06 -6.98 -25.06
CA GLU J 438 70.20 -7.78 -25.49
C GLU J 438 70.25 -7.90 -27.01
N LEU J 439 69.12 -8.17 -27.65
CA LEU J 439 69.10 -8.25 -29.10
C LEU J 439 69.24 -6.86 -29.72
N ALA J 440 68.80 -5.84 -28.99
CA ALA J 440 69.13 -4.47 -29.34
C ALA J 440 70.63 -4.24 -29.34
N ASP J 441 71.32 -4.77 -28.33
CA ASP J 441 72.77 -4.66 -28.25
C ASP J 441 73.43 -5.36 -29.43
N MET J 442 72.92 -6.54 -29.81
CA MET J 442 73.37 -7.22 -31.03
C MET J 442 73.28 -6.32 -32.26
N TRP J 443 72.12 -5.71 -32.48
CA TRP J 443 71.96 -4.93 -33.70
C TRP J 443 72.83 -3.67 -33.67
N ILE J 444 72.95 -3.03 -32.52
CA ILE J 444 73.78 -1.82 -32.47
C ILE J 444 75.26 -2.17 -32.60
N GLU J 445 75.70 -3.31 -32.06
CA GLU J 445 77.11 -3.65 -32.28
C GLU J 445 77.35 -4.17 -33.69
N TRP J 446 76.33 -4.68 -34.38
CA TRP J 446 76.48 -4.98 -35.80
C TRP J 446 76.72 -3.72 -36.60
N ALA J 447 75.88 -2.71 -36.41
CA ALA J 447 76.10 -1.44 -37.09
C ALA J 447 77.40 -0.79 -36.64
N GLU J 448 77.82 -1.04 -35.40
CA GLU J 448 79.03 -0.42 -34.88
C GLU J 448 80.27 -1.07 -35.49
N MET J 449 80.25 -2.40 -35.62
CA MET J 449 81.28 -3.14 -36.33
C MET J 449 81.37 -2.69 -37.78
N GLU J 450 80.23 -2.44 -38.42
CA GLU J 450 80.26 -1.98 -39.80
C GLU J 450 80.82 -0.57 -39.91
N LEU J 451 80.50 0.32 -38.96
CA LEU J 451 80.96 1.70 -39.09
C LEU J 451 82.42 1.85 -38.72
N ARG J 452 82.97 0.96 -37.89
CA ARG J 452 84.43 1.00 -37.69
C ARG J 452 85.19 0.60 -38.94
N ASN J 453 84.66 -0.34 -39.71
CA ASN J 453 85.34 -0.79 -40.92
C ASN J 453 84.90 -0.01 -42.16
N LYS J 454 84.34 1.19 -41.96
CA LYS J 454 83.96 2.13 -43.02
C LYS J 454 82.97 1.48 -44.00
N ASN J 455 81.85 1.04 -43.46
CA ASN J 455 80.79 0.38 -44.20
C ASN J 455 79.43 0.97 -43.82
N PHE J 456 79.35 2.31 -43.92
CA PHE J 456 78.19 3.04 -43.39
C PHE J 456 76.91 2.65 -44.11
N ASP J 457 76.97 2.51 -45.43
CA ASP J 457 75.81 2.04 -46.18
C ASP J 457 75.44 0.61 -45.79
N GLU J 458 76.45 -0.22 -45.53
CA GLU J 458 76.19 -1.57 -45.04
C GLU J 458 75.53 -1.54 -43.66
N ALA J 459 75.97 -0.63 -42.79
CA ALA J 459 75.35 -0.51 -41.47
C ALA J 459 73.90 -0.05 -41.57
N VAL J 460 73.64 0.87 -42.50
CA VAL J 460 72.27 1.32 -42.76
C VAL J 460 71.42 0.15 -43.23
N ARG J 461 71.97 -0.68 -44.12
CA ARG J 461 71.25 -1.88 -44.58
C ARG J 461 71.01 -2.86 -43.43
N ILE J 462 72.00 -3.03 -42.55
CA ILE J 462 71.86 -3.97 -41.43
C ILE J 462 70.73 -3.54 -40.50
N MET J 463 70.71 -2.28 -40.09
CA MET J 463 69.64 -1.90 -39.18
C MET J 463 68.33 -1.59 -39.89
N ALA J 464 68.33 -1.46 -41.22
CA ALA J 464 67.08 -1.54 -41.95
C ALA J 464 66.52 -2.95 -41.91
N LYS J 465 67.41 -3.95 -41.96
CA LYS J 465 67.00 -5.34 -41.75
C LYS J 465 66.55 -5.58 -40.32
N ALA J 466 67.09 -4.82 -39.37
CA ALA J 466 66.77 -5.02 -37.95
C ALA J 466 65.30 -4.74 -37.67
N THR J 467 64.82 -3.58 -38.05
CA THR J 467 63.45 -3.16 -37.75
C THR J 467 62.55 -3.40 -38.94
N GLN J 468 62.41 -4.68 -39.30
CA GLN J 468 61.54 -5.07 -40.41
C GLN J 468 60.20 -5.48 -39.84
N ALA J 469 59.23 -4.57 -39.90
CA ALA J 469 57.88 -4.82 -39.46
C ALA J 469 56.94 -4.20 -40.47
N PRO J 470 55.72 -4.72 -40.62
CA PRO J 470 54.78 -4.12 -41.58
C PRO J 470 54.30 -2.75 -41.11
N LYS J 471 53.50 -2.12 -41.97
CA LYS J 471 52.96 -0.80 -41.65
C LYS J 471 51.88 -0.85 -40.58
N ARG J 472 51.43 -2.05 -40.18
CA ARG J 472 50.37 -2.19 -39.19
C ARG J 472 50.84 -3.05 -38.03
N SER J 473 52.00 -2.71 -37.48
CA SER J 473 52.53 -3.40 -36.31
C SER J 473 52.00 -2.72 -35.05
N THR J 474 51.49 -3.53 -34.12
CA THR J 474 50.95 -3.00 -32.87
C THR J 474 51.30 -3.85 -31.66
N VAL J 475 52.36 -4.67 -31.74
CA VAL J 475 52.66 -5.62 -30.69
C VAL J 475 53.16 -4.89 -29.44
N ASP J 476 52.93 -5.51 -28.28
CA ASP J 476 53.32 -4.91 -27.02
C ASP J 476 54.80 -5.17 -26.77
N TYR J 477 55.53 -4.10 -26.41
CA TYR J 477 56.95 -4.22 -26.18
C TYR J 477 57.24 -4.99 -24.90
N PHE J 478 56.47 -4.73 -23.84
CA PHE J 478 56.72 -5.33 -22.55
C PHE J 478 56.06 -6.69 -22.37
N ASP J 479 55.37 -7.19 -23.40
CA ASP J 479 54.71 -8.49 -23.32
C ASP J 479 55.75 -9.58 -23.29
N GLU J 480 56.00 -10.14 -22.10
CA GLU J 480 57.01 -11.19 -21.94
C GLU J 480 56.43 -12.57 -22.22
N SER J 481 55.76 -12.69 -23.36
CA SER J 481 55.25 -13.96 -23.85
C SER J 481 55.59 -14.24 -25.30
N LEU J 482 55.94 -13.21 -26.08
CA LEU J 482 56.40 -13.35 -27.44
C LEU J 482 57.92 -13.39 -27.47
N SER J 483 58.46 -13.91 -28.57
CA SER J 483 59.91 -13.92 -28.73
C SER J 483 60.41 -12.50 -28.99
N PRO J 484 61.57 -12.13 -28.43
CA PRO J 484 62.07 -10.77 -28.63
C PRO J 484 62.53 -10.48 -30.06
N GLN J 485 62.61 -11.49 -30.91
CA GLN J 485 62.97 -11.24 -32.31
C GLN J 485 61.91 -10.41 -33.02
N GLN J 486 60.64 -10.53 -32.63
CA GLN J 486 59.58 -9.79 -33.29
C GLN J 486 59.20 -8.51 -32.57
N ARG J 487 59.27 -8.48 -31.24
CA ARG J 487 58.96 -7.27 -30.49
C ARG J 487 60.21 -6.47 -30.17
N VAL J 488 61.01 -6.24 -31.21
CA VAL J 488 62.21 -5.41 -31.10
C VAL J 488 62.17 -4.21 -32.04
N HIS J 489 61.34 -4.23 -33.10
CA HIS J 489 61.22 -3.07 -33.97
C HIS J 489 60.64 -1.87 -33.23
N LYS J 490 59.91 -2.09 -32.14
CA LYS J 490 59.38 -1.01 -31.32
C LYS J 490 60.31 -0.67 -30.15
N SER J 491 61.60 -0.92 -30.29
CA SER J 491 62.57 -0.54 -29.28
C SER J 491 63.19 0.79 -29.64
N TRP J 492 63.22 1.71 -28.68
CA TRP J 492 63.66 3.07 -28.96
C TRP J 492 65.17 3.18 -29.11
N LYS J 493 65.93 2.21 -28.59
CA LYS J 493 67.38 2.26 -28.69
C LYS J 493 67.84 2.10 -30.14
N LEU J 494 67.33 1.08 -30.83
CA LEU J 494 67.69 0.86 -32.22
C LEU J 494 67.30 2.06 -33.07
N TRP J 495 66.10 2.59 -32.85
CA TRP J 495 65.61 3.67 -33.70
C TRP J 495 66.39 4.96 -33.46
N SER J 496 66.73 5.24 -32.20
CA SER J 496 67.50 6.44 -31.90
C SER J 496 68.89 6.38 -32.52
N PHE J 497 69.60 5.26 -32.31
CA PHE J 497 70.94 5.15 -32.86
C PHE J 497 70.91 5.10 -34.38
N TYR J 498 69.90 4.42 -34.93
CA TYR J 498 69.69 4.34 -36.37
C TYR J 498 69.47 5.70 -37.00
N VAL J 499 68.64 6.54 -36.37
CA VAL J 499 68.35 7.79 -37.03
C VAL J 499 69.50 8.78 -36.84
N ASP J 500 70.27 8.64 -35.75
CA ASP J 500 71.50 9.43 -35.66
C ASP J 500 72.51 9.01 -36.72
N LEU J 501 72.62 7.71 -36.98
CA LEU J 501 73.52 7.22 -38.03
C LEU J 501 73.08 7.71 -39.40
N VAL J 502 71.77 7.67 -39.68
CA VAL J 502 71.27 8.12 -40.97
C VAL J 502 71.48 9.62 -41.12
N GLU J 503 71.25 10.38 -40.06
CA GLU J 503 71.45 11.83 -40.11
C GLU J 503 72.91 12.19 -40.34
N SER J 504 73.82 11.47 -39.69
CA SER J 504 75.25 11.74 -39.87
C SER J 504 75.83 11.14 -41.15
N THR J 505 75.11 10.23 -41.81
CA THR J 505 75.64 9.59 -43.01
C THR J 505 74.83 9.94 -44.26
N SER J 506 73.53 9.71 -44.25
CA SER J 506 72.73 9.83 -45.46
C SER J 506 72.23 11.26 -45.62
N SER J 507 71.33 11.46 -46.58
CA SER J 507 70.83 12.79 -46.92
C SER J 507 69.57 13.08 -46.13
N LEU J 508 68.88 14.18 -46.49
CA LEU J 508 67.70 14.60 -45.75
C LEU J 508 66.50 13.73 -46.04
N GLU J 509 66.39 13.21 -47.26
CA GLU J 509 65.21 12.44 -47.64
C GLU J 509 65.09 11.15 -46.85
N GLU J 510 66.21 10.44 -46.67
CA GLU J 510 66.18 9.21 -45.90
C GLU J 510 65.91 9.47 -44.43
N THR J 511 66.45 10.54 -43.87
CA THR J 511 66.18 10.88 -42.47
C THR J 511 64.71 11.25 -42.27
N ARG J 512 64.13 11.98 -43.23
CA ARG J 512 62.70 12.27 -43.16
C ARG J 512 61.88 10.99 -43.25
N LYS J 513 62.30 10.05 -44.10
CA LYS J 513 61.61 8.78 -44.18
C LYS J 513 61.68 8.01 -42.88
N ILE J 514 62.82 8.08 -42.20
CA ILE J 514 62.99 7.30 -40.97
C ILE J 514 62.20 7.93 -39.82
N TYR J 515 62.22 9.25 -39.70
CA TYR J 515 61.28 9.93 -38.79
C TYR J 515 59.82 9.64 -39.12
N GLU J 516 59.47 9.56 -40.40
CA GLU J 516 58.09 9.20 -40.75
C GLU J 516 57.76 7.79 -40.28
N ARG J 517 58.73 6.89 -40.36
CA ARG J 517 58.55 5.55 -39.81
C ARG J 517 58.41 5.58 -38.29
N ILE J 518 59.14 6.48 -37.62
CA ILE J 518 58.98 6.66 -36.18
C ILE J 518 57.55 7.09 -35.85
N PHE J 519 57.04 8.08 -36.58
CA PHE J 519 55.72 8.62 -36.27
C PHE J 519 54.62 7.64 -36.66
N GLU J 520 54.89 6.77 -37.65
CA GLU J 520 53.93 5.72 -37.97
C GLU J 520 53.95 4.63 -36.92
N LEU J 521 55.12 4.32 -36.37
CA LEU J 521 55.25 3.23 -35.41
C LEU J 521 54.64 3.57 -34.06
N ARG J 522 54.33 4.85 -33.83
CA ARG J 522 53.66 5.32 -32.61
C ARG J 522 54.55 5.06 -31.38
N ILE J 523 55.80 5.53 -31.48
CA ILE J 523 56.73 5.50 -30.36
C ILE J 523 57.44 6.85 -30.22
N ALA J 524 56.96 7.86 -30.94
CA ALA J 524 57.64 9.14 -30.95
C ALA J 524 57.43 9.89 -29.65
N THR J 525 58.34 10.78 -29.35
CA THR J 525 58.42 11.55 -28.11
C THR J 525 58.31 13.04 -28.48
N PRO J 526 57.85 13.90 -27.55
CA PRO J 526 57.97 15.35 -27.79
C PRO J 526 59.39 15.79 -28.10
N GLN J 527 60.37 15.16 -27.45
CA GLN J 527 61.76 15.37 -27.82
C GLN J 527 62.01 14.99 -29.27
N THR J 528 61.35 13.94 -29.75
CA THR J 528 61.52 13.54 -31.14
C THR J 528 60.88 14.52 -32.10
N VAL J 529 59.74 15.11 -31.73
CA VAL J 529 59.12 16.13 -32.56
C VAL J 529 60.01 17.36 -32.65
N VAL J 530 60.57 17.78 -31.52
CA VAL J 530 61.49 18.91 -31.50
C VAL J 530 62.74 18.58 -32.32
N ASN J 531 63.18 17.32 -32.29
CA ASN J 531 64.35 16.94 -33.08
C ASN J 531 64.05 16.97 -34.58
N TYR J 532 62.85 16.53 -34.97
CA TYR J 532 62.40 16.65 -36.35
C TYR J 532 62.48 18.09 -36.83
N ALA J 533 61.88 19.00 -36.07
CA ALA J 533 61.83 20.37 -36.55
C ALA J 533 63.18 21.07 -36.43
N ASN J 534 64.02 20.67 -35.48
CA ASN J 534 65.36 21.25 -35.41
C ASN J 534 66.20 20.79 -36.59
N LEU J 535 66.04 19.53 -37.00
CA LEU J 535 66.68 19.06 -38.22
C LEU J 535 66.21 19.84 -39.43
N LEU J 536 64.91 20.15 -39.49
CA LEU J 536 64.40 20.93 -40.61
C LEU J 536 64.89 22.37 -40.56
N GLU J 537 64.99 22.95 -39.37
CA GLU J 537 65.38 24.34 -39.23
C GLU J 537 66.86 24.55 -39.50
N GLU J 538 67.69 23.54 -39.21
CA GLU J 538 69.08 23.63 -39.62
C GLU J 538 69.22 23.64 -41.13
N HIS J 539 68.29 22.99 -41.84
CA HIS J 539 68.26 22.99 -43.29
C HIS J 539 67.29 24.02 -43.85
N HIS J 540 66.84 24.96 -43.00
CA HIS J 540 66.03 26.11 -43.38
C HIS J 540 64.67 25.71 -43.99
N TYR J 541 64.10 24.61 -43.51
CA TYR J 541 62.72 24.25 -43.86
C TYR J 541 61.85 24.66 -42.69
N TYR J 542 61.48 25.94 -42.66
CA TYR J 542 60.74 26.46 -41.51
C TYR J 542 59.27 26.07 -41.55
N GLU J 543 58.66 26.06 -42.74
CA GLU J 543 57.24 25.73 -42.84
C GLU J 543 56.99 24.27 -42.48
N GLU J 544 57.86 23.37 -42.93
CA GLU J 544 57.72 21.97 -42.56
C GLU J 544 57.99 21.75 -41.08
N SER J 545 58.85 22.59 -40.48
CA SER J 545 59.04 22.55 -39.04
C SER J 545 57.78 22.95 -38.30
N PHE J 546 57.08 23.97 -38.79
CA PHE J 546 55.79 24.33 -38.21
C PHE J 546 54.80 23.20 -38.37
N LYS J 547 54.83 22.54 -39.53
CA LYS J 547 53.95 21.41 -39.79
C LYS J 547 54.19 20.27 -38.79
N ILE J 548 55.45 19.97 -38.50
CA ILE J 548 55.70 18.84 -37.62
C ILE J 548 55.47 19.21 -36.14
N TYR J 549 55.74 20.46 -35.72
CA TYR J 549 55.18 20.93 -34.44
C TYR J 549 53.69 20.72 -34.31
N GLU J 550 52.89 21.11 -35.31
CA GLU J 550 51.49 20.95 -34.96
C GLU J 550 50.98 19.54 -35.22
N ARG J 551 51.72 18.73 -35.98
CA ARG J 551 51.43 17.30 -35.99
C ARG J 551 51.69 16.69 -34.62
N GLY J 552 52.80 17.06 -33.98
CA GLY J 552 53.05 16.61 -32.62
C GLY J 552 52.01 17.13 -31.65
N LEU J 553 51.50 18.34 -31.89
CA LEU J 553 50.42 18.89 -31.08
C LEU J 553 49.13 18.10 -31.27
N ASP J 554 48.91 17.59 -32.47
CA ASP J 554 47.77 16.71 -32.69
C ASP J 554 47.94 15.38 -31.97
N LEU J 555 49.17 14.85 -31.92
CA LEU J 555 49.37 13.55 -31.31
C LEU J 555 49.33 13.58 -29.78
N PHE J 556 49.72 14.68 -29.15
CA PHE J 556 49.83 14.76 -27.70
C PHE J 556 48.79 15.72 -27.15
N SER J 557 48.05 15.27 -26.12
CA SER J 557 46.76 15.86 -25.76
C SER J 557 46.84 17.32 -25.31
N TYR J 558 47.36 17.57 -24.11
CA TYR J 558 47.61 18.96 -23.73
C TYR J 558 48.62 19.13 -22.59
N PRO J 559 48.53 18.44 -21.44
CA PRO J 559 49.58 18.63 -20.43
C PRO J 559 50.94 18.17 -20.91
N VAL J 560 50.97 17.29 -21.90
CA VAL J 560 52.18 17.05 -22.67
C VAL J 560 52.43 18.17 -23.68
N ALA J 561 51.36 18.76 -24.21
CA ALA J 561 51.50 19.60 -25.39
C ALA J 561 51.79 21.05 -25.07
N PHE J 562 52.06 21.39 -23.82
CA PHE J 562 52.43 22.77 -23.52
C PHE J 562 53.84 23.08 -24.01
N GLU J 563 54.74 22.10 -23.94
CA GLU J 563 56.12 22.32 -24.36
C GLU J 563 56.20 22.57 -25.85
N LEU J 564 55.46 21.79 -26.62
CA LEU J 564 55.38 21.99 -28.06
C LEU J 564 54.78 23.34 -28.38
N TRP J 565 53.80 23.77 -27.59
CA TRP J 565 53.21 25.08 -27.81
C TRP J 565 54.20 26.19 -27.53
N ASN J 566 55.02 26.02 -26.48
CA ASN J 566 56.06 27.00 -26.19
C ASN J 566 57.01 27.17 -27.36
N LEU J 567 57.58 26.07 -27.83
CA LEU J 567 58.55 26.16 -28.91
C LEU J 567 57.90 26.63 -30.21
N TYR J 568 56.69 26.15 -30.49
CA TYR J 568 56.03 26.46 -31.75
C TYR J 568 55.62 27.93 -31.81
N LEU J 569 55.06 28.46 -30.72
CA LEU J 569 54.65 29.85 -30.72
C LEU J 569 55.86 30.78 -30.72
N THR J 570 56.93 30.39 -30.02
CA THR J 570 58.15 31.19 -30.06
C THR J 570 58.72 31.25 -31.48
N LYS J 571 58.79 30.12 -32.17
CA LYS J 571 59.36 30.15 -33.51
C LYS J 571 58.40 30.77 -34.53
N ALA J 572 57.10 30.69 -34.29
CA ALA J 572 56.15 31.33 -35.20
C ALA J 572 56.20 32.85 -35.08
N VAL J 573 56.32 33.38 -33.86
CA VAL J 573 56.50 34.81 -33.75
C VAL J 573 57.92 35.23 -34.11
N ASP J 574 58.86 34.29 -34.13
CA ASP J 574 60.20 34.59 -34.63
C ASP J 574 60.18 34.79 -36.14
N ARG J 575 59.53 33.89 -36.87
CA ARG J 575 59.55 33.98 -38.32
C ARG J 575 58.65 35.10 -38.87
N LYS J 576 57.67 35.54 -38.08
CA LYS J 576 56.70 36.58 -38.47
C LYS J 576 55.90 36.16 -39.72
N ILE J 577 55.12 35.10 -39.54
CA ILE J 577 54.12 34.66 -40.51
C ILE J 577 52.92 35.60 -40.47
N SER J 578 51.98 35.40 -41.40
CA SER J 578 50.82 36.27 -41.55
C SER J 578 50.01 36.37 -40.26
N ILE J 579 49.39 37.54 -40.07
CA ILE J 579 48.79 37.87 -38.78
C ILE J 579 47.55 37.01 -38.50
N GLU J 580 46.79 36.67 -39.54
CA GLU J 580 45.62 35.83 -39.33
C GLU J 580 46.03 34.40 -39.02
N ARG J 581 47.17 33.96 -39.57
CA ARG J 581 47.71 32.65 -39.24
C ARG J 581 48.09 32.59 -37.77
N LEU J 582 48.73 33.63 -37.25
CA LEU J 582 49.06 33.68 -35.82
C LEU J 582 47.81 33.77 -34.95
N ARG J 583 46.81 34.53 -35.39
CA ARG J 583 45.57 34.63 -34.61
C ARG J 583 44.88 33.28 -34.51
N ASP J 584 44.73 32.58 -35.64
CA ASP J 584 44.14 31.25 -35.60
C ASP J 584 45.01 30.26 -34.85
N LEU J 585 46.34 30.48 -34.86
CA LEU J 585 47.23 29.57 -34.16
C LEU J 585 47.08 29.67 -32.65
N PHE J 586 47.08 30.90 -32.11
CA PHE J 586 46.78 31.04 -30.68
C PHE J 586 45.36 30.63 -30.33
N GLU J 587 44.38 30.87 -31.22
CA GLU J 587 43.04 30.41 -30.89
C GLU J 587 42.96 28.90 -30.87
N GLN J 588 43.78 28.23 -31.67
CA GLN J 588 43.93 26.79 -31.56
C GLN J 588 44.59 26.40 -30.25
N ALA J 589 45.59 27.16 -29.81
CA ALA J 589 46.35 26.79 -28.61
C ALA J 589 45.54 26.99 -27.34
N ILE J 590 44.78 28.08 -27.27
CA ILE J 590 44.03 28.46 -26.08
C ILE J 590 42.81 27.56 -25.84
N THR J 591 42.32 26.90 -26.89
CA THR J 591 41.04 26.19 -26.96
C THR J 591 40.68 25.35 -25.73
N ASP J 592 41.50 24.37 -25.39
CA ASP J 592 41.25 23.50 -24.23
C ASP J 592 42.40 23.51 -23.24
N CYS J 593 42.95 24.68 -22.95
CA CYS J 593 44.14 24.74 -22.12
C CYS J 593 43.77 24.75 -20.64
N PRO J 594 44.55 24.11 -19.78
CA PRO J 594 44.43 24.35 -18.34
C PRO J 594 44.79 25.79 -18.03
N PRO J 595 44.26 26.33 -16.93
CA PRO J 595 44.57 27.72 -16.56
C PRO J 595 46.05 28.00 -16.32
N LYS J 596 46.74 26.99 -15.78
CA LYS J 596 48.15 27.08 -15.42
C LYS J 596 49.05 27.30 -16.63
N PHE J 597 48.57 27.04 -17.83
CA PHE J 597 49.22 27.48 -19.05
C PHE J 597 48.49 28.61 -19.74
N ALA J 598 47.20 28.80 -19.40
CA ALA J 598 46.39 29.87 -19.98
C ALA J 598 46.96 31.23 -19.66
N LYS J 599 47.59 31.35 -18.47
CA LYS J 599 48.22 32.63 -18.11
C LYS J 599 49.27 33.06 -19.13
N VAL J 600 50.22 32.17 -19.43
CA VAL J 600 51.27 32.46 -20.40
C VAL J 600 50.69 32.64 -21.79
N LEU J 601 49.74 31.78 -22.16
CA LEU J 601 49.18 31.78 -23.51
C LEU J 601 48.45 33.07 -23.81
N TYR J 602 47.59 33.51 -22.88
CA TYR J 602 46.89 34.77 -23.05
C TYR J 602 47.84 35.95 -22.96
N LEU J 603 48.89 35.83 -22.14
CA LEU J 603 49.85 36.94 -22.04
C LEU J 603 50.53 37.20 -23.38
N MET J 604 50.97 36.16 -24.07
CA MET J 604 51.50 36.36 -25.42
C MET J 604 50.46 36.66 -26.49
N TYR J 605 49.21 36.19 -26.38
CA TYR J 605 48.29 36.60 -27.42
C TYR J 605 47.90 38.07 -27.27
N GLY J 606 47.75 38.55 -26.05
CA GLY J 606 47.61 39.98 -25.84
C GLY J 606 48.86 40.76 -26.23
N ASN J 607 50.04 40.20 -25.95
CA ASN J 607 51.29 40.87 -26.30
C ASN J 607 51.44 41.03 -27.80
N LEU J 608 51.10 40.00 -28.56
CA LEU J 608 51.20 40.10 -30.00
C LEU J 608 50.11 41.00 -30.56
N GLU J 609 48.93 41.02 -29.94
CA GLU J 609 47.89 41.93 -30.41
C GLU J 609 48.27 43.38 -30.14
N GLU J 610 49.05 43.63 -29.09
CA GLU J 610 49.59 44.98 -28.87
C GLU J 610 50.70 45.30 -29.86
N GLU J 611 51.59 44.33 -30.11
CA GLU J 611 52.76 44.60 -30.93
C GLU J 611 52.42 44.74 -32.41
N ARG J 612 51.59 43.85 -32.95
CA ARG J 612 51.34 43.81 -34.39
C ARG J 612 49.85 43.73 -34.70
N GLY J 613 49.02 44.40 -33.90
CA GLY J 613 47.58 44.39 -34.10
C GLY J 613 46.93 45.63 -33.56
N LEU J 614 45.78 45.47 -32.93
CA LEU J 614 45.01 46.59 -32.43
C LEU J 614 44.89 46.53 -30.91
N ALA J 615 44.75 47.73 -30.31
CA ALA J 615 44.78 47.85 -28.85
C ALA J 615 43.52 47.30 -28.22
N ARG J 616 42.35 47.61 -28.79
CA ARG J 616 41.09 47.12 -28.22
C ARG J 616 40.98 45.61 -28.31
N HIS J 617 41.60 45.01 -29.33
CA HIS J 617 41.76 43.56 -29.37
C HIS J 617 42.50 43.05 -28.15
N ALA J 618 43.65 43.65 -27.84
CA ALA J 618 44.42 43.22 -26.68
C ALA J 618 43.66 43.45 -25.39
N MET J 619 42.84 44.50 -25.34
CA MET J 619 42.02 44.75 -24.15
C MET J 619 41.00 43.65 -23.93
N ARG J 620 40.27 43.26 -24.99
CA ARG J 620 39.27 42.20 -24.81
C ARG J 620 39.93 40.86 -24.52
N ILE J 621 41.15 40.64 -25.04
CA ILE J 621 41.85 39.39 -24.74
C ILE J 621 42.31 39.36 -23.30
N TYR J 622 42.81 40.47 -22.77
CA TYR J 622 43.14 40.51 -21.34
C TYR J 622 41.90 40.35 -20.49
N GLU J 623 40.75 40.82 -20.98
CA GLU J 623 39.50 40.64 -20.24
C GLU J 623 39.13 39.16 -20.13
N ARG J 624 39.09 38.46 -21.26
CA ARG J 624 38.75 37.04 -21.16
C ARG J 624 39.90 36.22 -20.59
N ALA J 625 41.11 36.78 -20.54
CA ALA J 625 42.20 36.16 -19.81
C ALA J 625 41.94 36.19 -18.32
N THR J 626 41.48 37.34 -17.81
CA THR J 626 41.02 37.41 -16.42
C THR J 626 39.87 36.46 -16.18
N ARG J 627 39.01 36.29 -17.19
CA ARG J 627 37.91 35.33 -17.08
C ARG J 627 38.38 33.87 -17.02
N ALA J 628 39.44 33.50 -17.75
CA ALA J 628 39.80 32.09 -17.91
C ALA J 628 41.17 31.74 -17.35
N VAL J 629 41.54 32.29 -16.20
CA VAL J 629 42.81 31.96 -15.55
C VAL J 629 42.46 31.34 -14.20
N ALA J 630 43.46 30.75 -13.55
CA ALA J 630 43.25 30.04 -12.29
C ALA J 630 42.90 31.01 -11.17
N ASP J 631 42.37 30.45 -10.08
CA ASP J 631 41.98 31.25 -8.92
C ASP J 631 43.18 31.89 -8.26
N GLU J 632 44.30 31.18 -8.21
CA GLU J 632 45.46 31.66 -7.47
C GLU J 632 46.14 32.82 -8.16
N ASP J 633 46.01 32.92 -9.48
CA ASP J 633 46.69 33.98 -10.23
C ASP J 633 45.67 34.87 -10.95
N ARG J 634 44.42 34.88 -10.50
CA ARG J 634 43.44 35.78 -11.11
C ARG J 634 43.71 37.22 -10.73
N ALA J 635 44.13 37.45 -9.48
CA ALA J 635 44.39 38.81 -9.01
C ALA J 635 45.55 39.45 -9.75
N ASP J 636 46.62 38.69 -9.99
CA ASP J 636 47.73 39.20 -10.77
C ASP J 636 47.32 39.47 -12.22
N MET J 637 46.35 38.71 -12.73
CA MET J 637 45.90 38.95 -14.10
C MET J 637 45.09 40.23 -14.19
N PHE J 638 44.24 40.50 -13.19
CA PHE J 638 43.60 41.82 -13.13
C PHE J 638 44.62 42.93 -12.91
N ASN J 639 45.71 42.67 -12.18
CA ASN J 639 46.76 43.66 -12.05
C ASN J 639 47.39 44.00 -13.39
N PHE J 640 47.69 42.97 -14.19
CA PHE J 640 48.27 43.20 -15.51
C PHE J 640 47.27 43.91 -16.42
N TYR J 641 46.00 43.52 -16.34
CA TYR J 641 44.95 44.18 -17.12
C TYR J 641 44.82 45.65 -16.75
N ILE J 642 44.86 45.95 -15.45
CA ILE J 642 44.73 47.33 -14.99
C ILE J 642 45.92 48.17 -15.43
N THR J 643 47.14 47.63 -15.28
CA THR J 643 48.33 48.37 -15.68
C THR J 643 48.35 48.60 -17.19
N LYS J 644 47.96 47.60 -17.97
CA LYS J 644 47.96 47.78 -19.42
C LYS J 644 46.86 48.72 -19.89
N SER J 645 45.70 48.71 -19.22
CA SER J 645 44.64 49.64 -19.59
C SER J 645 45.01 51.06 -19.20
N ALA J 646 45.72 51.23 -18.07
CA ALA J 646 46.19 52.55 -17.68
C ALA J 646 47.25 53.06 -18.65
N SER J 647 48.16 52.19 -19.08
CA SER J 647 49.19 52.60 -20.03
C SER J 647 48.59 52.83 -21.41
N ASN J 648 47.48 52.17 -21.72
CA ASN J 648 46.85 52.27 -23.04
C ASN J 648 45.84 53.41 -23.10
N PHE J 649 44.82 53.37 -22.26
CA PHE J 649 43.76 54.36 -22.31
C PHE J 649 43.62 55.10 -21.00
N GLY J 650 42.58 55.92 -20.88
CA GLY J 650 42.35 56.66 -19.66
C GLY J 650 41.88 55.78 -18.53
N LEU J 651 41.96 56.34 -17.31
CA LEU J 651 41.53 55.60 -16.13
C LEU J 651 40.02 55.40 -16.10
N ALA J 652 39.27 56.26 -16.81
CA ALA J 652 37.84 56.04 -16.98
C ALA J 652 37.56 54.73 -17.71
N SER J 653 38.45 54.34 -18.61
CA SER J 653 38.36 53.00 -19.19
C SER J 653 38.73 51.93 -18.19
N THR J 654 39.54 52.26 -17.18
CA THR J 654 39.94 51.26 -16.19
C THR J 654 38.91 51.06 -15.08
N ARG J 655 37.94 51.97 -14.94
CA ARG J 655 36.89 51.74 -13.95
C ARG J 655 36.08 50.46 -14.16
N PRO J 656 35.51 50.16 -15.36
CA PRO J 656 34.69 48.95 -15.49
C PRO J 656 35.42 47.66 -15.17
N ILE J 657 36.73 47.62 -15.46
CA ILE J 657 37.58 46.53 -14.98
C ILE J 657 37.53 46.44 -13.47
N TYR J 658 37.53 47.59 -12.79
CA TYR J 658 37.56 47.57 -11.33
C TYR J 658 36.25 47.03 -10.76
N GLU J 659 35.08 47.52 -11.23
CA GLU J 659 33.88 46.96 -10.61
C GLU J 659 33.61 45.54 -11.06
N ARG J 660 34.08 45.13 -12.24
CA ARG J 660 33.99 43.71 -12.59
C ARG J 660 34.86 42.87 -11.67
N ALA J 661 36.05 43.36 -11.33
CA ALA J 661 36.93 42.63 -10.42
C ALA J 661 36.34 42.54 -9.03
N ILE J 662 35.60 43.58 -8.60
CA ILE J 662 34.90 43.49 -7.32
C ILE J 662 33.77 42.48 -7.42
N ALA J 663 33.09 42.42 -8.57
CA ALA J 663 31.98 41.50 -8.72
C ALA J 663 32.42 40.04 -8.71
N THR J 664 33.58 39.72 -9.28
CA THR J 664 33.92 38.32 -9.49
C THR J 664 34.88 37.73 -8.48
N LEU J 665 35.71 38.53 -7.81
CA LEU J 665 36.81 37.96 -7.05
C LEU J 665 36.36 37.51 -5.66
N PRO J 666 37.08 36.56 -5.07
CA PRO J 666 36.86 36.24 -3.65
C PRO J 666 37.22 37.41 -2.75
N ASP J 667 36.92 37.23 -1.46
CA ASP J 667 36.80 38.36 -0.53
C ASP J 667 38.11 39.10 -0.34
N ASN J 668 39.23 38.38 -0.20
CA ASN J 668 40.51 39.05 0.05
C ASN J 668 40.98 39.82 -1.18
N GLU J 669 40.91 39.19 -2.36
CA GLU J 669 41.29 39.87 -3.58
C GLU J 669 40.32 40.98 -3.92
N ALA J 670 39.02 40.81 -3.62
CA ALA J 670 38.07 41.88 -3.80
C ALA J 670 38.37 43.05 -2.89
N ARG J 671 38.83 42.77 -1.67
CA ARG J 671 39.28 43.83 -0.77
C ARG J 671 40.46 44.59 -1.33
N ASP J 672 41.44 43.86 -1.89
CA ASP J 672 42.61 44.53 -2.47
C ASP J 672 42.23 45.38 -3.68
N MET J 673 41.38 44.84 -4.55
CA MET J 673 40.92 45.60 -5.71
C MET J 673 40.09 46.80 -5.29
N CYS J 674 39.31 46.66 -4.22
CA CYS J 674 38.47 47.74 -3.76
C CYS J 674 39.29 48.85 -3.14
N LEU J 675 40.36 48.48 -2.43
CA LEU J 675 41.29 49.48 -1.90
C LEU J 675 42.01 50.21 -3.02
N LYS J 676 42.42 49.49 -4.07
CA LYS J 676 43.07 50.16 -5.20
C LYS J 676 42.11 51.06 -5.97
N PHE J 677 40.84 50.63 -6.09
CA PHE J 677 39.83 51.46 -6.73
C PHE J 677 39.58 52.73 -5.91
N ALA J 678 39.53 52.61 -4.59
CA ALA J 678 39.40 53.78 -3.73
C ALA J 678 40.61 54.70 -3.87
N ASP J 679 41.81 54.11 -4.00
CA ASP J 679 43.01 54.91 -4.22
C ASP J 679 42.93 55.68 -5.53
N MET J 680 42.45 55.03 -6.59
CA MET J 680 42.34 55.70 -7.88
C MET J 680 41.31 56.83 -7.84
N GLU J 681 40.18 56.58 -7.16
CA GLU J 681 39.16 57.62 -7.05
C GLU J 681 39.61 58.79 -6.18
N LYS J 682 40.41 58.51 -5.14
CA LYS J 682 40.98 59.58 -4.34
C LYS J 682 42.01 60.37 -5.13
N ARG J 683 42.76 59.69 -5.99
CA ARG J 683 43.69 60.36 -6.90
C ARG J 683 42.93 61.27 -7.87
N LEU J 684 41.80 60.81 -8.39
CA LEU J 684 41.03 61.63 -9.31
C LEU J 684 40.29 62.75 -8.59
N GLY J 685 40.03 62.59 -7.29
CA GLY J 685 39.42 63.62 -6.48
C GLY J 685 37.95 63.41 -6.18
N GLU J 686 37.27 62.47 -6.85
CA GLU J 686 35.87 62.20 -6.58
C GLU J 686 35.78 61.32 -5.34
N ILE J 687 35.94 61.94 -4.18
CA ILE J 687 36.03 61.20 -2.93
C ILE J 687 34.68 60.74 -2.40
N ASP J 688 33.57 61.21 -2.99
CA ASP J 688 32.27 60.64 -2.65
C ASP J 688 32.16 59.21 -3.16
N ARG J 689 32.61 58.99 -4.40
CA ARG J 689 32.64 57.64 -4.95
C ARG J 689 33.63 56.76 -4.18
N ALA J 690 34.77 57.32 -3.80
CA ALA J 690 35.73 56.58 -2.99
C ALA J 690 35.15 56.24 -1.63
N ARG J 691 34.33 57.13 -1.07
CA ARG J 691 33.69 56.84 0.22
C ARG J 691 32.66 55.73 0.07
N ALA J 692 31.91 55.72 -1.03
CA ALA J 692 30.98 54.62 -1.28
C ALA J 692 31.73 53.30 -1.47
N ILE J 693 32.86 53.35 -2.16
CA ILE J 693 33.73 52.19 -2.33
C ILE J 693 34.22 51.66 -0.99
N TYR J 694 34.64 52.57 -0.12
CA TYR J 694 35.08 52.19 1.22
C TYR J 694 33.94 51.61 2.03
N GLY J 695 32.72 52.14 1.84
CA GLY J 695 31.56 51.58 2.53
C GLY J 695 31.27 50.15 2.11
N HIS J 696 31.39 49.88 0.81
CA HIS J 696 31.22 48.51 0.32
C HIS J 696 32.29 47.58 0.89
N ALA J 697 33.55 48.04 0.88
CA ALA J 697 34.64 47.24 1.45
C ALA J 697 34.42 46.97 2.92
N SER J 698 33.97 47.97 3.68
CA SER J 698 33.58 47.78 5.06
C SER J 698 32.44 46.80 5.21
N GLN J 699 31.54 46.73 4.23
CA GLN J 699 30.47 45.74 4.27
C GLN J 699 31.03 44.32 4.18
N PHE J 700 32.07 44.09 3.37
CA PHE J 700 32.67 42.74 3.41
C PHE J 700 34.05 42.71 4.09
N CYS J 701 34.24 43.46 5.18
CA CYS J 701 35.46 43.35 5.97
C CYS J 701 35.13 43.23 7.45
N ASP J 702 35.98 42.51 8.19
CA ASP J 702 35.80 42.32 9.62
C ASP J 702 36.74 43.25 10.38
N PRO J 703 36.23 44.05 11.33
CA PRO J 703 37.12 44.95 12.09
C PRO J 703 38.17 44.26 12.94
N ARG J 704 37.83 43.14 13.57
CA ARG J 704 38.74 42.46 14.47
C ARG J 704 39.63 41.44 13.77
N THR J 705 39.54 41.34 12.45
CA THR J 705 40.37 40.43 11.69
C THR J 705 41.14 41.19 10.61
N ASN J 706 40.58 42.31 10.15
CA ASN J 706 41.22 43.16 9.14
C ASN J 706 41.27 44.60 9.64
N PRO J 707 42.19 44.92 10.55
CA PRO J 707 42.22 46.28 11.11
C PRO J 707 42.92 47.29 10.22
N GLU J 708 43.79 46.82 9.32
CA GLU J 708 44.57 47.73 8.48
C GLU J 708 43.68 48.46 7.49
N PHE J 709 42.64 47.80 6.98
CA PHE J 709 41.71 48.47 6.09
C PHE J 709 40.95 49.58 6.81
N TRP J 710 40.54 49.33 8.06
CA TRP J 710 39.85 50.37 8.83
C TRP J 710 40.79 51.51 9.16
N ALA J 711 42.07 51.20 9.41
CA ALA J 711 43.06 52.25 9.61
C ALA J 711 43.22 53.11 8.35
N LYS J 712 43.24 52.47 7.19
CA LYS J 712 43.33 53.21 5.93
C LYS J 712 42.08 54.04 5.67
N TRP J 713 40.90 53.52 6.04
CA TRP J 713 39.68 54.31 5.89
C TRP J 713 39.68 55.52 6.82
N GLU J 714 40.16 55.35 8.06
CA GLU J 714 40.27 56.48 8.97
C GLU J 714 41.29 57.49 8.47
N GLN J 715 42.38 57.02 7.85
CA GLN J 715 43.37 57.92 7.27
C GLN J 715 42.77 58.71 6.10
N PHE J 716 41.96 58.05 5.27
CA PHE J 716 41.29 58.75 4.18
C PHE J 716 40.28 59.76 4.73
N GLU J 717 39.62 59.42 5.83
CA GLU J 717 38.65 60.34 6.41
C GLU J 717 39.32 61.54 7.06
N VAL J 718 40.48 61.37 7.67
CA VAL J 718 41.14 62.52 8.28
C VAL J 718 41.79 63.38 7.20
N GLN J 719 42.21 62.80 6.08
CA GLN J 719 42.61 63.65 4.97
C GLN J 719 41.41 64.23 4.25
N HIS J 720 40.33 63.46 4.10
CA HIS J 720 39.14 63.90 3.37
C HIS J 720 37.90 63.40 4.12
N GLY J 721 37.30 64.28 4.92
CA GLY J 721 36.09 63.94 5.62
C GLY J 721 35.79 64.98 6.69
N ASN J 722 34.67 64.77 7.36
CA ASN J 722 34.24 65.67 8.42
C ASN J 722 33.83 64.88 9.66
N GLU J 723 33.24 65.56 10.65
CA GLU J 723 32.77 64.86 11.83
C GLU J 723 31.54 64.01 11.53
N ASP J 724 30.73 64.41 10.54
CA ASP J 724 29.54 63.64 10.20
C ASP J 724 29.92 62.34 9.50
N THR J 725 30.85 62.41 8.54
CA THR J 725 31.32 61.19 7.90
C THR J 725 32.09 60.31 8.87
N PHE J 726 32.79 60.91 9.81
CA PHE J 726 33.48 60.13 10.83
C PHE J 726 32.49 59.40 11.73
N LYS J 727 31.40 60.07 12.11
CA LYS J 727 30.36 59.41 12.89
C LYS J 727 29.70 58.30 12.08
N GLU J 728 29.52 58.52 10.77
CA GLU J 728 29.00 57.48 9.91
C GLU J 728 29.94 56.28 9.87
N MET J 729 31.25 56.52 9.87
CA MET J 729 32.19 55.41 9.78
C MET J 729 32.24 54.66 11.11
N LEU J 730 32.12 55.36 12.24
CA LEU J 730 31.93 54.67 13.53
C LEU J 730 30.65 53.83 13.54
N ARG J 731 29.55 54.37 13.00
CA ARG J 731 28.29 53.64 12.99
C ARG J 731 28.39 52.38 12.15
N VAL J 732 29.03 52.48 10.98
CA VAL J 732 29.19 51.33 10.11
C VAL J 732 30.14 50.30 10.75
N LYS J 733 31.19 50.78 11.43
CA LYS J 733 32.09 49.86 12.12
C LYS J 733 31.38 49.11 13.23
N ARG J 734 30.57 49.80 14.03
CA ARG J 734 29.84 49.15 15.10
C ARG J 734 28.82 48.17 14.55
N SER J 735 28.12 48.53 13.48
CA SER J 735 27.12 47.63 12.90
C SER J 735 27.77 46.39 12.29
N VAL J 736 28.91 46.56 11.61
CA VAL J 736 29.58 45.41 11.01
C VAL J 736 30.19 44.52 12.09
N GLN J 737 30.79 45.12 13.12
CA GLN J 737 31.34 44.35 14.23
C GLN J 737 30.25 43.58 14.96
N ALA J 738 29.06 44.18 15.08
CA ALA J 738 27.94 43.47 15.67
C ALA J 738 27.45 42.35 14.76
N LYS J 739 27.50 42.56 13.45
CA LYS J 739 27.05 41.54 12.50
C LYS J 739 27.94 40.30 12.55
N TYR J 740 29.24 40.49 12.65
CA TYR J 740 30.17 39.37 12.62
C TYR J 740 30.36 38.73 13.98
N ASN J 741 29.43 38.89 14.92
CA ASN J 741 29.50 38.21 16.21
C ASN J 741 28.87 36.82 16.15
N THR J 742 29.22 36.03 15.15
CA THR J 742 28.76 34.65 15.12
C THR J 742 29.79 33.76 15.82
N ASP J 743 29.42 32.50 16.01
CA ASP J 743 30.32 31.58 16.69
C ASP J 743 31.54 31.26 15.83
N VAL J 744 31.33 31.01 14.53
CA VAL J 744 32.43 30.65 13.65
C VAL J 744 33.36 31.84 13.42
N ASN J 745 32.81 33.06 13.38
CA ASN J 745 33.66 34.22 13.18
C ASN J 745 34.43 34.58 14.45
N PHE J 746 33.84 34.36 15.62
CA PHE J 746 34.59 34.49 16.87
C PHE J 746 35.72 33.47 16.94
N ILE J 747 35.45 32.23 16.48
CA ILE J 747 36.46 31.19 16.45
C ILE J 747 37.61 31.59 15.52
N ALA J 748 37.28 32.12 14.35
CA ALA J 748 38.31 32.58 13.42
C ALA J 748 39.09 33.75 13.98
N SER J 749 38.41 34.67 14.66
CA SER J 749 39.08 35.84 15.23
C SER J 749 40.07 35.43 16.31
N GLN J 750 39.66 34.54 17.22
CA GLN J 750 40.58 34.08 18.25
C GLN J 750 41.70 33.23 17.68
N ALA J 751 41.42 32.46 16.63
CA ALA J 751 42.44 31.65 15.99
C ALA J 751 43.54 32.53 15.37
N LEU J 752 43.13 33.57 14.65
CA LEU J 752 44.14 34.48 14.07
C LEU J 752 44.82 35.32 15.13
N ALA J 753 44.10 35.68 16.20
CA ALA J 753 44.69 36.49 17.27
C ALA J 753 45.78 35.72 18.00
N ARG J 754 45.55 34.44 18.29
CA ARG J 754 46.61 33.65 18.90
C ARG J 754 47.60 33.09 17.88
N SER J 755 47.28 33.15 16.58
CA SER J 755 48.23 32.76 15.57
C SER J 755 49.28 33.83 15.32
N GLN J 756 48.90 35.10 15.36
CA GLN J 756 49.88 36.16 15.11
C GLN J 756 50.87 36.32 16.25
N MET J 757 50.54 35.84 17.44
CA MET J 757 51.48 35.89 18.56
C MET J 757 52.30 34.60 18.64
N ASN K 12 23.27 33.99 47.25
CA ASN K 12 24.23 34.67 46.39
C ASN K 12 23.58 35.00 45.06
N LYS K 13 22.98 36.19 44.98
CA LYS K 13 22.25 36.60 43.79
C LYS K 13 23.13 37.28 42.76
N ALA K 14 24.44 37.06 42.79
CA ALA K 14 25.30 37.50 41.71
C ALA K 14 25.04 36.63 40.48
N PRO K 15 25.17 37.20 39.27
CA PRO K 15 24.93 36.41 38.06
C PRO K 15 25.91 35.25 37.93
N ALA K 16 25.40 34.12 37.46
CA ALA K 16 26.21 32.92 37.38
C ALA K 16 27.24 33.04 36.26
N PRO K 17 28.46 32.52 36.46
CA PRO K 17 29.45 32.53 35.37
C PRO K 17 29.03 31.72 34.17
N ILE K 18 28.17 30.73 34.35
CA ILE K 18 27.62 29.93 33.28
C ILE K 18 26.12 30.13 33.24
N GLN K 19 25.59 30.45 32.07
CA GLN K 19 24.16 30.58 31.86
C GLN K 19 23.67 29.45 30.97
N ILE K 20 22.55 28.83 31.35
CA ILE K 20 22.04 27.68 30.64
C ILE K 20 21.52 28.11 29.27
N SER K 21 21.51 27.17 28.32
CA SER K 21 20.87 27.35 27.04
C SER K 21 19.92 26.20 26.80
N ALA K 22 19.01 26.38 25.83
CA ALA K 22 18.01 25.35 25.55
C ALA K 22 18.64 24.09 24.99
N GLU K 23 19.80 24.22 24.34
CA GLU K 23 20.49 23.03 23.86
C GLU K 23 21.07 22.23 25.01
N GLN K 24 21.38 22.88 26.13
CA GLN K 24 21.75 22.14 27.32
C GLN K 24 20.57 21.35 27.85
N LEU K 25 19.37 21.93 27.80
CA LEU K 25 18.15 21.22 28.17
C LEU K 25 17.94 20.00 27.29
N LEU K 26 18.14 20.16 25.99
CA LEU K 26 17.94 19.04 25.07
C LEU K 26 18.99 17.96 25.26
N ARG K 27 20.24 18.36 25.51
CA ARG K 27 21.29 17.39 25.77
C ARG K 27 21.02 16.61 27.06
N GLU K 28 20.57 17.29 28.11
CA GLU K 28 20.25 16.60 29.34
C GLU K 28 19.02 15.73 29.20
N ALA K 29 18.09 16.10 28.33
CA ALA K 29 16.94 15.25 28.05
C ALA K 29 17.37 13.97 27.34
N VAL K 30 18.31 14.08 26.40
CA VAL K 30 18.80 12.89 25.71
C VAL K 30 19.58 12.00 26.67
N ASP K 31 20.39 12.60 27.55
CA ASP K 31 21.31 11.84 28.39
C ASP K 31 20.59 10.92 29.35
N ARG K 32 19.48 11.37 29.93
CA ARG K 32 18.68 10.55 30.82
C ARG K 32 17.42 10.02 30.14
N GLN K 33 17.55 9.63 28.88
CA GLN K 33 16.51 8.91 28.16
C GLN K 33 16.79 7.41 28.22
N GLN K 42 19.27 -16.04 24.91
CA GLN K 42 18.28 -17.11 24.86
C GLN K 42 18.83 -18.34 24.17
N ARG K 43 18.73 -19.48 24.84
CA ARG K 43 19.30 -20.73 24.38
C ARG K 43 18.19 -21.77 24.26
N PHE K 44 18.16 -22.48 23.12
CA PHE K 44 17.14 -23.50 22.88
C PHE K 44 17.66 -24.86 23.34
N ALA K 45 16.90 -25.51 24.22
CA ALA K 45 17.30 -26.80 24.76
C ALA K 45 16.86 -27.97 23.90
N ASP K 46 15.73 -27.85 23.22
CA ASP K 46 15.20 -28.96 22.43
C ASP K 46 14.54 -28.40 21.17
N LEU K 47 13.87 -29.28 20.44
CA LEU K 47 13.12 -28.84 19.26
C LEU K 47 11.84 -28.13 19.65
N GLU K 48 11.30 -28.42 20.83
CA GLU K 48 10.01 -27.83 21.21
C GLU K 48 10.15 -26.35 21.51
N GLU K 49 11.25 -25.96 22.17
CA GLU K 49 11.50 -24.54 22.42
C GLU K 49 11.73 -23.79 21.12
N LEU K 50 12.44 -24.43 20.18
CA LEU K 50 12.63 -23.85 18.86
C LEU K 50 11.30 -23.68 18.14
N LYS K 51 10.42 -24.68 18.24
CA LYS K 51 9.13 -24.61 17.57
C LYS K 51 8.25 -23.52 18.17
N GLU K 52 8.30 -23.34 19.49
CA GLU K 52 7.55 -22.27 20.13
C GLU K 52 8.10 -20.90 19.75
N TYR K 53 9.42 -20.77 19.68
CA TYR K 53 10.03 -19.51 19.24
C TYR K 53 9.66 -19.20 17.79
N GLN K 54 9.69 -20.21 16.92
CA GLN K 54 9.30 -20.03 15.53
C GLN K 54 7.82 -19.71 15.40
N GLY K 55 6.99 -20.26 16.29
CA GLY K 55 5.60 -19.87 16.34
C GLY K 55 5.40 -18.40 16.68
N ARG K 56 6.15 -17.91 17.67
CA ARG K 56 6.08 -16.48 18.00
C ARG K 56 6.50 -15.61 16.83
N LYS K 57 7.62 -15.97 16.19
CA LYS K 57 8.16 -15.12 15.14
C LYS K 57 7.27 -15.14 13.91
N ARG K 58 6.73 -16.32 13.56
CA ARG K 58 5.80 -16.40 12.45
C ARG K 58 4.52 -15.65 12.73
N ARG K 59 4.02 -15.72 13.96
CA ARG K 59 2.80 -14.98 14.30
C ARG K 59 3.02 -13.48 14.19
N GLU K 60 4.15 -12.99 14.70
CA GLU K 60 4.44 -11.56 14.63
C GLU K 60 4.63 -11.10 13.19
N PHE K 61 5.38 -11.87 12.39
CA PHE K 61 5.62 -11.49 11.01
C PHE K 61 4.34 -11.52 10.19
N GLU K 62 3.48 -12.52 10.39
CA GLU K 62 2.23 -12.59 9.65
C GLU K 62 1.25 -11.52 10.12
N ASP K 63 1.29 -11.16 11.40
CA ASP K 63 0.50 -10.03 11.89
C ASP K 63 0.88 -8.75 11.20
N TYR K 64 2.18 -8.53 10.99
CA TYR K 64 2.58 -7.30 10.32
C TYR K 64 2.37 -7.36 8.82
N ILE K 65 2.40 -8.55 8.23
CA ILE K 65 1.96 -8.71 6.85
C ILE K 65 0.50 -8.32 6.72
N ARG K 66 -0.33 -8.77 7.65
CA ARG K 66 -1.75 -8.48 7.58
C ARG K 66 -2.06 -7.02 7.88
N ARG K 67 -1.23 -6.36 8.71
CA ARG K 67 -1.47 -4.95 9.02
C ARG K 67 -1.09 -4.02 7.87
N ASN K 68 0.06 -4.25 7.22
CA ASN K 68 0.50 -3.44 6.09
C ASN K 68 1.15 -4.36 5.06
N ARG K 69 0.34 -4.81 4.09
CA ARG K 69 0.88 -5.69 3.05
C ARG K 69 1.70 -4.94 2.01
N LEU K 70 1.57 -3.61 1.94
CA LEU K 70 2.31 -2.86 0.92
C LEU K 70 3.68 -2.40 1.38
N ARG K 71 4.01 -2.58 2.63
CA ARG K 71 5.38 -2.34 3.08
C ARG K 71 6.21 -3.55 2.74
N LEU K 72 7.26 -3.34 1.96
CA LEU K 72 8.10 -4.45 1.52
C LEU K 72 9.00 -4.98 2.62
N GLN K 73 9.29 -4.16 3.64
CA GLN K 73 10.19 -4.60 4.70
C GLN K 73 9.60 -5.75 5.49
N ASN K 74 8.27 -5.81 5.61
CA ASN K 74 7.64 -6.93 6.31
C ASN K 74 7.89 -8.24 5.59
N TRP K 75 7.66 -8.27 4.27
CA TRP K 75 7.93 -9.46 3.48
C TRP K 75 9.40 -9.82 3.47
N PHE K 76 10.27 -8.81 3.35
CA PHE K 76 11.72 -9.04 3.29
C PHE K 76 12.25 -9.60 4.59
N GLN K 77 11.83 -9.03 5.73
CA GLN K 77 12.31 -9.52 7.02
C GLN K 77 11.76 -10.89 7.33
N TYR K 78 10.50 -11.15 6.96
CA TYR K 78 9.93 -12.48 7.19
C TYR K 78 10.65 -13.53 6.38
N ALA K 79 10.91 -13.24 5.11
CA ALA K 79 11.58 -14.21 4.25
C ALA K 79 13.04 -14.39 4.66
N GLN K 80 13.71 -13.30 5.07
CA GLN K 80 15.09 -13.40 5.54
C GLN K 80 15.18 -14.23 6.80
N TRP K 81 14.26 -14.02 7.74
CA TRP K 81 14.25 -14.80 8.97
C TRP K 81 13.98 -16.26 8.70
N GLU K 82 13.08 -16.56 7.77
CA GLU K 82 12.81 -17.97 7.47
C GLU K 82 13.97 -18.61 6.74
N LEU K 83 14.72 -17.84 5.95
CA LEU K 83 15.94 -18.37 5.36
C LEU K 83 16.98 -18.69 6.43
N GLU K 84 17.11 -17.82 7.43
CA GLU K 84 18.07 -18.05 8.49
C GLU K 84 17.70 -19.26 9.35
N GLN K 85 16.43 -19.67 9.35
CA GLN K 85 16.01 -20.91 9.98
C GLN K 85 16.19 -22.11 9.06
N LYS K 86 16.75 -21.90 7.87
CA LYS K 86 16.91 -22.93 6.83
C LYS K 86 15.57 -23.56 6.45
N GLU K 87 14.51 -22.76 6.50
CA GLU K 87 13.20 -23.14 6.00
C GLU K 87 13.10 -22.59 4.59
N PHE K 88 13.41 -23.41 3.61
CA PHE K 88 13.49 -22.91 2.25
C PHE K 88 12.13 -22.88 1.56
N ALA K 89 11.27 -23.87 1.82
CA ALA K 89 9.94 -23.85 1.23
C ALA K 89 9.13 -22.68 1.76
N ARG K 90 9.23 -22.40 3.06
CA ARG K 90 8.51 -21.29 3.65
C ARG K 90 9.05 -19.95 3.13
N ALA K 91 10.37 -19.83 2.97
CA ALA K 91 10.94 -18.61 2.43
C ALA K 91 10.50 -18.38 1.00
N ARG K 92 10.47 -19.44 0.20
CA ARG K 92 9.97 -19.33 -1.17
C ARG K 92 8.51 -18.94 -1.19
N SER K 93 7.72 -19.50 -0.26
CA SER K 93 6.31 -19.12 -0.18
C SER K 93 6.12 -17.65 0.16
N ILE K 94 6.92 -17.13 1.09
CA ILE K 94 6.81 -15.73 1.47
C ILE K 94 7.19 -14.83 0.32
N PHE K 95 8.26 -15.18 -0.40
CA PHE K 95 8.66 -14.38 -1.55
C PHE K 95 7.61 -14.44 -2.65
N GLU K 96 7.00 -15.61 -2.87
CA GLU K 96 5.99 -15.74 -3.92
C GLU K 96 4.73 -14.96 -3.58
N ARG K 97 4.32 -14.96 -2.32
CA ARG K 97 3.19 -14.14 -1.91
C ARG K 97 3.49 -12.65 -2.01
N ALA K 98 4.72 -12.26 -1.68
CA ALA K 98 5.12 -10.86 -1.86
C ALA K 98 5.09 -10.48 -3.33
N LEU K 99 5.51 -11.38 -4.20
CA LEU K 99 5.39 -11.17 -5.64
C LEU K 99 3.94 -11.11 -6.10
N ASP K 100 3.04 -11.82 -5.43
CA ASP K 100 1.62 -11.63 -5.72
C ASP K 100 1.17 -10.22 -5.40
N VAL K 101 1.61 -9.69 -4.26
CA VAL K 101 1.19 -8.35 -3.86
C VAL K 101 1.89 -7.28 -4.68
N HIS K 102 3.18 -7.46 -4.96
CA HIS K 102 4.00 -6.52 -5.73
C HIS K 102 4.63 -7.21 -6.93
N PRO K 103 3.89 -7.39 -8.03
CA PRO K 103 4.43 -8.19 -9.14
C PRO K 103 5.56 -7.55 -9.92
N ASN K 104 5.58 -6.22 -10.06
CA ASN K 104 6.54 -5.56 -10.94
C ASN K 104 7.63 -4.85 -10.16
N ASN K 105 7.91 -5.30 -8.95
CA ASN K 105 8.91 -4.68 -8.11
C ASN K 105 10.27 -5.31 -8.41
N THR K 106 11.22 -4.50 -8.84
CA THR K 106 12.53 -5.02 -9.22
C THR K 106 13.35 -5.40 -8.00
N GLN K 107 13.24 -4.62 -6.93
CA GLN K 107 13.97 -4.91 -5.70
C GLN K 107 13.55 -6.25 -5.10
N LEU K 108 12.25 -6.54 -5.10
CA LEU K 108 11.75 -7.80 -4.58
C LEU K 108 12.22 -8.98 -5.43
N TRP K 109 12.19 -8.80 -6.76
CA TRP K 109 12.66 -9.84 -7.66
C TRP K 109 14.13 -10.15 -7.43
N ILE K 110 14.95 -9.11 -7.30
CA ILE K 110 16.39 -9.31 -7.09
C ILE K 110 16.65 -9.95 -5.74
N ARG K 111 15.86 -9.56 -4.73
CA ARG K 111 16.03 -10.16 -3.41
C ARG K 111 15.69 -11.64 -3.43
N TYR K 112 14.66 -12.03 -4.17
CA TYR K 112 14.28 -13.44 -4.18
C TYR K 112 15.27 -14.27 -5.00
N ILE K 113 15.78 -13.69 -6.10
CA ILE K 113 16.81 -14.37 -6.90
C ILE K 113 18.09 -14.53 -6.09
N GLU K 114 18.55 -13.47 -5.43
CA GLU K 114 19.79 -13.54 -4.65
C GLU K 114 19.62 -14.41 -3.42
N ALA K 115 18.44 -14.45 -2.83
CA ALA K 115 18.19 -15.32 -1.70
C ALA K 115 18.25 -16.78 -2.12
N GLU K 116 17.88 -17.09 -3.36
CA GLU K 116 18.05 -18.46 -3.83
C GLU K 116 19.38 -18.73 -4.48
N LEU K 117 20.19 -17.70 -4.76
CA LEU K 117 21.53 -17.93 -5.27
C LEU K 117 22.54 -18.13 -4.15
N LYS K 118 22.33 -17.47 -3.00
CA LYS K 118 23.21 -17.63 -1.86
C LYS K 118 23.17 -19.03 -1.28
N ASN K 119 22.12 -19.80 -1.58
CA ASN K 119 21.95 -21.15 -1.08
C ASN K 119 22.14 -22.19 -2.17
N ARG K 120 22.85 -21.83 -3.24
CA ARG K 120 23.28 -22.72 -4.32
C ARG K 120 22.12 -23.37 -5.07
N ASN K 121 20.92 -22.79 -5.01
CA ASN K 121 19.78 -23.32 -5.73
C ASN K 121 19.79 -22.70 -7.13
N ILE K 122 20.68 -23.24 -7.96
CA ILE K 122 20.95 -22.64 -9.26
C ILE K 122 19.78 -22.83 -10.22
N ASN K 123 19.20 -24.03 -10.25
CA ASN K 123 18.08 -24.27 -11.14
C ASN K 123 16.86 -23.45 -10.73
N HIS K 124 16.62 -23.36 -9.41
CA HIS K 124 15.57 -22.49 -8.89
C HIS K 124 15.79 -21.05 -9.32
N ALA K 125 17.01 -20.55 -9.16
CA ALA K 125 17.30 -19.16 -9.47
C ALA K 125 17.25 -18.88 -10.96
N ARG K 126 17.56 -19.86 -11.79
CA ARG K 126 17.44 -19.64 -13.22
C ARG K 126 15.98 -19.63 -13.67
N ASN K 127 15.14 -20.45 -13.04
CA ASN K 127 13.69 -20.32 -13.24
C ASN K 127 13.21 -18.94 -12.84
N LEU K 128 13.69 -18.45 -11.70
CA LEU K 128 13.33 -17.12 -11.22
C LEU K 128 13.74 -16.04 -12.20
N LEU K 129 14.95 -16.15 -12.74
CA LEU K 129 15.43 -15.13 -13.66
C LEU K 129 14.68 -15.15 -14.98
N ASP K 130 14.32 -16.35 -15.48
CA ASP K 130 13.47 -16.41 -16.66
C ASP K 130 12.11 -15.78 -16.41
N ARG K 131 11.50 -16.07 -15.25
CA ARG K 131 10.22 -15.45 -14.89
C ARG K 131 10.36 -13.95 -14.72
N ALA K 132 11.49 -13.48 -14.19
CA ALA K 132 11.69 -12.06 -13.94
C ALA K 132 11.83 -11.29 -15.23
N VAL K 133 12.66 -11.78 -16.16
CA VAL K 133 12.82 -11.08 -17.43
C VAL K 133 11.70 -11.39 -18.39
N THR K 134 10.82 -12.33 -18.06
CA THR K 134 9.57 -12.45 -18.80
C THR K 134 8.55 -11.43 -18.30
N ARG K 135 8.43 -11.28 -16.98
CA ARG K 135 7.50 -10.32 -16.41
C ARG K 135 7.92 -8.89 -16.74
N LEU K 136 9.20 -8.60 -16.61
CA LEU K 136 9.69 -7.23 -16.74
C LEU K 136 10.73 -7.17 -17.85
N PRO K 137 10.31 -7.17 -19.11
CA PRO K 137 11.28 -7.26 -20.21
C PRO K 137 12.09 -6.01 -20.45
N ARG K 138 11.66 -4.85 -19.96
CA ARG K 138 12.32 -3.59 -20.23
C ARG K 138 13.05 -3.04 -19.01
N VAL K 139 13.38 -3.90 -18.06
CA VAL K 139 14.15 -3.52 -16.88
C VAL K 139 15.55 -4.05 -17.09
N SER K 140 16.52 -3.15 -17.20
CA SER K 140 17.87 -3.54 -17.60
C SER K 140 18.60 -4.26 -16.48
N LYS K 141 18.21 -4.02 -15.23
CA LYS K 141 18.91 -4.61 -14.11
C LYS K 141 18.71 -6.11 -14.05
N LEU K 142 17.50 -6.57 -14.34
CA LEU K 142 17.22 -8.00 -14.30
C LEU K 142 17.96 -8.73 -15.41
N TRP K 143 18.02 -8.13 -16.60
CA TRP K 143 18.77 -8.72 -17.71
C TRP K 143 20.26 -8.75 -17.41
N TYR K 144 20.81 -7.64 -16.92
CA TYR K 144 22.19 -7.62 -16.44
C TYR K 144 22.46 -8.67 -15.38
N LYS K 145 21.55 -8.86 -14.45
CA LYS K 145 21.80 -9.86 -13.42
C LYS K 145 21.78 -11.26 -14.02
N TYR K 146 20.94 -11.48 -15.03
CA TYR K 146 20.85 -12.81 -15.61
C TYR K 146 22.09 -13.11 -16.45
N VAL K 147 22.57 -12.13 -17.20
CA VAL K 147 23.79 -12.35 -17.99
C VAL K 147 25.01 -12.48 -17.07
N TYR K 148 25.04 -11.75 -15.96
CA TYR K 148 26.17 -11.85 -15.04
C TYR K 148 26.16 -13.19 -14.32
N VAL K 149 24.98 -13.66 -13.92
CA VAL K 149 24.88 -14.96 -13.26
C VAL K 149 25.28 -16.07 -14.22
N MET K 150 24.86 -15.95 -15.48
CA MET K 150 25.22 -16.97 -16.45
C MET K 150 26.71 -16.95 -16.78
N GLU K 151 27.33 -15.77 -16.76
CA GLU K 151 28.77 -15.72 -17.03
C GLU K 151 29.59 -16.18 -15.84
N MET K 152 29.12 -15.95 -14.61
CA MET K 152 29.87 -16.42 -13.46
C MET K 152 29.73 -17.92 -13.24
N LEU K 153 28.74 -18.56 -13.85
CA LEU K 153 28.60 -20.00 -13.75
C LEU K 153 29.39 -20.75 -14.81
N GLY K 154 30.06 -20.02 -15.71
CA GLY K 154 30.88 -20.64 -16.72
C GLY K 154 30.17 -20.98 -18.01
N ASP K 155 28.85 -20.84 -18.06
CA ASP K 155 28.09 -21.19 -19.27
C ASP K 155 28.11 -20.01 -20.21
N ILE K 156 29.17 -19.94 -21.01
CA ILE K 156 29.23 -18.92 -22.08
C ILE K 156 28.13 -19.11 -23.12
N PRO K 157 27.79 -20.32 -23.59
CA PRO K 157 26.59 -20.43 -24.44
C PRO K 157 25.30 -20.02 -23.74
N GLY K 158 25.19 -20.22 -22.43
CA GLY K 158 24.03 -19.70 -21.72
C GLY K 158 23.99 -18.19 -21.70
N THR K 159 25.15 -17.56 -21.48
CA THR K 159 25.22 -16.10 -21.53
C THR K 159 24.88 -15.58 -22.91
N ARG K 160 25.33 -16.29 -23.95
CA ARG K 160 24.99 -15.90 -25.31
C ARG K 160 23.51 -16.06 -25.60
N GLN K 161 22.86 -17.09 -25.07
CA GLN K 161 21.42 -17.23 -25.37
C GLN K 161 20.60 -16.20 -24.60
N VAL K 162 21.02 -15.85 -23.38
CA VAL K 162 20.33 -14.80 -22.64
C VAL K 162 20.50 -13.46 -23.35
N PHE K 163 21.71 -13.17 -23.81
CA PHE K 163 21.94 -11.95 -24.57
C PHE K 163 21.15 -11.95 -25.88
N ASP K 164 20.99 -13.11 -26.50
CA ASP K 164 20.22 -13.18 -27.74
C ASP K 164 18.75 -12.84 -27.52
N ARG K 165 18.17 -13.36 -26.43
CA ARG K 165 16.80 -12.99 -26.08
C ARG K 165 16.69 -11.49 -25.78
N TRP K 166 17.67 -10.95 -25.06
CA TRP K 166 17.63 -9.53 -24.75
C TRP K 166 17.72 -8.68 -26.01
N MET K 167 18.60 -9.07 -26.94
CA MET K 167 18.74 -8.32 -28.18
C MET K 167 17.50 -8.46 -29.04
N LYS K 168 16.79 -9.57 -28.88
CA LYS K 168 15.47 -9.73 -29.49
C LYS K 168 14.54 -8.65 -28.97
N TRP K 169 14.66 -8.33 -27.68
CA TRP K 169 13.76 -7.32 -27.12
C TRP K 169 14.10 -5.89 -27.51
N GLU K 170 15.15 -5.65 -28.31
CA GLU K 170 15.65 -4.35 -28.76
C GLU K 170 15.96 -3.40 -27.61
N PRO K 171 17.02 -3.65 -26.85
CA PRO K 171 17.33 -2.82 -25.69
C PRO K 171 18.09 -1.56 -26.02
N ASP K 172 18.54 -0.84 -24.98
CA ASP K 172 19.27 0.40 -25.16
C ASP K 172 20.70 0.12 -25.62
N GLU K 173 21.49 1.20 -25.71
CA GLU K 173 22.82 1.10 -26.28
C GLU K 173 23.77 0.32 -25.39
N ASP K 174 23.61 0.45 -24.08
CA ASP K 174 24.52 -0.18 -23.14
C ASP K 174 24.44 -1.70 -23.18
N ALA K 175 23.28 -2.25 -23.53
CA ALA K 175 23.14 -3.70 -23.59
C ALA K 175 23.87 -4.28 -24.79
N TRP K 176 23.74 -3.65 -25.95
CA TRP K 176 24.48 -4.07 -27.12
C TRP K 176 25.98 -3.91 -26.90
N ASN K 177 26.38 -2.81 -26.24
CA ASN K 177 27.77 -2.62 -25.90
C ASN K 177 28.29 -3.72 -24.98
N ALA K 178 27.49 -4.12 -23.99
CA ALA K 178 27.90 -5.20 -23.09
C ALA K 178 28.05 -6.52 -23.83
N TYR K 179 27.14 -6.80 -24.77
CA TYR K 179 27.24 -8.03 -25.55
C TYR K 179 28.51 -8.06 -26.40
N ILE K 180 28.82 -6.92 -27.02
CA ILE K 180 30.01 -6.82 -27.83
C ILE K 180 31.27 -6.95 -26.97
N LYS K 181 31.28 -6.34 -25.79
CA LYS K 181 32.44 -6.49 -24.91
C LYS K 181 32.59 -7.93 -24.44
N LEU K 182 31.49 -8.66 -24.26
CA LEU K 182 31.58 -10.09 -23.97
C LEU K 182 32.28 -10.84 -25.09
N GLU K 183 31.81 -10.66 -26.33
CA GLU K 183 32.40 -11.42 -27.42
C GLU K 183 33.81 -10.96 -27.74
N LYS K 184 34.17 -9.73 -27.43
CA LYS K 184 35.55 -9.29 -27.56
C LYS K 184 36.42 -9.83 -26.43
N ARG K 185 35.84 -10.04 -25.25
CA ARG K 185 36.59 -10.69 -24.17
C ARG K 185 36.93 -12.11 -24.55
N TYR K 186 36.01 -12.83 -25.19
CA TYR K 186 36.29 -14.22 -25.49
C TYR K 186 36.86 -14.45 -26.88
N GLY K 187 36.94 -13.43 -27.72
CA GLY K 187 37.73 -13.51 -28.92
C GLY K 187 36.99 -13.86 -30.21
N GLU K 188 35.70 -14.16 -30.16
CA GLU K 188 34.95 -14.37 -31.40
C GLU K 188 34.62 -13.02 -32.01
N TYR K 189 35.57 -12.51 -32.80
CA TYR K 189 35.43 -11.17 -33.36
C TYR K 189 34.41 -11.13 -34.49
N GLU K 190 34.23 -12.23 -35.22
CA GLU K 190 33.21 -12.25 -36.26
C GLU K 190 31.81 -12.20 -35.66
N ARG K 191 31.63 -12.83 -34.50
CA ARG K 191 30.34 -12.75 -33.82
C ARG K 191 30.06 -11.32 -33.36
N ALA K 192 31.09 -10.64 -32.84
CA ALA K 192 30.93 -9.23 -32.48
C ALA K 192 30.66 -8.36 -33.70
N ARG K 193 31.23 -8.72 -34.86
CA ARG K 193 30.90 -8.00 -36.09
C ARG K 193 29.43 -8.16 -36.45
N GLN K 194 28.89 -9.37 -36.28
CA GLN K 194 27.46 -9.58 -36.53
C GLN K 194 26.61 -8.77 -35.55
N ILE K 195 27.08 -8.64 -34.30
CA ILE K 195 26.34 -7.86 -33.33
C ILE K 195 26.36 -6.37 -33.68
N PHE K 196 27.49 -5.85 -34.18
CA PHE K 196 27.46 -4.50 -34.75
C PHE K 196 26.53 -4.36 -35.94
N ALA K 197 26.42 -5.38 -36.78
CA ALA K 197 25.48 -5.28 -37.89
C ALA K 197 24.06 -5.07 -37.36
N ALA K 198 23.64 -5.90 -36.42
CA ALA K 198 22.30 -5.73 -35.83
C ALA K 198 22.19 -4.44 -35.01
N TYR K 199 23.27 -4.03 -34.37
CA TYR K 199 23.25 -2.84 -33.51
C TYR K 199 23.10 -1.57 -34.32
N THR K 200 23.82 -1.46 -35.43
CA THR K 200 23.62 -0.33 -36.33
C THR K 200 22.26 -0.40 -37.00
N GLN K 201 21.70 -1.61 -37.15
CA GLN K 201 20.32 -1.70 -37.63
C GLN K 201 19.36 -1.09 -36.62
N VAL K 202 19.53 -1.41 -35.34
CA VAL K 202 18.57 -0.99 -34.32
C VAL K 202 18.76 0.46 -33.93
N HIS K 203 20.01 0.85 -33.61
CA HIS K 203 20.34 2.23 -33.26
C HIS K 203 21.14 2.81 -34.42
N PRO K 204 20.53 3.54 -35.34
CA PRO K 204 21.26 4.03 -36.50
C PRO K 204 21.91 5.39 -36.29
N GLU K 205 22.07 5.77 -35.04
CA GLU K 205 22.74 7.03 -34.70
C GLU K 205 24.21 6.95 -35.12
N PRO K 206 24.85 8.11 -35.35
CA PRO K 206 26.26 8.08 -35.75
C PRO K 206 27.19 7.49 -34.72
N ARG K 207 26.80 7.45 -33.44
CA ARG K 207 27.66 6.89 -32.40
C ARG K 207 27.91 5.41 -32.62
N THR K 208 26.88 4.67 -33.01
CA THR K 208 27.06 3.23 -33.25
C THR K 208 27.91 2.98 -34.48
N TRP K 209 27.74 3.78 -35.52
CA TRP K 209 28.59 3.65 -36.70
C TRP K 209 30.05 3.96 -36.37
N LEU K 210 30.28 4.99 -35.57
CA LEU K 210 31.65 5.33 -35.18
C LEU K 210 32.25 4.24 -34.30
N LYS K 211 31.45 3.65 -33.43
CA LYS K 211 31.95 2.56 -32.60
C LYS K 211 32.29 1.35 -33.44
N TRP K 212 31.48 1.06 -34.46
CA TRP K 212 31.80 -0.02 -35.38
C TRP K 212 33.07 0.27 -36.17
N ALA K 213 33.26 1.53 -36.57
CA ALA K 213 34.45 1.91 -37.31
C ALA K 213 35.70 1.76 -36.45
N LYS K 214 35.62 2.15 -35.18
CA LYS K 214 36.74 1.97 -34.26
C LYS K 214 37.04 0.50 -34.03
N PHE K 215 36.00 -0.32 -33.87
CA PHE K 215 36.18 -1.74 -33.68
C PHE K 215 36.84 -2.39 -34.88
N GLU K 216 36.41 -2.02 -36.09
CA GLU K 216 37.02 -2.61 -37.28
C GLU K 216 38.41 -2.06 -37.54
N GLU K 217 38.68 -0.83 -37.08
CA GLU K 217 40.03 -0.29 -37.15
C GLU K 217 40.99 -1.10 -36.30
N GLU K 218 40.57 -1.48 -35.11
CA GLU K 218 41.49 -2.18 -34.23
C GLU K 218 41.51 -3.70 -34.47
N PHE K 219 40.38 -4.30 -34.87
CA PHE K 219 40.28 -5.74 -35.07
C PHE K 219 39.91 -6.13 -36.50
N GLY K 220 40.40 -5.41 -37.50
CA GLY K 220 40.05 -5.78 -38.85
C GLY K 220 40.80 -4.96 -39.88
N THR K 221 40.60 -5.31 -41.14
CA THR K 221 41.32 -4.67 -42.22
C THR K 221 40.77 -3.28 -42.50
N ALA K 222 41.59 -2.48 -43.20
CA ALA K 222 41.18 -1.11 -43.54
C ALA K 222 40.05 -1.09 -44.56
N ASP K 223 39.92 -2.14 -45.36
CA ASP K 223 38.79 -2.23 -46.28
C ASP K 223 37.48 -2.33 -45.51
N MET K 224 37.49 -3.06 -44.40
CA MET K 224 36.30 -3.15 -43.56
C MET K 224 35.92 -1.80 -42.98
N VAL K 225 36.92 -1.01 -42.55
CA VAL K 225 36.64 0.31 -42.00
C VAL K 225 36.11 1.24 -43.07
N ARG K 226 36.68 1.17 -44.27
CA ARG K 226 36.18 1.99 -45.37
C ARG K 226 34.76 1.63 -45.74
N ASP K 227 34.45 0.32 -45.75
CA ASP K 227 33.10 -0.12 -46.05
C ASP K 227 32.12 0.33 -44.98
N VAL K 228 32.53 0.26 -43.70
CA VAL K 228 31.67 0.70 -42.60
C VAL K 228 31.39 2.18 -42.70
N PHE K 229 32.42 2.99 -42.98
CA PHE K 229 32.22 4.43 -43.08
C PHE K 229 31.35 4.80 -44.27
N GLN K 230 31.56 4.16 -45.41
CA GLN K 230 30.73 4.43 -46.59
C GLN K 230 29.28 4.02 -46.35
N SER K 231 29.08 2.89 -45.67
CA SER K 231 27.73 2.46 -45.32
C SER K 231 27.07 3.46 -44.37
N ALA K 232 27.83 3.99 -43.42
CA ALA K 232 27.28 4.97 -42.48
C ALA K 232 26.84 6.23 -43.20
N ILE K 233 27.69 6.78 -44.07
CA ILE K 233 27.34 7.97 -44.82
C ILE K 233 26.14 7.72 -45.70
N GLN K 234 26.13 6.58 -46.40
CA GLN K 234 25.04 6.26 -47.31
C GLN K 234 23.71 6.14 -46.56
N TYR K 235 23.71 5.40 -45.45
CA TYR K 235 22.46 5.15 -44.73
C TYR K 235 21.95 6.43 -44.08
N ILE K 236 22.83 7.20 -43.44
CA ILE K 236 22.37 8.37 -42.72
C ILE K 236 21.91 9.46 -43.67
N ALA K 237 22.60 9.63 -44.80
CA ALA K 237 22.13 10.60 -45.78
C ALA K 237 20.91 10.09 -46.53
N GLU K 238 20.70 8.78 -46.59
CA GLU K 238 19.52 8.24 -47.26
C GLU K 238 18.28 8.42 -46.42
N THR K 239 18.36 8.12 -45.12
CA THR K 239 17.17 8.13 -44.27
C THR K 239 16.84 9.54 -43.80
N LEU K 240 17.75 10.16 -43.05
CA LEU K 240 17.48 11.47 -42.46
C LEU K 240 17.56 12.59 -43.47
N GLY K 241 18.07 12.36 -44.67
CA GLY K 241 18.28 13.41 -45.63
C GLY K 241 19.76 13.66 -45.87
N ASP K 242 20.06 14.10 -47.09
CA ASP K 242 21.46 14.23 -47.52
C ASP K 242 22.18 15.35 -46.78
N ASP K 243 21.48 16.43 -46.45
CA ASP K 243 22.09 17.48 -45.65
C ASP K 243 22.09 17.18 -44.16
N ALA K 244 21.44 16.09 -43.76
CA ALA K 244 21.28 15.76 -42.34
C ALA K 244 22.35 14.80 -41.84
N VAL K 245 23.38 14.51 -42.64
CA VAL K 245 24.44 13.62 -42.19
C VAL K 245 25.31 14.35 -41.17
N ASP K 246 25.77 13.61 -40.17
CA ASP K 246 26.57 14.20 -39.10
C ASP K 246 27.97 14.53 -39.58
N GLU K 247 28.53 15.62 -39.06
CA GLU K 247 29.88 16.00 -39.43
C GLU K 247 30.91 15.08 -38.78
N ARG K 248 30.59 14.48 -37.64
CA ARG K 248 31.55 13.64 -36.93
C ARG K 248 31.88 12.38 -37.71
N LEU K 249 30.97 11.92 -38.57
CA LEU K 249 31.28 10.81 -39.45
C LEU K 249 32.41 11.18 -40.41
N PHE K 250 32.31 12.35 -41.04
CA PHE K 250 33.36 12.81 -41.94
C PHE K 250 34.65 13.09 -41.18
N ILE K 251 34.54 13.58 -39.95
CA ILE K 251 35.71 13.83 -39.12
C ILE K 251 36.46 12.53 -38.86
N ALA K 252 35.74 11.50 -38.41
CA ALA K 252 36.39 10.24 -38.07
C ALA K 252 36.91 9.53 -39.31
N PHE K 253 36.17 9.62 -40.42
CA PHE K 253 36.62 8.99 -41.67
C PHE K 253 37.88 9.66 -42.21
N ALA K 254 37.92 10.99 -42.19
CA ALA K 254 39.10 11.70 -42.66
C ALA K 254 40.29 11.48 -41.76
N ARG K 255 40.06 11.43 -40.44
CA ARG K 255 41.17 11.16 -39.52
C ARG K 255 41.66 9.72 -39.64
N PHE K 256 40.77 8.79 -40.00
CA PHE K 256 41.21 7.42 -40.24
C PHE K 256 42.05 7.32 -41.49
N GLU K 257 41.62 7.95 -42.57
CA GLU K 257 42.42 7.93 -43.80
C GLU K 257 43.72 8.69 -43.63
N THR K 258 43.73 9.68 -42.74
CA THR K 258 44.98 10.29 -42.32
C THR K 258 45.86 9.30 -41.57
N ARG K 259 45.26 8.49 -40.69
CA ARG K 259 46.02 7.51 -39.92
C ARG K 259 46.60 6.41 -40.80
N GLN K 260 45.95 6.13 -41.94
CA GLN K 260 46.51 5.21 -42.92
C GLN K 260 47.47 5.89 -43.88
N LYS K 261 47.73 7.19 -43.68
CA LYS K 261 48.61 8.01 -44.51
C LYS K 261 48.16 8.07 -45.96
N GLU K 262 46.87 7.88 -46.23
CA GLU K 262 46.30 8.16 -47.54
C GLU K 262 45.86 9.61 -47.52
N TYR K 263 46.80 10.50 -47.82
CA TYR K 263 46.62 11.90 -47.48
C TYR K 263 45.63 12.56 -48.41
N GLU K 264 45.73 12.24 -49.70
CA GLU K 264 44.84 12.81 -50.72
C GLU K 264 43.41 12.33 -50.52
N ARG K 265 43.24 11.09 -50.09
CA ARG K 265 41.91 10.58 -49.78
C ARG K 265 41.29 11.35 -48.62
N ALA K 266 42.09 11.66 -47.60
CA ALA K 266 41.60 12.45 -46.48
C ALA K 266 41.23 13.85 -46.92
N ARG K 267 42.02 14.43 -47.82
CA ARG K 267 41.65 15.72 -48.41
C ARG K 267 40.34 15.63 -49.17
N ALA K 268 40.11 14.51 -49.85
CA ALA K 268 38.86 14.31 -50.58
C ALA K 268 37.67 14.25 -49.63
N ILE K 269 37.80 13.51 -48.51
CA ILE K 269 36.73 13.45 -47.51
C ILE K 269 36.45 14.83 -46.96
N TYR K 270 37.51 15.57 -46.61
CA TYR K 270 37.34 16.90 -46.02
C TYR K 270 36.66 17.85 -46.99
N LYS K 271 37.07 17.84 -48.26
CA LYS K 271 36.48 18.74 -49.24
C LYS K 271 35.03 18.37 -49.54
N PHE K 272 34.75 17.07 -49.65
CA PHE K 272 33.37 16.64 -49.90
C PHE K 272 32.47 16.99 -48.73
N GLY K 273 32.98 16.87 -47.51
CA GLY K 273 32.20 17.28 -46.35
C GLY K 273 31.96 18.77 -46.31
N LEU K 274 32.98 19.56 -46.67
CA LEU K 274 32.81 21.00 -46.67
C LEU K 274 31.94 21.48 -47.83
N ASP K 275 31.74 20.66 -48.85
CA ASP K 275 30.85 21.05 -49.94
C ASP K 275 29.39 20.78 -49.58
N ASN K 276 29.05 19.53 -49.35
CA ASN K 276 27.64 19.13 -49.20
C ASN K 276 27.18 19.10 -47.74
N LEU K 277 27.42 20.19 -47.03
CA LEU K 277 26.92 20.40 -45.67
C LEU K 277 26.57 21.87 -45.51
N PRO K 278 25.61 22.20 -44.64
CA PRO K 278 25.34 23.61 -44.34
C PRO K 278 26.49 24.23 -43.59
N ARG K 279 26.58 25.56 -43.68
CA ARG K 279 27.64 26.29 -42.99
C ARG K 279 27.46 26.27 -41.48
N SER K 280 26.22 26.09 -41.01
CA SER K 280 25.96 26.08 -39.59
C SER K 280 26.27 24.75 -38.93
N ARG K 281 26.59 23.72 -39.71
CA ARG K 281 26.86 22.39 -39.17
C ARG K 281 28.20 21.83 -39.64
N SER K 282 29.11 22.69 -40.10
CA SER K 282 30.40 22.23 -40.57
C SER K 282 31.54 23.02 -39.93
N MET K 283 31.27 23.74 -38.84
CA MET K 283 32.31 24.54 -38.22
C MET K 283 33.38 23.67 -37.59
N GLN K 284 32.98 22.56 -36.95
CA GLN K 284 33.96 21.61 -36.44
C GLN K 284 34.70 20.92 -37.59
N LEU K 285 33.98 20.58 -38.66
CA LEU K 285 34.61 20.03 -39.85
C LEU K 285 35.58 21.01 -40.48
N HIS K 286 35.19 22.29 -40.55
CA HIS K 286 36.09 23.30 -41.09
C HIS K 286 37.34 23.47 -40.23
N ALA K 287 37.18 23.45 -38.90
CA ALA K 287 38.32 23.60 -38.02
C ALA K 287 39.28 22.43 -38.14
N GLN K 288 38.74 21.21 -38.20
CA GLN K 288 39.61 20.05 -38.37
C GLN K 288 40.26 20.05 -39.75
N TYR K 289 39.57 20.58 -40.77
CA TYR K 289 40.19 20.74 -42.07
C TYR K 289 41.35 21.72 -42.04
N THR K 290 41.18 22.84 -41.34
CA THR K 290 42.29 23.79 -41.23
C THR K 290 43.47 23.19 -40.50
N THR K 291 43.20 22.41 -39.44
CA THR K 291 44.26 21.73 -38.72
C THR K 291 44.99 20.75 -39.64
N PHE K 292 44.26 19.96 -40.40
CA PHE K 292 44.89 19.00 -41.30
C PHE K 292 45.66 19.70 -42.40
N GLU K 293 45.13 20.80 -42.93
CA GLU K 293 45.79 21.46 -44.06
C GLU K 293 47.07 22.15 -43.65
N LYS K 294 47.03 22.91 -42.56
CA LYS K 294 48.29 23.51 -42.14
C LYS K 294 49.14 22.56 -41.31
N GLN K 295 48.71 21.30 -41.17
CA GLN K 295 49.54 20.25 -40.59
C GLN K 295 50.28 19.48 -41.68
N PHE K 296 49.61 19.21 -42.80
CA PHE K 296 50.10 18.30 -43.84
C PHE K 296 50.14 18.90 -45.24
N GLY K 297 49.41 19.96 -45.52
CA GLY K 297 49.37 20.53 -46.85
C GLY K 297 50.54 21.46 -47.12
N ASP K 298 50.47 22.11 -48.27
CA ASP K 298 51.48 23.07 -48.69
C ASP K 298 51.14 24.47 -48.16
N LYS K 299 51.97 25.44 -48.56
CA LYS K 299 51.79 26.80 -48.07
C LYS K 299 50.52 27.45 -48.61
N GLU K 300 50.26 27.28 -49.91
CA GLU K 300 49.08 27.89 -50.51
C GLU K 300 47.80 27.31 -49.93
N GLY K 301 47.76 25.98 -49.74
CA GLY K 301 46.58 25.36 -49.16
C GLY K 301 46.36 25.76 -47.71
N VAL K 302 47.45 25.85 -46.93
CA VAL K 302 47.35 26.25 -45.53
C VAL K 302 46.85 27.69 -45.44
N GLU K 303 47.37 28.56 -46.30
CA GLU K 303 46.90 29.94 -46.32
C GLU K 303 45.44 30.04 -46.72
N ASP K 304 45.01 29.23 -47.70
CA ASP K 304 43.62 29.25 -48.13
C ASP K 304 42.69 28.76 -47.03
N VAL K 305 43.06 27.68 -46.34
CA VAL K 305 42.20 27.14 -45.28
C VAL K 305 42.12 28.11 -44.11
N VAL K 306 43.26 28.69 -43.71
CA VAL K 306 43.25 29.66 -42.61
C VAL K 306 42.45 30.90 -43.01
N LEU K 307 42.54 31.30 -44.27
CA LEU K 307 41.77 32.46 -44.74
C LEU K 307 40.27 32.17 -44.71
N THR K 308 39.86 30.97 -45.11
CA THR K 308 38.45 30.62 -45.07
C THR K 308 37.91 30.58 -43.64
N LYS K 309 38.68 29.98 -42.72
CA LYS K 309 38.26 29.93 -41.32
C LYS K 309 38.19 31.33 -40.71
N ARG K 310 39.20 32.16 -40.99
CA ARG K 310 39.21 33.52 -40.45
C ARG K 310 38.08 34.36 -41.03
N ARG K 311 37.79 34.18 -42.32
CA ARG K 311 36.68 34.92 -42.92
C ARG K 311 35.34 34.51 -42.32
N ARG K 312 35.15 33.21 -42.08
CA ARG K 312 33.91 32.76 -41.44
C ARG K 312 33.79 33.29 -40.03
N LEU K 313 34.89 33.26 -39.25
CA LEU K 313 34.86 33.76 -37.89
C LEU K 313 34.60 35.27 -37.85
N TYR K 314 35.21 36.02 -38.76
CA TYR K 314 35.01 37.46 -38.81
C TYR K 314 33.59 37.80 -39.24
N GLU K 315 33.01 37.02 -40.17
CA GLU K 315 31.62 37.23 -40.56
C GLU K 315 30.68 36.96 -39.40
N GLU K 316 30.94 35.90 -38.63
CA GLU K 316 30.12 35.61 -37.46
C GLU K 316 30.22 36.71 -36.41
N GLN K 317 31.44 37.22 -36.19
CA GLN K 317 31.63 38.31 -35.24
C GLN K 317 30.95 39.59 -35.72
N VAL K 318 30.97 39.86 -37.03
CA VAL K 318 30.33 41.05 -37.57
C VAL K 318 28.81 40.93 -37.47
N LYS K 319 28.27 39.72 -37.68
CA LYS K 319 26.84 39.52 -37.49
C LYS K 319 26.45 39.63 -36.02
N GLU K 320 27.34 39.25 -35.11
CA GLU K 320 27.05 39.36 -33.68
C GLU K 320 26.98 40.83 -33.25
N ASN K 321 27.85 41.67 -33.79
CA ASN K 321 27.88 43.10 -33.46
C ASN K 321 28.39 43.85 -34.67
N PRO K 322 27.48 44.50 -35.43
CA PRO K 322 27.92 45.25 -36.61
C PRO K 322 28.62 46.55 -36.28
N LYS K 323 28.59 47.00 -35.04
CA LYS K 323 29.21 48.25 -34.63
C LYS K 323 30.70 48.11 -34.34
N ASN K 324 31.23 46.90 -34.29
CA ASN K 324 32.65 46.68 -34.02
C ASN K 324 33.44 47.03 -35.28
N TYR K 325 33.88 48.29 -35.35
CA TYR K 325 34.63 48.73 -36.52
C TYR K 325 36.01 48.11 -36.57
N ASP K 326 36.56 47.71 -35.42
CA ASP K 326 37.85 47.02 -35.41
C ASP K 326 37.76 45.66 -36.10
N VAL K 327 36.67 44.94 -35.86
CA VAL K 327 36.46 43.65 -36.51
C VAL K 327 36.29 43.83 -38.02
N TRP K 328 35.59 44.90 -38.42
CA TRP K 328 35.43 45.19 -39.84
C TRP K 328 36.76 45.54 -40.49
N PHE K 329 37.60 46.29 -39.78
CA PHE K 329 38.93 46.61 -40.29
C PHE K 329 39.80 45.37 -40.43
N ASP K 330 39.71 44.47 -39.43
CA ASP K 330 40.48 43.23 -39.51
C ASP K 330 39.99 42.34 -40.65
N PHE K 331 38.67 42.27 -40.86
CA PHE K 331 38.13 41.48 -41.97
C PHE K 331 38.54 42.07 -43.31
N ALA K 332 38.54 43.40 -43.41
CA ALA K 332 38.99 44.04 -44.64
C ALA K 332 40.47 43.79 -44.88
N ARG K 333 41.28 43.79 -43.82
CA ARG K 333 42.70 43.48 -43.97
C ARG K 333 42.92 42.04 -44.42
N LEU K 334 42.11 41.11 -43.88
CA LEU K 334 42.20 39.72 -44.32
C LEU K 334 41.80 39.57 -45.78
N GLU K 335 40.76 40.29 -46.21
CA GLU K 335 40.36 40.24 -47.61
C GLU K 335 41.43 40.85 -48.51
N GLU K 336 42.07 41.93 -48.06
CA GLU K 336 43.14 42.56 -48.84
C GLU K 336 44.34 41.64 -48.97
N MET K 337 44.68 40.93 -47.89
CA MET K 337 45.76 39.95 -47.97
C MET K 337 45.36 38.76 -48.83
N GLY K 338 44.07 38.46 -48.91
CA GLY K 338 43.62 37.35 -49.74
C GLY K 338 43.84 37.61 -51.23
N GLY K 339 43.69 38.86 -51.66
CA GLY K 339 43.93 39.21 -53.04
C GLY K 339 42.70 39.24 -53.93
N ASP K 340 41.50 39.13 -53.36
CA ASP K 340 40.29 39.19 -54.16
C ASP K 340 39.77 40.62 -54.19
N PRO K 341 39.78 41.29 -55.35
CA PRO K 341 39.31 42.68 -55.37
C PRO K 341 37.81 42.81 -55.22
N ASP K 342 37.04 41.84 -55.75
CA ASP K 342 35.58 41.88 -55.59
C ASP K 342 35.19 41.71 -54.13
N ARG K 343 35.85 40.79 -53.43
CA ARG K 343 35.58 40.59 -52.01
C ARG K 343 35.97 41.82 -51.19
N VAL K 344 37.10 42.44 -51.54
CA VAL K 344 37.54 43.66 -50.84
C VAL K 344 36.55 44.79 -51.06
N ARG K 345 36.06 44.95 -52.30
CA ARG K 345 35.08 45.98 -52.59
C ARG K 345 33.76 45.71 -51.87
N GLU K 346 33.34 44.46 -51.81
CA GLU K 346 32.10 44.11 -51.10
C GLU K 346 32.23 44.38 -49.60
N VAL K 347 33.39 44.06 -49.02
CA VAL K 347 33.61 44.30 -47.60
C VAL K 347 33.67 45.80 -47.32
N TYR K 348 34.30 46.57 -48.21
CA TYR K 348 34.36 48.02 -48.03
C TYR K 348 32.98 48.64 -48.13
N GLU K 349 32.15 48.15 -49.07
CA GLU K 349 30.79 48.66 -49.20
C GLU K 349 29.95 48.30 -47.98
N ARG K 350 30.11 47.08 -47.46
CA ARG K 350 29.38 46.66 -46.27
C ARG K 350 29.79 47.48 -45.05
N ALA K 351 31.08 47.79 -44.93
CA ALA K 351 31.53 48.64 -43.84
C ALA K 351 31.06 50.08 -44.00
N ILE K 352 31.01 50.57 -45.23
CA ILE K 352 30.53 51.93 -45.48
C ILE K 352 29.03 52.03 -45.18
N ALA K 353 28.28 50.96 -45.41
CA ALA K 353 26.85 50.96 -45.13
C ALA K 353 26.57 51.07 -43.63
N GLN K 354 27.48 50.57 -42.79
CA GLN K 354 27.33 50.67 -41.35
C GLN K 354 27.81 52.06 -40.91
N VAL K 355 26.92 53.03 -41.08
CA VAL K 355 27.26 54.42 -40.73
C VAL K 355 27.26 54.57 -39.21
N PRO K 356 28.06 55.45 -38.64
CA PRO K 356 28.06 55.65 -37.19
C PRO K 356 26.81 56.40 -36.75
N PRO K 357 26.03 55.85 -35.82
CA PRO K 357 24.82 56.55 -35.40
C PRO K 357 25.09 57.75 -34.52
N THR K 358 26.00 57.63 -33.56
CA THR K 358 26.33 58.74 -32.70
C THR K 358 27.20 59.75 -33.43
N GLN K 359 27.12 61.01 -32.98
CA GLN K 359 27.93 62.09 -33.53
C GLN K 359 29.19 62.33 -32.69
N GLU K 360 29.70 61.29 -32.04
CA GLU K 360 30.90 61.43 -31.23
C GLU K 360 32.14 61.59 -32.11
N LYS K 361 33.16 62.23 -31.55
CA LYS K 361 34.40 62.44 -32.27
C LYS K 361 35.12 61.13 -32.52
N ARG K 362 35.07 60.21 -31.56
CA ARG K 362 35.77 58.93 -31.70
C ARG K 362 35.13 58.05 -32.76
N HIS K 363 33.79 57.99 -32.79
CA HIS K 363 33.10 57.18 -33.79
C HIS K 363 33.31 57.73 -35.20
N TRP K 364 33.24 59.06 -35.34
CA TRP K 364 33.50 59.69 -36.62
C TRP K 364 34.95 59.49 -37.06
N ARG K 365 35.88 59.53 -36.10
CA ARG K 365 37.29 59.28 -36.41
C ARG K 365 37.51 57.84 -36.87
N ARG K 366 36.84 56.88 -36.22
CA ARG K 366 36.96 55.48 -36.62
C ARG K 366 36.38 55.26 -38.02
N TYR K 367 35.21 55.86 -38.30
CA TYR K 367 34.61 55.72 -39.62
C TYR K 367 35.47 56.38 -40.69
N ILE K 368 36.05 57.53 -40.38
CA ILE K 368 36.92 58.21 -41.34
C ILE K 368 38.20 57.42 -41.58
N PHE K 369 38.72 56.78 -40.53
CA PHE K 369 39.90 55.93 -40.69
C PHE K 369 39.60 54.71 -41.55
N LEU K 370 38.41 54.13 -41.36
CA LEU K 370 37.99 53.01 -42.21
C LEU K 370 37.85 53.44 -43.67
N PHE K 371 37.27 54.62 -43.90
CA PHE K 371 37.13 55.13 -45.26
C PHE K 371 38.48 55.41 -45.88
N LEU K 372 39.41 55.97 -45.11
CA LEU K 372 40.76 56.24 -45.62
C LEU K 372 41.50 54.95 -45.93
N PHE K 373 41.35 53.93 -45.08
CA PHE K 373 41.98 52.64 -45.35
C PHE K 373 41.41 51.99 -46.61
N TYR K 374 40.09 52.08 -46.79
CA TYR K 374 39.46 51.54 -48.00
C TYR K 374 39.93 52.26 -49.26
N ALA K 375 40.04 53.59 -49.17
CA ALA K 375 40.54 54.36 -50.31
C ALA K 375 42.00 54.03 -50.61
N ILE K 376 42.81 53.83 -49.57
CA ILE K 376 44.22 53.51 -49.77
C ILE K 376 44.35 52.11 -50.39
N TRP K 377 43.51 51.18 -49.97
CA TRP K 377 43.52 49.84 -50.57
C TRP K 377 43.06 49.89 -52.03
N GLU K 378 42.08 50.74 -52.33
CA GLU K 378 41.62 50.87 -53.72
C GLU K 378 42.71 51.51 -54.59
N GLU K 379 43.42 52.50 -54.06
CA GLU K 379 44.44 53.18 -54.86
C GLU K 379 45.68 52.32 -55.05
N LYS K 380 46.13 51.65 -53.98
CA LYS K 380 47.38 50.91 -54.04
C LYS K 380 47.24 49.60 -54.79
N ASP K 381 46.09 48.94 -54.70
CA ASP K 381 45.91 47.61 -55.28
C ASP K 381 45.02 47.63 -56.51
N ALA K 382 43.79 48.16 -56.39
CA ALA K 382 42.86 48.16 -57.51
C ALA K 382 43.26 49.18 -58.57
N LYS K 383 44.03 50.21 -58.21
CA LYS K 383 44.52 51.24 -59.13
C LYS K 383 43.39 51.96 -59.86
N ASN K 384 42.27 52.18 -59.17
CA ASN K 384 41.13 52.89 -59.73
C ASN K 384 41.10 54.28 -59.09
N ILE K 385 41.71 55.25 -59.77
CA ILE K 385 41.77 56.61 -59.25
C ILE K 385 40.39 57.25 -59.21
N GLU K 386 39.54 56.93 -60.20
CA GLU K 386 38.17 57.46 -60.19
C GLU K 386 37.38 56.93 -59.01
N ARG K 387 37.55 55.64 -58.68
CA ARG K 387 36.87 55.06 -57.53
C ARG K 387 37.36 55.69 -56.23
N ALA K 388 38.67 55.95 -56.14
CA ALA K 388 39.23 56.63 -54.97
C ALA K 388 38.69 58.04 -54.83
N ARG K 389 38.58 58.76 -55.94
CA ARG K 389 38.03 60.11 -55.91
C ARG K 389 36.56 60.10 -55.50
N ALA K 390 35.80 59.12 -56.00
CA ALA K 390 34.40 58.99 -55.62
C ALA K 390 34.25 58.64 -54.14
N ILE K 391 35.13 57.78 -53.63
CA ILE K 391 35.10 57.44 -52.22
C ILE K 391 35.43 58.64 -51.35
N TYR K 392 36.43 59.43 -51.77
CA TYR K 392 36.77 60.64 -51.03
C TYR K 392 35.64 61.66 -51.05
N ASP K 393 34.97 61.79 -52.20
CA ASP K 393 33.83 62.69 -52.31
C ASP K 393 32.66 62.23 -51.42
N THR K 394 32.41 60.92 -51.39
CA THR K 394 31.35 60.39 -50.53
C THR K 394 31.69 60.59 -49.05
N CYS K 395 32.96 60.42 -48.69
CA CYS K 395 33.38 60.66 -47.31
C CYS K 395 33.25 62.12 -46.93
N LEU K 396 33.58 63.03 -47.86
CA LEU K 396 33.44 64.45 -47.59
C LEU K 396 31.97 64.85 -47.48
N ASN K 397 31.11 64.25 -48.31
CA ASN K 397 29.68 64.55 -48.24
C ASN K 397 29.06 64.00 -46.98
N LEU K 398 29.49 62.83 -46.53
CA LEU K 398 28.96 62.23 -45.31
C LEU K 398 29.59 62.81 -44.05
N ILE K 399 30.63 63.63 -44.18
CA ILE K 399 31.30 64.22 -43.03
C ILE K 399 30.43 65.34 -42.47
N PRO K 400 30.04 65.29 -41.20
CA PRO K 400 29.25 66.41 -40.61
C PRO K 400 30.14 67.59 -40.26
N HIS K 401 30.50 68.36 -41.28
CA HIS K 401 31.41 69.48 -41.12
C HIS K 401 30.81 70.61 -40.30
N LYS K 402 29.48 70.69 -40.21
CA LYS K 402 28.85 71.67 -39.34
C LYS K 402 29.02 71.32 -37.86
N LYS K 403 29.30 70.05 -37.55
CA LYS K 403 29.49 69.61 -36.17
C LYS K 403 30.95 69.33 -35.85
N PHE K 404 31.60 68.46 -36.61
CA PHE K 404 32.99 68.11 -36.36
C PHE K 404 33.69 67.85 -37.69
N THR K 405 34.87 68.44 -37.86
CA THR K 405 35.63 68.33 -39.08
C THR K 405 36.85 67.45 -38.88
N PHE K 406 37.15 66.64 -39.89
CA PHE K 406 38.30 65.74 -39.88
C PHE K 406 39.34 66.31 -40.83
N ALA K 407 40.39 66.92 -40.27
CA ALA K 407 41.44 67.50 -41.09
C ALA K 407 42.27 66.43 -41.78
N LYS K 408 42.34 65.23 -41.19
CA LYS K 408 43.10 64.14 -41.80
C LYS K 408 42.49 63.68 -43.11
N VAL K 409 41.16 63.68 -43.22
CA VAL K 409 40.51 63.30 -44.46
C VAL K 409 40.83 64.29 -45.56
N TRP K 410 40.79 65.58 -45.25
CA TRP K 410 41.14 66.61 -46.23
C TRP K 410 42.61 66.52 -46.62
N ILE K 411 43.49 66.22 -45.66
CA ILE K 411 44.91 66.07 -45.95
C ILE K 411 45.14 64.86 -46.87
N ALA K 412 44.42 63.77 -46.62
CA ALA K 412 44.55 62.58 -47.46
C ALA K 412 44.02 62.84 -48.87
N LYS K 413 42.91 63.59 -48.98
CA LYS K 413 42.38 63.94 -50.29
C LYS K 413 43.36 64.83 -51.05
N ALA K 414 43.98 65.78 -50.35
CA ALA K 414 44.98 66.63 -50.98
C ALA K 414 46.20 65.84 -51.42
N HIS K 415 46.64 64.87 -50.60
CA HIS K 415 47.77 64.03 -50.98
C HIS K 415 47.44 63.16 -52.19
N PHE K 416 46.22 62.63 -52.25
CA PHE K 416 45.79 61.84 -53.40
C PHE K 416 45.71 62.70 -54.65
N GLU K 417 45.24 63.93 -54.52
CA GLU K 417 45.19 64.83 -55.67
C GLU K 417 46.58 65.23 -56.13
N ILE K 418 47.52 65.41 -55.19
CA ILE K 418 48.89 65.73 -55.54
C ILE K 418 49.56 64.55 -56.24
N ARG K 419 49.25 63.32 -55.79
CA ARG K 419 49.72 62.14 -56.49
C ARG K 419 49.10 62.03 -57.87
N GLN K 420 47.85 62.45 -58.02
CA GLN K 420 47.18 62.46 -59.32
C GLN K 420 47.63 63.61 -60.22
N GLY K 421 48.33 64.60 -59.67
CA GLY K 421 48.82 65.71 -60.45
C GLY K 421 47.88 66.89 -60.58
N ASN K 422 46.67 66.80 -60.02
CA ASN K 422 45.69 67.88 -60.11
C ASN K 422 45.97 68.88 -58.99
N LEU K 423 46.91 69.79 -59.26
CA LEU K 423 47.27 70.81 -58.28
C LEU K 423 46.17 71.83 -58.10
N THR K 424 45.50 72.21 -59.20
CA THR K 424 44.41 73.18 -59.12
C THR K 424 43.22 72.61 -58.36
N ALA K 425 42.90 71.34 -58.59
CA ALA K 425 41.81 70.69 -57.86
C ALA K 425 42.16 70.55 -56.38
N ALA K 426 43.42 70.26 -56.08
CA ALA K 426 43.86 70.19 -54.68
C ALA K 426 43.76 71.55 -54.00
N ARG K 427 44.14 72.61 -54.72
CA ARG K 427 44.02 73.96 -54.17
C ARG K 427 42.56 74.35 -53.94
N LYS K 428 41.68 73.98 -54.89
CA LYS K 428 40.26 74.25 -54.72
C LYS K 428 39.67 73.49 -53.54
N THR K 429 40.08 72.22 -53.37
CA THR K 429 39.61 71.44 -52.23
C THR K 429 40.11 72.01 -50.92
N LEU K 430 41.37 72.47 -50.88
CA LEU K 430 41.93 73.09 -49.68
C LEU K 430 41.19 74.39 -49.35
N GLY K 431 40.88 75.19 -50.37
CA GLY K 431 40.13 76.41 -50.13
C GLY K 431 38.71 76.15 -49.65
N ARG K 432 38.06 75.13 -50.22
CA ARG K 432 36.73 74.75 -49.76
C ARG K 432 36.75 74.23 -48.32
N ALA K 433 37.78 73.46 -47.96
CA ALA K 433 37.90 72.97 -46.59
C ALA K 433 38.19 74.12 -45.62
N ILE K 434 39.01 75.08 -46.02
CA ILE K 434 39.31 76.23 -45.18
C ILE K 434 38.07 77.09 -45.00
N GLY K 435 37.29 77.27 -46.06
CA GLY K 435 36.05 78.02 -45.94
C GLY K 435 35.01 77.32 -45.08
N MET K 436 34.90 76.00 -45.21
CA MET K 436 33.97 75.24 -44.39
C MET K 436 34.42 75.21 -42.94
N CYS K 437 35.69 74.90 -42.70
CA CYS K 437 36.24 74.84 -41.36
C CYS K 437 37.74 75.09 -41.38
N PRO K 438 38.20 76.28 -41.02
CA PRO K 438 39.64 76.54 -40.99
C PRO K 438 40.29 75.88 -39.78
N LYS K 439 41.26 75.01 -40.03
CA LYS K 439 41.96 74.29 -38.98
C LYS K 439 43.44 74.67 -38.98
N ASP K 440 44.02 74.66 -37.77
CA ASP K 440 45.43 75.00 -37.64
C ASP K 440 46.33 73.96 -38.32
N LYS K 441 46.00 72.68 -38.14
CA LYS K 441 46.75 71.63 -38.84
C LYS K 441 46.55 71.71 -40.34
N LEU K 442 45.32 72.02 -40.79
CA LEU K 442 45.06 72.18 -42.21
C LEU K 442 45.81 73.38 -42.78
N PHE K 443 45.85 74.49 -42.02
CA PHE K 443 46.60 75.66 -42.46
C PHE K 443 48.10 75.38 -42.53
N ARG K 444 48.63 74.63 -41.55
CA ARG K 444 50.04 74.26 -41.57
C ARG K 444 50.36 73.35 -42.75
N GLU K 445 49.47 72.40 -43.04
CA GLU K 445 49.66 71.51 -44.19
C GLU K 445 49.62 72.29 -45.51
N TYR K 446 48.69 73.24 -45.62
CA TYR K 446 48.60 74.07 -46.82
C TYR K 446 49.84 74.94 -46.98
N ILE K 447 50.35 75.48 -45.87
CA ILE K 447 51.56 76.30 -45.92
C ILE K 447 52.77 75.46 -46.32
N ALA K 448 52.87 74.23 -45.79
CA ALA K 448 53.97 73.34 -46.16
C ALA K 448 53.87 72.93 -47.63
N ILE K 449 52.65 72.71 -48.12
CA ILE K 449 52.46 72.37 -49.52
C ILE K 449 52.83 73.53 -50.42
N GLU K 450 52.46 74.75 -50.03
CA GLU K 450 52.81 75.93 -50.82
C GLU K 450 54.31 76.18 -50.82
N GLN K 451 54.97 75.94 -49.68
CA GLN K 451 56.42 76.06 -49.60
C GLN K 451 57.10 75.00 -50.46
N LYS K 452 56.57 73.78 -50.46
CA LYS K 452 57.10 72.74 -51.33
C LYS K 452 56.76 72.97 -52.80
N LEU K 453 55.73 73.76 -53.09
CA LEU K 453 55.35 74.08 -54.46
C LEU K 453 56.10 75.29 -55.00
N TYR K 454 56.98 75.90 -54.21
CA TYR K 454 57.75 77.08 -54.57
C TYR K 454 56.87 78.25 -54.99
N GLU K 455 55.71 78.39 -54.35
CA GLU K 455 54.77 79.48 -54.61
C GLU K 455 54.86 80.44 -53.42
N PHE K 456 55.72 81.46 -53.57
CA PHE K 456 55.92 82.41 -52.47
C PHE K 456 54.68 83.28 -52.26
N ASP K 457 53.99 83.66 -53.35
CA ASP K 457 52.78 84.46 -53.22
C ASP K 457 51.66 83.67 -52.55
N ARG K 458 51.49 82.40 -52.94
CA ARG K 458 50.48 81.56 -52.31
C ARG K 458 50.82 81.29 -50.85
N CYS K 459 52.10 81.09 -50.54
CA CYS K 459 52.52 80.89 -49.15
C CYS K 459 52.28 82.13 -48.32
N ARG K 460 52.55 83.32 -48.87
CA ARG K 460 52.29 84.56 -48.16
C ARG K 460 50.80 84.77 -47.94
N THR K 461 49.98 84.44 -48.95
CA THR K 461 48.54 84.56 -48.81
C THR K 461 48.01 83.59 -47.76
N LEU K 462 48.54 82.38 -47.72
CA LEU K 462 48.13 81.41 -46.70
C LEU K 462 48.55 81.86 -45.31
N TYR K 463 49.75 82.43 -45.19
CA TYR K 463 50.21 82.95 -43.90
C TYR K 463 49.34 84.11 -43.43
N GLU K 464 48.97 85.00 -44.36
CA GLU K 464 48.09 86.11 -44.02
C GLU K 464 46.70 85.61 -43.61
N LYS K 465 46.17 84.61 -44.30
CA LYS K 465 44.87 84.04 -43.95
C LYS K 465 44.92 83.36 -42.59
N HIS K 466 46.02 82.66 -42.29
CA HIS K 466 46.16 82.02 -40.99
C HIS K 466 46.31 83.05 -39.87
N ALA K 467 47.01 84.15 -40.13
CA ALA K 467 47.13 85.21 -39.15
C ALA K 467 45.79 85.91 -38.93
N LEU K 468 45.00 86.09 -39.99
CA LEU K 468 43.69 86.70 -39.84
C LEU K 468 42.72 85.78 -39.10
N PHE K 469 42.82 84.47 -39.35
CA PHE K 469 41.94 83.52 -38.67
C PHE K 469 42.39 83.27 -37.23
N ASN K 470 43.64 82.85 -37.05
CA ASN K 470 44.20 82.55 -35.73
C ASN K 470 45.45 83.40 -35.53
N PRO K 471 45.31 84.60 -34.97
CA PRO K 471 46.50 85.43 -34.72
C PRO K 471 47.31 85.02 -33.52
N ALA K 472 46.82 84.09 -32.69
CA ALA K 472 47.53 83.66 -31.50
C ALA K 472 48.61 82.62 -31.79
N ASN K 473 48.72 82.15 -33.03
CA ASN K 473 49.71 81.15 -33.41
C ASN K 473 51.02 81.86 -33.73
N CYS K 474 51.94 81.89 -32.77
CA CYS K 474 53.25 82.47 -33.01
C CYS K 474 54.11 81.63 -33.93
N GLN K 475 53.81 80.33 -34.03
CA GLN K 475 54.54 79.47 -34.95
C GLN K 475 54.30 79.87 -36.40
N THR K 476 53.08 80.30 -36.73
CA THR K 476 52.79 80.77 -38.08
C THR K 476 53.57 82.03 -38.41
N TRP K 477 53.66 82.96 -37.45
CA TRP K 477 54.46 84.17 -37.64
C TRP K 477 55.94 83.85 -37.79
N ILE K 478 56.43 82.89 -37.00
CA ILE K 478 57.84 82.48 -37.10
C ILE K 478 58.11 81.83 -38.46
N ARG K 479 57.17 81.02 -38.95
CA ARG K 479 57.33 80.40 -40.25
C ARG K 479 57.29 81.43 -41.37
N TRP K 480 56.41 82.43 -41.24
CA TRP K 480 56.36 83.51 -42.23
C TRP K 480 57.66 84.32 -42.24
N ALA K 481 58.21 84.59 -41.05
CA ALA K 481 59.48 85.30 -40.96
C ALA K 481 60.62 84.49 -41.56
N GLU K 482 60.63 83.18 -41.31
CA GLU K 482 61.67 82.32 -41.88
C GLU K 482 61.54 82.24 -43.40
N LEU K 483 60.31 82.20 -43.91
CA LEU K 483 60.09 82.18 -45.35
C LEU K 483 60.52 83.49 -46.00
N GLU K 484 60.25 84.63 -45.32
CA GLU K 484 60.71 85.91 -45.83
C GLU K 484 62.23 86.02 -45.78
N ARG K 485 62.86 85.45 -44.76
CA ARG K 485 64.32 85.42 -44.69
C ARG K 485 64.91 84.56 -45.79
N GLY K 486 64.25 83.43 -46.10
CA GLY K 486 64.74 82.57 -47.18
C GLY K 486 64.49 83.14 -48.56
N LEU K 487 63.56 84.08 -48.67
CA LEU K 487 63.23 84.73 -49.93
C LEU K 487 64.04 85.99 -50.18
N ASP K 488 65.04 86.26 -49.32
CA ASP K 488 65.90 87.45 -49.40
C ASP K 488 65.09 88.74 -49.36
N ASP K 489 64.06 88.76 -48.52
CA ASP K 489 63.24 89.95 -48.30
C ASP K 489 63.37 90.33 -46.83
N LEU K 490 64.41 91.11 -46.53
CA LEU K 490 64.64 91.53 -45.15
C LEU K 490 63.63 92.57 -44.71
N ASP K 491 63.22 93.45 -45.62
CA ASP K 491 62.22 94.47 -45.28
C ASP K 491 60.86 93.84 -45.00
N ARG K 492 60.47 92.85 -45.79
CA ARG K 492 59.21 92.14 -45.54
C ARG K 492 59.26 91.38 -44.23
N THR K 493 60.40 90.75 -43.92
CA THR K 493 60.55 90.05 -42.65
C THR K 493 60.49 91.01 -41.47
N ARG K 494 61.11 92.18 -41.59
CA ARG K 494 61.07 93.18 -40.53
C ARG K 494 59.65 93.71 -40.35
N ALA K 495 58.93 93.94 -41.45
CA ALA K 495 57.54 94.39 -41.36
C ALA K 495 56.65 93.33 -40.72
N ILE K 496 56.88 92.05 -41.06
CA ILE K 496 56.10 90.98 -40.45
C ILE K 496 56.40 90.87 -38.96
N PHE K 497 57.68 91.01 -38.57
CA PHE K 497 58.04 90.97 -37.16
C PHE K 497 57.43 92.14 -36.39
N GLU K 498 57.44 93.33 -37.01
CA GLU K 498 56.82 94.50 -36.37
C GLU K 498 55.31 94.32 -36.23
N VAL K 499 54.66 93.74 -37.24
CA VAL K 499 53.21 93.51 -37.16
C VAL K 499 52.90 92.46 -36.10
N ALA K 500 53.74 91.43 -35.98
CA ALA K 500 53.54 90.41 -34.96
C ALA K 500 53.75 90.95 -33.56
N ILE K 501 54.76 91.82 -33.39
CA ILE K 501 54.98 92.45 -32.09
C ILE K 501 53.85 93.41 -31.76
N SER K 502 53.31 94.09 -32.78
CA SER K 502 52.24 95.06 -32.57
C SER K 502 50.89 94.42 -32.30
N GLN K 503 50.77 93.10 -32.48
CA GLN K 503 49.52 92.42 -32.20
C GLN K 503 49.28 92.36 -30.70
N PRO K 504 48.16 92.88 -30.18
CA PRO K 504 47.95 92.86 -28.72
C PRO K 504 47.48 91.54 -28.18
N VAL K 505 46.81 90.71 -29.00
CA VAL K 505 46.31 89.41 -28.55
C VAL K 505 47.37 88.38 -28.94
N LEU K 506 48.30 88.13 -28.02
CA LEU K 506 49.38 87.19 -28.24
C LEU K 506 49.46 86.21 -27.08
N ASP K 507 49.79 84.96 -27.39
CA ASP K 507 49.91 83.94 -26.35
C ASP K 507 51.18 84.14 -25.52
N MET K 508 52.32 84.28 -26.20
CA MET K 508 53.60 84.49 -25.53
C MET K 508 54.48 85.37 -26.41
N PRO K 509 54.52 86.68 -26.15
CA PRO K 509 55.35 87.57 -26.96
C PRO K 509 56.84 87.48 -26.65
N GLU K 510 57.23 86.79 -25.58
CA GLU K 510 58.65 86.64 -25.25
C GLU K 510 59.37 85.82 -26.32
N VAL K 511 58.73 84.78 -26.83
CA VAL K 511 59.33 83.97 -27.88
C VAL K 511 59.49 84.78 -29.16
N VAL K 512 58.50 85.62 -29.48
CA VAL K 512 58.57 86.47 -30.66
C VAL K 512 59.68 87.51 -30.51
N TRP K 513 59.83 88.08 -29.31
CA TRP K 513 60.90 89.04 -29.06
C TRP K 513 62.27 88.37 -29.16
N LYS K 514 62.41 87.16 -28.63
CA LYS K 514 63.67 86.42 -28.73
C LYS K 514 63.99 86.07 -30.17
N ALA K 515 62.98 85.70 -30.96
CA ALA K 515 63.19 85.41 -32.36
C ALA K 515 63.60 86.65 -33.14
N TYR K 516 62.97 87.80 -32.84
CA TYR K 516 63.36 89.04 -33.49
C TYR K 516 64.77 89.46 -33.11
N ILE K 517 65.15 89.26 -31.85
CA ILE K 517 66.51 89.58 -31.41
C ILE K 517 67.52 88.67 -32.09
N ASP K 518 67.20 87.38 -32.21
CA ASP K 518 68.10 86.46 -32.90
C ASP K 518 68.22 86.78 -34.38
N PHE K 519 67.12 87.19 -35.01
CA PHE K 519 67.15 87.58 -36.42
C PHE K 519 67.97 88.85 -36.62
N GLU K 520 67.86 89.80 -35.70
CA GLU K 520 68.66 91.02 -35.79
C GLU K 520 70.14 90.74 -35.54
N GLU K 521 70.45 89.82 -34.63
CA GLU K 521 71.84 89.47 -34.36
C GLU K 521 72.46 88.68 -35.50
N GLU K 522 71.67 87.81 -36.13
CA GLU K 522 72.19 87.02 -37.25
C GLU K 522 72.37 87.86 -38.50
N GLU K 523 71.58 88.92 -38.67
CA GLU K 523 71.69 89.79 -39.83
C GLU K 523 72.77 90.86 -39.65
N GLY K 524 73.43 90.90 -38.50
CA GLY K 524 74.45 91.90 -38.24
C GLY K 524 73.94 93.21 -37.68
N GLU K 525 72.62 93.35 -37.51
CA GLU K 525 72.04 94.57 -36.96
C GLU K 525 72.11 94.52 -35.44
N TYR K 526 73.28 94.85 -34.91
CA TYR K 526 73.48 94.86 -33.47
C TYR K 526 72.70 96.00 -32.82
N GLU K 527 72.63 97.15 -33.50
CA GLU K 527 71.85 98.28 -32.98
C GLU K 527 70.37 97.96 -32.94
N ARG K 528 69.85 97.30 -33.97
CA ARG K 528 68.44 96.90 -33.97
C ARG K 528 68.17 95.84 -32.91
N ALA K 529 69.12 94.93 -32.69
CA ALA K 529 68.97 93.94 -31.63
C ALA K 529 68.97 94.59 -30.25
N ARG K 530 69.83 95.58 -30.04
CA ARG K 530 69.85 96.30 -28.76
C ARG K 530 68.57 97.10 -28.57
N ALA K 531 68.05 97.71 -29.64
CA ALA K 531 66.79 98.44 -29.54
C ALA K 531 65.63 97.51 -29.24
N LEU K 532 65.62 96.32 -29.85
CA LEU K 532 64.58 95.33 -29.56
C LEU K 532 64.67 94.83 -28.12
N TYR K 533 65.89 94.62 -27.63
CA TYR K 533 66.07 94.20 -26.24
C TYR K 533 65.62 95.29 -25.27
N GLU K 534 65.91 96.55 -25.58
CA GLU K 534 65.46 97.66 -24.75
C GLU K 534 63.94 97.78 -24.77
N ARG K 535 63.32 97.60 -25.94
CA ARG K 535 61.87 97.64 -26.03
C ARG K 535 61.22 96.49 -25.26
N LEU K 536 61.83 95.30 -25.32
CA LEU K 536 61.31 94.17 -24.57
C LEU K 536 61.46 94.38 -23.07
N LEU K 537 62.56 94.98 -22.63
CA LEU K 537 62.74 95.29 -21.22
C LEU K 537 61.78 96.36 -20.75
N GLN K 538 61.49 97.34 -21.62
CA GLN K 538 60.51 98.37 -21.27
C GLN K 538 59.10 97.80 -21.19
N LYS K 539 58.75 96.89 -22.11
CA LYS K 539 57.45 96.24 -22.06
C LYS K 539 57.33 95.33 -20.85
N ALA K 540 58.40 94.59 -20.54
CA ALA K 540 58.41 93.69 -19.39
C ALA K 540 59.84 93.56 -18.90
N ASP K 541 60.13 94.15 -17.74
CA ASP K 541 61.46 94.12 -17.15
C ASP K 541 61.63 92.80 -16.42
N HIS K 542 62.47 91.91 -16.96
CA HIS K 542 62.74 90.63 -16.35
C HIS K 542 64.25 90.38 -16.32
N PRO K 543 64.73 89.57 -15.38
CA PRO K 543 66.15 89.21 -15.37
C PRO K 543 66.58 88.43 -16.59
N LYS K 544 65.69 87.62 -17.17
CA LYS K 544 66.04 86.85 -18.36
C LYS K 544 66.27 87.75 -19.56
N VAL K 545 65.45 88.80 -19.72
CA VAL K 545 65.62 89.71 -20.85
C VAL K 545 66.93 90.49 -20.71
N TRP K 546 67.26 90.92 -19.49
CA TRP K 546 68.51 91.61 -19.25
C TRP K 546 69.71 90.69 -19.46
N ILE K 547 69.59 89.43 -19.07
CA ILE K 547 70.66 88.46 -19.30
C ILE K 547 70.85 88.21 -20.79
N SER K 548 69.74 88.14 -21.54
CA SER K 548 69.84 87.98 -22.98
C SER K 548 70.47 89.20 -23.64
N TYR K 549 70.14 90.40 -23.18
CA TYR K 549 70.75 91.62 -23.70
C TYR K 549 72.24 91.65 -23.39
N ALA K 550 72.63 91.23 -22.19
CA ALA K 550 74.05 91.18 -21.82
C ALA K 550 74.78 90.13 -22.66
N GLN K 551 74.15 88.99 -22.92
CA GLN K 551 74.78 87.97 -23.77
C GLN K 551 74.91 88.44 -25.21
N PHE K 552 73.92 89.18 -25.71
CA PHE K 552 74.02 89.74 -27.06
C PHE K 552 75.11 90.80 -27.14
N GLU K 553 75.26 91.60 -26.08
CA GLU K 553 76.35 92.58 -26.06
C GLU K 553 77.71 91.91 -25.97
N ILE K 554 77.80 90.81 -25.23
CA ILE K 554 79.07 90.09 -25.09
C ILE K 554 79.43 89.40 -26.40
N ASN K 555 78.43 88.84 -27.10
CA ASN K 555 78.67 88.15 -28.35
C ASN K 555 78.84 89.10 -29.53
N ILE K 556 78.60 90.39 -29.33
CA ILE K 556 78.78 91.39 -30.40
C ILE K 556 80.27 91.56 -30.66
N PRO K 557 80.73 91.39 -31.89
CA PRO K 557 82.16 91.52 -32.19
C PRO K 557 82.55 92.95 -32.53
N ASP K 558 83.86 93.17 -32.59
CA ASP K 558 84.42 94.48 -32.92
C ASP K 558 85.01 94.44 -34.32
N THR K 559 85.06 95.62 -34.96
CA THR K 559 85.61 95.71 -36.30
C THR K 559 87.11 95.43 -36.32
N GLU K 560 87.83 95.91 -35.30
CA GLU K 560 89.26 95.64 -35.22
C GLU K 560 89.53 94.16 -34.97
N THR K 561 88.71 93.52 -34.14
CA THR K 561 88.86 92.08 -33.90
C THR K 561 88.49 91.27 -35.14
N GLU K 562 87.48 91.73 -35.89
CA GLU K 562 87.08 91.03 -37.09
C GLU K 562 88.10 91.17 -38.21
N ALA K 563 88.76 92.33 -38.29
CA ALA K 563 89.77 92.53 -39.34
C ALA K 563 91.03 91.71 -39.07
N GLN K 564 91.30 91.39 -37.82
CA GLN K 564 92.48 90.62 -37.45
C GLN K 564 92.16 89.15 -37.17
N ALA K 565 90.96 88.70 -37.51
CA ALA K 565 90.55 87.32 -37.26
C ALA K 565 90.82 86.47 -38.49
N ALA K 566 91.53 85.37 -38.29
CA ALA K 566 91.84 84.43 -39.36
C ALA K 566 90.76 83.35 -39.45
N GLU K 567 90.75 82.66 -40.58
CA GLU K 567 89.79 81.58 -40.79
C GLU K 567 90.14 80.37 -39.94
N GLY K 568 89.13 79.75 -39.34
CA GLY K 568 89.33 78.58 -38.51
C GLY K 568 89.73 78.87 -37.07
N GLU K 569 89.81 80.14 -36.68
CA GLU K 569 90.20 80.53 -35.34
C GLU K 569 89.03 81.21 -34.65
N GLU K 570 88.77 80.82 -33.40
CA GLU K 570 87.69 81.41 -32.64
C GLU K 570 88.03 82.84 -32.23
N ILE K 571 87.05 83.72 -32.33
CA ILE K 571 87.22 85.13 -31.97
C ILE K 571 87.25 85.26 -30.46
N PRO K 572 88.30 85.86 -29.89
CA PRO K 572 88.33 86.06 -28.43
C PRO K 572 87.31 87.08 -27.98
N VAL K 573 86.91 86.97 -26.72
CA VAL K 573 85.92 87.89 -26.16
C VAL K 573 86.59 89.24 -25.92
N SER K 574 86.01 90.29 -26.49
CA SER K 574 86.56 91.63 -26.35
C SER K 574 86.31 92.16 -24.94
N GLU K 575 87.23 93.01 -24.48
CA GLU K 575 87.07 93.63 -23.17
C GLU K 575 85.93 94.63 -23.15
N ALA K 576 85.68 95.31 -24.28
CA ALA K 576 84.57 96.25 -24.37
C ALA K 576 83.23 95.52 -24.26
N ALA K 577 83.12 94.34 -24.88
CA ALA K 577 81.89 93.55 -24.77
C ALA K 577 81.66 93.08 -23.34
N LYS K 578 82.73 92.67 -22.64
CA LYS K 578 82.59 92.26 -21.25
C LYS K 578 82.21 93.45 -20.37
N ALA K 579 82.77 94.63 -20.65
CA ALA K 579 82.41 95.82 -19.88
C ALA K 579 80.95 96.22 -20.12
N ARG K 580 80.48 96.10 -21.37
CA ARG K 580 79.09 96.38 -21.68
C ARG K 580 78.16 95.38 -20.99
N ALA K 581 78.55 94.10 -20.95
CA ALA K 581 77.76 93.10 -20.25
C ALA K 581 77.72 93.36 -18.75
N ARG K 582 78.85 93.78 -18.18
CA ARG K 582 78.90 94.11 -16.76
C ARG K 582 78.04 95.33 -16.45
N GLY K 583 78.05 96.34 -17.33
CA GLY K 583 77.21 97.50 -17.13
C GLY K 583 75.73 97.17 -17.26
N VAL K 584 75.39 96.28 -18.19
CA VAL K 584 74.00 95.83 -18.33
C VAL K 584 73.56 95.06 -17.09
N PHE K 585 74.45 94.22 -16.55
CA PHE K 585 74.15 93.48 -15.34
C PHE K 585 73.97 94.42 -14.14
N GLU K 586 74.80 95.46 -14.05
CA GLU K 586 74.67 96.45 -12.98
C GLU K 586 73.36 97.22 -13.10
N ARG K 587 72.98 97.58 -14.32
CA ARG K 587 71.70 98.27 -14.53
C ARG K 587 70.52 97.35 -14.19
N ALA K 588 70.63 96.07 -14.52
CA ALA K 588 69.60 95.11 -14.16
C ALA K 588 69.49 94.93 -12.66
N LEU K 589 70.63 94.89 -11.96
CA LEU K 589 70.62 94.79 -10.50
C LEU K 589 70.01 96.04 -9.87
N LYS K 590 70.32 97.22 -10.42
CA LYS K 590 69.71 98.45 -9.92
C LYS K 590 68.21 98.47 -10.16
N SER K 591 67.76 98.01 -11.32
CA SER K 591 66.33 97.94 -11.60
C SER K 591 65.62 96.93 -10.69
N MET K 592 66.27 95.80 -10.41
CA MET K 592 65.69 94.81 -9.52
C MET K 592 65.63 95.33 -8.08
N LYS K 593 66.65 96.09 -7.65
CA LYS K 593 66.61 96.69 -6.33
C LYS K 593 65.54 97.78 -6.24
N GLU K 594 65.33 98.52 -7.32
CA GLU K 594 64.25 99.50 -7.34
C GLU K 594 62.89 98.82 -7.30
N ARG K 595 62.75 97.69 -7.98
CA ARG K 595 61.51 96.93 -7.98
C ARG K 595 61.30 96.13 -6.70
N ASP K 596 62.33 96.02 -5.86
CA ASP K 596 62.29 95.32 -4.56
C ASP K 596 61.88 93.85 -4.73
N LEU K 597 62.70 93.12 -5.48
CA LEU K 597 62.51 91.69 -5.71
C LEU K 597 63.75 90.96 -5.23
N LYS K 598 63.62 90.20 -4.14
CA LYS K 598 64.77 89.51 -3.56
C LYS K 598 65.22 88.34 -4.42
N ALA K 599 64.27 87.54 -4.92
CA ALA K 599 64.60 86.38 -5.75
C ALA K 599 65.21 86.81 -7.09
N GLU K 600 64.67 87.85 -7.70
CA GLU K 600 65.23 88.36 -8.95
C GLU K 600 66.63 88.93 -8.74
N ARG K 601 66.85 89.63 -7.62
CA ARG K 601 68.18 90.15 -7.32
C ARG K 601 69.17 89.01 -7.06
N VAL K 602 68.74 87.95 -6.39
CA VAL K 602 69.60 86.80 -6.15
C VAL K 602 69.95 86.10 -7.46
N ALA K 603 68.97 85.96 -8.35
CA ALA K 603 69.21 85.35 -9.66
C ALA K 603 70.16 86.22 -10.50
N LEU K 604 70.00 87.54 -10.43
CA LEU K 604 70.89 88.44 -11.16
C LEU K 604 72.31 88.38 -10.60
N LEU K 605 72.45 88.28 -9.27
CA LEU K 605 73.77 88.15 -8.66
C LEU K 605 74.43 86.82 -9.05
N ARG K 606 73.64 85.74 -9.09
CA ARG K 606 74.18 84.45 -9.52
C ARG K 606 74.60 84.48 -10.99
N ALA K 607 73.80 85.13 -11.84
CA ALA K 607 74.16 85.26 -13.25
C ALA K 607 75.41 86.11 -13.43
N TRP K 608 75.55 87.18 -12.64
CA TRP K 608 76.75 88.00 -12.70
C TRP K 608 77.97 87.24 -12.23
N LEU K 609 77.82 86.42 -11.18
CA LEU K 609 78.93 85.59 -10.73
C LEU K 609 79.33 84.55 -11.77
N GLU K 610 78.34 83.95 -12.44
CA GLU K 610 78.63 82.99 -13.50
C GLU K 610 79.31 83.66 -14.69
N PHE K 611 78.88 84.87 -15.05
CA PHE K 611 79.51 85.61 -16.14
C PHE K 611 80.94 86.01 -15.79
N GLU K 612 81.18 86.41 -14.53
CA GLU K 612 82.52 86.74 -14.10
C GLU K 612 83.42 85.51 -14.03
N ARG K 613 82.85 84.35 -13.71
CA ARG K 613 83.64 83.12 -13.73
C ARG K 613 83.96 82.68 -15.15
N THR K 614 83.01 82.86 -16.07
CA THR K 614 83.21 82.40 -17.44
C THR K 614 84.17 83.29 -18.24
N HIS K 615 84.01 84.60 -18.13
CA HIS K 615 84.77 85.51 -18.98
C HIS K 615 85.47 86.61 -18.19
N GLY K 616 84.89 87.01 -17.05
CA GLY K 616 85.43 88.10 -16.27
C GLY K 616 86.60 87.67 -15.41
N ALA K 617 87.03 88.60 -14.57
CA ALA K 617 88.13 88.36 -13.65
C ALA K 617 87.63 87.67 -12.38
N ALA K 618 88.59 87.15 -11.59
CA ALA K 618 88.23 86.51 -10.34
C ALA K 618 87.77 87.51 -9.28
N GLU K 619 88.24 88.76 -9.39
CA GLU K 619 87.81 89.79 -8.45
C GLU K 619 86.33 90.10 -8.61
N ASP K 620 85.84 90.14 -9.85
CA ASP K 620 84.42 90.37 -10.09
C ASP K 620 83.58 89.22 -9.55
N VAL K 621 84.06 87.98 -9.70
CA VAL K 621 83.35 86.83 -9.16
C VAL K 621 83.32 86.86 -7.64
N GLU K 622 84.44 87.27 -7.02
CA GLU K 622 84.48 87.38 -5.56
C GLU K 622 83.56 88.49 -5.06
N ARG K 623 83.48 89.60 -5.80
CA ARG K 623 82.58 90.69 -5.42
C ARG K 623 81.13 90.27 -5.58
N ILE K 624 80.82 89.49 -6.62
CA ILE K 624 79.46 89.01 -6.82
C ILE K 624 79.08 88.00 -5.73
N ARG K 625 80.04 87.16 -5.33
CA ARG K 625 79.77 86.20 -4.26
C ARG K 625 79.59 86.90 -2.92
N ARG K 626 80.37 87.96 -2.67
CA ARG K 626 80.24 88.71 -1.43
C ARG K 626 78.92 89.47 -1.39
N GLN K 627 78.47 90.00 -2.52
CA GLN K 627 77.22 90.74 -2.59
C GLN K 627 76.02 89.79 -2.56
N VAL L 4 2.64 32.76 42.93
CA VAL L 4 2.86 33.97 42.17
C VAL L 4 2.84 33.64 40.68
N LYS L 5 2.04 34.38 39.91
CA LYS L 5 1.91 34.18 38.47
C LYS L 5 2.30 35.47 37.74
N GLY L 6 3.42 36.05 38.12
CA GLY L 6 3.92 37.24 37.44
C GLY L 6 5.41 37.38 37.66
N GLY L 7 5.96 38.45 37.10
CA GLY L 7 7.35 38.78 37.33
C GLY L 7 8.01 39.23 36.04
N VAL L 8 9.33 39.31 36.10
CA VAL L 8 10.14 39.69 34.95
C VAL L 8 10.76 38.42 34.40
N TRP L 9 11.12 38.45 33.13
CA TRP L 9 11.62 37.26 32.44
C TRP L 9 13.09 37.04 32.78
N THR L 10 13.40 35.86 33.30
CA THR L 10 14.75 35.46 33.62
C THR L 10 15.34 34.64 32.47
N ASN L 11 16.63 34.31 32.60
CA ASN L 11 17.29 33.55 31.54
C ASN L 11 16.79 32.11 31.51
N ILE L 12 16.52 31.54 32.69
CA ILE L 12 15.94 30.21 32.78
C ILE L 12 14.64 30.14 31.99
N GLU L 13 13.77 31.12 32.20
CA GLU L 13 12.46 31.10 31.56
C GLU L 13 12.58 31.30 30.05
N ASP L 14 13.52 32.14 29.61
CA ASP L 14 13.68 32.33 28.17
C ASP L 14 14.21 31.08 27.48
N GLU L 15 15.16 30.39 28.13
CA GLU L 15 15.68 29.17 27.51
C GLU L 15 14.64 28.05 27.53
N ILE L 16 13.88 27.93 28.62
CA ILE L 16 12.83 26.91 28.66
C ILE L 16 11.74 27.24 27.66
N LEU L 17 11.45 28.52 27.47
CA LEU L 17 10.48 28.92 26.47
C LEU L 17 10.95 28.57 25.07
N LYS L 18 12.24 28.80 24.76
CA LYS L 18 12.71 28.48 23.42
C LYS L 18 12.73 26.97 23.17
N ALA L 19 13.12 26.18 24.18
CA ALA L 19 13.08 24.72 23.99
C ALA L 19 11.65 24.22 23.88
N ALA L 20 10.73 24.81 24.64
CA ALA L 20 9.32 24.46 24.55
C ALA L 20 8.73 24.80 23.20
N VAL L 21 9.13 25.94 22.64
CA VAL L 21 8.68 26.33 21.31
C VAL L 21 9.27 25.40 20.27
N SER L 22 10.51 24.98 20.46
CA SER L 22 11.13 24.00 19.57
C SER L 22 10.38 22.68 19.58
N LYS L 23 9.85 22.27 20.72
CA LYS L 23 9.09 21.02 20.77
C LYS L 23 7.64 21.17 20.34
N TYR L 24 6.95 22.23 20.75
CA TYR L 24 5.52 22.34 20.56
C TYR L 24 5.13 23.25 19.42
N GLY L 25 5.96 24.20 19.06
CA GLY L 25 5.64 25.10 17.96
C GLY L 25 5.06 26.40 18.45
N LEU L 26 4.65 27.22 17.49
CA LEU L 26 4.19 28.57 17.76
C LEU L 26 2.68 28.70 17.82
N ASN L 27 1.96 27.58 17.86
CA ASN L 27 0.51 27.62 17.89
C ASN L 27 -0.04 26.87 19.09
N GLN L 28 0.80 26.47 20.04
CA GLN L 28 0.37 25.82 21.26
C GLN L 28 1.09 26.51 22.40
N TRP L 29 0.54 27.63 22.87
CA TRP L 29 1.17 28.36 23.95
C TRP L 29 0.73 27.89 25.32
N ALA L 30 -0.29 27.06 25.40
CA ALA L 30 -0.72 26.54 26.68
C ALA L 30 0.19 25.43 27.18
N ARG L 31 0.68 24.58 26.27
CA ARG L 31 1.70 23.59 26.64
C ARG L 31 2.99 24.27 27.08
N VAL L 32 3.41 25.27 26.29
CA VAL L 32 4.60 26.04 26.59
C VAL L 32 4.46 26.75 27.93
N SER L 33 3.28 27.30 28.20
CA SER L 33 3.07 27.96 29.47
C SER L 33 2.92 26.98 30.61
N SER L 34 2.58 25.73 30.30
CA SER L 34 2.56 24.72 31.36
C SER L 34 3.97 24.41 31.82
N LEU L 35 4.93 24.54 30.90
CA LEU L 35 6.33 24.34 31.30
C LEU L 35 6.79 25.40 32.30
N LEU L 36 6.38 26.65 32.11
CA LEU L 36 6.85 27.77 32.94
C LEU L 36 5.88 28.03 34.10
N ALA L 37 6.42 28.13 35.30
CA ALA L 37 5.57 28.19 36.49
C ALA L 37 4.91 29.54 36.69
N ARG L 38 5.57 30.64 36.32
CA ARG L 38 5.09 31.97 36.63
C ARG L 38 4.46 32.69 35.45
N LYS L 39 4.34 32.05 34.29
CA LYS L 39 3.95 32.73 33.08
C LYS L 39 2.71 32.07 32.46
N THR L 40 1.86 32.90 31.89
CA THR L 40 0.60 32.47 31.31
C THR L 40 0.81 32.21 29.82
N PRO L 41 -0.14 31.59 29.12
CA PRO L 41 -0.01 31.47 27.66
C PRO L 41 0.11 32.81 26.95
N LYS L 42 -0.61 33.82 27.42
CA LYS L 42 -0.53 35.14 26.79
C LYS L 42 0.82 35.77 27.03
N GLN L 43 1.39 35.59 28.23
CA GLN L 43 2.71 36.17 28.51
C GLN L 43 3.81 35.47 27.73
N CYS L 44 3.73 34.15 27.58
CA CYS L 44 4.67 33.44 26.73
C CYS L 44 4.58 33.89 25.29
N LYS L 45 3.35 34.04 24.79
CA LYS L 45 3.16 34.49 23.41
C LYS L 45 3.70 35.91 23.22
N ALA L 46 3.47 36.78 24.20
CA ALA L 46 3.96 38.15 24.11
C ALA L 46 5.48 38.19 24.19
N ARG L 47 6.09 37.32 25.00
CA ARG L 47 7.54 37.28 25.07
C ARG L 47 8.16 36.81 23.76
N TRP L 48 7.56 35.80 23.12
CA TRP L 48 8.09 35.41 21.81
C TRP L 48 7.87 36.50 20.78
N ASN L 49 6.69 37.10 20.76
CA ASN L 49 6.38 38.04 19.68
C ASN L 49 7.13 39.36 19.83
N GLU L 50 7.42 39.77 21.06
CA GLU L 50 8.07 41.06 21.27
C GLU L 50 9.57 40.94 21.50
N TRP L 51 10.07 39.80 21.98
CA TRP L 51 11.48 39.68 22.25
C TRP L 51 12.18 38.56 21.49
N LEU L 52 11.67 37.35 21.56
CA LEU L 52 12.45 36.18 21.16
C LEU L 52 12.34 35.83 19.68
N ASP L 53 11.51 36.54 18.93
CA ASP L 53 11.37 36.25 17.50
C ASP L 53 12.67 36.59 16.79
N PRO L 54 13.23 35.65 16.01
CA PRO L 54 14.52 35.91 15.36
C PRO L 54 14.51 36.98 14.28
N SER L 55 13.36 37.57 13.97
CA SER L 55 13.32 38.70 13.07
C SER L 55 13.45 40.04 13.79
N ILE L 56 13.64 40.02 15.10
CA ILE L 56 13.71 41.24 15.90
C ILE L 56 15.15 41.74 15.93
N LYS L 57 15.34 42.99 15.52
CA LYS L 57 16.66 43.62 15.48
C LYS L 57 16.96 44.25 16.84
N LYS L 58 17.94 43.71 17.54
CA LYS L 58 18.32 44.21 18.85
C LYS L 58 19.59 45.05 18.82
N ILE L 59 20.08 45.42 17.64
CA ILE L 59 21.25 46.26 17.49
C ILE L 59 20.84 47.71 17.66
N GLU L 60 21.83 48.59 17.80
CA GLU L 60 21.54 50.02 17.85
C GLU L 60 21.00 50.50 16.50
N TRP L 61 20.23 51.56 16.56
CA TRP L 61 19.51 52.03 15.38
C TRP L 61 20.45 52.71 14.40
N SER L 62 20.02 52.75 13.14
CA SER L 62 20.71 53.51 12.12
C SER L 62 20.05 54.87 11.96
N ARG L 63 20.67 55.73 11.17
CA ARG L 63 20.06 57.02 10.90
C ARG L 63 18.90 56.88 9.90
N GLU L 64 18.99 55.93 8.98
CA GLU L 64 17.91 55.71 8.03
C GLU L 64 16.64 55.24 8.73
N GLU L 65 16.79 54.32 9.69
CA GLU L 65 15.63 53.88 10.46
C GLU L 65 15.09 55.00 11.34
N ASP L 66 15.95 55.89 11.83
CA ASP L 66 15.48 57.05 12.57
C ASP L 66 14.65 57.97 11.68
N GLU L 67 15.12 58.21 10.46
CA GLU L 67 14.39 59.07 9.53
C GLU L 67 13.03 58.46 9.19
N LYS L 68 13.01 57.15 8.92
CA LYS L 68 11.75 56.46 8.64
C LYS L 68 10.82 56.51 9.85
N LEU L 69 11.36 56.30 11.05
CA LEU L 69 10.53 56.24 12.25
C LEU L 69 9.89 57.58 12.54
N LEU L 70 10.66 58.66 12.45
CA LEU L 70 10.09 59.99 12.72
C LEU L 70 9.12 60.39 11.62
N HIS L 71 9.43 60.04 10.37
CA HIS L 71 8.54 60.35 9.27
C HIS L 71 7.19 59.66 9.44
N LEU L 72 7.21 58.37 9.80
CA LEU L 72 5.97 57.63 9.96
C LEU L 72 5.20 58.05 11.20
N ALA L 73 5.91 58.33 12.30
CA ALA L 73 5.23 58.83 13.48
C ALA L 73 4.59 60.19 13.25
N LYS L 74 5.12 60.97 12.31
CA LYS L 74 4.40 62.16 11.87
C LYS L 74 3.23 61.82 10.97
N LEU L 75 3.35 60.77 10.16
CA LEU L 75 2.25 60.39 9.26
C LEU L 75 1.05 59.85 10.01
N MET L 76 1.28 58.89 10.91
CA MET L 76 0.20 58.18 11.61
C MET L 76 0.38 58.40 13.10
N PRO L 77 -0.28 59.41 13.68
CA PRO L 77 -0.01 59.75 15.08
C PRO L 77 -0.57 58.71 16.03
N THR L 78 0.30 58.19 16.88
CA THR L 78 0.01 57.18 17.91
C THR L 78 -0.59 55.90 17.34
N GLN L 79 -0.34 55.61 16.08
CA GLN L 79 -0.69 54.32 15.51
C GLN L 79 0.57 53.44 15.42
N TRP L 80 1.03 52.99 16.59
CA TRP L 80 2.36 52.40 16.67
C TRP L 80 2.41 50.98 16.14
N ARG L 81 1.35 50.20 16.30
CA ARG L 81 1.32 48.86 15.74
C ARG L 81 1.21 48.87 14.23
N THR L 82 0.81 49.98 13.63
CA THR L 82 0.86 50.15 12.19
C THR L 82 2.26 50.51 11.72
N ILE L 83 2.92 51.39 12.46
CA ILE L 83 4.24 51.88 12.09
C ILE L 83 5.28 50.77 12.23
N ALA L 84 5.12 49.92 13.24
CA ALA L 84 6.14 48.92 13.55
C ALA L 84 6.48 47.94 12.42
N PRO L 85 5.54 47.35 11.68
CA PRO L 85 5.96 46.53 10.53
C PRO L 85 6.67 47.32 9.45
N ILE L 86 6.31 48.59 9.25
CA ILE L 86 6.92 49.36 8.18
C ILE L 86 8.35 49.77 8.54
N VAL L 87 8.57 50.17 9.79
CA VAL L 87 9.89 50.60 10.20
C VAL L 87 10.86 49.43 10.21
N GLY L 88 10.45 48.32 10.81
CA GLY L 88 11.26 47.12 10.78
C GLY L 88 11.60 46.62 12.17
N ARG L 89 10.96 47.19 13.18
CA ARG L 89 11.16 46.75 14.55
C ARG L 89 9.80 46.41 15.18
N THR L 90 9.76 46.20 16.48
CA THR L 90 8.48 45.98 17.16
C THR L 90 7.86 47.33 17.52
N ALA L 91 6.67 47.29 18.11
CA ALA L 91 5.98 48.52 18.47
C ALA L 91 6.59 49.17 19.69
N ASN L 92 6.98 48.37 20.69
CA ASN L 92 7.61 48.93 21.87
C ASN L 92 9.00 49.47 21.56
N GLN L 93 9.73 48.82 20.65
CA GLN L 93 11.04 49.32 20.26
C GLN L 93 10.94 50.69 19.58
N CYS L 94 10.00 50.81 18.65
CA CYS L 94 9.78 52.08 17.97
C CYS L 94 9.29 53.15 18.93
N LEU L 95 8.38 52.79 19.84
CA LEU L 95 7.89 53.75 20.83
C LEU L 95 9.01 54.25 21.74
N GLU L 96 9.82 53.34 22.27
CA GLU L 96 10.85 53.76 23.21
C GLU L 96 11.97 54.49 22.50
N ARG L 97 12.26 54.16 21.23
CA ARG L 97 13.24 54.93 20.48
C ARG L 97 12.73 56.33 20.18
N TYR L 98 11.44 56.46 19.83
CA TYR L 98 10.88 57.77 19.55
C TYR L 98 10.86 58.64 20.80
N GLN L 99 10.47 58.07 21.94
CA GLN L 99 10.51 58.82 23.20
C GLN L 99 11.94 59.20 23.58
N LYS L 100 12.89 58.29 23.35
CA LYS L 100 14.29 58.60 23.64
C LYS L 100 14.80 59.72 22.75
N LEU L 101 14.40 59.74 21.48
CA LEU L 101 14.86 60.79 20.58
C LEU L 101 14.29 62.15 20.97
N LEU L 102 13.01 62.20 21.33
CA LEU L 102 12.45 63.47 21.82
C LEU L 102 13.12 63.92 23.11
N ASP L 103 13.36 63.00 24.05
CA ASP L 103 14.00 63.42 25.30
C ASP L 103 15.47 63.82 25.10
N GLU L 104 16.16 63.16 24.17
CA GLU L 104 17.54 63.51 23.88
C GLU L 104 17.63 64.86 23.18
N ALA L 105 16.68 65.15 22.29
CA ALA L 105 16.60 66.49 21.71
C ALA L 105 16.28 67.53 22.77
N GLU L 106 15.41 67.19 23.74
CA GLU L 106 15.12 68.12 24.82
C GLU L 106 16.36 68.42 25.66
N GLN L 107 17.16 67.40 25.97
CA GLN L 107 18.34 67.65 26.78
C GLN L 107 19.40 68.43 26.01
N ARG L 108 19.56 68.15 24.70
CA ARG L 108 20.54 68.96 23.97
C ARG L 108 20.04 70.39 23.76
N GLU L 109 18.72 70.59 23.69
CA GLU L 109 18.19 71.94 23.61
C GLU L 109 18.38 72.68 24.92
N ALA L 110 18.18 72.00 26.06
CA ALA L 110 18.42 72.63 27.35
C ALA L 110 19.89 72.92 27.57
N SER L 111 20.78 72.10 27.02
CA SER L 111 22.21 72.42 27.06
C SER L 111 22.54 73.61 26.17
N GLU L 112 21.87 73.71 25.02
CA GLU L 112 22.15 74.82 24.10
C GLU L 112 21.66 76.15 24.65
N LEU L 113 20.47 76.18 25.25
CA LEU L 113 19.95 77.44 25.79
C LEU L 113 20.64 77.83 27.09
N GLY L 114 21.29 76.88 27.76
CA GLY L 114 22.20 77.22 28.85
C GLY L 114 21.56 77.66 30.14
N LEU L 115 20.33 77.22 30.44
CA LEU L 115 19.76 77.48 31.76
C LEU L 115 20.55 76.75 32.85
N THR L 116 20.92 75.50 32.60
CA THR L 116 21.72 74.75 33.54
C THR L 116 23.20 75.09 33.37
N GLY L 117 23.91 75.17 34.50
CA GLY L 117 25.32 75.48 34.49
C GLY L 117 26.16 74.24 34.32
N PRO L 118 27.09 74.00 35.24
CA PRO L 118 27.90 72.78 35.19
C PRO L 118 27.05 71.55 35.46
N ASP L 119 27.46 70.44 34.86
CA ASP L 119 26.75 69.16 35.00
C ASP L 119 27.25 68.37 36.20
N GLY L 120 27.22 68.99 37.38
CA GLY L 120 27.64 68.32 38.60
C GLY L 120 26.76 68.66 39.78
N GLY L 121 25.76 69.50 39.57
CA GLY L 121 24.86 69.91 40.63
C GLY L 121 23.56 69.12 40.64
N GLU L 122 22.89 69.16 41.79
CA GLU L 122 21.65 68.42 41.98
C GLU L 122 20.42 69.18 41.49
N THR L 123 20.60 70.40 40.98
CA THR L 123 19.48 71.22 40.52
C THR L 123 19.10 70.94 39.06
N ARG L 124 19.41 69.75 38.55
CA ARG L 124 19.05 69.39 37.19
C ARG L 124 17.54 69.19 37.07
N ALA L 125 17.00 69.55 35.92
CA ALA L 125 15.58 69.37 35.65
C ALA L 125 15.26 67.89 35.49
N PRO L 126 14.35 67.33 36.27
CA PRO L 126 14.06 65.89 36.18
C PRO L 126 13.33 65.55 34.88
N THR L 127 13.86 64.56 34.17
CA THR L 127 13.35 64.17 32.87
C THR L 127 12.14 63.24 33.02
N ALA L 128 11.45 63.01 31.90
CA ALA L 128 10.33 62.07 31.89
C ALA L 128 10.81 60.62 31.99
N GLU L 129 12.05 60.35 31.57
CA GLU L 129 12.63 59.03 31.80
C GLU L 129 12.89 58.79 33.28
N ASP L 130 13.14 59.87 34.03
CA ASP L 130 13.30 59.74 35.48
C ASP L 130 11.97 59.40 36.15
N VAL L 131 10.83 59.78 35.54
CA VAL L 131 9.53 59.41 36.07
C VAL L 131 9.29 57.92 35.90
N ARG L 132 9.59 57.39 34.71
CA ARG L 132 9.43 55.96 34.44
C ARG L 132 10.55 55.19 35.12
N LYS L 133 10.38 54.97 36.43
CA LYS L 133 11.28 54.14 37.20
C LYS L 133 10.47 53.32 38.19
N LEU L 134 10.70 52.00 38.18
CA LEU L 134 9.92 51.09 38.99
C LEU L 134 10.43 51.08 40.43
N ARG L 135 9.53 51.35 41.36
CA ARG L 135 9.78 51.28 42.79
C ARG L 135 9.47 49.89 43.31
N PRO L 136 9.97 49.52 44.49
CA PRO L 136 9.53 48.27 45.11
C PRO L 136 8.03 48.28 45.38
N GLY L 137 7.37 47.18 45.03
CA GLY L 137 5.93 47.11 45.09
C GLY L 137 5.22 47.61 43.85
N GLU L 138 5.94 48.12 42.86
CA GLU L 138 5.36 48.54 41.60
C GLU L 138 5.63 47.48 40.53
N ILE L 139 5.01 47.68 39.35
CA ILE L 139 5.11 46.74 38.26
C ILE L 139 5.50 47.48 36.99
N ASP L 140 5.96 46.72 36.01
CA ASP L 140 6.25 47.18 34.67
C ASP L 140 5.07 46.85 33.76
N PRO L 141 4.61 47.80 32.93
CA PRO L 141 3.57 47.46 31.95
C PRO L 141 4.00 46.40 30.96
N ASP L 142 5.28 46.38 30.58
CA ASP L 142 5.77 45.51 29.51
C ASP L 142 7.04 44.80 29.96
N PRO L 143 6.91 43.74 30.77
CA PRO L 143 8.11 42.99 31.18
C PRO L 143 8.67 42.11 30.09
N GLU L 144 7.99 41.99 28.95
CA GLU L 144 8.44 41.11 27.87
C GLU L 144 9.35 41.81 26.88
N THR L 145 9.52 43.12 26.98
CA THR L 145 10.39 43.85 26.08
C THR L 145 11.77 44.09 26.66
N LYS L 146 12.04 43.60 27.83
CA LYS L 146 13.31 43.74 28.50
C LYS L 146 14.15 42.48 28.30
N PRO L 147 15.48 42.61 28.22
CA PRO L 147 16.34 41.43 28.13
C PRO L 147 16.28 40.62 29.41
N ALA L 148 16.55 39.33 29.25
CA ALA L 148 16.41 38.39 30.36
C ALA L 148 17.46 38.64 31.43
N ARG L 149 17.02 38.60 32.69
CA ARG L 149 17.95 38.70 33.79
C ARG L 149 18.83 37.44 33.85
N PRO L 150 20.12 37.58 34.10
CA PRO L 150 20.98 36.41 34.22
C PRO L 150 20.61 35.57 35.45
N ASP L 151 21.12 34.34 35.45
CA ASP L 151 20.82 33.39 36.49
C ASP L 151 21.73 33.61 37.69
N THR L 152 21.17 33.42 38.89
CA THR L 152 21.94 33.60 40.10
C THR L 152 22.87 32.42 40.31
N ILE L 153 23.77 32.56 41.29
CA ILE L 153 24.69 31.48 41.63
C ILE L 153 23.93 30.28 42.18
N ASP L 154 23.00 30.54 43.09
CA ASP L 154 22.14 29.51 43.65
C ASP L 154 20.71 29.74 43.16
N LEU L 155 20.14 28.71 42.56
CA LEU L 155 18.80 28.81 41.99
C LEU L 155 17.75 28.43 43.03
N ASP L 156 16.53 28.91 42.80
CA ASP L 156 15.43 28.63 43.71
C ASP L 156 14.99 27.18 43.58
N GLU L 157 14.16 26.74 44.53
CA GLU L 157 13.51 25.45 44.39
C GLU L 157 12.48 25.48 43.27
N ASP L 158 11.86 26.64 43.04
CA ASP L 158 10.99 26.81 41.88
C ASP L 158 11.77 26.61 40.60
N GLU L 159 12.97 27.20 40.52
CA GLU L 159 13.77 27.10 39.30
C GLU L 159 14.27 25.68 39.08
N LYS L 160 14.85 25.05 40.11
CA LYS L 160 15.36 23.70 39.94
C LYS L 160 14.23 22.73 39.63
N GLU L 161 13.06 22.93 40.24
CA GLU L 161 11.91 22.09 39.94
C GLU L 161 11.44 22.27 38.50
N MET L 162 11.41 23.51 38.00
CA MET L 162 10.97 23.72 36.63
C MET L 162 12.00 23.23 35.62
N LEU L 163 13.29 23.22 35.96
CA LEU L 163 14.28 22.53 35.12
C LEU L 163 14.04 21.04 35.09
N SER L 164 13.76 20.43 36.24
CA SER L 164 13.50 18.99 36.26
C SER L 164 12.28 18.64 35.42
N GLU L 165 11.22 19.43 35.54
CA GLU L 165 10.02 19.23 34.73
C GLU L 165 10.29 19.51 33.26
N ALA L 166 11.14 20.49 32.96
CA ALA L 166 11.47 20.79 31.57
C ALA L 166 12.19 19.63 30.91
N ARG L 167 13.16 19.03 31.60
CA ARG L 167 13.84 17.85 31.07
C ARG L 167 12.87 16.71 30.87
N ALA L 168 11.98 16.49 31.86
CA ALA L 168 11.04 15.37 31.78
C ALA L 168 10.08 15.52 30.61
N ARG L 169 9.51 16.72 30.44
CA ARG L 169 8.51 16.89 29.38
C ARG L 169 9.17 17.07 28.03
N LEU L 170 10.43 17.47 28.00
CA LEU L 170 11.14 17.54 26.72
C LEU L 170 11.49 16.15 26.22
N ALA L 171 11.86 15.24 27.12
CA ALA L 171 12.20 13.89 26.72
C ALA L 171 10.98 13.07 26.29
N ASN L 172 9.77 13.55 26.54
CA ASN L 172 8.57 12.77 26.33
C ASN L 172 8.17 12.74 24.86
N THR L 173 7.72 11.57 24.40
CA THR L 173 7.26 11.38 23.03
C THR L 173 5.96 10.62 22.92
N GLN L 174 5.58 9.82 23.92
CA GLN L 174 4.53 8.82 23.77
C GLN L 174 3.32 9.20 24.60
N GLY L 175 2.17 8.69 24.17
CA GLY L 175 0.95 8.77 24.93
C GLY L 175 0.78 7.55 25.81
N LYS L 176 -0.45 7.37 26.30
CA LYS L 176 -0.72 6.34 27.28
C LYS L 176 -0.59 4.94 26.68
N LYS L 177 -1.23 4.71 25.53
CA LYS L 177 -1.32 3.37 24.97
C LYS L 177 0.04 2.87 24.50
N ALA L 178 0.85 3.74 23.88
CA ALA L 178 2.17 3.33 23.43
C ALA L 178 3.08 2.96 24.59
N LYS L 179 3.05 3.76 25.66
CA LYS L 179 3.82 3.43 26.86
C LYS L 179 3.36 2.12 27.48
N ARG L 180 2.04 1.91 27.53
CA ARG L 180 1.52 0.68 28.09
C ARG L 180 1.88 -0.53 27.23
N LYS L 181 1.91 -0.36 25.91
CA LYS L 181 2.26 -1.50 25.06
C LYS L 181 3.74 -1.83 25.18
N ALA L 182 4.60 -0.82 25.31
CA ALA L 182 6.01 -1.10 25.56
C ALA L 182 6.23 -1.80 26.90
N ARG L 183 5.53 -1.34 27.94
CA ARG L 183 5.64 -1.97 29.26
C ARG L 183 5.09 -3.39 29.22
N GLU L 184 4.02 -3.61 28.45
CA GLU L 184 3.47 -4.95 28.29
C GLU L 184 4.44 -5.86 27.56
N ARG L 185 5.15 -5.33 26.55
CA ARG L 185 6.14 -6.13 25.84
C ARG L 185 7.25 -6.58 26.79
N GLN L 186 7.75 -5.66 27.61
CA GLN L 186 8.78 -6.02 28.59
C GLN L 186 8.26 -7.02 29.61
N GLN L 187 7.03 -6.81 30.10
CA GLN L 187 6.46 -7.72 31.08
C GLN L 187 6.24 -9.11 30.50
N GLU L 188 5.72 -9.19 29.27
CA GLU L 188 5.47 -10.47 28.63
C GLU L 188 6.78 -11.22 28.38
N GLU L 189 7.84 -10.49 28.01
CA GLU L 189 9.14 -11.15 27.88
C GLU L 189 9.62 -11.71 29.23
N SER L 190 9.43 -10.93 30.31
CA SER L 190 9.81 -11.42 31.63
C SER L 190 9.03 -12.67 32.02
N ARG L 191 7.71 -12.65 31.79
CA ARG L 191 6.89 -13.82 32.07
C ARG L 191 7.29 -15.00 31.20
N ARG L 192 7.75 -14.76 29.96
CA ARG L 192 8.07 -15.91 29.13
C ARG L 192 9.42 -16.53 29.50
N LEU L 193 10.40 -15.73 29.90
CA LEU L 193 11.60 -16.34 30.47
C LEU L 193 11.29 -17.12 31.75
N ALA L 194 10.41 -16.59 32.61
CA ALA L 194 10.03 -17.33 33.81
C ALA L 194 9.33 -18.64 33.46
N ALA L 195 8.39 -18.60 32.52
CA ALA L 195 7.64 -19.79 32.13
C ALA L 195 8.53 -20.80 31.44
N LEU L 196 9.47 -20.33 30.61
CA LEU L 196 10.42 -21.24 29.97
C LEU L 196 11.29 -21.93 30.99
N GLN L 197 11.77 -21.19 32.00
CA GLN L 197 12.60 -21.78 33.05
C GLN L 197 11.83 -22.84 33.82
N LYS L 198 10.58 -22.54 34.18
CA LYS L 198 9.75 -23.53 34.85
C LYS L 198 9.48 -24.74 33.97
N ARG L 199 9.29 -24.54 32.66
CA ARG L 199 9.06 -25.64 31.76
C ARG L 199 10.27 -26.56 31.64
N ARG L 200 11.48 -25.99 31.55
CA ARG L 200 12.64 -26.85 31.43
C ARG L 200 12.99 -27.50 32.76
N GLU L 201 12.60 -26.87 33.88
CA GLU L 201 12.79 -27.54 35.16
C GLU L 201 11.78 -28.66 35.39
N LEU L 202 10.58 -28.57 34.81
CA LEU L 202 9.63 -29.66 35.00
C LEU L 202 9.83 -30.78 33.99
N LYS L 203 10.32 -30.45 32.79
CA LYS L 203 10.60 -31.48 31.79
C LYS L 203 11.72 -32.41 32.24
N THR L 204 12.77 -31.85 32.85
CA THR L 204 13.84 -32.68 33.41
C THR L 204 13.44 -33.34 34.71
N ALA L 205 12.31 -32.96 35.30
CA ALA L 205 11.77 -33.61 36.48
C ALA L 205 10.93 -34.83 36.14
N GLY L 206 10.75 -35.12 34.85
CA GLY L 206 10.00 -36.29 34.42
C GLY L 206 8.61 -35.99 33.92
N ILE L 207 7.99 -34.97 34.50
CA ILE L 207 6.58 -34.61 34.11
C ILE L 207 6.59 -33.86 32.77
N ASN L 208 5.65 -34.20 31.89
CA ASN L 208 5.58 -33.55 30.56
C ASN L 208 4.11 -33.23 30.23
N ILE L 209 3.70 -31.96 30.33
CA ILE L 209 2.31 -31.59 29.94
C ILE L 209 2.37 -30.51 28.86
N LYS L 210 1.77 -30.76 27.69
CA LYS L 210 1.70 -29.72 26.64
C LYS L 210 0.48 -28.83 26.88
N ILE L 211 0.60 -27.52 26.64
CA ILE L 211 -0.53 -26.57 26.96
C ILE L 211 -1.21 -26.09 25.68
N THR L 212 -2.50 -25.71 25.76
CA THR L 212 -3.20 -25.34 24.54
C THR L 212 -2.74 -23.96 24.07
N THR L 213 -1.94 -23.98 23.00
CA THR L 213 -1.55 -22.73 22.36
C THR L 213 -2.55 -22.29 21.30
N ARG L 214 -3.63 -23.05 21.11
CA ARG L 214 -4.56 -22.78 20.01
C ARG L 214 -5.69 -21.87 20.51
N LYS L 215 -5.40 -20.57 20.53
CA LYS L 215 -6.41 -19.58 20.84
C LYS L 215 -7.42 -19.51 19.69
N LYS L 216 -8.67 -19.21 20.03
CA LYS L 216 -9.68 -19.06 19.01
C LYS L 216 -9.49 -17.74 18.27
N GLY L 217 -9.94 -17.71 17.02
CA GLY L 217 -9.81 -16.53 16.19
C GLY L 217 -8.45 -16.32 15.59
N GLN L 218 -7.48 -17.20 15.86
CA GLN L 218 -6.12 -17.04 15.38
C GLN L 218 -5.64 -18.36 14.81
N MET L 219 -4.61 -18.28 13.96
CA MET L 219 -4.12 -19.43 13.24
C MET L 219 -2.82 -19.94 13.83
N ASP L 220 -2.61 -21.25 13.70
CA ASP L 220 -1.35 -21.90 14.03
C ASP L 220 -0.48 -21.88 12.78
N TYR L 221 0.59 -21.10 12.79
CA TYR L 221 1.45 -20.98 11.63
C TYR L 221 2.49 -22.08 11.55
N ASN L 222 2.50 -23.00 12.52
CA ASN L 222 3.47 -24.09 12.53
C ASN L 222 2.91 -25.41 12.04
N ALA L 223 1.59 -25.55 11.94
CA ALA L 223 1.00 -26.81 11.48
C ALA L 223 1.35 -27.08 10.03
N ASP L 224 1.32 -26.03 9.20
CA ASP L 224 1.66 -26.09 7.79
C ASP L 224 1.99 -24.70 7.31
N ILE L 225 2.55 -24.62 6.10
CA ILE L 225 3.01 -23.34 5.56
C ILE L 225 1.79 -22.45 5.33
N PRO L 226 1.76 -21.25 5.91
CA PRO L 226 0.54 -20.44 5.85
C PRO L 226 0.37 -19.82 4.47
N PHE L 227 -0.78 -20.11 3.86
CA PHE L 227 -1.15 -19.66 2.51
C PHE L 227 -0.05 -19.97 1.52
N GLU L 228 0.18 -21.27 1.33
CA GLU L 228 1.27 -21.74 0.48
C GLU L 228 1.11 -21.22 -0.93
N LYS L 229 2.23 -20.79 -1.51
CA LYS L 229 2.27 -20.38 -2.92
C LYS L 229 3.58 -20.91 -3.45
N LYS L 230 3.53 -22.14 -3.98
CA LYS L 230 4.73 -22.82 -4.40
C LYS L 230 5.29 -22.15 -5.66
N PRO L 231 6.62 -22.15 -5.82
CA PRO L 231 7.21 -21.54 -7.01
C PRO L 231 6.81 -22.27 -8.27
N ALA L 232 6.57 -21.51 -9.33
CA ALA L 232 6.14 -22.09 -10.58
C ALA L 232 7.29 -22.85 -11.24
N PRO L 233 7.01 -23.95 -11.91
CA PRO L 233 8.08 -24.70 -12.58
C PRO L 233 8.55 -23.98 -13.83
N GLY L 234 9.86 -23.95 -14.02
CA GLY L 234 10.46 -23.34 -15.19
C GLY L 234 11.00 -24.39 -16.14
N PHE L 235 12.01 -24.04 -16.93
CA PHE L 235 12.62 -24.96 -17.87
C PHE L 235 13.71 -25.81 -17.24
N TYR L 236 14.02 -25.60 -15.96
CA TYR L 236 15.09 -26.31 -15.28
C TYR L 236 14.50 -27.19 -14.19
N ASP L 237 14.94 -28.45 -14.13
CA ASP L 237 14.48 -29.36 -13.10
C ASP L 237 15.02 -28.94 -11.74
N THR L 238 14.16 -29.02 -10.72
CA THR L 238 14.51 -28.60 -9.38
C THR L 238 14.34 -29.70 -8.35
N THR L 239 14.28 -30.97 -8.77
CA THR L 239 13.92 -32.05 -7.86
C THR L 239 15.03 -32.31 -6.84
N GLU L 240 16.27 -32.42 -7.31
CA GLU L 240 17.37 -32.68 -6.39
C GLU L 240 17.60 -31.50 -5.45
N GLU L 241 17.38 -30.27 -5.91
CA GLU L 241 17.54 -29.11 -5.03
C GLU L 241 16.42 -29.05 -4.00
N ILE L 242 15.21 -29.47 -4.37
CA ILE L 242 14.11 -29.55 -3.41
C ILE L 242 14.42 -30.59 -2.33
N ALA L 243 14.96 -31.74 -2.76
CA ALA L 243 15.35 -32.76 -1.79
C ALA L 243 16.48 -32.27 -0.88
N ARG L 244 17.44 -31.52 -1.44
CA ARG L 244 18.53 -31.02 -0.62
C ARG L 244 18.05 -29.96 0.37
N ASN L 245 17.12 -29.10 -0.04
CA ASN L 245 16.57 -28.11 0.87
C ASN L 245 15.76 -28.77 1.99
N GLU L 246 15.03 -29.84 1.66
CA GLU L 246 14.33 -30.59 2.70
C GLU L 246 15.31 -31.26 3.66
N TRP L 247 16.42 -31.79 3.12
CA TRP L 247 17.46 -32.37 3.97
C TRP L 247 18.07 -31.32 4.88
N GLN L 248 18.29 -30.11 4.36
CA GLN L 248 18.85 -29.03 5.17
C GLN L 248 17.89 -28.61 6.27
N ARG L 249 16.59 -28.54 5.96
CA ARG L 249 15.60 -28.19 6.98
C ARG L 249 15.50 -29.26 8.05
N ALA L 250 15.56 -30.54 7.65
CA ALA L 250 15.42 -31.63 8.59
C ALA L 250 16.60 -31.72 9.55
N HIS L 251 17.82 -31.45 9.06
CA HIS L 251 19.01 -31.53 9.88
C HIS L 251 19.49 -30.16 10.35
N PHE L 252 18.58 -29.19 10.43
CA PHE L 252 18.93 -27.88 10.96
C PHE L 252 19.22 -27.98 12.45
N ASP L 253 20.30 -27.35 12.90
CA ASP L 253 20.77 -27.53 14.26
C ASP L 253 20.17 -26.47 15.17
N PRO L 254 19.36 -26.84 16.16
CA PRO L 254 18.91 -25.86 17.16
C PRO L 254 20.03 -25.35 18.04
N LYS L 255 21.15 -26.07 18.11
CA LYS L 255 22.22 -25.74 19.04
C LYS L 255 23.18 -24.68 18.52
N LYS L 256 22.94 -24.15 17.32
CA LYS L 256 23.80 -23.13 16.75
C LYS L 256 23.15 -21.76 16.67
N GLN L 257 21.96 -21.60 17.24
CA GLN L 257 21.21 -20.36 17.16
C GLN L 257 20.98 -19.81 18.56
N GLN L 258 21.38 -18.56 18.77
CA GLN L 258 21.19 -17.85 20.03
C GLN L 258 20.71 -16.44 19.71
N VAL L 259 19.67 -15.99 20.39
CA VAL L 259 19.13 -14.65 20.17
C VAL L 259 19.26 -13.83 21.46
N GLY L 260 18.90 -12.56 21.38
CA GLY L 260 18.88 -11.70 22.56
C GLY L 260 20.23 -11.41 23.17
N GLY L 282 40.77 7.77 19.40
CA GLY L 282 42.11 7.59 18.85
C GLY L 282 42.95 8.84 18.87
N PRO L 283 42.80 9.69 17.86
CA PRO L 283 43.58 10.92 17.78
C PRO L 283 43.04 12.00 18.72
N SER L 284 43.68 13.17 18.66
CA SER L 284 43.38 14.27 19.57
C SER L 284 42.12 15.01 19.13
N ALA L 285 41.61 15.84 20.05
CA ALA L 285 40.39 16.61 19.79
C ALA L 285 40.68 17.89 19.00
N SER L 286 41.90 18.40 19.07
CA SER L 286 42.24 19.60 18.32
C SER L 286 42.17 19.38 16.81
N LEU L 287 42.60 18.20 16.36
CA LEU L 287 42.60 17.92 14.92
C LEU L 287 41.19 17.73 14.38
N GLN L 288 40.33 17.03 15.12
CA GLN L 288 38.95 16.91 14.67
C GLN L 288 38.22 18.24 14.76
N ALA L 289 38.55 19.08 15.74
CA ALA L 289 38.00 20.42 15.79
C ALA L 289 38.44 21.23 14.58
N ALA L 290 39.71 21.09 14.18
CA ALA L 290 40.24 21.81 13.02
C ALA L 290 39.54 21.36 11.74
N LEU L 291 39.31 20.05 11.58
CA LEU L 291 38.67 19.57 10.37
C LEU L 291 37.20 19.96 10.33
N LYS L 292 36.52 19.92 11.49
CA LYS L 292 35.13 20.34 11.56
C LYS L 292 34.99 21.83 11.24
N ALA L 293 35.89 22.65 11.77
CA ALA L 293 35.88 24.05 11.40
C ALA L 293 36.27 24.28 9.95
N GLY L 294 37.09 23.40 9.37
CA GLY L 294 37.37 23.49 7.95
C GLY L 294 36.14 23.26 7.10
N GLN L 295 35.33 22.28 7.47
CA GLN L 295 34.04 22.08 6.81
C GLN L 295 33.13 23.29 7.01
N MET L 296 33.11 23.85 8.23
CA MET L 296 32.27 25.00 8.53
C MET L 296 32.70 26.23 7.73
N GLN L 297 34.00 26.45 7.59
CA GLN L 297 34.47 27.59 6.80
C GLN L 297 34.31 27.35 5.31
N LYS L 298 34.30 26.09 4.85
CA LYS L 298 33.93 25.82 3.47
C LYS L 298 32.48 26.19 3.22
N LEU L 299 31.59 25.87 4.15
CA LEU L 299 30.19 26.28 4.00
C LEU L 299 30.05 27.80 4.10
N ARG L 300 30.85 28.44 4.98
CA ARG L 300 30.84 29.89 5.08
C ARG L 300 31.33 30.54 3.79
N GLU L 301 32.35 29.96 3.14
CA GLU L 301 32.83 30.46 1.87
C GLU L 301 31.81 30.25 0.77
N ALA L 302 31.06 29.15 0.82
CA ALA L 302 29.95 28.95 -0.10
C ALA L 302 28.89 30.02 0.08
N GLU L 303 28.62 30.40 1.34
CA GLU L 303 27.73 31.53 1.60
C GLU L 303 28.34 32.85 1.13
N GLN L 304 29.68 32.94 1.12
CA GLN L 304 30.35 34.20 0.86
C GLN L 304 30.23 34.64 -0.60
N SER L 305 29.90 33.73 -1.50
CA SER L 305 29.78 34.07 -2.91
C SER L 305 28.37 34.52 -3.29
N SER L 306 27.45 34.62 -2.33
CA SER L 306 26.07 34.98 -2.62
C SER L 306 25.53 36.14 -1.81
N LYS L 307 26.15 36.51 -0.69
CA LYS L 307 25.69 37.60 0.17
C LYS L 307 26.18 38.96 -0.29
N ARG L 308 26.77 39.04 -1.47
CA ARG L 308 27.43 40.27 -1.94
C ARG L 308 26.38 41.24 -2.45
N LYS L 309 26.12 42.29 -1.68
CA LYS L 309 25.34 43.40 -2.17
C LYS L 309 26.18 44.13 -3.22
N PRO L 310 25.67 44.32 -4.44
CA PRO L 310 26.51 44.91 -5.48
C PRO L 310 26.84 46.39 -5.29
N LEU L 311 28.04 46.74 -5.73
CA LEU L 311 28.60 48.07 -5.48
C LEU L 311 27.88 49.08 -6.36
N ILE L 312 26.89 49.75 -5.78
CA ILE L 312 26.17 50.80 -6.50
C ILE L 312 27.01 52.06 -6.46
N LEU L 313 27.87 52.22 -7.46
CA LEU L 313 28.75 53.37 -7.50
C LEU L 313 27.94 54.64 -7.78
N PRO L 314 28.25 55.75 -7.11
CA PRO L 314 27.57 57.01 -7.42
C PRO L 314 28.00 57.53 -8.78
N ALA L 315 27.12 58.30 -9.39
CA ALA L 315 27.46 58.96 -10.64
C ALA L 315 28.53 60.02 -10.38
N PRO L 316 29.61 60.03 -11.16
CA PRO L 316 30.65 61.05 -10.96
C PRO L 316 30.15 62.43 -11.33
N GLN L 317 30.68 63.43 -10.63
CA GLN L 317 30.28 64.81 -10.88
C GLN L 317 30.81 65.36 -12.20
N VAL L 318 31.73 64.64 -12.84
CA VAL L 318 32.29 65.03 -14.12
C VAL L 318 32.14 63.87 -15.10
N SER L 319 31.81 64.20 -16.34
CA SER L 319 31.63 63.20 -17.39
C SER L 319 32.83 63.22 -18.32
N ASP L 320 32.93 62.16 -19.14
CA ASP L 320 34.15 61.91 -19.92
C ASP L 320 34.39 62.96 -20.99
N SER L 321 33.34 63.67 -21.42
CA SER L 321 33.53 64.79 -22.35
C SER L 321 34.36 65.89 -21.70
N GLU L 322 34.08 66.21 -20.44
CA GLU L 322 34.89 67.21 -19.75
C GLU L 322 36.28 66.68 -19.42
N LEU L 323 36.41 65.36 -19.21
CA LEU L 323 37.75 64.77 -19.10
C LEU L 323 38.55 64.98 -20.37
N ASP L 324 37.92 64.76 -21.53
CA ASP L 324 38.59 65.00 -22.80
C ASP L 324 38.90 66.47 -23.00
N GLU L 325 38.03 67.34 -22.48
CA GLU L 325 38.30 68.78 -22.50
C GLU L 325 39.55 69.11 -21.71
N ILE L 326 39.69 68.53 -20.52
CA ILE L 326 40.89 68.71 -19.71
C ILE L 326 42.11 68.16 -20.44
N VAL L 327 41.95 67.02 -21.12
CA VAL L 327 43.05 66.41 -21.87
C VAL L 327 43.54 67.33 -22.98
N LYS L 328 42.62 67.89 -23.77
CA LYS L 328 43.10 68.74 -24.87
C LYS L 328 43.56 70.11 -24.39
N MET L 329 43.01 70.64 -23.29
CA MET L 329 43.56 71.88 -22.74
C MET L 329 44.97 71.67 -22.21
N GLY L 330 45.21 70.56 -21.50
CA GLY L 330 46.55 70.24 -21.05
C GLY L 330 47.50 69.96 -22.19
N MET L 331 46.99 69.34 -23.26
CA MET L 331 47.80 69.11 -24.46
C MET L 331 48.19 70.42 -25.11
N ILE L 332 47.25 71.37 -25.17
CA ILE L 332 47.54 72.70 -25.72
C ILE L 332 48.59 73.41 -24.87
N GLY L 333 48.46 73.31 -23.55
CA GLY L 333 49.44 73.95 -22.67
C GLY L 333 50.83 73.35 -22.80
N GLU L 334 50.91 72.01 -22.82
CA GLU L 334 52.22 71.37 -22.94
C GLU L 334 52.81 71.54 -24.33
N ARG L 335 51.98 71.66 -25.36
CA ARG L 335 52.50 71.92 -26.70
C ARG L 335 53.01 73.35 -26.83
N ALA L 336 52.33 74.30 -26.18
CA ALA L 336 52.84 75.67 -26.12
C ALA L 336 54.16 75.73 -25.36
N SER L 337 54.27 74.98 -24.26
CA SER L 337 55.53 74.93 -23.52
C SER L 337 56.63 74.29 -24.35
N ALA L 338 56.31 73.22 -25.08
CA ALA L 338 57.30 72.54 -25.90
C ALA L 338 57.77 73.42 -27.06
N MET L 339 56.85 74.14 -27.70
CA MET L 339 57.23 75.04 -28.78
C MET L 339 57.93 76.30 -28.27
N ALA L 340 57.71 76.67 -27.01
CA ALA L 340 58.49 77.76 -26.43
C ALA L 340 59.91 77.31 -26.09
N ARG L 341 60.05 76.09 -25.57
CA ARG L 341 61.38 75.58 -25.24
C ARG L 341 62.19 75.23 -26.49
N GLU L 342 61.52 74.78 -27.54
CA GLU L 342 62.20 74.40 -28.77
C GLU L 342 62.74 75.61 -29.52
N SER L 343 61.98 76.71 -29.52
CA SER L 343 62.39 77.92 -30.21
C SER L 343 63.25 78.80 -29.32
N GLY L 361 43.25 74.39 -4.63
CA GLY L 361 43.91 73.81 -3.47
C GLY L 361 44.34 72.38 -3.68
N ALA L 362 45.39 71.97 -2.95
CA ALA L 362 45.87 70.59 -3.05
C ALA L 362 44.86 69.54 -2.58
N PRO L 363 44.19 69.65 -1.44
CA PRO L 363 43.16 68.65 -1.11
C PRO L 363 41.78 69.08 -1.59
N ILE L 364 40.84 68.14 -1.50
CA ILE L 364 39.47 68.36 -1.93
C ILE L 364 38.55 68.20 -0.74
N ARG L 365 37.46 68.96 -0.74
CA ARG L 365 36.59 69.10 0.41
C ARG L 365 35.18 68.64 0.10
N THR L 366 34.62 67.86 1.03
CA THR L 366 33.18 67.60 1.00
C THR L 366 32.43 68.78 1.59
N PRO L 367 31.41 69.29 0.90
CA PRO L 367 30.55 70.31 1.51
C PRO L 367 29.91 69.80 2.79
N ARG L 368 29.83 70.67 3.78
CA ARG L 368 29.21 70.32 5.04
C ARG L 368 27.69 70.33 4.91
N ALA L 369 27.04 69.41 5.60
CA ALA L 369 25.59 69.41 5.66
C ALA L 369 25.12 70.65 6.42
N PRO L 370 24.13 71.38 5.92
CA PRO L 370 23.68 72.59 6.62
C PRO L 370 23.04 72.25 7.96
N ALA L 371 23.18 73.17 8.91
CA ALA L 371 22.60 72.99 10.24
C ALA L 371 21.08 72.97 10.18
N GLN L 372 20.49 73.82 9.33
CA GLN L 372 19.04 73.81 9.13
C GLN L 372 18.56 72.53 8.45
N GLU L 373 19.44 71.84 7.72
CA GLU L 373 19.08 70.62 7.00
C GLU L 373 19.31 69.36 7.83
N ASP L 374 19.49 69.49 9.14
CA ASP L 374 19.50 68.32 10.01
C ASP L 374 18.08 67.79 10.08
N HIS L 375 17.77 66.82 9.21
CA HIS L 375 16.40 66.36 9.05
C HIS L 375 15.86 65.68 10.30
N ILE L 376 16.73 65.04 11.09
CA ILE L 376 16.29 64.38 12.31
C ILE L 376 15.75 65.41 13.30
N ALA L 377 16.53 66.46 13.57
CA ALA L 377 16.07 67.49 14.51
C ALA L 377 14.92 68.29 13.93
N ASN L 378 14.89 68.46 12.61
CA ASN L 378 13.76 69.14 11.97
C ASN L 378 12.46 68.38 12.19
N GLU L 379 12.49 67.06 12.00
CA GLU L 379 11.29 66.27 12.26
C GLU L 379 10.98 66.18 13.75
N ILE L 380 12.00 66.24 14.60
CA ILE L 380 11.76 66.30 16.05
C ILE L 380 10.96 67.53 16.41
N ARG L 381 11.40 68.70 15.94
CA ARG L 381 10.69 69.92 16.30
C ARG L 381 9.36 70.03 15.57
N ASN L 382 9.22 69.41 14.39
CA ASN L 382 7.93 69.39 13.73
C ASN L 382 6.91 68.55 14.50
N ILE L 383 7.30 67.35 14.95
CA ILE L 383 6.37 66.53 15.71
C ILE L 383 6.11 67.14 17.09
N LYS L 384 7.11 67.77 17.69
CA LYS L 384 6.88 68.46 18.95
C LYS L 384 5.97 69.66 18.78
N ALA L 385 5.97 70.28 17.60
CA ALA L 385 5.05 71.37 17.31
C ALA L 385 3.64 70.87 17.07
N LEU L 386 3.50 69.76 16.36
CA LEU L 386 2.19 69.28 15.91
C LEU L 386 1.65 68.14 16.76
N THR L 387 2.24 67.89 17.92
CA THR L 387 1.75 66.89 18.85
C THR L 387 1.33 67.48 20.19
N GLU L 388 2.22 68.25 20.83
CA GLU L 388 1.93 68.88 22.11
C GLU L 388 1.38 70.28 21.85
N THR L 389 0.12 70.32 21.46
CA THR L 389 -0.47 71.57 21.00
C THR L 389 -1.81 71.92 21.63
N GLN L 390 -2.37 71.04 22.47
CA GLN L 390 -3.67 71.21 23.12
C GLN L 390 -4.82 71.35 22.12
N SER L 391 -6.03 71.56 22.63
CA SER L 391 -7.20 71.65 21.77
C SER L 391 -7.18 72.95 20.99
N SER L 392 -7.54 72.89 19.71
CA SER L 392 -7.50 74.09 18.89
C SER L 392 -8.65 75.04 19.19
N LEU L 393 -9.65 74.61 19.95
CA LEU L 393 -10.71 75.52 20.37
C LEU L 393 -10.21 76.56 21.36
N LEU L 394 -9.16 76.25 22.12
CA LEU L 394 -8.60 77.22 23.05
C LEU L 394 -7.96 78.40 22.34
N GLY L 395 -7.53 78.22 21.09
CA GLY L 395 -6.75 79.24 20.44
C GLY L 395 -5.30 79.14 20.88
N GLY L 396 -4.67 80.28 21.08
CA GLY L 396 -3.27 80.29 21.48
C GLY L 396 -2.34 80.27 20.28
N GLU L 397 -1.08 80.58 20.55
CA GLU L 397 -0.09 80.70 19.49
C GLU L 397 0.28 79.33 18.94
N ASN L 398 0.26 79.21 17.62
CA ASN L 398 0.78 78.01 16.99
C ASN L 398 2.29 77.95 17.16
N ALA L 399 2.80 76.74 17.39
CA ALA L 399 4.23 76.57 17.58
C ALA L 399 4.97 76.83 16.27
N PRO L 400 6.07 77.57 16.30
CA PRO L 400 6.79 77.87 15.05
C PRO L 400 7.58 76.68 14.54
N LEU L 401 7.08 76.05 13.48
CA LEU L 401 7.79 74.94 12.86
C LEU L 401 8.82 75.49 11.89
N ALA L 402 10.04 74.96 11.98
CA ALA L 402 11.18 75.45 11.20
C ALA L 402 11.49 74.42 10.13
N GLU L 403 11.32 74.81 8.87
CA GLU L 403 11.55 73.90 7.76
C GLU L 403 12.76 74.25 6.92
N GLY L 404 13.10 75.54 6.80
CA GLY L 404 14.18 75.95 5.94
C GLY L 404 13.88 75.70 4.47
N ALA L 405 14.55 74.72 3.88
CA ALA L 405 14.34 74.37 2.48
C ALA L 405 13.44 73.15 2.35
N LYS L 496 78.30 50.37 -26.55
CA LYS L 496 78.64 50.19 -27.96
C LYS L 496 77.41 49.80 -28.78
N GLN L 497 77.24 50.47 -29.92
CA GLN L 497 76.11 50.18 -30.79
C GLN L 497 76.34 48.86 -31.51
N GLU L 498 75.30 48.03 -31.52
CA GLU L 498 75.38 46.74 -32.20
C GLU L 498 75.45 46.94 -33.71
N PRO L 499 76.21 46.11 -34.43
CA PRO L 499 76.30 46.27 -35.89
C PRO L 499 75.02 45.82 -36.58
N LYS L 500 74.25 46.76 -37.09
CA LYS L 500 72.98 46.46 -37.76
C LYS L 500 73.26 46.04 -39.19
N THR L 501 73.73 44.80 -39.34
CA THR L 501 73.98 44.25 -40.66
C THR L 501 72.66 43.95 -41.37
N GLN L 502 72.72 43.91 -42.70
CA GLN L 502 71.53 43.63 -43.49
C GLN L 502 71.15 42.17 -43.39
N GLU L 503 70.54 41.78 -42.28
CA GLU L 503 70.13 40.39 -42.06
C GLU L 503 68.92 40.09 -42.92
N GLU L 504 69.15 39.56 -44.13
CA GLU L 504 68.05 39.19 -45.00
C GLU L 504 67.30 38.00 -44.40
N LEU L 505 65.97 38.02 -44.55
CA LEU L 505 65.14 36.92 -44.07
C LEU L 505 65.51 35.65 -44.80
N GLU L 506 66.00 34.65 -44.05
CA GLU L 506 66.41 33.38 -44.63
C GLU L 506 65.22 32.69 -45.27
N GLU L 507 65.21 32.62 -46.59
CA GLU L 507 64.08 32.06 -47.32
C GLU L 507 63.95 30.57 -47.04
N ASP L 508 62.71 30.11 -46.88
CA ASP L 508 62.47 28.69 -46.70
C ASP L 508 62.93 27.92 -47.92
N ALA L 509 63.62 26.81 -47.69
CA ALA L 509 64.17 26.03 -48.79
C ALA L 509 63.10 25.44 -49.69
N ALA L 510 61.85 25.36 -49.24
CA ALA L 510 60.75 25.06 -50.14
C ALA L 510 60.60 26.15 -51.20
N ASP L 511 60.73 27.42 -50.79
CA ASP L 511 60.63 28.51 -51.75
C ASP L 511 61.82 28.52 -52.70
N ARG L 512 63.01 28.23 -52.18
CA ARG L 512 64.19 28.13 -53.05
C ARG L 512 64.07 26.97 -54.03
N ASP L 513 63.51 25.85 -53.57
CA ASP L 513 63.27 24.72 -54.46
C ASP L 513 62.20 25.05 -55.50
N ARG L 514 61.18 25.83 -55.12
CA ARG L 514 60.18 26.26 -56.10
C ARG L 514 60.80 27.17 -57.15
N ARG L 515 61.68 28.07 -56.73
CA ARG L 515 62.38 28.93 -57.70
C ARG L 515 63.28 28.12 -58.62
N GLU L 516 63.99 27.13 -58.07
CA GLU L 516 64.84 26.26 -58.88
C GLU L 516 64.01 25.43 -59.85
N ARG L 517 62.85 24.95 -59.41
CA ARG L 517 61.98 24.19 -60.31
C ARG L 517 61.41 25.08 -61.41
N GLU L 518 61.09 26.33 -61.09
CA GLU L 518 60.62 27.26 -62.11
C GLU L 518 61.71 27.57 -63.12
N LEU L 519 62.96 27.73 -62.65
CA LEU L 519 64.08 27.97 -63.55
C LEU L 519 64.34 26.76 -64.44
N ARG L 520 64.26 25.55 -63.87
CA ARG L 520 64.43 24.33 -64.66
C ARG L 520 63.32 24.17 -65.69
N GLU L 521 62.09 24.51 -65.31
CA GLU L 521 60.97 24.44 -66.25
C GLU L 521 61.13 25.45 -67.38
N ALA L 522 61.62 26.66 -67.05
CA ALA L 522 61.88 27.65 -68.08
C ALA L 522 62.99 27.20 -69.03
N ARG L 523 64.03 26.58 -68.49
CA ARG L 523 65.10 26.05 -69.33
C ARG L 523 64.59 24.92 -70.22
N GLU L 524 63.75 24.04 -69.68
CA GLU L 524 63.18 22.97 -70.49
C GLU L 524 62.26 23.50 -71.58
N LEU L 525 61.48 24.54 -71.28
CA LEU L 525 60.62 25.16 -72.28
C LEU L 525 61.44 25.83 -73.37
N ALA L 526 62.55 26.48 -72.99
CA ALA L 526 63.44 27.08 -73.97
C ALA L 526 64.09 26.02 -74.86
N GLU L 527 64.48 24.89 -74.27
CA GLU L 527 65.04 23.80 -75.05
C GLU L 527 64.02 23.20 -76.00
N ARG L 528 62.76 23.07 -75.55
CA ARG L 528 61.71 22.56 -76.40
C ARG L 528 61.40 23.52 -77.55
N ARG L 529 61.41 24.83 -77.27
CA ARG L 529 61.24 25.81 -78.34
C ARG L 529 62.42 25.84 -79.29
N ARG L 530 63.62 25.48 -78.80
CA ARG L 530 64.79 25.40 -79.66
C ARG L 530 64.75 24.18 -80.57
N ARG L 531 63.91 23.20 -80.27
CA ARG L 531 63.79 22.02 -81.11
C ARG L 531 62.96 22.33 -82.36
N THR L 532 62.84 21.33 -83.23
CA THR L 532 62.09 21.51 -84.46
C THR L 532 60.59 21.61 -84.19
N GLN L 533 59.89 22.39 -85.03
CA GLN L 533 58.46 22.58 -84.85
C GLN L 533 57.68 21.32 -85.19
N VAL L 534 58.20 20.52 -86.13
CA VAL L 534 57.54 19.27 -86.48
C VAL L 534 57.62 18.24 -85.36
N MET L 535 58.65 18.32 -84.51
CA MET L 535 58.76 17.41 -83.38
C MET L 535 57.62 17.66 -82.38
N GLN L 536 57.32 18.92 -82.11
CA GLN L 536 56.24 19.26 -81.19
C GLN L 536 54.86 19.24 -81.84
N ARG L 537 54.80 19.17 -83.16
CA ARG L 537 53.52 19.13 -83.86
C ARG L 537 53.06 17.68 -84.01
N GLU L 538 51.87 17.48 -84.55
CA GLU L 538 51.32 16.16 -84.78
C GLU L 538 51.74 15.66 -86.15
N LEU L 539 51.35 14.41 -86.46
CA LEU L 539 51.67 13.69 -87.68
C LEU L 539 53.17 13.66 -87.93
N PRO L 540 53.92 12.89 -87.16
CA PRO L 540 55.38 12.81 -87.39
C PRO L 540 55.70 12.23 -88.76
N ARG L 541 56.75 12.76 -89.37
CA ARG L 541 57.11 12.37 -90.73
C ARG L 541 57.77 10.99 -90.74
N THR L 542 58.90 10.85 -90.06
CA THR L 542 59.62 9.58 -90.03
C THR L 542 60.26 9.41 -88.67
N ALA L 543 60.18 8.20 -88.12
CA ALA L 543 60.85 7.90 -86.86
C ALA L 543 62.36 7.90 -87.03
N VAL L 544 62.85 7.37 -88.14
CA VAL L 544 64.28 7.29 -88.44
C VAL L 544 64.59 8.29 -89.54
N VAL L 545 65.51 9.21 -89.28
CA VAL L 545 65.93 10.23 -90.23
C VAL L 545 67.44 10.19 -90.34
N ASP L 546 67.95 10.13 -91.57
CA ASP L 546 69.38 10.10 -91.82
C ASP L 546 69.85 11.52 -92.16
N ILE L 547 70.64 12.11 -91.26
CA ILE L 547 71.11 13.47 -91.47
C ILE L 547 72.15 13.52 -92.59
N ASP L 548 73.03 12.52 -92.66
CA ASP L 548 74.16 12.57 -93.59
C ASP L 548 73.69 12.41 -95.03
N ALA L 549 72.81 11.44 -95.29
CA ALA L 549 72.31 11.22 -96.65
C ALA L 549 71.46 12.40 -97.12
N LEU L 550 70.65 12.95 -96.21
CA LEU L 550 69.83 14.11 -96.57
C LEU L 550 70.70 15.33 -96.83
N LEU L 551 71.77 15.51 -96.07
CA LEU L 551 72.70 16.61 -96.32
C LEU L 551 73.43 16.43 -97.65
N ARG L 552 73.78 15.18 -97.98
CA ARG L 552 74.42 14.89 -99.27
C ARG L 552 73.46 15.17 -100.43
N ALA L 553 72.19 14.83 -100.26
CA ALA L 553 71.19 15.15 -101.28
C ALA L 553 70.96 16.65 -101.38
N ALA L 554 71.04 17.36 -100.25
CA ALA L 554 70.93 18.81 -100.24
C ALA L 554 72.10 19.46 -100.98
N ASP L 555 73.30 18.89 -100.84
CA ASP L 555 74.46 19.42 -101.56
C ASP L 555 74.35 19.20 -103.06
N GLU L 556 73.57 18.19 -103.49
CA GLU L 556 73.37 17.94 -104.91
C GLU L 556 72.33 18.85 -105.53
N ILE L 557 71.63 19.66 -104.74
CA ILE L 557 70.61 20.55 -105.28
C ILE L 557 71.28 21.69 -106.02
N GLU L 558 70.78 22.00 -107.22
CA GLU L 558 71.39 23.04 -108.04
C GLU L 558 71.08 24.43 -107.50
N ASP L 559 69.84 24.67 -107.06
CA ASP L 559 69.47 25.98 -106.53
C ASP L 559 70.11 26.19 -105.16
N PRO L 560 70.78 27.33 -104.94
CA PRO L 560 71.49 27.50 -103.67
C PRO L 560 70.56 27.74 -102.49
N ALA L 561 69.50 28.54 -102.68
CA ALA L 561 68.53 28.75 -101.61
C ALA L 561 67.79 27.46 -101.27
N ARG L 562 67.43 26.68 -102.29
CA ARG L 562 66.80 25.38 -102.06
C ARG L 562 67.75 24.41 -101.38
N ALA L 563 69.05 24.45 -101.74
CA ALA L 563 70.03 23.60 -101.10
C ALA L 563 70.20 23.96 -99.62
N LEU L 564 70.24 25.26 -99.31
CA LEU L 564 70.33 25.71 -97.93
C LEU L 564 69.08 25.32 -97.13
N VAL L 565 67.90 25.45 -97.75
CA VAL L 565 66.66 25.08 -97.09
C VAL L 565 66.62 23.58 -96.82
N ALA L 566 67.08 22.77 -97.78
CA ALA L 566 67.09 21.33 -97.59
C ALA L 566 68.11 20.90 -96.52
N ARG L 567 69.27 21.55 -96.49
CA ARG L 567 70.26 21.25 -95.46
C ARG L 567 69.75 21.64 -94.07
N GLU L 568 69.09 22.79 -93.97
CA GLU L 568 68.52 23.20 -92.69
C GLU L 568 67.36 22.29 -92.28
N ALA L 569 66.59 21.78 -93.25
CA ALA L 569 65.53 20.84 -92.94
C ALA L 569 66.09 19.50 -92.48
N ALA L 570 67.21 19.07 -93.07
CA ALA L 570 67.88 17.86 -92.60
C ALA L 570 68.40 18.03 -91.18
N LEU L 571 69.00 19.19 -90.89
CA LEU L 571 69.46 19.48 -89.53
C LEU L 571 68.30 19.53 -88.55
N LEU L 572 67.17 20.12 -88.97
CA LEU L 572 65.99 20.18 -88.11
C LEU L 572 65.41 18.79 -87.86
N MET L 573 65.42 17.93 -88.88
CA MET L 573 64.94 16.56 -88.70
C MET L 573 65.84 15.77 -87.77
N ALA L 574 67.17 15.96 -87.90
CA ALA L 574 68.10 15.30 -86.99
C ALA L 574 67.91 15.78 -85.55
N HIS L 575 67.71 17.10 -85.37
CA HIS L 575 67.48 17.63 -84.03
C HIS L 575 66.15 17.16 -83.47
N ASP L 576 65.13 17.01 -84.32
CA ASP L 576 63.84 16.50 -83.88
C ASP L 576 63.95 15.04 -83.45
N ALA L 577 64.71 14.24 -84.20
CA ALA L 577 64.90 12.84 -83.83
C ALA L 577 65.72 12.71 -82.54
N ALA L 578 66.72 13.58 -82.36
CA ALA L 578 67.55 13.51 -81.17
C ALA L 578 66.81 13.98 -79.93
N LYS L 579 66.13 15.12 -80.02
CA LYS L 579 65.43 15.67 -78.86
C LYS L 579 64.14 14.94 -78.57
N TYR L 580 63.41 14.53 -79.62
CA TYR L 580 62.12 13.86 -79.48
C TYR L 580 62.15 12.56 -80.27
N PRO L 581 62.66 11.48 -79.69
CA PRO L 581 62.68 10.18 -80.39
C PRO L 581 61.28 9.58 -80.42
N LEU L 582 60.80 9.29 -81.63
CA LEU L 582 59.47 8.72 -81.82
C LEU L 582 59.47 7.24 -81.43
N PRO L 583 58.29 6.65 -81.25
CA PRO L 583 58.23 5.22 -80.91
C PRO L 583 58.73 4.35 -82.06
N GLY L 584 59.60 3.41 -81.73
CA GLY L 584 60.23 2.55 -82.71
C GLY L 584 61.58 3.04 -83.19
N ALA L 585 61.88 4.32 -83.02
CA ALA L 585 63.17 4.85 -83.43
C ALA L 585 64.24 4.45 -82.42
N PRO L 586 65.48 4.26 -82.88
CA PRO L 586 66.56 3.98 -81.94
C PRO L 586 66.90 5.22 -81.13
N PRO L 587 67.34 5.06 -79.89
CA PRO L 587 67.70 6.22 -79.06
C PRO L 587 69.16 6.59 -79.27
N GLY L 588 69.60 7.60 -78.53
CA GLY L 588 70.99 8.03 -78.60
C GLY L 588 71.35 8.78 -79.86
N VAL L 589 70.39 9.43 -80.52
CA VAL L 589 70.69 10.21 -81.70
C VAL L 589 71.42 11.48 -81.31
N LYS L 590 72.46 11.82 -82.06
CA LYS L 590 73.29 12.96 -81.72
C LYS L 590 72.59 14.26 -82.12
N PRO L 591 72.45 15.23 -81.21
CA PRO L 591 71.87 16.52 -81.59
C PRO L 591 72.85 17.37 -82.38
N VAL L 592 72.30 18.39 -83.04
CA VAL L 592 73.07 19.31 -83.87
C VAL L 592 72.91 20.72 -83.30
N GLU L 593 74.03 21.39 -83.07
CA GLU L 593 74.01 22.75 -82.54
C GLU L 593 73.63 23.75 -83.62
N ILE L 594 72.90 24.79 -83.20
CA ILE L 594 72.48 25.85 -84.12
C ILE L 594 72.66 27.20 -83.45
N PRO L 595 72.85 28.24 -84.25
CA PRO L 595 72.98 29.58 -83.68
C PRO L 595 71.65 30.11 -83.16
N ARG L 596 71.74 31.02 -82.20
CA ARG L 596 70.55 31.63 -81.62
C ARG L 596 69.99 32.69 -82.57
N PHE L 597 68.66 32.71 -82.68
CA PHE L 597 67.97 33.68 -83.53
C PHE L 597 66.85 34.33 -82.73
N SER L 598 66.75 35.65 -82.84
CA SER L 598 65.70 36.37 -82.14
C SER L 598 64.35 36.16 -82.84
N ASP L 599 63.28 36.33 -82.06
CA ASP L 599 61.93 36.20 -82.61
C ASP L 599 61.59 37.35 -83.52
N ASP L 600 62.24 38.51 -83.35
CA ASP L 600 62.01 39.65 -84.21
C ASP L 600 62.49 39.38 -85.64
N GLU L 601 63.62 38.68 -85.77
CA GLU L 601 64.11 38.31 -87.09
C GLU L 601 63.16 37.34 -87.80
N LEU L 602 62.62 36.37 -87.05
CA LEU L 602 61.64 35.45 -87.63
C LEU L 602 60.36 36.17 -88.02
N ALA L 603 59.92 37.13 -87.20
CA ALA L 603 58.73 37.92 -87.53
C ALA L 603 58.96 38.77 -88.77
N GLU L 604 60.15 39.37 -88.89
CA GLU L 604 60.47 40.15 -90.08
C GLU L 604 60.54 39.28 -91.33
N ALA L 605 61.10 38.07 -91.20
CA ALA L 605 61.14 37.14 -92.32
C ALA L 605 59.73 36.71 -92.73
N ARG L 606 58.86 36.46 -91.74
CA ARG L 606 57.48 36.11 -92.04
C ARG L 606 56.73 37.25 -92.71
N LEU L 607 56.97 38.49 -92.26
CA LEU L 607 56.36 39.65 -92.89
C LEU L 607 56.85 39.83 -94.32
N GLN L 608 58.14 39.60 -94.55
CA GLN L 608 58.68 39.69 -95.90
C GLN L 608 58.11 38.61 -96.81
N ILE L 609 57.92 37.39 -96.27
CA ILE L 609 57.34 36.31 -97.05
C ILE L 609 55.87 36.59 -97.36
N LEU L 610 55.14 37.17 -96.40
CA LEU L 610 53.75 37.52 -96.62
C LEU L 610 53.62 38.64 -97.65
N MET L 611 54.53 39.62 -97.61
CA MET L 611 54.55 40.66 -98.63
C MET L 611 54.90 40.10 -100.00
N GLU L 612 55.82 39.13 -100.05
CA GLU L 612 56.18 38.47 -101.29
C GLU L 612 55.18 37.39 -101.70
N MET L 613 54.24 37.04 -100.81
CA MET L 613 53.22 36.06 -101.17
C MET L 613 52.21 36.65 -102.14
N LYS L 614 51.84 35.85 -103.14
CA LYS L 614 50.86 36.28 -104.13
C LYS L 614 49.45 36.02 -103.61
N GLU L 615 48.47 36.13 -104.50
CA GLU L 615 47.08 35.85 -104.11
C GLU L 615 46.90 34.37 -103.85
N LYS L 616 46.31 34.05 -102.70
CA LYS L 616 46.11 32.65 -102.34
C LYS L 616 45.01 32.03 -103.20
N PRO L 617 45.22 30.81 -103.68
CA PRO L 617 44.17 30.12 -104.44
C PRO L 617 42.96 29.81 -103.57
N ALA L 618 41.79 29.80 -104.20
CA ALA L 618 40.57 29.52 -103.49
C ALA L 618 40.51 28.04 -103.10
N PRO L 619 39.73 27.70 -102.06
CA PRO L 619 39.56 26.28 -101.71
C PRO L 619 38.92 25.46 -102.81
N GLU L 620 38.05 26.06 -103.63
CA GLU L 620 37.46 25.36 -104.76
C GLU L 620 38.51 25.02 -105.80
N VAL L 621 39.49 25.92 -106.01
CA VAL L 621 40.55 25.66 -106.98
C VAL L 621 41.44 24.51 -106.51
N VAL L 622 41.78 24.49 -105.22
CA VAL L 622 42.61 23.42 -104.68
C VAL L 622 41.84 22.10 -104.70
N HIS L 623 40.53 22.15 -104.43
CA HIS L 623 39.70 20.95 -104.50
C HIS L 623 39.61 20.42 -105.92
N ALA L 624 39.50 21.32 -106.90
CA ALA L 624 39.49 20.89 -108.31
C ALA L 624 40.83 20.31 -108.72
N ILE L 625 41.93 20.88 -108.21
CA ILE L 625 43.25 20.33 -108.51
C ILE L 625 43.41 18.95 -107.91
N TRP L 626 42.93 18.76 -106.67
CA TRP L 626 42.98 17.44 -106.04
C TRP L 626 42.09 16.44 -106.77
N ASN L 627 40.92 16.88 -107.24
CA ASN L 627 40.03 16.00 -108.00
C ASN L 627 40.65 15.62 -109.34
N ARG L 628 41.34 16.56 -110.00
CA ARG L 628 42.03 16.24 -111.24
C ARG L 628 43.18 15.28 -111.00
N ARG L 629 43.89 15.44 -109.88
CA ARG L 629 44.95 14.51 -109.53
C ARG L 629 44.40 13.11 -109.25
N GLU L 630 43.28 13.02 -108.55
CA GLU L 630 42.66 11.74 -108.25
C GLU L 630 41.93 11.13 -109.45
N GLU L 631 41.64 11.92 -110.47
CA GLU L 631 41.02 11.40 -111.68
C GLU L 631 42.03 10.95 -112.71
N ASN L 632 43.09 11.73 -112.93
CA ASN L 632 44.15 11.34 -113.86
C ASN L 632 44.95 10.18 -113.29
N LEU L 633 45.60 10.39 -112.15
CA LEU L 633 46.25 9.30 -111.45
C LEU L 633 45.20 8.48 -110.70
N ASN L 634 45.50 7.19 -110.52
CA ASN L 634 44.59 6.31 -109.82
C ASN L 634 44.51 6.66 -108.34
N ALA L 635 43.37 6.32 -107.73
CA ALA L 635 43.20 6.56 -106.30
C ALA L 635 44.17 5.71 -105.48
N LEU L 636 44.36 4.45 -105.87
CA LEU L 636 45.35 3.61 -105.22
C LEU L 636 46.77 4.09 -105.52
N ARG L 637 47.01 4.60 -106.73
CA ARG L 637 48.32 5.17 -107.05
C ARG L 637 48.57 6.45 -106.27
N LEU L 638 47.55 7.30 -106.11
CA LEU L 638 47.71 8.52 -105.33
C LEU L 638 47.87 8.23 -103.84
N GLY L 639 47.23 7.16 -103.36
CA GLY L 639 47.40 6.78 -101.96
C GLY L 639 48.80 6.30 -101.64
N LEU L 640 49.45 5.62 -102.58
CA LEU L 640 50.82 5.17 -102.38
C LEU L 640 51.77 6.37 -102.45
N GLY L 641 52.65 6.47 -101.45
CA GLY L 641 53.59 7.58 -101.39
C GLY L 641 54.80 7.46 -102.30
N TYR L 642 54.97 6.31 -102.94
CA TYR L 642 56.10 6.10 -103.84
C TYR L 642 55.76 6.43 -105.29
N TYR L 643 54.54 6.88 -105.57
CA TYR L 643 54.14 7.26 -106.93
C TYR L 643 54.39 8.75 -107.09
N ASP L 644 55.58 9.09 -107.59
CA ASP L 644 55.96 10.48 -107.79
C ASP L 644 55.53 10.96 -109.17
N SER L 645 55.54 12.28 -109.35
CA SER L 645 55.17 12.86 -110.63
C SER L 645 56.24 12.64 -111.69
N ASP L 646 57.50 12.55 -111.28
CA ASP L 646 58.61 12.34 -112.20
C ASP L 646 58.96 10.87 -112.40
N SER L 647 58.23 9.96 -111.76
CA SER L 647 58.50 8.53 -111.88
C SER L 647 57.62 7.96 -112.97
N GLU L 648 58.03 8.15 -114.22
CA GLU L 648 57.31 7.63 -115.37
C GLU L 648 57.78 6.24 -115.77
N ASP L 649 58.82 5.71 -115.14
CA ASP L 649 59.32 4.38 -115.46
C ASP L 649 58.43 3.32 -114.83
N GLY L 650 58.03 2.33 -115.63
CA GLY L 650 57.18 1.27 -115.11
C GLY L 650 57.91 0.32 -114.19
N GLU L 651 59.23 0.19 -114.36
CA GLU L 651 60.00 -0.74 -113.53
C GLU L 651 60.10 -0.26 -112.09
N ASP L 652 60.38 1.04 -111.90
CA ASP L 652 60.46 1.60 -110.55
C ASP L 652 59.10 1.56 -109.86
N ASP L 653 58.04 1.86 -110.59
CA ASP L 653 56.69 1.78 -110.03
C ASP L 653 56.32 0.35 -109.67
N VAL L 654 56.72 -0.61 -110.51
CA VAL L 654 56.45 -2.01 -110.23
C VAL L 654 57.21 -2.48 -108.99
N ALA L 655 58.48 -2.06 -108.85
CA ALA L 655 59.26 -2.41 -107.67
C ALA L 655 58.68 -1.79 -106.40
N ASN L 656 58.23 -0.53 -106.49
CA ASN L 656 57.60 0.11 -105.34
C ASN L 656 56.29 -0.58 -104.97
N ILE L 657 55.51 -0.98 -105.97
CA ILE L 657 54.25 -1.67 -105.70
C ILE L 657 54.51 -3.04 -105.10
N ARG L 658 55.57 -3.72 -105.54
CA ARG L 658 55.92 -5.02 -104.97
C ARG L 658 56.38 -4.88 -103.53
N ALA L 659 57.17 -3.85 -103.22
CA ALA L 659 57.59 -3.62 -101.84
C ALA L 659 56.41 -3.28 -100.95
N THR L 660 55.49 -2.44 -101.45
CA THR L 660 54.29 -2.09 -100.69
C THR L 660 53.40 -3.31 -100.47
N LEU L 661 53.29 -4.17 -101.49
CA LEU L 661 52.50 -5.40 -101.35
C LEU L 661 53.13 -6.35 -100.34
N GLU L 662 54.46 -6.46 -100.33
CA GLU L 662 55.13 -7.31 -99.34
C GLU L 662 54.92 -6.78 -97.93
N ALA L 663 55.03 -5.45 -97.75
CA ALA L 663 54.80 -4.86 -96.44
C ALA L 663 53.36 -5.04 -95.99
N ALA L 664 52.40 -4.86 -96.91
CA ALA L 664 50.99 -5.06 -96.57
C ALA L 664 50.69 -6.51 -96.24
N LEU L 665 51.33 -7.45 -96.96
CA LEU L 665 51.14 -8.86 -96.65
C LEU L 665 51.71 -9.22 -95.27
N ASP L 666 52.87 -8.68 -94.93
CA ASP L 666 53.44 -8.92 -93.60
C ASP L 666 52.55 -8.33 -92.50
N ARG L 667 52.05 -7.12 -92.71
CA ARG L 667 51.16 -6.49 -91.74
C ARG L 667 49.86 -7.26 -91.60
N LEU L 668 49.31 -7.74 -92.71
CA LEU L 668 48.08 -8.52 -92.68
C LEU L 668 48.28 -9.85 -91.99
N MET L 669 49.45 -10.49 -92.20
CA MET L 669 49.75 -11.74 -91.52
C MET L 669 49.86 -11.54 -90.01
N ALA L 670 50.54 -10.46 -89.58
CA ALA L 670 50.65 -10.16 -88.16
C ALA L 670 49.28 -9.86 -87.54
N SER L 671 48.47 -9.08 -88.25
CA SER L 671 47.13 -8.76 -87.76
C SER L 671 46.25 -10.00 -87.69
N ALA L 672 46.39 -10.90 -88.67
CA ALA L 672 45.63 -12.15 -88.67
C ALA L 672 46.04 -13.05 -87.50
N GLU L 673 47.35 -13.11 -87.21
CA GLU L 673 47.81 -13.90 -86.07
C GLU L 673 47.29 -13.33 -84.75
N LYS L 674 47.35 -12.00 -84.60
CA LYS L 674 46.84 -11.37 -83.38
C LYS L 674 45.33 -11.57 -83.24
N GLY L 675 44.59 -11.43 -84.34
CA GLY L 675 43.16 -11.65 -84.29
C GLY L 675 42.78 -13.09 -84.01
N ASN L 676 43.58 -14.04 -84.54
CA ASN L 676 43.34 -15.45 -84.26
C ASN L 676 43.58 -15.75 -82.78
N LYS L 677 44.65 -15.21 -82.20
CA LYS L 677 44.90 -15.40 -80.78
C LYS L 677 43.79 -14.79 -79.91
N LEU L 678 43.34 -13.58 -80.28
CA LEU L 678 42.27 -12.93 -79.52
C LEU L 678 40.96 -13.69 -79.65
N GLU L 679 40.66 -14.22 -80.85
CA GLU L 679 39.44 -14.98 -81.06
C GLU L 679 39.48 -16.30 -80.31
N LYS L 680 40.64 -16.95 -80.25
CA LYS L 680 40.78 -18.17 -79.47
C LYS L 680 40.57 -17.90 -77.99
N LYS L 681 41.15 -16.81 -77.48
CA LYS L 681 40.95 -16.45 -76.07
C LYS L 681 39.48 -16.14 -75.78
N LEU L 682 38.82 -15.40 -76.67
CA LEU L 682 37.42 -15.05 -76.47
C LEU L 682 36.52 -16.28 -76.54
N ASN L 683 36.82 -17.21 -77.46
CA ASN L 683 36.04 -18.44 -77.55
C ASN L 683 36.23 -19.30 -76.30
N LEU L 684 37.46 -19.40 -75.80
CA LEU L 684 37.70 -20.15 -74.57
C LEU L 684 37.03 -19.48 -73.37
N HIS L 685 36.87 -18.16 -73.41
CA HIS L 685 36.20 -17.47 -72.32
C HIS L 685 34.69 -17.65 -72.37
N LEU L 686 34.09 -17.61 -73.57
CA LEU L 686 32.64 -17.49 -73.69
C LEU L 686 31.96 -18.72 -74.28
N GLY L 687 32.67 -19.85 -74.41
CA GLY L 687 32.03 -21.07 -74.90
C GLY L 687 30.93 -21.58 -74.00
N GLY L 688 31.13 -21.49 -72.68
CA GLY L 688 30.10 -21.90 -71.75
C GLY L 688 28.86 -21.03 -71.83
N TYR L 689 29.04 -19.72 -71.96
CA TYR L 689 27.91 -18.81 -72.11
C TYR L 689 27.16 -19.08 -73.42
N LYS L 690 27.90 -19.35 -74.50
CA LYS L 690 27.26 -19.66 -75.78
C LYS L 690 26.47 -20.97 -75.69
N ASN L 691 27.04 -21.99 -75.04
CA ASN L 691 26.33 -23.27 -74.89
C ASN L 691 25.09 -23.11 -74.03
N ARG L 692 25.18 -22.33 -72.95
CA ARG L 692 24.02 -22.07 -72.10
C ARG L 692 22.93 -21.33 -72.86
N ALA L 693 23.31 -20.35 -73.68
CA ALA L 693 22.33 -19.63 -74.49
C ALA L 693 21.65 -20.54 -75.50
N GLU L 694 22.44 -21.42 -76.14
CA GLU L 694 21.86 -22.36 -77.11
C GLU L 694 20.89 -23.33 -76.44
N MET L 695 21.27 -23.85 -75.27
CA MET L 695 20.38 -24.76 -74.54
C MET L 695 19.10 -24.06 -74.10
N LEU L 696 19.22 -22.81 -73.64
CA LEU L 696 18.05 -22.05 -73.25
C LEU L 696 17.13 -21.77 -74.44
N ARG L 697 17.71 -21.47 -75.60
CA ARG L 697 16.91 -21.24 -76.80
C ARG L 697 16.19 -22.51 -77.23
N LYS L 698 16.87 -23.66 -77.17
CA LYS L 698 16.23 -24.93 -77.52
C LYS L 698 15.09 -25.25 -76.56
N LYS L 699 15.30 -25.01 -75.26
CA LYS L 699 14.25 -25.24 -74.28
C LYS L 699 13.07 -24.30 -74.50
N LEU L 700 13.35 -23.05 -74.87
CA LEU L 700 12.28 -22.09 -75.16
C LEU L 700 11.48 -22.52 -76.38
N GLY L 701 12.14 -23.02 -77.42
CA GLY L 701 11.41 -23.51 -78.59
C GLY L 701 10.55 -24.72 -78.29
N GLU L 702 11.09 -25.67 -77.50
CA GLU L 702 10.30 -26.82 -77.09
C GLU L 702 9.11 -26.41 -76.23
N ALA L 703 9.31 -25.42 -75.35
CA ALA L 703 8.22 -24.93 -74.51
C ALA L 703 7.15 -24.24 -75.36
N HIS L 704 7.56 -23.50 -76.40
CA HIS L 704 6.58 -22.86 -77.27
C HIS L 704 5.76 -23.89 -78.03
N ALA L 705 6.41 -24.95 -78.52
CA ALA L 705 5.69 -26.02 -79.20
C ALA L 705 4.71 -26.72 -78.25
N ALA L 706 5.15 -26.99 -77.02
CA ALA L 706 4.27 -27.62 -76.04
C ALA L 706 3.12 -26.70 -75.67
N LEU L 707 3.36 -25.39 -75.63
CA LEU L 707 2.29 -24.44 -75.32
C LEU L 707 1.25 -24.39 -76.42
N GLU L 708 1.70 -24.44 -77.69
CA GLU L 708 0.74 -24.48 -78.80
C GLU L 708 -0.09 -25.76 -78.76
N LYS L 709 0.57 -26.91 -78.49
CA LYS L 709 -0.15 -28.17 -78.39
C LYS L 709 -1.15 -28.16 -77.23
N ALA L 710 -0.76 -27.57 -76.11
CA ALA L 710 -1.64 -27.50 -74.95
C ALA L 710 -2.82 -26.57 -75.19
N ARG L 711 -2.60 -25.47 -75.93
CA ARG L 711 -3.70 -24.58 -76.27
C ARG L 711 -4.70 -25.27 -77.18
N ASN L 712 -4.20 -26.02 -78.17
CA ASN L 712 -5.09 -26.80 -79.03
C ASN L 712 -5.87 -27.84 -78.24
N ALA L 713 -5.19 -28.54 -77.32
CA ALA L 713 -5.84 -29.55 -76.50
C ALA L 713 -6.90 -28.93 -75.60
N LEU L 714 -6.62 -27.74 -75.05
CA LEU L 714 -7.59 -27.07 -74.20
C LEU L 714 -8.83 -26.63 -74.98
N ALA L 715 -8.64 -26.12 -76.19
CA ALA L 715 -9.79 -25.76 -77.02
C ALA L 715 -10.63 -26.97 -77.37
N GLY L 716 -9.97 -28.08 -77.73
CA GLY L 716 -10.70 -29.31 -78.02
C GLY L 716 -11.43 -29.86 -76.82
N PHE L 717 -10.80 -29.78 -75.63
CA PHE L 717 -11.43 -30.26 -74.41
C PHE L 717 -12.65 -29.40 -74.05
N GLN L 718 -12.57 -28.09 -74.26
CA GLN L 718 -13.72 -27.23 -73.99
C GLN L 718 -14.88 -27.56 -74.93
N VAL L 719 -14.58 -27.74 -76.21
CA VAL L 719 -15.63 -28.09 -77.18
C VAL L 719 -16.25 -29.45 -76.84
N LEU L 720 -15.42 -30.42 -76.49
CA LEU L 720 -15.91 -31.75 -76.13
C LEU L 720 -16.73 -31.72 -74.86
N ARG L 721 -16.35 -30.89 -73.89
CA ARG L 721 -17.12 -30.78 -72.66
C ARG L 721 -18.49 -30.16 -72.91
N ALA L 722 -18.56 -29.14 -73.75
CA ALA L 722 -19.86 -28.55 -74.09
C ALA L 722 -20.75 -29.56 -74.83
N SER L 723 -20.17 -30.29 -75.78
CA SER L 723 -20.93 -31.30 -76.51
C SER L 723 -21.39 -32.42 -75.58
N GLU L 724 -20.54 -32.82 -74.63
CA GLU L 724 -20.91 -33.87 -73.69
C GLU L 724 -22.02 -33.41 -72.75
N GLU L 725 -22.01 -32.13 -72.36
CA GLU L 725 -23.09 -31.60 -71.53
C GLU L 725 -24.42 -31.63 -72.27
N GLN L 726 -24.42 -31.18 -73.53
CA GLN L 726 -25.64 -31.20 -74.31
C GLN L 726 -26.14 -32.63 -74.53
N ALA L 727 -25.23 -33.55 -74.84
CA ALA L 727 -25.61 -34.95 -75.07
C ALA L 727 -26.11 -35.60 -73.78
N ILE L 728 -25.54 -35.24 -72.64
CA ILE L 728 -25.99 -35.77 -71.36
C ILE L 728 -27.40 -35.29 -71.06
N GLN L 729 -27.69 -34.02 -71.34
CA GLN L 729 -29.04 -33.51 -71.13
C GLN L 729 -30.05 -34.23 -72.02
N ARG L 730 -29.71 -34.41 -73.30
CA ARG L 730 -30.61 -35.09 -74.22
C ARG L 730 -30.82 -36.55 -73.83
N ARG L 731 -29.75 -37.24 -73.44
CA ARG L 731 -29.87 -38.64 -73.05
C ARG L 731 -30.65 -38.80 -71.75
N LEU L 732 -30.50 -37.86 -70.82
CA LEU L 732 -31.29 -37.90 -69.59
C LEU L 732 -32.78 -37.71 -69.90
N GLU L 733 -33.11 -36.79 -70.81
CA GLU L 733 -34.50 -36.61 -71.20
C GLU L 733 -35.06 -37.87 -71.86
N ALA L 734 -34.29 -38.49 -72.76
CA ALA L 734 -34.75 -39.70 -73.43
C ALA L 734 -34.93 -40.86 -72.45
N LEU L 735 -33.98 -41.01 -71.51
CA LEU L 735 -34.09 -42.07 -70.52
C LEU L 735 -35.28 -41.86 -69.60
N ARG L 736 -35.56 -40.60 -69.23
CA ARG L 736 -36.73 -40.29 -68.42
C ARG L 736 -38.01 -40.63 -69.16
N ALA L 737 -38.08 -40.31 -70.46
CA ALA L 737 -39.26 -40.65 -71.25
C ALA L 737 -39.46 -42.16 -71.35
N GLU L 738 -38.38 -42.89 -71.60
CA GLU L 738 -38.48 -44.35 -71.72
C GLU L 738 -38.89 -44.99 -70.39
N VAL L 739 -38.34 -44.48 -69.28
CA VAL L 739 -38.69 -45.03 -67.98
C VAL L 739 -40.14 -44.71 -67.63
N ALA L 740 -40.62 -43.53 -68.00
CA ALA L 740 -42.03 -43.19 -67.78
C ALA L 740 -42.95 -44.10 -68.59
N PHE L 741 -42.59 -44.37 -69.85
CA PHE L 741 -43.39 -45.27 -70.67
C PHE L 741 -43.42 -46.69 -70.09
N VAL L 742 -42.26 -47.17 -69.63
CA VAL L 742 -42.19 -48.51 -69.06
C VAL L 742 -42.99 -48.59 -67.76
N SER L 743 -42.94 -47.52 -66.96
CA SER L 743 -43.70 -47.49 -65.71
C SER L 743 -45.20 -47.47 -65.99
N THR L 744 -45.63 -46.71 -67.01
CA THR L 744 -47.04 -46.71 -67.37
C THR L 744 -47.49 -48.08 -67.86
N ARG L 745 -46.64 -48.75 -68.64
CA ARG L 745 -46.96 -50.11 -69.09
C ARG L 745 -47.05 -51.07 -67.91
N GLU L 746 -46.15 -50.94 -66.94
CA GLU L 746 -46.18 -51.80 -65.76
C GLU L 746 -47.44 -51.56 -64.93
N ARG L 747 -47.84 -50.28 -64.78
CA ARG L 747 -49.07 -49.97 -64.04
C ARG L 747 -50.29 -50.52 -64.75
N LYS L 748 -50.33 -50.42 -66.08
CA LYS L 748 -51.43 -50.99 -66.84
C LYS L 748 -51.48 -52.51 -66.71
N ALA L 749 -50.31 -53.16 -66.72
CA ALA L 749 -50.26 -54.61 -66.57
C ALA L 749 -50.71 -55.03 -65.18
N GLN L 750 -50.32 -54.27 -64.14
CA GLN L 750 -50.77 -54.59 -62.79
C GLN L 750 -52.26 -54.40 -62.63
N GLU L 751 -52.81 -53.34 -63.26
CA GLU L 751 -54.26 -53.14 -63.23
C GLU L 751 -54.99 -54.25 -63.95
N LEU L 752 -54.44 -54.72 -65.08
CA LEU L 752 -55.03 -55.85 -65.80
C LEU L 752 -54.98 -57.12 -64.97
N TYR L 753 -53.89 -57.34 -64.25
CA TYR L 753 -53.79 -58.50 -63.38
C TYR L 753 -54.80 -58.42 -62.23
N ARG L 754 -55.01 -57.22 -61.69
CA ARG L 754 -56.02 -57.04 -60.65
C ARG L 754 -57.41 -57.30 -61.19
N LYS L 755 -57.70 -56.83 -62.41
CA LYS L 755 -59.00 -57.08 -63.02
C LYS L 755 -59.20 -58.57 -63.31
N LEU L 756 -58.14 -59.26 -63.74
CA LEU L 756 -58.24 -60.70 -63.98
C LEU L 756 -58.44 -61.47 -62.69
N ARG L 757 -57.77 -61.05 -61.61
CA ARG L 757 -57.98 -61.68 -60.31
C ARG L 757 -59.39 -61.45 -59.80
N ASP L 758 -59.91 -60.24 -59.99
CA ASP L 758 -61.29 -59.95 -59.60
C ASP L 758 -62.30 -60.76 -60.41
N GLU L 759 -62.04 -60.92 -61.71
CA GLU L 759 -62.92 -61.73 -62.55
C GLU L 759 -62.86 -63.20 -62.16
N LEU L 760 -61.66 -63.70 -61.81
CA LEU L 760 -61.52 -65.07 -61.36
C LEU L 760 -62.23 -65.29 -60.03
N GLU L 761 -62.14 -64.32 -59.12
CA GLU L 761 -62.87 -64.43 -57.86
C GLU L 761 -64.37 -64.38 -58.07
N GLU L 762 -64.84 -63.54 -59.00
CA GLU L 762 -66.27 -63.48 -59.32
C GLU L 762 -66.75 -64.78 -59.94
N LEU L 763 -65.94 -65.38 -60.82
CA LEU L 763 -66.31 -66.66 -61.42
C LEU L 763 -66.31 -67.78 -60.39
N ARG L 764 -65.36 -67.75 -59.45
CA ARG L 764 -65.34 -68.74 -58.37
C ARG L 764 -66.54 -68.58 -57.45
N LEU L 765 -66.96 -67.34 -57.20
CA LEU L 765 -68.14 -67.11 -56.38
C LEU L 765 -69.42 -67.54 -57.10
N GLU L 766 -69.48 -67.31 -58.42
CA GLU L 766 -70.66 -67.69 -59.19
C GLU L 766 -70.76 -69.19 -59.35
N GLN L 767 -69.62 -69.87 -59.50
CA GLN L 767 -69.63 -71.34 -59.57
C GLN L 767 -70.03 -71.95 -58.24
N ALA L 768 -69.57 -71.37 -57.14
CA ALA L 768 -69.92 -71.84 -55.81
C ALA L 768 -71.31 -71.35 -55.41
N MET M 1 -10.35 -21.15 -84.21
CA MET M 1 -11.30 -21.75 -83.28
C MET M 1 -12.10 -22.87 -83.94
N PRO M 2 -12.62 -23.79 -83.14
CA PRO M 2 -13.44 -24.87 -83.70
C PRO M 2 -14.78 -24.35 -84.22
N ALA M 3 -15.28 -25.03 -85.25
CA ALA M 3 -16.56 -24.70 -85.85
C ALA M 3 -17.50 -25.90 -85.95
N ILE M 4 -17.13 -27.03 -85.35
CA ILE M 4 -17.93 -28.24 -85.43
C ILE M 4 -19.11 -28.13 -84.46
N THR M 5 -20.32 -28.27 -84.99
CA THR M 5 -21.53 -28.21 -84.18
C THR M 5 -22.22 -29.57 -84.05
N THR M 6 -21.59 -30.63 -84.54
CA THR M 6 -22.17 -31.96 -84.43
C THR M 6 -22.13 -32.44 -82.99
N VAL M 7 -23.23 -33.06 -82.55
CA VAL M 7 -23.38 -33.55 -81.19
C VAL M 7 -23.45 -35.06 -81.23
N HIS M 8 -22.55 -35.71 -80.49
CA HIS M 8 -22.52 -37.16 -80.38
C HIS M 8 -22.83 -37.56 -78.94
N GLU M 9 -23.68 -38.58 -78.79
CA GLU M 9 -24.12 -39.03 -77.47
C GLU M 9 -23.02 -39.87 -76.83
N SER M 10 -21.99 -39.17 -76.35
CA SER M 10 -20.83 -39.81 -75.72
C SER M 10 -20.55 -39.12 -74.40
N LEU M 11 -20.35 -39.92 -73.35
CA LEU M 11 -19.94 -39.43 -72.04
C LEU M 11 -18.76 -40.29 -71.60
N PRO M 12 -17.57 -40.02 -72.15
CA PRO M 12 -16.42 -40.90 -71.91
C PRO M 12 -15.97 -40.96 -70.46
N TYR M 13 -16.31 -39.95 -69.65
CA TYR M 13 -16.03 -40.04 -68.22
C TYR M 13 -17.02 -40.95 -67.50
N ILE M 14 -18.16 -41.25 -68.11
CA ILE M 14 -19.17 -42.08 -67.47
C ILE M 14 -19.37 -43.37 -68.25
N ASP M 15 -19.20 -43.31 -69.57
CA ASP M 15 -19.42 -44.50 -70.37
C ASP M 15 -18.18 -45.39 -70.36
N PRO M 16 -18.35 -46.70 -70.56
CA PRO M 16 -17.19 -47.59 -70.63
C PRO M 16 -16.36 -47.32 -71.88
N GLU M 17 -15.07 -47.57 -71.75
CA GLU M 17 -14.16 -47.40 -72.88
C GLU M 17 -14.43 -48.50 -73.91
N PRO M 18 -14.44 -48.17 -75.21
CA PRO M 18 -14.66 -49.22 -76.22
C PRO M 18 -13.48 -50.17 -76.29
N THR M 19 -13.81 -51.43 -76.59
CA THR M 19 -12.78 -52.45 -76.72
C THR M 19 -12.03 -52.27 -78.04
N PRO M 20 -10.83 -52.85 -78.14
CA PRO M 20 -10.12 -52.81 -79.43
C PRO M 20 -10.89 -53.48 -80.57
N GLU M 21 -11.60 -54.58 -80.27
CA GLU M 21 -12.49 -55.16 -81.26
C GLU M 21 -13.66 -54.25 -81.56
N GLN M 22 -14.23 -53.61 -80.52
CA GLN M 22 -15.31 -52.65 -80.71
C GLN M 22 -14.82 -51.43 -81.48
N ARG M 23 -13.61 -50.96 -81.20
CA ARG M 23 -13.04 -49.85 -81.94
C ARG M 23 -12.81 -50.22 -83.40
N ALA M 24 -12.34 -51.44 -83.65
CA ALA M 24 -12.16 -51.90 -85.03
C ALA M 24 -13.48 -52.01 -85.75
N ALA M 25 -14.52 -52.49 -85.08
CA ALA M 25 -15.85 -52.56 -85.68
C ALA M 25 -16.40 -51.17 -85.99
N ALA M 26 -16.20 -50.22 -85.08
CA ALA M 26 -16.63 -48.84 -85.33
C ALA M 26 -15.86 -48.22 -86.49
N GLU M 27 -14.56 -48.50 -86.58
CA GLU M 27 -13.76 -48.02 -87.70
C GLU M 27 -14.23 -48.63 -89.02
N ALA M 28 -14.58 -49.92 -89.00
CA ALA M 28 -15.10 -50.55 -90.20
C ALA M 28 -16.45 -49.96 -90.61
N LEU M 29 -17.31 -49.65 -89.62
CA LEU M 29 -18.58 -49.02 -89.92
C LEU M 29 -18.40 -47.62 -90.49
N ILE M 30 -17.43 -46.87 -89.95
CA ILE M 30 -17.15 -45.53 -90.46
C ILE M 30 -16.57 -45.61 -91.87
N ALA M 31 -15.73 -46.62 -92.13
CA ALA M 31 -15.19 -46.81 -93.48
C ALA M 31 -16.28 -47.18 -94.47
N GLU M 32 -17.23 -48.02 -94.05
CA GLU M 32 -18.36 -48.36 -94.92
C GLU M 32 -19.23 -47.15 -95.18
N GLU M 33 -19.44 -46.31 -94.17
CA GLU M 33 -20.21 -45.08 -94.36
C GLU M 33 -19.50 -44.11 -95.30
N ARG M 34 -18.17 -44.01 -95.19
CA ARG M 34 -17.41 -43.15 -96.09
C ARG M 34 -17.37 -43.72 -97.50
N ALA M 35 -17.43 -45.04 -97.66
CA ALA M 35 -17.51 -45.63 -98.97
C ALA M 35 -18.90 -45.39 -99.59
N LYS M 36 -19.94 -45.42 -98.77
CA LYS M 36 -21.29 -45.21 -99.27
C LYS M 36 -21.52 -43.75 -99.64
N VAL M 37 -21.10 -42.82 -98.78
CA VAL M 37 -21.32 -41.39 -99.00
C VAL M 37 -20.01 -40.80 -99.52
N PRO M 38 -19.96 -40.33 -100.77
CA PRO M 38 -18.71 -39.77 -101.30
C PRO M 38 -18.35 -38.46 -100.63
N ASP M 39 -17.05 -38.20 -100.59
CA ASP M 39 -16.54 -36.98 -99.95
C ASP M 39 -16.86 -35.75 -100.80
N ASP M 40 -17.19 -34.66 -100.13
CA ASP M 40 -17.53 -33.41 -100.81
C ASP M 40 -16.36 -32.44 -100.68
N PRO M 41 -15.68 -32.09 -101.77
CA PRO M 41 -14.57 -31.13 -101.67
C PRO M 41 -15.04 -29.71 -101.36
N TYR M 42 -16.30 -29.38 -101.61
CA TYR M 42 -16.84 -28.06 -101.33
C TYR M 42 -17.60 -28.01 -100.00
N HIS M 43 -17.19 -28.83 -99.04
CA HIS M 43 -17.83 -28.85 -97.74
C HIS M 43 -17.48 -27.60 -96.95
N ALA M 44 -18.45 -27.12 -96.17
CA ALA M 44 -18.23 -25.94 -95.34
C ALA M 44 -17.29 -26.23 -94.17
N LEU M 45 -17.14 -27.50 -93.78
CA LEU M 45 -16.23 -27.84 -92.70
C LEU M 45 -14.77 -27.70 -93.10
N LEU M 46 -14.45 -27.90 -94.37
CA LEU M 46 -13.08 -27.73 -94.82
C LEU M 46 -12.72 -26.24 -94.84
N PRO M 47 -11.48 -25.89 -94.51
CA PRO M 47 -11.10 -24.48 -94.47
C PRO M 47 -10.85 -23.95 -95.88
N PRO M 48 -10.66 -22.64 -96.02
CA PRO M 48 -10.34 -22.07 -97.34
C PRO M 48 -8.97 -22.53 -97.80
N PRO M 49 -8.79 -22.69 -99.11
CA PRO M 49 -7.50 -23.15 -99.62
C PRO M 49 -6.43 -22.08 -99.51
N LEU M 50 -5.18 -22.53 -99.43
CA LEU M 50 -4.05 -21.61 -99.38
C LEU M 50 -3.85 -20.97 -100.74
N PRO M 51 -3.61 -19.65 -100.80
CA PRO M 51 -3.40 -18.99 -102.09
C PRO M 51 -2.07 -19.39 -102.69
N PRO M 52 -1.93 -19.30 -104.01
CA PRO M 52 -0.67 -19.67 -104.66
C PRO M 52 0.39 -18.59 -104.48
N LEU M 53 1.55 -18.82 -105.10
CA LEU M 53 2.64 -17.84 -105.04
C LEU M 53 2.27 -16.55 -105.75
N ASN M 54 1.61 -16.65 -106.91
CA ASN M 54 1.16 -15.46 -107.61
C ASN M 54 -0.06 -14.84 -106.93
N GLU M 55 -0.91 -15.67 -106.32
CA GLU M 55 -2.10 -15.15 -105.65
C GLU M 55 -1.75 -14.44 -104.35
N SER M 56 -0.64 -14.78 -103.72
CA SER M 56 -0.25 -14.16 -102.46
C SER M 56 0.28 -12.76 -102.70
N ARG M 57 -0.25 -11.77 -101.98
CA ARG M 57 0.22 -10.41 -102.10
C ARG M 57 1.54 -10.18 -101.38
N HIS M 58 1.76 -10.88 -100.25
CA HIS M 58 2.98 -10.67 -99.47
C HIS M 58 4.19 -11.34 -100.12
N LEU M 59 3.98 -12.34 -100.98
CA LEU M 59 5.09 -13.06 -101.59
C LEU M 59 5.67 -12.24 -102.73
N THR M 60 6.93 -11.84 -102.59
CA THR M 60 7.62 -11.09 -103.63
C THR M 60 8.02 -12.02 -104.77
N PRO M 61 8.29 -11.46 -105.95
CA PRO M 61 8.79 -12.30 -107.07
C PRO M 61 10.12 -12.95 -106.79
N ILE M 62 11.01 -12.28 -106.05
CA ILE M 62 12.26 -12.91 -105.63
C ILE M 62 11.99 -14.05 -104.66
N LEU M 63 11.03 -13.85 -103.75
CA LEU M 63 10.64 -14.91 -102.83
C LEU M 63 10.01 -16.08 -103.57
N GLN M 64 9.19 -15.79 -104.60
CA GLN M 64 8.60 -16.85 -105.40
C GLN M 64 9.66 -17.64 -106.17
N ASN M 65 10.67 -16.93 -106.71
CA ASN M 65 11.75 -17.60 -107.42
C ASN M 65 12.58 -18.46 -106.46
N GLU M 66 12.85 -17.96 -105.26
CA GLU M 66 13.59 -18.74 -104.27
C GLU M 66 12.80 -19.97 -103.82
N LEU M 67 11.48 -19.82 -103.66
CA LEU M 67 10.64 -20.95 -103.28
C LEU M 67 10.59 -21.99 -104.40
N ALA M 68 10.53 -21.55 -105.65
CA ALA M 68 10.56 -22.47 -106.78
C ALA M 68 11.89 -23.20 -106.86
N ARG M 69 12.99 -22.49 -106.59
CA ARG M 69 14.31 -23.12 -106.58
C ARG M 69 14.43 -24.14 -105.45
N LEU M 70 13.88 -23.82 -104.28
CA LEU M 70 13.91 -24.76 -103.17
C LEU M 70 13.04 -25.98 -103.44
N ALA M 71 11.89 -25.79 -104.07
CA ALA M 71 11.02 -26.91 -104.41
C ALA M 71 11.62 -27.77 -105.52
N SER M 72 12.37 -27.16 -106.44
CA SER M 72 13.01 -27.92 -107.50
C SER M 72 14.15 -28.79 -106.99
N SER M 73 14.74 -28.44 -105.85
CA SER M 73 15.79 -29.26 -105.27
C SER M 73 15.19 -30.55 -104.72
N PRO M 74 15.85 -31.69 -104.90
CA PRO M 74 15.32 -32.95 -104.35
C PRO M 74 15.28 -32.98 -102.83
N ASP M 75 16.13 -32.19 -102.16
CA ASP M 75 16.16 -32.12 -100.70
C ASP M 75 16.06 -30.65 -100.32
N PRO M 76 14.84 -30.10 -100.26
CA PRO M 76 14.68 -28.69 -99.87
C PRO M 76 15.16 -28.37 -98.47
N GLN M 77 15.08 -29.33 -97.55
CA GLN M 77 15.66 -29.13 -96.22
C GLN M 77 17.17 -29.04 -96.29
N ALA M 78 17.80 -29.85 -97.14
CA ALA M 78 19.23 -29.83 -97.32
C ALA M 78 19.68 -28.88 -98.44
N ALA M 79 18.74 -28.22 -99.11
CA ALA M 79 19.10 -27.26 -100.15
C ALA M 79 19.73 -26.02 -99.54
N LYS M 80 20.85 -25.58 -100.11
CA LYS M 80 21.57 -24.42 -99.61
C LYS M 80 21.88 -23.48 -100.77
N MET M 81 21.88 -22.19 -100.47
CA MET M 81 22.19 -21.18 -101.47
C MET M 81 23.69 -21.17 -101.77
N ASP M 82 24.05 -20.51 -102.87
CA ASP M 82 25.44 -20.41 -103.26
C ASP M 82 26.20 -19.48 -102.33
N ALA M 83 27.37 -19.91 -101.90
CA ALA M 83 28.18 -19.11 -100.99
C ALA M 83 28.83 -17.94 -101.74
N LEU M 84 29.14 -16.89 -100.98
CA LEU M 84 29.78 -15.73 -101.56
C LEU M 84 31.26 -15.99 -101.82
N ASP M 85 31.93 -15.01 -102.41
CA ASP M 85 33.34 -15.16 -102.76
C ASP M 85 34.22 -15.08 -101.52
N PHE M 86 34.51 -16.24 -100.93
CA PHE M 86 35.40 -16.30 -99.77
C PHE M 86 36.87 -16.20 -100.16
N SER M 87 37.20 -16.44 -101.44
CA SER M 87 38.59 -16.28 -101.89
C SER M 87 39.00 -14.81 -101.93
N ARG M 88 38.05 -13.89 -102.09
CA ARG M 88 38.38 -12.47 -102.05
C ARG M 88 38.78 -12.01 -100.67
N TYR M 89 38.31 -12.69 -99.62
CA TYR M 89 38.70 -12.39 -98.25
C TYR M 89 39.86 -13.24 -97.76
N GLU M 90 40.40 -14.12 -98.60
CA GLU M 90 41.51 -14.98 -98.20
C GLU M 90 42.82 -14.20 -98.26
N ALA M 91 43.89 -14.85 -97.81
CA ALA M 91 45.20 -14.21 -97.79
C ALA M 91 45.76 -14.11 -99.21
N PRO M 92 46.12 -12.91 -99.67
CA PRO M 92 46.66 -12.76 -101.03
C PRO M 92 48.13 -13.14 -101.07
N GLU M 93 48.45 -14.18 -101.84
CA GLU M 93 49.82 -14.62 -101.99
C GLU M 93 50.59 -13.70 -102.94
N MET M 94 51.90 -13.86 -102.95
CA MET M 94 52.75 -13.05 -103.83
C MET M 94 52.56 -13.50 -105.28
N PRO M 95 52.22 -12.59 -106.19
CA PRO M 95 52.03 -13.01 -107.59
C PRO M 95 53.36 -13.29 -108.27
N SER M 96 53.37 -14.36 -109.07
CA SER M 96 54.56 -14.76 -109.81
C SER M 96 54.50 -14.11 -111.19
N ILE M 97 55.30 -13.06 -111.37
CA ILE M 97 55.34 -12.33 -112.63
C ILE M 97 56.45 -12.93 -113.49
N ASP M 98 56.06 -13.48 -114.65
CA ASP M 98 57.03 -14.07 -115.55
C ASP M 98 57.81 -12.98 -116.29
N SER M 99 58.94 -13.39 -116.88
CA SER M 99 59.75 -12.45 -117.65
C SER M 99 59.08 -12.04 -118.95
N SER M 100 58.21 -12.88 -119.50
CA SER M 100 57.47 -12.55 -120.72
C SER M 100 56.24 -11.70 -120.46
N GLN M 101 55.89 -11.48 -119.20
CA GLN M 101 54.73 -10.64 -118.89
C GLN M 101 55.05 -9.18 -119.15
N SER M 102 54.06 -8.45 -119.64
CA SER M 102 54.23 -7.03 -119.94
C SER M 102 54.32 -6.23 -118.64
N LEU M 103 54.93 -5.05 -118.75
CA LEU M 103 55.06 -4.16 -117.59
C LEU M 103 53.70 -3.64 -117.14
N GLU M 104 52.82 -3.31 -118.08
CA GLU M 104 51.49 -2.83 -117.71
C GLU M 104 50.65 -3.94 -117.06
N GLU M 105 50.75 -5.16 -117.60
CA GLU M 105 50.01 -6.29 -117.02
C GLU M 105 50.53 -6.63 -115.63
N THR M 106 51.85 -6.62 -115.46
CA THR M 106 52.44 -6.88 -114.14
C THR M 106 52.06 -5.79 -113.15
N ALA M 107 52.04 -4.53 -113.60
CA ALA M 107 51.63 -3.42 -112.73
C ALA M 107 50.16 -3.55 -112.33
N SER M 108 49.29 -3.95 -113.28
CA SER M 108 47.88 -4.14 -112.97
C SER M 108 47.68 -5.29 -111.99
N GLN M 109 48.43 -6.39 -112.17
CA GLN M 109 48.34 -7.52 -111.25
C GLN M 109 48.83 -7.13 -109.86
N LEU M 110 49.92 -6.36 -109.78
CA LEU M 110 50.42 -5.89 -108.50
C LEU M 110 49.43 -4.95 -107.83
N TRP M 111 48.77 -4.08 -108.61
CA TRP M 111 47.77 -3.17 -108.06
C TRP M 111 46.57 -3.94 -107.53
N GLU M 112 46.12 -4.98 -108.26
CA GLU M 112 45.01 -5.79 -107.79
C GLU M 112 45.37 -6.55 -106.52
N THR M 113 46.60 -7.10 -106.47
CA THR M 113 47.04 -7.79 -105.25
C THR M 113 47.16 -6.83 -104.08
N LEU M 114 47.63 -5.60 -104.33
CA LEU M 114 47.72 -4.61 -103.27
C LEU M 114 46.34 -4.18 -102.78
N LYS M 115 45.37 -4.05 -103.69
CA LYS M 115 44.01 -3.73 -103.29
C LYS M 115 43.40 -4.85 -102.46
N GLN M 116 43.63 -6.10 -102.86
CA GLN M 116 43.14 -7.24 -102.08
C GLN M 116 43.79 -7.29 -100.70
N ALA M 117 45.10 -7.01 -100.63
CA ALA M 117 45.79 -6.98 -99.35
C ALA M 117 45.30 -5.85 -98.46
N TYR M 118 45.01 -4.69 -99.05
CA TYR M 118 44.49 -3.57 -98.27
C TYR M 118 43.09 -3.87 -97.73
N THR M 119 42.24 -4.50 -98.56
CA THR M 119 40.92 -4.90 -98.09
C THR M 119 41.02 -5.93 -96.97
N ALA M 120 41.95 -6.90 -97.11
CA ALA M 120 42.15 -7.89 -96.07
C ALA M 120 42.66 -7.27 -94.78
N GLN M 121 43.56 -6.29 -94.90
CA GLN M 121 44.08 -5.60 -93.71
C GLN M 121 42.98 -4.79 -93.04
N ALA M 122 42.12 -4.13 -93.82
CA ALA M 122 41.00 -3.40 -93.24
C ALA M 122 40.02 -4.34 -92.53
N TYR M 123 39.76 -5.50 -93.13
CA TYR M 123 38.89 -6.49 -92.50
C TYR M 123 39.52 -7.02 -91.20
N LEU M 124 40.83 -7.26 -91.21
CA LEU M 124 41.52 -7.72 -90.01
C LEU M 124 41.49 -6.67 -88.92
N SER M 125 41.67 -5.40 -89.28
CA SER M 125 41.59 -4.32 -88.30
C SER M 125 40.18 -4.20 -87.71
N ALA M 126 39.16 -4.32 -88.56
CA ALA M 126 37.79 -4.28 -88.06
C ALA M 126 37.50 -5.46 -87.13
N ARG M 127 38.00 -6.65 -87.48
CA ARG M 127 37.83 -7.82 -86.63
C ARG M 127 38.55 -7.65 -85.30
N ARG M 128 39.74 -7.05 -85.33
CA ARG M 128 40.47 -6.79 -84.08
C ARG M 128 39.73 -5.78 -83.21
N ALA M 129 39.15 -4.75 -83.82
CA ALA M 129 38.36 -3.78 -83.05
C ALA M 129 37.12 -4.43 -82.45
N HIS M 130 36.46 -5.29 -83.22
CA HIS M 130 35.30 -6.00 -82.70
C HIS M 130 35.68 -6.95 -81.56
N LEU M 131 36.84 -7.61 -81.68
CA LEU M 131 37.31 -8.48 -80.61
C LEU M 131 37.65 -7.69 -79.36
N ALA M 132 38.24 -6.51 -79.52
CA ALA M 132 38.53 -5.65 -78.38
C ALA M 132 37.26 -5.19 -77.68
N LEU M 133 36.24 -4.78 -78.46
CA LEU M 133 34.98 -4.38 -77.87
C LEU M 133 34.29 -5.55 -77.17
N LEU M 134 34.40 -6.75 -77.76
CA LEU M 134 33.87 -7.94 -77.13
C LEU M 134 34.57 -8.24 -75.81
N ASP M 135 35.90 -8.12 -75.79
CA ASP M 135 36.63 -8.32 -74.53
C ASP M 135 36.28 -7.25 -73.51
N THR M 136 35.90 -6.06 -73.97
CA THR M 136 35.50 -4.99 -73.05
C THR M 136 34.13 -5.26 -72.43
N HIS M 137 33.15 -5.69 -73.23
CA HIS M 137 31.76 -5.69 -72.78
C HIS M 137 31.08 -7.05 -72.88
N GLY M 138 31.85 -8.14 -72.91
CA GLY M 138 31.26 -9.45 -73.10
C GLY M 138 30.41 -9.92 -71.94
N LYS M 139 30.88 -9.66 -70.71
CA LYS M 139 30.12 -10.07 -69.53
C LYS M 139 28.78 -9.35 -69.47
N ASN M 140 28.79 -8.04 -69.73
CA ASN M 140 27.56 -7.26 -69.69
C ASN M 140 26.60 -7.70 -70.80
N ALA M 141 27.12 -7.91 -72.02
CA ALA M 141 26.26 -8.32 -73.12
C ALA M 141 25.67 -9.70 -72.90
N TRP M 142 26.50 -10.65 -72.46
CA TRP M 142 26.01 -12.01 -72.22
C TRP M 142 25.01 -12.05 -71.07
N LEU M 143 25.25 -11.27 -70.01
CA LEU M 143 24.32 -11.22 -68.89
C LEU M 143 22.98 -10.62 -69.31
N ILE M 144 23.01 -9.54 -70.09
CA ILE M 144 21.76 -8.91 -70.53
C ILE M 144 20.98 -9.84 -71.44
N GLY M 145 21.67 -10.50 -72.38
CA GLY M 145 20.99 -11.43 -73.28
C GLY M 145 20.43 -12.64 -72.56
N ASN M 146 21.19 -13.18 -71.60
CA ASN M 146 20.70 -14.32 -70.82
C ASN M 146 19.50 -13.93 -69.97
N TRP M 147 19.52 -12.74 -69.39
CA TRP M 147 18.38 -12.28 -68.59
C TRP M 147 17.14 -12.10 -69.45
N HIS M 148 17.29 -11.52 -70.64
CA HIS M 148 16.14 -11.35 -71.54
C HIS M 148 15.60 -12.68 -72.01
N LEU M 149 16.48 -13.62 -72.37
CA LEU M 149 16.04 -14.94 -72.82
C LEU M 149 15.36 -15.71 -71.69
N GLU M 150 15.89 -15.63 -70.48
CA GLU M 150 15.28 -16.29 -69.33
C GLU M 150 13.91 -15.70 -69.02
N GLY M 151 13.78 -14.37 -69.14
CA GLY M 151 12.48 -13.75 -68.92
C GLY M 151 11.45 -14.17 -69.95
N GLU M 152 11.86 -14.24 -71.23
CA GLU M 152 10.94 -14.70 -72.27
C GLU M 152 10.54 -16.15 -72.06
N VAL M 153 11.49 -17.01 -71.68
CA VAL M 153 11.18 -18.41 -71.43
C VAL M 153 10.27 -18.57 -70.23
N LYS M 154 10.48 -17.75 -69.18
CA LYS M 154 9.61 -17.79 -68.02
C LYS M 154 8.20 -17.33 -68.35
N ALA M 155 8.08 -16.30 -69.20
CA ALA M 155 6.75 -15.84 -69.62
C ALA M 155 6.03 -16.90 -70.43
N VAL M 156 6.74 -17.58 -71.34
CA VAL M 156 6.13 -18.63 -72.14
C VAL M 156 5.71 -19.81 -71.26
N GLU M 157 6.56 -20.18 -70.29
CA GLU M 157 6.21 -21.27 -69.38
C GLU M 157 5.02 -20.91 -68.50
N LYS M 158 4.93 -19.64 -68.09
CA LYS M 158 3.78 -19.20 -67.29
C LYS M 158 2.50 -19.25 -68.09
N GLU M 159 2.55 -18.84 -69.37
CA GLU M 159 1.37 -18.91 -70.23
C GLU M 159 0.94 -20.36 -70.45
N LEU M 160 1.92 -21.25 -70.67
CA LEU M 160 1.60 -22.66 -70.85
C LEU M 160 1.01 -23.27 -69.57
N ALA M 161 1.53 -22.87 -68.41
CA ALA M 161 0.99 -23.36 -67.15
C ALA M 161 -0.43 -22.87 -66.91
N GLU M 162 -0.71 -21.60 -67.26
CA GLU M 162 -2.07 -21.08 -67.12
C GLU M 162 -3.04 -21.81 -68.05
N THR M 163 -2.61 -22.08 -69.29
CA THR M 163 -3.45 -22.83 -70.21
C THR M 163 -3.71 -24.25 -69.70
N LYS M 164 -2.68 -24.89 -69.16
CA LYS M 164 -2.84 -26.24 -68.61
C LYS M 164 -3.78 -26.24 -67.41
N ARG M 165 -3.69 -25.21 -66.57
CA ARG M 165 -4.58 -25.10 -65.42
C ARG M 165 -6.03 -24.91 -65.85
N GLU M 166 -6.26 -24.06 -66.86
CA GLU M 166 -7.61 -23.87 -67.36
C GLU M 166 -8.17 -25.16 -67.98
N ILE M 167 -7.32 -25.89 -68.70
CA ILE M 167 -7.73 -27.16 -69.30
C ILE M 167 -8.07 -28.17 -68.21
N ASP M 168 -7.27 -28.22 -67.15
CA ASP M 168 -7.53 -29.13 -66.04
C ASP M 168 -8.82 -28.77 -65.32
N ARG M 169 -9.09 -27.48 -65.15
CA ARG M 169 -10.34 -27.06 -64.52
C ARG M 169 -11.56 -27.46 -65.37
N VAL M 170 -11.46 -27.26 -66.69
CA VAL M 170 -12.55 -27.66 -67.58
C VAL M 170 -12.74 -29.16 -67.56
N SER M 171 -11.64 -29.93 -67.54
CA SER M 171 -11.73 -31.38 -67.49
C SER M 171 -12.37 -31.85 -66.20
N LEU M 172 -12.02 -31.22 -65.07
CA LEU M 172 -12.63 -31.60 -63.79
C LEU M 172 -14.12 -31.31 -63.76
N ALA M 173 -14.52 -30.14 -64.30
CA ALA M 173 -15.94 -29.81 -64.34
C ALA M 173 -16.72 -30.79 -65.23
N ARG M 174 -16.15 -31.12 -66.39
CA ARG M 174 -16.79 -32.07 -67.28
C ARG M 174 -16.87 -33.46 -66.66
N GLN M 175 -15.82 -33.87 -65.93
CA GLN M 175 -15.83 -35.18 -65.28
C GLN M 175 -16.88 -35.25 -64.18
N GLY M 176 -17.04 -34.17 -63.41
CA GLY M 176 -18.08 -34.17 -62.39
C GLY M 176 -19.49 -34.20 -62.96
N MET M 177 -19.74 -33.38 -63.98
CA MET M 177 -21.05 -33.37 -64.61
C MET M 177 -21.36 -34.72 -65.26
N GLN M 178 -20.37 -35.31 -65.92
CA GLN M 178 -20.55 -36.63 -66.52
C GLN M 178 -20.76 -37.70 -65.47
N GLU M 179 -20.11 -37.59 -64.30
CA GLU M 179 -20.33 -38.57 -63.24
C GLU M 179 -21.75 -38.52 -62.72
N ALA M 180 -22.27 -37.30 -62.49
CA ALA M 180 -23.65 -37.16 -62.01
C ALA M 180 -24.64 -37.68 -63.05
N ALA M 181 -24.46 -37.30 -64.31
CA ALA M 181 -25.35 -37.74 -65.37
C ALA M 181 -25.27 -39.25 -65.59
N GLY M 182 -24.06 -39.82 -65.46
CA GLY M 182 -23.92 -41.25 -65.64
C GLY M 182 -24.57 -42.05 -64.52
N ALA M 183 -24.47 -41.56 -63.28
CA ALA M 183 -25.16 -42.22 -62.18
C ALA M 183 -26.67 -42.20 -62.37
N GLU M 184 -27.22 -41.03 -62.75
CA GLU M 184 -28.66 -40.93 -62.98
C GLU M 184 -29.11 -41.80 -64.15
N LEU M 185 -28.33 -41.83 -65.23
CA LEU M 185 -28.70 -42.61 -66.41
C LEU M 185 -28.60 -44.10 -66.14
N LYS M 186 -27.60 -44.53 -65.37
CA LYS M 186 -27.49 -45.93 -65.02
C LYS M 186 -28.64 -46.37 -64.14
N SER M 187 -29.04 -45.52 -63.19
CA SER M 187 -30.20 -45.85 -62.35
C SER M 187 -31.47 -45.94 -63.20
N LEU M 188 -31.66 -45.00 -64.13
CA LEU M 188 -32.84 -45.01 -64.99
C LEU M 188 -32.86 -46.24 -65.90
N GLU M 189 -31.69 -46.63 -66.42
CA GLU M 189 -31.64 -47.80 -67.31
C GLU M 189 -31.91 -49.08 -66.55
N GLU M 190 -31.38 -49.21 -65.34
CA GLU M 190 -31.67 -50.38 -64.51
C GLU M 190 -33.16 -50.44 -64.17
N THR M 191 -33.75 -49.28 -63.85
CA THR M 191 -35.19 -49.25 -63.56
C THR M 191 -36.02 -49.63 -64.79
N TRP M 192 -35.60 -49.18 -65.98
CA TRP M 192 -36.32 -49.52 -67.20
C TRP M 192 -36.24 -51.01 -67.51
N LYS M 193 -35.05 -51.61 -67.33
CA LYS M 193 -34.91 -53.05 -67.57
C LYS M 193 -35.74 -53.86 -66.59
N ALA M 194 -35.72 -53.47 -65.31
CA ALA M 194 -36.51 -54.18 -64.31
C ALA M 194 -38.00 -54.03 -64.58
N GLY M 195 -38.43 -52.84 -64.99
CA GLY M 195 -39.83 -52.63 -65.31
C GLY M 195 -40.27 -53.40 -66.54
N VAL M 196 -39.40 -53.52 -67.54
CA VAL M 196 -39.72 -54.32 -68.73
C VAL M 196 -39.89 -55.79 -68.34
N GLY M 197 -38.98 -56.32 -67.52
CA GLY M 197 -39.11 -57.70 -67.07
C GLY M 197 -40.36 -57.93 -66.24
N ARG M 198 -40.66 -57.01 -65.33
CA ARG M 198 -41.86 -57.13 -64.49
C ARG M 198 -43.13 -57.04 -65.32
N VAL M 199 -43.15 -56.16 -66.33
CA VAL M 199 -44.32 -56.03 -67.18
C VAL M 199 -44.51 -57.30 -68.02
N LEU M 200 -43.42 -57.90 -68.49
CA LEU M 200 -43.53 -59.15 -69.24
C LEU M 200 -44.07 -60.28 -68.36
N GLU M 201 -43.56 -60.38 -67.12
CA GLU M 201 -44.05 -61.42 -66.21
C GLU M 201 -45.51 -61.21 -65.84
N THR M 202 -45.91 -59.96 -65.62
CA THR M 202 -47.30 -59.66 -65.30
C THR M 202 -48.21 -59.93 -66.48
N GLU M 203 -47.74 -59.67 -67.70
CA GLU M 203 -48.51 -59.99 -68.89
C GLU M 203 -48.71 -61.49 -69.04
N ALA M 204 -47.66 -62.27 -68.76
CA ALA M 204 -47.78 -63.73 -68.81
C ALA M 204 -48.76 -64.25 -67.77
N ALA M 205 -48.70 -63.71 -66.56
CA ALA M 205 -49.63 -64.12 -65.51
C ALA M 205 -51.06 -63.72 -65.86
N ALA M 206 -51.24 -62.53 -66.45
CA ALA M 206 -52.57 -62.09 -66.86
C ALA M 206 -53.12 -62.97 -67.98
N GLU M 207 -52.26 -63.42 -68.89
CA GLU M 207 -52.68 -64.34 -69.93
C GLU M 207 -53.12 -65.67 -69.33
N LYS M 208 -52.37 -66.18 -68.35
CA LYS M 208 -52.77 -67.42 -67.68
C LYS M 208 -54.11 -67.26 -66.95
N LEU M 209 -54.29 -66.13 -66.26
CA LEU M 209 -55.55 -65.87 -65.56
C LEU M 209 -56.70 -65.71 -66.53
N ARG M 210 -56.46 -65.09 -67.69
CA ARG M 210 -57.49 -64.95 -68.70
C ARG M 210 -57.85 -66.30 -69.30
N ILE M 211 -56.88 -67.20 -69.46
CA ILE M 211 -57.16 -68.55 -69.92
C ILE M 211 -58.01 -69.30 -68.91
N GLU M 212 -57.70 -69.16 -67.61
CA GLU M 212 -58.49 -69.80 -66.58
C GLU M 212 -59.92 -69.24 -66.53
N VAL M 213 -60.05 -67.92 -66.68
CA VAL M 213 -61.37 -67.30 -66.66
C VAL M 213 -62.17 -67.70 -67.89
N LEU M 214 -61.52 -67.84 -69.04
CA LEU M 214 -62.19 -68.31 -70.24
C LEU M 214 -62.66 -69.75 -70.08
N GLU M 215 -61.85 -70.60 -69.44
CA GLU M 215 -62.26 -71.97 -69.16
C GLU M 215 -63.47 -72.01 -68.23
N GLU M 216 -63.47 -71.17 -67.19
CA GLU M 216 -64.60 -71.10 -66.28
C GLU M 216 -65.86 -70.58 -66.98
N ARG M 217 -65.70 -69.59 -67.85
CA ARG M 217 -66.84 -69.07 -68.60
C ARG M 217 -67.38 -70.09 -69.59
N ARG M 218 -66.49 -70.87 -70.20
CA ARG M 218 -66.93 -71.94 -71.10
C ARG M 218 -67.68 -73.03 -70.34
N ARG M 219 -67.20 -73.36 -69.13
CA ARG M 219 -67.92 -74.33 -68.29
C ARG M 219 -69.29 -73.80 -67.89
N LEU M 220 -69.38 -72.52 -67.54
CA LEU M 220 -70.67 -71.93 -67.19
C LEU M 220 -71.61 -71.90 -68.38
N ALA M 221 -71.10 -71.57 -69.57
CA ALA M 221 -71.93 -71.56 -70.78
C ALA M 221 -72.41 -72.96 -71.13
N GLU M 222 -71.55 -73.98 -70.95
CA GLU M 222 -71.97 -75.35 -71.20
C GLU M 222 -73.03 -75.79 -70.20
N ALA M 223 -72.89 -75.40 -68.94
CA ALA M 223 -73.91 -75.71 -67.94
C ALA M 223 -75.23 -75.02 -68.25
N GLN M 224 -75.18 -73.76 -68.70
CA GLN M 224 -76.38 -73.05 -69.08
C GLN M 224 -77.06 -73.68 -70.29
N ALA M 225 -76.26 -74.10 -71.28
CA ALA M 225 -76.82 -74.77 -72.45
C ALA M 225 -77.45 -76.11 -72.08
N ALA M 226 -76.82 -76.86 -71.18
CA ALA M 226 -77.38 -78.13 -70.72
C ALA M 226 -78.68 -77.90 -69.95
N LEU M 227 -78.73 -76.84 -69.12
CA LEU M 227 -79.96 -76.53 -68.39
C LEU M 227 -81.07 -76.10 -69.33
N ALA M 228 -80.74 -75.34 -70.38
CA ALA M 228 -81.74 -74.93 -71.36
C ALA M 228 -82.24 -76.11 -72.18
N VAL M 229 -81.36 -77.04 -72.51
CA VAL M 229 -81.76 -78.23 -73.26
C VAL M 229 -82.63 -79.15 -72.41
N GLY M 230 -82.28 -79.30 -71.12
CA GLY M 230 -83.04 -80.15 -70.24
C GLY M 230 -84.38 -79.58 -69.83
N ASN M 231 -84.55 -78.27 -69.94
CA ASN M 231 -85.81 -77.63 -69.58
C ASN M 231 -86.83 -77.75 -70.70
N THR N 24 82.32 -86.75 -41.56
CA THR N 24 82.28 -87.72 -40.46
C THR N 24 82.89 -89.05 -40.88
N LEU N 25 82.71 -90.07 -40.04
CA LEU N 25 83.22 -91.41 -40.36
C LEU N 25 82.46 -92.01 -41.54
N GLU N 26 81.14 -91.80 -41.59
CA GLU N 26 80.36 -92.33 -42.70
C GLU N 26 80.67 -91.62 -44.01
N ASP N 27 80.97 -90.32 -43.96
CA ASP N 27 81.35 -89.59 -45.16
C ASP N 27 82.71 -90.06 -45.68
N LEU N 28 83.66 -90.35 -44.77
CA LEU N 28 84.95 -90.86 -45.18
C LEU N 28 84.87 -92.30 -45.64
N GLU N 29 83.89 -93.05 -45.15
CA GLU N 29 83.72 -94.44 -45.58
C GLU N 29 83.19 -94.52 -47.02
N GLY N 30 82.51 -93.48 -47.49
CA GLY N 30 82.00 -93.46 -48.83
C GLY N 30 83.06 -93.12 -49.86
N GLU N 31 82.62 -93.06 -51.11
CA GLU N 31 83.51 -92.78 -52.24
C GLU N 31 83.84 -91.29 -52.23
N ASN N 32 84.84 -90.92 -51.44
CA ASN N 32 85.29 -89.54 -51.34
C ASN N 32 86.50 -89.31 -52.22
N GLN N 33 86.88 -88.03 -52.35
CA GLN N 33 88.05 -87.68 -53.15
C GLN N 33 89.34 -88.15 -52.50
N PHE N 34 89.43 -88.03 -51.17
CA PHE N 34 90.62 -88.49 -50.45
C PHE N 34 90.76 -90.00 -50.52
N THR N 35 89.64 -90.72 -50.37
CA THR N 35 89.68 -92.18 -50.48
C THR N 35 90.05 -92.62 -51.89
N ASN N 36 89.53 -91.94 -52.91
CA ASN N 36 89.89 -92.26 -54.29
C ASN N 36 91.36 -91.98 -54.55
N LEU N 37 91.89 -90.87 -54.02
CA LEU N 37 93.31 -90.56 -54.18
C LEU N 37 94.19 -91.58 -53.47
N ALA N 38 93.77 -92.03 -52.28
CA ALA N 38 94.53 -93.05 -51.55
C ALA N 38 94.48 -94.39 -52.29
N ARG N 39 93.33 -94.72 -52.90
CA ARG N 39 93.24 -95.96 -53.66
C ARG N 39 94.09 -95.90 -54.94
N GLN N 40 94.13 -94.73 -55.58
CA GLN N 40 94.93 -94.58 -56.80
C GLN N 40 96.42 -94.51 -56.51
N HIS N 41 96.80 -94.01 -55.33
CA HIS N 41 98.21 -93.81 -55.00
C HIS N 41 98.78 -94.96 -54.17
N TRP N 42 98.10 -95.36 -53.09
CA TRP N 42 98.62 -96.37 -52.18
C TRP N 42 98.11 -97.77 -52.45
N LEU N 43 96.93 -97.91 -53.06
CA LEU N 43 96.35 -99.22 -53.35
C LEU N 43 96.55 -99.63 -54.81
N ASN N 44 97.68 -99.27 -55.39
CA ASN N 44 97.99 -99.59 -56.79
C ASN N 44 98.74 -100.91 -56.93
N VAL N 45 98.56 -101.84 -56.01
CA VAL N 45 99.24 -103.15 -56.08
C VAL N 45 98.67 -103.95 -57.24
N PRO N 46 99.47 -104.76 -57.93
CA PRO N 46 98.95 -105.52 -59.08
C PRO N 46 98.41 -106.89 -58.67
N GLN N 47 98.21 -107.10 -57.38
CA GLN N 47 97.70 -108.38 -56.90
C GLN N 47 96.26 -108.59 -57.32
N GLN N 48 95.94 -109.82 -57.73
CA GLN N 48 94.59 -110.17 -58.19
C GLN N 48 93.72 -110.48 -56.97
N ALA N 49 93.25 -109.43 -56.32
CA ALA N 49 92.38 -109.58 -55.17
C ALA N 49 90.99 -110.03 -55.60
N ALA N 50 90.32 -110.75 -54.70
CA ALA N 50 88.97 -111.24 -54.98
C ALA N 50 87.98 -110.09 -54.97
N LYS N 51 86.91 -110.25 -55.76
CA LYS N 51 85.86 -109.23 -55.88
C LYS N 51 84.86 -109.42 -54.74
N ILE N 52 85.28 -108.99 -53.55
CA ILE N 52 84.48 -109.07 -52.34
C ILE N 52 84.01 -107.68 -51.98
N LYS N 53 82.69 -107.53 -51.78
CA LYS N 53 82.10 -106.25 -51.43
C LYS N 53 82.36 -105.98 -49.95
N VAL N 54 83.56 -105.48 -49.68
CA VAL N 54 83.98 -105.15 -48.32
C VAL N 54 83.82 -103.65 -48.11
N LYS N 55 83.14 -103.26 -47.03
CA LYS N 55 82.93 -101.85 -46.74
C LYS N 55 84.23 -101.22 -46.25
N THR N 56 84.57 -100.07 -46.84
CA THR N 56 85.79 -99.34 -46.49
C THR N 56 85.54 -98.58 -45.18
N ASP N 57 85.66 -99.30 -44.07
CA ASP N 57 85.42 -98.71 -42.77
C ASP N 57 86.57 -97.77 -42.39
N VAL N 58 86.25 -96.79 -41.54
CA VAL N 58 87.27 -95.83 -41.09
C VAL N 58 88.27 -96.51 -40.18
N LEU N 59 87.80 -97.43 -39.33
CA LEU N 59 88.71 -98.15 -38.43
C LEU N 59 89.65 -99.08 -39.20
N LYS N 60 89.12 -99.78 -40.22
CA LYS N 60 89.96 -100.64 -41.03
C LYS N 60 90.98 -99.85 -41.83
N ARG N 61 90.57 -98.69 -42.38
CA ARG N 61 91.50 -97.83 -43.10
C ARG N 61 92.58 -97.27 -42.18
N GLU N 62 92.19 -96.89 -40.95
CA GLU N 62 93.17 -96.39 -39.98
C GLU N 62 94.15 -97.49 -39.57
N LEU N 63 93.66 -98.72 -39.41
CA LEU N 63 94.54 -99.83 -39.06
C LEU N 63 95.49 -100.16 -40.21
N TYR N 64 95.01 -100.08 -41.45
CA TYR N 64 95.85 -100.34 -42.60
C TYR N 64 96.87 -99.24 -42.85
N LEU N 65 96.53 -97.99 -42.54
CA LEU N 65 97.44 -96.87 -42.77
C LEU N 65 98.46 -96.70 -41.65
N TRP N 66 98.04 -96.93 -40.40
CA TRP N 66 98.97 -96.80 -39.27
C TRP N 66 100.09 -97.84 -39.32
N PRO N 67 99.83 -99.13 -39.55
CA PRO N 67 100.94 -100.08 -39.72
C PRO N 67 101.80 -99.79 -40.94
N GLY N 68 101.20 -99.27 -42.01
CA GLY N 68 101.93 -98.92 -43.21
C GLY N 68 102.56 -97.55 -43.21
N TYR N 69 102.37 -96.77 -42.15
CA TYR N 69 102.95 -95.44 -42.09
C TYR N 69 104.45 -95.52 -41.87
N GLY N 70 105.18 -94.60 -42.50
CA GLY N 70 106.62 -94.57 -42.39
C GLY N 70 107.18 -93.26 -42.88
N GLU N 71 108.52 -93.21 -42.95
CA GLU N 71 109.19 -92.01 -43.42
C GLU N 71 109.02 -91.78 -44.93
N ASP N 72 108.66 -92.82 -45.68
CA ASP N 72 108.45 -92.70 -47.11
C ASP N 72 107.01 -92.36 -47.48
N SER N 73 106.14 -92.16 -46.50
CA SER N 73 104.76 -91.82 -46.77
C SER N 73 104.66 -90.38 -47.28
N SER N 74 103.70 -90.16 -48.18
CA SER N 74 103.51 -88.84 -48.77
C SER N 74 102.75 -87.93 -47.80
N ASN N 75 102.64 -86.65 -48.18
CA ASN N 75 101.91 -85.70 -47.37
C ASN N 75 100.41 -85.94 -47.37
N TYR N 76 99.89 -86.60 -48.41
CA TYR N 76 98.46 -86.93 -48.44
C TYR N 76 98.11 -87.93 -47.35
N HIS N 77 98.97 -88.92 -47.11
CA HIS N 77 98.74 -89.88 -46.04
C HIS N 77 98.78 -89.21 -44.67
N VAL N 78 99.70 -88.27 -44.49
CA VAL N 78 99.79 -87.54 -43.22
C VAL N 78 98.56 -86.67 -43.02
N LEU N 79 98.08 -86.03 -44.09
CA LEU N 79 96.86 -85.22 -43.99
C LEU N 79 95.65 -86.08 -43.69
N LEU N 80 95.56 -87.27 -44.31
CA LEU N 80 94.47 -88.19 -44.01
C LEU N 80 94.53 -88.68 -42.56
N ILE N 81 95.72 -88.95 -42.06
CA ILE N 81 95.88 -89.38 -40.67
C ILE N 81 95.49 -88.25 -39.72
N ILE N 82 95.84 -87.01 -40.05
CA ILE N 82 95.48 -85.87 -39.23
C ILE N 82 93.96 -85.67 -39.24
N LEU N 83 93.33 -85.83 -40.40
CA LEU N 83 91.88 -85.71 -40.50
C LEU N 83 91.18 -86.82 -39.71
N ILE N 84 91.72 -88.03 -39.74
CA ILE N 84 91.14 -89.14 -38.97
C ILE N 84 91.31 -88.89 -37.48
N VAL N 85 92.45 -88.34 -37.07
CA VAL N 85 92.67 -88.02 -35.66
C VAL N 85 91.72 -86.92 -35.21
N ASN N 86 91.49 -85.91 -36.06
CA ASN N 86 90.54 -84.84 -35.73
C ASN N 86 89.12 -85.37 -35.65
N ALA N 87 88.74 -86.30 -36.54
CA ALA N 87 87.42 -86.90 -36.48
C ALA N 87 87.24 -87.76 -35.25
N LYS N 88 88.30 -88.47 -34.84
CA LYS N 88 88.23 -89.26 -33.62
C LYS N 88 88.15 -88.38 -32.38
N ARG N 89 88.86 -87.25 -32.39
CA ARG N 89 88.78 -86.32 -31.28
C ARG N 89 87.42 -85.64 -31.20
N ARG N 90 86.80 -85.35 -32.34
CA ARG N 90 85.46 -84.77 -32.34
C ARG N 90 84.41 -85.78 -31.91
N GLU N 91 84.65 -87.07 -32.16
CA GLU N 91 83.74 -88.13 -31.78
C GLU N 91 84.10 -88.77 -30.45
N ARG N 92 85.06 -88.18 -29.71
CA ARG N 92 85.55 -88.68 -28.42
C ARG N 92 86.06 -90.12 -28.52
N VAL N 93 86.97 -90.33 -29.47
CA VAL N 93 87.59 -91.64 -29.69
C VAL N 93 89.09 -91.49 -29.47
N SER N 94 89.64 -92.36 -28.63
CA SER N 94 91.06 -92.28 -28.31
C SER N 94 91.91 -92.74 -29.49
N THR N 95 92.95 -91.96 -29.79
CA THR N 95 93.88 -92.29 -30.86
C THR N 95 95.34 -92.19 -30.48
N TRP N 96 95.65 -91.84 -29.22
CA TRP N 96 97.05 -91.70 -28.80
C TRP N 96 97.75 -93.03 -28.64
N ASP N 97 97.01 -94.11 -28.35
CA ASP N 97 97.65 -95.41 -28.14
C ASP N 97 98.14 -96.00 -29.46
N ILE N 98 97.38 -95.83 -30.54
CA ILE N 98 97.78 -96.35 -31.85
C ILE N 98 99.03 -95.65 -32.34
N PHE N 99 99.11 -94.34 -32.15
CA PHE N 99 100.33 -93.60 -32.47
C PHE N 99 101.47 -93.89 -31.50
N ALA N 100 101.16 -94.22 -30.25
CA ALA N 100 102.20 -94.55 -29.27
C ALA N 100 102.72 -95.97 -29.42
N ASP N 101 102.04 -96.81 -30.22
CA ASP N 101 102.58 -98.13 -30.54
C ASP N 101 103.89 -98.02 -31.33
N ARG N 102 103.98 -97.05 -32.24
CA ARG N 102 105.21 -96.77 -32.98
C ARG N 102 105.68 -95.37 -32.64
N PRO N 103 106.66 -95.21 -31.74
CA PRO N 103 107.03 -93.84 -31.32
C PRO N 103 107.83 -93.08 -32.36
N ALA N 104 108.70 -93.76 -33.11
CA ALA N 104 109.47 -93.09 -34.16
C ALA N 104 108.55 -92.62 -35.29
N ASP N 105 107.57 -93.45 -35.66
CA ASP N 105 106.60 -93.06 -36.68
C ASP N 105 105.74 -91.89 -36.21
N PHE N 106 105.37 -91.89 -34.93
CA PHE N 106 104.62 -90.76 -34.37
C PHE N 106 105.44 -89.48 -34.37
N SER N 107 106.72 -89.57 -34.02
CA SER N 107 107.59 -88.40 -34.05
C SER N 107 107.78 -87.89 -35.47
N ASP N 108 107.94 -88.79 -36.44
CA ASP N 108 108.05 -88.38 -37.84
C ASP N 108 106.77 -87.73 -38.34
N LEU N 109 105.61 -88.27 -37.94
CA LEU N 109 104.34 -87.67 -38.32
C LEU N 109 104.15 -86.30 -37.70
N PHE N 110 104.57 -86.14 -36.44
CA PHE N 110 104.49 -84.83 -35.78
C PHE N 110 105.41 -83.82 -36.46
N ARG N 111 106.62 -84.25 -36.84
CA ARG N 111 107.53 -83.35 -37.54
C ARG N 111 106.98 -82.97 -38.91
N ARG N 112 106.37 -83.92 -39.63
CA ARG N 112 105.76 -83.62 -40.92
C ARG N 112 104.58 -82.67 -40.76
N ALA N 113 103.77 -82.86 -39.72
CA ALA N 113 102.65 -81.95 -39.46
C ALA N 113 103.13 -80.55 -39.11
N LEU N 114 104.20 -80.44 -38.32
CA LEU N 114 104.77 -79.13 -38.00
C LEU N 114 105.35 -78.45 -39.25
N SER N 115 105.99 -79.22 -40.12
CA SER N 115 106.52 -78.68 -41.37
C SER N 115 105.40 -78.22 -42.29
N MET N 116 104.30 -78.98 -42.34
CA MET N 116 103.17 -78.60 -43.18
C MET N 116 102.46 -77.36 -42.62
N THR N 117 102.40 -77.24 -41.29
CA THR N 117 101.80 -76.06 -40.69
C THR N 117 102.69 -74.83 -40.90
N LEU N 118 104.02 -75.01 -40.88
CA LEU N 118 104.92 -73.90 -41.15
C LEU N 118 104.91 -73.51 -42.62
N ASP N 119 104.71 -74.48 -43.51
CA ASP N 119 104.69 -74.20 -44.95
C ASP N 119 103.37 -73.56 -45.34
N SER N 120 103.45 -72.49 -46.13
CA SER N 120 102.27 -71.79 -46.62
C SER N 120 101.84 -72.26 -48.01
N SER N 121 102.50 -73.27 -48.56
CA SER N 121 102.13 -73.75 -49.89
C SER N 121 100.81 -74.54 -49.86
N LEU N 122 100.46 -75.11 -48.72
CA LEU N 122 99.22 -75.85 -48.60
C LEU N 122 98.03 -74.89 -48.55
N SER N 123 96.83 -75.45 -48.71
CA SER N 123 95.61 -74.67 -48.68
C SER N 123 95.29 -74.23 -47.25
N TRP N 124 94.36 -73.28 -47.14
CA TRP N 124 93.95 -72.78 -45.83
C TRP N 124 93.20 -73.85 -45.03
N THR N 125 92.43 -74.70 -45.71
CA THR N 125 91.73 -75.79 -45.02
C THR N 125 92.72 -76.80 -44.47
N ILE N 126 93.77 -77.12 -45.21
CA ILE N 126 94.78 -78.05 -44.73
C ILE N 126 95.55 -77.46 -43.55
N ARG N 127 95.85 -76.16 -43.62
CA ARG N 127 96.51 -75.49 -42.50
C ARG N 127 95.62 -75.45 -41.26
N THR N 128 94.32 -75.23 -41.45
CA THR N 128 93.39 -75.25 -40.32
C THR N 128 93.28 -76.65 -39.72
N HIS N 129 93.27 -77.68 -40.56
CA HIS N 129 93.25 -79.06 -40.06
C HIS N 129 94.52 -79.39 -39.30
N VAL N 130 95.68 -78.92 -39.79
CA VAL N 130 96.94 -79.15 -39.10
C VAL N 130 96.96 -78.42 -37.76
N LEU N 131 96.43 -77.19 -37.73
CA LEU N 131 96.34 -76.45 -36.48
C LEU N 131 95.40 -77.13 -35.48
N LEU N 132 94.28 -77.68 -35.97
CA LEU N 132 93.37 -78.41 -35.10
C LEU N 132 94.01 -79.67 -34.56
N PHE N 133 94.79 -80.39 -35.40
CA PHE N 133 95.50 -81.57 -34.93
C PHE N 133 96.56 -81.21 -33.90
N ILE N 134 97.26 -80.09 -34.10
CA ILE N 134 98.26 -79.64 -33.14
C ILE N 134 97.60 -79.24 -31.82
N ILE N 135 96.42 -78.61 -31.90
CA ILE N 135 95.70 -78.24 -30.68
C ILE N 135 95.20 -79.47 -29.95
N HIS N 136 94.76 -80.49 -30.69
CA HIS N 136 94.34 -81.75 -30.07
C HIS N 136 95.51 -82.47 -29.43
N ALA N 137 96.69 -82.42 -30.06
CA ALA N 137 97.89 -83.00 -29.46
C ALA N 137 98.31 -82.24 -28.21
N PHE N 138 98.18 -80.92 -28.21
CA PHE N 138 98.50 -80.12 -27.03
C PHE N 138 97.51 -80.39 -25.90
N GLN N 139 96.23 -80.60 -26.22
CA GLN N 139 95.24 -80.97 -25.23
C GLN N 139 95.39 -82.41 -24.76
N SER N 140 96.17 -83.22 -25.45
CA SER N 140 96.46 -84.60 -25.08
C SER N 140 97.90 -84.73 -24.59
N LEU N 141 98.36 -83.74 -23.82
CA LEU N 141 99.74 -83.71 -23.34
C LEU N 141 100.01 -84.74 -22.24
N ASP N 142 98.99 -85.41 -21.72
CA ASP N 142 99.20 -86.45 -20.72
C ASP N 142 99.93 -87.65 -21.30
N TYR N 143 99.82 -87.88 -22.60
CA TYR N 143 100.59 -88.92 -23.25
C TYR N 143 102.07 -88.55 -23.28
N ALA N 144 102.93 -89.56 -23.15
CA ALA N 144 104.36 -89.31 -23.11
C ALA N 144 104.90 -88.87 -24.47
N ILE N 145 104.39 -89.46 -25.56
CA ILE N 145 104.88 -89.11 -26.89
C ILE N 145 104.46 -87.70 -27.27
N VAL N 146 103.22 -87.32 -26.96
CA VAL N 146 102.73 -85.98 -27.28
C VAL N 146 103.47 -84.94 -26.46
N ARG N 147 103.71 -85.22 -25.17
CA ARG N 147 104.46 -84.31 -24.32
C ARG N 147 105.91 -84.17 -24.79
N LYS N 148 106.52 -85.27 -25.23
CA LYS N 148 107.89 -85.19 -25.75
C LYS N 148 107.94 -84.42 -27.06
N GLU N 149 106.92 -84.56 -27.91
CA GLU N 149 106.89 -83.83 -29.17
C GLU N 149 106.64 -82.34 -28.94
N CYS N 150 105.79 -81.99 -27.98
CA CYS N 150 105.46 -80.60 -27.71
C CYS N 150 106.41 -79.93 -26.72
N ALA N 151 107.36 -80.68 -26.14
CA ALA N 151 108.32 -80.09 -25.21
C ALA N 151 109.23 -79.07 -25.89
N PRO N 152 109.80 -79.34 -27.06
CA PRO N 152 110.68 -78.33 -27.71
C PRO N 152 109.93 -77.13 -28.25
N LEU N 153 108.63 -77.25 -28.49
CA LEU N 153 107.86 -76.12 -29.02
C LEU N 153 107.62 -75.07 -27.94
N VAL N 154 107.49 -75.48 -26.69
CA VAL N 154 107.25 -74.56 -25.59
C VAL N 154 108.46 -74.49 -24.65
N SER N 155 109.65 -74.80 -25.17
CA SER N 155 110.87 -74.78 -24.38
C SER N 155 111.42 -73.36 -24.35
N ILE N 156 112.67 -73.22 -23.87
CA ILE N 156 113.32 -71.90 -23.80
C ILE N 156 113.86 -71.43 -25.13
N SER N 157 113.68 -72.20 -26.21
CA SER N 157 114.12 -71.75 -27.52
C SER N 157 113.27 -70.62 -28.06
N ILE N 158 112.04 -70.48 -27.56
CA ILE N 158 111.20 -69.34 -27.94
C ILE N 158 111.77 -68.05 -27.38
N TRP N 159 112.33 -68.11 -26.16
CA TRP N 159 112.98 -66.92 -25.59
C TRP N 159 114.26 -66.58 -26.32
N HIS N 160 114.92 -67.58 -26.93
CA HIS N 160 116.11 -67.30 -27.73
C HIS N 160 115.76 -66.56 -29.02
N ASN N 161 114.56 -66.76 -29.54
CA ASN N 161 114.09 -66.08 -30.75
C ASN N 161 113.38 -64.77 -30.45
N LEU N 162 113.68 -64.14 -29.30
CA LEU N 162 113.05 -62.88 -28.95
C LEU N 162 113.59 -61.75 -29.81
N SER N 163 112.80 -60.69 -29.92
CA SER N 163 113.19 -59.55 -30.74
C SER N 163 114.34 -58.77 -30.12
N THR N 164 114.31 -58.59 -28.80
CA THR N 164 115.33 -57.84 -28.09
C THR N 164 116.14 -58.78 -27.21
N GLU N 165 117.46 -58.74 -27.37
CA GLU N 165 118.33 -59.55 -26.52
C GLU N 165 118.43 -58.97 -25.11
N GLU N 166 118.26 -57.66 -24.97
CA GLU N 166 118.30 -57.02 -23.66
C GLU N 166 117.13 -57.47 -22.79
N LYS N 167 115.95 -57.63 -23.40
CA LYS N 167 114.79 -58.13 -22.66
C LYS N 167 115.01 -59.57 -22.19
N ARG N 168 115.60 -60.41 -23.05
CA ARG N 168 115.91 -61.78 -22.66
C ARG N 168 116.96 -61.82 -21.55
N GLU N 169 117.97 -60.94 -21.62
CA GLU N 169 118.98 -60.87 -20.57
C GLU N 169 118.36 -60.41 -19.24
N ALA N 170 117.45 -59.44 -19.30
CA ALA N 170 116.78 -58.98 -18.08
C ALA N 170 115.88 -60.08 -17.50
N LEU N 171 115.21 -60.84 -18.37
CA LEU N 171 114.36 -61.94 -17.90
C LEU N 171 115.21 -63.05 -17.28
N LEU N 172 116.39 -63.31 -17.84
CA LEU N 172 117.28 -64.30 -17.25
C LEU N 172 117.86 -63.82 -15.92
N ASP N 173 118.16 -62.52 -15.82
CA ASP N 173 118.72 -61.99 -14.58
C ASP N 173 117.66 -61.90 -13.49
N SER N 174 116.40 -61.72 -13.86
CA SER N 174 115.34 -61.62 -12.85
C SER N 174 115.04 -62.98 -12.21
N ASN N 175 114.94 -64.02 -13.02
CA ASN N 175 114.65 -65.36 -12.51
C ASN N 175 115.87 -66.25 -12.66
N PRO N 176 116.52 -66.64 -11.56
CA PRO N 176 117.68 -67.55 -11.68
C PRO N 176 117.33 -68.91 -12.25
N HIS N 177 116.11 -69.41 -11.99
CA HIS N 177 115.69 -70.68 -12.58
C HIS N 177 115.57 -70.57 -14.09
N LEU N 178 115.05 -69.44 -14.59
CA LEU N 178 114.97 -69.22 -16.03
C LEU N 178 116.36 -69.14 -16.66
N ARG N 179 117.30 -68.48 -15.98
CA ARG N 179 118.67 -68.41 -16.47
C ARG N 179 119.33 -69.79 -16.50
N LYS N 180 119.08 -70.60 -15.46
CA LYS N 180 119.61 -71.96 -15.44
C LYS N 180 119.01 -72.81 -16.55
N ALA N 181 117.71 -72.67 -16.80
CA ALA N 181 117.06 -73.40 -17.88
C ALA N 181 117.60 -72.97 -19.25
N TRP N 182 117.81 -71.66 -19.43
CA TRP N 182 118.37 -71.18 -20.69
C TRP N 182 119.80 -71.65 -20.89
N ARG N 183 120.60 -71.68 -19.81
CA ARG N 183 121.96 -72.19 -19.91
C ARG N 183 121.98 -73.68 -20.22
N ALA N 184 121.08 -74.45 -19.61
CA ALA N 184 120.98 -75.87 -19.91
C ALA N 184 120.54 -76.12 -21.35
N ALA N 185 119.59 -75.32 -21.84
CA ALA N 185 119.16 -75.45 -23.23
C ALA N 185 120.27 -75.09 -24.20
N THR N 186 121.04 -74.04 -23.89
CA THR N 186 122.17 -73.67 -24.74
C THR N 186 123.26 -74.74 -24.74
N LYS N 187 123.54 -75.33 -23.57
CA LYS N 187 124.51 -76.40 -23.48
C LYS N 187 124.04 -77.64 -24.24
N ARG N 188 122.75 -77.96 -24.16
CA ARG N 188 122.21 -79.09 -24.90
C ARG N 188 122.26 -78.85 -26.40
N PHE N 189 121.98 -77.62 -26.84
CA PHE N 189 122.04 -77.30 -28.25
C PHE N 189 123.48 -77.33 -28.76
N GLU N 190 124.43 -76.86 -27.95
CA GLU N 190 125.84 -76.89 -28.36
C GLU N 190 126.38 -78.31 -28.39
N SER N 191 125.99 -79.14 -27.42
CA SER N 191 126.47 -80.52 -27.35
C SER N 191 125.74 -81.44 -28.33
N ALA N 192 124.63 -81.00 -28.90
CA ALA N 192 123.90 -81.84 -29.85
C ALA N 192 124.63 -81.89 -31.19
N ASP N 193 124.24 -82.87 -32.00
CA ASP N 193 124.79 -83.01 -33.34
C ASP N 193 124.06 -82.07 -34.30
N ASP N 194 124.29 -82.26 -35.61
CA ASP N 194 123.63 -81.42 -36.60
C ASP N 194 122.14 -81.71 -36.66
N ALA N 195 121.74 -82.97 -36.48
CA ALA N 195 120.35 -83.35 -36.64
C ALA N 195 119.48 -82.81 -35.50
N THR N 196 119.94 -82.97 -34.25
CA THR N 196 119.13 -82.54 -33.11
C THR N 196 119.06 -81.02 -33.02
N LYS N 197 120.20 -80.34 -33.24
CA LYS N 197 120.20 -78.88 -33.25
C LYS N 197 119.37 -78.33 -34.41
N ALA N 198 119.44 -79.00 -35.58
CA ALA N 198 118.62 -78.59 -36.71
C ALA N 198 117.14 -78.79 -36.42
N ARG N 199 116.77 -79.87 -35.72
CA ARG N 199 115.38 -80.11 -35.36
C ARG N 199 114.88 -79.06 -34.36
N LEU N 200 115.72 -78.72 -33.37
CA LEU N 200 115.32 -77.70 -32.39
C LEU N 200 115.17 -76.33 -33.04
N ARG N 201 116.12 -75.96 -33.91
CA ARG N 201 116.02 -74.71 -34.64
C ARG N 201 114.83 -74.70 -35.60
N PHE N 202 114.51 -75.85 -36.20
CA PHE N 202 113.34 -75.96 -37.07
C PHE N 202 112.05 -75.80 -36.28
N ASP N 203 112.00 -76.35 -35.07
CA ASP N 203 110.80 -76.17 -34.23
C ASP N 203 110.63 -74.72 -33.81
N ARG N 204 111.72 -74.07 -33.39
CA ARG N 204 111.65 -72.68 -32.99
C ARG N 204 111.27 -71.77 -34.17
N ALA N 205 111.88 -72.02 -35.33
CA ALA N 205 111.56 -71.26 -36.53
C ALA N 205 110.15 -71.56 -37.03
N TRP N 206 109.65 -72.78 -36.79
CA TRP N 206 108.28 -73.11 -37.16
C TRP N 206 107.28 -72.36 -36.28
N LEU N 207 107.56 -72.25 -34.98
CA LEU N 207 106.70 -71.46 -34.10
C LEU N 207 106.73 -69.98 -34.51
N TYR N 208 107.93 -69.45 -34.77
CA TYR N 208 108.06 -68.05 -35.17
C TYR N 208 107.39 -67.79 -36.51
N SER N 209 107.53 -68.71 -37.47
CA SER N 209 106.91 -68.55 -38.77
C SER N 209 105.40 -68.74 -38.71
N LEU N 210 104.91 -69.57 -37.79
CA LEU N 210 103.47 -69.69 -37.59
C LEU N 210 102.90 -68.39 -37.05
N VAL N 211 103.59 -67.77 -36.09
CA VAL N 211 103.15 -66.46 -35.57
C VAL N 211 103.19 -65.41 -36.66
N LEU N 212 104.28 -65.41 -37.46
CA LEU N 212 104.41 -64.43 -38.54
C LEU N 212 103.37 -64.64 -39.62
N ASP N 213 103.05 -65.89 -39.95
CA ASP N 213 102.04 -66.18 -40.96
C ASP N 213 100.64 -65.84 -40.47
N PHE N 214 100.38 -66.04 -39.18
CA PHE N 214 99.11 -65.61 -38.60
C PHE N 214 98.97 -64.09 -38.67
N LEU N 215 100.05 -63.36 -38.34
CA LEU N 215 100.03 -61.91 -38.44
C LEU N 215 99.86 -61.45 -39.88
N THR N 216 100.53 -62.13 -40.82
CA THR N 216 100.42 -61.77 -42.23
C THR N 216 99.03 -62.03 -42.79
N LEU N 217 98.41 -63.14 -42.38
CA LEU N 217 97.04 -63.42 -42.80
C LEU N 217 96.04 -62.45 -42.16
N LEU N 218 96.33 -62.02 -40.93
CA LEU N 218 95.46 -61.06 -40.27
C LEU N 218 95.55 -59.68 -40.91
N TYR N 219 96.76 -59.26 -41.31
CA TYR N 219 96.98 -57.94 -41.86
C TYR N 219 96.92 -57.91 -43.39
N SER N 220 96.70 -59.05 -44.04
CA SER N 220 96.68 -59.08 -45.50
C SER N 220 95.40 -58.47 -46.05
N GLY N 221 94.27 -58.69 -45.38
CA GLY N 221 92.99 -58.20 -45.85
C GLY N 221 92.35 -59.15 -46.85
N ASN N 222 91.07 -58.85 -47.15
CA ASN N 222 90.23 -59.65 -48.04
C ASN N 222 90.17 -61.11 -47.60
N ALA N 223 90.03 -61.31 -46.29
CA ALA N 223 90.00 -62.66 -45.74
C ALA N 223 88.68 -63.35 -46.09
N LYS N 224 88.78 -64.63 -46.43
CA LYS N 224 87.63 -65.45 -46.78
C LYS N 224 87.15 -66.20 -45.55
N GLN N 225 86.22 -67.15 -45.75
CA GLN N 225 85.74 -67.97 -44.65
C GLN N 225 86.84 -68.90 -44.14
N GLU N 226 87.66 -69.42 -45.04
CA GLU N 226 88.78 -70.28 -44.63
C GLU N 226 89.82 -69.50 -43.83
N HIS N 227 90.10 -68.27 -44.23
CA HIS N 227 91.05 -67.44 -43.48
C HIS N 227 90.51 -67.08 -42.10
N VAL N 228 89.21 -66.80 -42.01
CA VAL N 228 88.58 -66.49 -40.73
C VAL N 228 88.60 -67.72 -39.83
N LEU N 229 88.34 -68.91 -40.40
CA LEU N 229 88.40 -70.14 -39.63
C LEU N 229 89.82 -70.43 -39.15
N TYR N 230 90.82 -70.16 -39.99
CA TYR N 230 92.21 -70.34 -39.57
C TYR N 230 92.59 -69.37 -38.47
N CYS N 231 92.12 -68.12 -38.56
CA CYS N 231 92.39 -67.15 -37.51
C CYS N 231 91.71 -67.55 -36.19
N GLU N 232 90.48 -68.05 -36.26
CA GLU N 232 89.79 -68.52 -35.06
C GLU N 232 90.50 -69.73 -34.45
N ARG N 233 90.99 -70.64 -35.30
CA ARG N 233 91.74 -71.79 -34.81
C ARG N 233 93.06 -71.36 -34.16
N PHE N 234 93.73 -70.38 -34.74
CA PHE N 234 94.96 -69.86 -34.15
C PHE N 234 94.70 -69.18 -32.82
N VAL N 235 93.59 -68.43 -32.72
CA VAL N 235 93.22 -67.79 -31.45
C VAL N 235 92.89 -68.84 -30.39
N GLU N 236 92.17 -69.91 -30.78
CA GLU N 236 91.87 -70.98 -29.85
C GLU N 236 93.13 -71.72 -29.40
N PHE N 237 94.07 -71.93 -30.32
CA PHE N 237 95.34 -72.56 -29.97
C PHE N 237 96.16 -71.68 -29.02
N LEU N 238 96.16 -70.37 -29.25
CA LEU N 238 96.85 -69.45 -28.35
C LEU N 238 96.21 -69.44 -26.98
N THR N 239 94.88 -69.48 -26.92
CA THR N 239 94.18 -69.54 -25.64
C THR N 239 94.46 -70.85 -24.90
N ASP N 240 94.52 -71.96 -25.64
CA ASP N 240 94.84 -73.25 -25.02
C ASP N 240 96.29 -73.28 -24.53
N LEU N 241 97.21 -72.66 -25.27
CA LEU N 241 98.60 -72.58 -24.82
C LEU N 241 98.73 -71.69 -23.58
N GLN N 242 97.96 -70.60 -23.52
CA GLN N 242 97.97 -69.76 -22.34
C GLN N 242 97.29 -70.42 -21.16
N SER N 243 96.37 -71.36 -21.42
CA SER N 243 95.71 -72.07 -20.33
C SER N 243 96.66 -73.04 -19.63
N GLN N 244 97.49 -73.75 -20.40
CA GLN N 244 98.45 -74.69 -19.83
C GLN N 244 99.67 -73.88 -19.37
N LEU N 245 99.89 -73.85 -18.06
CA LEU N 245 100.91 -72.98 -17.48
C LEU N 245 102.33 -73.32 -17.93
N PRO N 246 102.75 -74.59 -18.04
CA PRO N 246 104.10 -74.87 -18.56
C PRO N 246 104.32 -74.38 -19.97
N THR N 247 103.30 -74.43 -20.82
CA THR N 247 103.38 -73.79 -22.13
C THR N 247 103.19 -72.29 -22.04
N ARG N 248 102.36 -71.83 -21.10
CA ARG N 248 102.06 -70.40 -21.00
C ARG N 248 103.27 -69.59 -20.57
N ARG N 249 104.18 -70.19 -19.78
CA ARG N 249 105.35 -69.48 -19.28
C ARG N 249 106.27 -68.99 -20.41
N TYR N 250 106.21 -69.61 -21.59
CA TYR N 250 106.87 -69.11 -22.77
C TYR N 250 105.92 -68.49 -23.78
N VAL N 251 104.67 -68.96 -23.84
CA VAL N 251 103.73 -68.47 -24.84
C VAL N 251 103.33 -67.02 -24.55
N ASN N 252 103.13 -66.68 -23.27
CA ASN N 252 102.78 -65.31 -22.92
C ASN N 252 103.92 -64.35 -23.24
N THR N 253 105.16 -64.75 -22.96
CA THR N 253 106.32 -63.92 -23.29
C THR N 253 106.46 -63.76 -24.79
N LEU N 254 106.25 -64.84 -25.55
CA LEU N 254 106.34 -64.75 -27.01
C LEU N 254 105.25 -63.85 -27.58
N LEU N 255 104.03 -63.94 -27.04
CA LEU N 255 102.93 -63.10 -27.54
C LEU N 255 103.15 -61.64 -27.15
N GLN N 256 103.72 -61.39 -25.97
CA GLN N 256 104.00 -60.01 -25.57
C GLN N 256 105.13 -59.41 -26.40
N ASP N 257 106.14 -60.21 -26.74
CA ASP N 257 107.23 -59.72 -27.57
C ASP N 257 106.79 -59.49 -29.00
N LEU N 258 105.97 -60.40 -29.54
CA LEU N 258 105.52 -60.29 -30.93
C LEU N 258 104.36 -59.32 -31.10
N HIS N 259 103.72 -58.90 -30.01
CA HIS N 259 102.55 -58.00 -30.03
C HIS N 259 101.43 -58.57 -30.90
N VAL N 260 101.04 -59.82 -30.59
CA VAL N 260 100.01 -60.50 -31.37
C VAL N 260 98.65 -59.85 -31.14
N LEU N 261 98.39 -59.42 -29.89
CA LEU N 261 97.11 -58.76 -29.59
C LEU N 261 96.95 -57.44 -30.32
N PRO N 262 97.95 -56.55 -30.35
CA PRO N 262 97.81 -55.31 -31.15
C PRO N 262 97.69 -55.56 -32.65
N ALA N 263 98.33 -56.61 -33.15
CA ALA N 263 98.20 -56.94 -34.57
C ALA N 263 96.80 -57.47 -34.88
N LEU N 264 96.24 -58.28 -33.98
CA LEU N 264 94.89 -58.80 -34.18
C LEU N 264 93.84 -57.71 -34.03
N SER N 265 94.08 -56.76 -33.12
CA SER N 265 93.14 -55.65 -32.94
C SER N 265 93.11 -54.74 -34.16
N LEU N 266 94.27 -54.49 -34.77
CA LEU N 266 94.36 -53.68 -35.97
C LEU N 266 94.11 -54.48 -37.24
N SER N 267 93.87 -55.78 -37.13
CA SER N 267 93.66 -56.61 -38.30
C SER N 267 92.28 -56.32 -38.92
N PRO N 268 92.16 -56.38 -40.24
CA PRO N 268 90.84 -56.19 -40.87
C PRO N 268 89.92 -57.38 -40.71
N ILE N 269 90.45 -58.57 -40.42
CA ILE N 269 89.61 -59.75 -40.24
C ILE N 269 88.81 -59.63 -38.94
N TYR N 270 89.47 -59.20 -37.86
CA TYR N 270 88.77 -59.00 -36.60
C TYR N 270 87.88 -57.76 -36.63
N ASN N 271 88.16 -56.81 -37.52
CA ASN N 271 87.32 -55.61 -37.64
C ASN N 271 86.04 -55.86 -38.41
N ASP N 272 85.90 -57.02 -39.05
CA ASP N 272 84.68 -57.33 -39.79
C ASP N 272 83.51 -57.56 -38.82
N GLU N 273 82.32 -57.16 -39.26
CA GLU N 273 81.14 -57.30 -38.43
C GLU N 273 80.71 -58.75 -38.29
N GLY N 274 80.97 -59.58 -39.31
CA GLY N 274 80.60 -60.98 -39.24
C GLY N 274 81.51 -61.84 -38.40
N ASN N 275 82.67 -61.34 -38.02
CA ASN N 275 83.61 -62.09 -37.20
C ASN N 275 83.41 -61.84 -35.71
N GLY N 276 82.17 -62.00 -35.25
CA GLY N 276 81.89 -61.86 -33.83
C GLY N 276 82.50 -62.98 -33.01
N LEU N 277 82.46 -64.21 -33.53
CA LEU N 277 83.08 -65.34 -32.84
C LEU N 277 84.59 -65.19 -32.79
N LEU N 278 85.21 -64.68 -33.87
CA LEU N 278 86.65 -64.44 -33.87
C LEU N 278 87.03 -63.36 -32.87
N ARG N 279 86.22 -62.30 -32.78
CA ARG N 279 86.48 -61.24 -31.80
C ARG N 279 86.32 -61.75 -30.37
N GLU N 280 85.31 -62.60 -30.12
CA GLU N 280 85.13 -63.18 -28.80
C GLU N 280 86.28 -64.12 -28.44
N LEU N 281 86.76 -64.90 -29.41
CA LEU N 281 87.91 -65.78 -29.18
C LEU N 281 89.18 -64.97 -28.90
N CYS N 282 89.36 -63.86 -29.62
CA CYS N 282 90.50 -62.98 -29.36
C CYS N 282 90.42 -62.35 -27.98
N ASN N 283 89.21 -61.96 -27.55
CA ASN N 283 89.03 -61.42 -26.21
C ASN N 283 89.31 -62.47 -25.14
N LEU N 284 88.88 -63.71 -25.38
CA LEU N 284 89.17 -64.80 -24.44
C LEU N 284 90.66 -65.09 -24.37
N PHE N 285 91.35 -65.06 -25.52
CA PHE N 285 92.79 -65.27 -25.54
C PHE N 285 93.54 -64.14 -24.84
N THR N 286 93.06 -62.90 -25.00
CA THR N 286 93.65 -61.78 -24.29
C THR N 286 93.43 -61.88 -22.79
N HIS N 287 92.24 -62.33 -22.37
CA HIS N 287 91.98 -62.53 -20.95
C HIS N 287 92.82 -63.65 -20.36
N TYR N 288 93.03 -64.72 -21.13
CA TYR N 288 93.88 -65.81 -20.66
C TYR N 288 95.35 -65.38 -20.60
N THR N 289 95.79 -64.56 -21.55
CA THR N 289 97.17 -64.09 -21.55
C THR N 289 97.42 -63.09 -20.44
N TYR N 290 96.43 -62.24 -20.15
CA TYR N 290 96.54 -61.24 -19.10
C TYR N 290 95.95 -61.73 -17.77
N PHE N 291 95.97 -63.03 -17.53
CA PHE N 291 95.49 -63.58 -16.28
C PHE N 291 96.42 -63.19 -15.12
N ALA N 292 95.82 -62.93 -13.96
CA ALA N 292 96.59 -62.51 -12.78
C ALA N 292 97.17 -63.75 -12.09
N VAL N 293 98.23 -64.28 -12.71
CA VAL N 293 98.94 -65.44 -12.20
C VAL N 293 100.38 -65.38 -12.69
N ASP N 294 101.29 -65.90 -11.86
CA ASP N 294 102.70 -65.91 -12.22
C ASP N 294 102.95 -66.96 -13.31
N ASP N 295 103.69 -66.57 -14.34
CA ASP N 295 103.99 -67.50 -15.42
C ASP N 295 105.04 -68.53 -15.00
N GLN N 296 106.08 -68.10 -14.31
CA GLN N 296 107.17 -69.00 -13.94
C GLN N 296 106.86 -69.73 -12.63
N SER N 297 106.52 -68.98 -11.58
CA SER N 297 106.28 -69.61 -10.28
C SER N 297 104.96 -70.35 -10.25
N GLY N 298 103.97 -69.92 -11.02
CA GLY N 298 102.67 -70.54 -11.02
C GLY N 298 101.74 -70.09 -9.93
N VAL N 299 102.17 -69.16 -9.07
CA VAL N 299 101.31 -68.67 -7.98
C VAL N 299 100.33 -67.65 -8.55
N GLN N 300 99.07 -67.78 -8.16
CA GLN N 300 98.04 -66.86 -8.63
C GLN N 300 98.23 -65.49 -7.99
N LEU N 301 98.21 -64.44 -8.81
CA LEU N 301 98.37 -63.08 -8.35
C LEU N 301 97.01 -62.49 -7.97
N SER N 302 96.98 -61.77 -6.86
CA SER N 302 95.76 -61.12 -6.40
C SER N 302 95.57 -59.80 -7.15
N ARG N 303 94.50 -59.08 -6.77
CA ARG N 303 94.26 -57.77 -7.36
C ARG N 303 95.30 -56.76 -6.90
N GLU N 304 95.77 -56.89 -5.65
CA GLU N 304 96.80 -55.98 -5.14
C GLU N 304 98.13 -56.19 -5.87
N GLN N 305 98.48 -57.44 -6.17
CA GLN N 305 99.71 -57.72 -6.92
C GLN N 305 99.63 -57.18 -8.33
N ALA N 306 98.48 -57.33 -8.99
CA ALA N 306 98.30 -56.77 -10.33
C ALA N 306 98.35 -55.24 -10.31
N TYR N 307 97.75 -54.63 -9.29
CA TYR N 307 97.81 -53.17 -9.15
C TYR N 307 99.24 -52.69 -8.91
N ASP N 308 100.00 -53.43 -8.10
CA ASP N 308 101.39 -53.07 -7.85
C ASP N 308 102.24 -53.22 -9.12
N ARG N 309 101.99 -54.28 -9.91
CA ARG N 309 102.69 -54.46 -11.17
C ARG N 309 102.35 -53.35 -12.15
N HIS N 310 101.08 -52.96 -12.23
CA HIS N 310 100.68 -51.86 -13.10
C HIS N 310 101.29 -50.54 -12.66
N CYS N 311 101.35 -50.31 -11.34
CA CYS N 311 101.98 -49.09 -10.82
C CYS N 311 103.48 -49.07 -11.11
N ALA N 312 104.14 -50.22 -11.00
CA ALA N 312 105.56 -50.30 -11.33
C ALA N 312 105.80 -50.06 -12.82
N ILE N 313 104.93 -50.60 -13.67
CA ILE N 313 105.04 -50.38 -15.11
C ILE N 313 104.82 -48.90 -15.45
N LEU N 314 103.84 -48.28 -14.79
CA LEU N 314 103.58 -46.86 -15.00
C LEU N 314 104.76 -46.00 -14.52
N ALA N 315 105.36 -46.37 -13.40
CA ALA N 315 106.52 -45.64 -12.90
C ALA N 315 107.72 -45.79 -13.83
N LYS N 316 107.92 -47.00 -14.37
CA LYS N 316 108.99 -47.20 -15.34
C LYS N 316 108.76 -46.41 -16.62
N LEU N 317 107.51 -46.37 -17.10
CA LEU N 317 107.18 -45.58 -18.27
C LEU N 317 107.37 -44.09 -18.02
N GLN N 318 107.01 -43.63 -16.82
CA GLN N 318 107.21 -42.22 -16.47
C GLN N 318 108.70 -41.88 -16.38
N ARG N 319 109.51 -42.79 -15.83
CA ARG N 319 110.95 -42.56 -15.77
C ARG N 319 111.57 -42.55 -17.17
N ILE N 320 111.11 -43.44 -18.04
CA ILE N 320 111.61 -43.45 -19.42
C ILE N 320 111.21 -42.19 -20.16
N ALA N 321 109.99 -41.71 -19.93
CA ALA N 321 109.55 -40.44 -20.54
C ALA N 321 110.35 -39.26 -20.00
N MET N 322 110.63 -39.25 -18.70
CA MET N 322 111.41 -38.16 -18.12
C MET N 322 112.86 -38.18 -18.60
N LYS N 323 113.40 -39.36 -18.88
CA LYS N 323 114.77 -39.46 -19.36
C LYS N 323 114.88 -39.35 -20.88
N HIS N 324 113.78 -39.45 -21.61
CA HIS N 324 113.83 -39.44 -23.07
C HIS N 324 113.08 -38.27 -23.69
N PHE N 325 111.81 -38.08 -23.34
CA PHE N 325 110.95 -37.09 -23.99
C PHE N 325 110.18 -36.28 -22.95
N LYS N 326 110.92 -35.76 -21.96
CA LYS N 326 110.30 -35.02 -20.87
C LYS N 326 109.73 -33.68 -21.34
N GLU N 327 110.23 -33.14 -22.46
CA GLU N 327 109.71 -31.88 -22.97
C GLU N 327 108.30 -32.06 -23.56
N LYS N 328 108.10 -33.13 -24.32
CA LYS N 328 106.80 -33.37 -24.95
C LYS N 328 105.84 -34.14 -24.07
N LEU N 329 106.35 -34.94 -23.15
CA LEU N 329 105.53 -35.77 -22.27
C LEU N 329 105.70 -35.37 -20.81
N THR N 330 105.74 -34.06 -20.55
CA THR N 330 105.82 -33.58 -19.17
C THR N 330 104.55 -33.91 -18.39
N VAL N 331 103.38 -33.73 -19.02
CA VAL N 331 102.13 -34.06 -18.36
C VAL N 331 101.99 -35.56 -18.17
N LEU N 332 102.47 -36.34 -19.15
CA LEU N 332 102.40 -37.80 -19.04
C LEU N 332 103.29 -38.32 -17.92
N ALA N 333 104.48 -37.73 -17.76
CA ALA N 333 105.42 -38.15 -16.74
C ALA N 333 105.19 -37.48 -15.39
N LEU N 334 104.30 -36.49 -15.33
CA LEU N 334 104.00 -35.78 -14.09
C LEU N 334 102.61 -36.08 -13.55
N SER N 335 101.87 -36.97 -14.17
CA SER N 335 100.52 -37.31 -13.72
C SER N 335 100.58 -38.48 -12.75
N ASN N 336 99.42 -38.94 -12.31
CA ASN N 336 99.31 -40.07 -11.39
C ASN N 336 99.09 -41.36 -12.16
N TYR N 337 99.04 -42.47 -11.41
CA TYR N 337 98.80 -43.78 -12.02
C TYR N 337 97.39 -43.88 -12.59
N GLY N 338 96.40 -43.33 -11.88
CA GLY N 338 95.03 -43.37 -12.36
C GLY N 338 94.75 -42.42 -13.51
N SER N 339 95.57 -41.38 -13.67
CA SER N 339 95.39 -40.41 -14.75
C SER N 339 96.09 -40.81 -16.03
N ILE N 340 96.88 -41.88 -16.02
CA ILE N 340 97.60 -42.34 -17.20
C ILE N 340 97.26 -43.77 -17.59
N ASP N 341 96.51 -44.51 -16.76
CA ASP N 341 96.17 -45.88 -17.06
C ASP N 341 95.06 -46.02 -18.09
N LYS N 342 94.34 -44.94 -18.39
CA LYS N 342 93.25 -44.98 -19.36
C LYS N 342 93.78 -44.71 -20.76
N ARG N 343 93.25 -45.44 -21.73
CA ARG N 343 93.66 -45.25 -23.12
C ARG N 343 93.23 -43.90 -23.65
N SER N 344 92.02 -43.46 -23.29
CA SER N 344 91.54 -42.14 -23.71
C SER N 344 92.33 -41.02 -23.04
N GLU N 345 92.75 -41.23 -21.78
CA GLU N 345 93.54 -40.23 -21.09
C GLU N 345 94.95 -40.11 -21.69
N LEU N 346 95.52 -41.23 -22.11
CA LEU N 346 96.86 -41.25 -22.68
C LEU N 346 96.86 -41.02 -24.19
N GLU N 347 95.70 -40.94 -24.82
CA GLU N 347 95.63 -40.67 -26.26
C GLU N 347 96.19 -39.30 -26.62
N PRO N 348 95.86 -38.22 -25.91
CA PRO N 348 96.43 -36.91 -26.29
C PRO N 348 97.92 -36.79 -26.03
N LEU N 349 98.44 -37.45 -24.99
CA LEU N 349 99.87 -37.43 -24.74
C LEU N 349 100.64 -38.16 -25.84
N LEU N 350 100.09 -39.28 -26.32
CA LEU N 350 100.71 -39.99 -27.43
C LEU N 350 100.55 -39.22 -28.74
N GLN N 351 99.43 -38.50 -28.91
CA GLN N 351 99.24 -37.71 -30.12
C GLN N 351 100.16 -36.50 -30.15
N ALA N 352 100.53 -35.97 -28.98
CA ALA N 352 101.47 -34.85 -28.93
C ALA N 352 102.86 -35.27 -29.41
N LEU N 353 103.29 -36.47 -29.05
CA LEU N 353 104.59 -36.96 -29.48
C LEU N 353 104.53 -37.39 -30.95
N THR N 354 105.69 -37.38 -31.58
CA THR N 354 105.80 -37.77 -32.99
C THR N 354 105.98 -39.28 -33.12
N ASP N 355 106.01 -39.74 -34.38
CA ASP N 355 106.21 -41.17 -34.63
C ASP N 355 107.63 -41.59 -34.29
N ASP N 356 108.61 -40.72 -34.54
CA ASP N 356 110.00 -41.02 -34.19
C ASP N 356 110.17 -41.10 -32.68
N GLU N 357 109.53 -40.21 -31.93
CA GLU N 357 109.58 -40.26 -30.46
C GLU N 357 108.92 -41.51 -29.93
N LEU N 358 107.79 -41.92 -30.54
CA LEU N 358 107.12 -43.15 -30.14
C LEU N 358 107.98 -44.37 -30.44
N VAL N 359 108.67 -44.37 -31.59
CA VAL N 359 109.56 -45.48 -31.92
C VAL N 359 110.74 -45.53 -30.97
N GLN N 360 111.29 -44.38 -30.60
CA GLN N 360 112.38 -44.34 -29.64
C GLN N 360 111.94 -44.82 -28.26
N LEU N 361 110.72 -44.45 -27.85
CA LEU N 361 110.19 -44.92 -26.56
C LEU N 361 109.94 -46.42 -26.59
N SER N 362 109.47 -46.96 -27.73
CA SER N 362 109.27 -48.40 -27.85
C SER N 362 110.59 -49.14 -27.84
N ASN N 363 111.63 -48.58 -28.48
CA ASN N 363 112.94 -49.21 -28.47
C ASN N 363 113.58 -49.15 -27.09
N LEU N 364 113.35 -48.06 -26.36
CA LEU N 364 113.90 -47.94 -25.01
C LEU N 364 113.17 -48.81 -24.01
N MET N 365 111.95 -49.25 -24.32
CA MET N 365 111.16 -50.11 -23.45
C MET N 365 111.23 -51.58 -23.86
N ASN N 366 112.17 -51.93 -24.75
CA ASN N 366 112.37 -53.29 -25.26
C ASN N 366 111.09 -53.84 -25.92
N ILE N 367 110.39 -52.97 -26.63
CA ILE N 367 109.18 -53.34 -27.35
C ILE N 367 109.52 -53.47 -28.84
N ARG N 368 109.08 -54.57 -29.45
CA ARG N 368 109.37 -54.83 -30.86
C ARG N 368 108.54 -53.90 -31.72
N THR N 369 109.16 -52.81 -32.17
CA THR N 369 108.50 -51.85 -33.07
C THR N 369 108.70 -52.20 -34.54
N SER N 370 109.43 -53.27 -34.84
CA SER N 370 109.66 -53.70 -36.21
C SER N 370 109.51 -55.21 -36.28
N TYR N 371 108.88 -55.68 -37.34
CA TYR N 371 108.65 -57.10 -37.59
C TYR N 371 109.51 -57.58 -38.76
N PRO N 372 109.50 -58.88 -39.03
CA PRO N 372 110.24 -59.41 -40.17
C PRO N 372 109.64 -58.97 -41.50
N ASP N 373 110.49 -58.86 -42.51
CA ASP N 373 110.04 -58.45 -43.83
C ASP N 373 109.24 -59.52 -44.54
N ALA N 374 109.41 -60.80 -44.15
CA ALA N 374 108.64 -61.87 -44.78
C ALA N 374 107.17 -61.79 -44.39
N ALA N 375 106.89 -61.44 -43.12
CA ALA N 375 105.50 -61.31 -42.69
C ALA N 375 104.86 -60.04 -43.23
N ARG N 376 105.66 -59.02 -43.50
CA ARG N 376 105.21 -57.71 -44.01
C ARG N 376 104.16 -57.09 -43.09
N ILE N 377 104.39 -57.20 -41.79
CA ILE N 377 103.46 -56.61 -40.81
C ILE N 377 103.61 -55.09 -40.82
N PRO N 378 102.53 -54.33 -41.03
CA PRO N 378 102.64 -52.87 -41.08
C PRO N 378 102.84 -52.27 -39.69
N VAL N 379 104.02 -51.72 -39.45
CA VAL N 379 104.34 -51.08 -38.18
C VAL N 379 104.37 -49.58 -38.38
N ASP N 380 103.24 -48.92 -38.15
CA ASP N 380 103.09 -47.49 -38.32
C ASP N 380 102.96 -46.81 -36.96
N ARG N 381 102.69 -45.50 -36.98
CA ARG N 381 102.48 -44.77 -35.73
C ARG N 381 101.19 -45.21 -35.04
N LYS N 382 100.16 -45.55 -35.82
CA LYS N 382 98.91 -46.02 -35.26
C LYS N 382 99.09 -47.38 -34.59
N PHE N 383 99.85 -48.28 -35.21
CA PHE N 383 100.11 -49.59 -34.62
C PHE N 383 100.92 -49.47 -33.34
N ILE N 384 101.93 -48.59 -33.33
CA ILE N 384 102.73 -48.37 -32.13
C ILE N 384 101.89 -47.75 -31.02
N VAL N 385 100.99 -46.84 -31.38
CA VAL N 385 100.10 -46.22 -30.40
C VAL N 385 99.15 -47.26 -29.81
N GLU N 386 98.62 -48.15 -30.66
CA GLU N 386 97.74 -49.21 -30.16
C GLU N 386 98.49 -50.18 -29.26
N VAL N 387 99.74 -50.51 -29.61
CA VAL N 387 100.55 -51.40 -28.78
C VAL N 387 100.86 -50.75 -27.44
N LEU N 388 101.18 -49.45 -27.44
CA LEU N 388 101.45 -48.75 -26.19
C LEU N 388 100.19 -48.63 -25.33
N LEU N 389 99.04 -48.43 -25.96
CA LEU N 389 97.78 -48.38 -25.22
C LEU N 389 97.43 -49.73 -24.62
N THR N 390 97.67 -50.82 -25.36
CA THR N 390 97.40 -52.15 -24.84
C THR N 390 98.37 -52.52 -23.72
N THR N 391 99.62 -52.08 -23.83
CA THR N 391 100.61 -52.39 -22.80
C THR N 391 100.34 -51.63 -21.51
N PHE N 392 99.87 -50.39 -21.62
CA PHE N 392 99.62 -49.55 -20.45
C PHE N 392 98.20 -49.63 -19.95
N GLU N 393 97.36 -50.47 -20.55
CA GLU N 393 95.98 -50.60 -20.12
C GLU N 393 95.89 -51.41 -18.84
N ARG N 394 95.15 -50.90 -17.86
CA ARG N 394 94.90 -51.62 -16.63
C ARG N 394 93.77 -52.63 -16.84
N ARG N 395 94.04 -53.89 -16.52
CA ARG N 395 93.09 -54.97 -16.74
C ARG N 395 92.60 -55.51 -15.40
N LYS N 396 91.29 -55.75 -15.32
CA LYS N 396 90.71 -56.31 -14.10
C LYS N 396 91.10 -57.77 -13.95
N THR N 397 91.16 -58.23 -12.70
CA THR N 397 91.52 -59.61 -12.41
C THR N 397 90.34 -60.53 -12.68
N PHE N 398 90.57 -61.83 -12.52
CA PHE N 398 89.52 -62.82 -12.73
C PHE N 398 88.44 -62.72 -11.66
N GLN N 399 88.80 -62.32 -10.44
CA GLN N 399 87.82 -62.13 -9.38
C GLN N 399 86.87 -60.99 -9.71
N ASP N 400 87.40 -59.89 -10.28
CA ASP N 400 86.56 -58.78 -10.70
C ASP N 400 85.60 -59.18 -11.82
N ALA N 401 86.10 -60.00 -12.78
CA ALA N 401 85.24 -60.47 -13.85
C ALA N 401 84.15 -61.42 -13.33
N ALA N 402 84.49 -62.26 -12.35
CA ALA N 402 83.49 -63.14 -11.75
C ALA N 402 82.45 -62.35 -10.96
N GLN N 403 82.89 -61.30 -10.26
CA GLN N 403 81.95 -60.46 -9.51
C GLN N 403 81.07 -59.64 -10.43
N ALA N 404 81.59 -59.22 -11.58
CA ALA N 404 80.80 -58.45 -12.53
C ALA N 404 79.76 -59.29 -13.24
N LEU N 405 79.94 -60.61 -13.30
CA LEU N 405 78.97 -61.49 -13.93
C LEU N 405 77.73 -61.60 -13.06
N SER N 406 76.55 -61.47 -13.68
CA SER N 406 75.29 -61.52 -12.96
C SER N 406 74.76 -62.96 -12.94
N VAL N 407 74.40 -63.42 -11.74
CA VAL N 407 73.84 -64.77 -11.61
C VAL N 407 72.45 -64.84 -12.22
N LEU N 408 71.64 -63.81 -12.02
CA LEU N 408 70.29 -63.79 -12.55
C LEU N 408 70.32 -63.54 -14.05
N PRO N 409 69.76 -64.42 -14.88
CA PRO N 409 69.77 -64.19 -16.32
C PRO N 409 68.82 -63.07 -16.72
N THR N 410 69.14 -62.42 -17.83
CA THR N 410 68.33 -61.34 -18.40
C THR N 410 67.90 -61.72 -19.81
N GLU N 411 67.18 -60.79 -20.46
CA GLU N 411 66.75 -61.01 -21.83
C GLU N 411 67.94 -61.02 -22.79
N GLU N 412 68.92 -60.13 -22.57
CA GLU N 412 70.08 -60.09 -23.44
C GLU N 412 71.03 -61.26 -23.15
N THR N 413 71.13 -61.67 -21.89
CA THR N 413 72.00 -62.78 -21.53
C THR N 413 71.47 -64.11 -22.07
N LEU N 414 70.15 -64.29 -22.05
CA LEU N 414 69.58 -65.53 -22.57
C LEU N 414 69.62 -65.57 -24.09
N PHE N 415 69.43 -64.43 -24.75
CA PHE N 415 69.44 -64.33 -26.20
C PHE N 415 70.76 -63.79 -26.73
N ASP N 416 71.86 -64.14 -26.08
CA ASP N 416 73.18 -63.65 -26.49
C ASP N 416 73.63 -64.34 -27.78
N ILE N 417 74.51 -63.65 -28.51
CA ILE N 417 75.05 -64.20 -29.74
C ILE N 417 75.96 -65.39 -29.47
N SER N 418 76.71 -65.34 -28.35
CA SER N 418 77.56 -66.46 -27.99
C SER N 418 76.74 -67.70 -27.64
N LEU N 419 75.60 -67.51 -26.97
CA LEU N 419 74.73 -68.64 -26.65
C LEU N 419 74.11 -69.23 -27.92
N LYS N 420 73.74 -68.37 -28.88
CA LYS N 420 73.20 -68.86 -30.15
C LYS N 420 74.26 -69.59 -30.95
N ARG N 421 75.51 -69.12 -30.91
CA ARG N 421 76.59 -69.80 -31.59
C ARG N 421 76.92 -71.14 -30.94
N THR N 422 76.84 -71.21 -29.61
CA THR N 422 77.08 -72.47 -28.91
C THR N 422 75.95 -73.46 -29.17
N ASP N 423 74.71 -72.97 -29.29
CA ASP N 423 73.59 -73.84 -29.62
C ASP N 423 73.71 -74.38 -31.05
N GLN N 424 74.23 -73.57 -31.97
CA GLN N 424 74.45 -74.01 -33.34
C GLN N 424 75.84 -74.59 -33.57
N TYR N 425 76.64 -74.72 -32.52
CA TYR N 425 77.99 -75.27 -32.66
C TYR N 425 77.93 -76.77 -32.96
N ASP N 426 78.80 -77.22 -33.86
CA ASP N 426 78.87 -78.63 -34.21
C ASP N 426 80.29 -79.14 -34.31
N GLY N 427 81.28 -78.40 -33.82
CA GLY N 427 82.67 -78.81 -33.90
C GLY N 427 83.40 -78.34 -35.13
N SER N 428 82.71 -77.74 -36.10
CA SER N 428 83.38 -77.24 -37.29
C SER N 428 84.18 -75.98 -37.02
N ARG N 429 83.73 -75.16 -36.08
CA ARG N 429 84.39 -73.92 -35.72
C ARG N 429 84.59 -73.84 -34.22
N PRO N 430 85.61 -73.12 -33.77
CA PRO N 430 85.87 -73.01 -32.33
C PRO N 430 84.86 -72.10 -31.65
N LEU N 431 84.77 -72.23 -30.34
CA LEU N 431 83.87 -71.44 -29.52
C LEU N 431 84.67 -70.73 -28.43
N ALA N 432 84.23 -69.51 -28.10
CA ALA N 432 84.90 -68.69 -27.10
C ALA N 432 84.33 -68.96 -25.71
N LEU N 433 84.56 -70.19 -25.24
CA LEU N 433 84.12 -70.62 -23.92
C LEU N 433 85.28 -71.25 -23.17
N PRO N 434 85.23 -71.25 -21.84
CA PRO N 434 86.31 -71.88 -21.07
C PRO N 434 86.31 -73.39 -21.24
N LYS N 435 87.51 -73.97 -21.23
CA LYS N 435 87.69 -75.40 -21.44
C LYS N 435 88.36 -76.01 -20.21
N LEU N 436 87.80 -77.11 -19.73
CA LEU N 436 88.36 -77.83 -18.59
C LEU N 436 89.32 -78.91 -19.09
N ASN N 437 90.51 -78.93 -18.52
CA ASN N 437 91.54 -79.89 -18.92
C ASN N 437 92.18 -80.45 -17.65
N LEU N 438 93.26 -81.21 -17.84
CA LEU N 438 93.95 -81.82 -16.70
C LEU N 438 94.69 -80.78 -15.86
N GLN N 439 95.20 -79.72 -16.50
CA GLN N 439 95.97 -78.69 -15.81
C GLN N 439 95.29 -77.35 -15.97
N TYR N 440 95.37 -76.52 -14.93
CA TYR N 440 94.79 -75.19 -14.94
C TYR N 440 95.83 -74.18 -14.48
N LEU N 441 95.62 -72.93 -14.87
CA LEU N 441 96.53 -71.85 -14.48
C LEU N 441 96.48 -71.60 -12.97
N SER N 442 95.28 -71.62 -12.40
CA SER N 442 95.12 -71.40 -10.97
C SER N 442 93.81 -72.04 -10.53
N VAL N 443 93.67 -72.21 -9.21
CA VAL N 443 92.43 -72.72 -8.65
C VAL N 443 91.30 -71.70 -8.84
N GLY N 444 91.63 -70.41 -8.69
CA GLY N 444 90.65 -69.38 -8.98
C GLY N 444 90.26 -69.32 -10.44
N ASP N 445 91.23 -69.55 -11.33
CA ASP N 445 90.93 -69.60 -12.77
C ASP N 445 90.02 -70.78 -13.10
N PHE N 446 90.27 -71.94 -12.49
CA PHE N 446 89.40 -73.10 -12.70
C PHE N 446 88.01 -72.87 -12.13
N LEU N 447 87.92 -72.21 -10.97
CA LEU N 447 86.62 -71.88 -10.40
C LEU N 447 85.86 -70.90 -11.28
N TRP N 448 86.56 -69.90 -11.84
CA TRP N 448 85.92 -68.96 -12.76
C TRP N 448 85.47 -69.66 -14.04
N ARG N 449 86.27 -70.60 -14.55
CA ARG N 449 85.88 -71.36 -15.73
C ARG N 449 84.64 -72.21 -15.46
N SER N 450 84.59 -72.87 -14.31
CA SER N 450 83.41 -73.66 -13.93
C SER N 450 82.19 -72.79 -13.74
N PHE N 451 82.37 -71.60 -13.15
CA PHE N 451 81.26 -70.66 -12.97
C PHE N 451 80.75 -70.17 -14.31
N VAL N 452 81.65 -69.88 -15.25
CA VAL N 452 81.25 -69.43 -16.58
C VAL N 452 80.51 -70.53 -17.33
N LEU N 453 80.99 -71.77 -17.22
CA LEU N 453 80.31 -72.89 -17.87
C LEU N 453 78.92 -73.13 -17.28
N TYR N 454 78.81 -73.06 -15.95
CA TYR N 454 77.53 -73.23 -15.30
C TYR N 454 76.56 -72.11 -15.65
N ARG N 455 77.06 -70.87 -15.72
CA ARG N 455 76.21 -69.74 -16.10
C ARG N 455 75.75 -69.86 -17.54
N CYS N 456 76.63 -70.31 -18.45
CA CYS N 456 76.24 -70.51 -19.83
C CYS N 456 75.19 -71.62 -19.97
N GLU N 457 75.38 -72.72 -19.24
CA GLU N 457 74.40 -73.81 -19.28
C GLU N 457 73.05 -73.37 -18.71
N SER N 458 73.07 -72.61 -17.61
CA SER N 458 71.83 -72.11 -17.02
C SER N 458 71.13 -71.12 -17.94
N PHE N 459 71.90 -70.26 -18.60
CA PHE N 459 71.32 -69.32 -19.56
C PHE N 459 70.71 -70.04 -20.76
N TYR N 460 71.39 -71.08 -21.25
CA TYR N 460 70.85 -71.85 -22.37
C TYR N 460 69.58 -72.58 -21.97
N ALA N 461 69.55 -73.17 -20.76
CA ALA N 461 68.35 -73.85 -20.29
C ALA N 461 67.20 -72.87 -20.08
N ILE N 462 67.48 -71.69 -19.54
CA ILE N 462 66.44 -70.69 -19.33
C ILE N 462 65.92 -70.16 -20.66
N ARG N 463 66.80 -69.99 -21.64
CA ARG N 463 66.37 -69.54 -22.97
C ARG N 463 65.51 -70.60 -23.65
N GLN N 464 65.89 -71.87 -23.51
CA GLN N 464 65.08 -72.95 -24.09
C GLN N 464 63.71 -73.04 -23.42
N ASP N 465 63.67 -72.88 -22.09
CA ASP N 465 62.39 -72.90 -21.37
C ASP N 465 61.52 -71.72 -21.76
N LEU N 466 62.11 -70.54 -21.91
CA LEU N 466 61.36 -69.36 -22.32
C LEU N 466 60.84 -69.50 -23.75
N GLU N 467 61.65 -70.07 -24.64
CA GLU N 467 61.21 -70.31 -26.01
C GLU N 467 60.06 -71.31 -26.06
N ASP N 468 60.15 -72.37 -25.25
CA ASP N 468 59.06 -73.35 -25.19
C ASP N 468 57.79 -72.73 -24.62
N ALA N 469 57.93 -71.89 -23.59
CA ALA N 469 56.76 -71.22 -23.02
C ALA N 469 56.13 -70.25 -24.00
N LEU N 470 56.96 -69.53 -24.77
CA LEU N 470 56.43 -68.60 -25.76
C LEU N 470 55.77 -69.34 -26.93
N ILE N 471 56.30 -70.50 -27.30
CA ILE N 471 55.69 -71.29 -28.36
C ILE N 471 54.36 -71.87 -27.89
N ARG N 472 54.29 -72.32 -26.64
CA ARG N 472 53.05 -72.86 -26.11
C ARG N 472 52.01 -71.77 -25.89
N LEU N 473 52.43 -70.58 -25.48
CA LEU N 473 51.49 -69.48 -25.24
C LEU N 473 50.95 -68.88 -26.53
N LYS N 474 51.79 -68.83 -27.58
CA LYS N 474 51.49 -68.26 -28.90
C LYS N 474 51.01 -66.82 -28.77
N PRO N 475 51.89 -65.89 -28.42
CA PRO N 475 51.45 -64.49 -28.27
C PRO N 475 51.03 -63.86 -29.59
N GLU N 476 50.08 -62.94 -29.50
CA GLU N 476 49.54 -62.26 -30.67
C GLU N 476 49.02 -60.91 -30.25
N VAL N 477 48.60 -60.12 -31.24
CA VAL N 477 48.07 -58.78 -31.01
C VAL N 477 46.55 -58.85 -31.05
N ARG N 478 45.91 -58.45 -29.96
CA ARG N 478 44.46 -58.44 -29.86
C ARG N 478 43.92 -57.07 -30.24
N ARG N 479 42.63 -56.85 -30.01
CA ARG N 479 42.01 -55.56 -30.32
C ARG N 479 42.52 -54.49 -29.37
N GLY N 480 42.77 -53.31 -29.92
CA GLY N 480 43.31 -52.21 -29.14
C GLY N 480 44.81 -52.22 -28.97
N GLY N 481 45.52 -53.15 -29.61
CA GLY N 481 46.96 -53.23 -29.49
C GLY N 481 47.46 -54.01 -28.29
N VAL N 482 46.57 -54.55 -27.47
CA VAL N 482 46.97 -55.31 -26.29
C VAL N 482 47.49 -56.67 -26.72
N THR N 483 48.66 -57.06 -26.20
CA THR N 483 49.25 -58.35 -26.51
C THR N 483 48.59 -59.43 -25.68
N GLY N 484 47.99 -60.42 -26.36
CA GLY N 484 47.31 -61.52 -25.70
C GLY N 484 47.98 -62.84 -26.02
N PHE N 485 47.51 -63.89 -25.34
CA PHE N 485 48.01 -65.25 -25.52
C PHE N 485 46.89 -66.12 -26.08
N ALA N 486 47.17 -66.81 -27.18
CA ALA N 486 46.18 -67.69 -27.80
C ALA N 486 46.27 -69.12 -27.27
N GLY N 487 47.47 -69.67 -27.17
CA GLY N 487 47.65 -71.01 -26.66
C GLY N 487 47.64 -71.07 -25.15
N PHE N 488 47.78 -72.28 -24.63
CA PHE N 488 47.80 -72.53 -23.20
C PHE N 488 49.14 -73.13 -22.80
N SER N 489 49.78 -72.54 -21.79
CA SER N 489 51.06 -73.00 -21.29
C SER N 489 50.94 -73.28 -19.80
N LYS N 490 51.41 -74.44 -19.36
CA LYS N 490 51.35 -74.82 -17.96
C LYS N 490 52.39 -74.11 -17.10
N MET N 491 53.55 -73.79 -17.67
CA MET N 491 54.63 -73.16 -16.92
C MET N 491 54.61 -71.64 -17.00
N ALA N 492 53.65 -71.06 -17.71
CA ALA N 492 53.56 -69.61 -17.84
C ALA N 492 52.12 -69.17 -17.58
N LEU N 493 51.98 -67.96 -17.03
CA LEU N 493 50.68 -67.41 -16.70
C LEU N 493 50.64 -65.92 -17.03
N PRO N 494 49.59 -65.45 -17.68
CA PRO N 494 49.49 -64.01 -17.97
C PRO N 494 49.14 -63.23 -16.71
N ILE N 495 49.91 -62.17 -16.47
CA ILE N 495 49.73 -61.34 -15.28
C ILE N 495 49.74 -59.87 -15.70
N SER N 496 49.25 -59.03 -14.81
CA SER N 496 49.21 -57.58 -15.04
C SER N 496 50.53 -56.96 -14.59
N LYS N 497 50.58 -55.64 -14.55
CA LYS N 497 51.79 -54.95 -14.12
C LYS N 497 51.95 -55.09 -12.61
N PRO N 498 53.09 -55.58 -12.13
CA PRO N 498 53.29 -55.73 -10.69
C PRO N 498 53.46 -54.38 -10.00
N VAL N 499 53.11 -54.36 -8.72
CA VAL N 499 53.20 -53.16 -7.88
C VAL N 499 54.29 -53.38 -6.85
N ILE N 500 55.22 -52.43 -6.76
CA ILE N 500 56.33 -52.53 -5.82
C ILE N 500 55.82 -52.25 -4.41
N LEU N 501 56.04 -53.20 -3.51
CA LEU N 501 55.58 -53.07 -2.14
C LEU N 501 56.56 -52.29 -1.27
N ASP N 502 57.84 -52.67 -1.31
CA ASP N 502 58.85 -52.01 -0.50
C ASP N 502 60.20 -52.13 -1.18
N VAL N 503 61.09 -51.18 -0.86
CA VAL N 503 62.46 -51.17 -1.36
C VAL N 503 63.37 -50.89 -0.16
N MET N 504 64.17 -51.90 0.22
CA MET N 504 65.06 -51.74 1.35
C MET N 504 66.24 -50.82 0.99
N PRO N 505 66.86 -50.21 1.99
CA PRO N 505 68.02 -49.34 1.73
C PRO N 505 69.23 -50.16 1.29
N PRO N 506 70.17 -49.55 0.59
CA PRO N 506 71.37 -50.29 0.17
C PRO N 506 72.25 -50.66 1.35
N GLN N 507 72.98 -51.75 1.19
CA GLN N 507 73.86 -52.25 2.25
C GLN N 507 75.15 -51.43 2.30
N VAL N 508 76.01 -51.77 3.26
CA VAL N 508 77.26 -51.05 3.43
C VAL N 508 78.23 -51.46 2.32
N GLY N 509 78.65 -50.49 1.51
CA GLY N 509 79.56 -50.76 0.41
C GLY N 509 78.90 -51.28 -0.84
N ASP N 510 77.59 -51.48 -0.84
CA ASP N 510 76.86 -51.99 -1.99
C ASP N 510 75.94 -50.90 -2.53
N ASP N 511 76.04 -50.63 -3.82
CA ASP N 511 75.20 -49.61 -4.44
C ASP N 511 73.77 -50.10 -4.59
N LYS N 512 73.58 -51.39 -4.84
CA LYS N 512 72.25 -51.94 -5.03
C LYS N 512 71.51 -52.03 -3.70
N PRO N 513 70.18 -52.04 -3.74
CA PRO N 513 69.41 -52.15 -2.50
C PRO N 513 69.51 -53.53 -1.88
N SER N 514 69.17 -53.61 -0.60
CA SER N 514 69.20 -54.89 0.11
C SER N 514 68.10 -55.82 -0.39
N CYS N 515 66.89 -55.29 -0.55
CA CYS N 515 65.77 -56.09 -1.01
C CYS N 515 64.72 -55.18 -1.65
N VAL N 516 64.12 -55.66 -2.74
CA VAL N 516 63.05 -54.95 -3.43
C VAL N 516 61.89 -55.92 -3.58
N LYS N 517 60.91 -55.80 -2.69
CA LYS N 517 59.78 -56.73 -2.63
C LYS N 517 58.58 -56.11 -3.33
N ALA N 518 57.95 -56.89 -4.21
CA ALA N 518 56.78 -56.46 -4.96
C ALA N 518 55.72 -57.55 -4.90
N GLU N 519 54.51 -57.20 -5.31
CA GLU N 519 53.37 -58.11 -5.30
C GLU N 519 52.88 -58.34 -6.72
N VAL N 520 52.59 -59.59 -7.05
CA VAL N 520 52.10 -59.97 -8.36
C VAL N 520 50.79 -60.72 -8.19
N THR N 521 49.77 -60.32 -8.95
CA THR N 521 48.45 -60.94 -8.89
C THR N 521 48.32 -61.95 -10.03
N ILE N 522 47.85 -63.15 -9.68
CA ILE N 522 47.67 -64.23 -10.65
C ILE N 522 46.26 -64.79 -10.49
N ASP N 523 45.77 -65.41 -11.57
CA ASP N 523 44.45 -66.02 -11.60
C ASP N 523 44.59 -67.50 -11.95
N LEU N 524 43.87 -68.35 -11.23
CA LEU N 524 43.90 -69.79 -11.45
C LEU N 524 42.50 -70.35 -11.64
N ARG N 525 41.57 -69.52 -12.12
CA ARG N 525 40.20 -69.99 -12.35
C ARG N 525 40.14 -70.89 -13.57
N ARG N 526 40.80 -70.50 -14.67
CA ARG N 526 40.80 -71.30 -15.88
C ARG N 526 41.85 -72.41 -15.85
N LEU N 527 42.79 -72.37 -14.91
CA LEU N 527 43.81 -73.39 -14.82
C LEU N 527 43.25 -74.68 -14.22
N THR N 528 43.94 -75.79 -14.48
CA THR N 528 43.53 -77.07 -13.94
C THR N 528 43.80 -77.14 -12.45
N PRO N 529 43.14 -78.05 -11.74
CA PRO N 529 43.40 -78.21 -10.30
C PRO N 529 44.83 -78.60 -9.97
N GLN N 530 45.48 -79.40 -10.81
CA GLN N 530 46.88 -79.74 -10.57
C GLN N 530 47.78 -78.54 -10.77
N ILE N 531 47.53 -77.74 -11.82
CA ILE N 531 48.33 -76.54 -12.05
C ILE N 531 48.09 -75.51 -10.96
N ARG N 532 46.84 -75.38 -10.50
CA ARG N 532 46.53 -74.47 -9.40
C ARG N 532 47.20 -74.91 -8.10
N ARG N 533 47.23 -76.22 -7.84
CA ARG N 533 47.90 -76.73 -6.65
C ARG N 533 49.41 -76.53 -6.74
N ASP N 534 49.99 -76.71 -7.93
CA ASP N 534 51.41 -76.47 -8.10
C ASP N 534 51.77 -74.99 -7.95
N TRP N 535 50.92 -74.10 -8.45
CA TRP N 535 51.18 -72.67 -8.32
C TRP N 535 50.98 -72.19 -6.89
N GLU N 536 49.99 -72.73 -6.19
CA GLU N 536 49.71 -72.30 -4.83
C GLU N 536 50.70 -72.86 -3.82
N SER N 537 51.41 -73.93 -4.16
CA SER N 537 52.40 -74.55 -3.28
C SER N 537 53.83 -74.24 -3.70
N LEU N 538 54.07 -73.04 -4.21
CA LEU N 538 55.41 -72.64 -4.61
C LEU N 538 56.31 -72.49 -3.40
N ARG N 539 57.54 -72.99 -3.51
CA ARG N 539 58.49 -72.91 -2.41
C ARG N 539 59.01 -71.49 -2.26
N PRO N 540 59.53 -71.14 -1.07
CA PRO N 540 60.09 -69.81 -0.89
C PRO N 540 61.36 -69.61 -1.70
N ASP N 541 61.55 -68.36 -2.15
CA ASP N 541 62.69 -67.94 -2.99
C ASP N 541 62.79 -68.78 -4.26
N ASP N 542 61.65 -69.09 -4.86
CA ASP N 542 61.60 -69.84 -6.11
C ASP N 542 61.89 -68.91 -7.28
N VAL N 543 62.74 -69.37 -8.20
CA VAL N 543 63.18 -68.54 -9.31
C VAL N 543 62.06 -68.46 -10.34
N VAL N 544 61.64 -67.23 -10.66
CA VAL N 544 60.62 -66.98 -11.68
C VAL N 544 61.11 -65.84 -12.56
N PHE N 545 60.46 -65.68 -13.71
CA PHE N 545 60.81 -64.64 -14.67
C PHE N 545 59.57 -63.84 -15.02
N LEU N 546 59.63 -62.53 -14.79
CA LEU N 546 58.59 -61.61 -15.23
C LEU N 546 58.96 -61.15 -16.65
N LEU N 547 58.12 -61.49 -17.61
CA LEU N 547 58.40 -61.25 -19.02
C LEU N 547 57.41 -60.26 -19.59
N ALA N 548 57.94 -59.20 -20.20
CA ALA N 548 57.15 -58.27 -21.01
C ALA N 548 57.31 -58.68 -22.47
N VAL N 549 56.21 -59.04 -23.11
CA VAL N 549 56.22 -59.57 -24.47
C VAL N 549 55.19 -58.83 -25.31
N ASP N 550 55.58 -58.48 -26.52
CA ASP N 550 54.69 -57.82 -27.48
C ASP N 550 54.92 -58.44 -28.85
N ALA N 551 53.88 -59.07 -29.41
CA ALA N 551 53.99 -59.75 -30.69
C ALA N 551 53.67 -58.85 -31.87
N SER N 552 53.37 -57.57 -31.63
CA SER N 552 53.08 -56.65 -32.74
C SER N 552 54.35 -56.35 -33.54
N ARG N 553 55.50 -56.26 -32.86
CA ARG N 553 56.76 -55.97 -33.53
C ARG N 553 57.18 -57.09 -34.48
N GLN N 554 56.73 -58.33 -34.22
CA GLN N 554 56.98 -59.42 -35.15
C GLN N 554 56.29 -59.19 -36.49
N LYS N 555 55.20 -58.41 -36.48
CA LYS N 555 54.58 -58.00 -37.74
C LYS N 555 55.52 -57.13 -38.56
N GLN N 556 56.41 -56.37 -37.89
CA GLN N 556 57.46 -55.66 -38.61
C GLN N 556 58.42 -56.63 -39.30
N SER N 557 58.62 -57.81 -38.71
CA SER N 557 59.37 -58.86 -39.39
C SER N 557 58.65 -59.33 -40.65
N ALA N 558 57.32 -59.25 -40.67
CA ALA N 558 56.57 -59.50 -41.89
C ALA N 558 56.67 -58.34 -42.88
N ASN N 559 57.05 -57.15 -42.41
CA ASN N 559 57.18 -56.00 -43.29
C ASN N 559 58.45 -56.04 -44.14
N GLY N 560 59.43 -56.85 -43.76
CA GLY N 560 60.67 -56.93 -44.51
C GLY N 560 61.73 -55.98 -43.99
N GLY N 561 61.72 -55.72 -42.69
CA GLY N 561 62.69 -54.82 -42.09
C GLY N 561 63.99 -55.50 -41.72
N ALA N 562 64.49 -55.22 -40.52
CA ALA N 562 65.73 -55.82 -40.06
C ALA N 562 65.52 -57.29 -39.71
N VAL N 563 66.63 -58.02 -39.63
CA VAL N 563 66.60 -59.45 -39.31
C VAL N 563 66.34 -59.59 -37.81
N LEU N 564 65.16 -60.11 -37.47
CA LEU N 564 64.79 -60.27 -36.07
C LEU N 564 65.52 -61.46 -35.46
N SER N 565 65.74 -61.39 -34.15
CA SER N 565 66.39 -62.47 -33.41
C SER N 565 65.35 -63.50 -32.97
N GLU N 566 65.75 -64.45 -32.13
CA GLU N 566 64.81 -65.45 -31.64
C GLU N 566 63.80 -64.85 -30.69
N ALA N 567 64.24 -63.95 -29.80
CA ALA N 567 63.32 -63.31 -28.86
C ALA N 567 62.39 -62.34 -29.58
N GLU N 568 62.88 -61.66 -30.60
CA GLU N 568 62.03 -60.76 -31.38
C GLU N 568 61.01 -61.54 -32.21
N ARG N 569 61.41 -62.69 -32.74
CA ARG N 569 60.47 -63.52 -33.48
C ARG N 569 59.43 -64.15 -32.57
N LEU N 570 59.82 -64.54 -31.36
CA LEU N 570 58.90 -65.10 -30.39
C LEU N 570 58.02 -64.06 -29.73
N GLY N 571 58.31 -62.77 -29.91
CA GLY N 571 57.53 -61.71 -29.33
C GLY N 571 57.97 -61.24 -27.98
N LEU N 572 58.93 -61.92 -27.34
CA LEU N 572 59.40 -61.51 -26.03
C LEU N 572 60.29 -60.29 -26.16
N VAL N 573 60.03 -59.27 -25.33
CA VAL N 573 60.79 -58.02 -25.36
C VAL N 573 61.78 -57.95 -24.20
N HIS N 574 61.32 -58.18 -22.97
CA HIS N 574 62.18 -58.08 -21.80
C HIS N 574 61.85 -59.19 -20.82
N VAL N 575 62.87 -59.61 -20.07
CA VAL N 575 62.72 -60.63 -19.03
C VAL N 575 63.50 -60.20 -17.81
N ARG N 576 62.88 -60.29 -16.63
CA ARG N 576 63.54 -59.93 -15.38
C ARG N 576 63.38 -61.07 -14.39
N ALA N 577 64.49 -61.52 -13.82
CA ALA N 577 64.46 -62.60 -12.85
C ALA N 577 64.01 -62.09 -11.49
N ALA N 578 63.34 -62.97 -10.74
CA ALA N 578 62.86 -62.64 -9.41
C ALA N 578 62.76 -63.93 -8.59
N GLU N 579 62.65 -63.77 -7.28
CA GLU N 579 62.53 -64.89 -6.35
C GLU N 579 61.25 -64.73 -5.56
N ILE N 580 60.29 -65.64 -5.79
CA ILE N 580 59.05 -65.62 -5.03
C ILE N 580 59.31 -66.16 -3.63
N ILE N 581 58.92 -65.39 -2.63
CA ILE N 581 59.18 -65.74 -1.23
C ILE N 581 57.97 -66.36 -0.56
N GLN N 582 56.77 -65.82 -0.82
CA GLN N 582 55.57 -66.33 -0.18
C GLN N 582 54.40 -66.18 -1.15
N VAL N 583 53.36 -66.97 -0.90
CA VAL N 583 52.13 -66.96 -1.69
C VAL N 583 50.97 -66.67 -0.75
N LEU N 584 50.13 -65.70 -1.12
CA LEU N 584 49.01 -65.27 -0.31
C LEU N 584 47.71 -65.39 -1.10
N ASP N 585 46.59 -65.32 -0.39
CA ASP N 585 45.28 -65.42 -1.00
C ASP N 585 44.86 -64.04 -1.53
N ASP N 586 43.59 -63.91 -1.90
CA ASP N 586 43.09 -62.65 -2.44
C ASP N 586 42.97 -61.56 -1.38
N LYS N 587 42.91 -61.95 -0.10
CA LYS N 587 42.78 -60.99 0.99
C LYS N 587 44.13 -60.53 1.54
N GLY N 588 45.24 -60.99 0.97
CA GLY N 588 46.55 -60.61 1.44
C GLY N 588 47.03 -61.34 2.67
N LYS N 589 46.31 -62.39 3.10
CA LYS N 589 46.70 -63.16 4.26
C LYS N 589 47.46 -64.41 3.86
N ALA N 590 48.51 -64.72 4.61
CA ALA N 590 49.31 -65.90 4.32
C ALA N 590 48.53 -67.18 4.64
N ILE N 591 48.71 -68.19 3.80
CA ILE N 591 48.01 -69.46 3.97
C ILE N 591 48.74 -70.25 5.05
N ARG N 592 48.12 -70.36 6.23
CA ARG N 592 48.73 -71.12 7.32
C ARG N 592 48.68 -72.61 7.05
N ASP N 593 47.56 -73.11 6.53
CA ASP N 593 47.41 -74.54 6.23
C ASP N 593 47.22 -74.70 4.73
N PRO N 594 48.26 -75.12 3.99
CA PRO N 594 48.09 -75.30 2.54
C PRO N 594 47.27 -76.53 2.18
N GLN N 595 47.35 -77.60 2.97
CA GLN N 595 46.55 -78.79 2.69
C GLN N 595 45.07 -78.52 2.90
N ALA N 596 44.71 -77.77 3.95
CA ALA N 596 43.32 -77.43 4.18
C ALA N 596 42.80 -76.45 3.13
N TYR N 597 43.67 -75.56 2.64
CA TYR N 597 43.26 -74.63 1.59
C TYR N 597 43.05 -75.37 0.26
N PHE N 598 43.91 -76.36 -0.02
CA PHE N 598 43.76 -77.13 -1.25
C PHE N 598 42.55 -78.04 -1.19
N ASP N 599 42.32 -78.68 -0.04
CA ASP N 599 41.15 -79.57 0.10
C ASP N 599 39.87 -78.76 0.23
N GLY N 600 39.92 -77.62 0.92
CA GLY N 600 38.73 -76.81 1.09
C GLY N 600 38.37 -76.05 -0.17
N HIS N 601 37.14 -75.54 -0.19
CA HIS N 601 36.63 -74.77 -1.32
C HIS N 601 37.12 -73.34 -1.21
N THR N 602 37.95 -72.92 -2.18
CA THR N 602 38.47 -71.56 -2.17
C THR N 602 37.37 -70.58 -2.57
N ARG N 603 37.25 -69.49 -1.81
CA ARG N 603 36.23 -68.48 -2.10
C ARG N 603 36.58 -67.69 -3.35
N SER N 604 37.87 -67.43 -3.58
CA SER N 604 38.32 -66.68 -4.74
C SER N 604 39.48 -67.43 -5.41
N ASP N 605 39.52 -67.32 -6.74
CA ASP N 605 40.57 -67.96 -7.53
C ASP N 605 41.74 -67.03 -7.81
N ILE N 606 41.75 -65.82 -7.27
CA ILE N 606 42.81 -64.86 -7.48
C ILE N 606 43.78 -64.96 -6.31
N ARG N 607 45.07 -65.03 -6.62
CA ARG N 607 46.10 -65.16 -5.61
C ARG N 607 47.14 -64.05 -5.77
N LYS N 608 47.85 -63.76 -4.68
CA LYS N 608 48.90 -62.76 -4.67
C LYS N 608 50.21 -63.42 -4.24
N ILE N 609 51.29 -63.08 -4.93
CA ILE N 609 52.61 -63.65 -4.67
C ILE N 609 53.59 -62.51 -4.41
N GLN N 610 54.32 -62.60 -3.31
CA GLN N 610 55.37 -61.64 -2.99
C GLN N 610 56.68 -62.12 -3.58
N LEU N 611 57.35 -61.24 -4.34
CA LEU N 611 58.58 -61.60 -5.02
C LEU N 611 59.63 -60.52 -4.80
N ARG N 612 60.85 -60.96 -4.50
CA ARG N 612 62.00 -60.07 -4.41
C ARG N 612 62.66 -60.01 -5.78
N LEU N 613 62.76 -58.80 -6.34
CA LEU N 613 63.36 -58.61 -7.64
C LEU N 613 64.88 -58.55 -7.52
N ASP N 614 65.55 -58.63 -8.66
CA ASP N 614 67.00 -58.49 -8.70
C ASP N 614 67.38 -57.04 -8.41
N ALA N 615 68.23 -56.85 -7.39
CA ALA N 615 68.59 -55.50 -6.96
C ALA N 615 69.39 -54.75 -8.02
N THR N 616 70.35 -55.44 -8.65
CA THR N 616 71.14 -54.81 -9.71
C THR N 616 70.28 -54.48 -10.93
N SER N 617 69.39 -55.39 -11.32
CA SER N 617 68.52 -55.14 -12.46
C SER N 617 67.53 -54.02 -12.18
N TYR N 618 66.96 -53.99 -10.98
CA TYR N 618 66.05 -52.91 -10.60
C TYR N 618 66.77 -51.58 -10.53
N LYS N 619 68.00 -51.55 -10.01
CA LYS N 619 68.78 -50.32 -9.96
C LYS N 619 69.13 -49.83 -11.36
N ALA N 620 69.47 -50.77 -12.27
CA ALA N 620 69.76 -50.38 -13.65
C ALA N 620 68.52 -49.87 -14.36
N ASP N 621 67.36 -50.47 -14.10
CA ASP N 621 66.12 -50.00 -14.71
C ASP N 621 65.72 -48.64 -14.18
N THR N 622 65.92 -48.40 -12.89
CA THR N 622 65.58 -47.10 -12.31
C THR N 622 66.55 -46.02 -12.78
N GLU N 623 67.84 -46.36 -12.91
CA GLU N 623 68.82 -45.39 -13.38
C GLU N 623 68.65 -45.05 -14.85
N ALA N 624 68.24 -46.01 -15.67
CA ALA N 624 68.02 -45.78 -17.09
C ALA N 624 66.58 -45.40 -17.41
N ASN N 625 65.74 -45.26 -16.38
CA ASN N 625 64.32 -44.90 -16.51
C ASN N 625 63.57 -45.89 -17.40
N ARG N 626 63.67 -47.17 -17.04
CA ARG N 626 63.04 -48.25 -17.79
C ARG N 626 61.89 -48.78 -16.94
N ASN N 627 60.66 -48.66 -17.47
CA ASN N 627 59.46 -49.15 -16.79
C ASN N 627 59.14 -50.58 -17.19
N VAL N 628 60.04 -51.51 -16.90
CA VAL N 628 59.84 -52.90 -17.22
C VAL N 628 58.74 -53.51 -16.36
N TYR N 629 58.66 -53.10 -15.09
CA TYR N 629 57.62 -53.62 -14.19
C TYR N 629 56.24 -53.13 -14.56
N GLU N 630 56.13 -51.95 -15.19
CA GLU N 630 54.85 -51.42 -15.62
C GLU N 630 54.39 -51.98 -16.96
N ASP N 631 55.24 -52.76 -17.64
CA ASP N 631 54.90 -53.34 -18.92
C ASP N 631 54.97 -54.86 -18.94
N ILE N 632 55.28 -55.50 -17.80
CA ILE N 632 55.39 -56.95 -17.75
C ILE N 632 54.00 -57.57 -17.88
N ASN N 633 53.87 -58.54 -18.78
CA ASN N 633 52.58 -59.14 -19.08
C ASN N 633 52.52 -60.64 -18.86
N LEU N 634 53.60 -61.28 -18.40
CA LEU N 634 53.58 -62.71 -18.17
C LEU N 634 54.54 -63.07 -17.05
N ILE N 635 54.29 -64.21 -16.42
CA ILE N 635 55.17 -64.76 -15.40
C ILE N 635 55.44 -66.21 -15.73
N VAL N 636 56.71 -66.58 -15.78
CA VAL N 636 57.14 -67.93 -16.18
C VAL N 636 57.89 -68.56 -15.02
N ARG N 637 57.46 -69.76 -14.64
CA ARG N 637 58.11 -70.54 -13.59
C ARG N 637 58.78 -71.76 -14.20
N ARG N 638 59.50 -72.49 -13.35
CA ARG N 638 60.22 -73.68 -13.76
C ARG N 638 60.04 -74.76 -12.71
N SER N 639 60.58 -75.94 -13.01
CA SER N 639 60.52 -77.06 -12.07
C SER N 639 61.44 -76.79 -10.88
N SER N 640 61.14 -77.48 -9.78
CA SER N 640 61.92 -77.30 -8.54
C SER N 640 63.34 -77.80 -8.70
N ARG N 641 63.54 -78.91 -9.42
CA ARG N 641 64.88 -79.45 -9.61
C ARG N 641 65.69 -78.63 -10.60
N GLU N 642 65.03 -77.96 -11.55
CA GLU N 642 65.72 -77.21 -12.60
C GLU N 642 65.89 -75.73 -12.26
N ASN N 643 65.44 -75.29 -11.09
CA ASN N 643 65.56 -73.90 -10.67
C ASN N 643 66.54 -73.74 -9.52
N ASN N 644 67.57 -74.58 -9.49
CA ASN N 644 68.61 -74.51 -8.47
C ASN N 644 69.95 -74.03 -9.04
N PHE N 645 69.94 -73.46 -10.24
CA PHE N 645 71.17 -73.00 -10.86
C PHE N 645 71.67 -71.70 -10.23
N LYS N 646 70.76 -70.87 -9.71
CA LYS N 646 71.16 -69.62 -9.07
C LYS N 646 72.00 -69.85 -7.82
N PRO N 647 71.63 -70.74 -6.89
CA PRO N 647 72.50 -71.01 -5.74
C PRO N 647 73.84 -71.62 -6.13
N VAL N 648 73.87 -72.46 -7.18
CA VAL N 648 75.12 -73.04 -7.64
C VAL N 648 76.02 -71.97 -8.22
N LEU N 649 75.45 -71.05 -9.00
CA LEU N 649 76.23 -69.94 -9.55
C LEU N 649 76.74 -69.01 -8.45
N GLU N 650 75.91 -68.77 -7.43
CA GLU N 650 76.34 -67.94 -6.30
C GLU N 650 77.47 -68.60 -5.52
N SER N 651 77.38 -69.93 -5.30
CA SER N 651 78.45 -70.64 -4.62
C SER N 651 79.73 -70.65 -5.44
N ILE N 652 79.62 -70.79 -6.77
CA ILE N 652 80.79 -70.76 -7.63
C ILE N 652 81.44 -69.38 -7.62
N GLN N 653 80.62 -68.32 -7.64
CA GLN N 653 81.16 -66.96 -7.56
C GLN N 653 81.82 -66.70 -6.21
N ASP N 654 81.24 -67.22 -5.13
CA ASP N 654 81.85 -67.06 -3.81
C ASP N 654 83.17 -67.83 -3.72
N LEU N 655 83.23 -69.01 -4.32
CA LEU N 655 84.48 -69.78 -4.32
C LEU N 655 85.54 -69.10 -5.18
N THR N 656 85.15 -68.50 -6.30
CA THR N 656 86.09 -67.76 -7.14
C THR N 656 86.59 -66.51 -6.42
N LEU N 657 85.71 -65.81 -5.70
CA LEU N 657 86.11 -64.62 -4.97
C LEU N 657 86.91 -64.95 -3.71
N SER N 658 86.81 -66.18 -3.21
CA SER N 658 87.58 -66.57 -2.04
C SER N 658 89.06 -66.72 -2.40
N GLU N 659 89.91 -66.20 -1.51
CA GLU N 659 91.35 -66.26 -1.76
C GLU N 659 91.89 -67.68 -1.53
N VAL N 660 91.43 -68.34 -0.48
CA VAL N 660 91.89 -69.69 -0.15
C VAL N 660 90.71 -70.64 -0.14
N PRO N 661 90.42 -71.33 -1.25
CA PRO N 661 89.28 -72.26 -1.26
C PRO N 661 89.64 -73.70 -0.91
N LEU N 662 90.92 -74.02 -0.76
CA LEU N 662 91.34 -75.38 -0.46
C LEU N 662 92.70 -75.33 0.22
N ALA N 663 93.11 -76.48 0.75
CA ALA N 663 94.42 -76.59 1.38
C ALA N 663 95.52 -76.54 0.32
N SER N 664 96.75 -76.27 0.78
CA SER N 664 97.89 -76.15 -0.13
C SER N 664 98.19 -77.47 -0.83
N TRP N 665 98.17 -78.58 -0.09
CA TRP N 665 98.40 -79.89 -0.71
C TRP N 665 97.28 -80.27 -1.67
N LEU N 666 96.02 -80.01 -1.28
CA LEU N 666 94.89 -80.29 -2.16
C LEU N 666 94.90 -79.42 -3.41
N HIS N 667 95.27 -78.14 -3.29
CA HIS N 667 95.39 -77.28 -4.46
C HIS N 667 96.55 -77.69 -5.36
N GLU N 668 97.66 -78.14 -4.76
CA GLU N 668 98.78 -78.62 -5.57
C GLU N 668 98.44 -79.91 -6.30
N VAL N 669 97.68 -80.79 -5.66
CA VAL N 669 97.28 -82.04 -6.31
C VAL N 669 96.26 -81.77 -7.40
N PHE N 670 95.32 -80.84 -7.16
CA PHE N 670 94.26 -80.58 -8.12
C PHE N 670 94.77 -79.79 -9.32
N LEU N 671 95.86 -79.03 -9.17
CA LEU N 671 96.39 -78.21 -10.25
C LEU N 671 97.08 -79.03 -11.33
N GLY N 672 97.39 -80.30 -11.09
CA GLY N 672 98.08 -81.10 -12.08
C GLY N 672 99.54 -80.79 -12.24
N TYR N 673 100.15 -80.15 -11.24
CA TYR N 673 101.57 -79.81 -11.28
C TYR N 673 102.31 -80.51 -10.15
N GLY N 674 103.58 -80.80 -10.38
CA GLY N 674 104.38 -81.51 -9.41
C GLY N 674 104.08 -83.00 -9.38
N ASP N 675 104.48 -83.62 -8.28
CA ASP N 675 104.28 -85.05 -8.13
C ASP N 675 102.80 -85.35 -7.83
N PRO N 676 102.15 -86.21 -8.62
CA PRO N 676 100.74 -86.54 -8.32
C PRO N 676 100.57 -87.42 -7.10
N ALA N 677 101.63 -88.08 -6.63
CA ALA N 677 101.57 -88.94 -5.45
C ALA N 677 101.94 -88.20 -4.16
N GLY N 678 102.15 -86.89 -4.22
CA GLY N 678 102.51 -86.12 -3.05
C GLY N 678 101.39 -85.96 -2.04
N ALA N 679 100.14 -86.09 -2.49
CA ALA N 679 98.98 -85.97 -1.61
C ALA N 679 98.63 -87.29 -0.93
N THR N 680 99.32 -88.38 -1.28
CA THR N 680 99.06 -89.68 -0.66
C THR N 680 99.64 -89.72 0.75
N PHE N 681 99.23 -90.75 1.50
CA PHE N 681 99.72 -90.92 2.86
C PHE N 681 101.18 -91.31 2.92
N LYS N 682 101.71 -91.93 1.86
CA LYS N 682 103.12 -92.31 1.85
C LYS N 682 104.05 -91.11 1.71
N GLN N 683 103.58 -90.01 1.12
CA GLN N 683 104.38 -88.81 0.95
C GLN N 683 104.02 -87.69 1.92
N LEU N 684 102.82 -87.70 2.48
CA LEU N 684 102.42 -86.66 3.41
C LEU N 684 103.15 -86.85 4.75
N PRO N 685 103.58 -85.77 5.39
CA PRO N 685 104.27 -85.90 6.69
C PRO N 685 103.33 -86.21 7.85
N ASN N 686 102.01 -86.09 7.68
CA ASN N 686 101.05 -86.33 8.73
C ASN N 686 100.44 -87.73 8.66
N ARG N 687 101.21 -88.71 8.18
CA ARG N 687 100.73 -90.07 8.12
C ARG N 687 100.64 -90.68 9.52
N LEU N 688 99.55 -91.41 9.76
CA LEU N 688 99.34 -92.03 11.06
C LEU N 688 100.24 -93.25 11.21
N LYS N 689 101.00 -93.29 12.31
CA LYS N 689 101.89 -94.43 12.56
C LYS N 689 101.09 -95.68 12.94
N LYS N 690 100.09 -95.52 13.80
CA LYS N 690 99.26 -96.62 14.26
C LYS N 690 97.80 -96.29 14.00
N ILE N 691 97.08 -97.22 13.38
CA ILE N 691 95.66 -97.06 13.08
C ILE N 691 94.92 -98.27 13.65
N ASN N 692 93.86 -98.00 14.41
CA ASN N 692 93.07 -99.05 15.03
C ASN N 692 92.04 -99.55 14.02
N PHE N 693 92.29 -100.73 13.44
CA PHE N 693 91.38 -101.31 12.48
C PHE N 693 90.15 -101.94 13.14
N ARG N 694 90.24 -102.26 14.43
CA ARG N 694 89.16 -102.85 15.22
C ARG N 694 88.67 -104.17 14.62
N ASP N 695 87.49 -104.15 13.99
CA ASP N 695 86.90 -105.34 13.39
C ASP N 695 86.98 -105.33 11.87
N THR N 696 87.97 -104.64 11.31
CA THR N 696 88.15 -104.64 9.85
C THR N 696 88.57 -106.02 9.34
N PHE N 697 89.42 -106.71 10.08
CA PHE N 697 89.86 -108.05 9.74
C PHE N 697 89.04 -109.07 10.53
N LEU N 698 88.51 -110.07 9.82
CA LEU N 698 87.72 -111.11 10.48
C LEU N 698 88.58 -111.95 11.43
N ASP N 699 89.80 -112.27 11.02
CA ASP N 699 90.71 -113.05 11.84
C ASP N 699 92.14 -112.69 11.44
N TRP N 700 93.11 -113.39 12.03
CA TRP N 700 94.51 -113.16 11.68
C TRP N 700 94.83 -113.67 10.29
N GLN N 701 94.17 -114.76 9.86
CA GLN N 701 94.37 -115.27 8.51
C GLN N 701 93.85 -114.29 7.46
N HIS N 702 92.72 -113.64 7.73
CA HIS N 702 92.18 -112.64 6.82
C HIS N 702 93.10 -111.42 6.72
N LEU N 703 93.69 -111.01 7.85
CA LEU N 703 94.63 -109.90 7.83
C LEU N 703 95.93 -110.28 7.12
N VAL N 704 96.37 -111.52 7.25
CA VAL N 704 97.57 -111.97 6.55
C VAL N 704 97.33 -112.05 5.05
N GLU N 705 96.16 -112.55 4.64
CA GLU N 705 95.85 -112.63 3.22
C GLU N 705 95.61 -111.25 2.62
N SER N 706 95.05 -110.32 3.41
CA SER N 706 94.79 -108.97 2.92
C SER N 706 96.02 -108.08 2.91
N PHE N 707 97.14 -108.54 3.48
CA PHE N 707 98.38 -107.77 3.53
C PHE N 707 99.51 -108.66 3.00
N PRO N 708 99.53 -108.93 1.71
CA PRO N 708 100.60 -109.76 1.14
C PRO N 708 101.85 -108.96 0.83
N GLY N 709 102.99 -109.60 1.00
CA GLY N 709 104.28 -108.97 0.75
C GLY N 709 104.80 -108.10 1.86
N LYS N 710 104.08 -108.00 2.98
CA LYS N 710 104.50 -107.20 4.12
C LYS N 710 104.66 -108.09 5.35
N ILE N 711 105.72 -107.86 6.11
CA ILE N 711 105.99 -108.64 7.30
C ILE N 711 105.07 -108.17 8.42
N ILE N 712 104.27 -109.09 8.95
CA ILE N 712 103.33 -108.80 10.04
C ILE N 712 103.69 -109.67 11.22
N GLU N 713 103.95 -109.04 12.36
CA GLU N 713 104.29 -109.74 13.58
C GLU N 713 103.45 -109.22 14.74
N PRO N 714 103.19 -110.06 15.74
CA PRO N 714 102.42 -109.60 16.89
C PRO N 714 103.21 -108.61 17.74
N SER N 715 102.47 -107.68 18.37
CA SER N 715 103.11 -106.70 19.24
C SER N 715 103.60 -107.34 20.54
N ASP N 716 102.82 -108.29 21.08
CA ASP N 716 103.20 -108.97 22.31
C ASP N 716 104.18 -110.09 22.00
N ASP N 717 104.67 -110.74 23.06
CA ASP N 717 105.62 -111.84 22.92
C ASP N 717 104.95 -113.18 22.64
N VAL N 718 103.63 -113.23 22.62
CA VAL N 718 102.91 -114.47 22.34
C VAL N 718 102.92 -114.71 20.84
N SER N 719 103.38 -115.90 20.43
CA SER N 719 103.43 -116.26 19.03
C SER N 719 102.08 -116.70 18.47
N SER N 720 101.09 -116.92 19.33
CA SER N 720 99.77 -117.35 18.87
C SER N 720 99.04 -116.21 18.19
N SER N 721 98.23 -116.56 17.20
CA SER N 721 97.47 -115.57 16.45
C SER N 721 96.34 -115.00 17.31
N PHE N 722 96.05 -113.71 17.10
CA PHE N 722 95.02 -113.01 17.84
C PHE N 722 93.90 -112.58 16.89
N GLY N 723 92.67 -112.66 17.38
CA GLY N 723 91.51 -112.31 16.60
C GLY N 723 91.14 -110.85 16.74
N PRO N 724 89.91 -110.51 16.36
CA PRO N 724 89.47 -109.11 16.47
C PRO N 724 89.17 -108.74 17.90
N PRO N 725 89.32 -107.46 18.28
CA PRO N 725 89.78 -106.31 17.49
C PRO N 725 91.31 -106.28 17.34
N TYR N 726 91.78 -105.67 16.25
CA TYR N 726 93.20 -105.60 15.95
C TYR N 726 93.58 -104.17 15.60
N VAL N 727 94.76 -103.75 16.05
CA VAL N 727 95.33 -102.45 15.74
C VAL N 727 96.63 -102.67 14.99
N LEU N 728 96.74 -102.09 13.81
CA LEU N 728 97.90 -102.25 12.95
C LEU N 728 98.76 -100.99 12.98
N GLU N 729 100.02 -101.15 13.35
CA GLU N 729 100.99 -100.07 13.37
C GLU N 729 102.05 -100.34 12.31
N SER N 730 102.28 -99.37 11.43
CA SER N 730 103.26 -99.50 10.35
C SER N 730 104.59 -98.92 10.81
N VAL N 731 105.34 -99.75 11.54
CA VAL N 731 106.65 -99.34 12.03
C VAL N 731 107.69 -99.57 10.95
N GLU N 732 108.39 -98.51 10.56
CA GLU N 732 109.41 -98.60 9.53
C GLU N 732 110.67 -99.24 10.09
N LYS N 733 111.21 -100.22 9.37
CA LYS N 733 112.41 -100.90 9.80
C LYS N 733 113.63 -100.00 9.55
N GLN N 734 114.41 -99.77 10.60
CA GLN N 734 115.59 -98.92 10.50
C GLN N 734 116.72 -99.69 9.82
N VAL N 735 117.31 -99.09 8.79
CA VAL N 735 118.40 -99.72 8.07
C VAL N 735 119.69 -99.51 8.87
N GLU N 736 120.38 -100.60 9.16
CA GLU N 736 121.62 -100.55 9.94
C GLU N 736 122.75 -100.06 9.04
N GLU N 737 123.24 -98.86 9.30
CA GLU N 737 124.33 -98.27 8.52
C GLU N 737 125.65 -98.85 9.02
N HIS N 738 126.13 -99.90 8.35
CA HIS N 738 127.38 -100.50 8.73
C HIS N 738 128.56 -99.61 8.36
N PRO N 739 129.68 -99.72 9.07
CA PRO N 739 130.85 -98.86 8.79
C PRO N 739 131.71 -99.41 7.65
N SER N 740 131.11 -99.52 6.47
CA SER N 740 131.82 -99.99 5.29
C SER N 740 132.75 -98.90 4.75
N LYS N 741 133.83 -99.34 4.11
CA LYS N 741 134.77 -98.40 3.52
C LYS N 741 134.15 -97.72 2.30
N PRO N 742 134.47 -96.44 2.07
CA PRO N 742 133.91 -95.72 0.91
C PRO N 742 134.64 -96.05 -0.39
N SER N 743 134.26 -97.19 -0.98
CA SER N 743 134.86 -97.63 -2.23
C SER N 743 134.24 -96.88 -3.40
N LYS N 744 135.06 -96.12 -4.12
CA LYS N 744 134.61 -95.35 -5.27
C LYS N 744 134.76 -96.09 -6.59
N LYS N 745 135.24 -97.34 -6.57
CA LYS N 745 135.43 -98.09 -7.80
C LYS N 745 134.12 -98.68 -8.31
N ARG N 746 133.43 -99.45 -7.45
CA ARG N 746 132.18 -100.10 -7.82
C ARG N 746 131.03 -99.12 -7.61
N ARG N 747 130.94 -98.15 -8.51
CA ARG N 747 129.88 -97.14 -8.45
C ARG N 747 129.20 -96.85 -9.78
N ARG N 748 129.74 -97.33 -10.90
CA ARG N 748 129.15 -97.07 -12.21
C ARG N 748 128.13 -98.13 -12.59
N ASP N 749 128.50 -99.41 -12.46
CA ASP N 749 127.61 -100.50 -12.84
C ASP N 749 126.58 -100.81 -11.77
N VAL N 750 126.69 -100.23 -10.58
CA VAL N 750 125.74 -100.48 -9.49
C VAL N 750 124.52 -99.58 -9.69
N GLU N 751 123.51 -100.09 -10.38
CA GLU N 751 122.30 -99.33 -10.60
C GLU N 751 121.47 -99.25 -9.31
N PRO N 752 120.61 -98.24 -9.20
CA PRO N 752 119.78 -98.12 -7.99
C PRO N 752 118.67 -99.16 -7.95
N ALA N 753 118.82 -100.14 -7.05
CA ALA N 753 117.82 -101.20 -6.94
C ALA N 753 116.56 -100.67 -6.28
N LEU N 754 115.41 -100.99 -6.86
CA LEU N 754 114.12 -100.55 -6.32
C LEU N 754 113.65 -101.56 -5.26
N MET N 755 114.34 -101.53 -4.12
CA MET N 755 114.01 -102.40 -3.01
C MET N 755 112.77 -101.88 -2.30
N SER N 756 111.75 -102.72 -2.18
CA SER N 756 110.51 -102.31 -1.53
C SER N 756 110.72 -102.22 -0.03
N LYS N 757 110.29 -101.09 0.56
CA LYS N 757 110.40 -100.87 1.99
C LYS N 757 109.37 -101.74 2.71
N VAL N 758 109.84 -102.85 3.28
CA VAL N 758 108.95 -103.77 3.98
C VAL N 758 108.58 -103.17 5.34
N GLU N 759 107.41 -102.55 5.41
CA GLU N 759 106.96 -101.94 6.64
C GLU N 759 106.49 -103.02 7.61
N THR N 760 106.99 -102.95 8.85
CA THR N 760 106.60 -103.91 9.88
C THR N 760 105.18 -103.61 10.33
N LEU N 761 104.27 -104.54 10.07
CA LEU N 761 102.87 -104.38 10.45
C LEU N 761 102.66 -105.02 11.80
N LYS N 762 102.91 -104.25 12.86
CA LYS N 762 102.72 -104.75 14.22
C LYS N 762 101.24 -104.82 14.54
N VAL N 763 100.76 -106.00 14.91
CA VAL N 763 99.36 -106.22 15.23
C VAL N 763 99.22 -106.31 16.74
N SER N 764 98.35 -105.48 17.30
CA SER N 764 98.09 -105.46 18.73
C SER N 764 96.64 -105.80 19.00
N THR N 765 96.40 -106.61 20.02
CA THR N 765 95.07 -107.03 20.41
C THR N 765 94.76 -106.52 21.81
N TYR N 766 93.58 -105.91 21.95
CA TYR N 766 93.14 -105.35 23.23
C TYR N 766 91.72 -105.82 23.52
N LYS N 767 91.43 -105.98 24.80
CA LYS N 767 90.09 -106.39 25.20
C LYS N 767 89.11 -105.24 25.01
N PRO N 768 88.02 -105.46 24.27
CA PRO N 768 87.04 -104.38 24.07
C PRO N 768 86.30 -104.08 25.36
N PRO N 769 86.00 -102.80 25.63
CA PRO N 769 85.28 -102.46 26.86
C PRO N 769 83.81 -102.86 26.77
N ASN N 770 83.30 -103.41 27.86
CA ASN N 770 81.90 -103.81 27.91
C ASN N 770 81.01 -102.57 27.98
N ASN N 771 79.90 -102.62 27.25
CA ASN N 771 78.92 -101.53 27.24
C ASN N 771 77.69 -101.85 28.09
N GLY N 772 77.71 -102.94 28.85
CA GLY N 772 76.60 -103.32 29.67
C GLY N 772 76.25 -104.80 29.51
N PRO N 773 75.55 -105.35 30.50
CA PRO N 773 75.19 -106.78 30.43
C PRO N 773 74.02 -107.07 29.49
N TYR N 774 73.32 -106.05 28.99
CA TYR N 774 72.21 -106.28 28.10
C TYR N 774 72.71 -106.71 26.72
N PRO N 775 71.90 -107.51 26.00
CA PRO N 775 72.31 -107.93 24.64
C PRO N 775 72.35 -106.78 23.64
N VAL N 776 71.62 -105.70 23.87
CA VAL N 776 71.64 -104.56 22.96
C VAL N 776 72.94 -103.77 23.06
N ASP N 777 73.68 -103.93 24.17
CA ASP N 777 74.93 -103.23 24.36
C ASP N 777 76.09 -103.82 23.57
N ALA N 778 75.91 -104.98 22.97
CA ALA N 778 76.97 -105.61 22.19
C ALA N 778 77.18 -104.84 20.88
N PRO N 779 78.38 -104.38 20.58
CA PRO N 779 78.61 -103.65 19.33
C PRO N 779 78.55 -104.56 18.12
N LYS N 780 78.17 -103.97 16.99
CA LYS N 780 78.09 -104.69 15.73
C LYS N 780 79.48 -104.87 15.13
N LEU N 781 79.73 -106.06 14.58
CA LEU N 781 81.00 -106.39 13.96
C LEU N 781 80.80 -106.68 12.48
N ASN N 782 81.81 -106.37 11.68
CA ASN N 782 81.74 -106.61 10.25
C ASN N 782 81.84 -108.11 9.95
N LYS N 783 80.99 -108.59 9.04
CA LYS N 783 80.95 -109.99 8.66
C LYS N 783 81.29 -110.20 7.20
N ILE N 784 81.98 -109.24 6.58
CA ILE N 784 82.35 -109.31 5.17
C ILE N 784 83.86 -109.46 5.07
N ARG N 785 84.31 -110.48 4.34
CA ARG N 785 85.74 -110.72 4.14
C ARG N 785 86.22 -109.84 3.00
N PHE N 786 86.87 -108.73 3.34
CA PHE N 786 87.34 -107.80 2.33
C PHE N 786 88.56 -108.34 1.59
N THR N 787 88.67 -107.97 0.32
CA THR N 787 89.81 -108.37 -0.49
C THR N 787 91.03 -107.55 -0.10
N PRO N 788 92.23 -108.00 -0.49
CA PRO N 788 93.45 -107.22 -0.20
C PRO N 788 93.45 -105.83 -0.84
N THR N 789 92.88 -105.70 -2.04
CA THR N 789 92.76 -104.37 -2.65
C THR N 789 91.79 -103.50 -1.86
N GLN N 790 90.67 -104.08 -1.42
CA GLN N 790 89.72 -103.34 -0.59
C GLN N 790 90.33 -102.97 0.77
N ILE N 791 91.14 -103.86 1.34
CA ILE N 791 91.80 -103.57 2.60
C ILE N 791 92.82 -102.46 2.43
N ASP N 792 93.57 -102.47 1.31
CA ASP N 792 94.52 -101.40 1.04
C ASP N 792 93.81 -100.07 0.81
N ALA N 793 92.66 -100.10 0.13
CA ALA N 793 91.88 -98.88 -0.08
C ALA N 793 91.34 -98.34 1.25
N ILE N 794 90.89 -99.23 2.13
CA ILE N 794 90.39 -98.80 3.43
C ILE N 794 91.51 -98.24 4.29
N TYR N 795 92.70 -98.84 4.20
CA TYR N 795 93.86 -98.32 4.94
C TYR N 795 94.29 -96.96 4.42
N SER N 796 94.23 -96.76 3.10
CA SER N 796 94.56 -95.46 2.52
C SER N 796 93.52 -94.42 2.90
N GLY N 797 92.25 -94.80 2.92
CA GLY N 797 91.20 -93.86 3.32
C GLY N 797 91.27 -93.49 4.79
N THR N 798 91.62 -94.46 5.65
CA THR N 798 91.75 -94.18 7.08
C THR N 798 92.92 -93.25 7.36
N GLN N 799 94.04 -93.44 6.65
CA GLN N 799 95.17 -92.55 6.79
C GLN N 799 94.87 -91.19 6.17
N PRO N 800 95.45 -90.11 6.70
CA PRO N 800 95.20 -88.78 6.13
C PRO N 800 95.83 -88.63 4.76
N GLY N 801 95.20 -87.79 3.93
CA GLY N 801 95.66 -87.52 2.59
C GLY N 801 94.54 -87.69 1.59
N LEU N 802 94.92 -87.83 0.34
CA LEU N 802 93.96 -88.01 -0.76
C LEU N 802 93.97 -89.46 -1.22
N THR N 803 92.79 -90.07 -1.27
CA THR N 803 92.62 -91.45 -1.67
C THR N 803 91.61 -91.54 -2.80
N ILE N 804 91.92 -92.36 -3.80
CA ILE N 804 91.04 -92.61 -4.94
C ILE N 804 90.80 -94.11 -5.01
N ILE N 805 89.53 -94.50 -5.06
CA ILE N 805 89.12 -95.90 -5.06
C ILE N 805 88.38 -96.15 -6.38
N VAL N 806 89.06 -96.78 -7.33
CA VAL N 806 88.45 -97.13 -8.61
C VAL N 806 87.85 -98.52 -8.47
N GLY N 807 86.53 -98.59 -8.32
CA GLY N 807 85.85 -99.85 -8.15
C GLY N 807 84.75 -100.06 -9.17
N PRO N 808 84.66 -101.27 -9.71
CA PRO N 808 83.64 -101.57 -10.71
C PRO N 808 82.30 -101.82 -10.04
N PRO N 809 81.24 -102.07 -10.83
CA PRO N 809 79.93 -102.35 -10.24
C PRO N 809 79.91 -103.73 -9.59
N GLY N 810 79.58 -103.77 -8.31
CA GLY N 810 79.60 -105.00 -7.55
C GLY N 810 80.89 -105.31 -6.84
N THR N 811 81.78 -104.34 -6.71
CA THR N 811 83.06 -104.54 -6.05
C THR N 811 83.03 -104.20 -4.57
N GLY N 812 81.85 -103.89 -4.03
CA GLY N 812 81.73 -103.52 -2.63
C GLY N 812 82.36 -102.18 -2.29
N LYS N 813 82.22 -101.18 -3.17
CA LYS N 813 82.74 -99.86 -2.87
C LYS N 813 81.97 -99.19 -1.74
N THR N 814 80.65 -99.40 -1.70
CA THR N 814 79.83 -98.84 -0.62
C THR N 814 80.18 -99.48 0.71
N ASP N 815 80.42 -100.78 0.73
CA ASP N 815 80.82 -101.46 1.97
C ASP N 815 82.18 -100.98 2.45
N VAL N 816 83.12 -100.78 1.52
CA VAL N 816 84.45 -100.28 1.90
C VAL N 816 84.35 -98.85 2.42
N ALA N 817 83.50 -98.03 1.80
CA ALA N 817 83.29 -96.66 2.27
C ALA N 817 82.65 -96.64 3.65
N VAL N 818 81.70 -97.54 3.90
CA VAL N 818 81.06 -97.62 5.22
C VAL N 818 82.06 -98.08 6.27
N GLN N 819 82.91 -99.05 5.91
CA GLN N 819 83.96 -99.51 6.83
C GLN N 819 84.96 -98.41 7.14
N ILE N 820 85.34 -97.62 6.13
CA ILE N 820 86.27 -96.52 6.34
C ILE N 820 85.63 -95.44 7.21
N ILE N 821 84.34 -95.17 7.00
CA ILE N 821 83.63 -94.18 7.81
C ILE N 821 83.53 -94.65 9.26
N SER N 822 83.25 -95.94 9.47
CA SER N 822 83.19 -96.48 10.83
C SER N 822 84.57 -96.44 11.50
N ASN N 823 85.63 -96.75 10.76
CA ASN N 823 86.98 -96.66 11.31
C ASN N 823 87.36 -95.23 11.66
N ILE N 824 86.97 -94.27 10.82
CA ILE N 824 87.27 -92.87 11.10
C ILE N 824 86.48 -92.38 12.31
N TYR N 825 85.23 -92.84 12.44
CA TYR N 825 84.42 -92.45 13.60
C TYR N 825 84.95 -93.06 14.89
N HIS N 826 85.42 -94.30 14.83
CA HIS N 826 85.93 -94.96 16.03
C HIS N 826 87.29 -94.42 16.43
N ASN N 827 88.18 -94.19 15.46
CA ASN N 827 89.53 -93.73 15.75
C ASN N 827 89.56 -92.26 16.15
N PHE N 828 88.76 -91.43 15.48
CA PHE N 828 88.74 -89.99 15.71
C PHE N 828 87.32 -89.56 16.02
N PRO N 829 86.92 -89.55 17.29
CA PRO N 829 85.57 -89.07 17.63
C PRO N 829 85.41 -87.56 17.48
N GLU N 830 86.50 -86.80 17.58
CA GLU N 830 86.44 -85.35 17.45
C GLU N 830 86.38 -84.89 16.01
N GLN N 831 86.70 -85.75 15.05
CA GLN N 831 86.65 -85.41 13.64
C GLN N 831 85.23 -85.54 13.11
N LYS N 832 84.95 -84.79 12.04
CA LYS N 832 83.64 -84.78 11.41
C LYS N 832 83.72 -85.45 10.04
N THR N 833 82.74 -86.29 9.73
CA THR N 833 82.68 -87.02 8.48
C THR N 833 81.66 -86.38 7.56
N LEU N 834 82.07 -86.12 6.31
CA LEU N 834 81.21 -85.51 5.31
C LEU N 834 81.06 -86.49 4.15
N LEU N 835 79.92 -87.17 4.08
CA LEU N 835 79.63 -88.10 3.02
C LEU N 835 78.92 -87.38 1.88
N VAL N 836 79.43 -87.57 0.66
CA VAL N 836 78.88 -86.95 -0.54
C VAL N 836 78.37 -88.06 -1.44
N ALA N 837 77.11 -87.93 -1.88
CA ALA N 837 76.47 -88.91 -2.74
C ALA N 837 75.92 -88.22 -3.98
N HIS N 838 75.52 -89.03 -4.95
CA HIS N 838 74.95 -88.53 -6.20
C HIS N 838 73.48 -88.87 -6.37
N SER N 839 72.98 -89.88 -5.67
CA SER N 839 71.58 -90.28 -5.77
C SER N 839 71.03 -90.55 -4.38
N ASN N 840 69.70 -90.46 -4.27
CA ASN N 840 69.05 -90.72 -2.99
C ASN N 840 69.13 -92.18 -2.61
N GLN N 841 69.10 -93.09 -3.60
CA GLN N 841 69.21 -94.52 -3.31
C GLN N 841 70.60 -94.86 -2.78
N ALA N 842 71.65 -94.23 -3.33
CA ALA N 842 73.00 -94.45 -2.82
C ALA N 842 73.15 -93.92 -1.39
N LEU N 843 72.53 -92.77 -1.10
CA LEU N 843 72.56 -92.24 0.26
C LEU N 843 71.81 -93.14 1.24
N ASN N 844 70.67 -93.69 0.80
CA ASN N 844 69.93 -94.63 1.65
C ASN N 844 70.71 -95.90 1.89
N GLN N 845 71.40 -96.41 0.86
CA GLN N 845 72.23 -97.59 1.02
C GLN N 845 73.40 -97.34 1.96
N LEU N 846 74.02 -96.16 1.85
CA LEU N 846 75.11 -95.80 2.76
C LEU N 846 74.61 -95.66 4.20
N PHE N 847 73.43 -95.08 4.39
CA PHE N 847 72.85 -94.96 5.72
C PHE N 847 72.52 -96.33 6.30
N ALA N 848 71.99 -97.24 5.48
CA ALA N 848 71.72 -98.60 5.94
C ALA N 848 73.00 -99.34 6.29
N LYS N 849 74.06 -99.14 5.51
CA LYS N 849 75.35 -99.78 5.80
C LYS N 849 75.95 -99.21 7.08
N ILE N 850 75.78 -97.91 7.32
CA ILE N 850 76.28 -97.30 8.56
C ILE N 850 75.47 -97.80 9.76
N VAL N 851 74.16 -97.98 9.57
CA VAL N 851 73.33 -98.50 10.65
C VAL N 851 73.69 -99.95 10.95
N ALA N 852 74.05 -100.72 9.92
CA ALA N 852 74.52 -102.08 10.13
C ALA N 852 75.86 -102.11 10.85
N LEU N 853 76.71 -101.12 10.61
CA LEU N 853 77.99 -101.02 11.29
C LEU N 853 77.80 -100.34 12.64
N ASP N 854 78.91 -100.13 13.35
CA ASP N 854 78.87 -99.51 14.68
C ASP N 854 78.97 -97.99 14.53
N ILE N 855 77.86 -97.40 14.10
CA ILE N 855 77.73 -95.96 13.94
C ILE N 855 76.50 -95.50 14.71
N ASP N 856 76.67 -94.48 15.54
CA ASP N 856 75.56 -93.97 16.33
C ASP N 856 74.58 -93.20 15.45
N GLU N 857 73.28 -93.40 15.72
CA GLU N 857 72.25 -92.71 14.95
C GLU N 857 72.15 -91.24 15.34
N ARG N 858 72.54 -90.87 16.55
CA ARG N 858 72.50 -89.47 16.96
C ARG N 858 73.53 -88.63 16.22
N HIS N 859 74.71 -89.19 15.96
CA HIS N 859 75.74 -88.48 15.23
C HIS N 859 75.57 -88.56 13.72
N LEU N 860 74.63 -89.37 13.23
CA LEU N 860 74.38 -89.50 11.81
C LEU N 860 73.24 -88.58 11.39
N LEU N 861 73.49 -87.77 10.36
CA LEU N 861 72.49 -86.82 9.87
C LEU N 861 72.52 -86.82 8.34
N ARG N 862 71.40 -86.42 7.75
CA ARG N 862 71.26 -86.33 6.30
C ARG N 862 70.76 -84.96 5.91
N LEU N 863 71.32 -84.41 4.84
CA LEU N 863 70.95 -83.10 4.33
C LEU N 863 70.29 -83.26 2.97
N GLY N 864 69.14 -82.61 2.80
CA GLY N 864 68.42 -82.70 1.54
C GLY N 864 67.01 -82.17 1.70
N HIS N 865 66.23 -82.35 0.64
CA HIS N 865 64.83 -81.91 0.64
C HIS N 865 63.99 -82.78 1.57
N GLY N 866 63.04 -82.16 2.26
CA GLY N 866 62.18 -82.88 3.18
C GLY N 866 61.08 -83.69 2.54
N GLU N 867 60.82 -83.48 1.25
CA GLU N 867 59.77 -84.22 0.54
C GLU N 867 60.25 -85.56 -0.01
N GLU N 868 61.55 -85.84 0.05
CA GLU N 868 62.06 -87.10 -0.44
C GLU N 868 61.73 -88.24 0.51
N GLU N 869 61.33 -89.38 -0.04
CA GLU N 869 61.01 -90.54 0.78
C GLU N 869 62.30 -91.18 1.30
N LEU N 870 62.31 -91.50 2.59
CA LEU N 870 63.47 -92.11 3.22
C LEU N 870 63.32 -93.63 3.14
N GLU N 871 64.22 -94.27 2.37
CA GLU N 871 64.18 -95.72 2.21
C GLU N 871 64.71 -96.46 3.44
N THR N 872 65.44 -95.77 4.31
CA THR N 872 65.97 -96.42 5.51
C THR N 872 64.87 -96.64 6.54
N GLU N 873 65.16 -97.51 7.51
CA GLU N 873 64.20 -97.79 8.57
C GLU N 873 64.02 -96.59 9.50
N GLY N 874 65.06 -95.80 9.70
CA GLY N 874 64.99 -94.61 10.52
C GLY N 874 65.10 -93.36 9.67
N SER N 875 64.37 -92.32 10.07
CA SER N 875 64.37 -91.06 9.34
C SER N 875 65.63 -90.29 9.68
N PHE N 876 66.48 -90.07 8.67
CA PHE N 876 67.74 -89.38 8.85
C PHE N 876 67.64 -87.88 8.61
N SER N 877 66.43 -87.37 8.35
CA SER N 877 66.25 -85.93 8.15
C SER N 877 66.32 -85.21 9.49
N LYS N 878 66.25 -83.87 9.42
CA LYS N 878 66.34 -83.04 10.62
C LYS N 878 65.16 -83.28 11.55
N HIS N 879 63.95 -83.33 10.99
CA HIS N 879 62.77 -83.64 11.79
C HIS N 879 62.80 -85.07 12.33
N GLY N 880 63.27 -86.01 11.51
CA GLY N 880 63.41 -87.37 11.97
C GLY N 880 64.46 -87.52 13.06
N ARG N 881 65.59 -86.81 12.91
CA ARG N 881 66.61 -86.82 13.95
C ARG N 881 66.11 -86.18 15.24
N VAL N 882 65.32 -85.12 15.13
CA VAL N 882 64.73 -84.48 16.30
C VAL N 882 63.76 -85.42 17.00
N GLU N 883 62.93 -86.12 16.23
CA GLU N 883 61.99 -87.08 16.82
C GLU N 883 62.73 -88.24 17.49
N SER N 884 63.80 -88.74 16.85
CA SER N 884 64.59 -89.81 17.44
C SER N 884 65.28 -89.35 18.72
N PHE N 885 65.78 -88.11 18.73
CA PHE N 885 66.40 -87.55 19.92
C PHE N 885 65.38 -87.38 21.05
N LEU N 886 64.16 -86.96 20.71
CA LEU N 886 63.11 -86.84 21.72
C LEU N 886 62.72 -88.21 22.30
N ASP N 887 62.62 -89.23 21.43
CA ASP N 887 62.31 -90.57 21.91
C ASP N 887 63.43 -91.13 22.78
N ASN N 888 64.69 -90.88 22.39
CA ASN N 888 65.82 -91.32 23.20
C ASN N 888 65.88 -90.57 24.53
N ARG N 889 65.50 -89.29 24.53
CA ARG N 889 65.44 -88.52 25.77
C ARG N 889 64.36 -89.05 26.70
N GLN N 890 63.19 -89.42 26.14
CA GLN N 890 62.13 -90.00 26.96
C GLN N 890 62.56 -91.36 27.53
N ARG N 891 63.22 -92.18 26.72
CA ARG N 891 63.70 -93.47 27.20
C ARG N 891 64.77 -93.30 28.27
N PHE N 892 65.68 -92.35 28.09
CA PHE N 892 66.72 -92.10 29.08
C PHE N 892 66.13 -91.54 30.37
N LEU N 893 65.09 -90.70 30.26
CA LEU N 893 64.42 -90.18 31.46
C LEU N 893 63.71 -91.30 32.21
N TYR N 894 63.07 -92.22 31.49
CA TYR N 894 62.44 -93.37 32.14
C TYR N 894 63.47 -94.26 32.80
N GLU N 895 64.61 -94.49 32.15
CA GLU N 895 65.67 -95.30 32.72
C GLU N 895 66.27 -94.62 33.95
N VAL N 896 66.43 -93.31 33.92
CA VAL N 896 66.97 -92.58 35.06
C VAL N 896 66.00 -92.60 36.22
N SER N 897 64.69 -92.50 35.93
CA SER N 897 63.68 -92.59 36.98
C SER N 897 63.68 -93.99 37.60
N ARG N 898 63.82 -95.03 36.78
CA ARG N 898 63.90 -96.39 37.31
C ARG N 898 65.14 -96.59 38.15
N LEU N 899 66.28 -96.03 37.72
CA LEU N 899 67.51 -96.15 38.48
C LEU N 899 67.42 -95.39 39.80
N ALA N 900 66.77 -94.22 39.79
CA ALA N 900 66.59 -93.45 41.03
C ALA N 900 65.63 -94.16 41.99
N ALA N 901 64.61 -94.82 41.45
CA ALA N 901 63.70 -95.59 42.30
C ALA N 901 64.39 -96.82 42.88
N SER N 902 65.28 -97.45 42.09
CA SER N 902 66.03 -98.59 42.60
C SER N 902 67.05 -98.16 43.65
N MET N 903 67.69 -97.00 43.45
CA MET N 903 68.67 -96.50 44.40
C MET N 903 68.05 -95.73 45.55
N GLY N 904 66.74 -95.49 45.53
CA GLY N 904 66.09 -94.77 46.60
C GLY N 904 66.33 -93.27 46.61
N ALA N 905 66.66 -92.69 45.46
CA ALA N 905 66.90 -91.26 45.39
C ALA N 905 65.58 -90.51 45.46
N PRO N 906 65.41 -89.59 46.41
CA PRO N 906 64.15 -88.85 46.50
C PRO N 906 63.99 -87.85 45.37
N GLY N 907 62.74 -87.53 45.08
CA GLY N 907 62.42 -86.58 44.02
C GLY N 907 62.24 -87.24 42.68
N ALA N 908 61.84 -86.41 41.71
CA ALA N 908 61.60 -86.86 40.34
C ALA N 908 62.83 -86.49 39.51
N HIS N 909 63.74 -87.46 39.36
CA HIS N 909 64.97 -87.22 38.61
C HIS N 909 64.77 -87.35 37.10
N GLY N 910 63.64 -87.89 36.65
CA GLY N 910 63.41 -88.04 35.23
C GLY N 910 62.55 -86.95 34.63
N ASN N 911 62.43 -85.83 35.35
CA ASN N 911 61.58 -84.73 34.88
C ASN N 911 62.21 -84.00 33.70
N SER N 912 63.52 -83.75 33.76
CA SER N 912 64.20 -83.01 32.71
C SER N 912 65.58 -83.60 32.50
N ALA N 913 66.14 -83.36 31.31
CA ALA N 913 67.45 -83.93 30.97
C ALA N 913 68.56 -83.31 31.79
N GLU N 914 68.52 -81.99 32.00
CA GLU N 914 69.53 -81.35 32.85
C GLU N 914 69.39 -81.79 34.30
N THR N 915 68.14 -81.91 34.78
CA THR N 915 67.90 -82.44 36.12
C THR N 915 68.36 -83.88 36.25
N ALA N 916 68.12 -84.68 35.19
CA ALA N 916 68.59 -86.07 35.19
C ALA N 916 70.12 -86.13 35.24
N GLY N 917 70.79 -85.26 34.49
CA GLY N 917 72.24 -85.24 34.53
C GLY N 917 72.79 -84.80 35.87
N TYR N 918 72.18 -83.78 36.48
CA TYR N 918 72.62 -83.31 37.79
C TYR N 918 72.40 -84.37 38.86
N PHE N 919 71.23 -85.01 38.86
CA PHE N 919 70.95 -86.06 39.83
C PHE N 919 71.85 -87.28 39.61
N ASN N 920 72.08 -87.64 38.35
CA ASN N 920 72.95 -88.78 38.03
C ASN N 920 74.38 -88.51 38.49
N LYS N 921 74.87 -87.29 38.27
CA LYS N 921 76.18 -86.93 38.81
C LYS N 921 76.22 -86.99 40.34
N VAL N 922 75.29 -86.30 41.01
CA VAL N 922 75.33 -86.16 42.46
C VAL N 922 75.07 -87.49 43.17
N TYR N 923 74.49 -88.46 42.47
CA TYR N 923 74.27 -89.79 43.04
C TYR N 923 75.38 -90.76 42.67
N VAL N 924 75.62 -90.94 41.36
CA VAL N 924 76.55 -91.98 40.89
C VAL N 924 77.99 -91.62 41.19
N GLU N 925 78.39 -90.34 41.03
CA GLU N 925 79.80 -89.99 41.16
C GLU N 925 80.37 -90.27 42.54
N PRO N 926 79.71 -89.91 43.65
CA PRO N 926 80.17 -90.41 44.95
C PRO N 926 80.08 -91.93 45.06
N ALA N 927 79.05 -92.54 44.49
CA ALA N 927 78.91 -94.00 44.54
C ALA N 927 79.98 -94.69 43.70
N TRP N 928 80.25 -94.16 42.49
CA TRP N 928 81.30 -94.74 41.66
C TRP N 928 82.68 -94.53 42.28
N ALA N 929 82.89 -93.36 42.91
CA ALA N 929 84.15 -93.12 43.61
C ALA N 929 84.33 -94.08 44.78
N LYS N 930 83.27 -94.33 45.54
CA LYS N 930 83.34 -95.29 46.65
C LYS N 930 83.59 -96.70 46.14
N PHE N 931 82.95 -97.08 45.03
CA PHE N 931 83.18 -98.40 44.46
C PHE N 931 84.60 -98.56 43.94
N ASN N 932 85.15 -97.51 43.31
CA ASN N 932 86.52 -97.55 42.83
C ASN N 932 87.52 -97.59 43.99
N ASP N 933 87.21 -96.87 45.08
CA ASP N 933 88.08 -96.91 46.25
C ASP N 933 88.04 -98.28 46.93
N ILE N 934 86.87 -98.92 46.95
CA ILE N 934 86.76 -100.25 47.52
C ILE N 934 87.49 -101.27 46.65
N ILE N 935 87.38 -101.13 45.33
CA ILE N 935 88.07 -102.06 44.43
C ILE N 935 89.57 -101.81 44.41
N GLN N 936 89.99 -100.59 44.77
CA GLN N 936 91.41 -100.26 44.77
C GLN N 936 92.16 -100.93 45.91
N ARG N 937 91.47 -101.36 46.96
CA ARG N 937 92.10 -102.07 48.05
C ARG N 937 92.56 -103.45 47.60
N GLU N 938 93.77 -103.83 48.00
CA GLU N 938 94.33 -105.13 47.60
C GLU N 938 93.66 -106.29 48.31
N ASP N 939 93.03 -106.06 49.46
CA ASP N 939 92.38 -107.12 50.21
C ASP N 939 90.96 -107.39 49.73
N VAL N 940 90.44 -106.61 48.80
CA VAL N 940 89.07 -106.80 48.31
C VAL N 940 89.10 -107.86 47.21
N GLY N 941 88.33 -108.93 47.41
CA GLY N 941 88.25 -110.00 46.44
C GLY N 941 87.13 -109.79 45.45
N PRO N 942 86.92 -110.77 44.56
CA PRO N 942 85.80 -110.68 43.62
C PRO N 942 84.44 -110.67 44.30
N GLU N 943 84.28 -111.40 45.40
CA GLU N 943 83.01 -111.39 46.12
C GLU N 943 82.75 -110.04 46.78
N ASP N 944 83.80 -109.43 47.33
CA ASP N 944 83.66 -108.10 47.92
C ASP N 944 83.37 -107.04 46.86
N ILE N 945 83.97 -107.19 45.67
CA ILE N 945 83.71 -106.25 44.58
C ILE N 945 82.29 -106.42 44.07
N VAL N 946 81.80 -107.66 44.01
CA VAL N 946 80.43 -107.90 43.57
C VAL N 946 79.43 -107.38 44.60
N ARG N 947 79.74 -107.55 45.89
CA ARG N 947 78.84 -107.09 46.94
C ARG N 947 78.82 -105.56 47.08
N ALA N 948 79.91 -104.89 46.69
CA ALA N 948 80.00 -103.44 46.80
C ALA N 948 79.40 -102.71 45.60
N PHE N 949 78.91 -103.43 44.61
CA PHE N 949 78.31 -102.79 43.43
C PHE N 949 76.97 -102.17 43.81
N PRO N 950 76.77 -100.87 43.60
CA PRO N 950 75.50 -100.24 43.97
C PRO N 950 74.44 -100.24 42.88
N PHE N 951 74.74 -100.80 41.71
CA PHE N 951 73.79 -100.86 40.60
C PHE N 951 73.23 -102.27 40.41
N HIS N 952 73.17 -103.05 41.49
CA HIS N 952 72.64 -104.40 41.40
C HIS N 952 71.13 -104.38 41.14
N ALA N 953 70.41 -103.47 41.77
CA ALA N 953 68.97 -103.37 41.55
C ALA N 953 68.65 -102.82 40.16
N TYR N 954 69.48 -101.90 39.65
CA TYR N 954 69.26 -101.38 38.30
C TYR N 954 69.58 -102.43 37.24
N PHE N 955 70.54 -103.31 37.51
CA PHE N 955 70.93 -104.36 36.60
C PHE N 955 70.17 -105.66 36.83
N SER N 956 69.16 -105.64 37.71
CA SER N 956 68.37 -106.84 37.97
C SER N 956 67.50 -107.23 36.78
N ASP N 957 67.18 -106.28 35.90
CA ASP N 957 66.41 -106.59 34.70
C ASP N 957 67.25 -107.29 33.64
N ALA N 958 68.57 -107.26 33.78
CA ALA N 958 69.46 -107.94 32.84
C ALA N 958 69.41 -109.44 33.07
N PRO N 959 69.92 -110.24 32.12
CA PRO N 959 69.89 -111.70 32.26
C PRO N 959 70.80 -112.16 33.39
N GLN N 960 70.20 -112.78 34.40
CA GLN N 960 70.94 -113.25 35.56
C GLN N 960 71.82 -114.44 35.18
N PRO N 961 72.99 -114.59 35.82
CA PRO N 961 73.63 -113.71 36.81
C PRO N 961 74.40 -112.55 36.18
N LEU N 962 74.41 -111.40 36.86
CA LEU N 962 75.23 -110.28 36.40
C LEU N 962 76.71 -110.59 36.58
N PHE N 963 77.08 -111.16 37.73
CA PHE N 963 78.45 -111.60 38.00
C PHE N 963 78.44 -113.11 38.18
N PRO N 964 79.16 -113.87 37.35
CA PRO N 964 79.15 -115.32 37.51
C PRO N 964 79.90 -115.74 38.76
N PRO N 965 79.51 -116.85 39.38
CA PRO N 965 80.24 -117.31 40.57
C PRO N 965 81.64 -117.82 40.25
N GLU N 966 81.86 -118.35 39.05
CA GLU N 966 83.19 -118.79 38.63
C GLU N 966 84.02 -117.66 38.05
N ALA N 967 83.45 -116.46 37.91
CA ALA N 967 84.21 -115.33 37.39
C ALA N 967 85.23 -114.85 38.41
N ASP N 968 86.39 -114.43 37.92
CA ASP N 968 87.47 -113.96 38.78
C ASP N 968 87.23 -112.49 39.13
N ARG N 969 88.23 -111.86 39.75
CA ARG N 969 88.13 -110.44 40.09
C ARG N 969 88.17 -109.57 38.84
N GLU N 970 88.93 -109.98 37.82
CA GLU N 970 89.01 -109.22 36.58
C GLU N 970 87.68 -109.22 35.84
N THR N 971 87.00 -110.36 35.79
CA THR N 971 85.72 -110.44 35.11
C THR N 971 84.63 -109.65 35.85
N VAL N 972 84.65 -109.71 37.18
CA VAL N 972 83.69 -108.93 37.97
C VAL N 972 83.94 -107.44 37.81
N LEU N 973 85.21 -107.04 37.78
CA LEU N 973 85.56 -105.64 37.55
C LEU N 973 85.14 -105.20 36.14
N GLU N 974 85.29 -106.08 35.16
CA GLU N 974 84.85 -105.76 33.80
C GLU N 974 83.34 -105.63 33.72
N ILE N 975 82.60 -106.47 34.45
CA ILE N 975 81.15 -106.37 34.47
C ILE N 975 80.69 -105.08 35.14
N ALA N 976 81.35 -104.72 36.26
CA ALA N 976 81.02 -103.46 36.94
C ALA N 976 81.36 -102.26 36.06
N ASN N 977 82.49 -102.32 35.34
CA ASN N 977 82.85 -101.25 34.42
C ASN N 977 81.88 -101.18 33.24
N GLY N 978 81.37 -102.31 32.78
CA GLY N 978 80.36 -102.30 31.73
C GLY N 978 79.05 -101.69 32.19
N CYS N 979 78.63 -101.99 33.42
CA CYS N 979 77.42 -101.37 33.97
C CYS N 979 77.61 -99.86 34.15
N TYR N 980 78.79 -99.45 34.64
CA TYR N 980 79.08 -98.03 34.79
C TYR N 980 79.14 -97.34 33.44
N ARG N 981 79.67 -98.03 32.42
CA ARG N 981 79.73 -97.46 31.07
C ARG N 981 78.34 -97.33 30.47
N HIS N 982 77.44 -98.29 30.75
CA HIS N 982 76.06 -98.17 30.30
C HIS N 982 75.36 -96.99 30.96
N ILE N 983 75.59 -96.81 32.27
CA ILE N 983 75.01 -95.67 32.98
C ILE N 983 75.56 -94.35 32.44
N SER N 984 76.87 -94.31 32.18
CA SER N 984 77.48 -93.11 31.62
C SER N 984 77.01 -92.83 30.21
N LYS N 985 76.75 -93.87 29.41
CA LYS N 985 76.23 -93.69 28.07
C LYS N 985 74.79 -93.16 28.10
N ILE N 986 73.99 -93.65 29.05
CA ILE N 986 72.63 -93.11 29.22
C ILE N 986 72.69 -91.65 29.64
N PHE N 987 73.60 -91.31 30.56
CA PHE N 987 73.75 -89.92 30.99
C PHE N 987 74.24 -89.03 29.85
N GLU N 988 75.15 -89.56 29.01
CA GLU N 988 75.66 -88.80 27.89
C GLU N 988 74.58 -88.59 26.82
N GLU N 989 73.74 -89.60 26.61
CA GLU N 989 72.61 -89.44 25.68
C GLU N 989 71.62 -88.40 26.20
N LEU N 990 71.35 -88.41 27.51
CA LEU N 990 70.48 -87.41 28.10
C LEU N 990 71.08 -86.01 27.97
N ALA N 991 72.40 -85.88 28.19
CA ALA N 991 73.06 -84.59 28.05
C ALA N 991 73.08 -84.11 26.61
N ASP N 992 73.23 -85.02 25.65
CA ASP N 992 73.20 -84.64 24.24
C ASP N 992 71.80 -84.22 23.81
N VAL N 993 70.77 -84.89 24.32
CA VAL N 993 69.40 -84.49 24.02
C VAL N 993 69.00 -83.23 24.77
N LEU N 994 69.69 -82.90 25.85
CA LEU N 994 69.43 -81.64 26.55
C LEU N 994 69.68 -80.41 25.69
N PRO N 995 70.71 -80.35 24.84
CA PRO N 995 70.87 -79.17 23.97
C PRO N 995 69.73 -78.98 22.98
N PHE N 996 69.11 -80.07 22.52
CA PHE N 996 67.95 -79.95 21.65
C PHE N 996 66.74 -79.43 22.41
N GLU N 997 66.57 -79.85 23.67
CA GLU N 997 65.45 -79.37 24.48
C GLU N 997 65.65 -77.93 24.93
N ILE N 998 66.90 -77.50 25.04
CA ILE N 998 67.18 -76.11 25.44
C ILE N 998 66.73 -75.14 24.35
N LEU N 999 67.01 -75.47 23.09
CA LEU N 999 66.57 -74.63 21.98
C LEU N 999 65.08 -74.82 21.75
N ARG N 1000 64.39 -73.70 21.47
CA ARG N 1000 62.96 -73.72 21.23
C ARG N 1000 62.60 -73.83 19.74
N ARG N 1001 63.30 -73.09 18.88
CA ARG N 1001 63.03 -73.15 17.45
C ARG N 1001 63.59 -74.44 16.87
N ASP N 1002 62.85 -75.01 15.92
CA ASP N 1002 63.30 -76.24 15.26
C ASP N 1002 64.50 -75.98 14.37
N LYS N 1003 64.51 -74.82 13.68
CA LYS N 1003 65.64 -74.48 12.83
C LYS N 1003 66.91 -74.24 13.64
N ASP N 1004 66.79 -73.55 14.78
CA ASP N 1004 67.94 -73.33 15.65
C ASP N 1004 68.48 -74.63 16.21
N LYS N 1005 67.58 -75.54 16.61
CA LYS N 1005 68.00 -76.84 17.11
C LYS N 1005 68.68 -77.67 16.03
N ALA N 1006 68.15 -77.62 14.80
CA ALA N 1006 68.78 -78.33 13.69
C ALA N 1006 70.15 -77.76 13.36
N ASN N 1007 70.29 -76.43 13.40
CA ASN N 1007 71.59 -75.80 13.15
C ASN N 1007 72.59 -76.15 14.23
N TYR N 1008 72.16 -76.16 15.49
CA TYR N 1008 73.04 -76.54 16.59
C TYR N 1008 73.44 -78.02 16.53
N LEU N 1009 72.52 -78.88 16.08
CA LEU N 1009 72.85 -80.29 15.93
C LEU N 1009 73.82 -80.52 14.78
N LEU N 1010 73.61 -79.84 13.65
CA LEU N 1010 74.49 -80.02 12.50
C LEU N 1010 75.86 -79.40 12.72
N THR N 1011 75.92 -78.29 13.46
CA THR N 1011 77.20 -77.61 13.65
C THR N 1011 78.10 -78.37 14.63
N SER N 1012 77.55 -78.86 15.73
CA SER N 1012 78.35 -79.47 16.78
C SER N 1012 78.00 -80.92 17.05
N GLU N 1013 76.71 -81.26 17.16
CA GLU N 1013 76.33 -82.59 17.60
C GLU N 1013 76.56 -83.64 16.52
N ALA N 1014 76.34 -83.28 15.26
CA ALA N 1014 76.48 -84.25 14.18
C ALA N 1014 77.96 -84.50 13.88
N ARG N 1015 78.35 -85.77 13.87
CA ARG N 1015 79.71 -86.17 13.52
C ARG N 1015 79.82 -86.74 12.12
N ILE N 1016 78.75 -87.34 11.60
CA ILE N 1016 78.71 -87.85 10.23
C ILE N 1016 77.48 -87.24 9.57
N ILE N 1017 77.68 -86.50 8.50
CA ILE N 1017 76.61 -85.85 7.76
C ILE N 1017 76.71 -86.27 6.29
N ALA N 1018 75.63 -86.83 5.76
CA ALA N 1018 75.57 -87.30 4.38
C ALA N 1018 74.67 -86.37 3.58
N MET N 1019 75.15 -85.97 2.40
CA MET N 1019 74.42 -85.03 1.57
C MET N 1019 74.71 -85.31 0.10
N THR N 1020 73.86 -84.80 -0.77
CA THR N 1020 74.04 -84.91 -2.21
C THR N 1020 74.89 -83.76 -2.74
N SER N 1021 75.37 -83.93 -3.97
CA SER N 1021 76.18 -82.88 -4.60
C SER N 1021 75.34 -81.64 -4.88
N THR N 1022 74.10 -81.81 -5.33
CA THR N 1022 73.22 -80.67 -5.59
C THR N 1022 72.85 -79.95 -4.30
N HIS N 1023 72.59 -80.71 -3.22
CA HIS N 1023 72.28 -80.10 -1.94
C HIS N 1023 73.49 -79.38 -1.34
N ALA N 1024 74.69 -79.93 -1.55
CA ALA N 1024 75.90 -79.26 -1.07
C ALA N 1024 76.18 -78.00 -1.86
N ALA N 1025 75.95 -78.03 -3.17
CA ALA N 1025 76.18 -76.85 -3.99
C ALA N 1025 75.15 -75.76 -3.73
N MET N 1026 73.90 -76.15 -3.48
CA MET N 1026 72.85 -75.15 -3.24
C MET N 1026 72.97 -74.55 -1.85
N LYS N 1027 73.52 -75.28 -0.89
CA LYS N 1027 73.64 -74.83 0.48
C LYS N 1027 75.10 -74.71 0.91
N ARG N 1028 75.97 -74.36 -0.04
CA ARG N 1028 77.37 -74.14 0.31
C ARG N 1028 77.55 -72.86 1.11
N GLY N 1029 76.86 -71.78 0.71
CA GLY N 1029 76.94 -70.54 1.46
C GLY N 1029 76.32 -70.65 2.84
N GLU N 1030 75.22 -71.39 2.96
CA GLU N 1030 74.59 -71.63 4.26
C GLU N 1030 75.51 -72.44 5.17
N ILE N 1031 76.20 -73.44 4.61
CA ILE N 1031 77.13 -74.25 5.40
C ILE N 1031 78.33 -73.41 5.82
N ALA N 1032 78.79 -72.51 4.95
CA ALA N 1032 79.92 -71.64 5.29
C ALA N 1032 79.53 -70.63 6.37
N SER N 1033 78.30 -70.08 6.28
CA SER N 1033 77.86 -69.10 7.27
C SER N 1033 77.50 -69.76 8.61
N LEU N 1034 77.09 -71.02 8.58
CA LEU N 1034 76.70 -71.71 9.81
C LEU N 1034 77.88 -72.08 10.69
N GLY N 1035 79.11 -71.99 10.17
CA GLY N 1035 80.27 -72.35 10.97
C GLY N 1035 80.52 -73.83 11.12
N PHE N 1036 79.88 -74.66 10.30
CA PHE N 1036 80.10 -76.09 10.37
C PHE N 1036 81.50 -76.44 9.84
N GLN N 1037 82.21 -77.28 10.59
CA GLN N 1037 83.57 -77.67 10.24
C GLN N 1037 83.65 -79.18 10.05
N TYR N 1038 84.48 -79.60 9.11
CA TYR N 1038 84.67 -81.01 8.82
C TYR N 1038 86.16 -81.29 8.68
N ASP N 1039 86.53 -82.54 8.94
CA ASP N 1039 87.92 -82.98 8.87
C ASP N 1039 88.15 -84.03 7.79
N ASN N 1040 87.21 -84.96 7.61
CA ASN N 1040 87.32 -86.00 6.61
C ASN N 1040 86.10 -85.95 5.71
N VAL N 1041 86.34 -85.96 4.39
CA VAL N 1041 85.27 -85.92 3.39
C VAL N 1041 85.44 -87.12 2.48
N ILE N 1042 84.38 -87.91 2.33
CA ILE N 1042 84.36 -89.08 1.46
C ILE N 1042 83.21 -88.92 0.48
N MET N 1043 83.52 -88.98 -0.81
CA MET N 1043 82.54 -88.86 -1.87
C MET N 1043 82.42 -90.18 -2.62
N GLU N 1044 81.20 -90.52 -3.02
CA GLU N 1044 80.92 -91.73 -3.78
C GLU N 1044 80.42 -91.36 -5.16
N GLU N 1045 80.79 -92.18 -6.15
CA GLU N 1045 80.46 -91.97 -7.57
C GLU N 1045 80.96 -90.60 -8.04
N ALA N 1046 82.25 -90.33 -7.80
CA ALA N 1046 82.84 -89.05 -8.16
C ALA N 1046 82.95 -88.85 -9.67
N ALA N 1047 82.97 -89.95 -10.45
CA ALA N 1047 83.03 -89.81 -11.89
C ALA N 1047 81.71 -89.32 -12.47
N GLN N 1048 80.60 -89.58 -11.78
CA GLN N 1048 79.29 -89.13 -12.23
C GLN N 1048 78.96 -87.71 -11.77
N ILE N 1049 79.83 -87.09 -10.99
CA ILE N 1049 79.62 -85.74 -10.49
C ILE N 1049 80.61 -84.80 -11.16
N THR N 1050 80.22 -83.54 -11.29
CA THR N 1050 81.08 -82.55 -11.92
C THR N 1050 82.24 -82.17 -11.00
N GLU N 1051 83.26 -81.56 -11.61
CA GLU N 1051 84.41 -81.10 -10.83
C GLU N 1051 84.05 -79.94 -9.92
N ILE N 1052 83.16 -79.06 -10.38
CA ILE N 1052 82.70 -77.95 -9.55
C ILE N 1052 81.89 -78.47 -8.37
N GLU N 1053 81.03 -79.45 -8.61
CA GLU N 1053 80.26 -80.06 -7.53
C GLU N 1053 81.13 -80.81 -6.54
N ASN N 1054 82.22 -81.43 -7.00
CA ASN N 1054 83.15 -82.08 -6.10
C ASN N 1054 83.96 -81.08 -5.29
N PHE N 1055 84.36 -79.97 -5.91
CA PHE N 1055 85.12 -78.95 -5.18
C PHE N 1055 84.25 -78.13 -4.24
N ILE N 1056 82.94 -78.08 -4.48
CA ILE N 1056 82.03 -77.40 -3.55
C ILE N 1056 82.02 -78.08 -2.19
N PRO N 1057 81.94 -79.41 -2.09
CA PRO N 1057 82.02 -80.04 -0.76
C PRO N 1057 83.38 -79.86 -0.09
N LEU N 1058 84.45 -79.67 -0.85
CA LEU N 1058 85.76 -79.43 -0.29
C LEU N 1058 85.95 -78.00 0.19
N ALA N 1059 85.03 -77.10 -0.14
CA ALA N 1059 85.10 -75.70 0.27
C ALA N 1059 83.83 -75.27 0.97
N LEU N 1060 83.10 -76.22 1.56
CA LEU N 1060 81.87 -75.88 2.26
C LEU N 1060 82.16 -75.18 3.60
N GLN N 1061 83.32 -75.44 4.18
CA GLN N 1061 83.73 -74.81 5.43
C GLN N 1061 84.78 -73.74 5.16
N LYS N 1062 84.66 -72.63 5.88
CA LYS N 1062 85.61 -71.54 5.73
C LYS N 1062 86.97 -71.93 6.33
N PRO N 1063 88.06 -71.44 5.74
CA PRO N 1063 89.39 -71.76 6.28
C PRO N 1063 89.63 -71.05 7.61
N LYS N 1064 90.48 -71.66 8.43
CA LYS N 1064 90.85 -71.14 9.74
C LYS N 1064 92.31 -70.76 9.73
N ASN N 1065 92.60 -69.50 10.08
CA ASN N 1065 93.96 -68.94 10.14
C ASN N 1065 94.70 -69.08 8.80
N GLY N 1066 93.96 -68.89 7.71
CA GLY N 1066 94.54 -68.94 6.38
C GLY N 1066 94.73 -70.34 5.82
N GLN N 1067 94.28 -71.38 6.52
CA GLN N 1067 94.45 -72.75 6.05
C GLN N 1067 93.15 -73.50 6.23
N MET N 1068 92.94 -74.52 5.39
CA MET N 1068 91.75 -75.35 5.45
C MET N 1068 91.92 -76.44 6.51
N ALA N 1069 90.78 -76.84 7.08
CA ALA N 1069 90.77 -77.87 8.12
C ALA N 1069 90.59 -79.28 7.55
N LEU N 1070 90.52 -79.43 6.24
CA LEU N 1070 90.35 -80.75 5.64
C LEU N 1070 91.65 -81.53 5.73
N GLN N 1071 91.55 -82.79 6.15
CA GLN N 1071 92.71 -83.67 6.29
C GLN N 1071 92.64 -84.91 5.42
N ARG N 1072 91.47 -85.55 5.32
CA ARG N 1072 91.29 -86.75 4.51
C ARG N 1072 90.26 -86.48 3.43
N VAL N 1073 90.61 -86.79 2.19
CA VAL N 1073 89.72 -86.62 1.05
C VAL N 1073 89.69 -87.94 0.29
N VAL N 1074 88.59 -88.68 0.40
CA VAL N 1074 88.43 -89.97 -0.26
C VAL N 1074 87.41 -89.81 -1.38
N LEU N 1075 87.72 -90.37 -2.55
CA LEU N 1075 86.83 -90.32 -3.70
C LEU N 1075 86.73 -91.74 -4.27
N CYS N 1076 85.55 -92.33 -4.16
CA CYS N 1076 85.29 -93.68 -4.66
C CYS N 1076 84.40 -93.57 -5.89
N GLY N 1077 84.81 -94.20 -6.98
CA GLY N 1077 84.04 -94.15 -8.20
C GLY N 1077 84.56 -95.12 -9.23
N ASP N 1078 84.11 -94.91 -10.47
CA ASP N 1078 84.51 -95.75 -11.59
C ASP N 1078 84.65 -94.85 -12.81
N HIS N 1079 85.89 -94.68 -13.30
CA HIS N 1079 86.14 -93.83 -14.45
C HIS N 1079 85.59 -94.42 -15.73
N TYR N 1080 85.35 -95.73 -15.78
CA TYR N 1080 84.75 -96.38 -16.94
C TYR N 1080 83.24 -96.28 -16.96
N GLN N 1081 82.62 -95.69 -15.95
CA GLN N 1081 81.18 -95.56 -15.89
C GLN N 1081 80.72 -94.35 -16.72
N ASN N 1082 79.42 -94.10 -16.69
CA ASN N 1082 78.85 -93.02 -17.49
C ASN N 1082 79.21 -91.66 -16.90
N SER N 1083 79.49 -90.70 -17.78
CA SER N 1083 79.81 -89.34 -17.39
C SER N 1083 78.56 -88.59 -16.97
N PRO N 1084 78.70 -87.45 -16.30
CA PRO N 1084 77.53 -86.66 -15.92
C PRO N 1084 76.81 -86.09 -17.14
N VAL N 1085 75.50 -85.95 -17.01
CA VAL N 1085 74.66 -85.49 -18.11
C VAL N 1085 74.77 -83.97 -18.22
N ILE N 1086 75.03 -83.48 -19.42
CA ILE N 1086 75.12 -82.06 -19.70
C ILE N 1086 74.08 -81.72 -20.76
N GLN N 1087 73.27 -80.69 -20.49
CA GLN N 1087 72.23 -80.29 -21.44
C GLN N 1087 72.83 -79.71 -22.71
N GLY N 1088 73.89 -78.91 -22.58
CA GLY N 1088 74.53 -78.32 -23.74
C GLY N 1088 75.50 -79.27 -24.42
N LEU N 1089 75.27 -79.52 -25.72
CA LEU N 1089 76.18 -80.38 -26.48
C LEU N 1089 77.55 -79.75 -26.66
N ALA N 1090 77.57 -78.43 -26.93
CA ALA N 1090 78.84 -77.72 -27.07
C ALA N 1090 79.60 -77.65 -25.75
N PHE N 1091 78.87 -77.50 -24.64
CA PHE N 1091 79.50 -77.50 -23.33
C PHE N 1091 80.05 -78.87 -22.98
N ARG N 1092 79.33 -79.94 -23.37
CA ARG N 1092 79.79 -81.29 -23.06
C ARG N 1092 80.98 -81.69 -23.93
N HIS N 1093 80.99 -81.27 -25.19
CA HIS N 1093 82.03 -81.70 -26.12
C HIS N 1093 83.18 -80.70 -26.19
N TYR N 1094 82.90 -79.46 -26.60
CA TYR N 1094 83.97 -78.49 -26.81
C TYR N 1094 84.53 -77.99 -25.49
N ALA N 1095 83.65 -77.66 -24.53
CA ALA N 1095 84.09 -77.14 -23.25
C ALA N 1095 84.49 -78.22 -22.26
N ASN N 1096 84.19 -79.50 -22.57
CA ASN N 1096 84.52 -80.66 -21.73
C ASN N 1096 83.93 -80.52 -20.33
N LEU N 1097 82.68 -80.05 -20.25
CA LEU N 1097 82.02 -79.92 -18.95
C LEU N 1097 81.61 -81.27 -18.36
N GLU N 1098 81.54 -82.31 -19.18
CA GLU N 1098 81.21 -83.64 -18.68
C GLU N 1098 82.38 -84.34 -18.00
N GLN N 1099 83.58 -83.79 -18.11
CA GLN N 1099 84.74 -84.38 -17.44
C GLN N 1099 84.62 -84.20 -15.93
N SER N 1100 85.00 -85.25 -15.19
CA SER N 1100 84.90 -85.26 -13.74
C SER N 1100 86.27 -85.07 -13.11
N LEU N 1101 86.26 -84.80 -11.81
CA LEU N 1101 87.52 -84.66 -11.07
C LEU N 1101 88.25 -85.98 -10.94
N PHE N 1102 87.50 -87.08 -10.75
CA PHE N 1102 88.11 -88.39 -10.66
C PHE N 1102 88.74 -88.81 -11.98
N SER N 1103 88.07 -88.53 -13.10
CA SER N 1103 88.62 -88.84 -14.41
C SER N 1103 89.86 -88.00 -14.70
N ARG N 1104 89.84 -86.72 -14.31
CA ARG N 1104 91.01 -85.87 -14.48
C ARG N 1104 92.18 -86.34 -13.62
N LEU N 1105 91.91 -86.78 -12.40
CA LEU N 1105 92.96 -87.31 -11.53
C LEU N 1105 93.52 -88.63 -12.06
N VAL N 1106 92.67 -89.47 -12.65
CA VAL N 1106 93.13 -90.72 -13.23
C VAL N 1106 93.98 -90.45 -14.48
N ARG N 1107 93.58 -89.46 -15.29
CA ARG N 1107 94.34 -89.14 -16.48
C ARG N 1107 95.65 -88.43 -16.13
N LEU N 1108 95.69 -87.70 -15.02
CA LEU N 1108 96.92 -87.03 -14.62
C LEU N 1108 97.99 -88.02 -14.18
N GLY N 1109 97.58 -89.09 -13.49
CA GLY N 1109 98.52 -90.10 -13.03
C GLY N 1109 98.59 -90.22 -11.53
N VAL N 1110 97.50 -89.88 -10.85
CA VAL N 1110 97.43 -89.97 -9.39
C VAL N 1110 97.39 -91.43 -8.97
N PRO N 1111 97.92 -91.78 -7.80
CA PRO N 1111 97.88 -93.19 -7.36
C PRO N 1111 96.50 -93.56 -6.85
N THR N 1112 95.90 -94.58 -7.47
CA THR N 1112 94.57 -95.04 -7.12
C THR N 1112 94.58 -96.53 -6.87
N ILE N 1113 93.72 -96.97 -5.95
CA ILE N 1113 93.58 -98.38 -5.62
C ILE N 1113 92.43 -98.95 -6.42
N ASN N 1114 92.69 -100.02 -7.17
CA ASN N 1114 91.69 -100.63 -8.04
C ASN N 1114 91.20 -101.93 -7.42
N LEU N 1115 89.89 -102.05 -7.27
CA LEU N 1115 89.28 -103.28 -6.75
C LEU N 1115 89.23 -104.33 -7.86
N ASP N 1116 89.65 -105.55 -7.53
CA ASP N 1116 89.70 -106.64 -8.49
C ASP N 1116 88.81 -107.81 -8.11
N GLN N 1117 87.84 -107.61 -7.21
CA GLN N 1117 86.94 -108.67 -6.79
C GLN N 1117 85.51 -108.19 -6.94
N GLN N 1118 84.69 -108.98 -7.65
CA GLN N 1118 83.28 -108.69 -7.85
C GLN N 1118 82.45 -109.88 -7.38
N GLY N 1119 81.37 -109.59 -6.66
CA GLY N 1119 80.53 -110.63 -6.11
C GLY N 1119 79.04 -110.36 -6.19
N ARG N 1120 78.62 -109.62 -7.21
CA ARG N 1120 77.23 -109.25 -7.39
C ARG N 1120 76.56 -109.98 -8.55
N ALA N 1121 77.18 -109.97 -9.72
CA ALA N 1121 76.61 -110.57 -10.91
C ALA N 1121 77.17 -111.97 -11.14
N ARG N 1122 76.69 -112.62 -12.19
CA ARG N 1122 77.18 -113.94 -12.56
C ARG N 1122 78.59 -113.84 -13.15
N PRO N 1123 79.32 -114.96 -13.20
CA PRO N 1123 80.66 -114.94 -13.79
C PRO N 1123 80.70 -114.54 -15.26
N SER N 1124 79.67 -114.90 -16.03
CA SER N 1124 79.62 -114.50 -17.44
C SER N 1124 79.41 -113.00 -17.58
N ILE N 1125 78.50 -112.42 -16.80
CA ILE N 1125 78.25 -110.98 -16.84
C ILE N 1125 79.45 -110.22 -16.30
N SER N 1126 80.10 -110.75 -15.26
CA SER N 1126 81.29 -110.12 -14.72
C SER N 1126 82.44 -110.15 -15.72
N ASN N 1127 82.61 -111.26 -16.44
CA ASN N 1127 83.64 -111.34 -17.47
C ASN N 1127 83.32 -110.43 -18.65
N LEU N 1128 82.04 -110.28 -18.99
CA LEU N 1128 81.66 -109.33 -20.02
C LEU N 1128 81.90 -107.89 -19.58
N TYR N 1129 81.77 -107.61 -18.29
CA TYR N 1129 82.05 -106.29 -17.75
C TYR N 1129 83.52 -106.09 -17.39
N ARG N 1130 84.34 -107.15 -17.46
CA ARG N 1130 85.76 -107.04 -17.16
C ARG N 1130 86.62 -106.76 -18.38
N TRP N 1131 86.01 -106.63 -19.56
CA TRP N 1131 86.80 -106.33 -20.76
C TRP N 1131 87.36 -104.91 -20.73
N ARG N 1132 86.56 -103.96 -20.24
CA ARG N 1132 87.03 -102.58 -20.14
C ARG N 1132 88.01 -102.41 -18.99
N TYR N 1133 87.74 -103.05 -17.86
CA TYR N 1133 88.61 -102.92 -16.71
C TYR N 1133 89.92 -103.69 -16.92
N PRO N 1134 91.02 -103.20 -16.34
CA PRO N 1134 92.29 -103.93 -16.51
C PRO N 1134 92.36 -105.21 -15.70
N GLN N 1135 91.90 -105.18 -14.45
CA GLN N 1135 91.92 -106.37 -13.58
C GLN N 1135 90.57 -106.45 -12.87
N LEU N 1136 89.90 -107.59 -13.02
CA LEU N 1136 88.62 -107.82 -12.37
C LEU N 1136 88.40 -109.32 -12.24
N GLY N 1137 88.04 -109.76 -11.04
CA GLY N 1137 87.79 -111.17 -10.79
C GLY N 1137 86.45 -111.45 -10.17
N ASP N 1138 86.23 -112.69 -9.75
CA ASP N 1138 84.98 -113.11 -9.12
C ASP N 1138 85.27 -113.64 -7.72
N LEU N 1139 84.44 -113.23 -6.77
CA LEU N 1139 84.60 -113.69 -5.40
C LEU N 1139 84.17 -115.15 -5.28
N PRO N 1140 84.67 -115.85 -4.25
CA PRO N 1140 84.23 -117.24 -4.02
C PRO N 1140 82.75 -117.36 -3.71
N HIS N 1141 82.16 -116.36 -3.06
CA HIS N 1141 80.73 -116.40 -2.76
C HIS N 1141 79.89 -116.34 -4.03
N THR N 1142 80.31 -115.54 -5.01
CA THR N 1142 79.58 -115.47 -6.28
C THR N 1142 79.73 -116.75 -7.08
N GLN N 1143 80.88 -117.41 -7.01
CA GLN N 1143 81.11 -118.64 -7.76
C GLN N 1143 80.64 -119.88 -7.03
N THR N 1144 80.25 -119.77 -5.75
CA THR N 1144 79.80 -120.92 -4.99
C THR N 1144 78.31 -120.88 -4.64
N GLU N 1145 77.66 -119.73 -4.77
CA GLU N 1145 76.23 -119.65 -4.45
C GLU N 1145 75.41 -120.35 -5.53
N PRO N 1146 74.30 -120.99 -5.16
CA PRO N 1146 73.45 -121.63 -6.19
C PRO N 1146 72.63 -120.65 -7.00
N GLU N 1147 72.46 -119.41 -6.52
CA GLU N 1147 71.69 -118.43 -7.28
C GLU N 1147 72.41 -118.01 -8.54
N PHE N 1148 73.73 -117.84 -8.48
CA PHE N 1148 74.52 -117.46 -9.64
C PHE N 1148 74.92 -118.65 -10.51
N LEU N 1149 74.65 -119.87 -10.05
CA LEU N 1149 74.96 -121.06 -10.83
C LEU N 1149 73.74 -121.66 -11.53
N THR N 1150 72.55 -121.44 -10.99
CA THR N 1150 71.33 -121.96 -11.62
C THR N 1150 70.98 -121.14 -12.85
N ALA N 1151 70.65 -121.83 -13.94
CA ALA N 1151 70.28 -121.16 -15.17
C ALA N 1151 68.88 -120.57 -15.06
N ASN N 1152 68.60 -119.61 -15.93
CA ASN N 1152 67.30 -118.96 -15.94
C ASN N 1152 66.22 -119.91 -16.46
N ALA N 1153 65.02 -119.79 -15.90
CA ALA N 1153 63.92 -120.64 -16.31
C ALA N 1153 63.37 -120.18 -17.66
N GLY N 1154 63.23 -121.13 -18.58
CA GLY N 1154 62.74 -120.82 -19.91
C GLY N 1154 63.76 -120.19 -20.84
N PHE N 1155 65.02 -120.13 -20.44
CA PHE N 1155 66.08 -119.56 -21.27
C PHE N 1155 67.24 -120.55 -21.36
N ARG N 1156 67.72 -120.78 -22.58
CA ARG N 1156 68.85 -121.69 -22.77
C ARG N 1156 70.14 -121.06 -22.25
N TYR N 1157 70.30 -119.75 -22.43
CA TYR N 1157 71.48 -119.03 -21.98
C TYR N 1157 71.05 -117.88 -21.08
N ASP N 1158 71.86 -117.62 -20.05
CA ASP N 1158 71.56 -116.52 -19.13
C ASP N 1158 71.70 -115.16 -19.80
N TYR N 1159 72.76 -114.98 -20.58
CA TYR N 1159 73.01 -113.74 -21.30
C TYR N 1159 73.14 -114.04 -22.80
N GLN N 1160 72.36 -113.35 -23.60
CA GLN N 1160 72.39 -113.55 -25.05
C GLN N 1160 71.89 -112.29 -25.73
N PHE N 1161 72.32 -112.11 -26.98
CA PHE N 1161 71.91 -110.98 -27.80
C PHE N 1161 71.02 -111.47 -28.93
N VAL N 1162 69.88 -110.81 -29.11
CA VAL N 1162 68.90 -111.17 -30.13
C VAL N 1162 68.95 -110.12 -31.23
N ASN N 1163 69.15 -110.56 -32.46
CA ASN N 1163 69.19 -109.66 -33.61
C ASN N 1163 67.75 -109.32 -34.00
N VAL N 1164 67.37 -108.06 -33.82
CA VAL N 1164 66.00 -107.62 -34.09
C VAL N 1164 65.93 -107.15 -35.53
N PRO N 1165 65.15 -107.81 -36.40
CA PRO N 1165 65.02 -107.33 -37.77
C PRO N 1165 63.95 -106.26 -37.90
N ASP N 1166 63.68 -105.82 -39.13
CA ASP N 1166 62.65 -104.83 -39.35
C ASP N 1166 61.27 -105.44 -39.14
N TYR N 1167 60.43 -104.74 -38.36
CA TYR N 1167 59.09 -105.20 -38.04
C TYR N 1167 58.08 -104.34 -38.80
N ARG N 1168 57.17 -105.01 -39.53
CA ARG N 1168 56.15 -104.37 -40.36
C ARG N 1168 56.77 -103.43 -41.40
N GLY N 1169 57.91 -103.83 -41.95
CA GLY N 1169 58.58 -103.04 -42.96
C GLY N 1169 59.31 -101.82 -42.46
N MET N 1170 59.48 -101.67 -41.16
CA MET N 1170 60.16 -100.52 -40.59
C MET N 1170 61.08 -100.96 -39.46
N GLY N 1171 62.16 -100.22 -39.28
CA GLY N 1171 63.09 -100.46 -38.19
C GLY N 1171 63.04 -99.40 -37.12
N GLU N 1172 64.01 -98.49 -37.13
CA GLU N 1172 64.00 -97.37 -36.20
C GLU N 1172 63.03 -96.30 -36.67
N SER N 1173 62.30 -95.71 -35.72
CA SER N 1173 61.30 -94.70 -36.02
C SER N 1173 61.70 -93.38 -35.35
N GLU N 1174 61.62 -92.29 -36.11
CA GLU N 1174 61.96 -90.95 -35.62
C GLU N 1174 60.85 -89.99 -36.00
N PRO N 1175 59.68 -90.13 -35.37
CA PRO N 1175 58.58 -89.18 -35.66
C PRO N 1175 58.85 -87.78 -35.11
N THR N 1176 59.74 -87.64 -34.14
CA THR N 1176 60.10 -86.37 -33.53
C THR N 1176 61.60 -86.26 -33.47
N PRO N 1177 62.13 -85.05 -33.26
CA PRO N 1177 63.59 -84.90 -33.18
C PRO N 1177 64.14 -85.55 -31.93
N HIS N 1178 65.18 -86.37 -32.10
CA HIS N 1178 65.87 -87.13 -31.07
C HIS N 1178 64.97 -88.11 -30.34
N PHE N 1179 63.81 -88.45 -30.90
CA PHE N 1179 62.90 -89.43 -30.31
C PHE N 1179 63.08 -90.76 -31.03
N ILE N 1180 64.17 -91.45 -30.68
CA ILE N 1180 64.49 -92.74 -31.30
C ILE N 1180 63.62 -93.82 -30.68
N GLN N 1181 62.86 -94.52 -31.52
CA GLN N 1181 61.98 -95.59 -31.07
C GLN N 1181 62.12 -96.79 -31.98
N ASN N 1182 61.85 -97.96 -31.43
CA ASN N 1182 61.91 -99.22 -32.17
C ASN N 1182 60.69 -100.04 -31.78
N LEU N 1183 59.72 -100.15 -32.69
CA LEU N 1183 58.51 -100.92 -32.42
C LEU N 1183 58.81 -102.40 -32.30
N GLY N 1184 59.68 -102.93 -33.16
CA GLY N 1184 60.00 -104.35 -33.10
C GLY N 1184 60.75 -104.74 -31.84
N GLU N 1185 61.72 -103.91 -31.43
CA GLU N 1185 62.47 -104.19 -30.20
C GLU N 1185 61.57 -104.09 -28.98
N ALA N 1186 60.69 -103.09 -28.95
CA ALA N 1186 59.75 -102.96 -27.84
C ALA N 1186 58.78 -104.13 -27.79
N GLU N 1187 58.31 -104.59 -28.95
CA GLU N 1187 57.42 -105.75 -29.00
C GLU N 1187 58.13 -107.02 -28.53
N TYR N 1188 59.39 -107.19 -28.94
CA TYR N 1188 60.17 -108.35 -28.49
C TYR N 1188 60.42 -108.30 -26.99
N ALA N 1189 60.71 -107.12 -26.45
CA ALA N 1189 60.90 -106.98 -25.01
C ALA N 1189 59.61 -107.25 -24.25
N VAL N 1190 58.47 -106.79 -24.78
CA VAL N 1190 57.19 -107.05 -24.13
C VAL N 1190 56.85 -108.54 -24.17
N ALA N 1191 57.14 -109.20 -25.30
CA ALA N 1191 56.91 -110.64 -25.39
C ALA N 1191 57.81 -111.42 -24.44
N ILE N 1192 59.07 -110.98 -24.29
CA ILE N 1192 59.99 -111.64 -23.37
C ILE N 1192 59.53 -111.45 -21.93
N PHE N 1193 59.05 -110.24 -21.59
CA PHE N 1193 58.53 -109.98 -20.25
C PHE N 1193 57.28 -110.80 -19.97
N GLN N 1194 56.39 -110.94 -20.97
CA GLN N 1194 55.20 -111.76 -20.80
C GLN N 1194 55.55 -113.23 -20.63
N TYR N 1195 56.54 -113.72 -21.39
CA TYR N 1195 56.99 -115.10 -21.24
C TYR N 1195 57.62 -115.34 -19.87
N MET N 1196 58.39 -114.36 -19.37
CA MET N 1196 58.99 -114.48 -18.05
C MET N 1196 57.92 -114.46 -16.96
N ARG N 1197 56.88 -113.63 -17.12
CA ARG N 1197 55.80 -113.58 -16.15
C ARG N 1197 54.98 -114.87 -16.17
N LEU N 1198 54.77 -115.45 -17.35
CA LEU N 1198 54.05 -116.71 -17.45
C LEU N 1198 54.89 -117.88 -16.92
N LEU N 1199 56.22 -117.76 -17.01
CA LEU N 1199 57.09 -118.83 -16.51
C LEU N 1199 57.10 -118.87 -14.99
N GLY N 1200 56.81 -117.75 -14.33
CA GLY N 1200 56.78 -117.71 -12.88
C GLY N 1200 57.85 -116.82 -12.27
N TYR N 1201 58.57 -116.09 -13.13
CA TYR N 1201 59.59 -115.18 -12.63
C TYR N 1201 58.95 -113.98 -11.92
N PRO N 1202 59.61 -113.43 -10.92
CA PRO N 1202 59.03 -112.28 -10.20
C PRO N 1202 59.02 -111.02 -11.06
N ALA N 1203 58.02 -110.18 -10.80
CA ALA N 1203 57.92 -108.91 -11.53
C ALA N 1203 58.97 -107.91 -11.06
N SER N 1204 59.36 -107.98 -9.79
CA SER N 1204 60.37 -107.05 -9.28
C SER N 1204 61.76 -107.39 -9.79
N LYS N 1205 62.01 -108.65 -10.13
CA LYS N 1205 63.31 -109.08 -10.62
C LYS N 1205 63.52 -108.78 -12.10
N ILE N 1206 62.49 -108.31 -12.81
CA ILE N 1206 62.57 -108.01 -14.23
C ILE N 1206 62.59 -106.50 -14.41
N SER N 1207 63.59 -106.01 -15.13
CA SER N 1207 63.75 -104.59 -15.40
C SER N 1207 63.91 -104.37 -16.89
N ILE N 1208 63.52 -103.18 -17.35
CA ILE N 1208 63.58 -102.82 -18.76
C ILE N 1208 64.45 -101.59 -18.92
N LEU N 1209 65.46 -101.68 -19.78
CA LEU N 1209 66.38 -100.59 -20.07
C LEU N 1209 66.36 -100.29 -21.56
N ALA N 1210 66.38 -99.00 -21.88
CA ALA N 1210 66.39 -98.55 -23.27
C ALA N 1210 67.56 -97.58 -23.48
N THR N 1211 68.07 -97.58 -24.71
CA THR N 1211 69.16 -96.67 -25.05
C THR N 1211 68.66 -95.26 -25.39
N TYR N 1212 67.36 -95.07 -25.53
CA TYR N 1212 66.79 -93.77 -25.84
C TYR N 1212 65.50 -93.58 -25.06
N ALA N 1213 65.13 -92.32 -24.85
CA ALA N 1213 63.90 -92.02 -24.13
C ALA N 1213 62.67 -92.40 -24.93
N GLY N 1214 62.73 -92.25 -26.26
CA GLY N 1214 61.61 -92.64 -27.10
C GLY N 1214 61.36 -94.13 -27.10
N GLN N 1215 62.43 -94.92 -27.11
CA GLN N 1215 62.30 -96.37 -27.03
C GLN N 1215 61.72 -96.80 -25.70
N LYS N 1216 62.13 -96.16 -24.61
CA LYS N 1216 61.57 -96.45 -23.30
C LYS N 1216 60.09 -96.07 -23.22
N ALA N 1217 59.72 -94.93 -23.82
CA ALA N 1217 58.32 -94.52 -23.85
C ALA N 1217 57.48 -95.49 -24.67
N LEU N 1218 58.01 -95.95 -25.81
CA LEU N 1218 57.30 -96.93 -26.62
C LEU N 1218 57.15 -98.26 -25.90
N ILE N 1219 58.19 -98.69 -25.18
CA ILE N 1219 58.12 -99.94 -24.42
C ILE N 1219 57.10 -99.82 -23.29
N LYS N 1220 57.06 -98.66 -22.61
CA LYS N 1220 56.07 -98.45 -21.56
C LYS N 1220 54.66 -98.42 -22.12
N ASP N 1221 54.47 -97.79 -23.28
CA ASP N 1221 53.16 -97.77 -23.92
C ASP N 1221 52.71 -99.17 -24.34
N VAL N 1222 53.64 -99.97 -24.86
CA VAL N 1222 53.31 -101.34 -25.25
C VAL N 1222 52.96 -102.18 -24.03
N LEU N 1223 53.72 -101.99 -22.93
CA LEU N 1223 53.43 -102.72 -21.69
C LEU N 1223 52.07 -102.32 -21.12
N ALA N 1224 51.73 -101.03 -21.19
CA ALA N 1224 50.42 -100.59 -20.70
C ALA N 1224 49.30 -101.09 -21.60
N HIS N 1225 49.56 -101.22 -22.90
CA HIS N 1225 48.53 -101.69 -23.81
C HIS N 1225 48.33 -103.20 -23.73
N ARG N 1226 49.38 -103.95 -23.39
CA ARG N 1226 49.30 -105.41 -23.45
C ARG N 1226 49.22 -106.10 -22.10
N CYS N 1227 49.59 -105.43 -21.00
CA CYS N 1227 49.66 -106.13 -19.71
C CYS N 1227 49.05 -105.37 -18.54
N ALA N 1228 48.62 -104.12 -18.71
CA ALA N 1228 48.02 -103.40 -17.59
C ALA N 1228 46.64 -103.95 -17.24
N LYS N 1229 45.89 -104.38 -18.25
CA LYS N 1229 44.57 -104.95 -18.01
C LYS N 1229 44.61 -106.43 -17.67
N ASN N 1230 45.78 -107.07 -17.77
CA ASN N 1230 45.92 -108.48 -17.44
C ASN N 1230 46.67 -108.62 -16.13
N PRO N 1231 46.01 -109.11 -15.06
CA PRO N 1231 46.72 -109.25 -13.78
C PRO N 1231 47.74 -110.38 -13.76
N ILE N 1232 47.65 -111.32 -14.71
CA ILE N 1232 48.62 -112.42 -14.74
C ILE N 1232 50.00 -111.93 -15.17
N PHE N 1233 50.05 -111.08 -16.20
CA PHE N 1233 51.33 -110.56 -16.66
C PHE N 1233 51.88 -109.51 -15.70
N GLY N 1234 51.02 -108.63 -15.21
CA GLY N 1234 51.45 -107.58 -14.31
C GLY N 1234 52.27 -106.51 -15.01
N LEU N 1235 53.10 -105.84 -14.22
CA LEU N 1235 53.98 -104.79 -14.71
C LEU N 1235 55.39 -105.00 -14.19
N PRO N 1236 56.39 -104.49 -14.90
CA PRO N 1236 57.79 -104.64 -14.47
C PRO N 1236 58.08 -103.72 -13.29
N ARG N 1237 59.25 -103.92 -12.68
CA ARG N 1237 59.67 -103.09 -11.56
C ARG N 1237 59.96 -101.66 -12.01
N VAL N 1238 60.74 -101.52 -13.08
CA VAL N 1238 61.08 -100.20 -13.60
C VAL N 1238 61.47 -100.33 -15.08
N VAL N 1239 60.91 -99.46 -15.92
CA VAL N 1239 61.27 -99.35 -17.32
C VAL N 1239 61.84 -97.96 -17.53
N THR N 1240 63.14 -97.88 -17.82
CA THR N 1240 63.81 -96.60 -17.89
C THR N 1240 64.97 -96.69 -18.88
N THR N 1241 65.86 -95.71 -18.82
CA THR N 1241 67.02 -95.64 -19.69
C THR N 1241 68.24 -96.24 -19.00
N VAL N 1242 69.32 -96.38 -19.78
CA VAL N 1242 70.57 -96.92 -19.24
C VAL N 1242 71.21 -95.91 -18.28
N ASP N 1243 71.16 -94.63 -18.63
CA ASP N 1243 71.73 -93.60 -17.76
C ASP N 1243 70.93 -93.45 -16.48
N LYS N 1244 69.60 -93.56 -16.56
CA LYS N 1244 68.76 -93.47 -15.38
C LYS N 1244 68.86 -94.69 -14.48
N TYR N 1245 69.33 -95.82 -15.02
CA TYR N 1245 69.49 -97.05 -14.25
C TYR N 1245 70.88 -97.20 -13.65
N GLN N 1246 71.72 -96.17 -13.74
CA GLN N 1246 73.05 -96.24 -13.17
C GLN N 1246 72.98 -96.23 -11.65
N GLY N 1247 73.71 -97.16 -11.03
CA GLY N 1247 73.67 -97.33 -9.59
C GLY N 1247 72.69 -98.38 -9.10
N GLU N 1248 71.75 -98.80 -9.94
CA GLU N 1248 70.79 -99.83 -9.58
C GLU N 1248 71.15 -101.15 -10.24
N GLN N 1249 70.47 -102.21 -9.81
CA GLN N 1249 70.71 -103.55 -10.34
C GLN N 1249 69.42 -104.36 -10.25
N ASN N 1250 69.36 -105.43 -11.05
CA ASN N 1250 68.21 -106.32 -11.06
C ASN N 1250 68.67 -107.72 -11.43
N ASP N 1251 67.85 -108.70 -11.09
CA ASP N 1251 68.18 -110.09 -11.39
C ASP N 1251 68.08 -110.37 -12.89
N TYR N 1252 67.04 -109.87 -13.54
CA TYR N 1252 66.86 -110.01 -14.98
C TYR N 1252 66.65 -108.63 -15.59
N ILE N 1253 67.41 -108.34 -16.64
CA ILE N 1253 67.34 -107.04 -17.32
C ILE N 1253 67.18 -107.28 -18.82
N ILE N 1254 66.20 -106.61 -19.41
CA ILE N 1254 65.99 -106.63 -20.85
C ILE N 1254 66.36 -105.26 -21.38
N LEU N 1255 67.43 -105.21 -22.18
CA LEU N 1255 67.96 -103.97 -22.73
C LEU N 1255 67.67 -103.91 -24.22
N SER N 1256 67.20 -102.75 -24.68
CA SER N 1256 66.90 -102.51 -26.08
C SER N 1256 67.81 -101.41 -26.61
N LEU N 1257 68.57 -101.74 -27.66
CA LEU N 1257 69.48 -100.77 -28.27
C LEU N 1257 68.76 -99.75 -29.14
N THR N 1258 67.69 -100.18 -29.84
CA THR N 1258 66.87 -99.34 -30.72
C THR N 1258 67.70 -98.63 -31.79
N ARG N 1259 68.71 -99.33 -32.32
CA ARG N 1259 69.57 -98.79 -33.37
C ARG N 1259 69.56 -99.74 -34.56
N THR N 1260 69.36 -99.19 -35.75
CA THR N 1260 69.33 -99.97 -36.98
C THR N 1260 70.21 -99.44 -38.08
N THR N 1261 70.68 -98.18 -38.00
CA THR N 1261 71.52 -97.59 -39.03
C THR N 1261 72.90 -97.22 -38.50
N ARG N 1262 72.97 -96.56 -37.35
CA ARG N 1262 74.23 -96.15 -36.75
C ARG N 1262 74.22 -96.48 -35.27
N VAL N 1263 75.43 -96.62 -34.70
CA VAL N 1263 75.56 -96.92 -33.28
C VAL N 1263 75.08 -95.75 -32.44
N GLY N 1264 75.56 -94.55 -32.76
CA GLY N 1264 75.13 -93.36 -32.02
C GLY N 1264 75.69 -93.36 -30.61
N TYR N 1265 74.80 -93.13 -29.64
CA TYR N 1265 75.20 -93.07 -28.23
C TYR N 1265 75.66 -94.42 -27.70
N LEU N 1266 75.34 -95.51 -28.38
CA LEU N 1266 75.87 -96.82 -28.02
C LEU N 1266 77.34 -96.99 -28.43
N ARG N 1267 77.90 -96.05 -29.20
CA ARG N 1267 79.30 -96.13 -29.58
C ARG N 1267 80.24 -95.87 -28.41
N ASP N 1268 79.77 -95.20 -27.36
CA ASP N 1268 80.59 -94.96 -26.18
C ASP N 1268 80.77 -96.25 -25.40
N LEU N 1269 82.01 -96.51 -24.98
CA LEU N 1269 82.30 -97.73 -24.22
C LEU N 1269 81.74 -97.66 -22.81
N ARG N 1270 81.62 -96.46 -22.24
CA ARG N 1270 81.09 -96.31 -20.90
C ARG N 1270 79.62 -96.71 -20.83
N ARG N 1271 78.83 -96.33 -21.84
CA ARG N 1271 77.42 -96.71 -21.88
C ARG N 1271 77.26 -98.22 -22.04
N LEU N 1272 78.08 -98.84 -22.87
CA LEU N 1272 78.03 -100.29 -23.05
C LEU N 1272 78.44 -101.01 -21.77
N THR N 1273 79.45 -100.48 -21.07
CA THR N 1273 79.87 -101.09 -19.80
C THR N 1273 78.80 -100.94 -18.73
N VAL N 1274 78.10 -99.80 -18.72
CA VAL N 1274 77.02 -99.59 -17.75
C VAL N 1274 75.83 -100.50 -18.07
N ALA N 1275 75.54 -100.71 -19.36
CA ALA N 1275 74.44 -101.57 -19.73
C ALA N 1275 74.75 -103.04 -19.46
N LEU N 1276 76.02 -103.44 -19.66
CA LEU N 1276 76.39 -104.83 -19.44
C LEU N 1276 76.45 -105.17 -17.95
N SER N 1277 76.84 -104.22 -17.11
CA SER N 1277 76.95 -104.43 -15.67
C SER N 1277 75.64 -104.19 -14.94
N ARG N 1278 74.58 -103.78 -15.63
CA ARG N 1278 73.29 -103.52 -15.00
C ARG N 1278 72.50 -104.80 -14.71
N ALA N 1279 72.93 -105.94 -15.24
CA ALA N 1279 72.25 -107.21 -15.04
C ALA N 1279 73.09 -108.11 -14.14
N ARG N 1280 72.42 -108.86 -13.27
CA ARG N 1280 73.07 -109.76 -12.33
C ARG N 1280 73.06 -111.21 -12.79
N LEU N 1281 71.89 -111.74 -13.13
CA LEU N 1281 71.73 -113.13 -13.56
C LEU N 1281 71.35 -113.28 -15.02
N GLY N 1282 70.41 -112.48 -15.51
CA GLY N 1282 69.99 -112.60 -16.89
C GLY N 1282 70.00 -111.27 -17.63
N LEU N 1283 70.53 -111.28 -18.85
CA LEU N 1283 70.60 -110.08 -19.68
C LEU N 1283 70.10 -110.43 -21.08
N TYR N 1284 68.98 -109.83 -21.48
CA TYR N 1284 68.39 -110.02 -22.80
C TYR N 1284 68.63 -108.75 -23.62
N ILE N 1285 69.61 -108.79 -24.50
CA ILE N 1285 69.99 -107.63 -25.30
C ILE N 1285 69.34 -107.73 -26.67
N LEU N 1286 68.68 -106.65 -27.09
CA LEU N 1286 68.03 -106.59 -28.40
C LEU N 1286 68.64 -105.45 -29.20
N GLY N 1287 68.99 -105.73 -30.45
CA GLY N 1287 69.60 -104.72 -31.29
C GLY N 1287 69.91 -105.26 -32.66
N ARG N 1288 70.67 -104.49 -33.42
CA ARG N 1288 71.08 -104.88 -34.76
C ARG N 1288 72.43 -105.57 -34.71
N ARG N 1289 72.52 -106.76 -35.32
CA ARG N 1289 73.77 -107.50 -35.31
C ARG N 1289 74.82 -106.86 -36.20
N ALA N 1290 74.42 -106.38 -37.39
CA ALA N 1290 75.36 -105.78 -38.31
C ALA N 1290 75.89 -104.45 -37.80
N VAL N 1291 75.03 -103.65 -37.16
CA VAL N 1291 75.46 -102.35 -36.64
C VAL N 1291 76.41 -102.54 -35.47
N PHE N 1292 76.14 -103.53 -34.61
CA PHE N 1292 77.03 -103.81 -33.50
C PHE N 1292 78.34 -104.45 -33.94
N GLU N 1293 78.31 -105.25 -35.01
CA GLU N 1293 79.53 -105.88 -35.52
C GLU N 1293 80.41 -104.92 -36.29
N SER N 1294 79.83 -103.97 -37.01
CA SER N 1294 80.62 -103.01 -37.78
C SER N 1294 81.35 -102.01 -36.89
N CYS N 1295 80.86 -101.78 -35.68
CA CYS N 1295 81.51 -100.84 -34.76
C CYS N 1295 82.69 -101.52 -34.09
N TYR N 1296 83.89 -100.96 -34.28
CA TYR N 1296 85.10 -101.53 -33.71
C TYR N 1296 85.33 -101.09 -32.26
N GLU N 1297 84.59 -100.10 -31.77
CA GLU N 1297 84.75 -99.65 -30.39
C GLU N 1297 84.25 -100.70 -29.41
N LEU N 1298 83.09 -101.30 -29.69
CA LEU N 1298 82.50 -102.35 -28.87
C LEU N 1298 82.75 -103.73 -29.47
N ARG N 1299 83.92 -103.93 -30.07
CA ARG N 1299 84.21 -105.18 -30.78
C ARG N 1299 84.29 -106.36 -29.81
N ASP N 1300 84.85 -106.15 -28.62
CA ASP N 1300 84.94 -107.23 -27.65
C ASP N 1300 83.56 -107.66 -27.14
N ALA N 1301 82.71 -106.68 -26.83
CA ALA N 1301 81.35 -106.99 -26.38
C ALA N 1301 80.53 -107.62 -27.51
N PHE N 1302 80.71 -107.14 -28.74
CA PHE N 1302 80.01 -107.72 -29.88
C PHE N 1302 80.45 -109.15 -30.13
N SER N 1303 81.75 -109.42 -29.99
CA SER N 1303 82.25 -110.79 -30.16
C SER N 1303 81.75 -111.70 -29.04
N LEU N 1304 81.69 -111.19 -27.81
CA LEU N 1304 81.16 -111.98 -26.70
C LEU N 1304 79.67 -112.28 -26.89
N LEU N 1305 78.92 -111.31 -27.43
CA LEU N 1305 77.50 -111.54 -27.70
C LEU N 1305 77.31 -112.50 -28.86
N LEU N 1306 78.16 -112.42 -29.89
CA LEU N 1306 78.05 -113.29 -31.05
C LEU N 1306 78.62 -114.68 -30.81
N ARG N 1307 79.36 -114.88 -29.72
CA ARG N 1307 79.77 -116.23 -29.35
C ARG N 1307 78.56 -117.11 -29.02
N ARG N 1308 77.59 -116.55 -28.30
CA ARG N 1308 76.31 -117.20 -28.10
C ARG N 1308 75.46 -117.08 -29.37
N PRO N 1309 74.41 -117.88 -29.48
CA PRO N 1309 73.53 -117.79 -30.65
C PRO N 1309 72.78 -116.46 -30.70
N ASP N 1310 72.55 -116.00 -31.92
CA ASP N 1310 71.87 -114.72 -32.14
C ASP N 1310 70.36 -114.83 -32.05
N LYS N 1311 69.82 -116.04 -31.92
CA LYS N 1311 68.38 -116.25 -31.78
C LYS N 1311 68.05 -116.67 -30.36
N LEU N 1312 66.99 -116.10 -29.82
CA LEU N 1312 66.58 -116.41 -28.45
C LEU N 1312 66.02 -117.82 -28.37
N ALA N 1313 66.69 -118.69 -27.62
CA ALA N 1313 66.29 -120.07 -27.45
C ALA N 1313 65.58 -120.24 -26.11
N LEU N 1314 64.43 -120.90 -26.12
CA LEU N 1314 63.62 -121.11 -24.94
C LEU N 1314 63.53 -122.59 -24.62
N VAL N 1315 63.38 -122.89 -23.33
CA VAL N 1315 63.25 -124.26 -22.84
C VAL N 1315 61.80 -124.47 -22.42
N THR N 1316 61.12 -125.40 -23.08
CA THR N 1316 59.74 -125.69 -22.76
C THR N 1316 59.64 -126.55 -21.51
N GLY N 1317 58.56 -126.36 -20.75
CA GLY N 1317 58.33 -127.12 -19.54
C GLY N 1317 59.14 -126.67 -18.35
N GLU N 1318 59.80 -125.52 -18.43
CA GLU N 1318 60.61 -125.00 -17.34
C GLU N 1318 59.92 -123.80 -16.70
N LEU N 1319 59.79 -123.84 -15.38
CA LEU N 1319 59.15 -122.77 -14.63
C LEU N 1319 60.07 -122.31 -13.51
N TRP N 1320 59.95 -121.05 -13.13
CA TRP N 1320 60.78 -120.50 -12.08
C TRP N 1320 60.35 -121.05 -10.72
N PRO N 1321 61.29 -121.46 -9.87
CA PRO N 1321 62.75 -121.48 -10.06
C PRO N 1321 63.22 -122.70 -10.84
N SER N 1322 64.32 -122.55 -11.58
CA SER N 1322 64.85 -123.61 -12.43
C SER N 1322 66.01 -124.31 -11.74
N LYS N 1323 66.00 -125.63 -11.78
CA LYS N 1323 67.06 -126.44 -11.19
C LYS N 1323 68.19 -126.74 -12.17
N ARG N 1324 68.11 -126.24 -13.40
CA ARG N 1324 69.18 -126.44 -14.36
C ARG N 1324 70.41 -125.63 -13.98
N LEU N 1325 71.59 -126.23 -14.17
CA LEU N 1325 72.84 -125.61 -13.81
C LEU N 1325 73.65 -125.27 -15.05
N LEU N 1326 74.42 -124.18 -14.97
CA LEU N 1326 75.25 -123.76 -16.09
C LEU N 1326 76.48 -124.65 -16.27
N ALA N 1327 76.83 -125.43 -15.25
CA ALA N 1327 77.96 -126.36 -15.39
C ALA N 1327 77.65 -127.46 -16.39
N ASP N 1328 76.42 -127.99 -16.35
CA ASP N 1328 76.00 -129.01 -17.31
C ASP N 1328 75.58 -128.41 -18.65
N GLU N 1329 75.39 -127.10 -18.73
CA GLU N 1329 75.01 -126.43 -19.97
C GLU N 1329 76.19 -125.65 -20.57
N THR N 1330 77.42 -126.01 -20.21
CA THR N 1330 78.59 -125.33 -20.76
C THR N 1330 78.75 -125.61 -22.25
N ASP N 1331 78.44 -126.84 -22.68
CA ASP N 1331 78.54 -127.21 -24.09
C ASP N 1331 77.36 -126.62 -24.83
N ASP N 1332 77.58 -125.49 -25.52
CA ASP N 1332 76.51 -124.83 -26.25
C ASP N 1332 76.15 -125.56 -27.55
N THR N 1333 77.02 -126.43 -28.05
CA THR N 1333 76.73 -127.15 -29.28
C THR N 1333 75.70 -128.26 -29.07
N LYS N 1334 75.49 -128.71 -27.83
CA LYS N 1334 74.52 -129.75 -27.53
C LYS N 1334 73.18 -129.11 -27.25
N LYS N 1335 72.16 -129.51 -28.01
CA LYS N 1335 70.82 -128.97 -27.84
C LYS N 1335 70.15 -129.57 -26.61
N LEU N 1336 69.58 -128.71 -25.77
CA LEU N 1336 68.89 -129.16 -24.57
C LEU N 1336 67.53 -129.74 -24.93
N GLU N 1337 66.94 -130.47 -23.97
CA GLU N 1337 65.64 -131.06 -24.17
C GLU N 1337 64.56 -129.98 -24.16
N GLY N 1338 63.66 -130.05 -25.15
CA GLY N 1338 62.61 -129.04 -25.28
C GLY N 1338 63.12 -127.66 -25.64
N GLU N 1339 64.14 -127.58 -26.49
CA GLU N 1339 64.71 -126.30 -26.89
C GLU N 1339 64.03 -125.83 -28.18
N VAL N 1340 63.48 -124.62 -28.15
CA VAL N 1340 62.80 -124.03 -29.29
C VAL N 1340 63.50 -122.72 -29.64
N VAL N 1341 63.85 -122.56 -30.91
CA VAL N 1341 64.52 -121.36 -31.40
C VAL N 1341 63.48 -120.51 -32.13
N MET N 1342 63.28 -119.28 -31.66
CA MET N 1342 62.32 -118.38 -32.25
C MET N 1342 62.86 -117.82 -33.56
N GLU N 1343 61.93 -117.37 -34.43
CA GLU N 1343 62.29 -116.80 -35.71
C GLU N 1343 62.14 -115.29 -35.79
N GLY N 1344 61.43 -114.69 -34.84
CA GLY N 1344 61.26 -113.24 -34.87
C GLY N 1344 60.27 -112.81 -33.79
N VAL N 1345 59.79 -111.57 -33.95
CA VAL N 1345 58.84 -111.01 -32.99
C VAL N 1345 57.49 -111.71 -33.11
N GLU N 1346 57.09 -112.08 -34.32
CA GLU N 1346 55.77 -112.69 -34.53
C GLU N 1346 55.68 -114.07 -33.90
N HIS N 1347 56.72 -114.89 -34.06
CA HIS N 1347 56.70 -116.23 -33.47
C HIS N 1347 56.74 -116.17 -31.95
N LEU N 1348 57.53 -115.26 -31.38
CA LEU N 1348 57.57 -115.09 -29.93
C LEU N 1348 56.23 -114.58 -29.40
N GLY N 1349 55.59 -113.66 -30.14
CA GLY N 1349 54.28 -113.18 -29.73
C GLY N 1349 53.22 -114.26 -29.80
N GLN N 1350 53.26 -115.10 -30.83
CA GLN N 1350 52.32 -116.22 -30.93
C GLN N 1350 52.53 -117.23 -29.80
N TRP N 1351 53.80 -117.52 -29.48
CA TRP N 1351 54.10 -118.42 -28.37
C TRP N 1351 53.64 -117.84 -27.04
N VAL N 1352 53.83 -116.53 -26.84
CA VAL N 1352 53.39 -115.88 -25.62
C VAL N 1352 51.86 -115.87 -25.52
N PHE N 1353 51.18 -115.67 -26.65
CA PHE N 1353 49.73 -115.72 -26.66
C PHE N 1353 49.20 -117.12 -26.35
N GLU N 1354 49.85 -118.14 -26.90
CA GLU N 1354 49.46 -119.53 -26.60
C GLU N 1354 49.71 -119.86 -25.13
N MET N 1355 50.84 -119.40 -24.57
CA MET N 1355 51.12 -119.63 -23.16
C MET N 1355 50.12 -118.89 -22.27
N THR N 1356 49.75 -117.67 -22.66
CA THR N 1356 48.76 -116.92 -21.89
C THR N 1356 47.38 -117.57 -21.95
N LYS N 1357 47.00 -118.11 -23.12
CA LYS N 1357 45.74 -118.83 -23.24
C LYS N 1357 45.74 -120.10 -22.40
N THR N 1358 46.86 -120.83 -22.39
CA THR N 1358 46.98 -122.03 -21.57
C THR N 1358 46.91 -121.68 -20.08
N LYS N 1359 47.57 -120.59 -19.67
CA LYS N 1359 47.53 -120.17 -18.28
C LYS N 1359 46.13 -119.72 -17.88
N ILE N 1360 45.41 -119.04 -18.78
CA ILE N 1360 44.04 -118.61 -18.50
C ILE N 1360 43.12 -119.82 -18.38
N ALA N 1361 43.31 -120.83 -19.23
CA ALA N 1361 42.51 -122.05 -19.14
C ALA N 1361 42.80 -122.80 -17.84
N GLU N 1362 44.08 -122.85 -17.44
CA GLU N 1362 44.43 -123.50 -16.18
C GLU N 1362 43.86 -122.75 -14.98
N LEU N 1363 43.88 -121.42 -15.02
CA LEU N 1363 43.31 -120.63 -13.93
C LEU N 1363 41.79 -120.80 -13.87
N ARG N 1364 41.12 -120.87 -15.03
CA ARG N 1364 39.69 -121.09 -15.05
C ARG N 1364 39.33 -122.49 -14.54
N LYS N 1365 40.16 -123.49 -14.86
CA LYS N 1365 39.93 -124.83 -14.35
C LYS N 1365 40.16 -124.91 -12.84
N GLU N 1366 41.18 -124.20 -12.34
CA GLU N 1366 41.46 -124.22 -10.91
C GLU N 1366 40.39 -123.47 -10.12
N LYS N 1367 39.92 -122.33 -10.65
CA LYS N 1367 38.92 -121.54 -9.97
C LYS N 1367 37.49 -122.01 -10.23
N GLY N 1368 37.31 -122.98 -11.13
CA GLY N 1368 35.98 -123.48 -11.44
C GLY N 1368 35.20 -122.59 -12.39
N MET O 1 12.46 -6.71 -72.47
CA MET O 1 12.83 -5.34 -72.11
C MET O 1 13.14 -5.24 -70.61
N LEU O 2 12.64 -4.18 -69.98
CA LEU O 2 12.82 -3.97 -68.55
C LEU O 2 11.72 -3.07 -68.03
N CYS O 3 11.46 -3.17 -66.73
CA CYS O 3 10.48 -2.32 -66.07
C CYS O 3 11.11 -1.00 -65.67
N ALA O 4 10.28 0.05 -65.62
CA ALA O 4 10.77 1.37 -65.25
C ALA O 4 11.10 1.44 -63.77
N LEU O 5 10.21 0.91 -62.92
CA LEU O 5 10.39 1.00 -61.48
C LEU O 5 11.13 -0.22 -60.93
N SER O 6 10.69 -1.43 -61.29
CA SER O 6 11.33 -2.63 -60.79
C SER O 6 12.71 -2.84 -61.40
N GLY O 7 12.89 -2.47 -62.66
CA GLY O 7 14.17 -2.64 -63.32
C GLY O 7 14.45 -4.02 -63.87
N GLU O 8 13.47 -4.92 -63.81
CA GLU O 8 13.61 -6.27 -64.34
C GLU O 8 12.52 -6.52 -65.38
N ILE O 9 12.50 -7.74 -65.91
CA ILE O 9 11.49 -8.15 -66.88
C ILE O 9 10.17 -8.35 -66.15
N PRO O 10 9.12 -7.62 -66.51
CA PRO O 10 7.85 -7.73 -65.78
C PRO O 10 7.10 -9.00 -66.19
N GLU O 11 6.65 -9.75 -65.18
CA GLU O 11 5.87 -10.96 -65.46
C GLU O 11 4.48 -10.62 -65.99
N GLU O 12 3.88 -9.55 -65.47
CA GLU O 12 2.57 -9.08 -65.91
C GLU O 12 2.70 -7.59 -66.22
N PRO O 13 3.33 -7.24 -67.34
CA PRO O 13 3.56 -5.84 -67.64
C PRO O 13 2.27 -5.11 -68.03
N VAL O 14 2.23 -3.83 -67.71
CA VAL O 14 1.14 -2.96 -68.10
C VAL O 14 1.74 -1.66 -68.62
N VAL O 15 0.96 -0.96 -69.45
CA VAL O 15 1.40 0.27 -70.10
C VAL O 15 0.43 1.38 -69.75
N SER O 16 0.96 2.52 -69.32
CA SER O 16 0.13 3.69 -69.07
C SER O 16 -0.29 4.32 -70.40
N LYS O 17 -1.58 4.64 -70.51
CA LYS O 17 -2.10 5.22 -71.74
C LYS O 17 -1.67 6.66 -71.96
N LYS O 18 -1.17 7.34 -70.92
CA LYS O 18 -0.76 8.72 -71.03
C LYS O 18 0.74 8.85 -71.34
N THR O 19 1.58 8.07 -70.66
CA THR O 19 3.02 8.18 -70.80
C THR O 19 3.65 7.07 -71.63
N GLY O 20 3.01 5.91 -71.74
CA GLY O 20 3.60 4.82 -72.49
C GLY O 20 4.78 4.16 -71.83
N VAL O 21 4.88 4.25 -70.50
CA VAL O 21 5.98 3.65 -69.76
C VAL O 21 5.50 2.33 -69.18
N LEU O 22 6.19 1.25 -69.52
CA LEU O 22 5.82 -0.07 -69.01
C LEU O 22 6.17 -0.21 -67.54
N PHE O 23 5.35 -0.97 -66.81
CA PHE O 23 5.58 -1.18 -65.39
C PHE O 23 5.01 -2.54 -64.98
N GLU O 24 5.55 -3.07 -63.90
CA GLU O 24 4.99 -4.28 -63.31
C GLU O 24 3.64 -3.99 -62.69
N LYS O 25 2.77 -4.99 -62.67
CA LYS O 25 1.40 -4.80 -62.20
C LYS O 25 1.35 -4.53 -60.70
N ARG O 26 2.03 -5.37 -59.92
CA ARG O 26 1.95 -5.26 -58.46
C ARG O 26 2.67 -4.01 -57.96
N LEU O 27 3.84 -3.71 -58.51
CA LEU O 27 4.59 -2.53 -58.08
C LEU O 27 3.86 -1.25 -58.43
N ILE O 28 3.29 -1.17 -59.64
CA ILE O 28 2.54 0.02 -60.02
C ILE O 28 1.26 0.14 -59.20
N LEU O 29 0.63 -0.99 -58.87
CA LEU O 29 -0.57 -0.97 -58.03
C LEU O 29 -0.25 -0.44 -56.64
N LYS O 30 0.84 -0.91 -56.05
CA LYS O 30 1.25 -0.44 -54.73
C LYS O 30 1.65 1.02 -54.76
N TYR O 31 2.33 1.46 -55.83
CA TYR O 31 2.69 2.85 -55.96
C TYR O 31 1.47 3.75 -56.13
N LEU O 32 0.49 3.30 -56.92
CA LEU O 32 -0.73 4.07 -57.10
C LEU O 32 -1.53 4.15 -55.81
N GLU O 33 -1.50 3.08 -55.01
CA GLU O 33 -2.12 3.15 -53.69
C GLU O 33 -1.31 3.99 -52.72
N GLU O 34 -0.02 4.20 -53.01
CA GLU O 34 0.86 4.96 -52.14
C GLU O 34 1.13 6.38 -52.63
N HIS O 35 1.04 6.62 -53.94
CA HIS O 35 1.28 7.95 -54.50
C HIS O 35 0.00 8.57 -55.06
N ASN O 36 -1.16 8.12 -54.59
CA ASN O 36 -2.48 8.65 -54.99
C ASN O 36 -2.67 8.56 -56.52
N ASN O 37 -2.27 7.42 -57.09
CA ASN O 37 -2.42 7.12 -58.51
C ASN O 37 -1.73 8.16 -59.40
N ILE O 38 -0.51 8.53 -59.01
CA ILE O 38 0.32 9.46 -59.78
C ILE O 38 1.57 8.73 -60.23
N GLU O 39 1.89 8.85 -61.52
CA GLU O 39 3.05 8.15 -62.07
C GLU O 39 4.34 8.76 -61.53
N PRO O 40 5.42 7.97 -61.45
CA PRO O 40 6.69 8.51 -60.96
C PRO O 40 7.34 9.40 -62.00
N GLY O 41 7.80 10.58 -61.55
CA GLY O 41 8.43 11.53 -62.43
C GLY O 41 7.50 12.46 -63.17
N THR O 42 6.19 12.27 -63.02
CA THR O 42 5.20 13.11 -63.67
C THR O 42 4.13 13.51 -62.66
N THR O 43 3.61 14.73 -62.83
CA THR O 43 2.57 15.25 -61.96
C THR O 43 1.17 14.84 -62.41
N GLU O 44 1.06 14.15 -63.53
CA GLU O 44 -0.24 13.70 -64.01
C GLU O 44 -0.73 12.49 -63.22
N GLU O 45 -2.05 12.39 -63.09
CA GLU O 45 -2.67 11.28 -62.40
C GLU O 45 -3.12 10.23 -63.40
N LEU O 46 -2.74 8.98 -63.16
CA LEU O 46 -3.08 7.86 -64.03
C LEU O 46 -4.13 7.00 -63.35
N ASP O 47 -5.21 6.71 -64.07
CA ASP O 47 -6.28 5.89 -63.52
C ASP O 47 -5.85 4.43 -63.45
N PRO O 48 -5.92 3.79 -62.29
CA PRO O 48 -5.49 2.38 -62.20
C PRO O 48 -6.39 1.42 -62.96
N GLU O 49 -7.62 1.81 -63.27
CA GLU O 49 -8.54 0.94 -63.99
C GLU O 49 -8.74 1.35 -65.45
N THR O 50 -8.33 2.56 -65.82
CA THR O 50 -8.55 3.07 -67.17
C THR O 50 -7.25 3.35 -67.91
N ASP O 51 -6.31 4.06 -67.28
CA ASP O 51 -5.08 4.45 -67.97
C ASP O 51 -4.11 3.29 -68.15
N LEU O 52 -4.27 2.20 -67.40
CA LEU O 52 -3.37 1.07 -67.51
C LEU O 52 -3.95 0.02 -68.45
N LEU O 53 -3.16 -0.43 -69.41
CA LEU O 53 -3.56 -1.43 -70.37
C LEU O 53 -2.60 -2.62 -70.30
N PRO O 54 -3.11 -3.85 -70.22
CA PRO O 54 -2.22 -5.01 -70.22
C PRO O 54 -1.57 -5.23 -71.57
N ILE O 55 -0.42 -5.89 -71.55
CA ILE O 55 0.33 -6.23 -72.75
C ILE O 55 0.24 -7.72 -72.96
N LYS O 56 -0.22 -8.12 -74.15
CA LYS O 56 -0.38 -9.53 -74.49
C LYS O 56 0.57 -9.88 -75.63
N THR O 57 1.25 -11.01 -75.49
CA THR O 57 2.20 -11.49 -76.50
C THR O 57 1.68 -12.81 -77.05
N SER O 58 1.06 -12.74 -78.23
CA SER O 58 0.54 -13.95 -78.87
C SER O 58 1.69 -14.80 -79.39
N ARG O 59 1.58 -16.11 -79.21
CA ARG O 59 2.61 -17.05 -79.62
C ARG O 59 2.30 -17.66 -81.00
N VAL O 60 1.59 -16.92 -81.85
CA VAL O 60 1.28 -17.43 -83.19
C VAL O 60 2.53 -17.52 -84.04
N VAL O 61 3.36 -16.48 -84.02
CA VAL O 61 4.60 -16.50 -84.78
C VAL O 61 5.64 -17.34 -84.05
N ARG O 62 6.64 -17.79 -84.79
CA ARG O 62 7.73 -18.56 -84.19
C ARG O 62 8.57 -17.66 -83.30
N PRO O 63 8.82 -18.04 -82.05
CA PRO O 63 9.57 -17.15 -81.15
C PRO O 63 11.04 -17.05 -81.51
N ARG O 64 11.44 -15.92 -82.07
CA ARG O 64 12.84 -15.71 -82.44
C ARG O 64 13.60 -15.18 -81.24
N PRO O 65 14.67 -15.86 -80.80
CA PRO O 65 15.48 -15.33 -79.72
C PRO O 65 16.20 -14.06 -80.15
N PRO O 66 16.40 -13.11 -79.24
CA PRO O 66 17.07 -11.84 -79.62
C PRO O 66 18.59 -11.96 -79.62
N ASN O 67 19.11 -12.87 -80.43
CA ASN O 67 20.54 -13.09 -80.57
C ASN O 67 21.09 -12.21 -81.69
N PHE O 68 22.43 -12.09 -81.71
CA PHE O 68 23.09 -11.28 -82.73
C PHE O 68 23.04 -11.95 -84.10
N THR O 69 22.77 -13.26 -84.16
CA THR O 69 22.68 -13.97 -85.42
C THR O 69 21.31 -13.86 -86.07
N SER O 70 20.37 -13.17 -85.44
CA SER O 70 19.05 -12.98 -86.03
C SER O 70 19.14 -12.08 -87.25
N ILE O 71 18.23 -12.34 -88.22
CA ILE O 71 18.26 -11.60 -89.48
C ILE O 71 17.99 -10.11 -89.27
N PRO O 72 16.95 -9.70 -88.54
CA PRO O 72 16.82 -8.27 -88.21
C PRO O 72 17.97 -7.75 -87.37
N SER O 73 18.51 -8.57 -86.47
CA SER O 73 19.67 -8.17 -85.70
C SER O 73 20.90 -8.03 -86.58
N LEU O 74 21.08 -8.94 -87.54
CA LEU O 74 22.19 -8.81 -88.47
C LEU O 74 22.05 -7.57 -89.35
N LEU O 75 20.81 -7.26 -89.76
CA LEU O 75 20.58 -6.05 -90.54
C LEU O 75 20.87 -4.79 -89.72
N LYS O 76 20.46 -4.77 -88.46
CA LYS O 76 20.74 -3.64 -87.59
C LYS O 76 22.24 -3.48 -87.34
N ALA O 77 22.93 -4.60 -87.14
CA ALA O 77 24.38 -4.54 -86.93
C ALA O 77 25.11 -4.08 -88.18
N PHE O 78 24.67 -4.54 -89.36
CA PHE O 78 25.26 -4.07 -90.60
C PHE O 78 25.00 -2.58 -90.83
N GLN O 79 23.80 -2.12 -90.50
CA GLN O 79 23.49 -0.69 -90.62
C GLN O 79 24.34 0.14 -89.66
N ASP O 80 24.52 -0.33 -88.43
CA ASP O 80 25.35 0.37 -87.47
C ASP O 80 26.81 0.40 -87.90
N GLU O 81 27.32 -0.72 -88.42
CA GLU O 81 28.69 -0.78 -88.91
C GLU O 81 28.89 0.14 -90.11
N TRP O 82 27.92 0.17 -91.03
CA TRP O 82 28.01 1.06 -92.17
C TRP O 82 27.96 2.53 -91.75
N ASP O 83 27.11 2.86 -90.77
CA ASP O 83 27.04 4.23 -90.27
C ASP O 83 28.34 4.64 -89.58
N ALA O 84 28.92 3.73 -88.79
CA ALA O 84 30.19 4.02 -88.13
C ALA O 84 31.33 4.18 -89.14
N LEU O 85 31.35 3.33 -90.16
CA LEU O 85 32.36 3.43 -91.21
C LEU O 85 32.19 4.73 -92.00
N VAL O 86 30.94 5.13 -92.25
CA VAL O 86 30.68 6.37 -92.97
C VAL O 86 31.13 7.58 -92.15
N LEU O 87 30.86 7.55 -90.83
CA LEU O 87 31.31 8.64 -89.97
C LEU O 87 32.83 8.70 -89.89
N GLU O 88 33.49 7.54 -89.80
CA GLU O 88 34.94 7.51 -89.77
C GLU O 88 35.53 8.01 -91.08
N THR O 89 34.92 7.62 -92.20
CA THR O 89 35.39 8.09 -93.51
C THR O 89 35.16 9.58 -93.67
N TYR O 90 34.05 10.11 -93.16
CA TYR O 90 33.80 11.55 -93.23
C TYR O 90 34.80 12.33 -92.40
N THR O 91 35.11 11.83 -91.18
CA THR O 91 36.11 12.49 -90.35
C THR O 91 37.49 12.42 -90.98
N THR O 92 37.84 11.27 -91.57
CA THR O 92 39.14 11.13 -92.22
C THR O 92 39.23 12.01 -93.47
N ARG O 93 38.13 12.14 -94.21
CA ARG O 93 38.13 13.00 -95.39
C ARG O 93 38.22 14.47 -95.00
N GLU O 94 37.57 14.87 -93.91
CA GLU O 94 37.69 16.23 -93.42
C GLU O 94 39.11 16.53 -92.97
N GLN O 95 39.73 15.57 -92.26
CA GLN O 95 41.12 15.74 -91.84
C GLN O 95 42.06 15.79 -93.03
N LEU O 96 41.80 14.97 -94.05
CA LEU O 96 42.63 14.95 -95.24
C LEU O 96 42.48 16.24 -96.05
N ALA O 97 41.26 16.79 -96.13
CA ALA O 97 41.05 18.06 -96.81
C ALA O 97 41.73 19.20 -96.07
N ARG O 98 41.65 19.20 -94.74
CA ARG O 98 42.36 20.21 -93.95
C ARG O 98 43.87 20.09 -94.12
N VAL O 99 44.38 18.86 -94.15
CA VAL O 99 45.81 18.64 -94.33
C VAL O 99 46.25 19.05 -95.72
N ARG O 100 45.41 18.82 -96.73
CA ARG O 100 45.75 19.21 -98.10
C ARG O 100 45.75 20.72 -98.26
N GLU O 101 44.77 21.41 -97.64
CA GLU O 101 44.75 22.86 -97.67
C GLU O 101 45.95 23.45 -96.94
N GLU O 102 46.29 22.86 -95.79
CA GLU O 102 47.47 23.31 -95.05
C GLU O 102 48.75 23.06 -95.82
N LEU O 103 48.84 21.93 -96.53
CA LEU O 103 50.02 21.62 -97.33
C LEU O 103 50.13 22.55 -98.53
N ALA O 104 48.99 22.91 -99.15
CA ALA O 104 49.03 23.87 -100.26
C ALA O 104 49.45 25.26 -99.78
N THR O 105 48.92 25.69 -98.64
CA THR O 105 49.35 26.97 -98.07
C THR O 105 50.82 26.94 -97.68
N ALA O 106 51.29 25.82 -97.14
CA ALA O 106 52.69 25.67 -96.78
C ALA O 106 53.57 25.66 -98.02
N LEU O 107 53.10 25.07 -99.12
CA LEU O 107 53.88 25.07 -100.36
C LEU O 107 53.97 26.47 -100.95
N TYR O 108 52.87 27.22 -100.93
CA TYR O 108 52.91 28.61 -101.41
C TYR O 108 53.81 29.46 -100.54
N GLN O 109 53.72 29.30 -99.21
CA GLN O 109 54.60 30.03 -98.31
C GLN O 109 56.05 29.61 -98.46
N HIS O 110 56.30 28.34 -98.77
CA HIS O 110 57.66 27.86 -98.98
C HIS O 110 58.24 28.40 -100.28
N ASP O 111 57.41 28.52 -101.33
CA ASP O 111 57.86 29.16 -102.56
C ASP O 111 58.19 30.63 -102.35
N ALA O 112 57.32 31.34 -101.61
CA ALA O 112 57.59 32.75 -101.30
C ALA O 112 58.83 32.90 -100.44
N ALA O 113 59.01 32.00 -99.46
CA ALA O 113 60.18 32.04 -98.60
C ALA O 113 61.45 31.67 -99.36
N VAL O 114 61.36 30.78 -100.35
CA VAL O 114 62.52 30.43 -101.15
C VAL O 114 62.91 31.60 -102.05
N ARG O 115 61.93 32.31 -102.60
CA ARG O 115 62.22 33.51 -103.38
C ARG O 115 62.85 34.59 -102.49
N VAL O 116 62.32 34.78 -101.29
CA VAL O 116 62.87 35.77 -100.36
C VAL O 116 64.27 35.36 -99.91
N ILE O 117 64.51 34.06 -99.74
CA ILE O 117 65.82 33.57 -99.33
C ILE O 117 66.83 33.75 -100.44
N ALA O 118 66.42 33.51 -101.69
CA ALA O 118 67.31 33.76 -102.82
C ALA O 118 67.65 35.25 -102.95
N ARG O 119 66.64 36.11 -102.76
CA ARG O 119 66.89 37.55 -102.80
C ARG O 119 67.81 37.99 -101.66
N LEU O 120 67.61 37.44 -100.47
CA LEU O 120 68.46 37.78 -99.33
C LEU O 120 69.88 37.25 -99.52
N THR O 121 70.02 36.07 -100.11
CA THR O 121 71.35 35.53 -100.40
C THR O 121 72.07 36.38 -101.44
N ARG O 122 71.36 36.83 -102.47
CA ARG O 122 71.96 37.72 -103.46
C ARG O 122 72.38 39.05 -102.84
N GLU O 123 71.52 39.60 -101.96
CA GLU O 123 71.86 40.85 -101.28
C GLU O 123 73.05 40.68 -100.35
N ARG O 124 73.12 39.54 -99.64
CA ARG O 124 74.23 39.28 -98.74
C ARG O 124 75.54 39.08 -99.53
N ASP O 125 75.46 38.39 -100.67
CA ASP O 125 76.64 38.23 -101.51
C ASP O 125 77.12 39.57 -102.07
N GLU O 126 76.18 40.42 -102.49
CA GLU O 126 76.56 41.75 -102.98
C GLU O 126 77.18 42.59 -101.87
N ALA O 127 76.61 42.52 -100.66
CA ALA O 127 77.15 43.27 -99.53
C ALA O 127 78.54 42.76 -99.14
N ARG O 128 78.74 41.44 -99.19
CA ARG O 128 80.05 40.86 -98.90
C ARG O 128 81.08 41.27 -99.95
N GLU O 129 80.68 41.29 -101.22
CA GLU O 129 81.58 41.74 -102.28
C GLU O 129 81.93 43.21 -102.12
N ALA O 130 80.94 44.04 -101.75
CA ALA O 130 81.20 45.45 -101.52
C ALA O 130 82.12 45.67 -100.33
N LEU O 131 81.93 44.89 -99.26
CA LEU O 131 82.79 45.00 -98.09
C LEU O 131 84.22 44.55 -98.41
N ALA O 132 84.36 43.49 -99.21
CA ALA O 132 85.69 43.04 -99.63
C ALA O 132 86.38 44.07 -100.50
N ARG O 133 85.63 44.70 -101.41
CA ARG O 133 86.19 45.75 -102.26
C ARG O 133 86.60 46.96 -101.43
N LEU O 134 85.80 47.33 -100.43
CA LEU O 134 86.14 48.45 -99.57
C LEU O 134 87.37 48.14 -98.71
N THR O 135 87.49 46.90 -98.25
CA THR O 135 88.65 46.50 -97.46
C THR O 135 89.91 46.46 -98.31
N VAL O 136 89.79 46.02 -99.56
CA VAL O 136 90.95 45.98 -100.46
C VAL O 136 91.36 47.39 -100.85
N THR O 137 90.41 48.25 -101.18
CA THR O 137 90.73 49.63 -101.56
C THR O 137 91.12 50.48 -100.35
N GLY O 138 90.58 50.16 -99.18
CA GLY O 138 90.88 50.92 -97.98
C GLY O 138 92.20 50.55 -97.35
N ALA O 139 93.30 50.91 -98.00
CA ALA O 139 94.63 50.60 -97.49
C ALA O 139 95.09 51.68 -96.50
N MET P 1 18.07 15.54 -103.92
CA MET P 1 19.46 15.86 -103.60
C MET P 1 20.09 14.75 -102.77
N LEU P 2 21.41 14.84 -102.58
CA LEU P 2 22.17 13.87 -101.82
C LEU P 2 22.58 14.44 -100.48
N CYS P 3 22.73 13.56 -99.49
CA CYS P 3 23.17 13.97 -98.16
C CYS P 3 24.63 14.41 -98.20
N ALA P 4 24.95 15.42 -97.38
CA ALA P 4 26.29 15.96 -97.38
C ALA P 4 27.29 15.01 -96.72
N LEU P 5 26.85 14.27 -95.71
CA LEU P 5 27.77 13.40 -94.98
C LEU P 5 28.12 12.14 -95.77
N SER P 6 27.16 11.62 -96.54
CA SER P 6 27.34 10.35 -97.23
C SER P 6 27.49 10.48 -98.74
N GLY P 7 27.04 11.57 -99.34
CA GLY P 7 27.10 11.72 -100.78
C GLY P 7 25.97 11.06 -101.54
N GLU P 8 25.05 10.40 -100.85
CA GLU P 8 23.91 9.73 -101.46
C GLU P 8 22.61 10.35 -100.94
N ILE P 9 21.52 10.07 -101.63
CA ILE P 9 20.21 10.61 -101.27
C ILE P 9 19.72 9.90 -100.01
N PRO P 10 19.46 10.63 -98.93
CA PRO P 10 18.95 9.99 -97.72
C PRO P 10 17.48 9.63 -97.86
N GLU P 11 17.07 8.60 -97.11
CA GLU P 11 15.66 8.20 -97.11
C GLU P 11 14.81 9.21 -96.37
N GLU P 12 15.28 9.69 -95.23
CA GLU P 12 14.58 10.70 -94.43
C GLU P 12 15.56 11.82 -94.10
N PRO P 13 15.83 12.69 -95.06
CA PRO P 13 16.81 13.75 -94.84
C PRO P 13 16.27 14.91 -94.02
N VAL P 14 17.20 15.62 -93.38
CA VAL P 14 16.92 16.81 -92.62
C VAL P 14 17.85 17.92 -93.09
N VAL P 15 17.42 19.16 -92.86
CA VAL P 15 18.15 20.33 -93.33
C VAL P 15 18.47 21.21 -92.14
N SER P 16 19.71 21.67 -92.06
CA SER P 16 20.11 22.63 -91.03
C SER P 16 19.53 24.00 -91.34
N LYS P 17 19.13 24.72 -90.29
CA LYS P 17 18.52 26.04 -90.48
C LYS P 17 19.55 27.14 -90.69
N LYS P 18 20.83 26.86 -90.53
CA LYS P 18 21.88 27.86 -90.68
C LYS P 18 22.51 27.86 -92.07
N THR P 19 23.05 26.72 -92.50
CA THR P 19 23.72 26.62 -93.79
C THR P 19 22.85 26.00 -94.87
N GLY P 20 21.75 25.35 -94.50
CA GLY P 20 20.90 24.68 -95.48
C GLY P 20 21.56 23.48 -96.15
N VAL P 21 22.24 22.65 -95.38
CA VAL P 21 22.93 21.46 -95.89
C VAL P 21 22.12 20.23 -95.51
N LEU P 22 21.74 19.45 -96.52
CA LEU P 22 20.95 18.24 -96.28
C LEU P 22 21.84 17.14 -95.70
N PHE P 23 21.27 16.36 -94.79
CA PHE P 23 21.99 15.26 -94.16
C PHE P 23 20.99 14.22 -93.68
N GLU P 24 21.52 13.10 -93.20
CA GLU P 24 20.71 12.06 -92.59
C GLU P 24 20.56 12.34 -91.10
N LYS P 25 19.40 11.98 -90.56
CA LYS P 25 19.10 12.29 -89.16
C LYS P 25 19.97 11.47 -88.21
N ARG P 26 20.05 10.16 -88.44
CA ARG P 26 20.84 9.29 -87.55
C ARG P 26 22.33 9.60 -87.65
N LEU P 27 22.81 9.86 -88.87
CA LEU P 27 24.23 10.18 -89.05
C LEU P 27 24.58 11.50 -88.38
N ILE P 28 23.71 12.51 -88.51
CA ILE P 28 23.98 13.80 -87.87
C ILE P 28 23.90 13.69 -86.36
N LEU P 29 22.97 12.86 -85.85
CA LEU P 29 22.88 12.65 -84.41
C LEU P 29 24.13 11.96 -83.88
N LYS P 30 24.62 10.95 -84.60
CA LYS P 30 25.84 10.25 -84.18
C LYS P 30 27.05 11.17 -84.26
N TYR P 31 27.12 12.02 -85.28
CA TYR P 31 28.22 12.96 -85.39
C TYR P 31 28.18 14.01 -84.28
N LEU P 32 26.98 14.47 -83.92
CA LEU P 32 26.85 15.42 -82.81
C LEU P 32 27.21 14.78 -81.48
N GLU P 33 26.87 13.49 -81.32
CA GLU P 33 27.26 12.77 -80.11
C GLU P 33 28.77 12.57 -80.03
N GLU P 34 29.40 12.27 -81.17
CA GLU P 34 30.84 12.00 -81.16
C GLU P 34 31.66 13.28 -81.05
N HIS P 35 31.21 14.37 -81.68
CA HIS P 35 31.96 15.61 -81.73
C HIS P 35 31.46 16.63 -80.72
N ASN P 36 30.58 16.23 -79.80
CA ASN P 36 30.02 17.08 -78.74
C ASN P 36 29.32 18.31 -79.31
N ASN P 37 28.26 18.04 -80.10
CA ASN P 37 27.39 19.05 -80.71
C ASN P 37 28.19 20.01 -81.61
N ILE P 38 28.78 19.44 -82.65
CA ILE P 38 29.52 20.19 -83.65
C ILE P 38 28.96 19.85 -85.02
N GLU P 39 28.59 20.88 -85.78
CA GLU P 39 28.02 20.66 -87.11
C GLU P 39 29.10 20.18 -88.07
N PRO P 40 28.72 19.37 -89.07
CA PRO P 40 29.70 18.90 -90.04
C PRO P 40 30.06 20.01 -91.04
N GLY P 41 31.37 20.21 -91.23
CA GLY P 41 31.88 21.20 -92.14
C GLY P 41 32.10 22.57 -91.53
N THR P 42 31.65 22.79 -90.29
CA THR P 42 31.82 24.07 -89.61
C THR P 42 32.11 23.81 -88.14
N THR P 43 32.26 24.90 -87.38
CA THR P 43 32.47 24.82 -85.94
C THR P 43 31.27 25.27 -85.13
N GLU P 44 30.22 25.78 -85.78
CA GLU P 44 29.03 26.21 -85.06
C GLU P 44 28.24 25.01 -84.56
N GLU P 45 27.49 25.22 -83.48
CA GLU P 45 26.66 24.18 -82.90
C GLU P 45 25.22 24.37 -83.34
N LEU P 46 24.68 23.35 -84.00
CA LEU P 46 23.29 23.35 -84.46
C LEU P 46 22.52 22.30 -83.68
N ASP P 47 21.45 22.73 -83.02
CA ASP P 47 20.63 21.80 -82.25
C ASP P 47 19.77 20.96 -83.18
N PRO P 48 19.86 19.63 -83.12
CA PRO P 48 19.02 18.80 -84.01
C PRO P 48 17.54 18.92 -83.72
N GLU P 49 17.15 19.32 -82.51
CA GLU P 49 15.73 19.50 -82.20
C GLU P 49 15.19 20.77 -82.84
N THR P 50 16.01 21.80 -82.96
CA THR P 50 15.57 23.11 -83.45
C THR P 50 16.17 23.46 -84.81
N ASP P 51 17.50 23.44 -84.93
CA ASP P 51 18.15 23.86 -86.17
C ASP P 51 17.99 22.86 -87.30
N LEU P 52 17.67 21.59 -87.00
CA LEU P 52 17.46 20.58 -88.01
C LEU P 52 15.96 20.40 -88.22
N LEU P 53 15.52 20.59 -89.46
CA LEU P 53 14.12 20.47 -89.82
C LEU P 53 13.95 19.37 -90.85
N PRO P 54 12.96 18.50 -90.70
CA PRO P 54 12.73 17.44 -91.71
C PRO P 54 12.08 18.01 -92.95
N ILE P 55 12.19 17.25 -94.03
CA ILE P 55 11.60 17.60 -95.32
C ILE P 55 10.52 16.58 -95.64
N LYS P 56 9.30 17.05 -95.84
CA LYS P 56 8.15 16.19 -96.15
C LYS P 56 7.95 16.19 -97.65
N THR P 57 8.38 15.10 -98.30
CA THR P 57 8.27 14.96 -99.74
C THR P 57 7.97 13.51 -100.08
N SER P 58 7.59 13.27 -101.33
CA SER P 58 7.32 11.92 -101.79
C SER P 58 8.61 11.12 -101.89
N ARG P 59 8.49 9.82 -101.62
CA ARG P 59 9.65 8.93 -101.67
C ARG P 59 10.08 8.70 -103.10
N VAL P 60 11.38 8.81 -103.35
CA VAL P 60 11.93 8.60 -104.69
C VAL P 60 12.02 7.10 -104.94
N VAL P 61 11.42 6.64 -106.03
CA VAL P 61 11.38 5.22 -106.35
C VAL P 61 12.70 4.85 -107.03
N ARG P 62 13.49 4.03 -106.37
CA ARG P 62 14.75 3.55 -106.94
C ARG P 62 14.47 2.45 -107.95
N PRO P 63 14.96 2.57 -109.18
CA PRO P 63 14.71 1.52 -110.18
C PRO P 63 15.52 0.27 -109.87
N ARG P 64 14.82 -0.78 -109.45
CA ARG P 64 15.49 -2.04 -109.14
C ARG P 64 15.94 -2.72 -110.42
N PRO P 65 17.22 -3.07 -110.55
CA PRO P 65 17.68 -3.74 -111.77
C PRO P 65 17.13 -5.16 -111.85
N PRO P 66 17.01 -5.70 -113.07
CA PRO P 66 16.55 -7.09 -113.20
C PRO P 66 17.50 -8.12 -112.62
N ASN P 67 18.77 -7.78 -112.43
CA ASN P 67 19.72 -8.70 -111.80
C ASN P 67 19.41 -8.91 -110.33
N PHE P 68 18.86 -7.90 -109.67
CA PHE P 68 18.52 -8.00 -108.24
C PHE P 68 17.14 -8.59 -108.02
N THR P 69 16.90 -9.76 -108.62
CA THR P 69 15.64 -10.48 -108.47
C THR P 69 15.83 -11.82 -107.78
N SER P 70 17.02 -12.08 -107.23
CA SER P 70 17.31 -13.33 -106.53
C SER P 70 18.12 -13.01 -105.29
N ILE P 71 18.04 -13.93 -104.31
CA ILE P 71 18.81 -13.77 -103.08
C ILE P 71 20.31 -13.82 -103.35
N PRO P 72 20.83 -14.75 -104.16
CA PRO P 72 22.30 -14.82 -104.31
C PRO P 72 22.88 -13.67 -105.10
N SER P 73 22.18 -13.20 -106.15
CA SER P 73 22.68 -12.06 -106.92
C SER P 73 22.67 -10.79 -106.08
N LEU P 74 21.60 -10.57 -105.30
CA LEU P 74 21.55 -9.40 -104.41
C LEU P 74 22.62 -9.50 -103.32
N LEU P 75 22.86 -10.70 -102.80
CA LEU P 75 23.90 -10.89 -101.79
C LEU P 75 25.28 -10.61 -102.38
N LYS P 76 25.53 -11.06 -103.61
CA LYS P 76 26.81 -10.78 -104.26
C LYS P 76 26.98 -9.29 -104.53
N ALA P 77 25.89 -8.61 -104.94
CA ALA P 77 25.96 -7.17 -105.17
C ALA P 77 26.24 -6.41 -103.88
N PHE P 78 25.59 -6.82 -102.78
CA PHE P 78 25.83 -6.18 -101.49
C PHE P 78 27.26 -6.44 -101.00
N GLN P 79 27.77 -7.65 -101.21
CA GLN P 79 29.14 -7.97 -100.83
C GLN P 79 30.14 -7.15 -101.65
N ASP P 80 29.87 -6.99 -102.95
CA ASP P 80 30.74 -6.17 -103.80
C ASP P 80 30.70 -4.71 -103.37
N GLU P 81 29.52 -4.20 -103.02
CA GLU P 81 29.41 -2.82 -102.55
C GLU P 81 30.14 -2.62 -101.22
N TRP P 82 30.02 -3.58 -100.30
CA TRP P 82 30.72 -3.49 -99.03
C TRP P 82 32.23 -3.57 -99.21
N ASP P 83 32.70 -4.44 -100.11
CA ASP P 83 34.13 -4.53 -100.39
C ASP P 83 34.66 -3.26 -101.03
N ALA P 84 33.87 -2.66 -101.93
CA ALA P 84 34.26 -1.40 -102.55
C ALA P 84 34.31 -0.27 -101.52
N LEU P 85 33.35 -0.24 -100.59
CA LEU P 85 33.36 0.77 -99.54
C LEU P 85 34.55 0.59 -98.61
N VAL P 86 34.88 -0.66 -98.27
CA VAL P 86 36.03 -0.91 -97.40
C VAL P 86 37.33 -0.53 -98.08
N LEU P 87 37.47 -0.84 -99.37
CA LEU P 87 38.65 -0.45 -100.13
C LEU P 87 38.75 1.06 -100.25
N GLU P 88 37.61 1.73 -100.44
CA GLU P 88 37.60 3.19 -100.52
C GLU P 88 38.01 3.82 -99.18
N THR P 89 37.54 3.26 -98.07
CA THR P 89 37.92 3.76 -96.76
C THR P 89 39.41 3.55 -96.48
N TYR P 90 39.94 2.37 -96.85
CA TYR P 90 41.36 2.11 -96.67
C TYR P 90 42.21 3.03 -97.54
N THR P 91 41.78 3.26 -98.78
CA THR P 91 42.50 4.17 -99.68
C THR P 91 42.44 5.60 -99.15
N THR P 92 41.29 6.01 -98.59
CA THR P 92 41.17 7.34 -98.02
C THR P 92 42.09 7.50 -96.81
N ARG P 93 42.18 6.46 -95.97
CA ARG P 93 43.09 6.51 -94.83
C ARG P 93 44.55 6.59 -95.26
N GLU P 94 44.92 5.80 -96.27
CA GLU P 94 46.29 5.84 -96.78
C GLU P 94 46.61 7.19 -97.43
N GLN P 95 45.65 7.75 -98.17
CA GLN P 95 45.86 9.06 -98.79
C GLN P 95 45.95 10.16 -97.75
N LEU P 96 45.16 10.07 -96.67
CA LEU P 96 45.27 11.03 -95.58
C LEU P 96 46.62 10.94 -94.88
N ALA P 97 47.12 9.70 -94.70
CA ALA P 97 48.44 9.53 -94.10
C ALA P 97 49.53 10.10 -95.00
N ARG P 98 49.43 9.86 -96.32
CA ARG P 98 50.41 10.41 -97.25
C ARG P 98 50.35 11.93 -97.30
N VAL P 99 49.14 12.50 -97.25
CA VAL P 99 48.99 13.94 -97.26
C VAL P 99 49.53 14.55 -95.98
N ARG P 100 49.34 13.87 -94.85
CA ARG P 100 49.91 14.34 -93.58
C ARG P 100 51.43 14.29 -93.62
N GLU P 101 52.01 13.24 -94.20
CA GLU P 101 53.47 13.16 -94.32
C GLU P 101 54.01 14.26 -95.24
N GLU P 102 53.31 14.51 -96.35
CA GLU P 102 53.72 15.56 -97.27
C GLU P 102 53.61 16.94 -96.63
N LEU P 103 52.53 17.17 -95.87
CA LEU P 103 52.38 18.44 -95.17
C LEU P 103 53.43 18.61 -94.08
N ALA P 104 53.81 17.51 -93.41
CA ALA P 104 54.88 17.59 -92.42
C ALA P 104 56.22 17.92 -93.07
N THR P 105 56.49 17.31 -94.23
CA THR P 105 57.72 17.64 -94.95
C THR P 105 57.72 19.09 -95.42
N ALA P 106 56.57 19.57 -95.89
CA ALA P 106 56.45 20.97 -96.33
C ALA P 106 56.61 21.92 -95.16
N LEU P 107 56.08 21.56 -93.98
CA LEU P 107 56.23 22.41 -92.81
C LEU P 107 57.67 22.43 -92.32
N TYR P 108 58.36 21.28 -92.40
CA TYR P 108 59.78 21.23 -92.05
C TYR P 108 60.60 22.10 -93.00
N GLN P 109 60.29 22.04 -94.30
CA GLN P 109 60.97 22.88 -95.28
C GLN P 109 60.69 24.36 -95.04
N HIS P 110 59.45 24.69 -94.66
CA HIS P 110 59.09 26.09 -94.39
C HIS P 110 59.78 26.62 -93.14
N ASP P 111 59.87 25.79 -92.09
CA ASP P 111 60.59 26.20 -90.89
C ASP P 111 62.08 26.35 -91.17
N ALA P 112 62.64 25.46 -91.99
CA ALA P 112 64.03 25.59 -92.40
C ALA P 112 64.25 26.86 -93.21
N ALA P 113 63.31 27.19 -94.09
CA ALA P 113 63.41 28.43 -94.86
C ALA P 113 63.30 29.65 -93.97
N VAL P 114 62.46 29.60 -92.94
CA VAL P 114 62.34 30.72 -92.01
C VAL P 114 63.63 30.91 -91.21
N ARG P 115 64.21 29.80 -90.74
CA ARG P 115 65.48 29.88 -90.00
C ARG P 115 66.60 30.40 -90.89
N VAL P 116 66.66 29.92 -92.14
CA VAL P 116 67.67 30.38 -93.08
C VAL P 116 67.46 31.85 -93.43
N ILE P 117 66.20 32.29 -93.51
CA ILE P 117 65.91 33.70 -93.80
C ILE P 117 66.32 34.58 -92.64
N ALA P 118 66.10 34.13 -91.41
CA ALA P 118 66.55 34.87 -90.24
C ALA P 118 68.08 34.96 -90.20
N ARG P 119 68.76 33.84 -90.49
CA ARG P 119 70.22 33.84 -90.52
C ARG P 119 70.77 34.73 -91.62
N LEU P 120 70.13 34.70 -92.80
CA LEU P 120 70.56 35.55 -93.90
C LEU P 120 70.29 37.02 -93.62
N THR P 121 69.18 37.33 -92.94
CA THR P 121 68.92 38.71 -92.54
C THR P 121 69.94 39.20 -91.54
N ARG P 122 70.33 38.35 -90.58
CA ARG P 122 71.37 38.73 -89.63
C ARG P 122 72.72 38.94 -90.32
N GLU P 123 73.07 38.06 -91.26
CA GLU P 123 74.33 38.20 -91.99
C GLU P 123 74.33 39.45 -92.86
N ARG P 124 73.20 39.75 -93.51
CA ARG P 124 73.09 40.94 -94.34
C ARG P 124 73.16 42.20 -93.50
N ASP P 125 72.53 42.19 -92.31
CA ASP P 125 72.62 43.33 -91.42
C ASP P 125 74.04 43.55 -90.92
N GLU P 126 74.75 42.46 -90.60
CA GLU P 126 76.15 42.59 -90.18
C GLU P 126 77.02 43.11 -91.31
N ALA P 127 76.80 42.62 -92.53
CA ALA P 127 77.58 43.09 -93.68
C ALA P 127 77.27 44.56 -93.98
N ARG P 128 76.01 44.97 -93.87
CA ARG P 128 75.65 46.37 -94.08
C ARG P 128 76.25 47.27 -93.02
N GLU P 129 76.27 46.81 -91.76
CA GLU P 129 76.91 47.58 -90.70
C GLU P 129 78.42 47.71 -90.92
N ALA P 130 79.06 46.62 -91.38
CA ALA P 130 80.49 46.69 -91.69
C ALA P 130 80.77 47.63 -92.85
N LEU P 131 79.92 47.59 -93.88
CA LEU P 131 80.08 48.49 -95.02
C LEU P 131 79.87 49.96 -94.61
N ALA P 132 78.88 50.21 -93.76
CA ALA P 132 78.65 51.57 -93.27
C ALA P 132 79.80 52.07 -92.42
N ARG P 133 80.36 51.19 -91.57
CA ARG P 133 81.53 51.57 -90.78
C ARG P 133 82.74 51.85 -91.66
N LEU P 134 82.93 51.04 -92.70
CA LEU P 134 84.05 51.27 -93.62
C LEU P 134 83.87 52.57 -94.41
N THR P 135 82.62 52.89 -94.79
CA THR P 135 82.36 54.13 -95.51
C THR P 135 82.52 55.34 -94.61
N VAL P 136 82.15 55.21 -93.33
CA VAL P 136 82.32 56.32 -92.39
C VAL P 136 83.79 56.54 -92.08
N THR P 137 84.55 55.45 -91.92
CA THR P 137 85.98 55.57 -91.66
C THR P 137 86.74 55.98 -92.91
N GLY P 138 86.27 55.57 -94.08
CA GLY P 138 86.95 55.93 -95.32
C GLY P 138 86.62 57.36 -95.74
N ALA P 139 87.58 58.00 -96.38
CA ALA P 139 87.43 59.38 -96.86
C ALA P 139 86.98 59.33 -98.32
N ALA P 140 85.71 59.60 -98.55
CA ALA P 140 85.18 59.58 -99.91
C ALA P 140 85.61 60.85 -100.64
N PRO P 141 86.24 60.73 -101.83
CA PRO P 141 86.70 61.88 -102.60
C PRO P 141 85.55 62.63 -103.26
N MET Q 1 8.68 -9.07 -72.91
CA MET Q 1 7.67 -9.00 -73.95
C MET Q 1 8.32 -8.93 -75.33
N LEU Q 2 7.65 -9.49 -76.32
CA LEU Q 2 8.16 -9.52 -77.69
C LEU Q 2 7.06 -9.10 -78.65
N CYS Q 3 7.47 -8.71 -79.85
CA CYS Q 3 6.51 -8.32 -80.88
C CYS Q 3 5.76 -9.55 -81.40
N ALA Q 4 4.44 -9.44 -81.45
CA ALA Q 4 3.62 -10.54 -81.95
C ALA Q 4 3.70 -10.71 -83.46
N LEU Q 5 4.16 -9.68 -84.18
CA LEU Q 5 4.27 -9.77 -85.63
C LEU Q 5 5.62 -10.30 -86.09
N SER Q 6 6.69 -10.01 -85.35
CA SER Q 6 8.03 -10.42 -85.76
C SER Q 6 8.54 -11.66 -85.03
N GLY Q 7 7.95 -12.00 -83.88
CA GLY Q 7 8.43 -13.13 -83.12
C GLY Q 7 9.64 -12.83 -82.26
N GLU Q 8 10.07 -11.58 -82.18
CA GLU Q 8 11.20 -11.18 -81.36
C GLU Q 8 10.88 -9.83 -80.71
N ILE Q 9 11.87 -9.26 -80.04
CA ILE Q 9 11.70 -7.98 -79.36
C ILE Q 9 11.64 -6.87 -80.39
N PRO Q 10 10.59 -6.04 -80.38
CA PRO Q 10 10.51 -4.94 -81.35
C PRO Q 10 11.43 -3.80 -80.96
N GLU Q 11 12.09 -3.23 -81.98
CA GLU Q 11 12.93 -2.05 -81.73
C GLU Q 11 12.08 -0.85 -81.34
N GLU Q 12 10.92 -0.68 -81.98
CA GLU Q 12 9.96 0.38 -81.66
C GLU Q 12 8.62 -0.29 -81.39
N PRO Q 13 8.36 -0.71 -80.16
CA PRO Q 13 7.13 -1.47 -79.88
C PRO Q 13 5.90 -0.56 -79.88
N VAL Q 14 4.80 -1.11 -80.39
CA VAL Q 14 3.51 -0.44 -80.40
C VAL Q 14 2.45 -1.45 -79.96
N VAL Q 15 1.46 -0.95 -79.22
CA VAL Q 15 0.41 -1.80 -78.66
C VAL Q 15 -0.95 -1.23 -79.05
N SER Q 16 -1.89 -2.12 -79.32
CA SER Q 16 -3.25 -1.69 -79.64
C SER Q 16 -3.95 -1.17 -78.39
N LYS Q 17 -4.81 -0.18 -78.57
CA LYS Q 17 -5.55 0.39 -77.44
C LYS Q 17 -6.59 -0.57 -76.88
N LYS Q 18 -7.08 -1.51 -77.69
CA LYS Q 18 -8.06 -2.49 -77.27
C LYS Q 18 -7.48 -3.90 -77.16
N THR Q 19 -6.74 -4.33 -78.18
CA THR Q 19 -6.17 -5.68 -78.16
C THR Q 19 -4.99 -5.76 -77.20
N GLY Q 20 -4.17 -4.72 -77.14
CA GLY Q 20 -3.01 -4.72 -76.28
C GLY Q 20 -1.94 -5.73 -76.69
N VAL Q 21 -1.68 -5.85 -77.98
CA VAL Q 21 -0.70 -6.80 -78.50
C VAL Q 21 0.50 -6.01 -79.00
N LEU Q 22 1.68 -6.37 -78.47
CA LEU Q 22 2.90 -5.69 -78.87
C LEU Q 22 3.33 -6.12 -80.27
N PHE Q 23 3.74 -5.16 -81.08
CA PHE Q 23 4.19 -5.44 -82.44
C PHE Q 23 5.13 -4.33 -82.88
N GLU Q 24 5.85 -4.60 -83.97
CA GLU Q 24 6.69 -3.58 -84.59
C GLU Q 24 5.83 -2.53 -85.27
N LYS Q 25 6.30 -1.28 -85.23
CA LYS Q 25 5.53 -0.17 -85.80
C LYS Q 25 5.44 -0.28 -87.32
N ARG Q 26 6.56 -0.58 -87.98
CA ARG Q 26 6.57 -0.75 -89.43
C ARG Q 26 5.74 -1.96 -89.85
N LEU Q 27 5.84 -3.06 -89.09
CA LEU Q 27 5.04 -4.25 -89.39
C LEU Q 27 3.56 -3.98 -89.20
N ILE Q 28 3.19 -3.24 -88.15
CA ILE Q 28 1.79 -2.91 -87.92
C ILE Q 28 1.25 -2.00 -89.01
N LEU Q 29 2.07 -1.02 -89.44
CA LEU Q 29 1.64 -0.14 -90.53
C LEU Q 29 1.47 -0.90 -91.84
N LYS Q 30 2.39 -1.84 -92.12
CA LYS Q 30 2.28 -2.65 -93.34
C LYS Q 30 1.06 -3.57 -93.29
N TYR Q 31 0.77 -4.15 -92.12
CA TYR Q 31 -0.40 -4.99 -91.97
C TYR Q 31 -1.69 -4.19 -92.11
N LEU Q 32 -1.71 -2.97 -91.56
CA LEU Q 32 -2.88 -2.11 -91.72
C LEU Q 32 -3.07 -1.69 -93.17
N GLU Q 33 -1.98 -1.41 -93.88
CA GLU Q 33 -2.09 -1.06 -95.29
C GLU Q 33 -2.52 -2.25 -96.15
N GLU Q 34 -2.06 -3.45 -95.80
CA GLU Q 34 -2.37 -4.65 -96.58
C GLU Q 34 -3.66 -5.33 -96.16
N HIS Q 35 -4.33 -4.83 -95.11
CA HIS Q 35 -5.58 -5.43 -94.69
C HIS Q 35 -6.65 -4.38 -94.36
N ASN Q 36 -6.54 -3.17 -94.95
CA ASN Q 36 -7.50 -2.09 -94.79
C ASN Q 36 -7.69 -1.69 -93.32
N ASN Q 37 -6.57 -1.54 -92.61
CA ASN Q 37 -6.50 -1.10 -91.21
C ASN Q 37 -7.30 -2.05 -90.31
N ILE Q 38 -6.86 -3.31 -90.27
CA ILE Q 38 -7.48 -4.34 -89.47
C ILE Q 38 -6.40 -5.01 -88.62
N GLU Q 39 -6.72 -5.26 -87.36
CA GLU Q 39 -5.79 -5.93 -86.47
C GLU Q 39 -5.62 -7.39 -86.89
N PRO Q 40 -4.39 -7.88 -87.07
CA PRO Q 40 -4.22 -9.28 -87.50
C PRO Q 40 -4.62 -10.24 -86.40
N GLY Q 41 -5.33 -11.30 -86.80
CA GLY Q 41 -5.83 -12.28 -85.87
C GLY Q 41 -7.12 -11.91 -85.16
N THR Q 42 -7.67 -10.72 -85.44
CA THR Q 42 -8.88 -10.26 -84.81
C THR Q 42 -9.81 -9.67 -85.86
N THR Q 43 -11.10 -9.64 -85.53
CA THR Q 43 -12.13 -9.11 -86.42
C THR Q 43 -12.42 -7.65 -86.17
N GLU Q 44 -11.68 -7.00 -85.28
CA GLU Q 44 -11.88 -5.61 -84.95
C GLU Q 44 -10.91 -4.74 -85.75
N GLU Q 45 -11.44 -3.66 -86.33
CA GLU Q 45 -10.61 -2.74 -87.08
C GLU Q 45 -9.66 -1.98 -86.16
N LEU Q 46 -8.44 -1.77 -86.63
CA LEU Q 46 -7.40 -1.10 -85.86
C LEU Q 46 -7.01 0.20 -86.55
N ASP Q 47 -6.94 1.27 -85.77
CA ASP Q 47 -6.53 2.56 -86.29
C ASP Q 47 -5.07 2.82 -85.92
N PRO Q 48 -4.16 2.85 -86.89
CA PRO Q 48 -2.74 3.07 -86.55
C PRO Q 48 -2.44 4.49 -86.09
N GLU Q 49 -3.30 5.45 -86.39
CA GLU Q 49 -3.06 6.84 -86.03
C GLU Q 49 -3.53 7.19 -84.61
N THR Q 50 -4.53 6.50 -84.10
CA THR Q 50 -5.09 6.82 -82.79
C THR Q 50 -5.06 5.65 -81.82
N ASP Q 51 -5.36 4.44 -82.27
CA ASP Q 51 -5.44 3.29 -81.38
C ASP Q 51 -4.09 2.63 -81.12
N LEU Q 52 -3.04 3.06 -81.81
CA LEU Q 52 -1.71 2.49 -81.63
C LEU Q 52 -0.91 3.37 -80.67
N LEU Q 53 -0.47 2.79 -79.56
CA LEU Q 53 0.33 3.49 -78.58
C LEU Q 53 1.76 3.00 -78.65
N PRO Q 54 2.73 3.85 -78.97
CA PRO Q 54 4.13 3.42 -78.96
C PRO Q 54 4.62 3.21 -77.54
N ILE Q 55 5.65 2.38 -77.42
CA ILE Q 55 6.25 2.03 -76.14
C ILE Q 55 7.59 2.73 -76.03
N LYS Q 56 7.78 3.51 -74.98
CA LYS Q 56 9.02 4.26 -74.74
C LYS Q 56 9.80 3.53 -73.65
N THR Q 57 10.81 2.77 -74.06
CA THR Q 57 11.65 2.03 -73.14
C THR Q 57 13.05 1.95 -73.73
N SER Q 58 13.92 1.18 -73.07
CA SER Q 58 15.28 1.02 -73.54
C SER Q 58 15.35 -0.02 -74.66
N ARG Q 59 16.47 -0.04 -75.36
CA ARG Q 59 16.69 -0.96 -76.47
C ARG Q 59 17.49 -2.16 -76.00
N VAL Q 60 17.01 -3.35 -76.37
CA VAL Q 60 17.67 -4.60 -76.01
C VAL Q 60 18.86 -4.80 -76.94
N VAL Q 61 20.02 -5.09 -76.36
CA VAL Q 61 21.25 -5.29 -77.12
C VAL Q 61 21.59 -6.77 -77.12
N ARG Q 62 21.71 -7.34 -78.31
CA ARG Q 62 22.05 -8.74 -78.45
C ARG Q 62 23.53 -8.96 -78.14
N PRO Q 63 23.90 -10.08 -77.54
CA PRO Q 63 25.33 -10.36 -77.29
C PRO Q 63 26.01 -10.80 -78.58
N ARG Q 64 27.06 -10.09 -78.96
CA ARG Q 64 27.78 -10.40 -80.19
C ARG Q 64 28.63 -11.65 -79.98
N PRO Q 65 28.48 -12.68 -80.80
CA PRO Q 65 29.30 -13.87 -80.64
C PRO Q 65 30.73 -13.60 -81.06
N PRO Q 66 31.70 -14.33 -80.51
CA PRO Q 66 33.10 -14.17 -80.96
C PRO Q 66 33.31 -14.55 -82.42
N ASN Q 67 32.56 -15.52 -82.94
CA ASN Q 67 32.70 -15.90 -84.34
C ASN Q 67 32.10 -14.85 -85.27
N PHE Q 68 31.03 -14.19 -84.83
CA PHE Q 68 30.36 -13.18 -85.65
C PHE Q 68 30.95 -11.79 -85.34
N THR Q 69 32.21 -11.63 -85.76
CA THR Q 69 32.93 -10.37 -85.58
C THR Q 69 33.55 -9.85 -86.87
N SER Q 70 33.25 -10.45 -88.01
CA SER Q 70 33.81 -10.03 -89.29
C SER Q 70 32.69 -9.78 -90.30
N ILE Q 71 32.98 -8.92 -91.28
CA ILE Q 71 32.00 -8.64 -92.32
C ILE Q 71 31.71 -9.87 -93.17
N PRO Q 72 32.71 -10.66 -93.59
CA PRO Q 72 32.38 -11.89 -94.33
C PRO Q 72 31.64 -12.93 -93.50
N SER Q 73 31.98 -13.04 -92.21
CA SER Q 73 31.24 -13.93 -91.32
C SER Q 73 29.81 -13.46 -91.15
N LEU Q 74 29.61 -12.14 -91.05
CA LEU Q 74 28.26 -11.59 -90.96
C LEU Q 74 27.47 -11.84 -92.22
N LEU Q 75 28.11 -11.72 -93.39
CA LEU Q 75 27.43 -11.99 -94.66
C LEU Q 75 27.06 -13.47 -94.77
N LYS Q 76 27.96 -14.37 -94.37
CA LYS Q 76 27.65 -15.79 -94.39
C LYS Q 76 26.52 -16.13 -93.44
N ALA Q 77 26.50 -15.51 -92.25
CA ALA Q 77 25.42 -15.73 -91.31
C ALA Q 77 24.09 -15.20 -91.85
N PHE Q 78 24.12 -14.04 -92.53
CA PHE Q 78 22.91 -13.48 -93.12
C PHE Q 78 22.38 -14.39 -94.23
N GLN Q 79 23.28 -14.93 -95.06
CA GLN Q 79 22.85 -15.85 -96.11
C GLN Q 79 22.27 -17.13 -95.53
N ASP Q 80 22.89 -17.66 -94.46
CA ASP Q 80 22.37 -18.86 -93.82
C ASP Q 80 21.01 -18.59 -93.18
N GLU Q 81 20.84 -17.41 -92.57
CA GLU Q 81 19.55 -17.06 -91.97
C GLU Q 81 18.47 -16.89 -93.03
N TRP Q 82 18.80 -16.28 -94.17
CA TRP Q 82 17.83 -16.14 -95.25
C TRP Q 82 17.43 -17.50 -95.82
N ASP Q 83 18.42 -18.40 -96.00
CA ASP Q 83 18.12 -19.74 -96.49
C ASP Q 83 17.26 -20.52 -95.51
N ALA Q 84 17.55 -20.39 -94.20
CA ALA Q 84 16.75 -21.06 -93.19
C ALA Q 84 15.33 -20.50 -93.14
N LEU Q 85 15.18 -19.18 -93.30
CA LEU Q 85 13.85 -18.58 -93.33
C LEU Q 85 13.05 -19.06 -94.54
N VAL Q 86 13.69 -19.15 -95.70
CA VAL Q 86 13.01 -19.64 -96.89
C VAL Q 86 12.60 -21.10 -96.72
N LEU Q 87 13.50 -21.92 -96.17
CA LEU Q 87 13.18 -23.33 -95.94
C LEU Q 87 12.06 -23.49 -94.92
N GLU Q 88 12.06 -22.65 -93.87
CA GLU Q 88 10.99 -22.69 -92.88
C GLU Q 88 9.66 -22.26 -93.49
N THR Q 89 9.66 -21.26 -94.37
CA THR Q 89 8.43 -20.83 -95.03
C THR Q 89 7.89 -21.93 -95.94
N TYR Q 90 8.78 -22.60 -96.68
CA TYR Q 90 8.35 -23.69 -97.56
C TYR Q 90 7.80 -24.87 -96.75
N THR Q 91 8.47 -25.22 -95.65
CA THR Q 91 8.00 -26.31 -94.79
C THR Q 91 6.67 -25.95 -94.14
N THR Q 92 6.50 -24.69 -93.74
CA THR Q 92 5.23 -24.25 -93.17
C THR Q 92 4.10 -24.32 -94.19
N ARG Q 93 4.38 -23.93 -95.44
CA ARG Q 93 3.36 -24.03 -96.48
C ARG Q 93 2.99 -25.48 -96.75
N GLU Q 94 3.99 -26.38 -96.80
CA GLU Q 94 3.71 -27.79 -97.02
C GLU Q 94 2.93 -28.39 -95.86
N GLN Q 95 3.27 -28.02 -94.63
CA GLN Q 95 2.55 -28.51 -93.46
C GLN Q 95 1.13 -27.98 -93.43
N LEU Q 96 0.93 -26.72 -93.85
CA LEU Q 96 -0.42 -26.17 -93.92
C LEU Q 96 -1.27 -26.88 -94.96
N ALA Q 97 -0.68 -27.21 -96.12
CA ALA Q 97 -1.41 -27.97 -97.13
C ALA Q 97 -1.76 -29.36 -96.64
N ARG Q 98 -0.82 -30.03 -95.97
CA ARG Q 98 -1.08 -31.36 -95.42
C ARG Q 98 -2.15 -31.32 -94.33
N VAL Q 99 -2.13 -30.27 -93.50
CA VAL Q 99 -3.12 -30.13 -92.44
C VAL Q 99 -4.49 -29.84 -93.02
N ARG Q 100 -4.55 -29.05 -94.10
CA ARG Q 100 -5.82 -28.80 -94.77
C ARG Q 100 -6.39 -30.07 -95.39
N GLU Q 101 -5.53 -30.89 -96.01
CA GLU Q 101 -5.98 -32.16 -96.56
C GLU Q 101 -6.47 -33.11 -95.47
N GLU Q 102 -5.75 -33.17 -94.35
CA GLU Q 102 -6.17 -34.02 -93.24
C GLU Q 102 -7.47 -33.51 -92.62
N LEU Q 103 -7.66 -32.19 -92.56
CA LEU Q 103 -8.89 -31.63 -92.04
C LEU Q 103 -10.07 -31.94 -92.96
N ALA Q 104 -9.86 -31.89 -94.28
CA ALA Q 104 -10.92 -32.26 -95.21
C ALA Q 104 -11.27 -33.75 -95.09
N THR Q 105 -10.26 -34.60 -94.94
CA THR Q 105 -10.51 -36.04 -94.76
C THR Q 105 -11.26 -36.29 -93.45
N ALA Q 106 -10.88 -35.59 -92.39
CA ALA Q 106 -11.55 -35.74 -91.10
C ALA Q 106 -12.99 -35.22 -91.16
N LEU Q 107 -13.22 -34.16 -91.94
CA LEU Q 107 -14.58 -33.66 -92.11
C LEU Q 107 -15.46 -34.65 -92.87
N TYR Q 108 -14.90 -35.27 -93.90
CA TYR Q 108 -15.65 -36.31 -94.63
C TYR Q 108 -15.93 -37.51 -93.73
N GLN Q 109 -14.94 -37.91 -92.93
CA GLN Q 109 -15.14 -39.02 -92.00
C GLN Q 109 -16.18 -38.67 -90.94
N HIS Q 110 -16.18 -37.42 -90.48
CA HIS Q 110 -17.16 -36.98 -89.49
C HIS Q 110 -18.57 -36.95 -90.06
N ASP Q 111 -18.72 -36.53 -91.32
CA ASP Q 111 -20.03 -36.56 -91.96
C ASP Q 111 -20.53 -37.99 -92.14
N ALA Q 112 -19.63 -38.89 -92.57
CA ALA Q 112 -20.01 -40.30 -92.72
C ALA Q 112 -20.38 -40.92 -91.38
N ALA Q 113 -19.61 -40.60 -90.33
CA ALA Q 113 -19.93 -41.09 -88.99
C ALA Q 113 -21.22 -40.50 -88.47
N VAL Q 114 -21.54 -39.26 -88.83
CA VAL Q 114 -22.81 -38.66 -88.42
C VAL Q 114 -23.99 -39.38 -89.08
N ARG Q 115 -23.85 -39.69 -90.38
CA ARG Q 115 -24.89 -40.45 -91.06
C ARG Q 115 -25.05 -41.84 -90.47
N VAL Q 116 -23.93 -42.51 -90.17
CA VAL Q 116 -23.98 -43.85 -89.60
C VAL Q 116 -24.58 -43.81 -88.19
N ILE Q 117 -24.27 -42.76 -87.43
CA ILE Q 117 -24.81 -42.62 -86.08
C ILE Q 117 -26.30 -42.35 -86.13
N ALA Q 118 -26.76 -41.57 -87.11
CA ALA Q 118 -28.18 -41.35 -87.28
C ALA Q 118 -28.91 -42.65 -87.63
N ARG Q 119 -28.31 -43.45 -88.52
CA ARG Q 119 -28.91 -44.73 -88.87
C ARG Q 119 -28.95 -45.68 -87.67
N LEU Q 120 -27.86 -45.73 -86.90
CA LEU Q 120 -27.82 -46.58 -85.71
C LEU Q 120 -28.79 -46.10 -84.64
N THR Q 121 -28.95 -44.79 -84.48
CA THR Q 121 -29.91 -44.26 -83.53
C THR Q 121 -31.34 -44.61 -83.94
N ARG Q 122 -31.64 -44.52 -85.24
CA ARG Q 122 -32.97 -44.93 -85.71
C ARG Q 122 -33.21 -46.41 -85.48
N GLU Q 123 -32.20 -47.25 -85.74
CA GLU Q 123 -32.34 -48.69 -85.52
C GLU Q 123 -32.53 -49.01 -84.03
N ARG Q 124 -31.77 -48.34 -83.16
CA ARG Q 124 -31.88 -48.57 -81.73
C ARG Q 124 -33.22 -48.09 -81.19
N ASP Q 125 -33.72 -46.96 -81.70
CA ASP Q 125 -35.03 -46.47 -81.29
C ASP Q 125 -36.13 -47.42 -81.74
N GLU Q 126 -36.02 -47.96 -82.97
CA GLU Q 126 -37.00 -48.93 -83.44
C GLU Q 126 -36.97 -50.21 -82.61
N ALA Q 127 -35.77 -50.69 -82.26
CA ALA Q 127 -35.66 -51.89 -81.44
C ALA Q 127 -36.20 -51.67 -80.03
N ARG Q 128 -35.93 -50.50 -79.46
CA ARG Q 128 -36.44 -50.18 -78.12
C ARG Q 128 -37.95 -50.04 -78.13
N GLU Q 129 -38.52 -49.44 -79.19
CA GLU Q 129 -39.97 -49.33 -79.29
C GLU Q 129 -40.61 -50.71 -79.47
N ALA Q 130 -39.96 -51.59 -80.24
CA ALA Q 130 -40.46 -52.95 -80.41
C ALA Q 130 -40.42 -53.73 -79.10
N LEU Q 131 -39.35 -53.57 -78.32
CA LEU Q 131 -39.26 -54.25 -77.04
C LEU Q 131 -40.26 -53.69 -76.04
N ALA Q 132 -40.48 -52.37 -76.06
CA ALA Q 132 -41.40 -51.76 -75.10
C ALA Q 132 -42.85 -52.08 -75.45
N ARG Q 133 -43.18 -52.13 -76.73
CA ARG Q 133 -44.54 -52.41 -77.18
C ARG Q 133 -44.81 -53.90 -77.34
N LEU Q 134 -43.84 -54.75 -76.99
CA LEU Q 134 -44.03 -56.19 -77.10
C LEU Q 134 -45.05 -56.66 -76.07
N THR Q 135 -46.04 -57.42 -76.52
CA THR Q 135 -47.07 -57.97 -75.67
C THR Q 135 -47.10 -59.48 -75.82
N VAL Q 136 -47.23 -60.19 -74.71
CA VAL Q 136 -47.23 -61.64 -74.72
C VAL Q 136 -48.60 -62.14 -75.17
N THR Q 137 -48.63 -62.83 -76.31
CA THR Q 137 -49.88 -63.39 -76.80
C THR Q 137 -50.20 -64.69 -76.07
N GLY Q 138 -51.37 -65.25 -76.38
CA GLY Q 138 -51.77 -66.51 -75.80
C GLY Q 138 -50.92 -67.66 -76.28
N ALA Q 139 -50.09 -68.20 -75.38
CA ALA Q 139 -49.18 -69.31 -75.72
C ALA Q 139 -49.96 -70.62 -75.66
N ALA Q 140 -50.74 -70.87 -76.71
CA ALA Q 140 -51.54 -72.07 -76.79
C ALA Q 140 -50.65 -73.28 -77.07
N PRO Q 141 -51.02 -74.45 -76.56
CA PRO Q 141 -50.23 -75.67 -76.82
C PRO Q 141 -50.36 -76.14 -78.26
N ALA Q 142 -49.34 -76.85 -78.71
CA ALA Q 142 -49.31 -77.39 -80.07
C ALA Q 142 -50.17 -78.65 -80.12
N ALA Q 143 -51.42 -78.49 -80.52
CA ALA Q 143 -52.34 -79.62 -80.60
C ALA Q 143 -52.35 -80.21 -82.01
N MET R 1 14.07 12.93 -104.85
CA MET R 1 13.45 14.16 -104.38
C MET R 1 12.55 14.77 -105.45
N LEU R 2 11.32 15.10 -105.06
CA LEU R 2 10.34 15.68 -105.96
C LEU R 2 9.71 16.91 -105.32
N CYS R 3 9.33 17.87 -106.15
CA CYS R 3 8.70 19.08 -105.67
C CYS R 3 7.21 18.83 -105.41
N ALA R 4 6.66 19.58 -104.45
CA ALA R 4 5.26 19.43 -104.10
C ALA R 4 4.35 20.05 -105.17
N LEU R 5 4.74 21.20 -105.70
CA LEU R 5 3.91 21.92 -106.66
C LEU R 5 4.19 21.50 -108.10
N SER R 6 5.45 21.31 -108.46
CA SER R 6 5.81 20.97 -109.83
C SER R 6 5.88 19.47 -110.09
N GLY R 7 6.25 18.67 -109.09
CA GLY R 7 6.36 17.25 -109.27
C GLY R 7 7.66 16.77 -109.89
N GLU R 8 8.61 17.68 -110.11
CA GLU R 8 9.91 17.33 -110.70
C GLU R 8 11.01 17.81 -109.77
N ILE R 9 12.25 17.59 -110.20
CA ILE R 9 13.42 18.00 -109.43
C ILE R 9 13.59 19.51 -109.54
N PRO R 10 13.63 20.24 -108.42
CA PRO R 10 13.79 21.70 -108.51
C PRO R 10 15.27 22.08 -108.61
N GLU R 11 15.57 23.01 -109.52
CA GLU R 11 16.94 23.47 -109.67
C GLU R 11 17.36 24.36 -108.50
N GLU R 12 16.42 25.10 -107.91
CA GLU R 12 16.69 25.95 -106.76
C GLU R 12 15.67 25.59 -105.68
N PRO R 13 15.89 24.46 -104.98
CA PRO R 13 14.90 24.03 -103.99
C PRO R 13 14.92 24.90 -102.74
N VAL R 14 13.73 25.16 -102.22
CA VAL R 14 13.54 25.92 -100.99
C VAL R 14 12.63 25.14 -100.07
N VAL R 15 12.82 25.33 -98.77
CA VAL R 15 12.08 24.61 -97.74
C VAL R 15 11.37 25.62 -96.85
N SER R 16 10.09 25.38 -96.59
CA SER R 16 9.34 26.24 -95.68
C SER R 16 9.83 26.05 -94.24
N LYS R 17 9.91 27.16 -93.51
CA LYS R 17 10.35 27.10 -92.12
C LYS R 17 9.25 26.63 -91.17
N LYS R 18 8.00 26.56 -91.63
CA LYS R 18 6.88 26.12 -90.81
C LYS R 18 6.44 24.70 -91.15
N THR R 19 6.18 24.42 -92.43
CA THR R 19 5.70 23.11 -92.85
C THR R 19 6.83 22.16 -93.25
N GLY R 20 7.98 22.68 -93.64
CA GLY R 20 9.08 21.83 -94.07
C GLY R 20 8.82 21.05 -95.35
N VAL R 21 8.23 21.70 -96.34
CA VAL R 21 7.92 21.08 -97.63
C VAL R 21 8.85 21.68 -98.68
N LEU R 22 9.61 20.82 -99.35
CA LEU R 22 10.52 21.28 -100.40
C LEU R 22 9.75 21.64 -101.66
N PHE R 23 10.15 22.71 -102.31
CA PHE R 23 9.50 23.17 -103.53
C PHE R 23 10.49 23.97 -104.36
N GLU R 24 10.06 24.34 -105.56
CA GLU R 24 10.85 25.24 -106.39
C GLU R 24 10.70 26.67 -105.90
N LYS R 25 11.81 27.40 -105.89
CA LYS R 25 11.80 28.77 -105.37
C LYS R 25 10.96 29.69 -106.24
N ARG R 26 11.13 29.60 -107.56
CA ARG R 26 10.33 30.42 -108.48
C ARG R 26 8.85 30.03 -108.42
N LEU R 27 8.56 28.73 -108.34
CA LEU R 27 7.17 28.28 -108.23
C LEU R 27 6.53 28.73 -106.93
N ILE R 28 7.28 28.67 -105.82
CA ILE R 28 6.75 29.11 -104.54
C ILE R 28 6.54 30.62 -104.53
N LEU R 29 7.45 31.37 -105.17
CA LEU R 29 7.28 32.81 -105.27
C LEU R 29 6.07 33.17 -106.11
N LYS R 30 5.86 32.46 -107.22
CA LYS R 30 4.68 32.70 -108.06
C LYS R 30 3.40 32.33 -107.34
N TYR R 31 3.41 31.24 -106.56
CA TYR R 31 2.23 30.86 -105.80
C TYR R 31 1.93 31.86 -104.69
N LEU R 32 2.97 32.40 -104.04
CA LEU R 32 2.77 33.40 -103.01
C LEU R 32 2.27 34.72 -103.61
N GLU R 33 2.74 35.06 -104.81
CA GLU R 33 2.25 36.27 -105.47
C GLU R 33 0.81 36.10 -105.92
N GLU R 34 0.44 34.92 -106.42
CA GLU R 34 -0.91 34.70 -106.92
C GLU R 34 -1.92 34.51 -105.80
N HIS R 35 -1.52 33.88 -104.70
CA HIS R 35 -2.44 33.59 -103.59
C HIS R 35 -2.23 34.52 -102.40
N ASN R 36 -1.53 35.64 -102.60
CA ASN R 36 -1.26 36.66 -101.58
C ASN R 36 -0.52 36.06 -100.38
N ASN R 37 0.63 35.47 -100.67
CA ASN R 37 1.54 34.88 -99.68
C ASN R 37 0.85 33.78 -98.87
N ILE R 38 0.37 32.77 -99.58
CA ILE R 38 -0.32 31.63 -98.99
C ILE R 38 0.42 30.36 -99.37
N GLU R 39 0.75 29.55 -98.37
CA GLU R 39 1.43 28.29 -98.63
C GLU R 39 0.47 27.30 -99.30
N PRO R 40 0.99 26.40 -100.13
CA PRO R 40 0.13 25.40 -100.77
C PRO R 40 -0.24 24.28 -99.82
N GLY R 41 -1.51 23.91 -99.83
CA GLY R 41 -2.03 22.83 -99.02
C GLY R 41 -2.55 23.25 -97.66
N THR R 42 -1.98 24.30 -97.07
CA THR R 42 -2.36 24.78 -95.76
C THR R 42 -2.79 26.24 -95.83
N THR R 43 -3.53 26.67 -94.81
CA THR R 43 -4.02 28.03 -94.72
C THR R 43 -3.03 28.97 -94.04
N GLU R 44 -1.89 28.47 -93.59
CA GLU R 44 -0.90 29.32 -92.95
C GLU R 44 -0.20 30.21 -93.98
N GLU R 45 0.04 31.46 -93.60
CA GLU R 45 0.71 32.39 -94.51
C GLU R 45 2.18 32.05 -94.64
N LEU R 46 2.68 32.09 -95.88
CA LEU R 46 4.07 31.78 -96.18
C LEU R 46 4.77 33.04 -96.68
N ASP R 47 5.88 33.39 -96.03
CA ASP R 47 6.67 34.54 -96.43
C ASP R 47 7.68 34.12 -97.49
N PRO R 48 7.67 34.71 -98.68
CA PRO R 48 8.65 34.31 -99.70
C PRO R 48 10.08 34.71 -99.37
N GLU R 49 10.29 35.65 -98.46
CA GLU R 49 11.62 36.11 -98.10
C GLU R 49 12.09 35.60 -96.76
N THR R 50 11.18 35.25 -95.85
CA THR R 50 11.54 34.82 -94.50
C THR R 50 11.21 33.36 -94.23
N ASP R 51 10.02 32.90 -94.61
CA ASP R 51 9.62 31.53 -94.30
C ASP R 51 10.31 30.51 -95.21
N LEU R 52 10.84 30.93 -96.35
CA LEU R 52 11.51 30.04 -97.28
C LEU R 52 13.01 30.10 -97.06
N LEU R 53 13.64 28.94 -96.90
CA LEU R 53 15.07 28.84 -96.72
C LEU R 53 15.67 28.04 -97.87
N PRO R 54 16.74 28.53 -98.49
CA PRO R 54 17.36 27.78 -99.59
C PRO R 54 18.16 26.60 -99.07
N ILE R 55 18.47 25.68 -99.99
CA ILE R 55 19.22 24.47 -99.69
C ILE R 55 20.58 24.58 -100.37
N LYS R 56 21.64 24.40 -99.59
CA LYS R 56 23.00 24.41 -100.10
C LYS R 56 23.53 22.99 -100.26
N THR R 57 24.52 22.85 -101.14
CA THR R 57 25.11 21.56 -101.45
C THR R 57 26.60 21.58 -101.15
N SER R 58 27.09 20.50 -100.56
CA SER R 58 28.50 20.33 -100.25
C SER R 58 29.07 19.21 -101.10
N ARG R 59 30.25 19.45 -101.69
CA ARG R 59 30.90 18.49 -102.58
C ARG R 59 32.06 17.78 -101.89
N VAL R 60 31.89 17.48 -100.59
CA VAL R 60 32.91 16.75 -99.86
C VAL R 60 33.00 15.32 -100.35
N VAL R 61 31.87 14.71 -100.69
CA VAL R 61 31.83 13.34 -101.17
C VAL R 61 31.47 13.34 -102.64
N ARG R 62 31.77 12.23 -103.32
CA ARG R 62 31.45 12.09 -104.73
C ARG R 62 29.95 11.92 -104.92
N PRO R 63 29.43 12.28 -106.10
CA PRO R 63 27.99 12.14 -106.35
C PRO R 63 27.62 10.71 -106.68
N ARG R 64 26.90 10.06 -105.77
CA ARG R 64 26.46 8.70 -105.97
C ARG R 64 25.06 8.69 -106.55
N PRO R 65 24.83 8.06 -107.71
CA PRO R 65 23.48 8.00 -108.26
C PRO R 65 22.59 7.10 -107.42
N PRO R 66 21.28 7.37 -107.38
CA PRO R 66 20.37 6.52 -106.58
C PRO R 66 20.00 5.22 -107.29
N ASN R 67 20.98 4.33 -107.38
CA ASN R 67 20.82 3.05 -108.04
C ASN R 67 20.47 1.98 -107.01
N PHE R 68 20.41 0.73 -107.49
CA PHE R 68 20.11 -0.40 -106.62
C PHE R 68 21.34 -0.97 -105.93
N THR R 69 22.52 -0.42 -106.20
CA THR R 69 23.76 -0.92 -105.61
C THR R 69 24.16 -0.19 -104.34
N SER R 70 23.36 0.78 -103.88
CA SER R 70 23.69 1.49 -102.66
C SER R 70 23.51 0.61 -101.44
N ILE R 71 24.38 0.80 -100.45
CA ILE R 71 24.37 0.03 -99.21
C ILE R 71 23.09 0.31 -98.43
N PRO R 72 22.71 1.57 -98.25
CA PRO R 72 21.44 1.85 -97.54
C PRO R 72 20.22 1.39 -98.31
N SER R 73 20.25 1.51 -99.64
CA SER R 73 19.15 1.00 -100.45
C SER R 73 19.04 -0.52 -100.36
N LEU R 74 20.19 -1.21 -100.37
CA LEU R 74 20.19 -2.66 -100.21
C LEU R 74 19.68 -3.07 -98.83
N LEU R 75 20.06 -2.32 -97.79
CA LEU R 75 19.56 -2.60 -96.45
C LEU R 75 18.06 -2.40 -96.36
N LYS R 76 17.55 -1.31 -96.96
CA LYS R 76 16.11 -1.06 -96.96
C LYS R 76 15.35 -2.14 -97.73
N ALA R 77 15.90 -2.58 -98.87
CA ALA R 77 15.27 -3.64 -99.65
C ALA R 77 15.26 -4.96 -98.88
N PHE R 78 16.37 -5.27 -98.20
CA PHE R 78 16.43 -6.49 -97.40
C PHE R 78 15.44 -6.44 -96.23
N GLN R 79 15.30 -5.26 -95.61
CA GLN R 79 14.34 -5.10 -94.53
C GLN R 79 12.90 -5.25 -95.03
N ASP R 80 12.60 -4.68 -96.20
CA ASP R 80 11.27 -4.82 -96.78
C ASP R 80 10.98 -6.27 -97.15
N GLU R 81 11.97 -6.98 -97.70
CA GLU R 81 11.80 -8.38 -98.03
C GLU R 81 11.59 -9.23 -96.79
N TRP R 82 12.33 -8.92 -95.71
CA TRP R 82 12.15 -9.64 -94.45
C TRP R 82 10.76 -9.37 -93.86
N ASP R 83 10.29 -8.12 -93.96
CA ASP R 83 8.95 -7.78 -93.47
C ASP R 83 7.87 -8.50 -94.26
N ALA R 84 8.01 -8.56 -95.59
CA ALA R 84 7.02 -9.27 -96.41
C ALA R 84 7.03 -10.77 -96.14
N LEU R 85 8.23 -11.35 -95.99
CA LEU R 85 8.33 -12.77 -95.65
C LEU R 85 7.74 -13.05 -94.26
N VAL R 86 7.93 -12.12 -93.33
CA VAL R 86 7.38 -12.28 -91.99
C VAL R 86 5.86 -12.19 -92.03
N LEU R 87 5.31 -11.28 -92.85
CA LEU R 87 3.85 -11.18 -92.97
C LEU R 87 3.27 -12.44 -93.60
N GLU R 88 3.93 -12.97 -94.64
CA GLU R 88 3.48 -14.21 -95.25
C GLU R 88 3.56 -15.38 -94.29
N THR R 89 4.64 -15.46 -93.51
CA THR R 89 4.80 -16.53 -92.53
C THR R 89 3.78 -16.40 -91.41
N TYR R 90 3.43 -15.17 -91.02
CA TYR R 90 2.42 -14.96 -89.98
C TYR R 90 1.05 -15.37 -90.47
N THR R 91 0.71 -15.03 -91.72
CA THR R 91 -0.57 -15.47 -92.28
C THR R 91 -0.63 -16.99 -92.39
N THR R 92 0.48 -17.61 -92.84
CA THR R 92 0.53 -19.07 -92.95
C THR R 92 0.43 -19.72 -91.56
N ARG R 93 1.07 -19.12 -90.56
CA ARG R 93 1.00 -19.66 -89.20
C ARG R 93 -0.41 -19.53 -88.62
N GLU R 94 -1.09 -18.41 -88.89
CA GLU R 94 -2.46 -18.26 -88.43
C GLU R 94 -3.38 -19.27 -89.10
N GLN R 95 -3.20 -19.50 -90.41
CA GLN R 95 -4.00 -20.51 -91.10
C GLN R 95 -3.70 -21.90 -90.57
N LEU R 96 -2.42 -22.20 -90.29
CA LEU R 96 -2.05 -23.50 -89.77
C LEU R 96 -2.59 -23.72 -88.36
N ALA R 97 -2.59 -22.66 -87.54
CA ALA R 97 -3.15 -22.77 -86.20
C ALA R 97 -4.65 -23.00 -86.22
N ARG R 98 -5.36 -22.28 -87.10
CA ARG R 98 -6.80 -22.50 -87.25
C ARG R 98 -7.09 -23.91 -87.75
N VAL R 99 -6.29 -24.39 -88.71
CA VAL R 99 -6.47 -25.73 -89.24
C VAL R 99 -6.17 -26.78 -88.17
N ARG R 100 -5.14 -26.56 -87.35
CA ARG R 100 -4.81 -27.50 -86.29
C ARG R 100 -5.90 -27.55 -85.22
N GLU R 101 -6.47 -26.39 -84.86
CA GLU R 101 -7.56 -26.37 -83.90
C GLU R 101 -8.79 -27.08 -84.45
N GLU R 102 -9.11 -26.83 -85.72
CA GLU R 102 -10.25 -27.52 -86.35
C GLU R 102 -10.00 -29.01 -86.44
N LEU R 103 -8.77 -29.43 -86.73
CA LEU R 103 -8.45 -30.85 -86.84
C LEU R 103 -8.52 -31.53 -85.48
N ALA R 104 -8.06 -30.86 -84.41
CA ALA R 104 -8.17 -31.42 -83.07
C ALA R 104 -9.62 -31.55 -82.65
N THR R 105 -10.44 -30.54 -82.96
CA THR R 105 -11.87 -30.62 -82.65
C THR R 105 -12.54 -31.74 -83.44
N ALA R 106 -12.15 -31.90 -84.70
CA ALA R 106 -12.69 -32.97 -85.54
C ALA R 106 -12.27 -34.34 -85.02
N LEU R 107 -11.04 -34.47 -84.56
CA LEU R 107 -10.58 -35.75 -83.99
C LEU R 107 -11.34 -36.08 -82.71
N TYR R 108 -11.56 -35.08 -81.86
CA TYR R 108 -12.34 -35.31 -80.64
C TYR R 108 -13.78 -35.68 -80.96
N GLN R 109 -14.39 -34.99 -81.94
CA GLN R 109 -15.75 -35.30 -82.33
C GLN R 109 -15.85 -36.68 -82.97
N HIS R 110 -14.82 -37.07 -83.73
CA HIS R 110 -14.82 -38.39 -84.34
C HIS R 110 -14.67 -39.48 -83.30
N ASP R 111 -13.84 -39.27 -82.28
CA ASP R 111 -13.72 -40.23 -81.20
C ASP R 111 -15.02 -40.36 -80.41
N ALA R 112 -15.66 -39.22 -80.13
CA ALA R 112 -16.94 -39.25 -79.43
C ALA R 112 -18.02 -39.93 -80.26
N ALA R 113 -18.04 -39.67 -81.57
CA ALA R 113 -19.00 -40.33 -82.45
C ALA R 113 -18.72 -41.83 -82.56
N VAL R 114 -17.45 -42.23 -82.55
CA VAL R 114 -17.11 -43.65 -82.57
C VAL R 114 -17.61 -44.34 -81.30
N ARG R 115 -17.40 -43.69 -80.15
CA ARG R 115 -17.91 -44.24 -78.89
C ARG R 115 -19.43 -44.32 -78.89
N VAL R 116 -20.10 -43.29 -79.41
CA VAL R 116 -21.56 -43.28 -79.47
C VAL R 116 -22.07 -44.37 -80.41
N ILE R 117 -21.40 -44.57 -81.54
CA ILE R 117 -21.81 -45.60 -82.49
C ILE R 117 -21.59 -46.98 -81.91
N ALA R 118 -20.49 -47.18 -81.17
CA ALA R 118 -20.25 -48.46 -80.52
C ALA R 118 -21.30 -48.75 -79.46
N ARG R 119 -21.66 -47.73 -78.66
CA ARG R 119 -22.71 -47.91 -77.65
C ARG R 119 -24.06 -48.20 -78.29
N LEU R 120 -24.39 -47.49 -79.37
CA LEU R 120 -25.65 -47.73 -80.07
C LEU R 120 -25.69 -49.12 -80.69
N THR R 121 -24.57 -49.57 -81.26
CA THR R 121 -24.50 -50.91 -81.84
C THR R 121 -24.65 -51.98 -80.76
N ARG R 122 -24.01 -51.79 -79.61
CA ARG R 122 -24.16 -52.73 -78.51
C ARG R 122 -25.59 -52.77 -78.00
N GLU R 123 -26.23 -51.61 -77.88
CA GLU R 123 -27.62 -51.56 -77.44
C GLU R 123 -28.55 -52.22 -78.45
N ARG R 124 -28.32 -52.00 -79.75
CA ARG R 124 -29.14 -52.61 -80.78
C ARG R 124 -28.96 -54.13 -80.79
N ASP R 125 -27.72 -54.60 -80.62
CA ASP R 125 -27.47 -56.05 -80.56
C ASP R 125 -28.13 -56.67 -79.34
N GLU R 126 -28.07 -55.98 -78.19
CA GLU R 126 -28.71 -56.49 -76.98
C GLU R 126 -30.23 -56.54 -77.14
N ALA R 127 -30.82 -55.51 -77.75
CA ALA R 127 -32.26 -55.48 -77.97
C ALA R 127 -32.69 -56.57 -78.95
N ARG R 128 -31.90 -56.79 -80.01
CA ARG R 128 -32.21 -57.84 -80.97
C ARG R 128 -32.10 -59.22 -80.32
N GLU R 129 -31.08 -59.42 -79.48
CA GLU R 129 -30.94 -60.69 -78.78
C GLU R 129 -32.09 -60.92 -77.80
N ALA R 130 -32.52 -59.86 -77.12
CA ALA R 130 -33.66 -59.96 -76.20
C ALA R 130 -34.94 -60.29 -76.95
N LEU R 131 -35.16 -59.66 -78.10
CA LEU R 131 -36.35 -59.96 -78.91
C LEU R 131 -36.31 -61.39 -79.43
N ALA R 132 -35.13 -61.85 -79.87
CA ALA R 132 -35.00 -63.22 -80.35
C ALA R 132 -35.25 -64.23 -79.23
N ARG R 133 -34.73 -63.97 -78.03
CA ARG R 133 -34.95 -64.86 -76.90
C ARG R 133 -36.42 -64.86 -76.49
N LEU R 134 -37.09 -63.70 -76.55
CA LEU R 134 -38.50 -63.63 -76.22
C LEU R 134 -39.34 -64.38 -77.25
N THR R 135 -38.98 -64.30 -78.54
CA THR R 135 -39.69 -65.05 -79.55
C THR R 135 -39.44 -66.55 -79.41
N VAL R 136 -38.22 -66.94 -79.03
CA VAL R 136 -37.88 -68.35 -78.91
C VAL R 136 -38.57 -68.97 -77.69
N THR R 137 -38.64 -68.22 -76.58
CA THR R 137 -39.11 -68.80 -75.33
C THR R 137 -40.63 -69.01 -75.33
N GLY R 138 -41.40 -67.93 -75.45
CA GLY R 138 -42.84 -68.04 -75.41
C GLY R 138 -43.41 -68.06 -74.01
N ALA R 139 -43.00 -69.04 -73.21
CA ALA R 139 -43.42 -69.17 -71.83
C ALA R 139 -42.25 -68.82 -70.91
N ALA R 140 -42.49 -67.92 -69.96
CA ALA R 140 -41.46 -67.47 -69.05
C ALA R 140 -41.12 -68.55 -68.02
N MET S 1 -72.78 -31.47 15.57
CA MET S 1 -71.42 -31.04 15.27
C MET S 1 -70.41 -31.81 16.12
N PRO S 2 -69.21 -32.07 15.57
CA PRO S 2 -68.20 -32.80 16.33
C PRO S 2 -67.57 -32.01 17.47
N ALA S 3 -67.91 -30.74 17.64
CA ALA S 3 -67.45 -29.97 18.80
C ALA S 3 -68.29 -30.35 20.01
N ILE S 4 -68.10 -29.61 21.11
CA ILE S 4 -68.73 -29.95 22.38
C ILE S 4 -69.74 -28.86 22.74
N ARG S 5 -70.97 -29.28 23.01
CA ARG S 5 -72.11 -28.48 23.42
C ARG S 5 -72.39 -28.74 24.90
N PRO S 6 -72.85 -27.73 25.66
CA PRO S 6 -72.83 -27.87 27.12
C PRO S 6 -73.69 -28.97 27.73
N ALA S 7 -75.00 -28.81 27.80
CA ALA S 7 -75.83 -29.91 28.29
C ALA S 7 -77.13 -30.04 27.52
N SER S 8 -77.71 -28.89 27.19
CA SER S 8 -79.03 -28.83 26.59
C SER S 8 -78.99 -28.47 25.12
N LYS S 9 -77.86 -27.98 24.63
CA LYS S 9 -77.66 -27.75 23.22
C LYS S 9 -77.23 -29.01 22.50
N ARG S 10 -77.01 -30.10 23.23
CA ARG S 10 -76.65 -31.38 22.62
C ARG S 10 -77.89 -32.05 22.04
N LYS S 11 -77.84 -32.37 20.76
CA LYS S 11 -78.91 -33.15 20.17
C LYS S 11 -78.72 -34.61 20.60
N PRO S 12 -79.80 -35.40 20.62
CA PRO S 12 -79.67 -36.81 20.98
C PRO S 12 -78.97 -37.58 19.88
N PRO S 13 -78.20 -38.60 20.24
CA PRO S 13 -77.64 -39.50 19.22
C PRO S 13 -78.72 -40.39 18.64
N PRO S 14 -78.51 -40.94 17.43
CA PRO S 14 -79.54 -41.78 16.81
C PRO S 14 -79.77 -43.10 17.53
N ASP S 15 -80.74 -43.87 17.05
CA ASP S 15 -81.14 -45.09 17.73
C ASP S 15 -80.07 -46.17 17.58
N GLY S 16 -80.07 -47.09 18.55
CA GLY S 16 -79.11 -48.17 18.58
C GLY S 16 -77.72 -47.77 19.03
N PHE S 17 -77.56 -46.56 19.56
CA PHE S 17 -76.24 -46.05 19.87
C PHE S 17 -75.65 -46.64 21.14
N SER S 18 -76.46 -47.20 22.04
CA SER S 18 -75.92 -47.68 23.32
C SER S 18 -75.08 -48.95 23.13
N ASP S 19 -75.63 -49.90 22.38
CA ASP S 19 -75.02 -51.22 22.23
C ASP S 19 -73.67 -51.13 21.54
N ILE S 20 -73.49 -50.11 20.70
CA ILE S 20 -72.18 -49.88 20.11
C ILE S 20 -71.38 -48.84 20.88
N GLU S 21 -72.02 -47.97 21.67
CA GLU S 21 -71.24 -46.94 22.34
C GLU S 21 -70.46 -47.52 23.50
N GLU S 22 -70.87 -48.70 23.98
CA GLU S 22 -69.99 -49.42 24.91
C GLU S 22 -68.61 -49.65 24.28
N ASP S 23 -68.57 -50.24 23.08
CA ASP S 23 -67.30 -50.50 22.42
C ASP S 23 -66.64 -49.22 21.92
N LEU S 24 -67.43 -48.22 21.55
CA LEU S 24 -66.86 -46.93 21.17
C LEU S 24 -66.14 -46.29 22.35
N LEU S 25 -66.70 -46.43 23.55
CA LEU S 25 -66.03 -45.96 24.76
C LEU S 25 -64.78 -46.78 25.05
N ILE S 26 -64.80 -48.09 24.76
CA ILE S 26 -63.58 -48.88 24.88
C ILE S 26 -62.48 -48.33 23.97
N PHE S 27 -62.85 -48.01 22.72
CA PHE S 27 -61.86 -47.48 21.78
C PHE S 27 -61.34 -46.11 22.21
N ALA S 28 -62.23 -45.27 22.75
CA ALA S 28 -61.81 -43.95 23.24
C ALA S 28 -60.85 -44.08 24.41
N ASN S 29 -61.15 -45.00 25.35
CA ASN S 29 -60.25 -45.19 26.48
C ASN S 29 -58.91 -45.80 26.04
N LYS S 30 -58.94 -46.67 25.05
CA LYS S 30 -57.70 -47.20 24.49
C LYS S 30 -56.86 -46.09 23.87
N MET S 31 -57.52 -45.15 23.20
CA MET S 31 -56.81 -44.01 22.62
C MET S 31 -56.21 -43.11 23.69
N LYS S 32 -56.94 -42.89 24.79
CA LYS S 32 -56.40 -42.10 25.89
C LYS S 32 -55.19 -42.79 26.53
N ASP S 33 -55.28 -44.11 26.72
CA ASP S 33 -54.15 -44.84 27.26
C ASP S 33 -52.95 -44.81 26.31
N ALA S 34 -53.20 -44.82 24.99
CA ALA S 34 -52.11 -44.66 24.04
C ALA S 34 -51.52 -43.27 24.07
N GLN S 35 -52.32 -42.26 24.38
CA GLN S 35 -51.77 -40.93 24.66
C GLN S 35 -50.85 -40.96 25.86
N ASN S 36 -51.15 -41.80 26.85
CA ASN S 36 -50.42 -41.80 28.11
C ASN S 36 -49.23 -42.75 28.15
N THR S 37 -48.88 -43.41 27.03
CA THR S 37 -47.78 -44.39 27.07
C THR S 37 -46.43 -43.72 27.22
N PRO S 38 -45.52 -44.27 28.01
CA PRO S 38 -44.14 -43.81 27.99
C PRO S 38 -43.52 -43.88 26.60
N THR S 39 -42.68 -42.89 26.29
CA THR S 39 -41.94 -42.86 25.05
C THR S 39 -40.43 -42.95 25.26
N ASP S 40 -39.99 -43.03 26.51
CA ASP S 40 -38.56 -43.07 26.81
C ASP S 40 -37.89 -44.37 26.41
N ASN S 41 -38.68 -45.42 26.16
CA ASN S 41 -38.14 -46.74 25.87
C ASN S 41 -38.03 -47.01 24.37
N ILE S 42 -39.13 -46.88 23.64
CA ILE S 42 -39.17 -47.15 22.21
C ILE S 42 -38.47 -46.02 21.47
N PRO S 43 -38.08 -46.20 20.20
CA PRO S 43 -37.53 -45.08 19.43
C PRO S 43 -38.54 -43.95 19.25
N LYS S 44 -38.08 -42.85 18.65
CA LYS S 44 -38.87 -41.63 18.63
C LYS S 44 -40.08 -41.77 17.72
N HIS S 45 -39.90 -42.27 16.51
CA HIS S 45 -41.00 -42.30 15.57
C HIS S 45 -42.05 -43.35 15.92
N GLN S 46 -41.65 -44.45 16.54
CA GLN S 46 -42.58 -45.52 16.92
C GLN S 46 -43.63 -45.06 17.91
N ALA S 47 -43.40 -43.94 18.61
CA ALA S 47 -44.40 -43.41 19.52
C ALA S 47 -45.67 -43.01 18.78
N GLN S 48 -45.57 -42.67 17.50
CA GLN S 48 -46.77 -42.35 16.75
C GLN S 48 -47.55 -43.58 16.33
N TRP S 49 -46.93 -44.75 16.41
CA TRP S 49 -47.55 -45.96 15.86
C TRP S 49 -48.86 -46.39 16.51
N PRO S 50 -49.03 -46.42 17.85
CA PRO S 50 -50.30 -46.94 18.39
C PRO S 50 -51.53 -46.17 17.97
N ILE S 51 -51.42 -44.84 17.83
CA ILE S 51 -52.54 -43.97 17.46
C ILE S 51 -53.21 -44.47 16.20
N PHE S 52 -52.44 -44.56 15.11
CA PHE S 52 -52.95 -45.05 13.83
C PHE S 52 -53.56 -46.44 13.96
N GLN S 53 -52.91 -47.31 14.77
CA GLN S 53 -53.46 -48.64 15.03
C GLN S 53 -54.89 -48.54 15.51
N ILE S 54 -55.09 -47.81 16.61
CA ILE S 54 -56.42 -47.69 17.18
C ILE S 54 -57.34 -47.00 16.20
N ALA S 55 -56.82 -46.01 15.47
CA ALA S 55 -57.62 -45.30 14.49
C ALA S 55 -58.14 -46.26 13.46
N HIS S 56 -57.24 -47.08 12.90
CA HIS S 56 -57.64 -48.09 11.93
C HIS S 56 -58.66 -49.02 12.56
N GLN S 57 -58.36 -49.49 13.77
CA GLN S 57 -59.25 -50.43 14.44
C GLN S 57 -60.61 -49.81 14.64
N ARG S 58 -60.63 -48.56 15.13
CA ARG S 58 -61.90 -47.90 15.39
C ARG S 58 -62.69 -47.77 14.10
N SER S 59 -62.00 -47.32 13.04
CA SER S 59 -62.65 -47.16 11.76
C SER S 59 -63.14 -48.49 11.25
N ARG S 60 -62.28 -49.52 11.35
CA ARG S 60 -62.64 -50.82 10.79
C ARG S 60 -63.81 -51.39 11.54
N TYR S 61 -63.90 -51.11 12.85
CA TYR S 61 -65.01 -51.60 13.65
C TYR S 61 -66.32 -51.11 13.05
N VAL S 62 -66.40 -49.80 12.85
CA VAL S 62 -67.62 -49.18 12.33
C VAL S 62 -67.93 -49.74 10.96
N TYR S 63 -66.88 -49.98 10.17
CA TYR S 63 -67.02 -50.46 8.80
C TYR S 63 -67.75 -51.79 8.78
N GLU S 64 -67.33 -52.73 9.64
CA GLU S 64 -67.95 -54.04 9.65
C GLU S 64 -69.41 -53.92 10.04
N LEU S 65 -69.70 -53.10 11.04
CA LEU S 65 -71.05 -53.02 11.56
C LEU S 65 -72.01 -52.36 10.59
N TYR S 66 -71.52 -51.77 9.50
CA TYR S 66 -72.46 -51.32 8.50
C TYR S 66 -72.45 -52.17 7.26
N TYR S 67 -71.35 -52.88 6.99
CA TYR S 67 -71.18 -53.39 5.64
C TYR S 67 -71.17 -54.91 5.55
N GLN S 68 -70.45 -55.60 6.42
CA GLN S 68 -70.46 -57.06 6.38
C GLN S 68 -71.71 -57.62 7.04
N LYS S 69 -71.98 -57.19 8.26
CA LYS S 69 -73.24 -57.49 8.93
C LYS S 69 -74.00 -56.18 9.13
N GLN S 70 -75.25 -56.16 8.69
CA GLN S 70 -76.03 -54.93 8.75
C GLN S 70 -76.60 -54.76 10.15
N ALA S 71 -75.78 -54.27 11.07
CA ALA S 71 -76.18 -54.16 12.47
C ALA S 71 -76.48 -52.75 12.93
N ILE S 72 -76.10 -51.72 12.18
CA ILE S 72 -76.42 -50.35 12.50
C ILE S 72 -77.07 -49.70 11.29
N SER S 73 -77.95 -48.75 11.53
CA SER S 73 -78.69 -48.11 10.45
C SER S 73 -77.80 -47.12 9.71
N LYS S 74 -78.28 -46.68 8.55
CA LYS S 74 -77.54 -45.69 7.78
C LYS S 74 -77.50 -44.34 8.47
N GLN S 75 -78.56 -44.00 9.22
CA GLN S 75 -78.54 -42.78 10.01
C GLN S 75 -77.45 -42.84 11.07
N LEU S 76 -77.38 -43.97 11.79
CA LEU S 76 -76.36 -44.14 12.81
C LEU S 76 -74.96 -44.17 12.23
N TYR S 77 -74.78 -44.84 11.09
CA TYR S 77 -73.46 -44.94 10.47
C TYR S 77 -72.98 -43.59 9.95
N ASP S 78 -73.86 -42.84 9.30
CA ASP S 78 -73.47 -41.52 8.82
C ASP S 78 -73.23 -40.56 9.97
N TRP S 79 -73.98 -40.71 11.06
CA TRP S 79 -73.70 -39.95 12.27
C TRP S 79 -72.33 -40.30 12.83
N LEU S 80 -71.98 -41.59 12.83
CA LEU S 80 -70.68 -42.01 13.35
C LEU S 80 -69.55 -41.42 12.53
N LEU S 81 -69.70 -41.40 11.20
CA LEU S 81 -68.66 -40.81 10.36
C LEU S 81 -68.56 -39.30 10.55
N LYS S 82 -69.71 -38.62 10.69
CA LYS S 82 -69.68 -37.16 10.71
C LYS S 82 -69.04 -36.62 11.98
N ASN S 83 -69.32 -37.24 13.13
CA ASN S 83 -68.78 -36.77 14.39
C ASN S 83 -67.44 -37.40 14.76
N GLY S 84 -66.70 -37.89 13.76
CA GLY S 84 -65.36 -38.39 14.01
C GLY S 84 -65.27 -39.64 14.85
N TYR S 85 -66.20 -40.57 14.68
CA TYR S 85 -66.10 -41.87 15.32
C TYR S 85 -65.52 -42.92 14.39
N ALA S 86 -65.26 -42.56 13.14
CA ALA S 86 -64.67 -43.44 12.14
C ALA S 86 -64.14 -42.59 11.01
N ASP S 87 -62.98 -42.95 10.49
CA ASP S 87 -62.35 -42.20 9.41
C ASP S 87 -63.10 -42.44 8.12
N ALA S 88 -63.63 -41.37 7.52
CA ALA S 88 -64.44 -41.53 6.32
C ALA S 88 -63.58 -41.85 5.10
N MET S 89 -62.42 -41.20 4.98
CA MET S 89 -61.56 -41.42 3.82
C MET S 89 -60.93 -42.81 3.86
N LEU S 90 -60.59 -43.29 5.04
CA LEU S 90 -60.03 -44.63 5.18
C LEU S 90 -61.05 -45.69 4.80
N ILE S 91 -62.30 -45.51 5.20
CA ILE S 91 -63.36 -46.44 4.82
C ILE S 91 -63.61 -46.36 3.33
N ALA S 92 -63.55 -45.15 2.76
CA ALA S 92 -63.72 -45.01 1.33
C ALA S 92 -62.59 -45.68 0.56
N LYS S 93 -61.40 -45.75 1.16
CA LYS S 93 -60.34 -46.53 0.55
C LYS S 93 -60.58 -48.03 0.72
N TRP S 94 -61.13 -48.43 1.86
CA TRP S 94 -61.42 -49.83 2.11
C TRP S 94 -62.47 -50.38 1.17
N LYS S 95 -63.42 -49.57 0.74
CA LYS S 95 -64.44 -50.05 -0.16
C LYS S 95 -63.93 -50.26 -1.57
N LYS S 96 -62.81 -49.66 -1.93
CA LYS S 96 -62.26 -49.85 -3.26
C LYS S 96 -61.57 -51.20 -3.34
N GLN S 97 -61.10 -51.53 -4.55
CA GLN S 97 -60.55 -52.84 -4.81
C GLN S 97 -59.03 -52.78 -4.86
N GLY S 98 -58.40 -53.71 -4.15
CA GLY S 98 -56.97 -53.69 -3.96
C GLY S 98 -56.50 -52.92 -2.75
N TYR S 99 -57.42 -52.33 -1.98
CA TYR S 99 -57.10 -51.52 -0.82
C TYR S 99 -57.87 -51.99 0.42
N GLU S 100 -58.33 -53.24 0.45
CA GLU S 100 -59.22 -53.69 1.50
C GLU S 100 -58.54 -53.84 2.86
N LYS S 101 -57.21 -53.86 2.92
CA LYS S 101 -56.52 -54.00 4.19
C LYS S 101 -55.59 -52.83 4.44
N LEU S 102 -56.02 -51.63 4.09
CA LEU S 102 -55.16 -50.47 4.15
C LEU S 102 -54.90 -50.06 5.60
N CYS S 103 -53.63 -49.87 5.94
CA CYS S 103 -53.25 -49.47 7.29
C CYS S 103 -53.70 -48.05 7.58
N CYS S 104 -53.25 -47.10 6.78
CA CYS S 104 -53.61 -45.70 6.97
C CYS S 104 -53.43 -44.97 5.64
N LEU S 105 -53.84 -43.71 5.63
CA LEU S 105 -53.81 -42.92 4.41
C LEU S 105 -52.43 -42.36 4.09
N ARG S 106 -51.53 -42.30 5.06
CA ARG S 106 -50.21 -41.77 4.81
C ARG S 106 -49.32 -42.78 4.13
N CYS S 107 -49.76 -44.03 4.02
CA CYS S 107 -48.99 -45.08 3.38
C CYS S 107 -49.35 -45.28 1.92
N ILE S 108 -50.27 -44.48 1.39
CA ILE S 108 -50.52 -44.45 -0.05
C ILE S 108 -50.32 -43.08 -0.65
N GLN S 109 -49.93 -42.09 0.14
CA GLN S 109 -49.69 -40.75 -0.37
C GLN S 109 -48.33 -40.73 -1.05
N THR S 110 -48.37 -40.96 -2.37
CA THR S 110 -47.14 -41.09 -3.15
C THR S 110 -46.45 -39.75 -3.37
N LYS S 111 -47.10 -38.64 -3.05
CA LYS S 111 -46.49 -37.32 -3.23
C LYS S 111 -45.66 -36.89 -2.04
N GLU S 112 -45.70 -37.64 -0.94
CA GLU S 112 -44.88 -37.37 0.23
C GLU S 112 -43.74 -38.34 0.43
N THR S 113 -43.43 -39.18 -0.53
CA THR S 113 -42.25 -40.02 -0.44
C THR S 113 -41.20 -39.50 -1.38
N ASN S 114 -39.96 -39.97 -1.18
CA ASN S 114 -38.82 -39.43 -1.91
C ASN S 114 -38.92 -39.70 -3.40
N PHE S 115 -39.19 -40.94 -3.78
CA PHE S 115 -39.13 -41.34 -5.18
C PHE S 115 -40.50 -41.58 -5.76
N ASN S 116 -41.52 -40.97 -5.17
CA ASN S 116 -42.92 -41.06 -5.59
C ASN S 116 -43.40 -42.51 -5.61
N SER S 117 -43.45 -43.09 -4.42
CA SER S 117 -43.86 -44.47 -4.24
C SER S 117 -44.82 -44.54 -3.06
N THR S 118 -45.56 -45.63 -2.98
CA THR S 118 -46.22 -45.95 -1.73
C THR S 118 -45.17 -46.46 -0.75
N CYS S 119 -45.59 -46.76 0.47
CA CYS S 119 -44.61 -47.32 1.38
C CYS S 119 -44.34 -48.78 1.02
N ILE S 120 -43.34 -49.35 1.67
CA ILE S 120 -42.99 -50.73 1.43
C ILE S 120 -44.02 -51.68 2.02
N CYS S 121 -44.88 -51.20 2.92
CA CYS S 121 -45.89 -52.08 3.48
C CYS S 121 -47.00 -52.40 2.49
N ARG S 122 -47.14 -51.60 1.43
CA ARG S 122 -48.16 -51.81 0.42
C ARG S 122 -47.74 -52.83 -0.62
N VAL S 123 -46.59 -53.45 -0.46
CA VAL S 123 -46.06 -54.42 -1.41
C VAL S 123 -46.40 -55.82 -0.89
N PRO S 124 -46.83 -56.73 -1.76
CA PRO S 124 -47.06 -58.10 -1.32
C PRO S 124 -45.80 -58.77 -0.81
N ARG S 125 -45.97 -59.76 0.07
CA ARG S 125 -44.86 -60.57 0.56
C ARG S 125 -44.10 -61.27 -0.54
N ALA S 126 -44.80 -61.85 -1.53
CA ALA S 126 -44.20 -62.77 -2.49
C ALA S 126 -43.14 -62.09 -3.35
N GLN S 127 -43.11 -60.77 -3.36
CA GLN S 127 -42.07 -60.02 -4.02
C GLN S 127 -41.03 -59.46 -3.06
N LEU S 128 -41.34 -59.42 -1.77
CA LEU S 128 -40.36 -59.03 -0.76
C LEU S 128 -39.60 -60.26 -0.26
N LYS S 129 -38.42 -60.00 0.30
CA LYS S 129 -37.52 -61.04 0.73
C LYS S 129 -38.13 -61.88 1.86
N GLU S 130 -37.78 -63.16 1.87
CA GLU S 130 -38.28 -64.05 2.92
C GLU S 130 -37.65 -63.70 4.26
N ASP S 131 -38.45 -63.83 5.32
CA ASP S 131 -38.05 -63.50 6.70
C ASP S 131 -37.56 -62.07 6.82
N GLN S 132 -38.25 -61.14 6.16
CA GLN S 132 -37.89 -59.73 6.19
C GLN S 132 -38.72 -59.03 7.26
N ASP S 133 -38.04 -58.44 8.24
CA ASP S 133 -38.71 -57.70 9.31
C ASP S 133 -39.05 -56.31 8.79
N ILE S 134 -40.13 -56.25 8.02
CA ILE S 134 -40.67 -54.99 7.54
C ILE S 134 -41.60 -54.41 8.59
N GLN S 135 -41.40 -53.14 8.92
CA GLN S 135 -42.29 -52.44 9.83
C GLN S 135 -42.24 -50.97 9.42
N CYS S 136 -43.35 -50.46 8.89
CA CYS S 136 -43.37 -49.19 8.18
C CYS S 136 -43.12 -48.04 9.13
N VAL S 137 -42.51 -46.97 8.62
CA VAL S 137 -42.21 -45.85 9.51
C VAL S 137 -43.44 -45.01 9.82
N ASN S 138 -44.49 -45.09 9.00
CA ASN S 138 -45.65 -44.23 9.21
C ASN S 138 -46.52 -44.75 10.34
N CYS S 139 -47.01 -45.98 10.23
CA CYS S 139 -47.90 -46.55 11.22
C CYS S 139 -47.34 -47.78 11.91
N GLY S 140 -46.38 -48.46 11.30
CA GLY S 140 -45.79 -49.60 11.94
C GLY S 140 -46.38 -50.93 11.54
N CYS S 141 -47.10 -50.99 10.43
CA CYS S 141 -47.68 -52.26 10.00
C CYS S 141 -46.62 -53.11 9.31
N ARG S 142 -46.99 -54.35 9.05
CA ARG S 142 -46.08 -55.31 8.45
C ARG S 142 -46.51 -55.79 7.08
N GLY S 143 -47.74 -55.50 6.67
CA GLY S 143 -48.17 -55.80 5.33
C GLY S 143 -49.62 -55.40 5.11
N CYS S 144 -49.89 -54.70 4.01
CA CYS S 144 -51.21 -54.16 3.75
C CYS S 144 -51.75 -54.51 2.39
N ALA S 145 -51.02 -55.26 1.59
CA ALA S 145 -51.56 -55.72 0.32
C ALA S 145 -52.74 -56.63 0.60
N SER S 146 -53.79 -56.50 -0.23
CA SER S 146 -55.02 -57.24 0.01
C SER S 146 -54.80 -58.74 -0.10
N THR S 147 -53.78 -59.17 -0.84
CA THR S 147 -53.44 -60.58 -0.90
C THR S 147 -52.96 -61.09 0.44
N ASP S 148 -52.28 -60.25 1.21
CA ASP S 148 -51.68 -60.71 2.44
C ASP S 148 -52.65 -60.59 3.60
N MET T 1 17.61 -48.27 -57.08
CA MET T 1 17.97 -46.88 -56.77
C MET T 1 16.91 -46.20 -55.91
N ALA T 2 17.26 -45.07 -55.33
CA ALA T 2 16.36 -44.32 -54.46
C ALA T 2 15.97 -43.02 -55.13
N THR T 3 14.73 -42.59 -54.89
CA THR T 3 14.20 -41.37 -55.46
C THR T 3 13.89 -40.37 -54.36
N ASP T 4 14.28 -39.12 -54.58
CA ASP T 4 14.21 -38.10 -53.54
C ASP T 4 13.01 -37.19 -53.74
N VAL T 5 12.35 -36.85 -52.63
CA VAL T 5 11.24 -35.91 -52.63
C VAL T 5 11.51 -34.82 -51.59
N ALA T 6 10.86 -33.67 -51.77
CA ALA T 6 11.15 -32.48 -50.98
C ALA T 6 9.87 -31.95 -50.33
N LEU T 7 9.71 -32.27 -49.04
CA LEU T 7 8.65 -31.74 -48.21
C LEU T 7 9.14 -30.43 -47.60
N GLU T 8 8.77 -29.32 -48.22
CA GLU T 8 9.05 -28.02 -47.63
C GLU T 8 7.97 -27.71 -46.60
N THR T 9 8.39 -27.35 -45.39
CA THR T 9 7.45 -27.10 -44.30
C THR T 9 7.68 -25.70 -43.73
N THR T 10 6.81 -25.31 -42.80
CA THR T 10 7.02 -24.06 -42.07
C THR T 10 8.22 -24.15 -41.14
N MET T 11 8.46 -25.33 -40.57
CA MET T 11 9.49 -25.49 -39.56
C MET T 11 10.82 -25.97 -40.14
N GLY T 12 10.93 -26.05 -41.45
CA GLY T 12 12.16 -26.47 -42.09
C GLY T 12 11.84 -27.16 -43.41
N THR T 13 12.87 -27.78 -43.98
CA THR T 13 12.70 -28.54 -45.22
C THR T 13 13.21 -29.95 -45.01
N ILE T 14 12.52 -30.91 -45.62
CA ILE T 14 12.81 -32.33 -45.48
C ILE T 14 13.05 -32.90 -46.86
N ILE T 15 14.16 -33.62 -47.01
CA ILE T 15 14.48 -34.32 -48.25
C ILE T 15 14.52 -35.80 -47.94
N LEU T 16 13.67 -36.57 -48.62
CA LEU T 16 13.45 -37.97 -48.32
C LEU T 16 13.91 -38.85 -49.47
N GLU T 17 14.49 -40.00 -49.13
CA GLU T 17 14.71 -41.08 -50.08
C GLU T 17 13.58 -42.10 -50.02
N LEU T 18 13.20 -42.60 -51.18
CA LEU T 18 12.18 -43.63 -51.29
C LEU T 18 12.73 -44.78 -52.13
N TYR T 19 12.30 -46.00 -51.82
CA TYR T 19 12.83 -47.20 -52.43
C TYR T 19 11.90 -47.66 -53.54
N ASN T 20 12.37 -47.59 -54.79
CA ASN T 20 11.52 -48.01 -55.89
C ASN T 20 11.47 -49.54 -56.04
N GLN T 21 12.59 -50.21 -55.79
CA GLN T 21 12.65 -51.66 -56.00
C GLN T 21 12.25 -52.49 -54.78
N HIS T 22 12.05 -51.87 -53.61
CA HIS T 22 11.47 -52.59 -52.47
C HIS T 22 9.95 -52.58 -52.51
N ALA T 23 9.34 -51.41 -52.51
CA ALA T 23 7.89 -51.28 -52.46
C ALA T 23 7.44 -50.38 -53.60
N PRO T 24 7.41 -50.90 -54.84
CA PRO T 24 7.15 -50.05 -56.00
C PRO T 24 5.77 -49.40 -56.01
N ARG T 25 4.76 -50.11 -55.51
CA ARG T 25 3.39 -49.59 -55.53
C ARG T 25 3.26 -48.34 -54.68
N THR T 26 3.70 -48.40 -53.42
CA THR T 26 3.50 -47.30 -52.50
C THR T 26 4.38 -46.11 -52.85
N CYS T 27 5.63 -46.36 -53.24
CA CYS T 27 6.51 -45.24 -53.57
C CYS T 27 6.08 -44.58 -54.87
N GLU T 28 5.63 -45.38 -55.85
CA GLU T 28 5.14 -44.80 -57.09
C GLU T 28 3.87 -43.98 -56.83
N ASN T 29 3.03 -44.46 -55.91
CA ASN T 29 1.90 -43.67 -55.43
C ASN T 29 2.37 -42.36 -54.82
N PHE T 30 3.48 -42.40 -54.06
CA PHE T 30 3.99 -41.17 -53.45
C PHE T 30 4.50 -40.19 -54.49
N LYS T 31 5.19 -40.67 -55.54
CA LYS T 31 5.57 -39.80 -56.65
C LYS T 31 4.35 -39.16 -57.30
N THR T 32 3.33 -39.96 -57.60
CA THR T 32 2.18 -39.42 -58.32
C THR T 32 1.39 -38.43 -57.48
N LEU T 33 1.28 -38.68 -56.17
CA LEU T 33 0.59 -37.73 -55.33
C LEU T 33 1.44 -36.50 -54.99
N ALA T 34 2.77 -36.63 -54.99
CA ALA T 34 3.61 -35.46 -54.74
C ALA T 34 3.71 -34.55 -55.95
N ALA T 35 3.80 -35.13 -57.15
CA ALA T 35 3.98 -34.34 -58.35
C ALA T 35 2.72 -33.58 -58.73
N ARG T 36 1.55 -34.09 -58.35
CA ARG T 36 0.30 -33.43 -58.68
C ARG T 36 -0.01 -32.24 -57.78
N GLY T 37 0.78 -32.04 -56.72
CA GLY T 37 0.47 -30.99 -55.77
C GLY T 37 -0.63 -31.35 -54.80
N TYR T 38 -0.82 -32.65 -54.53
CA TYR T 38 -1.87 -33.08 -53.62
C TYR T 38 -1.52 -32.75 -52.17
N TYR T 39 -0.24 -32.86 -51.80
CA TYR T 39 0.20 -32.55 -50.44
C TYR T 39 0.47 -31.07 -50.23
N ASP T 40 0.27 -30.25 -51.27
CA ASP T 40 0.67 -28.85 -51.21
C ASP T 40 -0.26 -28.09 -50.28
N GLY T 41 0.31 -27.46 -49.26
CA GLY T 41 -0.48 -26.70 -48.31
C GLY T 41 -1.23 -27.53 -47.28
N THR T 42 -0.92 -28.82 -47.18
CA THR T 42 -1.59 -29.70 -46.24
C THR T 42 -1.08 -29.45 -44.82
N ILE T 43 -1.67 -30.15 -43.85
CA ILE T 43 -1.38 -29.93 -42.44
C ILE T 43 -0.97 -31.26 -41.81
N PHE T 44 0.11 -31.25 -41.04
CA PHE T 44 0.50 -32.41 -40.26
C PHE T 44 -0.49 -32.57 -39.10
N HIS T 45 -1.53 -33.39 -39.32
CA HIS T 45 -2.67 -33.37 -38.41
C HIS T 45 -2.42 -34.11 -37.11
N ARG T 46 -1.47 -35.04 -37.06
CA ARG T 46 -1.18 -35.73 -35.80
C ARG T 46 0.30 -35.69 -35.51
N VAL T 47 0.66 -35.25 -34.31
CA VAL T 47 2.02 -35.36 -33.79
C VAL T 47 1.93 -35.93 -32.38
N ILE T 48 2.73 -36.95 -32.11
CA ILE T 48 2.80 -37.57 -30.79
C ILE T 48 4.28 -37.69 -30.44
N LYS T 49 4.70 -37.00 -29.39
CA LYS T 49 6.10 -36.98 -29.00
C LYS T 49 6.56 -38.36 -28.59
N ASP T 50 7.80 -38.69 -28.96
CA ASP T 50 8.48 -39.97 -28.78
C ASP T 50 7.82 -41.10 -29.57
N PHE T 51 6.82 -40.83 -30.39
CA PHE T 51 6.23 -41.88 -31.22
C PHE T 51 6.24 -41.60 -32.71
N MET T 52 5.66 -40.48 -33.15
CA MET T 52 5.15 -40.46 -34.52
C MET T 52 4.74 -39.05 -34.94
N VAL T 53 4.84 -38.77 -36.23
CA VAL T 53 4.20 -37.63 -36.87
C VAL T 53 3.45 -38.15 -38.10
N GLN T 54 2.12 -38.05 -38.09
CA GLN T 54 1.29 -38.48 -39.20
C GLN T 54 0.66 -37.28 -39.89
N GLY T 55 0.73 -37.28 -41.22
CA GLY T 55 0.11 -36.21 -41.99
C GLY T 55 -0.07 -36.59 -43.43
N GLY T 56 -0.94 -35.86 -44.12
CA GLY T 56 -1.24 -36.13 -45.51
C GLY T 56 -2.68 -35.88 -45.89
N ASP T 57 -3.52 -35.61 -44.90
CA ASP T 57 -4.92 -35.29 -45.15
C ASP T 57 -5.04 -33.87 -45.69
N PRO T 58 -5.64 -33.66 -46.87
CA PRO T 58 -5.91 -32.29 -47.31
C PRO T 58 -6.86 -31.55 -46.40
N THR T 59 -7.85 -32.24 -45.83
CA THR T 59 -8.71 -31.62 -44.83
C THR T 59 -8.02 -31.51 -43.48
N GLY T 60 -6.97 -32.30 -43.25
CA GLY T 60 -6.22 -32.27 -42.00
C GLY T 60 -6.98 -32.73 -40.79
N THR T 61 -7.83 -33.77 -40.94
CA THR T 61 -8.59 -34.27 -39.82
C THR T 61 -8.47 -35.77 -39.62
N GLY T 62 -7.64 -36.46 -40.41
CA GLY T 62 -7.41 -37.87 -40.20
C GLY T 62 -8.55 -38.77 -40.60
N ARG T 63 -9.41 -38.31 -41.52
CA ARG T 63 -10.54 -39.08 -41.99
C ARG T 63 -10.38 -39.56 -43.43
N GLY T 64 -10.10 -38.66 -44.36
CA GLY T 64 -10.03 -38.98 -45.76
C GLY T 64 -8.64 -39.30 -46.23
N GLY T 65 -8.44 -39.18 -47.54
CA GLY T 65 -7.18 -39.53 -48.17
C GLY T 65 -7.42 -40.18 -49.52
N ARG T 66 -6.75 -39.68 -50.56
CA ARG T 66 -7.00 -40.12 -51.92
C ARG T 66 -5.70 -40.58 -52.56
N SER T 67 -5.72 -41.76 -53.17
CA SER T 67 -4.63 -42.26 -53.99
C SER T 67 -5.09 -42.30 -55.44
N ILE T 68 -4.11 -42.27 -56.36
CA ILE T 68 -4.45 -42.28 -57.78
C ILE T 68 -4.96 -43.62 -58.27
N TYR T 69 -4.81 -44.68 -57.48
CA TYR T 69 -5.28 -46.01 -57.88
C TYR T 69 -6.70 -46.27 -57.39
N GLY T 70 -7.50 -45.23 -57.22
CA GLY T 70 -8.85 -45.36 -56.72
C GLY T 70 -8.99 -44.77 -55.34
N ASP T 71 -9.28 -45.62 -54.35
CA ASP T 71 -9.38 -45.21 -52.96
C ASP T 71 -8.35 -45.89 -52.07
N THR T 72 -8.15 -47.19 -52.26
CA THR T 72 -7.20 -47.96 -51.46
C THR T 72 -6.57 -49.03 -52.33
N PHE T 73 -5.54 -49.67 -51.80
CA PHE T 73 -4.87 -50.76 -52.49
C PHE T 73 -4.30 -51.72 -51.44
N GLU T 74 -3.39 -52.59 -51.87
CA GLU T 74 -2.88 -53.67 -51.04
C GLU T 74 -1.70 -53.22 -50.18
N ASP T 75 -1.13 -54.18 -49.45
CA ASP T 75 0.00 -53.94 -48.57
C ASP T 75 1.18 -54.79 -49.02
N GLU T 76 2.38 -54.26 -48.84
CA GLU T 76 3.62 -54.99 -49.13
C GLU T 76 4.54 -54.90 -47.91
N ILE T 77 4.75 -56.01 -47.24
CA ILE T 77 5.60 -56.06 -46.07
C ILE T 77 6.81 -56.91 -46.44
N HIS T 78 7.92 -56.23 -46.74
CA HIS T 78 9.17 -56.93 -47.05
C HIS T 78 9.86 -57.29 -45.75
N PRO T 79 10.25 -58.56 -45.54
CA PRO T 79 10.90 -58.95 -44.28
C PRO T 79 12.23 -58.25 -44.04
N GLY T 80 12.91 -57.79 -45.08
CA GLY T 80 14.14 -57.04 -44.90
C GLY T 80 13.93 -55.64 -44.37
N LEU T 81 12.76 -55.06 -44.60
CA LEU T 81 12.44 -53.72 -44.13
C LEU T 81 11.69 -53.81 -42.82
N ARG T 82 12.06 -52.96 -41.87
CA ARG T 82 11.52 -53.02 -40.51
C ARG T 82 11.16 -51.60 -40.09
N HIS T 83 10.97 -51.41 -38.79
CA HIS T 83 10.63 -50.12 -38.21
C HIS T 83 11.78 -49.69 -37.29
N THR T 84 12.98 -49.72 -37.85
CA THR T 84 14.25 -49.70 -37.12
C THR T 84 14.35 -48.56 -36.12
N GLY T 85 13.95 -47.35 -36.52
CA GLY T 85 14.09 -46.21 -35.64
C GLY T 85 13.46 -44.94 -36.19
N ALA T 86 13.98 -43.78 -35.78
CA ALA T 86 13.38 -42.51 -36.15
C ALA T 86 13.62 -42.19 -37.62
N GLY T 87 12.76 -41.34 -38.17
CA GLY T 87 12.89 -40.91 -39.55
C GLY T 87 12.64 -41.97 -40.59
N ILE T 88 11.63 -42.82 -40.40
CA ILE T 88 11.27 -43.87 -41.36
C ILE T 88 9.83 -43.68 -41.79
N LEU T 89 9.60 -43.66 -43.10
CA LEU T 89 8.27 -43.49 -43.65
C LEU T 89 7.44 -44.76 -43.56
N SER T 90 6.12 -44.57 -43.49
CA SER T 90 5.17 -45.68 -43.51
C SER T 90 3.84 -45.15 -44.03
N MET T 91 2.99 -46.08 -44.46
CA MET T 91 1.61 -45.74 -44.81
C MET T 91 0.74 -45.88 -43.57
N ALA T 92 0.16 -44.77 -43.14
CA ALA T 92 -0.80 -44.80 -42.03
C ALA T 92 -2.10 -45.39 -42.55
N ASN T 93 -2.27 -46.69 -42.41
CA ASN T 93 -3.42 -47.40 -42.93
C ASN T 93 -4.39 -47.74 -41.80
N ALA T 94 -5.64 -47.98 -42.19
CA ALA T 94 -6.65 -48.35 -41.21
C ALA T 94 -6.44 -49.78 -40.71
N GLY T 95 -6.48 -50.74 -41.62
CA GLY T 95 -6.18 -52.11 -41.30
C GLY T 95 -5.30 -52.73 -42.35
N PRO T 96 -5.33 -54.06 -42.48
CA PRO T 96 -4.65 -54.71 -43.62
C PRO T 96 -5.25 -54.26 -44.94
N ASN T 97 -4.37 -54.02 -45.91
CA ASN T 97 -4.73 -53.65 -47.29
C ASN T 97 -5.61 -52.40 -47.33
N THR T 98 -5.28 -51.41 -46.50
CA THR T 98 -6.04 -50.17 -46.43
C THR T 98 -5.15 -48.95 -46.59
N ASN T 99 -4.15 -49.04 -47.47
CA ASN T 99 -3.26 -47.92 -47.67
C ASN T 99 -3.93 -46.83 -48.48
N GLY T 100 -3.86 -45.59 -47.99
CA GLY T 100 -4.43 -44.46 -48.67
C GLY T 100 -3.39 -43.45 -49.10
N SER T 101 -3.37 -42.30 -48.44
CA SER T 101 -2.37 -41.28 -48.76
C SER T 101 -1.71 -40.64 -47.56
N GLN T 102 -2.29 -40.68 -46.36
CA GLN T 102 -1.65 -40.09 -45.20
C GLN T 102 -0.47 -40.96 -44.76
N PHE T 103 0.68 -40.32 -44.55
CA PHE T 103 1.89 -41.04 -44.21
C PHE T 103 2.30 -40.82 -42.76
N PHE T 104 3.28 -41.63 -42.37
CA PHE T 104 3.63 -41.95 -40.99
C PHE T 104 5.14 -41.78 -40.90
N LEU T 105 5.60 -40.73 -40.24
CA LEU T 105 7.02 -40.44 -40.12
C LEU T 105 7.37 -40.61 -38.64
N THR T 106 7.98 -41.74 -38.30
CA THR T 106 8.13 -42.13 -36.91
C THR T 106 9.25 -41.36 -36.24
N LEU T 107 9.22 -41.36 -34.91
CA LEU T 107 10.16 -40.61 -34.07
C LEU T 107 10.99 -41.50 -33.15
N ALA T 108 10.75 -42.80 -33.13
CA ALA T 108 11.45 -43.69 -32.22
C ALA T 108 11.39 -45.09 -32.79
N PRO T 109 12.31 -45.98 -32.37
CA PRO T 109 12.19 -47.40 -32.74
C PRO T 109 10.90 -48.02 -32.22
N THR T 110 10.03 -48.43 -33.14
CA THR T 110 8.75 -49.07 -32.81
C THR T 110 8.62 -50.35 -33.61
N PRO T 111 9.31 -51.42 -33.22
CA PRO T 111 9.27 -52.65 -34.00
C PRO T 111 8.07 -53.54 -33.68
N TRP T 112 6.90 -52.95 -33.56
CA TRP T 112 5.65 -53.68 -33.47
C TRP T 112 4.67 -53.30 -34.57
N LEU T 113 5.05 -52.41 -35.47
CA LEU T 113 4.24 -52.07 -36.63
C LEU T 113 4.54 -52.95 -37.83
N ASP T 114 5.55 -53.82 -37.74
CA ASP T 114 5.89 -54.69 -38.85
C ASP T 114 4.81 -55.75 -39.07
N GLY T 115 4.59 -56.08 -40.34
CA GLY T 115 3.52 -56.99 -40.72
C GLY T 115 2.17 -56.33 -40.87
N LYS T 116 2.02 -55.09 -40.41
CA LYS T 116 0.78 -54.35 -40.54
C LYS T 116 0.95 -53.03 -41.28
N HIS T 117 2.07 -52.33 -41.07
CA HIS T 117 2.33 -51.06 -41.73
C HIS T 117 3.53 -51.24 -42.66
N THR T 118 3.32 -50.92 -43.93
CA THR T 118 4.38 -51.04 -44.93
C THR T 118 5.37 -49.90 -44.77
N ILE T 119 6.61 -50.16 -45.18
CA ILE T 119 7.70 -49.19 -45.11
C ILE T 119 8.15 -48.89 -46.53
N PHE T 120 8.22 -47.60 -46.87
CA PHE T 120 8.54 -47.23 -48.23
C PHE T 120 9.50 -46.05 -48.36
N GLY T 121 10.03 -45.51 -47.26
CA GLY T 121 10.89 -44.35 -47.40
C GLY T 121 11.75 -44.09 -46.19
N ARG T 122 12.62 -43.10 -46.35
CA ARG T 122 13.57 -42.70 -45.32
C ARG T 122 14.00 -41.28 -45.62
N VAL T 123 14.54 -40.60 -44.61
CA VAL T 123 14.87 -39.18 -44.69
C VAL T 123 16.36 -38.99 -44.93
N LYS T 124 16.71 -38.19 -45.94
CA LYS T 124 18.07 -37.74 -46.13
C LYS T 124 18.42 -36.48 -45.35
N LYS T 125 17.80 -35.36 -45.73
CA LYS T 125 18.19 -34.05 -45.22
C LYS T 125 17.08 -33.48 -44.35
N GLY T 126 17.43 -33.11 -43.13
CA GLY T 126 16.51 -32.50 -42.20
C GLY T 126 16.02 -33.53 -41.21
N ILE T 127 16.69 -33.59 -40.06
CA ILE T 127 16.30 -34.49 -38.98
C ILE T 127 16.16 -33.76 -37.66
N ARG T 128 16.89 -32.67 -37.45
CA ARG T 128 16.56 -31.77 -36.34
C ARG T 128 15.21 -31.11 -36.57
N VAL T 129 14.82 -30.92 -37.83
CA VAL T 129 13.48 -30.46 -38.14
C VAL T 129 12.45 -31.48 -37.67
N LEU T 130 12.78 -32.76 -37.80
CA LEU T 130 11.88 -33.80 -37.31
C LEU T 130 11.83 -33.83 -35.79
N GLN T 131 12.97 -33.55 -35.13
CA GLN T 131 12.98 -33.40 -33.69
C GLN T 131 12.08 -32.25 -33.24
N ARG T 132 12.16 -31.11 -33.94
CA ARG T 132 11.31 -29.97 -33.63
C ARG T 132 9.84 -30.28 -33.91
N MET T 133 9.56 -31.10 -34.93
CA MET T 133 8.19 -31.52 -35.19
C MET T 133 7.67 -32.40 -34.07
N GLY T 134 8.53 -33.22 -33.48
CA GLY T 134 8.15 -33.94 -32.29
C GLY T 134 8.00 -33.08 -31.06
N LEU T 135 8.61 -31.90 -31.04
CA LEU T 135 8.62 -31.04 -29.85
C LEU T 135 7.56 -29.94 -29.87
N VAL T 136 6.52 -30.06 -30.70
CA VAL T 136 5.54 -28.98 -30.87
C VAL T 136 4.42 -29.18 -29.84
N PRO T 137 3.86 -28.11 -29.27
CA PRO T 137 2.75 -28.29 -28.32
C PRO T 137 1.48 -28.78 -29.00
N THR T 138 0.81 -29.71 -28.33
CA THR T 138 -0.34 -30.40 -28.89
C THR T 138 -1.57 -30.17 -28.01
N ASP T 139 -2.65 -30.86 -28.38
CA ASP T 139 -3.89 -30.91 -27.62
C ASP T 139 -4.07 -32.36 -27.16
N ALA T 140 -5.15 -32.65 -26.45
CA ALA T 140 -5.42 -34.03 -26.04
C ALA T 140 -5.69 -34.95 -27.22
N ASP T 141 -6.12 -34.41 -28.36
CA ASP T 141 -6.24 -35.20 -29.57
C ASP T 141 -4.91 -35.29 -30.31
N ASP T 142 -3.90 -34.55 -29.84
CA ASP T 142 -2.52 -34.53 -30.31
C ASP T 142 -2.38 -33.91 -31.70
N ARG T 143 -3.35 -33.11 -32.12
CA ARG T 143 -3.12 -32.17 -33.21
C ARG T 143 -2.20 -31.06 -32.71
N PRO T 144 -1.36 -30.50 -33.57
CA PRO T 144 -0.50 -29.40 -33.14
C PRO T 144 -1.33 -28.15 -32.88
N LYS T 145 -1.03 -27.47 -31.77
CA LYS T 145 -1.73 -26.23 -31.48
C LYS T 145 -1.27 -25.10 -32.37
N THR T 146 -0.12 -25.25 -33.02
CA THR T 146 0.34 -24.33 -34.04
C THR T 146 0.07 -24.92 -35.42
N GLU T 147 0.57 -24.26 -36.45
CA GLU T 147 0.27 -24.61 -37.83
C GLU T 147 1.53 -25.23 -38.46
N ILE T 148 1.57 -26.54 -38.53
CA ILE T 148 2.61 -27.25 -39.27
C ILE T 148 2.06 -27.53 -40.66
N LYS T 149 2.56 -26.81 -41.66
CA LYS T 149 2.02 -26.86 -43.01
C LYS T 149 3.06 -27.40 -43.96
N ILE T 150 2.65 -28.33 -44.83
CA ILE T 150 3.51 -28.86 -45.87
C ILE T 150 3.25 -28.02 -47.11
N ILE T 151 4.06 -26.97 -47.29
CA ILE T 151 3.85 -26.04 -48.39
C ILE T 151 4.19 -26.69 -49.73
N ARG T 152 5.32 -27.38 -49.80
CA ARG T 152 5.85 -27.84 -51.07
C ARG T 152 6.50 -29.21 -50.86
N ALA T 153 6.48 -30.02 -51.93
CA ALA T 153 6.85 -31.43 -52.00
C ALA T 153 7.17 -31.70 -53.47
N TYR T 154 8.45 -31.69 -53.81
CA TYR T 154 8.88 -31.83 -55.20
C TYR T 154 9.96 -32.89 -55.32
N VAL T 155 9.99 -33.56 -56.47
CA VAL T 155 11.06 -34.52 -56.74
C VAL T 155 12.32 -33.75 -57.08
N VAL T 156 13.39 -34.04 -56.35
CA VAL T 156 14.67 -33.34 -56.56
C VAL T 156 15.32 -33.91 -57.81
N GLY T 157 15.17 -33.22 -58.94
CA GLY T 157 15.73 -33.67 -60.19
C GLY T 157 15.00 -34.85 -60.80
N PRO U 169 0.48 6.87 -43.67
CA PRO U 169 -0.83 7.34 -44.09
C PRO U 169 -0.92 8.86 -44.19
N ARG U 170 -1.43 9.35 -45.30
CA ARG U 170 -1.65 10.79 -45.45
C ARG U 170 -2.88 11.20 -44.65
N PRO U 171 -2.74 12.11 -43.69
CA PRO U 171 -3.90 12.54 -42.92
C PRO U 171 -4.86 13.42 -43.71
N ASP U 172 -6.12 13.39 -43.28
CA ASP U 172 -7.16 14.23 -43.83
C ASP U 172 -7.08 15.62 -43.23
N TRP U 173 -7.67 16.59 -43.91
CA TRP U 173 -7.72 17.94 -43.37
C TRP U 173 -8.94 18.09 -42.48
N HIS U 174 -8.73 18.60 -41.27
CA HIS U 174 -9.80 18.89 -40.35
C HIS U 174 -9.76 20.35 -39.94
N PRO U 175 -10.88 21.04 -39.89
CA PRO U 175 -10.87 22.46 -39.54
C PRO U 175 -10.53 22.66 -38.08
N PRO U 176 -9.82 23.74 -37.75
CA PRO U 176 -9.47 24.00 -36.35
C PRO U 176 -10.68 24.38 -35.52
N TRP U 177 -10.56 24.16 -34.21
CA TRP U 177 -11.63 24.40 -33.27
C TRP U 177 -11.35 25.65 -32.45
N LYS U 178 -12.40 26.43 -32.21
CA LYS U 178 -12.28 27.66 -31.45
C LYS U 178 -13.38 27.73 -30.40
N LEU U 179 -13.14 28.57 -29.40
CA LEU U 179 -14.06 28.75 -28.29
C LEU U 179 -15.28 29.54 -28.75
N MET U 180 -16.46 28.98 -28.50
CA MET U 180 -17.73 29.59 -28.84
C MET U 180 -18.41 30.24 -27.65
N ARG U 181 -18.60 29.50 -26.57
CA ARG U 181 -19.43 29.94 -25.48
C ARG U 181 -18.85 29.42 -24.18
N VAL U 182 -18.94 30.24 -23.14
CA VAL U 182 -18.44 29.91 -21.81
C VAL U 182 -19.61 30.01 -20.84
N ILE U 183 -19.88 28.91 -20.13
CA ILE U 183 -21.04 28.88 -19.25
C ILE U 183 -20.61 28.69 -17.81
N SER U 184 -20.66 29.76 -17.02
CA SER U 184 -20.45 29.65 -15.59
C SER U 184 -21.74 29.30 -14.89
N GLY U 185 -21.63 28.84 -13.66
CA GLY U 185 -22.83 28.39 -12.95
C GLY U 185 -22.67 27.27 -11.96
N HIS U 186 -21.76 26.32 -12.17
CA HIS U 186 -21.40 25.43 -11.08
C HIS U 186 -20.45 26.10 -10.10
N LEU U 187 -20.44 25.57 -8.88
CA LEU U 187 -19.55 26.01 -7.83
C LEU U 187 -18.50 24.96 -7.50
N GLY U 188 -18.36 23.96 -8.36
CA GLY U 188 -17.28 23.00 -8.27
C GLY U 188 -16.92 22.54 -9.66
N TRP U 189 -15.82 21.81 -9.77
CA TRP U 189 -15.28 21.37 -11.06
C TRP U 189 -16.25 20.47 -11.80
N VAL U 190 -16.44 20.73 -13.09
CA VAL U 190 -17.41 20.01 -13.88
C VAL U 190 -16.87 18.66 -14.32
N ARG U 191 -17.19 17.60 -13.57
CA ARG U 191 -16.60 16.29 -13.81
C ARG U 191 -17.39 15.40 -14.76
N ALA U 192 -18.65 15.72 -15.02
CA ALA U 192 -19.50 14.89 -15.86
C ALA U 192 -20.32 15.76 -16.79
N LEU U 193 -20.82 15.15 -17.87
CA LEU U 193 -21.26 15.74 -19.12
C LEU U 193 -21.92 14.61 -19.88
N ALA U 194 -23.17 14.80 -20.29
CA ALA U 194 -23.88 13.74 -21.00
C ALA U 194 -24.99 14.38 -21.81
N VAL U 195 -25.02 14.08 -23.09
CA VAL U 195 -25.94 14.71 -24.03
C VAL U 195 -27.13 13.78 -24.24
N GLU U 196 -28.31 14.37 -24.40
CA GLU U 196 -29.51 13.63 -24.78
C GLU U 196 -29.28 12.95 -26.14
N PRO U 197 -29.90 11.80 -26.39
CA PRO U 197 -29.89 11.23 -27.75
C PRO U 197 -30.42 12.18 -28.83
N ASN U 198 -31.34 13.07 -28.45
CA ASN U 198 -31.96 14.00 -29.38
C ASN U 198 -31.21 15.33 -29.47
N ASN U 199 -30.09 15.46 -28.78
CA ASN U 199 -29.16 16.58 -28.87
C ASN U 199 -29.81 17.91 -28.43
N GLN U 200 -30.82 17.86 -27.58
CA GLN U 200 -31.45 19.13 -27.21
C GLN U 200 -30.81 19.74 -25.96
N TRP U 201 -30.46 18.92 -24.99
CA TRP U 201 -29.86 19.36 -23.75
C TRP U 201 -28.71 18.45 -23.37
N PHE U 202 -27.85 18.94 -22.48
CA PHE U 202 -26.76 18.14 -21.93
C PHE U 202 -26.72 18.29 -20.41
N ALA U 203 -26.02 17.35 -19.78
CA ALA U 203 -26.02 17.21 -18.34
C ALA U 203 -24.61 17.34 -17.76
N SER U 204 -24.45 18.36 -16.93
CA SER U 204 -23.18 18.59 -16.26
C SER U 204 -23.31 18.23 -14.80
N GLY U 205 -22.54 17.24 -14.37
CA GLY U 205 -22.41 16.91 -12.96
C GLY U 205 -21.15 17.53 -12.42
N ALA U 206 -21.24 18.12 -11.24
CA ALA U 206 -20.10 18.87 -10.76
C ALA U 206 -19.97 18.76 -9.26
N GLY U 207 -18.74 19.04 -8.82
CA GLY U 207 -18.19 19.11 -7.49
C GLY U 207 -18.99 19.89 -6.48
N ASP U 208 -19.89 20.75 -6.93
CA ASP U 208 -20.89 21.33 -6.05
C ASP U 208 -22.04 20.37 -5.80
N ARG U 209 -21.84 19.08 -6.06
CA ARG U 209 -22.70 17.95 -5.76
C ARG U 209 -23.93 17.93 -6.62
N THR U 210 -23.98 18.71 -7.71
CA THR U 210 -25.25 18.86 -8.41
C THR U 210 -25.14 18.47 -9.87
N ILE U 211 -26.29 18.10 -10.43
CA ILE U 211 -26.45 17.82 -11.85
C ILE U 211 -27.28 18.94 -12.43
N LYS U 212 -26.73 19.69 -13.36
CA LYS U 212 -27.48 20.73 -14.04
C LYS U 212 -27.80 20.27 -15.46
N ILE U 213 -29.04 20.53 -15.88
CA ILE U 213 -29.51 20.26 -17.23
C ILE U 213 -29.52 21.60 -17.96
N TRP U 214 -28.71 21.69 -19.03
CA TRP U 214 -28.57 22.88 -19.85
C TRP U 214 -29.06 22.62 -21.26
N ASP U 215 -29.78 23.58 -21.83
CA ASP U 215 -30.16 23.55 -23.23
C ASP U 215 -28.90 23.72 -24.08
N LEU U 216 -28.83 23.00 -25.20
CA LEU U 216 -27.54 22.90 -25.88
C LEU U 216 -27.32 24.07 -26.83
N ALA U 217 -28.38 24.56 -27.47
CA ALA U 217 -28.23 25.67 -28.40
C ALA U 217 -28.08 26.99 -27.68
N SER U 218 -29.04 27.32 -26.81
CA SER U 218 -29.02 28.60 -26.11
C SER U 218 -28.00 28.61 -24.98
N GLY U 219 -27.68 27.45 -24.43
CA GLY U 219 -26.76 27.38 -23.31
C GLY U 219 -27.36 27.72 -21.98
N GLN U 220 -28.67 27.96 -21.93
CA GLN U 220 -29.32 28.45 -20.72
C GLN U 220 -29.55 27.29 -19.75
N LEU U 221 -29.59 27.61 -18.47
CA LEU U 221 -29.81 26.61 -17.44
C LEU U 221 -31.27 26.23 -17.41
N ARG U 222 -31.58 24.95 -17.67
CA ARG U 222 -32.96 24.52 -17.56
C ARG U 222 -33.28 24.08 -16.14
N LEU U 223 -32.46 23.21 -15.57
CA LEU U 223 -32.83 22.68 -14.25
C LEU U 223 -31.59 22.31 -13.46
N THR U 224 -31.73 22.29 -12.14
CA THR U 224 -30.70 21.82 -11.21
C THR U 224 -31.30 20.68 -10.39
N LEU U 225 -30.57 19.58 -10.28
CA LEU U 225 -31.00 18.41 -9.55
C LEU U 225 -29.95 18.07 -8.50
N THR U 226 -30.39 17.86 -7.26
CA THR U 226 -29.48 17.51 -6.19
C THR U 226 -29.93 16.21 -5.52
N GLY U 227 -29.10 15.19 -5.63
CA GLY U 227 -29.37 13.93 -4.98
C GLY U 227 -28.12 13.32 -4.41
N HIS U 228 -26.97 13.88 -4.77
CA HIS U 228 -25.71 13.36 -4.31
C HIS U 228 -25.17 14.26 -3.20
N ILE U 229 -24.44 13.66 -2.27
CA ILE U 229 -23.81 14.42 -1.22
C ILE U 229 -22.32 14.59 -1.46
N SER U 230 -21.83 14.15 -2.62
CA SER U 230 -20.45 14.33 -3.01
C SER U 230 -20.44 14.76 -4.48
N THR U 231 -19.25 14.87 -5.04
CA THR U 231 -19.10 15.36 -6.40
C THR U 231 -19.64 14.32 -7.37
N VAL U 232 -20.31 14.79 -8.42
CA VAL U 232 -20.92 13.90 -9.40
C VAL U 232 -19.87 13.56 -10.44
N ARG U 233 -19.41 12.31 -10.44
CA ARG U 233 -18.27 11.90 -11.25
C ARG U 233 -18.68 11.14 -12.51
N GLY U 234 -19.96 11.12 -12.83
CA GLY U 234 -20.39 10.36 -13.97
C GLY U 234 -21.84 10.57 -14.29
N LEU U 235 -22.19 10.57 -15.57
CA LEU U 235 -23.56 10.76 -16.02
C LEU U 235 -23.79 9.92 -17.26
N ALA U 236 -25.05 9.58 -17.48
CA ALA U 236 -25.45 8.88 -18.71
C ALA U 236 -26.95 9.08 -18.88
N VAL U 237 -27.34 9.54 -20.06
CA VAL U 237 -28.75 9.63 -20.43
C VAL U 237 -29.05 8.46 -21.35
N SER U 238 -30.05 7.66 -21.00
CA SER U 238 -30.27 6.41 -21.69
C SER U 238 -30.94 6.64 -23.03
N PRO U 239 -30.47 5.99 -24.10
CA PRO U 239 -31.10 6.20 -25.41
C PRO U 239 -32.40 5.43 -25.59
N ARG U 240 -32.60 4.36 -24.84
CA ARG U 240 -33.82 3.56 -24.94
C ARG U 240 -34.88 3.97 -23.93
N HIS U 241 -34.48 4.38 -22.74
CA HIS U 241 -35.35 4.65 -21.62
C HIS U 241 -35.38 6.13 -21.28
N PRO U 242 -36.43 6.62 -20.65
CA PRO U 242 -36.48 8.02 -20.20
C PRO U 242 -35.79 8.25 -18.86
N TYR U 243 -34.56 7.74 -18.75
CA TYR U 243 -33.83 7.74 -17.50
C TYR U 243 -32.53 8.52 -17.67
N MET U 244 -32.01 9.01 -16.56
CA MET U 244 -30.67 9.55 -16.52
C MET U 244 -29.96 8.91 -15.34
N PHE U 245 -28.77 8.39 -15.57
CA PHE U 245 -28.04 7.75 -14.49
C PHE U 245 -26.90 8.64 -14.04
N SER U 246 -26.55 8.54 -12.77
CA SER U 246 -25.42 9.29 -12.26
C SER U 246 -24.66 8.43 -11.27
N CYS U 247 -23.40 8.79 -11.06
CA CYS U 247 -22.60 8.24 -9.99
C CYS U 247 -21.82 9.37 -9.36
N GLY U 248 -21.43 9.18 -8.11
CA GLY U 248 -20.72 10.20 -7.40
C GLY U 248 -19.67 9.59 -6.49
N GLU U 249 -18.93 10.48 -5.83
CA GLU U 249 -17.90 10.11 -4.86
C GLU U 249 -18.48 9.66 -3.54
N ASP U 250 -19.80 9.65 -3.40
CA ASP U 250 -20.49 9.25 -2.18
C ASP U 250 -20.93 7.82 -2.19
N LYS U 251 -20.25 6.97 -2.96
CA LYS U 251 -20.50 5.54 -3.10
C LYS U 251 -21.85 5.24 -3.74
N MET U 252 -22.49 6.20 -4.40
CA MET U 252 -23.86 6.03 -4.83
C MET U 252 -24.00 6.15 -6.35
N VAL U 253 -24.76 5.22 -6.91
CA VAL U 253 -25.15 5.21 -8.31
C VAL U 253 -26.67 5.30 -8.33
N LYS U 254 -27.20 6.31 -9.00
CA LYS U 254 -28.62 6.59 -8.94
C LYS U 254 -29.22 6.61 -10.34
N CYS U 255 -30.50 6.23 -10.40
CA CYS U 255 -31.32 6.31 -11.60
C CYS U 255 -32.43 7.33 -11.37
N TRP U 256 -32.44 8.34 -12.24
CA TRP U 256 -33.39 9.45 -12.21
C TRP U 256 -34.43 9.23 -13.29
N ASP U 257 -35.70 9.29 -12.91
CA ASP U 257 -36.82 9.22 -13.83
C ASP U 257 -37.11 10.63 -14.33
N LEU U 258 -36.83 10.90 -15.60
CA LEU U 258 -36.93 12.25 -16.14
C LEU U 258 -38.35 12.64 -16.48
N GLU U 259 -39.30 11.74 -16.35
CA GLU U 259 -40.70 12.11 -16.38
C GLU U 259 -41.19 12.64 -15.05
N THR U 260 -40.36 12.58 -14.01
CA THR U 260 -40.70 13.12 -12.70
C THR U 260 -39.60 13.97 -12.09
N ASN U 261 -38.38 13.97 -12.65
CA ASN U 261 -37.20 14.64 -12.10
C ASN U 261 -36.91 14.16 -10.69
N LYS U 262 -36.97 12.85 -10.48
CA LYS U 262 -36.78 12.29 -9.16
C LYS U 262 -35.95 11.02 -9.25
N VAL U 263 -35.12 10.77 -8.24
CA VAL U 263 -34.37 9.53 -8.19
C VAL U 263 -35.32 8.40 -7.88
N ILE U 264 -35.28 7.35 -8.69
CA ILE U 264 -36.16 6.21 -8.43
C ILE U 264 -35.36 4.96 -8.13
N ARG U 265 -34.08 4.90 -8.49
CA ARG U 265 -33.37 3.67 -8.17
C ARG U 265 -32.00 3.94 -7.61
N HIS U 266 -31.54 3.04 -6.74
CA HIS U 266 -30.19 3.01 -6.21
C HIS U 266 -29.50 1.74 -6.66
N TYR U 267 -28.21 1.83 -6.88
CA TYR U 267 -27.35 0.70 -7.24
C TYR U 267 -26.22 0.70 -6.23
N HIS U 268 -26.43 0.02 -5.12
CA HIS U 268 -25.52 0.10 -3.98
C HIS U 268 -24.53 -1.05 -4.00
N GLY U 269 -23.34 -0.80 -3.48
CA GLY U 269 -22.37 -1.86 -3.39
C GLY U 269 -20.93 -1.45 -3.54
N HIS U 270 -20.65 -0.34 -4.22
CA HIS U 270 -19.28 0.15 -4.32
C HIS U 270 -18.77 0.54 -2.95
N LEU U 271 -17.60 0.03 -2.59
CA LEU U 271 -17.08 0.26 -1.25
C LEU U 271 -16.61 1.70 -1.04
N SER U 272 -16.15 2.37 -2.07
CA SER U 272 -15.74 3.76 -1.97
C SER U 272 -16.19 4.50 -3.23
N GLY U 273 -15.70 5.72 -3.41
CA GLY U 273 -16.15 6.64 -4.43
C GLY U 273 -16.14 6.13 -5.85
N VAL U 274 -17.15 6.46 -6.63
CA VAL U 274 -17.39 5.85 -7.93
C VAL U 274 -16.99 6.85 -9.00
N TYR U 275 -16.15 6.43 -9.94
CA TYR U 275 -15.49 7.36 -10.84
C TYR U 275 -16.07 7.38 -12.25
N THR U 276 -16.73 6.32 -12.69
CA THR U 276 -17.20 6.25 -14.07
C THR U 276 -18.44 5.39 -14.18
N LEU U 277 -19.19 5.61 -15.26
CA LEU U 277 -20.50 5.00 -15.45
C LEU U 277 -20.81 4.95 -16.93
N LYS U 278 -21.14 3.78 -17.44
CA LYS U 278 -21.55 3.64 -18.84
C LYS U 278 -22.73 2.68 -18.91
N LEU U 279 -23.52 2.82 -19.97
CA LEU U 279 -24.64 1.92 -20.25
C LEU U 279 -24.27 1.04 -21.44
N HIS U 280 -24.66 -0.23 -21.36
CA HIS U 280 -24.49 -1.13 -22.50
C HIS U 280 -25.36 -0.64 -23.64
N PRO U 281 -24.83 -0.51 -24.86
CA PRO U 281 -25.60 0.14 -25.93
C PRO U 281 -26.82 -0.65 -26.38
N THR U 282 -26.78 -1.97 -26.33
CA THR U 282 -27.88 -2.77 -26.85
C THR U 282 -28.86 -3.17 -25.76
N LEU U 283 -28.36 -3.80 -24.71
CA LEU U 283 -29.21 -4.37 -23.68
C LEU U 283 -29.11 -3.60 -22.37
N ASP U 284 -30.11 -3.80 -21.50
CA ASP U 284 -30.43 -2.88 -20.40
C ASP U 284 -29.56 -3.19 -19.19
N VAL U 285 -28.29 -2.79 -19.29
CA VAL U 285 -27.27 -3.09 -18.31
C VAL U 285 -26.42 -1.85 -18.07
N LEU U 286 -26.08 -1.62 -16.80
CA LEU U 286 -25.34 -0.45 -16.37
C LEU U 286 -24.00 -0.90 -15.79
N VAL U 287 -22.89 -0.40 -16.32
CA VAL U 287 -21.57 -0.73 -15.82
C VAL U 287 -20.96 0.50 -15.17
N THR U 288 -20.47 0.35 -13.93
CA THR U 288 -19.86 1.45 -13.20
C THR U 288 -18.49 1.02 -12.70
N GLY U 289 -17.58 1.98 -12.57
CA GLY U 289 -16.22 1.67 -12.15
C GLY U 289 -15.84 2.49 -10.94
N GLY U 290 -15.05 1.88 -10.07
CA GLY U 290 -14.82 2.58 -8.82
C GLY U 290 -13.52 2.35 -8.10
N ARG U 291 -13.27 3.30 -7.19
CA ARG U 291 -12.08 3.42 -6.34
C ARG U 291 -11.92 2.26 -5.39
N ASP U 292 -12.96 1.45 -5.19
CA ASP U 292 -12.77 0.10 -4.67
C ASP U 292 -12.16 -0.83 -5.70
N GLY U 293 -11.73 -0.30 -6.84
CA GLY U 293 -10.87 -1.00 -7.73
C GLY U 293 -11.56 -1.99 -8.61
N VAL U 294 -12.83 -1.76 -8.90
CA VAL U 294 -13.61 -2.84 -9.49
C VAL U 294 -14.65 -2.22 -10.39
N ALA U 295 -15.09 -2.98 -11.40
CA ALA U 295 -16.15 -2.53 -12.27
C ALA U 295 -17.38 -3.40 -11.97
N ARG U 296 -18.42 -2.81 -11.45
CA ARG U 296 -19.62 -3.57 -11.18
C ARG U 296 -20.60 -3.44 -12.33
N VAL U 297 -21.09 -4.59 -12.77
CA VAL U 297 -22.10 -4.69 -13.80
C VAL U 297 -23.44 -4.94 -13.12
N TRP U 298 -24.38 -4.02 -13.34
CA TRP U 298 -25.69 -3.96 -12.72
C TRP U 298 -26.76 -4.18 -13.75
N ASP U 299 -27.89 -4.75 -13.32
CA ASP U 299 -29.11 -4.74 -14.11
C ASP U 299 -29.89 -3.48 -13.78
N MET U 300 -30.41 -2.80 -14.81
CA MET U 300 -31.21 -1.59 -14.56
C MET U 300 -32.48 -1.89 -13.80
N ARG U 301 -33.18 -2.96 -14.21
CA ARG U 301 -34.53 -3.19 -13.71
C ARG U 301 -34.52 -3.64 -12.26
N THR U 302 -33.72 -4.65 -11.94
CA THR U 302 -33.73 -5.27 -10.64
C THR U 302 -32.65 -4.73 -9.70
N ARG U 303 -31.81 -3.83 -10.18
CA ARG U 303 -30.72 -3.20 -9.41
C ARG U 303 -29.75 -4.24 -8.84
N SER U 304 -29.65 -5.39 -9.49
CA SER U 304 -28.87 -6.50 -8.96
C SER U 304 -27.48 -6.50 -9.61
N ASN U 305 -26.45 -6.61 -8.77
CA ASN U 305 -25.06 -6.61 -9.22
C ASN U 305 -24.76 -7.97 -9.84
N VAL U 306 -24.99 -8.08 -11.15
CA VAL U 306 -24.85 -9.38 -11.79
C VAL U 306 -23.38 -9.76 -11.90
N HIS U 307 -22.50 -8.78 -12.13
CA HIS U 307 -21.09 -9.15 -12.24
C HIS U 307 -20.23 -8.19 -11.45
N VAL U 308 -19.16 -8.72 -10.89
CA VAL U 308 -18.17 -7.89 -10.22
C VAL U 308 -16.86 -8.15 -10.95
N LEU U 309 -16.57 -7.34 -11.96
CA LEU U 309 -15.37 -7.45 -12.77
C LEU U 309 -14.17 -6.99 -11.97
N SER U 310 -13.39 -7.94 -11.46
CA SER U 310 -12.29 -7.68 -10.55
C SER U 310 -10.99 -8.26 -11.11
N GLY U 311 -9.88 -7.68 -10.70
CA GLY U 311 -8.60 -8.04 -11.26
C GLY U 311 -7.67 -6.85 -11.39
N HIS U 312 -8.24 -5.66 -11.51
CA HIS U 312 -7.42 -4.45 -11.40
C HIS U 312 -6.94 -4.29 -9.97
N THR U 313 -5.77 -3.67 -9.82
CA THR U 313 -5.16 -3.44 -8.53
C THR U 313 -5.19 -1.96 -8.15
N GLY U 314 -6.07 -1.20 -8.78
CA GLY U 314 -6.15 0.22 -8.54
C GLY U 314 -7.51 0.72 -8.97
N THR U 315 -7.69 2.03 -8.83
CA THR U 315 -8.95 2.70 -9.14
C THR U 315 -9.31 2.53 -10.61
N VAL U 316 -10.52 2.07 -10.90
CA VAL U 316 -10.99 2.02 -12.28
C VAL U 316 -11.43 3.41 -12.67
N ALA U 317 -10.60 4.12 -13.45
CA ALA U 317 -10.88 5.53 -13.68
C ALA U 317 -11.74 5.76 -14.92
N ASP U 318 -11.73 4.85 -15.89
CA ASP U 318 -12.60 4.98 -17.05
C ASP U 318 -12.94 3.60 -17.57
N LEU U 319 -13.85 3.58 -18.55
CA LEU U 319 -14.65 2.40 -18.84
C LEU U 319 -15.46 2.68 -20.09
N VAL U 320 -15.58 1.68 -20.96
CA VAL U 320 -16.45 1.77 -22.13
C VAL U 320 -17.24 0.48 -22.27
N CYS U 321 -18.49 0.61 -22.71
CA CYS U 321 -19.34 -0.50 -23.10
C CYS U 321 -19.40 -0.57 -24.62
N GLN U 322 -19.52 -1.80 -25.14
CA GLN U 322 -19.40 -2.07 -26.56
C GLN U 322 -20.40 -3.14 -26.94
N GLU U 323 -20.82 -3.12 -28.21
CA GLU U 323 -21.88 -4.02 -28.64
C GLU U 323 -21.39 -5.43 -28.92
N ALA U 324 -20.08 -5.65 -29.00
CA ALA U 324 -19.53 -6.96 -29.26
C ALA U 324 -18.23 -7.14 -28.49
N ASP U 325 -17.75 -8.38 -28.43
CA ASP U 325 -16.61 -8.72 -27.59
C ASP U 325 -15.36 -7.99 -28.04
N PRO U 326 -14.61 -7.33 -27.13
CA PRO U 326 -14.81 -7.26 -25.68
C PRO U 326 -15.93 -6.30 -25.31
N GLN U 327 -16.90 -6.76 -24.53
CA GLN U 327 -18.01 -5.86 -24.26
C GLN U 327 -17.66 -4.82 -23.22
N VAL U 328 -16.85 -5.13 -22.22
CA VAL U 328 -16.47 -4.10 -21.25
C VAL U 328 -14.95 -3.95 -21.26
N ILE U 329 -14.47 -2.74 -21.45
CA ILE U 329 -13.04 -2.46 -21.38
C ILE U 329 -12.83 -1.43 -20.29
N THR U 330 -12.03 -1.79 -19.29
CA THR U 330 -11.80 -0.92 -18.15
C THR U 330 -10.34 -0.50 -18.09
N GLY U 331 -10.14 0.79 -17.86
CA GLY U 331 -8.82 1.33 -17.64
C GLY U 331 -8.65 1.82 -16.22
N SER U 332 -7.54 1.42 -15.60
CA SER U 332 -7.35 1.68 -14.20
C SER U 332 -6.11 2.53 -13.95
N LEU U 333 -6.02 2.99 -12.71
CA LEU U 333 -4.96 3.87 -12.26
C LEU U 333 -3.70 3.13 -11.85
N ASP U 334 -3.71 1.81 -11.93
CA ASP U 334 -2.50 1.02 -11.81
C ASP U 334 -1.87 0.72 -13.16
N SER U 335 -2.31 1.40 -14.22
CA SER U 335 -1.76 1.54 -15.57
C SER U 335 -2.11 0.39 -16.51
N THR U 336 -2.94 -0.56 -16.12
CA THR U 336 -3.32 -1.65 -17.00
C THR U 336 -4.69 -1.38 -17.59
N VAL U 337 -5.01 -2.05 -18.69
CA VAL U 337 -6.32 -1.94 -19.34
C VAL U 337 -6.82 -3.35 -19.59
N ARG U 338 -7.96 -3.71 -19.02
CA ARG U 338 -8.44 -5.08 -19.12
C ARG U 338 -9.68 -5.12 -19.99
N MET U 339 -9.72 -6.09 -20.90
CA MET U 339 -10.90 -6.34 -21.71
C MET U 339 -11.61 -7.57 -21.18
N TRP U 340 -12.92 -7.41 -20.97
CA TRP U 340 -13.80 -8.30 -20.23
C TRP U 340 -14.91 -8.82 -21.12
N ASP U 341 -15.01 -10.15 -21.13
CA ASP U 341 -16.11 -10.91 -21.70
C ASP U 341 -17.28 -10.81 -20.72
N LEU U 342 -18.36 -10.19 -21.18
CA LEU U 342 -19.44 -9.82 -20.25
C LEU U 342 -20.29 -11.02 -19.85
N ALA U 343 -20.37 -12.03 -20.71
CA ALA U 343 -21.22 -13.18 -20.42
C ALA U 343 -20.71 -13.97 -19.23
N ALA U 344 -19.39 -14.12 -19.13
CA ALA U 344 -18.78 -14.89 -18.05
C ALA U 344 -18.28 -14.02 -16.91
N GLY U 345 -18.09 -12.73 -17.12
CA GLY U 345 -17.61 -11.86 -16.07
C GLY U 345 -16.16 -12.05 -15.74
N LYS U 346 -15.38 -12.60 -16.67
CA LYS U 346 -13.96 -12.81 -16.51
C LYS U 346 -13.25 -12.18 -17.70
N THR U 347 -11.99 -11.81 -17.48
CA THR U 347 -11.25 -11.04 -18.47
C THR U 347 -10.77 -11.91 -19.63
N MET U 348 -10.81 -11.34 -20.83
CA MET U 348 -10.21 -11.98 -21.99
C MET U 348 -8.87 -11.38 -22.33
N GLY U 349 -8.49 -10.25 -21.74
CA GLY U 349 -7.14 -9.78 -21.97
C GLY U 349 -6.66 -8.63 -21.13
N VAL U 350 -5.34 -8.48 -20.97
CA VAL U 350 -4.75 -7.36 -20.26
C VAL U 350 -3.76 -6.68 -21.19
N LEU U 351 -3.83 -5.35 -21.26
CA LEU U 351 -2.91 -4.52 -22.03
C LEU U 351 -2.12 -3.67 -21.03
N THR U 352 -0.82 -3.93 -20.96
CA THR U 352 0.05 -3.33 -19.95
C THR U 352 1.03 -2.34 -20.55
N HIS U 353 0.68 -1.75 -21.69
CA HIS U 353 1.58 -0.89 -22.43
C HIS U 353 1.74 0.48 -21.80
N HIS U 354 0.82 0.90 -20.94
CA HIS U 354 0.83 2.24 -20.39
C HIS U 354 1.68 2.28 -19.13
N LYS U 355 2.37 3.40 -18.94
CA LYS U 355 3.30 3.48 -17.83
C LYS U 355 2.64 4.02 -16.57
N LYS U 356 1.64 4.86 -16.71
CA LYS U 356 0.95 5.42 -15.56
C LYS U 356 -0.56 5.29 -15.75
N GLY U 357 -1.32 5.89 -14.83
CA GLY U 357 -2.74 5.67 -14.72
C GLY U 357 -3.54 5.99 -15.95
N VAL U 358 -4.27 5.00 -16.45
CA VAL U 358 -5.07 5.16 -17.66
C VAL U 358 -6.37 5.82 -17.23
N ARG U 359 -6.44 7.13 -17.41
CA ARG U 359 -7.60 7.89 -17.02
C ARG U 359 -8.65 7.97 -18.10
N ALA U 360 -8.31 7.72 -19.35
CA ALA U 360 -9.33 7.93 -20.37
C ALA U 360 -9.42 6.73 -21.30
N LEU U 361 -10.64 6.42 -21.71
CA LEU U 361 -10.92 5.49 -22.80
C LEU U 361 -11.95 6.09 -23.73
N VAL U 362 -11.89 5.72 -25.00
CA VAL U 362 -12.91 6.12 -25.95
C VAL U 362 -12.96 5.06 -27.05
N THR U 363 -14.14 4.92 -27.66
CA THR U 363 -14.38 3.94 -28.70
C THR U 363 -14.76 4.67 -29.98
N HIS U 364 -14.11 4.33 -31.09
CA HIS U 364 -14.51 4.90 -32.37
C HIS U 364 -15.90 4.41 -32.74
N PRO U 365 -16.75 5.26 -33.31
CA PRO U 365 -18.13 4.84 -33.57
C PRO U 365 -18.30 3.93 -34.77
N THR U 366 -17.49 4.07 -35.82
CA THR U 366 -17.65 3.27 -37.02
C THR U 366 -16.58 2.20 -37.20
N GLU U 367 -15.38 2.42 -36.69
CA GLU U 367 -14.31 1.45 -36.75
C GLU U 367 -14.30 0.63 -35.46
N PHE U 368 -13.77 -0.59 -35.55
CA PHE U 368 -13.76 -1.50 -34.41
C PHE U 368 -12.46 -1.34 -33.63
N THR U 369 -12.13 -0.08 -33.33
CA THR U 369 -10.90 0.30 -32.65
C THR U 369 -11.25 1.16 -31.46
N PHE U 370 -10.30 1.32 -30.55
CA PHE U 370 -10.50 2.21 -29.41
C PHE U 370 -9.18 2.84 -29.02
N ALA U 371 -9.23 3.76 -28.06
CA ALA U 371 -8.06 4.49 -27.64
C ALA U 371 -8.06 4.63 -26.12
N THR U 372 -6.89 4.47 -25.53
CA THR U 372 -6.69 4.66 -24.10
C THR U 372 -5.65 5.73 -23.88
N ALA U 373 -5.86 6.54 -22.85
CA ALA U 373 -4.98 7.65 -22.57
C ALA U 373 -4.52 7.62 -21.12
N SER U 374 -3.19 7.65 -20.97
CA SER U 374 -2.45 7.85 -19.74
C SER U 374 -1.71 9.17 -19.86
N THR U 375 -0.78 9.46 -18.96
CA THR U 375 -0.04 10.72 -19.01
C THR U 375 1.02 10.64 -20.12
N GLY U 376 0.85 11.47 -21.13
CA GLY U 376 1.83 11.61 -22.18
C GLY U 376 1.60 10.75 -23.40
N SER U 377 0.82 9.68 -23.28
CA SER U 377 0.71 8.66 -24.33
C SER U 377 -0.76 8.37 -24.58
N ILE U 378 -1.18 8.38 -25.86
CA ILE U 378 -2.54 7.97 -26.20
C ILE U 378 -2.44 6.82 -27.18
N LYS U 379 -2.71 5.61 -26.74
CA LYS U 379 -2.49 4.44 -27.57
C LYS U 379 -3.80 3.98 -28.20
N GLN U 380 -3.72 3.58 -29.47
CA GLN U 380 -4.86 3.15 -30.24
C GLN U 380 -4.76 1.67 -30.56
N TRP U 381 -5.84 0.94 -30.25
CA TRP U 381 -5.89 -0.51 -30.23
C TRP U 381 -7.02 -1.01 -31.12
N LYS U 382 -6.96 -2.30 -31.44
CA LYS U 382 -7.90 -2.97 -32.32
C LYS U 382 -8.70 -4.01 -31.54
N CYS U 383 -9.95 -3.98 -31.70
CA CYS U 383 -10.77 -5.02 -31.08
C CYS U 383 -10.94 -6.19 -32.04
N PRO U 384 -11.07 -7.43 -31.53
CA PRO U 384 -10.99 -7.88 -30.15
C PRO U 384 -9.59 -8.33 -29.73
N GLU U 385 -8.64 -8.24 -30.65
CA GLU U 385 -7.30 -8.77 -30.40
C GLU U 385 -6.53 -7.93 -29.39
N GLY U 386 -6.94 -6.69 -29.17
CA GLY U 386 -6.16 -5.77 -28.38
C GLY U 386 -4.84 -5.44 -29.03
N ALA U 387 -4.78 -5.46 -30.35
CA ALA U 387 -3.54 -5.29 -31.08
C ALA U 387 -3.17 -3.83 -31.12
N PHE U 388 -1.93 -3.53 -30.73
CA PHE U 388 -1.43 -2.16 -30.75
C PHE U 388 -1.38 -1.62 -32.15
N MET U 389 -2.30 -0.72 -32.47
CA MET U 389 -2.34 -0.16 -33.81
C MET U 389 -1.47 1.07 -33.98
N GLN U 390 -1.61 2.08 -33.14
CA GLN U 390 -0.75 3.25 -33.30
C GLN U 390 -0.68 4.01 -31.99
N ASN U 391 0.00 5.15 -32.01
CA ASN U 391 0.34 5.88 -30.80
C ASN U 391 0.26 7.36 -31.11
N PHE U 392 -0.73 8.04 -30.54
CA PHE U 392 -0.77 9.49 -30.52
C PHE U 392 0.25 10.00 -29.51
N GLU U 393 1.21 10.77 -30.01
CA GLU U 393 2.38 11.20 -29.25
C GLU U 393 2.50 12.72 -29.34
N GLY U 394 2.97 13.33 -28.26
CA GLY U 394 3.21 14.76 -28.28
C GLY U 394 2.51 15.51 -27.17
N HIS U 395 1.44 14.93 -26.64
CA HIS U 395 0.69 15.57 -25.57
C HIS U 395 1.26 15.20 -24.21
N ASN U 396 2.32 15.89 -23.79
CA ASN U 396 3.05 15.53 -22.57
C ASN U 396 2.40 16.14 -21.32
N ALA U 397 1.19 15.66 -21.04
CA ALA U 397 0.44 16.07 -19.86
C ALA U 397 -0.39 14.89 -19.38
N ILE U 398 -0.95 15.03 -18.18
CA ILE U 398 -1.90 14.03 -17.69
C ILE U 398 -3.17 14.18 -18.50
N ILE U 399 -3.53 13.15 -19.24
CA ILE U 399 -4.73 13.20 -20.08
C ILE U 399 -5.91 12.78 -19.23
N ASN U 400 -6.91 13.65 -19.11
CA ASN U 400 -8.13 13.32 -18.43
C ASN U 400 -9.20 12.77 -19.36
N THR U 401 -9.28 13.26 -20.60
CA THR U 401 -10.36 12.89 -21.50
C THR U 401 -9.87 12.65 -22.92
N LEU U 402 -10.82 12.31 -23.78
CA LEU U 402 -10.68 11.67 -25.06
C LEU U 402 -12.05 11.74 -25.70
N ALA U 403 -12.12 12.28 -26.89
CA ALA U 403 -13.39 12.38 -27.58
C ALA U 403 -13.16 12.38 -29.07
N VAL U 404 -13.73 11.39 -29.74
CA VAL U 404 -13.66 11.12 -31.16
C VAL U 404 -15.03 11.46 -31.74
N ASN U 405 -15.01 12.07 -32.91
CA ASN U 405 -16.19 12.51 -33.62
C ASN U 405 -16.69 11.35 -34.48
N ASP U 406 -17.62 11.61 -35.41
CA ASP U 406 -17.82 10.68 -36.52
C ASP U 406 -16.80 10.89 -37.62
N GLN U 407 -16.25 12.09 -37.72
CA GLN U 407 -15.29 12.49 -38.74
C GLN U 407 -13.86 12.32 -38.27
N ASN U 408 -13.61 11.34 -37.42
CA ASN U 408 -12.27 10.96 -36.97
C ASN U 408 -11.56 12.11 -36.27
N VAL U 409 -12.12 12.56 -35.16
CA VAL U 409 -11.51 13.60 -34.35
C VAL U 409 -11.32 13.06 -32.93
N LEU U 410 -10.06 13.02 -32.51
CA LEU U 410 -9.72 12.64 -31.15
C LEU U 410 -9.44 13.92 -30.38
N PHE U 411 -10.07 14.05 -29.21
CA PHE U 411 -9.79 15.17 -28.32
C PHE U 411 -9.13 14.67 -27.05
N SER U 412 -7.88 15.07 -26.87
CA SER U 412 -7.15 14.84 -25.64
C SER U 412 -7.17 16.13 -24.84
N GLY U 413 -7.90 16.11 -23.74
CA GLY U 413 -7.91 17.20 -22.78
C GLY U 413 -6.98 16.85 -21.64
N GLY U 414 -6.24 17.84 -21.16
CA GLY U 414 -5.22 17.55 -20.20
C GLY U 414 -5.26 18.44 -18.99
N ASP U 415 -5.01 17.83 -17.84
CA ASP U 415 -5.18 18.37 -16.50
C ASP U 415 -4.41 19.66 -16.27
N ASN U 416 -3.35 19.92 -17.03
CA ASN U 416 -2.72 21.22 -17.00
C ASN U 416 -3.48 22.25 -17.81
N GLY U 417 -4.52 21.83 -18.52
CA GLY U 417 -5.30 22.70 -19.37
C GLY U 417 -5.02 22.53 -20.85
N SER U 418 -4.23 21.54 -21.24
CA SER U 418 -3.76 21.49 -22.61
C SER U 418 -4.75 20.73 -23.48
N MET U 419 -5.01 21.26 -24.68
CA MET U 419 -5.99 20.65 -25.56
C MET U 419 -5.29 20.20 -26.83
N SER U 420 -5.56 18.99 -27.27
CA SER U 420 -4.99 18.51 -28.52
C SER U 420 -6.09 17.86 -29.35
N PHE U 421 -6.23 18.34 -30.58
CA PHE U 421 -7.13 17.74 -31.56
C PHE U 421 -6.30 16.98 -32.57
N TRP U 422 -6.56 15.67 -32.66
CA TRP U 422 -5.85 14.73 -33.51
C TRP U 422 -6.79 14.19 -34.56
N ASP U 423 -6.21 13.72 -35.66
CA ASP U 423 -6.90 12.91 -36.64
C ASP U 423 -6.79 11.45 -36.26
N TRP U 424 -7.92 10.73 -36.28
CA TRP U 424 -7.98 9.41 -35.66
C TRP U 424 -7.17 8.37 -36.43
N LYS U 425 -7.15 8.46 -37.76
CA LYS U 425 -6.50 7.42 -38.54
C LYS U 425 -4.98 7.57 -38.53
N SER U 426 -4.49 8.75 -38.83
CA SER U 426 -3.05 8.95 -39.02
C SER U 426 -2.36 9.16 -37.68
N GLY U 427 -2.97 9.90 -36.78
CA GLY U 427 -2.35 10.24 -35.52
C GLY U 427 -1.82 11.65 -35.53
N TYR U 428 -2.11 12.39 -36.59
CA TYR U 428 -1.60 13.73 -36.77
C TYR U 428 -2.32 14.71 -35.87
N ARG U 429 -1.57 15.50 -35.11
CA ARG U 429 -2.12 16.52 -34.23
C ARG U 429 -2.38 17.78 -35.02
N PHE U 430 -3.60 17.97 -35.49
CA PHE U 430 -3.84 19.13 -36.31
C PHE U 430 -4.09 20.38 -35.48
N GLN U 431 -4.31 20.24 -34.17
CA GLN U 431 -4.43 21.45 -33.35
C GLN U 431 -3.92 21.22 -31.94
N SER U 432 -3.31 22.27 -31.39
CA SER U 432 -2.88 22.29 -30.00
C SER U 432 -3.26 23.64 -29.40
N LEU U 433 -3.90 23.63 -28.23
CA LEU U 433 -4.41 24.81 -27.56
C LEU U 433 -4.04 24.76 -26.09
N ASP U 434 -4.17 25.91 -25.43
CA ASP U 434 -4.35 25.96 -23.99
C ASP U 434 -5.66 26.67 -23.70
N THR U 435 -6.51 26.07 -22.88
CA THR U 435 -7.78 26.70 -22.55
C THR U 435 -7.55 27.86 -21.59
N THR U 436 -8.57 28.66 -21.41
CA THR U 436 -8.49 29.87 -20.60
C THR U 436 -9.39 29.72 -19.38
N ALA U 437 -8.94 30.25 -18.25
CA ALA U 437 -9.67 30.12 -17.00
C ALA U 437 -10.51 31.36 -16.77
N GLN U 438 -11.47 31.26 -15.87
CA GLN U 438 -12.37 32.37 -15.59
C GLN U 438 -11.63 33.51 -14.90
N PRO U 439 -12.20 34.71 -14.85
CA PRO U 439 -11.73 35.72 -13.89
C PRO U 439 -11.84 35.20 -12.47
N GLY U 440 -10.73 35.24 -11.74
CA GLY U 440 -10.68 34.80 -10.36
C GLY U 440 -10.01 33.46 -10.15
N SER U 441 -9.84 32.67 -11.20
CA SER U 441 -9.23 31.37 -11.07
C SER U 441 -7.72 31.48 -10.94
N LEU U 442 -7.15 30.59 -10.14
CA LEU U 442 -5.70 30.51 -10.04
C LEU U 442 -5.14 29.83 -11.28
N ASP U 443 -3.84 30.01 -11.49
CA ASP U 443 -3.19 29.32 -12.60
C ASP U 443 -3.10 27.83 -12.34
N ALA U 444 -3.22 27.41 -11.08
CA ALA U 444 -3.33 25.99 -10.79
C ALA U 444 -4.68 25.44 -11.22
N GLU U 445 -5.70 26.28 -11.27
CA GLU U 445 -7.06 25.85 -11.59
C GLU U 445 -7.32 25.78 -13.08
N LEU U 446 -6.30 25.78 -13.91
CA LEU U 446 -6.45 25.61 -15.34
C LEU U 446 -6.35 24.12 -15.63
N GLY U 447 -7.42 23.53 -16.12
CA GLY U 447 -7.39 22.11 -16.40
C GLY U 447 -8.71 21.58 -16.89
N ILE U 448 -8.68 20.61 -17.80
CA ILE U 448 -9.90 20.00 -18.33
C ILE U 448 -10.20 18.74 -17.55
N MET U 449 -11.42 18.65 -17.01
CA MET U 449 -11.80 17.49 -16.25
C MET U 449 -12.74 16.56 -16.99
N SER U 450 -13.55 17.07 -17.91
CA SER U 450 -14.47 16.22 -18.65
C SER U 450 -14.65 16.78 -20.05
N SER U 451 -15.04 15.92 -20.98
CA SER U 451 -15.35 16.37 -22.34
C SER U 451 -16.19 15.33 -23.05
N THR U 452 -17.07 15.82 -23.92
CA THR U 452 -17.85 14.96 -24.81
C THR U 452 -18.27 15.77 -26.03
N PHE U 453 -18.26 15.14 -27.19
CA PHE U 453 -18.90 15.75 -28.35
C PHE U 453 -20.40 15.55 -28.20
N ASP U 454 -21.18 16.39 -28.85
CA ASP U 454 -22.60 16.12 -28.84
C ASP U 454 -22.91 15.00 -29.84
N MET U 455 -24.20 14.71 -29.99
CA MET U 455 -24.62 13.62 -30.87
C MET U 455 -24.33 13.93 -32.32
N SER U 456 -24.43 15.20 -32.72
CA SER U 456 -24.13 15.57 -34.10
C SER U 456 -22.64 15.55 -34.37
N GLY U 457 -21.84 16.03 -33.43
CA GLY U 457 -20.41 16.15 -33.60
C GLY U 457 -19.95 17.55 -33.94
N ALA U 458 -20.86 18.49 -34.13
CA ALA U 458 -20.48 19.83 -34.51
C ALA U 458 -19.93 20.64 -33.35
N ARG U 459 -20.22 20.23 -32.11
CA ARG U 459 -19.78 20.93 -30.93
C ARG U 459 -19.02 19.98 -30.01
N LEU U 460 -18.08 20.54 -29.26
CA LEU U 460 -17.38 19.80 -28.22
C LEU U 460 -17.64 20.49 -26.90
N ILE U 461 -18.24 19.78 -25.96
CA ILE U 461 -18.55 20.31 -24.65
C ILE U 461 -17.46 19.86 -23.69
N THR U 462 -16.72 20.80 -23.13
CA THR U 462 -15.72 20.49 -22.13
C THR U 462 -16.11 21.11 -20.80
N GLY U 463 -15.71 20.46 -19.72
CA GLY U 463 -15.94 20.94 -18.38
C GLY U 463 -14.65 21.01 -17.62
N GLU U 464 -14.34 22.17 -17.08
CA GLU U 464 -13.02 22.46 -16.57
C GLU U 464 -13.03 22.85 -15.11
N ALA U 465 -11.84 22.71 -14.53
CA ALA U 465 -11.53 22.91 -13.11
C ALA U 465 -11.64 24.35 -12.67
N ASP U 466 -11.88 25.29 -13.58
CA ASP U 466 -12.37 26.59 -13.18
C ASP U 466 -13.89 26.64 -13.12
N LYS U 467 -14.51 25.47 -12.93
CA LYS U 467 -15.96 25.33 -12.72
C LYS U 467 -16.73 25.81 -13.94
N THR U 468 -16.28 25.41 -15.12
CA THR U 468 -16.81 26.05 -16.33
C THR U 468 -17.15 25.04 -17.41
N ILE U 469 -18.34 25.16 -18.00
CA ILE U 469 -18.67 24.45 -19.22
C ILE U 469 -18.32 25.34 -20.40
N LYS U 470 -17.54 24.80 -21.33
CA LYS U 470 -17.12 25.52 -22.53
C LYS U 470 -17.57 24.75 -23.76
N ILE U 471 -17.99 25.47 -24.79
CA ILE U 471 -18.44 24.88 -26.04
C ILE U 471 -17.45 25.27 -27.12
N TRP U 472 -16.99 24.28 -27.90
CA TRP U 472 -15.98 24.48 -28.92
C TRP U 472 -16.57 24.13 -30.28
N LYS U 473 -16.35 24.98 -31.26
CA LYS U 473 -16.92 24.80 -32.59
C LYS U 473 -15.82 24.78 -33.64
N GLU U 474 -16.12 24.16 -34.78
CA GLU U 474 -15.21 24.15 -35.90
C GLU U 474 -15.23 25.50 -36.61
N ASP U 475 -14.07 25.91 -37.09
CA ASP U 475 -13.97 27.17 -37.81
C ASP U 475 -14.35 26.98 -39.27
N THR U 476 -15.48 27.55 -39.68
CA THR U 476 -15.94 27.44 -41.07
C THR U 476 -15.17 28.37 -41.99
N THR U 477 -14.54 29.41 -41.45
CA THR U 477 -13.77 30.34 -42.26
C THR U 477 -12.51 29.68 -42.83
N ALA U 478 -11.86 28.83 -42.04
CA ALA U 478 -10.59 28.23 -42.43
C ALA U 478 -10.75 27.27 -43.60
N THR U 479 -9.77 27.29 -44.50
CA THR U 479 -9.68 26.48 -45.69
C THR U 479 -8.56 25.45 -45.54
N PRO U 480 -8.50 24.43 -46.41
CA PRO U 480 -7.35 23.52 -46.39
C PRO U 480 -6.02 24.19 -46.70
N GLU U 481 -6.07 25.37 -47.33
CA GLU U 481 -4.87 26.12 -47.66
C GLU U 481 -4.45 27.09 -46.56
N THR U 482 -5.41 27.67 -45.84
CA THR U 482 -5.08 28.59 -44.76
C THR U 482 -4.45 27.86 -43.59
N HIS U 483 -4.83 26.60 -43.38
CA HIS U 483 -4.24 25.74 -42.36
C HIS U 483 -3.79 24.45 -43.02
N PRO U 484 -2.67 24.46 -43.73
CA PRO U 484 -2.24 23.26 -44.44
C PRO U 484 -1.73 22.19 -43.48
N ILE U 485 -1.79 20.95 -43.93
CA ILE U 485 -1.35 19.82 -43.12
C ILE U 485 0.16 19.79 -43.11
N GLU U 486 0.78 20.23 -42.02
CA GLU U 486 2.23 20.28 -41.90
C GLU U 486 2.76 18.93 -41.40
N TRP U 487 2.53 17.90 -42.22
CA TRP U 487 2.85 16.53 -41.87
C TRP U 487 4.07 16.08 -42.66
N LYS U 488 5.13 15.70 -41.96
CA LYS U 488 6.39 15.33 -42.59
C LYS U 488 6.60 13.84 -42.52
N PRO U 489 6.46 13.10 -43.63
CA PRO U 489 6.71 11.66 -43.61
C PRO U 489 8.19 11.35 -43.37
N SER U 490 8.43 10.20 -42.75
CA SER U 490 9.78 9.79 -42.38
C SER U 490 10.18 8.47 -43.01
N ASP V 18 -22.35 -32.25 -12.13
CA ASP V 18 -23.66 -32.49 -11.54
C ASP V 18 -23.90 -33.97 -11.38
N PHE V 19 -22.84 -34.72 -11.10
CA PHE V 19 -22.96 -36.15 -10.94
C PHE V 19 -21.79 -36.65 -10.10
N PRO V 20 -22.05 -37.47 -9.08
CA PRO V 20 -20.96 -37.90 -8.20
C PRO V 20 -19.99 -38.85 -8.87
N SER V 21 -18.76 -38.85 -8.36
CA SER V 21 -17.72 -39.78 -8.80
C SER V 21 -17.66 -40.90 -7.78
N VAL V 22 -18.44 -41.96 -8.02
CA VAL V 22 -18.67 -43.02 -7.05
C VAL V 22 -18.32 -44.36 -7.67
N CYS V 23 -17.50 -45.14 -6.97
CA CYS V 23 -17.06 -46.43 -7.46
C CYS V 23 -18.19 -47.47 -7.38
N GLU V 24 -18.05 -48.53 -8.18
CA GLU V 24 -19.05 -49.61 -8.18
C GLU V 24 -19.10 -50.38 -6.88
N ASN V 25 -18.08 -50.28 -6.03
CA ASN V 25 -18.16 -50.85 -4.70
C ASN V 25 -19.28 -50.19 -3.90
N CYS V 26 -19.50 -48.90 -4.13
CA CYS V 26 -20.43 -48.14 -3.32
C CYS V 26 -21.85 -48.14 -3.87
N LEU V 27 -22.02 -47.94 -5.20
CA LEU V 27 -23.32 -47.98 -5.86
C LEU V 27 -23.90 -49.38 -5.70
N PRO V 28 -25.11 -49.49 -5.13
CA PRO V 28 -25.41 -50.63 -4.25
C PRO V 28 -25.36 -52.02 -4.85
N GLU V 29 -26.38 -52.41 -5.61
CA GLU V 29 -26.28 -53.62 -6.43
C GLU V 29 -26.81 -53.37 -7.83
N ASN V 30 -28.04 -52.87 -7.87
CA ASN V 30 -28.91 -52.71 -9.02
C ASN V 30 -28.31 -51.73 -10.02
N PRO V 31 -28.22 -52.10 -11.30
CA PRO V 31 -27.84 -51.11 -12.31
C PRO V 31 -28.81 -49.94 -12.42
N TYR V 32 -30.06 -50.11 -12.00
CA TYR V 32 -31.03 -49.03 -11.98
C TYR V 32 -31.11 -48.51 -10.55
N VAL V 33 -30.46 -47.38 -10.29
CA VAL V 33 -30.29 -46.88 -8.92
C VAL V 33 -31.10 -45.61 -8.75
N LYS V 34 -31.66 -45.43 -7.55
CA LYS V 34 -32.44 -44.26 -7.19
C LYS V 34 -31.56 -43.41 -6.28
N MET V 35 -31.37 -42.15 -6.66
CA MET V 35 -30.41 -41.27 -6.01
C MET V 35 -31.06 -39.95 -5.66
N LEU V 36 -30.77 -39.45 -4.46
CA LEU V 36 -31.25 -38.16 -3.99
C LEU V 36 -30.13 -37.13 -4.03
N LYS V 37 -30.52 -35.89 -4.27
CA LYS V 37 -29.57 -34.80 -4.42
C LYS V 37 -30.00 -33.66 -3.51
N GLU V 38 -29.07 -33.11 -2.74
CA GLU V 38 -29.33 -31.93 -1.91
C GLU V 38 -28.20 -30.92 -2.09
N ASP V 39 -28.55 -29.74 -2.59
CA ASP V 39 -27.60 -28.65 -2.67
C ASP V 39 -27.25 -28.15 -1.28
N TYR V 40 -25.95 -27.99 -1.04
CA TYR V 40 -25.39 -27.54 0.24
C TYR V 40 -25.87 -28.43 1.39
N GLY V 41 -25.93 -29.73 1.11
CA GLY V 41 -26.51 -30.68 2.04
C GLY V 41 -25.60 -31.07 3.18
N ALA V 42 -24.30 -30.97 2.96
CA ALA V 42 -23.32 -31.28 3.99
C ALA V 42 -22.05 -30.51 3.67
N GLU V 43 -21.17 -30.42 4.66
CA GLU V 43 -19.84 -29.87 4.48
C GLU V 43 -18.91 -31.01 4.09
N CYS V 44 -17.91 -30.70 3.27
CA CYS V 44 -16.92 -31.69 2.88
C CYS V 44 -16.19 -32.19 4.11
N LYS V 45 -15.90 -33.50 4.15
CA LYS V 45 -15.15 -34.00 5.29
C LYS V 45 -13.69 -33.60 5.22
N LEU V 46 -13.20 -33.29 4.03
CA LEU V 46 -11.80 -32.88 3.89
C LEU V 46 -11.67 -31.36 3.98
N CYS V 47 -12.29 -30.64 3.05
CA CYS V 47 -12.05 -29.21 2.95
C CYS V 47 -13.05 -28.36 3.72
N THR V 48 -14.06 -28.98 4.34
CA THR V 48 -15.11 -28.31 5.13
C THR V 48 -15.74 -27.14 4.40
N ARG V 49 -16.30 -27.43 3.22
CA ARG V 49 -17.06 -26.44 2.48
C ARG V 49 -18.36 -27.10 2.00
N PRO V 50 -19.48 -26.38 2.05
CA PRO V 50 -20.77 -27.01 1.71
C PRO V 50 -20.89 -27.35 0.22
N PHE V 51 -21.34 -28.56 -0.06
CA PHE V 51 -21.33 -29.12 -1.40
C PHE V 51 -22.62 -29.92 -1.61
N THR V 52 -22.82 -30.37 -2.85
CA THR V 52 -24.03 -31.09 -3.23
C THR V 52 -23.90 -32.56 -2.84
N VAL V 53 -24.84 -33.04 -2.04
CA VAL V 53 -24.78 -34.40 -1.52
C VAL V 53 -25.65 -35.31 -2.39
N PHE V 54 -25.07 -36.42 -2.81
CA PHE V 54 -25.79 -37.45 -3.56
C PHE V 54 -25.86 -38.70 -2.69
N SER V 55 -27.07 -39.04 -2.26
CA SER V 55 -27.30 -40.15 -1.35
C SER V 55 -28.19 -41.18 -2.01
N TRP V 56 -27.75 -42.43 -2.05
CA TRP V 56 -28.51 -43.49 -2.68
C TRP V 56 -28.97 -44.50 -1.62
N ALA V 57 -29.58 -45.58 -2.08
CA ALA V 57 -30.11 -46.62 -1.21
C ALA V 57 -29.05 -47.70 -1.00
N GLY V 58 -29.44 -48.83 -0.42
CA GLY V 58 -28.48 -49.90 -0.15
C GLY V 58 -28.95 -51.27 -0.58
N ASP V 59 -28.20 -52.30 -0.23
CA ASP V 59 -28.54 -53.70 -0.52
C ASP V 59 -29.29 -54.34 0.63
N GLY V 60 -30.06 -53.55 1.36
CA GLY V 60 -30.81 -54.08 2.47
C GLY V 60 -31.62 -53.02 3.15
N ARG V 61 -32.88 -53.32 3.44
CA ARG V 61 -33.75 -52.40 4.15
C ARG V 61 -33.79 -52.75 5.63
N ALA V 62 -32.60 -52.77 6.22
CA ALA V 62 -32.41 -53.07 7.63
C ALA V 62 -31.92 -51.86 8.43
N HIS V 63 -31.21 -50.95 7.78
CA HIS V 63 -30.81 -49.68 8.39
C HIS V 63 -30.75 -48.64 7.29
N GLY V 64 -31.67 -47.66 7.34
CA GLY V 64 -31.75 -46.67 6.29
C GLY V 64 -30.72 -45.57 6.39
N ARG V 65 -29.45 -45.96 6.37
CA ARG V 65 -28.33 -45.01 6.47
C ARG V 65 -28.23 -44.11 5.26
N LYS V 66 -28.58 -44.62 4.07
CA LYS V 66 -28.45 -43.91 2.81
C LYS V 66 -27.01 -43.48 2.58
N LYS V 67 -26.14 -44.45 2.30
CA LYS V 67 -24.75 -44.22 1.94
C LYS V 67 -24.63 -43.09 0.93
N ARG V 68 -23.95 -42.02 1.31
CA ARG V 68 -23.95 -40.76 0.59
C ARG V 68 -22.53 -40.38 0.21
N THR V 69 -22.41 -39.31 -0.57
CA THR V 69 -21.10 -38.72 -0.79
C THR V 69 -20.62 -38.08 0.50
N ASN V 70 -19.31 -38.00 0.66
CA ASN V 70 -18.74 -37.36 1.84
C ASN V 70 -17.72 -36.28 1.53
N ILE V 71 -17.18 -36.25 0.31
CA ILE V 71 -16.25 -35.20 -0.08
C ILE V 71 -16.73 -34.56 -1.37
N CYS V 72 -16.33 -33.31 -1.58
CA CYS V 72 -16.79 -32.56 -2.73
C CYS V 72 -16.01 -32.96 -3.98
N LEU V 73 -16.54 -32.57 -5.14
CA LEU V 73 -15.91 -32.93 -6.41
C LEU V 73 -14.54 -32.29 -6.59
N THR V 74 -14.31 -31.14 -5.96
CA THR V 74 -12.96 -30.58 -5.96
C THR V 74 -12.01 -31.46 -5.19
N CYS V 75 -12.41 -31.86 -3.97
CA CYS V 75 -11.57 -32.74 -3.18
C CYS V 75 -11.57 -34.15 -3.73
N ALA V 76 -12.63 -34.53 -4.45
CA ALA V 76 -12.64 -35.82 -5.13
C ALA V 76 -11.67 -35.83 -6.29
N ARG V 77 -11.55 -34.71 -6.99
CA ARG V 77 -10.73 -34.66 -8.18
C ARG V 77 -9.25 -34.48 -7.84
N LEU V 78 -8.96 -33.62 -6.87
CA LEU V 78 -7.56 -33.33 -6.52
C LEU V 78 -6.88 -34.54 -5.89
N LYS V 79 -7.56 -35.20 -4.97
CA LYS V 79 -7.00 -36.37 -4.31
C LYS V 79 -7.36 -37.66 -5.01
N ASN V 80 -8.17 -37.58 -6.08
CA ASN V 80 -8.49 -38.69 -6.97
C ASN V 80 -9.08 -39.90 -6.25
N ALA V 81 -10.17 -39.70 -5.53
CA ALA V 81 -10.76 -40.76 -4.72
C ALA V 81 -12.27 -40.75 -4.86
N CYS V 82 -12.89 -41.88 -4.53
CA CYS V 82 -14.34 -42.00 -4.54
C CYS V 82 -14.93 -41.06 -3.49
N GLN V 83 -16.12 -40.51 -3.78
CA GLN V 83 -16.70 -39.53 -2.88
C GLN V 83 -17.28 -40.17 -1.62
N CYS V 84 -17.74 -41.40 -1.72
CA CYS V 84 -18.41 -42.03 -0.58
C CYS V 84 -17.42 -42.68 0.37
N CYS V 85 -16.63 -43.62 -0.12
CA CYS V 85 -15.74 -44.42 0.71
C CYS V 85 -14.39 -43.79 0.93
N ILE V 86 -14.04 -42.77 0.13
CA ILE V 86 -12.77 -42.05 0.15
C ILE V 86 -11.60 -43.02 0.07
N MET V 87 -11.55 -43.83 -0.98
CA MET V 87 -10.34 -44.56 -1.30
C MET V 87 -10.04 -44.38 -2.78
N ASP V 88 -8.82 -44.77 -3.17
CA ASP V 88 -8.30 -44.46 -4.50
C ASP V 88 -9.09 -45.07 -5.63
N LEU V 89 -9.14 -44.35 -6.75
CA LEU V 89 -9.83 -44.82 -7.94
C LEU V 89 -9.02 -45.86 -8.70
N GLN V 90 -7.69 -45.71 -8.76
CA GLN V 90 -6.87 -46.73 -9.43
C GLN V 90 -6.75 -47.98 -8.59
N PHE V 91 -6.13 -47.86 -7.42
CA PHE V 91 -5.67 -49.01 -6.67
C PHE V 91 -6.61 -49.43 -5.56
N GLY V 92 -7.44 -48.52 -5.06
CA GLY V 92 -8.36 -48.87 -4.00
C GLY V 92 -7.66 -48.88 -2.66
N LEU V 93 -6.84 -47.87 -2.42
CA LEU V 93 -6.11 -47.66 -1.18
C LEU V 93 -6.77 -46.55 -0.40
N PRO V 94 -6.76 -46.63 0.93
CA PRO V 94 -7.00 -45.43 1.75
C PRO V 94 -5.99 -44.36 1.37
N ILE V 95 -6.45 -43.11 1.30
CA ILE V 95 -5.77 -42.11 0.50
C ILE V 95 -4.44 -41.71 1.15
N VAL V 96 -4.31 -41.89 2.47
CA VAL V 96 -3.05 -41.60 3.14
C VAL V 96 -2.02 -42.70 2.86
N ILE V 97 -2.49 -43.95 2.72
CA ILE V 97 -1.64 -45.07 2.35
C ILE V 97 -1.05 -44.80 0.98
N ARG V 98 -1.90 -44.30 0.07
CA ARG V 98 -1.45 -43.95 -1.26
C ARG V 98 -0.45 -42.81 -1.23
N ASP V 99 -0.76 -41.74 -0.52
CA ASP V 99 0.12 -40.57 -0.56
C ASP V 99 1.38 -40.76 0.28
N LYS V 100 1.45 -41.81 1.09
CA LYS V 100 2.63 -42.10 1.88
C LYS V 100 3.50 -43.22 1.30
N ALA V 101 2.91 -44.13 0.53
CA ALA V 101 3.66 -45.23 -0.08
C ALA V 101 4.08 -44.89 -1.51
N LEU V 102 3.13 -44.48 -2.34
CA LEU V 102 3.48 -44.00 -3.67
C LEU V 102 4.23 -42.67 -3.59
N GLU V 103 3.97 -41.90 -2.52
CA GLU V 103 4.72 -40.71 -2.11
C GLU V 103 4.47 -39.53 -3.07
N LEU V 104 4.69 -38.30 -2.60
CA LEU V 104 4.59 -37.05 -3.38
C LEU V 104 3.14 -36.88 -3.83
N ILE V 105 2.88 -36.70 -5.12
CA ILE V 105 1.56 -36.48 -5.71
C ILE V 105 0.90 -35.24 -5.11
N ALA V 106 0.32 -35.38 -3.92
CA ALA V 106 -0.45 -34.30 -3.34
C ALA V 106 -0.51 -34.41 -1.82
N PRO V 107 0.32 -33.66 -1.09
CA PRO V 107 0.20 -33.64 0.37
C PRO V 107 -1.12 -33.05 0.85
N GLY V 108 -1.40 -31.81 0.46
CA GLY V 108 -2.63 -31.15 0.82
C GLY V 108 -2.58 -30.55 2.21
N PRO V 109 -2.79 -29.24 2.31
CA PRO V 109 -2.81 -28.60 3.64
C PRO V 109 -3.98 -29.10 4.47
N GLN V 110 -3.74 -29.21 5.78
CA GLN V 110 -4.79 -29.55 6.73
C GLN V 110 -4.58 -28.70 7.97
N SER V 111 -5.18 -27.51 7.96
CA SER V 111 -5.18 -26.59 9.09
C SER V 111 -6.52 -25.89 9.09
N GLU V 112 -6.65 -24.80 9.83
CA GLU V 112 -7.98 -24.19 9.91
C GLU V 112 -8.29 -23.35 8.68
N ILE V 113 -7.59 -22.25 8.48
CA ILE V 113 -7.93 -21.33 7.39
C ILE V 113 -7.24 -21.75 6.10
N ASN V 114 -6.09 -22.42 6.21
CA ASN V 114 -5.35 -22.84 5.03
C ASN V 114 -6.11 -23.86 4.21
N ARG V 115 -6.93 -24.66 4.87
CA ARG V 115 -7.72 -25.70 4.23
C ARG V 115 -8.71 -25.11 3.24
N GLU V 116 -9.53 -24.16 3.70
CA GLU V 116 -10.49 -23.54 2.80
C GLU V 116 -9.81 -22.60 1.83
N TYR V 117 -8.65 -22.04 2.20
CA TYR V 117 -7.89 -21.23 1.26
C TYR V 117 -7.45 -22.04 0.05
N PHE V 118 -6.85 -23.21 0.31
CA PHE V 118 -6.40 -24.08 -0.76
C PHE V 118 -7.55 -24.59 -1.60
N ALA V 119 -8.64 -24.98 -0.96
CA ALA V 119 -9.80 -25.47 -1.71
C ALA V 119 -10.42 -24.38 -2.56
N GLN V 120 -10.52 -23.17 -2.00
CA GLN V 120 -11.05 -22.00 -2.69
C GLN V 120 -10.24 -21.68 -3.94
N ASN V 121 -8.91 -21.70 -3.80
CA ASN V 121 -8.06 -21.39 -4.94
C ASN V 121 -8.12 -22.47 -6.00
N ASN V 122 -8.17 -23.73 -5.58
CA ASN V 122 -8.25 -24.81 -6.56
C ASN V 122 -9.56 -24.78 -7.35
N GLU V 123 -10.68 -24.53 -6.65
CA GLU V 123 -11.96 -24.43 -7.35
C GLU V 123 -11.99 -23.23 -8.26
N ARG V 124 -11.43 -22.10 -7.81
CA ARG V 124 -11.35 -20.90 -8.64
C ARG V 124 -10.52 -21.12 -9.89
N ALA V 125 -9.45 -21.91 -9.78
CA ALA V 125 -8.63 -22.22 -10.93
C ALA V 125 -9.35 -23.14 -11.89
N ILE V 126 -10.01 -24.18 -11.36
CA ILE V 126 -10.66 -25.18 -12.22
C ILE V 126 -11.85 -24.56 -12.95
N GLU V 127 -12.60 -23.71 -12.27
CA GLU V 127 -13.74 -23.03 -12.90
C GLU V 127 -13.27 -22.04 -13.96
N GLU V 128 -12.05 -21.51 -13.83
CA GLU V 128 -11.54 -20.52 -14.76
C GLU V 128 -10.72 -21.18 -15.85
N GLY V 129 -10.82 -22.49 -15.97
CA GLY V 129 -10.17 -23.22 -17.06
C GLY V 129 -8.81 -23.81 -16.73
N ARG V 130 -7.95 -23.06 -16.06
CA ARG V 130 -6.59 -23.50 -15.79
C ARG V 130 -6.58 -24.74 -14.89
N ALA V 131 -5.61 -25.62 -15.13
CA ALA V 131 -5.55 -26.89 -14.44
C ALA V 131 -5.13 -26.72 -12.98
N LYS V 138 0.73 -40.26 -14.32
CA LYS V 138 1.94 -41.03 -14.10
C LYS V 138 1.89 -41.78 -12.78
N THR V 139 0.67 -42.15 -12.37
CA THR V 139 0.50 -42.86 -11.10
C THR V 139 1.07 -44.27 -11.18
N ASP V 140 0.85 -44.97 -12.30
CA ASP V 140 1.38 -46.31 -12.45
C ASP V 140 2.89 -46.33 -12.57
N GLU V 141 3.50 -45.24 -13.05
CA GLU V 141 4.96 -45.14 -13.04
C GLU V 141 5.52 -45.17 -11.63
N LYS V 142 4.91 -44.39 -10.73
CA LYS V 142 5.33 -44.43 -9.33
C LYS V 142 4.95 -45.74 -8.67
N ALA V 143 3.89 -46.41 -9.15
CA ALA V 143 3.58 -47.75 -8.65
C ALA V 143 4.70 -48.73 -9.00
N ARG V 144 5.18 -48.66 -10.24
CA ARG V 144 6.30 -49.51 -10.65
C ARG V 144 7.57 -49.17 -9.89
N GLU V 145 7.81 -47.88 -9.65
CA GLU V 145 8.98 -47.50 -8.86
C GLU V 145 8.86 -47.98 -7.42
N LEU V 146 7.64 -47.97 -6.86
CA LEU V 146 7.40 -48.53 -5.54
C LEU V 146 7.71 -50.02 -5.52
N LEU V 147 7.29 -50.72 -6.57
CA LEU V 147 7.63 -52.14 -6.70
C LEU V 147 9.14 -52.34 -6.74
N ARG V 148 9.87 -51.40 -7.35
CA ARG V 148 11.32 -51.57 -7.43
C ARG V 148 11.99 -51.25 -6.10
N ARG V 149 11.42 -50.32 -5.33
CA ARG V 149 11.97 -50.05 -4.00
C ARG V 149 11.68 -51.20 -3.04
N LEU V 150 10.56 -51.91 -3.24
CA LEU V 150 10.19 -52.96 -2.32
C LEU V 150 10.71 -54.34 -2.70
N ALA V 151 10.94 -54.60 -3.99
CA ALA V 151 11.33 -55.94 -4.40
C ALA V 151 12.74 -56.28 -3.95
N ASN V 152 13.64 -55.31 -3.97
CA ASN V 152 15.02 -55.51 -3.54
C ASN V 152 15.32 -54.93 -2.16
N SER V 153 14.29 -54.76 -1.33
CA SER V 153 14.46 -54.20 0.00
C SER V 153 14.77 -55.28 1.01
N LYS V 154 15.38 -54.87 2.13
CA LYS V 154 15.72 -55.75 3.22
C LYS V 154 15.67 -54.97 4.52
N PRO V 155 14.87 -55.40 5.51
CA PRO V 155 14.80 -54.72 6.80
C PRO V 155 16.11 -54.75 7.58
N ALA V 221 30.68 -67.20 23.54
CA ALA V 221 30.25 -68.49 24.08
C ALA V 221 28.74 -68.65 23.95
N ALA V 222 28.32 -69.52 23.03
CA ALA V 222 26.89 -69.77 22.82
C ALA V 222 26.30 -70.55 23.99
N LEU V 223 25.06 -70.23 24.32
CA LEU V 223 24.37 -70.90 25.41
C LEU V 223 24.02 -72.34 25.00
N PRO V 224 24.03 -73.27 25.94
CA PRO V 224 23.71 -74.67 25.63
C PRO V 224 22.24 -74.83 25.28
N PRO V 225 21.88 -75.90 24.57
CA PRO V 225 20.46 -76.15 24.29
C PRO V 225 19.70 -76.43 25.57
N PRO V 226 18.39 -76.16 25.59
CA PRO V 226 17.59 -76.35 26.81
C PRO V 226 17.51 -77.82 27.21
N GLY V 227 17.99 -78.12 28.41
CA GLY V 227 18.00 -79.47 28.91
C GLY V 227 16.80 -79.78 29.78
N PRO V 228 16.98 -80.67 30.77
CA PRO V 228 15.85 -81.07 31.61
C PRO V 228 15.43 -80.04 32.64
N LYS V 229 16.32 -79.15 33.06
CA LYS V 229 16.01 -78.20 34.12
C LYS V 229 15.04 -77.12 33.67
N ASP V 230 14.94 -76.85 32.37
CA ASP V 230 14.13 -75.75 31.89
C ASP V 230 12.64 -76.06 31.83
N TRP V 231 12.25 -77.33 31.88
CA TRP V 231 10.84 -77.70 31.82
C TRP V 231 10.38 -78.61 32.94
N LEU V 232 11.26 -79.05 33.82
CA LEU V 232 10.84 -79.88 34.94
C LEU V 232 10.11 -79.03 35.98
N PRO V 233 8.95 -79.48 36.45
CA PRO V 233 8.22 -78.72 37.48
C PRO V 233 8.93 -78.80 38.82
N PRO V 234 9.26 -77.67 39.41
CA PRO V 234 9.97 -77.66 40.70
C PRO V 234 8.99 -77.92 41.85
N ALA V 235 9.54 -77.87 43.07
CA ALA V 235 8.71 -78.04 44.25
C ALA V 235 7.77 -76.86 44.47
N ASP V 236 8.18 -75.67 44.04
CA ASP V 236 7.35 -74.49 44.18
C ASP V 236 6.24 -74.52 43.13
N LYS V 237 5.00 -74.38 43.60
CA LYS V 237 3.84 -74.33 42.70
C LYS V 237 3.56 -72.92 42.19
N SER V 238 4.23 -71.90 42.72
CA SER V 238 4.03 -70.53 42.30
C SER V 238 4.86 -70.16 41.07
N ILE V 239 5.78 -71.02 40.65
CA ILE V 239 6.55 -70.77 39.44
C ILE V 239 5.64 -71.05 38.25
N MET V 240 5.16 -69.98 37.60
CA MET V 240 4.15 -70.12 36.58
C MET V 240 4.51 -69.52 35.22
N SER V 241 5.43 -68.57 35.14
CA SER V 241 5.66 -67.90 33.87
C SER V 241 6.57 -68.76 33.00
N LEU V 242 6.17 -68.90 31.74
CA LEU V 242 6.98 -69.57 30.73
C LEU V 242 7.77 -68.47 30.04
N PHE V 243 9.08 -68.49 30.24
CA PHE V 243 9.99 -67.51 29.67
C PHE V 243 10.40 -67.99 28.28
N ILE V 244 10.06 -67.22 27.26
CA ILE V 244 10.30 -67.58 25.87
C ILE V 244 11.26 -66.57 25.26
N THR V 245 12.32 -67.09 24.65
CA THR V 245 13.41 -66.29 24.10
C THR V 245 13.48 -66.52 22.60
N GLY V 246 13.63 -65.44 21.84
CA GLY V 246 13.84 -65.50 20.41
C GLY V 246 12.70 -64.99 19.54
N ILE V 247 11.71 -64.33 20.12
CA ILE V 247 10.58 -63.83 19.34
C ILE V 247 11.00 -62.59 18.58
N GLU V 248 10.89 -62.63 17.26
CA GLU V 248 11.30 -61.52 16.41
C GLU V 248 10.13 -60.58 16.15
N ASP V 249 10.43 -59.46 15.47
CA ASP V 249 9.37 -58.52 15.10
C ASP V 249 8.44 -59.10 14.05
N ASP V 250 8.92 -60.07 13.26
CA ASP V 250 8.10 -60.72 12.25
C ASP V 250 7.09 -61.70 12.84
N LEU V 251 7.18 -62.00 14.14
CA LEU V 251 6.27 -62.93 14.76
C LEU V 251 5.08 -62.18 15.36
N PRO V 252 3.87 -62.39 14.85
CA PRO V 252 2.70 -61.75 15.47
C PRO V 252 2.21 -62.55 16.67
N GLU V 253 1.38 -61.89 17.48
CA GLU V 253 0.99 -62.46 18.76
C GLU V 253 -0.10 -63.51 18.61
N TRP V 254 -0.92 -63.39 17.56
CA TRP V 254 -2.07 -64.28 17.40
C TRP V 254 -1.65 -65.70 17.08
N LYS V 255 -0.57 -65.89 16.32
CA LYS V 255 -0.05 -67.23 16.10
C LYS V 255 0.43 -67.86 17.40
N ILE V 256 1.05 -67.06 18.26
CA ILE V 256 1.52 -67.55 19.56
C ILE V 256 0.33 -67.97 20.42
N ARG V 257 -0.70 -67.12 20.50
CA ARG V 257 -1.86 -67.44 21.33
C ARG V 257 -2.62 -68.65 20.78
N ASP V 258 -2.74 -68.77 19.46
CA ASP V 258 -3.47 -69.90 18.89
C ASP V 258 -2.66 -71.19 19.02
N PHE V 259 -1.33 -71.10 18.96
CA PHE V 259 -0.50 -72.29 19.10
C PHE V 259 -0.41 -72.74 20.55
N PHE V 260 -0.58 -71.82 21.50
CA PHE V 260 -0.55 -72.21 22.91
C PHE V 260 -1.92 -72.48 23.51
N LYS V 261 -3.01 -72.07 22.85
CA LYS V 261 -4.33 -72.33 23.41
C LYS V 261 -4.72 -73.81 23.27
N GLN V 262 -4.10 -74.54 22.35
CA GLN V 262 -4.36 -75.97 22.23
C GLN V 262 -3.78 -76.75 23.40
N TYR V 263 -2.87 -76.16 24.16
CA TYR V 263 -2.30 -76.81 25.34
C TYR V 263 -3.15 -76.57 26.58
N GLY V 264 -3.81 -75.43 26.66
CA GLY V 264 -4.65 -75.14 27.81
C GLY V 264 -5.17 -73.72 27.74
N LYS V 265 -5.89 -73.33 28.79
CA LYS V 265 -6.46 -72.01 28.89
C LYS V 265 -5.37 -71.02 29.31
N ILE V 266 -5.04 -70.08 28.43
CA ILE V 266 -3.98 -69.12 28.69
C ILE V 266 -4.54 -68.00 29.55
N LYS V 267 -3.94 -67.78 30.71
CA LYS V 267 -4.34 -66.63 31.52
C LYS V 267 -3.82 -65.32 30.92
N SER V 268 -2.56 -65.29 30.51
CA SER V 268 -1.97 -64.08 29.94
C SER V 268 -0.75 -64.43 29.12
N LEU V 269 -0.39 -63.51 28.24
CA LEU V 269 0.84 -63.60 27.46
C LEU V 269 1.31 -62.18 27.18
N VAL V 270 2.52 -61.85 27.62
CA VAL V 270 3.09 -60.53 27.39
C VAL V 270 4.42 -60.69 26.67
N VAL V 271 4.61 -59.90 25.61
CA VAL V 271 5.80 -59.97 24.77
C VAL V 271 6.42 -58.58 24.70
N SER V 272 7.70 -58.49 25.07
CA SER V 272 8.48 -57.27 24.92
C SER V 272 9.30 -57.39 23.64
N HIS V 273 8.93 -56.59 22.63
CA HIS V 273 9.62 -56.63 21.35
C HIS V 273 10.98 -55.95 21.42
N MET V 274 11.12 -54.92 22.26
CA MET V 274 12.41 -54.26 22.44
C MET V 274 13.41 -55.17 23.15
N THR V 275 12.93 -56.19 23.84
CA THR V 275 13.76 -57.14 24.55
C THR V 275 13.73 -58.52 23.92
N HIS V 276 12.77 -58.76 23.01
CA HIS V 276 12.50 -60.06 22.40
C HIS V 276 12.26 -61.12 23.49
N CYS V 277 11.45 -60.75 24.48
CA CYS V 277 11.15 -61.61 25.60
C CYS V 277 9.66 -61.93 25.61
N ALA V 278 9.31 -63.10 26.15
CA ALA V 278 7.90 -63.44 26.31
C ALA V 278 7.67 -64.12 27.64
N PHE V 279 6.59 -63.72 28.31
CA PHE V 279 6.11 -64.39 29.52
C PHE V 279 4.73 -64.94 29.21
N VAL V 280 4.57 -66.25 29.41
CA VAL V 280 3.29 -66.93 29.21
C VAL V 280 2.82 -67.44 30.56
N ASN V 281 1.66 -66.98 31.01
CA ASN V 281 1.11 -67.43 32.27
C ASN V 281 -0.19 -68.16 31.95
N TYR V 282 -0.33 -69.38 32.46
CA TYR V 282 -1.52 -70.19 32.23
C TYR V 282 -2.46 -70.11 33.43
N GLU V 283 -3.76 -70.13 33.13
CA GLU V 283 -4.75 -70.19 34.19
C GLU V 283 -4.73 -71.52 34.91
N THR V 284 -4.34 -72.58 34.21
CA THR V 284 -4.22 -73.91 34.78
C THR V 284 -2.74 -74.30 34.79
N ARG V 285 -2.23 -74.67 35.97
CA ARG V 285 -0.86 -75.16 36.05
C ARG V 285 -0.69 -76.49 35.34
N GLU V 286 -1.75 -77.30 35.32
CA GLU V 286 -1.71 -78.57 34.58
C GLU V 286 -1.50 -78.34 33.09
N GLY V 287 -2.19 -77.34 32.53
CA GLY V 287 -2.01 -77.02 31.13
C GLY V 287 -0.60 -76.52 30.81
N ALA V 288 -0.03 -75.73 31.72
CA ALA V 288 1.35 -75.30 31.57
C ALA V 288 2.31 -76.47 31.63
N GLU V 289 2.04 -77.45 32.51
CA GLU V 289 2.86 -78.65 32.58
C GLU V 289 2.75 -79.48 31.31
N LYS V 290 1.54 -79.59 30.76
CA LYS V 290 1.36 -80.31 29.50
C LYS V 290 2.08 -79.62 28.35
N ALA V 291 2.03 -78.28 28.31
CA ALA V 291 2.76 -77.53 27.29
C ALA V 291 4.27 -77.70 27.44
N ALA V 292 4.75 -77.72 28.69
CA ALA V 292 6.18 -77.93 28.93
C ALA V 292 6.63 -79.31 28.49
N THR V 293 5.81 -80.33 28.76
CA THR V 293 6.15 -81.68 28.33
C THR V 293 6.04 -81.84 26.81
N GLU V 294 5.10 -81.13 26.19
CA GLU V 294 4.92 -81.26 24.74
C GLU V 294 6.03 -80.55 23.98
N LEU V 295 6.40 -79.35 24.42
CA LEU V 295 7.37 -78.54 23.68
C LEU V 295 8.82 -78.87 24.05
N LYS V 296 9.06 -79.17 25.33
CA LYS V 296 10.36 -79.58 25.86
C LYS V 296 11.45 -78.53 25.57
N GLY V 297 11.12 -77.28 25.90
CA GLY V 297 12.08 -76.20 25.87
C GLY V 297 12.38 -75.61 24.52
N ARG V 298 11.81 -76.16 23.44
CA ARG V 298 12.08 -75.67 22.09
C ARG V 298 10.76 -75.46 21.36
N ALA V 299 10.73 -74.45 20.49
CA ALA V 299 9.55 -74.18 19.69
C ALA V 299 9.98 -73.62 18.35
N VAL V 300 9.25 -73.99 17.30
CA VAL V 300 9.45 -73.44 15.96
C VAL V 300 8.12 -72.84 15.55
N ILE V 301 7.98 -71.52 15.69
CA ILE V 301 6.71 -70.83 15.41
C ILE V 301 6.95 -69.85 14.28
N ALA V 302 6.30 -70.10 13.14
CA ALA V 302 6.39 -69.28 11.93
C ALA V 302 7.82 -69.10 11.46
N GLY V 303 8.60 -70.19 11.51
CA GLY V 303 10.00 -70.12 11.15
C GLY V 303 10.88 -69.47 12.19
N CYS V 304 10.34 -69.17 13.37
CA CYS V 304 11.09 -68.51 14.42
C CYS V 304 11.46 -69.53 15.48
N PRO V 305 12.75 -69.72 15.77
CA PRO V 305 13.15 -70.64 16.85
C PRO V 305 13.09 -69.94 18.21
N LEU V 306 12.45 -70.60 19.18
CA LEU V 306 12.24 -70.04 20.50
C LEU V 306 12.64 -71.06 21.56
N ARG V 307 13.18 -70.55 22.66
CA ARG V 307 13.52 -71.35 23.83
C ARG V 307 12.56 -71.06 24.97
N ILE V 308 12.03 -72.11 25.58
CA ILE V 308 10.99 -72.00 26.60
C ILE V 308 11.51 -72.57 27.90
N ARG V 309 11.47 -71.77 28.96
CA ARG V 309 11.93 -72.16 30.30
C ARG V 309 10.86 -71.80 31.33
N TRP V 310 11.07 -72.26 32.56
CA TRP V 310 10.17 -71.96 33.66
C TRP V 310 10.79 -70.91 34.57
N SER V 311 10.02 -69.88 34.91
CA SER V 311 10.53 -68.81 35.76
C SER V 311 9.38 -68.09 36.45
N ILE V 312 9.74 -67.34 37.49
CA ILE V 312 8.85 -66.35 38.09
C ILE V 312 8.75 -65.15 37.14
N PRO V 313 7.55 -64.60 36.90
CA PRO V 313 7.46 -63.44 36.01
C PRO V 313 8.09 -62.18 36.63
N ARG V 314 8.61 -61.33 35.75
CA ARG V 314 9.19 -60.05 36.14
C ARG V 314 8.77 -58.97 35.17
N PRO V 315 8.69 -57.71 35.63
CA PRO V 315 8.60 -56.59 34.70
C PRO V 315 9.91 -56.41 33.94
N ILE V 316 9.80 -55.86 32.73
CA ILE V 316 10.94 -55.70 31.84
C ILE V 316 11.23 -54.20 31.70
N GLY V 317 12.45 -53.81 32.01
CA GLY V 317 12.87 -52.43 31.92
C GLY V 317 13.48 -52.08 30.57
N THR V 318 14.23 -50.99 30.55
CA THR V 318 14.89 -50.51 29.34
C THR V 318 16.14 -51.35 29.12
N MET V 319 15.92 -52.51 28.52
CA MET V 319 16.97 -53.52 28.41
C MET V 319 17.86 -53.16 27.23
N ASN V 320 19.14 -53.51 27.30
CA ASN V 320 20.07 -53.06 26.28
C ASN V 320 19.92 -53.86 24.98
N LYS V 321 20.35 -53.25 23.88
CA LYS V 321 20.27 -53.87 22.55
C LYS V 321 21.30 -54.97 22.37
N GLU V 322 22.48 -54.83 23.00
CA GLU V 322 23.49 -55.87 22.93
C GLU V 322 23.01 -57.14 23.62
N GLU V 323 22.40 -57.00 24.79
CA GLU V 323 21.83 -58.16 25.46
C GLU V 323 20.58 -58.65 24.75
N ARG V 324 19.90 -57.76 24.01
CA ARG V 324 18.81 -58.21 23.14
C ARG V 324 19.32 -59.14 22.05
N ALA V 325 20.45 -58.78 21.41
CA ALA V 325 21.04 -59.66 20.41
C ALA V 325 21.60 -60.93 21.02
N GLU V 326 22.12 -60.84 22.25
CA GLU V 326 22.52 -62.01 23.02
C GLU V 326 21.34 -62.97 23.20
N MET V 327 20.20 -62.42 23.59
CA MET V 327 19.03 -63.25 23.87
C MET V 327 18.46 -63.82 22.58
N LEU V 328 18.54 -63.05 21.49
CA LEU V 328 18.16 -63.53 20.17
C LEU V 328 19.02 -64.71 19.74
N ARG V 329 20.33 -64.61 19.95
CA ARG V 329 21.17 -65.71 19.49
C ARG V 329 21.09 -66.89 20.44
N ASP V 330 20.70 -66.66 21.71
CA ASP V 330 20.34 -67.76 22.59
C ASP V 330 19.12 -68.52 22.06
N GLY V 331 18.09 -67.77 21.65
CA GLY V 331 16.93 -68.40 21.04
C GLY V 331 17.24 -69.11 19.74
N ARG V 332 18.21 -68.58 18.99
CA ARG V 332 18.69 -69.26 17.80
C ARG V 332 19.44 -70.54 18.16
N SER V 333 20.21 -70.51 19.26
CA SER V 333 20.93 -71.67 19.75
C SER V 333 20.02 -72.73 20.33
N ALA V 334 18.77 -72.38 20.65
CA ALA V 334 17.79 -73.39 21.05
C ALA V 334 17.51 -74.38 19.91
N PHE V 335 17.67 -73.94 18.67
CA PHE V 335 17.50 -74.79 17.49
C PHE V 335 18.85 -74.97 16.83
N PRO V 336 19.57 -76.07 17.09
CA PRO V 336 20.89 -76.32 16.49
C PRO V 336 20.80 -76.76 15.03
N ARG W 51 -25.90 -69.46 19.54
CA ARG W 51 -26.77 -68.99 20.61
C ARG W 51 -27.33 -67.60 20.30
N PRO W 52 -28.54 -67.32 20.77
CA PRO W 52 -29.08 -65.96 20.59
C PRO W 52 -28.36 -64.96 21.47
N ALA W 53 -28.40 -63.70 21.05
CA ALA W 53 -27.77 -62.63 21.80
C ALA W 53 -28.56 -62.36 23.08
N ARG W 54 -27.85 -62.24 24.19
CA ARG W 54 -28.47 -62.03 25.49
C ARG W 54 -28.56 -60.55 25.81
N PRO W 55 -29.75 -60.03 26.15
CA PRO W 55 -29.82 -58.67 26.69
C PRO W 55 -29.08 -58.56 28.01
N GLN W 56 -28.32 -57.47 28.15
CA GLN W 56 -27.43 -57.33 29.30
C GLN W 56 -28.13 -56.66 30.49
N ILE W 57 -28.86 -55.57 30.23
CA ILE W 57 -29.52 -54.81 31.28
C ILE W 57 -31.01 -54.81 30.98
N ASP W 58 -31.83 -54.91 32.04
CA ASP W 58 -33.25 -54.73 31.89
C ASP W 58 -33.56 -53.30 31.45
N PRO W 59 -34.63 -53.11 30.67
CA PRO W 59 -34.97 -51.74 30.22
C PRO W 59 -35.35 -50.78 31.32
N ALA W 60 -35.70 -51.27 32.51
CA ALA W 60 -36.13 -50.39 33.60
C ALA W 60 -35.01 -49.49 34.12
N LEU W 61 -33.75 -49.87 33.91
CA LEU W 61 -32.62 -49.08 34.40
C LEU W 61 -32.25 -47.97 33.43
N VAL W 62 -32.30 -48.24 32.13
CA VAL W 62 -31.83 -47.28 31.13
C VAL W 62 -33.03 -46.51 30.58
N LYS W 63 -32.87 -45.19 30.47
CA LYS W 63 -33.87 -44.33 29.87
C LYS W 63 -33.18 -43.09 29.31
N SER W 64 -33.94 -42.03 29.04
CA SER W 64 -33.36 -40.75 28.66
C SER W 64 -33.51 -39.80 29.85
N GLU W 65 -32.55 -39.87 30.76
CA GLU W 65 -32.60 -39.06 31.97
C GLU W 65 -31.71 -37.84 31.83
N ARG W 66 -32.09 -36.77 32.51
CA ARG W 66 -31.25 -35.58 32.58
C ARG W 66 -29.99 -35.90 33.38
N PRO W 67 -28.85 -35.34 33.00
CA PRO W 67 -27.60 -35.60 33.74
C PRO W 67 -27.63 -35.00 35.13
N PRO W 68 -26.63 -35.31 35.99
CA PRO W 68 -26.55 -34.68 37.33
C PRO W 68 -26.52 -33.17 37.32
N GLN W 69 -27.18 -32.56 38.31
CA GLN W 69 -27.33 -31.10 38.38
C GLN W 69 -26.00 -30.51 38.84
N THR W 70 -25.10 -30.34 37.88
CA THR W 70 -23.81 -29.68 38.10
C THR W 70 -23.85 -28.20 37.72
N GLY W 71 -25.03 -27.59 37.79
CA GLY W 71 -25.19 -26.20 37.41
C GLY W 71 -26.51 -25.69 37.93
N THR W 72 -26.74 -24.39 37.70
CA THR W 72 -27.93 -23.74 38.24
C THR W 72 -29.11 -23.73 37.29
N VAL W 73 -28.89 -23.83 35.99
CA VAL W 73 -29.98 -23.82 35.02
C VAL W 73 -29.61 -24.72 33.85
N PHE W 74 -30.58 -25.49 33.37
CA PHE W 74 -30.32 -26.48 32.32
C PHE W 74 -30.53 -25.84 30.95
N ASN W 75 -29.44 -25.69 30.20
CA ASN W 75 -29.49 -25.24 28.82
C ASN W 75 -30.11 -26.34 27.96
N ILE W 76 -31.33 -26.09 27.47
CA ILE W 76 -32.09 -27.09 26.74
C ILE W 76 -31.79 -27.12 25.25
N TRP W 77 -31.05 -26.16 24.72
CA TRP W 77 -30.55 -26.33 23.36
C TRP W 77 -29.33 -27.21 23.35
N TYR W 78 -28.31 -26.84 24.11
CA TYR W 78 -27.08 -27.62 24.17
C TYR W 78 -27.20 -28.82 25.10
N ASN W 79 -28.26 -28.88 25.90
CA ASN W 79 -28.51 -29.95 26.86
C ASN W 79 -27.37 -30.09 27.87
N LYS W 80 -27.03 -28.96 28.50
CA LYS W 80 -25.91 -28.95 29.42
C LYS W 80 -26.27 -28.09 30.63
N TRP W 81 -25.70 -28.43 31.77
CA TRP W 81 -26.05 -27.74 33.01
C TRP W 81 -25.23 -26.46 33.11
N SER W 82 -25.79 -25.36 32.63
CA SER W 82 -25.14 -24.06 32.73
C SER W 82 -25.27 -23.50 34.15
N GLY W 83 -24.42 -22.55 34.46
CA GLY W 83 -24.31 -22.03 35.81
C GLY W 83 -23.22 -22.72 36.59
N GLY W 84 -22.82 -22.07 37.67
CA GLY W 84 -21.79 -22.63 38.51
C GLY W 84 -20.40 -22.59 37.88
N ASP W 85 -19.51 -23.35 38.48
CA ASP W 85 -18.12 -23.41 38.05
C ASP W 85 -17.99 -24.18 36.74
N ARG W 86 -16.98 -23.82 35.95
CA ARG W 86 -16.63 -24.59 34.76
C ARG W 86 -15.41 -25.48 34.96
N GLU W 87 -14.59 -25.23 35.98
CA GLU W 87 -13.41 -26.05 36.21
C GLU W 87 -13.76 -27.40 36.81
N ASP W 88 -14.88 -27.50 37.54
CA ASP W 88 -15.23 -28.75 38.20
C ASP W 88 -15.68 -29.83 37.22
N LYS W 89 -16.29 -29.44 36.10
CA LYS W 89 -16.72 -30.41 35.11
C LYS W 89 -15.52 -31.06 34.41
N TYR W 90 -14.44 -30.30 34.21
CA TYR W 90 -13.24 -30.80 33.55
C TYR W 90 -12.52 -31.89 34.35
N LEU W 91 -12.83 -32.05 35.64
CA LEU W 91 -12.18 -33.03 36.49
C LEU W 91 -13.24 -33.93 37.11
N SER W 92 -14.20 -34.38 36.28
CA SER W 92 -15.34 -35.12 36.82
C SER W 92 -15.58 -36.45 36.10
N GLN W 93 -14.54 -37.26 35.89
CA GLN W 93 -14.69 -38.55 35.23
C GLN W 93 -15.44 -39.52 36.14
N THR W 94 -16.19 -40.46 35.57
CA THR W 94 -16.92 -41.42 36.38
C THR W 94 -16.78 -42.82 35.80
N HIS W 95 -17.03 -43.80 36.67
CA HIS W 95 -16.95 -45.20 36.29
C HIS W 95 -18.10 -45.57 35.36
N ALA W 96 -17.86 -46.56 34.49
CA ALA W 96 -18.87 -47.00 33.54
C ALA W 96 -20.00 -47.74 34.26
N LYS W 97 -21.10 -47.92 33.54
CA LYS W 97 -22.32 -48.51 34.09
C LYS W 97 -22.51 -49.95 33.65
N GLY W 98 -21.43 -50.67 33.37
CA GLY W 98 -21.52 -52.05 32.97
C GLY W 98 -20.36 -52.48 32.09
N ARG W 99 -20.02 -53.77 32.12
CA ARG W 99 -18.94 -54.30 31.30
C ARG W 99 -19.46 -55.43 30.44
N CYS W 100 -19.12 -55.39 29.15
CA CYS W 100 -19.44 -56.47 28.24
C CYS W 100 -18.45 -57.62 28.37
N ASN W 101 -18.95 -58.84 28.17
CA ASN W 101 -18.09 -60.01 28.04
C ASN W 101 -18.60 -60.80 26.84
N ILE W 102 -17.70 -61.05 25.90
CA ILE W 102 -18.09 -61.70 24.65
C ILE W 102 -18.40 -63.16 24.88
N ALA W 103 -17.78 -63.77 25.88
CA ALA W 103 -17.95 -65.21 26.12
C ALA W 103 -19.36 -65.56 26.56
N ARG W 104 -20.02 -64.70 27.35
CA ARG W 104 -21.33 -65.03 27.89
C ARG W 104 -22.46 -64.19 27.33
N ASP W 105 -22.19 -63.21 26.46
CA ASP W 105 -23.22 -62.31 26.00
C ASP W 105 -23.33 -62.17 24.49
N SER W 106 -22.30 -62.49 23.73
CA SER W 106 -22.39 -62.42 22.28
C SER W 106 -23.29 -63.52 21.74
N GLY W 107 -23.92 -63.25 20.61
CA GLY W 107 -24.81 -64.23 20.04
C GLY W 107 -25.49 -63.70 18.78
N TYR W 108 -26.42 -64.51 18.28
CA TYR W 108 -27.12 -64.20 17.05
C TYR W 108 -28.08 -63.03 17.24
N THR W 109 -28.14 -62.15 16.23
CA THR W 109 -29.09 -61.04 16.22
C THR W 109 -29.57 -60.87 14.79
N ARG W 110 -30.35 -59.80 14.55
CA ARG W 110 -30.86 -59.55 13.21
C ARG W 110 -29.75 -59.17 12.24
N ALA W 111 -28.72 -58.48 12.72
CA ALA W 111 -27.63 -58.07 11.85
C ALA W 111 -26.67 -59.21 11.51
N ASP W 112 -26.67 -60.29 12.29
CA ASP W 112 -25.78 -61.40 11.99
C ASP W 112 -26.16 -62.09 10.69
N SER W 113 -27.45 -62.16 10.40
CA SER W 113 -27.90 -62.73 9.13
C SER W 113 -27.70 -61.77 7.97
N ARG W 114 -27.42 -60.49 8.26
CA ARG W 114 -27.28 -59.46 7.23
C ARG W 114 -25.81 -59.16 6.99
N PRO W 115 -25.25 -59.56 5.85
CA PRO W 115 -23.87 -59.15 5.53
C PRO W 115 -23.80 -57.67 5.21
N GLY W 116 -22.63 -57.10 5.41
CA GLY W 116 -22.44 -55.67 5.19
C GLY W 116 -23.18 -54.80 6.20
N SER W 117 -23.21 -55.19 7.46
CA SER W 117 -23.82 -54.42 8.53
C SER W 117 -22.73 -53.75 9.35
N TYR W 118 -23.14 -53.13 10.45
CA TYR W 118 -22.22 -52.45 11.37
C TYR W 118 -22.37 -53.04 12.77
N PHE W 119 -21.36 -52.82 13.59
CA PHE W 119 -21.37 -53.36 14.94
C PHE W 119 -22.18 -52.47 15.87
N CYS W 120 -22.48 -52.98 17.05
CA CYS W 120 -23.27 -52.28 18.05
C CYS W 120 -22.33 -51.63 19.06
N LEU W 121 -22.32 -50.30 19.08
CA LEU W 121 -21.50 -49.58 20.04
C LEU W 121 -21.99 -49.80 21.46
N TYR W 122 -23.29 -49.95 21.62
CA TYR W 122 -23.88 -50.12 22.94
C TYR W 122 -23.77 -51.54 23.44
N PHE W 123 -23.37 -52.48 22.58
CA PHE W 123 -22.92 -53.78 23.02
C PHE W 123 -21.50 -53.73 23.59
N ALA W 124 -20.63 -52.92 23.00
CA ALA W 124 -19.25 -52.87 23.43
C ALA W 124 -19.13 -52.31 24.84
N ARG W 125 -19.98 -51.34 25.18
CA ARG W 125 -20.02 -50.80 26.53
C ARG W 125 -20.81 -51.69 27.48
N GLY W 126 -21.42 -52.76 26.98
CA GLY W 126 -22.20 -53.63 27.84
C GLY W 126 -23.49 -53.03 28.32
N ILE W 127 -24.08 -52.12 27.53
CA ILE W 127 -25.28 -51.40 27.94
C ILE W 127 -26.45 -51.61 26.98
N CYS W 128 -26.30 -52.44 25.95
CA CYS W 128 -27.41 -52.65 25.03
C CYS W 128 -28.45 -53.53 25.70
N PRO W 129 -29.67 -53.04 25.92
CA PRO W 129 -30.63 -53.74 26.79
C PRO W 129 -31.62 -54.65 26.07
N LYS W 130 -31.44 -54.90 24.78
CA LYS W 130 -32.37 -55.73 24.04
C LYS W 130 -31.78 -57.03 23.51
N GLY W 131 -30.50 -57.03 23.12
CA GLY W 131 -29.84 -58.28 22.79
C GLY W 131 -30.11 -58.79 21.40
N GLN W 132 -31.01 -59.77 21.29
CA GLN W 132 -31.25 -60.44 20.01
C GLN W 132 -31.94 -59.55 19.01
N ASP W 133 -32.75 -58.60 19.47
CA ASP W 133 -33.49 -57.72 18.56
C ASP W 133 -32.83 -56.35 18.41
N CYS W 134 -31.51 -56.30 18.49
CA CYS W 134 -30.75 -55.09 18.17
C CYS W 134 -30.34 -55.12 16.71
N ASP W 135 -30.32 -53.95 16.09
CA ASP W 135 -30.13 -53.85 14.65
C ASP W 135 -28.67 -53.97 14.22
N TYR W 136 -27.73 -54.08 15.16
CA TYR W 136 -26.32 -54.14 14.83
C TYR W 136 -25.69 -55.38 15.43
N LEU W 137 -24.46 -55.66 14.98
CA LEU W 137 -23.77 -56.91 15.32
C LEU W 137 -23.41 -56.95 16.80
N HIS W 138 -23.49 -58.14 17.39
CA HIS W 138 -23.10 -58.37 18.79
C HIS W 138 -22.07 -59.50 18.79
N ARG W 139 -20.81 -59.17 18.48
CA ARG W 139 -19.70 -60.11 18.44
C ARG W 139 -18.40 -59.36 18.14
N LEU W 140 -17.29 -59.99 18.49
CA LEU W 140 -15.97 -59.41 18.25
C LEU W 140 -15.66 -59.41 16.75
N PRO W 141 -15.11 -58.32 16.21
CA PRO W 141 -14.69 -58.33 14.81
C PRO W 141 -13.53 -59.28 14.57
N THR W 142 -13.47 -59.81 13.36
CA THR W 142 -12.40 -60.69 12.94
C THR W 142 -11.31 -59.86 12.24
N ILE W 143 -10.35 -60.53 11.61
CA ILE W 143 -9.40 -59.84 10.73
C ILE W 143 -9.96 -59.65 9.33
N HIS W 144 -11.09 -60.28 9.01
CA HIS W 144 -11.73 -60.12 7.71
C HIS W 144 -12.80 -59.04 7.70
N ASP W 145 -13.13 -58.48 8.87
CA ASP W 145 -14.13 -57.43 8.97
C ASP W 145 -13.46 -56.10 8.66
N ILE W 146 -13.33 -55.82 7.36
CA ILE W 146 -12.65 -54.64 6.87
C ILE W 146 -13.71 -53.62 6.46
N PHE W 147 -13.53 -52.37 6.90
CA PHE W 147 -14.47 -51.29 6.63
C PHE W 147 -13.80 -50.21 5.80
N ASN W 148 -14.63 -49.41 5.15
CA ASN W 148 -14.13 -48.31 4.35
C ASN W 148 -13.59 -47.20 5.25
N PRO W 149 -12.66 -46.38 4.74
CA PRO W 149 -12.08 -45.33 5.59
C PRO W 149 -13.06 -44.26 6.03
N ASN W 150 -14.21 -44.14 5.40
CA ASN W 150 -15.16 -43.08 5.77
C ASN W 150 -15.82 -43.32 7.12
N VAL W 151 -15.89 -44.58 7.55
CA VAL W 151 -16.67 -44.96 8.72
C VAL W 151 -15.78 -45.82 9.62
N ASP W 152 -16.08 -45.81 10.92
CA ASP W 152 -15.45 -46.72 11.84
C ASP W 152 -16.26 -48.02 11.89
N CYS W 153 -15.96 -48.90 12.84
CA CYS W 153 -16.65 -50.17 12.91
C CYS W 153 -18.02 -50.08 13.56
N PHE W 154 -18.38 -48.94 14.13
CA PHE W 154 -19.64 -48.79 14.83
C PHE W 154 -20.70 -48.07 14.02
N GLY W 155 -20.43 -47.76 12.77
CA GLY W 155 -21.40 -47.04 11.96
C GLY W 155 -21.49 -45.56 12.28
N ARG W 156 -20.39 -44.94 12.70
CA ARG W 156 -20.34 -43.51 12.96
C ARG W 156 -19.41 -42.85 11.95
N ASP W 157 -19.74 -41.62 11.58
CA ASP W 157 -18.89 -40.85 10.68
C ASP W 157 -17.56 -40.56 11.36
N LYS W 158 -16.51 -40.53 10.54
CA LYS W 158 -15.15 -40.59 11.03
C LYS W 158 -14.41 -39.36 10.53
N PHE W 159 -13.89 -38.57 11.46
CA PHE W 159 -13.54 -37.18 11.20
C PHE W 159 -12.20 -37.08 10.47
N ALA W 160 -11.83 -35.87 10.07
CA ALA W 160 -10.60 -35.65 9.33
C ALA W 160 -9.40 -35.38 10.22
N ASP W 161 -9.62 -35.03 11.48
CA ASP W 161 -8.53 -34.88 12.43
C ASP W 161 -9.05 -35.23 13.82
N TYR W 162 -8.11 -35.50 14.72
CA TYR W 162 -8.47 -35.90 16.07
C TYR W 162 -8.87 -34.68 16.89
N ARG W 163 -9.09 -34.91 18.19
CA ARG W 163 -9.47 -33.82 19.08
C ARG W 163 -8.27 -33.27 19.82
N ASP W 164 -8.49 -32.32 20.72
CA ASP W 164 -7.46 -31.88 21.66
C ASP W 164 -7.03 -32.99 22.60
N ASP W 165 -7.98 -33.79 23.08
CA ASP W 165 -7.68 -34.87 24.01
C ASP W 165 -7.54 -36.22 23.33
N MET W 166 -7.48 -36.26 21.99
CA MET W 166 -7.12 -37.44 21.21
C MET W 166 -8.10 -38.59 21.47
N GLY W 167 -9.39 -38.28 21.51
CA GLY W 167 -10.40 -39.27 21.81
C GLY W 167 -11.61 -39.13 20.90
N GLY W 168 -12.46 -40.15 20.89
CA GLY W 168 -13.68 -40.10 20.11
C GLY W 168 -13.83 -41.21 19.09
N VAL W 169 -13.94 -40.83 17.82
CA VAL W 169 -14.15 -41.78 16.74
C VAL W 169 -12.85 -42.16 16.06
N GLY W 170 -12.08 -41.19 15.63
CA GLY W 170 -10.84 -41.45 14.94
C GLY W 170 -10.65 -40.46 13.81
N SER W 171 -9.73 -40.81 12.91
CA SER W 171 -9.44 -39.96 11.76
C SER W 171 -9.03 -40.81 10.57
N PHE W 172 -9.56 -40.45 9.40
CA PHE W 172 -9.15 -41.11 8.16
C PHE W 172 -7.97 -40.44 7.51
N ASN W 173 -7.31 -39.52 8.22
CA ASN W 173 -6.07 -38.94 7.75
C ASN W 173 -4.85 -39.64 8.32
N ARG W 174 -5.03 -40.70 9.10
CA ARG W 174 -3.92 -41.48 9.64
C ARG W 174 -4.45 -42.85 10.02
N GLN W 175 -3.87 -43.90 9.46
CA GLN W 175 -4.28 -45.26 9.78
C GLN W 175 -3.74 -45.62 11.16
N ASN W 176 -4.61 -45.61 12.16
CA ASN W 176 -4.20 -45.78 13.56
C ASN W 176 -4.79 -47.05 14.12
N ARG W 177 -3.93 -48.04 14.37
CA ARG W 177 -4.31 -49.27 15.06
C ARG W 177 -3.84 -49.30 16.49
N THR W 178 -3.34 -48.19 17.02
CA THR W 178 -2.70 -48.15 18.32
C THR W 178 -3.49 -47.24 19.25
N ILE W 179 -3.82 -47.74 20.45
CA ILE W 179 -4.63 -46.95 21.42
C ILE W 179 -3.80 -46.63 22.66
N TYR W 180 -3.96 -45.42 23.22
CA TYR W 180 -3.26 -45.05 24.48
C TYR W 180 -4.15 -45.49 25.65
N VAL W 181 -3.59 -46.21 26.60
CA VAL W 181 -4.37 -46.63 27.80
C VAL W 181 -3.65 -46.10 29.03
N GLY W 182 -4.05 -44.91 29.48
CA GLY W 182 -3.38 -44.28 30.64
C GLY W 182 -4.15 -44.45 31.93
N ARG W 183 -3.83 -43.64 32.95
CA ARG W 183 -4.49 -43.72 34.27
C ARG W 183 -4.49 -45.16 34.76
N ILE W 184 -3.33 -45.80 34.80
CA ILE W 184 -3.22 -47.19 35.32
C ILE W 184 -2.54 -47.15 36.68
N HIS W 185 -3.19 -47.62 37.74
CA HIS W 185 -2.57 -47.68 39.06
C HIS W 185 -1.28 -48.49 38.95
N VAL W 186 -0.21 -47.96 39.56
CA VAL W 186 1.11 -48.55 39.41
C VAL W 186 1.23 -49.77 40.33
N THR W 187 1.38 -50.95 39.73
CA THR W 187 1.70 -52.17 40.47
C THR W 187 2.87 -52.88 39.80
N ASP W 188 3.18 -54.09 40.26
CA ASP W 188 4.30 -54.85 39.70
C ASP W 188 3.87 -55.77 38.57
N ASP W 189 2.59 -56.10 38.46
CA ASP W 189 2.08 -57.02 37.45
C ASP W 189 1.11 -56.32 36.50
N ILE W 190 1.47 -55.11 36.07
CA ILE W 190 0.62 -54.37 35.14
C ILE W 190 0.58 -55.07 33.78
N GLU W 191 1.71 -55.65 33.38
CA GLU W 191 1.80 -56.31 32.08
C GLU W 191 0.85 -57.49 31.97
N GLU W 192 0.75 -58.29 33.05
CA GLU W 192 -0.12 -59.46 33.04
C GLU W 192 -1.59 -59.08 32.91
N ILE W 193 -2.03 -58.11 33.72
CA ILE W 193 -3.44 -57.73 33.72
C ILE W 193 -3.82 -57.01 32.43
N VAL W 194 -2.92 -56.18 31.90
CA VAL W 194 -3.16 -55.54 30.61
C VAL W 194 -3.24 -56.58 29.51
N ALA W 195 -2.34 -57.57 29.54
CA ALA W 195 -2.32 -58.61 28.53
C ALA W 195 -3.60 -59.43 28.53
N ARG W 196 -4.09 -59.80 29.71
CA ARG W 196 -5.32 -60.61 29.75
C ARG W 196 -6.54 -59.77 29.37
N HIS W 197 -6.63 -58.54 29.89
CA HIS W 197 -7.81 -57.73 29.63
C HIS W 197 -7.84 -57.17 28.21
N PHE W 198 -6.73 -57.24 27.48
CA PHE W 198 -6.74 -56.82 26.09
C PHE W 198 -6.69 -57.98 25.12
N ALA W 199 -6.29 -59.17 25.57
CA ALA W 199 -6.57 -60.38 24.79
C ALA W 199 -8.04 -60.76 24.88
N GLU W 200 -8.75 -60.24 25.88
CA GLU W 200 -10.21 -60.35 25.90
C GLU W 200 -10.83 -59.68 24.69
N TRP W 201 -10.30 -58.53 24.27
CA TRP W 201 -10.95 -57.67 23.27
C TRP W 201 -10.34 -57.79 21.88
N GLY W 202 -9.80 -58.94 21.51
CA GLY W 202 -9.41 -59.10 20.12
C GLY W 202 -8.05 -59.71 19.84
N GLN W 203 -7.31 -59.10 18.92
CA GLN W 203 -6.11 -59.68 18.34
C GLN W 203 -5.01 -58.62 18.28
N ILE W 204 -4.04 -58.73 19.17
CA ILE W 204 -3.03 -57.70 19.42
C ILE W 204 -1.80 -58.00 18.56
N GLU W 205 -1.07 -56.94 18.20
CA GLU W 205 0.24 -57.05 17.59
C GLU W 205 1.38 -56.55 18.46
N ARG W 206 1.21 -55.41 19.13
CA ARG W 206 2.20 -54.90 20.07
C ARG W 206 1.56 -54.52 21.39
N ILE W 207 2.24 -54.74 22.51
CA ILE W 207 1.64 -54.29 23.81
C ILE W 207 2.68 -53.54 24.62
N ARG W 208 3.19 -52.40 24.13
CA ARG W 208 4.14 -51.60 24.93
C ARG W 208 3.50 -51.19 26.24
N VAL W 209 4.18 -51.41 27.37
CA VAL W 209 3.66 -50.94 28.69
C VAL W 209 4.80 -50.17 29.36
N LEU W 210 4.51 -49.07 30.05
CA LEU W 210 5.55 -48.29 30.78
C LEU W 210 5.13 -48.18 32.25
N ASN W 211 5.47 -49.15 33.10
CA ASN W 211 4.95 -49.22 34.49
C ASN W 211 5.49 -48.10 35.40
N ASN W 212 6.70 -47.62 35.17
CA ASN W 212 7.32 -46.57 35.98
C ASN W 212 6.35 -45.42 36.25
N ARG W 213 5.60 -44.99 35.24
CA ARG W 213 4.45 -44.14 35.47
C ARG W 213 3.13 -44.82 35.11
N GLY W 214 3.18 -46.05 34.59
CA GLY W 214 1.99 -46.82 34.33
C GLY W 214 1.14 -46.32 33.19
N VAL W 215 1.65 -46.42 31.96
CA VAL W 215 0.87 -46.04 30.78
C VAL W 215 1.14 -47.06 29.68
N ALA W 216 0.10 -47.45 28.95
CA ALA W 216 0.22 -48.53 27.99
C ALA W 216 -0.10 -48.07 26.59
N PHE W 217 0.55 -48.71 25.63
CA PHE W 217 0.28 -48.51 24.20
C PHE W 217 -0.04 -49.88 23.63
N ILE W 218 -1.24 -50.03 23.09
CA ILE W 218 -1.68 -51.33 22.57
C ILE W 218 -1.96 -51.20 21.08
N THR W 219 -1.21 -51.94 20.27
CA THR W 219 -1.34 -51.90 18.82
C THR W 219 -2.00 -53.20 18.38
N TYR W 220 -3.25 -53.09 17.93
CA TYR W 220 -3.98 -54.23 17.40
C TYR W 220 -3.57 -54.47 15.96
N THR W 221 -4.32 -55.33 15.26
CA THR W 221 -4.04 -55.62 13.86
C THR W 221 -5.10 -55.07 12.91
N ASN W 222 -6.23 -54.62 13.42
CA ASN W 222 -7.35 -54.21 12.58
C ASN W 222 -7.92 -52.90 13.09
N GLU W 223 -8.53 -52.15 12.17
CA GLU W 223 -9.26 -50.95 12.57
C GLU W 223 -10.44 -51.29 13.46
N ALA W 224 -11.19 -52.32 13.09
CA ALA W 224 -12.42 -52.67 13.79
C ALA W 224 -12.14 -53.15 15.20
N ASN W 225 -11.11 -53.99 15.36
CA ASN W 225 -10.76 -54.46 16.69
C ASN W 225 -10.21 -53.34 17.56
N ALA W 226 -9.44 -52.43 16.96
CA ALA W 226 -8.92 -51.29 17.71
C ALA W 226 -10.04 -50.41 18.23
N GLN W 227 -11.01 -50.08 17.37
CA GLN W 227 -12.12 -49.23 17.81
C GLN W 227 -13.03 -49.97 18.78
N PHE W 228 -13.21 -51.29 18.61
CA PHE W 228 -14.02 -52.05 19.55
C PHE W 228 -13.36 -52.11 20.92
N ALA W 229 -12.05 -52.27 20.96
CA ALA W 229 -11.34 -52.25 22.25
C ALA W 229 -11.35 -50.86 22.86
N LYS W 230 -11.33 -49.81 22.02
CA LYS W 230 -11.34 -48.45 22.54
C LYS W 230 -12.67 -48.12 23.17
N GLU W 231 -13.77 -48.41 22.49
CA GLU W 231 -15.10 -48.08 23.01
C GLU W 231 -15.63 -49.13 23.98
N ALA W 232 -14.98 -50.28 24.09
CA ALA W 232 -15.40 -51.29 25.04
C ALA W 232 -14.80 -51.09 26.42
N MET W 233 -13.62 -50.48 26.49
CA MET W 233 -12.94 -50.22 27.75
C MET W 233 -13.00 -48.77 28.17
N ALA W 234 -13.87 -47.97 27.56
CA ALA W 234 -13.98 -46.56 27.88
C ALA W 234 -14.53 -46.40 29.30
N HIS W 235 -13.68 -45.89 30.20
CA HIS W 235 -13.98 -45.74 31.62
C HIS W 235 -14.37 -47.06 32.28
N GLN W 236 -13.82 -48.16 31.78
CA GLN W 236 -14.08 -49.47 32.34
C GLN W 236 -13.04 -49.78 33.41
N SER W 237 -13.40 -50.64 34.34
CA SER W 237 -12.58 -50.87 35.52
C SER W 237 -11.48 -51.88 35.26
N LEU W 238 -10.36 -51.67 35.92
CA LEU W 238 -9.28 -52.64 36.02
C LEU W 238 -9.54 -53.47 37.28
N ASP W 239 -8.57 -54.29 37.71
CA ASP W 239 -8.69 -54.98 38.99
C ASP W 239 -8.81 -54.00 40.15
N HIS W 240 -7.98 -52.96 40.14
CA HIS W 240 -8.14 -51.88 41.09
C HIS W 240 -9.28 -50.96 40.66
N ASN W 241 -9.97 -50.40 41.64
CA ASN W 241 -11.15 -49.56 41.39
C ASN W 241 -10.71 -48.20 40.85
N GLU W 242 -10.41 -48.18 39.55
CA GLU W 242 -10.00 -46.98 38.87
C GLU W 242 -10.75 -46.83 37.55
N ILE W 243 -10.71 -45.61 37.02
CA ILE W 243 -11.37 -45.24 35.78
C ILE W 243 -10.29 -45.06 34.73
N LEU W 244 -10.27 -45.95 33.74
CA LEU W 244 -9.18 -45.96 32.77
C LEU W 244 -9.33 -44.82 31.77
N ASN W 245 -8.20 -44.39 31.21
CA ASN W 245 -8.21 -43.34 30.19
C ASN W 245 -7.74 -43.94 28.87
N VAL W 246 -8.69 -44.42 28.08
CA VAL W 246 -8.38 -45.11 26.83
C VAL W 246 -8.64 -44.13 25.69
N ARG W 247 -7.60 -43.46 25.23
CA ARG W 247 -7.70 -42.56 24.09
C ARG W 247 -7.08 -43.22 22.87
N TRP W 248 -7.09 -42.50 21.75
CA TRP W 248 -6.23 -42.85 20.64
C TRP W 248 -4.79 -42.53 21.00
N ALA W 249 -3.85 -43.16 20.31
CA ALA W 249 -2.45 -43.00 20.65
C ALA W 249 -1.75 -42.15 19.60
N THR W 250 -1.03 -41.13 20.05
CA THR W 250 -0.18 -40.36 19.16
C THR W 250 0.95 -41.25 18.66
N ALA W 251 1.43 -40.99 17.45
CA ALA W 251 2.49 -41.80 16.85
C ALA W 251 3.75 -41.77 17.71
N ASP W 252 4.37 -42.95 17.83
CA ASP W 252 5.60 -43.07 18.64
C ASP W 252 6.75 -42.39 17.90
N PRO W 253 7.68 -41.70 18.61
CA PRO W 253 8.85 -41.12 17.96
C PRO W 253 9.98 -42.15 17.80
N ASN W 254 9.81 -43.36 18.36
CA ASN W 254 10.82 -44.46 18.21
C ASN W 254 11.05 -44.70 16.72
N PRO W 255 12.26 -44.48 16.20
CA PRO W 255 12.52 -44.61 14.78
C PRO W 255 12.06 -45.99 14.29
N LEU W 256 12.33 -47.06 15.04
CA LEU W 256 11.88 -48.42 14.64
C LEU W 256 10.36 -48.42 14.40
N ALA W 257 9.56 -47.94 15.36
CA ALA W 257 8.12 -48.00 15.17
C ALA W 257 7.71 -47.23 13.92
N GLN W 258 8.33 -46.07 13.68
CA GLN W 258 8.05 -45.30 12.47
C GLN W 258 8.44 -46.09 11.22
N LYS W 259 9.61 -46.73 11.25
CA LYS W 259 10.06 -47.52 10.11
C LYS W 259 9.12 -48.69 9.83
N ARG W 260 8.66 -49.38 10.87
CA ARG W 260 7.79 -50.52 10.61
C ARG W 260 6.39 -50.11 10.23
N GLU W 261 5.88 -48.99 10.75
CA GLU W 261 4.59 -48.49 10.29
C GLU W 261 4.66 -48.04 8.83
N GLN W 262 5.79 -47.41 8.45
CA GLN W 262 6.01 -47.10 7.05
C GLN W 262 6.02 -48.37 6.21
N ARG W 263 6.80 -49.37 6.63
CA ARG W 263 6.90 -50.64 5.89
C ARG W 263 5.54 -51.31 5.76
N ARG W 264 4.69 -51.19 6.78
CA ARG W 264 3.31 -51.67 6.65
C ARG W 264 2.55 -50.91 5.58
N ILE W 265 2.77 -49.59 5.49
CA ILE W 265 2.10 -48.80 4.45
C ILE W 265 2.54 -49.25 3.06
N GLU W 266 3.86 -49.39 2.83
CA GLU W 266 4.27 -49.84 1.50
C GLU W 266 3.91 -51.29 1.21
N GLU W 267 3.84 -52.18 2.21
CA GLU W 267 3.44 -53.54 1.87
C GLU W 267 1.95 -53.62 1.58
N GLN W 268 1.13 -52.78 2.25
CA GLN W 268 -0.29 -52.73 1.91
C GLN W 268 -0.50 -52.20 0.50
N ALA W 269 0.23 -51.14 0.13
CA ALA W 269 0.14 -50.61 -1.22
C ALA W 269 0.62 -51.65 -2.24
N ALA W 270 1.69 -52.36 -1.93
CA ALA W 270 2.20 -53.39 -2.82
C ALA W 270 1.22 -54.53 -2.99
N GLU W 271 0.53 -54.91 -1.90
CA GLU W 271 -0.47 -55.97 -1.98
C GLU W 271 -1.60 -55.56 -2.91
N ALA W 272 -2.09 -54.33 -2.77
CA ALA W 272 -3.17 -53.87 -3.65
C ALA W 272 -2.71 -53.75 -5.09
N ILE W 273 -1.48 -53.27 -5.32
CA ILE W 273 -0.97 -53.14 -6.68
C ILE W 273 -0.79 -54.51 -7.33
N ARG W 274 -0.24 -55.47 -6.59
CA ARG W 274 -0.05 -56.82 -7.12
C ARG W 274 -1.37 -57.50 -7.38
N ARG W 275 -2.40 -57.20 -6.58
CA ARG W 275 -3.74 -57.69 -6.92
C ARG W 275 -4.27 -57.02 -8.17
N ALA W 276 -4.01 -55.72 -8.36
CA ALA W 276 -4.55 -55.00 -9.49
C ALA W 276 -3.84 -55.38 -10.79
N LEU W 277 -2.52 -55.48 -10.77
CA LEU W 277 -1.75 -55.79 -11.96
C LEU W 277 -1.85 -57.28 -12.29
N PRO W 278 -1.65 -57.65 -13.55
CA PRO W 278 -1.54 -59.08 -13.89
C PRO W 278 -0.33 -59.71 -13.22
N ALA W 279 -0.47 -60.99 -12.86
CA ALA W 279 0.62 -61.72 -12.23
C ALA W 279 1.81 -61.87 -13.19
N GLU W 280 1.54 -61.94 -14.49
CA GLU W 280 2.61 -61.95 -15.48
C GLU W 280 3.41 -60.67 -15.41
N PHE W 281 2.73 -59.52 -15.28
CA PHE W 281 3.43 -58.24 -15.16
C PHE W 281 4.25 -58.18 -13.87
N VAL W 282 3.69 -58.68 -12.77
CA VAL W 282 4.39 -58.65 -11.49
C VAL W 282 5.64 -59.51 -11.54
N ALA W 283 5.53 -60.73 -12.08
CA ALA W 283 6.69 -61.60 -12.21
C ALA W 283 7.71 -61.02 -13.17
N GLU W 284 7.26 -60.47 -14.30
CA GLU W 284 8.17 -59.96 -15.32
C GLU W 284 8.87 -58.69 -14.88
N ILE W 285 8.24 -57.89 -14.02
CA ILE W 285 8.91 -56.74 -13.45
C ILE W 285 9.77 -57.09 -12.25
N GLU W 286 9.46 -58.19 -11.53
CA GLU W 286 9.99 -58.40 -10.18
C GLU W 286 11.50 -58.64 -10.21
N GLY W 287 12.00 -59.31 -11.25
CA GLY W 287 13.43 -59.39 -11.45
C GLY W 287 14.20 -60.26 -10.49
N LYS W 288 13.55 -61.28 -9.93
CA LYS W 288 14.23 -62.24 -9.06
C LYS W 288 14.38 -63.61 -9.71
N ASP W 289 13.45 -64.02 -10.54
CA ASP W 289 13.52 -65.26 -11.31
C ASP W 289 14.29 -65.01 -12.60
N PRO W 290 15.35 -65.77 -12.87
CA PRO W 290 16.03 -65.65 -14.18
C PRO W 290 15.13 -65.94 -15.36
N GLU W 291 14.15 -66.84 -15.18
CA GLU W 291 13.16 -67.08 -16.21
C GLU W 291 12.35 -65.81 -16.48
N ALA W 292 12.03 -65.06 -15.43
CA ALA W 292 11.33 -63.79 -15.59
C ALA W 292 12.17 -62.78 -16.35
N ARG W 293 13.48 -62.74 -16.07
CA ARG W 293 14.36 -61.82 -16.80
C ARG W 293 14.44 -62.17 -18.29
N LYS W 294 14.67 -63.45 -18.62
CA LYS W 294 14.80 -63.76 -20.04
C LYS W 294 13.45 -63.66 -20.75
N ARG W 295 12.34 -63.94 -20.04
CA ARG W 295 11.02 -63.68 -20.59
C ARG W 295 10.84 -62.20 -20.88
N ARG W 296 11.32 -61.34 -19.98
CA ARG W 296 11.22 -59.89 -20.19
C ARG W 296 12.01 -59.47 -21.41
N LYS W 297 13.23 -59.99 -21.57
CA LYS W 297 14.03 -59.66 -22.75
C LYS W 297 13.33 -60.08 -24.04
N LEU W 298 12.89 -61.34 -24.11
CA LEU W 298 12.30 -61.87 -25.32
C LEU W 298 10.98 -61.20 -25.65
N GLU W 299 10.16 -60.93 -24.65
CA GLU W 299 8.88 -60.29 -24.90
C GLU W 299 9.04 -58.82 -25.26
N SER W 300 9.83 -58.07 -24.49
CA SER W 300 10.11 -56.69 -24.86
C SER W 300 11.39 -56.58 -25.69
N SER W 301 11.50 -57.46 -26.68
CA SER W 301 12.38 -57.27 -27.81
C SER W 301 11.63 -56.84 -29.06
N TYR W 302 10.65 -57.64 -29.50
CA TYR W 302 9.93 -57.46 -30.77
C TYR W 302 10.91 -57.40 -31.94
N GLY W 303 11.86 -58.33 -31.96
CA GLY W 303 12.96 -58.25 -32.89
C GLY W 303 13.90 -57.13 -32.48
N LEU W 304 14.76 -56.71 -33.41
CA LEU W 304 15.62 -55.52 -33.26
C LEU W 304 16.47 -55.62 -32.00
N GLU W 305 17.41 -56.58 -32.02
CA GLU W 305 18.17 -56.98 -30.85
C GLU W 305 18.87 -55.79 -30.18
N GLY W 306 18.72 -55.70 -28.86
CA GLY W 306 19.21 -54.56 -28.12
C GLY W 306 18.26 -53.38 -28.04
N TYR W 307 16.96 -53.61 -28.24
CA TYR W 307 16.01 -52.49 -28.21
C TYR W 307 15.62 -52.14 -26.78
N GLU W 308 14.95 -53.08 -26.08
CA GLU W 308 14.50 -52.93 -24.70
C GLU W 308 13.56 -51.73 -24.56
N ALA W 309 12.35 -51.91 -25.11
CA ALA W 309 11.22 -50.99 -25.15
C ALA W 309 10.98 -50.28 -23.82
N PRO W 310 10.52 -49.02 -23.85
CA PRO W 310 10.30 -48.29 -22.60
C PRO W 310 9.19 -48.90 -21.77
N ASP W 311 9.23 -48.61 -20.46
CA ASP W 311 8.22 -49.13 -19.54
C ASP W 311 6.84 -48.59 -19.86
N ALA W 312 6.77 -47.35 -20.37
CA ALA W 312 5.49 -46.75 -20.72
C ALA W 312 4.81 -47.45 -21.89
N VAL W 313 5.56 -48.20 -22.69
CA VAL W 313 5.01 -48.96 -23.80
C VAL W 313 4.95 -50.45 -23.48
N HIS W 314 6.03 -50.98 -22.90
CA HIS W 314 6.06 -52.39 -22.52
C HIS W 314 5.09 -52.70 -21.40
N PHE W 315 5.11 -51.90 -20.33
CA PHE W 315 4.18 -52.09 -19.21
C PHE W 315 3.00 -51.12 -19.36
N ALA W 316 2.25 -51.31 -20.44
CA ALA W 316 1.09 -50.49 -20.75
C ALA W 316 -0.15 -51.36 -20.83
N ARG W 317 -1.20 -50.95 -20.13
CA ARG W 317 -2.49 -51.61 -20.20
C ARG W 317 -3.45 -50.73 -20.98
N GLY W 318 -4.14 -51.33 -21.94
CA GLY W 318 -5.08 -50.59 -22.76
C GLY W 318 -6.04 -51.50 -23.49
N PRO W 319 -6.95 -50.91 -24.28
CA PRO W 319 -7.86 -51.74 -25.07
C PRO W 319 -7.16 -52.54 -26.16
N ASN W 320 -6.30 -51.89 -26.95
CA ASN W 320 -5.56 -52.63 -27.98
C ASN W 320 -4.24 -53.17 -27.44
N ALA W 321 -3.35 -52.30 -26.95
CA ALA W 321 -2.08 -52.60 -26.28
C ALA W 321 -1.09 -53.39 -27.14
N VAL W 322 0.15 -53.50 -26.67
CA VAL W 322 1.12 -54.39 -27.29
C VAL W 322 1.76 -55.29 -26.23
N ASN W 323 1.08 -56.40 -25.93
CA ASN W 323 1.39 -57.25 -24.77
C ASN W 323 0.47 -58.47 -24.78
N PRO W 324 0.75 -59.48 -23.95
CA PRO W 324 -0.27 -60.53 -23.73
C PRO W 324 -1.56 -60.02 -23.12
N ARG W 325 -1.52 -58.90 -22.39
CA ARG W 325 -2.68 -58.26 -21.73
C ARG W 325 -3.29 -59.27 -20.75
N GLY W 326 -4.61 -59.39 -20.69
CA GLY W 326 -5.26 -60.32 -19.79
C GLY W 326 -6.75 -60.06 -19.63
N MET X 1 19.02 6.65 -55.54
CA MET X 1 18.69 7.82 -54.72
C MET X 1 19.84 8.17 -53.80
N ALA X 2 20.89 7.35 -53.82
CA ALA X 2 22.11 7.61 -53.04
C ALA X 2 23.11 8.39 -53.89
N SER X 3 22.67 9.55 -54.35
CA SER X 3 23.51 10.39 -55.20
C SER X 3 24.66 11.00 -54.42
N ILE X 4 24.46 11.31 -53.13
CA ILE X 4 25.55 11.83 -52.31
C ILE X 4 26.58 10.76 -52.02
N ALA X 5 26.15 9.52 -51.77
CA ALA X 5 27.12 8.45 -51.56
C ALA X 5 27.85 8.11 -52.84
N ALA X 6 27.15 8.16 -53.97
CA ALA X 6 27.80 7.95 -55.26
C ALA X 6 28.80 9.06 -55.57
N GLY X 7 28.44 10.30 -55.24
CA GLY X 7 29.37 11.41 -55.45
C GLY X 7 30.59 11.32 -54.55
N LEU X 8 30.39 10.86 -53.31
CA LEU X 8 31.54 10.59 -52.44
C LEU X 8 32.42 9.51 -53.04
N ALA X 9 31.83 8.35 -53.37
CA ALA X 9 32.60 7.22 -53.90
C ALA X 9 33.28 7.55 -55.22
N ALA X 10 32.78 8.53 -55.97
CA ALA X 10 33.50 9.02 -57.13
C ALA X 10 34.57 10.04 -56.76
N ALA X 11 34.42 10.73 -55.63
CA ALA X 11 35.37 11.78 -55.29
C ALA X 11 36.68 11.24 -54.71
N LEU X 12 36.71 10.02 -54.20
CA LEU X 12 37.91 9.48 -53.59
C LEU X 12 38.85 8.88 -54.63
N PRO X 13 40.11 9.31 -54.69
CA PRO X 13 41.10 8.61 -55.50
C PRO X 13 41.44 7.26 -54.87
N LYS X 14 42.01 6.39 -55.70
CA LYS X 14 42.35 5.04 -55.28
C LYS X 14 43.44 5.09 -54.20
N PRO X 15 43.31 4.32 -53.13
CA PRO X 15 44.34 4.32 -52.08
C PRO X 15 45.65 3.76 -52.59
N LYS X 16 46.74 4.45 -52.24
CA LYS X 16 48.06 4.09 -52.76
C LYS X 16 48.75 3.01 -51.93
N TYR X 17 48.17 2.59 -50.82
CA TYR X 17 48.70 1.48 -50.03
C TYR X 17 47.75 0.30 -50.18
N SER X 18 48.24 -0.78 -50.78
CA SER X 18 47.40 -1.94 -51.05
C SER X 18 47.03 -2.65 -49.76
N SER X 19 45.79 -3.13 -49.70
CA SER X 19 45.30 -3.86 -48.54
C SER X 19 44.61 -5.16 -48.92
N GLU X 20 44.70 -5.58 -50.18
CA GLU X 20 44.07 -6.83 -50.60
C GLU X 20 44.81 -8.06 -50.09
N HIS X 21 46.09 -7.92 -49.75
CA HIS X 21 46.86 -9.00 -49.14
C HIS X 21 46.88 -8.91 -47.62
N GLU X 22 46.24 -7.90 -47.05
CA GLU X 22 46.36 -7.63 -45.61
C GLU X 22 45.46 -8.57 -44.81
N GLU X 23 46.06 -9.21 -43.80
CA GLU X 23 45.33 -10.07 -42.88
C GLU X 23 44.52 -9.23 -41.90
N PRO X 24 43.49 -9.80 -41.28
CA PRO X 24 42.83 -9.11 -40.16
C PRO X 24 43.80 -8.87 -39.02
N ARG X 25 43.65 -7.70 -38.38
CA ARG X 25 44.65 -7.24 -37.42
C ARG X 25 44.62 -8.02 -36.11
N ALA X 26 43.60 -8.82 -35.87
CA ALA X 26 43.58 -9.74 -34.73
C ALA X 26 43.39 -11.14 -35.26
N THR X 27 44.35 -12.01 -34.96
CA THR X 27 44.31 -13.39 -35.47
C THR X 27 43.29 -14.19 -34.68
N GLN X 28 42.28 -14.68 -35.38
CA GLN X 28 41.27 -15.54 -34.77
C GLN X 28 41.88 -16.88 -34.40
N ARG X 29 41.91 -17.18 -33.11
CA ARG X 29 42.43 -18.47 -32.67
C ARG X 29 41.47 -19.58 -33.04
N GLY X 30 42.03 -20.67 -33.60
CA GLY X 30 41.23 -21.70 -34.19
C GLY X 30 40.51 -22.53 -33.14
N PRO X 31 39.58 -23.38 -33.61
CA PRO X 31 39.19 -23.54 -35.01
C PRO X 31 38.16 -22.52 -35.47
N ARG X 32 38.02 -22.34 -36.78
CA ARG X 32 37.05 -21.42 -37.33
C ARG X 32 35.75 -22.16 -37.64
N ILE X 33 34.64 -21.65 -37.12
CA ILE X 33 33.33 -22.24 -37.34
C ILE X 33 32.51 -21.27 -38.16
N VAL X 34 31.95 -21.77 -39.27
CA VAL X 34 31.09 -20.95 -40.12
C VAL X 34 29.67 -21.48 -40.06
N SER X 35 28.72 -20.72 -40.57
CA SER X 35 27.34 -21.15 -40.65
C SER X 35 27.12 -21.87 -41.98
N ALA X 36 25.86 -22.11 -42.33
CA ALA X 36 25.55 -22.73 -43.61
C ALA X 36 25.79 -21.80 -44.79
N ASP X 37 25.96 -20.49 -44.54
CA ASP X 37 26.12 -19.54 -45.63
C ASP X 37 27.49 -19.68 -46.30
N GLN X 38 28.53 -19.97 -45.53
CA GLN X 38 29.89 -19.98 -46.03
C GLN X 38 30.33 -21.35 -46.55
N ILE X 39 29.38 -22.24 -46.83
CA ILE X 39 29.73 -23.57 -47.32
C ILE X 39 30.29 -23.47 -48.74
N ASP X 40 29.61 -22.72 -49.61
CA ASP X 40 30.02 -22.63 -51.00
C ASP X 40 31.08 -21.58 -51.27
N GLU X 41 31.39 -20.72 -50.29
CA GLU X 41 32.38 -19.68 -50.48
C GLU X 41 33.81 -20.15 -50.23
N THR X 42 34.00 -21.42 -49.85
CA THR X 42 35.33 -21.95 -49.64
C THR X 42 35.69 -22.95 -50.74
N PRO X 52 27.67 -44.94 -46.94
CA PRO X 52 27.25 -46.00 -47.86
C PRO X 52 25.92 -45.68 -48.53
N PRO X 53 25.94 -45.44 -49.84
CA PRO X 53 24.70 -45.08 -50.53
C PRO X 53 23.81 -46.27 -50.79
N TYR X 54 22.74 -46.04 -51.52
CA TYR X 54 21.81 -47.07 -51.92
C TYR X 54 22.43 -47.97 -52.99
N PRO X 55 22.15 -49.28 -52.98
CA PRO X 55 21.40 -50.03 -51.97
C PRO X 55 22.26 -51.01 -51.17
N ASN X 56 23.47 -50.62 -50.80
CA ASN X 56 24.41 -51.54 -50.15
C ASN X 56 24.84 -50.99 -48.79
N ARG X 57 24.04 -51.29 -47.77
CA ARG X 57 24.43 -51.05 -46.39
C ARG X 57 24.40 -52.33 -45.56
N ALA X 58 24.22 -53.49 -46.21
CA ALA X 58 24.11 -54.75 -45.48
C ALA X 58 25.43 -55.11 -44.81
N GLY X 59 25.35 -55.54 -43.56
CA GLY X 59 26.51 -55.86 -42.76
C GLY X 59 27.12 -54.67 -42.05
N TRP X 60 27.15 -53.52 -42.70
CA TRP X 60 27.71 -52.31 -42.13
C TRP X 60 26.68 -51.70 -41.18
N ARG X 61 27.02 -51.66 -39.91
CA ARG X 61 26.13 -51.10 -38.90
C ARG X 61 26.56 -49.70 -38.53
N PRO X 62 25.64 -48.74 -38.44
CA PRO X 62 26.02 -47.42 -37.92
C PRO X 62 26.26 -47.46 -36.41
N ARG X 63 27.31 -46.76 -35.98
CA ARG X 63 27.67 -46.68 -34.58
C ARG X 63 27.55 -45.28 -34.00
N ALA X 64 27.47 -44.25 -34.84
CA ALA X 64 27.38 -42.87 -34.40
C ALA X 64 26.35 -42.16 -35.27
N PRO X 65 25.80 -41.04 -34.80
CA PRO X 65 24.89 -40.27 -35.66
C PRO X 65 25.52 -39.73 -36.93
N GLU X 66 26.85 -39.61 -36.99
CA GLU X 66 27.51 -39.28 -38.24
C GLU X 66 27.48 -40.43 -39.23
N ASP X 67 27.38 -41.67 -38.73
CA ASP X 67 27.24 -42.82 -39.61
C ASP X 67 25.87 -42.88 -40.26
N PHE X 68 24.92 -42.08 -39.77
CA PHE X 68 23.57 -42.01 -40.33
C PHE X 68 23.48 -41.10 -41.54
N GLY X 69 24.59 -40.51 -41.96
CA GLY X 69 24.57 -39.47 -43.00
C GLY X 69 24.27 -38.11 -42.39
N ASP X 70 23.07 -37.60 -42.65
CA ASP X 70 22.54 -36.49 -41.88
C ASP X 70 21.59 -36.93 -40.78
N GLY X 71 21.15 -38.19 -40.81
CA GLY X 71 20.26 -38.75 -39.82
C GLY X 71 19.12 -39.51 -40.46
N GLY X 72 18.27 -40.07 -39.60
CA GLY X 72 17.20 -40.93 -40.06
C GLY X 72 17.64 -42.38 -40.09
N ALA X 73 16.96 -43.22 -39.31
CA ALA X 73 17.42 -44.59 -39.13
C ALA X 73 17.24 -45.42 -40.40
N PHE X 74 18.17 -46.31 -40.64
CA PHE X 74 18.15 -47.11 -41.85
C PHE X 74 17.24 -48.32 -41.65
N PRO X 75 16.16 -48.47 -42.42
CA PRO X 75 15.19 -49.53 -42.14
C PRO X 75 15.60 -50.91 -42.64
N GLU X 76 16.65 -51.02 -43.44
CA GLU X 76 17.06 -52.32 -43.99
C GLU X 76 18.16 -52.98 -43.16
N ILE X 77 18.53 -52.40 -42.02
CA ILE X 77 19.46 -53.02 -41.10
C ILE X 77 18.72 -53.27 -39.79
N PRO X 78 18.49 -54.52 -39.39
CA PRO X 78 17.81 -54.76 -38.11
C PRO X 78 18.73 -54.59 -36.92
N VAL X 79 18.62 -53.45 -36.25
CA VAL X 79 19.44 -53.14 -35.07
C VAL X 79 18.78 -51.96 -34.38
N ALA X 80 19.07 -51.78 -33.09
CA ALA X 80 18.55 -50.64 -32.36
C ALA X 80 19.28 -49.38 -32.82
N GLN X 81 18.65 -48.61 -33.71
CA GLN X 81 19.24 -47.41 -34.27
C GLN X 81 18.61 -46.18 -33.63
N TYR X 82 19.44 -45.21 -33.28
CA TYR X 82 18.98 -43.94 -32.72
C TYR X 82 19.68 -42.82 -33.47
N PRO X 83 18.97 -42.08 -34.32
CA PRO X 83 19.63 -41.09 -35.19
C PRO X 83 20.19 -39.89 -34.45
N TRP X 84 19.71 -39.57 -33.25
CA TRP X 84 20.28 -38.45 -32.51
C TRP X 84 20.83 -38.83 -31.14
N GLY X 85 20.17 -39.72 -30.42
CA GLY X 85 20.65 -40.03 -29.09
C GLY X 85 19.68 -40.91 -28.33
N LYS X 86 19.89 -40.96 -27.02
CA LYS X 86 19.14 -41.84 -26.12
C LYS X 86 18.43 -40.97 -25.09
N ASN X 87 17.12 -41.17 -24.94
CA ASN X 87 16.39 -40.66 -23.79
C ASN X 87 15.85 -41.88 -23.03
N ASP X 88 16.69 -42.39 -22.14
CA ASP X 88 16.39 -43.67 -21.49
C ASP X 88 15.33 -43.50 -20.40
N SER X 89 15.63 -42.70 -19.38
CA SER X 89 14.69 -42.49 -18.29
C SER X 89 15.06 -41.19 -17.58
N SER X 90 14.12 -40.26 -17.53
CA SER X 90 14.25 -39.04 -16.73
C SER X 90 13.37 -39.18 -15.50
N SER X 91 13.97 -39.02 -14.32
CA SER X 91 13.30 -39.29 -13.05
C SER X 91 12.32 -38.17 -12.71
N LYS X 92 11.23 -38.13 -13.49
CA LYS X 92 10.08 -37.23 -13.32
C LYS X 92 10.49 -35.77 -13.09
N SER X 93 11.49 -35.33 -13.85
CA SER X 93 12.02 -33.97 -13.75
C SER X 93 10.93 -32.93 -13.99
N ASN X 94 10.59 -32.17 -12.95
CA ASN X 94 9.39 -31.34 -12.95
C ASN X 94 9.52 -30.05 -13.76
N ALA X 95 10.52 -29.95 -14.62
CA ALA X 95 10.66 -28.77 -15.45
C ALA X 95 9.54 -28.70 -16.48
N LEU X 96 9.28 -27.48 -16.96
CA LEU X 96 8.40 -27.32 -18.10
C LEU X 96 9.01 -27.96 -19.33
N VAL X 97 8.16 -28.61 -20.12
CA VAL X 97 8.61 -29.20 -21.37
C VAL X 97 8.96 -28.09 -22.34
N VAL X 98 10.16 -28.14 -22.90
CA VAL X 98 10.62 -27.10 -23.82
C VAL X 98 9.91 -27.31 -25.14
N GLN X 99 8.91 -26.49 -25.43
CA GLN X 99 8.24 -26.55 -26.71
C GLN X 99 8.94 -25.63 -27.70
N VAL X 100 8.37 -25.56 -28.90
CA VAL X 100 9.00 -24.91 -30.04
C VAL X 100 7.97 -24.01 -30.72
N ASP X 101 8.40 -22.86 -31.21
CA ASP X 101 7.46 -21.92 -31.83
C ASP X 101 7.27 -22.28 -33.30
N SER X 102 6.64 -21.36 -34.04
CA SER X 102 6.18 -21.69 -35.39
C SER X 102 7.33 -21.85 -36.37
N GLU X 103 8.41 -21.09 -36.20
CA GLU X 103 9.53 -21.13 -37.12
C GLU X 103 10.60 -22.14 -36.74
N GLY X 104 10.38 -22.90 -35.68
CA GLY X 104 11.32 -23.93 -35.28
C GLY X 104 12.39 -23.45 -34.32
N LYS X 105 12.01 -22.60 -33.36
CA LYS X 105 12.94 -22.05 -32.38
C LYS X 105 12.36 -22.25 -30.99
N VAL X 106 13.18 -22.01 -29.96
CA VAL X 106 12.70 -22.15 -28.60
C VAL X 106 11.72 -21.03 -28.27
N ASP X 107 10.70 -21.36 -27.48
CA ASP X 107 9.62 -20.44 -27.16
C ASP X 107 9.66 -20.17 -25.66
N TYR X 108 9.94 -18.92 -25.29
CA TYR X 108 9.94 -18.52 -23.89
C TYR X 108 8.67 -17.82 -23.49
N THR X 109 7.67 -17.77 -24.37
CA THR X 109 6.34 -17.34 -23.97
C THR X 109 5.59 -18.40 -23.19
N ALA X 110 6.11 -19.63 -23.14
CA ALA X 110 5.52 -20.65 -22.30
C ALA X 110 5.70 -20.36 -20.82
N ILE X 111 6.56 -19.42 -20.48
CA ILE X 111 6.64 -18.92 -19.11
C ILE X 111 5.62 -17.80 -18.91
N ALA X 112 5.37 -17.00 -19.95
CA ALA X 112 4.37 -15.94 -19.84
C ALA X 112 2.96 -16.48 -19.81
N ARG X 113 2.69 -17.55 -20.54
CA ARG X 113 1.36 -18.12 -20.64
C ARG X 113 1.04 -19.13 -19.56
N GLN X 114 1.95 -19.36 -18.63
CA GLN X 114 1.74 -20.40 -17.63
C GLN X 114 0.69 -19.97 -16.62
N GLY X 115 -0.20 -20.89 -16.26
CA GLY X 115 -1.28 -20.58 -15.35
C GLY X 115 -2.44 -19.84 -15.98
N HIS X 116 -2.54 -19.82 -17.31
CA HIS X 116 -3.60 -19.12 -18.00
C HIS X 116 -4.29 -20.07 -18.97
N SER X 117 -5.54 -19.73 -19.30
CA SER X 117 -6.27 -20.47 -20.31
C SER X 117 -5.71 -20.20 -21.70
N SER X 118 -6.03 -21.08 -22.63
CA SER X 118 -5.49 -20.98 -23.98
C SER X 118 -6.12 -19.86 -24.79
N ASP X 119 -7.33 -19.44 -24.45
CA ASP X 119 -8.02 -18.38 -25.18
C ASP X 119 -7.71 -16.99 -24.65
N ARG X 120 -6.81 -16.87 -23.68
CA ARG X 120 -6.46 -15.58 -23.11
C ARG X 120 -5.45 -14.86 -23.99
N ILE X 121 -5.70 -13.56 -24.21
CA ILE X 121 -4.77 -12.73 -24.96
C ILE X 121 -3.64 -12.30 -24.03
N ILE X 122 -2.41 -12.68 -24.36
CA ILE X 122 -1.23 -12.28 -23.60
C ILE X 122 -0.22 -11.71 -24.58
N HIS X 123 0.17 -10.46 -24.37
CA HIS X 123 1.28 -9.88 -25.10
C HIS X 123 2.57 -10.28 -24.41
N ALA X 124 3.44 -10.99 -25.13
CA ALA X 124 4.65 -11.49 -24.50
C ALA X 124 5.90 -11.31 -25.36
N SER X 125 5.80 -10.65 -26.51
CA SER X 125 6.94 -10.51 -27.39
C SER X 125 7.05 -9.08 -27.86
N PHE X 126 8.20 -8.76 -28.46
CA PHE X 126 8.42 -7.42 -28.99
C PHE X 126 7.52 -7.13 -30.18
N LYS X 127 7.07 -8.16 -30.90
CA LYS X 127 6.19 -7.95 -32.05
C LYS X 127 4.89 -7.27 -31.65
N ASP X 128 4.42 -7.50 -30.43
CA ASP X 128 3.22 -6.88 -29.93
C ASP X 128 3.39 -5.40 -29.62
N LEU X 129 4.62 -4.90 -29.63
CA LEU X 129 4.87 -3.48 -29.42
C LEU X 129 4.87 -2.68 -30.71
N ILE X 130 4.94 -3.35 -31.86
CA ILE X 130 5.02 -2.69 -33.16
C ILE X 130 3.63 -2.23 -33.56
N PRO X 131 3.48 -1.06 -34.17
CA PRO X 131 2.20 -0.68 -34.76
C PRO X 131 1.75 -1.67 -35.82
N LEU X 132 0.43 -1.85 -35.90
CA LEU X 132 -0.12 -2.96 -36.68
C LEU X 132 0.16 -2.84 -38.16
N ARG X 133 0.18 -1.62 -38.70
CA ARG X 133 0.52 -1.47 -40.11
C ARG X 133 1.97 -1.85 -40.39
N GLN X 134 2.87 -1.59 -39.46
CA GLN X 134 4.29 -1.81 -39.68
C GLN X 134 4.72 -3.23 -39.37
N ARG X 135 3.81 -4.09 -38.93
CA ARG X 135 4.16 -5.49 -38.78
C ARG X 135 4.22 -6.14 -40.16
N ALA X 136 5.10 -7.14 -40.28
CA ALA X 136 5.32 -7.82 -41.55
C ALA X 136 4.30 -8.91 -41.82
N GLU X 137 3.36 -9.14 -40.90
CA GLU X 137 2.34 -10.16 -41.11
C GLU X 137 1.38 -9.77 -42.23
N ALA X 138 0.85 -8.55 -42.18
CA ALA X 138 -0.21 -8.15 -43.11
C ALA X 138 -0.20 -6.63 -43.26
N GLY X 139 -0.94 -6.17 -44.28
CA GLY X 139 -1.09 -4.76 -44.53
C GLY X 139 -2.53 -4.32 -44.71
N GLN X 140 -3.44 -5.26 -44.97
CA GLN X 140 -4.84 -4.97 -45.20
C GLN X 140 -5.66 -5.52 -44.04
N ILE X 141 -6.23 -4.62 -43.25
CA ILE X 141 -6.98 -4.96 -42.04
C ILE X 141 -8.36 -4.34 -42.17
N ASP X 142 -9.40 -5.13 -41.88
CA ASP X 142 -10.78 -4.64 -41.91
C ASP X 142 -11.11 -4.08 -40.53
N LEU X 143 -11.14 -2.76 -40.42
CA LEU X 143 -11.52 -2.10 -39.17
C LEU X 143 -13.00 -1.75 -39.23
N SER X 144 -13.81 -2.80 -39.14
CA SER X 144 -15.26 -2.64 -39.26
C SER X 144 -15.95 -3.30 -38.07
N ARG X 145 -17.02 -2.68 -37.61
CA ARG X 145 -17.81 -3.22 -36.52
C ARG X 145 -18.46 -4.52 -36.95
N PRO X 146 -18.84 -5.37 -36.00
CA PRO X 146 -19.57 -6.58 -36.36
C PRO X 146 -20.92 -6.28 -36.98
N SER X 147 -21.35 -7.17 -37.88
CA SER X 147 -22.59 -6.97 -38.59
C SER X 147 -23.78 -7.22 -37.66
N LYS X 148 -24.96 -6.79 -38.11
CA LYS X 148 -26.15 -6.79 -37.28
C LYS X 148 -26.53 -8.18 -36.80
N GLU X 149 -26.30 -9.20 -37.64
CA GLU X 149 -26.61 -10.57 -37.25
C GLU X 149 -25.76 -11.03 -36.07
N GLU X 150 -24.45 -10.80 -36.14
CA GLU X 150 -23.58 -11.28 -35.08
C GLU X 150 -23.60 -10.38 -33.84
N VAL X 151 -23.88 -9.08 -34.00
CA VAL X 151 -24.20 -8.25 -32.85
C VAL X 151 -25.45 -8.77 -32.15
N GLU X 152 -26.48 -9.14 -32.91
CA GLU X 152 -27.70 -9.66 -32.30
C GLU X 152 -27.48 -11.03 -31.65
N ALA X 153 -26.62 -11.87 -32.25
CA ALA X 153 -26.30 -13.15 -31.64
C ALA X 153 -25.56 -12.96 -30.31
N THR X 154 -24.60 -12.04 -30.28
CA THR X 154 -23.92 -11.70 -29.04
C THR X 154 -24.89 -11.16 -28.00
N ALA X 155 -25.85 -10.35 -28.46
CA ALA X 155 -26.85 -9.80 -27.56
C ALA X 155 -27.70 -10.90 -26.93
N GLU X 156 -28.11 -11.89 -27.73
CA GLU X 156 -28.90 -12.99 -27.19
C GLU X 156 -28.10 -13.83 -26.20
N ARG X 157 -26.84 -14.13 -26.52
CA ARG X 157 -26.04 -14.94 -25.60
C ARG X 157 -25.76 -14.22 -24.28
N THR X 158 -25.36 -12.95 -24.37
CA THR X 158 -25.10 -12.16 -23.17
C THR X 158 -26.37 -11.95 -22.36
N LYS X 159 -27.50 -11.74 -23.04
CA LYS X 159 -28.77 -11.56 -22.35
C LYS X 159 -29.18 -12.83 -21.62
N ASN X 160 -28.93 -14.00 -22.23
CA ASN X 160 -29.23 -15.25 -21.55
C ASN X 160 -28.42 -15.42 -20.28
N ALA X 161 -27.10 -15.20 -20.38
CA ALA X 161 -26.24 -15.37 -19.21
C ALA X 161 -26.57 -14.37 -18.11
N LEU X 162 -26.75 -13.10 -18.48
CA LEU X 162 -27.06 -12.09 -17.50
C LEU X 162 -28.46 -12.27 -16.92
N ALA X 163 -29.41 -12.81 -17.69
CA ALA X 163 -30.72 -13.10 -17.14
C ALA X 163 -30.68 -14.23 -16.13
N ALA X 164 -29.81 -15.23 -16.37
CA ALA X 164 -29.59 -16.27 -15.38
C ALA X 164 -29.02 -15.68 -14.08
N LEU X 165 -28.05 -14.78 -14.20
CA LEU X 165 -27.50 -14.16 -13.00
C LEU X 165 -28.50 -13.23 -12.32
N VAL X 166 -29.34 -12.53 -13.10
CA VAL X 166 -30.41 -11.71 -12.55
C VAL X 166 -31.38 -12.56 -11.73
N SER X 167 -31.78 -13.72 -12.29
CA SER X 167 -32.71 -14.59 -11.58
C SER X 167 -32.12 -15.13 -10.30
N GLY X 168 -30.85 -15.55 -10.34
CA GLY X 168 -30.20 -15.99 -9.11
C GLY X 168 -30.07 -14.89 -8.08
N ALA X 169 -29.79 -13.66 -8.52
CA ALA X 169 -29.69 -12.54 -7.60
C ALA X 169 -31.05 -12.17 -7.02
N LEU X 170 -32.12 -12.25 -7.81
CA LEU X 170 -33.45 -11.97 -7.30
C LEU X 170 -33.91 -13.03 -6.32
N ALA X 171 -33.47 -14.28 -6.50
CA ALA X 171 -33.72 -15.28 -5.48
C ALA X 171 -32.89 -15.03 -4.23
N ALA X 172 -31.70 -14.43 -4.39
CA ALA X 172 -30.87 -14.12 -3.23
C ALA X 172 -31.46 -12.99 -2.40
N GLN X 173 -31.87 -11.91 -3.06
CA GLN X 173 -32.25 -10.68 -2.37
C GLN X 173 -33.61 -10.78 -1.72
N LYS X 174 -34.54 -11.55 -2.30
CA LYS X 174 -35.81 -11.88 -1.67
C LYS X 174 -36.13 -13.32 -2.04
N PRO X 175 -35.83 -14.27 -1.16
CA PRO X 175 -36.23 -15.65 -1.41
C PRO X 175 -37.72 -15.84 -1.14
N LYS X 176 -38.31 -16.82 -1.81
CA LYS X 176 -39.68 -17.21 -1.50
C LYS X 176 -39.74 -17.74 -0.08
N ASN X 177 -40.88 -17.52 0.58
CA ASN X 177 -41.01 -17.76 2.02
C ASN X 177 -40.73 -19.20 2.38
N VAL X 178 -41.17 -20.11 1.53
CA VAL X 178 -40.82 -21.52 1.64
C VAL X 178 -39.81 -21.84 0.55
N GLN X 179 -38.74 -22.52 0.91
CA GLN X 179 -37.82 -23.06 -0.09
C GLN X 179 -38.16 -24.53 -0.30
N VAL X 180 -39.36 -24.75 -0.79
CA VAL X 180 -39.84 -26.06 -1.19
C VAL X 180 -40.30 -25.99 -2.64
N ASN X 181 -39.85 -26.96 -3.44
CA ASN X 181 -40.21 -27.10 -4.84
C ASN X 181 -40.78 -28.50 -5.06
N THR X 182 -42.06 -28.65 -4.68
CA THR X 182 -42.76 -29.93 -4.66
C THR X 182 -43.04 -30.48 -6.06
N LYS X 183 -42.79 -29.69 -7.11
CA LYS X 183 -42.90 -30.17 -8.48
C LYS X 183 -41.63 -30.89 -8.92
N ARG X 184 -41.17 -31.84 -8.09
CA ARG X 184 -39.88 -32.49 -8.29
C ARG X 184 -40.00 -33.48 -9.43
N GLU X 185 -39.29 -33.22 -10.53
CA GLU X 185 -39.17 -34.13 -11.65
C GLU X 185 -37.84 -34.87 -11.58
N ALA X 186 -37.88 -36.14 -11.96
CA ALA X 186 -36.68 -36.95 -11.96
C ALA X 186 -35.75 -36.53 -13.09
N THR X 187 -34.50 -36.99 -12.98
CA THR X 187 -33.50 -36.76 -14.01
C THR X 187 -32.79 -38.08 -14.24
N PHE X 188 -32.92 -38.63 -15.44
CA PHE X 188 -32.37 -39.94 -15.73
C PHE X 188 -31.03 -39.79 -16.41
N VAL X 189 -30.05 -40.56 -15.94
CA VAL X 189 -28.67 -40.45 -16.38
C VAL X 189 -28.18 -41.81 -16.83
N LYS X 190 -27.64 -41.87 -18.03
CA LYS X 190 -27.00 -43.07 -18.56
C LYS X 190 -25.53 -43.06 -18.14
N TYR X 191 -25.14 -44.03 -17.33
CA TYR X 191 -23.83 -44.03 -16.70
C TYR X 191 -23.03 -45.23 -17.20
N THR X 192 -22.03 -44.96 -18.02
CA THR X 192 -21.12 -45.99 -18.52
C THR X 192 -19.78 -45.82 -17.84
N PRO X 193 -19.40 -46.72 -16.94
CA PRO X 193 -18.19 -46.52 -16.15
C PRO X 193 -16.94 -46.96 -16.89
N SER X 194 -15.81 -46.47 -16.41
CA SER X 194 -14.50 -46.89 -16.90
C SER X 194 -14.00 -48.05 -16.05
N ALA X 195 -12.72 -48.37 -16.15
CA ALA X 195 -12.13 -49.32 -15.21
C ALA X 195 -12.06 -48.70 -13.82
N GLN X 196 -11.81 -49.55 -12.83
CA GLN X 196 -11.97 -49.12 -11.45
C GLN X 196 -10.93 -49.85 -10.60
N MET X 197 -11.19 -49.89 -9.30
CA MET X 197 -10.24 -50.33 -8.29
C MET X 197 -9.78 -51.77 -8.55
N GLY X 198 -10.71 -52.66 -8.84
CA GLY X 198 -10.39 -54.04 -9.16
C GLY X 198 -10.83 -54.43 -10.57
N ASN X 199 -11.87 -55.25 -10.64
CA ASN X 199 -12.46 -55.71 -11.89
C ASN X 199 -13.97 -55.41 -11.89
N ASN X 200 -14.63 -55.84 -12.95
CA ASN X 200 -16.08 -55.75 -13.07
C ASN X 200 -16.74 -57.07 -12.69
N THR X 201 -17.96 -56.99 -12.17
CA THR X 201 -18.61 -58.18 -11.64
C THR X 201 -19.85 -58.61 -12.40
N LYS X 202 -20.90 -57.79 -12.47
CA LYS X 202 -22.18 -58.24 -13.03
C LYS X 202 -22.63 -57.40 -14.22
N LYS X 203 -22.78 -56.09 -14.06
CA LYS X 203 -23.28 -55.21 -15.12
C LYS X 203 -22.50 -53.91 -15.07
N GLN X 204 -22.31 -53.30 -16.23
CA GLN X 204 -21.56 -52.06 -16.33
C GLN X 204 -22.47 -50.84 -16.48
N GLU X 205 -23.30 -50.84 -17.52
CA GLU X 205 -24.14 -49.67 -17.78
C GLU X 205 -25.19 -49.52 -16.70
N ARG X 206 -25.48 -48.27 -16.35
CA ARG X 206 -26.36 -47.97 -15.24
C ARG X 206 -27.36 -46.89 -15.63
N ILE X 207 -28.56 -46.98 -15.07
CA ILE X 207 -29.62 -46.01 -15.29
C ILE X 207 -29.91 -45.37 -13.94
N ILE X 208 -29.76 -44.06 -13.84
CA ILE X 208 -29.78 -43.38 -12.55
C ILE X 208 -30.93 -42.38 -12.54
N LYS X 209 -31.71 -42.41 -11.48
CA LYS X 209 -32.85 -41.51 -11.30
C LYS X 209 -32.49 -40.54 -10.17
N ILE X 210 -32.33 -39.27 -10.52
CA ILE X 210 -31.89 -38.24 -9.58
C ILE X 210 -33.06 -37.32 -9.30
N VAL X 211 -33.45 -37.23 -8.03
CA VAL X 211 -34.51 -36.34 -7.60
C VAL X 211 -33.97 -35.50 -6.46
N GLU X 212 -34.50 -34.29 -6.34
CA GLU X 212 -34.10 -33.44 -5.22
C GLU X 212 -34.74 -33.94 -3.94
N ARG X 213 -34.10 -33.64 -2.82
CA ARG X 213 -34.53 -34.18 -1.55
C ARG X 213 -35.56 -33.24 -0.93
N GLN X 214 -36.62 -33.82 -0.37
CA GLN X 214 -37.69 -33.03 0.25
C GLN X 214 -37.21 -32.41 1.53
N ARG X 215 -36.72 -31.17 1.48
CA ARG X 215 -36.17 -30.55 2.66
C ARG X 215 -37.27 -29.86 3.47
N ASP X 216 -37.10 -29.88 4.79
CA ASP X 216 -38.02 -29.28 5.75
C ASP X 216 -38.17 -27.80 5.45
N PRO X 217 -39.39 -27.29 5.25
CA PRO X 217 -39.55 -25.85 5.01
C PRO X 217 -39.12 -24.99 6.18
N MET X 218 -39.08 -25.54 7.38
CA MET X 218 -38.82 -24.73 8.54
C MET X 218 -37.36 -24.66 8.91
N GLU X 219 -36.51 -25.44 8.24
CA GLU X 219 -35.09 -25.48 8.58
C GLU X 219 -34.42 -24.15 8.24
N PRO X 220 -33.55 -23.65 9.08
CA PRO X 220 -32.75 -22.49 8.75
C PRO X 220 -31.55 -22.92 7.92
N PRO X 221 -30.61 -22.03 7.59
CA PRO X 221 -29.38 -22.49 6.93
C PRO X 221 -28.63 -23.51 7.78
N LYS X 222 -28.06 -24.50 7.11
CA LYS X 222 -27.40 -25.59 7.82
C LYS X 222 -26.08 -25.13 8.43
N PHE X 223 -25.33 -24.29 7.72
CA PHE X 223 -23.92 -24.10 8.04
C PHE X 223 -23.58 -22.62 8.18
N LYS X 224 -22.76 -22.31 9.17
CA LYS X 224 -22.27 -20.96 9.39
C LYS X 224 -21.29 -20.58 8.30
N HIS X 225 -21.36 -19.33 7.85
CA HIS X 225 -20.46 -18.84 6.81
C HIS X 225 -19.13 -18.45 7.43
N LYS X 226 -18.07 -18.52 6.63
CA LYS X 226 -16.72 -18.38 7.15
C LYS X 226 -15.96 -17.26 6.43
N LYS X 227 -15.04 -16.66 7.18
CA LYS X 227 -14.23 -15.54 6.73
C LYS X 227 -12.89 -16.08 6.26
N ILE X 228 -12.69 -16.10 4.95
CA ILE X 228 -11.50 -16.66 4.32
C ILE X 228 -10.81 -15.54 3.56
N PRO X 229 -9.48 -15.41 3.63
CA PRO X 229 -8.80 -14.36 2.89
C PRO X 229 -8.89 -14.57 1.39
N ARG X 230 -8.77 -13.46 0.67
CA ARG X 230 -8.91 -13.50 -0.78
C ARG X 230 -7.76 -14.26 -1.41
N GLY X 231 -8.07 -15.01 -2.45
CA GLY X 231 -7.08 -15.84 -3.11
C GLY X 231 -6.07 -15.02 -3.89
N PRO X 232 -5.01 -15.69 -4.34
CA PRO X 232 -4.01 -14.99 -5.13
C PRO X 232 -4.57 -14.64 -6.50
N PRO X 233 -4.03 -13.61 -7.13
CA PRO X 233 -4.54 -13.22 -8.46
C PRO X 233 -4.11 -14.20 -9.52
N SER X 234 -4.83 -14.15 -10.64
CA SER X 234 -4.39 -14.85 -11.84
C SER X 234 -3.04 -14.28 -12.28
N PRO X 235 -2.15 -15.10 -12.84
CA PRO X 235 -0.75 -14.69 -13.03
C PRO X 235 -0.62 -13.44 -13.87
N PRO X 236 0.19 -12.48 -13.44
CA PRO X 236 0.22 -11.19 -14.11
C PRO X 236 0.86 -11.31 -15.48
N PRO X 237 0.55 -10.40 -16.39
CA PRO X 237 1.17 -10.41 -17.71
C PRO X 237 2.50 -9.70 -17.70
N PRO X 238 3.29 -9.82 -18.77
CA PRO X 238 4.51 -9.02 -18.90
C PRO X 238 4.22 -7.53 -18.98
N VAL X 239 5.18 -6.73 -18.50
CA VAL X 239 5.04 -5.28 -18.46
C VAL X 239 5.63 -4.73 -19.74
N MET X 240 4.76 -4.41 -20.70
CA MET X 240 5.18 -4.11 -22.07
C MET X 240 5.37 -2.61 -22.24
N HIS X 241 6.41 -2.10 -21.59
CA HIS X 241 6.66 -0.66 -21.58
C HIS X 241 7.55 -0.24 -22.73
N SER X 242 7.33 0.99 -23.20
CA SER X 242 8.28 1.65 -24.07
C SER X 242 9.56 1.89 -23.29
N PRO X 243 10.72 2.02 -23.95
CA PRO X 243 12.00 2.05 -23.24
C PRO X 243 12.07 3.20 -22.25
N PRO X 244 12.71 2.99 -21.09
CA PRO X 244 12.59 3.93 -19.98
C PRO X 244 13.18 5.29 -20.31
N ARG X 245 12.62 6.31 -19.67
CA ARG X 245 13.02 7.68 -19.92
C ARG X 245 14.43 7.92 -19.42
N LYS X 246 15.22 8.64 -20.22
CA LYS X 246 16.59 8.97 -19.85
C LYS X 246 16.54 10.20 -18.97
N LEU X 247 16.65 10.00 -17.66
CA LEU X 247 16.65 11.08 -16.71
C LEU X 247 18.05 11.61 -16.49
N THR X 248 18.14 12.76 -15.83
CA THR X 248 19.39 13.36 -15.42
C THR X 248 19.33 13.67 -13.93
N ALA X 249 20.48 14.08 -13.38
CA ALA X 249 20.50 14.48 -11.97
C ALA X 249 19.76 15.80 -11.77
N GLU X 250 19.68 16.62 -12.81
CA GLU X 250 18.88 17.84 -12.74
C GLU X 250 17.41 17.50 -12.50
N ASP X 251 16.91 16.45 -13.15
CA ASP X 251 15.52 16.04 -12.97
C ASP X 251 15.28 15.45 -11.59
N GLN X 252 16.22 14.63 -11.10
CA GLN X 252 16.09 14.07 -9.76
C GLN X 252 16.07 15.18 -8.72
N GLU X 253 16.90 16.21 -8.89
CA GLU X 253 16.84 17.36 -8.01
C GLU X 253 15.56 18.15 -8.20
N ALA X 254 15.03 18.19 -9.42
CA ALA X 254 13.78 18.90 -9.70
C ALA X 254 12.57 18.21 -9.10
N TRP X 255 12.70 16.97 -8.66
CA TRP X 255 11.57 16.29 -8.05
C TRP X 255 11.93 15.80 -6.65
N ARG X 256 12.56 16.67 -5.86
CA ARG X 256 12.81 16.41 -4.45
C ARG X 256 11.72 17.09 -3.65
N ILE X 257 11.11 16.33 -2.75
CA ILE X 257 10.00 16.82 -1.95
C ILE X 257 10.58 17.17 -0.59
N PRO X 258 10.43 18.42 -0.14
CA PRO X 258 10.98 18.84 1.15
C PRO X 258 10.38 18.05 2.29
N PRO X 259 11.15 17.76 3.33
CA PRO X 259 10.55 17.23 4.55
C PRO X 259 9.61 18.25 5.15
N PRO X 260 8.42 17.83 5.57
CA PRO X 260 7.41 18.79 6.02
C PRO X 260 7.56 19.07 7.50
N VAL X 261 7.62 20.36 7.85
CA VAL X 261 7.66 20.80 9.23
C VAL X 261 6.37 21.54 9.50
N SER X 262 5.53 20.98 10.36
CA SER X 262 4.23 21.54 10.60
C SER X 262 4.31 22.67 11.60
N MET X 263 3.42 23.64 11.45
CA MET X 263 3.28 24.68 12.44
C MET X 263 2.29 24.30 13.53
N TRP X 264 1.57 23.21 13.35
CA TRP X 264 0.53 22.75 14.26
C TRP X 264 0.76 21.37 14.81
N LYS X 265 1.22 20.43 13.98
CA LYS X 265 1.22 19.02 14.31
C LYS X 265 2.62 18.49 14.58
N ASN X 266 2.68 17.47 15.44
CA ASN X 266 3.90 16.79 15.81
C ASN X 266 3.61 15.41 16.39
N PRO X 267 3.13 14.45 15.62
CA PRO X 267 2.67 13.18 16.21
C PRO X 267 3.76 12.31 16.80
N LYS X 268 5.03 12.62 16.59
CA LYS X 268 6.13 11.88 17.21
C LYS X 268 6.82 12.66 18.31
N GLY X 269 6.31 13.83 18.65
CA GLY X 269 6.87 14.64 19.71
C GLY X 269 8.27 15.15 19.47
N PHE X 270 8.61 15.39 18.20
CA PHE X 270 9.96 15.74 17.82
C PHE X 270 10.32 17.14 18.28
N THR X 271 11.60 17.35 18.54
CA THR X 271 12.17 18.67 18.79
C THR X 271 12.82 19.12 17.48
N ILE X 272 12.23 20.12 16.84
CA ILE X 272 12.67 20.62 15.55
C ILE X 272 13.48 21.87 15.80
N PRO X 273 14.58 22.11 15.10
CA PRO X 273 15.29 23.39 15.25
C PRO X 273 14.41 24.55 14.86
N LEU X 274 14.56 25.66 15.59
CA LEU X 274 13.70 26.82 15.37
C LEU X 274 13.99 27.54 14.08
N ASP X 275 15.08 27.19 13.41
CA ASP X 275 15.34 27.64 12.06
C ASP X 275 14.37 27.00 11.08
N LYS X 276 14.19 25.69 11.20
CA LYS X 276 13.34 24.94 10.30
C LYS X 276 11.87 25.13 10.57
N ARG X 277 11.51 25.35 11.84
CA ARG X 277 10.12 25.67 12.16
C ARG X 277 9.69 26.97 11.53
N LEU X 278 10.58 27.95 11.51
CA LEU X 278 10.33 29.25 10.92
C LEU X 278 10.80 29.36 9.47
N ALA X 279 10.79 28.24 8.74
CA ALA X 279 11.27 28.23 7.36
C ALA X 279 10.15 28.47 6.36
N ALA X 280 8.96 27.94 6.62
CA ALA X 280 7.82 28.09 5.71
C ALA X 280 6.87 29.18 6.15
N ASP X 281 7.25 29.96 7.16
CA ASP X 281 6.44 31.10 7.60
C ASP X 281 6.74 32.28 6.68
N GLY X 282 5.86 32.48 5.69
CA GLY X 282 6.06 33.57 4.77
C GLY X 282 5.70 34.93 5.30
N ARG X 283 5.14 35.00 6.51
CA ARG X 283 4.66 36.27 7.06
C ARG X 283 5.81 37.23 7.32
N GLN X 284 6.95 36.72 7.79
CA GLN X 284 8.11 37.58 8.02
C GLN X 284 8.69 38.06 6.70
N LEU X 285 8.61 37.24 5.65
CA LEU X 285 9.12 37.61 4.33
C LEU X 285 8.08 38.30 3.47
N GLN X 286 6.93 38.65 4.03
CA GLN X 286 5.94 39.41 3.27
C GLN X 286 6.38 40.85 3.09
N GLU X 287 5.70 41.53 2.19
CA GLU X 287 6.00 42.92 1.85
C GLU X 287 5.11 43.87 2.64
N VAL X 288 5.70 44.98 3.07
CA VAL X 288 4.97 46.05 3.74
C VAL X 288 5.34 47.38 3.08
N GLN X 289 4.33 48.11 2.63
CA GLN X 289 4.52 49.34 1.86
C GLN X 289 3.18 50.06 1.81
N ILE X 290 3.16 51.33 2.18
CA ILE X 290 1.91 52.05 2.30
C ILE X 290 1.81 53.10 1.21
N ASN X 291 0.59 53.58 0.99
CA ASN X 291 0.30 54.55 -0.04
C ASN X 291 0.86 55.91 0.34
N ASP X 292 1.10 56.73 -0.68
CA ASP X 292 1.59 58.08 -0.44
C ASP X 292 0.53 58.99 0.16
N LYS X 293 -0.75 58.76 -0.18
CA LYS X 293 -1.84 59.64 0.21
C LYS X 293 -1.91 59.88 1.70
N PHE X 294 -1.50 58.88 2.49
CA PHE X 294 -1.46 58.99 3.94
C PHE X 294 -0.73 60.25 4.37
N ALA X 295 0.47 60.47 3.82
CA ALA X 295 1.24 61.68 4.13
C ALA X 295 0.45 62.92 3.79
N GLN X 296 -0.11 62.97 2.57
CA GLN X 296 -0.92 64.10 2.17
C GLN X 296 -2.11 64.27 3.10
N PHE X 297 -2.76 63.15 3.45
CA PHE X 297 -3.86 63.16 4.40
C PHE X 297 -3.44 63.84 5.68
N SER X 298 -2.34 63.37 6.27
CA SER X 298 -1.90 63.89 7.55
C SER X 298 -1.56 65.36 7.43
N GLU X 299 -0.90 65.72 6.32
CA GLU X 299 -0.48 67.10 6.11
C GLU X 299 -1.68 68.01 6.16
N ALA X 300 -2.75 67.64 5.46
CA ALA X 300 -3.94 68.48 5.39
C ALA X 300 -4.49 68.72 6.77
N LEU X 301 -4.62 67.65 7.55
CA LEU X 301 -5.21 67.77 8.88
C LEU X 301 -4.39 68.70 9.74
N PHE X 302 -3.07 68.53 9.69
CA PHE X 302 -2.19 69.36 10.51
C PHE X 302 -2.33 70.82 10.13
N MET X 303 -2.30 71.11 8.82
CA MET X 303 -2.47 72.49 8.39
C MET X 303 -3.85 72.99 8.78
N ALA X 304 -4.87 72.15 8.59
CA ALA X 304 -6.22 72.55 8.93
C ALA X 304 -6.31 72.85 10.41
N ASP X 305 -5.68 71.99 11.23
CA ASP X 305 -5.70 72.19 12.67
C ASP X 305 -5.10 73.53 13.03
N ARG X 306 -3.92 73.83 12.47
CA ARG X 306 -3.26 75.08 12.76
C ARG X 306 -4.11 76.25 12.32
N HIS X 307 -4.71 76.13 11.12
CA HIS X 307 -5.53 77.20 10.59
C HIS X 307 -6.70 77.46 11.51
N ALA X 308 -7.35 76.39 11.98
CA ALA X 308 -8.50 76.55 12.85
C ALA X 308 -8.12 77.29 14.11
N ARG X 309 -6.98 76.92 14.69
CA ARG X 309 -6.53 77.56 15.92
C ARG X 309 -6.31 79.04 15.69
N GLU X 310 -5.65 79.37 14.57
CA GLU X 310 -5.39 80.77 14.26
C GLU X 310 -6.69 81.54 14.15
N GLU X 311 -7.65 80.97 13.41
CA GLU X 311 -8.93 81.63 13.22
C GLU X 311 -9.61 81.85 14.55
N VAL X 312 -9.59 80.82 15.40
CA VAL X 312 -10.25 80.90 16.70
C VAL X 312 -9.65 82.02 17.51
N ARG X 313 -8.31 82.09 17.52
CA ARG X 313 -7.62 83.10 18.32
C ARG X 313 -8.02 84.49 17.85
N GLN X 314 -8.03 84.70 16.53
CA GLN X 314 -8.39 86.00 16.01
C GLN X 314 -9.81 86.36 16.42
N ARG X 315 -10.73 85.41 16.24
CA ARG X 315 -12.11 85.66 16.59
C ARG X 315 -12.22 85.94 18.07
N ALA X 316 -11.49 85.16 18.88
CA ALA X 316 -11.49 85.35 20.32
C ALA X 316 -11.03 86.74 20.68
N MET X 317 -9.88 87.16 20.12
CA MET X 317 -9.39 88.48 20.50
C MET X 317 -10.30 89.56 19.96
N MET X 318 -10.87 89.33 18.77
CA MET X 318 -11.81 90.29 18.19
C MET X 318 -12.99 90.47 19.12
N GLN X 319 -13.49 89.35 19.68
CA GLN X 319 -14.62 89.41 20.59
C GLN X 319 -14.31 90.27 21.80
N GLN X 320 -13.10 90.11 22.36
CA GLN X 320 -12.83 90.81 23.61
C GLN X 320 -12.73 92.30 23.37
N ARG X 321 -12.31 92.71 22.15
CA ARG X 321 -12.32 94.12 21.81
C ARG X 321 -13.71 94.70 21.94
N LEU X 322 -14.69 94.05 21.30
CA LEU X 322 -16.07 94.51 21.41
C LEU X 322 -16.50 94.55 22.87
N ALA X 323 -16.11 93.51 23.63
CA ALA X 323 -16.47 93.42 25.03
C ALA X 323 -15.98 94.65 25.79
N GLU X 324 -14.69 94.96 25.67
CA GLU X 324 -14.19 96.08 26.46
C GLU X 324 -14.77 97.39 25.94
N LYS X 325 -14.97 97.47 24.63
CA LYS X 325 -15.58 98.67 24.05
C LYS X 325 -16.98 98.86 24.61
N GLU X 326 -17.75 97.76 24.67
CA GLU X 326 -19.10 97.83 25.21
C GLU X 326 -19.07 98.28 26.66
N ARG X 327 -18.11 97.74 27.42
CA ARG X 327 -17.99 98.12 28.82
C ARG X 327 -17.72 99.61 28.94
N GLN X 328 -16.81 100.11 28.10
CA GLN X 328 -16.47 101.53 28.13
C GLN X 328 -17.71 102.36 27.82
N GLN X 329 -18.49 101.93 26.82
CA GLN X 329 -19.70 102.65 26.45
C GLN X 329 -20.66 102.71 27.62
N LYS X 330 -20.86 101.56 28.29
CA LYS X 330 -21.77 101.55 29.42
C LYS X 330 -21.26 102.45 30.53
N GLU X 331 -19.94 102.40 30.77
CA GLU X 331 -19.34 103.26 31.79
C GLU X 331 -19.57 104.71 31.46
N GLU X 332 -19.40 105.07 30.18
CA GLU X 332 -19.62 106.45 29.75
C GLU X 332 -21.06 106.86 30.00
N HIS X 333 -22.00 105.97 29.67
CA HIS X 333 -23.41 106.25 29.91
C HIS X 333 -23.67 106.46 31.39
N LEU X 334 -23.08 105.59 32.22
CA LEU X 334 -23.25 105.72 33.67
C LEU X 334 -22.70 107.05 34.14
N ARG X 335 -21.53 107.45 33.61
CA ARG X 335 -20.94 108.72 33.98
C ARG X 335 -21.87 109.86 33.61
N GLN X 336 -22.46 109.79 32.40
CA GLN X 336 -23.41 110.81 31.98
C GLN X 336 -24.60 110.83 32.90
N LEU X 337 -25.12 109.65 33.24
CA LEU X 337 -26.24 109.58 34.17
C LEU X 337 -25.86 110.12 35.53
N ALA X 338 -24.63 109.83 35.97
CA ALA X 338 -24.16 110.37 37.24
C ALA X 338 -24.15 111.89 37.21
N GLN X 339 -23.69 112.46 36.09
CA GLN X 339 -23.71 113.91 35.94
C GLN X 339 -25.13 114.43 36.01
N GLN X 340 -26.07 113.74 35.35
CA GLN X 340 -27.46 114.14 35.40
C GLN X 340 -27.98 114.04 36.82
N ALA X 341 -27.57 113.00 37.55
CA ALA X 341 -27.97 112.88 38.95
C ALA X 341 -27.44 114.05 39.76
N ARG X 342 -26.19 114.46 39.51
CA ARG X 342 -25.65 115.63 40.17
C ARG X 342 -26.43 116.88 39.78
N ALA X 343 -26.82 116.97 38.51
CA ALA X 343 -27.69 118.07 38.07
C ALA X 343 -29.02 118.02 38.81
N GLU X 344 -29.56 116.82 39.00
CA GLU X 344 -30.79 116.69 39.77
C GLU X 344 -30.54 117.06 41.22
N ARG X 345 -29.34 116.78 41.73
CA ARG X 345 -29.00 117.24 43.07
C ARG X 345 -28.91 118.77 43.11
N ALA X 346 -28.45 119.37 42.00
CA ALA X 346 -28.51 120.82 41.88
C ALA X 346 -29.95 121.31 41.84
N ALA X 347 -30.86 120.48 41.34
CA ALA X 347 -32.28 120.82 41.44
C ALA X 347 -32.80 120.57 42.84
N ALA X 348 -32.17 119.65 43.57
CA ALA X 348 -32.67 119.29 44.90
C ALA X 348 -32.38 120.38 45.92
N ALA X 349 -31.17 120.94 45.89
CA ALA X 349 -30.78 121.96 46.85
C ALA X 349 -31.32 123.33 46.46
N VAL Y 34 -24.36 -30.51 -42.93
CA VAL Y 34 -24.09 -31.79 -42.28
C VAL Y 34 -22.67 -32.27 -42.64
N PRO Y 35 -22.03 -33.02 -41.73
CA PRO Y 35 -20.72 -33.60 -42.05
C PRO Y 35 -20.86 -34.78 -43.00
N TYR Y 36 -21.21 -34.48 -44.27
CA TYR Y 36 -21.56 -35.45 -45.29
C TYR Y 36 -22.67 -36.39 -44.82
N THR Y 37 -22.79 -37.56 -45.44
CA THR Y 37 -23.98 -38.39 -45.24
C THR Y 37 -23.68 -39.66 -44.47
N GLY Y 38 -22.94 -40.59 -45.04
CA GLY Y 38 -22.63 -41.82 -44.34
C GLY Y 38 -21.24 -42.33 -44.62
N GLU Y 39 -20.55 -41.69 -45.57
CA GLU Y 39 -19.24 -42.17 -45.97
C GLU Y 39 -18.18 -41.85 -44.93
N ASN Y 40 -18.18 -40.64 -44.40
CA ASN Y 40 -17.24 -40.26 -43.36
C ASN Y 40 -17.67 -40.68 -41.97
N LEU Y 41 -18.93 -41.06 -41.78
CA LEU Y 41 -19.32 -41.76 -40.56
C LEU Y 41 -18.92 -43.22 -40.57
N ALA Y 42 -18.81 -43.84 -41.75
CA ALA Y 42 -18.44 -45.24 -41.86
C ALA Y 42 -17.06 -45.33 -42.49
N ARG Y 43 -16.03 -45.16 -41.65
CA ARG Y 43 -14.62 -45.33 -41.96
C ARG Y 43 -13.85 -45.19 -40.66
N PRO Y 44 -12.70 -45.84 -40.53
CA PRO Y 44 -11.87 -45.63 -39.34
C PRO Y 44 -10.83 -44.55 -39.56
N SER Y 45 -10.45 -43.91 -38.47
CA SER Y 45 -9.35 -42.97 -38.50
C SER Y 45 -8.04 -43.71 -38.72
N TYR Y 46 -7.18 -43.16 -39.58
CA TYR Y 46 -5.98 -43.87 -39.98
C TYR Y 46 -4.94 -43.88 -38.86
N GLY Y 47 -3.94 -44.74 -39.03
CA GLY Y 47 -2.82 -44.81 -38.12
C GLY Y 47 -3.11 -45.67 -36.91
N PRO Y 48 -2.07 -46.17 -36.28
CA PRO Y 48 -2.24 -46.90 -35.02
C PRO Y 48 -2.49 -45.94 -33.88
N ALA Y 49 -2.98 -46.48 -32.77
CA ALA Y 49 -3.22 -45.66 -31.60
C ALA Y 49 -1.93 -45.43 -30.84
N ASN Y 50 -2.02 -44.71 -29.73
CA ASN Y 50 -0.89 -44.53 -28.86
C ASN Y 50 -0.55 -45.86 -28.19
N PRO Y 51 0.70 -46.33 -28.27
CA PRO Y 51 1.11 -47.44 -27.42
C PRO Y 51 1.15 -47.06 -25.95
N PHE Y 52 1.19 -45.77 -25.65
CA PHE Y 52 1.25 -45.27 -24.28
C PHE Y 52 -0.03 -45.57 -23.52
N LYS Y 69 -13.61 -40.01 -24.52
CA LYS Y 69 -13.20 -39.16 -23.42
C LYS Y 69 -14.29 -39.06 -22.35
N ASN Y 70 -14.01 -39.58 -21.16
CA ASN Y 70 -14.96 -39.49 -20.06
C ASN Y 70 -15.02 -38.06 -19.52
N ASN Y 71 -16.00 -37.84 -18.64
CA ASN Y 71 -16.11 -36.59 -17.91
C ASN Y 71 -16.11 -36.77 -16.40
N VAL Y 72 -16.78 -37.79 -15.89
CA VAL Y 72 -16.70 -38.12 -14.47
C VAL Y 72 -15.40 -38.87 -14.23
N LEU Y 73 -14.89 -38.83 -13.00
CA LEU Y 73 -13.69 -39.58 -12.67
C LEU Y 73 -13.92 -41.08 -12.79
N THR Y 74 -15.05 -41.57 -12.26
CA THR Y 74 -15.30 -43.00 -12.23
C THR Y 74 -15.71 -43.54 -13.59
N GLY Y 75 -16.38 -42.75 -14.39
CA GLY Y 75 -16.80 -43.18 -15.71
C GLY Y 75 -17.33 -42.07 -16.56
N HIS Y 76 -18.34 -42.40 -17.36
CA HIS Y 76 -18.97 -41.47 -18.28
C HIS Y 76 -20.46 -41.43 -17.99
N ALA Y 77 -21.03 -40.24 -17.93
CA ALA Y 77 -22.45 -40.09 -17.66
C ALA Y 77 -23.05 -39.01 -18.54
N GLU Y 78 -24.07 -39.38 -19.31
CA GLU Y 78 -24.80 -38.43 -20.15
C GLU Y 78 -26.26 -38.47 -19.80
N GLU Y 79 -26.91 -37.31 -19.86
CA GLU Y 79 -28.32 -37.22 -19.52
C GLU Y 79 -29.16 -37.93 -20.57
N MET Y 80 -30.34 -38.35 -20.17
CA MET Y 80 -31.24 -39.02 -21.08
C MET Y 80 -32.66 -38.85 -20.57
N TYR Y 81 -33.61 -39.04 -21.48
CA TYR Y 81 -35.03 -38.99 -21.16
C TYR Y 81 -35.63 -40.35 -21.50
N ILE Y 82 -36.15 -41.04 -20.49
CA ILE Y 82 -36.95 -42.23 -20.72
C ILE Y 82 -38.23 -42.10 -19.92
N SER Y 83 -39.21 -42.92 -20.27
CA SER Y 83 -40.45 -42.95 -19.50
C SER Y 83 -40.19 -43.51 -18.12
N GLU Y 84 -40.82 -42.90 -17.12
CA GLU Y 84 -40.65 -43.35 -15.74
C GLU Y 84 -41.21 -44.74 -15.51
N ALA Y 85 -42.18 -45.17 -16.32
CA ALA Y 85 -42.74 -46.51 -16.18
C ALA Y 85 -41.74 -47.57 -16.58
N THR Y 86 -40.94 -47.30 -17.62
CA THR Y 86 -39.89 -48.23 -18.03
C THR Y 86 -38.85 -48.42 -16.93
N PHE Y 87 -38.43 -47.31 -16.32
CA PHE Y 87 -37.49 -47.38 -15.21
C PHE Y 87 -38.08 -48.14 -14.03
N ARG Y 88 -39.36 -47.88 -13.72
CA ARG Y 88 -39.99 -48.59 -12.61
C ARG Y 88 -40.11 -50.08 -12.90
N ALA Y 89 -40.39 -50.44 -14.15
CA ALA Y 89 -40.51 -51.85 -14.51
C ALA Y 89 -39.17 -52.56 -14.38
N LYS Y 90 -38.09 -51.95 -14.87
CA LYS Y 90 -36.79 -52.60 -14.78
C LYS Y 90 -36.28 -52.64 -13.33
N HIS Y 91 -36.56 -51.59 -12.57
CA HIS Y 91 -36.20 -51.57 -11.16
C HIS Y 91 -36.95 -52.65 -10.38
N ARG Y 92 -38.24 -52.84 -10.68
CA ARG Y 92 -38.97 -53.89 -9.99
C ARG Y 92 -38.55 -55.27 -10.46
N ALA Y 93 -38.07 -55.39 -11.70
CA ALA Y 93 -37.58 -56.68 -12.17
C ALA Y 93 -36.30 -57.08 -11.45
N VAL Y 94 -35.33 -56.17 -11.38
CA VAL Y 94 -34.07 -56.50 -10.73
C VAL Y 94 -34.18 -56.48 -9.20
N GLU Y 95 -35.13 -55.73 -8.65
CA GLU Y 95 -35.26 -55.56 -7.22
C GLU Y 95 -36.04 -56.68 -6.54
N ALA Y 96 -37.21 -57.02 -7.07
CA ALA Y 96 -38.10 -57.96 -6.41
C ALA Y 96 -37.51 -59.36 -6.40
N VAL Y 97 -37.62 -60.04 -5.26
CA VAL Y 97 -37.15 -61.41 -5.18
C VAL Y 97 -38.11 -62.31 -5.94
N GLY Y 98 -37.60 -63.44 -6.41
CA GLY Y 98 -38.33 -64.20 -7.40
C GLY Y 98 -38.47 -63.46 -8.72
N GLY Y 99 -37.49 -62.64 -9.08
CA GLY Y 99 -37.54 -61.95 -10.35
C GLY Y 99 -37.43 -62.90 -11.52
N GLY Y 100 -38.11 -62.55 -12.61
CA GLY Y 100 -38.32 -63.54 -13.66
C GLY Y 100 -39.22 -64.63 -13.11
N VAL Y 101 -38.82 -65.88 -13.36
CA VAL Y 101 -39.48 -67.14 -12.97
C VAL Y 101 -41.01 -67.04 -12.96
N MET Y 102 -41.59 -66.78 -14.14
CA MET Y 102 -43.01 -66.47 -14.27
C MET Y 102 -43.89 -67.61 -13.77
N ARG Y 103 -44.94 -67.24 -13.06
CA ARG Y 103 -45.91 -68.18 -12.52
C ARG Y 103 -47.30 -67.69 -12.89
N SER Y 104 -48.22 -68.63 -13.11
CA SER Y 104 -49.59 -68.28 -13.44
C SER Y 104 -50.31 -67.77 -12.19
N ASN Y 105 -51.58 -67.41 -12.36
CA ASN Y 105 -52.30 -66.70 -11.32
C ASN Y 105 -52.66 -67.60 -10.15
N ARG Y 106 -53.02 -68.86 -10.43
CA ARG Y 106 -53.56 -69.70 -9.37
C ARG Y 106 -52.49 -70.11 -8.37
N GLU Y 107 -51.27 -70.39 -8.84
CA GLU Y 107 -50.21 -70.73 -7.90
C GLU Y 107 -49.79 -69.53 -7.06
N MET Y 108 -49.87 -68.32 -7.62
CA MET Y 108 -49.74 -67.11 -6.81
C MET Y 108 -50.84 -67.06 -5.75
N LYS Y 109 -52.05 -67.49 -6.11
CA LYS Y 109 -53.15 -67.51 -5.15
C LYS Y 109 -52.86 -68.45 -3.99
N GLU Y 110 -52.42 -69.69 -4.26
CA GLU Y 110 -52.20 -70.54 -3.09
C GLU Y 110 -50.91 -70.20 -2.34
N VAL Y 111 -49.90 -69.62 -2.99
CA VAL Y 111 -48.73 -69.23 -2.21
C VAL Y 111 -49.07 -68.04 -1.31
N ASN Y 112 -49.95 -67.14 -1.78
CA ASN Y 112 -50.40 -66.05 -0.92
C ASN Y 112 -51.30 -66.57 0.19
N LYS Y 113 -52.13 -67.57 -0.09
CA LYS Y 113 -52.94 -68.17 0.96
C LYS Y 113 -52.07 -68.87 2.01
N ARG Y 114 -51.04 -69.59 1.58
CA ARG Y 114 -50.15 -70.26 2.51
C ARG Y 114 -49.40 -69.26 3.38
N LEU Y 115 -48.93 -68.17 2.77
CA LEU Y 115 -48.26 -67.15 3.56
C LEU Y 115 -49.22 -66.43 4.49
N ARG Y 116 -50.50 -66.33 4.12
CA ARG Y 116 -51.52 -65.83 5.05
C ARG Y 116 -51.66 -66.77 6.24
N GLU Y 117 -51.64 -68.08 6.00
CA GLU Y 117 -51.69 -69.04 7.10
C GLU Y 117 -50.43 -68.97 7.96
N MET Y 118 -49.31 -68.57 7.38
CA MET Y 118 -48.09 -68.40 8.17
C MET Y 118 -48.23 -67.24 9.16
N ARG Y 119 -48.92 -66.18 8.76
CA ARG Y 119 -49.18 -65.07 9.67
C ARG Y 119 -50.23 -65.49 10.69
N GLU Y 120 -50.20 -64.84 11.86
CA GLU Y 120 -51.21 -65.09 12.85
C GLU Y 120 -52.55 -64.50 12.41
N ASP Y 121 -53.61 -64.90 13.11
CA ASP Y 121 -54.96 -64.47 12.76
C ASP Y 121 -55.13 -62.98 12.96
N LYS Y 122 -55.81 -62.34 12.01
CA LYS Y 122 -56.02 -60.89 12.08
C LYS Y 122 -57.00 -60.51 13.16
N GLY Y 123 -58.04 -61.32 13.37
CA GLY Y 123 -59.05 -61.06 14.37
C GLY Y 123 -60.41 -60.87 13.76
N SER Y 124 -61.41 -60.75 14.64
CA SER Y 124 -62.80 -60.66 14.22
C SER Y 124 -63.23 -59.26 13.83
N ALA Y 125 -62.59 -58.24 14.41
CA ALA Y 125 -62.76 -56.81 14.15
C ALA Y 125 -64.11 -56.26 14.60
N THR Y 126 -65.02 -57.08 15.10
CA THR Y 126 -66.21 -56.61 15.79
C THR Y 126 -66.07 -56.74 17.30
N ILE Y 127 -64.93 -57.20 17.78
CA ILE Y 127 -64.62 -57.28 19.20
C ILE Y 127 -63.62 -56.17 19.52
N ALA Y 128 -64.02 -55.27 20.40
CA ALA Y 128 -63.19 -54.09 20.67
C ALA Y 128 -61.93 -54.46 21.44
N ASP Y 129 -62.06 -55.24 22.50
CA ASP Y 129 -60.95 -55.48 23.41
C ASP Y 129 -60.97 -56.93 23.88
N GLY Y 130 -59.77 -57.48 24.08
CA GLY Y 130 -59.63 -58.80 24.66
C GLY Y 130 -59.10 -59.82 23.67
N GLU Y 131 -59.41 -61.08 23.90
CA GLU Y 131 -59.07 -62.13 22.94
C GLU Y 131 -59.97 -61.98 21.73
N GLY Y 132 -59.41 -62.18 20.55
CA GLY Y 132 -60.16 -62.06 19.32
C GLY Y 132 -60.31 -60.66 18.80
N ALA Y 133 -59.58 -59.70 19.36
CA ALA Y 133 -59.66 -58.33 18.90
C ALA Y 133 -58.98 -58.17 17.55
N TYR Y 134 -59.16 -57.00 16.94
CA TYR Y 134 -58.57 -56.73 15.65
C TYR Y 134 -57.17 -56.18 15.80
N ILE Y 135 -56.23 -56.73 15.03
CA ILE Y 135 -54.93 -56.11 14.85
C ILE Y 135 -54.63 -55.80 13.39
N GLY Y 136 -55.27 -56.48 12.44
CA GLY Y 136 -55.15 -56.15 11.05
C GLY Y 136 -53.76 -56.33 10.49
N PRO Y 137 -53.26 -55.30 9.80
CA PRO Y 137 -51.91 -55.36 9.24
C PRO Y 137 -50.82 -55.45 10.27
N TRP Y 138 -51.08 -55.07 11.52
CA TRP Y 138 -50.06 -55.08 12.55
C TRP Y 138 -49.85 -56.45 13.17
N ALA Y 139 -50.36 -57.51 12.56
CA ALA Y 139 -50.17 -58.85 13.07
C ALA Y 139 -48.74 -59.31 12.81
N ARG Y 140 -48.12 -59.90 13.83
CA ARG Y 140 -46.72 -60.32 13.74
C ARG Y 140 -46.59 -61.55 12.85
N TYR Y 141 -45.39 -62.11 12.79
CA TYR Y 141 -45.11 -63.20 11.88
C TYR Y 141 -44.59 -64.40 12.66
N LYS Y 142 -45.07 -65.58 12.32
CA LYS Y 142 -44.57 -66.79 12.95
C LYS Y 142 -43.25 -67.19 12.31
N ARG Y 143 -42.17 -67.16 13.08
CA ARG Y 143 -40.85 -67.47 12.55
C ARG Y 143 -40.16 -68.55 13.37
N TYR Y 238 41.32 -27.49 58.01
CA TYR Y 238 42.14 -27.25 56.83
C TYR Y 238 41.53 -27.91 55.60
N ILE Y 239 41.90 -27.42 54.41
CA ILE Y 239 41.39 -27.97 53.16
C ILE Y 239 42.10 -29.28 52.86
N PRO Y 240 41.37 -30.36 52.63
CA PRO Y 240 42.02 -31.63 52.27
C PRO Y 240 42.64 -31.57 50.89
N LYS Y 241 43.69 -32.37 50.70
CA LYS Y 241 44.43 -32.36 49.44
C LYS Y 241 44.54 -33.75 48.85
N LYS Y 242 44.56 -34.78 49.70
CA LYS Y 242 44.73 -36.16 49.27
C LYS Y 242 43.55 -37.00 49.73
N LEU Y 243 43.05 -37.84 48.83
CA LEU Y 243 41.97 -38.76 49.17
C LEU Y 243 42.49 -39.90 50.03
N ILE Y 244 41.68 -40.34 50.98
CA ILE Y 244 42.03 -41.40 51.92
C ILE Y 244 41.41 -42.73 51.52
N TYR Y 245 40.08 -42.80 51.47
CA TYR Y 245 39.39 -44.03 51.13
C TYR Y 245 38.04 -43.68 50.50
N THR Y 246 37.50 -44.64 49.75
CA THR Y 246 36.21 -44.49 49.09
C THR Y 246 35.33 -45.68 49.45
N TRP Y 247 34.07 -45.40 49.80
CA TRP Y 247 33.10 -46.43 50.13
C TRP Y 247 32.24 -46.74 48.91
N ARG Y 248 32.15 -48.03 48.56
CA ARG Y 248 31.41 -48.48 47.39
C ARG Y 248 30.48 -49.62 47.76
N HIS Y 249 29.74 -49.46 48.84
CA HIS Y 249 28.79 -50.46 49.31
C HIS Y 249 27.39 -50.25 48.75
N HIS Y 250 27.18 -49.23 47.93
CA HIS Y 250 25.86 -48.94 47.37
C HIS Y 250 25.64 -49.62 46.02
N GLY Y 251 26.65 -50.30 45.48
CA GLY Y 251 26.49 -50.98 44.21
C GLY Y 251 26.50 -50.09 42.99
N GLY Y 252 26.91 -48.83 43.13
CA GLY Y 252 26.95 -47.90 42.02
C GLY Y 252 25.71 -47.05 41.87
N LYS Y 253 24.63 -47.34 42.58
CA LYS Y 253 23.44 -46.51 42.52
C LYS Y 253 23.69 -45.19 43.26
N PRO Y 254 23.11 -44.09 42.79
CA PRO Y 254 23.33 -42.80 43.47
C PRO Y 254 22.70 -42.78 44.86
N ILE Y 255 23.37 -42.08 45.78
CA ILE Y 255 22.94 -41.99 47.17
C ILE Y 255 22.56 -40.55 47.46
N THR Y 256 21.34 -40.35 47.97
CA THR Y 256 20.85 -39.02 48.29
C THR Y 256 21.02 -38.65 49.77
N ALA Y 257 21.52 -39.58 50.59
CA ALA Y 257 21.69 -39.34 52.01
C ALA Y 257 23.15 -39.55 52.41
N LEU Y 258 23.58 -38.83 53.43
CA LEU Y 258 24.96 -38.73 53.87
C LEU Y 258 24.94 -38.01 55.21
N GLN Y 259 25.33 -38.70 56.28
CA GLN Y 259 25.26 -38.11 57.61
C GLN Y 259 26.41 -38.61 58.47
N LEU Y 260 26.74 -37.82 59.48
CA LEU Y 260 27.78 -38.15 60.45
C LEU Y 260 27.15 -38.28 61.83
N PHE Y 261 27.83 -39.04 62.69
CA PHE Y 261 27.36 -39.21 64.05
C PHE Y 261 27.50 -37.90 64.81
N PRO Y 262 26.62 -37.64 65.78
CA PRO Y 262 26.69 -36.36 66.52
C PRO Y 262 27.88 -36.34 67.46
N ARG Y 263 28.75 -35.35 67.27
CA ARG Y 263 29.94 -35.08 68.08
C ARG Y 263 30.95 -36.22 68.07
N SER Y 264 30.80 -37.17 67.17
CA SER Y 264 31.76 -38.27 67.02
C SER Y 264 32.23 -38.44 65.58
N SER Y 265 31.34 -38.26 64.61
CA SER Y 265 31.64 -38.42 63.17
C SER Y 265 32.22 -39.80 62.86
N HIS Y 266 31.67 -40.83 63.50
CA HIS Y 266 32.16 -42.19 63.33
C HIS Y 266 31.27 -43.07 62.48
N LEU Y 267 30.02 -42.65 62.23
CA LEU Y 267 29.07 -43.44 61.47
C LEU Y 267 28.61 -42.65 60.26
N GLY Y 268 28.54 -43.30 59.11
CA GLY Y 268 28.07 -42.71 57.87
C GLY Y 268 26.72 -43.29 57.48
N LEU Y 269 25.78 -42.40 57.17
CA LEU Y 269 24.40 -42.77 56.84
C LEU Y 269 24.14 -42.47 55.37
N ALA Y 270 24.33 -43.48 54.52
CA ALA Y 270 24.18 -43.35 53.08
C ALA Y 270 22.89 -44.03 52.64
N GLY Y 271 21.94 -43.25 52.16
CA GLY Y 271 20.69 -43.79 51.67
C GLY Y 271 20.59 -43.70 50.17
N SER Y 272 20.54 -44.85 49.49
CA SER Y 272 20.58 -44.91 48.04
C SER Y 272 19.19 -44.68 47.47
N ALA Y 273 19.10 -44.67 46.13
CA ALA Y 273 17.84 -44.50 45.44
C ALA Y 273 17.05 -45.80 45.34
N ASP Y 274 17.61 -46.92 45.80
CA ASP Y 274 16.91 -48.20 45.82
C ASP Y 274 16.16 -48.44 47.12
N GLY Y 275 16.12 -47.45 48.02
CA GLY Y 275 15.45 -47.61 49.29
C GLY Y 275 16.25 -48.31 50.36
N VAL Y 276 17.57 -48.32 50.23
CA VAL Y 276 18.46 -48.98 51.19
C VAL Y 276 19.28 -47.92 51.91
N VAL Y 277 19.24 -47.93 53.23
CA VAL Y 277 20.02 -47.00 54.06
C VAL Y 277 21.09 -47.80 54.78
N LYS Y 278 22.36 -47.43 54.56
CA LYS Y 278 23.50 -48.13 55.13
C LYS Y 278 24.18 -47.25 56.16
N ILE Y 279 24.40 -47.81 57.34
CA ILE Y 279 25.18 -47.18 58.39
C ILE Y 279 26.53 -47.89 58.43
N PHE Y 280 27.59 -47.13 58.20
CA PHE Y 280 28.94 -47.68 58.04
C PHE Y 280 29.90 -47.07 59.04
N ASP Y 281 30.74 -47.92 59.64
CA ASP Y 281 31.81 -47.44 60.49
C ASP Y 281 32.93 -46.86 59.62
N VAL Y 282 33.60 -45.84 60.14
CA VAL Y 282 34.62 -45.12 59.39
C VAL Y 282 35.98 -45.19 60.08
N TYR Y 283 36.02 -45.00 61.40
CA TYR Y 283 37.28 -44.86 62.10
C TYR Y 283 37.97 -46.20 62.33
N ARG Y 284 37.21 -47.22 62.76
CA ARG Y 284 37.82 -48.48 63.18
C ARG Y 284 38.23 -49.35 62.00
N GLY Y 285 37.25 -49.76 61.19
CA GLY Y 285 37.54 -50.70 60.12
C GLY Y 285 37.21 -50.20 58.72
N ARG Y 286 36.52 -49.06 58.64
CA ARG Y 286 36.08 -48.45 57.38
C ARG Y 286 35.24 -49.43 56.56
N GLU Y 287 34.33 -50.11 57.23
CA GLU Y 287 33.46 -51.11 56.60
C GLU Y 287 32.01 -50.83 56.94
N LEU Y 288 31.11 -51.35 56.12
CA LEU Y 288 29.68 -51.16 56.31
C LEU Y 288 29.22 -51.98 57.50
N LEU Y 289 28.57 -51.32 58.46
CA LEU Y 289 28.13 -52.01 59.67
C LEU Y 289 26.76 -52.65 59.49
N ARG Y 290 25.76 -51.86 59.13
CA ARG Y 290 24.39 -52.35 59.02
C ARG Y 290 23.73 -51.75 57.78
N SER Y 291 22.73 -52.48 57.27
CA SER Y 291 21.94 -52.02 56.14
C SER Y 291 20.47 -52.27 56.43
N TYR Y 292 19.62 -51.31 56.07
CA TYR Y 292 18.19 -51.38 56.29
C TYR Y 292 17.46 -51.17 54.97
N SER Y 293 16.50 -52.05 54.68
CA SER Y 293 15.71 -51.98 53.46
C SER Y 293 14.24 -52.07 53.81
N GLY Y 294 13.40 -51.70 52.84
CA GLY Y 294 11.97 -51.72 53.03
C GLY Y 294 11.25 -50.57 52.34
N HIS Y 295 12.00 -49.53 51.99
CA HIS Y 295 11.42 -48.40 51.28
C HIS Y 295 11.16 -48.80 49.82
N ASN Y 296 9.96 -48.48 49.35
CA ASN Y 296 9.55 -48.84 48.00
C ASN Y 296 10.02 -47.87 46.93
N LYS Y 297 10.63 -46.76 47.31
CA LYS Y 297 11.07 -45.75 46.35
C LYS Y 297 12.42 -45.20 46.81
N ALA Y 298 12.85 -44.11 46.19
CA ALA Y 298 14.14 -43.50 46.49
C ALA Y 298 14.10 -42.80 47.84
N ILE Y 299 15.14 -43.01 48.65
CA ILE Y 299 15.22 -42.38 49.95
C ILE Y 299 15.72 -40.95 49.78
N THR Y 300 14.97 -39.99 50.34
CA THR Y 300 15.31 -38.58 50.21
C THR Y 300 15.58 -37.92 51.56
N ASP Y 301 15.18 -38.56 52.66
CA ASP Y 301 15.34 -37.95 53.97
C ASP Y 301 16.18 -38.85 54.86
N LEU Y 302 16.79 -38.21 55.85
CA LEU Y 302 17.77 -38.79 56.77
C LEU Y 302 18.00 -37.79 57.89
N SER Y 303 17.73 -38.19 59.12
CA SER Y 303 17.83 -37.26 60.23
C SER Y 303 18.11 -38.04 61.51
N PHE Y 304 19.37 -38.02 61.94
CA PHE Y 304 19.74 -38.60 63.22
C PHE Y 304 19.20 -37.74 64.36
N CYS Y 305 19.00 -38.38 65.50
CA CYS Y 305 18.47 -37.69 66.68
C CYS Y 305 19.59 -36.93 67.37
N ASN Y 306 19.30 -36.38 68.55
CA ASN Y 306 20.32 -35.68 69.33
C ASN Y 306 21.39 -36.63 69.83
N ASP Y 307 20.99 -37.81 70.29
CA ASP Y 307 21.92 -38.84 70.74
C ASP Y 307 22.31 -39.82 69.65
N GLY Y 308 21.72 -39.70 68.46
CA GLY Y 308 22.02 -40.59 67.36
C GLY Y 308 21.37 -41.96 67.43
N THR Y 309 20.46 -42.18 68.37
CA THR Y 309 19.85 -43.50 68.52
C THR Y 309 18.82 -43.78 67.44
N LYS Y 310 18.19 -42.75 66.88
CA LYS Y 310 17.13 -42.92 65.88
C LYS Y 310 17.45 -42.11 64.64
N PHE Y 311 16.94 -42.59 63.51
CA PHE Y 311 17.16 -41.93 62.22
C PHE Y 311 15.82 -41.82 61.49
N LEU Y 312 15.66 -40.73 60.75
CA LEU Y 312 14.42 -40.42 60.04
C LEU Y 312 14.63 -40.52 58.54
N SER Y 313 14.27 -41.67 57.98
CA SER Y 313 14.42 -41.95 56.55
C SER Y 313 13.10 -41.75 55.86
N GLY Y 314 13.06 -40.84 54.89
CA GLY Y 314 11.86 -40.60 54.12
C GLY Y 314 11.95 -41.22 52.74
N GLY Y 315 10.85 -41.85 52.29
CA GLY Y 315 10.79 -42.50 51.01
C GLY Y 315 9.74 -41.87 50.11
N PHE Y 316 10.08 -41.80 48.82
CA PHE Y 316 9.27 -41.16 47.79
C PHE Y 316 7.99 -41.93 47.46
N ASP Y 317 7.72 -43.03 48.15
CA ASP Y 317 6.41 -43.66 48.17
C ASP Y 317 5.49 -43.07 49.22
N ARG Y 318 5.74 -41.80 49.59
CA ARG Y 318 5.04 -41.08 50.65
C ARG Y 318 5.16 -41.80 51.99
N LYS Y 319 6.38 -42.15 52.40
CA LYS Y 319 6.58 -42.89 53.64
C LYS Y 319 7.64 -42.21 54.48
N ILE Y 320 7.52 -42.37 55.80
CA ILE Y 320 8.52 -41.91 56.74
C ILE Y 320 8.80 -43.05 57.73
N ARG Y 321 10.07 -43.25 58.06
CA ARG Y 321 10.47 -44.32 58.94
C ARG Y 321 11.43 -43.79 59.99
N LEU Y 322 11.06 -43.92 61.26
CA LEU Y 322 11.94 -43.65 62.38
C LEU Y 322 12.51 -44.98 62.86
N TRP Y 323 13.81 -45.19 62.62
CA TRP Y 323 14.43 -46.48 62.86
C TRP Y 323 15.56 -46.35 63.88
N ASP Y 324 15.64 -47.32 64.78
CA ASP Y 324 16.67 -47.35 65.80
C ASP Y 324 17.95 -47.94 65.22
N THR Y 325 19.06 -47.21 65.37
CA THR Y 325 20.33 -47.65 64.81
C THR Y 325 20.97 -48.76 65.63
N GLU Y 326 20.75 -48.75 66.96
CA GLU Y 326 21.38 -49.74 67.82
C GLU Y 326 20.77 -51.13 67.60
N THR Y 327 19.44 -51.22 67.60
CA THR Y 327 18.77 -52.49 67.42
C THR Y 327 18.55 -52.86 65.97
N GLY Y 328 18.67 -51.90 65.05
CA GLY Y 328 18.46 -52.18 63.64
C GLY Y 328 17.03 -52.56 63.29
N GLN Y 329 16.06 -51.91 63.91
CA GLN Y 329 14.65 -52.19 63.68
C GLN Y 329 13.90 -50.89 63.44
N CYS Y 330 12.93 -50.93 62.51
CA CYS Y 330 12.10 -49.76 62.24
C CYS Y 330 11.12 -49.55 63.38
N VAL Y 331 11.38 -48.54 64.22
CA VAL Y 331 10.56 -48.32 65.40
C VAL Y 331 9.19 -47.79 65.02
N ASN Y 332 9.14 -46.81 64.12
CA ASN Y 332 7.88 -46.17 63.75
C ASN Y 332 7.80 -45.98 62.24
N ARG Y 333 6.58 -46.13 61.71
CA ARG Y 333 6.30 -45.92 60.31
C ARG Y 333 5.12 -44.96 60.17
N PHE Y 334 5.21 -44.07 59.19
CA PHE Y 334 4.18 -43.06 58.95
C PHE Y 334 3.87 -42.99 57.46
N ASN Y 335 2.58 -43.06 57.13
CA ASN Y 335 2.11 -42.94 55.75
C ASN Y 335 1.27 -41.67 55.66
N ILE Y 336 1.91 -40.58 55.24
CA ILE Y 336 1.24 -39.28 55.18
C ILE Y 336 0.46 -39.11 53.88
N GLY Y 337 0.83 -39.85 52.84
CA GLY Y 337 0.20 -39.73 51.54
C GLY Y 337 0.82 -38.71 50.62
N LYS Y 338 1.82 -37.96 51.09
CA LYS Y 338 2.51 -36.97 50.28
C LYS Y 338 4.00 -37.27 50.30
N THR Y 339 4.66 -36.92 49.20
CA THR Y 339 6.09 -37.19 49.06
C THR Y 339 6.89 -36.27 49.98
N PRO Y 340 7.72 -36.82 50.87
CA PRO Y 340 8.50 -35.96 51.77
C PRO Y 340 9.78 -35.48 51.09
N HIS Y 341 10.05 -34.19 51.21
CA HIS Y 341 11.23 -33.58 50.60
C HIS Y 341 12.37 -33.46 51.61
N VAL Y 342 12.11 -32.85 52.75
CA VAL Y 342 13.14 -32.64 53.78
C VAL Y 342 12.58 -33.04 55.13
N ILE Y 343 13.41 -33.67 55.96
CA ILE Y 343 13.05 -34.03 57.33
C ILE Y 343 14.21 -33.65 58.24
N LYS Y 344 13.89 -32.99 59.36
CA LYS Y 344 14.92 -32.54 60.30
C LYS Y 344 14.41 -32.72 61.72
N PHE Y 345 15.17 -33.47 62.52
CA PHE Y 345 14.85 -33.59 63.94
C PHE Y 345 15.21 -32.30 64.66
N ASN Y 346 14.45 -32.00 65.71
CA ASN Y 346 14.69 -30.79 66.49
C ASN Y 346 15.94 -30.97 67.36
N PRO Y 347 16.93 -30.07 67.27
CA PRO Y 347 18.14 -30.24 68.07
C PRO Y 347 17.96 -29.89 69.54
N SER Y 348 16.84 -29.31 69.94
CA SER Y 348 16.61 -28.96 71.33
C SER Y 348 16.42 -30.22 72.17
N SER Y 349 16.98 -30.19 73.38
CA SER Y 349 16.87 -31.33 74.28
C SER Y 349 15.46 -31.49 74.85
N GLU Y 350 14.75 -30.37 75.05
CA GLU Y 350 13.39 -30.45 75.57
C GLU Y 350 12.42 -31.02 74.55
N ASN Y 351 12.64 -30.75 73.27
CA ASN Y 351 11.79 -31.24 72.19
C ASN Y 351 12.55 -32.19 71.26
N GLY Y 352 13.33 -33.09 71.84
CA GLY Y 352 14.12 -34.03 71.06
C GLY Y 352 13.30 -35.09 70.35
N HIS Y 353 12.09 -35.35 70.81
CA HIS Y 353 11.21 -36.33 70.18
C HIS Y 353 10.38 -35.75 69.05
N GLU Y 354 10.49 -34.44 68.79
CA GLU Y 354 9.74 -33.79 67.74
C GLU Y 354 10.63 -33.53 66.52
N PHE Y 355 10.01 -33.50 65.36
CA PHE Y 355 10.73 -33.27 64.11
C PHE Y 355 9.83 -32.49 63.16
N LEU Y 356 10.48 -31.78 62.22
CA LEU Y 356 9.77 -30.97 61.24
C LEU Y 356 10.13 -31.46 59.84
N ALA Y 357 9.11 -31.63 59.02
CA ALA Y 357 9.28 -32.13 57.66
C ALA Y 357 8.59 -31.20 56.66
N GLY Y 358 9.33 -30.83 55.63
CA GLY Y 358 8.79 -30.11 54.49
C GLY Y 358 8.48 -31.08 53.37
N LEU Y 359 7.24 -31.04 52.91
CA LEU Y 359 6.72 -31.97 51.90
C LEU Y 359 6.24 -31.21 50.68
N SER Y 360 6.39 -31.84 49.51
CA SER Y 360 6.21 -31.21 48.21
C SER Y 360 4.76 -30.90 47.88
N ASP Y 361 3.82 -31.13 48.80
CA ASP Y 361 2.46 -30.61 48.70
C ASP Y 361 2.34 -29.21 49.31
N LYS Y 362 3.46 -28.46 49.34
CA LYS Y 362 3.58 -27.17 50.02
C LYS Y 362 3.18 -27.30 51.50
N ARG Y 363 3.69 -28.34 52.15
CA ARG Y 363 3.28 -28.63 53.52
C ARG Y 363 4.48 -28.60 54.45
N ILE Y 364 4.27 -28.11 55.67
CA ILE Y 364 5.25 -28.18 56.75
C ILE Y 364 4.57 -28.85 57.94
N VAL Y 365 5.09 -30.01 58.33
CA VAL Y 365 4.48 -30.81 59.39
C VAL Y 365 5.48 -30.95 60.53
N GLN Y 366 5.12 -30.43 61.70
CA GLN Y 366 5.90 -30.59 62.91
C GLN Y 366 5.17 -31.55 63.84
N TYR Y 367 5.81 -32.66 64.18
CA TYR Y 367 5.13 -33.70 64.94
C TYR Y 367 6.13 -34.44 65.81
N ASP Y 368 5.62 -35.02 66.90
CA ASP Y 368 6.42 -35.80 67.82
C ASP Y 368 6.26 -37.29 67.51
N THR Y 369 7.21 -38.08 68.02
CA THR Y 369 7.22 -39.52 67.80
C THR Y 369 6.46 -40.30 68.88
N ARG Y 370 5.86 -39.61 69.84
CA ARG Y 370 5.13 -40.26 70.92
C ARG Y 370 3.64 -39.97 70.91
N ALA Y 371 3.17 -39.10 70.01
CA ALA Y 371 1.76 -38.72 69.95
C ALA Y 371 0.95 -39.61 69.01
N GLY Y 372 1.58 -40.61 68.39
CA GLY Y 372 0.87 -41.48 67.48
C GLY Y 372 1.00 -41.05 66.03
N ASN Y 373 0.02 -41.48 65.23
CA ASN Y 373 -0.02 -41.19 63.81
C ASN Y 373 -0.83 -39.93 63.49
N ASP Y 374 -0.95 -39.00 64.43
CA ASP Y 374 -1.69 -37.77 64.24
C ASP Y 374 -0.73 -36.59 64.16
N THR Y 375 -0.92 -35.74 63.15
CA THR Y 375 -0.07 -34.56 63.01
C THR Y 375 -0.37 -33.55 64.11
N VAL Y 376 0.67 -32.86 64.55
CA VAL Y 376 0.55 -31.89 65.65
C VAL Y 376 0.40 -30.49 65.08
N GLN Y 377 1.40 -30.04 64.32
CA GLN Y 377 1.40 -28.70 63.76
C GLN Y 377 1.51 -28.78 62.24
N GLU Y 378 0.64 -28.05 61.55
CA GLU Y 378 0.61 -28.02 60.10
C GLU Y 378 0.68 -26.58 59.60
N TYR Y 379 1.50 -26.35 58.58
CA TYR Y 379 1.66 -25.04 57.97
C TYR Y 379 1.53 -25.19 56.46
N ASP Y 380 0.67 -24.36 55.86
CA ASP Y 380 0.45 -24.39 54.42
C ASP Y 380 0.37 -22.99 53.84
N ARG Y 381 1.22 -22.08 54.30
CA ARG Y 381 1.25 -20.71 53.82
C ARG Y 381 2.08 -20.55 52.55
N HIS Y 382 2.75 -21.61 52.10
CA HIS Y 382 3.56 -21.55 50.89
C HIS Y 382 2.78 -22.07 49.69
N LEU Y 383 3.30 -21.77 48.50
CA LEU Y 383 2.69 -22.19 47.24
C LEU Y 383 3.61 -23.07 46.40
N GLY Y 384 4.67 -23.61 46.99
CA GLY Y 384 5.59 -24.46 46.28
C GLY Y 384 6.18 -25.53 47.18
N PRO Y 385 6.94 -26.45 46.59
CA PRO Y 385 7.55 -27.52 47.39
C PRO Y 385 8.68 -26.99 48.25
N ILE Y 386 8.55 -27.19 49.57
CA ILE Y 386 9.52 -26.67 50.53
C ILE Y 386 10.75 -27.56 50.54
N ASN Y 387 11.92 -26.94 50.48
CA ASN Y 387 13.19 -27.65 50.49
C ASN Y 387 14.06 -27.25 51.68
N THR Y 388 13.83 -26.09 52.27
CA THR Y 388 14.67 -25.56 53.35
C THR Y 388 13.90 -25.52 54.66
N ILE Y 389 14.64 -25.74 55.75
CA ILE Y 389 14.16 -25.71 57.13
C ILE Y 389 15.40 -25.51 58.00
N GLU Y 390 15.40 -24.47 58.82
CA GLU Y 390 16.58 -24.18 59.63
C GLU Y 390 16.16 -23.66 61.00
N TYR Y 391 16.63 -24.33 62.05
CA TYR Y 391 16.37 -23.88 63.40
C TYR Y 391 17.25 -22.68 63.73
N ILE Y 392 16.61 -21.58 64.11
CA ILE Y 392 17.31 -20.34 64.44
C ILE Y 392 16.75 -19.79 65.74
N ASP Y 393 17.55 -18.95 66.40
CA ASP Y 393 17.23 -18.31 67.67
C ASP Y 393 16.89 -19.33 68.76
N GLU Y 394 17.88 -20.18 69.06
CA GLU Y 394 17.78 -21.25 70.06
C GLU Y 394 16.61 -22.20 69.76
N ASN Y 395 16.53 -22.64 68.50
CA ASN Y 395 15.51 -23.58 68.02
C ASN Y 395 14.09 -23.09 68.26
N ARG Y 396 13.87 -21.78 68.11
CA ARG Y 396 12.54 -21.19 68.24
C ARG Y 396 12.01 -20.65 66.92
N ARG Y 397 12.83 -20.61 65.88
CA ARG Y 397 12.43 -20.12 64.57
C ARG Y 397 12.79 -21.16 63.49
N PHE Y 398 12.03 -21.13 62.41
CA PHE Y 398 12.21 -22.05 61.30
C PHE Y 398 12.36 -21.27 60.00
N MET Y 399 13.33 -21.67 59.18
CA MET Y 399 13.61 -21.02 57.90
C MET Y 399 13.18 -21.94 56.75
N SER Y 400 12.05 -21.60 56.14
CA SER Y 400 11.45 -22.40 55.08
C SER Y 400 11.56 -21.66 53.75
N THR Y 401 12.17 -22.31 52.77
CA THR Y 401 12.20 -21.81 51.40
C THR Y 401 11.57 -22.85 50.49
N SER Y 402 10.89 -22.37 49.44
CA SER Y 402 10.17 -23.24 48.53
C SER Y 402 10.63 -22.92 47.11
N ASP Y 403 9.94 -23.52 46.13
CA ASP Y 403 10.27 -23.30 44.73
C ASP Y 403 9.68 -22.01 44.17
N ASP Y 404 8.88 -21.30 44.96
CA ASP Y 404 8.27 -20.05 44.52
C ASP Y 404 9.15 -18.83 44.82
N ARG Y 405 10.46 -19.04 45.00
CA ARG Y 405 11.46 -18.00 45.28
C ARG Y 405 11.08 -17.19 46.52
N SER Y 406 10.78 -17.86 47.62
CA SER Y 406 10.39 -17.21 48.86
C SER Y 406 11.21 -17.77 50.01
N LEU Y 407 11.38 -16.96 51.05
CA LEU Y 407 12.07 -17.34 52.27
C LEU Y 407 11.27 -16.83 53.46
N LYS Y 408 10.81 -17.74 54.31
CA LYS Y 408 9.94 -17.40 55.42
C LYS Y 408 10.61 -17.82 56.73
N VAL Y 409 10.69 -16.88 57.66
CA VAL Y 409 11.08 -17.17 59.04
C VAL Y 409 9.83 -17.21 59.90
N TRP Y 410 9.58 -18.35 60.52
CA TRP Y 410 8.33 -18.58 61.25
C TRP Y 410 8.63 -19.01 62.68
N GLU Y 411 7.66 -18.78 63.56
CA GLU Y 411 7.77 -19.15 64.96
C GLU Y 411 7.50 -20.64 65.14
N TYR Y 412 8.02 -21.19 66.24
CA TYR Y 412 7.85 -22.60 66.54
C TYR Y 412 6.49 -22.83 67.19
N GLY Y 413 5.68 -23.70 66.58
CA GLY Y 413 4.37 -24.01 67.10
C GLY Y 413 3.28 -23.02 66.75
N ILE Y 414 3.58 -21.99 65.97
CA ILE Y 414 2.61 -20.97 65.57
C ILE Y 414 2.25 -21.22 64.11
N PRO Y 415 0.97 -21.18 63.74
CA PRO Y 415 0.58 -21.40 62.35
C PRO Y 415 0.67 -20.18 61.45
N VAL Y 416 1.24 -19.08 61.94
CA VAL Y 416 1.39 -17.85 61.17
C VAL Y 416 2.86 -17.51 61.09
N GLU Y 417 3.35 -17.25 59.87
CA GLU Y 417 4.74 -16.91 59.67
C GLU Y 417 5.03 -15.51 60.20
N ILE Y 418 6.27 -15.30 60.64
CA ILE Y 418 6.69 -14.03 61.21
C ILE Y 418 7.20 -13.08 60.13
N LYS Y 419 8.14 -13.54 59.31
CA LYS Y 419 8.71 -12.72 58.25
C LYS Y 419 8.74 -13.50 56.95
N THR Y 420 8.55 -12.79 55.84
CA THR Y 420 8.54 -13.40 54.51
C THR Y 420 9.20 -12.46 53.52
N ILE Y 421 10.21 -12.94 52.82
CA ILE Y 421 10.92 -12.18 51.79
C ILE Y 421 10.93 -13.01 50.51
N SER Y 422 10.34 -12.46 49.45
CA SER Y 422 10.27 -13.15 48.17
C SER Y 422 10.50 -12.12 47.06
N GLU Y 423 11.76 -11.95 46.67
CA GLU Y 423 12.08 -10.97 45.64
C GLU Y 423 11.95 -11.59 44.26
N PRO Y 424 11.58 -10.80 43.25
CA PRO Y 424 11.48 -11.36 41.89
C PRO Y 424 12.83 -11.66 41.26
N ASP Y 425 13.85 -10.86 41.59
CA ASP Y 425 15.19 -11.10 41.07
C ASP Y 425 15.92 -12.20 41.82
N MET Y 426 15.41 -12.65 42.96
CA MET Y 426 16.03 -13.72 43.71
C MET Y 426 15.68 -15.07 43.11
N PHE Y 427 16.67 -15.96 43.06
CA PHE Y 427 16.47 -17.30 42.53
C PHE Y 427 15.99 -18.25 43.62
N ALA Y 428 15.61 -19.45 43.21
CA ALA Y 428 15.16 -20.46 44.15
C ALA Y 428 16.34 -21.00 44.96
N LEU Y 429 16.13 -21.15 46.27
CA LEU Y 429 17.15 -21.67 47.16
C LEU Y 429 17.09 -23.19 47.17
N THR Y 430 18.16 -23.83 46.67
CA THR Y 430 18.19 -25.29 46.56
C THR Y 430 18.63 -25.96 47.85
N LYS Y 431 19.66 -25.44 48.51
CA LYS Y 431 20.17 -26.07 49.72
C LYS Y 431 20.43 -25.00 50.78
N SER Y 432 20.39 -25.42 52.04
CA SER Y 432 20.62 -24.52 53.16
C SER Y 432 21.60 -25.16 54.14
N ALA Y 433 22.35 -24.31 54.83
CA ALA Y 433 23.31 -24.78 55.83
C ALA Y 433 23.43 -23.72 56.92
N GLN Y 434 23.55 -24.18 58.17
CA GLN Y 434 23.67 -23.27 59.30
C GLN Y 434 25.13 -23.15 59.72
N HIS Y 435 25.60 -21.92 59.91
CA HIS Y 435 26.96 -21.69 60.34
C HIS Y 435 27.12 -22.06 61.82
N PRO Y 436 28.36 -22.31 62.26
CA PRO Y 436 28.58 -22.62 63.67
C PRO Y 436 28.26 -21.46 64.61
N ASN Y 437 28.36 -20.22 64.16
CA ASN Y 437 28.04 -19.07 64.99
C ASN Y 437 26.54 -18.87 65.19
N GLY Y 438 25.71 -19.41 64.30
CA GLY Y 438 24.28 -19.28 64.42
C GLY Y 438 23.70 -17.95 63.98
N LYS Y 439 24.51 -17.06 63.45
CA LYS Y 439 24.05 -15.74 63.01
C LYS Y 439 23.77 -15.67 61.52
N TYR Y 440 24.49 -16.44 60.71
CA TYR Y 440 24.33 -16.43 59.26
C TYR Y 440 24.00 -17.82 58.75
N VAL Y 441 23.19 -17.87 57.70
CA VAL Y 441 22.81 -19.12 57.04
C VAL Y 441 23.29 -19.04 55.60
N LEU Y 442 23.98 -20.08 55.15
CA LEU Y 442 24.51 -20.15 53.79
C LEU Y 442 23.55 -20.93 52.92
N TYR Y 443 23.06 -20.29 51.85
CA TYR Y 443 22.08 -20.88 50.96
C TYR Y 443 22.70 -21.06 49.58
N GLN Y 444 22.67 -22.29 49.08
CA GLN Y 444 23.04 -22.57 47.71
C GLN Y 444 21.79 -22.44 46.85
N CYS Y 445 21.83 -21.51 45.89
CA CYS Y 445 20.67 -21.11 45.12
C CYS Y 445 20.84 -21.50 43.66
N SER Y 446 19.71 -21.70 42.99
CA SER Y 446 19.61 -22.32 41.67
C SER Y 446 20.22 -21.50 40.55
N ASP Y 447 20.72 -20.29 40.83
CA ASP Y 447 21.50 -19.52 39.87
C ASP Y 447 22.98 -19.87 39.94
N ASN Y 448 23.30 -21.10 40.39
CA ASN Y 448 24.66 -21.55 40.70
C ASN Y 448 25.34 -20.59 41.66
N SER Y 449 24.60 -20.18 42.70
CA SER Y 449 25.05 -19.12 43.58
C SER Y 449 25.12 -19.60 45.01
N ILE Y 450 25.92 -18.90 45.81
CA ILE Y 450 26.00 -19.12 47.25
C ILE Y 450 25.82 -17.78 47.94
N VAL Y 451 24.77 -17.67 48.76
CA VAL Y 451 24.43 -16.42 49.42
C VAL Y 451 24.43 -16.62 50.92
N ALA Y 452 24.53 -15.51 51.64
CA ALA Y 452 24.49 -15.50 53.10
C ALA Y 452 23.30 -14.67 53.56
N TYR Y 453 22.57 -15.18 54.54
CA TYR Y 453 21.42 -14.48 55.11
C TYR Y 453 21.62 -14.37 56.61
N SER Y 454 21.62 -13.15 57.13
CA SER Y 454 21.74 -12.93 58.57
C SER Y 454 20.35 -12.94 59.20
N CYS Y 455 20.14 -13.83 60.16
CA CYS Y 455 18.87 -13.97 60.86
C CYS Y 455 18.98 -13.61 62.32
N SER Y 456 20.05 -12.90 62.72
CA SER Y 456 20.22 -12.48 64.10
C SER Y 456 19.22 -11.39 64.46
N GLY Y 457 18.59 -11.54 65.62
CA GLY Y 457 17.57 -10.59 66.02
C GLY Y 457 16.29 -10.75 65.22
N ASP Y 458 15.51 -9.68 65.13
CA ASP Y 458 14.25 -9.68 64.41
C ASP Y 458 14.41 -9.28 62.94
N LYS Y 459 15.62 -8.94 62.51
CA LYS Y 459 15.87 -8.51 61.13
C LYS Y 459 16.70 -9.59 60.43
N PHE Y 460 16.07 -10.31 59.52
CA PHE Y 460 16.73 -11.32 58.70
C PHE Y 460 16.85 -10.78 57.28
N ARG Y 461 18.08 -10.49 56.85
CA ARG Y 461 18.32 -9.89 55.55
C ARG Y 461 19.50 -10.57 54.88
N GLN Y 462 19.47 -10.59 53.55
CA GLN Y 462 20.59 -11.16 52.79
C GLN Y 462 21.76 -10.18 52.74
N HIS Y 463 22.96 -10.73 52.60
CA HIS Y 463 24.18 -9.95 52.48
C HIS Y 463 24.69 -10.10 51.05
N ARG Y 464 24.49 -9.06 50.23
CA ARG Y 464 24.91 -9.11 48.83
C ARG Y 464 26.41 -8.99 48.66
N LYS Y 465 27.13 -8.52 49.68
CA LYS Y 465 28.59 -8.42 49.58
C LYS Y 465 29.24 -9.80 49.57
N LYS Y 466 28.74 -10.71 50.40
CA LYS Y 466 29.29 -12.06 50.45
C LYS Y 466 28.68 -12.91 49.35
N ALA Y 467 29.50 -13.32 48.38
CA ALA Y 467 29.03 -14.12 47.27
C ALA Y 467 30.13 -15.08 46.86
N TRP Y 468 29.87 -16.38 46.98
CA TRP Y 468 30.81 -17.42 46.60
C TRP Y 468 30.38 -17.98 45.25
N ARG Y 469 31.25 -17.85 44.25
CA ARG Y 469 30.97 -18.29 42.90
C ARG Y 469 32.18 -19.05 42.36
N GLY Y 470 31.93 -19.88 41.34
CA GLY Y 470 32.98 -20.67 40.74
C GLY Y 470 32.56 -22.10 40.47
N HIS Y 471 31.29 -22.40 40.76
CA HIS Y 471 30.74 -23.73 40.53
C HIS Y 471 29.41 -23.59 39.80
N ASN Y 472 29.09 -24.62 39.02
CA ASN Y 472 27.86 -24.66 38.24
C ASN Y 472 26.94 -25.75 38.79
N THR Y 473 25.70 -25.37 39.07
CA THR Y 473 24.70 -26.30 39.58
C THR Y 473 23.51 -26.49 38.65
N ALA Y 474 23.16 -25.46 37.87
CA ALA Y 474 22.03 -25.48 36.93
C ALA Y 474 20.71 -25.86 37.61
N GLY Y 475 20.50 -25.36 38.83
CA GLY Y 475 19.27 -25.63 39.56
C GLY Y 475 19.24 -26.95 40.30
N SER Y 476 20.31 -27.73 40.27
CA SER Y 476 20.35 -29.01 40.96
C SER Y 476 20.57 -28.80 42.45
N ALA Y 477 19.94 -29.65 43.26
CA ALA Y 477 20.05 -29.58 44.71
C ALA Y 477 21.36 -30.22 45.14
N ILE Y 478 22.38 -29.39 45.34
CA ILE Y 478 23.71 -29.84 45.73
C ILE Y 478 23.94 -29.39 47.17
N GLY Y 479 24.25 -30.35 48.04
CA GLY Y 479 24.47 -30.02 49.45
C GLY Y 479 25.78 -29.30 49.67
N LEU Y 480 25.79 -28.46 50.70
CA LEU Y 480 26.96 -27.70 51.08
C LEU Y 480 27.17 -27.82 52.59
N THR Y 481 28.38 -27.51 53.04
CA THR Y 481 28.72 -27.64 54.44
C THR Y 481 29.72 -26.55 54.83
N CYS Y 482 29.83 -26.32 56.12
CA CYS Y 482 30.76 -25.35 56.68
C CYS Y 482 31.63 -26.01 57.74
N SER Y 483 32.83 -25.48 57.91
CA SER Y 483 33.75 -26.03 58.90
C SER Y 483 33.27 -25.67 60.31
N PRO Y 484 33.74 -26.42 61.32
CA PRO Y 484 33.37 -26.10 62.70
C PRO Y 484 33.86 -24.73 63.17
N ASP Y 485 34.98 -24.26 62.63
CA ASP Y 485 35.50 -22.94 62.96
C ASP Y 485 34.88 -21.82 62.11
N GLY Y 486 34.09 -22.18 61.10
CA GLY Y 486 33.47 -21.18 60.26
C GLY Y 486 34.39 -20.47 59.30
N GLN Y 487 35.52 -21.09 58.93
CA GLN Y 487 36.49 -20.46 58.05
C GLN Y 487 36.43 -20.98 56.62
N PHE Y 488 36.05 -22.24 56.43
CA PHE Y 488 36.00 -22.85 55.10
C PHE Y 488 34.61 -23.40 54.83
N VAL Y 489 34.14 -23.19 53.60
CA VAL Y 489 32.84 -23.68 53.16
C VAL Y 489 33.07 -24.59 51.96
N ALA Y 490 32.50 -25.79 52.01
CA ALA Y 490 32.65 -26.79 50.97
C ALA Y 490 31.32 -26.97 50.25
N SER Y 491 31.38 -27.06 48.92
CA SER Y 491 30.19 -27.21 48.11
C SER Y 491 30.49 -28.15 46.94
N GLY Y 492 29.42 -28.73 46.38
CA GLY Y 492 29.58 -29.61 45.24
C GLY Y 492 29.50 -28.86 43.92
N ASP Y 493 29.98 -29.53 42.87
CA ASP Y 493 29.98 -28.97 41.52
C ASP Y 493 29.72 -30.10 40.53
N THR Y 494 28.84 -29.82 39.56
CA THR Y 494 28.29 -30.82 38.66
C THR Y 494 29.33 -31.39 37.70
N SER Y 495 30.51 -30.80 37.60
CA SER Y 495 31.62 -31.39 36.86
C SER Y 495 32.39 -32.44 37.67
N GLY Y 496 31.76 -33.00 38.70
CA GLY Y 496 32.42 -33.91 39.60
C GLY Y 496 33.47 -33.25 40.48
N SER Y 497 33.17 -32.07 41.00
CA SER Y 497 34.15 -31.30 41.74
C SER Y 497 33.65 -30.95 43.14
N VAL Y 498 34.59 -30.69 44.04
CA VAL Y 498 34.30 -30.20 45.37
C VAL Y 498 35.09 -28.92 45.56
N CYS Y 499 34.38 -27.82 45.81
CA CYS Y 499 35.00 -26.51 45.93
C CYS Y 499 34.99 -26.05 47.39
N PHE Y 500 36.17 -25.72 47.89
CA PHE Y 500 36.34 -25.20 49.25
C PHE Y 500 36.78 -23.74 49.15
N TRP Y 501 36.04 -22.87 49.82
CA TRP Y 501 36.27 -21.43 49.73
C TRP Y 501 36.33 -20.81 51.12
N ASP Y 502 37.09 -19.73 51.24
CA ASP Y 502 37.16 -19.00 52.50
C ASP Y 502 35.85 -18.26 52.74
N PHE Y 503 35.34 -18.34 53.97
CA PHE Y 503 34.07 -17.71 54.28
C PHE Y 503 34.19 -16.20 54.40
N LYS Y 504 35.30 -15.73 54.99
CA LYS Y 504 35.46 -14.29 55.21
C LYS Y 504 35.70 -13.53 53.91
N THR Y 505 36.60 -14.04 53.07
CA THR Y 505 36.98 -13.35 51.85
C THR Y 505 36.08 -13.69 50.67
N CYS Y 506 35.26 -14.74 50.78
CA CYS Y 506 34.37 -15.22 49.71
C CYS Y 506 35.14 -15.51 48.43
N LYS Y 507 36.31 -16.11 48.59
CA LYS Y 507 37.19 -16.45 47.48
C LYS Y 507 37.39 -17.95 47.43
N LEU Y 508 37.32 -18.53 46.24
CA LEU Y 508 37.48 -19.96 46.05
C LEU Y 508 38.94 -20.33 46.29
N TYR Y 509 39.19 -21.23 47.25
CA TYR Y 509 40.54 -21.62 47.61
C TYR Y 509 40.99 -22.87 46.87
N SER Y 510 40.21 -23.95 46.96
CA SER Y 510 40.59 -25.23 46.36
C SER Y 510 39.41 -25.81 45.58
N LYS Y 511 39.75 -26.57 44.54
CA LYS Y 511 38.75 -27.25 43.70
C LYS Y 511 39.28 -28.66 43.42
N LEU Y 512 38.84 -29.62 44.22
CA LEU Y 512 39.31 -31.00 44.12
C LEU Y 512 38.40 -31.79 43.18
N THR Y 513 39.01 -32.50 42.23
CA THR Y 513 38.27 -33.32 41.27
C THR Y 513 37.94 -34.64 41.94
N ALA Y 514 36.79 -34.68 42.63
CA ALA Y 514 36.37 -35.90 43.31
C ALA Y 514 35.92 -36.97 42.32
N ASP Y 515 35.26 -36.58 41.23
CA ASP Y 515 34.78 -37.51 40.21
C ASP Y 515 35.32 -37.06 38.86
N SER Y 516 36.01 -37.97 38.17
CA SER Y 516 36.57 -37.69 36.86
C SER Y 516 35.57 -37.92 35.73
N ALA Y 517 34.41 -38.49 36.01
CA ALA Y 517 33.40 -38.77 34.99
C ALA Y 517 32.39 -37.64 34.83
N GLY Y 518 32.53 -36.55 35.60
CA GLY Y 518 31.60 -35.45 35.49
C GLY Y 518 30.25 -35.67 36.11
N GLY Y 519 30.12 -36.62 37.03
CA GLY Y 519 28.86 -36.86 37.68
C GLY Y 519 28.49 -35.78 38.67
N ILE Y 520 27.20 -35.68 38.95
CA ILE Y 520 26.69 -34.67 39.87
C ILE Y 520 26.96 -35.13 41.30
N ILE Y 521 27.61 -34.26 42.08
CA ILE Y 521 27.96 -34.55 43.47
C ILE Y 521 26.86 -34.01 44.36
N ASN Y 522 26.31 -34.86 45.22
CA ASN Y 522 25.19 -34.49 46.07
C ASN Y 522 25.54 -34.44 47.55
N CYS Y 523 26.71 -34.94 47.95
CA CYS Y 523 27.08 -35.01 49.36
C CYS Y 523 28.29 -34.13 49.62
N VAL Y 524 28.26 -33.43 50.74
CA VAL Y 524 29.33 -32.55 51.22
C VAL Y 524 29.14 -32.39 52.72
N ALA Y 525 30.13 -32.80 53.51
CA ALA Y 525 30.04 -32.66 54.95
C ALA Y 525 31.44 -32.72 55.56
N TRP Y 526 31.64 -31.91 56.59
CA TRP Y 526 32.90 -31.86 57.32
C TRP Y 526 32.72 -32.48 58.69
N SER Y 527 33.66 -33.34 59.08
CA SER Y 527 33.58 -33.99 60.39
C SER Y 527 33.83 -32.98 61.50
N GLU Y 528 33.02 -33.08 62.56
CA GLU Y 528 33.15 -32.16 63.69
C GLU Y 528 34.37 -32.45 64.56
N GLN Y 529 34.99 -33.63 64.42
CA GLN Y 529 36.16 -33.98 65.20
C GLN Y 529 37.41 -34.15 64.36
N GLU Y 530 37.33 -33.93 63.05
CA GLU Y 530 38.48 -34.05 62.16
C GLU Y 530 38.73 -32.73 61.45
N THR Y 531 40.01 -32.43 61.23
CA THR Y 531 40.38 -31.15 60.64
C THR Y 531 40.08 -31.09 59.15
N SER Y 532 40.37 -32.17 58.43
CA SER Y 532 40.33 -32.16 56.97
C SER Y 532 39.59 -33.38 56.43
N LYS Y 533 38.41 -33.67 56.98
CA LYS Y 533 37.58 -34.78 56.52
C LYS Y 533 36.40 -34.21 55.73
N VAL Y 534 36.17 -34.75 54.54
CA VAL Y 534 35.10 -34.31 53.65
C VAL Y 534 34.25 -35.51 53.29
N PHE Y 535 32.93 -35.35 53.39
CA PHE Y 535 31.97 -36.40 53.04
C PHE Y 535 31.35 -36.06 51.69
N THR Y 536 32.02 -36.45 50.62
CA THR Y 536 31.62 -36.16 49.25
C THR Y 536 31.22 -37.44 48.53
N ALA Y 537 30.00 -37.46 48.01
CA ALA Y 537 29.50 -38.56 47.21
C ALA Y 537 28.78 -38.00 45.99
N GLY Y 538 28.84 -38.73 44.88
CA GLY Y 538 28.26 -38.31 43.63
C GLY Y 538 27.20 -39.27 43.15
N ALA Y 539 26.95 -39.22 41.84
CA ALA Y 539 25.98 -40.11 41.21
C ALA Y 539 26.55 -41.49 40.90
N LYS Y 540 27.84 -41.71 41.14
CA LYS Y 540 28.47 -43.00 40.92
C LYS Y 540 28.36 -43.92 42.14
N GLY Y 541 27.75 -43.44 43.22
CA GLY Y 541 27.58 -44.26 44.41
C GLY Y 541 28.84 -44.46 45.22
N GLU Y 542 29.84 -43.59 45.06
CA GLU Y 542 31.07 -43.67 45.82
C GLU Y 542 31.19 -42.48 46.76
N ILE Y 543 31.42 -42.77 48.04
CA ILE Y 543 31.55 -41.75 49.08
C ILE Y 543 33.02 -41.63 49.43
N LYS Y 544 33.61 -40.49 49.13
CA LYS Y 544 35.02 -40.25 49.40
C LYS Y 544 35.24 -39.78 50.83
N THR Z 2 1.08 8.90 18.25
CA THR Z 2 0.63 7.52 18.10
C THR Z 2 0.29 7.22 16.65
N THR Z 3 0.24 5.94 16.32
CA THR Z 3 -0.20 5.51 15.00
C THR Z 3 -1.47 4.67 15.05
N ALA Z 4 -2.26 4.81 16.11
CA ALA Z 4 -3.63 4.35 16.06
C ALA Z 4 -4.44 5.10 15.01
N HIS Z 5 -4.29 6.42 14.97
CA HIS Z 5 -4.98 7.24 14.00
C HIS Z 5 -4.24 7.30 12.67
N ARG Z 6 -4.84 6.81 11.60
CA ARG Z 6 -4.06 6.53 10.39
C ARG Z 6 -4.76 6.95 9.10
N PRO Z 7 -3.98 7.25 8.06
CA PRO Z 7 -4.55 7.43 6.73
C PRO Z 7 -4.83 6.09 6.07
N THR Z 8 -5.31 6.18 4.83
CA THR Z 8 -5.51 5.01 3.98
C THR Z 8 -4.56 5.11 2.81
N PHE Z 9 -3.73 4.10 2.63
CA PHE Z 9 -2.86 3.98 1.49
C PHE Z 9 -3.22 2.81 0.60
N ASP Z 10 -3.93 1.82 1.14
CA ASP Z 10 -4.47 0.70 0.39
C ASP Z 10 -5.96 0.62 0.71
N PRO Z 11 -6.80 1.30 -0.06
CA PRO Z 11 -8.24 1.21 0.18
C PRO Z 11 -8.79 -0.17 -0.12
N ALA Z 12 -9.92 -0.48 0.52
CA ALA Z 12 -10.53 -1.81 0.44
C ALA Z 12 -10.99 -2.12 -0.97
N ARG Z 13 -10.82 -3.39 -1.35
CA ARG Z 13 -11.05 -3.84 -2.72
C ARG Z 13 -12.36 -4.60 -2.81
N GLY Z 14 -13.02 -4.47 -3.95
CA GLY Z 14 -14.31 -5.10 -4.13
C GLY Z 14 -14.21 -6.61 -4.20
N LYS Z 15 -15.23 -7.27 -3.70
CA LYS Z 15 -15.31 -8.71 -3.70
C LYS Z 15 -16.42 -9.18 -4.63
N GLU Z 16 -16.25 -10.39 -5.14
CA GLU Z 16 -17.34 -11.08 -5.79
C GLU Z 16 -18.40 -11.43 -4.75
N ALA Z 17 -19.64 -11.63 -5.20
CA ALA Z 17 -20.71 -12.01 -4.29
C ALA Z 17 -20.49 -13.42 -3.73
N LEU Z 18 -21.15 -13.70 -2.60
CA LEU Z 18 -21.07 -15.01 -1.97
C LEU Z 18 -22.00 -15.99 -2.67
N ARG Z 19 -21.47 -17.17 -2.98
CA ARG Z 19 -22.24 -18.21 -3.67
C ARG Z 19 -22.80 -19.17 -2.61
N GLY Z 20 -23.80 -18.65 -1.88
CA GLY Z 20 -24.36 -19.39 -0.77
C GLY Z 20 -25.86 -19.55 -0.89
N PRO Z 21 -26.45 -20.36 -0.01
CA PRO Z 21 -27.90 -20.52 -0.01
C PRO Z 21 -28.59 -19.27 0.50
N ALA Z 22 -29.72 -18.95 -0.10
CA ALA Z 22 -30.44 -17.71 0.19
C ALA Z 22 -31.42 -17.92 1.34
N TYR Z 23 -31.19 -17.20 2.44
CA TYR Z 23 -32.15 -17.13 3.54
C TYR Z 23 -32.36 -15.69 3.95
N HIS Z 24 -31.29 -14.92 3.92
CA HIS Z 24 -31.33 -13.51 4.29
C HIS Z 24 -32.08 -12.72 3.23
N GLN Z 25 -32.89 -11.76 3.68
CA GLN Z 25 -33.59 -10.84 2.79
C GLN Z 25 -32.87 -9.49 2.79
N ARG Z 26 -32.48 -9.03 1.60
CA ARG Z 26 -31.71 -7.80 1.51
C ARG Z 26 -32.44 -6.67 0.79
N LEU Z 27 -32.79 -6.84 -0.48
CA LEU Z 27 -33.42 -5.78 -1.25
C LEU Z 27 -34.88 -6.13 -1.46
N LEU Z 28 -35.76 -5.32 -0.90
CA LEU Z 28 -37.16 -5.44 -1.24
C LEU Z 28 -37.37 -4.96 -2.68
N PRO Z 29 -38.16 -5.68 -3.47
CA PRO Z 29 -38.43 -5.25 -4.85
C PRO Z 29 -39.09 -3.89 -4.92
N ALA Z 30 -38.70 -3.12 -5.93
CA ALA Z 30 -39.20 -1.77 -6.14
C ALA Z 30 -38.89 -1.36 -7.57
N TYR Z 31 -39.84 -0.70 -8.21
CA TYR Z 31 -39.74 -0.22 -9.58
C TYR Z 31 -39.30 -1.33 -10.51
N THR Z 32 -40.02 -2.43 -10.47
CA THR Z 32 -39.66 -3.64 -11.20
C THR Z 32 -40.01 -3.57 -12.68
N THR Z 33 -40.57 -2.46 -13.15
CA THR Z 33 -40.95 -2.30 -14.54
C THR Z 33 -40.16 -1.16 -15.16
N LEU Z 34 -39.41 -1.47 -16.21
CA LEU Z 34 -38.63 -0.46 -16.90
C LEU Z 34 -39.53 0.33 -17.83
N LYS Z 35 -39.39 1.65 -17.79
CA LYS Z 35 -40.09 2.52 -18.73
C LYS Z 35 -39.24 2.69 -19.98
N PHE Z 36 -39.90 2.78 -21.12
CA PHE Z 36 -39.23 2.97 -22.39
C PHE Z 36 -39.72 4.26 -23.02
N ARG Z 37 -38.88 4.84 -23.87
CA ARG Z 37 -39.23 6.08 -24.53
C ARG Z 37 -40.36 5.82 -25.53
N GLN Z 38 -41.53 6.38 -25.25
CA GLN Z 38 -42.65 6.26 -26.16
C GLN Z 38 -42.41 7.10 -27.41
N PRO Z 39 -43.08 6.76 -28.51
CA PRO Z 39 -43.08 7.65 -29.68
C PRO Z 39 -43.66 9.01 -29.31
N GLY Z 40 -42.85 10.05 -29.49
CA GLY Z 40 -43.13 11.37 -29.01
C GLY Z 40 -42.22 11.81 -27.87
N GLN Z 41 -41.62 10.85 -27.16
CA GLN Z 41 -40.64 11.14 -26.13
C GLN Z 41 -39.22 11.15 -26.68
N GLY Z 42 -39.06 11.05 -27.99
CA GLY Z 42 -37.77 11.16 -28.63
C GLY Z 42 -36.88 9.95 -28.39
N GLY Z 43 -35.61 10.13 -28.72
CA GLY Z 43 -34.59 9.13 -28.42
C GLY Z 43 -34.51 7.94 -29.34
N ALA Z 44 -35.64 7.27 -29.58
CA ALA Z 44 -35.68 6.08 -30.42
C ALA Z 44 -35.84 6.42 -31.90
N ALA Z 45 -34.99 7.33 -32.38
CA ALA Z 45 -35.02 7.75 -33.79
C ALA Z 45 -33.68 8.38 -34.11
N ASP Z 46 -32.89 7.72 -34.95
CA ASP Z 46 -31.61 8.25 -35.41
C ASP Z 46 -31.72 8.55 -36.90
N LYS Z 47 -31.52 9.82 -37.26
CA LYS Z 47 -31.74 10.24 -38.64
C LYS Z 47 -30.46 10.15 -39.48
N SER Z 48 -29.43 10.93 -39.13
CA SER Z 48 -28.14 10.96 -39.80
C SER Z 48 -27.21 11.87 -39.02
N THR Z 49 -26.05 12.20 -39.59
CA THR Z 49 -25.14 13.12 -38.92
C THR Z 49 -25.29 14.54 -39.47
N ARG Z 50 -25.30 14.69 -40.79
CA ARG Z 50 -25.39 16.02 -41.40
C ARG Z 50 -26.73 16.68 -41.11
N ASP Z 51 -27.81 15.90 -41.07
CA ASP Z 51 -29.10 16.47 -40.68
C ASP Z 51 -29.07 16.98 -39.24
N LEU Z 52 -28.41 16.24 -38.35
CA LEU Z 52 -28.26 16.70 -36.97
C LEU Z 52 -27.43 17.97 -36.89
N ARG Z 53 -26.33 18.04 -37.68
CA ARG Z 53 -25.50 19.23 -37.67
C ARG Z 53 -26.27 20.44 -38.20
N ALA Z 54 -27.07 20.24 -39.25
CA ALA Z 54 -27.87 21.32 -39.81
C ALA Z 54 -28.92 21.80 -38.81
N GLU Z 55 -29.60 20.87 -38.13
CA GLU Z 55 -30.60 21.25 -37.15
C GLU Z 55 -29.98 21.98 -35.97
N LEU Z 56 -28.80 21.53 -35.52
CA LEU Z 56 -28.10 22.20 -34.44
C LEU Z 56 -27.71 23.62 -34.83
N GLU Z 57 -27.14 23.79 -36.03
CA GLU Z 57 -26.71 25.13 -36.44
C GLU Z 57 -27.89 26.04 -36.68
N ALA Z 58 -29.03 25.49 -37.13
CA ALA Z 58 -30.23 26.29 -37.27
C ALA Z 58 -30.76 26.74 -35.91
N ALA Z 59 -30.71 25.86 -34.90
CA ALA Z 59 -31.15 26.25 -33.56
C ALA Z 59 -30.23 27.32 -32.95
N GLU Z 60 -28.93 27.18 -33.15
CA GLU Z 60 -27.98 28.21 -32.69
C GLU Z 60 -28.21 29.54 -33.39
N ALA Z 61 -28.43 29.52 -34.71
CA ALA Z 61 -28.71 30.76 -35.42
C ALA Z 61 -30.03 31.37 -34.98
N ALA Z 62 -31.02 30.55 -34.67
CA ALA Z 62 -32.29 31.05 -34.16
C ALA Z 62 -32.12 31.72 -32.80
N HIS Z 63 -31.33 31.11 -31.91
CA HIS Z 63 -31.10 31.72 -30.61
C HIS Z 63 -30.32 33.03 -30.73
N TYR Z 64 -29.31 33.07 -31.61
CA TYR Z 64 -28.59 34.33 -31.81
C TYR Z 64 -29.44 35.40 -32.46
N ALA Z 65 -30.36 35.01 -33.35
CA ALA Z 65 -31.30 35.97 -33.91
C ALA Z 65 -32.24 36.52 -32.85
N LYS Z 66 -32.73 35.65 -31.96
CA LYS Z 66 -33.60 36.10 -30.87
C LYS Z 66 -32.86 37.00 -29.89
N LEU Z 67 -31.60 36.66 -29.59
CA LEU Z 67 -30.80 37.50 -28.70
C LEU Z 67 -30.52 38.86 -29.33
N LYS Z 68 -30.16 38.89 -30.62
CA LYS Z 68 -29.93 40.17 -31.28
C LYS Z 68 -31.22 40.95 -31.46
N GLY Z 69 -32.34 40.26 -31.65
CA GLY Z 69 -33.62 40.91 -31.88
C GLY Z 69 -33.93 41.17 -33.34
N ALA Z 70 -33.03 40.86 -34.25
CA ALA Z 70 -33.29 41.06 -35.67
C ALA Z 70 -34.26 39.99 -36.17
N PRO Z 71 -35.38 40.37 -36.80
CA PRO Z 71 -36.35 39.41 -37.32
C PRO Z 71 -35.86 38.69 -38.57
N ARG Z 217 -33.86 81.41 0.55
CA ARG Z 217 -32.85 80.48 1.03
C ARG Z 217 -33.14 79.06 0.58
N ARG Z 218 -32.17 78.45 -0.10
CA ARG Z 218 -32.26 77.03 -0.40
C ARG Z 218 -32.09 76.23 0.88
N TRP Z 219 -32.95 75.22 1.06
CA TRP Z 219 -32.95 74.51 2.35
C TRP Z 219 -31.72 73.65 2.53
N ASP Z 220 -31.15 73.12 1.45
CA ASP Z 220 -29.87 72.42 1.50
C ASP Z 220 -28.75 73.29 0.89
N GLU Z 221 -28.22 74.20 1.71
CA GLU Z 221 -27.07 75.00 1.31
C GLU Z 221 -25.98 75.06 2.37
N ASP Z 222 -26.30 74.81 3.63
CA ASP Z 222 -25.29 74.66 4.67
C ASP Z 222 -24.74 73.24 4.73
N VAL Z 223 -25.28 72.34 3.89
CA VAL Z 223 -24.82 70.96 3.87
C VAL Z 223 -23.38 70.92 3.38
N VAL Z 224 -22.55 70.17 4.11
CA VAL Z 224 -21.10 70.18 3.85
C VAL Z 224 -20.79 69.48 2.53
N PHE Z 225 -21.44 68.36 2.27
CA PHE Z 225 -21.15 67.55 1.08
C PHE Z 225 -22.39 67.48 0.20
N LYS Z 226 -22.22 67.75 -1.08
CA LYS Z 226 -23.31 67.62 -2.05
C LYS Z 226 -22.94 66.59 -3.08
N ASN Z 227 -23.96 65.84 -3.51
CA ASN Z 227 -23.87 64.89 -4.63
C ASN Z 227 -22.83 63.80 -4.36
N GLN Z 228 -23.07 63.03 -3.31
CA GLN Z 228 -22.16 61.95 -2.94
C GLN Z 228 -22.63 60.60 -3.45
N ALA Z 229 -23.65 60.54 -4.29
CA ALA Z 229 -24.20 59.29 -4.74
C ALA Z 229 -24.44 59.30 -6.25
N ARG Z 230 -23.45 59.73 -7.01
CA ARG Z 230 -23.49 59.60 -8.46
C ARG Z 230 -22.60 58.43 -8.87
N GLY Z 231 -23.18 57.49 -9.62
CA GLY Z 231 -22.46 56.30 -10.01
C GLY Z 231 -22.57 55.13 -9.07
N THR Z 232 -23.25 55.31 -7.93
CA THR Z 232 -23.48 54.21 -7.01
C THR Z 232 -24.59 53.28 -7.46
N GLU Z 233 -25.61 53.82 -8.13
CA GLU Z 233 -26.72 53.04 -8.66
C GLU Z 233 -26.40 52.38 -10.00
N ASP Z 234 -25.20 52.60 -10.53
CA ASP Z 234 -24.80 52.03 -11.82
C ASP Z 234 -24.34 50.59 -11.72
N LYS Z 235 -24.30 50.01 -10.53
CA LYS Z 235 -23.95 48.60 -10.39
C LYS Z 235 -25.07 47.74 -10.96
N GLY Z 236 -24.70 46.78 -11.81
CA GLY Z 236 -25.68 45.94 -12.47
C GLY Z 236 -25.60 46.01 -13.98
N LYS Z 237 -24.42 46.39 -14.48
CA LYS Z 237 -24.21 46.44 -15.93
C LYS Z 237 -24.30 45.05 -16.56
N ARG Z 238 -23.72 44.05 -15.91
CA ARG Z 238 -23.79 42.67 -16.36
C ARG Z 238 -23.38 41.81 -15.16
N LYS Z 239 -24.23 40.88 -14.75
CA LYS Z 239 -23.95 40.07 -13.58
C LYS Z 239 -22.77 39.16 -13.89
N GLU Z 240 -21.71 39.29 -13.10
CA GLU Z 240 -20.43 38.72 -13.45
C GLU Z 240 -20.02 37.66 -12.44
N PHE Z 241 -19.50 36.55 -12.94
CA PHE Z 241 -19.09 35.43 -12.10
C PHE Z 241 -17.61 35.57 -11.80
N VAL Z 242 -17.28 35.57 -10.51
CA VAL Z 242 -15.91 35.55 -10.04
C VAL Z 242 -15.66 34.18 -9.43
N ASN Z 243 -14.62 33.49 -9.91
CA ASN Z 243 -14.27 32.16 -9.42
C ASN Z 243 -13.47 32.26 -8.12
N ASP Z 244 -14.10 32.87 -7.12
CA ASP Z 244 -13.53 32.95 -5.79
C ASP Z 244 -14.68 33.09 -4.81
N LEU Z 245 -15.01 32.01 -4.11
CA LEU Z 245 -16.11 32.06 -3.16
C LEU Z 245 -15.81 32.92 -1.94
N LEU Z 246 -14.58 33.38 -1.78
CA LEU Z 246 -14.24 34.34 -0.74
C LEU Z 246 -14.32 35.78 -1.21
N ARG Z 247 -14.37 36.01 -2.52
CA ARG Z 247 -14.46 37.35 -3.07
C ARG Z 247 -15.66 37.52 -3.99
N SER Z 248 -16.50 36.49 -4.13
CA SER Z 248 -17.72 36.63 -4.89
C SER Z 248 -18.68 37.54 -4.16
N ASP Z 249 -19.65 38.07 -4.92
CA ASP Z 249 -20.61 38.97 -4.31
C ASP Z 249 -21.58 38.25 -3.39
N PHE Z 250 -21.80 36.94 -3.61
CA PHE Z 250 -22.62 36.17 -2.70
C PHE Z 250 -22.01 36.11 -1.31
N HIS Z 251 -20.70 35.92 -1.23
CA HIS Z 251 -20.04 35.87 0.07
C HIS Z 251 -20.11 37.20 0.79
N LYS Z 252 -19.96 38.30 0.06
CA LYS Z 252 -20.02 39.61 0.69
C LYS Z 252 -21.42 39.91 1.19
N ARG Z 253 -22.45 39.57 0.40
CA ARG Z 253 -23.83 39.73 0.85
C ARG Z 253 -24.11 38.89 2.09
N PHE Z 254 -23.67 37.62 2.06
CA PHE Z 254 -23.87 36.70 3.18
C PHE Z 254 -23.19 37.20 4.44
N MET Z 255 -21.95 37.63 4.34
CA MET Z 255 -21.21 38.00 5.53
C MET Z 255 -21.52 39.39 6.02
N SER Z 256 -22.12 40.24 5.19
CA SER Z 256 -22.65 41.50 5.68
C SER Z 256 -24.02 41.33 6.31
N LYS Z 257 -24.80 40.36 5.83
CA LYS Z 257 -26.10 40.09 6.45
C LYS Z 257 -25.94 39.50 7.84
N TYR Z 258 -24.99 38.58 8.01
CA TYR Z 258 -24.92 37.78 9.23
C TYR Z 258 -23.99 38.38 10.26
N VAL Z 259 -22.78 38.78 9.88
CA VAL Z 259 -21.88 39.29 10.90
C VAL Z 259 -22.19 40.76 11.17
N ARG Z 260 -23.09 40.99 12.12
CA ARG Z 260 -23.44 42.34 12.52
C ARG Z 260 -22.82 42.67 13.86
N ARG AA 11 -123.73 5.03 -36.64
CA ARG AA 11 -124.43 4.11 -37.53
C ARG AA 11 -124.56 2.72 -36.91
N VAL AA 12 -125.37 1.88 -37.52
CA VAL AA 12 -125.60 0.51 -37.06
C VAL AA 12 -125.16 -0.44 -38.18
N LEU AA 13 -124.21 -1.32 -37.87
CA LEU AA 13 -123.74 -2.29 -38.84
C LEU AA 13 -124.75 -3.42 -38.99
N LEU AA 14 -124.71 -4.07 -40.16
CA LEU AA 14 -125.60 -5.19 -40.45
C LEU AA 14 -124.78 -6.47 -40.55
N PRO AA 15 -124.77 -7.31 -39.51
CA PRO AA 15 -124.02 -8.56 -39.60
C PRO AA 15 -124.67 -9.51 -40.60
N PRO AA 16 -123.89 -10.38 -41.25
CA PRO AA 16 -124.49 -11.36 -42.16
C PRO AA 16 -125.43 -12.34 -41.46
N ILE AA 17 -125.11 -12.73 -40.22
CA ILE AA 17 -126.01 -13.59 -39.46
C ILE AA 17 -127.28 -12.84 -39.10
N ASN AA 18 -127.16 -11.56 -38.72
CA ASN AA 18 -128.34 -10.75 -38.43
C ASN AA 18 -129.19 -10.53 -39.68
N PHE AA 19 -128.54 -10.31 -40.83
CA PHE AA 19 -129.27 -10.16 -42.09
C PHE AA 19 -129.99 -11.45 -42.47
N LEU AA 20 -129.34 -12.60 -42.28
CA LEU AA 20 -129.98 -13.87 -42.56
C LEU AA 20 -131.16 -14.14 -41.62
N PHE AA 21 -131.01 -13.78 -40.34
CA PHE AA 21 -132.10 -13.93 -39.39
C PHE AA 21 -133.27 -13.02 -39.74
N ARG AA 22 -133.00 -11.78 -40.16
CA ARG AA 22 -134.05 -10.87 -40.57
C ARG AA 22 -134.76 -11.36 -41.83
N LEU AA 23 -133.99 -11.92 -42.78
CA LEU AA 23 -134.59 -12.47 -43.99
C LEU AA 23 -135.45 -13.69 -43.69
N LEU AA 24 -135.01 -14.54 -42.76
CA LEU AA 24 -135.79 -15.71 -42.39
C LEU AA 24 -137.05 -15.33 -41.63
N GLN AA 25 -136.96 -14.32 -40.75
CA GLN AA 25 -138.13 -13.87 -40.02
C GLN AA 25 -139.14 -13.17 -40.93
N GLN AA 26 -138.65 -12.38 -41.88
CA GLN AA 26 -139.55 -11.71 -42.82
C GLN AA 26 -139.99 -12.62 -43.96
N ARG AA 27 -139.30 -13.76 -44.15
CA ARG AA 27 -139.60 -14.73 -45.20
C ARG AA 27 -139.59 -14.10 -46.59
N THR AA 28 -138.66 -13.15 -46.80
CA THR AA 28 -138.57 -12.46 -48.06
C THR AA 28 -137.96 -13.36 -49.13
N PRO AA 29 -138.30 -13.14 -50.40
CA PRO AA 29 -137.69 -13.94 -51.47
C PRO AA 29 -136.23 -13.58 -51.68
N VAL AA 30 -135.43 -14.60 -51.96
CA VAL AA 30 -134.00 -14.45 -52.16
C VAL AA 30 -133.57 -15.21 -53.40
N GLN AA 31 -132.72 -14.57 -54.19
CA GLN AA 31 -132.12 -15.19 -55.38
C GLN AA 31 -130.62 -15.27 -55.15
N ILE AA 32 -130.06 -16.47 -55.25
CA ILE AA 32 -128.65 -16.71 -54.97
C ILE AA 32 -128.01 -17.23 -56.26
N TRP AA 33 -127.10 -16.44 -56.82
CA TRP AA 33 -126.23 -16.91 -57.89
C TRP AA 33 -125.15 -17.81 -57.30
N LEU AA 34 -124.96 -18.97 -57.90
CA LEU AA 34 -124.14 -20.03 -57.33
C LEU AA 34 -122.64 -19.71 -57.47
N TYR AA 35 -121.83 -20.44 -56.71
CA TYR AA 35 -120.39 -20.29 -56.77
C TYR AA 35 -119.85 -20.88 -58.06
N GLU AA 36 -118.96 -20.13 -58.71
CA GLU AA 36 -118.33 -20.50 -59.99
C GLU AA 36 -119.37 -20.75 -61.08
N GLN AA 37 -120.51 -20.06 -61.01
CA GLN AA 37 -121.56 -20.19 -62.00
C GLN AA 37 -122.38 -18.90 -61.98
N LEU AA 38 -122.13 -18.03 -62.95
CA LEU AA 38 -122.85 -16.77 -63.02
C LEU AA 38 -124.21 -16.91 -63.68
N ALA AA 39 -124.46 -18.02 -64.38
CA ALA AA 39 -125.73 -18.25 -65.06
C ALA AA 39 -126.64 -19.21 -64.30
N ILE AA 40 -126.25 -19.64 -63.10
CA ILE AA 40 -127.04 -20.56 -62.30
C ILE AA 40 -127.48 -19.83 -61.04
N ARG AA 41 -128.79 -19.77 -60.81
CA ARG AA 41 -129.36 -19.08 -59.66
C ARG AA 41 -130.41 -19.97 -59.01
N ILE AA 42 -130.66 -19.71 -57.73
CA ILE AA 42 -131.71 -20.39 -56.98
C ILE AA 42 -132.58 -19.32 -56.35
N THR AA 43 -133.88 -19.34 -56.66
CA THR AA 43 -134.83 -18.37 -56.14
C THR AA 43 -135.78 -19.08 -55.19
N GLY AA 44 -135.95 -18.52 -54.00
CA GLY AA 44 -136.80 -19.17 -53.02
C GLY AA 44 -137.05 -18.31 -51.82
N VAL AA 45 -137.51 -18.96 -50.75
CA VAL AA 45 -137.76 -18.32 -49.46
C VAL AA 45 -136.93 -19.02 -48.40
N ILE AA 46 -136.22 -18.24 -47.60
CA ILE AA 46 -135.31 -18.81 -46.60
C ILE AA 46 -136.11 -19.44 -45.47
N ARG AA 47 -135.81 -20.70 -45.18
CA ARG AA 47 -136.47 -21.42 -44.10
C ARG AA 47 -135.57 -21.70 -42.91
N GLY AA 48 -134.27 -21.89 -43.13
CA GLY AA 48 -133.37 -22.12 -42.02
C GLY AA 48 -131.92 -21.94 -42.45
N PHE AA 49 -131.08 -21.64 -41.46
CA PHE AA 49 -129.66 -21.44 -41.69
C PHE AA 49 -128.88 -22.15 -40.59
N ASP AA 50 -127.62 -22.45 -40.89
CA ASP AA 50 -126.75 -23.17 -39.97
C ASP AA 50 -125.45 -22.38 -39.80
N GLU AA 51 -124.59 -22.88 -38.90
CA GLU AA 51 -123.32 -22.20 -38.62
C GLU AA 51 -122.33 -22.35 -39.76
N PHE AA 52 -122.46 -23.40 -40.58
CA PHE AA 52 -121.59 -23.60 -41.73
C PHE AA 52 -122.13 -22.95 -43.01
N MET AA 53 -123.00 -21.95 -42.85
CA MET AA 53 -123.61 -21.18 -43.96
C MET AA 53 -124.43 -22.07 -44.88
N ASN AA 54 -124.91 -23.20 -44.38
CA ASN AA 54 -125.76 -24.10 -45.16
C ASN AA 54 -127.22 -23.67 -44.97
N LEU AA 55 -127.85 -23.24 -46.06
CA LEU AA 55 -129.18 -22.66 -46.02
C LEU AA 55 -130.19 -23.65 -46.59
N VAL AA 56 -131.23 -23.94 -45.81
CA VAL AA 56 -132.36 -24.75 -46.27
C VAL AA 56 -133.48 -23.79 -46.65
N ILE AA 57 -133.90 -23.83 -47.91
CA ILE AA 57 -134.88 -22.89 -48.45
C ILE AA 57 -136.05 -23.69 -49.00
N ASP AA 58 -137.26 -23.28 -48.65
CA ASP AA 58 -138.47 -23.93 -49.14
C ASP AA 58 -138.90 -23.31 -50.47
N ASP AA 59 -139.51 -24.15 -51.31
CA ASP AA 59 -140.01 -23.77 -52.63
C ASP AA 59 -138.92 -23.18 -53.52
N ALA AA 60 -137.74 -23.79 -53.48
CA ALA AA 60 -136.61 -23.33 -54.28
C ALA AA 60 -136.81 -23.70 -55.75
N VAL AA 61 -136.41 -22.78 -56.63
CA VAL AA 61 -136.47 -22.99 -58.07
C VAL AA 61 -135.11 -22.65 -58.65
N GLU AA 62 -134.52 -23.60 -59.39
CA GLU AA 62 -133.25 -23.38 -60.05
C GLU AA 62 -133.47 -22.78 -61.43
N ILE AA 63 -132.76 -21.70 -61.72
CA ILE AA 63 -132.88 -20.98 -62.98
C ILE AA 63 -131.52 -21.00 -63.66
N LYS AA 64 -131.48 -21.48 -64.89
CA LYS AA 64 -130.30 -21.44 -65.74
C LYS AA 64 -130.47 -20.30 -66.72
N LEU AA 65 -129.53 -19.37 -66.71
CA LEU AA 65 -129.60 -18.16 -67.52
C LEU AA 65 -129.04 -18.39 -68.92
N SER AA 66 -129.45 -17.52 -69.85
CA SER AA 66 -128.94 -17.59 -71.20
C SER AA 66 -127.48 -17.14 -71.22
N PRO AA 67 -126.61 -17.84 -71.95
CA PRO AA 67 -125.19 -17.45 -71.97
C PRO AA 67 -124.91 -16.22 -72.80
N LYS AA 68 -125.82 -15.78 -73.66
CA LYS AA 68 -125.61 -14.64 -74.54
C LYS AA 68 -126.25 -13.36 -74.01
N THR AA 69 -127.56 -13.39 -73.78
CA THR AA 69 -128.31 -12.21 -73.36
C THR AA 69 -128.41 -12.07 -71.85
N ASN AA 70 -127.87 -13.02 -71.09
CA ASN AA 70 -127.92 -13.04 -69.62
C ASN AA 70 -129.34 -12.98 -69.09
N GLU AA 71 -130.27 -13.64 -69.77
CA GLU AA 71 -131.66 -13.70 -69.37
C GLU AA 71 -132.02 -15.11 -68.91
N PRO AA 72 -133.05 -15.26 -68.07
CA PRO AA 72 -133.40 -16.59 -67.56
C PRO AA 72 -133.95 -17.51 -68.64
N GLU AA 73 -133.19 -18.55 -68.97
CA GLU AA 73 -133.54 -19.44 -70.07
C GLU AA 73 -134.40 -20.62 -69.60
N SER AA 74 -133.95 -21.33 -68.57
CA SER AA 74 -134.65 -22.51 -68.07
C SER AA 74 -134.95 -22.36 -66.60
N LYS AA 75 -136.11 -22.90 -66.18
CA LYS AA 75 -136.52 -22.88 -64.79
C LYS AA 75 -136.98 -24.27 -64.38
N ARG AA 76 -136.67 -24.65 -63.14
CA ARG AA 76 -137.09 -25.94 -62.63
C ARG AA 76 -137.28 -25.87 -61.11
N PRO AA 77 -138.52 -26.05 -60.62
CA PRO AA 77 -138.74 -25.97 -59.17
C PRO AA 77 -138.37 -27.29 -58.50
N LEU AA 78 -137.40 -27.24 -57.60
CA LEU AA 78 -136.94 -28.42 -56.87
C LEU AA 78 -137.60 -28.55 -55.51
N GLY AA 79 -138.55 -27.68 -55.17
CA GLY AA 79 -139.19 -27.75 -53.87
C GLY AA 79 -138.29 -27.25 -52.76
N GLN AA 80 -138.55 -27.74 -51.55
CA GLN AA 80 -137.75 -27.38 -50.39
C GLN AA 80 -136.41 -28.11 -50.46
N ILE AA 81 -135.34 -27.35 -50.69
CA ILE AA 81 -134.01 -27.94 -50.84
C ILE AA 81 -133.07 -27.33 -49.81
N LEU AA 82 -131.84 -27.82 -49.78
CA LEU AA 82 -130.80 -27.30 -48.91
C LEU AA 82 -129.51 -27.16 -49.70
N LEU AA 83 -128.89 -25.98 -49.62
CA LEU AA 83 -127.65 -25.69 -50.34
C LEU AA 83 -126.55 -25.34 -49.36
N LYS AA 84 -125.39 -25.93 -49.54
CA LYS AA 84 -124.24 -25.62 -48.70
C LYS AA 84 -123.68 -24.24 -49.05
N GLY AA 85 -122.94 -23.68 -48.10
CA GLY AA 85 -122.37 -22.35 -48.30
C GLY AA 85 -121.24 -22.31 -49.31
N ASP AA 86 -120.58 -23.44 -49.56
CA ASP AA 86 -119.49 -23.48 -50.52
C ASP AA 86 -119.98 -23.31 -51.96
N ASN AA 87 -121.23 -23.66 -52.25
CA ASN AA 87 -121.78 -23.52 -53.58
C ASN AA 87 -122.54 -22.22 -53.79
N ILE AA 88 -122.67 -21.38 -52.75
CA ILE AA 88 -123.40 -20.13 -52.85
C ILE AA 88 -122.40 -18.98 -53.00
N SER AA 89 -122.66 -18.09 -53.96
CA SER AA 89 -121.77 -16.96 -54.21
C SER AA 89 -122.43 -15.63 -53.86
N LEU AA 90 -123.57 -15.31 -54.46
CA LEU AA 90 -124.18 -13.98 -54.32
C LEU AA 90 -125.66 -14.13 -54.01
N ILE AA 91 -126.04 -13.88 -52.76
CA ILE AA 91 -127.43 -13.97 -52.33
C ILE AA 91 -127.99 -12.55 -52.23
N GLN AA 92 -129.00 -12.24 -53.04
CA GLN AA 92 -129.64 -10.95 -53.07
C GLN AA 92 -131.11 -11.10 -52.72
N ALA AA 93 -131.59 -10.26 -51.81
CA ALA AA 93 -132.99 -10.29 -51.39
C ALA AA 93 -133.83 -9.54 -52.42
N LEU AA 94 -134.67 -10.27 -53.15
CA LEU AA 94 -135.55 -9.67 -54.14
C LEU AA 94 -136.75 -9.09 -53.41
N SER AA 95 -136.81 -7.76 -53.36
CA SER AA 95 -137.88 -7.07 -52.64
C SER AA 95 -139.18 -7.17 -53.42
N GLY AA 96 -140.20 -7.74 -52.79
CA GLY AA 96 -141.50 -7.85 -53.43
C GLY AA 96 -142.19 -6.50 -53.52
N SER AA 97 -142.97 -6.33 -54.59
CA SER AA 97 -143.72 -5.09 -54.81
C SER AA 97 -145.00 -5.13 -53.99
N ALA AA 98 -144.96 -4.56 -52.79
CA ALA AA 98 -146.11 -4.53 -51.90
C ALA AA 98 -146.81 -3.18 -51.95
N MET BA 1 -106.24 -19.33 -32.89
CA MET BA 1 -107.47 -18.90 -32.22
C MET BA 1 -108.45 -18.31 -33.21
N ALA BA 2 -109.22 -17.33 -32.76
CA ALA BA 2 -110.15 -16.64 -33.66
C ALA BA 2 -109.38 -15.73 -34.62
N PRO BA 3 -109.69 -15.76 -35.91
CA PRO BA 3 -108.96 -14.90 -36.85
C PRO BA 3 -109.30 -13.43 -36.63
N ALA BA 4 -108.35 -12.57 -37.01
CA ALA BA 4 -108.53 -11.14 -36.85
C ALA BA 4 -109.50 -10.60 -37.89
N GLN BA 5 -110.35 -9.67 -37.46
CA GLN BA 5 -111.31 -9.06 -38.37
C GLN BA 5 -110.60 -8.15 -39.36
N PRO BA 6 -111.12 -8.04 -40.59
CA PRO BA 6 -110.49 -7.16 -41.57
C PRO BA 6 -110.66 -5.69 -41.22
N GLU BA 7 -109.71 -4.89 -41.69
CA GLU BA 7 -109.71 -3.45 -41.42
C GLU BA 7 -110.56 -2.77 -42.49
N LEU BA 8 -111.87 -2.72 -42.23
CA LEU BA 8 -112.80 -2.07 -43.15
C LEU BA 8 -113.75 -1.12 -42.43
N LYS BA 9 -113.37 -0.65 -41.24
CA LYS BA 9 -114.22 0.28 -40.50
C LYS BA 9 -114.32 1.63 -41.21
N LYS BA 10 -113.24 2.07 -41.86
CA LYS BA 10 -113.29 3.30 -42.64
C LYS BA 10 -114.07 3.14 -43.94
N TYR BA 11 -114.24 1.91 -44.40
CA TYR BA 11 -114.98 1.64 -45.63
C TYR BA 11 -116.48 1.48 -45.41
N LEU BA 12 -116.94 1.59 -44.16
CA LEU BA 12 -118.35 1.42 -43.87
C LEU BA 12 -119.16 2.62 -44.36
N ASP BA 13 -120.36 2.33 -44.87
CA ASP BA 13 -121.31 3.34 -45.37
C ASP BA 13 -120.69 4.22 -46.46
N LYS BA 14 -119.93 3.60 -47.35
CA LYS BA 14 -119.27 4.31 -48.43
C LYS BA 14 -119.49 3.58 -49.74
N ARG BA 15 -119.38 4.33 -50.84
CA ARG BA 15 -119.54 3.73 -52.17
C ARG BA 15 -118.33 2.87 -52.49
N LEU BA 16 -118.57 1.61 -52.81
CA LEU BA 16 -117.51 0.64 -53.08
C LEU BA 16 -117.90 -0.24 -54.26
N PHE BA 17 -116.90 -0.57 -55.07
CA PHE BA 17 -117.05 -1.51 -56.18
C PHE BA 17 -116.26 -2.77 -55.84
N VAL BA 18 -116.94 -3.90 -55.88
CA VAL BA 18 -116.34 -5.20 -55.54
C VAL BA 18 -116.33 -6.06 -56.79
N GLU BA 19 -115.14 -6.54 -57.14
CA GLU BA 19 -114.98 -7.48 -58.25
C GLU BA 19 -114.97 -8.89 -57.69
N LEU BA 20 -115.87 -9.73 -58.19
CA LEU BA 20 -116.04 -11.10 -57.74
C LEU BA 20 -115.90 -12.06 -58.91
N ASN BA 21 -115.82 -13.35 -58.56
CA ASN BA 21 -115.52 -14.41 -59.52
C ASN BA 21 -116.60 -14.49 -60.59
N GLY BA 22 -116.18 -14.96 -61.77
CA GLY BA 22 -117.00 -14.80 -62.95
C GLY BA 22 -116.89 -13.46 -63.61
N SER BA 23 -115.88 -12.65 -63.20
CA SER BA 23 -115.66 -11.29 -63.69
C SER BA 23 -116.89 -10.41 -63.49
N ARG BA 24 -117.48 -10.51 -62.29
CA ARG BA 24 -118.67 -9.76 -61.96
C ARG BA 24 -118.30 -8.53 -61.14
N ARG BA 25 -119.08 -7.46 -61.30
CA ARG BA 25 -118.86 -6.23 -60.54
C ARG BA 25 -120.11 -5.92 -59.74
N VAL BA 26 -119.92 -5.40 -58.53
CA VAL BA 26 -121.03 -4.97 -57.68
C VAL BA 26 -120.69 -3.59 -57.14
N ILE BA 27 -121.51 -2.60 -57.47
CA ILE BA 27 -121.35 -1.23 -56.98
C ILE BA 27 -122.41 -1.00 -55.91
N GLY BA 28 -122.00 -0.63 -54.71
CA GLY BA 28 -122.95 -0.49 -53.64
C GLY BA 28 -122.41 0.32 -52.48
N VAL BA 29 -123.14 0.27 -51.38
CA VAL BA 29 -122.77 0.95 -50.14
C VAL BA 29 -122.62 -0.12 -49.06
N LEU BA 30 -121.48 -0.10 -48.36
CA LEU BA 30 -121.20 -1.11 -47.35
C LEU BA 30 -122.12 -0.95 -46.15
N ARG BA 31 -122.73 -2.05 -45.72
CA ARG BA 31 -123.61 -2.06 -44.57
C ARG BA 31 -123.08 -2.89 -43.40
N GLY BA 32 -122.34 -3.95 -43.67
CA GLY BA 32 -121.77 -4.72 -42.59
C GLY BA 32 -120.84 -5.80 -43.12
N TYR BA 33 -120.08 -6.39 -42.20
CA TYR BA 33 -119.14 -7.44 -42.52
C TYR BA 33 -119.00 -8.37 -41.32
N ASP BA 34 -118.21 -9.43 -41.47
CA ASP BA 34 -118.01 -10.41 -40.42
C ASP BA 34 -116.54 -10.79 -40.37
N VAL BA 35 -116.22 -11.71 -39.46
CA VAL BA 35 -114.84 -12.20 -39.34
C VAL BA 35 -114.44 -13.02 -40.56
N PHE BA 36 -115.38 -13.76 -41.14
CA PHE BA 36 -115.13 -14.57 -42.32
C PHE BA 36 -115.36 -13.79 -43.62
N LEU BA 37 -115.29 -12.45 -43.56
CA LEU BA 37 -115.42 -11.56 -44.71
C LEU BA 37 -116.76 -11.72 -45.42
N ASN BA 38 -117.82 -12.01 -44.67
CA ASN BA 38 -119.17 -12.08 -45.23
C ASN BA 38 -119.72 -10.66 -45.28
N ILE BA 39 -119.67 -10.06 -46.46
CA ILE BA 39 -120.02 -8.65 -46.63
C ILE BA 39 -121.48 -8.53 -47.01
N VAL BA 40 -122.21 -7.66 -46.30
CA VAL BA 40 -123.59 -7.35 -46.61
C VAL BA 40 -123.63 -5.88 -47.02
N LEU BA 41 -124.19 -5.60 -48.20
CA LEU BA 41 -124.22 -4.26 -48.75
C LEU BA 41 -125.63 -3.92 -49.19
N ASP BA 42 -125.92 -2.62 -49.24
CA ASP BA 42 -127.22 -2.11 -49.64
C ASP BA 42 -127.12 -1.32 -50.94
N ASP BA 43 -128.25 -1.23 -51.64
CA ASP BA 43 -128.38 -0.55 -52.93
C ASP BA 43 -127.37 -1.10 -53.95
N ALA BA 44 -127.28 -2.42 -54.01
CA ALA BA 44 -126.31 -3.07 -54.88
C ALA BA 44 -126.74 -2.99 -56.34
N VAL BA 45 -125.77 -2.77 -57.22
CA VAL BA 45 -125.97 -2.81 -58.66
C VAL BA 45 -124.95 -3.78 -59.24
N GLU BA 46 -125.45 -4.83 -59.89
CA GLU BA 46 -124.59 -5.85 -60.47
C GLU BA 46 -124.31 -5.54 -61.94
N GLU BA 47 -123.06 -5.70 -62.34
CA GLU BA 47 -122.61 -5.43 -63.70
C GLU BA 47 -121.88 -6.65 -64.23
N ARG BA 48 -122.33 -7.16 -65.37
CA ARG BA 48 -121.68 -8.22 -66.11
C ARG BA 48 -120.69 -7.63 -67.10
N PRO BA 49 -120.01 -8.46 -67.91
CA PRO BA 49 -119.09 -7.90 -68.92
C PRO BA 49 -119.78 -7.09 -70.00
N ASN BA 50 -121.09 -7.25 -70.19
CA ASN BA 50 -121.81 -6.47 -71.18
C ASN BA 50 -122.00 -5.01 -70.79
N GLY BA 51 -121.73 -4.66 -69.53
CA GLY BA 51 -121.89 -3.29 -69.07
C GLY BA 51 -123.29 -2.92 -68.64
N GLU BA 52 -124.15 -3.88 -68.39
CA GLU BA 52 -125.52 -3.62 -67.96
C GLU BA 52 -125.59 -3.67 -66.44
N LYS BA 53 -126.16 -2.62 -65.85
CA LYS BA 53 -126.30 -2.51 -64.41
C LYS BA 53 -127.71 -2.92 -64.00
N VAL BA 54 -127.81 -3.92 -63.13
CA VAL BA 54 -129.09 -4.42 -62.64
C VAL BA 54 -129.15 -4.17 -61.14
N LYS BA 55 -130.19 -3.48 -60.70
CA LYS BA 55 -130.35 -3.19 -59.28
C LYS BA 55 -130.84 -4.42 -58.54
N LEU BA 56 -130.30 -4.64 -57.34
CA LEU BA 56 -130.68 -5.76 -56.50
C LEU BA 56 -131.08 -5.34 -55.09
N GLY BA 57 -130.54 -4.23 -54.59
CA GLY BA 57 -130.85 -3.77 -53.26
C GLY BA 57 -129.89 -4.30 -52.21
N MET BA 58 -130.43 -5.00 -51.21
CA MET BA 58 -129.60 -5.61 -50.17
C MET BA 58 -129.06 -6.94 -50.67
N VAL BA 59 -127.73 -7.05 -50.74
CA VAL BA 59 -127.08 -8.26 -51.24
C VAL BA 59 -125.99 -8.68 -50.24
N THR BA 60 -125.60 -9.95 -50.33
CA THR BA 60 -124.58 -10.52 -49.47
C THR BA 60 -123.59 -11.31 -50.32
N ILE BA 61 -122.31 -11.14 -50.04
CA ILE BA 61 -121.23 -11.85 -50.72
C ILE BA 61 -120.37 -12.53 -49.66
N ARG BA 62 -120.08 -13.81 -49.88
CA ARG BA 62 -119.27 -14.58 -48.95
C ARG BA 62 -117.80 -14.14 -49.05
N GLY BA 63 -117.01 -14.60 -48.07
CA GLY BA 63 -115.60 -14.28 -48.09
C GLY BA 63 -114.87 -14.93 -49.24
N ASN BA 64 -115.21 -16.18 -49.56
CA ASN BA 64 -114.60 -16.86 -50.70
C ASN BA 64 -115.08 -16.27 -52.02
N SER BA 65 -116.32 -15.78 -52.06
CA SER BA 65 -116.84 -15.19 -53.28
C SER BA 65 -116.21 -13.84 -53.58
N VAL BA 66 -115.86 -13.08 -52.55
CA VAL BA 66 -115.25 -11.77 -52.73
C VAL BA 66 -113.80 -11.95 -53.17
N VAL BA 67 -113.41 -11.24 -54.23
CA VAL BA 67 -112.05 -11.30 -54.77
C VAL BA 67 -111.30 -10.00 -54.54
N ILE BA 68 -111.82 -8.89 -55.07
CA ILE BA 68 -111.18 -7.59 -54.89
C ILE BA 68 -112.24 -6.57 -54.51
N LEU BA 69 -111.82 -5.52 -53.81
CA LEU BA 69 -112.69 -4.42 -53.43
C LEU BA 69 -111.97 -3.11 -53.62
N GLU BA 70 -112.72 -2.06 -53.96
CA GLU BA 70 -112.13 -0.75 -54.15
C GLU BA 70 -113.14 0.33 -53.78
N PRO BA 71 -112.77 1.27 -52.90
CA PRO BA 71 -113.70 2.35 -52.56
C PRO BA 71 -113.88 3.31 -53.72
N LEU BA 72 -115.12 3.71 -53.95
CA LEU BA 72 -115.47 4.65 -55.01
C LEU BA 72 -115.52 6.09 -54.52
N GLU BA 73 -115.22 6.34 -53.25
CA GLU BA 73 -115.24 7.69 -52.71
C GLU BA 73 -113.99 7.98 -51.89
N VAL CA 8 -136.59 -24.38 -39.69
CA VAL CA 8 -136.03 -25.73 -39.71
C VAL CA 8 -134.55 -25.67 -40.05
N ASN CA 9 -133.71 -26.14 -39.12
CA ASN CA 9 -132.27 -26.13 -39.34
C ASN CA 9 -131.89 -27.18 -40.38
N PRO CA 10 -130.76 -26.98 -41.07
CA PRO CA 10 -130.30 -27.99 -42.03
C PRO CA 10 -129.95 -29.32 -41.40
N ARG CA 11 -129.43 -29.32 -40.15
CA ARG CA 11 -129.21 -30.58 -39.46
C ARG CA 11 -130.52 -31.29 -39.15
N PRO CA 12 -131.55 -30.62 -38.63
CA PRO CA 12 -132.86 -31.29 -38.47
C PRO CA 12 -133.48 -31.72 -39.80
N PHE CA 13 -133.26 -30.96 -40.87
CA PHE CA 13 -133.75 -31.35 -42.18
C PHE CA 13 -133.07 -32.62 -42.68
N LEU CA 14 -131.76 -32.74 -42.46
CA LEU CA 14 -131.04 -33.95 -42.84
C LEU CA 14 -131.43 -35.12 -41.95
N GLN CA 15 -131.72 -34.87 -40.68
CA GLN CA 15 -132.18 -35.93 -39.79
C GLN CA 15 -133.56 -36.44 -40.20
N ASP CA 16 -134.45 -35.53 -40.60
CA ASP CA 16 -135.76 -35.94 -41.07
C ASP CA 16 -135.70 -36.61 -42.44
N LEU CA 17 -134.71 -36.23 -43.27
CA LEU CA 17 -134.53 -36.84 -44.57
C LEU CA 17 -133.91 -38.23 -44.50
N VAL CA 18 -133.40 -38.65 -43.34
CA VAL CA 18 -132.87 -39.99 -43.19
C VAL CA 18 -134.01 -41.00 -43.25
N ASN CA 19 -133.69 -42.22 -43.71
CA ASN CA 19 -134.64 -43.30 -43.94
C ASN CA 19 -135.78 -42.88 -44.86
N GLN CA 20 -135.47 -42.07 -45.87
CA GLN CA 20 -136.46 -41.59 -46.82
C GLN CA 20 -135.78 -41.33 -48.15
N ASP CA 21 -136.59 -41.31 -49.21
CA ASP CA 21 -136.06 -41.08 -50.54
C ASP CA 21 -135.72 -39.61 -50.73
N VAL CA 22 -134.47 -39.33 -51.10
CA VAL CA 22 -134.00 -37.97 -51.36
C VAL CA 22 -133.21 -37.97 -52.66
N ILE CA 23 -133.15 -36.80 -53.29
CA ILE CA 23 -132.40 -36.59 -54.52
C ILE CA 23 -131.35 -35.52 -54.26
N VAL CA 24 -130.09 -35.83 -54.59
CA VAL CA 24 -128.98 -34.93 -54.38
C VAL CA 24 -128.35 -34.64 -55.73
N ARG CA 25 -128.19 -33.35 -56.04
CA ARG CA 25 -127.54 -32.90 -57.26
C ARG CA 25 -126.11 -32.48 -56.93
N LEU CA 26 -125.15 -33.05 -57.66
CA LEU CA 26 -123.74 -32.79 -57.42
C LEU CA 26 -123.31 -31.50 -58.12
N LYS CA 27 -122.13 -31.02 -57.73
CA LYS CA 27 -121.58 -29.80 -58.30
C LYS CA 27 -120.76 -30.04 -59.56
N TRP CA 28 -120.50 -31.29 -59.92
CA TRP CA 28 -119.70 -31.62 -61.09
C TRP CA 28 -120.53 -32.46 -62.05
N GLY CA 29 -120.65 -31.99 -63.30
CA GLY CA 29 -121.35 -32.73 -64.33
C GLY CA 29 -122.86 -32.63 -64.29
N GLN CA 30 -123.43 -31.89 -63.33
CA GLN CA 30 -124.87 -31.73 -63.15
C GLN CA 30 -125.56 -33.09 -62.98
N THR CA 31 -124.91 -33.99 -62.28
CA THR CA 31 -125.45 -35.31 -62.03
C THR CA 31 -126.37 -35.30 -60.82
N GLU CA 32 -127.30 -36.25 -60.80
CA GLU CA 32 -128.25 -36.39 -59.70
C GLU CA 32 -128.25 -37.83 -59.21
N TYR CA 33 -128.51 -38.00 -57.92
CA TYR CA 33 -128.60 -39.32 -57.30
C TYR CA 33 -129.86 -39.35 -56.44
N LYS CA 34 -130.78 -40.26 -56.78
CA LYS CA 34 -132.03 -40.40 -56.05
C LYS CA 34 -132.04 -41.75 -55.35
N GLY CA 35 -132.26 -41.74 -54.04
CA GLY CA 35 -132.24 -42.98 -53.29
C GLY CA 35 -132.59 -42.73 -51.84
N ARG CA 36 -132.73 -43.83 -51.11
CA ARG CA 36 -133.07 -43.76 -49.69
C ARG CA 36 -131.84 -43.38 -48.88
N LEU CA 37 -131.89 -42.21 -48.24
CA LEU CA 37 -130.79 -41.78 -47.39
C LEU CA 37 -130.73 -42.62 -46.13
N VAL CA 38 -129.55 -43.15 -45.83
CA VAL CA 38 -129.35 -44.07 -44.71
C VAL CA 38 -128.62 -43.39 -43.55
N SER CA 39 -127.48 -42.77 -43.83
CA SER CA 39 -126.64 -42.22 -42.78
C SER CA 39 -126.11 -40.85 -43.19
N ILE CA 40 -126.07 -39.95 -42.21
CA ILE CA 40 -125.51 -38.61 -42.38
C ILE CA 40 -124.58 -38.33 -41.21
N ASP CA 41 -123.40 -37.80 -41.50
CA ASP CA 41 -122.38 -37.54 -40.51
C ASP CA 41 -122.36 -36.06 -40.14
N SER CA 42 -121.48 -35.70 -39.20
CA SER CA 42 -121.35 -34.32 -38.77
C SER CA 42 -120.69 -33.46 -39.84
N TYR CA 43 -119.82 -34.05 -40.66
CA TYR CA 43 -119.19 -33.36 -41.78
C TYR CA 43 -120.01 -33.44 -43.05
N MET CA 44 -121.32 -33.66 -42.93
CA MET CA 44 -122.27 -33.75 -44.05
C MET CA 44 -121.90 -34.86 -45.04
N ASN CA 45 -121.25 -35.91 -44.55
CA ASN CA 45 -120.99 -37.09 -45.37
C ASN CA 45 -122.25 -37.93 -45.48
N ILE CA 46 -122.58 -38.33 -46.70
CA ILE CA 46 -123.85 -39.00 -46.99
C ILE CA 46 -123.58 -40.45 -47.36
N GLN CA 47 -124.40 -41.36 -46.82
CA GLN CA 47 -124.42 -42.75 -47.23
C GLN CA 47 -125.86 -43.13 -47.50
N LEU CA 48 -126.13 -43.59 -48.72
CA LEU CA 48 -127.50 -43.86 -49.16
C LEU CA 48 -127.59 -45.26 -49.74
N ALA CA 49 -128.81 -45.79 -49.72
CA ALA CA 49 -129.11 -47.11 -50.27
C ALA CA 49 -130.16 -46.98 -51.37
N ASN CA 50 -130.13 -47.96 -52.28
CA ASN CA 50 -131.00 -47.99 -53.47
C ASN CA 50 -130.86 -46.72 -54.30
N THR CA 51 -129.62 -46.27 -54.46
CA THR CA 51 -129.34 -45.03 -55.18
C THR CA 51 -129.34 -45.29 -56.68
N GLU CA 52 -129.92 -44.36 -57.43
CA GLU CA 52 -129.91 -44.38 -58.89
C GLU CA 52 -129.35 -43.05 -59.37
N GLU CA 53 -128.38 -43.11 -60.28
CA GLU CA 53 -127.71 -41.93 -60.81
C GLU CA 53 -128.29 -41.56 -62.17
N PHE CA 54 -128.47 -40.26 -62.38
CA PHE CA 54 -128.96 -39.69 -63.63
C PHE CA 54 -128.02 -38.58 -64.07
N ILE CA 55 -127.75 -38.54 -65.38
CA ILE CA 55 -126.86 -37.55 -65.97
C ILE CA 55 -127.58 -36.86 -67.12
N ASN CA 56 -127.55 -35.53 -67.13
CA ASN CA 56 -128.18 -34.69 -68.15
C ASN CA 56 -129.66 -35.01 -68.31
N TYR CA 57 -130.35 -35.12 -67.17
CA TYR CA 57 -131.78 -35.46 -67.08
C TYR CA 57 -132.09 -36.81 -67.73
N LYS CA 58 -131.12 -37.71 -67.74
CA LYS CA 58 -131.29 -39.05 -68.27
C LYS CA 58 -130.70 -40.03 -67.25
N SER CA 59 -131.47 -41.05 -66.89
CA SER CA 59 -131.09 -41.96 -65.82
C SER CA 59 -129.93 -42.84 -66.28
N THR CA 60 -128.77 -42.67 -65.64
CA THR CA 60 -127.62 -43.52 -65.96
C THR CA 60 -127.81 -44.93 -65.42
N GLY CA 61 -128.47 -45.08 -64.28
CA GLY CA 61 -128.75 -46.40 -63.76
C GLY CA 61 -128.59 -46.53 -62.25
N HIS CA 62 -129.05 -47.64 -61.69
CA HIS CA 62 -128.96 -47.85 -60.26
C HIS CA 62 -127.57 -48.39 -59.89
N LEU CA 63 -127.04 -47.91 -58.78
CA LEU CA 63 -125.74 -48.34 -58.27
C LEU CA 63 -125.83 -49.13 -56.98
N GLY CA 64 -126.70 -48.72 -56.06
CA GLY CA 64 -126.85 -49.41 -54.80
C GLY CA 64 -126.45 -48.56 -53.62
N GLN CA 65 -125.62 -49.10 -52.73
CA GLN CA 65 -125.13 -48.34 -51.59
C GLN CA 65 -124.04 -47.39 -52.06
N VAL CA 66 -124.31 -46.09 -51.95
CA VAL CA 66 -123.42 -45.04 -52.44
C VAL CA 66 -123.00 -44.16 -51.28
N LEU CA 67 -121.69 -43.94 -51.14
CA LEU CA 67 -121.14 -43.03 -50.15
C LEU CA 67 -120.59 -41.81 -50.88
N ILE CA 68 -121.11 -40.63 -50.56
CA ILE CA 68 -120.73 -39.39 -51.20
C ILE CA 68 -120.25 -38.41 -50.13
N ARG CA 69 -119.08 -37.81 -50.35
CA ARG CA 69 -118.56 -36.80 -49.46
C ARG CA 69 -119.28 -35.48 -49.68
N CYS CA 70 -119.13 -34.57 -48.70
CA CYS CA 70 -119.81 -33.28 -48.76
C CYS CA 70 -119.16 -32.33 -49.77
N ASN CA 71 -117.93 -32.62 -50.21
CA ASN CA 71 -117.23 -31.70 -51.10
C ASN CA 71 -117.84 -31.68 -52.49
N ASN CA 72 -118.28 -32.83 -52.99
CA ASN CA 72 -118.83 -32.93 -54.34
C ASN CA 72 -120.34 -32.71 -54.38
N VAL CA 73 -120.97 -32.46 -53.24
CA VAL CA 73 -122.42 -32.29 -53.17
C VAL CA 73 -122.77 -30.82 -53.29
N LEU CA 74 -123.68 -30.49 -54.19
CA LEU CA 74 -124.13 -29.12 -54.38
C LEU CA 74 -125.47 -28.84 -53.71
N TRP CA 75 -126.50 -29.63 -54.02
CA TRP CA 75 -127.83 -29.41 -53.44
C TRP CA 75 -128.44 -30.75 -53.07
N VAL CA 76 -129.35 -30.71 -52.11
CA VAL CA 76 -130.08 -31.90 -51.66
C VAL CA 76 -131.53 -31.53 -51.42
N THR CA 77 -132.45 -32.40 -51.82
CA THR CA 77 -133.87 -32.16 -51.65
C THR CA 77 -134.59 -33.48 -51.48
N ALA CA 78 -135.85 -33.40 -51.04
CA ALA CA 78 -136.66 -34.61 -50.92
C ALA CA 78 -137.08 -35.10 -52.30
N ALA CA 79 -137.09 -36.42 -52.46
CA ALA CA 79 -137.49 -37.04 -53.71
C ALA CA 79 -138.98 -37.33 -53.79
N ALA CA 80 -139.74 -36.99 -52.76
CA ALA CA 80 -141.18 -37.21 -52.76
C ALA CA 80 -141.87 -36.05 -53.45
N GLY CA 81 -142.60 -36.34 -54.53
CA GLY CA 81 -143.29 -35.31 -55.27
C GLY CA 81 -142.40 -34.41 -56.10
N LYS CA 82 -141.19 -34.87 -56.43
CA LYS CA 82 -140.25 -34.10 -57.22
C LYS CA 82 -139.97 -34.84 -58.52
N GLN CA 83 -140.05 -34.13 -59.64
CA GLN CA 83 -139.82 -34.71 -60.95
C GLN CA 83 -138.37 -34.48 -61.38
N MET CA 84 -137.69 -35.55 -61.79
CA MET CA 84 -136.31 -35.46 -62.22
C MET CA 84 -136.16 -34.83 -63.60
N THR CA 85 -137.21 -34.80 -64.40
CA THR CA 85 -137.13 -34.19 -65.71
C THR CA 85 -137.07 -32.67 -65.58
N PRO CA 86 -136.30 -31.99 -66.44
CA PRO CA 86 -136.22 -30.53 -66.36
C PRO CA 86 -137.45 -29.88 -67.00
N THR CA 87 -138.02 -28.91 -66.29
CA THR CA 87 -139.19 -28.21 -66.80
C THR CA 87 -138.80 -27.27 -67.93
N GLU CA 88 -139.66 -27.20 -68.95
CA GLU CA 88 -139.41 -26.34 -70.09
C GLU CA 88 -139.97 -24.94 -69.87
N ALA DA 507 -118.43 -44.23 -36.86
CA ALA DA 507 -118.78 -45.57 -36.40
C ALA DA 507 -120.25 -45.88 -36.68
N ASN DA 508 -120.99 -44.87 -37.11
CA ASN DA 508 -122.40 -45.03 -37.42
C ASN DA 508 -122.82 -44.40 -38.74
N GLY DA 509 -121.98 -43.58 -39.36
CA GLY DA 509 -122.31 -42.96 -40.62
C GLY DA 509 -121.68 -43.67 -41.79
N PRO DA 510 -121.16 -42.90 -42.76
CA PRO DA 510 -120.42 -43.52 -43.87
C PRO DA 510 -119.13 -44.21 -43.42
N LEU DA 511 -118.57 -43.81 -42.27
CA LEU DA 511 -117.41 -44.52 -41.73
C LEU DA 511 -117.77 -45.94 -41.33
N SER DA 512 -118.99 -46.17 -40.85
CA SER DA 512 -119.45 -47.52 -40.56
C SER DA 512 -119.55 -48.35 -41.83
N LEU DA 513 -120.05 -47.76 -42.92
CA LEU DA 513 -120.12 -48.46 -44.20
C LEU DA 513 -118.72 -48.77 -44.73
N LEU DA 514 -117.79 -47.83 -44.59
CA LEU DA 514 -116.42 -48.07 -45.03
C LEU DA 514 -115.75 -49.16 -44.21
N GLN DA 515 -116.00 -49.18 -42.89
CA GLN DA 515 -115.46 -50.23 -42.04
C GLN DA 515 -116.06 -51.59 -42.37
N THR DA 516 -117.36 -51.63 -42.68
CA THR DA 516 -118.00 -52.87 -43.09
C THR DA 516 -117.44 -53.38 -44.42
N ALA DA 517 -117.20 -52.47 -45.36
CA ALA DA 517 -116.60 -52.86 -46.64
C ALA DA 517 -115.16 -53.33 -46.47
N VAL DA 518 -114.42 -52.72 -45.55
CA VAL DA 518 -113.04 -53.16 -45.30
C VAL DA 518 -113.02 -54.52 -44.62
N ARG DA 519 -113.93 -54.74 -43.67
CA ARG DA 519 -113.99 -56.02 -42.97
C ARG DA 519 -114.46 -57.14 -43.89
N SER DA 520 -115.42 -56.85 -44.76
CA SER DA 520 -115.90 -57.85 -45.71
C SER DA 520 -114.94 -58.06 -46.87
N HIS DA 521 -113.97 -57.15 -47.06
CA HIS DA 521 -112.99 -57.19 -48.17
C HIS DA 521 -113.69 -57.24 -49.53
N THR DA 522 -114.80 -56.51 -49.64
CA THR DA 522 -115.59 -56.49 -50.86
C THR DA 522 -115.07 -55.42 -51.81
N GLN DA 523 -115.09 -55.72 -53.10
CA GLN DA 523 -114.65 -54.76 -54.10
C GLN DA 523 -115.67 -53.63 -54.22
N VAL DA 524 -115.17 -52.39 -54.21
CA VAL DA 524 -115.99 -51.20 -54.32
C VAL DA 524 -115.43 -50.34 -55.45
N LEU DA 525 -116.29 -49.52 -56.03
CA LEU DA 525 -115.93 -48.66 -57.16
C LEU DA 525 -115.93 -47.21 -56.69
N ILE DA 526 -114.78 -46.55 -56.82
CA ILE DA 526 -114.63 -45.16 -56.44
C ILE DA 526 -114.43 -44.36 -57.72
N SER DA 527 -115.29 -43.37 -57.92
CA SER DA 527 -115.17 -42.43 -59.03
C SER DA 527 -114.37 -41.22 -58.54
N VAL DA 528 -113.20 -41.02 -59.13
CA VAL DA 528 -112.29 -39.94 -58.75
C VAL DA 528 -112.46 -38.80 -59.73
N ARG DA 529 -112.41 -37.58 -59.18
CA ARG DA 529 -112.76 -36.35 -59.87
C ARG DA 529 -111.82 -35.99 -61.01
N SER DA 530 -110.69 -36.66 -61.13
CA SER DA 530 -109.82 -36.55 -62.30
C SER DA 530 -110.34 -37.37 -63.49
N GLY DA 531 -111.60 -37.79 -63.46
CA GLY DA 531 -112.15 -38.61 -64.53
C GLY DA 531 -111.76 -40.06 -64.45
N ARG DA 532 -111.54 -40.59 -63.26
CA ARG DA 532 -111.05 -41.95 -63.12
C ARG DA 532 -112.05 -42.82 -62.38
N LYS DA 533 -111.91 -44.14 -62.55
CA LYS DA 533 -112.66 -45.11 -61.77
C LYS DA 533 -111.69 -46.12 -61.19
N LEU DA 534 -111.98 -46.60 -59.98
CA LEU DA 534 -111.11 -47.54 -59.30
C LEU DA 534 -111.94 -48.63 -58.64
N LEU DA 535 -111.79 -49.86 -59.11
CA LEU DA 535 -112.42 -51.02 -58.48
C LEU DA 535 -111.37 -51.68 -57.59
N ALA DA 536 -111.59 -51.62 -56.27
CA ALA DA 536 -110.58 -52.11 -55.35
C ALA DA 536 -111.22 -52.59 -54.07
N ARG DA 537 -110.49 -53.44 -53.34
CA ARG DA 537 -110.93 -53.92 -52.04
C ARG DA 537 -110.38 -53.02 -50.95
N VAL DA 538 -111.26 -52.57 -50.06
CA VAL DA 538 -110.85 -51.62 -49.02
C VAL DA 538 -110.04 -52.35 -47.96
N LYS DA 539 -108.85 -51.83 -47.67
CA LYS DA 539 -107.97 -52.38 -46.65
C LYS DA 539 -107.84 -51.49 -45.42
N ALA DA 540 -107.73 -50.18 -45.61
CA ALA DA 540 -107.63 -49.25 -44.49
C ALA DA 540 -108.28 -47.93 -44.88
N PHE DA 541 -108.86 -47.26 -43.87
CA PHE DA 541 -109.53 -45.99 -44.10
C PHE DA 541 -109.25 -45.06 -42.93
N ASP DA 542 -109.40 -43.77 -43.19
CA ASP DA 542 -109.18 -42.72 -42.20
C ASP DA 542 -110.43 -41.87 -42.08
N ARG DA 543 -110.44 -40.98 -41.09
CA ARG DA 543 -111.59 -40.11 -40.88
C ARG DA 543 -111.72 -39.05 -41.96
N HIS DA 544 -110.61 -38.67 -42.61
CA HIS DA 544 -110.63 -37.70 -43.68
C HIS DA 544 -110.79 -38.35 -45.06
N CYS DA 545 -111.43 -39.51 -45.11
CA CYS DA 545 -111.71 -40.28 -46.33
C CYS DA 545 -110.47 -40.75 -47.07
N ASN DA 546 -109.30 -40.71 -46.42
CA ASN DA 546 -108.09 -41.24 -47.01
C ASN DA 546 -108.14 -42.77 -46.97
N MET DA 547 -107.87 -43.41 -48.10
CA MET DA 547 -108.06 -44.84 -48.23
C MET DA 547 -106.77 -45.51 -48.71
N ILE DA 548 -106.53 -46.72 -48.21
CA ILE DA 548 -105.47 -47.58 -48.69
C ILE DA 548 -106.12 -48.90 -49.10
N LEU DA 549 -105.90 -49.30 -50.35
CA LEU DA 549 -106.60 -50.43 -50.93
C LEU DA 549 -105.61 -51.37 -51.59
N GLU DA 550 -106.04 -52.63 -51.74
CA GLU DA 550 -105.26 -53.68 -52.38
C GLU DA 550 -106.04 -54.26 -53.56
N ASN DA 551 -105.29 -54.72 -54.55
CA ASN DA 551 -105.83 -55.30 -55.79
C ASN DA 551 -106.75 -54.32 -56.51
N VAL DA 552 -106.15 -53.20 -56.93
CA VAL DA 552 -106.89 -52.09 -57.50
C VAL DA 552 -106.82 -52.16 -59.03
N LYS DA 553 -107.97 -52.01 -59.67
CA LYS DA 553 -108.06 -51.88 -61.12
C LYS DA 553 -108.53 -50.46 -61.43
N GLU DA 554 -107.67 -49.69 -62.07
CA GLU DA 554 -107.95 -48.29 -62.38
C GLU DA 554 -108.32 -48.17 -63.85
N MET DA 555 -109.49 -47.62 -64.13
CA MET DA 555 -110.00 -47.44 -65.47
C MET DA 555 -110.18 -45.95 -65.78
N TRP DA 556 -109.98 -45.60 -67.04
CA TRP DA 556 -110.14 -44.23 -67.50
C TRP DA 556 -110.49 -44.26 -68.98
N THR DA 557 -110.98 -43.13 -69.48
CA THR DA 557 -111.33 -42.97 -70.89
C THR DA 557 -110.35 -41.99 -71.52
N GLU DA 558 -109.67 -42.42 -72.57
CA GLU DA 558 -108.69 -41.60 -73.27
C GLU DA 558 -109.11 -41.44 -74.73
N THR DA 559 -109.17 -40.20 -75.19
CA THR DA 559 -109.53 -39.93 -76.57
C THR DA 559 -108.26 -39.88 -77.41
N PRO DA 560 -108.07 -40.81 -78.35
CA PRO DA 560 -106.84 -40.78 -79.17
C PRO DA 560 -106.95 -39.74 -80.28
N VAL DA 561 -105.93 -38.89 -80.36
CA VAL DA 561 -105.86 -37.85 -81.37
C VAL DA 561 -104.76 -38.25 -82.35
N THR DA 562 -105.15 -38.90 -83.44
CA THR DA 562 -104.21 -39.37 -84.45
C THR DA 562 -104.28 -38.43 -85.65
N ASN DA 563 -103.13 -37.81 -85.98
CA ASN DA 563 -102.98 -36.89 -87.11
C ASN DA 563 -103.97 -35.72 -87.03
N GLY DA 564 -104.21 -35.23 -85.81
CA GLY DA 564 -105.09 -34.10 -85.61
C GLY DA 564 -106.56 -34.42 -85.60
N LYS DA 565 -106.94 -35.68 -85.69
CA LYS DA 565 -108.34 -36.09 -85.71
C LYS DA 565 -108.69 -36.80 -84.41
N LYS DA 566 -109.77 -36.36 -83.77
CA LYS DA 566 -110.22 -36.95 -82.51
C LYS DA 566 -111.06 -38.19 -82.83
N GLY DA 567 -110.52 -39.36 -82.50
CA GLY DA 567 -111.20 -40.61 -82.75
C GLY DA 567 -112.10 -41.02 -81.59
N ARG DA 568 -112.54 -42.27 -81.64
CA ARG DA 568 -113.39 -42.81 -80.60
C ARG DA 568 -112.57 -43.00 -79.31
N PRO DA 569 -113.15 -42.74 -78.15
CA PRO DA 569 -112.42 -42.94 -76.90
C PRO DA 569 -112.19 -44.41 -76.61
N VAL DA 570 -111.10 -44.68 -75.90
CA VAL DA 570 -110.69 -46.03 -75.53
C VAL DA 570 -110.65 -46.12 -74.01
N ASN DA 571 -111.16 -47.22 -73.47
CA ASN DA 571 -111.16 -47.45 -72.03
C ASN DA 571 -109.84 -48.12 -71.65
N LYS DA 572 -108.94 -47.34 -71.08
CA LYS DA 572 -107.66 -47.85 -70.62
C LYS DA 572 -107.76 -48.32 -69.18
N ASP DA 573 -107.06 -49.41 -68.88
CA ASP DA 573 -107.10 -50.00 -67.55
C ASP DA 573 -105.69 -50.36 -67.10
N ARG DA 574 -105.47 -50.27 -65.79
CA ARG DA 574 -104.18 -50.59 -65.19
C ARG DA 574 -104.42 -51.33 -63.88
N PHE DA 575 -103.44 -52.12 -63.48
CA PHE DA 575 -103.52 -52.90 -62.25
C PHE DA 575 -102.47 -52.42 -61.27
N ILE DA 576 -102.89 -52.15 -60.04
CA ILE DA 576 -102.01 -51.72 -58.96
C ILE DA 576 -102.16 -52.68 -57.80
N SER DA 577 -101.04 -53.14 -57.25
CA SER DA 577 -101.09 -54.06 -56.12
C SER DA 577 -101.59 -53.36 -54.87
N LYS DA 578 -100.93 -52.27 -54.47
CA LYS DA 578 -101.34 -51.46 -53.33
C LYS DA 578 -101.47 -50.02 -53.78
N MET DA 579 -102.57 -49.38 -53.41
CA MET DA 579 -102.85 -48.00 -53.81
C MET DA 579 -103.26 -47.19 -52.59
N PHE DA 580 -102.91 -45.90 -52.62
CA PHE DA 580 -103.28 -44.95 -51.57
C PHE DA 580 -103.93 -43.74 -52.22
N LEU DA 581 -105.20 -43.51 -51.89
CA LEU DA 581 -105.97 -42.42 -52.47
C LEU DA 581 -106.36 -41.44 -51.38
N ARG DA 582 -106.10 -40.16 -51.62
CA ARG DA 582 -106.47 -39.13 -50.67
C ARG DA 582 -107.98 -38.89 -50.69
N GLY DA 583 -108.52 -38.46 -49.55
CA GLY DA 583 -109.94 -38.17 -49.46
C GLY DA 583 -110.37 -36.91 -50.17
N ASP DA 584 -109.41 -36.00 -50.44
CA ASP DA 584 -109.75 -34.77 -51.15
C ASP DA 584 -110.09 -35.03 -52.61
N SER DA 585 -109.39 -35.98 -53.25
CA SER DA 585 -109.60 -36.27 -54.66
C SER DA 585 -110.75 -37.23 -54.90
N VAL DA 586 -111.35 -37.78 -53.85
CA VAL DA 586 -112.45 -38.74 -54.01
C VAL DA 586 -113.73 -37.95 -54.29
N VAL DA 587 -114.40 -38.29 -55.39
CA VAL DA 587 -115.64 -37.62 -55.76
C VAL DA 587 -116.86 -38.44 -55.36
N ILE DA 588 -116.85 -39.75 -55.66
CA ILE DA 588 -117.98 -40.62 -55.32
C ILE DA 588 -117.44 -42.00 -54.97
N VAL DA 589 -118.19 -42.72 -54.14
CA VAL DA 589 -117.82 -44.08 -53.75
C VAL DA 589 -119.09 -44.92 -53.74
N LEU DA 590 -119.00 -46.15 -54.25
CA LEU DA 590 -120.11 -47.08 -54.25
C LEU DA 590 -119.60 -48.45 -53.83
N LEU DA 591 -120.15 -48.98 -52.74
CA LEU DA 591 -119.75 -50.28 -52.22
C LEU DA 591 -120.49 -51.38 -52.97
N SER DA 592 -119.75 -52.31 -53.54
CA SER DA 592 -120.35 -53.41 -54.29
C SER DA 592 -120.02 -54.76 -53.64
N MET EA 1 -107.45 -44.56 -35.89
CA MET EA 1 -106.04 -44.48 -36.24
C MET EA 1 -105.78 -43.30 -37.16
N LYS EA 2 -104.51 -42.97 -37.35
CA LYS EA 2 -104.09 -41.87 -38.21
C LYS EA 2 -103.33 -42.42 -39.41
N LEU EA 3 -103.77 -42.05 -40.61
CA LEU EA 3 -103.08 -42.47 -41.83
C LEU EA 3 -101.72 -41.80 -41.97
N VAL EA 4 -101.50 -40.68 -41.29
CA VAL EA 4 -100.19 -40.03 -41.32
C VAL EA 4 -99.15 -40.90 -40.63
N ARG EA 5 -99.55 -41.58 -39.55
CA ARG EA 5 -98.65 -42.52 -38.89
C ARG EA 5 -98.32 -43.70 -39.79
N PHE EA 6 -99.29 -44.18 -40.56
CA PHE EA 6 -99.04 -45.26 -41.50
C PHE EA 6 -98.12 -44.81 -42.63
N LEU EA 7 -98.29 -43.57 -43.11
CA LEU EA 7 -97.41 -43.05 -44.15
C LEU EA 7 -95.99 -42.84 -43.62
N MET EA 8 -95.86 -42.40 -42.37
CA MET EA 8 -94.54 -42.28 -41.75
C MET EA 8 -93.90 -43.65 -41.57
N LYS EA 9 -94.70 -44.66 -41.23
CA LYS EA 9 -94.20 -46.03 -41.19
C LYS EA 9 -93.89 -46.56 -42.60
N CYS EA 10 -94.49 -45.98 -43.63
CA CYS EA 10 -94.25 -46.36 -45.00
C CYS EA 10 -93.11 -45.57 -45.65
N ALA EA 11 -92.42 -44.74 -44.87
CA ALA EA 11 -91.32 -43.95 -45.40
C ALA EA 11 -90.09 -44.82 -45.63
N ASN EA 12 -89.03 -44.18 -46.12
CA ASN EA 12 -87.77 -44.84 -46.51
C ASN EA 12 -88.01 -45.94 -47.53
N GLU EA 13 -88.90 -45.67 -48.47
CA GLU EA 13 -89.28 -46.64 -49.50
C GLU EA 13 -89.36 -45.94 -50.85
N THR EA 14 -89.20 -46.71 -51.92
CA THR EA 14 -89.29 -46.20 -53.27
C THR EA 14 -90.73 -46.32 -53.75
N VAL EA 15 -91.34 -45.18 -54.08
CA VAL EA 15 -92.73 -45.11 -54.50
C VAL EA 15 -92.83 -44.20 -55.72
N THR EA 16 -94.06 -44.01 -56.19
CA THR EA 16 -94.35 -43.11 -57.30
C THR EA 16 -95.69 -42.43 -57.03
N ILE EA 17 -95.69 -41.11 -56.95
CA ILE EA 17 -96.88 -40.34 -56.61
C ILE EA 17 -97.23 -39.45 -57.80
N GLU EA 18 -98.48 -39.54 -58.24
CA GLU EA 18 -99.02 -38.65 -59.26
C GLU EA 18 -99.85 -37.58 -58.58
N LEU EA 19 -99.54 -36.32 -58.89
CA LEU EA 19 -100.19 -35.18 -58.26
C LEU EA 19 -101.51 -34.85 -58.95
N LYS EA 20 -102.21 -33.86 -58.39
CA LYS EA 20 -103.46 -33.41 -58.98
C LYS EA 20 -103.25 -32.63 -60.27
N ASN EA 21 -102.04 -32.14 -60.51
CA ASN EA 21 -101.73 -31.39 -61.72
C ASN EA 21 -101.26 -32.27 -62.86
N GLY EA 22 -101.25 -33.59 -62.67
CA GLY EA 22 -100.82 -34.52 -63.70
C GLY EA 22 -99.36 -34.88 -63.67
N ALA EA 23 -98.55 -34.20 -62.86
CA ALA EA 23 -97.14 -34.54 -62.75
C ALA EA 23 -96.96 -35.75 -61.85
N ILE EA 24 -96.11 -36.67 -62.27
CA ILE EA 24 -95.84 -37.91 -61.53
C ILE EA 24 -94.36 -37.95 -61.19
N VAL EA 25 -94.05 -38.15 -59.92
CA VAL EA 25 -92.67 -38.20 -59.44
C VAL EA 25 -92.44 -39.56 -58.81
N HIS EA 26 -91.37 -40.23 -59.22
CA HIS EA 26 -91.00 -41.54 -58.70
C HIS EA 26 -89.63 -41.45 -58.05
N GLY EA 27 -89.51 -42.03 -56.86
CA GLY EA 27 -88.23 -42.01 -56.16
C GLY EA 27 -88.36 -42.59 -54.78
N THR EA 28 -87.23 -42.58 -54.08
CA THR EA 28 -87.16 -43.12 -52.71
C THR EA 28 -87.49 -42.01 -51.73
N ILE EA 29 -88.48 -42.27 -50.87
CA ILE EA 29 -88.93 -41.27 -49.91
C ILE EA 29 -87.88 -41.09 -48.82
N ALA EA 30 -87.60 -39.83 -48.47
CA ALA EA 30 -86.64 -39.51 -47.43
C ALA EA 30 -87.29 -39.08 -46.12
N SER EA 31 -88.38 -38.32 -46.19
CA SER EA 31 -89.06 -37.85 -44.99
C SER EA 31 -90.54 -37.65 -45.28
N VAL EA 32 -91.36 -37.86 -44.25
CA VAL EA 32 -92.81 -37.69 -44.34
C VAL EA 32 -93.27 -36.85 -43.17
N THR EA 33 -94.03 -35.79 -43.46
CA THR EA 33 -94.54 -34.90 -42.44
C THR EA 33 -95.92 -35.35 -41.96
N PRO EA 34 -96.34 -34.88 -40.78
CA PRO EA 34 -97.71 -35.18 -40.32
C PRO EA 34 -98.79 -34.55 -41.18
N LYS EA 35 -98.46 -33.50 -41.95
CA LYS EA 35 -99.39 -32.91 -42.91
C LYS EA 35 -99.23 -33.52 -44.30
N MET EA 36 -98.75 -34.76 -44.38
CA MET EA 36 -98.58 -35.56 -45.59
C MET EA 36 -97.59 -34.95 -46.58
N ASP EA 37 -96.80 -33.97 -46.17
CA ASP EA 37 -95.77 -33.42 -47.05
C ASP EA 37 -94.58 -34.39 -47.09
N THR EA 38 -94.28 -34.89 -48.28
CA THR EA 38 -93.27 -35.93 -48.45
C THR EA 38 -92.09 -35.40 -49.24
N ALA EA 39 -90.89 -35.53 -48.68
CA ALA EA 39 -89.66 -35.22 -49.39
C ALA EA 39 -88.98 -36.54 -49.77
N LEU EA 40 -88.69 -36.70 -51.05
CA LEU EA 40 -88.14 -37.94 -51.58
C LEU EA 40 -86.79 -37.68 -52.21
N ARG EA 41 -85.90 -38.66 -52.10
CA ARG EA 41 -84.57 -38.61 -52.68
C ARG EA 41 -84.53 -39.42 -53.96
N ASN EA 42 -83.61 -39.04 -54.85
CA ASN EA 42 -83.45 -39.62 -56.19
C ASN EA 42 -84.77 -39.56 -56.97
N VAL EA 43 -85.25 -38.35 -57.15
CA VAL EA 43 -86.58 -38.12 -57.71
C VAL EA 43 -86.49 -38.01 -59.22
N ARG EA 44 -87.48 -38.58 -59.91
CA ARG EA 44 -87.65 -38.40 -61.34
C ARG EA 44 -89.08 -37.92 -61.57
N TYR EA 45 -89.23 -36.70 -62.07
CA TYR EA 45 -90.52 -36.04 -62.18
C TYR EA 45 -90.90 -35.83 -63.63
N THR EA 46 -92.16 -36.07 -63.95
CA THR EA 46 -92.68 -35.86 -65.29
C THR EA 46 -93.93 -34.98 -65.21
N PRO EA 47 -93.90 -33.79 -65.81
CA PRO EA 47 -95.09 -32.92 -65.76
C PRO EA 47 -96.09 -33.27 -66.84
N LYS EA 48 -97.15 -32.47 -66.95
CA LYS EA 48 -98.19 -32.69 -67.95
C LYS EA 48 -97.67 -32.26 -69.32
N GLY EA 49 -97.20 -33.23 -70.10
CA GLY EA 49 -96.72 -32.97 -71.44
C GLY EA 49 -95.28 -32.52 -71.55
N GLU EA 50 -94.56 -32.44 -70.44
CA GLU EA 50 -93.16 -32.04 -70.44
C GLU EA 50 -92.25 -33.25 -70.32
N GLU EA 51 -91.01 -33.07 -70.75
CA GLU EA 51 -90.02 -34.14 -70.64
C GLU EA 51 -89.67 -34.38 -69.17
N PRO EA 52 -89.31 -35.61 -68.80
CA PRO EA 52 -88.97 -35.88 -67.41
C PRO EA 52 -87.64 -35.26 -67.02
N TYR EA 53 -87.51 -34.95 -65.73
CA TYR EA 53 -86.30 -34.39 -65.16
C TYR EA 53 -85.91 -35.17 -63.91
N SER EA 54 -84.63 -35.46 -63.77
CA SER EA 54 -84.10 -36.20 -62.63
C SER EA 54 -83.39 -35.23 -61.70
N VAL EA 55 -83.78 -35.26 -60.43
CA VAL EA 55 -83.18 -34.41 -59.40
C VAL EA 55 -82.78 -35.28 -58.22
N GLU EA 56 -81.85 -34.75 -57.42
CA GLU EA 56 -81.38 -35.48 -56.24
C GLU EA 56 -82.50 -35.65 -55.22
N SER EA 57 -83.31 -34.61 -55.03
CA SER EA 57 -84.43 -34.67 -54.09
C SER EA 57 -85.53 -33.75 -54.56
N LEU EA 58 -86.74 -34.02 -54.07
CA LEU EA 58 -87.90 -33.21 -54.38
C LEU EA 58 -88.91 -33.34 -53.26
N THR EA 59 -89.47 -32.21 -52.83
CA THR EA 59 -90.45 -32.16 -51.75
C THR EA 59 -91.80 -31.79 -52.33
N VAL EA 60 -92.81 -32.62 -52.06
CA VAL EA 60 -94.16 -32.40 -52.53
C VAL EA 60 -95.08 -32.21 -51.33
N ARG EA 61 -95.94 -31.19 -51.40
CA ARG EA 61 -96.87 -30.91 -50.32
C ARG EA 61 -97.95 -31.99 -50.25
N GLY EA 62 -98.56 -32.11 -49.07
CA GLY EA 62 -99.59 -33.10 -48.86
C GLY EA 62 -100.92 -32.77 -49.48
N ASN EA 63 -101.09 -31.54 -49.98
CA ASN EA 63 -102.33 -31.13 -50.64
C ASN EA 63 -102.28 -31.28 -52.15
N THR EA 64 -101.10 -31.11 -52.76
CA THR EA 64 -100.98 -31.19 -54.21
C THR EA 64 -101.01 -32.61 -54.74
N ILE EA 65 -100.69 -33.61 -53.91
CA ILE EA 65 -100.63 -34.99 -54.38
C ILE EA 65 -102.04 -35.54 -54.55
N ARG EA 66 -102.18 -36.48 -55.49
CA ARG EA 66 -103.46 -37.13 -55.77
C ARG EA 66 -103.45 -38.61 -55.44
N TYR EA 67 -102.50 -39.37 -55.96
CA TYR EA 67 -102.48 -40.81 -55.71
C TYR EA 67 -101.05 -41.31 -55.69
N TYR EA 68 -100.69 -42.05 -54.63
CA TYR EA 68 -99.36 -42.61 -54.49
C TYR EA 68 -99.42 -44.13 -54.55
N ILE EA 69 -98.45 -44.72 -55.24
CA ILE EA 69 -98.33 -46.16 -55.38
C ILE EA 69 -96.97 -46.59 -54.86
N LEU EA 70 -96.97 -47.52 -53.90
CA LEU EA 70 -95.75 -48.01 -53.28
C LEU EA 70 -95.42 -49.41 -53.80
N PRO EA 71 -94.31 -50.01 -53.36
CA PRO EA 71 -93.98 -51.36 -53.82
C PRO EA 71 -94.95 -52.40 -53.27
N ASP EA 72 -95.07 -53.51 -54.00
CA ASP EA 72 -96.01 -54.57 -53.62
C ASP EA 72 -95.56 -55.35 -52.40
N SER EA 73 -94.28 -55.27 -52.03
CA SER EA 73 -93.74 -55.99 -50.88
C SER EA 73 -93.83 -55.18 -49.59
N LEU EA 74 -94.69 -54.17 -49.55
CA LEU EA 74 -94.83 -53.36 -48.35
C LEU EA 74 -95.56 -54.12 -47.26
N PRO EA 75 -95.02 -54.19 -46.04
CA PRO EA 75 -95.74 -54.86 -44.96
C PRO EA 75 -96.90 -54.01 -44.45
N LEU EA 76 -98.04 -54.10 -45.14
CA LEU EA 76 -99.20 -53.29 -44.80
C LEU EA 76 -99.78 -53.69 -43.44
N ASP EA 77 -99.76 -55.00 -43.13
CA ASP EA 77 -100.25 -55.46 -41.83
C ASP EA 77 -99.36 -54.97 -40.71
N THR EA 78 -98.04 -54.97 -40.91
CA THR EA 78 -97.12 -54.46 -39.90
C THR EA 78 -97.22 -52.96 -39.76
N LEU EA 79 -97.46 -52.24 -40.86
CA LEU EA 79 -97.57 -50.78 -40.81
C LEU EA 79 -98.91 -50.31 -40.27
N LEU EA 80 -99.91 -51.17 -40.21
CA LEU EA 80 -101.23 -50.81 -39.69
C LEU EA 80 -101.40 -51.18 -38.23
N ILE EA 81 -100.35 -51.66 -37.57
CA ILE EA 81 -100.45 -52.02 -36.15
C ILE EA 81 -100.54 -50.75 -35.31
N ASP EA 82 -101.45 -50.77 -34.34
CA ASP EA 82 -101.67 -49.62 -33.47
C ASP EA 82 -100.53 -49.53 -32.46
N ASP EA 83 -99.71 -48.48 -32.58
CA ASP EA 83 -98.59 -48.27 -31.68
C ASP EA 83 -98.73 -47.02 -30.82
N ALA EA 84 -99.63 -46.10 -31.15
CA ALA EA 84 -99.82 -44.91 -30.35
C ALA EA 84 -100.56 -45.26 -29.05
N PRO EA 85 -100.32 -44.51 -27.99
CA PRO EA 85 -101.01 -44.78 -26.72
C PRO EA 85 -102.49 -44.44 -26.80
N LYS EA 86 -103.28 -45.15 -26.02
CA LYS EA 86 -104.72 -44.92 -25.97
C LYS EA 86 -105.02 -43.65 -25.18
N PRO EA 87 -105.77 -42.70 -25.75
CA PRO EA 87 -106.12 -41.44 -25.08
C PRO EA 87 -107.14 -41.64 -23.96
N TYR FA 14 -83.52 -26.33 -43.37
CA TYR FA 14 -83.39 -26.33 -44.82
C TYR FA 14 -83.28 -24.90 -45.35
N ILE FA 15 -83.11 -23.95 -44.43
CA ILE FA 15 -83.05 -22.54 -44.83
C ILE FA 15 -81.68 -22.23 -45.42
N ASN FA 16 -81.60 -21.07 -46.07
CA ASN FA 16 -80.37 -20.49 -46.63
C ASN FA 16 -79.73 -21.38 -47.69
N TRP FA 17 -80.50 -22.24 -48.35
CA TRP FA 17 -80.01 -23.10 -49.41
C TRP FA 17 -80.61 -22.64 -50.74
N ARG FA 18 -79.77 -22.55 -51.77
CA ARG FA 18 -80.21 -22.06 -53.06
C ARG FA 18 -81.07 -23.12 -53.73
N MET FA 19 -82.36 -22.85 -53.87
CA MET FA 19 -83.31 -23.82 -54.38
C MET FA 19 -84.21 -23.19 -55.43
N ARG FA 20 -84.83 -24.07 -56.23
CA ARG FA 20 -85.81 -23.68 -57.23
C ARG FA 20 -87.15 -24.29 -56.89
N VAL FA 21 -88.18 -23.46 -56.82
CA VAL FA 21 -89.53 -23.89 -56.45
C VAL FA 21 -90.44 -23.76 -57.65
N THR FA 22 -91.34 -24.72 -57.81
CA THR FA 22 -92.29 -24.75 -58.91
C THR FA 22 -93.64 -24.28 -58.41
N LEU FA 23 -94.20 -23.27 -59.07
CA LEU FA 23 -95.50 -22.73 -58.71
C LEU FA 23 -96.61 -23.59 -59.33
N ASN FA 24 -97.84 -23.34 -58.89
CA ASN FA 24 -98.99 -24.06 -59.42
C ASN FA 24 -99.32 -23.67 -60.86
N ASP FA 25 -98.85 -22.51 -61.32
CA ASP FA 25 -99.06 -22.06 -62.68
C ASP FA 25 -97.95 -22.50 -63.62
N GLY FA 26 -97.00 -23.30 -63.14
CA GLY FA 26 -95.90 -23.77 -63.95
C GLY FA 26 -94.67 -22.88 -63.97
N ARG FA 27 -94.74 -21.71 -63.35
CA ARG FA 27 -93.58 -20.83 -63.29
C ARG FA 27 -92.60 -21.32 -62.23
N GLN FA 28 -91.32 -21.26 -62.56
CA GLN FA 28 -90.24 -21.65 -61.66
C GLN FA 28 -89.60 -20.42 -61.05
N MET FA 29 -89.18 -20.52 -59.80
CA MET FA 29 -88.52 -19.42 -59.11
C MET FA 29 -87.27 -19.95 -58.44
N THR FA 30 -86.11 -19.44 -58.86
CA THR FA 30 -84.83 -19.87 -58.31
C THR FA 30 -84.24 -18.79 -57.43
N GLY FA 31 -83.77 -19.17 -56.25
CA GLY FA 31 -83.18 -18.21 -55.35
C GLY FA 31 -82.84 -18.84 -54.02
N GLN FA 32 -82.37 -17.99 -53.11
CA GLN FA 32 -81.98 -18.41 -51.78
C GLN FA 32 -83.21 -18.38 -50.87
N MET FA 33 -83.60 -19.54 -50.36
CA MET FA 33 -84.74 -19.62 -49.47
C MET FA 33 -84.39 -19.04 -48.12
N LEU FA 34 -85.04 -17.93 -47.77
CA LEU FA 34 -84.74 -17.22 -46.53
C LEU FA 34 -85.58 -17.71 -45.35
N ALA FA 35 -86.89 -17.89 -45.54
CA ALA FA 35 -87.73 -18.30 -44.43
C ALA FA 35 -88.94 -19.07 -44.94
N PHE FA 36 -89.48 -19.91 -44.06
CA PHE FA 36 -90.69 -20.68 -44.34
C PHE FA 36 -91.57 -20.65 -43.10
N ASP FA 37 -92.86 -20.81 -43.30
CA ASP FA 37 -93.85 -20.73 -42.23
C ASP FA 37 -94.57 -22.07 -42.08
N LYS FA 38 -95.57 -22.10 -41.21
CA LYS FA 38 -96.33 -23.32 -40.98
C LYS FA 38 -97.15 -23.71 -42.19
N HIS FA 39 -97.78 -22.73 -42.85
CA HIS FA 39 -98.61 -22.96 -44.02
C HIS FA 39 -97.80 -22.94 -45.31
N MET FA 40 -96.49 -23.18 -45.24
CA MET FA 40 -95.58 -23.28 -46.38
C MET FA 40 -95.52 -21.99 -47.21
N ASN FA 41 -95.80 -20.85 -46.57
CA ASN FA 41 -95.64 -19.55 -47.23
C ASN FA 41 -94.17 -19.18 -47.18
N LEU FA 42 -93.50 -19.22 -48.33
CA LEU FA 42 -92.05 -19.14 -48.38
C LEU FA 42 -91.59 -17.75 -48.81
N VAL FA 43 -90.65 -17.20 -48.07
CA VAL FA 43 -90.04 -15.90 -48.39
C VAL FA 43 -88.61 -16.16 -48.83
N LEU FA 44 -88.29 -15.77 -50.06
CA LEU FA 44 -86.98 -16.02 -50.64
C LEU FA 44 -86.44 -14.75 -51.27
N ALA FA 45 -85.12 -14.58 -51.19
CA ALA FA 45 -84.45 -13.41 -51.75
C ALA FA 45 -83.69 -13.79 -53.00
N ASP FA 46 -83.32 -12.75 -53.77
CA ASP FA 46 -82.63 -12.89 -55.06
C ASP FA 46 -83.40 -13.80 -56.01
N THR FA 47 -84.71 -13.64 -56.03
CA THR FA 47 -85.58 -14.53 -56.79
C THR FA 47 -85.48 -14.22 -58.28
N GLU FA 48 -85.36 -15.28 -59.08
CA GLU FA 48 -85.43 -15.18 -60.54
C GLU FA 48 -86.55 -16.08 -61.01
N GLU FA 49 -87.56 -15.50 -61.64
CA GLU FA 49 -88.70 -16.24 -62.15
C GLU FA 49 -88.43 -16.62 -63.59
N PHE FA 50 -88.31 -17.91 -63.84
CA PHE FA 50 -88.14 -18.47 -65.18
C PHE FA 50 -89.41 -19.20 -65.58
N ARG FA 51 -89.95 -18.84 -66.73
CA ARG FA 51 -91.13 -19.47 -67.30
C ARG FA 51 -90.73 -20.16 -68.60
N LYS FA 52 -91.02 -21.46 -68.69
CA LYS FA 52 -90.69 -22.26 -69.87
C LYS FA 52 -91.96 -22.38 -70.71
N THR FA 53 -92.09 -21.49 -71.70
CA THR FA 53 -93.25 -21.46 -72.57
C THR FA 53 -92.92 -22.19 -73.87
N LYS FA 54 -93.81 -23.10 -74.27
CA LYS FA 54 -93.62 -23.84 -75.51
C LYS FA 54 -94.09 -22.98 -76.69
N ARG FA 55 -93.19 -22.73 -77.63
CA ARG FA 55 -93.49 -21.94 -78.81
C ARG FA 55 -93.20 -22.76 -80.05
N MET FA 56 -94.12 -22.74 -81.01
CA MET FA 56 -93.98 -23.47 -82.26
C MET FA 56 -93.39 -22.52 -83.31
N GLN FA 57 -92.06 -22.52 -83.41
CA GLN FA 57 -91.38 -21.67 -84.37
C GLN FA 57 -91.28 -22.41 -85.71
N ALA FA 58 -91.82 -21.81 -86.76
CA ALA FA 58 -91.82 -22.40 -88.10
C ALA FA 58 -90.73 -21.73 -88.92
N LYS FA 59 -89.77 -22.53 -89.38
CA LYS FA 59 -88.70 -22.00 -90.20
C LYS FA 59 -89.21 -21.68 -91.60
N PRO FA 60 -88.59 -20.72 -92.29
CA PRO FA 60 -89.03 -20.41 -93.66
C PRO FA 60 -88.66 -21.47 -94.67
N ASN FA 61 -87.70 -22.34 -94.36
CA ASN FA 61 -87.29 -23.40 -95.29
C ASN FA 61 -87.82 -24.77 -94.91
N SER FA 62 -88.14 -25.00 -93.64
CA SER FA 62 -88.64 -26.28 -93.17
C SER FA 62 -90.13 -26.15 -92.85
N SER FA 63 -90.93 -27.07 -93.40
CA SER FA 63 -92.36 -27.04 -93.16
C SER FA 63 -92.74 -27.53 -91.77
N THR FA 64 -91.86 -28.27 -91.11
CA THR FA 64 -92.13 -28.79 -89.78
C THR FA 64 -91.82 -27.72 -88.73
N THR FA 65 -92.84 -27.26 -88.02
CA THR FA 65 -92.66 -26.25 -86.99
C THR FA 65 -92.06 -26.91 -85.74
N GLN FA 66 -90.95 -26.35 -85.26
CA GLN FA 66 -90.27 -26.91 -84.10
C GLN FA 66 -90.85 -26.31 -82.82
N THR FA 67 -91.24 -27.18 -81.89
CA THR FA 67 -91.76 -26.76 -80.59
C THR FA 67 -90.60 -26.65 -79.61
N LEU FA 68 -90.25 -25.42 -79.26
CA LEU FA 68 -89.13 -25.15 -78.37
C LEU FA 68 -89.63 -24.54 -77.06
N ILE FA 69 -89.06 -24.99 -75.94
CA ILE FA 69 -89.44 -24.49 -74.63
C ILE FA 69 -88.55 -23.27 -74.35
N GLN FA 70 -89.01 -22.10 -74.79
CA GLN FA 70 -88.28 -20.88 -74.55
C GLN FA 70 -88.42 -20.46 -73.08
N GLU FA 71 -87.29 -20.16 -72.45
CA GLU FA 71 -87.25 -19.82 -71.04
C GLU FA 71 -87.10 -18.31 -70.91
N GLU FA 72 -88.13 -17.65 -70.39
CA GLU FA 72 -88.11 -16.22 -70.11
C GLU FA 72 -87.82 -16.02 -68.63
N LYS FA 73 -86.74 -15.32 -68.32
CA LYS FA 73 -86.29 -15.13 -66.94
C LYS FA 73 -86.39 -13.65 -66.58
N ARG FA 74 -87.01 -13.37 -65.44
CA ARG FA 74 -87.13 -12.01 -64.92
C ARG FA 74 -86.71 -12.01 -63.45
N THR FA 75 -85.82 -11.10 -63.09
CA THR FA 75 -85.36 -11.00 -61.72
C THR FA 75 -86.35 -10.16 -60.90
N LEU FA 76 -86.78 -10.70 -59.76
CA LEU FA 76 -87.74 -10.03 -58.89
C LEU FA 76 -87.11 -9.53 -57.60
N GLY FA 77 -86.17 -10.27 -57.02
CA GLY FA 77 -85.51 -9.85 -55.80
C GLY FA 77 -85.98 -10.60 -54.57
N LEU FA 78 -86.61 -9.90 -53.63
CA LEU FA 78 -87.17 -10.49 -52.42
C LEU FA 78 -88.66 -10.67 -52.61
N THR FA 79 -89.12 -11.91 -52.57
CA THR FA 79 -90.52 -12.24 -52.83
C THR FA 79 -91.03 -13.24 -51.81
N ILE FA 80 -92.28 -13.04 -51.38
CA ILE FA 80 -92.97 -13.94 -50.47
C ILE FA 80 -94.14 -14.55 -51.23
N VAL FA 81 -94.24 -15.88 -51.20
CA VAL FA 81 -95.25 -16.63 -51.95
C VAL FA 81 -96.10 -17.42 -50.96
N ARG FA 82 -97.42 -17.40 -51.18
CA ARG FA 82 -98.35 -18.14 -50.34
C ARG FA 82 -98.20 -19.63 -50.57
N GLY FA 83 -98.47 -20.42 -49.52
CA GLY FA 83 -98.30 -21.85 -49.61
C GLY FA 83 -99.39 -22.59 -50.33
N ALA FA 84 -100.55 -21.95 -50.55
CA ALA FA 84 -101.62 -22.60 -51.29
C ALA FA 84 -101.31 -22.73 -52.77
N ASN FA 85 -100.55 -21.79 -53.34
CA ASN FA 85 -100.13 -21.86 -54.73
C ASN FA 85 -98.75 -22.50 -54.89
N ILE FA 86 -98.09 -22.85 -53.80
CA ILE FA 86 -96.80 -23.53 -53.87
C ILE FA 86 -97.03 -25.01 -54.11
N ILE FA 87 -96.24 -25.59 -55.02
CA ILE FA 87 -96.44 -26.98 -55.41
C ILE FA 87 -95.27 -27.83 -54.92
N ALA FA 88 -94.07 -27.53 -55.41
CA ALA FA 88 -92.90 -28.33 -55.08
C ALA FA 88 -91.65 -27.47 -55.22
N LEU FA 89 -90.56 -27.95 -54.65
CA LEU FA 89 -89.28 -27.27 -54.72
C LEU FA 89 -88.16 -28.28 -54.72
N SER FA 90 -87.05 -27.92 -55.35
CA SER FA 90 -85.86 -28.75 -55.42
C SER FA 90 -84.63 -27.90 -55.15
N VAL FA 91 -83.69 -28.46 -54.38
CA VAL FA 91 -82.47 -27.74 -54.05
C VAL FA 91 -81.55 -27.71 -55.25
N GLU FA 92 -81.05 -26.53 -55.59
CA GLU FA 92 -80.15 -26.34 -56.71
C GLU FA 92 -78.69 -26.33 -56.29
N SER FA 93 -78.32 -25.46 -55.35
CA SER FA 93 -76.96 -25.35 -54.86
C SER FA 93 -76.98 -25.17 -53.35
N PRO FA 94 -75.94 -25.64 -52.66
CA PRO FA 94 -75.89 -25.51 -51.20
C PRO FA 94 -75.41 -24.13 -50.80
N PRO FA 95 -75.17 -23.90 -49.51
CA PRO FA 95 -74.73 -22.58 -49.04
C PRO FA 95 -73.35 -22.23 -49.59
N PRO FA 96 -73.12 -20.94 -49.89
CA PRO FA 96 -71.87 -20.41 -50.45
C PRO FA 96 -71.17 -19.46 -49.49
N THR FA 114 -60.67 -19.85 -33.82
CA THR FA 114 -60.32 -19.53 -32.44
C THR FA 114 -59.08 -20.29 -32.01
N LEU FA 115 -58.13 -20.45 -32.95
CA LEU FA 115 -56.87 -21.13 -32.66
C LEU FA 115 -56.04 -20.28 -31.73
N THR FA 116 -55.89 -20.71 -30.49
CA THR FA 116 -55.04 -20.00 -29.55
C THR FA 116 -53.58 -20.43 -29.73
N ALA FA 117 -52.67 -19.52 -29.43
CA ALA FA 117 -51.25 -19.77 -29.60
C ALA FA 117 -50.68 -20.42 -28.35
N GLY FA 118 -50.03 -21.56 -28.53
CA GLY FA 118 -49.53 -22.34 -27.43
C GLY FA 118 -48.17 -21.90 -26.93
N PRO FA 119 -47.58 -22.67 -26.05
CA PRO FA 119 -46.29 -22.32 -25.44
C PRO FA 119 -45.07 -22.82 -26.21
N GLY FA 120 -45.22 -23.26 -27.44
CA GLY FA 120 -44.08 -23.81 -28.16
C GLY FA 120 -43.10 -22.75 -28.59
N VAL FA 121 -41.84 -23.17 -28.72
CA VAL FA 121 -40.76 -22.31 -29.20
C VAL FA 121 -39.94 -23.09 -30.21
N ALA FA 122 -39.25 -22.35 -31.09
CA ALA FA 122 -38.42 -22.93 -32.13
C ALA FA 122 -37.04 -22.31 -32.05
N ARG FA 123 -36.03 -23.15 -31.85
CA ARG FA 123 -34.65 -22.69 -31.68
C ARG FA 123 -33.77 -23.48 -32.63
N PRO FA 124 -33.00 -22.82 -33.49
CA PRO FA 124 -32.01 -23.54 -34.29
C PRO FA 124 -30.95 -24.18 -33.39
N ALA FA 125 -30.50 -25.36 -33.78
CA ALA FA 125 -29.56 -26.11 -32.94
C ALA FA 125 -28.63 -26.91 -33.83
N GLY FA 126 -27.85 -27.78 -33.20
CA GLY FA 126 -26.96 -28.65 -33.93
C GLY FA 126 -27.18 -30.09 -33.51
N ARG FA 127 -26.81 -31.01 -34.41
CA ARG FA 127 -27.10 -32.41 -34.21
C ARG FA 127 -26.03 -33.14 -33.41
N GLY FA 128 -25.02 -32.43 -32.94
CA GLY FA 128 -24.10 -33.02 -32.00
C GLY FA 128 -23.08 -33.94 -32.66
N ALA FA 129 -22.45 -34.75 -31.82
CA ALA FA 129 -21.36 -35.61 -32.27
C ALA FA 129 -21.88 -36.75 -33.11
N ALA FA 130 -21.08 -37.15 -34.11
CA ALA FA 130 -21.42 -38.29 -34.93
C ALA FA 130 -21.36 -39.58 -34.12
N ALA FA 131 -22.24 -40.52 -34.46
CA ALA FA 131 -22.33 -41.76 -33.70
C ALA FA 131 -21.76 -42.92 -34.50
N PRO FA 132 -21.08 -43.86 -33.85
CA PRO FA 132 -20.58 -45.04 -34.57
C PRO FA 132 -21.72 -45.97 -34.94
N ILE FA 133 -21.44 -46.83 -35.92
CA ILE FA 133 -22.43 -47.77 -36.42
C ILE FA 133 -22.42 -49.05 -35.61
N MET GA 1 -101.00 -23.20 -25.93
CA MET GA 1 -99.67 -22.70 -26.28
C MET GA 1 -99.77 -21.33 -26.95
N THR GA 2 -98.62 -20.67 -27.12
CA THR GA 2 -98.55 -19.35 -27.73
C THR GA 2 -98.52 -19.47 -29.25
N SER GA 3 -99.42 -18.74 -29.92
CA SER GA 3 -99.53 -18.80 -31.36
C SER GA 3 -98.36 -18.06 -32.00
N SER GA 4 -97.64 -18.75 -32.89
CA SER GA 4 -96.47 -18.18 -33.56
C SER GA 4 -96.83 -17.91 -35.03
N ILE GA 5 -96.88 -16.64 -35.40
CA ILE GA 5 -97.07 -16.30 -36.80
C ILE GA 5 -95.81 -16.62 -37.59
N GLY GA 6 -95.97 -16.75 -38.91
CA GLY GA 6 -94.84 -17.07 -39.74
C GLY GA 6 -93.88 -15.91 -39.91
N ILE GA 7 -92.64 -16.25 -40.25
CA ILE GA 7 -91.67 -15.21 -40.62
C ILE GA 7 -92.10 -14.49 -41.88
N PRO GA 8 -92.60 -15.16 -42.93
CA PRO GA 8 -93.06 -14.42 -44.12
C PRO GA 8 -94.23 -13.48 -43.85
N ILE GA 9 -95.15 -13.87 -42.97
CA ILE GA 9 -96.23 -12.97 -42.59
C ILE GA 9 -95.68 -11.78 -41.83
N LYS GA 10 -94.64 -11.99 -41.01
CA LYS GA 10 -94.00 -10.88 -40.32
C LYS GA 10 -93.31 -9.93 -41.30
N LEU GA 11 -92.69 -10.49 -42.35
CA LEU GA 11 -92.05 -9.66 -43.36
C LEU GA 11 -93.09 -8.87 -44.14
N LEU GA 12 -94.26 -9.47 -44.40
CA LEU GA 12 -95.34 -8.73 -45.03
C LEU GA 12 -95.84 -7.61 -44.13
N ASN GA 13 -95.96 -7.87 -42.82
CA ASN GA 13 -96.44 -6.85 -41.90
C ASN GA 13 -95.44 -5.71 -41.75
N GLU GA 14 -94.15 -6.02 -41.79
CA GLU GA 14 -93.11 -5.01 -41.69
C GLU GA 14 -92.90 -4.23 -42.98
N ALA GA 15 -93.57 -4.62 -44.06
CA ALA GA 15 -93.42 -3.95 -45.35
C ALA GA 15 -94.38 -2.80 -45.56
N GLN GA 16 -95.20 -2.47 -44.55
CA GLN GA 16 -96.17 -1.40 -44.69
C GLN GA 16 -95.46 -0.06 -44.84
N GLY GA 17 -95.97 0.77 -45.74
CA GLY GA 17 -95.43 2.07 -46.01
C GLY GA 17 -94.46 2.13 -47.18
N HIS GA 18 -93.92 0.99 -47.59
CA HIS GA 18 -93.03 0.92 -48.73
C HIS GA 18 -93.78 0.31 -49.91
N ILE GA 19 -93.31 0.64 -51.12
CA ILE GA 19 -93.97 0.20 -52.34
C ILE GA 19 -93.66 -1.26 -52.58
N VAL GA 20 -94.71 -2.07 -52.73
CA VAL GA 20 -94.59 -3.50 -52.97
C VAL GA 20 -95.46 -3.86 -54.16
N THR GA 21 -95.17 -5.02 -54.77
CA THR GA 21 -95.90 -5.49 -55.94
C THR GA 21 -96.55 -6.83 -55.62
N LEU GA 22 -97.88 -6.86 -55.63
CA LEU GA 22 -98.65 -8.06 -55.33
C LEU GA 22 -99.32 -8.55 -56.60
N GLU GA 23 -99.03 -9.80 -56.98
CA GLU GA 23 -99.64 -10.44 -58.13
C GLU GA 23 -100.63 -11.48 -57.63
N LEU GA 24 -101.90 -11.33 -58.02
CA LEU GA 24 -102.93 -12.24 -57.56
C LEU GA 24 -102.90 -13.54 -58.38
N THR GA 25 -103.82 -14.45 -58.06
CA THR GA 25 -103.94 -15.69 -58.81
C THR GA 25 -104.65 -15.51 -60.15
N THR GA 26 -105.22 -14.34 -60.40
CA THR GA 26 -105.94 -14.05 -61.63
C THR GA 26 -105.04 -13.49 -62.72
N GLY GA 27 -103.73 -13.42 -62.48
CA GLY GA 27 -102.82 -12.89 -63.47
C GLY GA 27 -102.68 -11.39 -63.47
N GLN GA 28 -103.23 -10.69 -62.48
CA GLN GA 28 -103.13 -9.24 -62.38
C GLN GA 28 -102.17 -8.89 -61.26
N THR GA 29 -101.18 -8.05 -61.57
CA THR GA 29 -100.17 -7.61 -60.62
C THR GA 29 -100.32 -6.11 -60.40
N TYR GA 30 -100.47 -5.70 -59.15
CA TYR GA 30 -100.58 -4.30 -58.78
C TYR GA 30 -99.37 -3.90 -57.94
N ARG GA 31 -98.70 -2.84 -58.35
CA ARG GA 31 -97.55 -2.31 -57.62
C ARG GA 31 -97.93 -0.96 -57.02
N GLY GA 32 -97.75 -0.83 -55.71
CA GLY GA 32 -98.11 0.40 -55.03
C GLY GA 32 -97.68 0.36 -53.59
N LYS GA 33 -97.91 1.48 -52.91
CA LYS GA 33 -97.53 1.61 -51.51
C LYS GA 33 -98.57 0.92 -50.64
N LEU GA 34 -98.15 -0.11 -49.91
CA LEU GA 34 -99.06 -0.80 -49.00
C LEU GA 34 -99.42 0.10 -47.84
N ILE GA 35 -100.72 0.13 -47.51
CA ILE GA 35 -101.21 0.99 -46.44
C ILE GA 35 -101.66 0.20 -45.22
N GLU GA 36 -101.84 -1.11 -45.34
CA GLU GA 36 -102.23 -1.94 -44.20
C GLU GA 36 -101.86 -3.38 -44.52
N ALA GA 37 -101.90 -4.21 -43.49
CA ALA GA 37 -101.71 -5.65 -43.65
C ALA GA 37 -102.44 -6.36 -42.52
N GLU GA 38 -102.72 -7.63 -42.74
CA GLU GA 38 -103.42 -8.46 -41.77
C GLU GA 38 -102.71 -9.81 -41.67
N ASP GA 39 -103.06 -10.56 -40.61
CA ASP GA 39 -102.47 -11.88 -40.42
C ASP GA 39 -102.91 -12.86 -41.49
N ASN GA 40 -104.05 -12.62 -42.15
CA ASN GA 40 -104.52 -13.45 -43.24
C ASN GA 40 -104.09 -12.93 -44.60
N MET GA 41 -103.08 -12.06 -44.64
CA MET GA 41 -102.49 -11.52 -45.88
C MET GA 41 -103.49 -10.74 -46.71
N ASN GA 42 -104.49 -10.13 -46.07
CA ASN GA 42 -105.46 -9.28 -46.77
C ASN GA 42 -104.94 -7.85 -46.70
N VAL GA 43 -104.31 -7.41 -47.79
CA VAL GA 43 -103.57 -6.15 -47.80
C VAL GA 43 -104.33 -5.10 -48.58
N GLN GA 44 -104.25 -3.85 -48.12
CA GLN GA 44 -104.83 -2.71 -48.81
C GLN GA 44 -103.72 -1.79 -49.30
N LEU GA 45 -103.83 -1.36 -50.55
CA LEU GA 45 -102.82 -0.51 -51.18
C LEU GA 45 -103.47 0.79 -51.64
N LYS GA 46 -102.64 1.82 -51.77
CA LYS GA 46 -103.09 3.16 -52.11
C LYS GA 46 -102.69 3.61 -53.50
N ASP GA 47 -101.41 3.43 -53.86
CA ASP GA 47 -100.97 3.85 -55.19
C ASP GA 47 -101.53 2.96 -56.29
N ILE GA 48 -101.53 1.64 -56.06
CA ILE GA 48 -102.01 0.54 -56.90
C ILE GA 48 -102.00 0.82 -58.41
N THR GA 49 -100.85 0.61 -59.04
CA THR GA 49 -100.77 0.59 -60.50
C THR GA 49 -100.93 -0.85 -60.95
N VAL GA 50 -102.01 -1.15 -61.66
CA VAL GA 50 -102.41 -2.52 -61.96
C VAL GA 50 -102.07 -2.85 -63.41
N THR GA 51 -101.52 -4.05 -63.62
CA THR GA 51 -101.26 -4.58 -64.94
C THR GA 51 -101.81 -6.00 -65.00
N ALA GA 52 -102.74 -6.24 -65.90
CA ALA GA 52 -103.38 -7.53 -66.08
C ALA GA 52 -102.78 -8.24 -67.29
N ARG GA 53 -102.58 -9.56 -67.15
CA ARG GA 53 -101.83 -10.38 -68.10
C ARG GA 53 -102.46 -10.43 -69.48
N ASP GA 54 -103.73 -10.06 -69.63
CA ASP GA 54 -104.29 -9.84 -70.95
C ASP GA 54 -103.75 -8.57 -71.61
N GLY GA 55 -103.02 -7.75 -70.86
CA GLY GA 55 -102.44 -6.53 -71.38
C GLY GA 55 -103.12 -5.26 -70.94
N ARG GA 56 -103.68 -5.23 -69.74
CA ARG GA 56 -104.50 -4.10 -69.29
C ARG GA 56 -103.74 -3.33 -68.23
N VAL GA 57 -103.28 -2.12 -68.57
CA VAL GA 57 -102.55 -1.25 -67.66
C VAL GA 57 -103.48 -0.14 -67.21
N SER GA 58 -103.60 0.04 -65.90
CA SER GA 58 -104.50 1.04 -65.34
C SER GA 58 -103.99 1.46 -63.97
N HIS GA 59 -104.65 2.46 -63.39
CA HIS GA 59 -104.31 2.96 -62.06
C HIS GA 59 -105.57 3.01 -61.20
N LEU GA 60 -105.42 2.64 -59.94
CA LEU GA 60 -106.53 2.65 -59.00
C LEU GA 60 -106.03 3.07 -57.63
N GLU GA 61 -106.95 3.51 -56.78
CA GLU GA 61 -106.61 4.01 -55.46
C GLU GA 61 -107.42 3.27 -54.40
N GLN GA 62 -106.74 2.88 -53.32
CA GLN GA 62 -107.33 2.24 -52.14
C GLN GA 62 -108.03 0.94 -52.51
N ILE GA 63 -107.23 -0.01 -52.98
CA ILE GA 63 -107.71 -1.32 -53.38
C ILE GA 63 -107.29 -2.34 -52.33
N TYR GA 64 -108.27 -3.11 -51.85
CA TYR GA 64 -108.05 -4.13 -50.84
C TYR GA 64 -108.15 -5.51 -51.47
N ILE GA 65 -107.20 -6.38 -51.16
CA ILE GA 65 -107.14 -7.73 -51.72
C ILE GA 65 -107.06 -8.72 -50.58
N ARG GA 66 -107.91 -9.75 -50.63
CA ARG GA 66 -107.88 -10.82 -49.65
C ARG GA 66 -106.70 -11.74 -49.90
N GLY GA 67 -106.28 -12.44 -48.85
CA GLY GA 67 -105.11 -13.30 -48.94
C GLY GA 67 -105.33 -14.56 -49.74
N SER GA 68 -106.59 -14.96 -49.95
CA SER GA 68 -106.88 -16.18 -50.70
C SER GA 68 -106.51 -16.03 -52.17
N HIS GA 69 -106.95 -14.94 -52.79
CA HIS GA 69 -106.69 -14.72 -54.21
C HIS GA 69 -105.28 -14.23 -54.48
N VAL GA 70 -104.53 -13.84 -53.46
CA VAL GA 70 -103.17 -13.33 -53.65
C VAL GA 70 -102.23 -14.49 -53.88
N ARG GA 71 -101.47 -14.42 -54.97
CA ARG GA 71 -100.54 -15.50 -55.33
C ARG GA 71 -99.13 -15.21 -54.83
N PHE GA 72 -98.55 -14.09 -55.26
CA PHE GA 72 -97.18 -13.75 -54.90
C PHE GA 72 -97.12 -12.28 -54.48
N PHE GA 73 -96.14 -11.97 -53.63
CA PHE GA 73 -95.90 -10.61 -53.19
C PHE GA 73 -94.39 -10.35 -53.16
N ILE GA 74 -93.98 -9.22 -53.70
CA ILE GA 74 -92.58 -8.82 -53.74
C ILE GA 74 -92.45 -7.50 -52.99
N VAL GA 75 -91.56 -7.46 -52.00
CA VAL GA 75 -91.40 -6.31 -51.13
C VAL GA 75 -90.06 -5.63 -51.41
N PRO GA 76 -89.76 -4.51 -50.74
CA PRO GA 76 -88.51 -3.80 -51.02
C PRO GA 76 -87.30 -4.60 -50.54
N ASP GA 77 -86.14 -4.25 -51.11
CA ASP GA 77 -84.91 -4.99 -50.84
C ASP GA 77 -84.37 -4.74 -49.44
N MET GA 78 -84.68 -3.58 -48.84
CA MET GA 78 -84.16 -3.26 -47.51
C MET GA 78 -84.64 -4.25 -46.46
N LEU GA 79 -85.91 -4.66 -46.54
CA LEU GA 79 -86.47 -5.66 -45.66
C LEU GA 79 -85.82 -7.04 -45.82
N ARG GA 80 -84.97 -7.23 -46.84
CA ARG GA 80 -84.18 -8.44 -46.91
C ARG GA 80 -83.20 -8.54 -45.75
N ASN GA 81 -82.75 -7.41 -45.22
CA ASN GA 81 -81.82 -7.39 -44.08
C ASN GA 81 -82.52 -6.97 -42.80
N ALA GA 82 -83.76 -7.39 -42.60
CA ALA GA 82 -84.60 -6.91 -41.51
C ALA GA 82 -84.14 -7.47 -40.17
N PRO GA 83 -84.57 -6.84 -39.07
CA PRO GA 83 -84.28 -7.41 -37.74
C PRO GA 83 -84.94 -8.75 -37.49
N MET GA 84 -85.99 -9.10 -38.25
CA MET GA 84 -86.66 -10.38 -38.05
C MET GA 84 -85.78 -11.56 -38.45
N PHE GA 85 -84.93 -11.37 -39.46
CA PHE GA 85 -84.16 -12.48 -40.00
C PHE GA 85 -83.01 -12.92 -39.09
N ARG GA 86 -82.66 -12.14 -38.08
CA ARG GA 86 -81.59 -12.53 -37.17
C ARG GA 86 -82.05 -13.69 -36.29
N SER GA 87 -81.24 -14.74 -36.23
CA SER GA 87 -81.58 -15.93 -35.45
C SER GA 87 -81.32 -15.64 -33.98
N ARG GA 88 -82.39 -15.43 -33.22
CA ARG GA 88 -82.26 -15.11 -31.80
C ARG GA 88 -81.84 -16.36 -31.04
N ASN GA 89 -80.67 -16.30 -30.41
CA ASN GA 89 -80.12 -17.40 -29.63
C ASN GA 89 -80.03 -16.92 -28.17
N VAL GA 90 -81.09 -17.19 -27.41
CA VAL GA 90 -81.14 -16.76 -26.01
C VAL GA 90 -80.44 -17.78 -25.12
N ARG HA 7 4.62 -4.79 43.61
CA ARG HA 7 4.21 -4.51 44.98
C ARG HA 7 4.80 -5.54 45.94
N ALA HA 8 4.18 -5.65 47.12
CA ALA HA 8 4.50 -6.66 48.14
C ALA HA 8 5.96 -6.61 48.58
N ALA HA 9 6.83 -7.28 47.82
CA ALA HA 9 8.24 -7.34 48.21
C ALA HA 9 8.92 -5.98 48.11
N TYR HA 10 8.59 -5.21 47.07
CA TYR HA 10 9.26 -3.93 46.84
C TYR HA 10 8.92 -2.92 47.94
N GLU HA 11 7.63 -2.76 48.25
CA GLU HA 11 7.25 -1.82 49.30
C GLU HA 11 7.84 -2.24 50.64
N ALA HA 12 7.86 -3.55 50.92
CA ALA HA 12 8.39 -4.04 52.19
C ALA HA 12 9.89 -3.78 52.31
N ASP HA 13 10.68 -4.16 51.30
CA ASP HA 13 12.12 -4.06 51.50
C ASP HA 13 12.63 -2.64 51.33
N LEU HA 14 12.03 -1.80 50.48
CA LEU HA 14 12.43 -0.39 50.51
C LEU HA 14 11.91 0.35 51.73
N THR HA 15 10.79 -0.09 52.34
CA THR HA 15 10.42 0.48 53.63
C THR HA 15 11.41 0.09 54.72
N ALA HA 16 11.87 -1.16 54.68
CA ALA HA 16 12.89 -1.60 55.65
C ALA HA 16 14.21 -0.89 55.42
N GLN HA 17 14.53 -0.57 54.16
CA GLN HA 17 15.79 0.10 53.87
C GLN HA 17 15.74 1.58 54.24
N GLN HA 18 14.60 2.25 54.01
CA GLN HA 18 14.56 3.69 54.24
C GLN HA 18 14.50 4.03 55.73
N SER HA 19 13.92 3.16 56.55
CA SER HA 19 13.72 3.52 57.94
C SER HA 19 13.59 2.30 58.85
N PRO HA 20 14.70 1.69 59.27
CA PRO HA 20 14.63 0.73 60.37
C PRO HA 20 14.51 1.38 61.73
N TYR HA 21 14.62 2.72 61.80
CA TYR HA 21 14.74 3.41 63.07
C TYR HA 21 13.39 3.69 63.72
N VAL HA 22 12.30 3.48 63.00
CA VAL HA 22 10.96 3.70 63.54
C VAL HA 22 10.52 2.44 64.25
N PHE HA 23 10.92 2.28 65.51
CA PHE HA 23 10.56 1.10 66.28
C PHE HA 23 9.10 1.13 66.71
N PHE HA 24 8.55 2.31 66.95
CA PHE HA 24 7.22 2.47 67.50
C PHE HA 24 6.31 3.12 66.46
N GLY HA 25 5.08 2.61 66.34
CA GLY HA 25 4.18 3.09 65.32
C GLY HA 25 4.43 2.41 63.98
N THR HA 26 4.19 3.14 62.90
CA THR HA 26 4.38 2.62 61.56
C THR HA 26 5.12 3.67 60.73
N PRO HA 27 6.23 3.30 60.09
CA PRO HA 27 6.95 4.26 59.25
C PRO HA 27 6.16 4.62 58.00
N LEU HA 28 6.47 5.79 57.46
CA LEU HA 28 5.76 6.29 56.29
C LEU HA 28 6.06 5.44 55.06
N PRO HA 29 5.11 5.36 54.12
CA PRO HA 29 5.36 4.60 52.90
C PRO HA 29 6.46 5.24 52.08
N PRO HA 30 7.21 4.46 51.31
CA PRO HA 30 8.39 4.99 50.62
C PRO HA 30 8.06 6.02 49.55
N LEU HA 31 8.95 6.98 49.39
CA LEU HA 31 8.83 7.97 48.33
C LEU HA 31 9.44 7.34 47.08
N ASP HA 32 8.59 6.86 46.19
CA ASP HA 32 9.05 6.24 44.95
C ASP HA 32 8.07 6.60 43.85
N PRO HA 33 8.52 6.62 42.59
CA PRO HA 33 7.56 6.72 41.48
C PRO HA 33 6.67 5.51 41.33
N ASP HA 34 7.06 4.36 41.89
CA ASP HA 34 6.26 3.15 41.78
C ASP HA 34 5.07 3.17 42.74
N VAL HA 35 5.35 3.27 44.04
CA VAL HA 35 4.30 3.27 45.05
C VAL HA 35 3.79 4.68 45.26
N ARG HA 36 2.56 4.80 45.75
CA ARG HA 36 1.95 6.10 45.99
C ARG HA 36 1.90 6.40 47.49
N ASP HA 37 1.99 7.70 47.81
CA ASP HA 37 1.88 8.17 49.18
C ASP HA 37 0.41 8.49 49.44
N ASP HA 38 -0.32 7.52 50.01
CA ASP HA 38 -1.75 7.70 50.24
C ASP HA 38 -2.02 8.69 51.37
N GLY HA 39 -1.12 8.77 52.36
CA GLY HA 39 -1.38 9.57 53.53
C GLY HA 39 -1.19 11.05 53.35
N SER HA 40 -0.53 11.47 52.28
CA SER HA 40 -0.27 12.89 52.08
C SER HA 40 -1.54 13.61 51.63
N TYR HA 41 -1.58 14.91 51.92
CA TYR HA 41 -2.75 15.72 51.59
C TYR HA 41 -2.69 16.15 50.12
N VAL HA 42 -3.85 16.18 49.47
CA VAL HA 42 -3.88 16.41 48.02
C VAL HA 42 -5.04 17.36 47.68
N PRO HA 43 -4.90 18.67 48.02
CA PRO HA 43 -6.02 19.63 48.12
C PRO HA 43 -7.47 19.15 48.03
N ILE HA 44 -8.31 19.88 47.31
CA ILE HA 44 -9.66 19.42 47.00
C ILE HA 44 -9.85 19.57 45.50
N TRP HA 45 -9.08 20.45 44.88
CA TRP HA 45 -9.06 20.62 43.44
C TRP HA 45 -8.06 19.71 42.77
N LYS HA 46 -7.53 18.73 43.52
CA LYS HA 46 -6.70 17.67 42.98
C LYS HA 46 -7.24 16.29 43.28
N GLN HA 47 -8.22 16.16 44.17
CA GLN HA 47 -8.74 14.86 44.56
C GLN HA 47 -9.62 14.28 43.48
N GLU HA 48 -9.61 12.95 43.39
CA GLU HA 48 -10.52 12.21 42.54
C GLU HA 48 -11.58 11.56 43.41
N ALA HA 49 -12.82 11.62 42.97
CA ALA HA 49 -13.90 11.06 43.79
C ALA HA 49 -14.01 9.56 43.53
N ARG HA 50 -13.49 8.76 44.44
CA ARG HA 50 -13.54 7.28 44.26
C ARG HA 50 -14.43 6.68 45.33
N ASP HA 51 -14.76 5.41 45.17
CA ASP HA 51 -15.66 4.73 46.13
C ASP HA 51 -14.84 3.84 47.04
N GLU HA 52 -15.48 3.11 47.96
CA GLU HA 52 -14.77 2.16 48.86
C GLU HA 52 -13.87 1.24 48.03
N ARG HA 53 -14.45 0.51 47.08
CA ARG HA 53 -13.66 -0.34 46.16
C ARG HA 53 -12.43 0.41 45.68
N GLY HA 54 -12.61 1.64 45.19
CA GLY HA 54 -11.47 2.41 44.65
C GLY HA 54 -11.63 2.65 43.17
N ARG HA 55 -12.86 2.65 42.67
CA ARG HA 55 -13.11 2.96 41.26
C ARG HA 55 -13.69 4.37 41.21
N LYS HA 56 -13.39 5.14 40.17
CA LYS HA 56 -14.03 6.47 40.03
C LYS HA 56 -15.49 6.24 39.66
N ARG HA 57 -16.36 6.04 40.65
CA ARG HA 57 -17.78 5.70 40.37
C ARG HA 57 -18.65 6.05 41.57
N PHE HA 58 -19.86 6.57 41.32
CA PHE HA 58 -20.81 6.89 42.40
C PHE HA 58 -21.87 5.80 42.46
N HIS HA 59 -22.60 5.70 43.57
CA HIS HA 59 -23.57 4.63 43.74
C HIS HA 59 -24.76 5.06 44.61
N GLY HA 60 -25.43 6.14 44.22
CA GLY HA 60 -26.67 6.51 44.87
C GLY HA 60 -27.57 7.28 43.93
N ALA HA 61 -28.85 7.31 44.27
CA ALA HA 61 -29.78 8.13 43.50
C ALA HA 61 -29.52 9.61 43.73
N PHE HA 62 -29.21 9.97 44.98
CA PHE HA 62 -28.94 11.34 45.36
C PHE HA 62 -27.47 11.61 45.63
N THR HA 63 -26.59 10.64 45.36
CA THR HA 63 -25.16 10.87 45.46
C THR HA 63 -24.48 10.75 44.10
N GLY HA 64 -25.22 11.03 43.03
CA GLY HA 64 -24.63 11.19 41.72
C GLY HA 64 -24.37 9.91 40.95
N GLY HA 65 -25.05 8.82 41.28
CA GLY HA 65 -24.81 7.59 40.56
C GLY HA 65 -25.93 7.22 39.63
N TRP HA 66 -25.61 6.43 38.59
CA TRP HA 66 -26.61 5.89 37.68
C TRP HA 66 -27.14 4.54 38.14
N SER HA 67 -27.08 4.27 39.44
CA SER HA 67 -27.47 3.00 40.01
C SER HA 67 -27.63 3.17 41.51
N ALA HA 68 -28.71 2.63 42.06
CA ALA HA 68 -28.96 2.71 43.49
C ALA HA 68 -29.40 1.35 44.01
N GLY HA 69 -29.20 1.14 45.30
CA GLY HA 69 -29.54 -0.14 45.86
C GLY HA 69 -28.51 -1.19 45.47
N TYR HA 70 -28.92 -2.46 45.64
CA TYR HA 70 -28.07 -3.59 45.26
C TYR HA 70 -28.26 -3.85 43.77
N PHE HA 71 -27.53 -3.08 42.97
CA PHE HA 71 -27.53 -3.17 41.51
C PHE HA 71 -28.94 -2.95 40.94
N ASN HA 72 -29.46 -1.75 41.16
CA ASN HA 72 -30.80 -1.31 40.73
C ASN HA 72 -31.90 -2.22 41.29
N THR HA 73 -31.66 -2.81 42.46
CA THR HA 73 -32.63 -3.70 43.09
C THR HA 73 -32.72 -3.30 44.55
N VAL HA 74 -33.94 -3.29 45.09
CA VAL HA 74 -34.16 -2.97 46.48
C VAL HA 74 -33.70 -4.06 47.44
N GLY HA 75 -33.31 -5.22 46.92
CA GLY HA 75 -32.95 -6.35 47.74
C GLY HA 75 -31.49 -6.34 48.13
N SER HA 76 -30.97 -7.53 48.43
CA SER HA 76 -29.60 -7.70 48.87
C SER HA 76 -29.10 -9.07 48.47
N LYS HA 77 -27.83 -9.34 48.75
CA LYS HA 77 -27.23 -10.62 48.42
C LYS HA 77 -27.65 -11.71 49.39
N GLU HA 78 -27.88 -11.36 50.65
CA GLU HA 78 -28.17 -12.36 51.67
C GLU HA 78 -29.65 -12.70 51.77
N GLY HA 79 -30.52 -11.93 51.16
CA GLY HA 79 -31.94 -12.13 51.34
C GLY HA 79 -32.41 -11.57 52.66
N TRP HA 80 -33.69 -11.79 52.94
CA TRP HA 80 -34.30 -11.29 54.16
C TRP HA 80 -35.25 -12.35 54.70
N THR HA 81 -35.19 -12.59 56.00
CA THR HA 81 -35.99 -13.63 56.64
C THR HA 81 -36.75 -13.02 57.80
N PRO HA 82 -38.07 -13.13 57.84
CA PRO HA 82 -38.84 -12.57 58.97
C PRO HA 82 -38.62 -13.37 60.24
N SER HA 83 -39.00 -12.76 61.35
CA SER HA 83 -38.86 -13.39 62.66
C SER HA 83 -40.19 -13.98 63.12
N SER HA 84 -40.11 -15.07 63.87
CA SER HA 84 -41.27 -15.68 64.48
C SER HA 84 -41.54 -15.05 65.84
N PHE HA 85 -42.82 -15.05 66.23
CA PHE HA 85 -43.22 -14.39 67.48
C PHE HA 85 -44.50 -15.06 67.97
N VAL HA 86 -44.37 -15.93 68.97
CA VAL HA 86 -45.48 -16.67 69.54
C VAL HA 86 -45.58 -16.36 71.03
N SER HA 87 -46.81 -16.10 71.50
CA SER HA 87 -47.07 -15.84 72.90
C SER HA 87 -48.55 -16.10 73.17
N SER HA 88 -48.86 -16.33 74.44
CA SER HA 88 -50.22 -16.67 74.84
C SER HA 88 -50.39 -16.32 76.32
N ARG HA 89 -51.47 -16.80 76.92
CA ARG HA 89 -51.71 -16.57 78.34
C ARG HA 89 -50.67 -17.26 79.21
N THR HA 90 -50.30 -18.50 78.85
CA THR HA 90 -49.35 -19.25 79.65
C THR HA 90 -47.94 -18.67 79.52
N LYS HA 91 -47.60 -18.13 78.36
CA LYS HA 91 -46.27 -17.60 78.09
C LYS HA 91 -46.42 -16.30 77.32
N ARG HA 92 -46.11 -15.17 77.97
CA ARG HA 92 -46.24 -13.87 77.34
C ARG HA 92 -44.87 -13.32 76.98
N TRP HA 93 -44.89 -12.28 76.13
CA TRP HA 93 -43.65 -11.68 75.65
C TRP HA 93 -43.13 -10.61 76.61
N LYS HA 94 -44.02 -9.91 77.31
CA LYS HA 94 -43.60 -8.76 78.11
C LYS HA 94 -42.98 -9.16 79.44
N ASP HA 95 -43.29 -10.34 79.95
CA ASP HA 95 -42.65 -10.85 81.15
C ASP HA 95 -41.45 -11.74 80.82
N ASP HA 96 -41.03 -11.75 79.56
CA ASP HA 96 -39.87 -12.54 79.16
C ASP HA 96 -38.60 -11.94 79.75
N PRO HA 97 -37.60 -12.77 80.07
CA PRO HA 97 -36.33 -12.24 80.58
C PRO HA 97 -35.58 -11.42 79.54
N ASN HA 98 -35.42 -11.97 78.33
CA ASN HA 98 -34.76 -11.28 77.24
C ASN HA 98 -35.84 -10.75 76.29
N LYS HA 99 -36.37 -9.58 76.62
CA LYS HA 99 -37.36 -8.91 75.78
C LYS HA 99 -36.61 -8.03 74.80
N VAL HA 100 -36.50 -8.48 73.55
CA VAL HA 100 -35.78 -7.75 72.51
C VAL HA 100 -36.69 -6.65 72.00
N GLU HA 101 -36.41 -5.41 72.38
CA GLU HA 101 -37.21 -4.28 71.94
C GLU HA 101 -36.94 -3.95 70.47
N GLN HA 102 -37.80 -3.11 69.91
CA GLN HA 102 -37.75 -2.77 68.49
C GLN HA 102 -37.08 -1.41 68.33
N ARG HA 103 -35.76 -1.42 68.26
CA ARG HA 103 -35.00 -0.21 68.01
C ARG HA 103 -35.07 0.17 66.54
N PRO HA 104 -35.08 1.46 66.22
CA PRO HA 104 -35.04 1.89 64.81
C PRO HA 104 -33.65 1.87 64.20
N GLU HA 105 -32.89 0.79 64.44
CA GLU HA 105 -31.56 0.67 63.89
C GLU HA 105 -31.30 -0.66 63.21
N ASP HA 106 -32.16 -1.66 63.39
CA ASP HA 106 -32.06 -2.88 62.60
C ASP HA 106 -32.73 -2.75 61.24
N PHE HA 107 -33.53 -1.70 61.04
CA PHE HA 107 -34.09 -1.39 59.73
C PHE HA 107 -33.22 -0.40 58.96
N MET HA 108 -32.06 -0.06 59.48
CA MET HA 108 -31.14 0.85 58.82
C MET HA 108 -30.05 0.08 58.10
N ASP HA 109 -29.52 0.70 57.05
CA ASP HA 109 -28.37 0.18 56.33
C ASP HA 109 -27.10 0.80 56.92
N GLU HA 110 -25.95 0.34 56.44
CA GLU HA 110 -24.67 0.82 56.96
C GLU HA 110 -24.47 2.31 56.67
N GLU HA 111 -24.96 2.80 55.54
CA GLU HA 111 -24.84 4.22 55.26
C GLU HA 111 -25.83 5.05 56.06
N ASP HA 112 -26.97 4.48 56.44
CA ASP HA 112 -27.88 5.15 57.37
C ASP HA 112 -27.21 5.35 58.72
N LEU HA 113 -26.55 4.32 59.22
CA LEU HA 113 -25.81 4.47 60.47
C LEU HA 113 -24.65 5.45 60.32
N ALA HA 114 -23.99 5.43 59.15
CA ALA HA 114 -22.86 6.32 58.91
C ALA HA 114 -23.28 7.78 58.91
N ASP HA 115 -24.33 8.14 58.16
CA ASP HA 115 -24.71 9.54 58.17
C ASP HA 115 -25.50 9.92 59.42
N LEU HA 116 -26.04 8.94 60.16
CA LEU HA 116 -26.64 9.27 61.44
C LEU HA 116 -25.58 9.65 62.47
N GLU HA 117 -24.48 8.89 62.54
CA GLU HA 117 -23.39 9.31 63.42
C GLU HA 117 -22.65 10.52 62.87
N GLU HA 118 -22.72 10.75 61.56
CA GLU HA 118 -22.23 12.01 61.00
C GLU HA 118 -23.06 13.18 61.50
N SER HA 119 -24.38 12.98 61.66
CA SER HA 119 -25.22 14.04 62.21
C SER HA 119 -24.94 14.27 63.69
N ARG HA 120 -24.47 13.26 64.40
CA ARG HA 120 -24.20 13.37 65.84
C ARG HA 120 -22.91 14.15 66.03
N LYS HA 121 -23.04 15.48 66.00
CA LYS HA 121 -21.90 16.35 66.17
C LYS HA 121 -21.44 16.36 67.62
N LEU HA 122 -20.20 16.78 67.83
CA LEU HA 122 -19.64 16.92 69.16
C LEU HA 122 -19.65 18.39 69.56
N GLN HA 123 -20.17 18.68 70.75
CA GLN HA 123 -20.15 20.03 71.29
C GLN HA 123 -19.70 19.99 72.75
N THR HA 124 -19.00 21.03 73.17
CA THR HA 124 -18.56 21.14 74.54
C THR HA 124 -19.72 21.45 75.47
N ARG HA 125 -19.53 21.15 76.75
CA ARG HA 125 -20.59 21.34 77.71
C ARG HA 125 -20.78 22.82 78.02
N GLU HA 126 -21.96 23.15 78.56
CA GLU HA 126 -22.29 24.54 78.83
C GLU HA 126 -21.59 25.08 80.07
N ALA HA 127 -21.24 24.22 81.01
CA ALA HA 127 -20.64 24.67 82.26
C ALA HA 127 -19.14 24.89 82.15
N PHE HA 128 -18.54 24.57 81.02
CA PHE HA 128 -17.10 24.70 80.83
C PHE HA 128 -16.84 25.33 79.47
N SER HA 129 -15.98 26.35 79.44
CA SER HA 129 -15.70 27.05 78.20
C SER HA 129 -14.70 26.29 77.36
N GLY HA 130 -14.99 26.18 76.06
CA GLY HA 130 -14.09 25.55 75.11
C GLY HA 130 -13.19 26.57 74.44
N LEU HA 131 -12.36 26.07 73.52
CA LEU HA 131 -11.44 26.93 72.81
C LEU HA 131 -12.16 27.78 71.78
N GLY HA 132 -11.89 29.08 71.79
CA GLY HA 132 -12.40 29.98 70.77
C GLY HA 132 -13.89 30.13 70.72
N SER HA 133 -14.58 29.96 71.83
CA SER HA 133 -16.04 30.08 71.85
C SER HA 133 -16.41 31.55 71.79
N THR HA 134 -16.55 32.07 70.58
CA THR HA 134 -16.83 33.48 70.34
C THR HA 134 -18.32 33.64 70.02
N ALA HA 135 -19.13 33.76 71.07
CA ALA HA 135 -20.57 33.94 70.87
C ALA HA 135 -21.19 34.99 71.78
N ASP HA 136 -20.45 35.56 72.73
CA ASP HA 136 -21.05 36.50 73.68
C ASP HA 136 -21.09 37.93 73.18
N ASP HA 137 -20.38 38.24 72.08
CA ASP HA 137 -20.29 39.62 71.61
C ASP HA 137 -21.62 40.10 71.04
N ALA HA 138 -22.31 39.26 70.28
CA ALA HA 138 -23.62 39.64 69.76
C ALA HA 138 -24.68 39.61 70.86
N VAL HA 139 -24.48 38.77 71.89
CA VAL HA 139 -25.43 38.68 72.99
C VAL HA 139 -25.36 39.94 73.85
N ARG HA 140 -24.15 40.39 74.17
CA ARG HA 140 -23.99 41.53 75.06
C ARG HA 140 -24.44 42.84 74.42
N ALA HA 141 -24.14 43.01 73.13
CA ALA HA 141 -24.49 44.25 72.43
C ALA HA 141 -25.91 44.16 71.85
N SER HA 142 -26.88 44.02 72.75
CA SER HA 142 -28.29 43.93 72.37
C SER HA 142 -29.21 44.81 73.20
N GLY HA 143 -28.72 45.46 74.25
CA GLY HA 143 -29.54 46.33 75.05
C GLY HA 143 -30.23 45.63 76.21
N LEU HA 144 -31.56 45.60 76.19
CA LEU HA 144 -32.32 44.93 77.24
C LEU HA 144 -32.17 43.42 77.16
N MET HA 145 -31.99 42.88 75.95
CA MET HA 145 -31.75 41.45 75.80
C MET HA 145 -30.43 41.04 76.44
N GLY HA 146 -29.39 41.85 76.29
CA GLY HA 146 -28.14 41.60 76.98
C GLY HA 146 -28.22 41.87 78.46
N LEU HA 147 -29.15 42.71 78.90
CA LEU HA 147 -29.33 42.93 80.34
C LEU HA 147 -30.01 41.73 81.00
N PHE HA 148 -31.05 41.18 80.35
CA PHE HA 148 -31.76 40.05 80.93
C PHE HA 148 -30.94 38.76 80.81
N ARG HA 149 -30.43 38.48 79.62
CA ARG HA 149 -29.63 37.27 79.43
C ARG HA 149 -28.26 37.47 80.07
N VAL HA 150 -27.85 36.49 80.87
CA VAL HA 150 -26.61 36.59 81.64
C VAL HA 150 -25.62 35.56 81.13
N GLU HA 151 -24.43 35.53 81.75
CA GLU HA 151 -23.45 34.49 81.46
C GLU HA 151 -24.02 33.12 81.78
N GLY HA 152 -23.63 32.12 80.99
CA GLY HA 152 -24.20 30.79 81.12
C GLY HA 152 -23.64 29.95 82.26
N GLU HA 153 -23.37 30.60 83.39
CA GLU HA 153 -22.87 30.04 84.65
C GLU HA 153 -21.85 28.92 84.46
N THR HA 154 -20.75 29.27 83.78
CA THR HA 154 -19.58 28.40 83.78
C THR HA 154 -19.08 28.24 85.20
N MET HA 155 -18.92 27.00 85.65
CA MET HA 155 -18.94 26.76 87.09
C MET HA 155 -17.65 27.17 87.79
N GLY HA 156 -16.59 27.49 87.04
CA GLY HA 156 -15.44 28.12 87.67
C GLY HA 156 -15.81 29.47 88.27
N VAL HA 157 -16.67 30.22 87.58
CA VAL HA 157 -17.17 31.48 88.10
C VAL HA 157 -17.96 31.26 89.37
N LYS HA 158 -18.82 30.23 89.41
CA LYS HA 158 -19.65 30.04 90.59
C LYS HA 158 -18.86 29.45 91.76
N LEU HA 159 -17.80 28.69 91.49
CA LEU HA 159 -16.94 28.29 92.60
C LEU HA 159 -16.12 29.47 93.11
N LEU HA 160 -15.79 30.41 92.23
CA LEU HA 160 -15.19 31.66 92.67
C LEU HA 160 -16.16 32.45 93.54
N LYS HA 161 -17.45 32.44 93.18
CA LYS HA 161 -18.47 33.03 94.04
C LYS HA 161 -18.54 32.31 95.39
N LYS HA 162 -18.37 30.99 95.37
CA LYS HA 162 -18.40 30.21 96.59
C LYS HA 162 -17.25 30.58 97.51
N MET HA 163 -16.06 30.80 96.95
CA MET HA 163 -14.90 31.09 97.78
C MET HA 163 -14.77 32.57 98.13
N GLY HA 164 -15.71 33.41 97.71
CA GLY HA 164 -15.80 34.76 98.24
C GLY HA 164 -15.60 35.88 97.24
N TRP HA 165 -15.77 35.60 95.96
CA TRP HA 165 -15.51 36.58 94.90
C TRP HA 165 -16.82 37.03 94.27
N LYS HA 166 -16.82 38.25 93.75
CA LYS HA 166 -17.99 38.91 93.19
C LYS HA 166 -17.63 39.53 91.86
N GLU HA 167 -18.54 39.39 90.89
CA GLU HA 167 -18.35 40.01 89.58
C GLU HA 167 -18.47 41.52 89.68
N GLY HA 168 -17.66 42.22 88.89
CA GLY HA 168 -17.57 43.66 88.92
C GLY HA 168 -16.30 44.19 89.53
N GLN HA 169 -15.54 43.36 90.25
CA GLN HA 169 -14.26 43.78 90.81
C GLN HA 169 -13.26 42.63 90.72
N GLY HA 170 -11.98 42.98 90.82
CA GLY HA 170 -10.90 42.05 90.55
C GLY HA 170 -10.41 41.30 91.77
N ILE HA 171 -9.11 40.98 91.73
CA ILE HA 171 -8.46 40.14 92.73
C ILE HA 171 -7.33 40.92 93.40
N GLY HA 172 -7.30 40.86 94.72
CA GLY HA 172 -6.24 41.47 95.48
C GLY HA 172 -6.56 41.56 96.95
N PRO HA 173 -5.74 42.31 97.70
CA PRO HA 173 -6.02 42.51 99.12
C PRO HA 173 -7.19 43.47 99.31
N LYS HA 174 -7.73 43.47 100.52
CA LYS HA 174 -8.85 44.34 100.84
C LYS HA 174 -8.43 45.80 100.82
N VAL HA 175 -9.29 46.64 100.23
CA VAL HA 175 -9.01 48.07 100.12
C VAL HA 175 -9.85 48.81 101.15
N ARG HA 176 -9.19 49.63 101.96
CA ARG HA 176 -9.87 50.37 103.02
C ARG HA 176 -10.23 51.77 102.55
N ARG HA 177 -11.01 51.82 101.47
CA ARG HA 177 -11.53 53.07 100.92
C ARG HA 177 -12.96 53.28 101.42
N LYS HA 178 -13.28 54.53 101.74
CA LYS HA 178 -14.56 54.88 102.36
C LYS HA 178 -15.75 54.56 101.47
N ALA HA 179 -15.94 55.34 100.39
CA ALA HA 179 -17.04 55.21 99.43
C ALA HA 179 -16.89 56.27 98.37
N ARG HA 180 -17.74 56.19 97.35
CA ARG HA 180 -18.19 57.35 96.58
C ARG HA 180 -19.71 57.36 96.64
N LEU HA 181 -20.27 58.27 97.42
CA LEU HA 181 -21.73 58.37 97.54
C LEU HA 181 -22.38 58.97 96.31
N GLY HA 182 -21.59 59.49 95.36
CA GLY HA 182 -22.15 60.20 94.23
C GLY HA 182 -22.46 61.65 94.48
N LEU HA 183 -22.12 62.16 95.67
CA LEU HA 183 -22.35 63.57 96.01
C LEU HA 183 -21.13 64.42 95.65
N GLY HA 184 -20.71 64.34 94.39
CA GLY HA 184 -19.54 65.08 93.96
C GLY HA 184 -18.27 64.45 94.51
N SER HA 185 -17.38 65.30 95.04
CA SER HA 185 -16.11 64.89 95.61
C SER HA 185 -15.97 65.42 97.03
N ASP HA 186 -17.01 65.21 97.83
CA ASP HA 186 -17.04 65.75 99.20
C ASP HA 186 -16.11 64.94 100.09
N ALA HA 187 -15.10 65.61 100.64
CA ALA HA 187 -14.15 65.00 101.56
C ALA HA 187 -14.53 65.23 103.02
N ASN HA 188 -15.69 65.83 103.28
CA ASN HA 188 -16.15 66.09 104.64
C ASN HA 188 -16.83 64.90 105.29
N ILE HA 189 -16.84 63.74 104.60
CA ILE HA 189 -17.38 62.52 105.17
C ILE HA 189 -16.45 62.05 106.31
N THR HA 190 -17.04 61.32 107.26
CA THR HA 190 -16.31 60.88 108.45
C THR HA 190 -15.15 59.95 108.14
N GLU HA 191 -15.17 59.27 106.99
CA GLU HA 191 -14.08 58.42 106.50
C GLU HA 191 -13.78 57.27 107.48
N GLU HA 192 -14.80 56.45 107.71
CA GLU HA 192 -14.65 55.27 108.55
C GLU HA 192 -14.33 53.99 107.77
N THR HA 193 -14.35 54.05 106.43
CA THR HA 193 -13.55 53.19 105.54
C THR HA 193 -13.81 51.70 105.75
N HIS HA 194 -15.00 51.26 105.31
CA HIS HA 194 -15.27 49.82 105.23
C HIS HA 194 -14.26 49.09 104.34
N LEU HA 195 -14.24 47.77 104.51
CA LEU HA 195 -13.30 46.91 103.82
C LEU HA 195 -13.89 46.48 102.49
N PHE HA 196 -13.22 46.82 101.39
CA PHE HA 196 -13.73 46.62 100.03
C PHE HA 196 -12.76 45.76 99.22
N ALA HA 197 -13.06 45.61 97.94
CA ALA HA 197 -12.29 44.78 97.03
C ALA HA 197 -11.79 45.59 95.84
N PRO HA 198 -10.61 45.28 95.31
CA PRO HA 198 -10.07 46.05 94.18
C PRO HA 198 -10.85 45.81 92.90
N ASP HA 199 -11.00 46.86 92.12
CA ASP HA 199 -11.72 46.79 90.86
C ASP HA 199 -10.90 46.03 89.82
N ASN HA 200 -11.60 45.52 88.81
CA ASN HA 200 -10.96 44.76 87.75
C ASN HA 200 -10.19 45.68 86.81
N VAL HA 201 -8.95 45.32 86.50
CA VAL HA 201 -8.20 45.99 85.44
C VAL HA 201 -8.81 45.60 84.10
N PRO HA 202 -8.94 46.53 83.16
CA PRO HA 202 -9.46 46.15 81.83
C PRO HA 202 -8.51 45.24 81.08
N MET HA 203 -9.09 44.35 80.27
CA MET HA 203 -8.32 43.47 79.42
C MET HA 203 -7.65 44.24 78.30
N ILE HA 204 -6.47 43.78 77.90
CA ILE HA 204 -5.78 44.33 76.75
C ILE HA 204 -6.25 43.61 75.49
N SER HA 205 -6.71 44.40 74.52
CA SER HA 205 -7.19 43.90 73.23
C SER HA 205 -6.27 44.49 72.18
N PHE HA 206 -5.26 43.72 71.79
CA PHE HA 206 -4.21 44.25 70.93
C PHE HA 206 -4.64 44.20 69.48
N VAL HA 207 -4.39 45.29 68.76
CA VAL HA 207 -4.73 45.34 67.34
C VAL HA 207 -3.85 44.38 66.56
N ARG HA 208 -4.43 43.76 65.54
CA ARG HA 208 -3.71 42.80 64.71
C ARG HA 208 -2.69 43.53 63.83
N LYS HA 209 -1.43 43.13 63.92
CA LYS HA 209 -0.35 43.76 63.16
C LYS HA 209 0.13 42.77 62.11
N THR HA 210 -0.44 42.87 60.92
CA THR HA 210 -0.05 42.03 59.79
C THR HA 210 0.90 42.74 58.84
N ASP HA 211 1.37 43.93 59.20
CA ASP HA 211 2.10 44.79 58.27
C ASP HA 211 3.27 45.48 58.98
N HIS HA 212 4.18 46.02 58.17
CA HIS HA 212 5.33 46.75 58.67
C HIS HA 212 5.11 48.26 58.68
N LYS HA 213 3.87 48.70 58.82
CA LYS HA 213 3.58 50.13 58.87
C LYS HA 213 4.13 50.73 60.16
N GLY HA 214 4.63 51.96 60.07
CA GLY HA 214 5.28 52.59 61.19
C GLY HA 214 4.32 53.14 62.22
N LEU HA 215 4.91 53.65 63.31
CA LEU HA 215 4.13 54.17 64.41
C LEU HA 215 3.41 55.45 64.02
N GLY HA 216 2.18 55.60 64.52
CA GLY HA 216 1.40 56.80 64.33
C GLY HA 216 0.81 56.98 62.96
N TYR HA 217 1.06 56.05 62.04
CA TYR HA 217 0.57 56.19 60.67
C TYR HA 217 -0.87 55.72 60.61
N ALA HA 218 -1.80 56.65 60.36
CA ALA HA 218 -3.18 56.26 60.10
C ALA HA 218 -3.30 55.47 58.80
N GLY HA 219 -2.60 55.90 57.77
CA GLY HA 219 -2.52 55.14 56.55
C GLY HA 219 -3.47 55.65 55.48
N GLU HA 220 -3.25 55.15 54.26
CA GLU HA 220 -4.16 55.41 53.14
C GLU HA 220 -5.50 54.74 53.41
N THR HA 221 -6.56 55.54 53.46
CA THR HA 221 -7.88 55.00 53.77
C THR HA 221 -8.39 54.15 52.60
N GLY HA 222 -9.11 53.09 52.93
CA GLY HA 222 -9.64 52.20 51.92
C GLY HA 222 -11.09 52.52 51.56
N LEU HA 223 -11.43 52.23 50.31
CA LEU HA 223 -12.76 52.53 49.81
C LEU HA 223 -13.73 51.40 50.18
N THR HA 224 -14.98 51.57 49.80
CA THR HA 224 -16.03 50.60 50.06
C THR HA 224 -16.82 50.36 48.79
N PRO HA 225 -17.33 49.13 48.59
CA PRO HA 225 -18.20 48.89 47.45
C PRO HA 225 -19.48 49.70 47.57
N LEU HA 226 -20.01 50.10 46.41
CA LEU HA 226 -21.18 50.97 46.33
C LEU HA 226 -22.40 50.16 46.71
N SER HA 227 -22.82 50.27 47.98
CA SER HA 227 -24.00 49.61 48.54
C SER HA 227 -23.97 48.10 48.35
N LYS HA 228 -25.14 47.48 48.36
CA LYS HA 228 -25.26 46.05 48.07
C LYS HA 228 -26.32 45.84 46.99
N PRO HA 266 -41.98 26.76 53.42
CA PRO HA 266 -41.99 27.70 52.30
C PRO HA 266 -40.81 28.67 52.34
N ARG HA 267 -39.59 28.14 52.33
CA ARG HA 267 -38.40 28.98 52.36
C ARG HA 267 -37.31 28.27 51.57
N GLY HA 268 -37.09 28.69 50.33
CA GLY HA 268 -36.07 28.12 49.50
C GLY HA 268 -36.65 27.35 48.33
N SER HA 269 -35.75 26.71 47.59
CA SER HA 269 -36.10 26.02 46.36
C SER HA 269 -35.37 24.68 46.31
N ILE HA 270 -35.65 23.90 45.27
CA ILE HA 270 -35.00 22.61 45.08
C ILE HA 270 -33.51 22.79 44.83
N GLY HA 271 -33.15 23.73 43.97
CA GLY HA 271 -31.75 23.94 43.65
C GLY HA 271 -31.45 23.66 42.20
N VAL HA 272 -30.32 24.14 41.71
CA VAL HA 272 -29.97 23.99 40.30
C VAL HA 272 -28.76 23.07 40.12
N GLY HA 273 -28.40 22.31 41.14
CA GLY HA 273 -27.20 21.50 41.03
C GLY HA 273 -25.97 22.30 41.38
N ILE HA 274 -24.89 21.62 41.80
CA ILE HA 274 -23.73 22.37 42.26
C ILE HA 274 -22.78 22.65 41.10
N LEU HA 275 -22.95 21.95 39.98
CA LEU HA 275 -22.12 22.22 38.81
C LEU HA 275 -22.84 23.13 37.83
N ASN HA 276 -24.16 22.99 37.75
CA ASN HA 276 -24.98 23.83 36.86
C ASN HA 276 -25.37 25.14 37.50
N ASP HA 277 -24.95 25.41 38.73
CA ASP HA 277 -25.19 26.72 39.30
C ASP HA 277 -24.38 27.79 38.57
N THR HA 278 -23.20 27.42 38.06
CA THR HA 278 -22.15 28.34 37.65
C THR HA 278 -22.03 29.45 38.67
N GLY HA 279 -22.47 30.65 38.31
CA GLY HA 279 -22.67 31.67 39.30
C GLY HA 279 -24.06 32.25 39.30
N SER HA 280 -24.82 31.90 40.34
CA SER HA 280 -26.09 32.50 40.75
C SER HA 280 -27.02 32.94 39.62
N ASP HA 281 -27.22 32.09 38.62
CA ASP HA 281 -28.26 32.37 37.62
C ASP HA 281 -29.61 31.86 38.09
N ASP HA 282 -29.97 32.19 39.33
CA ASP HA 282 -31.24 32.01 39.98
C ASP HA 282 -31.36 33.10 41.05
N GLU HA 283 -31.90 34.25 40.65
CA GLU HA 283 -32.04 35.41 41.52
C GLU HA 283 -33.43 35.43 42.14
N ASP HA 284 -33.80 36.58 42.69
CA ASP HA 284 -35.22 36.87 42.90
C ASP HA 284 -35.91 36.80 41.55
N PRO HA 285 -36.75 35.81 41.30
CA PRO HA 285 -37.34 35.68 39.96
C PRO HA 285 -38.28 36.80 39.61
N TYR HA 286 -38.86 37.44 40.62
CA TYR HA 286 -39.87 38.46 40.39
C TYR HA 286 -39.24 39.80 40.07
N GLU HA 287 -38.37 40.30 40.93
CA GLU HA 287 -37.88 41.65 40.71
C GLU HA 287 -36.35 41.70 40.66
N LEU HA 288 -35.85 42.57 39.78
CA LEU HA 288 -34.43 42.81 39.58
C LEU HA 288 -33.75 43.35 40.83
N GLY HA 289 -32.43 43.22 40.85
CA GLY HA 289 -31.61 44.03 41.70
C GLY HA 289 -31.60 43.60 43.15
N PRO HA 290 -30.49 43.85 43.82
CA PRO HA 290 -30.49 43.74 45.28
C PRO HA 290 -31.28 44.87 45.89
N LYS HA 291 -31.98 44.61 46.99
CA LYS HA 291 -32.80 45.64 47.62
C LYS HA 291 -31.92 46.73 48.22
N ILE HA 292 -32.34 47.97 48.04
CA ILE HA 292 -31.55 49.12 48.43
C ILE HA 292 -31.95 49.54 49.84
N SER HA 293 -30.96 49.89 50.67
CA SER HA 293 -31.19 50.48 51.98
C SER HA 293 -31.75 51.89 51.78
N TYR HA 294 -32.80 52.22 52.52
CA TYR HA 294 -33.58 53.43 52.25
C TYR HA 294 -33.44 54.42 53.39
N ASN HA 295 -33.01 55.64 53.06
CA ASN HA 295 -33.00 56.71 54.04
C ASN HA 295 -34.42 57.24 54.26
N ARG HA 296 -34.71 57.60 55.51
CA ARG HA 296 -36.02 58.14 55.83
C ARG HA 296 -36.23 59.51 55.19
N VAL HA 297 -35.28 60.42 55.38
CA VAL HA 297 -35.38 61.77 54.87
C VAL HA 297 -34.16 62.05 54.00
N ILE HA 298 -34.20 63.15 53.28
CA ILE HA 298 -33.09 63.54 52.42
C ILE HA 298 -31.96 64.16 53.24
N ARG HA 343 26.47 70.21 64.78
CA ARG HA 343 26.63 69.04 63.91
C ARG HA 343 25.41 68.86 63.02
N LEU HA 344 25.64 68.73 61.71
CA LEU HA 344 24.55 68.54 60.77
C LEU HA 344 24.01 67.12 60.90
N PRO HA 345 22.71 66.94 61.13
CA PRO HA 345 22.16 65.59 61.25
C PRO HA 345 22.04 64.87 59.91
N LEU HA 346 21.56 63.63 59.93
CA LEU HA 346 21.36 62.88 58.70
C LEU HA 346 20.21 63.48 57.89
N ASP HA 347 20.27 63.29 56.57
CA ASP HA 347 19.26 63.84 55.68
C ASP HA 347 17.93 63.14 55.89
N GLY HA 348 16.87 63.92 56.04
CA GLY HA 348 15.55 63.39 56.32
C GLY HA 348 15.29 63.05 57.76
N PHE HA 349 16.26 63.26 58.65
CA PHE HA 349 16.13 62.94 60.07
C PHE HA 349 16.08 64.25 60.85
N VAL HA 350 15.09 64.39 61.72
CA VAL HA 350 14.94 65.59 62.51
C VAL HA 350 15.65 65.41 63.85
N PHE HA 351 16.00 66.53 64.46
CA PHE HA 351 16.71 66.56 65.73
C PHE HA 351 15.71 66.74 66.87
N GLY HA 352 15.86 65.94 67.91
CA GLY HA 352 15.00 66.08 69.08
C GLY HA 352 15.27 67.39 69.81
N LYS HA 353 14.21 68.17 70.02
CA LYS HA 353 14.37 69.47 70.68
C LYS HA 353 14.70 69.32 72.15
N GLU HA 354 14.14 68.32 72.81
CA GLU HA 354 14.41 68.06 74.22
C GLU HA 354 14.91 66.64 74.40
N PRO HA 355 15.90 66.44 75.26
CA PRO HA 355 16.45 65.09 75.44
C PRO HA 355 15.50 64.18 76.20
N ASP HA 356 15.76 62.88 76.07
CA ASP HA 356 15.10 61.87 76.90
C ASP HA 356 15.47 62.12 78.36
N PRO HA 357 14.49 62.14 79.27
CA PRO HA 357 14.83 62.36 80.69
C PRO HA 357 15.78 61.34 81.30
N LEU HA 358 15.72 60.07 80.92
CA LEU HA 358 16.60 59.14 81.62
C LEU HA 358 17.94 58.97 80.93
N ILE HA 359 18.11 59.51 79.71
CA ILE HA 359 19.47 59.66 79.20
C ILE HA 359 20.11 60.93 79.73
N SER HA 360 19.35 61.72 80.49
CA SER HA 360 19.86 62.86 81.22
C SER HA 360 20.15 62.52 82.68
N GLU HA 361 19.31 61.71 83.32
CA GLU HA 361 19.58 61.36 84.72
C GLU HA 361 20.63 60.26 84.86
N ILE HA 362 21.03 59.61 83.78
CA ILE HA 362 22.13 58.65 83.86
C ILE HA 362 23.43 59.35 84.19
N ILE HA 363 23.61 60.57 83.66
CA ILE HA 363 24.72 61.42 84.10
C ILE HA 363 24.42 62.01 85.48
N ALA HA 364 23.18 62.45 85.70
CA ALA HA 364 22.81 63.16 86.91
C ALA HA 364 22.78 62.22 88.11
N GLU HA 365 22.69 62.84 89.30
CA GLU HA 365 22.81 62.10 90.56
C GLU HA 365 21.48 61.54 91.05
N GLY HA 366 20.36 61.85 90.40
CA GLY HA 366 19.07 61.38 90.85
C GLY HA 366 18.31 62.42 91.63
N LYS HA 367 17.16 61.98 92.15
CA LYS HA 367 16.22 62.85 92.86
C LYS HA 367 16.28 62.69 94.37
N TYR HA 368 17.29 62.00 94.89
CA TYR HA 368 17.33 61.69 96.31
C TYR HA 368 18.77 61.47 96.78
N PRO HA 369 19.13 61.92 97.97
CA PRO HA 369 20.52 61.80 98.43
C PRO HA 369 20.77 60.44 99.07
N PRO HA 370 22.02 60.01 99.14
CA PRO HA 370 22.37 58.82 99.94
C PRO HA 370 22.24 59.10 101.42
N PRO HA 371 22.14 58.06 102.26
CA PRO HA 371 22.00 58.28 103.70
C PRO HA 371 23.25 58.86 104.34
N ARG HA 372 23.07 59.35 105.56
CA ARG HA 372 24.12 60.09 106.27
C ARG HA 372 25.30 59.21 106.67
N ILE HA 373 25.05 57.99 107.15
CA ILE HA 373 26.08 57.04 107.61
C ILE HA 373 27.02 57.67 108.64
N PRO HA 374 26.60 57.89 109.88
CA PRO HA 374 27.50 58.47 110.86
C PRO HA 374 28.54 57.46 111.32
N PRO HA 375 29.69 57.91 111.80
CA PRO HA 375 30.67 56.96 112.36
C PRO HA 375 30.18 56.39 113.69
N GLY HA 376 30.63 55.17 113.99
CA GLY HA 376 30.24 54.44 115.18
C GLY HA 376 29.53 53.14 114.89
N TRP HA 377 28.78 53.08 113.79
CA TRP HA 377 28.13 51.85 113.40
C TRP HA 377 29.14 50.85 112.87
N VAL HA 378 28.97 49.58 113.26
CA VAL HA 378 29.84 48.51 112.81
C VAL HA 378 28.98 47.38 112.27
N SER HA 379 29.60 46.52 111.45
CA SER HA 379 28.92 45.34 110.95
C SER HA 379 28.73 44.34 112.08
N SER HA 380 27.54 43.75 112.14
CA SER HA 380 27.22 42.81 113.22
C SER HA 380 28.00 41.51 113.09
N LYS HA 381 28.14 41.01 111.86
CA LYS HA 381 28.82 39.75 111.62
C LYS HA 381 30.16 40.00 110.92
N LYS HA 382 31.19 39.30 111.36
CA LYS HA 382 32.53 39.50 110.87
C LYS HA 382 32.86 38.53 109.73
N PRO HA 383 33.66 38.96 108.74
CA PRO HA 383 34.08 38.05 107.66
C PRO HA 383 35.15 37.07 108.09
N SER HA 395 21.82 18.85 100.18
CA SER HA 395 21.62 19.61 98.96
C SER HA 395 20.15 19.98 98.78
N THR HA 396 19.87 20.76 97.73
CA THR HA 396 18.48 21.13 97.43
C THR HA 396 17.66 19.92 97.01
N ALA HA 397 18.26 19.04 96.19
CA ALA HA 397 17.56 17.82 95.78
C ALA HA 397 17.34 16.88 96.95
N GLU HA 398 18.33 16.74 97.83
CA GLU HA 398 18.19 15.88 99.00
C GLU HA 398 17.16 16.44 99.97
N ALA HA 399 17.10 17.77 100.12
CA ALA HA 399 16.06 18.37 100.94
C ALA HA 399 14.69 18.23 100.30
N ALA HA 400 14.62 18.22 98.97
CA ALA HA 400 13.35 17.98 98.30
C ALA HA 400 12.90 16.53 98.44
N LYS HA 401 13.85 15.60 98.57
CA LYS HA 401 13.50 14.20 98.79
C LYS HA 401 12.82 14.00 100.14
N SER HA 402 13.29 14.70 101.17
CA SER HA 402 12.70 14.61 102.50
C SER HA 402 11.63 15.66 102.75
N SER HA 403 11.27 16.45 101.75
CA SER HA 403 10.26 17.49 101.91
C SER HA 403 8.87 16.88 101.99
N THR HA 404 8.48 16.43 103.18
CA THR HA 404 7.18 15.81 103.41
C THR HA 404 6.15 16.79 103.95
N LEU HA 405 6.46 18.08 103.96
CA LEU HA 405 5.55 19.08 104.50
C LEU HA 405 4.38 19.29 103.55
N ASP HA 406 3.18 18.92 104.00
CA ASP HA 406 1.97 19.18 103.25
C ASP HA 406 1.66 20.68 103.26
N PRO HA 407 0.96 21.18 102.24
CA PRO HA 407 0.64 22.62 102.19
C PRO HA 407 -0.23 23.12 103.34
N ARG HA 408 -1.01 22.25 103.99
CA ARG HA 408 -1.81 22.68 105.13
C ARG HA 408 -0.93 23.10 106.31
N ALA HA 409 0.00 22.23 106.72
CA ALA HA 409 0.94 22.60 107.78
C ALA HA 409 1.92 23.65 107.30
N ARG HA 410 2.18 23.69 106.00
CA ARG HA 410 3.06 24.73 105.44
C ARG HA 410 2.44 26.11 105.60
N ALA HA 411 1.14 26.23 105.32
CA ALA HA 411 0.46 27.50 105.53
C ALA HA 411 0.23 27.77 107.00
N ALA HA 412 0.12 26.71 107.82
CA ALA HA 412 0.01 26.89 109.26
C ALA HA 412 1.29 27.50 109.84
N ILE HA 413 2.45 27.00 109.41
CA ILE HA 413 3.72 27.55 109.92
C ILE HA 413 4.11 28.83 109.20
N LEU HA 414 3.53 29.10 108.03
CA LEU HA 414 3.78 30.35 107.33
C LEU HA 414 2.74 31.43 107.63
N GLY HA 415 1.68 31.09 108.37
CA GLY HA 415 0.71 32.06 108.82
C GLY HA 415 -0.12 32.73 107.75
N GLU HA 416 -0.64 31.97 106.80
CA GLU HA 416 -1.50 32.49 105.75
C GLU HA 416 -2.92 31.98 105.93
N LYS HA 417 -3.89 32.88 105.78
CA LYS HA 417 -5.29 32.53 105.93
C LYS HA 417 -5.74 31.62 104.78
N GLN HA 418 -6.57 30.65 105.10
CA GLN HA 418 -6.98 29.62 104.17
C GLN HA 418 -8.45 29.76 103.80
N LEU HA 419 -8.81 29.19 102.65
CA LEU HA 419 -10.19 29.22 102.20
C LEU HA 419 -11.05 28.30 103.07
N PRO HA 420 -12.32 28.65 103.27
CA PRO HA 420 -13.23 27.75 103.98
C PRO HA 420 -13.56 26.53 103.11
N GLY HA 421 -13.57 25.37 103.75
CA GLY HA 421 -13.85 24.11 103.07
C GLY HA 421 -15.31 23.74 103.14
N LYS HA 422 -15.56 22.43 103.20
CA LYS HA 422 -16.92 21.92 103.29
C LYS HA 422 -17.45 22.14 104.71
N SER HA 423 -18.56 22.85 104.82
CA SER HA 423 -19.16 23.14 106.12
C SER HA 423 -20.67 23.34 106.00
N ALA IA 18 37.25 47.19 88.15
CA ALA IA 18 36.11 47.01 89.04
C ALA IA 18 35.97 48.20 89.99
N ALA IA 19 37.09 48.83 90.31
CA ALA IA 19 37.10 49.96 91.22
C ALA IA 19 36.54 51.24 90.59
N LEU IA 20 36.45 51.30 89.27
CA LEU IA 20 35.93 52.47 88.59
C LEU IA 20 34.41 52.47 88.48
N LEU IA 21 33.75 51.39 88.89
CA LEU IA 21 32.30 51.32 88.85
C LEU IA 21 31.70 52.20 89.94
N PRO IA 22 30.57 52.85 89.66
CA PRO IA 22 29.91 53.66 90.71
C PRO IA 22 29.35 52.84 91.86
N ILE IA 23 29.18 51.53 91.69
CA ILE IA 23 28.68 50.68 92.77
C ILE IA 23 29.70 50.56 93.90
N ALA IA 24 30.99 50.75 93.61
CA ALA IA 24 32.00 50.69 94.66
C ALA IA 24 32.01 51.93 95.54
N LYS IA 25 31.63 53.08 94.98
CA LYS IA 25 31.64 54.32 95.76
C LYS IA 25 30.52 54.34 96.81
N HIS IA 26 29.38 53.74 96.50
CA HIS IA 26 28.25 53.69 97.42
C HIS IA 26 28.15 52.35 98.14
N ARG IA 27 29.26 51.60 98.21
CA ARG IA 27 29.23 50.26 98.80
C ARG IA 27 28.91 50.31 100.29
N GLU IA 28 29.49 51.27 101.01
CA GLU IA 28 29.23 51.38 102.44
C GLU IA 28 27.78 51.79 102.72
N SER IA 29 27.23 52.67 101.87
CA SER IA 29 25.85 53.10 102.04
C SER IA 29 24.88 51.94 101.84
N LEU IA 30 25.10 51.14 100.80
CA LEU IA 30 24.21 50.00 100.56
C LEU IA 30 24.42 48.92 101.61
N LEU IA 31 25.65 48.74 102.10
CA LEU IA 31 25.87 47.79 103.19
C LEU IA 31 25.13 48.22 104.46
N TYR IA 32 25.18 49.51 104.79
CA TYR IA 32 24.44 50.01 105.94
C TYR IA 32 22.94 49.84 105.75
N LEU IA 33 22.44 50.12 104.54
CA LEU IA 33 21.00 50.04 104.32
C LEU IA 33 20.51 48.60 104.27
N VAL IA 34 21.38 47.66 103.89
CA VAL IA 34 20.96 46.26 103.89
C VAL IA 34 21.14 45.63 105.27
N GLU IA 35 22.02 46.18 106.10
CA GLU IA 35 22.16 45.64 107.44
C GLU IA 35 21.13 46.24 108.40
N THR IA 36 20.72 47.49 108.17
CA THR IA 36 19.77 48.15 109.06
C THR IA 36 18.32 47.93 108.61
N ASN IA 37 18.00 48.40 107.40
CA ASN IA 37 16.63 48.28 106.92
C ASN IA 37 16.33 46.85 106.47
N PRO IA 38 15.10 46.38 106.70
CA PRO IA 38 14.73 45.04 106.20
C PRO IA 38 14.72 44.95 104.69
N VAL IA 39 14.30 46.00 104.00
CA VAL IA 39 14.27 46.02 102.54
C VAL IA 39 14.79 47.37 102.05
N THR IA 40 15.63 47.34 101.02
CA THR IA 40 16.17 48.54 100.42
C THR IA 40 16.13 48.41 98.91
N ILE IA 41 15.62 49.43 98.23
CA ILE IA 41 15.46 49.41 96.78
C ILE IA 41 16.58 50.21 96.14
N VAL IA 42 17.40 49.53 95.35
CA VAL IA 42 18.48 50.18 94.61
C VAL IA 42 17.97 50.57 93.23
N VAL IA 43 18.29 51.79 92.79
CA VAL IA 43 17.89 52.29 91.49
C VAL IA 43 19.13 52.46 90.64
N GLY IA 44 19.20 51.73 89.52
CA GLY IA 44 20.32 51.81 88.61
C GLY IA 44 20.11 50.98 87.37
N GLN IA 45 20.71 51.39 86.25
CA GLN IA 45 20.55 50.70 84.99
C GLN IA 45 21.54 49.54 84.88
N THR IA 46 21.28 48.66 83.92
CA THR IA 46 22.13 47.51 83.70
C THR IA 46 23.45 47.93 83.06
N GLY IA 47 24.55 47.55 83.71
CA GLY IA 47 25.88 47.95 83.28
C GLY IA 47 26.63 48.81 84.27
N SER IA 48 25.99 49.24 85.37
CA SER IA 48 26.67 49.98 86.41
C SER IA 48 27.36 49.08 87.42
N GLY IA 49 27.27 47.76 87.26
CA GLY IA 49 27.98 46.83 88.12
C GLY IA 49 27.22 46.37 89.35
N LYS IA 50 25.90 46.53 89.37
CA LYS IA 50 25.12 46.07 90.52
C LYS IA 50 25.15 44.56 90.65
N SER IA 51 24.80 43.85 89.59
CA SER IA 51 24.70 42.40 89.66
C SER IA 51 26.06 41.72 89.71
N THR IA 52 27.12 42.42 89.33
CA THR IA 52 28.45 41.83 89.31
C THR IA 52 29.20 42.06 90.63
N GLN IA 53 28.91 43.16 91.33
CA GLN IA 53 29.68 43.53 92.51
C GLN IA 53 28.88 43.49 93.80
N ILE IA 54 27.55 43.62 93.75
CA ILE IA 54 26.75 43.58 94.97
C ILE IA 54 26.84 42.24 95.70
N PRO IA 55 26.72 41.08 95.05
CA PRO IA 55 27.04 39.83 95.78
C PRO IA 55 28.48 39.76 96.25
N GLN IA 56 29.43 40.31 95.48
CA GLN IA 56 30.82 40.38 95.94
C GLN IA 56 30.96 41.29 97.15
N PHE IA 57 30.26 42.42 97.16
CA PHE IA 57 30.33 43.33 98.30
C PHE IA 57 29.73 42.71 99.55
N LEU IA 58 28.59 42.02 99.43
CA LEU IA 58 28.00 41.37 100.59
C LEU IA 58 28.81 40.15 101.04
N GLU IA 59 29.51 39.49 100.11
CA GLU IA 59 30.39 38.39 100.52
C GLU IA 59 31.62 38.92 101.26
N LYS IA 60 32.20 40.02 100.77
CA LYS IA 60 33.35 40.61 101.45
C LYS IA 60 32.98 41.27 102.76
N ALA IA 61 31.72 41.69 102.92
CA ALA IA 61 31.26 42.21 104.21
C ALA IA 61 31.14 41.11 105.25
N GLY IA 62 30.99 39.85 104.83
CA GLY IA 62 30.97 38.74 105.76
C GLY IA 62 29.58 38.22 106.06
N TRP IA 63 28.72 38.21 105.05
CA TRP IA 63 27.35 37.73 105.22
C TRP IA 63 27.22 36.23 104.99
N CYS IA 64 28.32 35.55 104.68
CA CYS IA 64 28.32 34.10 104.49
C CYS IA 64 29.20 33.39 105.52
N ALA IA 65 29.62 34.09 106.57
CA ALA IA 65 30.46 33.48 107.59
C ALA IA 65 29.69 32.45 108.43
N ASP IA 66 28.37 32.62 108.54
CA ASP IA 66 27.53 31.71 109.31
C ASP IA 66 26.95 30.60 108.44
N GLY IA 67 27.49 30.37 107.25
CA GLY IA 67 26.94 29.37 106.37
C GLY IA 67 25.66 29.78 105.68
N LYS IA 68 25.35 31.07 105.65
CA LYS IA 68 24.14 31.58 105.05
C LYS IA 68 24.45 32.12 103.65
N LEU IA 69 23.45 32.04 102.78
CA LEU IA 69 23.66 32.24 101.35
C LEU IA 69 23.05 33.56 100.87
N ILE IA 70 23.59 34.04 99.74
CA ILE IA 70 23.09 35.21 99.03
C ILE IA 70 22.60 34.73 97.68
N ALA IA 71 21.42 35.20 97.26
CA ALA IA 71 20.81 34.75 96.02
C ALA IA 71 20.45 35.93 95.14
N VAL IA 72 20.57 35.71 93.83
CA VAL IA 72 20.25 36.69 92.80
C VAL IA 72 19.21 36.05 91.88
N THR IA 73 18.01 36.62 91.85
CA THR IA 73 16.87 36.02 91.15
C THR IA 73 16.81 36.58 89.75
N GLN IA 74 17.04 35.74 88.75
CA GLN IA 74 17.08 36.28 87.40
C GLN IA 74 15.92 35.80 86.54
N PRO IA 75 15.41 36.65 85.65
CA PRO IA 75 14.34 36.22 84.74
C PRO IA 75 14.85 35.46 83.53
N ARG IA 76 16.05 35.80 83.07
CA ARG IA 76 16.64 35.20 81.88
C ARG IA 76 17.63 34.11 82.26
N ARG IA 77 17.84 33.17 81.34
CA ARG IA 77 18.65 32.00 81.67
C ARG IA 77 20.08 32.17 81.19
N VAL IA 78 20.24 32.56 79.92
CA VAL IA 78 21.55 32.81 79.35
C VAL IA 78 22.23 33.97 80.04
N ALA IA 79 21.45 34.99 80.42
CA ALA IA 79 21.99 36.10 81.20
C ALA IA 79 22.50 35.62 82.55
N ALA IA 80 21.77 34.69 83.18
CA ALA IA 80 22.22 34.12 84.45
C ALA IA 80 23.53 33.36 84.29
N VAL IA 81 23.64 32.55 83.22
CA VAL IA 81 24.86 31.78 83.00
C VAL IA 81 26.04 32.69 82.72
N THR IA 82 25.84 33.72 81.88
CA THR IA 82 26.93 34.63 81.54
C THR IA 82 27.36 35.46 82.74
N LEU IA 83 26.41 35.93 83.55
CA LEU IA 83 26.80 36.67 84.74
C LEU IA 83 27.46 35.75 85.76
N ALA IA 84 27.07 34.47 85.82
CA ALA IA 84 27.72 33.52 86.70
C ALA IA 84 29.18 33.32 86.31
N ILE IA 85 29.44 33.10 85.02
CA ILE IA 85 30.83 32.88 84.61
C ILE IA 85 31.64 34.19 84.71
N ARG IA 86 31.00 35.34 84.49
CA ARG IA 86 31.71 36.62 84.62
C ARG IA 86 32.11 36.89 86.06
N VAL IA 87 31.18 36.68 87.01
CA VAL IA 87 31.50 36.92 88.41
C VAL IA 87 32.46 35.85 88.94
N ALA IA 88 32.38 34.63 88.41
CA ALA IA 88 33.36 33.61 88.77
C ALA IA 88 34.76 33.98 88.28
N GLU IA 89 34.87 34.55 87.09
CA GLU IA 89 36.17 35.01 86.59
C GLU IA 89 36.68 36.20 87.39
N GLU IA 90 35.78 37.13 87.75
CA GLU IA 90 36.19 38.31 88.51
C GLU IA 90 36.63 37.93 89.92
N PHE IA 91 35.92 37.00 90.56
CA PHE IA 91 36.23 36.56 91.91
C PHE IA 91 37.43 35.61 91.97
N GLY IA 92 37.89 35.11 90.83
CA GLY IA 92 38.99 34.16 90.84
C GLY IA 92 38.61 32.79 91.34
N CYS IA 93 37.34 32.43 91.27
CA CYS IA 93 36.86 31.15 91.77
C CYS IA 93 36.21 30.36 90.64
N GLU IA 94 36.21 29.04 90.78
CA GLU IA 94 35.56 28.18 89.80
C GLU IA 94 34.04 28.28 89.93
N VAL IA 95 33.35 27.95 88.84
CA VAL IA 95 31.90 28.03 88.81
C VAL IA 95 31.32 26.88 89.62
N GLY IA 96 30.50 27.20 90.61
CA GLY IA 96 29.79 26.21 91.38
C GLY IA 96 30.40 25.86 92.73
N LYS IA 97 31.66 26.22 92.97
CA LYS IA 97 32.28 25.90 94.25
C LYS IA 97 32.25 27.07 95.23
N GLU IA 98 32.31 28.30 94.74
CA GLU IA 98 32.08 29.48 95.58
C GLU IA 98 31.00 30.38 95.02
N VAL IA 99 30.95 30.56 93.70
CA VAL IA 99 29.87 31.26 93.01
C VAL IA 99 29.23 30.25 92.06
N GLY IA 100 27.94 29.98 92.27
CA GLY IA 100 27.25 28.98 91.50
C GLY IA 100 25.92 29.51 91.00
N TYR IA 101 25.27 28.70 90.17
CA TYR IA 101 24.00 29.10 89.58
C TYR IA 101 23.07 27.90 89.45
N SER IA 102 21.80 28.19 89.20
CA SER IA 102 20.82 27.17 88.91
C SER IA 102 19.77 27.73 87.98
N ILE IA 103 19.73 27.18 86.76
CA ILE IA 103 18.65 27.42 85.83
C ILE IA 103 17.88 26.11 85.71
N ARG IA 104 16.81 26.11 84.91
CA ARG IA 104 15.86 24.99 84.90
C ARG IA 104 16.55 23.69 84.48
N PHE IA 105 16.53 22.73 85.39
CA PHE IA 105 17.15 21.41 85.25
C PHE IA 105 18.66 21.48 85.05
N GLU IA 106 19.30 22.53 85.58
CA GLU IA 106 20.76 22.65 85.58
C GLU IA 106 21.17 23.39 86.85
N ASP IA 107 21.70 22.64 87.83
CA ASP IA 107 22.04 23.19 89.14
C ASP IA 107 23.53 23.04 89.41
N ALA IA 108 24.31 24.03 88.98
CA ALA IA 108 25.74 24.06 89.29
C ALA IA 108 25.89 24.75 90.65
N THR IA 109 25.74 23.95 91.70
CA THR IA 109 25.79 24.43 93.08
C THR IA 109 26.54 23.41 93.93
N SER IA 110 26.98 23.86 95.10
CA SER IA 110 27.68 22.99 96.04
C SER IA 110 27.43 23.51 97.45
N GLU IA 111 27.84 22.70 98.44
CA GLU IA 111 27.71 23.09 99.83
C GLU IA 111 28.64 24.26 100.16
N SER IA 112 29.84 24.26 99.59
CA SER IA 112 30.79 25.34 99.81
C SER IA 112 30.44 26.60 99.04
N THR IA 113 29.49 26.52 98.10
CA THR IA 113 29.08 27.70 97.35
C THR IA 113 28.33 28.67 98.24
N ARG IA 114 28.70 29.95 98.16
CA ARG IA 114 28.08 31.00 98.96
C ARG IA 114 27.21 31.93 98.14
N ILE IA 115 27.66 32.33 96.95
CA ILE IA 115 26.92 33.22 96.07
C ILE IA 115 26.13 32.37 95.09
N LYS IA 116 24.82 32.64 94.97
CA LYS IA 116 23.90 31.83 94.20
C LYS IA 116 23.21 32.71 93.18
N TYR IA 117 23.21 32.27 91.92
CA TYR IA 117 22.47 32.94 90.85
C TYR IA 117 21.34 32.00 90.44
N MET IA 118 20.13 32.28 90.93
CA MET IA 118 19.03 31.34 90.86
C MET IA 118 17.97 31.84 89.89
N THR IA 119 17.32 30.87 89.23
CA THR IA 119 16.07 31.13 88.54
C THR IA 119 14.98 31.37 89.58
N ASP IA 120 14.22 32.46 89.39
CA ASP IA 120 13.15 32.79 90.33
C ASP IA 120 12.06 31.72 90.35
N GLY IA 121 11.80 31.08 89.20
CA GLY IA 121 10.93 29.93 89.19
C GLY IA 121 11.49 28.77 89.99
N LEU IA 122 12.81 28.56 89.95
CA LEU IA 122 13.39 27.55 90.81
C LEU IA 122 13.34 27.94 92.28
N LEU IA 123 13.27 29.23 92.59
CA LEU IA 123 13.04 29.56 93.99
C LEU IA 123 11.58 29.47 94.39
N ILE IA 124 10.65 29.47 93.43
CA ILE IA 124 9.32 28.93 93.74
C ILE IA 124 9.42 27.46 94.09
N ARG IA 125 10.14 26.68 93.28
CA ARG IA 125 10.22 25.24 93.52
C ARG IA 125 11.00 24.91 94.79
N GLU IA 126 11.90 25.79 95.21
CA GLU IA 126 12.59 25.66 96.49
C GLU IA 126 11.81 26.28 97.63
N ALA IA 127 10.84 27.15 97.35
CA ALA IA 127 9.86 27.53 98.33
C ALA IA 127 8.85 26.42 98.57
N LEU IA 128 8.75 25.46 97.65
CA LEU IA 128 8.15 24.18 97.99
C LEU IA 128 9.03 23.35 98.93
N VAL IA 129 10.29 23.71 99.09
CA VAL IA 129 11.22 22.95 99.94
C VAL IA 129 11.44 23.67 101.27
N ASP IA 130 11.94 24.90 101.23
CA ASP IA 130 12.24 25.67 102.43
C ASP IA 130 11.13 26.68 102.69
N PRO IA 131 10.36 26.52 103.78
CA PRO IA 131 9.20 27.41 103.96
C PRO IA 131 9.58 28.83 104.32
N LEU IA 132 10.49 29.02 105.27
CA LEU IA 132 10.85 30.34 105.74
C LEU IA 132 12.05 30.93 105.01
N LEU IA 133 12.59 30.21 104.02
CA LEU IA 133 13.81 30.58 103.30
C LEU IA 133 14.96 30.83 104.27
N SER IA 134 15.14 29.90 105.21
CA SER IA 134 16.14 30.03 106.25
C SER IA 134 17.55 29.75 105.77
N ARG IA 135 17.73 29.29 104.54
CA ARG IA 135 19.05 29.01 104.00
C ARG IA 135 19.66 30.21 103.29
N TYR IA 136 18.98 31.36 103.27
CA TYR IA 136 19.45 32.54 102.57
C TYR IA 136 19.33 33.76 103.46
N SER IA 137 20.31 34.67 103.33
CA SER IA 137 20.30 35.90 104.14
C SER IA 137 19.55 37.01 103.42
N VAL IA 138 19.99 37.37 102.22
CA VAL IA 138 19.40 38.46 101.45
C VAL IA 138 18.98 37.91 100.09
N ILE IA 139 17.78 38.29 99.67
CA ILE IA 139 17.25 37.97 98.36
C ILE IA 139 17.14 39.27 97.58
N MET IA 140 17.71 39.29 96.38
CA MET IA 140 17.63 40.51 95.58
C MET IA 140 17.08 40.16 94.20
N ILE IA 141 16.28 41.07 93.66
CA ILE IA 141 15.68 40.93 92.35
C ILE IA 141 16.31 41.98 91.46
N ASP IA 142 17.26 41.56 90.63
CA ASP IA 142 17.91 42.47 89.70
C ASP IA 142 17.05 42.66 88.46
N GLU IA 143 17.19 43.84 87.85
CA GLU IA 143 16.36 44.37 86.75
C GLU IA 143 14.89 44.00 86.92
N ALA IA 144 14.32 44.43 88.05
CA ALA IA 144 12.96 44.07 88.42
C ALA IA 144 11.91 44.68 87.52
N HIS IA 145 12.24 45.75 86.78
CA HIS IA 145 11.29 46.30 85.82
C HIS IA 145 11.14 45.46 84.56
N GLU IA 146 11.98 44.43 84.39
CA GLU IA 146 11.70 43.44 83.35
C GLU IA 146 10.40 42.70 83.63
N ARG IA 147 10.10 42.48 84.92
CA ARG IA 147 8.79 42.05 85.40
C ARG IA 147 8.37 40.71 84.81
N SER IA 148 9.06 39.66 85.25
CA SER IA 148 8.54 38.33 85.04
C SER IA 148 7.42 38.05 86.05
N ILE IA 149 6.65 36.98 85.78
CA ILE IA 149 5.58 36.58 86.70
C ILE IA 149 6.19 36.09 88.01
N SER IA 150 7.22 35.26 87.91
CA SER IA 150 7.83 34.66 89.08
C SER IA 150 8.50 35.71 89.96
N SER IA 151 9.01 36.79 89.38
CA SER IA 151 9.56 37.88 90.17
C SER IA 151 8.48 38.53 91.04
N ASP IA 152 7.29 38.75 90.48
CA ASP IA 152 6.22 39.38 91.25
C ASP IA 152 5.68 38.44 92.33
N ILE IA 153 5.59 37.14 92.03
CA ILE IA 153 5.09 36.25 93.08
C ILE IA 153 6.17 36.02 94.15
N LEU IA 154 7.45 36.09 93.78
CA LEU IA 154 8.50 36.17 94.80
C LEU IA 154 8.36 37.42 95.64
N LEU IA 155 8.01 38.55 95.02
CA LEU IA 155 7.81 39.79 95.78
C LEU IA 155 6.69 39.62 96.81
N GLY IA 156 5.58 39.01 96.40
CA GLY IA 156 4.49 38.77 97.33
C GLY IA 156 4.88 37.84 98.47
N LEU IA 157 5.55 36.72 98.14
CA LEU IA 157 5.88 35.77 99.18
C LEU IA 157 7.00 36.29 100.09
N LEU IA 158 7.93 37.11 99.56
CA LEU IA 158 8.94 37.69 100.42
C LEU IA 158 8.33 38.74 101.33
N LYS IA 159 7.30 39.47 100.86
CA LYS IA 159 6.59 40.37 101.76
C LYS IA 159 5.94 39.60 102.90
N LYS IA 160 5.29 38.47 102.57
CA LYS IA 160 4.65 37.64 103.60
C LYS IA 160 5.69 37.08 104.59
N ILE IA 161 6.81 36.59 104.07
CA ILE IA 161 7.84 36.02 104.92
C ILE IA 161 8.52 37.11 105.76
N ARG IA 162 8.69 38.30 105.20
CA ARG IA 162 9.30 39.40 105.94
C ARG IA 162 8.41 39.88 107.07
N ARG IA 163 7.09 39.84 106.88
CA ARG IA 163 6.21 39.96 108.04
C ARG IA 163 6.41 38.81 109.00
N LYS IA 164 6.59 37.59 108.49
CA LYS IA 164 6.77 36.44 109.37
C LYS IA 164 8.18 36.40 109.97
N ARG IA 165 9.21 36.75 109.21
CA ARG IA 165 10.59 36.69 109.67
C ARG IA 165 11.33 37.94 109.19
N PRO IA 166 11.49 38.95 110.04
CA PRO IA 166 12.18 40.18 109.62
C PRO IA 166 13.70 40.06 109.53
N ASP IA 167 14.28 38.92 109.90
CA ASP IA 167 15.74 38.81 109.94
C ASP IA 167 16.37 38.86 108.55
N LEU IA 168 15.73 38.25 107.56
CA LEU IA 168 16.27 38.26 106.21
C LEU IA 168 16.10 39.63 105.57
N ARG IA 169 16.89 39.87 104.51
CA ARG IA 169 16.93 41.16 103.85
C ARG IA 169 16.53 41.01 102.39
N ILE IA 170 15.97 42.09 101.84
CA ILE IA 170 15.47 42.12 100.46
C ILE IA 170 16.05 43.34 99.76
N ILE IA 171 16.59 43.13 98.56
CA ILE IA 171 17.06 44.20 97.70
C ILE IA 171 16.35 44.10 96.36
N ILE IA 172 15.85 45.22 95.86
CA ILE IA 172 15.17 45.28 94.57
C ILE IA 172 15.89 46.29 93.69
N SER IA 173 16.24 45.86 92.47
CA SER IA 173 16.93 46.73 91.51
C SER IA 173 15.90 47.33 90.58
N SER IA 174 15.79 48.65 90.60
CA SER IA 174 14.81 49.38 89.81
C SER IA 174 15.50 50.13 88.68
N ALA IA 175 14.91 50.08 87.49
CA ALA IA 175 15.45 50.84 86.37
C ALA IA 175 15.12 52.32 86.50
N THR IA 176 13.92 52.64 86.96
CA THR IA 176 13.46 54.03 86.98
C THR IA 176 12.47 54.29 88.12
N LEU IA 177 11.70 55.38 88.01
CA LEU IA 177 10.97 55.99 89.11
C LEU IA 177 9.88 55.10 89.71
N GLN IA 178 9.46 54.03 89.02
CA GLN IA 178 8.42 53.16 89.58
C GLN IA 178 8.87 52.38 90.81
N ALA IA 179 10.13 52.51 91.21
CA ALA IA 179 10.56 52.10 92.55
C ALA IA 179 9.70 52.72 93.62
N GLU IA 180 9.27 53.96 93.42
CA GLU IA 180 8.33 54.61 94.33
C GLU IA 180 7.06 53.77 94.47
N ASP IA 181 6.55 53.24 93.36
CA ASP IA 181 5.44 52.31 93.43
C ASP IA 181 5.85 51.05 94.19
N TYR IA 182 7.05 50.55 93.94
CA TYR IA 182 7.65 49.52 94.78
C TYR IA 182 7.64 49.95 96.24
N ARG IA 183 8.05 51.19 96.48
CA ARG IA 183 8.02 51.76 97.82
C ARG IA 183 6.62 51.73 98.39
N ALA IA 184 5.62 52.03 97.54
CA ALA IA 184 4.22 51.99 97.97
C ALA IA 184 3.85 50.60 98.45
N TYR IA 185 4.33 49.57 97.75
CA TYR IA 185 4.05 48.18 98.10
C TYR IA 185 4.63 47.82 99.46
N PHE IA 186 5.54 48.63 100.00
CA PHE IA 186 6.13 48.37 101.29
C PHE IA 186 5.71 49.36 102.38
N GLU IA 187 4.69 50.20 102.17
CA GLU IA 187 4.06 50.75 103.36
C GLU IA 187 2.76 50.04 103.71
N LYS IA 188 1.97 49.67 102.71
CA LYS IA 188 0.75 48.90 102.97
C LYS IA 188 1.19 47.47 103.27
N ALA IA 189 1.47 47.20 104.55
CA ALA IA 189 1.97 45.89 104.94
C ALA IA 189 0.84 44.88 105.04
N SER IA 190 -0.10 45.11 105.95
CA SER IA 190 -1.23 44.21 106.15
C SER IA 190 -2.35 45.00 106.82
N GLU IA 191 -3.38 44.28 107.26
CA GLU IA 191 -4.50 44.89 107.97
C GLU IA 191 -4.65 44.38 109.40
N THR IA 192 -3.98 43.30 109.75
CA THR IA 192 -3.99 42.84 111.14
C THR IA 192 -3.13 43.73 112.02
N GLN IA 193 -2.14 44.41 111.43
CA GLN IA 193 -1.30 45.34 112.19
C GLN IA 193 -2.05 46.61 112.57
N GLU IA 194 -3.16 46.91 111.91
CA GLU IA 194 -3.93 48.10 112.25
C GLU IA 194 -4.60 47.96 113.61
N GLU IA 195 -4.93 46.74 114.02
CA GLU IA 195 -5.45 46.51 115.35
C GLU IA 195 -4.41 46.79 116.42
N ASP IA 196 -3.14 46.49 116.14
CA ASP IA 196 -2.05 46.75 117.07
C ASP IA 196 -1.42 48.13 116.87
N SER IA 197 -1.90 48.91 115.91
CA SER IA 197 -1.36 50.24 115.65
C SER IA 197 -2.09 51.27 116.55
N SER IA 198 -1.80 51.17 117.84
CA SER IA 198 -2.38 52.06 118.84
C SER IA 198 -1.39 53.06 119.42
N ASN IA 199 -0.10 52.72 119.43
CA ASN IA 199 0.91 53.61 119.97
C ASN IA 199 1.19 54.76 119.00
N ASP IA 200 1.81 55.81 119.53
CA ASP IA 200 2.20 56.98 118.76
C ASP IA 200 3.65 56.91 118.28
N LYS IA 201 4.17 55.70 118.08
CA LYS IA 201 5.53 55.54 117.61
C LYS IA 201 5.66 55.99 116.15
N GLN IA 202 6.84 56.48 115.80
CA GLN IA 202 7.11 56.88 114.43
C GLN IA 202 7.17 55.66 113.53
N LYS IA 203 6.59 55.79 112.34
CA LYS IA 203 6.60 54.71 111.35
C LYS IA 203 8.02 54.56 110.82
N GLU IA 204 8.67 53.47 111.21
CA GLU IA 204 10.07 53.25 110.85
C GLU IA 204 10.21 53.00 109.35
N SER IA 205 11.33 53.47 108.80
CA SER IA 205 11.60 53.30 107.38
C SER IA 205 11.99 51.86 107.09
N ILE IA 206 10.98 51.00 106.90
CA ILE IA 206 11.24 49.62 106.53
C ILE IA 206 11.87 49.55 105.14
N ALA IA 207 11.38 50.37 104.21
CA ALA IA 207 11.89 50.42 102.85
C ALA IA 207 12.62 51.74 102.62
N SER IA 208 13.80 51.65 102.02
CA SER IA 208 14.63 52.81 101.72
C SER IA 208 15.13 52.71 100.28
N ILE IA 209 15.56 53.84 99.73
CA ILE IA 209 16.02 53.90 98.35
C ILE IA 209 17.47 54.40 98.36
N ILE IA 210 18.33 53.72 97.61
CA ILE IA 210 19.75 54.08 97.54
C ILE IA 210 20.11 54.36 96.08
N SER IA 211 20.93 55.40 95.86
CA SER IA 211 21.27 55.87 94.52
C SER IA 211 22.64 55.33 94.12
N ILE IA 212 22.67 54.48 93.09
CA ILE IA 212 23.88 54.15 92.37
C ILE IA 212 23.61 54.40 90.89
N GLU IA 213 24.19 55.47 90.36
CA GLU IA 213 24.02 55.78 88.95
C GLU IA 213 24.99 54.95 88.12
N GLY IA 214 24.84 55.06 86.80
CA GLY IA 214 25.75 54.45 85.87
C GLY IA 214 26.59 55.47 85.13
N ARG IA 215 27.22 55.02 84.04
CA ARG IA 215 28.07 55.90 83.24
C ARG IA 215 27.84 55.54 81.78
N THR IA 216 27.29 56.47 81.00
CA THR IA 216 27.08 56.29 79.58
C THR IA 216 27.60 57.51 78.84
N TYR IA 217 28.12 57.28 77.63
CA TYR IA 217 28.54 58.37 76.78
C TYR IA 217 27.33 59.14 76.26
N PRO IA 218 27.50 60.40 75.89
CA PRO IA 218 26.40 61.15 75.27
C PRO IA 218 26.00 60.53 73.94
N ILE IA 219 24.69 60.34 73.76
CA ILE IA 219 24.14 59.65 72.60
C ILE IA 219 23.16 60.59 71.91
N ASP IA 220 23.35 60.80 70.61
CA ASP IA 220 22.47 61.64 69.82
C ASP IA 220 21.25 60.84 69.37
N ILE IA 221 20.07 61.39 69.62
CA ILE IA 221 18.81 60.76 69.21
C ILE IA 221 18.29 61.48 67.98
N LEU IA 222 17.88 60.71 66.97
CA LEU IA 222 17.35 61.27 65.73
C LEU IA 222 15.99 60.65 65.46
N TYR IA 223 15.01 61.49 65.16
CA TYR IA 223 13.66 61.07 64.85
C TYR IA 223 13.36 61.34 63.38
N LEU IA 224 12.12 61.09 62.98
CA LEU IA 224 11.68 61.32 61.62
C LEU IA 224 10.62 62.41 61.59
N ASP IA 225 10.62 63.18 60.50
CA ASP IA 225 9.63 64.23 60.33
C ASP IA 225 8.25 63.65 60.04
N THR IA 226 8.19 62.50 59.37
CA THR IA 226 6.95 61.84 59.03
C THR IA 226 6.98 60.39 59.53
N PRO IA 227 5.82 59.82 59.84
CA PRO IA 227 5.79 58.38 60.16
C PRO IA 227 6.27 57.54 58.98
N THR IA 228 7.05 56.52 59.31
CA THR IA 228 7.68 55.71 58.27
C THR IA 228 6.66 54.79 57.61
N GLU IA 229 6.93 54.44 56.35
CA GLU IA 229 6.05 53.60 55.55
C GLU IA 229 6.25 52.12 55.87
N ASP IA 230 7.47 51.63 55.62
CA ASP IA 230 7.82 50.23 55.82
C ASP IA 230 9.15 50.19 56.53
N TYR IA 231 9.16 49.81 57.82
CA TYR IA 231 10.34 50.02 58.63
C TYR IA 231 11.53 49.16 58.22
N LEU IA 232 11.30 48.08 57.47
CA LEU IA 232 12.41 47.28 56.97
C LEU IA 232 13.22 48.03 55.91
N GLU IA 233 12.52 48.62 54.93
CA GLU IA 233 13.22 49.29 53.83
C GLU IA 233 13.91 50.56 54.30
N LYS IA 234 13.26 51.36 55.14
CA LYS IA 234 13.93 52.51 55.72
C LYS IA 234 14.98 52.12 56.75
N ALA IA 235 14.85 50.95 57.37
CA ALA IA 235 15.93 50.45 58.22
C ALA IA 235 17.19 50.18 57.39
N ILE IA 236 17.05 49.45 56.28
CA ILE IA 236 18.24 49.14 55.49
C ILE IA 236 18.76 50.38 54.76
N SER IA 237 17.88 51.28 54.32
CA SER IA 237 18.34 52.50 53.68
C SER IA 237 19.04 53.42 54.67
N THR IA 238 18.56 53.46 55.91
CA THR IA 238 19.25 54.18 56.97
C THR IA 238 20.61 53.56 57.22
N VAL IA 239 20.70 52.22 57.21
CA VAL IA 239 21.97 51.54 57.42
C VAL IA 239 22.98 51.93 56.33
N PHE IA 240 22.55 51.91 55.07
CA PHE IA 240 23.48 52.22 54.00
C PHE IA 240 23.83 53.70 53.94
N ASP IA 241 22.87 54.59 54.25
CA ASP IA 241 23.17 56.02 54.30
C ASP IA 241 24.13 56.35 55.44
N ILE IA 242 23.95 55.72 56.60
CA ILE IA 242 24.81 56.03 57.73
C ILE IA 242 26.17 55.35 57.56
N HIS IA 243 26.25 54.29 56.75
CA HIS IA 243 27.54 53.72 56.39
C HIS IA 243 28.29 54.64 55.42
N THR IA 244 27.57 55.20 54.44
CA THR IA 244 28.25 56.04 53.46
C THR IA 244 28.66 57.38 54.05
N ASN IA 245 27.81 57.98 54.88
CA ASN IA 245 28.08 59.33 55.38
C ASN IA 245 29.02 59.33 56.57
N GLU IA 246 28.60 58.72 57.67
CA GLU IA 246 29.35 58.79 58.92
C GLU IA 246 30.55 57.86 58.91
N PRO IA 247 31.58 58.15 59.73
CA PRO IA 247 32.77 57.28 59.78
C PRO IA 247 32.53 55.93 60.44
N LYS IA 248 33.62 55.20 60.65
CA LYS IA 248 33.56 53.81 61.08
C LYS IA 248 32.86 53.67 62.42
N GLY IA 249 32.00 52.67 62.51
CA GLY IA 249 31.27 52.33 63.72
C GLY IA 249 30.32 51.18 63.43
N ASP IA 250 30.26 50.19 64.32
CA ASP IA 250 29.45 49.02 64.05
C ASP IA 250 27.97 49.36 64.17
N ILE IA 251 27.26 49.15 63.05
CA ILE IA 251 25.83 49.44 62.93
C ILE IA 251 25.07 48.28 63.55
N LEU IA 252 24.16 48.58 64.46
CA LEU IA 252 23.24 47.58 64.97
C LEU IA 252 21.83 48.12 64.81
N VAL IA 253 20.91 47.23 64.46
CA VAL IA 253 19.49 47.49 64.27
C VAL IA 253 18.73 46.48 65.12
N PHE IA 254 17.67 46.92 65.79
CA PHE IA 254 16.75 46.02 66.47
C PHE IA 254 15.50 45.81 65.61
N LEU IA 255 15.38 44.61 65.05
CA LEU IA 255 14.24 44.21 64.25
C LEU IA 255 13.25 43.45 65.15
N THR IA 256 12.25 42.75 64.62
CA THR IA 256 11.23 42.12 65.44
C THR IA 256 11.32 40.59 65.46
N GLY IA 257 11.25 39.95 64.29
CA GLY IA 257 11.19 38.50 64.23
C GLY IA 257 12.09 37.96 63.14
N ARG IA 258 12.31 36.64 63.19
CA ARG IA 258 13.37 36.00 62.41
C ARG IA 258 13.27 36.19 60.90
N ASP IA 259 12.05 36.19 60.34
CA ASP IA 259 11.92 36.43 58.91
C ASP IA 259 12.27 37.88 58.55
N GLU IA 260 12.05 38.81 59.48
CA GLU IA 260 12.43 40.20 59.22
C GLU IA 260 13.94 40.36 59.15
N ILE IA 261 14.68 39.73 60.07
CA ILE IA 261 16.14 39.77 60.01
C ILE IA 261 16.65 39.02 58.78
N GLU IA 262 15.98 37.93 58.40
CA GLU IA 262 16.39 37.20 57.20
C GLU IA 262 16.23 38.06 55.95
N GLN IA 263 15.09 38.75 55.83
CA GLN IA 263 14.88 39.64 54.70
C GLN IA 263 15.87 40.81 54.73
N ALA IA 264 16.18 41.32 55.92
CA ALA IA 264 17.13 42.43 56.03
C ALA IA 264 18.53 42.01 55.61
N VAL IA 265 18.99 40.83 56.05
CA VAL IA 265 20.35 40.42 55.70
C VAL IA 265 20.43 40.08 54.22
N GLN IA 266 19.36 39.52 53.64
CA GLN IA 266 19.35 39.30 52.20
C GLN IA 266 19.38 40.61 51.42
N ALA IA 267 18.62 41.60 51.88
CA ALA IA 267 18.59 42.89 51.18
C ALA IA 267 19.91 43.62 51.29
N VAL IA 268 20.54 43.62 52.47
CA VAL IA 268 21.81 44.31 52.61
C VAL IA 268 22.93 43.56 51.89
N SER IA 269 22.83 42.23 51.79
CA SER IA 269 23.81 41.49 51.00
C SER IA 269 23.67 41.81 49.52
N GLU IA 270 22.44 41.87 49.02
CA GLU IA 270 22.22 42.20 47.61
C GLU IA 270 22.65 43.63 47.29
N ARG IA 271 22.40 44.57 48.20
CA ARG IA 271 22.83 45.94 47.97
C ARG IA 271 24.35 46.10 48.11
N SER IA 272 24.97 45.36 49.05
CA SER IA 272 26.43 45.41 49.18
C SER IA 272 27.12 44.73 48.00
N ALA IA 273 26.41 43.85 47.30
CA ALA IA 273 26.93 43.34 46.04
C ALA IA 273 27.07 44.46 45.00
N SER IA 274 26.18 45.45 45.05
CA SER IA 274 26.17 46.55 44.10
C SER IA 274 26.91 47.78 44.61
N LEU IA 275 27.57 47.71 45.76
CA LEU IA 275 28.28 48.86 46.29
C LEU IA 275 29.53 49.15 45.46
N PRO IA 276 29.92 50.42 45.33
CA PRO IA 276 31.13 50.74 44.60
C PRO IA 276 32.36 50.22 45.31
N PRO IA 277 33.37 49.76 44.58
CA PRO IA 277 34.58 49.24 45.22
C PRO IA 277 35.46 50.35 45.78
N GLY IA 278 36.41 49.95 46.63
CA GLY IA 278 37.32 50.86 47.27
C GLY IA 278 36.85 51.45 48.58
N SER IA 279 35.60 51.20 48.97
CA SER IA 279 35.05 51.70 50.21
C SER IA 279 35.10 50.60 51.27
N GLU IA 280 34.53 50.88 52.43
CA GLU IA 280 34.46 49.90 53.51
C GLU IA 280 33.35 48.90 53.21
N ALA IA 281 33.70 47.62 53.19
CA ALA IA 281 32.72 46.57 52.96
C ALA IA 281 31.82 46.42 54.18
N LEU IA 282 30.64 45.83 53.95
CA LEU IA 282 29.66 45.60 55.01
C LEU IA 282 29.50 44.11 55.22
N LEU IA 283 29.60 43.69 56.48
CA LEU IA 283 29.40 42.28 56.83
C LEU IA 283 28.04 42.13 57.48
N PRO IA 284 27.07 41.51 56.82
CA PRO IA 284 25.77 41.28 57.46
C PRO IA 284 25.85 40.15 58.47
N LEU IA 285 25.20 40.36 59.61
CA LEU IA 285 25.20 39.37 60.66
C LEU IA 285 23.82 39.32 61.29
N PRO IA 286 23.28 38.13 61.53
CA PRO IA 286 22.04 38.03 62.31
C PRO IA 286 22.28 37.72 63.78
N LEU IA 287 21.30 38.03 64.64
CA LEU IA 287 21.35 37.63 66.05
C LEU IA 287 19.97 37.14 66.45
N TYR IA 288 19.87 35.85 66.79
CA TYR IA 288 18.59 35.28 67.16
C TYR IA 288 18.69 34.64 68.54
N SER IA 289 17.65 33.88 68.90
CA SER IA 289 17.69 33.09 70.12
C SER IA 289 18.23 31.69 69.88
N GLY IA 290 17.90 31.08 68.74
CA GLY IA 290 18.30 29.72 68.47
C GLY IA 290 19.51 29.63 67.56
N LEU IA 291 20.49 30.48 67.79
CA LEU IA 291 21.70 30.48 66.98
C LEU IA 291 22.59 29.29 67.34
N SER IA 292 23.36 28.84 66.36
CA SER IA 292 24.41 27.88 66.63
C SER IA 292 25.66 28.60 67.13
N ALA IA 293 26.73 27.84 67.30
CA ALA IA 293 27.96 28.42 67.84
C ALA IA 293 28.67 29.29 66.81
N GLU IA 294 28.59 28.92 65.53
CA GLU IA 294 29.45 29.53 64.51
C GLU IA 294 29.09 30.98 64.24
N GLN IA 295 27.83 31.26 63.90
CA GLN IA 295 27.46 32.63 63.57
C GLN IA 295 27.33 33.50 64.82
N GLN IA 296 27.02 32.90 65.96
CA GLN IA 296 27.05 33.65 67.22
C GLN IA 296 28.47 34.10 67.55
N MET IA 297 29.46 33.23 67.32
CA MET IA 297 30.85 33.62 67.49
C MET IA 297 31.26 34.62 66.41
N TYR IA 298 30.69 34.52 65.21
CA TYR IA 298 30.93 35.50 64.16
C TYR IA 298 30.47 36.89 64.58
N VAL IA 299 29.30 36.97 65.23
CA VAL IA 299 28.83 38.24 65.77
C VAL IA 299 29.76 38.69 66.91
N PHE IA 300 30.19 37.75 67.75
CA PHE IA 300 30.99 38.11 68.92
C PHE IA 300 32.40 38.57 68.52
N GLU IA 301 32.99 37.97 67.50
CA GLU IA 301 34.31 38.39 67.05
C GLU IA 301 34.22 39.72 66.31
N GLU IA 302 35.24 40.54 66.46
CA GLU IA 302 35.17 41.93 66.01
C GLU IA 302 35.35 42.03 64.49
N ALA IA 303 35.08 43.21 63.97
CA ALA IA 303 35.07 43.43 62.53
C ALA IA 303 36.48 43.33 61.95
N PRO IA 304 36.64 42.74 60.77
CA PRO IA 304 37.96 42.64 60.14
C PRO IA 304 38.40 43.97 59.55
N GLU IA 305 39.54 43.93 58.87
CA GLU IA 305 40.12 45.14 58.29
C GLU IA 305 39.29 45.62 57.11
N ASN IA 306 39.05 46.94 57.08
CA ASN IA 306 38.24 47.62 56.05
C ASN IA 306 36.85 47.01 55.94
N THR IA 307 36.31 46.54 57.06
CA THR IA 307 35.02 45.87 57.10
C THR IA 307 34.24 46.39 58.29
N ARG IA 308 32.98 46.75 58.07
CA ARG IA 308 32.09 47.25 59.11
C ARG IA 308 30.96 46.24 59.29
N LYS IA 309 30.74 45.82 60.52
CA LYS IA 309 29.69 44.85 60.79
C LYS IA 309 28.34 45.53 60.88
N VAL IA 310 27.37 45.01 60.13
CA VAL IA 310 25.98 45.40 60.28
C VAL IA 310 25.22 44.22 60.87
N ILE IA 311 24.83 44.34 62.13
CA ILE IA 311 24.22 43.27 62.90
C ILE IA 311 22.75 43.60 63.09
N PHE IA 312 21.89 42.70 62.63
CA PHE IA 312 20.45 42.80 62.82
C PHE IA 312 20.07 41.86 63.95
N SER IA 313 19.47 42.40 65.00
CA SER IA 313 19.22 41.66 66.22
C SER IA 313 17.77 41.78 66.63
N THR IA 314 17.26 40.70 67.19
CA THR IA 314 16.01 40.72 67.94
C THR IA 314 16.32 41.01 69.40
N ASN IA 315 15.39 40.72 70.30
CA ASN IA 315 15.55 41.08 71.72
C ASN IA 315 16.52 40.13 72.44
N LEU IA 316 17.79 40.22 72.04
CA LEU IA 316 18.89 39.59 72.75
C LEU IA 316 19.92 40.61 73.24
N ALA IA 317 20.17 41.65 72.45
CA ALA IA 317 21.18 42.63 72.80
C ALA IA 317 20.68 43.64 73.83
N GLU IA 318 19.44 43.52 74.28
CA GLU IA 318 18.90 44.44 75.26
C GLU IA 318 19.53 44.24 76.62
N ALA IA 319 19.32 43.06 77.21
CA ALA IA 319 19.84 42.78 78.54
C ALA IA 319 20.42 41.38 78.64
N SER IA 320 20.03 40.50 77.70
CA SER IA 320 20.41 39.10 77.81
C SER IA 320 21.89 38.91 77.48
N VAL IA 321 22.30 39.28 76.27
CA VAL IA 321 23.69 39.19 75.84
C VAL IA 321 24.17 40.56 75.43
N THR IA 322 25.27 41.02 76.02
CA THR IA 322 25.83 42.33 75.74
C THR IA 322 26.94 42.18 74.71
N ILE IA 323 26.80 42.87 73.59
CA ILE IA 323 27.81 42.89 72.54
C ILE IA 323 28.53 44.22 72.57
N GLU IA 324 29.84 44.20 72.40
CA GLU IA 324 30.70 45.36 72.56
C GLU IA 324 31.06 45.97 71.22
N GLY IA 325 31.60 47.18 71.27
CA GLY IA 325 32.05 47.90 70.09
C GLY IA 325 30.94 48.27 69.13
N ILE IA 326 29.77 48.61 69.65
CA ILE IA 326 28.60 48.94 68.83
C ILE IA 326 28.35 50.44 68.95
N VAL IA 327 28.22 51.11 67.81
CA VAL IA 327 28.07 52.57 67.77
C VAL IA 327 26.67 52.97 67.36
N TYR IA 328 26.15 52.36 66.29
CA TYR IA 328 24.86 52.72 65.73
C TYR IA 328 23.83 51.61 65.98
N VAL IA 329 22.57 52.02 66.13
CA VAL IA 329 21.43 51.26 66.63
C VAL IA 329 20.20 51.90 66.01
N ILE IA 330 19.42 51.13 65.27
CA ILE IA 330 18.20 51.62 64.63
C ILE IA 330 17.01 50.90 65.26
N ASP IA 331 16.10 51.69 65.82
CA ASP IA 331 14.94 51.18 66.53
C ASP IA 331 13.77 51.07 65.56
N SER IA 332 13.27 49.86 65.39
CA SER IA 332 12.10 49.64 64.54
C SER IA 332 10.81 50.09 65.19
N GLY IA 333 10.82 50.32 66.50
CA GLY IA 333 9.63 50.76 67.20
C GLY IA 333 8.64 49.66 67.54
N PHE IA 334 8.98 48.40 67.25
CA PHE IA 334 8.08 47.28 67.50
C PHE IA 334 8.84 46.17 68.19
N VAL IA 335 8.18 45.52 69.14
CA VAL IA 335 8.73 44.37 69.85
C VAL IA 335 7.62 43.33 69.95
N LYS IA 336 7.98 42.07 69.79
CA LYS IA 336 6.99 41.00 69.85
C LYS IA 336 6.74 40.61 71.30
N LEU IA 337 5.47 40.43 71.64
CA LEU IA 337 5.05 40.04 72.99
C LEU IA 337 4.19 38.80 72.91
N ARG IA 338 4.34 37.92 73.89
CA ARG IA 338 3.44 36.79 74.05
C ARG IA 338 2.27 37.20 74.94
N ALA IA 339 1.06 37.00 74.43
CA ALA IA 339 -0.15 37.29 75.20
C ALA IA 339 -1.02 36.05 75.19
N TYR IA 340 -2.00 36.01 76.09
CA TYR IA 340 -2.88 34.86 76.22
C TYR IA 340 -4.31 35.36 76.33
N ASN IA 341 -5.09 35.18 75.27
CA ASN IA 341 -6.49 35.56 75.31
C ASN IA 341 -7.27 34.50 76.07
N PRO IA 342 -7.95 34.85 77.16
CA PRO IA 342 -8.63 33.84 77.97
C PRO IA 342 -10.05 33.53 77.49
N LYS IA 343 -10.69 34.46 76.79
CA LYS IA 343 -12.00 34.18 76.24
C LYS IA 343 -11.93 33.12 75.14
N THR IA 344 -11.02 33.31 74.18
CA THR IA 344 -10.71 32.25 73.24
C THR IA 344 -9.74 31.25 73.84
N GLY IA 345 -8.97 31.68 74.82
CA GLY IA 345 -8.01 30.80 75.48
C GLY IA 345 -6.86 30.35 74.60
N ILE IA 346 -6.27 31.25 73.83
CA ILE IA 346 -5.17 30.90 72.94
C ILE IA 346 -4.02 31.88 73.14
N GLU IA 347 -2.80 31.40 72.84
CA GLU IA 347 -1.63 32.25 72.87
C GLU IA 347 -1.56 33.11 71.62
N SER IA 348 -0.72 34.15 71.68
CA SER IA 348 -0.58 35.07 70.55
C SER IA 348 0.79 35.73 70.64
N LEU IA 349 1.62 35.53 69.62
CA LEU IA 349 2.94 36.14 69.57
C LEU IA 349 2.87 37.33 68.63
N THR IA 350 2.44 38.46 69.19
CA THR IA 350 2.07 39.60 68.35
C THR IA 350 3.03 40.76 68.52
N ALA IA 351 3.25 41.48 67.42
CA ALA IA 351 4.20 42.60 67.40
C ALA IA 351 3.49 43.85 67.92
N THR IA 352 3.76 44.19 69.18
CA THR IA 352 3.31 45.31 69.99
C THR IA 352 4.25 46.50 69.77
N PRO IA 353 3.78 47.74 69.85
CA PRO IA 353 4.73 48.85 69.96
C PRO IA 353 5.54 48.76 71.24
N VAL IA 354 6.77 49.26 71.17
CA VAL IA 354 7.71 49.18 72.29
C VAL IA 354 7.25 50.05 73.45
N SER IA 355 7.87 49.90 74.60
CA SER IA 355 7.60 50.78 75.72
C SER IA 355 8.58 51.94 75.74
N LYS IA 356 8.25 52.98 76.51
CA LYS IA 356 9.19 54.06 76.71
C LYS IA 356 10.42 53.58 77.46
N ALA IA 357 10.24 52.63 78.39
CA ALA IA 357 11.37 51.97 79.01
C ALA IA 357 12.16 51.13 78.01
N SER IA 358 11.46 50.53 77.05
CA SER IA 358 12.15 49.72 76.04
C SER IA 358 13.01 50.58 75.12
N ALA IA 359 12.46 51.69 74.61
CA ALA IA 359 13.26 52.60 73.79
C ALA IA 359 14.31 53.31 74.63
N ALA IA 360 14.04 53.44 75.93
CA ALA IA 360 15.02 54.00 76.85
C ALA IA 360 16.24 53.10 76.98
N GLN IA 361 16.01 51.80 77.19
CA GLN IA 361 17.12 50.85 77.27
C GLN IA 361 17.77 50.68 75.89
N ARG IA 362 16.98 50.88 74.83
CA ARG IA 362 17.50 50.93 73.46
C ARG IA 362 18.58 51.98 73.33
N ALA IA 363 18.24 53.22 73.71
CA ALA IA 363 19.19 54.32 73.63
C ALA IA 363 20.36 54.14 74.59
N GLY IA 364 20.09 53.57 75.77
CA GLY IA 364 21.16 53.33 76.73
C GLY IA 364 22.16 52.29 76.25
N ARG IA 365 21.68 51.22 75.62
CA ARG IA 365 22.56 50.18 75.10
C ARG IA 365 23.15 50.55 73.76
N ALA IA 366 22.69 51.63 73.12
CA ALA IA 366 23.33 52.10 71.91
C ALA IA 366 24.75 52.57 72.17
N GLY IA 367 24.92 53.60 73.01
CA GLY IA 367 26.21 54.19 73.26
C GLY IA 367 26.99 53.58 74.42
N ARG IA 368 27.58 52.40 74.20
CA ARG IA 368 28.32 51.73 75.26
C ARG IA 368 29.79 52.14 75.31
N THR IA 369 30.52 51.91 74.23
CA THR IA 369 31.97 52.11 74.23
C THR IA 369 32.40 53.46 73.69
N LYS IA 370 31.61 54.07 72.81
CA LYS IA 370 31.93 55.35 72.20
C LYS IA 370 30.62 56.10 72.03
N PRO IA 371 30.65 57.45 72.09
CA PRO IA 371 29.42 58.23 71.92
C PRO IA 371 28.70 57.96 70.60
N GLY IA 372 27.55 57.30 70.67
CA GLY IA 372 26.87 56.79 69.52
C GLY IA 372 25.63 57.60 69.15
N LYS IA 373 24.83 57.00 68.27
CA LYS IA 373 23.63 57.64 67.74
C LYS IA 373 22.45 56.69 67.88
N CYS IA 374 21.26 57.27 68.03
CA CYS IA 374 20.01 56.52 68.05
C CYS IA 374 19.15 56.95 66.88
N PHE IA 375 18.43 55.99 66.30
CA PHE IA 375 17.72 56.19 65.03
C PHE IA 375 16.29 55.66 65.15
N ARG IA 376 15.59 56.13 66.18
CA ARG IA 376 14.17 55.83 66.34
C ARG IA 376 13.38 56.30 65.14
N LEU IA 377 12.78 55.35 64.42
CA LEU IA 377 12.11 55.62 63.15
C LEU IA 377 10.67 56.05 63.33
N TYR IA 378 10.45 57.07 64.16
CA TYR IA 378 9.11 57.60 64.41
C TYR IA 378 9.26 59.04 64.88
N THR IA 379 8.15 59.76 64.83
CA THR IA 379 8.16 61.20 65.13
C THR IA 379 8.25 61.44 66.64
N GLU IA 380 8.56 62.68 66.98
CA GLU IA 380 8.73 63.05 68.39
C GLU IA 380 7.38 63.09 69.11
N GLU IA 381 6.32 63.50 68.43
CA GLU IA 381 4.99 63.42 69.02
C GLU IA 381 4.56 61.97 69.21
N ALA IA 382 4.92 61.10 68.27
CA ALA IA 382 4.74 59.66 68.47
C ALA IA 382 5.55 59.19 69.67
N TYR IA 383 6.79 59.69 69.80
CA TYR IA 383 7.62 59.35 70.96
C TYR IA 383 6.98 59.81 72.27
N GLN IA 384 6.25 60.93 72.24
CA GLN IA 384 5.46 61.31 73.40
C GLN IA 384 4.27 60.39 73.60
N SER IA 385 3.79 59.75 72.52
CA SER IA 385 2.54 59.03 72.57
C SER IA 385 2.64 57.58 73.06
N LEU IA 386 3.84 56.99 73.16
CA LEU IA 386 3.91 55.61 73.61
C LEU IA 386 3.66 55.54 75.12
N PRO IA 387 3.23 54.37 75.63
CA PRO IA 387 3.12 54.20 77.08
C PRO IA 387 4.47 54.26 77.77
N ASP IA 388 4.45 54.69 79.03
CA ASP IA 388 5.68 54.94 79.77
C ASP IA 388 6.42 53.65 80.10
N ALA IA 389 5.68 52.57 80.38
CA ALA IA 389 6.28 51.30 80.76
C ALA IA 389 5.67 50.18 79.94
N THR IA 390 6.20 48.97 80.12
CA THR IA 390 5.67 47.81 79.43
C THR IA 390 4.31 47.42 79.98
N VAL IA 391 3.57 46.67 79.18
CA VAL IA 391 2.31 46.09 79.65
C VAL IA 391 2.61 45.08 80.75
N PRO IA 392 1.86 45.06 81.85
CA PRO IA 392 2.10 44.05 82.89
C PRO IA 392 1.94 42.63 82.35
N GLU IA 393 2.90 41.78 82.70
CA GLU IA 393 3.00 40.46 82.08
C GLU IA 393 2.01 39.45 82.66
N ILE IA 394 1.47 39.71 83.86
CA ILE IA 394 0.50 38.77 84.42
C ILE IA 394 -0.90 39.00 83.89
N GLN IA 395 -1.11 40.07 83.14
CA GLN IA 395 -2.38 40.31 82.45
C GLN IA 395 -2.40 39.69 81.06
N ARG IA 396 -1.30 39.13 80.60
CA ARG IA 396 -1.19 38.59 79.25
C ARG IA 396 -0.43 37.27 79.27
N SER IA 397 -0.79 36.39 80.21
CA SER IA 397 -0.10 35.12 80.34
C SER IA 397 -1.05 34.08 80.92
N ASN IA 398 -0.64 32.81 80.83
CA ASN IA 398 -1.38 31.72 81.44
C ASN IA 398 -1.29 31.84 82.96
N LEU IA 399 -2.40 32.15 83.61
CA LEU IA 399 -2.43 32.15 85.06
C LEU IA 399 -2.63 30.75 85.64
N ALA IA 400 -2.87 29.75 84.80
CA ALA IA 400 -3.04 28.38 85.30
C ALA IA 400 -1.81 27.82 86.00
N PRO IA 401 -0.59 27.86 85.43
CA PRO IA 401 0.54 27.31 86.19
C PRO IA 401 0.88 28.09 87.43
N ILE IA 402 0.67 29.41 87.46
CA ILE IA 402 1.04 30.16 88.64
C ILE IA 402 -0.02 30.04 89.73
N ILE IA 403 -1.30 29.87 89.37
CA ILE IA 403 -2.31 29.54 90.37
C ILE IA 403 -2.05 28.15 90.93
N LEU IA 404 -1.64 27.22 90.06
CA LEU IA 404 -1.20 25.90 90.51
C LEU IA 404 -0.03 26.01 91.49
N GLN IA 405 0.95 26.86 91.20
CA GLN IA 405 2.10 27.01 92.10
C GLN IA 405 1.70 27.65 93.42
N LEU IA 406 0.84 28.67 93.38
CA LEU IA 406 0.41 29.33 94.60
C LEU IA 406 -0.43 28.40 95.47
N LYS IA 407 -1.20 27.50 94.86
CA LYS IA 407 -1.85 26.46 95.63
C LYS IA 407 -0.84 25.44 96.17
N ALA IA 408 0.25 25.20 95.43
CA ALA IA 408 1.27 24.27 95.89
C ALA IA 408 2.00 24.81 97.12
N LEU IA 409 2.23 26.12 97.17
CA LEU IA 409 2.76 26.72 98.39
C LEU IA 409 1.79 26.58 99.57
N GLY IA 410 0.49 26.55 99.29
CA GLY IA 410 -0.51 26.41 100.33
C GLY IA 410 -1.43 27.59 100.47
N ILE IA 411 -1.19 28.69 99.77
CA ILE IA 411 -2.09 29.83 99.84
C ILE IA 411 -3.26 29.53 98.91
N ASP IA 412 -4.31 28.92 99.47
CA ASP IA 412 -5.50 28.63 98.67
C ASP IA 412 -6.32 29.88 98.42
N ASN IA 413 -6.24 30.86 99.32
CA ASN IA 413 -6.99 32.11 99.19
C ASN IA 413 -6.26 33.00 98.17
N VAL IA 414 -6.41 32.61 96.90
CA VAL IA 414 -5.77 33.35 95.82
C VAL IA 414 -6.48 34.67 95.56
N LEU IA 415 -7.72 34.80 95.97
CA LEU IA 415 -8.44 36.07 95.80
C LEU IA 415 -7.89 37.13 96.74
N ARG IA 416 -7.65 36.77 97.99
CA ARG IA 416 -7.12 37.71 98.98
C ARG IA 416 -5.62 37.44 99.13
N PHE IA 417 -4.86 37.97 98.18
CA PHE IA 417 -3.41 37.89 98.21
C PHE IA 417 -2.84 39.25 97.78
N ASP IA 418 -1.66 39.56 98.31
CA ASP IA 418 -1.04 40.87 98.10
C ASP IA 418 -0.21 40.82 96.82
N TYR IA 419 -0.90 40.91 95.68
CA TYR IA 419 -0.21 41.06 94.41
C TYR IA 419 0.29 42.50 94.25
N PHE IA 420 1.34 42.65 93.44
CA PHE IA 420 1.78 43.99 93.07
C PHE IA 420 0.78 44.67 92.16
N THR IA 421 0.30 43.97 91.14
CA THR IA 421 -0.77 44.44 90.28
C THR IA 421 -1.87 43.38 90.21
N PRO IA 422 -3.13 43.78 90.15
CA PRO IA 422 -4.22 42.81 90.06
C PRO IA 422 -4.34 42.25 88.65
N PRO IA 423 -4.45 40.94 88.51
CA PRO IA 423 -4.73 40.34 87.20
C PRO IA 423 -6.18 40.57 86.80
N PRO IA 424 -6.52 40.42 85.52
CA PRO IA 424 -7.93 40.53 85.11
C PRO IA 424 -8.79 39.47 85.76
N ALA IA 425 -10.03 39.85 86.09
CA ALA IA 425 -10.89 39.02 86.92
C ALA IA 425 -11.40 37.77 86.22
N GLU IA 426 -11.38 37.73 84.90
CA GLU IA 426 -11.91 36.59 84.17
C GLU IA 426 -10.85 35.71 83.54
N GLN IA 427 -9.61 36.19 83.42
CA GLN IA 427 -8.53 35.33 82.93
C GLN IA 427 -8.21 34.22 83.93
N MET IA 428 -8.19 34.56 85.22
CA MET IA 428 -7.94 33.54 86.23
C MET IA 428 -9.12 32.59 86.40
N THR IA 429 -10.34 32.99 86.03
CA THR IA 429 -11.44 32.04 85.98
C THR IA 429 -11.20 30.98 84.93
N ARG IA 430 -10.73 31.39 83.75
CA ARG IA 430 -10.32 30.43 82.73
C ARG IA 430 -9.17 29.56 83.23
N ALA IA 431 -8.25 30.16 83.98
CA ALA IA 431 -7.13 29.41 84.55
C ALA IA 431 -7.61 28.31 85.48
N LEU IA 432 -8.45 28.66 86.46
CA LEU IA 432 -8.91 27.66 87.42
C LEU IA 432 -9.91 26.68 86.81
N GLU IA 433 -10.64 27.09 85.77
CA GLU IA 433 -11.43 26.13 85.00
C GLU IA 433 -10.53 25.11 84.32
N LEU IA 434 -9.39 25.56 83.80
CA LEU IA 434 -8.39 24.64 83.26
C LEU IA 434 -7.86 23.72 84.35
N LEU IA 435 -7.60 24.26 85.54
CA LEU IA 435 -7.18 23.41 86.66
C LEU IA 435 -8.22 22.35 87.01
N TYR IA 436 -9.50 22.71 87.00
CA TYR IA 436 -10.52 21.71 87.30
C TYR IA 436 -10.59 20.65 86.21
N SER IA 437 -10.48 21.05 84.94
CA SER IA 437 -10.57 20.10 83.84
C SER IA 437 -9.46 19.05 83.87
N LEU IA 438 -8.32 19.39 84.45
CA LEU IA 438 -7.24 18.47 84.73
C LEU IA 438 -7.36 17.77 86.08
N GLY IA 439 -8.50 17.90 86.74
CA GLY IA 439 -8.64 17.34 88.08
C GLY IA 439 -8.16 18.33 89.11
N ALA IA 440 -7.12 17.94 89.88
CA ALA IA 440 -6.32 18.83 90.71
C ALA IA 440 -7.16 19.53 91.78
N LEU IA 441 -8.00 20.47 91.35
CA LEU IA 441 -8.93 21.15 92.22
C LEU IA 441 -10.23 20.35 92.32
N ASP IA 442 -10.88 20.47 93.47
CA ASP IA 442 -12.14 19.78 93.69
C ASP IA 442 -13.30 20.67 93.26
N ASP IA 443 -14.52 20.29 93.63
CA ASP IA 443 -15.67 21.16 93.43
C ASP IA 443 -15.67 22.34 94.40
N TYR IA 444 -14.85 22.28 95.45
CA TYR IA 444 -14.87 23.28 96.51
C TYR IA 444 -13.59 24.13 96.52
N ALA IA 445 -12.93 24.24 95.36
CA ALA IA 445 -11.75 25.08 95.16
C ALA IA 445 -10.61 24.73 96.14
N LYS IA 446 -10.40 23.44 96.35
CA LYS IA 446 -9.32 22.95 97.19
C LYS IA 446 -8.50 21.93 96.42
N LEU IA 447 -7.19 21.95 96.64
CA LEU IA 447 -6.31 20.99 95.99
C LEU IA 447 -6.58 19.58 96.53
N THR IA 448 -6.65 18.63 95.61
CA THR IA 448 -6.83 17.22 95.94
C THR IA 448 -5.50 16.67 96.42
N ARG IA 449 -5.52 15.93 97.54
CA ARG IA 449 -4.30 15.37 98.12
C ARG IA 449 -3.56 14.38 97.23
N PRO IA 450 -4.18 13.29 96.67
CA PRO IA 450 -3.37 12.32 95.91
C PRO IA 450 -2.85 12.86 94.59
N LEU IA 451 -3.74 13.38 93.76
CA LEU IA 451 -3.37 13.75 92.40
C LEU IA 451 -2.89 15.19 92.31
N GLY IA 452 -3.60 16.09 92.99
CA GLY IA 452 -3.36 17.53 92.81
C GLY IA 452 -1.97 17.95 93.23
N LEU IA 453 -1.47 17.38 94.32
CA LEU IA 453 -0.09 17.66 94.73
C LEU IA 453 0.90 17.11 93.71
N ARG IA 454 0.59 15.95 93.13
CA ARG IA 454 1.51 15.32 92.19
C ARG IA 454 1.59 16.09 90.88
N MET IA 455 0.49 16.73 90.46
CA MET IA 455 0.64 17.70 89.38
C MET IA 455 1.23 19.01 89.88
N ALA IA 456 1.11 19.29 91.18
CA ALA IA 456 1.52 20.59 91.69
C ALA IA 456 3.03 20.75 91.74
N GLU IA 457 3.74 19.75 92.25
CA GLU IA 457 5.14 20.00 92.58
C GLU IA 457 6.08 19.83 91.39
N LEU IA 458 5.58 19.45 90.22
CA LEU IA 458 6.43 19.31 89.04
C LEU IA 458 6.65 20.64 88.35
N ALA IA 459 7.83 20.77 87.73
CA ALA IA 459 8.17 21.92 86.88
C ALA IA 459 7.92 21.61 85.41
N VAL IA 460 6.72 21.14 85.10
CA VAL IA 460 6.33 20.79 83.74
C VAL IA 460 4.95 21.41 83.51
N GLU IA 461 4.59 21.56 82.23
CA GLU IA 461 3.31 22.14 81.86
C GLU IA 461 2.17 21.28 82.40
N PRO IA 462 1.16 21.90 83.02
CA PRO IA 462 0.21 21.13 83.85
C PRO IA 462 -0.60 20.09 83.10
N MET IA 463 -0.98 20.36 81.86
CA MET IA 463 -1.83 19.42 81.12
C MET IA 463 -1.10 18.10 80.87
N MET IA 464 0.17 18.17 80.50
CA MET IA 464 0.83 16.91 80.27
C MET IA 464 1.35 16.32 81.58
N ALA IA 465 1.41 17.12 82.65
CA ALA IA 465 1.56 16.53 83.98
C ALA IA 465 0.35 15.66 84.33
N LYS IA 466 -0.86 16.13 84.00
CA LYS IA 466 -2.04 15.29 84.16
C LYS IA 466 -1.97 14.07 83.26
N THR IA 467 -1.41 14.22 82.06
CA THR IA 467 -1.16 13.06 81.20
C THR IA 467 -0.25 12.04 81.87
N LEU IA 468 0.83 12.52 82.49
CA LEU IA 468 1.80 11.62 83.11
C LEU IA 468 1.22 10.91 84.33
N LEU IA 469 0.46 11.62 85.15
CA LEU IA 469 -0.03 10.99 86.37
C LEU IA 469 -1.19 10.02 86.14
N SER IA 470 -1.74 9.97 84.94
CA SER IA 470 -2.79 9.01 84.61
C SER IA 470 -2.26 7.75 83.96
N ALA IA 471 -0.95 7.64 83.76
CA ALA IA 471 -0.39 6.51 83.04
C ALA IA 471 -0.34 5.24 83.87
N GLN IA 472 0.00 5.36 85.15
CA GLN IA 472 0.17 4.17 85.99
C GLN IA 472 -1.14 3.45 86.22
N SER IA 473 -2.24 4.20 86.38
CA SER IA 473 -3.54 3.58 86.57
C SER IA 473 -4.07 2.94 85.29
N PHE IA 474 -3.43 3.20 84.15
CA PHE IA 474 -3.89 2.65 82.87
C PHE IA 474 -2.83 1.80 82.18
N GLY IA 475 -1.55 1.98 82.47
CA GLY IA 475 -0.55 1.20 81.80
C GLY IA 475 0.79 1.87 81.54
N CYS IA 476 1.19 1.95 80.28
CA CYS IA 476 2.53 2.38 79.91
C CYS IA 476 2.79 3.82 80.33
N LEU IA 477 3.97 4.04 80.90
CA LEU IA 477 4.33 5.31 81.52
C LEU IA 477 5.67 5.85 81.03
N SER IA 478 6.65 4.98 80.76
CA SER IA 478 7.99 5.44 80.43
C SER IA 478 8.04 6.13 79.07
N GLU IA 479 7.18 5.72 78.14
CA GLU IA 479 7.14 6.33 76.82
C GLU IA 479 6.67 7.78 76.90
N ILE IA 480 5.55 8.03 77.58
CA ILE IA 480 5.11 9.40 77.77
C ILE IA 480 5.98 10.15 78.77
N LEU IA 481 6.75 9.43 79.60
CA LEU IA 481 7.79 10.08 80.39
C LEU IA 481 8.87 10.65 79.50
N THR IA 482 9.28 9.89 78.48
CA THR IA 482 10.23 10.37 77.49
C THR IA 482 9.67 11.56 76.71
N ILE IA 483 8.38 11.49 76.35
CA ILE IA 483 7.74 12.61 75.67
C ILE IA 483 7.69 13.84 76.58
N ALA IA 484 7.49 13.65 77.89
CA ALA IA 484 7.52 14.76 78.82
C ALA IA 484 8.91 15.35 78.93
N ALA IA 485 9.93 14.51 78.81
CA ALA IA 485 11.30 15.00 78.78
C ALA IA 485 11.53 15.92 77.59
N MET IA 486 11.07 15.51 76.42
CA MET IA 486 11.38 16.28 75.22
C MET IA 486 10.39 17.40 74.92
N THR IA 487 9.23 17.44 75.56
CA THR IA 487 8.34 18.59 75.37
C THR IA 487 8.69 19.74 76.30
N SER IA 488 9.41 19.48 77.37
CA SER IA 488 9.95 20.54 78.21
C SER IA 488 11.28 21.04 77.64
N LEU IA 489 11.18 21.64 76.47
CA LEU IA 489 12.34 21.91 75.63
C LEU IA 489 11.93 22.93 74.57
N ASP IA 490 12.70 24.01 74.47
CA ASP IA 490 12.31 25.15 73.65
C ASP IA 490 12.94 25.12 72.26
N GLY IA 491 14.28 25.12 72.19
CA GLY IA 491 14.95 25.10 70.90
C GLY IA 491 14.74 23.79 70.18
N THR IA 492 14.52 23.88 68.86
CA THR IA 492 14.08 22.72 68.09
C THR IA 492 15.17 21.65 67.99
N LEU IA 493 14.73 20.40 67.83
CA LEU IA 493 15.66 19.29 67.72
C LEU IA 493 16.40 19.34 66.39
N TRP IA 494 15.68 19.59 65.30
CA TRP IA 494 16.24 19.51 63.97
C TRP IA 494 16.96 20.81 63.62
N ILE IA 495 18.23 20.71 63.25
CA ILE IA 495 18.97 21.88 62.82
C ILE IA 495 18.49 22.29 61.44
N GLN IA 496 18.47 23.60 61.18
CA GLN IA 496 17.91 24.15 59.96
C GLN IA 496 18.99 24.24 58.90
N HIS IA 497 19.12 23.18 58.12
CA HIS IA 497 20.02 23.18 56.96
C HIS IA 497 19.19 23.60 55.74
N GLU IA 498 19.41 24.84 55.28
CA GLU IA 498 18.67 25.36 54.15
C GLU IA 498 19.12 24.75 52.82
N GLY IA 499 20.29 24.10 52.79
CA GLY IA 499 20.74 23.42 51.59
C GLY IA 499 20.08 22.08 51.35
N ASP IA 500 19.42 21.52 52.35
CA ASP IA 500 18.72 20.25 52.24
C ASP IA 500 17.22 20.50 52.37
N LYS IA 501 16.45 20.05 51.39
CA LYS IA 501 14.99 20.08 51.48
C LYS IA 501 14.37 18.69 51.40
N LYS IA 502 14.70 17.92 50.36
CA LYS IA 502 14.28 16.53 50.33
C LYS IA 502 15.10 15.66 51.28
N LYS IA 503 16.33 16.07 51.59
CA LYS IA 503 17.16 15.29 52.49
C LYS IA 503 16.69 15.42 53.93
N THR IA 504 16.36 16.63 54.39
CA THR IA 504 15.81 16.78 55.73
C THR IA 504 14.42 16.15 55.81
N GLU IA 505 13.67 16.17 54.72
CA GLU IA 505 12.38 15.47 54.67
C GLU IA 505 12.58 13.96 54.79
N SER IA 506 13.62 13.42 54.17
CA SER IA 506 13.91 12.00 54.28
C SER IA 506 14.36 11.63 55.68
N VAL IA 507 15.25 12.43 56.28
CA VAL IA 507 15.73 12.09 57.62
C VAL IA 507 14.68 12.35 58.69
N LYS IA 508 13.67 13.19 58.41
CA LYS IA 508 12.50 13.21 59.28
C LYS IA 508 11.67 11.96 59.05
N ARG IA 509 11.47 11.56 57.79
CA ARG IA 509 10.78 10.32 57.48
C ARG IA 509 11.61 9.09 57.82
N LYS IA 510 12.90 9.27 58.09
CA LYS IA 510 13.72 8.20 58.68
C LYS IA 510 13.20 7.80 60.05
N PHE IA 511 12.60 8.75 60.78
CA PHE IA 511 12.08 8.52 62.11
C PHE IA 511 10.56 8.64 62.21
N ALA IA 512 9.90 9.14 61.18
CA ALA IA 512 8.51 9.58 61.31
C ALA IA 512 7.54 8.41 61.42
N ALA IA 513 6.42 8.68 62.07
CA ALA IA 513 5.30 7.75 62.15
C ALA IA 513 4.02 8.54 61.92
N GLU IA 514 3.02 7.88 61.34
CA GLU IA 514 1.77 8.57 61.03
C GLU IA 514 0.94 8.87 62.27
N GLU IA 515 1.18 8.19 63.37
CA GLU IA 515 0.37 8.37 64.57
C GLU IA 515 0.93 9.47 65.47
N GLY IA 516 1.15 10.64 64.90
CA GLY IA 516 1.45 11.82 65.67
C GLY IA 516 2.95 12.14 65.69
N ASP IA 517 3.24 13.38 66.09
CA ASP IA 517 4.62 13.84 66.25
C ASP IA 517 5.26 13.28 67.51
N HIS IA 518 4.46 12.97 68.53
CA HIS IA 518 4.98 12.45 69.79
C HIS IA 518 5.66 11.11 69.59
N LEU IA 519 5.10 10.25 68.75
CA LEU IA 519 5.74 8.98 68.46
C LEU IA 519 7.04 9.16 67.67
N THR IA 520 7.10 10.19 66.82
CA THR IA 520 8.35 10.48 66.13
C THR IA 520 9.44 10.92 67.11
N LEU IA 521 9.09 11.76 68.09
CA LEU IA 521 10.05 12.16 69.10
C LEU IA 521 10.48 10.98 69.96
N LEU IA 522 9.52 10.11 70.32
CA LEU IA 522 9.84 8.92 71.08
C LEU IA 522 10.78 8.01 70.30
N ASN IA 523 10.58 7.93 68.98
CA ASN IA 523 11.46 7.13 68.14
C ASN IA 523 12.87 7.72 68.06
N VAL IA 524 12.99 9.06 67.98
CA VAL IA 524 14.35 9.62 67.92
C VAL IA 524 15.06 9.43 69.25
N TYR IA 525 14.32 9.51 70.37
CA TYR IA 525 14.96 9.29 71.67
C TYR IA 525 15.40 7.84 71.82
N GLN IA 526 14.54 6.90 71.43
CA GLN IA 526 14.89 5.49 71.53
C GLN IA 526 16.00 5.10 70.56
N ALA IA 527 16.12 5.80 69.44
CA ALA IA 527 17.25 5.56 68.54
C ALA IA 527 18.53 6.13 69.12
N PHE IA 528 18.44 7.26 69.82
CA PHE IA 528 19.66 7.86 70.39
C PHE IA 528 20.15 7.10 71.61
N VAL IA 529 19.23 6.54 72.40
CA VAL IA 529 19.62 6.01 73.70
C VAL IA 529 20.00 4.55 73.61
N THR IA 530 19.18 3.73 72.96
CA THR IA 530 19.37 2.28 72.95
C THR IA 530 20.62 1.90 72.17
N LYS IA 531 20.81 2.49 70.99
CA LYS IA 531 21.93 2.11 70.14
C LYS IA 531 22.89 3.25 69.85
N GLY IA 532 22.50 4.50 70.08
CA GLY IA 532 23.30 5.64 69.66
C GLY IA 532 24.58 5.83 70.46
N ARG IA 533 24.64 5.26 71.66
CA ARG IA 533 25.82 5.31 72.55
C ARG IA 533 26.24 6.75 72.85
N LYS IA 534 25.24 7.64 73.00
CA LYS IA 534 25.43 9.03 73.42
C LYS IA 534 26.37 9.80 72.49
N GLU IA 535 26.31 9.51 71.19
CA GLU IA 535 27.35 9.95 70.27
C GLU IA 535 26.83 11.15 69.48
N ALA IA 536 27.59 12.26 69.50
CA ALA IA 536 27.12 13.52 68.94
C ALA IA 536 27.18 13.55 67.42
N HIS IA 537 28.20 12.93 66.82
CA HIS IA 537 28.35 12.99 65.38
C HIS IA 537 27.26 12.22 64.67
N TRP IA 538 26.72 11.18 65.31
CA TRP IA 538 25.54 10.49 64.76
C TRP IA 538 24.36 11.45 64.64
N CYS IA 539 24.16 12.31 65.63
CA CYS IA 539 23.20 13.39 65.50
C CYS IA 539 23.65 14.41 64.44
N HIS IA 540 24.95 14.52 64.19
CA HIS IA 540 25.41 15.45 63.16
C HIS IA 540 25.05 14.98 61.75
N GLU IA 541 25.07 13.66 61.48
CA GLU IA 541 24.53 13.27 60.17
C GLU IA 541 23.00 13.27 60.15
N ASN IA 542 22.36 13.11 61.29
CA ASN IA 542 20.90 13.00 61.34
C ASN IA 542 20.19 14.34 61.47
N MET IA 543 20.90 15.46 61.24
CA MET IA 543 20.36 16.81 61.32
C MET IA 543 19.71 17.08 62.68
N LEU IA 544 20.36 16.63 63.75
CA LEU IA 544 19.81 16.74 65.09
C LEU IA 544 20.75 17.51 66.00
N ASN IA 545 20.16 18.23 66.96
CA ASN IA 545 20.94 18.94 67.95
C ASN IA 545 21.54 17.96 68.95
N TYR IA 546 22.44 18.47 69.79
CA TYR IA 546 23.08 17.66 70.81
C TYR IA 546 22.81 18.15 72.22
N LYS IA 547 23.00 19.45 72.48
CA LYS IA 547 23.03 19.95 73.86
C LYS IA 547 21.64 19.96 74.47
N ALA IA 548 20.65 20.46 73.74
CA ALA IA 548 19.29 20.54 74.27
C ALA IA 548 18.69 19.17 74.49
N MET IA 549 19.05 18.20 73.66
CA MET IA 549 18.43 16.88 73.79
C MET IA 549 19.11 16.02 74.86
N ILE IA 550 20.42 16.19 75.10
CA ILE IA 550 20.99 15.56 76.29
C ILE IA 550 20.52 16.27 77.56
N ARG IA 551 20.22 17.56 77.45
CA ARG IA 551 19.53 18.25 78.55
C ARG IA 551 18.17 17.62 78.79
N ALA IA 552 17.46 17.24 77.72
CA ALA IA 552 16.20 16.52 77.86
C ALA IA 552 16.40 15.13 78.46
N VAL IA 553 17.54 14.50 78.20
CA VAL IA 553 17.86 13.22 78.86
C VAL IA 553 17.97 13.43 80.37
N SER IA 554 18.68 14.49 80.77
CA SER IA 554 18.76 14.84 82.19
C SER IA 554 17.38 15.19 82.76
N ILE IA 555 16.54 15.81 81.93
CA ILE IA 555 15.16 16.10 82.33
C ILE IA 555 14.39 14.80 82.58
N ARG IA 556 14.58 13.80 81.72
CA ARG IA 556 13.93 12.51 81.92
C ARG IA 556 14.40 11.86 83.20
N ALA IA 557 15.69 11.98 83.51
CA ALA IA 557 16.21 11.48 84.78
C ALA IA 557 15.54 12.18 85.97
N GLN IA 558 15.38 13.51 85.87
CA GLN IA 558 14.76 14.26 86.96
C GLN IA 558 13.29 13.89 87.15
N LEU IA 559 12.54 13.76 86.05
CA LEU IA 559 11.15 13.30 86.13
C LEU IA 559 11.05 11.89 86.70
N LYS IA 560 11.94 10.98 86.30
CA LYS IA 560 11.91 9.63 86.83
C LYS IA 560 12.20 9.63 88.33
N ARG IA 561 13.13 10.47 88.76
CA ARG IA 561 13.43 10.59 90.17
C ARG IA 561 12.25 11.16 90.95
N PHE IA 562 11.59 12.18 90.39
CA PHE IA 562 10.45 12.79 91.06
C PHE IA 562 9.29 11.81 91.18
N LEU IA 563 9.11 10.95 90.17
CA LEU IA 563 8.11 9.90 90.29
C LEU IA 563 8.58 8.79 91.23
N GLU IA 564 9.88 8.64 91.42
CA GLU IA 564 10.37 7.68 92.41
C GLU IA 564 10.05 8.13 93.83
N ARG IA 565 10.15 9.44 94.11
CA ARG IA 565 9.56 9.94 95.35
C ARG IA 565 8.02 10.02 95.33
N PHE IA 566 7.36 9.69 94.22
CA PHE IA 566 5.92 9.53 94.32
C PHE IA 566 5.51 8.17 94.87
N GLY IA 567 6.45 7.24 95.05
CA GLY IA 567 6.14 5.92 95.55
C GLY IA 567 5.73 4.92 94.49
N ILE IA 568 5.58 5.35 93.25
CA ILE IA 568 5.24 4.45 92.16
C ILE IA 568 6.53 3.86 91.57
N ASP IA 569 6.59 2.53 91.49
CA ASP IA 569 7.71 1.86 90.86
C ASP IA 569 7.75 2.18 89.37
N VAL IA 570 8.94 2.48 88.87
CA VAL IA 570 9.11 2.82 87.45
C VAL IA 570 9.27 1.52 86.67
N GLU IA 571 8.40 1.31 85.68
CA GLU IA 571 8.44 0.10 84.85
C GLU IA 571 9.39 0.36 83.68
N GLU IA 572 10.68 0.24 83.96
CA GLU IA 572 11.72 0.44 82.95
C GLU IA 572 11.90 -0.85 82.17
N SER IA 573 10.97 -1.09 81.24
CA SER IA 573 11.01 -2.26 80.39
C SER IA 573 11.67 -1.99 79.04
N LEU IA 574 12.21 -0.78 78.83
CA LEU IA 574 12.88 -0.47 77.57
C LEU IA 574 14.19 -1.25 77.44
N SER IA 575 14.91 -1.43 78.55
CA SER IA 575 16.13 -2.24 78.51
C SER IA 575 15.82 -3.71 78.29
N SER IA 576 14.67 -4.18 78.76
CA SER IA 576 14.28 -5.57 78.56
C SER IA 576 13.91 -5.81 77.10
N PRO IA 577 14.18 -7.00 76.56
CA PRO IA 577 13.83 -7.29 75.17
C PRO IA 577 12.39 -7.79 75.01
N SER IA 578 11.55 -7.57 76.02
CA SER IA 578 10.18 -8.07 76.00
C SER IA 578 9.32 -7.27 75.02
N VAL IA 579 9.30 -7.71 73.77
CA VAL IA 579 8.50 -7.07 72.73
C VAL IA 579 7.28 -7.92 72.38
N SER IA 580 6.90 -8.85 73.27
CA SER IA 580 5.80 -9.77 72.99
C SER IA 580 4.46 -9.06 72.92
N GLN IA 581 4.32 -7.90 73.58
CA GLN IA 581 3.13 -7.09 73.40
C GLN IA 581 3.10 -6.51 72.00
N GLN IA 582 1.91 -6.50 71.40
CA GLN IA 582 1.78 -5.99 70.03
C GLN IA 582 1.96 -4.49 70.01
N PRO IA 583 2.74 -3.95 69.06
CA PRO IA 583 3.08 -2.52 69.11
C PRO IA 583 1.95 -1.61 68.69
N ALA IA 584 1.01 -2.09 67.90
CA ALA IA 584 -0.12 -1.26 67.48
C ALA IA 584 -1.00 -0.89 68.66
N ASN IA 585 -1.33 -1.87 69.50
CA ASN IA 585 -2.13 -1.60 70.68
C ASN IA 585 -1.36 -0.77 71.69
N LYS IA 586 -0.02 -0.88 71.71
CA LYS IA 586 0.76 -0.08 72.64
C LYS IA 586 0.84 1.37 72.18
N ALA IA 587 0.91 1.60 70.86
CA ALA IA 587 0.85 2.96 70.34
C ALA IA 587 -0.53 3.56 70.57
N GLU IA 588 -1.59 2.74 70.42
CA GLU IA 588 -2.93 3.18 70.79
C GLU IA 588 -3.00 3.51 72.27
N LYS IA 589 -2.32 2.72 73.10
CA LYS IA 589 -2.25 2.99 74.54
C LYS IA 589 -1.58 4.34 74.82
N ILE IA 590 -0.49 4.63 74.10
CA ILE IA 590 0.23 5.89 74.29
C ILE IA 590 -0.66 7.07 73.91
N GLN IA 591 -1.25 7.02 72.71
CA GLN IA 591 -2.09 8.14 72.28
C GLN IA 591 -3.38 8.23 73.08
N ARG IA 592 -3.84 7.11 73.66
CA ARG IA 592 -5.01 7.15 74.52
C ARG IA 592 -4.68 7.80 75.85
N CYS IA 593 -3.50 7.53 76.39
CA CYS IA 593 -3.05 8.24 77.58
C CYS IA 593 -2.91 9.73 77.30
N LEU IA 594 -2.39 10.07 76.12
CA LEU IA 594 -2.31 11.47 75.71
C LEU IA 594 -3.68 12.12 75.66
N THR IA 595 -4.67 11.45 75.06
CA THR IA 595 -5.97 12.07 74.94
C THR IA 595 -6.76 12.05 76.26
N ILE IA 596 -6.40 11.19 77.20
CA ILE IA 596 -6.87 11.42 78.58
C ILE IA 596 -6.26 12.70 79.11
N GLY IA 597 -4.97 12.92 78.87
CA GLY IA 597 -4.35 14.12 79.40
C GLY IA 597 -4.50 15.37 78.56
N TYR IA 598 -4.73 15.25 77.25
CA TYR IA 598 -4.85 16.39 76.35
C TYR IA 598 -6.22 16.45 75.72
N PHE IA 599 -7.26 16.19 76.51
CA PHE IA 599 -8.62 16.22 75.97
C PHE IA 599 -9.11 17.63 75.67
N ALA IA 600 -8.55 18.65 76.33
CA ALA IA 600 -9.02 20.01 76.11
C ALA IA 600 -8.65 20.51 74.72
N HIS IA 601 -7.44 20.21 74.27
CA HIS IA 601 -6.96 20.69 72.97
C HIS IA 601 -7.30 19.67 71.88
N ALA IA 602 -8.57 19.68 71.48
CA ALA IA 602 -9.06 18.79 70.45
C ALA IA 602 -9.53 19.58 69.24
N ALA IA 603 -9.16 19.13 68.04
CA ALA IA 603 -9.52 19.80 66.81
C ALA IA 603 -9.89 18.77 65.75
N LYS IA 604 -10.63 19.22 64.75
CA LYS IA 604 -11.04 18.39 63.62
C LYS IA 604 -10.52 19.00 62.32
N MET IA 605 -10.01 18.14 61.44
CA MET IA 605 -9.49 18.59 60.16
C MET IA 605 -10.63 18.79 59.18
N GLN IA 606 -10.60 19.91 58.48
CA GLN IA 606 -11.53 20.36 57.46
C GLN IA 606 -10.91 20.20 56.08
N PRO IA 607 -11.76 19.74 55.13
CA PRO IA 607 -11.24 19.26 53.83
C PRO IA 607 -10.53 20.29 52.98
N ASP IA 608 -10.50 21.57 53.37
CA ASP IA 608 -9.54 22.49 52.78
C ASP IA 608 -8.18 22.40 53.43
N GLY IA 609 -7.95 21.36 54.24
CA GLY IA 609 -6.69 21.13 54.89
C GLY IA 609 -6.51 21.86 56.21
N THR IA 610 -7.55 22.48 56.75
CA THR IA 610 -7.34 23.29 57.93
C THR IA 610 -7.83 22.53 59.17
N PHE IA 611 -7.78 23.17 60.31
CA PHE IA 611 -8.25 22.57 61.55
C PHE IA 611 -9.17 23.55 62.26
N ARG IA 612 -10.26 23.02 62.82
CA ARG IA 612 -11.19 23.84 63.59
C ARG IA 612 -11.38 23.21 64.97
N ASN IA 613 -11.67 24.06 65.95
CA ASN IA 613 -11.93 23.61 67.29
C ASN IA 613 -13.29 22.93 67.40
N VAL IA 614 -13.67 22.57 68.63
CA VAL IA 614 -14.94 21.90 68.85
C VAL IA 614 -16.11 22.82 68.52
N SER IA 615 -15.99 24.10 68.88
CA SER IA 615 -17.03 25.06 68.56
C SER IA 615 -17.09 25.39 67.08
N GLY IA 616 -16.03 25.11 66.33
CA GLY IA 616 -16.00 25.42 64.91
C GLY IA 616 -15.98 26.90 64.58
N THR IA 617 -15.20 27.69 65.33
CA THR IA 617 -15.10 29.12 65.11
C THR IA 617 -13.71 29.57 64.70
N THR IA 618 -12.69 29.21 65.47
CA THR IA 618 -11.33 29.64 65.19
C THR IA 618 -10.70 28.75 64.13
N VAL IA 619 -9.91 29.37 63.26
CA VAL IA 619 -9.24 28.68 62.16
C VAL IA 619 -7.83 28.33 62.63
N LEU IA 620 -7.48 27.06 62.59
CA LEU IA 620 -6.18 26.59 63.03
C LEU IA 620 -5.47 25.87 61.88
N HIS IA 621 -4.17 26.14 61.74
CA HIS IA 621 -3.35 25.52 60.72
C HIS IA 621 -2.28 24.66 61.39
N ALA IA 622 -1.85 23.62 60.70
CA ALA IA 622 -0.76 22.80 61.20
C ALA IA 622 0.54 23.59 61.14
N HIS IA 623 1.34 23.49 62.20
CA HIS IA 623 2.61 24.20 62.24
C HIS IA 623 3.59 23.61 61.25
N PRO IA 624 4.39 24.44 60.56
CA PRO IA 624 5.29 23.90 59.54
C PRO IA 624 6.55 23.25 60.09
N SER IA 625 6.41 22.43 61.12
CA SER IA 625 7.50 21.58 61.58
C SER IA 625 7.07 20.16 61.88
N SER IA 626 5.79 19.90 62.18
CA SER IA 626 5.34 18.54 62.40
C SER IA 626 5.22 17.80 61.07
N ILE IA 627 5.19 16.47 61.15
CA ILE IA 627 4.99 15.69 59.94
C ILE IA 627 3.56 15.83 59.44
N MET IA 628 2.60 16.02 60.35
CA MET IA 628 1.19 16.16 60.03
C MET IA 628 0.89 17.45 59.27
N PHE IA 629 1.90 18.31 59.08
CA PHE IA 629 1.83 19.40 58.14
C PHE IA 629 1.45 18.92 56.74
N ASN IA 630 1.94 17.75 56.35
CA ASN IA 630 1.71 17.27 55.00
C ASN IA 630 1.02 15.91 54.98
N ARG IA 631 0.20 15.63 55.99
CA ARG IA 631 -0.48 14.35 56.10
C ARG IA 631 -1.97 14.56 56.32
N LYS IA 632 -2.74 13.50 56.03
CA LYS IA 632 -4.18 13.52 56.22
C LYS IA 632 -4.51 13.06 57.64
N ALA IA 633 -5.51 13.69 58.23
CA ALA IA 633 -5.97 13.36 59.57
C ALA IA 633 -7.43 13.74 59.69
N ASP IA 634 -8.08 13.22 60.74
CA ASP IA 634 -9.49 13.52 60.99
C ASP IA 634 -9.68 14.28 62.29
N TRP IA 635 -9.25 13.73 63.41
CA TRP IA 635 -9.32 14.39 64.70
C TRP IA 635 -7.91 14.42 65.28
N VAL IA 636 -7.51 15.56 65.86
CA VAL IA 636 -6.15 15.76 66.32
C VAL IA 636 -6.15 16.39 67.71
N ILE IA 637 -5.04 16.19 68.41
CA ILE IA 637 -4.70 16.96 69.61
C ILE IA 637 -3.34 17.60 69.39
N PHE IA 638 -3.16 18.78 69.94
CA PHE IA 638 -1.94 19.56 69.76
C PHE IA 638 -1.39 19.97 71.11
N HIS IA 639 -0.07 19.94 71.24
CA HIS IA 639 0.57 20.36 72.49
C HIS IA 639 0.29 21.82 72.77
N GLU IA 640 0.39 22.68 71.75
CA GLU IA 640 0.03 24.07 72.02
C GLU IA 640 -0.57 24.72 70.79
N VAL IA 641 -1.09 25.91 70.99
CA VAL IA 641 -1.68 26.73 69.95
C VAL IA 641 -1.16 28.16 70.14
N LEU IA 642 -0.80 28.82 69.04
CA LEU IA 642 -0.31 30.18 69.13
C LEU IA 642 -0.70 30.96 67.89
N GLU IA 643 -1.09 32.21 68.08
CA GLU IA 643 -1.50 33.10 67.01
C GLU IA 643 -0.30 33.96 66.62
N THR IA 644 0.12 33.83 65.37
CA THR IA 644 1.27 34.60 64.89
C THR IA 644 0.67 35.86 64.24
N LYS IA 645 1.42 36.60 63.43
CA LYS IA 645 0.88 37.84 62.87
C LYS IA 645 -0.21 37.57 61.84
N ASP IA 646 -0.21 36.40 61.22
CA ASP IA 646 -1.21 36.18 60.19
C ASP IA 646 -2.06 34.94 60.40
N LYS IA 647 -1.47 33.84 60.84
CA LYS IA 647 -2.17 32.57 60.92
C LYS IA 647 -1.93 31.93 62.28
N THR IA 648 -2.89 31.12 62.72
CA THR IA 648 -2.86 30.46 64.01
C THR IA 648 -2.33 29.05 63.82
N PHE IA 649 -1.23 28.73 64.50
CA PHE IA 649 -0.55 27.45 64.31
C PHE IA 649 -0.69 26.59 65.56
N ILE IA 650 -0.87 25.29 65.33
CA ILE IA 650 -1.02 24.31 66.40
C ILE IA 650 0.10 23.29 66.30
N ARG IA 651 0.63 22.89 67.46
CA ARG IA 651 1.92 22.23 67.57
C ARG IA 651 1.82 20.91 68.33
N ASP IA 652 2.59 19.94 67.82
CA ASP IA 652 2.66 18.53 68.22
C ASP IA 652 1.31 17.84 68.03
N ILE IA 653 0.98 17.69 66.74
CA ILE IA 653 -0.22 17.00 66.33
C ILE IA 653 -0.12 15.53 66.67
N THR IA 654 -1.21 14.95 67.19
CA THR IA 654 -1.32 13.52 67.38
C THR IA 654 -2.73 13.06 67.06
N ARG IA 655 -2.84 11.92 66.39
CA ARG IA 655 -4.14 11.40 65.98
C ARG IA 655 -4.92 10.85 67.18
N ILE IA 656 -6.24 10.99 67.13
CA ILE IA 656 -7.14 10.51 68.17
C ILE IA 656 -8.36 9.89 67.50
N LYS IA 657 -9.32 9.48 68.32
CA LYS IA 657 -10.62 9.04 67.85
C LYS IA 657 -11.71 9.71 68.69
N LYS IA 658 -12.88 9.89 68.08
CA LYS IA 658 -13.95 10.67 68.70
C LYS IA 658 -14.47 10.01 69.97
N GLU IA 659 -14.71 8.70 69.92
CA GLU IA 659 -15.30 8.00 71.06
C GLU IA 659 -14.34 7.93 72.24
N TRP IA 660 -13.02 8.03 72.00
CA TRP IA 660 -12.08 8.21 73.10
C TRP IA 660 -12.37 9.49 73.86
N LEU IA 661 -12.62 10.58 73.13
CA LEU IA 661 -12.85 11.86 73.76
C LEU IA 661 -14.19 11.90 74.46
N LEU IA 662 -15.19 11.22 73.90
CA LEU IA 662 -16.46 11.11 74.60
C LEU IA 662 -16.35 10.24 75.85
N GLU IA 663 -15.48 9.23 75.83
CA GLU IA 663 -15.32 8.38 77.00
C GLU IA 663 -14.58 9.09 78.12
N TYR IA 664 -13.49 9.76 77.79
CA TYR IA 664 -12.58 10.28 78.81
C TYR IA 664 -12.87 11.72 79.23
N ALA IA 665 -13.88 12.35 78.65
CA ALA IA 665 -14.33 13.67 79.10
C ALA IA 665 -15.85 13.69 79.19
N PRO IA 666 -16.42 12.96 80.16
CA PRO IA 666 -17.88 12.95 80.28
C PRO IA 666 -18.46 14.26 80.76
N ASP IA 667 -17.70 15.03 81.53
CA ASP IA 667 -18.15 16.33 82.02
C ASP IA 667 -17.92 17.45 81.03
N PHE IA 668 -17.14 17.20 79.98
CA PHE IA 668 -16.66 18.26 79.10
C PHE IA 668 -17.18 18.13 77.69
N TYR IA 669 -17.43 16.90 77.23
CA TYR IA 669 -18.09 16.60 75.97
C TYR IA 669 -19.37 15.81 76.17
N LYS IA 670 -20.26 15.95 75.19
CA LYS IA 670 -21.52 15.24 75.12
C LYS IA 670 -22.00 15.26 73.68
N THR IA 671 -22.63 14.17 73.25
CA THR IA 671 -23.05 14.05 71.85
C THR IA 671 -24.26 14.93 71.57
N THR IA 672 -24.49 15.17 70.28
CA THR IA 672 -25.63 15.96 69.84
C THR IA 672 -26.92 15.15 69.92
N ASP JA 3 -67.32 29.55 9.18
CA ASP JA 3 -66.23 30.21 8.46
C ASP JA 3 -64.88 29.60 8.86
N ASN JA 4 -63.81 30.12 8.28
CA ASN JA 4 -62.47 29.52 8.36
C ASN JA 4 -61.42 30.48 8.95
N VAL JA 5 -61.30 30.47 10.28
CA VAL JA 5 -60.36 31.32 10.99
C VAL JA 5 -59.33 30.43 11.70
N GLY JA 6 -58.06 30.76 11.51
CA GLY JA 6 -56.99 30.23 12.34
C GLY JA 6 -56.55 28.81 12.08
N LEU JA 7 -55.24 28.56 12.25
CA LEU JA 7 -54.61 27.24 12.41
C LEU JA 7 -54.96 26.26 11.31
N PRO JA 8 -54.31 26.35 10.13
CA PRO JA 8 -54.52 25.35 9.07
C PRO JA 8 -54.27 23.93 9.52
N THR JA 9 -53.31 23.75 10.43
CA THR JA 9 -53.15 22.48 11.12
C THR JA 9 -52.67 22.74 12.55
N PRO JA 10 -53.25 22.07 13.55
CA PRO JA 10 -52.84 22.33 14.94
C PRO JA 10 -51.56 21.62 15.34
N ARG JA 11 -50.93 20.88 14.43
CA ARG JA 11 -49.87 19.94 14.77
C ARG JA 11 -48.63 20.65 15.29
N GLY JA 12 -48.25 21.75 14.66
CA GLY JA 12 -47.06 22.46 15.09
C GLY JA 12 -47.19 23.09 16.46
N SER JA 13 -48.01 24.14 16.55
CA SER JA 13 -48.16 24.88 17.80
C SER JA 13 -48.83 24.02 18.86
N GLY JA 14 -48.32 24.11 20.09
CA GLY JA 14 -48.86 23.34 21.19
C GLY JA 14 -50.12 23.96 21.75
N THR JA 15 -51.15 24.05 20.90
CA THR JA 15 -52.37 24.78 21.21
C THR JA 15 -53.60 23.89 21.26
N SER JA 16 -53.72 22.95 20.31
CA SER JA 16 -54.92 22.12 20.10
C SER JA 16 -56.14 23.01 19.86
N GLY JA 17 -56.08 23.71 18.73
CA GLY JA 17 -56.78 24.96 18.52
C GLY JA 17 -58.25 24.93 18.14
N TYR JA 18 -59.11 24.71 19.14
CA TYR JA 18 -60.54 24.91 18.97
C TYR JA 18 -60.81 26.37 18.62
N VAL JA 19 -61.71 26.59 17.68
CA VAL JA 19 -62.08 27.95 17.30
C VAL JA 19 -63.35 28.35 18.03
N GLN JA 20 -63.51 29.66 18.24
CA GLN JA 20 -64.65 30.20 18.97
C GLN JA 20 -65.16 31.44 18.26
N ARG JA 21 -66.43 31.74 18.50
CA ARG JA 21 -67.10 32.88 17.87
C ARG JA 21 -66.77 34.21 18.52
N ASN JA 22 -66.12 34.19 19.69
CA ASN JA 22 -65.78 35.38 20.46
C ASN JA 22 -67.03 36.19 20.80
N LEU JA 23 -67.86 35.59 21.66
CA LEU JA 23 -69.20 36.09 21.95
C LEU JA 23 -69.25 37.44 22.67
N ALA JA 24 -68.10 38.08 22.86
CA ALA JA 24 -68.03 39.48 23.23
C ALA JA 24 -67.95 40.40 22.03
N HIS JA 25 -67.94 39.85 20.81
CA HIS JA 25 -67.90 40.69 19.62
C HIS JA 25 -69.24 41.41 19.45
N LEU JA 26 -69.17 42.70 19.20
CA LEU JA 26 -70.36 43.54 19.15
C LEU JA 26 -71.02 43.45 17.79
N ARG JA 27 -72.26 42.98 17.77
CA ARG JA 27 -73.04 42.94 16.55
C ARG JA 27 -73.37 44.36 16.11
N PRO JA 28 -73.49 44.60 14.81
CA PRO JA 28 -73.88 45.94 14.33
C PRO JA 28 -75.24 46.39 14.87
N ARG JA 29 -75.32 47.67 15.17
CA ARG JA 29 -76.51 48.27 15.77
C ARG JA 29 -77.00 49.46 14.95
N PRO JA 47 -93.05 71.75 -11.87
CA PRO JA 47 -93.81 71.45 -13.09
C PRO JA 47 -93.36 72.29 -14.28
N ASP JA 48 -93.77 71.88 -15.48
CA ASP JA 48 -93.42 72.58 -16.71
C ASP JA 48 -94.68 72.90 -17.48
N PRO JA 49 -94.93 74.18 -17.81
CA PRO JA 49 -96.10 74.49 -18.67
C PRO JA 49 -96.00 73.94 -20.07
N GLY JA 50 -94.78 73.69 -20.54
CA GLY JA 50 -94.60 73.06 -21.85
C GLY JA 50 -95.16 71.66 -21.92
N LEU JA 51 -95.12 70.93 -20.80
CA LEU JA 51 -95.73 69.60 -20.74
C LEU JA 51 -97.24 69.70 -20.91
N LEU JA 52 -97.87 70.68 -20.26
CA LEU JA 52 -99.31 70.88 -20.42
C LEU JA 52 -99.66 71.31 -21.83
N GLU JA 53 -98.82 72.16 -22.44
CA GLU JA 53 -99.04 72.57 -23.82
C GLU JA 53 -98.92 71.38 -24.77
N HIS JA 54 -97.93 70.51 -24.55
CA HIS JA 54 -97.77 69.32 -25.37
C HIS JA 54 -98.93 68.36 -25.18
N ASP JA 55 -99.45 68.25 -23.94
CA ASP JA 55 -100.62 67.40 -23.70
C ASP JA 55 -101.85 67.94 -24.42
N ARG JA 56 -102.04 69.27 -24.41
CA ARG JA 56 -103.15 69.87 -25.13
C ARG JA 56 -103.02 69.67 -26.64
N LYS JA 57 -101.79 69.82 -27.16
CA LYS JA 57 -101.56 69.59 -28.58
C LYS JA 57 -101.79 68.12 -28.94
N ARG JA 58 -101.41 67.21 -28.06
CA ARG JA 58 -101.65 65.79 -28.30
C ARG JA 58 -103.13 65.46 -28.26
N GLU JA 59 -103.89 66.10 -27.37
CA GLU JA 59 -105.34 65.90 -27.34
C GLU JA 59 -105.99 66.44 -28.62
N VAL JA 60 -105.53 67.60 -29.10
CA VAL JA 60 -106.07 68.16 -30.33
C VAL JA 60 -105.74 67.27 -31.52
N GLU JA 61 -104.51 66.75 -31.57
CA GLU JA 61 -104.12 65.83 -32.64
C GLU JA 61 -104.87 64.51 -32.55
N VAL JA 62 -105.20 64.05 -31.33
CA VAL JA 62 -106.00 62.85 -31.16
C VAL JA 62 -107.41 63.07 -31.68
N LYS JA 63 -107.98 64.24 -31.40
CA LYS JA 63 -109.30 64.58 -31.94
C LYS JA 63 -109.27 64.66 -33.46
N VAL JA 64 -108.20 65.24 -34.02
CA VAL JA 64 -108.08 65.33 -35.48
C VAL JA 64 -107.92 63.94 -36.10
N PHE JA 65 -107.15 63.06 -35.46
CA PHE JA 65 -106.97 61.71 -35.97
C PHE JA 65 -108.26 60.90 -35.86
N GLU JA 66 -109.03 61.11 -34.79
CA GLU JA 66 -110.34 60.45 -34.66
C GLU JA 66 -111.30 60.93 -35.74
N LEU JA 67 -111.30 62.24 -36.03
CA LEU JA 67 -112.13 62.76 -37.11
C LEU JA 67 -111.70 62.20 -38.47
N ARG JA 68 -110.39 62.09 -38.69
CA ARG JA 68 -109.88 61.52 -39.94
C ARG JA 68 -110.26 60.05 -40.07
N ASP JA 69 -110.18 59.30 -38.98
CA ASP JA 69 -110.58 57.89 -38.99
C ASP JA 69 -112.08 57.74 -39.23
N LYS JA 70 -112.89 58.63 -38.64
CA LYS JA 70 -114.32 58.60 -38.88
C LYS JA 70 -114.64 58.93 -40.34
N LEU JA 71 -113.92 59.88 -40.92
CA LEU JA 71 -114.11 60.22 -42.34
C LEU JA 71 -113.68 59.07 -43.24
N GLU JA 72 -112.59 58.38 -42.90
CA GLU JA 72 -112.11 57.27 -43.71
C GLU JA 72 -113.05 56.07 -43.60
N GLU JA 73 -113.61 55.83 -42.41
CA GLU JA 73 -114.56 54.73 -42.24
C GLU JA 73 -115.88 55.00 -42.96
N GLU JA 74 -116.27 56.27 -43.08
CA GLU JA 74 -117.49 56.64 -43.78
C GLU JA 74 -117.32 56.70 -45.29
N GLY JA 75 -116.10 56.52 -45.79
CA GLY JA 75 -115.86 56.57 -47.22
C GLY JA 75 -115.66 57.95 -47.81
N VAL JA 76 -115.26 58.93 -47.00
CA VAL JA 76 -115.06 60.27 -47.52
C VAL JA 76 -113.78 60.34 -48.33
N ASP JA 77 -113.68 61.38 -49.16
CA ASP JA 77 -112.52 61.57 -50.02
C ASP JA 77 -111.32 62.03 -49.19
N GLU JA 78 -110.12 61.81 -49.76
CA GLU JA 78 -108.89 62.20 -49.08
C GLU JA 78 -108.74 63.71 -49.00
N GLU JA 79 -109.10 64.43 -50.07
CA GLU JA 79 -109.04 65.88 -50.05
C GLU JA 79 -110.04 66.48 -49.07
N GLU JA 80 -111.26 65.92 -49.02
CA GLU JA 80 -112.25 66.36 -48.05
C GLU JA 80 -111.81 66.07 -46.63
N ILE JA 81 -111.17 64.92 -46.41
CA ILE JA 81 -110.65 64.58 -45.09
C ILE JA 81 -109.53 65.54 -44.69
N GLU JA 82 -108.66 65.90 -45.63
CA GLU JA 82 -107.59 66.85 -45.34
C GLU JA 82 -108.15 68.23 -45.03
N SER JA 83 -109.16 68.67 -45.78
CA SER JA 83 -109.80 69.97 -45.50
C SER JA 83 -110.49 69.97 -44.15
N ARG JA 84 -111.18 68.88 -43.81
CA ARG JA 84 -111.82 68.76 -42.50
C ARG JA 84 -110.79 68.74 -41.38
N CYS JA 85 -109.65 68.08 -41.60
CA CYS JA 85 -108.59 68.06 -40.60
C CYS JA 85 -107.97 69.44 -40.41
N SER JA 86 -107.78 70.19 -41.50
CA SER JA 86 -107.28 71.55 -41.38
C SER JA 86 -108.26 72.46 -40.66
N GLU JA 87 -109.56 72.32 -40.95
CA GLU JA 87 -110.57 73.11 -40.26
C GLU JA 87 -110.64 72.75 -38.78
N LEU JA 88 -110.52 71.46 -38.45
CA LEU JA 88 -110.52 71.03 -37.06
C LEU JA 88 -109.28 71.52 -36.33
N ARG JA 89 -108.12 71.54 -37.01
CA ARG JA 89 -106.91 72.08 -36.41
C ARG JA 89 -107.04 73.58 -36.14
N GLN JA 90 -107.64 74.32 -37.08
CA GLN JA 90 -107.87 75.74 -36.87
C GLN JA 90 -108.83 75.99 -35.72
N LYS JA 91 -109.90 75.18 -35.63
CA LYS JA 91 -110.86 75.31 -34.54
C LYS JA 91 -110.22 74.97 -33.20
N LEU JA 92 -109.36 73.95 -33.16
CA LEU JA 92 -108.67 73.57 -31.93
C LEU JA 92 -107.69 74.67 -31.51
N LEU JA 93 -107.00 75.28 -32.46
CA LEU JA 93 -106.11 76.39 -32.15
C LEU JA 93 -106.88 77.59 -31.61
N ALA JA 94 -108.05 77.88 -32.21
CA ALA JA 94 -108.88 78.97 -31.71
C ALA JA 94 -109.41 78.68 -30.31
N GLU JA 95 -109.80 77.43 -30.05
CA GLU JA 95 -110.27 77.05 -28.73
C GLU JA 95 -109.17 77.12 -27.69
N MET JA 96 -107.95 76.72 -28.07
CA MET JA 96 -106.82 76.81 -27.15
C MET JA 96 -106.45 78.26 -26.87
N GLU JA 97 -106.56 79.13 -27.88
CA GLU JA 97 -106.30 80.55 -27.66
C GLU JA 97 -107.39 81.20 -26.82
N ARG JA 98 -108.63 80.72 -26.94
CA ARG JA 98 -109.75 81.29 -26.19
C ARG JA 98 -109.86 80.74 -24.78
N ASN JA 99 -109.52 79.47 -24.57
CA ASN JA 99 -109.65 78.83 -23.26
C ASN JA 99 -108.29 78.64 -22.59
N LYS JA 100 -107.32 79.49 -22.90
CA LYS JA 100 -106.01 79.41 -22.24
C LYS JA 100 -106.11 79.77 -20.77
N ASP JA 101 -106.91 80.78 -20.44
CA ASP JA 101 -107.09 81.20 -19.06
C ASP JA 101 -108.17 80.39 -18.36
N ARG KA 343 -78.29 27.11 55.75
CA ARG KA 343 -77.81 28.40 55.28
C ARG KA 343 -76.29 28.38 55.12
N ASP KA 344 -75.77 29.38 54.43
CA ASP KA 344 -74.34 29.52 54.20
C ASP KA 344 -73.85 30.75 54.95
N GLN KA 345 -73.53 30.57 56.23
CA GLN KA 345 -73.02 31.67 57.04
C GLN KA 345 -71.60 32.05 56.63
N THR KA 346 -70.74 31.06 56.41
CA THR KA 346 -69.44 31.33 55.81
C THR KA 346 -69.56 31.71 54.33
N ASN KA 347 -70.66 31.29 53.69
CA ASN KA 347 -71.06 31.75 52.36
C ASN KA 347 -70.00 31.42 51.31
N ALA KA 348 -69.71 30.11 51.20
CA ALA KA 348 -68.63 29.65 50.35
C ALA KA 348 -68.93 29.82 48.86
N ASP KA 349 -70.21 29.77 48.48
CA ASP KA 349 -70.57 29.95 47.08
C ASP KA 349 -70.22 31.35 46.60
N LEU KA 350 -70.42 32.37 47.44
CA LEU KA 350 -70.09 33.74 47.06
C LEU KA 350 -68.60 33.92 46.84
N VAL KA 351 -67.78 33.38 47.75
CA VAL KA 351 -66.34 33.53 47.60
C VAL KA 351 -65.83 32.69 46.44
N ASN KA 352 -66.51 31.58 46.12
CA ASN KA 352 -66.10 30.80 44.96
C ASN KA 352 -66.41 31.52 43.66
N LEU KA 353 -67.59 32.14 43.57
CA LEU KA 353 -67.90 32.98 42.40
C LEU KA 353 -66.93 34.14 42.27
N ARG KA 354 -66.61 34.81 43.39
CA ARG KA 354 -65.68 35.93 43.34
C ARG KA 354 -64.29 35.48 42.93
N ARG KA 355 -63.87 34.29 43.40
CA ARG KA 355 -62.57 33.77 43.03
C ARG KA 355 -62.50 33.41 41.55
N THR KA 356 -63.57 32.81 41.01
CA THR KA 356 -63.55 32.48 39.57
C THR KA 356 -63.59 33.74 38.70
N ILE KA 357 -64.36 34.75 39.10
CA ILE KA 357 -64.38 36.00 38.34
C ILE KA 357 -63.01 36.69 38.41
N TYR KA 358 -62.40 36.73 39.59
CA TYR KA 358 -61.10 37.36 39.75
C TYR KA 358 -60.03 36.62 38.96
N LEU KA 359 -60.05 35.29 38.99
CA LEU KA 359 -59.04 34.52 38.27
C LEU KA 359 -59.31 34.52 36.76
N THR KA 360 -60.55 34.78 36.36
CA THR KA 360 -60.83 34.90 34.94
C THR KA 360 -60.37 36.25 34.40
N ILE KA 361 -60.56 37.32 35.17
CA ILE KA 361 -60.10 38.63 34.72
C ILE KA 361 -58.58 38.70 34.76
N GLN KA 362 -57.96 38.17 35.82
CA GLN KA 362 -56.52 38.31 36.00
C GLN KA 362 -55.71 37.33 35.16
N SER KA 363 -56.31 36.71 34.14
CA SER KA 363 -55.63 35.72 33.33
C SER KA 363 -55.96 35.80 31.86
N SER KA 364 -56.62 36.86 31.42
CA SER KA 364 -56.84 37.11 30.01
C SER KA 364 -55.79 38.11 29.53
N ALA KA 365 -55.82 38.46 28.26
CA ALA KA 365 -54.81 39.38 27.75
C ALA KA 365 -55.41 40.65 27.15
N ASP KA 366 -56.45 40.53 26.35
CA ASP KA 366 -56.98 41.56 25.48
C ASP KA 366 -58.29 41.99 26.13
N PRO KA 367 -58.74 43.25 25.98
CA PRO KA 367 -60.06 43.59 26.57
C PRO KA 367 -61.24 43.08 25.76
N GLU KA 368 -61.14 41.87 25.23
CA GLU KA 368 -62.26 41.09 24.74
C GLU KA 368 -62.20 39.64 25.17
N GLU KA 369 -61.02 39.13 25.52
CA GLU KA 369 -60.92 37.79 26.08
C GLU KA 369 -61.63 37.70 27.41
N ALA KA 370 -61.42 38.70 28.27
CA ALA KA 370 -62.02 38.68 29.60
C ALA KA 370 -63.54 38.70 29.52
N ALA KA 371 -64.10 39.54 28.65
CA ALA KA 371 -65.54 39.58 28.47
C ALA KA 371 -66.07 38.27 27.91
N HIS KA 372 -65.32 37.67 26.97
CA HIS KA 372 -65.77 36.44 26.33
C HIS KA 372 -65.82 35.28 27.33
N LYS KA 373 -64.75 35.10 28.11
CA LYS KA 373 -64.80 34.08 29.15
C LYS KA 373 -65.80 34.42 30.24
N LEU KA 374 -65.96 35.70 30.59
CA LEU KA 374 -66.86 36.05 31.69
C LEU KA 374 -68.31 35.80 31.32
N MET KA 375 -68.71 36.11 30.10
CA MET KA 375 -70.05 35.76 29.66
C MET KA 375 -70.17 34.28 29.29
N LYS KA 376 -69.06 33.59 29.05
CA LYS KA 376 -69.10 32.14 28.96
C LYS KA 376 -69.35 31.48 30.30
N LEU KA 377 -69.11 32.18 31.40
CA LEU KA 377 -69.29 31.60 32.72
C LEU KA 377 -70.76 31.35 33.01
N LYS KA 378 -71.06 30.19 33.59
CA LYS KA 378 -72.42 29.87 33.98
C LYS KA 378 -72.81 30.69 35.19
N LEU KA 379 -74.13 30.77 35.44
CA LEU KA 379 -74.58 31.61 36.52
C LEU KA 379 -75.88 31.14 37.13
N PRO KA 380 -76.01 31.19 38.45
CA PRO KA 380 -77.33 31.07 39.10
C PRO KA 380 -78.22 32.25 38.73
N PRO KA 381 -79.53 32.21 39.07
CA PRO KA 381 -80.47 33.24 38.57
C PRO KA 381 -80.08 34.69 38.81
N GLY KA 382 -79.51 35.05 39.96
CA GLY KA 382 -78.89 36.36 40.00
C GLY KA 382 -77.68 36.51 40.88
N GLN KA 383 -76.54 36.83 40.24
CA GLN KA 383 -75.36 37.37 40.89
C GLN KA 383 -74.68 38.42 40.00
N GLU KA 384 -75.37 38.90 38.98
CA GLU KA 384 -74.83 40.00 38.18
C GLU KA 384 -74.48 41.26 38.98
N PRO KA 385 -75.24 41.66 40.02
CA PRO KA 385 -74.70 42.70 40.93
C PRO KA 385 -73.37 42.32 41.55
N GLU KA 386 -73.18 41.04 41.91
CA GLU KA 386 -71.90 40.61 42.45
C GLU KA 386 -70.80 40.70 41.40
N LEU KA 387 -71.12 40.37 40.14
CA LEU KA 387 -70.12 40.48 39.08
C LEU KA 387 -69.71 41.93 38.87
N VAL KA 388 -70.68 42.84 38.88
CA VAL KA 388 -70.37 44.27 38.72
C VAL KA 388 -69.55 44.78 39.90
N SER KA 389 -69.93 44.38 41.12
CA SER KA 389 -69.17 44.78 42.30
C SER KA 389 -67.74 44.27 42.24
N MET KA 390 -67.57 43.01 41.82
CA MET KA 390 -66.23 42.42 41.77
C MET KA 390 -65.39 43.06 40.68
N ILE KA 391 -65.97 43.38 39.52
CA ILE KA 391 -65.17 43.97 38.45
C ILE KA 391 -64.76 45.40 38.81
N ILE KA 392 -65.65 46.18 39.44
CA ILE KA 392 -65.26 47.54 39.81
C ILE KA 392 -64.24 47.51 40.94
N GLU KA 393 -64.42 46.59 41.91
CA GLU KA 393 -63.45 46.46 42.98
C GLU KA 393 -62.08 46.02 42.46
N SER KA 394 -62.06 45.12 41.48
CA SER KA 394 -60.79 44.71 40.88
C SER KA 394 -60.17 45.84 40.08
N CYS KA 395 -60.97 46.73 39.52
CA CYS KA 395 -60.40 47.93 38.89
C CYS KA 395 -59.83 48.88 39.93
N ALA KA 396 -60.49 48.98 41.10
CA ALA KA 396 -60.04 49.92 42.12
C ALA KA 396 -58.75 49.48 42.78
N GLN KA 397 -58.56 48.17 42.98
CA GLN KA 397 -57.38 47.68 43.68
C GLN KA 397 -56.12 47.74 42.84
N GLU KA 398 -56.20 48.06 41.55
CA GLU KA 398 -55.02 48.23 40.74
C GLU KA 398 -54.25 49.48 41.15
N LYS KA 399 -52.92 49.40 41.06
CA LYS KA 399 -52.07 50.53 41.40
C LYS KA 399 -52.27 51.68 40.43
N VAL KA 400 -52.33 51.38 39.14
CA VAL KA 400 -52.47 52.37 38.09
C VAL KA 400 -53.61 51.93 37.18
N TYR KA 401 -54.49 52.86 36.81
CA TYR KA 401 -55.58 52.54 35.91
C TYR KA 401 -55.04 52.17 34.54
N SER KA 402 -55.71 51.20 33.90
CA SER KA 402 -55.38 50.78 32.55
C SER KA 402 -56.66 50.74 31.73
N LYS KA 403 -56.52 50.91 30.41
CA LYS KA 403 -57.70 50.93 29.55
C LYS KA 403 -58.33 49.55 29.40
N PHE KA 404 -57.66 48.50 29.86
CA PHE KA 404 -58.14 47.13 29.71
C PHE KA 404 -59.47 46.93 30.42
N MET KA 405 -59.53 47.27 31.71
CA MET KA 405 -60.76 47.01 32.44
C MET KA 405 -61.83 48.04 32.12
N GLY KA 406 -61.43 49.24 31.71
CA GLY KA 406 -62.40 50.20 31.23
C GLY KA 406 -63.10 49.73 29.96
N LEU KA 407 -62.34 49.19 29.00
CA LEU KA 407 -62.97 48.67 27.80
C LEU KA 407 -63.74 47.39 28.08
N LEU KA 408 -63.32 46.62 29.10
CA LEU KA 408 -64.11 45.47 29.54
C LEU KA 408 -65.48 45.90 30.07
N GLY KA 409 -65.50 46.94 30.89
CA GLY KA 409 -66.77 47.47 31.37
C GLY KA 409 -67.61 48.07 30.25
N GLU KA 410 -66.96 48.71 29.28
CA GLU KA 410 -67.66 49.21 28.11
C GLU KA 410 -68.30 48.07 27.32
N LYS KA 411 -67.57 46.95 27.18
CA LYS KA 411 -68.11 45.81 26.44
C LYS KA 411 -69.31 45.20 27.16
N PHE KA 412 -69.26 45.11 28.50
CA PHE KA 412 -70.47 44.72 29.23
C PHE KA 412 -71.57 45.76 29.15
N ALA KA 413 -71.24 47.03 28.92
CA ALA KA 413 -72.28 48.05 28.94
C ALA KA 413 -72.96 48.26 27.60
N ARG KA 414 -72.47 47.64 26.52
CA ARG KA 414 -73.17 47.68 25.25
C ARG KA 414 -74.03 46.45 24.98
N LEU KA 415 -74.16 45.57 25.97
CA LEU KA 415 -75.18 44.53 25.97
C LEU KA 415 -76.53 45.09 26.40
N ASN KA 416 -77.45 44.20 26.77
CA ASN KA 416 -78.82 44.57 27.10
C ASN KA 416 -78.94 45.49 28.30
N ARG KA 417 -80.17 45.90 28.61
CA ARG KA 417 -80.44 46.97 29.57
C ARG KA 417 -80.04 46.60 30.99
N MET KA 418 -80.01 45.31 31.33
CA MET KA 418 -79.77 44.89 32.70
C MET KA 418 -78.37 45.27 33.19
N TRP KA 419 -77.36 45.04 32.35
CA TRP KA 419 -75.99 45.43 32.72
C TRP KA 419 -75.86 46.94 32.83
N MET KA 420 -76.52 47.68 31.95
CA MET KA 420 -76.48 49.13 32.02
C MET KA 420 -77.09 49.65 33.31
N GLU KA 421 -78.30 49.19 33.65
CA GLU KA 421 -78.97 49.68 34.86
C GLU KA 421 -78.19 49.26 36.11
N LEU KA 422 -77.59 48.07 36.09
CA LEU KA 422 -76.68 47.70 37.16
C LEU KA 422 -75.47 48.63 37.23
N TYR KA 423 -75.04 49.17 36.08
CA TYR KA 423 -73.91 50.08 36.10
C TYR KA 423 -74.26 51.44 36.72
N GLU KA 424 -75.44 52.01 36.42
CA GLU KA 424 -75.72 53.24 37.17
C GLU KA 424 -76.10 52.97 38.62
N GLU KA 425 -76.62 51.78 38.94
CA GLU KA 425 -76.77 51.44 40.36
C GLU KA 425 -75.42 51.38 41.07
N ALA KA 426 -74.42 50.78 40.43
CA ALA KA 426 -73.08 50.76 41.00
C ALA KA 426 -72.48 52.16 41.10
N PHE KA 427 -72.73 53.02 40.11
CA PHE KA 427 -72.26 54.39 40.14
C PHE KA 427 -72.85 55.16 41.32
N THR KA 428 -74.17 55.05 41.51
CA THR KA 428 -74.81 55.72 42.63
C THR KA 428 -74.35 55.15 43.97
N LYS KA 429 -74.19 53.82 44.03
CA LYS KA 429 -73.74 53.18 45.27
C LYS KA 429 -72.35 53.63 45.65
N TYR KA 430 -71.45 53.74 44.69
CA TYR KA 430 -70.10 54.18 44.99
C TYR KA 430 -70.03 55.69 45.24
N TYR KA 431 -71.00 56.44 44.72
CA TYR KA 431 -71.07 57.85 45.05
C TYR KA 431 -71.52 58.07 46.49
N ASN KA 432 -72.54 57.35 46.94
CA ASN KA 432 -73.04 57.57 48.29
C ASN KA 432 -72.26 56.79 49.36
N THR KA 433 -71.37 55.89 48.97
CA THR KA 433 -70.59 55.11 49.93
C THR KA 433 -69.11 55.36 49.74
N ILE KA 434 -68.72 56.64 49.66
CA ILE KA 434 -67.37 57.02 49.26
C ILE KA 434 -66.43 57.26 50.43
N HIS KA 435 -66.92 57.23 51.67
CA HIS KA 435 -66.21 57.87 52.78
C HIS KA 435 -64.92 57.15 53.16
N ARG KA 436 -64.89 55.82 53.13
CA ARG KA 436 -63.75 55.09 53.67
C ARG KA 436 -62.76 54.64 52.60
N TYR KA 437 -62.96 55.03 51.34
CA TYR KA 437 -62.09 54.57 50.27
C TYR KA 437 -60.91 55.51 50.07
N GLU KA 438 -59.77 54.93 49.71
CA GLU KA 438 -58.54 55.69 49.52
C GLU KA 438 -58.59 56.49 48.23
N THR KA 439 -57.68 57.46 48.12
CA THR KA 439 -57.74 58.43 47.02
C THR KA 439 -57.40 57.80 45.68
N ASN KA 440 -56.40 56.90 45.65
CA ASN KA 440 -56.01 56.27 44.39
C ASN KA 440 -57.10 55.33 43.88
N LYS KA 441 -57.80 54.65 44.79
CA LYS KA 441 -58.95 53.85 44.40
C LYS KA 441 -60.04 54.73 43.80
N LEU KA 442 -60.24 55.92 44.36
CA LEU KA 442 -61.19 56.86 43.80
C LEU KA 442 -60.76 57.33 42.43
N ARG KA 443 -59.46 57.48 42.22
CA ARG KA 443 -58.95 57.84 40.90
C ARG KA 443 -59.24 56.76 39.88
N ASN KA 444 -59.02 55.49 40.26
CA ASN KA 444 -59.35 54.39 39.35
C ASN KA 444 -60.83 54.32 39.04
N ILE KA 445 -61.68 54.48 40.06
CA ILE KA 445 -63.13 54.45 39.88
C ILE KA 445 -63.58 55.59 38.98
N ALA KA 446 -63.02 56.78 39.18
CA ALA KA 446 -63.37 57.94 38.36
C ALA KA 446 -62.92 57.76 36.92
N ARG KA 447 -61.75 57.17 36.70
CA ARG KA 447 -61.31 56.94 35.32
C ARG KA 447 -62.19 55.92 34.63
N PHE KA 448 -62.60 54.87 35.36
CA PHE KA 448 -63.50 53.87 34.80
C PHE KA 448 -64.84 54.49 34.42
N PHE KA 449 -65.40 55.30 35.32
CA PHE KA 449 -66.71 55.88 35.05
C PHE KA 449 -66.64 57.00 34.02
N GLY KA 450 -65.49 57.68 33.91
CA GLY KA 450 -65.29 58.60 32.82
C GLY KA 450 -65.21 57.89 31.48
N HIS KA 451 -64.61 56.71 31.45
CA HIS KA 451 -64.64 55.90 30.23
C HIS KA 451 -66.06 55.47 29.90
N LEU KA 452 -66.85 55.12 30.92
CA LEU KA 452 -68.23 54.70 30.68
C LEU KA 452 -69.09 55.85 30.15
N LEU KA 453 -69.06 56.99 30.83
CA LEU KA 453 -69.89 58.12 30.41
C LEU KA 453 -69.39 58.74 29.11
N SER KA 454 -68.08 58.71 28.86
CA SER KA 454 -67.54 59.41 27.70
C SER KA 454 -67.80 58.69 26.39
N TYR KA 455 -67.96 57.37 26.42
CA TYR KA 455 -68.13 56.58 25.21
C TYR KA 455 -69.51 55.94 25.12
N ASP KA 456 -70.54 56.60 25.67
CA ASP KA 456 -71.94 56.22 25.54
C ASP KA 456 -72.22 54.83 26.11
N ALA KA 457 -71.43 54.38 27.07
CA ALA KA 457 -71.63 53.06 27.65
C ALA KA 457 -72.85 53.03 28.55
N ILE KA 458 -73.09 54.11 29.30
CA ILE KA 458 -74.32 54.28 30.06
C ILE KA 458 -74.87 55.66 29.74
N GLY KA 459 -76.16 55.83 30.03
CA GLY KA 459 -76.84 57.05 29.64
C GLY KA 459 -76.36 58.26 30.42
N TRP KA 460 -76.48 59.43 29.79
CA TRP KA 460 -76.02 60.67 30.38
C TRP KA 460 -77.09 61.31 31.25
N HIS KA 461 -77.67 60.53 32.18
CA HIS KA 461 -78.76 61.01 33.01
C HIS KA 461 -78.61 60.69 34.49
N VAL KA 462 -77.66 59.81 34.87
CA VAL KA 462 -77.46 59.49 36.28
C VAL KA 462 -76.84 60.63 37.05
N LEU KA 463 -76.19 61.58 36.35
CA LEU KA 463 -75.39 62.64 36.98
C LEU KA 463 -76.20 63.61 37.83
N SER KA 464 -77.52 63.44 37.88
CA SER KA 464 -78.35 64.14 38.85
C SER KA 464 -78.07 63.71 40.29
N VAL KA 465 -77.37 62.59 40.49
CA VAL KA 465 -76.94 62.23 41.84
C VAL KA 465 -75.89 63.22 42.35
N ILE KA 466 -75.12 63.83 41.45
CA ILE KA 466 -74.08 64.77 41.84
C ILE KA 466 -74.73 66.08 42.27
N GLN KA 467 -74.41 66.52 43.48
CA GLN KA 467 -74.96 67.73 44.08
C GLN KA 467 -73.81 68.60 44.57
N LEU KA 468 -73.94 69.92 44.39
CA LEU KA 468 -72.87 70.85 44.74
C LEU KA 468 -73.32 71.72 45.91
N THR KA 469 -73.05 71.22 47.12
CA THR KA 469 -73.28 71.97 48.35
C THR KA 469 -72.10 71.77 49.27
N GLU KA 470 -71.95 72.69 50.23
CA GLU KA 470 -70.80 72.64 51.13
C GLU KA 470 -70.94 71.50 52.13
N GLU KA 471 -72.14 71.32 52.70
CA GLU KA 471 -72.32 70.40 53.82
C GLU KA 471 -72.29 68.94 53.39
N GLU KA 472 -72.86 68.62 52.23
CA GLU KA 472 -73.06 67.24 51.83
C GLU KA 472 -71.94 66.69 50.94
N THR KA 473 -70.86 67.44 50.76
CA THR KA 473 -69.72 67.02 49.95
C THR KA 473 -68.48 66.91 50.83
N THR KA 474 -67.83 65.76 50.80
CA THR KA 474 -66.56 65.57 51.45
C THR KA 474 -65.42 65.79 50.46
N ALA KA 475 -64.19 65.81 50.98
CA ALA KA 475 -63.02 66.01 50.12
C ALA KA 475 -62.81 64.83 49.17
N ALA KA 476 -63.16 63.62 49.61
CA ALA KA 476 -63.04 62.45 48.74
C ALA KA 476 -63.99 62.53 47.56
N SER KA 477 -65.25 62.93 47.81
CA SER KA 477 -66.18 63.17 46.72
C SER KA 477 -65.72 64.33 45.84
N ARG KA 478 -65.07 65.31 46.45
CA ARG KA 478 -64.60 66.48 45.72
C ARG KA 478 -63.50 66.10 44.73
N ILE KA 479 -62.53 65.30 45.18
CA ILE KA 479 -61.48 64.86 44.25
C ILE KA 479 -62.02 63.83 43.27
N PHE KA 480 -63.05 63.07 43.66
CA PHE KA 480 -63.71 62.15 42.72
C PHE KA 480 -64.30 62.95 41.57
N ILE KA 481 -65.00 64.04 41.89
CA ILE KA 481 -65.60 64.90 40.89
C ILE KA 481 -64.52 65.53 40.00
N ARG KA 482 -63.42 65.96 40.62
CA ARG KA 482 -62.30 66.54 39.88
C ARG KA 482 -61.75 65.56 38.86
N PHE KA 483 -61.46 64.33 39.30
CA PHE KA 483 -60.93 63.31 38.41
C PHE KA 483 -61.93 62.94 37.31
N LEU KA 484 -63.22 62.88 37.66
CA LEU KA 484 -64.23 62.43 36.71
C LEU KA 484 -64.41 63.44 35.58
N PHE KA 485 -64.60 64.72 35.92
CA PHE KA 485 -64.65 65.73 34.86
C PHE KA 485 -63.33 65.97 34.16
N GLU KA 486 -62.18 65.77 34.82
CA GLU KA 486 -60.91 65.87 34.11
C GLU KA 486 -60.77 64.74 33.08
N ASP KA 487 -61.22 63.54 33.43
CA ASP KA 487 -61.13 62.42 32.51
C ASP KA 487 -62.12 62.55 31.36
N ILE KA 488 -63.32 63.06 31.63
CA ILE KA 488 -64.26 63.30 30.53
C ILE KA 488 -63.77 64.44 29.64
N GLN KA 489 -63.10 65.44 30.22
CA GLN KA 489 -62.45 66.46 29.41
C GLN KA 489 -61.36 65.86 28.54
N GLU KA 490 -60.59 64.92 29.08
CA GLU KA 490 -59.54 64.28 28.30
C GLU KA 490 -60.13 63.43 27.17
N ASN KA 491 -61.20 62.69 27.45
CA ASN KA 491 -61.73 61.74 26.47
C ASN KA 491 -62.45 62.44 25.32
N LEU KA 492 -63.28 63.43 25.62
CA LEU KA 492 -64.09 64.07 24.60
C LEU KA 492 -63.51 65.41 24.13
N GLY KA 493 -63.35 66.36 25.04
CA GLY KA 493 -62.82 67.67 24.70
C GLY KA 493 -63.74 68.80 25.14
N THR KA 494 -63.29 70.02 24.86
CA THR KA 494 -64.01 71.20 25.32
C THR KA 494 -65.32 71.39 24.56
N ALA KA 495 -65.27 71.31 23.23
CA ALA KA 495 -66.48 71.55 22.44
C ALA KA 495 -67.50 70.44 22.63
N LYS KA 496 -67.03 69.21 22.81
CA LYS KA 496 -67.95 68.09 23.03
C LYS KA 496 -68.69 68.23 24.34
N LEU KA 497 -68.00 68.63 25.41
CA LEU KA 497 -68.67 68.84 26.69
C LEU KA 497 -69.56 70.08 26.65
N LYS KA 498 -69.18 71.09 25.87
CA LYS KA 498 -70.02 72.27 25.72
C LYS KA 498 -71.32 71.92 25.02
N ALA KA 499 -71.26 71.06 24.00
CA ALA KA 499 -72.47 70.61 23.34
C ALA KA 499 -73.27 69.63 24.20
N ARG KA 500 -72.58 68.81 24.99
CA ARG KA 500 -73.25 67.87 25.89
C ARG KA 500 -74.04 68.58 26.97
N LEU KA 501 -73.41 69.49 27.70
CA LEU KA 501 -74.07 70.10 28.86
C LEU KA 501 -75.00 71.24 28.48
N GLY KA 502 -74.93 71.72 27.24
CA GLY KA 502 -75.81 72.77 26.77
C GLY KA 502 -77.13 72.30 26.20
N ASP KA 503 -77.40 71.00 26.26
CA ASP KA 503 -78.65 70.48 25.73
C ASP KA 503 -79.81 70.85 26.63
N GLU KA 504 -80.92 71.28 26.03
CA GLU KA 504 -82.10 71.66 26.80
C GLU KA 504 -82.84 70.43 27.33
N ALA KA 505 -82.68 69.28 26.68
CA ALA KA 505 -83.31 68.05 27.16
C ALA KA 505 -82.65 67.52 28.43
N LEU KA 506 -81.42 67.93 28.71
CA LEU KA 506 -80.69 67.50 29.90
C LEU KA 506 -80.88 68.47 31.06
N GLN KA 507 -81.61 69.57 30.83
CA GLN KA 507 -81.75 70.61 31.85
C GLN KA 507 -82.38 70.17 33.17
N PRO KA 508 -83.47 69.37 33.22
CA PRO KA 508 -83.95 68.92 34.53
C PRO KA 508 -83.00 67.99 35.26
N TYR KA 509 -82.13 67.29 34.53
CA TYR KA 509 -81.20 66.35 35.14
C TYR KA 509 -79.93 67.01 35.66
N LEU KA 510 -79.66 68.26 35.28
CA LEU KA 510 -78.44 68.95 35.69
C LEU KA 510 -78.70 70.03 36.74
N GLU KA 511 -79.89 70.06 37.32
CA GLU KA 511 -80.19 71.08 38.33
C GLU KA 511 -79.41 70.84 39.63
N GLY KA 512 -79.02 69.59 39.88
CA GLY KA 512 -78.21 69.30 41.05
C GLY KA 512 -76.77 69.78 40.94
N ILE KA 513 -76.29 69.97 39.71
CA ILE KA 513 -74.92 70.44 39.47
C ILE KA 513 -74.92 71.92 39.11
N PHE KA 514 -75.56 72.30 38.01
CA PHE KA 514 -75.65 73.70 37.59
C PHE KA 514 -76.86 74.32 38.28
N ARG KA 515 -76.63 74.74 39.52
CA ARG KA 515 -77.69 75.34 40.32
C ARG KA 515 -78.02 76.74 39.82
N HIS KA 516 -79.30 77.11 39.92
CA HIS KA 516 -79.73 78.44 39.53
C HIS KA 516 -80.73 79.04 40.51
N ASP KA 517 -80.81 78.51 41.72
CA ASP KA 517 -81.79 78.95 42.72
C ASP KA 517 -81.16 79.69 43.89
N THR KA 518 -80.09 79.15 44.47
CA THR KA 518 -79.43 79.76 45.62
C THR KA 518 -78.04 80.23 45.20
N ARG KA 519 -77.76 81.52 45.41
CA ARG KA 519 -76.55 82.13 44.86
C ARG KA 519 -75.28 81.73 45.60
N ARG KA 520 -75.37 81.31 46.86
CA ARG KA 520 -74.17 80.89 47.58
C ARG KA 520 -73.58 79.61 46.98
N ASN KA 521 -74.45 78.68 46.59
CA ASN KA 521 -73.99 77.46 45.92
C ASN KA 521 -73.44 77.79 44.53
N VAL KA 522 -74.03 78.78 43.86
CA VAL KA 522 -73.54 79.19 42.55
C VAL KA 522 -72.14 79.81 42.67
N THR KA 523 -71.92 80.65 43.69
CA THR KA 523 -70.61 81.25 43.87
C THR KA 523 -69.58 80.22 44.31
N PHE KA 524 -70.01 79.22 45.10
CA PHE KA 524 -69.12 78.11 45.45
C PHE KA 524 -68.73 77.31 44.21
N ALA KA 525 -69.69 77.09 43.30
CA ALA KA 525 -69.40 76.45 42.03
C ALA KA 525 -68.47 77.30 41.17
N ILE KA 526 -68.63 78.63 41.23
CA ILE KA 526 -67.72 79.53 40.52
C ILE KA 526 -66.30 79.35 41.04
N ASN KA 527 -66.14 79.35 42.36
CA ASN KA 527 -64.82 79.23 42.97
C ASN KA 527 -64.16 77.91 42.62
N TYR KA 528 -64.92 76.81 42.67
CA TYR KA 528 -64.33 75.53 42.33
C TYR KA 528 -64.05 75.37 40.84
N PHE KA 529 -64.99 75.75 39.98
CA PHE KA 529 -64.76 75.55 38.56
C PHE KA 529 -63.70 76.50 38.01
N THR KA 530 -63.48 77.64 38.68
CA THR KA 530 -62.29 78.42 38.39
C THR KA 530 -61.05 77.86 39.07
N ALA KA 531 -61.21 77.02 40.11
CA ALA KA 531 -60.06 76.45 40.79
C ALA KA 531 -59.42 75.32 39.99
N ILE KA 532 -60.20 74.52 39.29
CA ILE KA 532 -59.68 73.41 38.52
C ILE KA 532 -59.80 73.66 37.01
N LYS KA 533 -59.85 74.94 36.62
CA LYS KA 533 -59.76 75.37 35.22
C LYS KA 533 -60.93 74.86 34.38
N MET KA 534 -62.12 74.82 34.97
CA MET KA 534 -63.35 74.51 34.24
C MET KA 534 -64.17 75.77 34.02
N GLY KA 535 -63.51 76.93 33.90
CA GLY KA 535 -64.22 78.20 33.91
C GLY KA 535 -65.05 78.44 32.67
N TYR KA 536 -64.71 77.79 31.56
CA TYR KA 536 -65.52 77.95 30.35
C TYR KA 536 -66.85 77.23 30.48
N LEU KA 537 -66.93 76.19 31.32
CA LEU KA 537 -68.19 75.52 31.56
C LEU KA 537 -69.12 76.35 32.42
N THR KA 538 -68.59 77.27 33.24
CA THR KA 538 -69.41 78.17 34.04
C THR KA 538 -69.77 79.39 33.18
N ASP KA 539 -70.65 79.15 32.22
CA ASP KA 539 -71.05 80.16 31.25
C ASP KA 539 -72.56 80.32 31.17
N GLU KA 540 -73.33 79.26 31.39
CA GLU KA 540 -74.78 79.34 31.33
C GLU KA 540 -75.36 80.20 32.46
N MET KA 541 -74.64 80.36 33.56
CA MET KA 541 -75.12 81.20 34.64
C MET KA 541 -74.94 82.68 34.30
N HIS KA 542 -75.59 83.52 35.08
CA HIS KA 542 -75.57 84.97 34.91
C HIS KA 542 -75.83 85.66 36.24
N PRO KA 543 -74.83 86.34 36.82
CA PRO KA 543 -75.01 86.94 38.15
C PRO KA 543 -75.88 88.19 38.15
N GLY KA 544 -75.64 89.07 37.18
CA GLY KA 544 -76.29 90.38 37.20
C GLY KA 544 -77.79 90.31 36.94
N ARG KA 545 -78.20 89.44 36.02
CA ARG KA 545 -79.61 89.33 35.67
C ARG KA 545 -80.43 88.56 36.70
N HIS KA 546 -79.78 87.90 37.66
CA HIS KA 546 -80.46 87.22 38.75
C HIS KA 546 -80.70 88.25 39.86
N HIS KA 547 -81.89 88.84 39.85
CA HIS KA 547 -82.25 89.89 40.80
C HIS KA 547 -83.01 89.36 42.02
N GLY KA 548 -83.17 88.04 42.13
CA GLY KA 548 -83.84 87.49 43.29
C GLY KA 548 -83.06 87.67 44.58
N ARG KA 549 -81.73 87.54 44.51
CA ARG KA 549 -80.85 87.72 45.66
C ARG KA 549 -80.10 89.05 45.59
N GLY KA 550 -80.76 90.10 45.12
CA GLY KA 550 -80.12 91.40 44.99
C GLY KA 550 -79.94 92.13 46.30
N LEU KA 551 -79.07 91.59 47.17
CA LEU KA 551 -78.81 92.25 48.45
C LEU KA 551 -77.97 93.51 48.25
N GLY KA 552 -77.00 93.46 47.34
CA GLY KA 552 -76.14 94.59 47.07
C GLY KA 552 -76.55 95.34 45.82
N PRO KA 553 -76.52 96.68 45.87
CA PRO KA 553 -76.88 97.51 44.72
C PRO KA 553 -75.82 97.50 43.63
N ASP LA 343 -22.24 65.71 54.90
CA ASP LA 343 -21.69 67.04 55.07
C ASP LA 343 -22.21 67.94 53.95
N ASP LA 344 -21.64 69.14 53.81
CA ASP LA 344 -22.08 70.06 52.77
C ASP LA 344 -21.70 69.56 51.38
N SER LA 345 -20.54 68.92 51.24
CA SER LA 345 -20.10 68.43 49.94
C SER LA 345 -20.98 67.29 49.47
N GLU LA 346 -21.24 66.32 50.36
CA GLU LA 346 -22.13 65.21 50.04
C GLU LA 346 -23.55 65.71 49.77
N ALA LA 347 -23.99 66.73 50.51
CA ALA LA 347 -25.30 67.32 50.25
C ALA LA 347 -25.34 67.99 48.88
N GLU LA 348 -24.27 68.66 48.47
CA GLU LA 348 -24.25 69.29 47.15
C GLU LA 348 -24.29 68.26 46.03
N GLU LA 349 -23.53 67.17 46.19
CA GLU LA 349 -23.56 66.13 45.16
C GLU LA 349 -24.90 65.40 45.14
N ARG LA 350 -25.50 65.19 46.31
CA ARG LA 350 -26.82 64.57 46.36
C ARG LA 350 -27.88 65.48 45.75
N ALA LA 351 -27.75 66.79 45.96
CA ALA LA 351 -28.66 67.73 45.33
C ALA LA 351 -28.48 67.74 43.82
N ALA LA 352 -27.23 67.58 43.35
CA ALA LA 352 -26.99 67.45 41.92
C ALA LA 352 -27.65 66.21 41.35
N TYR LA 353 -27.59 65.11 42.09
CA TYR LA 353 -28.27 63.87 41.68
C TYR LA 353 -29.78 64.06 41.63
N GLU LA 354 -30.33 64.74 42.64
CA GLU LA 354 -31.78 64.94 42.69
C GLU LA 354 -32.25 65.86 41.58
N GLU LA 355 -31.47 66.91 41.28
CA GLU LA 355 -31.77 67.77 40.13
C GLU LA 355 -31.66 67.01 38.82
N ALA LA 356 -30.70 66.09 38.72
CA ALA LA 356 -30.57 65.26 37.53
C ALA LA 356 -31.79 64.36 37.35
N GLN LA 357 -32.27 63.76 38.43
CA GLN LA 357 -33.46 62.92 38.33
C GLN LA 357 -34.70 63.74 38.00
N VAL LA 358 -34.79 64.96 38.54
CA VAL LA 358 -35.90 65.84 38.21
C VAL LA 358 -35.88 66.23 36.74
N ARG LA 359 -34.71 66.65 36.24
CA ARG LA 359 -34.57 67.03 34.84
C ARG LA 359 -34.72 65.86 33.89
N ALA LA 360 -34.48 64.63 34.35
CA ALA LA 360 -34.83 63.44 33.61
C ALA LA 360 -36.33 63.14 33.65
N ALA LA 361 -37.03 63.59 34.69
CA ALA LA 361 -38.45 63.33 34.79
C ALA LA 361 -39.27 64.47 34.16
N MET LA 362 -38.76 65.70 34.25
CA MET LA 362 -39.46 66.85 33.70
C MET LA 362 -39.19 67.07 32.23
N ASP LA 363 -38.39 66.22 31.61
CA ASP LA 363 -37.95 66.46 30.24
C ASP LA 363 -39.11 66.31 29.26
N GLY LA 364 -39.39 67.40 28.54
CA GLY LA 364 -40.35 67.38 27.46
C GLY LA 364 -41.62 68.18 27.69
N LEU LA 365 -41.84 68.79 28.84
CA LEU LA 365 -43.18 69.30 29.12
C LEU LA 365 -43.21 70.76 29.59
N ARG LA 366 -42.26 71.17 30.44
CA ARG LA 366 -42.24 72.57 30.86
C ARG LA 366 -41.60 73.49 29.83
N GLY LA 367 -40.34 73.22 29.49
CA GLY LA 367 -39.59 74.08 28.60
C GLY LA 367 -40.09 74.04 27.17
N UNK MA 1 -19.98 91.46 41.49
CA UNK MA 1 -20.58 92.49 42.33
C UNK MA 1 -22.06 92.23 42.55
N UNK MA 2 -22.88 92.72 41.62
CA UNK MA 2 -24.32 92.52 41.69
C UNK MA 2 -24.70 91.08 41.37
N UNK MA 3 -24.03 90.51 40.38
CA UNK MA 3 -24.28 89.13 39.97
C UNK MA 3 -23.83 88.13 41.05
N UNK MA 4 -22.76 88.47 41.75
CA UNK MA 4 -22.23 87.62 42.81
C UNK MA 4 -23.02 87.83 44.11
N UNK MA 5 -23.69 88.98 44.20
CA UNK MA 5 -24.51 89.28 45.37
C UNK MA 5 -25.90 88.69 45.19
N UNK MA 6 -26.28 88.43 43.94
CA UNK MA 6 -27.57 87.84 43.63
C UNK MA 6 -27.59 86.34 43.96
N UNK MA 7 -26.47 85.68 43.70
CA UNK MA 7 -26.36 84.25 43.99
C UNK MA 7 -26.23 84.00 45.48
N UNK MA 8 -27.05 83.09 46.00
CA UNK MA 8 -27.05 82.78 47.43
C UNK MA 8 -25.83 81.95 47.83
N UNK MA 9 -25.36 81.11 46.90
CA UNK MA 9 -24.22 80.22 47.17
C UNK MA 9 -22.89 80.96 47.09
N UNK MA 10 -22.91 82.12 46.44
CA UNK MA 10 -21.71 82.94 46.31
C UNK MA 10 -21.54 83.84 47.54
N UNK MA 11 -22.64 84.06 48.26
CA UNK MA 11 -22.62 84.86 49.47
C UNK MA 11 -21.89 84.13 50.59
N UNK MA 12 -20.81 84.74 51.07
CA UNK MA 12 -19.98 84.14 52.11
C UNK MA 12 -20.71 84.10 53.45
N UNK MA 13 -20.32 83.16 54.29
CA UNK MA 13 -20.92 83.01 55.61
C UNK MA 13 -20.50 84.15 56.53
N UNK MA 14 -21.48 84.81 57.14
CA UNK MA 14 -21.20 85.91 58.06
C UNK MA 14 -20.57 85.40 59.36
N UNK MA 15 -19.25 85.45 59.43
CA UNK MA 15 -18.52 84.99 60.60
C UNK MA 15 -18.71 85.97 61.77
N UNK MA 16 -18.44 85.50 62.97
CA UNK MA 16 -18.56 86.33 64.16
C UNK MA 16 -17.48 87.40 64.18
N UNK MA 17 -17.77 88.52 64.82
CA UNK MA 17 -16.83 89.63 64.92
C UNK MA 17 -15.65 89.26 65.82
N UNK MA 18 -14.45 89.40 65.29
CA UNK MA 18 -13.24 89.07 66.03
C UNK MA 18 -13.00 90.10 67.14
N UNK MA 19 -12.35 89.65 68.22
CA UNK MA 19 -12.07 90.53 69.35
C UNK MA 19 -10.62 91.00 69.32
N UNK MA 20 -10.40 92.25 69.70
CA UNK MA 20 -9.06 92.82 69.75
C UNK MA 20 -8.28 92.21 70.92
N UNK MA 21 -9.00 91.93 72.00
CA UNK MA 21 -8.41 91.32 73.18
C UNK MA 21 -7.94 89.90 72.89
N UNK MA 22 -8.73 89.16 72.13
CA UNK MA 22 -8.39 87.80 71.75
C UNK MA 22 -7.17 87.77 70.83
N UNK MA 23 -7.12 88.72 69.90
CA UNK MA 23 -5.99 88.85 68.98
C UNK MA 23 -4.72 89.22 69.74
N UNK MA 24 -4.87 90.12 70.72
CA UNK MA 24 -3.75 90.54 71.57
C UNK MA 24 -3.23 89.37 72.40
N UNK MA 25 -4.15 88.58 72.93
CA UNK MA 25 -3.81 87.39 73.71
C UNK MA 25 -3.09 86.35 72.86
N UNK MA 26 -3.55 86.17 71.62
CA UNK MA 26 -2.93 85.26 70.69
C UNK MA 26 -1.51 85.71 70.32
N UNK MA 27 -1.35 87.01 70.09
CA UNK MA 27 -0.04 87.60 69.80
C UNK MA 27 0.92 87.44 70.98
N UNK MA 28 0.39 87.65 72.19
CA UNK MA 28 1.17 87.50 73.41
C UNK MA 28 1.60 86.05 73.62
N UNK MA 29 0.69 85.12 73.31
CA UNK MA 29 0.99 83.69 73.41
C UNK MA 29 2.06 83.28 72.40
N UNK MA 30 1.98 83.82 71.19
CA UNK MA 30 2.97 83.57 70.16
C UNK MA 30 4.34 84.12 70.56
N UNK MA 31 4.35 85.32 71.13
CA UNK MA 31 5.58 85.95 71.62
C UNK MA 31 6.19 85.16 72.77
N UNK MA 32 5.34 84.65 73.66
CA UNK MA 32 5.79 83.84 74.78
C UNK MA 32 6.38 82.51 74.31
N UNK MA 33 5.75 81.92 73.29
CA UNK MA 33 6.25 80.69 72.69
C UNK MA 33 7.60 80.91 72.03
N UNK MA 34 7.74 82.03 71.33
CA UNK MA 34 8.99 82.41 70.70
C UNK MA 34 10.10 82.64 71.73
N UNK MA 35 9.75 83.30 72.83
CA UNK MA 35 10.69 83.54 73.92
C UNK MA 35 11.12 82.24 74.58
N UNK MA 36 10.18 81.32 74.76
CA UNK MA 36 10.46 80.00 75.33
C UNK MA 36 11.38 79.20 74.42
N UNK MA 37 11.14 79.28 73.12
CA UNK MA 37 11.98 78.61 72.13
C UNK MA 37 13.39 79.18 72.13
N UNK MA 38 13.49 80.50 72.25
CA UNK MA 38 14.78 81.18 72.29
C UNK MA 38 15.55 80.85 73.58
N UNK MA 39 14.81 80.68 74.67
CA UNK MA 39 15.43 80.32 75.95
C UNK MA 39 15.89 78.87 75.94
N UNK MA 40 15.12 78.00 75.28
CA UNK MA 40 15.48 76.60 75.17
C UNK MA 40 16.66 76.41 74.22
N UNK MA 41 16.75 77.28 73.23
CA UNK MA 41 17.86 77.24 72.27
C UNK MA 41 19.14 77.76 72.92
N UNK MA 42 18.99 78.70 73.86
CA UNK MA 42 20.13 79.27 74.56
C UNK MA 42 20.39 78.53 75.87
N UNK NA 1 23.31 82.66 64.97
CA UNK NA 1 22.61 82.69 63.68
C UNK NA 1 21.10 82.59 63.89
N UNK NA 2 20.65 81.45 64.41
CA UNK NA 2 19.24 81.23 64.64
C UNK NA 2 18.77 81.98 65.89
N UNK NA 3 19.65 82.06 66.88
CA UNK NA 3 19.35 82.76 68.12
C UNK NA 3 19.17 84.25 67.91
N UNK NA 4 20.04 84.83 67.09
CA UNK NA 4 19.98 86.25 66.75
C UNK NA 4 18.71 86.56 65.96
N UNK NA 5 18.36 85.65 65.05
CA UNK NA 5 17.14 85.79 64.25
C UNK NA 5 15.89 85.71 65.13
N UNK NA 6 15.91 84.80 66.10
CA UNK NA 6 14.81 84.64 67.05
C UNK NA 6 14.67 85.88 67.92
N UNK NA 7 15.79 86.42 68.36
CA UNK NA 7 15.82 87.64 69.17
C UNK NA 7 15.27 88.83 68.38
N UNK NA 8 15.66 88.93 67.11
CA UNK NA 8 15.19 89.98 66.23
C UNK NA 8 13.69 89.87 65.99
N UNK NA 9 13.21 88.64 65.80
CA UNK NA 9 11.78 88.38 65.61
C UNK NA 9 10.98 88.75 66.86
N UNK NA 10 11.53 88.40 68.02
CA UNK NA 10 10.89 88.74 69.30
C UNK NA 10 10.84 90.25 69.51
N UNK NA 11 11.92 90.93 69.15
CA UNK NA 11 11.98 92.38 69.25
C UNK NA 11 10.98 93.05 68.31
N UNK NA 12 10.87 92.52 67.10
CA UNK NA 12 9.91 93.02 66.12
C UNK NA 12 8.47 92.81 66.59
N UNK NA 13 8.21 91.65 67.18
CA UNK NA 13 6.89 91.34 67.73
C UNK NA 13 6.54 92.26 68.89
N UNK NA 14 7.52 92.52 69.75
CA UNK NA 14 7.34 93.43 70.88
C UNK NA 14 7.07 94.86 70.41
N UNK NA 15 7.79 95.29 69.37
CA UNK NA 15 7.61 96.61 68.79
C UNK NA 15 6.23 96.74 68.15
N UNK NA 16 5.79 95.68 67.47
CA UNK NA 16 4.47 95.66 66.85
C UNK NA 16 3.36 95.70 67.91
N UNK NA 17 3.55 94.97 69.00
CA UNK NA 17 2.61 94.97 70.11
C UNK NA 17 2.53 96.34 70.78
N UNK NA 18 3.68 96.98 70.94
CA UNK NA 18 3.74 98.32 71.51
C UNK NA 18 3.05 99.34 70.61
N UNK NA 19 3.25 99.21 69.31
CA UNK NA 19 2.62 100.09 68.33
C UNK NA 19 1.11 99.90 68.32
N UNK NA 20 0.66 98.65 68.43
CA UNK NA 20 -0.76 98.33 68.49
C UNK NA 20 -1.40 98.88 69.77
N UNK NA 21 -0.68 98.77 70.88
CA UNK NA 21 -1.16 99.29 72.16
C UNK NA 21 -1.22 100.82 72.16
N UNK NA 22 -0.29 101.45 71.44
CA UNK NA 22 -0.28 102.90 71.32
C UNK NA 22 -1.39 103.39 70.40
N UNK NA 23 -1.67 102.63 69.35
CA UNK NA 23 -2.71 102.99 68.40
C UNK NA 23 -4.10 102.69 68.96
N UNK NA 24 -4.17 101.78 69.91
CA UNK NA 24 -5.44 101.43 70.55
C UNK NA 24 -5.93 102.54 71.45
N UNK NA 25 -5.00 103.31 72.01
CA UNK NA 25 -5.34 104.43 72.89
C UNK NA 25 -5.19 105.75 72.16
N UNK NA 26 -6.27 106.18 71.49
CA UNK NA 26 -6.26 107.43 70.74
C UNK NA 26 -6.50 108.63 71.66
N UNK NA 27 -6.28 109.82 71.14
CA UNK NA 27 -6.48 111.05 71.90
C UNK NA 27 -7.97 111.37 72.04
N UNK NA 28 -8.32 112.02 73.14
CA UNK NA 28 -9.72 112.37 73.40
C UNK NA 28 -10.10 113.64 72.65
N UNK NA 29 -11.37 113.73 72.26
CA UNK NA 29 -11.87 114.90 71.55
C UNK NA 29 -12.59 115.85 72.51
N UNK NA 30 -12.59 117.13 72.17
CA UNK NA 30 -13.23 118.14 73.00
C UNK NA 30 -14.65 118.43 72.52
N UNK NA 31 -15.11 117.66 71.54
CA UNK NA 31 -16.45 117.83 71.00
C UNK NA 31 -17.50 117.28 71.97
N UNK NA 32 -18.57 118.04 72.17
CA UNK NA 32 -19.64 117.64 73.08
C UNK NA 32 -20.54 116.59 72.43
N UNK NA 33 -20.58 116.59 71.11
CA UNK NA 33 -21.40 115.63 70.36
C UNK NA 33 -20.76 114.25 70.41
N UNK NA 34 -21.59 113.23 70.60
CA UNK NA 34 -21.11 111.85 70.69
C UNK NA 34 -20.69 111.32 69.33
N UNK NA 35 -21.49 111.63 68.31
CA UNK NA 35 -21.23 111.17 66.95
C UNK NA 35 -19.96 111.82 66.39
N UNK NA 36 -19.79 113.11 66.67
CA UNK NA 36 -18.61 113.85 66.21
C UNK NA 36 -17.35 113.31 66.90
N UNK NA 37 -17.46 113.02 68.19
CA UNK NA 37 -16.35 112.47 68.96
C UNK NA 37 -15.98 111.08 68.45
N UNK NA 38 -16.99 110.27 68.13
CA UNK NA 38 -16.78 108.94 67.60
C UNK NA 38 -16.10 108.99 66.23
N UNK NA 39 -16.54 109.93 65.40
CA UNK NA 39 -15.95 110.13 64.07
C UNK NA 39 -14.50 110.59 64.18
N UNK NA 40 -14.23 111.49 65.13
CA UNK NA 40 -12.88 111.97 65.38
C UNK NA 40 -11.96 110.85 65.86
N UNK NA 41 -12.48 110.01 66.76
CA UNK NA 41 -11.73 108.87 67.27
C UNK NA 41 -11.43 107.86 66.16
N UNK NA 42 -12.42 107.62 65.29
CA UNK NA 42 -12.25 106.72 64.16
C UNK NA 42 -11.22 107.25 63.17
N UNK NA 43 -11.26 108.57 62.93
CA UNK NA 43 -10.31 109.22 62.04
C UNK NA 43 -8.90 109.15 62.61
N UNK NA 44 -8.77 109.35 63.92
CA UNK NA 44 -7.48 109.27 64.59
C UNK NA 44 -6.92 107.85 64.54
N UNK NA 45 -7.78 106.87 64.74
CA UNK NA 45 -7.38 105.46 64.66
C UNK NA 45 -6.95 105.09 63.24
N UNK NA 46 -7.67 105.59 62.25
CA UNK NA 46 -7.34 105.35 60.84
C UNK NA 46 -6.01 106.00 60.48
N UNK NA 47 -5.77 107.21 60.97
CA UNK NA 47 -4.52 107.92 60.74
C UNK NA 47 -3.35 107.19 61.39
N UNK NA 48 -3.56 106.69 62.61
CA UNK NA 48 -2.54 105.92 63.31
C UNK NA 48 -2.21 104.62 62.58
N UNK NA 49 -3.24 103.95 62.08
CA UNK NA 49 -3.07 102.72 61.31
C UNK NA 49 -2.32 102.98 60.01
N UNK NA 50 -2.65 104.09 59.34
CA UNK NA 50 -1.98 104.48 58.10
C UNK NA 50 -0.51 104.82 58.36
N UNK NA 51 -0.24 105.50 59.45
CA UNK NA 51 1.13 105.85 59.84
C UNK NA 51 1.94 104.59 60.17
N UNK NA 52 1.32 103.65 60.85
CA UNK NA 52 1.97 102.39 61.21
C UNK NA 52 2.23 101.54 59.97
N UNK NA 53 1.33 101.61 58.99
CA UNK NA 53 1.49 100.87 57.75
C UNK NA 53 2.58 101.49 56.87
N UNK NA 54 2.66 102.82 56.89
CA UNK NA 54 3.66 103.53 56.09
C UNK NA 54 5.05 103.42 56.71
N UNK NA 55 5.11 103.34 58.03
CA UNK NA 55 6.38 103.25 58.74
C UNK NA 55 6.98 101.85 58.62
N UNK NA 56 6.11 100.84 58.55
CA UNK NA 56 6.56 99.46 58.46
C UNK NA 56 6.97 99.10 57.03
N UNK NA 57 7.99 98.25 56.92
CA UNK NA 57 8.47 97.79 55.61
C UNK NA 57 7.61 96.64 55.10
N UNK NA 58 7.21 96.72 53.84
CA UNK NA 58 6.36 95.70 53.25
C UNK NA 58 7.15 94.45 52.87
N UNK NA 59 8.46 94.61 52.71
CA UNK NA 59 9.33 93.50 52.34
C UNK NA 59 9.61 92.58 53.53
N UNK NA 60 9.51 93.13 54.73
CA UNK NA 60 9.78 92.36 55.94
C UNK NA 60 8.49 92.11 56.73
N UNK NA 61 7.36 92.38 56.10
CA UNK NA 61 6.06 92.18 56.73
C UNK NA 61 5.46 90.84 56.35
N UNK NA 62 5.13 90.03 57.35
CA UNK NA 62 4.53 88.72 57.13
C UNK NA 62 3.06 88.87 56.74
N UNK NA 63 2.52 87.86 56.07
CA UNK NA 63 1.13 87.86 55.66
C UNK NA 63 0.20 87.62 56.85
N UNK NA 64 0.64 86.75 57.75
CA UNK NA 64 -0.14 86.42 58.95
C UNK NA 64 -0.21 87.60 59.90
N UNK NA 65 0.91 88.30 60.08
CA UNK NA 65 0.97 89.47 60.94
C UNK NA 65 0.10 90.60 60.38
N UNK NA 66 0.16 90.76 59.06
CA UNK NA 66 -0.65 91.76 58.37
C UNK NA 66 -2.14 91.44 58.51
N UNK NA 67 -2.48 90.15 58.40
CA UNK NA 67 -3.86 89.69 58.56
C UNK NA 67 -4.36 89.93 59.99
N UNK NA 68 -3.49 89.68 60.97
CA UNK NA 68 -3.84 89.89 62.37
C UNK NA 68 -4.05 91.38 62.67
N UNK NA 69 -3.17 92.22 62.12
CA UNK NA 69 -3.29 93.67 62.29
C UNK NA 69 -4.57 94.18 61.62
N UNK NA 70 -4.87 93.64 60.45
CA UNK NA 70 -6.08 93.99 59.71
C UNK NA 70 -7.32 93.58 60.50
N UNK NA 71 -7.28 92.41 61.13
CA UNK NA 71 -8.38 91.93 61.95
C UNK NA 71 -8.59 92.79 63.19
N UNK NA 72 -7.50 93.21 63.81
CA UNK NA 72 -7.57 94.09 64.99
C UNK NA 72 -8.15 95.45 64.63
N UNK NA 73 -7.66 96.02 63.53
CA UNK NA 73 -8.15 97.30 63.02
C UNK NA 73 -9.62 97.18 62.60
N UNK NA 74 -9.98 96.01 62.08
CA UNK NA 74 -11.35 95.72 61.67
C UNK NA 74 -12.27 95.69 62.88
N UNK NA 75 -11.84 95.06 63.95
CA UNK NA 75 -12.60 94.99 65.20
C UNK NA 75 -12.80 96.39 65.78
N UNK NA 76 -11.72 97.17 65.80
CA UNK NA 76 -11.77 98.54 66.31
C UNK NA 76 -12.71 99.43 65.49
N UNK NA 77 -12.58 99.36 64.17
CA UNK NA 77 -13.41 100.13 63.26
C UNK NA 77 -14.88 99.69 63.31
N UNK NA 78 -15.10 98.40 63.52
CA UNK NA 78 -16.45 97.87 63.62
C UNK NA 78 -17.12 98.35 64.90
N UNK NA 79 -16.37 98.37 65.99
CA UNK NA 79 -16.86 98.90 67.26
C UNK NA 79 -17.20 100.39 67.12
N UNK NA 80 -16.30 101.14 66.49
CA UNK NA 80 -16.50 102.57 66.25
C UNK NA 80 -17.73 102.84 65.37
N UNK NA 81 -17.89 102.05 64.32
CA UNK NA 81 -19.00 102.21 63.39
C UNK NA 81 -20.32 101.79 64.02
N UNK NA 82 -20.29 100.80 64.91
CA UNK NA 82 -21.48 100.38 65.63
C UNK NA 82 -21.89 101.43 66.64
N UNK NA 83 -20.90 102.11 67.21
CA UNK NA 83 -21.17 103.19 68.17
C UNK NA 83 -21.68 104.45 67.46
N UNK NA 84 -21.19 104.69 66.25
CA UNK NA 84 -21.52 105.92 65.53
C UNK NA 84 -22.80 105.83 64.71
N UNK NA 85 -23.04 104.68 64.07
CA UNK NA 85 -24.16 104.53 63.15
C UNK NA 85 -25.50 104.36 63.86
N UNK NA 86 -25.45 104.18 65.19
CA UNK NA 86 -26.67 104.04 65.97
C UNK NA 86 -27.35 105.40 66.15
N UNK NA 87 -26.59 106.48 65.98
CA UNK NA 87 -27.12 107.83 66.10
C UNK NA 87 -26.70 108.68 64.90
N UNK NA 88 -26.66 108.07 63.72
CA UNK NA 88 -26.29 108.77 62.50
C UNK NA 88 -27.29 108.48 61.38
N UNK NA 89 -27.67 109.53 60.66
CA UNK NA 89 -28.63 109.39 59.56
C UNK NA 89 -27.90 109.46 58.22
N UNK NA 90 -28.24 108.56 57.32
CA UNK NA 90 -27.63 108.50 55.99
C UNK NA 90 -28.18 109.61 55.10
N UNK NA 91 -29.41 110.05 55.40
CA UNK NA 91 -30.05 111.11 54.63
C UNK NA 91 -29.50 112.48 55.04
N UNK NA 92 -28.97 112.56 56.27
CA UNK NA 92 -28.39 113.80 56.77
C UNK NA 92 -26.90 113.86 56.50
N UNK NA 93 -26.15 112.95 57.13
CA UNK NA 93 -24.71 112.88 56.93
C UNK NA 93 -24.36 111.74 55.97
N UNK NA 94 -24.07 112.11 54.72
CA UNK NA 94 -23.75 111.13 53.69
C UNK NA 94 -22.27 110.78 53.68
N UNK NA 95 -21.42 111.80 53.74
CA UNK NA 95 -19.98 111.59 53.72
C UNK NA 95 -19.32 112.05 55.02
N UNK NA 96 -18.25 111.37 55.40
CA UNK NA 96 -17.52 111.70 56.61
C UNK NA 96 -16.01 111.65 56.37
N UNK NA 97 -15.25 112.16 57.33
CA UNK NA 97 -13.79 112.14 57.24
C UNK NA 97 -13.26 110.74 57.52
N UNK NA 98 -14.04 109.95 58.25
CA UNK NA 98 -13.70 108.57 58.55
C UNK NA 98 -13.71 107.74 57.28
N UNK NA 99 -14.61 108.08 56.37
CA UNK NA 99 -14.67 107.42 55.06
C UNK NA 99 -13.40 107.69 54.26
N UNK NA 100 -12.93 108.94 54.31
CA UNK NA 100 -11.70 109.32 53.63
C UNK NA 100 -10.49 108.63 54.26
N UNK NA 101 -10.53 108.49 55.59
CA UNK NA 101 -9.46 107.81 56.31
C UNK NA 101 -9.42 106.32 55.96
N UNK NA 102 -10.60 105.73 55.79
CA UNK NA 102 -10.71 104.32 55.41
C UNK NA 102 -10.30 104.12 53.95
N UNK NA 103 -10.54 105.14 53.13
CA UNK NA 103 -10.13 105.10 51.73
C UNK NA 103 -8.60 105.24 51.64
N UNK NA 104 -8.02 105.96 52.60
CA UNK NA 104 -6.58 106.13 52.66
C UNK NA 104 -5.93 104.91 53.31
N UNK NA 105 -6.75 104.10 54.00
CA UNK NA 105 -6.25 102.89 54.65
C UNK NA 105 -7.04 101.67 54.21
N UNK NA 106 -7.32 101.59 52.91
CA UNK NA 106 -8.08 100.48 52.35
C UNK NA 106 -7.15 99.27 52.10
N UNK NA 107 -5.85 99.53 52.07
CA UNK NA 107 -4.86 98.48 51.86
C UNK NA 107 -4.75 97.59 53.09
N UNK NA 108 -5.00 98.16 54.26
CA UNK NA 108 -4.95 97.41 55.50
C UNK NA 108 -6.32 96.85 55.85
N UNK NA 109 -7.34 97.27 55.10
CA UNK NA 109 -8.70 96.80 55.30
C UNK NA 109 -8.96 95.52 54.50
N UNK NA 110 -8.06 95.22 53.58
CA UNK NA 110 -8.18 94.03 52.75
C UNK NA 110 -8.91 94.35 51.45
N UNK NA 111 -9.14 95.64 51.22
CA UNK NA 111 -9.84 96.08 50.01
C UNK NA 111 -8.89 96.06 48.81
N UNK NA 112 -7.60 96.28 49.07
CA UNK NA 112 -6.60 96.28 48.01
C UNK NA 112 -6.16 94.85 47.68
N UNK NA 113 -6.51 93.92 48.56
CA UNK NA 113 -6.19 92.51 48.35
C UNK NA 113 -7.40 91.77 47.79
N UNK NA 114 -7.19 91.05 46.69
CA UNK NA 114 -8.28 90.31 46.06
C UNK NA 114 -8.59 89.04 46.85
N UNK NA 115 -9.87 88.87 47.16
CA UNK NA 115 -10.32 87.70 47.92
C UNK NA 115 -10.43 86.47 47.02
N UNK NA 116 -9.51 85.53 47.21
CA UNK NA 116 -9.50 84.29 46.43
C UNK NA 116 -10.58 83.34 46.91
N UNK NA 117 -11.64 83.20 46.12
CA UNK NA 117 -12.76 82.33 46.48
C UNK NA 117 -12.41 80.87 46.26
N UNK NA 118 -13.13 79.98 46.91
CA UNK NA 118 -12.90 78.55 46.79
C UNK NA 118 -13.53 78.00 45.51
N UNK NA 119 -13.09 76.82 45.10
CA UNK NA 119 -13.54 76.21 43.85
C UNK NA 119 -14.99 75.73 43.96
N UNK NA 120 -15.29 75.01 45.03
CA UNK NA 120 -16.63 74.47 45.22
C UNK NA 120 -17.34 75.13 46.42
N UNK NA 121 -16.63 75.18 47.54
CA UNK NA 121 -17.20 75.72 48.78
C UNK NA 121 -17.33 77.23 48.74
N UNK NA 122 -17.92 77.79 49.80
CA UNK NA 122 -18.06 79.25 49.91
C UNK NA 122 -16.79 79.85 50.49
N UNK NA 123 -16.45 81.06 50.03
CA UNK NA 123 -15.26 81.75 50.51
C UNK NA 123 -15.43 82.21 51.95
N UNK NA 124 -14.32 82.45 52.64
CA UNK NA 124 -14.36 82.85 54.04
C UNK NA 124 -14.44 84.37 54.17
N UNK NA 125 -15.53 84.86 54.74
CA UNK NA 125 -15.70 86.30 54.95
C UNK NA 125 -14.89 86.78 56.13
N UNK NA 126 -14.19 87.89 55.96
CA UNK NA 126 -13.39 88.48 57.03
C UNK NA 126 -14.28 89.20 58.03
N UNK NA 127 -13.68 89.68 59.12
CA UNK NA 127 -14.42 90.39 60.15
C UNK NA 127 -14.87 91.76 59.64
N UNK NA 128 -13.96 92.44 58.94
CA UNK NA 128 -14.21 93.76 58.37
C UNK NA 128 -15.36 93.74 57.37
N UNK NA 129 -15.25 92.83 56.41
CA UNK NA 129 -16.24 92.71 55.34
C UNK NA 129 -17.62 92.37 55.88
N UNK NA 130 -17.70 91.35 56.73
CA UNK NA 130 -18.97 90.91 57.31
C UNK NA 130 -19.60 91.98 58.20
N UNK NA 131 -18.78 92.61 59.04
CA UNK NA 131 -19.27 93.64 59.95
C UNK NA 131 -19.79 94.86 59.18
N UNK NA 132 -19.01 95.33 58.22
CA UNK NA 132 -19.38 96.46 57.38
C UNK NA 132 -20.62 96.15 56.57
N UNK NA 133 -20.70 94.92 56.04
CA UNK NA 133 -21.86 94.50 55.26
C UNK NA 133 -23.12 94.50 56.10
N UNK NA 134 -23.06 93.91 57.29
CA UNK NA 134 -24.21 93.86 58.19
C UNK NA 134 -24.67 95.26 58.61
N UNK NA 135 -23.72 96.09 59.04
CA UNK NA 135 -24.03 97.45 59.49
C UNK NA 135 -24.60 98.31 58.36
N UNK NA 136 -23.96 98.28 57.20
CA UNK NA 136 -24.40 99.05 56.05
C UNK NA 136 -25.74 98.54 55.52
N UNK NA 137 -25.98 97.24 55.58
CA UNK NA 137 -27.25 96.67 55.14
C UNK NA 137 -28.37 97.13 56.05
N UNK NA 138 -28.15 97.06 57.36
CA UNK NA 138 -29.15 97.52 58.33
C UNK NA 138 -29.46 99.01 58.16
N UNK NA 139 -28.39 99.81 58.05
CA UNK NA 139 -28.54 101.25 57.90
C UNK NA 139 -29.24 101.63 56.60
N UNK NA 140 -28.87 100.99 55.50
CA UNK NA 140 -29.45 101.25 54.20
C UNK NA 140 -30.90 100.79 54.14
N UNK NA 141 -31.23 99.68 54.80
CA UNK NA 141 -32.60 99.20 54.87
C UNK NA 141 -33.47 100.19 55.64
N UNK NA 142 -32.97 100.66 56.78
CA UNK NA 142 -33.67 101.65 57.60
C UNK NA 142 -33.87 102.96 56.84
N UNK NA 143 -32.84 103.38 56.10
CA UNK NA 143 -32.90 104.61 55.32
C UNK NA 143 -33.88 104.51 54.15
N UNK NA 144 -33.86 103.39 53.44
CA UNK NA 144 -34.73 103.17 52.29
C UNK NA 144 -36.18 102.99 52.74
N UNK NA 145 -36.38 102.47 53.95
CA UNK NA 145 -37.71 102.37 54.50
C UNK NA 145 -38.17 103.71 55.06
N UNK NA 146 -37.21 104.57 55.37
CA UNK NA 146 -37.51 105.89 55.93
C UNK NA 146 -37.65 106.97 54.87
N UNK NA 147 -36.68 107.04 53.94
CA UNK NA 147 -36.67 108.10 52.93
C UNK NA 147 -37.72 107.88 51.85
N UNK NA 148 -37.94 108.91 51.05
CA UNK NA 148 -38.93 108.86 49.97
C UNK NA 148 -38.26 108.59 48.63
N UNK NA 149 -39.07 108.41 47.60
CA UNK NA 149 -38.55 108.12 46.25
C UNK NA 149 -38.27 109.41 45.50
N UNK NA 150 -38.91 110.50 45.91
CA UNK NA 150 -38.72 111.79 45.25
C UNK NA 150 -37.38 112.41 45.64
N UNK NA 151 -36.88 112.04 46.82
CA UNK NA 151 -35.61 112.55 47.31
C UNK NA 151 -34.60 111.42 47.47
N UNK NA 152 -33.93 111.06 46.37
CA UNK NA 152 -32.94 110.00 46.39
C UNK NA 152 -31.53 110.56 46.16
N UNK NA 153 -31.37 111.86 46.38
CA UNK NA 153 -30.09 112.52 46.20
C UNK NA 153 -29.15 112.22 47.36
N UNK NA 154 -29.70 112.22 48.57
CA UNK NA 154 -28.92 111.94 49.77
C UNK NA 154 -28.44 110.49 49.78
N UNK NA 155 -29.31 109.58 49.35
CA UNK NA 155 -28.96 108.16 49.26
C UNK NA 155 -27.87 107.94 48.22
N UNK NA 156 -27.97 108.64 47.11
CA UNK NA 156 -26.98 108.57 46.04
C UNK NA 156 -25.63 109.11 46.52
N UNK NA 157 -25.67 110.20 47.29
CA UNK NA 157 -24.46 110.79 47.85
C UNK NA 157 -23.80 109.86 48.86
N UNK NA 158 -24.63 109.20 49.67
CA UNK NA 158 -24.12 108.24 50.66
C UNK NA 158 -23.54 107.00 50.00
N UNK NA 159 -24.12 106.61 48.86
CA UNK NA 159 -23.62 105.47 48.10
C UNK NA 159 -22.31 105.81 47.41
N UNK NA 160 -22.20 107.04 46.92
CA UNK NA 160 -20.99 107.49 46.24
C UNK NA 160 -19.87 107.75 47.23
N UNK NA 161 -20.23 108.09 48.47
CA UNK NA 161 -19.25 108.35 49.51
C UNK NA 161 -18.60 107.05 49.99
N UNK NA 162 -19.36 105.98 49.97
CA UNK NA 162 -18.86 104.67 50.39
C UNK NA 162 -18.92 103.68 49.24
N UNK NA 163 -18.47 104.10 48.07
CA UNK NA 163 -18.49 103.25 46.88
C UNK NA 163 -17.25 102.37 46.81
N UNK NA 164 -16.13 102.88 47.33
CA UNK NA 164 -14.86 102.15 47.31
C UNK NA 164 -14.51 101.65 48.71
N UNK NA 165 -15.50 101.63 49.60
CA UNK NA 165 -15.27 101.17 50.97
C UNK NA 165 -16.18 99.99 51.30
N UNK NA 166 -17.40 100.02 50.77
CA UNK NA 166 -18.36 98.95 51.02
C UNK NA 166 -18.03 97.72 50.20
N UNK NA 167 -18.59 96.57 50.59
CA UNK NA 167 -18.38 95.32 49.88
C UNK NA 167 -19.29 95.24 48.66
N UNK NA 168 -19.15 94.16 47.90
CA UNK NA 168 -19.93 93.97 46.68
C UNK NA 168 -21.36 93.52 47.01
N UNK NA 169 -21.47 92.60 47.95
CA UNK NA 169 -22.76 92.01 48.32
C UNK NA 169 -23.69 93.03 48.97
N UNK NA 170 -23.14 93.85 49.86
CA UNK NA 170 -23.93 94.87 50.55
C UNK NA 170 -24.42 95.94 49.58
N UNK NA 171 -23.54 96.34 48.66
CA UNK NA 171 -23.87 97.31 47.63
C UNK NA 171 -24.94 96.75 46.69
N UNK NA 172 -24.82 95.47 46.36
CA UNK NA 172 -25.80 94.78 45.52
C UNK NA 172 -27.17 94.72 46.19
N UNK NA 173 -27.18 94.41 47.49
CA UNK NA 173 -28.41 94.36 48.27
C UNK NA 173 -29.06 95.73 48.36
N UNK NA 174 -28.24 96.77 48.56
CA UNK NA 174 -28.73 98.14 48.62
C UNK NA 174 -29.33 98.58 47.29
N UNK NA 175 -28.65 98.23 46.20
CA UNK NA 175 -29.14 98.54 44.85
C UNK NA 175 -30.44 97.82 44.55
N UNK NA 176 -30.54 96.56 44.97
CA UNK NA 176 -31.75 95.77 44.78
C UNK NA 176 -32.91 96.36 45.58
N UNK NA 177 -32.64 96.79 46.80
CA UNK NA 177 -33.65 97.41 47.65
C UNK NA 177 -34.14 98.73 47.05
N UNK NA 178 -33.20 99.52 46.54
CA UNK NA 178 -33.53 100.79 45.88
C UNK NA 178 -34.34 100.56 44.62
N UNK NA 179 -34.00 99.51 43.86
CA UNK NA 179 -34.73 99.15 42.66
C UNK NA 179 -36.15 98.71 42.97
N UNK NA 180 -36.31 97.93 44.04
CA UNK NA 180 -37.63 97.48 44.49
C UNK NA 180 -38.48 98.66 44.96
N UNK NA 181 -37.86 99.59 45.68
CA UNK NA 181 -38.54 100.80 46.14
C UNK NA 181 -38.98 101.67 44.96
N UNK NA 182 -38.11 101.79 43.96
CA UNK NA 182 -38.41 102.57 42.76
C UNK NA 182 -39.53 101.91 41.96
N UNK NA 183 -39.54 100.58 41.91
CA UNK NA 183 -40.59 99.83 41.22
C UNK NA 183 -41.93 100.02 41.91
N UNK NA 184 -41.91 99.97 43.24
CA UNK NA 184 -43.12 100.19 44.03
C UNK NA 184 -43.66 101.61 43.85
N UNK NA 185 -42.74 102.58 43.81
CA UNK NA 185 -43.11 103.97 43.61
C UNK NA 185 -43.68 104.22 42.20
N UNK NA 186 -43.12 103.52 41.21
CA UNK NA 186 -43.59 103.64 39.84
C UNK NA 186 -44.95 102.96 39.66
N UNK NA 187 -45.17 101.87 40.39
CA UNK NA 187 -46.44 101.18 40.35
C UNK NA 187 -47.50 101.99 41.10
N UNK NA 188 -47.07 102.76 42.08
CA UNK NA 188 -47.97 103.62 42.84
C UNK NA 188 -48.17 104.98 42.16
N UNK NA 189 -47.38 105.23 41.12
CA UNK NA 189 -47.45 106.51 40.42
C UNK NA 189 -48.54 106.51 39.35
N UNK NA 190 -49.28 107.62 39.28
CA UNK NA 190 -50.31 107.79 38.26
C UNK NA 190 -49.94 108.94 37.34
N UNK NA 191 -49.73 108.63 36.07
CA UNK NA 191 -49.30 109.63 35.09
C UNK NA 191 -50.47 110.52 34.63
N UNK NA 192 -51.69 110.08 34.92
CA UNK NA 192 -52.88 110.83 34.53
C UNK NA 192 -53.15 111.99 35.48
N UNK NA 193 -52.93 111.76 36.76
CA UNK NA 193 -53.19 112.78 37.78
C UNK NA 193 -51.91 113.50 38.20
N UNK NA 194 -50.95 112.74 38.72
CA UNK NA 194 -49.69 113.31 39.19
C UNK NA 194 -48.80 113.74 38.01
N UNK NA 195 -48.99 114.97 37.55
CA UNK NA 195 -48.19 115.50 36.45
C UNK NA 195 -46.89 116.10 36.97
N UNK NA 196 -46.90 116.51 38.23
CA UNK NA 196 -45.72 117.10 38.86
C UNK NA 196 -44.73 116.01 39.28
N UNK NA 197 -45.26 114.83 39.58
CA UNK NA 197 -44.43 113.70 39.99
C UNK NA 197 -43.83 112.99 38.78
N UNK NA 198 -42.73 113.55 38.27
CA UNK NA 198 -42.05 112.97 37.12
C UNK NA 198 -41.29 111.71 37.52
N UNK NA 199 -41.44 110.66 36.71
CA UNK NA 199 -40.76 109.39 36.97
C UNK NA 199 -39.27 109.51 36.65
N UNK NA 200 -38.94 110.37 35.71
CA UNK NA 200 -37.55 110.58 35.30
C UNK NA 200 -36.74 111.22 36.42
N UNK NA 201 -37.34 112.18 37.11
CA UNK NA 201 -36.66 112.92 38.18
C UNK NA 201 -36.48 112.09 39.45
N UNK NA 202 -37.09 110.91 39.49
CA UNK NA 202 -36.91 110.00 40.62
C UNK NA 202 -36.26 108.70 40.16
N UNK NA 203 -36.03 108.57 38.86
CA UNK NA 203 -35.47 107.36 38.30
C UNK NA 203 -34.04 107.52 37.80
N UNK NA 204 -33.71 108.70 37.28
CA UNK NA 204 -32.40 108.94 36.67
C UNK NA 204 -31.29 109.07 37.73
N UNK NA 205 -31.69 109.38 38.96
CA UNK NA 205 -30.72 109.54 40.04
C UNK NA 205 -30.33 108.20 40.65
N UNK NA 206 -31.12 107.17 40.36
CA UNK NA 206 -30.89 105.85 40.93
C UNK NA 206 -30.63 104.80 39.85
N UNK NA 207 -30.80 105.18 38.59
CA UNK NA 207 -30.59 104.27 37.48
C UNK NA 207 -29.10 104.15 37.14
N UNK NA 208 -28.31 105.10 37.62
CA UNK NA 208 -26.87 105.09 37.39
C UNK NA 208 -26.20 104.05 38.28
N UNK NA 209 -26.79 103.79 39.44
CA UNK NA 209 -26.27 102.80 40.37
C UNK NA 209 -27.01 101.47 40.22
N UNK NA 210 -28.00 101.45 39.33
CA UNK NA 210 -28.78 100.25 39.09
C UNK NA 210 -28.03 99.26 38.22
N UNK NA 211 -28.55 98.03 38.14
CA UNK NA 211 -27.90 96.98 37.36
C UNK NA 211 -28.19 97.14 35.87
N UNK NA 212 -27.58 96.27 35.07
CA UNK NA 212 -27.78 96.29 33.63
C UNK NA 212 -29.17 95.76 33.25
N UNK NA 213 -29.71 94.91 34.11
CA UNK NA 213 -31.04 94.35 33.88
C UNK NA 213 -32.10 95.43 34.10
N UNK NA 214 -31.82 96.36 35.00
CA UNK NA 214 -32.73 97.46 35.28
C UNK NA 214 -32.60 98.55 34.22
N UNK NA 215 -31.41 98.67 33.64
CA UNK NA 215 -31.15 99.67 32.61
C UNK NA 215 -31.72 99.22 31.27
N UNK NA 216 -31.78 97.92 31.06
CA UNK NA 216 -32.32 97.37 29.82
C UNK NA 216 -33.85 97.44 29.82
N UNK NA 217 -34.42 97.62 28.63
CA UNK NA 217 -35.87 97.72 28.49
C UNK NA 217 -36.45 96.45 27.88
N UNK NA 218 -35.61 95.42 27.76
CA UNK NA 218 -36.05 94.15 27.19
C UNK NA 218 -36.54 93.20 28.27
N UNK NA 219 -36.26 93.53 29.53
CA UNK NA 219 -36.65 92.70 30.65
C UNK NA 219 -38.14 92.85 30.96
N UNK NA 220 -38.77 91.76 31.39
CA UNK NA 220 -40.18 91.76 31.73
C UNK NA 220 -40.43 92.55 33.02
N UNK NA 221 -39.67 92.20 34.06
CA UNK NA 221 -39.78 92.89 35.34
C UNK NA 221 -38.60 93.83 35.54
N UNK NA 222 -38.88 95.12 35.62
CA UNK NA 222 -37.85 96.13 35.83
C UNK NA 222 -38.49 97.51 35.90
N UNK NA 223 -37.67 98.52 36.18
CA UNK NA 223 -38.14 99.89 36.28
C UNK NA 223 -38.34 100.50 34.90
N UNK NA 224 -37.47 100.14 33.97
CA UNK NA 224 -37.51 100.68 32.61
C UNK NA 224 -38.75 100.23 31.86
N UNK NA 225 -39.05 98.93 31.94
CA UNK NA 225 -40.22 98.37 31.28
C UNK NA 225 -41.51 98.92 31.87
N UNK NA 226 -41.53 99.05 33.20
CA UNK NA 226 -42.70 99.60 33.90
C UNK NA 226 -42.92 101.07 33.54
N UNK NA 227 -41.82 101.82 33.43
CA UNK NA 227 -41.89 103.22 33.03
C UNK NA 227 -42.39 103.37 31.60
N UNK NA 228 -41.92 102.50 30.72
CA UNK NA 228 -42.35 102.49 29.32
C UNK NA 228 -43.83 102.16 29.20
N UNK NA 229 -44.27 101.17 29.99
CA UNK NA 229 -45.67 100.77 30.00
C UNK NA 229 -46.57 101.89 30.55
N UNK NA 230 -46.09 102.57 31.59
CA UNK NA 230 -46.82 103.71 32.16
C UNK NA 230 -46.92 104.85 31.16
N UNK NA 231 -45.83 105.13 30.45
CA UNK NA 231 -45.81 106.18 29.43
C UNK NA 231 -46.75 105.84 28.29
N UNK NA 232 -46.78 104.57 27.87
CA UNK NA 232 -47.66 104.13 26.81
C UNK NA 232 -49.13 104.22 27.22
N UNK NA 233 -49.42 103.85 28.47
CA UNK NA 233 -50.77 103.92 29.00
C UNK NA 233 -51.24 105.36 29.15
N UNK NA 234 -50.29 106.25 29.45
CA UNK NA 234 -50.59 107.67 29.57
C UNK NA 234 -50.86 108.28 28.20
N UNK NA 235 -50.04 107.91 27.22
CA UNK NA 235 -50.17 108.44 25.87
C UNK NA 235 -51.38 107.86 25.15
N UNK NA 236 -51.85 106.70 25.61
CA UNK NA 236 -53.04 106.08 25.04
C UNK NA 236 -54.29 106.87 25.42
N UNK NA 237 -54.24 107.54 26.56
CA UNK NA 237 -55.36 108.35 27.02
C UNK NA 237 -54.89 109.76 27.37
N UNK NA 238 -54.07 110.35 26.50
CA UNK NA 238 -53.54 111.69 26.72
C UNK NA 238 -54.38 112.74 26.03
N UNK NA 239 -54.43 113.93 26.62
CA UNK NA 239 -55.14 115.06 26.02
C UNK NA 239 -54.15 115.98 25.31
N UNK NA 240 -54.42 116.27 24.04
CA UNK NA 240 -53.53 117.10 23.24
C UNK NA 240 -53.71 118.58 23.56
N UNK NA 241 -54.81 118.91 24.24
CA UNK NA 241 -55.09 120.29 24.60
C UNK NA 241 -54.30 120.72 25.82
N UNK NA 242 -53.82 119.74 26.59
CA UNK NA 242 -53.04 120.01 27.79
C UNK NA 242 -51.61 120.41 27.44
N UNK NA 243 -51.14 119.95 26.28
CA UNK NA 243 -49.79 120.27 25.83
C UNK NA 243 -48.97 118.99 25.67
N UNK NA 244 -47.70 119.06 26.08
CA UNK NA 244 -46.82 117.91 25.99
C UNK NA 244 -46.54 117.31 27.36
N UNK NA 245 -46.26 116.01 27.39
CA UNK NA 245 -45.98 115.31 28.64
C UNK NA 245 -44.57 115.64 29.14
N UNK NA 246 -44.46 115.96 30.42
CA UNK NA 246 -43.18 116.31 31.02
C UNK NA 246 -42.33 115.07 31.29
N UNK NA 247 -41.02 115.20 31.12
CA UNK NA 247 -40.10 114.10 31.36
C UNK NA 247 -40.03 113.19 30.14
N UNK NA 248 -40.48 113.70 28.99
CA UNK NA 248 -40.47 112.92 27.75
C UNK NA 248 -39.08 112.90 27.13
N UNK NA 249 -38.38 114.03 27.22
CA UNK NA 249 -37.05 114.17 26.63
C UNK NA 249 -36.02 113.29 27.33
N UNK NA 250 -36.05 113.29 28.65
CA UNK NA 250 -35.13 112.47 29.46
C UNK NA 250 -35.39 110.98 29.23
N UNK NA 251 -36.67 110.62 29.16
CA UNK NA 251 -37.06 109.23 28.93
C UNK NA 251 -36.65 108.79 27.53
N UNK NA 252 -36.76 109.68 26.56
CA UNK NA 252 -36.37 109.39 25.18
C UNK NA 252 -34.86 109.25 25.05
N UNK NA 253 -34.13 110.05 25.83
CA UNK NA 253 -32.68 110.00 25.82
C UNK NA 253 -32.16 108.75 26.53
N UNK NA 254 -32.88 108.32 27.55
CA UNK NA 254 -32.48 107.14 28.32
C UNK NA 254 -32.90 105.83 27.63
N UNK NA 255 -33.97 105.89 26.84
CA UNK NA 255 -34.48 104.69 26.18
C UNK NA 255 -33.78 104.46 24.84
N UNK NA 256 -33.05 105.46 24.36
CA UNK NA 256 -32.34 105.36 23.09
C UNK NA 256 -30.95 104.78 23.30
N UNK NA 257 -30.70 103.62 22.69
CA UNK NA 257 -29.40 102.97 22.79
C UNK NA 257 -28.38 103.67 21.89
N UNK NA 258 -27.10 103.51 22.23
CA UNK NA 258 -26.03 104.13 21.46
C UNK NA 258 -25.85 103.42 20.12
N UNK NA 259 -26.07 102.11 20.12
CA UNK NA 259 -25.96 101.32 18.90
C UNK NA 259 -26.88 100.10 18.96
N UNK NA 260 -27.35 99.65 17.80
CA UNK NA 260 -28.25 98.52 17.73
C UNK NA 260 -29.67 98.99 17.50
N UNK NA 261 -30.24 98.61 16.36
CA UNK NA 261 -31.60 99.02 16.00
C UNK NA 261 -32.64 98.04 16.55
N UNK NA 262 -32.17 96.99 17.20
CA UNK NA 262 -33.06 95.98 17.77
C UNK NA 262 -33.42 96.32 19.21
N UNK NA 263 -32.52 97.02 19.89
CA UNK NA 263 -32.72 97.37 21.29
C UNK NA 263 -33.51 98.67 21.43
N UNK NA 264 -33.73 99.34 20.31
CA UNK NA 264 -34.51 100.58 20.31
C UNK NA 264 -35.98 100.29 20.54
N UNK NA 265 -36.54 100.85 21.61
CA UNK NA 265 -37.93 100.60 21.96
C UNK NA 265 -38.73 101.89 22.05
N UNK NA 266 -38.05 103.01 21.87
CA UNK NA 266 -38.69 104.32 21.96
C UNK NA 266 -39.49 104.64 20.70
N UNK NA 267 -38.85 104.45 19.54
CA UNK NA 267 -39.45 104.79 18.25
C UNK NA 267 -40.67 103.93 17.93
N UNK NA 268 -40.58 102.63 18.22
CA UNK NA 268 -41.67 101.69 17.95
C UNK NA 268 -42.90 102.02 18.78
N UNK NA 269 -42.71 102.20 20.09
CA UNK NA 269 -43.79 102.54 21.00
C UNK NA 269 -44.38 103.91 20.67
N UNK NA 270 -43.51 104.84 20.27
CA UNK NA 270 -43.94 106.17 19.86
C UNK NA 270 -44.85 106.12 18.64
N UNK NA 271 -44.40 105.42 17.59
CA UNK NA 271 -45.19 105.29 16.36
C UNK NA 271 -46.45 104.46 16.58
N UNK NA 272 -46.44 103.58 17.58
CA UNK NA 272 -47.61 102.77 17.87
C UNK NA 272 -48.67 103.53 18.67
N UNK NA 273 -48.24 104.43 19.54
CA UNK NA 273 -49.18 105.13 20.41
C UNK NA 273 -49.41 106.60 20.07
N UNK NA 274 -48.34 107.40 20.12
CA UNK NA 274 -48.44 108.85 20.07
C UNK NA 274 -48.89 109.36 18.71
N UNK NA 275 -48.46 108.69 17.65
CA UNK NA 275 -48.84 109.07 16.29
C UNK NA 275 -50.36 108.92 16.09
N UNK NA 276 -50.88 107.77 16.48
CA UNK NA 276 -52.32 107.50 16.39
C UNK NA 276 -53.11 108.44 17.30
N UNK NA 277 -52.57 108.71 18.49
CA UNK NA 277 -53.22 109.61 19.44
C UNK NA 277 -53.32 111.03 18.89
N UNK NA 278 -52.22 111.53 18.31
CA UNK NA 278 -52.18 112.86 17.72
C UNK NA 278 -53.09 112.94 16.50
N UNK NA 279 -53.13 111.87 15.71
CA UNK NA 279 -54.00 111.81 14.54
C UNK NA 279 -55.47 111.88 14.95
N UNK NA 280 -55.84 111.10 15.96
CA UNK NA 280 -57.21 111.10 16.47
C UNK NA 280 -57.58 112.46 17.06
N UNK NA 281 -56.66 113.07 17.80
CA UNK NA 281 -56.88 114.38 18.40
C UNK NA 281 -57.06 115.47 17.36
N UNK NA 282 -56.26 115.41 16.30
CA UNK NA 282 -56.34 116.40 15.22
C UNK NA 282 -57.58 116.19 14.37
N UNK NA 283 -58.04 114.93 14.26
CA UNK NA 283 -59.25 114.64 13.50
C UNK NA 283 -60.49 115.03 14.28
N UNK NA 284 -60.40 114.99 15.61
CA UNK NA 284 -61.55 115.30 16.46
C UNK NA 284 -61.66 116.78 16.81
N UNK NA 285 -60.52 117.47 16.95
CA UNK NA 285 -60.54 118.85 17.43
C UNK NA 285 -60.12 119.86 16.36
N UNK NA 286 -58.99 119.61 15.71
CA UNK NA 286 -58.42 120.57 14.76
C UNK NA 286 -59.25 120.68 13.48
N UNK NA 287 -59.54 121.91 13.08
CA UNK NA 287 -60.30 122.18 11.86
C UNK NA 287 -59.71 123.37 11.12
N UNK NA 288 -60.08 123.52 9.85
CA UNK NA 288 -59.55 124.60 9.03
C UNK NA 288 -60.64 125.62 8.68
N UNK NA 289 -60.41 126.87 9.06
CA UNK NA 289 -61.35 127.95 8.78
C UNK NA 289 -60.61 129.23 8.43
N UNK NA 290 -60.97 129.83 7.30
CA UNK NA 290 -60.30 131.04 6.82
C UNK NA 290 -60.82 132.29 7.55
N UNK NA 291 -62.00 132.18 8.14
CA UNK NA 291 -62.60 133.29 8.86
C UNK NA 291 -61.90 133.52 10.20
N UNK NA 292 -61.79 132.44 10.99
CA UNK NA 292 -61.13 132.52 12.28
C UNK NA 292 -60.31 131.26 12.53
N UNK NA 293 -59.13 131.43 13.10
CA UNK NA 293 -58.24 130.31 13.37
C UNK NA 293 -57.43 130.51 14.64
N UNK NA 294 -58.12 130.87 15.72
CA UNK NA 294 -57.47 131.06 17.02
C UNK NA 294 -57.23 129.70 17.67
N UNK NA 295 -58.24 128.85 17.61
CA UNK NA 295 -58.14 127.49 18.14
C UNK NA 295 -57.16 126.68 17.29
N UNK NA 296 -57.15 126.97 15.98
CA UNK NA 296 -56.21 126.35 15.07
C UNK NA 296 -54.78 126.79 15.40
N UNK NA 297 -54.62 128.06 15.78
CA UNK NA 297 -53.33 128.59 16.20
C UNK NA 297 -52.85 127.94 17.49
N UNK NA 298 -53.79 127.72 18.41
CA UNK NA 298 -53.48 127.04 19.67
C UNK NA 298 -53.05 125.60 19.44
N UNK NA 299 -53.76 124.93 18.53
CA UNK NA 299 -53.44 123.56 18.15
C UNK NA 299 -52.07 123.49 17.47
N UNK NA 300 -51.77 124.49 16.64
CA UNK NA 300 -50.47 124.58 15.98
C UNK NA 300 -49.35 124.81 16.99
N UNK NA 301 -49.62 125.63 18.01
CA UNK NA 301 -48.66 125.87 19.07
C UNK NA 301 -48.39 124.60 19.88
N UNK NA 302 -49.46 123.85 20.16
CA UNK NA 302 -49.35 122.58 20.85
C UNK NA 302 -48.55 121.56 20.03
N UNK NA 303 -48.79 121.55 18.73
CA UNK NA 303 -48.08 120.68 17.80
C UNK NA 303 -46.60 121.06 17.72
N UNK NA 304 -46.32 122.36 17.77
CA UNK NA 304 -44.95 122.86 17.76
C UNK NA 304 -44.22 122.44 19.05
N UNK NA 305 -44.93 122.52 20.17
CA UNK NA 305 -44.39 122.08 21.45
C UNK NA 305 -44.09 120.58 21.44
N UNK NA 306 -44.99 119.80 20.84
CA UNK NA 306 -44.81 118.36 20.72
C UNK NA 306 -43.65 118.01 19.78
N UNK NA 307 -43.47 118.84 18.75
CA UNK NA 307 -42.37 118.66 17.80
C UNK NA 307 -41.03 119.00 18.46
N UNK NA 308 -41.06 119.99 19.35
CA UNK NA 308 -39.88 120.36 20.12
C UNK NA 308 -39.56 119.26 21.13
N UNK NA 309 -40.60 118.59 21.61
CA UNK NA 309 -40.43 117.47 22.53
C UNK NA 309 -39.94 116.23 21.81
N UNK NA 310 -40.51 115.96 20.64
CA UNK NA 310 -40.16 114.77 19.87
C UNK NA 310 -39.22 115.10 18.71
N UNK NA 311 -39.32 114.32 17.64
CA UNK NA 311 -38.49 114.53 16.45
C UNK NA 311 -39.11 115.60 15.56
N UNK NA 312 -38.37 116.01 14.52
CA UNK NA 312 -38.83 117.06 13.62
C UNK NA 312 -39.57 116.47 12.42
N UNK NA 313 -38.95 115.49 11.77
CA UNK NA 313 -39.49 114.90 10.55
C UNK NA 313 -40.79 114.13 10.79
N UNK NA 314 -40.81 113.34 11.86
CA UNK NA 314 -41.99 112.54 12.20
C UNK NA 314 -43.18 113.44 12.56
N UNK NA 315 -42.91 114.46 13.38
CA UNK NA 315 -43.94 115.41 13.78
C UNK NA 315 -44.44 116.22 12.59
N UNK NA 316 -43.53 116.56 11.68
CA UNK NA 316 -43.88 117.29 10.46
C UNK NA 316 -44.78 116.45 9.56
N UNK NA 317 -44.44 115.18 9.42
CA UNK NA 317 -45.24 114.25 8.62
C UNK NA 317 -46.61 114.02 9.24
N UNK NA 318 -46.66 113.95 10.56
CA UNK NA 318 -47.91 113.79 11.30
C UNK NA 318 -48.81 115.01 11.11
N UNK NA 319 -48.22 116.21 11.26
CA UNK NA 319 -48.95 117.46 11.07
C UNK NA 319 -49.46 117.59 9.64
N UNK NA 320 -48.65 117.16 8.68
CA UNK NA 320 -49.04 117.15 7.27
C UNK NA 320 -50.24 116.23 7.06
N UNK NA 321 -50.11 114.96 7.44
CA UNK NA 321 -51.18 113.98 7.26
C UNK NA 321 -52.44 114.30 8.07
N UNK NA 322 -52.32 115.14 9.09
CA UNK NA 322 -53.47 115.52 9.90
C UNK NA 322 -54.13 116.83 9.47
N UNK NA 323 -53.40 117.73 8.81
CA UNK NA 323 -53.95 119.05 8.51
C UNK NA 323 -53.97 119.47 7.05
N UNK NA 324 -53.14 118.85 6.20
CA UNK NA 324 -53.01 119.27 4.81
C UNK NA 324 -54.27 118.99 4.01
N UNK NA 325 -54.96 117.91 4.32
CA UNK NA 325 -56.22 117.57 3.65
C UNK NA 325 -57.29 118.62 3.93
N UNK NA 326 -57.42 119.00 5.19
CA UNK NA 326 -58.36 120.02 5.61
C UNK NA 326 -57.99 121.38 5.03
N UNK NA 327 -56.70 121.66 4.97
CA UNK NA 327 -56.19 122.92 4.39
C UNK NA 327 -56.51 122.99 2.90
N UNK NA 328 -56.31 121.90 2.18
CA UNK NA 328 -56.60 121.82 0.76
C UNK NA 328 -58.10 121.93 0.51
N UNK NA 329 -58.90 121.32 1.38
CA UNK NA 329 -60.36 121.41 1.29
C UNK NA 329 -60.83 122.85 1.48
N UNK NA 330 -60.26 123.53 2.48
CA UNK NA 330 -60.58 124.93 2.76
C UNK NA 330 -60.16 125.84 1.60
N UNK NA 331 -58.99 125.56 1.04
CA UNK NA 331 -58.48 126.32 -0.10
C UNK NA 331 -59.36 126.13 -1.33
N UNK NA 332 -59.82 124.90 -1.57
CA UNK NA 332 -60.70 124.60 -2.68
C UNK NA 332 -62.07 125.27 -2.50
N UNK NA 333 -62.56 125.28 -1.26
CA UNK NA 333 -63.83 125.93 -0.94
C UNK NA 333 -63.73 127.45 -1.09
N UNK NA 334 -62.56 128.00 -0.79
CA UNK NA 334 -62.33 129.43 -0.94
C UNK NA 334 -62.19 129.81 -2.42
N UNK NA 335 -61.52 128.97 -3.19
CA UNK NA 335 -61.31 129.23 -4.61
C UNK NA 335 -62.57 128.96 -5.42
N UNK NA 336 -63.48 128.17 -4.86
CA UNK NA 336 -64.74 127.86 -5.53
C UNK NA 336 -65.74 129.01 -5.39
N UNK NA 337 -65.45 129.92 -4.47
CA UNK NA 337 -66.31 131.09 -4.25
C UNK NA 337 -66.16 132.08 -5.41
N UNK NA 338 -67.28 132.69 -5.80
CA UNK NA 338 -67.29 133.64 -6.90
C UNK NA 338 -66.68 134.98 -6.49
N UNK NA 339 -66.88 135.35 -5.23
CA UNK NA 339 -66.35 136.61 -4.71
C UNK NA 339 -65.05 136.39 -3.94
N UNK NA 340 -64.18 135.57 -4.52
CA UNK NA 340 -62.90 135.26 -3.89
C UNK NA 340 -61.83 136.27 -4.30
N UNK NA 341 -61.13 136.82 -3.30
CA UNK NA 341 -60.05 137.77 -3.56
C UNK NA 341 -58.73 137.04 -3.71
N UNK NA 342 -58.02 137.32 -4.80
CA UNK NA 342 -56.74 136.68 -5.07
C UNK NA 342 -55.65 137.22 -4.15
N UNK NA 343 -55.71 138.53 -3.89
CA UNK NA 343 -54.72 139.19 -3.03
C UNK NA 343 -54.84 138.71 -1.59
N UNK NA 344 -56.07 138.58 -1.10
CA UNK NA 344 -56.33 138.10 0.26
C UNK NA 344 -55.89 136.66 0.42
N UNK NA 345 -56.14 135.85 -0.61
CA UNK NA 345 -55.75 134.44 -0.61
C UNK NA 345 -54.23 134.31 -0.62
N UNK NA 346 -53.57 135.16 -1.40
CA UNK NA 346 -52.10 135.18 -1.48
C UNK NA 346 -51.50 135.61 -0.14
N UNK NA 347 -52.11 136.60 0.50
CA UNK NA 347 -51.67 137.07 1.81
C UNK NA 347 -51.84 135.98 2.88
N UNK NA 348 -52.96 135.27 2.81
CA UNK NA 348 -53.23 134.17 3.73
C UNK NA 348 -52.23 133.03 3.54
N UNK NA 349 -51.92 132.72 2.28
CA UNK NA 349 -50.94 131.69 1.96
C UNK NA 349 -49.55 132.08 2.45
N UNK NA 350 -49.19 133.35 2.27
CA UNK NA 350 -47.90 133.86 2.73
C UNK NA 350 -47.80 133.82 4.26
N UNK NA 351 -48.89 134.16 4.93
CA UNK NA 351 -48.93 134.13 6.39
C UNK NA 351 -48.88 132.71 6.92
N UNK NA 352 -49.46 131.77 6.18
CA UNK NA 352 -49.46 130.37 6.59
C UNK NA 352 -48.12 129.70 6.31
N UNK NA 353 -47.41 130.21 5.31
CA UNK NA 353 -46.13 129.61 4.93
C UNK NA 353 -44.93 130.29 5.60
N UNK NA 354 -45.14 131.48 6.16
CA UNK NA 354 -44.04 132.24 6.74
C UNK NA 354 -44.18 132.45 8.25
N UNK NA 355 -45.41 132.70 8.71
CA UNK NA 355 -45.64 133.04 10.10
C UNK NA 355 -46.19 131.86 10.92
N UNK NA 356 -46.97 130.99 10.27
CA UNK NA 356 -47.59 129.87 10.96
C UNK NA 356 -46.57 128.78 11.28
N UNK NA 357 -45.74 128.44 10.30
CA UNK NA 357 -44.73 127.40 10.47
C UNK NA 357 -43.46 127.99 11.08
N UNK NA 358 -42.69 127.15 11.77
CA UNK NA 358 -41.45 127.59 12.40
C UNK NA 358 -40.29 127.47 11.41
N UNK NA 359 -39.07 127.69 11.91
CA UNK NA 359 -37.88 127.62 11.08
C UNK NA 359 -37.52 126.18 10.74
N UNK NA 360 -37.74 125.28 11.70
CA UNK NA 360 -37.46 123.87 11.51
C UNK NA 360 -38.55 123.22 10.67
N UNK NA 361 -39.76 123.77 10.75
CA UNK NA 361 -40.88 123.25 9.99
C UNK NA 361 -40.79 123.66 8.52
N UNK NA 362 -40.24 124.85 8.28
CA UNK NA 362 -40.10 125.37 6.92
C UNK NA 362 -38.89 124.74 6.23
N UNK NA 363 -37.99 124.18 7.02
CA UNK NA 363 -36.79 123.54 6.49
C UNK NA 363 -37.07 122.09 6.12
N UNK NA 364 -38.25 121.60 6.50
CA UNK NA 364 -38.65 120.23 6.19
C UNK NA 364 -38.99 120.09 4.70
N UNK NA 365 -38.80 118.88 4.17
CA UNK NA 365 -39.05 118.63 2.76
C UNK NA 365 -40.53 118.40 2.49
N UNK NA 366 -41.22 117.76 3.44
CA UNK NA 366 -42.64 117.46 3.31
C UNK NA 366 -43.50 118.72 3.31
N UNK NA 367 -43.19 119.62 4.24
CA UNK NA 367 -43.92 120.89 4.35
C UNK NA 367 -43.65 121.76 3.13
N UNK NA 368 -42.42 121.72 2.64
CA UNK NA 368 -42.04 122.46 1.43
C UNK NA 368 -42.78 121.93 0.22
N UNK NA 369 -42.90 120.60 0.13
CA UNK NA 369 -43.63 119.96 -0.96
C UNK NA 369 -45.11 120.28 -0.90
N UNK NA 370 -45.66 120.33 0.31
CA UNK NA 370 -47.06 120.69 0.52
C UNK NA 370 -47.32 122.14 0.12
N UNK NA 371 -46.40 123.03 0.47
CA UNK NA 371 -46.48 124.44 0.11
C UNK NA 371 -46.38 124.62 -1.40
N UNK NA 372 -45.51 123.84 -2.04
CA UNK NA 372 -45.35 123.88 -3.49
C UNK NA 372 -46.61 123.38 -4.19
N UNK NA 373 -47.22 122.34 -3.64
CA UNK NA 373 -48.47 121.80 -4.18
C UNK NA 373 -49.61 122.81 -4.03
N UNK NA 374 -49.65 123.50 -2.89
CA UNK NA 374 -50.65 124.53 -2.65
C UNK NA 374 -50.47 125.70 -3.62
N UNK NA 375 -49.22 126.08 -3.85
CA UNK NA 375 -48.90 127.15 -4.79
C UNK NA 375 -49.28 126.77 -6.22
N UNK NA 376 -49.04 125.51 -6.58
CA UNK NA 376 -49.40 125.00 -7.89
C UNK NA 376 -50.92 124.98 -8.07
N UNK NA 377 -51.64 124.60 -7.02
CA UNK NA 377 -53.10 124.61 -7.04
C UNK NA 377 -53.64 126.03 -7.18
N UNK NA 378 -53.02 126.96 -6.48
CA UNK NA 378 -53.40 128.38 -6.57
C UNK NA 378 -53.14 128.93 -7.96
N UNK NA 379 -52.02 128.55 -8.56
CA UNK NA 379 -51.66 128.96 -9.90
C UNK NA 379 -52.64 128.39 -10.93
N UNK NA 380 -53.04 127.14 -10.73
CA UNK NA 380 -54.01 126.48 -11.59
C UNK NA 380 -55.37 127.16 -11.50
N UNK NA 381 -55.76 127.53 -10.27
CA UNK NA 381 -57.01 128.24 -10.04
C UNK NA 381 -57.00 129.63 -10.69
N UNK NA 382 -55.86 130.31 -10.60
CA UNK NA 382 -55.69 131.62 -11.21
C UNK NA 382 -55.71 131.55 -12.73
N UNK NA 383 -55.17 130.46 -13.28
CA UNK NA 383 -55.16 130.23 -14.71
C UNK NA 383 -56.56 129.89 -15.21
N UNK NA 384 -57.32 129.18 -14.39
CA UNK NA 384 -58.69 128.83 -14.72
C UNK NA 384 -59.60 130.06 -14.69
N UNK NA 385 -59.43 130.88 -13.65
CA UNK NA 385 -60.20 132.12 -13.53
C UNK NA 385 -61.58 131.86 -12.97
N UNK NA 386 -62.60 132.05 -13.80
CA UNK NA 386 -63.98 131.85 -13.40
C UNK NA 386 -64.45 130.43 -13.69
N UNK NA 387 -63.55 129.62 -14.24
CA UNK NA 387 -63.87 128.23 -14.57
C UNK NA 387 -63.34 127.28 -13.50
N UNK NA 388 -62.95 127.84 -12.36
CA UNK NA 388 -62.41 127.05 -11.26
C UNK NA 388 -63.53 126.54 -10.36
N UNK NA 389 -64.72 127.09 -10.54
CA UNK NA 389 -65.89 126.69 -9.75
C UNK NA 389 -66.47 125.38 -10.25
N UNK NA 390 -66.43 125.19 -11.57
CA UNK NA 390 -66.96 123.99 -12.19
C UNK NA 390 -65.86 122.95 -12.39
N UNK NA 391 -64.67 123.42 -12.71
CA UNK NA 391 -63.53 122.54 -12.94
C UNK NA 391 -62.47 122.74 -11.87
P Y5P OA 1 -53.14 14.79 19.30
C5' Y5P OA 1 -50.53 15.12 19.29
O5' Y5P OA 1 -51.66 14.22 19.37
C4' Y5P OA 1 -49.84 15.22 20.63
O4' Y5P OA 1 -50.63 16.08 21.51
C3' Y5P OA 1 -49.61 13.92 21.38
O3' Y5P OA 1 -48.24 13.78 21.69
C2' Y5P OA 1 -50.50 14.03 22.62
O2' Y5P OA 1 -49.97 13.46 23.79
C1' Y5P OA 1 -50.59 15.54 22.80
N1 Y5P OA 1 -51.80 15.95 23.51
C2 Y5P OA 1 -51.77 17.07 24.34
N3 Y5P OA 1 -52.89 17.44 25.00
C4 Y5P OA 1 -54.02 16.74 24.84
C6 Y5P OA 1 -52.97 15.24 23.35
OP1 Y5P OA 1 -53.56 14.76 17.88
OP2 Y5P OA 1 -53.95 14.05 20.30
C5 Y5P OA 1 -54.08 15.60 23.99
N1 P5P OA 2 -54.37 11.53 25.05
C2 P5P OA 2 -53.47 11.32 26.06
N3 P5P OA 2 -52.22 10.92 25.86
C4 P5P OA 2 -51.94 10.75 24.55
C5 P5P OA 2 -52.77 10.93 23.48
C6 P5P OA 2 -54.10 11.36 23.69
N7 P5P OA 2 -52.11 10.64 22.29
C8 P5P OA 2 -50.90 10.30 22.67
N9 P5P OA 2 -50.74 10.34 24.03
C1' P5P OA 2 -49.52 10.03 24.76
C2' P5P OA 2 -48.64 9.06 24.00
O2' P5P OA 2 -48.95 7.74 24.38
C3' P5P OA 2 -47.24 9.49 24.44
O3' P5P OA 2 -46.87 8.80 25.63
C4' P5P OA 2 -47.38 10.99 24.71
O4' P5P OA 2 -48.80 11.22 24.91
C5' P5P OA 2 -46.87 11.91 23.62
O5' P5P OA 2 -47.40 11.49 22.33
P P5P OA 2 -47.40 12.54 21.13
OP1 P5P OA 2 -45.98 12.99 20.86
OP2 P5P OA 2 -48.13 11.95 19.94
P Y5P OA 3 -45.33 8.76 26.16
C5' Y5P OA 3 -45.63 6.18 25.76
O5' Y5P OA 3 -45.14 7.24 26.59
C4' Y5P OA 3 -44.60 5.08 25.60
O4' Y5P OA 3 -44.17 5.03 24.21
C3' Y5P OA 3 -43.31 5.18 26.41
O3' Y5P OA 3 -42.88 3.84 26.58
C2' Y5P OA 3 -42.40 5.88 25.41
O2' Y5P OA 3 -41.02 5.79 25.69
C1' Y5P OA 3 -42.76 5.11 24.15
N1 Y5P OA 3 -42.38 5.76 22.90
C2 Y5P OA 3 -41.88 4.98 21.86
N3 Y5P OA 3 -41.50 5.57 20.70
C4 Y5P OA 3 -41.62 6.89 20.57
C6 Y5P OA 3 -42.48 7.12 22.75
OP1 Y5P OA 3 -45.27 9.63 27.33
OP2 Y5P OA 3 -44.37 8.97 25.04
C5 Y5P OA 3 -42.12 7.72 21.61
P Y5P OA 4 -42.37 3.25 27.99
C5' Y5P OA 4 -39.96 2.88 27.00
O5' Y5P OA 4 -41.15 2.32 27.56
C4' Y5P OA 4 -39.44 2.00 25.90
O4' Y5P OA 4 -39.84 2.54 24.62
C3' Y5P OA 4 -37.93 1.95 25.76
O3' Y5P OA 4 -37.31 1.10 26.72
C2' Y5P OA 4 -37.78 1.41 24.34
O2' Y5P OA 4 -38.02 0.03 24.25
C1' Y5P OA 4 -38.91 2.14 23.62
N1 Y5P OA 4 -38.46 3.33 22.86
C2 Y5P OA 4 -37.79 3.15 21.66
N3 Y5P OA 4 -37.37 4.24 20.96
C4 Y5P OA 4 -37.64 5.46 21.42
C6 Y5P OA 4 -38.73 4.59 23.34
OP1 Y5P OA 4 -43.41 2.33 28.51
OP2 Y5P OA 4 -41.83 4.32 28.85
C5 Y5P OA 4 -38.32 5.68 22.65
N1 P5P OA 5 -32.96 5.52 20.41
C2 P5P OA 5 -32.51 4.29 20.14
N3 P5P OA 5 -32.73 3.14 20.76
C4 P5P OA 5 -33.54 3.34 21.83
C5 P5P OA 5 -34.07 4.54 22.25
C6 P5P OA 5 -33.76 5.68 21.50
N7 P5P OA 5 -34.84 4.36 23.39
C8 P5P OA 5 -34.75 3.07 23.63
N9 P5P OA 5 -33.99 2.39 22.71
C1' P5P OA 5 -33.67 0.97 22.66
C2' P5P OA 5 -32.26 0.68 23.15
O2' P5P OA 5 -31.77 -0.48 22.51
C3' P5P OA 5 -32.49 0.51 24.63
O3' P5P OA 5 -31.41 -0.16 25.27
C4' P5P OA 5 -33.78 -0.30 24.63
O4' P5P OA 5 -34.54 0.28 23.53
C5' P5P OA 5 -34.60 -0.22 25.90
O5' P5P OA 5 -34.86 1.15 26.21
P P5P OA 5 -35.92 1.52 27.35
OP1 P5P OA 5 -35.63 0.64 28.50
OP2 P5P OA 5 -35.92 2.99 27.54
N1 P5P OA 6 -30.28 7.79 21.87
C2 P5P OA 6 -29.40 7.08 21.15
N3 P5P OA 6 -29.09 5.80 21.25
C4 P5P OA 6 -29.78 5.21 22.25
C5 P5P OA 6 -30.71 5.83 23.07
C6 P5P OA 6 -30.96 7.18 22.85
N7 P5P OA 6 -31.23 4.91 23.98
C8 P5P OA 6 -30.61 3.79 23.69
N9 P5P OA 6 -29.72 3.90 22.65
C1' P5P OA 6 -28.85 2.89 22.06
C2' P5P OA 6 -27.38 3.13 22.37
O2' P5P OA 6 -26.62 2.59 21.33
C3' P5P OA 6 -27.26 2.38 23.69
O3' P5P OA 6 -25.90 2.07 24.00
C4' P5P OA 6 -28.07 1.13 23.38
O4' P5P OA 6 -29.19 1.63 22.62
C5' P5P OA 6 -28.57 0.36 24.58
O5' P5P OA 6 -29.35 1.22 25.42
P P5P OA 6 -30.53 0.63 26.31
OP1 P5P OA 6 -29.96 -0.36 27.26
OP2 P5P OA 6 -31.31 1.77 26.81
N1 P5P OA 7 -28.52 10.25 23.99
C2 P5P OA 7 -27.46 10.23 23.12
N3 P5P OA 7 -26.69 9.17 22.93
C4 P5P OA 7 -27.06 8.12 23.69
C5 P5P OA 7 -28.11 8.04 24.58
C6 P5P OA 7 -28.93 9.17 24.78
N7 P5P OA 7 -28.15 6.78 25.15
C8 P5P OA 7 -27.16 6.13 24.58
N9 P5P OA 7 -26.45 6.90 23.69
C1' P5P OA 7 -25.30 6.52 22.89
C2' P5P OA 7 -24.06 7.35 23.18
O2' P5P OA 7 -23.33 7.60 21.99
C3' P5P OA 7 -23.31 6.47 24.18
O3' P5P OA 7 -21.91 6.71 24.21
C4' P5P OA 7 -23.61 5.08 23.62
O4' P5P OA 7 -24.97 5.18 23.15
C5' P5P OA 7 -23.47 3.92 24.58
O5' P5P OA 7 -24.69 3.80 25.34
P P5P OA 7 -25.36 2.36 25.45
OP1 P5P OA 7 -24.33 1.33 25.81
OP2 P5P OA 7 -26.53 2.48 26.40
N1 P5P OA 8 -24.82 11.46 25.41
C2 P5P OA 8 -24.04 10.39 25.63
N3 P5P OA 8 -24.27 9.34 26.42
C4 P5P OA 8 -25.46 9.45 27.02
C5 P5P OA 8 -26.36 10.49 26.90
C6 P5P OA 8 -26.01 11.54 26.04
N7 P5P OA 8 -27.50 10.26 27.67
C8 P5P OA 8 -27.25 9.10 28.24
N9 P5P OA 8 -26.05 8.55 27.89
C1' P5P OA 8 -25.50 7.31 28.45
C2' P5P OA 8 -25.68 6.02 27.65
O2' P5P OA 8 -26.99 5.52 27.75
C3' P5P OA 8 -24.62 5.14 28.32
O3' P5P OA 8 -25.06 4.55 29.56
C4' P5P OA 8 -23.49 6.13 28.64
O4' P5P OA 8 -24.10 7.45 28.58
C5' P5P OA 8 -22.26 6.07 27.77
O5' P5P OA 8 -22.38 6.95 26.64
P P5P OA 8 -21.22 7.15 25.57
OP1 P5P OA 8 -20.99 8.61 25.51
OP2 P5P OA 8 -20.08 6.24 25.81
N1 P5P OA 9 -25.34 9.42 31.23
C2 P5P OA 9 -24.01 9.09 31.40
N3 P5P OA 9 -23.61 7.90 31.84
C4 P5P OA 9 -24.64 7.06 32.10
C5 P5P OA 9 -25.98 7.31 31.97
C6 P5P OA 9 -26.42 8.58 31.50
N7 P5P OA 9 -26.74 6.20 32.34
C8 P5P OA 9 -25.84 5.32 32.70
N9 P5P OA 9 -24.54 5.78 32.59
C1' P5P OA 9 -23.32 5.06 32.88
C2' P5P OA 9 -23.44 4.09 34.05
O2' P5P OA 9 -23.08 4.71 35.26
C3' P5P OA 9 -22.47 2.99 33.64
O3' P5P OA 9 -21.13 3.37 33.89
C4' P5P OA 9 -22.70 2.92 32.12
O4' P5P OA 9 -23.00 4.29 31.74
C5' P5P OA 9 -23.77 1.96 31.65
O5' P5P OA 9 -24.99 2.67 31.27
P P5P OA 9 -25.29 2.95 29.71
OP1 P5P OA 9 -24.28 2.20 28.87
OP2 P5P OA 9 -26.74 2.64 29.44
P Y5P OA 10 -20.34 2.77 35.15
C5' Y5P OA 10 -17.95 2.86 34.05
O5' Y5P OA 10 -19.08 2.08 34.47
C4' Y5P OA 10 -16.80 1.94 33.79
O4' Y5P OA 10 -15.70 2.66 33.18
C3' Y5P OA 10 -16.21 1.26 35.03
O3' Y5P OA 10 -16.07 -0.14 34.79
C2' Y5P OA 10 -14.84 1.92 35.19
O2' Y5P OA 10 -13.87 1.06 35.74
C1' Y5P OA 10 -14.49 2.23 33.74
N1 Y5P OA 10 -13.48 3.28 33.54
C2 Y5P OA 10 -12.15 2.88 33.43
N3 Y5P OA 10 -11.27 3.90 33.23
C4 Y5P OA 10 -11.55 5.24 33.12
C6 Y5P OA 10 -13.84 4.60 33.43
OP1 Y5P OA 10 -21.17 1.70 35.76
OP2 Y5P OA 10 -19.89 3.91 35.98
C5 Y5P OA 10 -12.93 5.58 33.23
N1 P5P OA 11 -9.57 -0.78 30.97
C2 P5P OA 11 -10.47 -0.40 30.06
N3 P5P OA 11 -11.79 -0.33 30.18
C4 P5P OA 11 -12.19 -0.71 31.41
C5 P5P OA 11 -11.37 -1.15 32.44
C6 P5P OA 11 -9.99 -1.17 32.19
N7 P5P OA 11 -12.12 -1.48 33.55
C8 P5P OA 11 -13.36 -1.25 33.18
N9 P5P OA 11 -13.47 -0.79 31.89
C1' P5P OA 11 -14.70 -0.42 31.17
C2' P5P OA 11 -15.03 -1.26 29.96
O2' P5P OA 11 -15.67 -0.43 29.01
C3' P5P OA 11 -15.90 -2.35 30.57
O3' P5P OA 11 -16.81 -2.95 29.64
C4' P5P OA 11 -16.67 -1.60 31.64
O4' P5P OA 11 -15.78 -0.53 32.07
C5' P5P OA 11 -17.07 -2.40 32.84
O5' P5P OA 11 -17.83 -1.60 33.75
P P5P OA 11 -17.25 -1.17 35.17
OP1 P5P OA 11 -18.31 -0.43 35.91
OP2 P5P OA 11 -16.63 -2.36 35.79
P Y5P OA 12 -16.83 -4.55 29.37
C5' Y5P OA 12 -15.17 -4.44 27.34
O5' Y5P OA 12 -15.42 -4.83 28.69
C4' Y5P OA 12 -13.71 -4.17 27.12
O4' Y5P OA 12 -13.19 -3.29 28.15
C3' Y5P OA 12 -12.78 -5.38 27.23
O3' Y5P OA 12 -12.75 -6.26 26.11
C2' Y5P OA 12 -11.44 -4.66 27.39
O2' Y5P OA 12 -10.92 -4.11 26.20
C1' Y5P OA 12 -11.81 -3.56 28.37
N1 Y5P OA 12 -11.62 -3.96 29.77
C2 Y5P OA 12 -10.32 -3.99 30.25
N3 Y5P OA 12 -10.20 -4.38 31.56
C4 Y5P OA 12 -11.21 -4.75 32.42
C6 Y5P OA 12 -12.68 -4.34 30.57
OP1 Y5P OA 12 -17.89 -4.83 28.38
OP2 Y5P OA 12 -16.85 -5.24 30.68
C5 Y5P OA 12 -12.52 -4.71 31.85
N1 P5P OA 13 -8.74 -7.97 33.75
C2 P5P OA 13 -7.64 -7.59 33.02
N3 P5P OA 13 -7.66 -7.36 31.70
C4 P5P OA 13 -8.90 -7.53 31.19
C5 P5P OA 13 -10.05 -7.91 31.83
C6 P5P OA 13 -10.03 -8.15 33.23
N7 P5P OA 13 -11.12 -7.97 30.94
C8 P5P OA 13 -10.59 -7.63 29.80
N9 P5P OA 13 -9.25 -7.36 29.87
C1' P5P OA 13 -8.34 -6.97 28.80
C2' P5P OA 13 -7.42 -8.10 28.36
O2' P5P OA 13 -6.19 -7.57 27.89
C3' P5P OA 13 -8.26 -8.76 27.28
O3' P5P OA 13 -7.50 -9.55 26.37
C4' P5P OA 13 -8.86 -7.55 26.58
O4' P5P OA 13 -9.10 -6.61 27.66
C5' P5P OA 13 -10.13 -7.77 25.81
O5' P5P OA 13 -11.18 -8.15 26.74
P P5P OA 13 -12.71 -7.84 26.36
OP1 P5P OA 13 -13.06 -8.56 25.08
OP2 P5P OA 13 -13.57 -8.18 27.56
P Y5P OA 14 -7.55 -11.18 26.39
C5' Y5P OA 14 -5.17 -11.01 27.47
O5' Y5P OA 14 -6.49 -11.56 27.52
C4' Y5P OA 14 -4.52 -11.07 28.82
O4' Y5P OA 14 -5.22 -10.19 29.75
C3' Y5P OA 14 -4.60 -12.41 29.54
O3' Y5P OA 14 -3.70 -13.39 29.02
C2' Y5P OA 14 -4.27 -11.98 30.96
O2' Y5P OA 14 -2.90 -11.74 31.20
C1' Y5P OA 14 -5.09 -10.70 31.07
N1 Y5P OA 14 -6.43 -10.93 31.64
C2 Y5P OA 14 -6.52 -11.09 33.01
N3 Y5P OA 14 -7.79 -11.29 33.48
C4 Y5P OA 14 -8.95 -11.38 32.75
C6 Y5P OA 14 -7.55 -11.01 30.85
OP1 Y5P OA 14 -6.99 -11.66 25.10
OP2 Y5P OA 14 -8.91 -11.65 26.82
C5 Y5P OA 14 -8.78 -11.22 31.34
N1 P5P OA 15 -8.27 -15.13 35.67
C2 P5P OA 15 -6.99 -15.32 36.14
N3 P5P OA 15 -5.91 -15.28 35.36
C4 P5P OA 15 -6.22 -15.05 34.07
C5 P5P OA 15 -7.47 -14.85 33.52
C6 P5P OA 15 -8.61 -14.88 34.35
N7 P5P OA 15 -7.36 -14.64 32.15
C8 P5P OA 15 -6.08 -14.72 31.91
N9 P5P OA 15 -5.33 -14.96 33.02
C1' P5P OA 15 -3.88 -15.11 33.12
C2' P5P OA 15 -3.46 -16.52 33.54
O2' P5P OA 15 -2.25 -16.50 34.29
C3' P5P OA 15 -3.33 -17.19 32.17
O3' P5P OA 15 -2.58 -18.39 32.24
C4' P5P OA 15 -2.63 -16.07 31.39
O4' P5P OA 15 -3.29 -14.87 31.87
C5' P5P OA 15 -2.72 -16.15 29.89
O5' P5P OA 15 -4.06 -15.85 29.46
P P5P OA 15 -4.29 -14.71 28.34
OP1 P5P OA 15 -3.49 -15.04 27.11
OP2 P5P OA 15 -5.78 -14.54 28.12
P Y5P OA 16 -3.27 -19.79 31.86
C5' Y5P OA 16 -3.14 -20.05 34.50
O5' Y5P OA 16 -3.83 -20.30 33.26
C4' Y5P OA 16 -4.13 -19.92 35.63
O4' Y5P OA 16 -4.92 -18.70 35.47
C3' Y5P OA 16 -5.17 -21.02 35.69
O3' Y5P OA 16 -4.66 -22.13 36.43
C2' Y5P OA 16 -6.31 -20.35 36.46
O2' Y5P OA 16 -6.18 -20.33 37.87
C1' Y5P OA 16 -6.24 -18.91 35.93
N1 Y5P OA 16 -7.18 -18.62 34.84
C2 Y5P OA 16 -8.54 -18.43 35.13
N3 Y5P OA 16 -9.41 -18.16 34.14
C4 Y5P OA 16 -8.98 -18.06 32.88
C6 Y5P OA 16 -6.75 -18.52 33.55
OP1 Y5P OA 16 -2.21 -20.72 31.39
OP2 Y5P OA 16 -4.43 -19.51 30.98
C5 Y5P OA 16 -7.60 -18.25 32.54
P Y5P OA 18 -8.58 -32.88 29.31
C5' Y5P OA 18 -7.93 -35.32 30.08
O5' Y5P OA 18 -8.76 -34.46 29.28
C4' Y5P OA 18 -7.13 -36.28 29.23
O4' Y5P OA 18 -7.14 -35.87 27.84
C3' Y5P OA 18 -5.65 -36.37 29.56
O3' Y5P OA 18 -5.39 -37.21 30.68
C2' Y5P OA 18 -5.08 -36.95 28.29
O2' Y5P OA 18 -5.24 -38.34 28.14
C1' Y5P OA 18 -5.91 -36.23 27.22
N1 Y5P OA 18 -5.30 -35.02 26.66
C2 Y5P OA 18 -4.22 -35.17 25.81
N3 Y5P OA 18 -3.71 -34.00 25.31
C4 Y5P OA 18 -4.15 -32.72 25.55
C6 Y5P OA 18 -5.79 -33.77 26.94
OP1 Y5P OA 18 -9.74 -32.29 30.02
OP2 Y5P OA 18 -7.20 -32.59 29.79
C5 Y5P OA 18 -5.27 -32.64 26.43
P Y5P OA 19 -4.37 -36.73 31.81
C5' Y5P OA 19 -2.28 -38.00 30.82
O5' Y5P OA 19 -2.96 -36.76 31.06
C4' Y5P OA 19 -1.46 -37.96 29.53
O4' Y5P OA 19 -1.95 -36.94 28.63
C3' Y5P OA 19 0.03 -37.72 29.71
O3' Y5P OA 19 0.76 -38.69 28.97
C2' Y5P OA 19 0.24 -36.27 29.26
O2' Y5P OA 19 1.48 -36.05 28.63
C1' Y5P OA 19 -0.90 -36.08 28.26
N1 Y5P OA 19 -1.42 -34.70 28.28
C2 Y5P OA 19 -0.83 -33.76 27.46
N3 Y5P OA 19 -1.36 -32.50 27.55
C4 Y5P OA 19 -2.39 -32.09 28.37
C6 Y5P OA 19 -2.45 -34.35 29.12
OP1 Y5P OA 19 -4.36 -37.75 32.89
OP2 Y5P OA 19 -4.67 -35.32 32.14
C5 Y5P OA 19 -2.95 -33.11 29.19
P Y5P OA 20 2.00 -39.48 29.63
C5' Y5P OA 20 1.65 -40.76 27.35
O5' Y5P OA 20 2.31 -40.66 28.61
C4' Y5P OA 20 2.66 -40.59 26.24
O4' Y5P OA 20 2.02 -40.82 24.97
C3' Y5P OA 20 3.25 -39.20 26.10
O3' Y5P OA 20 4.53 -39.30 25.50
C2' Y5P OA 20 2.20 -38.46 25.27
O2' Y5P OA 20 2.72 -37.47 24.42
C1' Y5P OA 20 1.59 -39.59 24.43
N1 Y5P OA 20 0.12 -39.58 24.44
C2 Y5P OA 20 -0.55 -40.40 23.56
N3 Y5P OA 20 -1.92 -40.33 23.63
C4 Y5P OA 20 -2.67 -39.56 24.47
C6 Y5P OA 20 -0.58 -38.78 25.31
OP1 Y5P OA 20 1.53 -40.15 30.89
OP2 Y5P OA 20 3.17 -38.58 29.66
C5 Y5P OA 20 -1.91 -38.75 25.37
P Y5P OA 21 5.84 -39.47 26.41
C5' Y5P OA 21 7.11 -41.63 27.22
O5' Y5P OA 21 5.93 -41.04 26.63
C4' Y5P OA 21 7.52 -42.92 26.52
O4' Y5P OA 21 6.52 -43.31 25.54
C3' Y5P OA 21 8.83 -42.86 25.75
O3' Y5P OA 21 9.35 -44.17 25.73
C2' Y5P OA 21 8.36 -42.41 24.37
O2' Y5P OA 21 9.20 -42.72 23.28
C1' Y5P OA 21 7.07 -43.23 24.24
N1 Y5P OA 21 6.08 -42.59 23.37
C2 Y5P OA 21 5.19 -43.41 22.71
N3 Y5P OA 21 4.28 -42.75 21.92
C4 Y5P OA 21 4.19 -41.39 21.72
C6 Y5P OA 21 6.04 -41.23 23.23
OP1 Y5P OA 21 5.57 -38.83 27.72
OP2 Y5P OA 21 7.01 -39.03 25.61
C5 Y5P OA 21 5.14 -40.61 22.45
P Y5P OA 22 10.89 -44.43 25.42
C5' Y5P OA 22 11.86 -46.01 23.55
O5' Y5P OA 22 10.87 -45.05 23.96
C4' Y5P OA 22 12.42 -45.67 22.18
O4' Y5P OA 22 11.96 -44.36 21.72
C3' Y5P OA 22 13.95 -45.65 22.10
O3' Y5P OA 22 14.40 -46.37 20.95
C2' Y5P OA 22 14.27 -44.16 22.00
O2' Y5P OA 22 15.46 -43.86 21.31
C1' Y5P OA 22 13.07 -43.65 21.21
N1 Y5P OA 22 12.79 -42.22 21.38
C2 Y5P OA 22 13.02 -41.39 20.30
N3 Y5P OA 22 12.75 -40.06 20.53
C4 Y5P OA 22 12.28 -39.49 21.69
C6 Y5P OA 22 12.33 -41.71 22.57
OP1 Y5P OA 22 11.37 -45.46 26.37
OP2 Y5P OA 22 11.58 -43.12 25.38
C5 Y5P OA 22 12.06 -40.42 22.76
N SER PA 51 120.05 23.96 60.78
CA SER PA 51 119.42 24.24 59.50
C SER PA 51 117.95 24.64 59.69
N LEU PA 52 117.29 24.98 58.58
CA LEU PA 52 115.88 25.33 58.64
C LEU PA 52 115.01 24.12 59.01
N LEU PA 53 115.34 22.95 58.45
CA LEU PA 53 114.58 21.74 58.78
C LEU PA 53 114.91 21.23 60.17
N ASP PA 54 116.12 21.49 60.66
CA ASP PA 54 116.51 21.05 62.00
C ASP PA 54 115.84 21.87 63.10
N LYS PA 55 115.45 23.11 62.80
CA LYS PA 55 114.78 23.94 63.79
C LYS PA 55 113.35 23.49 64.05
N LEU PA 56 112.74 22.76 63.11
CA LEU PA 56 111.38 22.26 63.28
C LEU PA 56 111.39 20.91 63.96
N GLU PA 57 110.30 20.60 64.65
CA GLU PA 57 110.14 19.34 65.37
C GLU PA 57 109.05 18.51 64.72
N ARG PA 58 109.23 17.18 64.78
CA ARG PA 58 108.27 16.26 64.21
C ARG PA 58 106.98 16.27 65.01
N ARG PA 59 105.85 16.46 64.32
CA ARG PA 59 104.50 16.52 64.88
C ARG PA 59 104.34 17.63 65.93
N ASN PA 60 105.19 18.66 65.86
CA ASN PA 60 105.08 19.78 66.78
C ASN PA 60 105.35 21.12 66.12
N THR PA 61 105.55 21.15 64.80
CA THR PA 61 105.86 22.39 64.10
C THR PA 61 104.61 23.25 63.98
N THR PA 62 104.73 24.52 64.33
CA THR PA 62 103.62 25.45 64.22
C THR PA 62 103.50 25.99 62.80
N ALA PA 63 102.36 26.62 62.52
CA ALA PA 63 102.14 27.22 61.20
C ALA PA 63 103.04 28.43 60.97
N LYS PA 64 103.31 29.20 62.03
CA LYS PA 64 104.18 30.37 61.91
C LYS PA 64 105.61 29.94 61.61
N GLN PA 65 106.09 28.86 62.23
CA GLN PA 65 107.44 28.36 61.96
C GLN PA 65 107.54 27.83 60.53
N ALA PA 66 106.50 27.15 60.05
CA ALA PA 66 106.50 26.67 58.67
C ALA PA 66 106.47 27.83 57.67
N GLU PA 67 105.70 28.88 58.00
CA GLU PA 67 105.67 30.06 57.13
C GLU PA 67 107.01 30.79 57.12
N ALA PA 68 107.69 30.85 58.27
CA ALA PA 68 109.00 31.48 58.32
C ALA PA 68 110.04 30.66 57.58
N VAL PA 69 109.93 29.33 57.65
CA VAL PA 69 110.85 28.47 56.90
C VAL PA 69 110.60 28.59 55.40
N GLU PA 70 109.33 28.70 55.00
CA GLU PA 70 109.02 28.87 53.59
C GLU PA 70 109.42 30.25 53.07
N ASP PA 71 109.42 31.26 53.95
CA ASP PA 71 109.81 32.61 53.56
C ASP PA 71 111.32 32.80 53.52
N SER PA 72 112.09 31.81 53.94
CA SER PA 72 113.55 31.92 53.90
C SER PA 72 114.05 31.89 52.46
N ASP PA 73 115.17 32.58 52.23
CA ASP PA 73 115.73 32.70 50.89
C ASP PA 73 116.42 31.41 50.42
N ILE PA 74 116.69 30.47 51.32
CA ILE PA 74 117.35 29.22 50.98
C ILE PA 74 116.37 28.08 51.26
N ASN PA 75 116.09 27.28 50.24
CA ASN PA 75 115.20 26.13 50.40
C ASN PA 75 115.95 25.00 51.09
N PRO PA 76 115.45 24.47 52.21
CA PRO PA 76 116.15 23.39 52.90
C PRO PA 76 116.03 22.03 52.22
N TRP PA 77 115.14 21.89 51.23
CA TRP PA 77 114.97 20.59 50.57
C TRP PA 77 116.16 20.27 49.66
N THR PA 78 116.67 21.26 48.95
CA THR PA 78 117.76 21.06 48.02
C THR PA 78 118.99 21.93 48.30
N GLY PA 79 118.91 22.83 49.27
CA GLY PA 79 120.02 23.73 49.56
C GLY PA 79 120.31 24.73 48.47
N GLN PA 80 119.27 25.29 47.86
CA GLN PA 80 119.41 26.25 46.77
C GLN PA 80 118.58 27.49 47.07
N ARG PA 81 118.96 28.59 46.43
CA ARG PA 81 118.26 29.85 46.62
C ARG PA 81 116.89 29.81 45.97
N HIS PA 82 115.94 30.54 46.56
CA HIS PA 82 114.59 30.60 46.04
C HIS PA 82 114.52 31.46 44.79
N SER PA 83 113.42 31.31 44.05
CA SER PA 83 113.20 32.04 42.82
C SER PA 83 111.98 32.95 42.97
N GLU PA 84 111.85 33.88 42.01
CA GLU PA 84 110.71 34.79 42.02
C GLU PA 84 109.41 34.06 41.72
N ARG PA 85 109.46 33.06 40.83
CA ARG PA 85 108.28 32.25 40.54
C ARG PA 85 107.86 31.44 41.75
N TYR PA 86 108.83 30.91 42.50
CA TYR PA 86 108.52 30.18 43.73
C TYR PA 86 107.90 31.11 44.77
N PHE PA 87 108.40 32.34 44.87
CA PHE PA 87 107.82 33.32 45.80
C PHE PA 87 106.39 33.68 45.39
N LYS PA 88 106.15 33.83 44.08
CA LYS PA 88 104.79 34.11 43.60
C LYS PA 88 103.85 32.95 43.87
N ILE PA 89 104.33 31.72 43.70
CA ILE PA 89 103.52 30.55 43.98
C ILE PA 89 103.22 30.44 45.47
N LEU PA 90 104.20 30.76 46.32
CA LEU PA 90 103.98 30.76 47.76
C LEU PA 90 102.97 31.83 48.17
N LYS PA 91 103.05 33.01 47.55
CA LYS PA 91 102.08 34.07 47.83
C LYS PA 91 100.68 33.67 47.38
N ALA PA 92 100.57 33.01 46.22
CA ALA PA 92 99.28 32.54 45.74
C ALA PA 92 98.71 31.46 46.66
N ARG PA 93 99.56 30.57 47.17
CA ARG PA 93 99.11 29.55 48.10
C ARG PA 93 98.69 30.16 49.44
N ARG PA 94 99.40 31.20 49.88
CA ARG PA 94 99.03 31.89 51.11
C ARG PA 94 97.74 32.69 50.95
N LYS PA 95 97.46 33.16 49.74
CA LYS PA 95 96.21 33.87 49.48
C LYS PA 95 95.00 32.94 49.51
N LEU PA 96 95.21 31.64 49.33
CA LEU PA 96 94.12 30.68 49.39
C LEU PA 96 93.66 30.49 50.83
N PRO PA 97 92.44 29.95 51.03
CA PRO PA 97 91.93 29.75 52.39
C PRO PA 97 92.57 28.59 53.14
N VAL PA 98 93.44 27.81 52.50
CA VAL PA 98 94.10 26.70 53.19
C VAL PA 98 95.07 27.23 54.23
N ASN PA 99 95.76 28.34 53.92
CA ASN PA 99 96.71 28.90 54.88
C ASN PA 99 96.02 29.56 56.05
N LYS PA 100 94.75 29.97 55.89
CA LYS PA 100 94.01 30.57 56.99
C LYS PA 100 93.68 29.56 58.08
N GLN PA 101 93.42 28.31 57.70
CA GLN PA 101 93.10 27.24 58.64
C GLN PA 101 94.21 26.19 58.70
N ARG PA 102 95.45 26.60 58.43
CA ARG PA 102 96.57 25.65 58.46
C ARG PA 102 96.92 25.24 59.87
N GLN PA 103 96.77 26.14 60.85
CA GLN PA 103 97.09 25.82 62.24
C GLN PA 103 96.13 24.77 62.80
N GLU PA 104 94.85 24.88 62.48
CA GLU PA 104 93.87 23.89 62.94
C GLU PA 104 94.13 22.53 62.31
N PHE PA 105 94.47 22.52 61.01
CA PHE PA 105 94.80 21.26 60.34
C PHE PA 105 96.06 20.63 60.91
N LEU PA 106 97.07 21.44 61.22
CA LEU PA 106 98.29 20.92 61.84
C LEU PA 106 98.02 20.37 63.23
N ASP PA 107 97.18 21.05 64.01
CA ASP PA 107 96.82 20.56 65.34
C ASP PA 107 96.02 19.26 65.25
N LEU PA 108 95.12 19.15 64.28
CA LEU PA 108 94.36 17.92 64.09
C LEU PA 108 95.25 16.77 63.64
N TYR PA 109 96.24 17.06 62.78
CA TYR PA 109 97.16 16.02 62.35
C TYR PA 109 98.10 15.59 63.48
N HIS PA 110 98.48 16.52 64.36
CA HIS PA 110 99.36 16.16 65.47
C HIS PA 110 98.61 15.39 66.54
N ASN PA 111 97.37 15.78 66.83
CA ASN PA 111 96.60 15.17 67.91
C ASN PA 111 95.85 13.92 67.49
N ASN PA 112 95.68 13.68 66.19
CA ASN PA 112 94.95 12.53 65.69
C ASN PA 112 95.72 11.87 64.55
N GLN PA 113 95.76 10.54 64.56
CA GLN PA 113 96.46 9.81 63.50
C GLN PA 113 95.69 9.85 62.19
N ILE PA 114 94.36 9.80 62.25
CA ILE PA 114 93.51 9.80 61.06
C ILE PA 114 92.58 11.01 61.15
N LEU PA 115 92.55 11.80 60.07
CA LEU PA 115 91.69 12.97 59.99
C LEU PA 115 91.14 13.08 58.57
N VAL PA 116 89.99 13.75 58.46
CA VAL PA 116 89.33 13.97 57.19
C VAL PA 116 89.26 15.46 56.92
N PHE PA 117 89.53 15.85 55.68
CA PHE PA 117 89.45 17.24 55.25
C PHE PA 117 88.45 17.34 54.11
N VAL PA 118 87.46 18.22 54.27
CA VAL PA 118 86.42 18.43 53.27
C VAL PA 118 86.47 19.88 52.83
N GLY PA 119 86.62 20.10 51.52
CA GLY PA 119 86.69 21.45 50.99
C GLY PA 119 86.24 21.49 49.55
N GLU PA 120 85.89 22.69 49.10
CA GLU PA 120 85.42 22.90 47.74
C GLU PA 120 86.58 22.83 46.76
N THR PA 121 86.24 22.70 45.48
CA THR PA 121 87.24 22.65 44.42
C THR PA 121 87.89 24.02 44.24
N GLY PA 122 89.18 24.01 43.92
CA GLY PA 122 89.93 25.23 43.75
C GLY PA 122 90.50 25.81 45.03
N SER PA 123 90.25 25.18 46.18
CA SER PA 123 90.78 25.68 47.45
C SER PA 123 92.26 25.39 47.61
N GLY PA 124 92.82 24.49 46.81
CA GLY PA 124 94.22 24.15 46.93
C GLY PA 124 94.56 23.19 48.05
N LYS PA 125 93.61 22.35 48.46
CA LYS PA 125 93.86 21.39 49.54
C LYS PA 125 94.87 20.34 49.11
N THR PA 126 94.77 19.84 47.88
CA THR PA 126 95.67 18.80 47.41
C THR PA 126 97.09 19.30 47.18
N THR PA 127 97.27 20.61 47.00
CA THR PA 127 98.60 21.17 46.80
C THR PA 127 99.24 21.69 48.08
N GLN PA 128 98.44 21.96 49.12
CA GLN PA 128 98.95 22.50 50.37
C GLN PA 128 99.00 21.49 51.50
N ILE PA 129 98.11 20.49 51.50
CA ILE PA 129 98.08 19.45 52.52
C ILE PA 129 99.35 18.61 52.45
N PRO PA 130 99.78 18.19 51.25
CA PRO PA 130 101.01 17.40 51.16
C PRO PA 130 102.26 18.19 51.54
N GLN PA 131 102.33 19.47 51.17
CA GLN PA 131 103.49 20.29 51.54
C GLN PA 131 103.55 20.51 53.05
N TYR PA 132 102.39 20.78 53.68
CA TYR PA 132 102.36 20.95 55.13
C TYR PA 132 102.68 19.64 55.85
N VAL PA 133 102.22 18.51 55.30
CA VAL PA 133 102.51 17.22 55.90
C VAL PA 133 104.01 16.90 55.79
N LEU PA 134 104.62 17.23 54.65
CA LEU PA 134 106.05 17.01 54.49
C LEU PA 134 106.86 17.94 55.38
N TYR PA 135 106.39 19.18 55.59
CA TYR PA 135 107.10 20.10 56.46
C TYR PA 135 107.00 19.68 57.92
N ASP PA 136 105.82 19.25 58.36
CA ASP PA 136 105.63 18.86 59.77
C ASP PA 136 106.21 17.48 60.06
N GLU PA 137 106.29 16.61 59.05
CA GLU PA 137 106.71 15.23 59.29
C GLU PA 137 108.22 15.11 59.50
N LEU PA 138 109.01 16.02 58.92
CA LEU PA 138 110.47 16.00 58.90
C LEU PA 138 110.97 14.67 58.37
N PRO PA 139 110.84 14.41 57.06
CA PRO PA 139 111.21 13.09 56.52
C PRO PA 139 112.70 12.76 56.62
N HIS PA 140 113.57 13.76 56.79
CA HIS PA 140 114.99 13.46 56.93
C HIS PA 140 115.30 12.77 58.26
N GLN PA 141 114.57 13.10 59.32
CA GLN PA 141 114.81 12.48 60.62
C GLN PA 141 114.30 11.05 60.69
N THR PA 142 113.21 10.74 59.96
CA THR PA 142 112.61 9.41 60.02
C THR PA 142 113.01 8.52 58.86
N GLY PA 143 113.38 9.09 57.71
CA GLY PA 143 113.77 8.31 56.56
C GLY PA 143 112.62 7.79 55.72
N LYS PA 144 111.38 8.11 56.06
CA LYS PA 144 110.21 7.68 55.31
C LYS PA 144 109.68 8.82 54.45
N LEU PA 145 108.92 8.44 53.42
CA LEU PA 145 108.40 9.41 52.46
C LEU PA 145 106.91 9.65 52.73
N ILE PA 146 106.31 10.47 51.86
CA ILE PA 146 104.89 10.79 51.93
C ILE PA 146 104.27 10.47 50.58
N ALA PA 147 103.08 9.87 50.60
CA ALA PA 147 102.38 9.45 49.39
C ALA PA 147 101.04 10.16 49.31
N CYS PA 148 100.73 10.72 48.14
CA CYS PA 148 99.46 11.35 47.87
C CYS PA 148 98.76 10.58 46.76
N THR PA 149 97.57 10.06 47.06
CA THR PA 149 96.84 9.21 46.13
C THR PA 149 95.96 10.06 45.21
N GLN PA 150 95.99 9.74 43.91
CA GLN PA 150 95.17 10.41 42.92
C GLN PA 150 94.43 9.37 42.08
N PRO PA 151 93.25 9.74 41.56
CA PRO PA 151 92.46 8.75 40.81
C PRO PA 151 92.83 8.66 39.34
N ARG PA 152 93.37 9.74 38.79
CA ARG PA 152 93.71 9.81 37.37
C ARG PA 152 95.21 10.00 37.21
N ARG PA 153 95.77 9.36 36.18
CA ARG PA 153 97.21 9.47 35.93
C ARG PA 153 97.58 10.86 35.44
N VAL PA 154 96.75 11.46 34.59
CA VAL PA 154 97.02 12.81 34.11
C VAL PA 154 96.87 13.82 35.24
N ALA PA 155 95.85 13.63 36.10
CA ALA PA 155 95.69 14.49 37.27
C ALA PA 155 96.86 14.33 38.23
N ALA PA 156 97.34 13.09 38.41
CA ALA PA 156 98.51 12.87 39.27
C ALA PA 156 99.76 13.54 38.70
N MET PA 157 99.95 13.48 37.39
CA MET PA 157 101.09 14.14 36.76
C MET PA 157 100.99 15.66 36.89
N SER PA 158 99.78 16.21 36.72
CA SER PA 158 99.58 17.65 36.89
C SER PA 158 99.82 18.08 38.33
N VAL PA 159 99.37 17.28 39.30
CA VAL PA 159 99.59 17.61 40.71
C VAL PA 159 101.06 17.51 41.05
N ALA PA 160 101.78 16.52 40.50
CA ALA PA 160 103.21 16.41 40.73
C ALA PA 160 103.97 17.59 40.12
N GLN PA 161 103.57 18.02 38.93
CA GLN PA 161 104.20 19.18 38.30
C GLN PA 161 103.93 20.45 39.10
N ARG PA 162 102.71 20.62 39.61
CA ARG PA 162 102.38 21.77 40.44
C ARG PA 162 103.14 21.77 41.74
N VAL PA 163 103.32 20.59 42.35
CA VAL PA 163 104.08 20.49 43.59
C VAL PA 163 105.56 20.77 43.35
N ALA PA 164 106.09 20.31 42.21
CA ALA PA 164 107.47 20.60 41.88
C ALA PA 164 107.69 22.08 41.60
N ASP PA 165 106.73 22.73 40.93
CA ASP PA 165 106.84 24.16 40.67
C ASP PA 165 106.70 24.98 41.94
N GLU PA 166 105.82 24.55 42.86
CA GLU PA 166 105.62 25.29 44.10
C GLU PA 166 106.79 25.14 45.06
N LEU PA 167 107.42 23.96 45.08
CA LEU PA 167 108.55 23.70 45.98
C LEU PA 167 109.89 24.12 45.39
N ASP PA 168 109.89 24.65 44.15
CA ASP PA 168 111.10 25.09 43.44
C ASP PA 168 112.14 23.98 43.32
N VAL PA 169 111.66 22.77 43.03
CA VAL PA 169 112.52 21.61 42.86
C VAL PA 169 112.19 20.93 41.55
N LYS PA 170 113.16 20.19 41.02
CA LYS PA 170 112.98 19.47 39.78
C LYS PA 170 112.06 18.27 39.97
N LEU PA 171 111.31 17.94 38.91
CA LEU PA 171 110.41 16.80 38.96
C LEU PA 171 111.21 15.50 38.96
N GLY PA 172 110.86 14.60 39.87
CA GLY PA 172 111.55 13.34 40.02
C GLY PA 172 112.67 13.33 41.04
N GLU PA 173 113.17 14.51 41.42
CA GLU PA 173 114.24 14.58 42.42
C GLU PA 173 113.66 14.67 43.83
N GLU PA 174 112.83 15.68 44.08
CA GLU PA 174 112.16 15.84 45.36
C GLU PA 174 110.69 15.44 45.32
N VAL PA 175 109.99 15.76 44.23
CA VAL PA 175 108.59 15.38 44.05
C VAL PA 175 108.55 14.29 43.00
N GLY PA 176 108.01 13.14 43.36
CA GLY PA 176 107.97 12.00 42.47
C GLY PA 176 106.60 11.67 41.92
N TYR PA 177 106.55 10.92 40.82
CA TYR PA 177 105.30 10.51 40.19
C TYR PA 177 105.29 9.01 40.02
N SER PA 178 104.15 8.39 40.33
CA SER PA 178 103.99 6.94 40.24
C SER PA 178 102.63 6.64 39.61
N ILE PA 179 102.61 6.55 38.28
CA ILE PA 179 101.42 6.15 37.54
C ILE PA 179 101.70 4.81 36.88
N ARG PA 180 100.71 4.26 36.19
CA ARG PA 180 100.82 2.94 35.58
C ARG PA 180 101.91 2.93 34.52
N PHE PA 181 102.93 2.10 34.75
CA PHE PA 181 104.14 2.02 33.92
C PHE PA 181 104.82 3.38 33.79
N GLU PA 182 104.84 4.14 34.88
CA GLU PA 182 105.52 5.44 34.89
C GLU PA 182 105.99 5.71 36.32
N ASN PA 183 107.26 5.42 36.58
CA ASN PA 183 107.86 5.61 37.89
C ASN PA 183 108.99 6.63 37.77
N LYS PA 184 108.66 7.91 37.95
CA LYS PA 184 109.63 9.00 37.88
C LYS PA 184 109.93 9.45 39.30
N THR PA 185 110.99 8.90 39.89
CA THR PA 185 111.36 9.21 41.26
C THR PA 185 112.86 8.96 41.43
N SER PA 186 113.37 9.30 42.61
CA SER PA 186 114.76 9.10 42.94
C SER PA 186 114.89 8.77 44.42
N SER PA 187 116.12 8.61 44.88
CA SER PA 187 116.36 8.27 46.28
C SER PA 187 116.14 9.46 47.21
N LYS PA 188 116.17 10.69 46.68
CA LYS PA 188 115.98 11.89 47.48
C LYS PA 188 114.53 12.36 47.52
N THR PA 189 113.61 11.61 46.92
CA THR PA 189 112.21 12.02 46.89
C THR PA 189 111.58 11.86 48.27
N LEU PA 190 110.80 12.86 48.67
CA LEU PA 190 110.07 12.84 49.93
C LEU PA 190 108.56 12.81 49.76
N LEU PA 191 108.03 13.51 48.76
CA LEU PA 191 106.61 13.50 48.45
C LEU PA 191 106.42 12.89 47.06
N LYS PA 192 105.51 11.93 46.97
CA LYS PA 192 105.25 11.23 45.72
C LYS PA 192 103.76 11.19 45.45
N TYR PA 193 103.35 11.64 44.27
CA TYR PA 193 101.97 11.54 43.82
C TYR PA 193 101.80 10.22 43.06
N MET PA 194 100.97 9.33 43.59
CA MET PA 194 100.80 8.00 43.03
C MET PA 194 99.33 7.74 42.71
N THR PA 195 99.12 6.93 41.69
CA THR PA 195 97.77 6.52 41.32
C THR PA 195 97.25 5.47 42.30
N ASP PA 196 95.94 5.21 42.22
CA ASP PA 196 95.32 4.21 43.08
C ASP PA 196 95.84 2.80 42.78
N GLY PA 197 96.01 2.47 41.50
CA GLY PA 197 96.60 1.20 41.14
C GLY PA 197 98.05 1.07 41.54
N GLN PA 198 98.81 2.17 41.42
CA GLN PA 198 100.20 2.16 41.86
C GLN PA 198 100.28 2.04 43.39
N LEU PA 199 99.37 2.68 44.11
CA LEU PA 199 99.33 2.53 45.56
C LEU PA 199 98.97 1.11 45.96
N LEU PA 200 98.04 0.48 45.23
CA LEU PA 200 97.69 -0.91 45.51
C LEU PA 200 98.87 -1.84 45.22
N ARG PA 201 99.61 -1.58 44.14
CA ARG PA 201 100.79 -2.38 43.82
C ARG PA 201 101.88 -2.20 44.88
N GLU PA 202 102.06 -0.98 45.38
CA GLU PA 202 103.03 -0.73 46.44
C GLU PA 202 102.63 -1.40 47.74
N ALA PA 203 101.33 -1.42 48.05
CA ALA PA 203 100.84 -2.11 49.23
C ALA PA 203 100.99 -3.62 49.09
N MET PA 204 100.81 -4.15 47.88
CA MET PA 204 101.05 -5.57 47.65
C MET PA 204 102.54 -5.91 47.78
N HIS PA 205 103.42 -5.03 47.30
CA HIS PA 205 104.85 -5.27 47.43
C HIS PA 205 105.33 -5.06 48.85
N ASP PA 206 104.76 -4.09 49.57
CA ASP PA 206 105.12 -3.82 50.96
C ASP PA 206 103.82 -3.73 51.76
N ARG PA 207 103.51 -4.80 52.49
CA ARG PA 207 102.27 -4.85 53.26
C ARG PA 207 102.29 -3.88 54.42
N ASP PA 208 103.44 -3.75 55.09
CA ASP PA 208 103.56 -2.86 56.25
C ASP PA 208 103.69 -1.39 55.86
N MET PA 209 103.99 -1.10 54.58
CA MET PA 209 104.18 0.25 54.06
C MET PA 209 105.25 1.01 54.85
N SER PA 210 106.42 0.39 54.97
CA SER PA 210 107.51 0.99 55.73
C SER PA 210 108.18 2.14 54.99
N ARG PA 211 107.99 2.24 53.68
CA ARG PA 211 108.60 3.31 52.90
C ARG PA 211 107.84 4.63 52.99
N TYR PA 212 106.64 4.62 53.57
CA TYR PA 212 105.84 5.83 53.69
C TYR PA 212 105.37 5.99 55.14
N SER PA 213 105.42 7.22 55.64
CA SER PA 213 104.95 7.53 56.98
C SER PA 213 103.57 8.14 57.01
N CYS PA 214 103.23 8.97 56.02
CA CYS PA 214 101.91 9.59 55.91
C CYS PA 214 101.34 9.29 54.54
N ILE PA 215 100.09 8.82 54.51
CA ILE PA 215 99.41 8.48 53.27
C ILE PA 215 98.17 9.37 53.17
N ILE PA 216 98.03 10.06 52.04
CA ILE PA 216 96.92 10.95 51.79
C ILE PA 216 96.16 10.45 50.57
N LEU PA 217 94.86 10.25 50.74
CA LEU PA 217 93.98 9.80 49.67
C LEU PA 217 93.05 10.95 49.30
N ASP PA 218 93.26 11.52 48.11
CA ASP PA 218 92.46 12.62 47.61
C ASP PA 218 91.44 12.12 46.59
N GLU PA 219 90.42 12.95 46.35
CA GLU PA 219 89.31 12.65 45.44
C GLU PA 219 88.60 11.35 45.82
N ALA PA 220 88.31 11.21 47.11
CA ALA PA 220 87.65 10.01 47.62
C ALA PA 220 86.18 9.92 47.24
N HIS PA 221 85.60 11.01 46.72
CA HIS PA 221 84.19 11.00 46.32
C HIS PA 221 83.93 10.19 45.06
N GLU PA 222 84.97 9.83 44.30
CA GLU PA 222 84.78 9.02 43.10
C GLU PA 222 84.40 7.59 43.46
N ARG PA 223 84.83 7.11 44.63
CA ARG PA 223 84.52 5.78 45.15
C ARG PA 223 84.99 4.67 44.20
N THR PA 224 86.29 4.65 43.97
CA THR PA 224 86.89 3.61 43.14
C THR PA 224 87.13 2.34 43.95
N LEU PA 225 87.20 1.22 43.24
CA LEU PA 225 87.49 -0.06 43.89
C LEU PA 225 88.91 -0.08 44.45
N ALA PA 226 89.87 0.42 43.68
CA ALA PA 226 91.24 0.51 44.18
C ALA PA 226 91.35 1.52 45.31
N THR PA 227 90.59 2.62 45.24
CA THR PA 227 90.55 3.59 46.32
C THR PA 227 89.95 2.98 47.59
N ASP PA 228 88.90 2.17 47.45
CA ASP PA 228 88.30 1.50 48.60
C ASP PA 228 89.26 0.48 49.20
N ILE PA 229 89.99 -0.25 48.34
CA ILE PA 229 90.97 -1.22 48.82
C ILE PA 229 92.11 -0.51 49.56
N LEU PA 230 92.56 0.63 49.03
CA LEU PA 230 93.60 1.41 49.69
C LEU PA 230 93.12 1.98 51.02
N MET PA 231 91.86 2.41 51.08
CA MET PA 231 91.29 2.90 52.34
C MET PA 231 91.19 1.78 53.38
N ALA PA 232 90.78 0.59 52.95
CA ALA PA 232 90.73 -0.56 53.86
C ALA PA 232 92.12 -0.94 54.35
N LEU PA 233 93.12 -0.92 53.45
CA LEU PA 233 94.49 -1.22 53.85
C LEU PA 233 95.03 -0.17 54.81
N LEU PA 234 94.70 1.10 54.58
CA LEU PA 234 95.13 2.17 55.49
C LEU PA 234 94.47 2.04 56.85
N LYS PA 235 93.19 1.66 56.88
CA LYS PA 235 92.50 1.44 58.15
C LYS PA 235 93.11 0.26 58.91
N GLN PA 236 93.44 -0.83 58.19
CA GLN PA 236 94.09 -1.97 58.82
C GLN PA 236 95.47 -1.61 59.35
N LEU PA 237 96.22 -0.81 58.59
CA LEU PA 237 97.55 -0.38 59.04
C LEU PA 237 97.46 0.53 60.26
N SER PA 238 96.47 1.43 60.29
CA SER PA 238 96.27 2.29 61.44
C SER PA 238 95.82 1.50 62.67
N GLU PA 239 95.01 0.46 62.47
CA GLU PA 239 94.65 -0.42 63.58
C GLU PA 239 95.85 -1.25 64.05
N ARG PA 240 96.78 -1.54 63.15
CA ARG PA 240 97.97 -2.32 63.51
C ARG PA 240 99.08 -1.42 64.04
N ARG PA 241 99.50 -0.43 63.25
CA ARG PA 241 100.61 0.45 63.60
C ARG PA 241 100.08 1.86 63.82
N LYS PA 242 100.48 2.48 64.94
CA LYS PA 242 100.07 3.83 65.26
C LYS PA 242 101.04 4.89 64.75
N ASP PA 243 102.13 4.49 64.12
CA ASP PA 243 103.12 5.43 63.61
C ASP PA 243 102.79 5.96 62.21
N LEU PA 244 101.78 5.41 61.55
CA LEU PA 244 101.40 5.83 60.22
C LEU PA 244 100.23 6.82 60.28
N LYS PA 245 100.36 7.90 59.52
CA LYS PA 245 99.33 8.93 59.45
C LYS PA 245 98.47 8.73 58.21
N ILE PA 246 97.17 8.94 58.36
CA ILE PA 246 96.20 8.77 57.28
C ILE PA 246 95.43 10.07 57.11
N ILE PA 247 95.36 10.56 55.88
CA ILE PA 247 94.63 11.77 55.54
C ILE PA 247 93.66 11.44 54.41
N VAL PA 248 92.42 11.92 54.53
CA VAL PA 248 91.39 11.71 53.53
C VAL PA 248 90.86 13.06 53.07
N MET PA 249 90.82 13.27 51.76
CA MET PA 249 90.32 14.50 51.17
C MET PA 249 89.07 14.21 50.35
N SER PA 250 88.08 15.09 50.47
CA SER PA 250 86.82 14.92 49.76
C SER PA 250 86.22 16.28 49.48
N ALA PA 251 85.30 16.33 48.51
CA ALA PA 251 84.63 17.56 48.13
C ALA PA 251 83.11 17.44 48.19
N THR PA 252 82.58 16.35 48.72
CA THR PA 252 81.15 16.11 48.82
C THR PA 252 80.71 16.22 50.29
N LEU PA 253 79.44 15.93 50.52
CA LEU PA 253 78.85 15.97 51.86
C LEU PA 253 78.86 14.62 52.54
N ASP PA 254 79.71 13.69 52.09
CA ASP PA 254 79.82 12.37 52.69
C ASP PA 254 80.90 12.30 53.77
N ALA PA 255 81.21 13.42 54.42
CA ALA PA 255 82.23 13.44 55.45
C ALA PA 255 81.78 12.71 56.71
N GLN PA 256 80.47 12.68 56.98
CA GLN PA 256 79.96 12.00 58.16
C GLN PA 256 80.17 10.50 58.07
N LYS PA 257 79.88 9.89 56.91
CA LYS PA 257 80.08 8.46 56.75
C LYS PA 257 81.55 8.10 56.76
N PHE PA 258 82.40 8.94 56.16
CA PHE PA 258 83.84 8.69 56.18
C PHE PA 258 84.40 8.81 57.59
N GLN PA 259 83.90 9.76 58.37
CA GLN PA 259 84.33 9.89 59.76
C GLN PA 259 83.86 8.70 60.60
N SER PA 260 82.61 8.26 60.40
CA SER PA 260 82.08 7.13 61.16
C SER PA 260 82.78 5.83 60.78
N TYR PA 261 83.26 5.72 59.54
CA TYR PA 261 84.02 4.54 59.14
C TYR PA 261 85.40 4.52 59.78
N PHE PA 262 86.05 5.69 59.84
CA PHE PA 262 87.43 5.77 60.35
C PHE PA 262 87.47 6.10 61.84
N PHE PA 263 86.71 5.33 62.63
CA PHE PA 263 86.76 5.35 64.10
C PHE PA 263 86.53 6.75 64.69
N ASN PA 264 85.52 7.44 64.15
CA ASN PA 264 85.12 8.79 64.57
C ASN PA 264 86.28 9.77 64.46
N ALA PA 265 86.85 9.83 63.25
CA ALA PA 265 87.99 10.72 63.01
C ALA PA 265 87.53 12.17 62.95
N PRO PA 266 88.43 13.11 63.28
CA PRO PA 266 88.06 14.52 63.22
C PRO PA 266 87.98 15.02 61.78
N LEU PA 267 86.95 15.82 61.51
CA LEU PA 267 86.70 16.36 60.18
C LEU PA 267 86.88 17.87 60.20
N LEU PA 268 87.66 18.38 59.25
CA LEU PA 268 87.92 19.81 59.12
C LEU PA 268 87.33 20.30 57.80
N ALA PA 269 86.50 21.33 57.87
CA ALA PA 269 85.80 21.88 56.72
C ALA PA 269 86.45 23.20 56.31
N VAL PA 270 86.77 23.31 55.03
CA VAL PA 270 87.38 24.52 54.47
C VAL PA 270 86.30 25.27 53.69
N PRO PA 271 85.96 26.50 54.09
CA PRO PA 271 84.91 27.24 53.39
C PRO PA 271 85.44 27.88 52.12
N GLY PA 272 84.56 28.65 51.47
CA GLY PA 272 84.90 29.31 50.22
C GLY PA 272 83.94 28.98 49.11
N ARG PA 273 83.32 30.00 48.52
CA ARG PA 273 82.32 29.85 47.48
C ARG PA 273 82.80 30.53 46.20
N THR PA 274 81.90 30.58 45.21
CA THR PA 274 82.19 31.18 43.92
C THR PA 274 80.95 31.93 43.45
N HIS PA 275 80.91 32.28 42.18
CA HIS PA 275 79.76 32.96 41.61
C HIS PA 275 78.55 32.02 41.60
N PRO PA 276 77.38 32.50 42.02
CA PRO PA 276 76.20 31.62 42.07
C PRO PA 276 75.69 31.27 40.69
N VAL PA 277 75.06 30.11 40.59
CA VAL PA 277 74.47 29.61 39.35
C VAL PA 277 73.01 29.27 39.61
N GLU PA 278 72.13 29.76 38.75
CA GLU PA 278 70.70 29.51 38.88
C GLU PA 278 70.37 28.11 38.38
N ILE PA 279 69.54 27.40 39.12
CA ILE PA 279 69.14 26.04 38.78
C ILE PA 279 67.73 26.10 38.19
N PHE PA 280 67.58 25.59 36.96
CA PHE PA 280 66.30 25.56 36.27
C PHE PA 280 65.90 24.12 36.01
N TYR PA 281 64.66 23.78 36.33
CA TYR PA 281 64.13 22.43 36.15
C TYR PA 281 62.86 22.49 35.32
N THR PA 282 62.67 21.49 34.48
CA THR PA 282 61.47 21.42 33.65
C THR PA 282 60.24 21.10 34.52
N PRO PA 283 59.08 21.62 34.14
CA PRO PA 283 57.87 21.34 34.94
C PRO PA 283 57.33 19.92 34.76
N GLU PA 284 57.62 19.27 33.63
CA GLU PA 284 57.14 17.93 33.36
C GLU PA 284 58.27 17.08 32.80
N ALA PA 285 58.16 15.77 32.99
CA ALA PA 285 59.16 14.83 32.50
C ALA PA 285 59.01 14.63 31.00
N GLU PA 286 60.13 14.69 30.28
CA GLU PA 286 60.16 14.51 28.84
C GLU PA 286 60.90 13.22 28.50
N ARG PA 287 60.26 12.38 27.69
CA ARG PA 287 60.89 11.12 27.28
C ARG PA 287 62.06 11.37 26.35
N ASP PA 288 61.92 12.31 25.42
CA ASP PA 288 62.98 12.62 24.46
C ASP PA 288 63.94 13.62 25.12
N TYR PA 289 65.02 13.08 25.69
CA TYR PA 289 66.01 13.93 26.35
C TYR PA 289 66.84 14.72 25.33
N VAL PA 290 67.14 14.11 24.19
CA VAL PA 290 67.94 14.78 23.17
C VAL PA 290 67.16 15.94 22.56
N GLU PA 291 65.88 15.73 22.26
CA GLU PA 291 65.04 16.79 21.72
C GLU PA 291 64.85 17.93 22.73
N ALA PA 292 64.68 17.57 24.01
CA ALA PA 292 64.56 18.59 25.05
C ALA PA 292 65.84 19.40 25.20
N ALA PA 293 67.00 18.73 25.12
CA ALA PA 293 68.28 19.42 25.20
C ALA PA 293 68.48 20.33 23.99
N ILE PA 294 68.09 19.88 22.80
CA ILE PA 294 68.20 20.71 21.60
C ILE PA 294 67.30 21.92 21.70
N ARG PA 295 66.07 21.74 22.19
CA ARG PA 295 65.16 22.86 22.37
C ARG PA 295 65.67 23.85 23.41
N THR PA 296 66.26 23.35 24.50
CA THR PA 296 66.84 24.22 25.52
C THR PA 296 68.03 25.00 24.96
N VAL PA 297 68.87 24.35 24.14
CA VAL PA 297 70.00 25.03 23.52
C VAL PA 297 69.52 26.10 22.55
N LEU PA 298 68.48 25.79 21.77
CA LEU PA 298 67.92 26.77 20.84
C LEU PA 298 67.31 27.96 21.58
N GLN PA 299 66.64 27.70 22.70
CA GLN PA 299 66.06 28.78 23.49
C GLN PA 299 67.15 29.63 24.16
N ILE PA 300 68.25 29.00 24.57
CA ILE PA 300 69.36 29.74 25.16
C ILE PA 300 70.05 30.60 24.11
N HIS PA 301 70.20 30.08 22.89
CA HIS PA 301 70.82 30.87 21.83
C HIS PA 301 69.91 32.02 21.39
N ALA PA 302 68.60 31.76 21.31
CA ALA PA 302 67.68 32.78 20.82
C ALA PA 302 67.36 33.84 21.87
N CYS PA 303 67.25 33.45 23.14
CA CYS PA 303 66.73 34.35 24.16
C CYS PA 303 67.74 34.69 25.25
N GLU PA 304 68.51 33.72 25.73
CA GLU PA 304 69.41 33.97 26.84
C GLU PA 304 70.61 34.82 26.39
N PRO PA 305 71.31 35.44 27.34
CA PRO PA 305 72.41 36.35 26.98
C PRO PA 305 73.66 35.62 26.50
N GLU PA 306 74.72 36.39 26.27
CA GLU PA 306 75.97 35.82 25.76
C GLU PA 306 76.63 34.91 26.81
N GLY PA 307 77.18 33.80 26.33
CA GLY PA 307 77.81 32.83 27.21
C GLY PA 307 77.86 31.46 26.57
N ASP PA 308 78.88 30.68 26.91
CA ASP PA 308 79.04 29.35 26.34
C ASP PA 308 78.03 28.38 26.92
N ILE PA 309 77.71 27.36 26.14
CA ILE PA 309 76.74 26.33 26.52
C ILE PA 309 77.47 25.00 26.67
N LEU PA 310 77.15 24.28 27.74
CA LEU PA 310 77.75 22.98 28.02
C LEU PA 310 76.63 21.94 28.08
N LEU PA 311 76.56 21.09 27.06
CA LEU PA 311 75.56 20.05 26.96
C LEU PA 311 76.17 18.70 27.34
N PHE PA 312 75.37 17.87 28.01
CA PHE PA 312 75.80 16.55 28.45
C PHE PA 312 75.16 15.49 27.57
N LEU PA 313 76.00 14.59 27.05
CA LEU PA 313 75.55 13.50 26.19
C LEU PA 313 75.92 12.16 26.82
N THR PA 314 75.66 11.08 26.07
CA THR PA 314 75.95 9.73 26.54
C THR PA 314 76.93 8.98 25.65
N GLY PA 315 76.79 9.11 24.32
CA GLY PA 315 77.65 8.40 23.41
C GLY PA 315 78.30 9.35 22.42
N GLU PA 316 79.38 8.87 21.79
CA GLU PA 316 80.11 9.68 20.84
C GLU PA 316 79.32 9.90 19.56
N GLU PA 317 78.67 8.84 19.06
CA GLU PA 317 77.85 8.97 17.85
C GLU PA 317 76.64 9.86 18.11
N GLU PA 318 76.02 9.72 19.28
CA GLU PA 318 74.91 10.59 19.65
C GLU PA 318 75.36 12.03 19.78
N ILE PA 319 76.55 12.26 20.33
CA ILE PA 319 77.09 13.62 20.44
C ILE PA 319 77.36 14.20 19.06
N GLU PA 320 77.90 13.40 18.14
CA GLU PA 320 78.15 13.86 16.78
C GLU PA 320 76.84 14.19 16.05
N ASP PA 321 75.82 13.34 16.21
CA ASP PA 321 74.52 13.61 15.59
C ASP PA 321 73.88 14.86 16.16
N ALA PA 322 73.98 15.05 17.49
CA ALA PA 322 73.45 16.26 18.11
C ALA PA 322 74.19 17.50 17.65
N CYS PA 323 75.52 17.40 17.48
CA CYS PA 323 76.30 18.53 16.99
C CYS PA 323 75.93 18.87 15.55
N ARG PA 324 75.71 17.85 14.71
CA ARG PA 324 75.29 18.10 13.33
C ARG PA 324 73.90 18.74 13.27
N ARG PA 325 72.98 18.25 14.10
CA ARG PA 325 71.63 18.83 14.15
C ARG PA 325 71.67 20.26 14.67
N ILE PA 326 72.51 20.54 15.67
CA ILE PA 326 72.63 21.88 16.21
C ILE PA 326 73.26 22.82 15.19
N SER PA 327 74.24 22.33 14.42
CA SER PA 327 74.83 23.15 13.37
C SER PA 327 73.82 23.47 12.27
N LEU PA 328 73.01 22.49 11.87
CA LEU PA 328 71.97 22.74 10.87
C LEU PA 328 70.93 23.72 11.38
N GLU PA 329 70.53 23.57 12.64
CA GLU PA 329 69.55 24.48 13.23
C GLU PA 329 70.11 25.90 13.37
N VAL PA 330 71.40 26.01 13.70
CA VAL PA 330 72.04 27.32 13.81
C VAL PA 330 72.15 27.98 12.45
N ASP PA 331 72.47 27.20 11.41
CA ASP PA 331 72.50 27.74 10.05
C ASP PA 331 71.13 28.22 9.61
N GLU PA 332 70.08 27.43 9.91
CA GLU PA 332 68.72 27.84 9.56
C GLU PA 332 68.29 29.08 10.32
N MET PA 333 68.67 29.18 11.60
CA MET PA 333 68.31 30.35 12.40
C MET PA 333 69.07 31.60 11.96
N ILE PA 334 70.32 31.42 11.52
CA ILE PA 334 71.08 32.55 10.99
C ILE PA 334 70.50 33.01 9.66
N ARG PA 335 70.05 32.06 8.84
CA ARG PA 335 69.45 32.42 7.55
C ARG PA 335 68.08 33.08 7.72
N GLU PA 336 67.27 32.62 8.67
CA GLU PA 336 65.90 33.09 8.81
C GLU PA 336 65.74 34.12 9.93
N SER PA 337 66.10 33.77 11.15
CA SER PA 337 65.89 34.63 12.31
C SER PA 337 67.11 35.49 12.63
N ASP PA 338 68.16 35.38 11.81
CA ASP PA 338 69.41 36.15 11.96
C ASP PA 338 70.02 35.96 13.35
N ALA PA 339 70.05 34.71 13.81
CA ALA PA 339 70.65 34.40 15.09
C ALA PA 339 72.18 34.50 15.01
N GLY PA 340 72.80 34.59 16.18
CA GLY PA 340 74.24 34.73 16.26
C GLY PA 340 74.97 33.45 15.87
N PRO PA 341 76.26 33.57 15.57
CA PRO PA 341 77.05 32.39 15.20
C PRO PA 341 77.22 31.43 16.38
N MET PA 342 77.28 30.15 16.06
CA MET PA 342 77.43 29.10 17.06
C MET PA 342 78.58 28.19 16.65
N SER PA 343 79.48 27.94 17.60
CA SER PA 343 80.63 27.05 17.38
C SER PA 343 80.36 25.74 18.11
N VAL PA 344 80.18 24.66 17.35
CA VAL PA 344 79.85 23.35 17.92
C VAL PA 344 81.14 22.61 18.20
N TYR PA 345 81.30 22.15 19.44
CA TYR PA 345 82.50 21.42 19.86
C TYR PA 345 82.11 20.07 20.44
N PRO PA 346 82.40 18.96 19.77
CA PRO PA 346 82.11 17.64 20.34
C PRO PA 346 83.29 17.09 21.12
N LEU PA 347 82.96 16.46 22.25
CA LEU PA 347 83.98 15.89 23.12
C LEU PA 347 83.48 14.55 23.65
N TYR PA 348 84.39 13.57 23.68
CA TYR PA 348 84.06 12.24 24.17
C TYR PA 348 85.34 11.59 24.69
N GLY PA 349 85.21 10.33 25.14
CA GLY PA 349 86.35 9.60 25.64
C GLY PA 349 87.31 9.11 24.57
N THR PA 350 86.85 9.00 23.33
CA THR PA 350 87.68 8.56 22.21
C THR PA 350 88.06 9.70 21.29
N LEU PA 351 88.25 10.91 21.84
CA LEU PA 351 88.61 12.06 21.03
C LEU PA 351 90.10 12.34 21.11
N PRO PA 352 90.69 12.91 20.07
CA PRO PA 352 92.11 13.23 20.09
C PRO PA 352 92.38 14.45 20.95
N PRO PA 353 93.65 14.69 21.31
CA PRO PA 353 93.97 15.91 22.07
C PRO PA 353 93.71 17.20 21.30
N HIS PA 354 93.77 17.16 19.96
CA HIS PA 354 93.47 18.34 19.17
C HIS PA 354 92.00 18.75 19.30
N GLN PA 355 91.09 17.77 19.32
CA GLN PA 355 89.68 18.07 19.53
C GLN PA 355 89.41 18.61 20.93
N GLN PA 356 90.11 18.06 21.93
CA GLN PA 356 89.98 18.58 23.29
C GLN PA 356 90.50 20.00 23.42
N GLN PA 357 91.60 20.33 22.74
CA GLN PA 357 92.11 21.69 22.72
C GLN PA 357 91.20 22.64 21.96
N ARG PA 358 90.58 22.18 20.87
CA ARG PA 358 89.65 23.03 20.13
C ARG PA 358 88.33 23.21 20.88
N ILE PA 359 88.01 22.28 21.78
CA ILE PA 359 86.82 22.44 22.61
C ILE PA 359 86.99 23.60 23.59
N PHE PA 360 88.21 23.86 24.03
CA PHE PA 360 88.49 24.95 24.95
C PHE PA 360 88.79 26.26 24.23
N GLU PA 361 88.68 26.31 22.91
CA GLU PA 361 88.94 27.53 22.16
C GLU PA 361 87.85 28.56 22.41
N LYS PA 362 88.16 29.81 22.08
CA LYS PA 362 87.22 30.91 22.28
C LYS PA 362 86.07 30.82 21.30
N ALA PA 363 84.94 31.40 21.69
CA ALA PA 363 83.76 31.40 20.85
C ALA PA 363 83.93 32.34 19.66
N PRO PA 364 83.24 32.07 18.55
CA PRO PA 364 83.34 32.96 17.40
C PRO PA 364 82.68 34.31 17.66
N GLN PA 365 83.17 35.33 16.96
CA GLN PA 365 82.63 36.67 17.12
C GLN PA 365 81.28 36.79 16.43
N PRO PA 366 80.47 37.77 16.81
CA PRO PA 366 79.18 37.97 16.16
C PRO PA 366 79.34 38.49 14.74
N PHE PA 367 78.31 38.23 13.92
CA PHE PA 367 78.34 38.66 12.53
C PHE PA 367 78.29 40.18 12.41
N ARG PA 368 77.48 40.83 13.23
CA ARG PA 368 77.35 42.28 13.21
C ARG PA 368 77.40 42.83 14.62
N PRO PA 369 77.86 44.08 14.79
CA PRO PA 369 77.90 44.66 16.13
C PRO PA 369 76.51 45.07 16.60
N GLY PA 370 76.24 44.83 17.88
CA GLY PA 370 74.96 45.15 18.47
C GLY PA 370 73.87 44.11 18.27
N GLY PA 371 74.16 43.03 17.56
CA GLY PA 371 73.19 41.96 17.34
C GLY PA 371 73.35 40.84 18.33
N ARG PA 372 72.98 39.64 17.89
CA ARG PA 372 73.13 38.45 18.74
C ARG PA 372 74.59 38.07 18.85
N PRO PA 373 75.17 37.99 20.04
CA PRO PA 373 76.59 37.65 20.16
C PRO PA 373 76.84 36.18 19.84
N GLY PA 374 78.06 35.90 19.40
CA GLY PA 374 78.44 34.52 19.12
C GLY PA 374 78.60 33.71 20.38
N ARG PA 375 78.39 32.40 20.25
CA ARG PA 375 78.46 31.49 21.38
C ARG PA 375 79.11 30.19 20.96
N LYS PA 376 79.66 29.48 21.94
CA LYS PA 376 80.26 28.17 21.73
C LYS PA 376 79.47 27.15 22.52
N CYS PA 377 78.96 26.13 21.85
CA CYS PA 377 78.22 25.04 22.47
C CYS PA 377 79.09 23.79 22.41
N ILE PA 378 79.43 23.26 23.58
CA ILE PA 378 80.28 22.08 23.69
C ILE PA 378 79.42 20.93 24.21
N VAL PA 379 79.29 19.90 23.40
CA VAL PA 379 78.56 18.69 23.78
C VAL PA 379 79.59 17.66 24.23
N ALA PA 380 79.55 17.29 25.51
CA ALA PA 380 80.57 16.43 26.09
C ALA PA 380 79.93 15.39 26.98
N THR PA 381 80.73 14.40 27.38
CA THR PA 381 80.30 13.35 28.28
C THR PA 381 80.58 13.77 29.72
N ASN PA 382 80.50 12.82 30.65
CA ASN PA 382 80.73 13.09 32.06
C ASN PA 382 82.20 13.39 32.39
N ILE PA 383 83.11 13.20 31.44
CA ILE PA 383 84.53 13.49 31.69
C ILE PA 383 84.74 14.99 31.87
N ALA PA 384 83.99 15.81 31.13
CA ALA PA 384 84.10 17.26 31.25
C ALA PA 384 83.36 17.81 32.46
N GLU PA 385 82.53 16.99 33.12
CA GLU PA 385 81.82 17.46 34.31
C GLU PA 385 82.72 17.53 35.53
N THR PA 386 83.73 16.66 35.61
CA THR PA 386 84.63 16.59 36.75
C THR PA 386 86.06 16.92 36.32
N SER PA 387 86.74 17.75 37.11
CA SER PA 387 88.14 18.14 36.91
C SER PA 387 88.38 18.79 35.56
N LEU PA 388 87.41 19.56 35.07
CA LEU PA 388 87.55 20.29 33.81
C LEU PA 388 87.06 21.71 34.01
N THR PA 389 87.85 22.68 33.56
CA THR PA 389 87.53 24.09 33.68
C THR PA 389 87.49 24.71 32.29
N ILE PA 390 86.32 25.18 31.87
CA ILE PA 390 86.13 25.81 30.58
C ILE PA 390 85.79 27.27 30.81
N ASP PA 391 86.61 28.16 30.25
CA ASP PA 391 86.38 29.59 30.41
C ASP PA 391 85.20 30.05 29.57
N GLY PA 392 84.39 30.96 30.13
CA GLY PA 392 83.25 31.51 29.45
C GLY PA 392 81.98 30.67 29.53
N ILE PA 393 82.01 29.53 30.23
CA ILE PA 393 80.83 28.68 30.32
C ILE PA 393 79.84 29.31 31.29
N VAL PA 394 78.62 29.57 30.81
CA VAL PA 394 77.58 30.22 31.59
C VAL PA 394 76.34 29.33 31.70
N TYR PA 395 75.91 28.75 30.58
CA TYR PA 395 74.72 27.91 30.55
C TYR PA 395 75.12 26.45 30.56
N VAL PA 396 74.56 25.69 31.50
CA VAL PA 396 74.84 24.26 31.63
C VAL PA 396 73.55 23.50 31.42
N VAL PA 397 73.50 22.69 30.36
CA VAL PA 397 72.33 21.88 30.03
C VAL PA 397 72.58 20.47 30.56
N ASP PA 398 71.72 20.02 31.47
CA ASP PA 398 71.85 18.71 32.09
C ASP PA 398 70.69 17.81 31.68
N PRO PA 399 70.90 16.87 30.75
CA PRO PA 399 69.82 15.95 30.40
C PRO PA 399 69.47 14.96 31.50
N GLY PA 400 70.35 14.75 32.48
CA GLY PA 400 70.08 13.86 33.57
C GLY PA 400 70.43 12.39 33.33
N PHE PA 401 70.95 12.06 32.15
CA PHE PA 401 71.33 10.69 31.83
C PHE PA 401 72.77 10.67 31.34
N SER PA 402 73.48 9.59 31.67
CA SER PA 402 74.88 9.46 31.27
C SER PA 402 75.22 7.99 31.11
N LYS PA 403 76.28 7.73 30.36
CA LYS PA 403 76.75 6.37 30.13
C LYS PA 403 77.63 5.93 31.29
N GLN PA 404 77.15 4.98 32.07
CA GLN PA 404 77.87 4.47 33.22
C GLN PA 404 78.14 2.97 33.05
N LYS PA 405 79.24 2.52 33.63
CA LYS PA 405 79.62 1.11 33.55
C LYS PA 405 78.78 0.29 34.52
N ILE PA 406 78.18 -0.79 34.01
CA ILE PA 406 77.37 -1.70 34.81
C ILE PA 406 77.90 -3.11 34.60
N TYR PA 407 78.16 -3.81 35.71
CA TYR PA 407 78.68 -5.18 35.68
C TYR PA 407 77.75 -6.06 36.51
N ASN PA 408 76.89 -6.80 35.83
CA ASN PA 408 76.01 -7.74 36.50
C ASN PA 408 76.80 -8.98 36.92
N PRO PA 409 76.81 -9.35 38.20
CA PRO PA 409 77.58 -10.52 38.64
C PRO PA 409 76.82 -11.83 38.60
N ARG PA 410 75.49 -11.80 38.39
CA ARG PA 410 74.74 -13.03 38.24
C ARG PA 410 75.14 -13.79 36.97
N THR PA 411 75.36 -13.06 35.88
CA THR PA 411 75.88 -13.65 34.65
C THR PA 411 77.27 -13.15 34.30
N ARG PA 412 77.85 -12.25 35.11
CA ARG PA 412 79.18 -11.68 34.93
C ARG PA 412 79.31 -10.99 33.57
N VAL PA 413 78.44 -10.02 33.33
CA VAL PA 413 78.40 -9.27 32.08
C VAL PA 413 78.65 -7.81 32.40
N GLU PA 414 79.69 -7.24 31.80
CA GLU PA 414 80.08 -5.86 32.02
C GLU PA 414 79.91 -5.07 30.72
N SER PA 415 79.26 -3.91 30.82
CA SER PA 415 79.03 -3.06 29.66
C SER PA 415 78.83 -1.63 30.12
N LEU PA 416 78.49 -0.76 29.18
CA LEU PA 416 78.19 0.65 29.46
C LEU PA 416 76.75 0.90 29.06
N LEU PA 417 75.95 1.39 30.01
CA LEU PA 417 74.53 1.63 29.79
C LEU PA 417 74.16 3.05 30.16
N VAL PA 418 73.14 3.59 29.50
CA VAL PA 418 72.64 4.92 29.78
C VAL PA 418 71.76 4.85 31.02
N SER PA 419 72.20 5.48 32.09
CA SER PA 419 71.51 5.47 33.38
C SER PA 419 71.35 6.88 33.89
N PRO PA 420 70.37 7.11 34.76
CA PRO PA 420 70.19 8.46 35.32
C PRO PA 420 71.32 8.85 36.25
N ILE PA 421 71.59 10.16 36.30
CA ILE PA 421 72.66 10.67 37.14
C ILE PA 421 72.17 10.81 38.58
N SER PA 422 73.13 10.87 39.50
CA SER PA 422 72.82 11.02 40.91
C SER PA 422 72.82 12.50 41.31
N LYS PA 423 72.64 12.76 42.61
CA LYS PA 423 72.66 14.14 43.09
C LYS PA 423 74.07 14.71 43.05
N ALA PA 424 75.09 13.88 43.26
CA ALA PA 424 76.47 14.35 43.20
C ALA PA 424 76.86 14.76 41.78
N SER PA 425 76.41 13.99 40.78
CA SER PA 425 76.68 14.34 39.40
C SER PA 425 75.97 15.63 39.00
N ALA PA 426 74.73 15.82 39.46
CA ALA PA 426 74.01 17.06 39.19
C ALA PA 426 74.68 18.24 39.87
N GLN PA 427 75.17 18.06 41.10
CA GLN PA 427 75.89 19.12 41.79
C GLN PA 427 77.19 19.46 41.08
N GLN PA 428 77.90 18.46 40.58
CA GLN PA 428 79.13 18.71 39.82
C GLN PA 428 78.84 19.42 38.51
N ARG PA 429 77.75 19.06 37.84
CA ARG PA 429 77.36 19.74 36.60
C ARG PA 429 76.96 21.18 36.87
N ALA PA 430 76.27 21.44 37.99
CA ALA PA 430 75.92 22.82 38.35
C ALA PA 430 77.16 23.63 38.72
N GLY PA 431 78.12 22.99 39.41
CA GLY PA 431 79.35 23.67 39.77
C GLY PA 431 80.31 23.88 38.62
N ARG PA 432 80.15 23.11 37.54
CA ARG PA 432 80.97 23.32 36.35
C ARG PA 432 80.68 24.68 35.73
N ALA PA 433 79.42 25.07 35.66
CA ALA PA 433 79.06 26.41 35.23
C ALA PA 433 79.19 27.40 36.39
N GLY PA 434 79.17 28.68 36.06
CA GLY PA 434 79.31 29.72 37.06
C GLY PA 434 80.68 29.77 37.71
N ARG PA 435 81.75 29.64 36.92
CA ARG PA 435 83.11 29.65 37.47
C ARG PA 435 83.65 31.07 37.58
N THR PA 436 83.68 31.80 36.46
CA THR PA 436 84.20 33.17 36.45
C THR PA 436 83.09 34.22 36.49
N ARG PA 437 81.94 33.94 35.92
CA ARG PA 437 80.80 34.85 35.90
C ARG PA 437 79.55 34.07 36.27
N PRO PA 438 78.50 34.76 36.73
CA PRO PA 438 77.26 34.07 37.08
C PRO PA 438 76.60 33.45 35.87
N GLY PA 439 75.94 32.31 36.08
CA GLY PA 439 75.33 31.58 34.99
C GLY PA 439 74.05 30.86 35.38
N LYS PA 440 73.60 29.96 34.52
CA LYS PA 440 72.37 29.21 34.74
C LYS PA 440 72.58 27.74 34.43
N CYS PA 441 71.84 26.90 35.13
CA CYS PA 441 71.87 25.45 34.94
C CYS PA 441 70.43 24.98 34.66
N PHE PA 442 70.17 24.59 33.42
CA PHE PA 442 68.86 24.10 33.01
C PHE PA 442 68.91 22.58 32.94
N ARG PA 443 68.00 21.93 33.67
CA ARG PA 443 67.93 20.48 33.73
C ARG PA 443 66.65 20.00 33.05
N LEU PA 444 66.73 18.84 32.40
CA LEU PA 444 65.59 18.24 31.72
C LEU PA 444 64.78 17.31 32.62
N TYR PA 445 64.86 17.50 33.94
CA TYR PA 445 64.13 16.68 34.88
C TYR PA 445 63.48 17.57 35.93
N THR PA 446 62.40 17.08 36.52
CA THR PA 446 61.67 17.83 37.53
C THR PA 446 62.46 17.86 38.84
N GLU PA 447 62.10 18.82 39.70
CA GLU PA 447 62.74 18.94 41.00
C GLU PA 447 62.37 17.78 41.91
N GLU PA 448 61.14 17.29 41.80
CA GLU PA 448 60.72 16.14 42.61
C GLU PA 448 61.46 14.87 42.21
N ALA PA 449 61.73 14.71 40.90
CA ALA PA 449 62.50 13.55 40.46
C ALA PA 449 63.95 13.63 40.91
N PHE PA 450 64.53 14.83 40.92
CA PHE PA 450 65.91 14.98 41.40
C PHE PA 450 66.00 14.82 42.90
N LYS PA 451 64.97 15.22 43.64
CA LYS PA 451 65.00 15.10 45.10
C LYS PA 451 64.74 13.68 45.58
N LYS PA 452 63.90 12.92 44.87
CA LYS PA 452 63.48 11.60 45.32
C LYS PA 452 64.01 10.47 44.46
N GLU PA 453 63.77 10.52 43.14
CA GLU PA 453 64.17 9.41 42.27
C GLU PA 453 65.68 9.36 42.08
N LEU PA 454 66.33 10.53 42.02
CA LEU PA 454 67.78 10.56 41.86
C LEU PA 454 68.46 10.16 43.15
N ILE PA 455 69.51 9.34 43.03
CA ILE PA 455 70.24 8.88 44.20
C ILE PA 455 71.13 9.98 44.74
N GLU PA 456 71.53 9.85 46.01
CA GLU PA 456 72.40 10.85 46.63
C GLU PA 456 73.81 10.78 46.07
N GLN PA 457 74.34 9.57 45.89
CA GLN PA 457 75.69 9.38 45.38
C GLN PA 457 75.69 8.29 44.32
N THR PA 458 76.66 8.36 43.42
CA THR PA 458 76.79 7.37 42.37
C THR PA 458 77.30 6.05 42.94
N TYR PA 459 77.06 4.97 42.19
CA TYR PA 459 77.50 3.66 42.61
C TYR PA 459 79.02 3.56 42.55
N PRO PA 460 79.63 2.81 43.48
CA PRO PA 460 81.08 2.69 43.48
C PRO PA 460 81.57 1.76 42.38
N GLU PA 461 82.89 1.84 42.12
CA GLU PA 461 83.52 1.01 41.11
C GLU PA 461 83.72 -0.43 41.55
N ILE PA 462 83.56 -0.71 42.85
CA ILE PA 462 83.66 -2.09 43.34
C ILE PA 462 82.52 -2.94 42.80
N LEU PA 463 81.31 -2.39 42.79
CA LEU PA 463 80.16 -3.08 42.23
C LEU PA 463 80.03 -2.90 40.73
N ARG PA 464 80.83 -2.03 40.12
CA ARG PA 464 80.80 -1.81 38.69
C ARG PA 464 81.84 -2.63 37.93
N SER PA 465 82.58 -3.50 38.62
CA SER PA 465 83.58 -4.34 37.98
C SER PA 465 83.69 -5.63 38.78
N ASN PA 466 84.67 -6.46 38.42
CA ASN PA 466 84.90 -7.73 39.10
C ASN PA 466 85.83 -7.52 40.30
N LEU PA 467 86.10 -8.61 41.02
CA LEU PA 467 86.96 -8.54 42.19
C LEU PA 467 87.94 -9.70 42.27
N SER PA 468 88.24 -10.35 41.14
CA SER PA 468 89.23 -11.43 41.15
C SER PA 468 90.64 -10.90 41.40
N ASN PA 469 90.99 -9.79 40.75
CA ASN PA 469 92.30 -9.17 40.99
C ASN PA 469 92.40 -8.62 42.40
N THR PA 470 91.30 -8.07 42.93
CA THR PA 470 91.29 -7.60 44.31
C THR PA 470 91.44 -8.76 45.29
N VAL PA 471 90.80 -9.89 45.00
CA VAL PA 471 90.95 -11.07 45.85
C VAL PA 471 92.37 -11.61 45.80
N LEU PA 472 92.98 -11.60 44.61
CA LEU PA 472 94.37 -12.04 44.48
C LEU PA 472 95.31 -11.12 45.24
N GLU PA 473 95.07 -9.81 45.17
CA GLU PA 473 95.89 -8.85 45.91
C GLU PA 473 95.71 -9.01 47.42
N LEU PA 474 94.49 -9.28 47.87
CA LEU PA 474 94.24 -9.52 49.29
C LEU PA 474 94.91 -10.80 49.77
N LYS PA 475 94.91 -11.85 48.92
CA LYS PA 475 95.59 -13.09 49.28
C LYS PA 475 97.10 -12.90 49.31
N LYS PA 476 97.64 -12.10 48.39
CA LYS PA 476 99.07 -11.82 48.40
C LYS PA 476 99.47 -10.94 49.58
N LEU PA 477 98.59 -10.06 50.02
CA LEU PA 477 98.88 -9.19 51.15
C LEU PA 477 98.84 -9.93 52.49
N GLY PA 478 98.26 -11.13 52.52
CA GLY PA 478 98.17 -11.90 53.73
C GLY PA 478 96.84 -11.87 54.45
N VAL PA 479 95.78 -11.40 53.80
CA VAL PA 479 94.45 -11.36 54.41
C VAL PA 479 93.86 -12.76 54.32
N GLU PA 480 94.00 -13.54 55.40
CA GLU PA 480 93.47 -14.89 55.42
C GLU PA 480 91.95 -14.90 55.53
N ASP PA 481 91.39 -13.96 56.31
CA ASP PA 481 89.95 -13.87 56.51
C ASP PA 481 89.40 -12.76 55.61
N LEU PA 482 89.13 -13.14 54.37
CA LEU PA 482 88.58 -12.18 53.41
C LEU PA 482 87.12 -11.86 53.70
N VAL PA 483 86.39 -12.80 54.31
CA VAL PA 483 84.99 -12.57 54.65
C VAL PA 483 84.88 -11.56 55.79
N HIS PA 484 85.77 -11.65 56.77
CA HIS PA 484 85.77 -10.74 57.92
C HIS PA 484 86.66 -9.52 57.72
N PHE PA 485 86.87 -9.10 56.46
CA PHE PA 485 87.69 -7.93 56.19
C PHE PA 485 86.97 -6.66 56.65
N ASP PA 486 87.74 -5.74 57.24
CA ASP PA 486 87.21 -4.48 57.75
C ASP PA 486 87.00 -3.53 56.59
N LEU PA 487 85.82 -3.62 55.97
CA LEU PA 487 85.44 -2.76 54.86
C LEU PA 487 84.21 -1.95 55.21
N MET PA 488 84.23 -0.67 54.84
CA MET PA 488 83.07 0.20 55.10
C MET PA 488 81.86 -0.21 54.27
N ASP PA 489 82.09 -0.57 53.01
CA ASP PA 489 81.03 -1.00 52.09
C ASP PA 489 81.45 -2.33 51.47
N PRO PA 490 81.34 -3.43 52.23
CA PRO PA 490 81.72 -4.73 51.67
C PRO PA 490 80.73 -5.18 50.62
N PRO PA 491 81.17 -5.97 49.65
CA PRO PA 491 80.26 -6.43 48.59
C PRO PA 491 79.46 -7.64 49.06
N ALA PA 492 78.65 -8.17 48.14
CA ALA PA 492 77.85 -9.34 48.45
C ALA PA 492 78.73 -10.59 48.54
N PRO PA 493 78.31 -11.58 49.32
CA PRO PA 493 79.10 -12.82 49.41
C PRO PA 493 79.10 -13.62 48.12
N GLU PA 494 78.08 -13.47 47.28
CA GLU PA 494 78.04 -14.18 46.00
C GLU PA 494 79.15 -13.70 45.07
N THR PA 495 79.41 -12.38 45.06
CA THR PA 495 80.49 -11.86 44.24
C THR PA 495 81.85 -12.34 44.72
N MET PA 496 82.04 -12.41 46.05
CA MET PA 496 83.29 -12.93 46.60
C MET PA 496 83.46 -14.41 46.28
N MET PA 497 82.38 -15.19 46.35
CA MET PA 497 82.45 -16.59 46.00
C MET PA 497 82.76 -16.80 44.52
N ARG PA 498 82.16 -15.96 43.66
CA ARG PA 498 82.46 -16.03 42.23
C ARG PA 498 83.90 -15.65 41.94
N ALA PA 499 84.43 -14.64 42.63
CA ALA PA 499 85.83 -14.26 42.47
C ALA PA 499 86.77 -15.38 42.94
N LEU PA 500 86.43 -16.03 44.06
CA LEU PA 500 87.24 -17.14 44.54
C LEU PA 500 87.19 -18.32 43.58
N GLU PA 501 86.02 -18.60 43.00
CA GLU PA 501 85.91 -19.67 42.02
C GLU PA 501 86.68 -19.35 40.75
N GLU PA 502 86.67 -18.09 40.32
CA GLU PA 502 87.45 -17.69 39.15
C GLU PA 502 88.95 -17.77 39.42
N LEU PA 503 89.37 -17.42 40.64
CA LEU PA 503 90.77 -17.57 41.00
C LEU PA 503 91.19 -19.03 41.07
N ASN PA 504 90.31 -19.90 41.58
CA ASN PA 504 90.62 -21.32 41.63
C ASN PA 504 90.65 -21.95 40.25
N TYR PA 505 89.78 -21.48 39.33
CA TYR PA 505 89.78 -22.02 37.98
C TYR PA 505 91.03 -21.61 37.20
N LEU PA 506 91.57 -20.44 37.49
CA LEU PA 506 92.79 -19.96 36.85
C LEU PA 506 94.05 -20.32 37.63
N ALA PA 507 93.92 -21.22 38.62
CA ALA PA 507 95.03 -21.72 39.45
C ALA PA 507 95.70 -20.60 40.24
N CYS PA 508 94.97 -19.52 40.52
CA CYS PA 508 95.52 -18.46 41.37
C CYS PA 508 95.48 -18.84 42.84
N LEU PA 509 94.46 -19.58 43.26
CA LEU PA 509 94.33 -20.04 44.64
C LEU PA 509 93.97 -21.51 44.66
N ASP PA 510 94.31 -22.17 45.77
CA ASP PA 510 94.03 -23.58 45.93
C ASP PA 510 92.60 -23.78 46.43
N ASP PA 511 92.26 -25.00 46.82
CA ASP PA 511 90.92 -25.28 47.33
C ASP PA 511 90.70 -24.68 48.71
N ASP PA 512 91.77 -24.50 49.49
CA ASP PA 512 91.69 -23.90 50.81
C ASP PA 512 91.80 -22.38 50.78
N GLY PA 513 91.96 -21.78 49.60
CA GLY PA 513 92.09 -20.35 49.48
C GLY PA 513 93.49 -19.80 49.68
N GLU PA 514 94.48 -20.67 49.84
CA GLU PA 514 95.86 -20.21 50.03
C GLU PA 514 96.43 -19.67 48.72
N LEU PA 515 97.41 -18.78 48.85
CA LEU PA 515 98.03 -18.15 47.69
C LEU PA 515 99.09 -19.09 47.12
N THR PA 516 98.82 -19.63 45.94
CA THR PA 516 99.76 -20.50 45.26
C THR PA 516 100.89 -19.69 44.64
N PRO PA 517 102.00 -20.35 44.28
CA PRO PA 517 103.08 -19.63 43.57
C PRO PA 517 102.64 -19.07 42.23
N LEU PA 518 101.75 -19.76 41.51
CA LEU PA 518 101.18 -19.21 40.29
C LEU PA 518 100.34 -17.97 40.58
N GLY PA 519 99.58 -17.99 41.67
CA GLY PA 519 98.82 -16.82 42.07
C GLY PA 519 99.72 -15.66 42.48
N ASN PA 520 100.84 -15.97 43.16
CA ASN PA 520 101.80 -14.94 43.51
C ASN PA 520 102.45 -14.33 42.27
N LEU PA 521 102.76 -15.16 41.27
CA LEU PA 521 103.32 -14.66 40.02
C LEU PA 521 102.29 -13.82 39.26
N ALA PA 522 101.02 -14.22 39.30
CA ALA PA 522 99.98 -13.43 38.66
C ALA PA 522 99.78 -12.09 39.37
N SER PA 523 99.85 -12.07 40.70
CA SER PA 523 99.73 -10.84 41.44
C SER PA 523 100.94 -9.93 41.26
N GLU PA 524 102.12 -10.52 41.01
CA GLU PA 524 103.31 -9.72 40.73
C GLU PA 524 103.17 -8.97 39.41
N PHE PA 525 102.59 -9.62 38.40
CA PHE PA 525 102.37 -8.95 37.12
C PHE PA 525 101.24 -7.95 37.25
N PRO PA 526 101.41 -6.71 36.76
CA PRO PA 526 100.36 -5.69 36.89
C PRO PA 526 99.31 -5.79 35.78
N LEU PA 527 98.56 -6.90 35.79
CA LEU PA 527 97.51 -7.13 34.80
C LEU PA 527 96.45 -8.03 35.43
N ASP PA 528 95.53 -8.51 34.61
CA ASP PA 528 94.50 -9.41 35.08
C ASP PA 528 95.09 -10.79 35.36
N PRO PA 529 94.46 -11.58 36.23
CA PRO PA 529 94.96 -12.94 36.49
C PRO PA 529 94.90 -13.85 35.28
N ALA PA 530 93.90 -13.69 34.42
CA ALA PA 530 93.80 -14.52 33.22
C ALA PA 530 94.91 -14.20 32.23
N LEU PA 531 95.21 -12.91 32.03
CA LEU PA 531 96.29 -12.52 31.12
C LEU PA 531 97.64 -12.96 31.66
N ALA PA 532 97.84 -12.86 32.98
CA ALA PA 532 99.08 -13.32 33.59
C ALA PA 532 99.23 -14.83 33.47
N VAL PA 533 98.13 -15.57 33.63
CA VAL PA 533 98.17 -17.02 33.48
C VAL PA 533 98.47 -17.40 32.03
N MET PA 534 97.89 -16.67 31.07
CA MET PA 534 98.18 -16.91 29.66
C MET PA 534 99.65 -16.61 29.33
N LEU PA 535 100.20 -15.53 29.89
CA LEU PA 535 101.60 -15.21 29.67
C LEU PA 535 102.52 -16.23 30.31
N ILE PA 536 102.12 -16.79 31.46
CA ILE PA 536 102.92 -17.83 32.10
C ILE PA 536 102.87 -19.13 31.29
N SER PA 537 101.70 -19.48 30.78
CA SER PA 537 101.54 -20.73 30.04
C SER PA 537 101.96 -20.62 28.58
N SER PA 538 102.28 -19.41 28.11
CA SER PA 538 102.76 -19.26 26.74
C SER PA 538 104.10 -19.94 26.49
N PRO PA 539 104.98 -20.14 27.48
CA PRO PA 539 106.24 -20.87 27.21
C PRO PA 539 106.02 -22.31 26.80
N GLU PA 540 104.93 -22.94 27.21
CA GLU PA 540 104.66 -24.32 26.82
C GLU PA 540 104.23 -24.43 25.36
N PHE PA 541 103.65 -23.38 24.78
CA PHE PA 541 103.20 -23.39 23.40
C PHE PA 541 104.25 -22.87 22.42
N TYR PA 542 105.42 -22.44 22.94
CA TYR PA 542 106.52 -21.90 22.13
C TYR PA 542 106.07 -20.70 21.30
N CYS PA 543 105.20 -19.88 21.88
CA CYS PA 543 104.70 -18.66 21.23
C CYS PA 543 104.66 -17.52 22.25
N SER PA 544 105.76 -17.38 23.00
CA SER PA 544 105.80 -16.41 24.08
C SER PA 544 105.76 -14.97 23.58
N ASN PA 545 106.44 -14.69 22.46
CA ASN PA 545 106.49 -13.33 21.94
C ASN PA 545 105.14 -12.88 21.39
N GLU PA 546 104.47 -13.75 20.62
CA GLU PA 546 103.16 -13.41 20.07
C GLU PA 546 102.11 -13.27 21.16
N ILE PA 547 102.15 -14.16 22.16
CA ILE PA 547 101.19 -14.08 23.26
C ILE PA 547 101.45 -12.84 24.11
N LEU PA 548 102.73 -12.48 24.30
CA LEU PA 548 103.06 -11.26 25.03
C LEU PA 548 102.58 -10.02 24.29
N SER PA 549 102.74 -10.01 22.96
CA SER PA 549 102.23 -8.89 22.15
C SER PA 549 100.71 -8.80 22.21
N ILE PA 550 100.04 -9.96 22.18
CA ILE PA 550 98.57 -9.98 22.25
C ILE PA 550 98.10 -9.50 23.62
N THR PA 551 98.80 -9.89 24.69
CA THR PA 551 98.44 -9.44 26.03
C THR PA 551 98.70 -7.95 26.19
N SER PA 552 99.77 -7.43 25.59
CA SER PA 552 100.04 -6.00 25.63
C SER PA 552 98.99 -5.21 24.86
N LEU PA 553 98.54 -5.76 23.73
CA LEU PA 553 97.48 -5.10 22.96
C LEU PA 553 96.14 -5.15 23.71
N LEU PA 554 95.87 -6.25 24.39
CA LEU PA 554 94.60 -6.38 25.11
C LEU PA 554 94.56 -5.54 26.38
N SER PA 555 95.71 -5.38 27.05
CA SER PA 555 95.77 -4.56 28.25
C SER PA 555 95.52 -3.09 27.92
N VAL PA 556 96.09 -2.60 26.82
CA VAL PA 556 95.86 -1.24 26.36
C VAL PA 556 94.49 -1.19 25.69
N PRO PA 557 93.93 0.01 25.46
CA PRO PA 557 92.62 0.09 24.81
C PRO PA 557 92.68 -0.25 23.32
N GLN PA 558 91.53 -0.18 22.65
CA GLN PA 558 91.47 -0.53 21.24
C GLN PA 558 92.22 0.51 20.40
N ILE PA 559 93.11 0.04 19.54
CA ILE PA 559 93.91 0.93 18.70
C ILE PA 559 93.29 1.17 17.34
N TRP PA 560 92.16 0.54 17.04
CA TRP PA 560 91.50 0.71 15.76
C TRP PA 560 90.72 2.03 15.77
N VAL PA 561 91.21 3.01 15.02
CA VAL PA 561 90.54 4.29 14.89
C VAL PA 561 89.57 4.21 13.72
N ARG PA 562 88.30 4.54 13.98
CA ARG PA 562 87.22 4.40 13.00
C ARG PA 562 86.47 5.71 12.89
N PRO PA 563 87.05 6.72 12.25
CA PRO PA 563 86.29 7.92 11.91
C PRO PA 563 85.21 7.60 10.89
N ALA PA 564 84.10 8.33 10.97
CA ALA PA 564 82.93 8.01 10.16
C ALA PA 564 83.16 8.31 8.68
N ASN PA 565 83.73 9.48 8.38
CA ASN PA 565 83.80 9.98 7.01
C ASN PA 565 84.68 9.12 6.11
N ALA PA 566 85.56 8.30 6.67
CA ALA PA 566 86.36 7.34 5.91
C ALA PA 566 86.21 5.94 6.47
N ARG PA 567 85.07 5.66 7.12
CA ARG PA 567 84.87 4.39 7.81
C ARG PA 567 84.94 3.21 6.86
N LYS PA 568 84.28 3.31 5.71
CA LYS PA 568 84.42 2.28 4.67
C LYS PA 568 85.86 2.19 4.19
N ARG PA 569 86.53 3.34 4.05
CA ARG PA 569 87.96 3.33 3.78
C ARG PA 569 88.73 2.69 4.93
N ALA PA 570 88.29 2.94 6.17
CA ALA PA 570 88.85 2.24 7.31
C ALA PA 570 88.57 0.74 7.22
N ASP PA 571 87.43 0.36 6.62
CA ASP PA 571 87.17 -1.04 6.34
C ASP PA 571 88.21 -1.61 5.39
N GLU PA 572 88.65 -0.80 4.42
CA GLU PA 572 89.78 -1.19 3.58
C GLU PA 572 91.04 -1.36 4.42
N MET PA 573 91.24 -0.49 5.41
CA MET PA 573 92.31 -0.70 6.38
C MET PA 573 92.06 -1.97 7.19
N LYS PA 574 90.78 -2.26 7.49
CA LYS PA 574 90.43 -3.53 8.11
C LYS PA 574 90.73 -4.70 7.18
N ALA PA 575 90.70 -4.47 5.87
CA ALA PA 575 91.12 -5.49 4.92
C ALA PA 575 92.64 -5.61 4.82
N GLN PA 576 93.38 -4.63 5.34
CA GLN PA 576 94.83 -4.66 5.24
C GLN PA 576 95.42 -5.71 6.19
N PHE PA 577 94.93 -5.75 7.42
CA PHE PA 577 95.45 -6.66 8.43
C PHE PA 577 94.43 -7.71 8.86
N ALA PA 578 93.50 -8.06 7.96
CA ALA PA 578 92.49 -9.06 8.29
C ALA PA 578 93.10 -10.44 8.41
N HIS PA 579 92.68 -11.18 9.43
CA HIS PA 579 93.14 -12.55 9.66
C HIS PA 579 91.92 -13.45 9.82
N PRO PA 580 91.77 -14.51 9.01
CA PRO PA 580 90.60 -15.38 9.14
C PRO PA 580 90.65 -16.29 10.36
N ASP PA 581 91.80 -16.42 11.02
CA ASP PA 581 91.92 -17.29 12.19
C ASP PA 581 91.36 -16.66 13.46
N GLY PA 582 91.13 -15.36 13.46
CA GLY PA 582 90.58 -14.68 14.62
C GLY PA 582 91.01 -13.24 14.70
N ASP PA 583 90.36 -12.51 15.60
CA ASP PA 583 90.69 -11.10 15.79
C ASP PA 583 92.02 -10.93 16.52
N HIS PA 584 92.40 -11.90 17.35
CA HIS PA 584 93.70 -11.84 18.03
C HIS PA 584 94.84 -11.95 17.02
N LEU PA 585 94.69 -12.80 16.01
CA LEU PA 585 95.69 -12.90 14.96
C LEU PA 585 95.75 -11.62 14.13
N THR PA 586 94.61 -10.97 13.90
CA THR PA 586 94.59 -9.68 13.20
C THR PA 586 95.30 -8.61 14.02
N LEU PA 587 95.08 -8.59 15.34
CA LEU PA 587 95.77 -7.63 16.19
C LEU PA 587 97.27 -7.90 16.23
N LEU PA 588 97.67 -9.17 16.25
CA LEU PA 588 99.09 -9.52 16.20
C LEU PA 588 99.72 -9.09 14.87
N ASN PA 589 98.99 -9.29 13.77
CA ASN PA 589 99.49 -8.84 12.46
C ASN PA 589 99.61 -7.33 12.39
N ALA PA 590 98.65 -6.61 12.98
CA ALA PA 590 98.73 -5.15 13.02
C ALA PA 590 99.91 -4.68 13.87
N TYR PA 591 100.16 -5.35 15.00
CA TYR PA 591 101.32 -5.00 15.83
C TYR PA 591 102.62 -5.30 15.10
N HIS PA 592 102.69 -6.41 14.37
CA HIS PA 592 103.88 -6.73 13.59
C HIS PA 592 104.10 -5.72 12.47
N ALA PA 593 103.01 -5.28 11.82
CA ALA PA 593 103.13 -4.25 10.79
C ALA PA 593 103.60 -2.92 11.37
N TYR PA 594 103.10 -2.57 12.57
CA TYR PA 594 103.55 -1.34 13.23
C TYR PA 594 105.03 -1.43 13.61
N LYS PA 595 105.47 -2.60 14.09
CA LYS PA 595 106.87 -2.79 14.43
C LYS PA 595 107.75 -2.73 13.18
N GLY PA 596 107.28 -3.30 12.07
CA GLY PA 596 108.03 -3.20 10.82
C GLY PA 596 108.11 -1.79 10.29
N ALA PA 597 107.02 -1.03 10.43
CA ALA PA 597 107.03 0.37 10.02
C ALA PA 597 107.97 1.20 10.89
N GLU PA 598 108.01 0.89 12.19
CA GLU PA 598 108.94 1.59 13.08
C GLU PA 598 110.38 1.23 12.75
N ALA PA 599 110.64 -0.03 12.43
CA ALA PA 599 112.00 -0.45 12.08
C ALA PA 599 112.43 0.06 10.71
N ARG PA 600 111.46 0.34 9.83
CA ARG PA 600 111.78 0.81 8.49
C ARG PA 600 112.21 2.27 8.46
N GLY PA 601 112.06 3.00 9.56
CA GLY PA 601 112.44 4.40 9.61
C GLY PA 601 111.40 5.37 9.12
N GLU PA 602 110.20 4.89 8.77
CA GLU PA 602 109.14 5.77 8.32
C GLU PA 602 108.53 6.51 9.51
N ASP PA 603 107.71 7.51 9.20
CA ASP PA 603 107.03 8.29 10.22
C ASP PA 603 105.95 7.44 10.89
N MET PA 604 106.08 7.25 12.21
CA MET PA 604 105.14 6.42 12.92
C MET PA 604 103.75 7.06 12.99
N LYS PA 605 103.70 8.37 13.22
CA LYS PA 605 102.42 9.07 13.29
C LYS PA 605 101.71 9.08 11.95
N LYS PA 606 102.44 9.33 10.86
CA LYS PA 606 101.84 9.35 9.53
C LYS PA 606 101.36 7.96 9.12
N TRP PA 607 102.15 6.93 9.44
CA TRP PA 607 101.73 5.56 9.12
C TRP PA 607 100.53 5.13 9.96
N CYS PA 608 100.47 5.59 11.22
CA CYS PA 608 99.32 5.27 12.07
C CYS PA 608 98.07 5.99 11.59
N HIS PA 609 98.21 7.23 11.11
CA HIS PA 609 97.07 7.96 10.58
C HIS PA 609 96.60 7.38 9.25
N GLU PA 610 97.54 6.92 8.43
CA GLU PA 610 97.17 6.34 7.14
C GLU PA 610 96.54 4.96 7.30
N HIS PA 611 96.97 4.20 8.29
CA HIS PA 611 96.42 2.87 8.54
C HIS PA 611 95.28 2.87 9.55
N PHE PA 612 94.82 4.07 9.98
CA PHE PA 612 93.74 4.24 10.94
C PHE PA 612 94.02 3.52 12.25
N LEU PA 613 95.27 3.61 12.72
CA LEU PA 613 95.71 3.00 13.97
C LEU PA 613 96.06 4.10 14.97
N SER PA 614 95.80 3.82 16.25
CA SER PA 614 96.09 4.78 17.31
C SER PA 614 97.58 4.69 17.66
N TYR PA 615 98.28 5.82 17.49
CA TYR PA 615 99.72 5.84 17.79
C TYR PA 615 99.98 5.78 19.29
N ARG PA 616 99.15 6.47 20.08
CA ARG PA 616 99.31 6.44 21.53
C ARG PA 616 99.04 5.05 22.09
N HIS PA 617 98.02 4.37 21.59
CA HIS PA 617 97.74 3.01 22.03
C HIS PA 617 98.84 2.04 21.61
N LEU PA 618 99.42 2.25 20.42
CA LEU PA 618 100.55 1.43 19.99
C LEU PA 618 101.77 1.65 20.86
N SER PA 619 102.04 2.91 21.24
CA SER PA 619 103.16 3.19 22.12
C SER PA 619 102.94 2.61 23.51
N SER PA 620 101.70 2.68 24.01
CA SER PA 620 101.39 2.08 25.30
C SER PA 620 101.53 0.56 25.26
N ALA PA 621 101.12 -0.06 24.15
CA ALA PA 621 101.28 -1.50 23.99
C ALA PA 621 102.75 -1.89 23.90
N ASP PA 622 103.56 -1.08 23.22
CA ASP PA 622 104.99 -1.35 23.16
C ASP PA 622 105.65 -1.21 24.53
N ASN PA 623 105.26 -0.20 25.30
CA ASN PA 623 105.79 -0.04 26.66
C ASN PA 623 105.36 -1.20 27.56
N VAL PA 624 104.12 -1.65 27.43
CA VAL PA 624 103.64 -2.78 28.23
C VAL PA 624 104.37 -4.06 27.83
N ARG PA 625 104.64 -4.24 26.54
CA ARG PA 625 105.41 -5.41 26.09
C ARG PA 625 106.84 -5.37 26.60
N ALA PA 626 107.45 -4.19 26.62
CA ALA PA 626 108.81 -4.05 27.17
C ALA PA 626 108.82 -4.35 28.67
N GLN PA 627 107.80 -3.86 29.40
CA GLN PA 627 107.71 -4.14 30.82
C GLN PA 627 107.48 -5.64 31.08
N LEU PA 628 106.65 -6.28 30.26
CA LEU PA 628 106.42 -7.72 30.40
C LEU PA 628 107.68 -8.52 30.09
N LYS PA 629 108.45 -8.09 29.08
CA LYS PA 629 109.72 -8.76 28.78
C LYS PA 629 110.72 -8.58 29.92
N LYS PA 630 110.76 -7.39 30.51
CA LYS PA 630 111.65 -7.17 31.66
C LYS PA 630 111.23 -8.02 32.86
N ILE PA 631 109.92 -8.15 33.10
CA ILE PA 631 109.44 -8.97 34.19
C ILE PA 631 109.72 -10.44 33.95
N MET PA 632 109.62 -10.88 32.69
CA MET PA 632 109.92 -12.27 32.35
C MET PA 632 111.41 -12.55 32.49
N GLU PA 633 112.26 -11.58 32.14
CA GLU PA 633 113.69 -11.76 32.31
C GLU PA 633 114.08 -11.76 33.78
N THR PA 634 113.38 -10.96 34.61
CA THR PA 634 113.64 -10.96 36.03
C THR PA 634 113.16 -12.25 36.70
N HIS PA 635 112.05 -12.80 36.22
CA HIS PA 635 111.48 -14.02 36.78
C HIS PA 635 112.01 -15.28 36.11
N GLY PA 636 112.90 -15.15 35.13
CA GLY PA 636 113.45 -16.31 34.47
C GLY PA 636 112.51 -17.03 33.52
N ILE PA 637 111.48 -16.34 33.02
CA ILE PA 637 110.54 -16.95 32.09
C ILE PA 637 111.16 -16.97 30.70
N GLU PA 638 111.19 -18.15 30.09
CA GLU PA 638 111.78 -18.30 28.77
C GLU PA 638 110.87 -17.70 27.70
N LEU PA 639 111.49 -17.05 26.72
CA LEU PA 639 110.78 -16.43 25.61
C LEU PA 639 111.12 -17.19 24.33
N VAL PA 640 110.08 -17.70 23.67
CA VAL PA 640 110.24 -18.44 22.42
C VAL PA 640 109.22 -17.93 21.41
N SER PA 641 109.56 -18.13 20.13
CA SER PA 641 108.68 -17.72 19.03
C SER PA 641 108.63 -18.83 18.00
N THR PA 642 107.42 -19.19 17.57
CA THR PA 642 107.27 -20.22 16.56
C THR PA 642 107.69 -19.69 15.19
N PRO PA 643 108.18 -20.55 14.31
CA PRO PA 643 108.59 -20.10 12.99
C PRO PA 643 107.40 -19.71 12.12
N PHE PA 644 107.65 -18.78 11.20
CA PHE PA 644 106.61 -18.32 10.29
C PHE PA 644 106.24 -19.41 9.28
N HIS PA 645 107.22 -20.19 8.83
CA HIS PA 645 106.96 -21.27 7.88
C HIS PA 645 106.26 -22.47 8.51
N ASP PA 646 106.30 -22.59 9.83
CA ASP PA 646 105.61 -23.70 10.50
C ASP PA 646 104.11 -23.50 10.46
N LYS PA 647 103.38 -24.59 10.28
CA LYS PA 647 101.92 -24.54 10.20
C LYS PA 647 101.25 -24.63 11.58
N ASN PA 648 102.03 -24.81 12.65
CA ASN PA 648 101.48 -24.94 13.99
C ASN PA 648 101.61 -23.67 14.82
N TYR PA 649 102.02 -22.56 14.20
CA TYR PA 649 102.15 -21.31 14.94
C TYR PA 649 100.77 -20.75 15.30
N TYR PA 650 99.86 -20.72 14.33
CA TYR PA 650 98.49 -20.27 14.60
C TYR PA 650 97.77 -21.23 15.53
N THR PA 651 98.03 -22.53 15.39
CA THR PA 651 97.46 -23.51 16.31
C THR PA 651 97.96 -23.32 17.73
N ASN PA 652 99.26 -23.02 17.89
CA ASN PA 652 99.81 -22.75 19.21
C ASN PA 652 99.23 -21.46 19.79
N ILE PA 653 99.04 -20.44 18.96
CA ILE PA 653 98.44 -19.19 19.43
C ILE PA 653 97.01 -19.41 19.87
N ARG PA 654 96.24 -20.20 19.10
CA ARG PA 654 94.86 -20.50 19.47
C ARG PA 654 94.80 -21.34 20.75
N ARG PA 655 95.74 -22.28 20.91
CA ARG PA 655 95.78 -23.08 22.14
C ARG PA 655 96.12 -22.22 23.35
N ALA PA 656 97.06 -21.28 23.20
CA ALA PA 656 97.39 -20.37 24.29
C ALA PA 656 96.22 -19.45 24.63
N LEU PA 657 95.50 -18.98 23.61
CA LEU PA 657 94.32 -18.14 23.86
C LEU PA 657 93.21 -18.93 24.55
N LEU PA 658 93.03 -20.19 24.16
CA LEU PA 658 92.02 -21.03 24.81
C LEU PA 658 92.41 -21.37 26.24
N ALA PA 659 93.70 -21.57 26.51
CA ALA PA 659 94.16 -21.82 27.86
C ALA PA 659 94.01 -20.59 28.75
N GLY PA 660 94.30 -19.41 28.21
CA GLY PA 660 94.19 -18.18 28.97
C GLY PA 660 92.78 -17.69 29.14
N PHE PA 661 91.90 -18.03 28.19
CA PHE PA 661 90.53 -17.55 28.21
C PHE PA 661 89.53 -18.69 28.11
N PHE PA 662 89.72 -19.73 28.92
CA PHE PA 662 88.81 -20.89 28.89
C PHE PA 662 87.43 -20.56 29.43
N MET PA 663 87.31 -19.53 30.27
CA MET PA 663 86.00 -19.17 30.83
C MET PA 663 85.08 -18.60 29.76
N GLN PA 664 85.61 -17.77 28.86
CA GLN PA 664 84.80 -17.14 27.81
C GLN PA 664 84.95 -17.93 26.51
N VAL PA 665 84.24 -19.05 26.45
CA VAL PA 665 84.21 -19.92 25.28
C VAL PA 665 82.76 -20.12 24.86
N ALA PA 666 82.50 -19.97 23.56
CA ALA PA 666 81.15 -20.10 23.02
C ALA PA 666 81.16 -21.04 21.83
N MET PA 667 80.00 -21.62 21.56
CA MET PA 667 79.82 -22.53 20.43
C MET PA 667 78.56 -22.14 19.67
N ARG PA 668 78.55 -22.47 18.39
CA ARG PA 668 77.40 -22.17 17.54
C ARG PA 668 76.20 -23.02 17.95
N GLU PA 669 75.05 -22.37 18.13
CA GLU PA 669 73.85 -23.09 18.55
C GLU PA 669 73.30 -23.96 17.43
N SER PA 670 73.32 -23.45 16.20
CA SER PA 670 72.81 -24.20 15.06
C SER PA 670 73.55 -23.75 13.81
N SER PA 671 73.49 -24.59 12.77
CA SER PA 671 74.14 -24.25 11.51
C SER PA 671 73.36 -23.17 10.75
N ASN PA 672 72.05 -23.11 10.96
CA ASN PA 672 71.20 -22.13 10.29
C ASN PA 672 71.00 -20.85 11.11
N SER PA 673 71.61 -20.75 12.28
CA SER PA 673 71.47 -19.58 13.14
C SER PA 673 72.84 -19.04 13.49
N LYS PA 674 72.96 -17.72 13.52
CA LYS PA 674 74.21 -17.05 13.87
C LYS PA 674 74.34 -16.81 15.37
N VAL PA 675 73.34 -17.20 16.16
CA VAL PA 675 73.38 -17.01 17.60
C VAL PA 675 74.30 -18.04 18.23
N TYR PA 676 75.20 -17.58 19.10
CA TYR PA 676 76.16 -18.44 19.77
C TYR PA 676 75.83 -18.53 21.27
N LYS PA 677 76.11 -19.69 21.84
CA LYS PA 677 75.87 -19.95 23.25
C LYS PA 677 77.20 -20.10 23.96
N THR PA 678 77.41 -19.33 25.02
CA THR PA 678 78.64 -19.35 25.81
C THR PA 678 78.39 -20.05 27.13
N VAL PA 679 79.36 -20.86 27.54
CA VAL PA 679 79.24 -21.65 28.77
C VAL PA 679 79.28 -20.77 30.02
N LYS PA 680 79.77 -19.54 29.91
CA LYS PA 680 79.78 -18.62 31.05
C LYS PA 680 78.36 -18.17 31.32
N ASP PA 681 77.71 -18.81 32.29
CA ASP PA 681 76.33 -18.59 32.72
C ASP PA 681 75.32 -18.80 31.58
N GLU PA 682 75.69 -19.59 30.58
CA GLU PA 682 74.86 -19.94 29.42
C GLU PA 682 74.34 -18.68 28.72
N GLN PA 683 75.27 -17.85 28.27
CA GLN PA 683 74.94 -16.56 27.68
C GLN PA 683 74.63 -16.73 26.19
N LEU PA 684 73.74 -15.87 25.69
CA LEU PA 684 73.40 -15.84 24.27
C LEU PA 684 74.05 -14.60 23.67
N VAL PA 685 75.02 -14.81 22.76
CA VAL PA 685 75.78 -13.73 22.17
C VAL PA 685 75.76 -13.87 20.65
N LEU PA 686 76.28 -12.85 19.98
CA LEU PA 686 76.36 -12.83 18.52
C LEU PA 686 77.71 -12.26 18.11
N ILE PA 687 78.10 -12.55 16.87
CA ILE PA 687 79.37 -12.07 16.34
C ILE PA 687 79.27 -10.58 16.08
N HIS PA 688 80.23 -9.82 16.60
CA HIS PA 688 80.24 -8.39 16.43
C HIS PA 688 80.60 -8.02 14.98
N PRO PA 689 80.12 -6.88 14.49
CA PRO PA 689 80.45 -6.48 13.12
C PRO PA 689 81.89 -6.02 12.94
N SER PA 690 82.61 -5.73 14.02
CA SER PA 690 83.99 -5.29 13.94
C SER PA 690 84.97 -6.45 13.90
N THR PA 691 84.48 -7.69 13.98
CA THR PA 691 85.37 -8.85 13.93
C THR PA 691 85.92 -9.06 12.53
N THR PA 692 87.15 -9.56 12.46
CA THR PA 692 87.84 -9.79 11.20
C THR PA 692 87.67 -11.21 10.69
N VAL PA 693 86.90 -12.05 11.37
CA VAL PA 693 86.71 -13.44 10.97
C VAL PA 693 85.48 -13.51 10.07
N THR PA 694 85.70 -13.88 8.80
CA THR PA 694 84.58 -13.99 7.87
C THR PA 694 83.73 -15.23 8.17
N THR PA 695 84.38 -16.36 8.43
CA THR PA 695 83.68 -17.61 8.73
C THR PA 695 84.15 -18.13 10.08
N PRO PA 696 83.31 -18.09 11.11
CA PRO PA 696 83.73 -18.59 12.42
C PRO PA 696 83.84 -20.11 12.43
N TYR PA 697 84.67 -20.61 13.33
CA TYR PA 697 84.87 -22.04 13.51
C TYR PA 697 83.83 -22.60 14.48
N GLU PA 698 84.05 -23.84 14.94
CA GLU PA 698 83.12 -24.47 15.86
C GLU PA 698 83.10 -23.78 17.21
N TRP PA 699 84.27 -23.36 17.71
CA TRP PA 699 84.37 -22.69 19.00
C TRP PA 699 84.94 -21.29 18.81
N VAL PA 700 84.46 -20.36 19.63
CA VAL PA 700 84.91 -18.98 19.60
C VAL PA 700 85.34 -18.58 21.01
N VAL PA 701 86.55 -18.03 21.12
CA VAL PA 701 87.07 -17.49 22.36
C VAL PA 701 87.00 -15.97 22.27
N TYR PA 702 86.19 -15.36 23.12
CA TYR PA 702 85.94 -13.93 23.08
C TYR PA 702 86.65 -13.23 24.22
N ASN PA 703 87.35 -12.14 23.90
CA ASN PA 703 88.06 -11.37 24.92
C ASN PA 703 87.18 -10.31 25.56
N GLU PA 704 86.17 -9.81 24.84
CA GLU PA 704 85.27 -8.80 25.38
C GLU PA 704 83.83 -9.19 25.09
N PHE PA 705 82.93 -8.87 26.02
CA PHE PA 705 81.50 -9.08 25.85
C PHE PA 705 80.80 -7.75 26.08
N VAL PA 706 80.01 -7.31 25.10
CA VAL PA 706 79.33 -6.03 25.15
C VAL PA 706 77.82 -6.29 25.18
N LEU PA 707 77.16 -5.74 26.19
CA LEU PA 707 75.71 -5.86 26.35
C LEU PA 707 75.05 -4.58 25.84
N THR PA 708 74.22 -4.72 24.82
CA THR PA 708 73.56 -3.58 24.18
C THR PA 708 72.15 -4.03 23.83
N THR PA 709 71.50 -3.29 22.92
CA THR PA 709 70.24 -3.74 22.35
C THR PA 709 70.41 -5.09 21.64
N LYS PA 710 71.57 -5.31 21.02
CA LYS PA 710 71.97 -6.63 20.55
C LYS PA 710 73.30 -6.98 21.21
N GLN PA 711 73.32 -8.13 21.89
CA GLN PA 711 74.53 -8.55 22.59
C GLN PA 711 75.61 -8.95 21.59
N TYR PA 712 76.85 -8.57 21.89
CA TYR PA 712 77.96 -8.79 20.96
C TYR PA 712 79.17 -9.33 21.71
N VAL PA 713 80.02 -10.04 20.97
CA VAL PA 713 81.30 -10.52 21.47
C VAL PA 713 82.39 -9.91 20.61
N ARG PA 714 83.29 -9.17 21.25
CA ARG PA 714 84.38 -8.50 20.56
C ARG PA 714 85.70 -9.21 20.85
N THR PA 715 86.62 -9.12 19.87
CA THR PA 715 87.91 -9.81 19.87
C THR PA 715 87.71 -11.32 20.03
N VAL PA 716 87.04 -11.91 19.05
CA VAL PA 716 86.73 -13.33 19.04
C VAL PA 716 87.70 -14.05 18.12
N THR PA 717 88.23 -15.18 18.59
CA THR PA 717 89.19 -15.98 17.85
C THR PA 717 88.67 -17.40 17.71
N ASN PA 718 89.01 -18.03 16.58
CA ASN PA 718 88.57 -19.39 16.31
C ASN PA 718 89.34 -20.38 17.16
N ILE PA 719 88.65 -21.43 17.60
CA ILE PA 719 89.23 -22.47 18.45
C ILE PA 719 88.36 -23.71 18.33
N ARG PA 720 88.96 -24.86 18.60
CA ARG PA 720 88.28 -26.14 18.57
C ARG PA 720 88.07 -26.67 19.97
N PRO PA 721 87.08 -27.55 20.17
CA PRO PA 721 86.83 -28.08 21.53
C PRO PA 721 87.90 -29.04 22.01
N GLU PA 722 88.65 -29.68 21.11
CA GLU PA 722 89.70 -30.61 21.52
C GLU PA 722 90.84 -29.87 22.22
N TRP PA 723 91.22 -28.70 21.70
CA TRP PA 723 92.27 -27.92 22.33
C TRP PA 723 91.83 -27.38 23.69
N LEU PA 724 90.56 -26.99 23.80
CA LEU PA 724 90.04 -26.52 25.09
C LEU PA 724 89.96 -27.66 26.09
N LEU PA 725 89.63 -28.87 25.65
CA LEU PA 725 89.59 -30.02 26.54
C LEU PA 725 90.99 -30.44 26.98
N GLU PA 726 91.96 -30.35 26.07
CA GLU PA 726 93.32 -30.76 26.41
C GLU PA 726 94.04 -29.72 27.27
N ILE PA 727 93.76 -28.43 27.07
CA ILE PA 727 94.46 -27.38 27.80
C ILE PA 727 93.81 -27.08 29.15
N ALA PA 728 92.48 -27.18 29.24
CA ALA PA 728 91.74 -26.86 30.46
C ALA PA 728 90.83 -28.05 30.80
N PRO PA 729 91.40 -29.10 31.38
CA PRO PA 729 90.56 -30.26 31.76
C PRO PA 729 89.87 -30.05 33.10
N VAL PA 730 90.47 -29.22 33.96
CA VAL PA 730 89.87 -28.95 35.26
C VAL PA 730 88.61 -28.11 35.12
N TYR PA 731 88.64 -27.07 34.28
CA TYR PA 731 87.48 -26.22 34.12
C TYR PA 731 86.41 -26.90 33.27
N TYR PA 732 86.81 -27.68 32.27
CA TYR PA 732 85.89 -28.36 31.37
C TYR PA 732 85.71 -29.82 31.74
N ASP PA 733 85.74 -30.14 33.03
CA ASP PA 733 85.56 -31.52 33.48
C ASP PA 733 84.11 -31.96 33.25
N LEU PA 734 83.95 -33.16 32.69
CA LEU PA 734 82.62 -33.67 32.41
C LEU PA 734 81.91 -34.21 33.65
N SER PA 735 82.65 -34.42 34.74
CA SER PA 735 82.01 -34.91 35.97
C SER PA 735 81.16 -33.84 36.63
N THR PA 736 81.55 -32.56 36.50
CA THR PA 736 80.80 -31.45 37.08
C THR PA 736 80.13 -30.59 36.00
N PHE PA 737 79.98 -31.11 34.79
CA PHE PA 737 79.37 -30.35 33.72
C PHE PA 737 77.87 -30.21 33.94
N GLN PA 738 77.37 -28.99 33.73
CA GLN PA 738 75.97 -28.65 33.96
C GLN PA 738 75.23 -28.57 32.62
N LYS PA 739 73.99 -28.09 32.67
CA LYS PA 739 73.19 -27.86 31.48
C LYS PA 739 73.84 -26.77 30.61
N GLY PA 740 73.73 -26.91 29.29
CA GLY PA 740 72.99 -27.97 28.61
C GLY PA 740 73.77 -28.78 27.59
N GLU PA 741 73.34 -28.70 26.32
CA GLU PA 741 73.91 -29.51 25.25
C GLU PA 741 75.35 -29.13 24.91
N ILE PA 742 75.84 -27.98 25.39
CA ILE PA 742 77.25 -27.66 25.24
C ILE PA 742 78.11 -28.66 26.01
N LYS PA 743 77.62 -29.08 27.19
CA LYS PA 743 78.30 -30.14 27.92
C LYS PA 743 78.23 -31.47 27.18
N ASN PA 744 77.14 -31.74 26.46
CA ASN PA 744 77.04 -32.95 25.64
C ASN PA 744 78.06 -32.91 24.50
N ALA PA 745 78.23 -31.75 23.86
CA ALA PA 745 79.23 -31.61 22.82
C ALA PA 745 80.64 -31.76 23.38
N LEU PA 746 80.89 -31.21 24.57
CA LEU PA 746 82.18 -31.37 25.21
C LEU PA 746 82.45 -32.83 25.57
N THR PA 747 81.41 -33.55 26.03
CA THR PA 747 81.56 -34.96 26.33
C THR PA 747 81.82 -35.79 25.07
N ARG PA 748 81.16 -35.44 23.97
CA ARG PA 748 81.43 -36.12 22.69
C ARG PA 748 82.86 -35.86 22.22
N VAL PA 749 83.34 -34.62 22.37
CA VAL PA 749 84.71 -34.30 21.99
C VAL PA 749 85.70 -35.05 22.88
N ALA PA 750 85.41 -35.14 24.19
CA ALA PA 750 86.27 -35.89 25.09
C ALA PA 750 86.27 -37.38 24.78
N GLU PA 751 85.11 -37.93 24.39
CA GLU PA 751 85.04 -39.33 23.97
C GLU PA 751 85.84 -39.57 22.70
N LYS PA 752 85.78 -38.63 21.74
CA LYS PA 752 86.58 -38.75 20.53
C LYS PA 752 88.07 -38.68 20.83
N ILE PA 753 88.46 -37.78 21.74
CA ILE PA 753 89.86 -37.66 22.12
C ILE PA 753 90.34 -38.91 22.84
N ARG PA 754 89.49 -39.49 23.69
CA ARG PA 754 89.85 -40.73 24.38
C ARG PA 754 89.96 -41.89 23.41
N ARG PA 755 89.08 -41.95 22.41
CA ARG PA 755 89.18 -42.99 21.39
C ARG PA 755 90.45 -42.84 20.57
N GLN PA 756 90.81 -41.59 20.23
CA GLN PA 756 92.06 -41.35 19.51
C GLN PA 756 93.28 -41.74 20.34
N GLN PA 757 93.25 -41.43 21.65
CA GLN PA 757 94.35 -41.81 22.53
C GLN PA 757 94.45 -43.33 22.67
N ALA PA 758 93.31 -44.02 22.77
CA ALA PA 758 93.31 -45.47 22.84
C ALA PA 758 93.82 -46.10 21.55
N MET PA 759 93.45 -45.54 20.40
CA MET PA 759 93.95 -46.03 19.13
C MET PA 759 95.46 -45.79 19.00
N LYS PA 760 95.95 -44.65 19.48
CA LYS PA 760 97.38 -44.38 19.45
C LYS PA 760 98.15 -45.31 20.39
N ALA PA 761 97.56 -45.62 21.55
CA ALA PA 761 98.20 -46.55 22.48
C ALA PA 761 98.21 -47.96 21.92
N SER PA 762 97.13 -48.38 21.26
CA SER PA 762 97.08 -49.71 20.67
C SER PA 762 98.02 -49.83 19.48
N LYS PA 763 98.16 -48.75 18.70
CA LYS PA 763 99.07 -48.78 17.57
C LYS PA 763 100.53 -48.79 18.01
N ALA PA 764 100.85 -48.09 19.10
CA ALA PA 764 102.22 -48.06 19.61
C ALA PA 764 102.55 -49.33 20.38
OAX M7M QA . 51.32 5.51 -8.60
OAY M7M QA . 51.45 7.84 -9.38
PAZ M7M QA . 51.81 6.42 -9.70
OBB M7M QA . 50.80 12.55 -14.90
CBC M7M QA . 51.04 10.58 -12.38
OBD M7M QA . 53.43 6.29 -9.84
NBE M7M QA . 51.05 11.76 -17.00
CBF M7M QA . 51.01 11.59 -15.58
CBG M7M QA . 51.24 10.21 -14.97
NBH M7M QA . 51.24 9.78 -13.60
CBI M7M QA . 51.52 8.28 -13.63
OBJ M7M QA . 54.06 8.36 -11.27
PBK M7M QA . 54.27 6.87 -11.15
OBL M7M QA . 55.75 6.55 -11.03
CBM M7M QA . 51.29 10.62 -17.87
NBN M7M QA . 51.52 9.26 -17.30
CBO M7M QA . 51.48 9.09 -15.85
NBP M7M QA . 51.66 7.88 -15.07
CBQ M7M QA . 51.93 6.51 -15.59
OBR M7M QA . 52.11 5.68 -14.60
CBS M7M QA . 53.65 5.19 -14.63
CBT M7M QA . 54.44 6.03 -13.67
OBU M7M QA . 53.66 6.12 -12.51
NBV M7M QA . 51.32 10.85 -19.30
CBW M7M QA . 51.56 9.78 -20.22
CBX M7M QA . 53.24 6.47 -16.47
CBY M7M QA . 54.09 5.35 -15.89
CBZ M7M QA . 51.08 12.17 -19.76
OCA M7M QA . 52.90 6.17 -17.74
OCB M7M QA . 53.85 4.10 -16.68
PG GTP RA . -81.85 14.63 -15.21
O1G GTP RA . -83.12 15.43 -15.26
O2G GTP RA . -80.84 15.39 -14.42
O3G GTP RA . -81.35 14.40 -16.61
O3B GTP RA . -82.21 13.23 -14.53
PB GTP RA . -82.72 12.06 -15.48
O1B GTP RA . -83.88 12.55 -16.29
O2B GTP RA . -81.59 11.63 -16.38
O3A GTP RA . -83.21 10.85 -14.56
PA GTP RA . -82.21 9.65 -14.19
O1A GTP RA . -82.21 8.59 -15.26
O2A GTP RA . -80.84 10.18 -13.94
O5' GTP RA . -82.84 9.02 -12.87
C5' GTP RA . -83.02 9.81 -11.73
C4' GTP RA . -82.92 8.91 -10.51
O4' GTP RA . -84.18 8.35 -10.30
C3' GTP RA . -81.98 7.76 -10.78
O3' GTP RA . -80.83 7.92 -9.98
C2' GTP RA . -82.70 6.53 -10.32
O2' GTP RA . -82.11 6.10 -9.13
C1' GTP RA . -84.12 6.97 -10.06
N9 GTP RA . -85.05 6.34 -10.99
C8 GTP RA . -84.95 6.35 -12.34
N7 GTP RA . -86.00 5.67 -12.86
C5 GTP RA . -86.77 5.25 -11.84
C6 GTP RA . -87.93 4.52 -11.80
O6 GTP RA . -88.44 4.14 -12.85
N1 GTP RA . -88.52 4.21 -10.60
C2 GTP RA . -87.93 4.64 -9.44
N2 GTP RA . -88.50 4.35 -8.28
N3 GTP RA . -86.77 5.36 -9.47
C4 GTP RA . -86.19 5.66 -10.65
ZN ZN SA . -49.86 -46.84 7.32
ZN ZN TA . -49.55 -50.38 5.81
ZN ZN UA . -46.90 -48.21 5.24
ZN ZN VA . -16.73 -45.81 -3.19
ZN ZN WA . -13.69 -30.68 -0.19
#